data_6YFP
#
_entry.id   6YFP
#
_cell.length_a   469.425
_cell.length_b   332.407
_cell.length_c   293.528
_cell.angle_alpha   90.000
_cell.angle_beta   127.870
_cell.angle_gamma   90.000
#
_symmetry.space_group_name_H-M   'C 1 2 1'
#
_entity_poly.entity_id   1
_entity_poly.type   'polypeptide(L)'
_entity_poly.pdbx_seq_one_letter_code
;SYTIDINCSTGDTQANLVLTEIPAEPYVHVSGDNKSTIEYLDTGSDNSLLVRPTQQFNCVSSQYPYRNYSKIPRSQQDPL
AVRREFYTRRVEYWRKADASNVDAPEYTLPQSCSIRLASTVTKETTAADIAGIVLRTLAPIFPNGSGDWIKLQQLIDGLP
RIFG
;
_entity_poly.pdbx_strand_id   AA,AB,AC,AD,AE,AF,AG,AH,AI,AJ,AK,AL,AM,AN,AO,AP,AQ,AR,AS,AT,AU,AV,AW,AX,AY,AZ,BA,BB,BC,BD,BE,BF,BG,BH,BI,BJ,BK,BL,BM,BN,BO,BP,BQ,BR,BS,BT,BU,BV,BW,BX,BY,BZ,CA,CB,CC,CD,CE,CF,CG,CH,CI,CJ,CK,CL,CM,CN,CO,CP,CQ,CR,CS,CT,CU,CV,CW,CX,CY,CZ,DA,DB,DC,DD,DE,DF,DG,DH,DI,DJ,DK,DL
#
# COMPACT_ATOMS: atom_id res chain seq x y z
N SER A 1 -81.62 72.60 9.10
CA SER A 1 -82.13 71.27 8.81
C SER A 1 -81.28 70.61 7.72
N TYR A 2 -80.87 69.38 7.98
CA TYR A 2 -79.86 68.70 7.17
C TYR A 2 -80.29 68.59 5.70
N THR A 3 -79.35 68.84 4.80
CA THR A 3 -79.52 68.58 3.37
C THR A 3 -78.41 67.65 2.89
N ILE A 4 -78.72 66.92 1.82
CA ILE A 4 -77.82 65.93 1.23
C ILE A 4 -77.25 66.50 -0.06
N ASP A 5 -75.93 66.65 -0.11
CA ASP A 5 -75.20 67.06 -1.30
C ASP A 5 -74.63 65.81 -1.97
N ILE A 6 -75.03 65.56 -3.22
CA ILE A 6 -74.34 64.53 -3.98
C ILE A 6 -73.00 65.12 -4.40
N ASN A 7 -71.95 64.74 -3.70
CA ASN A 7 -70.62 65.24 -4.01
C ASN A 7 -70.23 64.63 -5.34
N CYS A 8 -70.37 65.40 -6.42
CA CYS A 8 -70.39 64.79 -7.75
C CYS A 8 -70.50 65.89 -8.80
N SER A 9 -70.17 65.54 -10.05
CA SER A 9 -70.28 66.44 -11.18
C SER A 9 -71.50 66.09 -12.02
N THR A 10 -72.47 67.00 -12.11
CA THR A 10 -73.63 66.86 -12.98
C THR A 10 -73.63 67.94 -14.04
N GLY A 11 -74.46 67.72 -15.06
CA GLY A 11 -74.52 68.59 -16.22
C GLY A 11 -75.90 69.21 -16.39
N ASP A 12 -76.06 70.15 -17.33
CA ASP A 12 -77.36 70.76 -17.52
C ASP A 12 -78.27 69.92 -18.42
N THR A 13 -77.70 69.25 -19.41
CA THR A 13 -78.47 68.53 -20.42
C THR A 13 -79.14 67.28 -19.84
N GLN A 14 -80.22 66.84 -20.47
CA GLN A 14 -80.87 65.60 -20.06
C GLN A 14 -81.27 64.81 -21.30
N ALA A 15 -81.14 63.49 -21.22
CA ALA A 15 -81.55 62.59 -22.28
C ALA A 15 -82.62 61.62 -21.78
N ASN A 16 -83.39 61.08 -22.72
CA ASN A 16 -84.39 60.06 -22.43
C ASN A 16 -83.79 58.70 -22.77
N LEU A 17 -83.69 57.82 -21.77
CA LEU A 17 -83.46 56.40 -21.98
C LEU A 17 -84.84 55.75 -22.02
N VAL A 18 -85.24 55.28 -23.20
CA VAL A 18 -86.61 54.84 -23.40
C VAL A 18 -86.72 53.36 -23.04
N LEU A 19 -87.39 53.08 -21.94
CA LEU A 19 -87.62 51.72 -21.48
C LEU A 19 -88.94 51.22 -22.02
N THR A 20 -88.94 49.98 -22.48
CA THR A 20 -90.17 49.30 -22.86
C THR A 20 -90.60 48.39 -21.73
N GLU A 21 -91.87 48.46 -21.36
CA GLU A 21 -92.33 47.77 -20.17
C GLU A 21 -92.17 46.26 -20.35
N ILE A 22 -92.13 45.57 -19.22
CA ILE A 22 -92.10 44.11 -19.20
C ILE A 22 -93.30 43.66 -18.39
N PRO A 23 -94.29 43.01 -19.01
CA PRO A 23 -95.55 42.72 -18.31
C PRO A 23 -95.33 41.69 -17.20
N ALA A 24 -95.95 41.95 -16.06
CA ALA A 24 -95.73 41.09 -14.91
C ALA A 24 -96.49 39.77 -15.01
N GLU A 25 -97.58 39.75 -15.78
CA GLU A 25 -98.39 38.53 -15.85
C GLU A 25 -97.59 37.31 -16.26
N PRO A 26 -96.78 37.32 -17.33
CA PRO A 26 -96.11 36.07 -17.73
C PRO A 26 -95.04 35.56 -16.75
N TYR A 27 -94.64 36.33 -15.73
CA TYR A 27 -93.57 35.84 -14.85
C TYR A 27 -94.13 34.95 -13.76
N VAL A 28 -93.42 33.86 -13.48
CA VAL A 28 -93.83 32.85 -12.50
C VAL A 28 -92.75 32.71 -11.45
N HIS A 29 -93.14 32.88 -10.18
CA HIS A 29 -92.23 32.62 -9.06
C HIS A 29 -91.75 31.18 -9.10
N VAL A 30 -90.43 31.00 -9.01
CA VAL A 30 -89.80 29.70 -9.17
C VAL A 30 -89.09 29.28 -7.89
N SER A 31 -88.26 30.15 -7.33
CA SER A 31 -87.45 29.81 -6.17
C SER A 31 -87.23 31.03 -5.30
N GLY A 32 -87.11 30.79 -4.00
CA GLY A 32 -86.50 31.75 -3.10
C GLY A 32 -87.45 32.38 -2.10
N ASP A 33 -86.92 32.66 -0.90
CA ASP A 33 -87.60 33.41 0.16
C ASP A 33 -87.47 34.91 -0.10
N ASN A 34 -88.00 35.71 0.83
CA ASN A 34 -87.46 37.06 0.97
C ASN A 34 -86.06 37.00 1.57
N LYS A 35 -85.79 35.99 2.42
CA LYS A 35 -84.47 35.80 3.00
C LYS A 35 -83.47 35.29 1.96
N SER A 36 -83.96 34.58 0.94
CA SER A 36 -83.13 34.10 -0.15
C SER A 36 -83.31 35.06 -1.33
N THR A 37 -82.83 34.65 -2.52
CA THR A 37 -83.04 35.42 -3.74
C THR A 37 -84.29 34.95 -4.49
N ILE A 38 -85.21 35.86 -4.77
CA ILE A 38 -86.42 35.55 -5.53
C ILE A 38 -86.07 35.36 -7.00
N GLU A 39 -86.67 34.35 -7.64
CA GLU A 39 -86.39 34.03 -9.02
C GLU A 39 -87.68 33.89 -9.80
N TYR A 40 -87.79 34.55 -10.95
CA TYR A 40 -88.94 34.45 -11.81
C TYR A 40 -88.56 33.90 -13.18
N LEU A 41 -89.47 33.11 -13.74
CA LEU A 41 -89.38 32.58 -15.09
C LEU A 41 -90.34 33.34 -16.00
N ASP A 42 -89.82 33.82 -17.14
CA ASP A 42 -90.64 34.45 -18.16
C ASP A 42 -91.23 33.34 -19.01
N THR A 43 -92.52 33.01 -18.78
CA THR A 43 -93.19 31.92 -19.46
C THR A 43 -93.63 32.29 -20.86
N GLY A 44 -93.45 33.54 -21.26
CA GLY A 44 -93.70 33.93 -22.63
C GLY A 44 -92.46 33.72 -23.47
N SER A 45 -91.94 32.50 -23.47
CA SER A 45 -90.75 32.13 -24.23
C SER A 45 -91.00 30.86 -25.01
N ASP A 46 -90.04 30.51 -25.87
CA ASP A 46 -90.16 29.27 -26.61
C ASP A 46 -90.09 28.10 -25.65
N ASN A 47 -91.21 27.41 -25.50
CA ASN A 47 -91.30 26.23 -24.66
C ASN A 47 -90.33 25.14 -25.13
N SER A 48 -90.05 25.09 -26.44
CA SER A 48 -89.26 24.01 -27.02
C SER A 48 -87.77 24.14 -26.75
N LEU A 49 -87.37 25.10 -25.91
CA LEU A 49 -86.01 25.18 -25.39
C LEU A 49 -86.02 24.75 -23.94
N LEU A 50 -84.96 24.08 -23.51
CA LEU A 50 -84.80 23.74 -22.11
C LEU A 50 -84.24 24.88 -21.29
N VAL A 51 -83.82 25.97 -21.92
CA VAL A 51 -83.43 27.18 -21.24
C VAL A 51 -84.48 28.24 -21.53
N ARG A 52 -84.85 29.00 -20.51
CA ARG A 52 -85.89 30.00 -20.64
C ARG A 52 -85.47 31.23 -19.86
N PRO A 53 -86.00 32.40 -20.22
CA PRO A 53 -85.56 33.65 -19.61
C PRO A 53 -86.00 33.76 -18.16
N THR A 54 -85.08 34.18 -17.30
CA THR A 54 -85.34 34.34 -15.88
C THR A 54 -84.79 35.68 -15.40
N GLN A 55 -85.54 36.34 -14.53
CA GLN A 55 -84.95 37.46 -13.80
C GLN A 55 -85.09 37.25 -12.31
N GLN A 56 -84.04 37.57 -11.55
CA GLN A 56 -84.04 37.37 -10.12
C GLN A 56 -83.74 38.66 -9.38
N PHE A 57 -84.30 38.74 -8.17
CA PHE A 57 -84.23 39.91 -7.30
C PHE A 57 -83.86 39.47 -5.89
N ASN A 58 -82.79 40.04 -5.37
CA ASN A 58 -82.30 39.82 -4.02
C ASN A 58 -82.12 41.17 -3.36
N CYS A 59 -82.44 41.28 -2.07
CA CYS A 59 -82.11 42.50 -1.37
C CYS A 59 -81.80 42.21 0.09
N VAL A 60 -80.82 42.95 0.63
CA VAL A 60 -80.30 42.75 1.98
C VAL A 60 -79.95 44.10 2.59
N SER A 61 -79.95 44.14 3.92
CA SER A 61 -79.82 45.39 4.66
C SER A 61 -78.95 45.15 5.88
N SER A 62 -78.18 46.17 6.27
CA SER A 62 -77.30 46.06 7.41
C SER A 62 -77.25 47.37 8.21
N GLN A 63 -77.06 47.22 9.51
CA GLN A 63 -76.95 48.35 10.42
C GLN A 63 -75.55 48.94 10.44
N TYR A 64 -74.62 48.39 9.66
CA TYR A 64 -73.21 48.76 9.69
C TYR A 64 -72.80 49.24 8.29
N PRO A 65 -73.24 50.44 7.89
CA PRO A 65 -73.14 50.83 6.48
C PRO A 65 -71.74 51.19 6.05
N TYR A 66 -70.82 51.42 6.97
CA TYR A 66 -69.45 51.82 6.67
C TYR A 66 -68.49 50.63 6.65
N ARG A 67 -69.01 49.40 6.65
CA ARG A 67 -68.13 48.24 6.80
C ARG A 67 -67.15 48.11 5.63
N ASN A 68 -67.60 48.38 4.42
CA ASN A 68 -66.74 48.23 3.25
C ASN A 68 -65.85 49.44 2.99
N TYR A 69 -66.22 50.60 3.50
CA TYR A 69 -65.53 51.84 3.20
C TYR A 69 -64.57 52.15 4.33
N SER A 70 -63.27 52.19 4.01
CA SER A 70 -62.26 52.24 5.05
C SER A 70 -61.81 53.64 5.41
N LYS A 71 -61.81 54.57 4.46
CA LYS A 71 -61.17 55.86 4.68
C LYS A 71 -62.16 56.95 5.08
N ILE A 72 -63.27 56.57 5.70
CA ILE A 72 -64.23 57.53 6.25
C ILE A 72 -64.06 57.57 7.76
N PRO A 73 -63.68 58.71 8.34
CA PRO A 73 -63.50 58.79 9.79
C PRO A 73 -64.80 58.62 10.54
N ARG A 74 -64.69 58.13 11.78
CA ARG A 74 -65.88 57.96 12.62
C ARG A 74 -66.58 59.29 12.85
N SER A 75 -65.82 60.38 13.00
CA SER A 75 -66.41 61.70 13.17
C SER A 75 -67.27 62.13 12.00
N GLN A 76 -67.22 61.40 10.88
CA GLN A 76 -68.03 61.68 9.71
C GLN A 76 -69.03 60.58 9.40
N GLN A 77 -69.16 59.58 10.28
CA GLN A 77 -70.08 58.48 10.07
C GLN A 77 -71.41 58.75 10.77
N ASP A 78 -72.50 58.81 9.99
CA ASP A 78 -73.82 59.09 10.54
C ASP A 78 -74.32 57.90 11.35
N PRO A 79 -74.50 58.03 12.66
CA PRO A 79 -74.88 56.86 13.48
C PRO A 79 -76.28 56.35 13.19
N LEU A 80 -77.12 57.16 12.55
CA LEU A 80 -78.45 56.75 12.15
C LEU A 80 -78.48 56.15 10.75
N ALA A 81 -77.35 56.15 10.04
CA ALA A 81 -77.35 55.67 8.68
C ALA A 81 -77.42 54.14 8.65
N VAL A 82 -78.06 53.63 7.61
CA VAL A 82 -78.26 52.20 7.41
C VAL A 82 -77.88 51.87 5.97
N ARG A 83 -77.51 50.61 5.73
CA ARG A 83 -77.13 50.15 4.40
C ARG A 83 -78.30 49.37 3.80
N ARG A 84 -78.78 49.84 2.65
CA ARG A 84 -79.83 49.15 1.90
C ARG A 84 -79.24 48.71 0.57
N GLU A 85 -79.37 47.44 0.22
CA GLU A 85 -78.77 46.90 -0.98
C GLU A 85 -79.79 46.05 -1.72
N PHE A 86 -79.77 46.12 -3.05
CA PHE A 86 -80.57 45.22 -3.88
C PHE A 86 -79.78 44.84 -5.12
N TYR A 87 -80.20 43.75 -5.74
CA TYR A 87 -79.44 43.10 -6.80
C TYR A 87 -80.40 42.37 -7.71
N THR A 88 -80.35 42.70 -9.00
CA THR A 88 -81.17 42.01 -9.98
C THR A 88 -80.25 41.40 -11.03
N ARG A 89 -80.64 40.23 -11.52
CA ARG A 89 -79.91 39.56 -12.61
C ARG A 89 -80.92 39.00 -13.59
N ARG A 90 -80.90 39.50 -14.81
CA ARG A 90 -81.77 39.03 -15.88
C ARG A 90 -80.92 38.25 -16.86
N VAL A 91 -81.33 37.01 -17.13
CA VAL A 91 -80.76 36.20 -18.18
C VAL A 91 -81.85 35.99 -19.22
N GLU A 92 -81.57 36.38 -20.45
CA GLU A 92 -82.43 36.00 -21.57
C GLU A 92 -81.63 35.12 -22.53
N TYR A 93 -82.38 34.37 -23.34
CA TYR A 93 -81.80 33.41 -24.27
C TYR A 93 -82.35 33.70 -25.66
N TRP A 94 -81.57 34.40 -26.48
CA TRP A 94 -81.99 34.76 -27.81
C TRP A 94 -81.94 33.55 -28.73
N ARG A 95 -82.59 33.66 -29.89
CA ARG A 95 -82.66 32.58 -30.85
C ARG A 95 -82.37 33.17 -32.23
N LYS A 96 -81.35 32.66 -32.91
CA LYS A 96 -81.06 33.07 -34.28
C LYS A 96 -81.47 31.98 -35.25
N ALA A 97 -82.22 32.38 -36.28
CA ALA A 97 -82.63 31.51 -37.38
C ALA A 97 -83.06 32.36 -38.56
N ASP A 98 -83.31 31.71 -39.71
CA ASP A 98 -83.93 32.45 -40.81
C ASP A 98 -85.05 31.64 -41.44
N ALA A 99 -86.18 32.29 -41.68
CA ALA A 99 -87.30 31.65 -42.37
C ALA A 99 -86.98 31.38 -43.83
N SER A 100 -85.92 31.98 -44.36
CA SER A 100 -85.54 31.77 -45.76
C SER A 100 -85.05 30.35 -46.00
N ASN A 101 -84.49 29.70 -45.00
CA ASN A 101 -83.81 28.42 -45.17
C ASN A 101 -84.23 27.46 -44.07
N VAL A 102 -85.17 26.56 -44.38
CA VAL A 102 -85.55 25.54 -43.42
C VAL A 102 -84.41 24.57 -43.15
N ASP A 103 -83.43 24.51 -44.05
CA ASP A 103 -82.32 23.59 -43.94
C ASP A 103 -81.19 24.09 -43.04
N ALA A 104 -81.19 25.37 -42.68
CA ALA A 104 -80.07 25.93 -41.92
C ALA A 104 -80.35 25.89 -40.42
N PRO A 105 -79.33 25.59 -39.61
CA PRO A 105 -79.58 25.31 -38.19
C PRO A 105 -79.95 26.56 -37.41
N GLU A 106 -80.65 26.35 -36.30
CA GLU A 106 -80.98 27.41 -35.37
C GLU A 106 -80.00 27.37 -34.20
N TYR A 107 -79.71 28.55 -33.65
CA TYR A 107 -78.82 28.62 -32.51
C TYR A 107 -79.46 29.44 -31.39
N THR A 108 -79.17 29.08 -30.15
CA THR A 108 -79.62 29.86 -29.00
C THR A 108 -78.42 30.59 -28.38
N LEU A 109 -78.59 31.89 -28.17
CA LEU A 109 -77.51 32.80 -27.78
C LEU A 109 -77.76 33.38 -26.39
N PRO A 110 -76.97 33.03 -25.38
CA PRO A 110 -77.23 33.54 -24.02
C PRO A 110 -76.72 34.95 -23.77
N GLN A 111 -77.54 35.69 -23.00
CA GLN A 111 -77.27 37.07 -22.63
C GLN A 111 -77.62 37.23 -21.17
N SER A 112 -76.78 37.96 -20.42
CA SER A 112 -77.05 38.21 -19.01
C SER A 112 -76.65 39.63 -18.63
N CYS A 113 -77.41 40.22 -17.71
CA CYS A 113 -77.14 41.58 -17.24
C CYS A 113 -77.55 41.68 -15.78
N SER A 114 -76.69 42.27 -14.96
CA SER A 114 -76.93 42.32 -13.52
C SER A 114 -76.58 43.68 -12.96
N ILE A 115 -77.50 44.22 -12.14
CA ILE A 115 -77.34 45.52 -11.51
C ILE A 115 -77.41 45.34 -9.99
N ARG A 116 -76.37 45.82 -9.30
CA ARG A 116 -76.33 45.85 -7.84
C ARG A 116 -76.22 47.29 -7.37
N LEU A 117 -76.96 47.61 -6.30
CA LEU A 117 -77.01 48.95 -5.73
C LEU A 117 -77.01 48.85 -4.22
N ALA A 118 -76.07 49.54 -3.59
CA ALA A 118 -75.99 49.62 -2.13
C ALA A 118 -75.88 51.08 -1.76
N SER A 119 -76.95 51.62 -1.18
CA SER A 119 -76.99 53.00 -0.74
C SER A 119 -76.89 53.09 0.78
N THR A 120 -76.20 54.12 1.26
CA THR A 120 -76.34 54.50 2.65
C THR A 120 -77.57 55.40 2.77
N VAL A 121 -78.54 54.97 3.56
CA VAL A 121 -79.82 55.66 3.70
C VAL A 121 -79.94 56.22 5.11
N THR A 122 -80.27 57.50 5.20
CA THR A 122 -80.56 58.21 6.44
C THR A 122 -81.92 58.88 6.30
N LYS A 123 -82.32 59.60 7.35
CA LYS A 123 -83.66 60.21 7.40
C LYS A 123 -83.95 61.00 6.15
N GLU A 124 -82.97 61.78 5.68
CA GLU A 124 -83.15 62.73 4.59
C GLU A 124 -82.99 62.10 3.21
N THR A 125 -82.52 60.86 3.14
CA THR A 125 -82.36 60.17 1.86
C THR A 125 -83.71 59.78 1.30
N THR A 126 -84.05 60.29 0.12
CA THR A 126 -85.33 59.97 -0.53
C THR A 126 -85.16 58.93 -1.62
N ALA A 127 -86.29 58.30 -1.98
CA ALA A 127 -86.28 57.30 -3.04
C ALA A 127 -85.72 57.89 -4.33
N ALA A 128 -86.08 59.14 -4.63
CA ALA A 128 -85.51 59.82 -5.78
C ALA A 128 -84.00 59.95 -5.65
N ASP A 129 -83.51 60.33 -4.47
CA ASP A 129 -82.07 60.44 -4.26
C ASP A 129 -81.37 59.13 -4.59
N ILE A 130 -81.99 58.01 -4.20
CA ILE A 130 -81.36 56.72 -4.44
C ILE A 130 -81.47 56.32 -5.91
N ALA A 131 -82.56 56.68 -6.57
CA ALA A 131 -82.64 56.44 -8.01
C ALA A 131 -81.55 57.22 -8.75
N GLY A 132 -81.20 58.39 -8.21
CA GLY A 132 -80.16 59.19 -8.82
C GLY A 132 -78.86 58.42 -9.04
N ILE A 133 -78.49 57.55 -8.10
CA ILE A 133 -77.20 56.88 -8.24
C ILE A 133 -77.23 55.90 -9.41
N VAL A 134 -78.35 55.20 -9.61
CA VAL A 134 -78.46 54.34 -10.78
C VAL A 134 -78.47 55.17 -12.06
N LEU A 135 -79.17 56.30 -12.04
CA LEU A 135 -79.23 57.14 -13.25
C LEU A 135 -77.85 57.69 -13.61
N ARG A 136 -77.06 58.07 -12.61
CA ARG A 136 -75.72 58.58 -12.88
C ARG A 136 -74.75 57.46 -13.24
N THR A 137 -74.96 56.25 -12.74
CA THR A 137 -74.16 55.14 -13.23
C THR A 137 -74.43 54.86 -14.70
N LEU A 138 -75.70 54.94 -15.11
CA LEU A 138 -76.06 54.66 -16.49
C LEU A 138 -75.59 55.75 -17.43
N ALA A 139 -75.68 57.02 -17.00
CA ALA A 139 -75.53 58.14 -17.92
C ALA A 139 -74.24 58.14 -18.75
N PRO A 140 -73.06 57.82 -18.20
CA PRO A 140 -71.85 57.84 -19.05
C PRO A 140 -71.91 56.87 -20.22
N ILE A 141 -72.55 55.72 -20.05
CA ILE A 141 -72.67 54.71 -21.10
C ILE A 141 -73.72 55.11 -22.13
N PHE A 142 -74.78 55.80 -21.71
CA PHE A 142 -75.87 56.21 -22.59
C PHE A 142 -75.97 57.72 -22.51
N PRO A 143 -74.97 58.45 -23.02
CA PRO A 143 -74.97 59.90 -22.84
C PRO A 143 -76.05 60.61 -23.64
N ASN A 144 -76.66 59.95 -24.62
CA ASN A 144 -77.80 60.48 -25.34
C ASN A 144 -79.02 59.58 -25.19
N GLY A 145 -79.05 58.74 -24.15
CA GLY A 145 -80.22 57.96 -23.89
C GLY A 145 -80.40 56.93 -24.98
N SER A 146 -81.67 56.62 -25.30
CA SER A 146 -81.92 55.68 -26.37
C SER A 146 -81.51 56.22 -27.73
N GLY A 147 -81.04 57.47 -27.81
CA GLY A 147 -80.75 58.07 -29.10
C GLY A 147 -79.68 57.35 -29.91
N ASP A 148 -78.48 57.23 -29.34
CA ASP A 148 -77.38 56.56 -30.02
C ASP A 148 -76.77 55.54 -29.08
N TRP A 149 -75.95 54.66 -29.65
CA TRP A 149 -75.36 53.56 -28.89
C TRP A 149 -73.83 53.61 -28.95
N ILE A 150 -73.25 54.81 -29.10
CA ILE A 150 -71.85 54.88 -29.49
C ILE A 150 -70.95 54.40 -28.35
N LYS A 151 -71.20 54.88 -27.13
CA LYS A 151 -70.35 54.48 -26.02
C LYS A 151 -70.60 53.03 -25.65
N LEU A 152 -71.85 52.57 -25.75
CA LEU A 152 -72.11 51.16 -25.51
C LEU A 152 -71.36 50.29 -26.51
N GLN A 153 -71.37 50.70 -27.78
CA GLN A 153 -70.62 50.00 -28.81
C GLN A 153 -69.16 49.91 -28.45
N GLN A 154 -68.59 51.01 -27.94
CA GLN A 154 -67.20 50.97 -27.49
C GLN A 154 -67.00 49.93 -26.40
N LEU A 155 -67.85 49.96 -25.38
CA LEU A 155 -67.71 49.00 -24.28
C LEU A 155 -67.72 47.57 -24.81
N ILE A 156 -68.57 47.29 -25.80
CA ILE A 156 -68.62 45.94 -26.34
C ILE A 156 -67.38 45.66 -27.19
N ASP A 157 -66.93 46.66 -27.96
CA ASP A 157 -65.73 46.55 -28.77
C ASP A 157 -64.48 46.34 -27.92
N GLY A 158 -64.57 46.52 -26.61
CA GLY A 158 -63.45 46.28 -25.73
C GLY A 158 -62.65 47.51 -25.37
N LEU A 159 -63.25 48.70 -25.46
CA LEU A 159 -62.59 49.97 -25.19
C LEU A 159 -63.18 50.61 -23.93
N PRO A 160 -62.52 50.46 -22.77
CA PRO A 160 -63.17 50.82 -21.50
C PRO A 160 -63.21 52.30 -21.18
N ARG A 161 -62.49 53.15 -21.91
CA ARG A 161 -62.37 54.55 -21.48
C ARG A 161 -63.55 55.35 -22.02
N ILE A 162 -64.65 55.34 -21.26
CA ILE A 162 -65.82 56.14 -21.59
C ILE A 162 -65.49 57.63 -21.57
N PHE A 163 -64.70 58.06 -20.60
CA PHE A 163 -64.41 59.47 -20.44
C PHE A 163 -63.16 59.92 -21.20
N GLY A 164 -62.40 58.98 -21.77
CA GLY A 164 -61.21 59.33 -22.53
C GLY A 164 -59.90 59.14 -21.79
N SER B 1 -79.53 35.90 -43.95
CA SER B 1 -80.96 36.07 -43.67
C SER B 1 -81.26 35.76 -42.22
N TYR B 2 -80.23 35.30 -41.49
CA TYR B 2 -80.36 35.04 -40.06
C TYR B 2 -80.87 36.26 -39.30
N THR B 3 -81.86 36.04 -38.45
CA THR B 3 -82.42 37.07 -37.59
C THR B 3 -82.35 36.61 -36.14
N ILE B 4 -82.18 37.61 -35.29
CA ILE B 4 -82.05 37.46 -33.85
C ILE B 4 -83.40 37.77 -33.22
N ASP B 5 -84.02 36.77 -32.61
CA ASP B 5 -85.27 36.95 -31.87
C ASP B 5 -84.94 36.88 -30.39
N ILE B 6 -85.17 37.98 -29.67
CA ILE B 6 -85.15 37.88 -28.21
C ILE B 6 -86.30 36.99 -27.79
N ASN B 7 -86.02 36.10 -26.84
CA ASN B 7 -87.04 35.15 -26.41
C ASN B 7 -87.73 35.65 -25.14
N CYS B 8 -88.26 36.86 -25.20
CA CYS B 8 -88.72 37.55 -23.99
C CYS B 8 -90.20 37.90 -24.11
N SER B 9 -90.71 38.46 -23.02
CA SER B 9 -92.01 39.10 -23.02
C SER B 9 -91.78 40.61 -23.01
N THR B 10 -92.36 41.31 -23.98
CA THR B 10 -92.27 42.76 -24.08
C THR B 10 -93.65 43.34 -24.28
N GLY B 11 -93.92 44.45 -23.58
CA GLY B 11 -95.18 45.15 -23.67
C GLY B 11 -95.24 46.13 -24.81
N ASP B 12 -96.40 46.79 -24.93
CA ASP B 12 -96.60 47.83 -25.92
C ASP B 12 -96.31 49.22 -25.37
N THR B 13 -96.30 49.37 -24.05
CA THR B 13 -96.16 50.65 -23.38
C THR B 13 -94.68 51.04 -23.28
N GLN B 14 -94.39 52.34 -23.16
CA GLN B 14 -93.02 52.79 -23.02
C GLN B 14 -92.94 53.95 -22.04
N ALA B 15 -91.77 54.09 -21.40
CA ALA B 15 -91.55 55.13 -20.39
C ALA B 15 -90.18 55.76 -20.59
N ASN B 16 -90.06 57.00 -20.13
CA ASN B 16 -88.82 57.76 -20.24
C ASN B 16 -88.08 57.73 -18.90
N LEU B 17 -86.92 57.08 -18.87
CA LEU B 17 -86.01 57.17 -17.73
C LEU B 17 -85.04 58.30 -18.03
N VAL B 18 -85.13 59.39 -17.27
CA VAL B 18 -84.47 60.63 -17.63
C VAL B 18 -83.08 60.69 -17.02
N LEU B 19 -82.06 60.57 -17.88
CA LEU B 19 -80.68 60.62 -17.45
C LEU B 19 -80.19 62.06 -17.51
N THR B 20 -79.51 62.49 -16.46
CA THR B 20 -78.83 63.76 -16.46
C THR B 20 -77.35 63.53 -16.78
N GLU B 21 -76.81 64.37 -17.66
CA GLU B 21 -75.51 64.09 -18.23
C GLU B 21 -74.41 64.17 -17.18
N ILE B 22 -73.34 63.43 -17.42
CA ILE B 22 -72.16 63.49 -16.56
C ILE B 22 -70.99 63.90 -17.42
N PRO B 23 -70.42 65.09 -17.20
CA PRO B 23 -69.38 65.61 -18.10
C PRO B 23 -68.06 64.88 -17.92
N ALA B 24 -67.32 64.75 -19.03
CA ALA B 24 -66.04 64.05 -18.94
C ALA B 24 -64.92 64.96 -18.47
N GLU B 25 -65.05 66.27 -18.72
CA GLU B 25 -64.02 67.21 -18.33
C GLU B 25 -63.59 67.09 -16.88
N PRO B 26 -64.48 66.94 -15.89
CA PRO B 26 -64.00 66.82 -14.50
C PRO B 26 -63.32 65.49 -14.18
N TYR B 27 -63.32 64.49 -15.07
CA TYR B 27 -62.81 63.18 -14.70
C TYR B 27 -61.33 63.04 -15.02
N VAL B 28 -60.63 62.26 -14.18
CA VAL B 28 -59.17 62.12 -14.21
C VAL B 28 -58.78 60.65 -14.15
N HIS B 29 -57.77 60.28 -14.94
CA HIS B 29 -57.17 58.95 -14.87
C HIS B 29 -56.63 58.65 -13.47
N VAL B 30 -56.88 57.43 -13.01
CA VAL B 30 -56.39 56.96 -11.71
C VAL B 30 -55.52 55.73 -11.86
N SER B 31 -56.04 54.68 -12.49
CA SER B 31 -55.27 53.45 -12.71
C SER B 31 -55.59 52.91 -14.10
N GLY B 32 -54.68 52.08 -14.60
CA GLY B 32 -54.86 51.38 -15.87
C GLY B 32 -55.20 52.26 -17.05
N ASP B 33 -54.30 53.18 -17.41
CA ASP B 33 -54.60 54.18 -18.41
C ASP B 33 -54.87 53.56 -19.77
N ASN B 34 -54.00 52.64 -20.19
CA ASN B 34 -54.14 52.00 -21.49
C ASN B 34 -54.87 50.65 -21.42
N LYS B 35 -55.01 50.07 -20.24
CA LYS B 35 -55.38 48.67 -20.11
C LYS B 35 -56.90 48.48 -20.24
N SER B 36 -57.32 47.21 -20.21
CA SER B 36 -58.72 46.85 -20.36
C SER B 36 -59.58 47.25 -19.16
N THR B 37 -58.95 47.74 -18.09
CA THR B 37 -59.65 48.21 -16.89
C THR B 37 -59.14 49.60 -16.59
N ILE B 38 -60.05 50.55 -16.47
CA ILE B 38 -59.71 51.95 -16.18
C ILE B 38 -60.58 52.42 -15.01
N GLU B 39 -59.99 53.27 -14.18
CA GLU B 39 -60.68 53.85 -13.03
C GLU B 39 -60.55 55.36 -13.10
N TYR B 40 -61.67 56.08 -13.10
CA TYR B 40 -61.66 57.53 -13.12
C TYR B 40 -62.07 58.12 -11.78
N LEU B 41 -61.55 59.32 -11.53
CA LEU B 41 -61.92 60.12 -10.38
C LEU B 41 -62.66 61.36 -10.84
N ASP B 42 -63.78 61.68 -10.19
CA ASP B 42 -64.52 62.91 -10.41
C ASP B 42 -63.93 63.98 -9.50
N THR B 43 -63.14 64.90 -10.07
CA THR B 43 -62.57 65.97 -9.29
C THR B 43 -63.51 67.14 -9.10
N GLY B 44 -64.78 66.97 -9.42
CA GLY B 44 -65.76 67.97 -9.05
C GLY B 44 -66.28 67.65 -7.67
N SER B 45 -65.43 67.02 -6.86
CA SER B 45 -65.82 66.60 -5.52
C SER B 45 -65.11 67.40 -4.47
N ASP B 46 -65.57 67.23 -3.23
CA ASP B 46 -64.99 67.98 -2.14
C ASP B 46 -63.51 67.70 -2.08
N ASN B 47 -62.74 68.77 -2.20
CA ASN B 47 -61.29 68.71 -2.15
C ASN B 47 -60.81 67.99 -0.91
N SER B 48 -61.44 68.26 0.23
CA SER B 48 -60.86 68.02 1.54
C SER B 48 -61.22 66.66 2.14
N LEU B 49 -62.02 65.84 1.47
CA LEU B 49 -62.33 64.51 2.00
C LEU B 49 -61.28 63.49 1.60
N LEU B 50 -61.31 62.35 2.26
CA LEU B 50 -60.43 61.25 1.91
C LEU B 50 -61.03 60.35 0.85
N VAL B 51 -62.35 60.44 0.67
CA VAL B 51 -63.06 59.69 -0.34
C VAL B 51 -63.56 60.66 -1.38
N ARG B 52 -63.53 60.23 -2.64
CA ARG B 52 -64.04 61.05 -3.73
C ARG B 52 -64.70 60.14 -4.75
N PRO B 53 -65.69 60.64 -5.48
CA PRO B 53 -66.46 59.79 -6.40
C PRO B 53 -65.58 59.27 -7.52
N THR B 54 -65.64 57.97 -7.71
CA THR B 54 -64.95 57.28 -8.78
C THR B 54 -65.95 56.51 -9.61
N GLN B 55 -65.59 56.26 -10.86
CA GLN B 55 -66.29 55.26 -11.65
C GLN B 55 -65.27 54.47 -12.44
N GLN B 56 -65.34 53.15 -12.36
CA GLN B 56 -64.46 52.32 -13.16
C GLN B 56 -65.26 51.63 -14.24
N PHE B 57 -64.56 51.33 -15.33
CA PHE B 57 -65.06 50.54 -16.43
C PHE B 57 -64.01 49.49 -16.76
N ASN B 58 -64.45 48.27 -17.00
CA ASN B 58 -63.52 47.28 -17.54
C ASN B 58 -64.25 46.33 -18.48
N CYS B 59 -63.53 45.90 -19.51
CA CYS B 59 -64.04 45.02 -20.54
C CYS B 59 -63.34 43.67 -20.45
N VAL B 60 -64.06 42.62 -20.85
CA VAL B 60 -63.56 41.26 -20.86
C VAL B 60 -64.16 40.56 -22.07
N SER B 61 -63.37 39.67 -22.68
CA SER B 61 -63.84 38.86 -23.79
C SER B 61 -63.42 37.42 -23.54
N SER B 62 -64.28 36.47 -23.96
CA SER B 62 -63.96 35.06 -23.87
C SER B 62 -64.30 34.34 -25.17
N GLN B 63 -63.49 33.32 -25.45
CA GLN B 63 -63.62 32.55 -26.69
C GLN B 63 -64.74 31.53 -26.61
N TYR B 64 -65.06 31.06 -25.39
CA TYR B 64 -66.05 30.01 -25.15
C TYR B 64 -67.28 30.60 -24.49
N PRO B 65 -68.23 31.12 -25.27
CA PRO B 65 -69.33 31.88 -24.68
C PRO B 65 -70.36 30.99 -24.01
N TYR B 66 -70.32 29.69 -24.29
CA TYR B 66 -71.26 28.71 -23.78
C TYR B 66 -70.71 27.97 -22.57
N ARG B 67 -69.67 28.49 -21.92
CA ARG B 67 -69.00 27.72 -20.87
C ARG B 67 -69.94 27.43 -19.72
N ASN B 68 -70.61 28.46 -19.23
CA ASN B 68 -71.50 28.31 -18.09
C ASN B 68 -72.90 27.87 -18.50
N TYR B 69 -73.20 27.79 -19.78
CA TYR B 69 -74.54 27.41 -20.23
C TYR B 69 -74.50 25.97 -20.71
N SER B 70 -74.67 25.04 -19.79
CA SER B 70 -74.61 23.64 -20.16
C SER B 70 -75.93 23.08 -20.64
N LYS B 71 -77.06 23.69 -20.24
CA LYS B 71 -78.36 23.19 -20.67
C LYS B 71 -78.64 23.45 -22.15
N ILE B 72 -77.69 24.06 -22.85
CA ILE B 72 -77.79 24.27 -24.29
C ILE B 72 -77.01 23.16 -24.98
N PRO B 73 -77.60 22.48 -25.96
CA PRO B 73 -76.86 21.44 -26.68
C PRO B 73 -75.89 22.02 -27.68
N ARG B 74 -74.83 21.24 -27.96
CA ARG B 74 -73.84 21.69 -28.94
C ARG B 74 -74.49 21.96 -30.30
N SER B 75 -75.45 21.12 -30.70
CA SER B 75 -76.17 21.31 -31.96
C SER B 75 -76.88 22.66 -32.05
N GLN B 76 -77.01 23.38 -30.94
CA GLN B 76 -77.61 24.71 -30.95
C GLN B 76 -76.64 25.81 -30.53
N GLN B 77 -75.39 25.47 -30.21
CA GLN B 77 -74.37 26.45 -29.88
C GLN B 77 -73.71 26.96 -31.16
N ASP B 78 -73.77 28.27 -31.38
CA ASP B 78 -73.15 28.88 -32.56
C ASP B 78 -71.64 28.84 -32.45
N PRO B 79 -70.94 28.02 -33.25
CA PRO B 79 -69.49 27.89 -33.08
C PRO B 79 -68.72 29.14 -33.46
N LEU B 80 -69.36 30.12 -34.09
CA LEU B 80 -68.75 31.41 -34.36
C LEU B 80 -69.08 32.46 -33.29
N ALA B 81 -69.78 32.07 -32.24
CA ALA B 81 -70.16 33.03 -31.21
C ALA B 81 -68.96 33.33 -30.32
N VAL B 82 -68.91 34.57 -29.85
CA VAL B 82 -67.84 35.05 -28.98
C VAL B 82 -68.49 35.81 -27.82
N ARG B 83 -67.94 35.68 -26.62
CA ARG B 83 -68.51 36.32 -25.44
C ARG B 83 -67.85 37.68 -25.23
N ARG B 84 -68.66 38.75 -25.21
CA ARG B 84 -68.18 40.09 -24.86
C ARG B 84 -68.90 40.51 -23.59
N GLU B 85 -68.15 40.98 -22.59
CA GLU B 85 -68.75 41.55 -21.40
C GLU B 85 -68.05 42.85 -21.02
N PHE B 86 -68.78 43.68 -20.29
CA PHE B 86 -68.23 44.89 -19.68
C PHE B 86 -68.87 45.09 -18.32
N TYR B 87 -68.22 45.93 -17.51
CA TYR B 87 -68.60 46.11 -16.11
C TYR B 87 -68.26 47.52 -15.69
N THR B 88 -69.26 48.23 -15.15
CA THR B 88 -69.01 49.54 -14.59
C THR B 88 -69.37 49.50 -13.12
N ARG B 89 -68.60 50.25 -12.32
CA ARG B 89 -68.90 50.41 -10.90
C ARG B 89 -68.66 51.86 -10.50
N ARG B 90 -69.73 52.54 -10.11
CA ARG B 90 -69.68 53.93 -9.69
C ARG B 90 -69.85 53.98 -8.19
N VAL B 91 -68.91 54.62 -7.52
CA VAL B 91 -69.04 54.96 -6.11
C VAL B 91 -69.08 56.47 -6.02
N GLU B 92 -70.08 57.01 -5.32
CA GLU B 92 -70.07 58.41 -4.95
C GLU B 92 -70.23 58.51 -3.45
N TYR B 93 -69.87 59.68 -2.92
CA TYR B 93 -69.85 59.92 -1.49
C TYR B 93 -70.60 61.21 -1.22
N TRP B 94 -71.85 61.09 -0.75
CA TRP B 94 -72.68 62.23 -0.45
C TRP B 94 -72.25 62.85 0.87
N ARG B 95 -72.70 64.09 1.09
CA ARG B 95 -72.39 64.86 2.29
C ARG B 95 -73.69 65.43 2.86
N LYS B 96 -74.05 65.02 4.06
CA LYS B 96 -75.21 65.62 4.71
C LYS B 96 -74.72 66.64 5.72
N ALA B 97 -75.31 67.84 5.64
CA ALA B 97 -75.08 68.94 6.58
C ALA B 97 -76.15 69.99 6.35
N ASP B 98 -76.41 70.79 7.38
CA ASP B 98 -77.26 71.96 7.25
C ASP B 98 -76.45 73.23 7.47
N ALA B 99 -76.65 74.22 6.58
CA ALA B 99 -75.99 75.51 6.74
C ALA B 99 -76.53 76.29 7.93
N SER B 100 -77.67 75.87 8.48
CA SER B 100 -78.27 76.58 9.59
C SER B 100 -77.39 76.49 10.84
N ASN B 101 -76.97 75.30 11.19
CA ASN B 101 -76.21 75.05 12.42
C ASN B 101 -74.84 74.53 12.04
N VAL B 102 -73.81 75.35 12.26
CA VAL B 102 -72.45 74.90 11.95
C VAL B 102 -71.88 74.06 13.09
N ASP B 103 -72.48 74.11 14.29
CA ASP B 103 -72.15 73.13 15.31
C ASP B 103 -72.39 71.71 14.83
N ALA B 104 -73.45 71.51 14.05
CA ALA B 104 -73.89 70.17 13.70
C ALA B 104 -72.86 69.50 12.80
N PRO B 105 -72.58 68.22 13.01
CA PRO B 105 -71.49 67.56 12.28
C PRO B 105 -71.92 67.24 10.86
N GLU B 106 -70.94 67.25 9.96
CA GLU B 106 -71.16 66.86 8.58
C GLU B 106 -70.87 65.37 8.47
N TYR B 107 -71.78 64.63 7.83
CA TYR B 107 -71.58 63.20 7.65
C TYR B 107 -71.35 62.87 6.18
N THR B 108 -70.59 61.82 5.95
CA THR B 108 -70.30 61.31 4.61
C THR B 108 -71.08 60.01 4.42
N LEU B 109 -71.93 59.99 3.40
CA LEU B 109 -72.80 58.86 3.11
C LEU B 109 -72.33 58.18 1.84
N PRO B 110 -71.75 56.98 1.91
CA PRO B 110 -71.31 56.30 0.69
C PRO B 110 -72.43 55.57 -0.03
N GLN B 111 -72.33 55.58 -1.36
CA GLN B 111 -73.30 54.96 -2.25
C GLN B 111 -72.54 54.31 -3.39
N SER B 112 -72.91 53.08 -3.77
CA SER B 112 -72.22 52.39 -4.84
C SER B 112 -73.22 51.60 -5.70
N CYS B 113 -72.92 51.54 -7.00
CA CYS B 113 -73.80 50.86 -7.95
C CYS B 113 -72.97 50.28 -9.08
N SER B 114 -73.28 49.05 -9.48
CA SER B 114 -72.49 48.34 -10.46
C SER B 114 -73.39 47.60 -11.45
N ILE B 115 -72.99 47.66 -12.73
CA ILE B 115 -73.70 46.99 -13.81
C ILE B 115 -72.73 46.11 -14.58
N ARG B 116 -73.08 44.83 -14.74
CA ARG B 116 -72.29 43.88 -15.50
C ARG B 116 -73.14 43.34 -16.64
N LEU B 117 -72.66 43.51 -17.87
CA LEU B 117 -73.36 43.05 -19.06
C LEU B 117 -72.47 42.06 -19.79
N ALA B 118 -73.01 40.87 -20.07
CA ALA B 118 -72.24 39.78 -20.67
C ALA B 118 -73.11 39.14 -21.74
N SER B 119 -72.78 39.42 -22.99
CA SER B 119 -73.57 38.98 -24.13
C SER B 119 -72.78 37.95 -24.94
N THR B 120 -73.49 37.02 -25.55
CA THR B 120 -72.88 36.30 -26.67
C THR B 120 -73.12 37.12 -27.91
N VAL B 121 -72.13 37.14 -28.81
CA VAL B 121 -72.16 37.99 -29.98
C VAL B 121 -71.77 37.18 -31.19
N THR B 122 -72.57 37.27 -32.24
CA THR B 122 -72.30 36.77 -33.57
C THR B 122 -72.42 37.93 -34.54
N LYS B 123 -72.16 37.65 -35.82
CA LYS B 123 -72.13 38.73 -36.81
C LYS B 123 -73.45 39.49 -36.87
N GLU B 124 -74.56 38.89 -36.45
CA GLU B 124 -75.87 39.54 -36.53
C GLU B 124 -76.29 40.23 -35.23
N THR B 125 -75.50 40.09 -34.16
CA THR B 125 -75.76 40.85 -32.94
C THR B 125 -75.47 42.32 -33.17
N THR B 126 -76.44 43.19 -32.88
CA THR B 126 -76.26 44.62 -33.07
C THR B 126 -76.09 45.34 -31.74
N ALA B 127 -75.56 46.56 -31.85
CA ALA B 127 -75.40 47.43 -30.70
C ALA B 127 -76.73 47.61 -29.98
N ALA B 128 -77.79 47.93 -30.73
CA ALA B 128 -79.09 48.15 -30.13
C ALA B 128 -79.69 46.88 -29.54
N ASP B 129 -79.42 45.72 -30.15
CA ASP B 129 -79.83 44.45 -29.53
C ASP B 129 -79.23 44.31 -28.15
N ILE B 130 -77.94 44.61 -28.02
CA ILE B 130 -77.32 44.46 -26.71
C ILE B 130 -77.80 45.54 -25.75
N ALA B 131 -78.06 46.75 -26.25
CA ALA B 131 -78.65 47.77 -25.40
C ALA B 131 -80.00 47.34 -24.85
N GLY B 132 -80.71 46.50 -25.61
CA GLY B 132 -82.05 46.11 -25.20
C GLY B 132 -82.06 45.33 -23.90
N ILE B 133 -81.03 44.51 -23.66
CA ILE B 133 -81.07 43.69 -22.46
C ILE B 133 -80.85 44.55 -21.21
N VAL B 134 -80.05 45.60 -21.31
CA VAL B 134 -79.91 46.53 -20.19
C VAL B 134 -81.24 47.22 -19.90
N LEU B 135 -81.93 47.67 -20.96
CA LEU B 135 -83.21 48.34 -20.79
C LEU B 135 -84.28 47.40 -20.25
N ARG B 136 -84.20 46.11 -20.58
CA ARG B 136 -85.17 45.15 -20.06
C ARG B 136 -84.84 44.74 -18.63
N THR B 137 -83.57 44.72 -18.26
CA THR B 137 -83.23 44.55 -16.85
C THR B 137 -83.73 45.71 -16.02
N LEU B 138 -83.58 46.94 -16.54
CA LEU B 138 -84.05 48.11 -15.81
C LEU B 138 -85.57 48.18 -15.74
N ALA B 139 -86.26 47.74 -16.79
CA ALA B 139 -87.69 47.98 -16.95
C ALA B 139 -88.53 47.57 -15.74
N PRO B 140 -88.35 46.39 -15.12
CA PRO B 140 -89.25 46.03 -14.01
C PRO B 140 -89.02 46.85 -12.75
N ILE B 141 -87.82 47.39 -12.53
CA ILE B 141 -87.56 48.23 -11.36
C ILE B 141 -88.11 49.63 -11.58
N PHE B 142 -88.05 50.15 -12.81
CA PHE B 142 -88.48 51.51 -13.12
C PHE B 142 -89.59 51.44 -14.17
N PRO B 143 -90.73 50.83 -13.83
CA PRO B 143 -91.74 50.54 -14.86
C PRO B 143 -92.40 51.77 -15.43
N ASN B 144 -92.35 52.90 -14.74
CA ASN B 144 -92.76 54.18 -15.29
C ASN B 144 -91.57 55.11 -15.51
N GLY B 145 -90.37 54.54 -15.62
CA GLY B 145 -89.20 55.36 -15.85
C GLY B 145 -89.02 56.34 -14.72
N SER B 146 -88.60 57.55 -15.06
CA SER B 146 -88.39 58.58 -14.05
C SER B 146 -89.68 59.07 -13.41
N GLY B 147 -90.84 58.51 -13.77
CA GLY B 147 -92.10 59.05 -13.26
C GLY B 147 -92.33 58.79 -11.78
N ASP B 148 -92.38 57.52 -11.38
CA ASP B 148 -92.55 57.19 -9.97
C ASP B 148 -91.48 56.20 -9.56
N TRP B 149 -91.24 56.14 -8.25
CA TRP B 149 -90.18 55.29 -7.72
C TRP B 149 -90.76 54.17 -6.87
N ILE B 150 -91.94 53.65 -7.22
CA ILE B 150 -92.67 52.78 -6.30
C ILE B 150 -91.96 51.45 -6.14
N LYS B 151 -91.59 50.83 -7.27
CA LYS B 151 -90.92 49.54 -7.19
C LYS B 151 -89.51 49.69 -6.63
N LEU B 152 -88.83 50.78 -6.98
CA LEU B 152 -87.52 51.01 -6.38
C LEU B 152 -87.64 51.09 -4.86
N GLN B 153 -88.58 51.90 -4.37
CA GLN B 153 -88.73 52.08 -2.93
C GLN B 153 -89.02 50.74 -2.26
N GLN B 154 -89.89 49.93 -2.86
CA GLN B 154 -90.15 48.63 -2.25
C GLN B 154 -88.94 47.71 -2.31
N LEU B 155 -88.00 47.94 -3.24
CA LEU B 155 -86.74 47.20 -3.18
C LEU B 155 -85.87 47.68 -2.03
N ILE B 156 -85.89 48.98 -1.74
CA ILE B 156 -85.14 49.50 -0.60
C ILE B 156 -85.76 49.00 0.71
N ASP B 157 -87.06 48.72 0.72
CA ASP B 157 -87.75 48.26 1.92
C ASP B 157 -87.49 46.80 2.23
N GLY B 158 -86.87 46.07 1.31
CA GLY B 158 -86.59 44.65 1.50
C GLY B 158 -87.73 43.75 1.06
N LEU B 159 -88.37 44.09 -0.06
CA LEU B 159 -89.53 43.35 -0.57
C LEU B 159 -89.17 42.86 -1.97
N PRO B 160 -88.41 41.75 -2.06
CA PRO B 160 -87.82 41.33 -3.35
C PRO B 160 -88.84 40.92 -4.39
N ARG B 161 -90.06 40.56 -4.01
CA ARG B 161 -91.05 40.03 -4.94
C ARG B 161 -91.62 41.18 -5.76
N ILE B 162 -91.14 41.32 -7.00
CA ILE B 162 -91.50 42.46 -7.84
C ILE B 162 -92.63 42.11 -8.79
N PHE B 163 -92.60 40.92 -9.38
CA PHE B 163 -93.70 40.43 -10.18
C PHE B 163 -94.71 39.64 -9.34
N GLY B 164 -94.48 39.51 -8.03
CA GLY B 164 -95.39 38.78 -7.15
C GLY B 164 -94.83 37.53 -6.49
N SER C 1 -95.26 28.11 -41.37
CA SER C 1 -96.06 27.35 -42.34
C SER C 1 -96.34 25.94 -41.85
N TYR C 2 -95.40 25.40 -41.06
CA TYR C 2 -95.52 24.07 -40.48
C TYR C 2 -96.81 23.92 -39.67
N THR C 3 -97.55 22.85 -39.94
CA THR C 3 -98.70 22.49 -39.13
C THR C 3 -98.49 21.12 -38.52
N ILE C 4 -99.11 20.90 -37.37
CA ILE C 4 -99.08 19.64 -36.66
C ILE C 4 -100.42 18.95 -36.87
N ASP C 5 -100.39 17.74 -37.41
CA ASP C 5 -101.58 16.92 -37.59
C ASP C 5 -101.50 15.76 -36.61
N ILE C 6 -102.50 15.65 -35.74
CA ILE C 6 -102.64 14.43 -34.97
C ILE C 6 -102.96 13.30 -35.93
N ASN C 7 -102.25 12.19 -35.81
CA ASN C 7 -102.47 11.07 -36.72
C ASN C 7 -103.48 10.10 -36.10
N CYS C 8 -104.64 10.62 -35.74
CA CYS C 8 -105.61 9.84 -34.98
C CYS C 8 -106.95 9.81 -35.68
N SER C 9 -107.85 8.99 -35.14
CA SER C 9 -109.26 8.96 -35.53
C SER C 9 -110.07 9.70 -34.48
N THR C 10 -110.81 10.72 -34.92
CA THR C 10 -111.70 11.50 -34.08
C THR C 10 -113.07 11.59 -34.71
N GLY C 11 -114.07 11.82 -33.85
CA GLY C 11 -115.45 11.86 -34.26
C GLY C 11 -115.99 13.27 -34.34
N ASP C 12 -117.30 13.34 -34.60
CA ASP C 12 -118.02 14.60 -34.66
C ASP C 12 -118.65 14.97 -33.34
N THR C 13 -118.98 13.98 -32.51
CA THR C 13 -119.75 14.21 -31.31
C THR C 13 -118.85 14.70 -30.18
N GLN C 14 -119.44 15.44 -29.25
CA GLN C 14 -118.71 15.91 -28.09
C GLN C 14 -119.57 15.75 -26.85
N ALA C 15 -118.89 15.67 -25.70
CA ALA C 15 -119.55 15.41 -24.42
C ALA C 15 -118.83 16.16 -23.31
N ASN C 16 -119.61 16.56 -22.29
CA ASN C 16 -119.08 17.29 -21.15
C ASN C 16 -118.68 16.31 -20.05
N LEU C 17 -117.38 16.23 -19.75
CA LEU C 17 -116.90 15.61 -18.52
C LEU C 17 -116.79 16.74 -17.49
N VAL C 18 -117.67 16.73 -16.50
CA VAL C 18 -117.84 17.91 -15.67
C VAL C 18 -117.04 17.77 -14.39
N LEU C 19 -116.08 18.67 -14.24
CA LEU C 19 -115.14 18.70 -13.14
C LEU C 19 -115.64 19.63 -12.06
N THR C 20 -115.52 19.17 -10.81
CA THR C 20 -115.80 20.00 -9.65
C THR C 20 -114.47 20.50 -9.10
N GLU C 21 -114.40 21.79 -8.78
CA GLU C 21 -113.12 22.43 -8.51
C GLU C 21 -112.49 21.92 -7.22
N ILE C 22 -111.16 21.92 -7.19
CA ILE C 22 -110.38 21.53 -6.03
C ILE C 22 -109.70 22.78 -5.48
N PRO C 23 -110.16 23.32 -4.35
CA PRO C 23 -109.59 24.58 -3.87
C PRO C 23 -108.14 24.43 -3.49
N ALA C 24 -107.32 25.42 -3.89
CA ALA C 24 -105.90 25.32 -3.58
C ALA C 24 -105.62 25.67 -2.13
N GLU C 25 -106.37 26.62 -1.58
CA GLU C 25 -106.19 27.13 -0.23
C GLU C 25 -105.88 26.05 0.82
N PRO C 26 -106.54 24.89 0.85
CA PRO C 26 -106.24 23.91 1.91
C PRO C 26 -104.98 23.07 1.73
N TYR C 27 -104.35 23.04 0.57
CA TYR C 27 -103.23 22.11 0.37
C TYR C 27 -101.93 22.68 0.96
N VAL C 28 -101.06 21.77 1.41
CA VAL C 28 -99.82 22.16 2.10
C VAL C 28 -98.68 21.26 1.64
N HIS C 29 -97.52 21.86 1.32
CA HIS C 29 -96.32 21.10 0.97
C HIS C 29 -95.91 20.15 2.08
N VAL C 30 -95.58 18.92 1.71
CA VAL C 30 -95.21 17.91 2.70
C VAL C 30 -93.84 17.31 2.41
N SER C 31 -93.46 17.24 1.14
CA SER C 31 -92.18 16.63 0.80
C SER C 31 -91.84 16.93 -0.65
N GLY C 32 -90.54 16.87 -0.93
CA GLY C 32 -89.98 17.15 -2.24
C GLY C 32 -89.25 18.49 -2.27
N ASP C 33 -88.82 18.84 -3.47
CA ASP C 33 -88.22 20.14 -3.75
C ASP C 33 -89.14 20.94 -4.68
N ASN C 34 -89.22 22.26 -4.45
CA ASN C 34 -90.05 23.10 -5.29
C ASN C 34 -89.57 23.17 -6.74
N LYS C 35 -88.47 22.51 -7.07
CA LYS C 35 -87.93 22.48 -8.43
C LYS C 35 -88.48 21.32 -9.25
N SER C 36 -88.34 20.09 -8.75
CA SER C 36 -88.70 18.89 -9.51
C SER C 36 -90.01 18.27 -9.06
N THR C 37 -90.13 17.90 -7.79
CA THR C 37 -91.24 17.09 -7.31
C THR C 37 -91.81 17.67 -6.02
N ILE C 38 -93.14 17.75 -5.93
CA ILE C 38 -93.82 18.35 -4.80
C ILE C 38 -95.03 17.51 -4.41
N GLU C 39 -95.25 17.33 -3.11
CA GLU C 39 -96.39 16.54 -2.62
C GLU C 39 -97.23 17.40 -1.69
N TYR C 40 -98.46 17.72 -2.10
CA TYR C 40 -99.37 18.49 -1.27
C TYR C 40 -100.27 17.58 -0.44
N LEU C 41 -100.64 18.07 0.73
CA LEU C 41 -101.57 17.43 1.65
C LEU C 41 -102.82 18.27 1.80
N ASP C 42 -103.98 17.67 1.58
CA ASP C 42 -105.27 18.31 1.80
C ASP C 42 -105.53 18.36 3.31
N THR C 43 -105.31 19.53 3.90
CA THR C 43 -105.67 19.74 5.31
C THR C 43 -107.17 19.75 5.54
N GLY C 44 -107.97 19.61 4.50
CA GLY C 44 -109.41 19.56 4.65
C GLY C 44 -109.91 18.17 4.99
N SER C 45 -109.05 17.38 5.63
CA SER C 45 -109.36 16.00 5.95
C SER C 45 -109.41 15.79 7.45
N ASP C 46 -109.65 14.55 7.85
CA ASP C 46 -109.75 14.22 9.26
C ASP C 46 -108.41 14.36 9.96
N ASN C 47 -108.42 14.92 11.17
CA ASN C 47 -107.20 14.96 11.98
C ASN C 47 -106.77 13.57 12.42
N SER C 48 -107.74 12.72 12.79
CA SER C 48 -107.52 11.56 13.65
C SER C 48 -107.05 10.32 12.90
N LEU C 49 -106.69 10.45 11.64
CA LEU C 49 -106.18 9.35 10.85
C LEU C 49 -104.70 9.54 10.55
N LEU C 50 -103.95 8.45 10.52
CA LEU C 50 -102.57 8.53 10.09
C LEU C 50 -102.46 8.75 8.58
N VAL C 51 -103.54 8.53 7.84
CA VAL C 51 -103.58 8.76 6.41
C VAL C 51 -104.47 9.96 6.13
N ARG C 52 -104.01 10.80 5.20
CA ARG C 52 -104.78 11.97 4.78
C ARG C 52 -104.55 12.19 3.30
N PRO C 53 -105.53 12.75 2.60
CA PRO C 53 -105.46 12.85 1.15
C PRO C 53 -104.33 13.76 0.70
N THR C 54 -103.63 13.31 -0.33
CA THR C 54 -102.42 13.96 -0.79
C THR C 54 -102.35 13.84 -2.32
N GLN C 55 -102.05 14.94 -2.99
CA GLN C 55 -101.83 14.90 -4.43
C GLN C 55 -100.44 15.41 -4.74
N GLN C 56 -99.74 14.66 -5.58
CA GLN C 56 -98.34 14.92 -5.90
C GLN C 56 -98.22 15.32 -7.37
N PHE C 57 -97.28 16.23 -7.62
CA PHE C 57 -96.94 16.69 -8.96
C PHE C 57 -95.44 16.58 -9.18
N ASN C 58 -95.05 16.24 -10.41
CA ASN C 58 -93.68 15.84 -10.70
C ASN C 58 -93.39 16.08 -12.18
N CYS C 59 -92.47 16.99 -12.49
CA CYS C 59 -92.13 17.33 -13.88
C CYS C 59 -90.68 16.94 -14.19
N VAL C 60 -90.44 16.56 -15.45
CA VAL C 60 -89.11 16.27 -15.98
C VAL C 60 -89.06 16.67 -17.45
N SER C 61 -87.84 16.75 -17.98
CA SER C 61 -87.63 17.19 -19.36
C SER C 61 -86.31 16.64 -19.86
N SER C 62 -86.22 16.42 -21.17
CA SER C 62 -85.06 15.79 -21.76
C SER C 62 -84.80 16.34 -23.16
N GLN C 63 -83.52 16.40 -23.51
CA GLN C 63 -83.05 16.86 -24.81
C GLN C 63 -83.06 15.74 -25.85
N TYR C 64 -83.47 14.54 -25.47
CA TYR C 64 -83.41 13.37 -26.35
C TYR C 64 -84.81 12.76 -26.48
N PRO C 65 -85.71 13.45 -27.19
CA PRO C 65 -87.12 13.07 -27.15
C PRO C 65 -87.42 11.75 -27.82
N TYR C 66 -86.51 11.25 -28.65
CA TYR C 66 -86.71 10.01 -29.40
C TYR C 66 -86.00 8.83 -28.77
N ARG C 67 -85.64 8.92 -27.48
CA ARG C 67 -84.77 7.91 -26.88
C ARG C 67 -85.42 6.54 -26.89
N ASN C 68 -86.71 6.46 -26.53
CA ASN C 68 -87.40 5.19 -26.46
C ASN C 68 -88.15 4.85 -27.74
N TYR C 69 -88.32 5.81 -28.65
CA TYR C 69 -89.06 5.58 -29.88
C TYR C 69 -88.09 5.20 -31.00
N SER C 70 -87.62 3.96 -30.92
CA SER C 70 -86.56 3.49 -31.82
C SER C 70 -87.02 3.40 -33.26
N LYS C 71 -88.32 3.19 -33.49
CA LYS C 71 -88.83 2.90 -34.81
C LYS C 71 -89.13 4.15 -35.64
N ILE C 72 -88.69 5.32 -35.20
CA ILE C 72 -88.75 6.53 -36.01
C ILE C 72 -87.36 6.78 -36.58
N PRO C 73 -87.22 6.88 -37.90
CA PRO C 73 -85.89 7.14 -38.48
C PRO C 73 -85.42 8.56 -38.22
N ARG C 74 -84.10 8.75 -38.29
CA ARG C 74 -83.53 10.07 -38.07
C ARG C 74 -84.01 11.06 -39.12
N SER C 75 -84.29 10.60 -40.34
CA SER C 75 -84.84 11.46 -41.37
C SER C 75 -86.20 12.04 -40.98
N GLN C 76 -86.85 11.50 -39.96
CA GLN C 76 -88.15 11.98 -39.52
C GLN C 76 -88.14 12.47 -38.07
N GLN C 77 -86.96 12.58 -37.45
CA GLN C 77 -86.83 13.10 -36.10
C GLN C 77 -86.55 14.60 -36.12
N ASP C 78 -87.46 15.38 -35.54
CA ASP C 78 -87.31 16.85 -35.49
C ASP C 78 -86.20 17.23 -34.53
N PRO C 79 -85.07 17.75 -35.01
CA PRO C 79 -83.93 18.00 -34.11
C PRO C 79 -84.17 19.15 -33.14
N LEU C 80 -85.07 20.07 -33.47
CA LEU C 80 -85.43 21.14 -32.54
C LEU C 80 -86.25 20.61 -31.38
N ALA C 81 -87.00 19.53 -31.59
CA ALA C 81 -87.99 19.06 -30.64
C ALA C 81 -87.35 18.50 -29.38
N VAL C 82 -88.09 18.60 -28.27
CA VAL C 82 -87.60 18.37 -26.92
C VAL C 82 -88.72 17.70 -26.13
N ARG C 83 -88.34 16.79 -25.21
CA ARG C 83 -89.32 16.03 -24.43
C ARG C 83 -89.69 16.73 -23.13
N ARG C 84 -91.00 16.95 -22.92
CA ARG C 84 -91.55 17.48 -21.69
C ARG C 84 -92.46 16.42 -21.07
N GLU C 85 -92.45 16.30 -19.74
CA GLU C 85 -93.26 15.27 -19.11
C GLU C 85 -93.68 15.72 -17.71
N PHE C 86 -94.89 15.36 -17.32
CA PHE C 86 -95.37 15.57 -15.97
C PHE C 86 -96.16 14.35 -15.50
N TYR C 87 -96.32 14.28 -14.18
CA TYR C 87 -96.92 13.14 -13.49
C TYR C 87 -97.66 13.67 -12.27
N THR C 88 -98.94 13.32 -12.16
CA THR C 88 -99.71 13.63 -10.98
C THR C 88 -100.20 12.32 -10.39
N ARG C 89 -100.24 12.26 -9.05
CA ARG C 89 -100.78 11.11 -8.33
C ARG C 89 -101.60 11.59 -7.15
N ARG C 90 -102.91 11.38 -7.21
CA ARG C 90 -103.80 11.74 -6.13
C ARG C 90 -104.16 10.48 -5.35
N VAL C 91 -103.96 10.52 -4.05
CA VAL C 91 -104.39 9.48 -3.14
C VAL C 91 -105.41 10.12 -2.21
N GLU C 92 -106.62 9.58 -2.20
CA GLU C 92 -107.60 10.01 -1.20
C GLU C 92 -108.06 8.78 -0.42
N TYR C 93 -108.34 9.00 0.87
CA TYR C 93 -108.74 7.92 1.77
C TYR C 93 -110.19 8.18 2.19
N TRP C 94 -111.11 7.37 1.69
CA TRP C 94 -112.52 7.54 2.01
C TRP C 94 -112.85 6.96 3.38
N ARG C 95 -114.01 7.35 3.87
CA ARG C 95 -114.44 7.07 5.23
C ARG C 95 -115.85 6.48 5.12
N LYS C 96 -116.00 5.19 5.43
CA LYS C 96 -117.33 4.59 5.38
C LYS C 96 -117.85 4.35 6.79
N ALA C 97 -119.12 4.72 6.99
CA ALA C 97 -119.83 4.52 8.25
C ALA C 97 -121.28 4.95 8.06
N ASP C 98 -122.15 4.43 8.94
CA ASP C 98 -123.54 4.86 8.99
C ASP C 98 -123.78 5.62 10.28
N ALA C 99 -124.47 6.75 10.17
CA ALA C 99 -124.80 7.53 11.35
C ALA C 99 -125.92 6.89 12.16
N SER C 100 -126.69 6.00 11.54
CA SER C 100 -127.76 5.31 12.25
C SER C 100 -127.21 4.41 13.35
N ASN C 101 -126.09 3.74 13.10
CA ASN C 101 -125.53 2.76 14.03
C ASN C 101 -124.10 3.20 14.36
N VAL C 102 -123.91 3.82 15.52
CA VAL C 102 -122.57 4.22 15.93
C VAL C 102 -121.79 3.05 16.52
N ASP C 103 -122.46 1.94 16.84
CA ASP C 103 -121.75 0.72 17.20
C ASP C 103 -121.03 0.13 16.01
N ALA C 104 -121.58 0.31 14.80
CA ALA C 104 -120.99 -0.30 13.62
C ALA C 104 -119.67 0.36 13.29
N PRO C 105 -118.63 -0.41 12.96
CA PRO C 105 -117.29 0.15 12.85
C PRO C 105 -117.13 1.00 11.60
N GLU C 106 -116.22 1.98 11.70
CA GLU C 106 -115.90 2.87 10.60
C GLU C 106 -114.67 2.34 9.88
N TYR C 107 -114.66 2.44 8.56
CA TYR C 107 -113.55 1.91 7.77
C TYR C 107 -112.95 2.98 6.89
N THR C 108 -111.66 2.80 6.60
CA THR C 108 -110.90 3.65 5.68
C THR C 108 -110.73 2.92 4.36
N LEU C 109 -111.14 3.55 3.26
CA LEU C 109 -111.11 2.95 1.94
C LEU C 109 -110.13 3.71 1.05
N PRO C 110 -108.92 3.22 0.84
CA PRO C 110 -107.96 3.95 0.00
C PRO C 110 -108.27 3.86 -1.49
N GLN C 111 -108.06 4.99 -2.17
CA GLN C 111 -108.29 5.16 -3.58
C GLN C 111 -107.13 5.99 -4.11
N SER C 112 -106.64 5.66 -5.31
CA SER C 112 -105.48 6.35 -5.87
C SER C 112 -105.56 6.36 -7.39
N CYS C 113 -105.11 7.46 -7.98
CA CYS C 113 -105.21 7.66 -9.42
C CYS C 113 -104.05 8.51 -9.89
N SER C 114 -103.43 8.12 -11.01
CA SER C 114 -102.24 8.80 -11.49
C SER C 114 -102.31 9.01 -13.00
N ILE C 115 -101.84 10.18 -13.42
CA ILE C 115 -101.77 10.56 -14.83
C ILE C 115 -100.34 10.92 -15.18
N ARG C 116 -99.82 10.33 -16.24
CA ARG C 116 -98.48 10.63 -16.74
C ARG C 116 -98.60 11.09 -18.18
N LEU C 117 -98.18 12.33 -18.44
CA LEU C 117 -98.19 12.88 -19.79
C LEU C 117 -96.76 13.19 -20.22
N ALA C 118 -96.35 12.61 -21.34
CA ALA C 118 -95.03 12.85 -21.92
C ALA C 118 -95.25 13.24 -23.38
N SER C 119 -94.94 14.50 -23.70
CA SER C 119 -95.08 15.02 -25.05
C SER C 119 -93.71 15.32 -25.63
N THR C 120 -93.57 15.19 -26.95
CA THR C 120 -92.46 15.86 -27.61
C THR C 120 -92.98 17.21 -28.11
N VAL C 121 -92.41 18.28 -27.59
CA VAL C 121 -92.79 19.64 -27.93
C VAL C 121 -91.83 20.14 -29.00
N THR C 122 -92.37 20.87 -29.97
CA THR C 122 -91.60 21.64 -30.93
C THR C 122 -92.16 23.06 -30.95
N LYS C 123 -91.57 23.91 -31.79
CA LYS C 123 -91.96 25.32 -31.83
C LYS C 123 -93.46 25.48 -32.03
N GLU C 124 -94.07 24.61 -32.83
CA GLU C 124 -95.47 24.74 -33.20
C GLU C 124 -96.41 23.97 -32.27
N THR C 125 -95.87 23.15 -31.37
CA THR C 125 -96.71 22.46 -30.39
C THR C 125 -97.33 23.46 -29.44
N THR C 126 -98.64 23.41 -29.29
CA THR C 126 -99.37 24.38 -28.48
C THR C 126 -99.93 23.75 -27.21
N ALA C 127 -100.34 24.64 -26.31
CA ALA C 127 -101.04 24.23 -25.11
C ALA C 127 -102.22 23.32 -25.44
N ALA C 128 -103.09 23.78 -26.35
CA ALA C 128 -104.27 23.02 -26.71
C ALA C 128 -103.91 21.68 -27.34
N ASP C 129 -102.87 21.66 -28.17
CA ASP C 129 -102.42 20.39 -28.76
C ASP C 129 -102.05 19.40 -27.69
N ILE C 130 -101.36 19.86 -26.64
CA ILE C 130 -100.95 18.91 -25.60
C ILE C 130 -102.14 18.50 -24.74
N ALA C 131 -103.09 19.41 -24.53
CA ALA C 131 -104.33 19.03 -23.84
C ALA C 131 -105.10 17.96 -24.62
N GLY C 132 -105.02 18.03 -25.95
CA GLY C 132 -105.78 17.11 -26.79
C GLY C 132 -105.46 15.66 -26.50
N ILE C 133 -104.20 15.35 -26.19
CA ILE C 133 -103.86 13.94 -25.98
C ILE C 133 -104.47 13.42 -24.69
N VAL C 134 -104.50 14.24 -23.65
CA VAL C 134 -105.20 13.85 -22.43
C VAL C 134 -106.68 13.63 -22.71
N LEU C 135 -107.28 14.54 -23.47
CA LEU C 135 -108.71 14.42 -23.75
C LEU C 135 -109.02 13.16 -24.57
N ARG C 136 -108.18 12.85 -25.55
CA ARG C 136 -108.38 11.65 -26.37
C ARG C 136 -108.03 10.38 -25.61
N THR C 137 -107.19 10.47 -24.57
CA THR C 137 -106.97 9.32 -23.70
C THR C 137 -108.19 9.06 -22.83
N LEU C 138 -108.87 10.12 -22.41
CA LEU C 138 -110.06 9.97 -21.57
C LEU C 138 -111.27 9.49 -22.36
N ALA C 139 -111.46 10.01 -23.57
CA ALA C 139 -112.71 9.77 -24.31
C ALA C 139 -113.09 8.31 -24.47
N PRO C 140 -112.18 7.34 -24.61
CA PRO C 140 -112.62 5.94 -24.65
C PRO C 140 -113.26 5.48 -23.36
N ILE C 141 -112.79 5.97 -22.22
CA ILE C 141 -113.34 5.60 -20.93
C ILE C 141 -114.64 6.36 -20.62
N PHE C 142 -114.76 7.60 -21.11
CA PHE C 142 -115.92 8.45 -20.83
C PHE C 142 -116.57 8.85 -22.15
N PRO C 143 -117.19 7.90 -22.86
CA PRO C 143 -117.71 8.22 -24.19
C PRO C 143 -118.83 9.25 -24.16
N ASN C 144 -119.53 9.39 -23.01
CA ASN C 144 -120.56 10.41 -22.85
C ASN C 144 -120.21 11.39 -21.74
N GLY C 145 -118.95 11.41 -21.32
CA GLY C 145 -118.53 12.36 -20.30
C GLY C 145 -119.19 11.99 -19.00
N SER C 146 -119.72 12.99 -18.29
CA SER C 146 -120.40 12.70 -17.04
C SER C 146 -121.76 12.03 -17.24
N GLY C 147 -122.25 11.91 -18.48
CA GLY C 147 -123.62 11.47 -18.70
C GLY C 147 -123.91 10.07 -18.18
N ASP C 148 -122.97 9.14 -18.34
CA ASP C 148 -123.07 7.78 -17.81
C ASP C 148 -121.67 7.33 -17.43
N TRP C 149 -121.60 6.19 -16.75
CA TRP C 149 -120.31 5.66 -16.32
C TRP C 149 -120.07 4.24 -16.85
N ILE C 150 -120.67 3.89 -17.99
CA ILE C 150 -120.79 2.48 -18.34
C ILE C 150 -119.43 1.87 -18.65
N LYS C 151 -118.63 2.57 -19.46
CA LYS C 151 -117.33 2.01 -19.82
C LYS C 151 -116.39 1.98 -18.62
N LEU C 152 -116.47 3.00 -17.77
CA LEU C 152 -115.68 2.97 -16.55
C LEU C 152 -116.07 1.79 -15.67
N GLN C 153 -117.37 1.52 -15.56
CA GLN C 153 -117.84 0.36 -14.80
C GLN C 153 -117.29 -0.93 -15.38
N GLN C 154 -117.24 -1.03 -16.71
CA GLN C 154 -116.63 -2.22 -17.32
C GLN C 154 -115.16 -2.35 -16.91
N LEU C 155 -114.42 -1.23 -16.93
CA LEU C 155 -113.03 -1.28 -16.53
C LEU C 155 -112.88 -1.79 -15.11
N ILE C 156 -113.72 -1.30 -14.21
CA ILE C 156 -113.65 -1.76 -12.82
C ILE C 156 -114.03 -3.24 -12.73
N ASP C 157 -115.09 -3.63 -13.43
CA ASP C 157 -115.52 -5.03 -13.46
C ASP C 157 -114.45 -5.95 -14.03
N GLY C 158 -113.48 -5.39 -14.74
CA GLY C 158 -112.34 -6.16 -15.24
C GLY C 158 -112.41 -6.53 -16.70
N LEU C 159 -113.13 -5.75 -17.51
CA LEU C 159 -113.43 -6.08 -18.90
C LEU C 159 -112.68 -5.14 -19.83
N PRO C 160 -111.42 -5.47 -20.18
CA PRO C 160 -110.55 -4.47 -20.82
C PRO C 160 -110.88 -4.19 -22.27
N ARG C 161 -111.71 -5.02 -22.91
CA ARG C 161 -112.08 -4.81 -24.31
C ARG C 161 -113.08 -3.65 -24.41
N ILE C 162 -112.53 -2.44 -24.52
CA ILE C 162 -113.36 -1.24 -24.57
C ILE C 162 -113.77 -0.89 -25.99
N PHE C 163 -112.93 -1.16 -26.98
CA PHE C 163 -113.28 -0.95 -28.37
C PHE C 163 -113.88 -2.19 -29.00
N GLY C 164 -114.29 -3.15 -28.18
CA GLY C 164 -114.81 -4.41 -28.68
C GLY C 164 -113.73 -5.47 -28.78
N SER D 1 11.50 25.31 140.55
CA SER D 1 10.47 25.40 139.51
C SER D 1 11.13 25.60 138.16
N TYR D 2 10.70 24.79 137.18
CA TYR D 2 11.39 24.69 135.90
C TYR D 2 11.46 26.03 135.18
N THR D 3 12.62 26.33 134.60
CA THR D 3 12.80 27.46 133.69
C THR D 3 13.32 26.97 132.34
N ILE D 4 13.03 27.74 131.31
CA ILE D 4 13.39 27.42 129.93
C ILE D 4 14.54 28.32 129.51
N ASP D 5 15.67 27.70 129.18
CA ASP D 5 16.86 28.37 128.63
C ASP D 5 16.84 28.22 127.11
N ILE D 6 16.79 29.33 126.39
CA ILE D 6 17.02 29.24 124.95
C ILE D 6 18.52 29.05 124.76
N ASN D 7 18.91 27.82 124.49
CA ASN D 7 20.32 27.51 124.29
C ASN D 7 20.72 28.16 122.98
N CYS D 8 21.36 29.32 123.06
CA CYS D 8 21.45 30.19 121.89
C CYS D 8 22.29 31.41 122.23
N SER D 9 22.75 32.10 121.19
CA SER D 9 23.52 33.34 121.34
C SER D 9 22.64 34.55 121.01
N THR D 10 22.40 35.41 122.00
CA THR D 10 21.69 36.66 121.81
C THR D 10 22.61 37.85 122.10
N GLY D 11 22.18 39.02 121.65
CA GLY D 11 22.97 40.23 121.76
C GLY D 11 22.27 41.29 122.59
N ASP D 12 22.96 42.40 122.87
CA ASP D 12 22.33 43.44 123.69
C ASP D 12 21.45 44.37 122.86
N THR D 13 21.86 44.64 121.63
CA THR D 13 21.19 45.63 120.78
C THR D 13 19.82 45.14 120.30
N GLN D 14 18.93 46.08 119.99
CA GLN D 14 17.62 45.73 119.43
C GLN D 14 17.28 46.67 118.30
N ALA D 15 16.65 46.13 117.26
CA ALA D 15 16.19 46.91 116.12
C ALA D 15 14.67 46.79 115.97
N ASN D 16 14.09 47.78 115.31
CA ASN D 16 12.67 47.77 114.98
C ASN D 16 12.50 47.29 113.53
N LEU D 17 11.80 46.18 113.35
CA LEU D 17 11.28 45.79 112.03
C LEU D 17 9.87 46.35 111.95
N VAL D 18 9.67 47.35 111.10
CA VAL D 18 8.44 48.11 111.09
C VAL D 18 7.44 47.43 110.16
N LEU D 19 6.41 46.83 110.74
CA LEU D 19 5.36 46.18 109.98
C LEU D 19 4.23 47.15 109.73
N THR D 20 3.71 47.13 108.51
CA THR D 20 2.51 47.88 108.18
C THR D 20 1.33 46.94 108.20
N GLU D 21 0.25 47.35 108.87
CA GLU D 21 -0.87 46.45 109.10
C GLU D 21 -1.49 46.03 107.77
N ILE D 22 -2.19 44.90 107.80
CA ILE D 22 -2.95 44.43 106.67
C ILE D 22 -4.40 44.30 107.13
N PRO D 23 -5.32 45.12 106.61
CA PRO D 23 -6.68 45.13 107.16
C PRO D 23 -7.42 43.84 106.86
N ALA D 24 -8.13 43.35 107.87
CA ALA D 24 -8.79 42.06 107.73
C ALA D 24 -10.05 42.14 106.89
N GLU D 25 -10.67 43.32 106.82
CA GLU D 25 -11.94 43.44 106.09
C GLU D 25 -11.84 42.95 104.65
N PRO D 26 -10.86 43.35 103.84
CA PRO D 26 -10.87 42.93 102.43
C PRO D 26 -10.63 41.45 102.20
N TYR D 27 -10.22 40.66 103.20
CA TYR D 27 -9.93 39.25 102.94
C TYR D 27 -11.20 38.41 102.99
N VAL D 28 -11.32 37.48 102.05
CA VAL D 28 -12.50 36.62 101.91
C VAL D 28 -12.06 35.16 102.00
N HIS D 29 -12.68 34.42 102.93
CA HIS D 29 -12.48 32.98 103.03
C HIS D 29 -12.86 32.30 101.72
N VAL D 30 -11.95 31.48 101.20
CA VAL D 30 -12.11 30.86 99.89
C VAL D 30 -12.19 29.35 100.00
N SER D 31 -11.25 28.73 100.72
CA SER D 31 -11.16 27.28 100.79
C SER D 31 -10.62 26.85 102.13
N GLY D 32 -11.07 25.69 102.59
CA GLY D 32 -10.37 24.96 103.62
C GLY D 32 -11.09 24.86 104.96
N ASP D 33 -10.91 23.73 105.63
CA ASP D 33 -11.37 23.49 107.00
C ASP D 33 -10.39 24.08 107.99
N ASN D 34 -10.66 23.88 109.29
CA ASN D 34 -9.56 23.89 110.24
C ASN D 34 -8.69 22.66 110.07
N LYS D 35 -9.30 21.54 109.64
CA LYS D 35 -8.55 20.31 109.36
C LYS D 35 -7.72 20.45 108.08
N SER D 36 -8.15 21.28 107.15
CA SER D 36 -7.42 21.56 105.93
C SER D 36 -6.66 22.88 106.12
N THR D 37 -6.13 23.43 105.02
CA THR D 37 -5.49 24.74 105.04
C THR D 37 -6.48 25.85 104.69
N ILE D 38 -6.61 26.86 105.55
CA ILE D 38 -7.49 28.01 105.30
C ILE D 38 -6.85 28.91 104.26
N GLU D 39 -7.66 29.43 103.33
CA GLU D 39 -7.15 30.27 102.25
C GLU D 39 -8.01 31.53 102.16
N TYR D 40 -7.35 32.69 102.11
CA TYR D 40 -8.04 33.96 101.94
C TYR D 40 -7.60 34.65 100.67
N LEU D 41 -8.56 35.34 100.05
CA LEU D 41 -8.34 36.19 98.89
C LEU D 41 -8.39 37.66 99.31
N ASP D 42 -7.36 38.42 98.93
CA ASP D 42 -7.33 39.86 99.14
C ASP D 42 -8.14 40.50 98.02
N THR D 43 -9.38 40.90 98.31
CA THR D 43 -10.27 41.47 97.30
C THR D 43 -9.98 42.92 97.01
N GLY D 44 -9.03 43.52 97.71
CA GLY D 44 -8.58 44.86 97.37
C GLY D 44 -7.46 44.79 96.37
N SER D 45 -7.71 44.14 95.24
CA SER D 45 -6.73 43.99 94.18
C SER D 45 -7.36 44.34 92.84
N ASP D 46 -6.53 44.39 91.80
CA ASP D 46 -7.05 44.67 90.47
C ASP D 46 -7.92 43.51 90.04
N ASN D 47 -9.22 43.78 89.94
CA ASN D 47 -10.19 42.80 89.48
C ASN D 47 -9.88 42.32 88.07
N SER D 48 -9.27 43.17 87.25
CA SER D 48 -9.04 42.88 85.83
C SER D 48 -7.89 41.91 85.60
N LEU D 49 -7.33 41.34 86.66
CA LEU D 49 -6.40 40.24 86.57
C LEU D 49 -7.10 38.95 86.99
N LEU D 50 -6.76 37.85 86.34
CA LEU D 50 -7.28 36.57 86.76
C LEU D 50 -6.48 35.96 87.91
N VAL D 51 -5.38 36.58 88.28
CA VAL D 51 -4.63 36.20 89.48
C VAL D 51 -4.78 37.32 90.49
N ARG D 52 -5.00 36.94 91.74
CA ARG D 52 -5.23 37.91 92.80
C ARG D 52 -4.50 37.45 94.05
N PRO D 53 -4.16 38.38 94.95
CA PRO D 53 -3.34 38.04 96.10
C PRO D 53 -4.09 37.16 97.10
N THR D 54 -3.42 36.13 97.58
CA THR D 54 -3.99 35.20 98.55
C THR D 54 -3.00 34.95 99.66
N GLN D 55 -3.49 34.86 100.89
CA GLN D 55 -2.66 34.32 101.97
C GLN D 55 -3.37 33.14 102.63
N GLN D 56 -2.62 32.09 102.95
CA GLN D 56 -3.19 30.89 103.53
C GLN D 56 -2.50 30.56 104.84
N PHE D 57 -3.28 29.92 105.72
CA PHE D 57 -2.87 29.56 107.08
C PHE D 57 -3.27 28.12 107.36
N ASN D 58 -2.28 27.31 107.74
CA ASN D 58 -2.46 25.92 108.11
C ASN D 58 -1.81 25.72 109.47
N CYS D 59 -2.41 24.91 110.33
CA CYS D 59 -1.71 24.55 111.56
C CYS D 59 -2.10 23.15 112.00
N VAL D 60 -1.11 22.43 112.53
CA VAL D 60 -1.23 21.02 112.92
C VAL D 60 -0.43 20.78 114.19
N SER D 61 -0.84 19.74 114.92
CA SER D 61 -0.30 19.48 116.24
C SER D 61 -0.15 17.98 116.43
N SER D 62 0.88 17.58 117.18
CA SER D 62 1.14 16.17 117.43
C SER D 62 1.62 15.92 118.84
N GLN D 63 1.28 14.74 119.35
CA GLN D 63 1.70 14.32 120.69
C GLN D 63 3.09 13.75 120.70
N TYR D 64 3.77 13.69 119.55
CA TYR D 64 5.07 13.03 119.41
C TYR D 64 6.09 14.05 118.91
N PRO D 65 6.52 14.96 119.79
CA PRO D 65 7.26 16.14 119.32
C PRO D 65 8.68 15.86 118.91
N TYR D 66 9.22 14.70 119.29
CA TYR D 66 10.60 14.34 118.99
C TYR D 66 10.72 13.47 117.74
N ARG D 67 9.66 13.38 116.93
CA ARG D 67 9.67 12.43 115.82
C ARG D 67 10.74 12.78 114.79
N ASN D 68 10.93 14.07 114.51
CA ASN D 68 11.88 14.48 113.50
C ASN D 68 13.31 14.58 114.02
N TYR D 69 13.48 14.74 115.32
CA TYR D 69 14.79 14.98 115.91
C TYR D 69 15.35 13.66 116.44
N SER D 70 16.47 13.25 115.88
CA SER D 70 16.97 11.89 116.12
C SER D 70 17.95 11.81 117.28
N LYS D 71 18.76 12.84 117.51
CA LYS D 71 19.88 12.73 118.43
C LYS D 71 19.56 13.27 119.82
N ILE D 72 18.29 13.26 120.21
CA ILE D 72 17.88 13.63 121.56
C ILE D 72 17.56 12.37 122.32
N PRO D 73 18.28 12.06 123.41
CA PRO D 73 18.00 10.84 124.18
C PRO D 73 16.65 10.90 124.88
N ARG D 74 16.08 9.71 125.10
CA ARG D 74 14.79 9.63 125.80
C ARG D 74 14.89 10.24 127.20
N SER D 75 16.02 10.05 127.86
CA SER D 75 16.21 10.62 129.19
C SER D 75 16.15 12.15 129.19
N GLN D 76 16.15 12.78 128.01
CA GLN D 76 16.05 14.22 127.88
C GLN D 76 14.77 14.66 127.17
N GLN D 77 13.85 13.73 126.90
CA GLN D 77 12.60 14.04 126.21
C GLN D 77 11.49 14.29 127.24
N ASP D 78 10.93 15.49 127.23
CA ASP D 78 9.86 15.86 128.16
C ASP D 78 8.57 15.12 127.81
N PRO D 79 8.08 14.23 128.68
CA PRO D 79 6.90 13.42 128.31
C PRO D 79 5.63 14.24 128.21
N LEU D 80 5.61 15.44 128.77
CA LEU D 80 4.47 16.34 128.67
C LEU D 80 4.58 17.27 127.47
N ALA D 81 5.68 17.23 126.74
CA ALA D 81 5.87 18.15 125.64
C ALA D 81 5.00 17.74 124.46
N VAL D 82 4.56 18.75 123.71
CA VAL D 82 3.70 18.57 122.54
C VAL D 82 4.28 19.39 121.41
N ARG D 83 3.96 19.01 120.17
CA ARG D 83 4.43 19.71 118.99
C ARG D 83 3.31 20.57 118.44
N ARG D 84 3.54 21.87 118.34
CA ARG D 84 2.59 22.81 117.75
C ARG D 84 3.24 23.41 116.53
N GLU D 85 2.56 23.36 115.39
CA GLU D 85 3.13 23.82 114.12
C GLU D 85 2.11 24.69 113.40
N PHE D 86 2.60 25.75 112.75
CA PHE D 86 1.76 26.55 111.87
C PHE D 86 2.56 27.00 110.66
N TYR D 87 1.84 27.36 109.61
CA TYR D 87 2.42 27.59 108.29
C TYR D 87 1.58 28.60 107.55
N THR D 88 2.20 29.69 107.11
CA THR D 88 1.49 30.68 106.32
C THR D 88 2.23 30.83 105.00
N ARG D 89 1.46 31.07 103.93
CA ARG D 89 2.01 31.33 102.60
C ARG D 89 1.23 32.47 101.98
N ARG D 90 1.91 33.58 101.72
CA ARG D 90 1.32 34.74 101.07
C ARG D 90 1.87 34.81 99.66
N VAL D 91 0.98 34.86 98.68
CA VAL D 91 1.32 35.14 97.30
C VAL D 91 0.69 36.47 96.94
N GLU D 92 1.51 37.42 96.51
CA GLU D 92 0.99 38.63 95.90
C GLU D 92 1.44 38.69 94.45
N TYR D 93 0.73 39.50 93.68
CA TYR D 93 0.95 39.63 92.25
C TYR D 93 1.12 41.11 91.92
N TRP D 94 2.37 41.55 91.78
CA TRP D 94 2.66 42.94 91.50
C TRP D 94 2.34 43.26 90.04
N ARG D 95 2.26 44.56 89.74
CA ARG D 95 1.93 45.02 88.40
C ARG D 95 2.93 46.12 88.05
N LYS D 96 3.66 45.97 86.95
CA LYS D 96 4.55 47.01 86.46
C LYS D 96 3.95 47.67 85.23
N ALA D 97 3.91 49.01 85.25
CA ALA D 97 3.47 49.81 84.11
C ALA D 97 3.97 51.24 84.29
N ASP D 98 3.79 52.08 83.26
CA ASP D 98 4.06 53.50 83.46
C ASP D 98 2.95 54.34 82.85
N ALA D 99 2.49 55.34 83.61
CA ALA D 99 1.49 56.28 83.11
C ALA D 99 2.06 57.18 82.02
N SER D 100 3.38 57.21 81.87
CA SER D 100 4.01 58.04 80.85
C SER D 100 3.72 57.55 79.44
N ASN D 101 3.49 56.25 79.28
CA ASN D 101 3.39 55.63 77.96
C ASN D 101 2.18 54.69 77.92
N VAL D 102 1.07 55.16 77.36
CA VAL D 102 -0.09 54.29 77.19
C VAL D 102 0.20 53.18 76.20
N ASP D 103 1.22 53.34 75.36
CA ASP D 103 1.56 52.38 74.33
C ASP D 103 2.42 51.22 74.83
N ALA D 104 2.99 51.33 76.03
CA ALA D 104 3.93 50.31 76.51
C ALA D 104 3.21 49.27 77.36
N PRO D 105 3.58 47.99 77.22
CA PRO D 105 2.78 46.92 77.83
C PRO D 105 2.92 46.89 79.33
N GLU D 106 1.91 46.32 79.98
CA GLU D 106 1.92 46.09 81.42
C GLU D 106 2.28 44.64 81.69
N TYR D 107 2.96 44.41 82.80
CA TYR D 107 3.34 43.05 83.18
C TYR D 107 2.92 42.77 84.61
N THR D 108 2.57 41.52 84.90
CA THR D 108 2.26 41.11 86.25
C THR D 108 3.39 40.19 86.77
N LEU D 109 3.90 40.52 87.95
CA LEU D 109 5.10 39.91 88.53
C LEU D 109 4.77 39.14 89.79
N PRO D 110 4.88 37.81 89.80
CA PRO D 110 4.51 37.04 90.99
C PRO D 110 5.58 37.00 92.06
N GLN D 111 5.11 37.06 93.32
CA GLN D 111 5.94 37.05 94.51
C GLN D 111 5.28 36.14 95.52
N SER D 112 6.09 35.32 96.21
CA SER D 112 5.57 34.43 97.25
C SER D 112 6.51 34.35 98.43
N CYS D 113 5.94 34.21 99.62
CA CYS D 113 6.73 34.12 100.85
C CYS D 113 6.00 33.22 101.83
N SER D 114 6.73 32.29 102.45
CA SER D 114 6.10 31.31 103.31
C SER D 114 6.93 31.10 104.58
N ILE D 115 6.24 31.12 105.72
CA ILE D 115 6.86 30.93 107.03
C ILE D 115 6.23 29.72 107.70
N ARG D 116 7.08 28.76 108.11
CA ARG D 116 6.67 27.59 108.89
C ARG D 116 7.37 27.61 110.24
N LEU D 117 6.63 27.26 111.28
CA LEU D 117 7.11 27.26 112.66
C LEU D 117 6.59 26.04 113.38
N ALA D 118 7.49 25.24 113.95
CA ALA D 118 7.12 24.08 114.75
C ALA D 118 7.88 24.18 116.06
N SER D 119 7.16 24.46 117.14
CA SER D 119 7.72 24.56 118.47
C SER D 119 7.36 23.33 119.29
N THR D 120 8.30 22.91 120.15
CA THR D 120 7.95 22.01 121.22
C THR D 120 7.43 22.83 122.39
N VAL D 121 6.18 22.60 122.78
CA VAL D 121 5.52 23.39 123.82
C VAL D 121 5.28 22.51 125.03
N THR D 122 5.68 23.03 126.20
CA THR D 122 5.43 22.41 127.49
C THR D 122 4.79 23.46 128.40
N LYS D 123 4.51 23.06 129.64
CA LYS D 123 3.79 23.92 130.59
C LYS D 123 4.38 25.31 130.64
N GLU D 124 5.71 25.39 130.68
CA GLU D 124 6.42 26.64 130.92
C GLU D 124 6.66 27.45 129.65
N THR D 125 6.39 26.88 128.47
CA THR D 125 6.56 27.58 127.22
C THR D 125 5.45 28.62 127.04
N THR D 126 5.84 29.90 126.93
CA THR D 126 4.89 30.99 126.77
C THR D 126 4.81 31.44 125.31
N ALA D 127 3.71 32.13 125.00
CA ALA D 127 3.52 32.65 123.66
C ALA D 127 4.68 33.56 123.25
N ALA D 128 5.16 34.37 124.20
CA ALA D 128 6.34 35.18 123.93
C ALA D 128 7.55 34.31 123.61
N ASP D 129 7.76 33.23 124.38
CA ASP D 129 8.88 32.33 124.10
C ASP D 129 8.82 31.82 122.68
N ILE D 130 7.62 31.50 122.20
CA ILE D 130 7.49 30.94 120.85
C ILE D 130 7.66 32.04 119.81
N ALA D 131 7.20 33.26 120.09
CA ALA D 131 7.48 34.36 119.17
C ALA D 131 8.98 34.61 119.04
N GLY D 132 9.71 34.36 120.13
CA GLY D 132 11.15 34.52 120.10
C GLY D 132 11.82 33.77 118.96
N ILE D 133 11.33 32.56 118.65
CA ILE D 133 12.03 31.77 117.64
C ILE D 133 11.85 32.41 116.25
N VAL D 134 10.68 32.95 115.97
CA VAL D 134 10.50 33.66 114.70
C VAL D 134 11.34 34.93 114.69
N LEU D 135 11.40 35.65 115.81
CA LEU D 135 12.19 36.87 115.85
C LEU D 135 13.68 36.61 115.64
N ARG D 136 14.18 35.51 116.21
CA ARG D 136 15.58 35.16 116.04
C ARG D 136 15.86 34.58 114.65
N THR D 137 14.87 33.93 114.03
CA THR D 137 15.07 33.54 112.65
C THR D 137 15.17 34.76 111.75
N LEU D 138 14.36 35.78 112.00
CA LEU D 138 14.36 36.98 111.16
C LEU D 138 15.62 37.81 111.38
N ALA D 139 16.08 37.91 112.62
CA ALA D 139 17.10 38.90 112.97
C ALA D 139 18.38 38.86 112.13
N PRO D 140 18.96 37.70 111.77
CA PRO D 140 20.18 37.73 110.95
C PRO D 140 19.99 38.39 109.59
N ILE D 141 18.82 38.23 108.98
CA ILE D 141 18.52 38.82 107.67
C ILE D 141 18.24 40.31 107.79
N PHE D 142 17.64 40.75 108.89
CA PHE D 142 17.30 42.15 109.10
C PHE D 142 18.01 42.62 110.36
N PRO D 143 19.33 42.71 110.35
CA PRO D 143 20.06 43.01 111.59
C PRO D 143 19.86 44.43 112.08
N ASN D 144 19.33 45.33 111.23
CA ASN D 144 18.96 46.67 111.64
C ASN D 144 17.47 46.93 111.41
N GLY D 145 16.68 45.86 111.31
CA GLY D 145 15.25 46.04 111.21
C GLY D 145 14.91 46.68 109.88
N SER D 146 13.86 47.51 109.89
CA SER D 146 13.50 48.20 108.67
C SER D 146 14.55 49.22 108.24
N GLY D 147 15.61 49.41 109.02
CA GLY D 147 16.57 50.47 108.73
C GLY D 147 17.27 50.30 107.39
N ASP D 148 17.97 49.18 107.20
CA ASP D 148 18.67 48.93 105.96
C ASP D 148 18.31 47.54 105.45
N TRP D 149 18.64 47.29 104.18
CA TRP D 149 18.29 46.03 103.55
C TRP D 149 19.52 45.28 103.05
N ILE D 150 20.66 45.46 103.72
CA ILE D 150 21.92 45.03 103.13
C ILE D 150 22.00 43.52 103.04
N LYS D 151 21.68 42.83 104.15
CA LYS D 151 21.77 41.38 104.15
C LYS D 151 20.68 40.77 103.28
N LEU D 152 19.49 41.38 103.27
CA LEU D 152 18.44 40.90 102.38
C LEU D 152 18.90 41.01 100.93
N GLN D 153 19.50 42.16 100.58
CA GLN D 153 20.04 42.35 99.25
C GLN D 153 21.02 41.25 98.90
N GLN D 154 21.90 40.89 99.84
CA GLN D 154 22.82 39.77 99.59
C GLN D 154 22.06 38.49 99.28
N LEU D 155 21.09 38.15 100.13
CA LEU D 155 20.33 36.92 99.91
C LEU D 155 19.72 36.90 98.51
N ILE D 156 19.23 38.04 98.05
CA ILE D 156 18.64 38.08 96.71
C ILE D 156 19.72 38.00 95.64
N ASP D 157 20.85 38.68 95.87
CA ASP D 157 22.00 38.63 94.98
C ASP D 157 22.59 37.24 94.85
N GLY D 158 22.19 36.32 95.71
CA GLY D 158 22.66 34.95 95.62
C GLY D 158 23.82 34.61 96.52
N LEU D 159 24.03 35.38 97.60
CA LEU D 159 25.15 35.19 98.52
C LEU D 159 24.62 34.72 99.87
N PRO D 160 24.68 33.41 100.16
CA PRO D 160 23.96 32.87 101.33
C PRO D 160 24.63 33.09 102.67
N ARG D 161 25.88 33.54 102.73
CA ARG D 161 26.59 33.57 104.00
C ARG D 161 26.27 34.88 104.73
N ILE D 162 25.17 34.85 105.48
CA ILE D 162 24.78 35.99 106.31
C ILE D 162 25.84 36.25 107.38
N PHE D 163 26.38 35.20 107.98
CA PHE D 163 27.31 35.35 109.08
C PHE D 163 28.77 35.41 108.62
N GLY D 164 29.03 35.18 107.33
CA GLY D 164 30.40 35.24 106.83
C GLY D 164 31.09 33.90 106.64
N SER E 1 10.34 54.68 83.09
CA SER E 1 9.24 55.28 83.84
C SER E 1 8.37 54.20 84.46
N TYR E 2 8.70 52.93 84.15
CA TYR E 2 7.99 51.80 84.73
C TYR E 2 8.01 51.86 86.25
N THR E 3 6.85 51.64 86.85
CA THR E 3 6.69 51.58 88.29
C THR E 3 6.04 50.27 88.68
N ILE E 4 6.43 49.81 89.86
CA ILE E 4 5.99 48.56 90.45
C ILE E 4 4.91 48.88 91.46
N ASP E 5 3.68 48.42 91.21
CA ASP E 5 2.58 48.56 92.14
C ASP E 5 2.31 47.20 92.76
N ILE E 6 2.49 47.09 94.09
CA ILE E 6 2.01 45.90 94.76
C ILE E 6 0.48 45.90 94.67
N ASN E 7 -0.08 44.74 94.37
CA ASN E 7 -1.52 44.64 94.18
C ASN E 7 -2.19 44.17 95.46
N CYS E 8 -1.94 44.88 96.56
CA CYS E 8 -2.31 44.39 97.88
C CYS E 8 -3.24 45.37 98.59
N SER E 9 -3.69 44.96 99.76
CA SER E 9 -4.36 45.85 100.68
C SER E 9 -3.37 46.19 101.81
N THR E 10 -3.14 47.47 102.03
CA THR E 10 -2.25 47.95 103.08
C THR E 10 -2.95 49.03 103.89
N GLY E 11 -2.79 48.95 105.22
CA GLY E 11 -3.38 49.92 106.12
C GLY E 11 -2.53 51.15 106.32
N ASP E 12 -3.05 52.06 107.14
CA ASP E 12 -2.33 53.27 107.50
C ASP E 12 -1.53 53.11 108.80
N THR E 13 -1.86 52.11 109.60
CA THR E 13 -1.28 51.90 110.92
C THR E 13 0.05 51.15 110.80
N GLN E 14 0.93 51.31 111.79
CA GLN E 14 2.21 50.60 111.76
C GLN E 14 2.59 50.14 113.17
N ALA E 15 3.36 49.05 113.23
CA ALA E 15 3.76 48.47 114.51
C ALA E 15 5.24 48.08 114.45
N ASN E 16 5.86 48.04 115.63
CA ASN E 16 7.27 47.70 115.77
C ASN E 16 7.40 46.23 116.21
N LEU E 17 7.95 45.39 115.35
CA LEU E 17 8.35 44.03 115.71
C LEU E 17 9.80 44.10 116.14
N VAL E 18 10.07 43.88 117.41
CA VAL E 18 11.37 44.20 118.00
C VAL E 18 12.29 43.00 117.90
N LEU E 19 13.29 43.10 117.03
CA LEU E 19 14.26 42.04 116.84
C LEU E 19 15.44 42.26 117.78
N THR E 20 15.86 41.20 118.45
CA THR E 20 17.09 41.23 119.23
C THR E 20 18.21 40.64 118.40
N GLU E 21 19.37 41.28 118.42
CA GLU E 21 20.42 40.96 117.47
C GLU E 21 20.98 39.57 117.73
N ILE E 22 21.50 38.95 116.67
CA ILE E 22 22.17 37.66 116.79
C ILE E 22 23.60 37.85 116.28
N PRO E 23 24.60 37.74 117.16
CA PRO E 23 25.98 38.04 116.75
C PRO E 23 26.56 36.98 115.84
N ALA E 24 27.42 37.41 114.91
CA ALA E 24 28.01 36.45 113.99
C ALA E 24 29.23 35.77 114.59
N GLU E 25 29.90 36.44 115.53
CA GLU E 25 31.10 35.86 116.14
C GLU E 25 30.91 34.45 116.68
N PRO E 26 29.81 34.11 117.36
CA PRO E 26 29.68 32.72 117.84
C PRO E 26 29.40 31.69 116.75
N TYR E 27 29.15 32.08 115.50
CA TYR E 27 28.71 31.12 114.50
C TYR E 27 29.89 30.53 113.74
N VAL E 28 29.75 29.25 113.34
CA VAL E 28 30.83 28.46 112.75
C VAL E 28 30.32 27.75 111.50
N HIS E 29 31.17 27.71 110.46
CA HIS E 29 30.90 26.94 109.25
C HIS E 29 30.72 25.46 109.57
N VAL E 30 29.71 24.84 108.94
CA VAL E 30 29.43 23.42 109.11
C VAL E 30 29.51 22.69 107.77
N SER E 31 28.73 23.14 106.78
CA SER E 31 28.73 22.54 105.46
C SER E 31 28.63 23.63 104.40
N GLY E 32 29.07 23.29 103.19
CA GLY E 32 28.96 24.15 102.03
C GLY E 32 29.54 25.54 102.22
N ASP E 33 30.86 25.62 102.45
CA ASP E 33 31.48 26.90 102.81
C ASP E 33 31.36 27.92 101.69
N ASN E 34 31.68 27.49 100.47
CA ASN E 34 31.64 28.39 99.32
C ASN E 34 30.34 28.32 98.54
N LYS E 35 29.53 27.28 98.74
CA LYS E 35 28.45 26.95 97.84
C LYS E 35 27.21 27.80 98.10
N SER E 36 26.18 27.61 97.27
CA SER E 36 24.95 28.38 97.37
C SER E 36 24.11 28.00 98.58
N THR E 37 24.52 26.97 99.33
CA THR E 37 23.84 26.55 100.55
C THR E 37 24.89 26.46 101.65
N ILE E 38 24.64 27.16 102.76
CA ILE E 38 25.57 27.17 103.89
C ILE E 38 24.79 26.86 105.15
N GLU E 39 25.42 26.15 106.07
CA GLU E 39 24.83 25.80 107.36
C GLU E 39 25.78 26.24 108.47
N TYR E 40 25.28 27.06 109.39
CA TYR E 40 26.08 27.52 110.52
C TYR E 40 25.64 26.87 111.82
N LEU E 41 26.61 26.76 112.73
CA LEU E 41 26.38 26.30 114.08
C LEU E 41 26.63 27.45 115.06
N ASP E 42 25.71 27.61 116.01
CA ASP E 42 25.87 28.57 117.11
C ASP E 42 26.62 27.86 118.22
N THR E 43 27.90 28.18 118.40
CA THR E 43 28.68 27.58 119.47
C THR E 43 28.51 28.30 120.79
N GLY E 44 27.53 29.19 120.91
CA GLY E 44 27.18 29.71 122.20
C GLY E 44 26.16 28.80 122.84
N SER E 45 26.23 27.53 122.50
CA SER E 45 25.27 26.55 122.99
C SER E 45 25.92 25.59 123.96
N ASP E 46 25.07 24.81 124.62
CA ASP E 46 25.58 23.86 125.59
C ASP E 46 26.57 22.94 124.92
N ASN E 47 27.78 22.96 125.45
CA ASN E 47 28.86 22.12 124.97
C ASN E 47 28.45 20.66 124.89
N SER E 48 27.74 20.19 125.91
CA SER E 48 27.64 18.77 126.23
C SER E 48 26.44 18.08 125.59
N LEU E 49 25.60 18.78 124.85
CA LEU E 49 24.48 18.11 124.19
C LEU E 49 24.88 17.56 122.84
N LEU E 50 24.02 16.70 122.30
CA LEU E 50 24.23 16.17 120.97
C LEU E 50 23.62 17.06 119.90
N VAL E 51 22.70 17.92 120.29
CA VAL E 51 22.06 18.87 119.40
C VAL E 51 22.52 20.26 119.78
N ARG E 52 22.72 21.10 118.77
CA ARG E 52 23.11 22.47 119.01
C ARG E 52 22.43 23.35 117.97
N PRO E 53 22.15 24.62 118.30
CA PRO E 53 21.41 25.49 117.40
C PRO E 53 22.17 25.73 116.12
N THR E 54 21.47 25.52 115.00
CA THR E 54 22.00 25.78 113.68
C THR E 54 21.05 26.73 112.96
N GLN E 55 21.61 27.45 111.99
CA GLN E 55 20.77 28.13 111.01
C GLN E 55 21.40 27.97 109.64
N GLN E 56 20.60 27.54 108.69
CA GLN E 56 21.10 27.44 107.33
C GLN E 56 20.45 28.50 106.46
N PHE E 57 21.19 28.90 105.43
CA PHE E 57 20.73 29.78 104.39
C PHE E 57 21.08 29.16 103.05
N ASN E 58 20.16 29.21 102.10
CA ASN E 58 20.53 28.84 100.74
C ASN E 58 19.75 29.68 99.74
N CYS E 59 20.41 29.97 98.61
CA CYS E 59 19.85 30.80 97.56
C CYS E 59 19.66 29.93 96.32
N VAL E 60 18.65 30.31 95.52
CA VAL E 60 18.32 29.62 94.28
C VAL E 60 17.87 30.68 93.29
N SER E 61 18.20 30.47 92.01
CA SER E 61 17.75 31.34 90.94
C SER E 61 17.22 30.48 89.80
N SER E 62 16.18 30.97 89.12
CA SER E 62 15.64 30.30 87.95
C SER E 62 15.40 31.28 86.81
N GLN E 63 15.58 30.77 85.60
CA GLN E 63 15.46 31.57 84.39
C GLN E 63 14.01 31.79 83.99
N TYR E 64 13.12 30.85 84.36
CA TYR E 64 11.70 30.86 83.98
C TYR E 64 10.85 31.19 85.20
N PRO E 65 10.64 32.47 85.51
CA PRO E 65 9.99 32.82 86.77
C PRO E 65 8.50 32.58 86.76
N TYR E 66 7.92 32.37 85.57
CA TYR E 66 6.50 32.17 85.39
C TYR E 66 6.14 30.70 85.28
N ARG E 67 7.04 29.79 85.68
CA ARG E 67 6.82 28.38 85.41
C ARG E 67 5.55 27.88 86.09
N ASN E 68 5.42 28.17 87.38
CA ASN E 68 4.28 27.70 88.14
C ASN E 68 3.08 28.62 88.04
N TYR E 69 3.22 29.77 87.40
CA TYR E 69 2.11 30.73 87.30
C TYR E 69 1.52 30.65 85.90
N SER E 70 0.59 29.71 85.71
CA SER E 70 0.01 29.54 84.40
C SER E 70 -1.17 30.47 84.14
N LYS E 71 -1.85 30.93 85.20
CA LYS E 71 -3.00 31.82 85.00
C LYS E 71 -2.60 33.21 84.51
N ILE E 72 -1.31 33.44 84.32
CA ILE E 72 -0.81 34.69 83.75
C ILE E 72 -0.58 34.48 82.26
N PRO E 73 -1.10 35.36 81.40
CA PRO E 73 -0.86 35.21 79.96
C PRO E 73 0.54 35.67 79.58
N ARG E 74 1.03 35.08 78.49
CA ARG E 74 2.36 35.46 77.99
C ARG E 74 2.43 36.95 77.70
N SER E 75 1.36 37.52 77.14
CA SER E 75 1.30 38.95 76.86
C SER E 75 1.51 39.82 78.10
N GLN E 76 1.44 39.24 79.30
CA GLN E 76 1.69 39.98 80.53
C GLN E 76 2.90 39.47 81.30
N GLN E 77 3.58 38.44 80.79
CA GLN E 77 4.81 37.93 81.41
C GLN E 77 6.01 38.75 80.92
N ASP E 78 6.73 39.36 81.85
CA ASP E 78 7.92 40.15 81.51
C ASP E 78 9.05 39.24 81.04
N PRO E 79 9.41 39.25 79.75
CA PRO E 79 10.42 38.31 79.26
C PRO E 79 11.81 38.57 79.79
N LEU E 80 12.03 39.71 80.45
CA LEU E 80 13.29 40.00 81.12
C LEU E 80 13.26 39.66 82.60
N ALA E 81 12.16 39.08 83.10
CA ALA E 81 12.05 38.76 84.51
C ALA E 81 12.87 37.52 84.82
N VAL E 82 13.43 37.50 86.03
CA VAL E 82 14.24 36.38 86.52
C VAL E 82 13.76 36.07 87.93
N ARG E 83 13.74 34.79 88.29
CA ARG E 83 13.28 34.36 89.60
C ARG E 83 14.44 34.26 90.57
N ARG E 84 14.38 35.00 91.67
CA ARG E 84 15.36 34.88 92.75
C ARG E 84 14.63 34.40 93.99
N GLU E 85 15.14 33.35 94.64
CA GLU E 85 14.59 32.91 95.91
C GLU E 85 15.72 32.63 96.90
N PHE E 86 15.37 32.71 98.19
CA PHE E 86 16.25 32.30 99.26
C PHE E 86 15.43 31.63 100.35
N TYR E 87 16.12 30.91 101.22
CA TYR E 87 15.47 30.08 102.22
C TYR E 87 16.36 30.00 103.45
N THR E 88 15.80 30.31 104.61
CA THR E 88 16.51 30.14 105.86
C THR E 88 15.74 29.16 106.72
N ARG E 89 16.48 28.36 107.48
CA ARG E 89 15.88 27.44 108.45
C ARG E 89 16.73 27.45 109.72
N ARG E 90 16.12 27.92 110.80
CA ARG E 90 16.79 28.00 112.10
C ARG E 90 16.20 26.92 112.99
N VAL E 91 17.07 26.08 113.55
CA VAL E 91 16.69 25.15 114.58
C VAL E 91 17.45 25.56 115.84
N GLU E 92 16.73 25.71 116.95
CA GLU E 92 17.38 25.85 118.24
C GLU E 92 16.82 24.78 119.17
N TYR E 93 17.56 24.53 120.24
CA TYR E 93 17.25 23.46 121.18
C TYR E 93 17.26 24.05 122.59
N TRP E 94 16.09 24.31 123.14
CA TRP E 94 15.95 24.87 124.47
C TRP E 94 16.19 23.79 125.52
N ARG E 95 16.44 24.24 126.74
CA ARG E 95 16.71 23.37 127.88
C ARG E 95 15.82 23.79 129.04
N LYS E 96 14.93 22.91 129.48
CA LYS E 96 14.14 23.20 130.67
C LYS E 96 14.76 22.46 131.85
N ALA E 97 14.97 23.20 132.94
CA ALA E 97 15.44 22.68 134.22
C ALA E 97 15.23 23.76 135.27
N ASP E 98 15.13 23.32 136.53
CA ASP E 98 15.14 24.26 137.66
C ASP E 98 16.38 24.04 138.50
N ALA E 99 17.04 25.14 138.87
CA ALA E 99 18.20 25.06 139.75
C ALA E 99 17.82 24.65 141.17
N SER E 100 16.53 24.69 141.49
CA SER E 100 16.08 24.36 142.84
C SER E 100 16.33 22.88 143.15
N ASN E 101 15.90 22.01 142.25
CA ASN E 101 15.97 20.57 142.47
C ASN E 101 16.88 19.97 141.40
N VAL E 102 18.06 19.50 141.83
CA VAL E 102 18.97 18.88 140.88
C VAL E 102 18.61 17.41 140.63
N ASP E 103 17.79 16.81 141.49
CA ASP E 103 17.19 15.52 141.16
C ASP E 103 16.39 15.61 139.86
N ALA E 104 15.70 16.72 139.65
CA ALA E 104 14.76 16.82 138.55
C ALA E 104 15.49 16.77 137.22
N PRO E 105 14.95 16.04 136.23
CA PRO E 105 15.67 15.86 134.98
C PRO E 105 15.62 17.10 134.11
N GLU E 106 16.68 17.29 133.34
CA GLU E 106 16.73 18.37 132.37
C GLU E 106 16.20 17.84 131.04
N TYR E 107 15.30 18.61 130.42
CA TYR E 107 14.74 18.19 129.14
C TYR E 107 15.21 19.13 128.03
N THR E 108 15.32 18.58 126.83
CA THR E 108 15.70 19.32 125.64
C THR E 108 14.46 19.50 124.77
N LEU E 109 14.11 20.74 124.50
CA LEU E 109 12.90 21.09 123.74
C LEU E 109 13.31 21.63 122.37
N PRO E 110 13.10 20.90 121.29
CA PRO E 110 13.47 21.41 119.96
C PRO E 110 12.43 22.37 119.38
N GLN E 111 12.94 23.36 118.66
CA GLN E 111 12.13 24.38 118.01
C GLN E 111 12.75 24.68 116.65
N SER E 112 11.91 24.80 115.61
CA SER E 112 12.42 25.06 114.27
C SER E 112 11.50 26.01 113.53
N CYS E 113 12.10 26.86 112.70
CA CYS E 113 11.36 27.88 111.95
C CYS E 113 12.06 28.15 110.63
N SER E 114 11.28 28.25 109.56
CA SER E 114 11.83 28.38 108.22
C SER E 114 11.06 29.42 107.40
N ILE E 115 11.80 30.22 106.65
CA ILE E 115 11.23 31.26 105.78
C ILE E 115 11.76 31.06 104.37
N ARG E 116 10.85 30.98 103.40
CA ARG E 116 11.20 30.86 101.99
C ARG E 116 10.62 32.06 101.25
N LEU E 117 11.48 32.81 100.57
CA LEU E 117 11.06 33.99 99.81
C LEU E 117 11.45 33.79 98.37
N ALA E 118 10.48 33.93 97.46
CA ALA E 118 10.69 33.66 96.04
C ALA E 118 10.02 34.76 95.26
N SER E 119 10.83 35.66 94.71
CA SER E 119 10.33 36.84 94.01
C SER E 119 10.65 36.73 92.54
N THR E 120 9.79 37.31 91.70
CA THR E 120 10.24 37.64 90.36
C THR E 120 10.89 39.01 90.42
N VAL E 121 11.95 39.19 89.64
CA VAL E 121 12.77 40.39 89.71
C VAL E 121 13.01 40.88 88.29
N THR E 122 12.77 42.17 88.08
CA THR E 122 13.15 42.91 86.90
C THR E 122 13.99 44.11 87.33
N LYS E 123 14.45 44.89 86.35
CA LYS E 123 15.36 45.98 86.67
C LYS E 123 14.76 46.97 87.67
N GLU E 124 13.44 47.04 87.78
CA GLU E 124 12.79 48.00 88.67
C GLU E 124 12.42 47.41 90.03
N THR E 125 12.61 46.11 90.24
CA THR E 125 12.43 45.53 91.55
C THR E 125 13.53 46.01 92.49
N THR E 126 13.14 46.55 93.64
CA THR E 126 14.10 47.05 94.61
C THR E 126 14.21 46.14 95.83
N ALA E 127 15.31 46.32 96.55
CA ALA E 127 15.53 45.60 97.79
C ALA E 127 14.36 45.79 98.75
N ALA E 128 13.95 47.05 98.93
CA ALA E 128 12.85 47.34 99.86
C ALA E 128 11.52 46.80 99.35
N ASP E 129 11.31 46.78 98.03
CA ASP E 129 10.10 46.12 97.50
C ASP E 129 10.06 44.67 97.93
N ILE E 130 11.18 43.97 97.81
CA ILE E 130 11.16 42.56 98.18
C ILE E 130 11.07 42.39 99.69
N ALA E 131 11.66 43.30 100.46
CA ALA E 131 11.49 43.26 101.90
C ALA E 131 10.03 43.42 102.30
N GLY E 132 9.26 44.13 101.46
CA GLY E 132 7.88 44.40 101.81
C GLY E 132 7.03 43.14 101.88
N ILE E 133 7.32 42.16 101.03
CA ILE E 133 6.47 40.97 101.04
C ILE E 133 6.70 40.14 102.30
N VAL E 134 7.93 40.12 102.81
CA VAL E 134 8.17 39.45 104.09
C VAL E 134 7.42 40.14 105.21
N LEU E 135 7.46 41.48 105.23
CA LEU E 135 6.76 42.23 106.26
C LEU E 135 5.25 42.08 106.16
N ARG E 136 4.73 41.91 104.95
CA ARG E 136 3.29 41.72 104.78
C ARG E 136 2.86 40.30 105.11
N THR E 137 3.74 39.32 104.87
CA THR E 137 3.45 37.97 105.35
C THR E 137 3.43 37.95 106.88
N LEU E 138 4.36 38.66 107.52
CA LEU E 138 4.39 38.69 108.98
C LEU E 138 3.22 39.47 109.56
N ALA E 139 2.79 40.53 108.88
CA ALA E 139 1.84 41.49 109.46
C ALA E 139 0.58 40.87 110.05
N PRO E 140 -0.11 39.92 109.39
CA PRO E 140 -1.36 39.41 109.99
C PRO E 140 -1.15 38.55 111.22
N ILE E 141 0.01 37.90 111.36
CA ILE E 141 0.29 37.10 112.55
C ILE E 141 0.70 38.00 113.72
N PHE E 142 1.42 39.09 113.47
CA PHE E 142 1.90 39.99 114.50
C PHE E 142 1.33 41.38 114.26
N PRO E 143 0.00 41.54 114.34
CA PRO E 143 -0.61 42.80 113.88
C PRO E 143 -0.28 43.98 114.77
N ASN E 144 0.14 43.75 116.00
CA ASN E 144 0.69 44.80 116.85
C ASN E 144 2.19 44.63 117.07
N GLY E 145 2.85 43.90 116.18
CA GLY E 145 4.28 43.71 116.32
C GLY E 145 4.58 43.02 117.62
N SER E 146 5.68 43.43 118.26
CA SER E 146 6.06 42.84 119.53
C SER E 146 5.12 43.18 120.68
N GLY E 147 4.03 43.91 120.43
CA GLY E 147 3.18 44.35 121.53
C GLY E 147 2.38 43.22 122.19
N ASP E 148 1.54 42.54 121.42
CA ASP E 148 0.76 41.43 121.94
C ASP E 148 0.94 40.23 121.04
N TRP E 149 0.68 39.05 121.60
CA TRP E 149 0.87 37.80 120.87
C TRP E 149 -0.46 37.10 120.62
N ILE E 150 -1.54 37.85 120.42
CA ILE E 150 -2.87 37.24 120.46
C ILE E 150 -3.07 36.33 119.27
N LYS E 151 -2.76 36.83 118.07
CA LYS E 151 -2.96 36.01 116.87
C LYS E 151 -1.95 34.87 116.83
N LEU E 152 -0.72 35.10 117.27
CA LEU E 152 0.24 34.01 117.35
C LEU E 152 -0.30 32.90 118.26
N GLN E 153 -0.76 33.27 119.46
CA GLN E 153 -1.25 32.26 120.40
C GLN E 153 -2.40 31.48 119.81
N GLN E 154 -3.32 32.17 119.12
CA GLN E 154 -4.42 31.44 118.52
C GLN E 154 -3.94 30.55 117.36
N LEU E 155 -2.79 30.85 116.75
CA LEU E 155 -2.23 29.90 115.79
C LEU E 155 -1.65 28.67 116.50
N ILE E 156 -1.06 28.87 117.68
CA ILE E 156 -0.57 27.73 118.44
C ILE E 156 -1.73 26.87 118.95
N ASP E 157 -2.90 27.48 119.14
CA ASP E 157 -4.07 26.75 119.64
C ASP E 157 -4.76 25.92 118.57
N GLY E 158 -4.37 26.09 117.30
CA GLY E 158 -4.98 25.36 116.21
C GLY E 158 -6.21 26.02 115.64
N LEU E 159 -6.17 27.36 115.52
CA LEU E 159 -7.31 28.15 115.04
C LEU E 159 -6.84 28.91 113.80
N PRO E 160 -6.82 28.23 112.65
CA PRO E 160 -6.18 28.81 111.45
C PRO E 160 -6.85 30.04 110.90
N ARG E 161 -8.12 30.28 111.22
CA ARG E 161 -8.88 31.38 110.64
C ARG E 161 -8.45 32.69 111.29
N ILE E 162 -7.61 33.45 110.59
CA ILE E 162 -7.01 34.65 111.16
C ILE E 162 -7.77 35.90 110.75
N PHE E 163 -8.19 35.98 109.49
CA PHE E 163 -9.07 37.04 109.05
C PHE E 163 -10.55 36.68 109.20
N GLY E 164 -10.85 35.49 109.71
CA GLY E 164 -12.24 35.06 109.90
C GLY E 164 -12.68 33.85 109.08
N SER F 1 -6.96 58.65 83.44
CA SER F 1 -7.66 59.61 82.59
C SER F 1 -8.79 58.93 81.83
N TYR F 2 -8.60 57.65 81.53
CA TYR F 2 -9.60 56.86 80.81
C TYR F 2 -10.94 56.86 81.55
N THR F 3 -12.01 57.13 80.80
CA THR F 3 -13.36 57.00 81.33
C THR F 3 -14.13 55.98 80.49
N ILE F 4 -15.10 55.35 81.14
CA ILE F 4 -15.98 54.38 80.51
C ILE F 4 -17.33 55.06 80.29
N ASP F 5 -17.78 55.08 79.05
CA ASP F 5 -19.09 55.60 78.70
C ASP F 5 -19.96 54.42 78.28
N ILE F 6 -21.09 54.25 78.98
CA ILE F 6 -22.10 53.34 78.47
C ILE F 6 -22.65 53.93 77.18
N ASN F 7 -22.73 53.11 76.14
CA ASN F 7 -23.21 53.60 74.86
C ASN F 7 -24.71 53.35 74.74
N CYS F 8 -25.46 53.85 75.72
CA CYS F 8 -26.87 53.52 75.82
C CYS F 8 -27.72 54.79 75.86
N SER F 9 -29.04 54.58 75.80
CA SER F 9 -30.02 55.63 76.02
C SER F 9 -30.59 55.47 77.42
N THR F 10 -30.49 56.53 78.22
CA THR F 10 -31.03 56.58 79.58
C THR F 10 -31.85 57.84 79.76
N GLY F 11 -32.77 57.76 80.72
CA GLY F 11 -33.70 58.83 80.98
C GLY F 11 -33.35 59.62 82.24
N ASP F 12 -34.24 60.54 82.57
CA ASP F 12 -34.10 61.35 83.76
C ASP F 12 -34.82 60.77 84.96
N THR F 13 -35.87 59.99 84.72
CA THR F 13 -36.73 59.53 85.79
C THR F 13 -36.13 58.31 86.46
N GLN F 14 -36.49 58.11 87.73
CA GLN F 14 -36.04 56.96 88.48
C GLN F 14 -37.20 56.39 89.28
N ALA F 15 -37.08 55.09 89.60
CA ALA F 15 -38.13 54.37 90.30
C ALA F 15 -37.53 53.34 91.23
N ASN F 16 -38.25 53.08 92.33
CA ASN F 16 -37.80 52.12 93.34
C ASN F 16 -38.37 50.73 93.02
N LEU F 17 -37.49 49.78 92.69
CA LEU F 17 -37.85 48.36 92.69
C LEU F 17 -37.48 47.84 94.08
N VAL F 18 -38.48 47.53 94.89
CA VAL F 18 -38.26 47.34 96.31
C VAL F 18 -38.11 45.85 96.61
N LEU F 19 -36.93 45.50 97.08
CA LEU F 19 -36.53 44.14 97.37
C LEU F 19 -36.77 43.84 98.84
N THR F 20 -37.32 42.66 99.11
CA THR F 20 -37.46 42.14 100.46
C THR F 20 -36.33 41.15 100.71
N GLU F 21 -35.69 41.26 101.86
CA GLU F 21 -34.42 40.56 102.10
C GLU F 21 -34.62 39.05 102.18
N ILE F 22 -33.58 38.32 101.76
CA ILE F 22 -33.57 36.86 101.80
C ILE F 22 -32.54 36.46 102.86
N PRO F 23 -32.96 35.98 104.03
CA PRO F 23 -32.00 35.68 105.10
C PRO F 23 -31.06 34.55 104.70
N ALA F 24 -29.78 34.74 105.00
CA ALA F 24 -28.81 33.72 104.63
C ALA F 24 -28.87 32.53 105.56
N GLU F 25 -29.12 32.79 106.85
CA GLU F 25 -29.14 31.78 107.91
C GLU F 25 -29.80 30.46 107.52
N PRO F 26 -30.96 30.43 106.82
CA PRO F 26 -31.59 29.14 106.52
C PRO F 26 -31.01 28.34 105.37
N TYR F 27 -30.15 28.91 104.52
CA TYR F 27 -29.71 28.19 103.32
C TYR F 27 -28.59 27.22 103.65
N VAL F 28 -28.53 26.11 102.90
CA VAL F 28 -27.58 25.02 103.16
C VAL F 28 -27.02 24.49 101.84
N HIS F 29 -25.70 24.31 101.77
CA HIS F 29 -25.05 23.72 100.60
C HIS F 29 -25.59 22.33 100.30
N VAL F 30 -25.88 22.07 99.03
CA VAL F 30 -26.45 20.78 98.64
C VAL F 30 -25.61 20.10 97.57
N SER F 31 -24.94 20.88 96.72
CA SER F 31 -24.17 20.27 95.65
C SER F 31 -23.28 21.31 95.01
N GLY F 32 -22.21 20.83 94.40
CA GLY F 32 -21.21 21.64 93.74
C GLY F 32 -19.91 21.69 94.53
N ASP F 33 -19.00 22.52 94.04
CA ASP F 33 -17.74 22.81 94.73
C ASP F 33 -17.73 24.27 95.16
N ASN F 34 -17.16 24.54 96.34
CA ASN F 34 -17.08 25.92 96.83
C ASN F 34 -16.21 26.82 95.97
N LYS F 35 -15.60 26.29 94.91
CA LYS F 35 -14.77 27.07 94.00
C LYS F 35 -15.56 27.65 92.83
N SER F 36 -16.26 26.80 92.07
CA SER F 36 -16.93 27.22 90.85
C SER F 36 -18.44 27.38 91.03
N THR F 37 -19.15 26.33 91.46
CA THR F 37 -20.60 26.30 91.43
C THR F 37 -21.15 25.76 92.74
N ILE F 38 -22.17 26.42 93.29
CA ILE F 38 -22.73 26.08 94.59
C ILE F 38 -24.26 26.17 94.52
N GLU F 39 -24.94 25.19 95.14
CA GLU F 39 -26.41 25.17 95.14
C GLU F 39 -26.90 25.16 96.59
N TYR F 40 -27.56 26.23 97.01
CA TYR F 40 -28.12 26.30 98.35
C TYR F 40 -29.58 25.87 98.37
N LEU F 41 -29.97 25.28 99.50
CA LEU F 41 -31.34 24.85 99.77
C LEU F 41 -31.91 25.67 100.93
N ASP F 42 -33.07 26.27 100.70
CA ASP F 42 -33.80 26.98 101.75
C ASP F 42 -34.46 25.95 102.66
N THR F 43 -33.85 25.72 103.83
CA THR F 43 -34.47 24.87 104.85
C THR F 43 -35.71 25.50 105.46
N GLY F 44 -36.08 26.71 105.06
CA GLY F 44 -37.28 27.34 105.58
C GLY F 44 -38.52 26.90 104.82
N SER F 45 -38.48 25.70 104.26
CA SER F 45 -39.56 25.19 103.44
C SER F 45 -40.19 23.97 104.09
N ASP F 46 -41.18 23.40 103.41
CA ASP F 46 -41.90 22.24 103.92
C ASP F 46 -40.98 21.02 103.96
N ASN F 47 -41.08 20.23 105.04
CA ASN F 47 -40.36 18.96 105.11
C ASN F 47 -40.90 17.96 104.11
N SER F 48 -42.24 17.93 103.94
CA SER F 48 -42.97 16.77 103.43
C SER F 48 -43.03 16.73 101.90
N LEU F 49 -42.27 17.57 101.22
CA LEU F 49 -42.21 17.58 99.77
C LEU F 49 -40.86 17.09 99.29
N LEU F 50 -40.86 16.38 98.17
CA LEU F 50 -39.59 16.00 97.56
C LEU F 50 -38.91 17.20 96.90
N VAL F 51 -39.64 18.29 96.69
CA VAL F 51 -39.09 19.51 96.13
C VAL F 51 -39.04 20.57 97.22
N ARG F 52 -37.95 21.32 97.24
CA ARG F 52 -37.78 22.41 98.17
C ARG F 52 -37.01 23.53 97.49
N PRO F 53 -37.26 24.78 97.89
CA PRO F 53 -36.68 25.92 97.18
C PRO F 53 -35.16 25.96 97.29
N THR F 54 -34.53 26.25 96.17
CA THR F 54 -33.09 26.17 96.04
C THR F 54 -32.61 27.29 95.11
N GLN F 55 -31.57 28.00 95.53
CA GLN F 55 -30.96 29.01 94.68
C GLN F 55 -29.50 28.66 94.44
N GLN F 56 -29.09 28.72 93.19
CA GLN F 56 -27.76 28.30 92.78
C GLN F 56 -26.98 29.51 92.28
N PHE F 57 -25.67 29.50 92.56
CA PHE F 57 -24.73 30.51 92.10
C PHE F 57 -23.55 29.84 91.40
N ASN F 58 -23.04 30.51 90.37
CA ASN F 58 -22.09 29.88 89.46
C ASN F 58 -21.27 30.96 88.78
N CYS F 59 -19.96 31.00 89.02
CA CYS F 59 -19.07 32.01 88.45
C CYS F 59 -18.05 31.37 87.51
N VAL F 60 -17.66 32.12 86.47
CA VAL F 60 -16.61 31.73 85.53
C VAL F 60 -15.89 32.99 85.05
N SER F 61 -14.72 32.78 84.44
CA SER F 61 -13.88 33.89 83.99
C SER F 61 -12.98 33.40 82.87
N SER F 62 -12.62 34.32 81.97
CA SER F 62 -11.85 33.97 80.79
C SER F 62 -10.92 35.11 80.40
N GLN F 63 -9.76 34.71 79.85
CA GLN F 63 -8.74 35.63 79.37
C GLN F 63 -9.01 36.11 77.94
N TYR F 64 -10.11 35.67 77.33
CA TYR F 64 -10.41 35.96 75.93
C TYR F 64 -11.78 36.62 75.85
N PRO F 65 -11.88 37.87 76.30
CA PRO F 65 -13.21 38.48 76.49
C PRO F 65 -13.93 38.76 75.19
N TYR F 66 -13.23 38.77 74.06
CA TYR F 66 -13.80 39.10 72.76
C TYR F 66 -14.09 37.85 71.93
N ARG F 67 -14.18 36.67 72.57
CA ARG F 67 -14.23 35.43 71.80
C ARG F 67 -15.48 35.36 70.94
N ASN F 68 -16.63 35.74 71.48
CA ASN F 68 -17.87 35.67 70.74
C ASN F 68 -18.24 36.97 70.05
N TYR F 69 -17.57 38.07 70.36
CA TYR F 69 -17.87 39.37 69.78
C TYR F 69 -16.95 39.62 68.59
N SER F 70 -17.28 38.91 67.50
CA SER F 70 -16.42 38.90 66.32
C SER F 70 -16.37 40.26 65.63
N LYS F 71 -17.42 41.07 65.76
CA LYS F 71 -17.56 42.30 65.01
C LYS F 71 -16.85 43.49 65.65
N ILE F 72 -16.03 43.27 66.66
CA ILE F 72 -15.16 44.31 67.21
C ILE F 72 -13.76 44.10 66.64
N PRO F 73 -13.17 45.10 65.99
CA PRO F 73 -11.81 44.93 65.45
C PRO F 73 -10.76 44.90 66.56
N ARG F 74 -9.61 44.31 66.23
CA ARG F 74 -8.52 44.24 67.20
C ARG F 74 -8.03 45.63 67.59
N SER F 75 -8.11 46.59 66.67
CA SER F 75 -7.75 47.97 66.98
C SER F 75 -8.62 48.57 68.08
N GLN F 76 -9.74 47.94 68.41
CA GLN F 76 -10.64 48.44 69.44
C GLN F 76 -10.84 47.46 70.59
N GLN F 77 -10.06 46.37 70.61
CA GLN F 77 -10.11 45.38 71.69
C GLN F 77 -9.09 45.72 72.77
N ASP F 78 -9.55 45.98 73.99
CA ASP F 78 -8.66 46.31 75.11
C ASP F 78 -7.90 45.08 75.57
N PRO F 79 -6.57 45.01 75.36
CA PRO F 79 -5.84 43.77 75.65
C PRO F 79 -5.73 43.49 77.14
N LEU F 80 -5.83 44.53 77.98
CA LEU F 80 -5.83 44.30 79.42
C LEU F 80 -7.13 43.67 79.89
N ALA F 81 -8.22 43.91 79.17
CA ALA F 81 -9.55 43.54 79.63
C ALA F 81 -9.75 42.03 79.65
N VAL F 82 -10.63 41.59 80.55
CA VAL F 82 -10.81 40.19 80.92
C VAL F 82 -12.29 39.95 81.17
N ARG F 83 -12.77 38.75 80.82
CA ARG F 83 -14.20 38.43 80.95
C ARG F 83 -14.53 37.81 82.31
N ARG F 84 -15.50 38.42 83.01
CA ARG F 84 -16.04 37.91 84.26
C ARG F 84 -17.52 37.57 84.05
N GLU F 85 -17.99 36.48 84.65
CA GLU F 85 -19.38 36.10 84.43
C GLU F 85 -19.91 35.36 85.67
N PHE F 86 -21.18 35.60 85.98
CA PHE F 86 -21.88 34.85 87.02
C PHE F 86 -23.29 34.52 86.57
N TYR F 87 -23.88 33.54 87.26
CA TYR F 87 -25.17 32.98 86.92
C TYR F 87 -25.87 32.58 88.21
N THR F 88 -27.08 33.06 88.40
CA THR F 88 -27.90 32.64 89.53
C THR F 88 -29.18 32.03 88.98
N ARG F 89 -29.66 30.98 89.65
CA ARG F 89 -30.94 30.35 89.29
C ARG F 89 -31.69 30.01 90.56
N ARG F 90 -32.81 30.68 90.79
CA ARG F 90 -33.66 30.42 91.94
C ARG F 90 -34.87 29.62 91.46
N VAL F 91 -35.10 28.49 92.12
CA VAL F 91 -36.29 27.68 91.92
C VAL F 91 -37.03 27.70 93.24
N GLU F 92 -38.27 28.17 93.23
CA GLU F 92 -39.13 28.03 94.40
C GLU F 92 -40.38 27.29 94.00
N TYR F 93 -40.90 26.49 94.94
CA TYR F 93 -42.08 25.67 94.70
C TYR F 93 -43.20 26.19 95.59
N TRP F 94 -44.20 26.81 95.00
CA TRP F 94 -45.32 27.37 95.75
C TRP F 94 -46.32 26.29 96.12
N ARG F 95 -47.18 26.64 97.06
CA ARG F 95 -48.10 25.72 97.71
C ARG F 95 -49.48 26.37 97.64
N LYS F 96 -50.39 25.82 96.84
CA LYS F 96 -51.73 26.38 96.77
C LYS F 96 -52.72 25.47 97.50
N ALA F 97 -53.57 26.11 98.30
CA ALA F 97 -54.63 25.44 99.05
C ALA F 97 -55.49 26.49 99.75
N ASP F 98 -56.72 26.11 100.09
CA ASP F 98 -57.58 26.93 100.91
C ASP F 98 -57.78 26.28 102.27
N ALA F 99 -57.68 27.09 103.32
CA ALA F 99 -57.89 26.57 104.67
C ALA F 99 -59.36 26.34 104.95
N SER F 100 -60.25 26.97 104.17
CA SER F 100 -61.68 26.76 104.34
C SER F 100 -62.08 25.32 104.05
N ASN F 101 -61.49 24.72 103.03
CA ASN F 101 -61.88 23.39 102.56
C ASN F 101 -60.63 22.50 102.62
N VAL F 102 -60.53 21.67 103.65
CA VAL F 102 -59.40 20.74 103.75
C VAL F 102 -59.60 19.51 102.88
N ASP F 103 -60.82 19.28 102.40
CA ASP F 103 -61.04 18.23 101.40
C ASP F 103 -60.41 18.61 100.07
N ALA F 104 -60.36 19.91 99.76
CA ALA F 104 -59.85 20.34 98.47
C ALA F 104 -58.35 20.10 98.39
N PRO F 105 -57.85 19.57 97.27
CA PRO F 105 -56.47 19.10 97.21
C PRO F 105 -55.49 20.26 97.17
N GLU F 106 -54.29 20.00 97.70
CA GLU F 106 -53.21 20.98 97.71
C GLU F 106 -52.30 20.71 96.51
N TYR F 107 -51.81 21.79 95.89
CA TYR F 107 -50.99 21.65 94.71
C TYR F 107 -49.65 22.36 94.88
N THR F 108 -48.65 21.84 94.17
CA THR F 108 -47.32 22.42 94.12
C THR F 108 -47.14 23.14 92.78
N LEU F 109 -46.78 24.41 92.84
CA LEU F 109 -46.66 25.26 91.65
C LEU F 109 -45.21 25.68 91.47
N PRO F 110 -44.46 25.05 90.57
CA PRO F 110 -43.04 25.42 90.39
C PRO F 110 -42.86 26.72 89.64
N GLN F 111 -41.87 27.49 90.11
CA GLN F 111 -41.50 28.79 89.57
C GLN F 111 -39.99 28.84 89.56
N SER F 112 -39.40 29.42 88.51
CA SER F 112 -37.95 29.45 88.37
C SER F 112 -37.51 30.70 87.61
N CYS F 113 -36.39 31.26 88.03
CA CYS F 113 -35.90 32.51 87.46
C CYS F 113 -34.38 32.53 87.49
N SER F 114 -33.76 32.95 86.40
CA SER F 114 -32.30 32.91 86.29
C SER F 114 -31.77 34.20 85.69
N ILE F 115 -30.63 34.64 86.22
CA ILE F 115 -29.92 35.83 85.76
C ILE F 115 -28.50 35.45 85.40
N ARG F 116 -28.08 35.83 84.20
CA ARG F 116 -26.72 35.60 83.73
C ARG F 116 -26.09 36.94 83.37
N LEU F 117 -25.02 37.29 84.07
CA LEU F 117 -24.30 38.53 83.80
C LEU F 117 -22.89 38.20 83.35
N ALA F 118 -22.51 38.70 82.17
CA ALA F 118 -21.17 38.52 81.63
C ALA F 118 -20.67 39.90 81.24
N SER F 119 -19.64 40.38 81.96
CA SER F 119 -19.05 41.68 81.71
C SER F 119 -17.62 41.50 81.19
N THR F 120 -17.17 42.42 80.34
CA THR F 120 -15.73 42.55 80.16
C THR F 120 -15.25 43.64 81.12
N VAL F 121 -14.39 43.25 82.06
CA VAL F 121 -13.85 44.15 83.07
C VAL F 121 -12.49 44.63 82.60
N THR F 122 -12.21 45.90 82.84
CA THR F 122 -10.89 46.48 82.68
C THR F 122 -10.56 47.23 83.96
N LYS F 123 -9.38 47.85 83.99
CA LYS F 123 -8.90 48.52 85.20
C LYS F 123 -9.93 49.53 85.72
N GLU F 124 -10.62 50.23 84.81
CA GLU F 124 -11.54 51.29 85.17
C GLU F 124 -12.97 50.83 85.37
N THR F 125 -13.28 49.58 85.01
CA THR F 125 -14.61 49.04 85.26
C THR F 125 -14.85 48.93 86.76
N THR F 126 -15.97 49.50 87.21
CA THR F 126 -16.27 49.56 88.64
C THR F 126 -17.46 48.66 88.99
N ALA F 127 -17.58 48.44 90.31
CA ALA F 127 -18.73 47.74 90.85
C ALA F 127 -20.03 48.35 90.33
N ALA F 128 -20.17 49.67 90.50
CA ALA F 128 -21.39 50.35 90.10
C ALA F 128 -21.63 50.25 88.60
N ASP F 129 -20.56 50.35 87.79
CA ASP F 129 -20.70 50.18 86.35
C ASP F 129 -21.30 48.82 86.01
N ILE F 130 -20.84 47.77 86.70
CA ILE F 130 -21.36 46.45 86.37
C ILE F 130 -22.78 46.28 86.89
N ALA F 131 -23.11 46.90 88.03
CA ALA F 131 -24.50 46.90 88.48
C ALA F 131 -25.43 47.59 87.49
N GLY F 132 -24.91 48.62 86.83
CA GLY F 132 -25.72 49.40 85.91
C GLY F 132 -26.34 48.55 84.81
N ILE F 133 -25.63 47.54 84.33
CA ILE F 133 -26.18 46.77 83.21
C ILE F 133 -27.35 45.91 83.68
N VAL F 134 -27.26 45.36 84.90
CA VAL F 134 -28.41 44.66 85.45
C VAL F 134 -29.59 45.60 85.62
N LEU F 135 -29.33 46.81 86.13
CA LEU F 135 -30.42 47.75 86.34
C LEU F 135 -31.08 48.16 85.03
N ARG F 136 -30.27 48.40 83.98
CA ARG F 136 -30.82 48.78 82.69
C ARG F 136 -31.47 47.60 81.97
N THR F 137 -31.10 46.37 82.31
CA THR F 137 -31.81 45.20 81.80
C THR F 137 -33.19 45.09 82.45
N LEU F 138 -33.28 45.45 83.73
CA LEU F 138 -34.56 45.37 84.43
C LEU F 138 -35.51 46.49 84.04
N ALA F 139 -34.99 47.71 83.87
CA ALA F 139 -35.86 48.89 83.70
C ALA F 139 -36.90 48.76 82.58
N PRO F 140 -36.66 48.10 81.46
CA PRO F 140 -37.74 47.93 80.48
C PRO F 140 -38.90 47.11 81.01
N ILE F 141 -38.63 46.11 81.83
CA ILE F 141 -39.69 45.27 82.42
C ILE F 141 -40.38 45.96 83.59
N PHE F 142 -39.65 46.80 84.35
CA PHE F 142 -40.19 47.46 85.54
C PHE F 142 -40.06 48.97 85.37
N PRO F 143 -40.82 49.56 84.45
CA PRO F 143 -40.64 51.00 84.17
C PRO F 143 -40.98 51.88 85.36
N ASN F 144 -41.80 51.40 86.29
CA ASN F 144 -42.12 52.13 87.51
C ASN F 144 -41.67 51.38 88.76
N GLY F 145 -40.81 50.37 88.59
CA GLY F 145 -40.30 49.64 89.74
C GLY F 145 -41.42 48.85 90.34
N SER F 146 -41.53 48.88 91.67
CA SER F 146 -42.61 48.17 92.32
C SER F 146 -43.97 48.85 92.14
N GLY F 147 -44.02 50.04 91.56
CA GLY F 147 -45.26 50.83 91.52
C GLY F 147 -46.40 50.13 90.80
N ASP F 148 -46.12 49.48 89.68
CA ASP F 148 -47.09 48.69 88.93
C ASP F 148 -46.37 47.50 88.32
N TRP F 149 -47.14 46.57 87.75
CA TRP F 149 -46.56 45.38 87.15
C TRP F 149 -46.97 45.25 85.68
N ILE F 150 -47.25 46.36 85.00
CA ILE F 150 -48.00 46.26 83.74
C ILE F 150 -47.16 45.60 82.67
N LYS F 151 -45.90 46.01 82.52
CA LYS F 151 -45.08 45.43 81.47
C LYS F 151 -44.73 43.98 81.78
N LEU F 152 -44.53 43.66 83.06
CA LEU F 152 -44.32 42.27 83.42
C LEU F 152 -45.53 41.42 83.07
N GLN F 153 -46.73 41.94 83.34
CA GLN F 153 -47.96 41.23 82.99
C GLN F 153 -48.03 41.00 81.49
N GLN F 154 -47.63 41.99 80.69
CA GLN F 154 -47.59 41.79 79.24
C GLN F 154 -46.65 40.65 78.87
N LEU F 155 -45.47 40.61 79.50
CA LEU F 155 -44.53 39.53 79.22
C LEU F 155 -45.14 38.18 79.53
N ILE F 156 -45.82 38.06 80.65
CA ILE F 156 -46.45 36.79 81.00
C ILE F 156 -47.57 36.47 80.02
N ASP F 157 -48.40 37.46 79.68
CA ASP F 157 -49.47 37.29 78.70
C ASP F 157 -48.94 36.88 77.33
N GLY F 158 -47.67 37.09 77.07
CA GLY F 158 -47.04 36.65 75.85
C GLY F 158 -46.81 37.73 74.81
N LEU F 159 -46.71 38.99 75.22
CA LEU F 159 -46.67 40.14 74.34
C LEU F 159 -45.29 40.76 74.33
N PRO F 160 -44.36 40.26 73.49
CA PRO F 160 -42.94 40.60 73.65
C PRO F 160 -42.59 42.01 73.22
N ARG F 161 -43.47 42.71 72.50
CA ARG F 161 -43.20 44.06 72.04
C ARG F 161 -43.33 45.03 73.23
N ILE F 162 -42.22 45.21 73.93
CA ILE F 162 -42.20 46.05 75.13
C ILE F 162 -41.89 47.50 74.78
N PHE F 163 -41.06 47.75 73.77
CA PHE F 163 -40.77 49.09 73.33
C PHE F 163 -41.70 49.53 72.21
N GLY F 164 -42.81 48.81 72.02
CA GLY F 164 -43.73 49.09 70.94
C GLY F 164 -43.42 48.26 69.70
N SER G 1 90.80 62.76 -1.85
CA SER G 1 89.59 62.47 -2.61
C SER G 1 89.70 61.09 -3.25
N TYR G 2 88.66 60.29 -3.08
CA TYR G 2 88.72 58.86 -3.42
C TYR G 2 89.04 58.64 -4.89
N THR G 3 89.90 57.66 -5.17
CA THR G 3 90.16 57.18 -6.52
C THR G 3 89.89 55.68 -6.59
N ILE G 4 89.57 55.22 -7.78
CA ILE G 4 89.23 53.82 -8.04
C ILE G 4 90.39 53.16 -8.77
N ASP G 5 90.96 52.13 -8.14
CA ASP G 5 92.01 51.29 -8.71
C ASP G 5 91.37 50.03 -9.26
N ILE G 6 91.50 49.79 -10.57
CA ILE G 6 91.11 48.48 -11.08
C ILE G 6 92.22 47.52 -10.68
N ASN G 7 91.96 46.74 -9.65
CA ASN G 7 92.92 45.77 -9.17
C ASN G 7 93.03 44.70 -10.24
N CYS G 8 94.06 44.78 -11.08
CA CYS G 8 94.04 44.04 -12.34
C CYS G 8 95.36 44.26 -13.07
N SER G 9 95.63 43.38 -14.04
CA SER G 9 96.82 43.49 -14.88
C SER G 9 96.44 44.01 -16.27
N THR G 10 96.97 45.20 -16.63
CA THR G 10 96.80 45.77 -17.95
C THR G 10 98.15 45.88 -18.65
N GLY G 11 98.09 46.10 -19.96
CA GLY G 11 99.27 46.14 -20.80
C GLY G 11 99.43 47.47 -21.49
N ASP G 12 100.55 47.69 -22.18
CA ASP G 12 100.75 48.97 -22.85
C ASP G 12 100.07 49.01 -24.21
N THR G 13 100.04 47.89 -24.93
CA THR G 13 99.57 47.83 -26.29
C THR G 13 98.05 48.00 -26.38
N GLN G 14 97.55 48.47 -27.53
CA GLN G 14 96.12 48.57 -27.74
C GLN G 14 95.78 48.10 -29.15
N ALA G 15 94.66 47.43 -29.28
CA ALA G 15 94.15 46.97 -30.57
C ALA G 15 92.77 47.58 -30.84
N ASN G 16 92.42 47.62 -32.13
CA ASN G 16 91.11 48.07 -32.56
C ASN G 16 90.24 46.85 -32.84
N LEU G 17 89.13 46.72 -32.11
CA LEU G 17 88.05 45.81 -32.46
C LEU G 17 87.06 46.62 -33.29
N VAL G 18 86.98 46.32 -34.58
CA VAL G 18 86.24 47.17 -35.50
C VAL G 18 84.79 46.70 -35.55
N LEU G 19 83.91 47.53 -34.99
CA LEU G 19 82.49 47.25 -34.98
C LEU G 19 81.84 47.90 -36.18
N THR G 20 80.94 47.18 -36.82
CA THR G 20 80.11 47.73 -37.88
C THR G 20 78.74 48.07 -37.29
N GLU G 21 78.26 49.28 -37.57
CA GLU G 21 77.05 49.76 -36.93
C GLU G 21 75.86 48.88 -37.30
N ILE G 22 74.85 48.93 -36.45
CA ILE G 22 73.58 48.25 -36.71
C ILE G 22 72.50 49.32 -36.70
N PRO G 23 71.86 49.61 -37.83
CA PRO G 23 70.94 50.74 -37.90
C PRO G 23 69.70 50.49 -37.06
N ALA G 24 69.28 51.53 -36.32
CA ALA G 24 68.17 51.35 -35.41
C ALA G 24 66.82 51.35 -36.13
N GLU G 25 66.74 51.95 -37.32
CA GLU G 25 65.47 52.03 -38.02
C GLU G 25 64.81 50.68 -38.22
N PRO G 26 65.49 49.64 -38.73
CA PRO G 26 64.78 48.38 -39.01
C PRO G 26 64.30 47.63 -37.76
N TYR G 27 64.70 48.01 -36.54
CA TYR G 27 64.29 47.23 -35.37
C TYR G 27 62.91 47.67 -34.89
N VAL G 28 62.08 46.69 -34.52
CA VAL G 28 60.70 46.92 -34.09
C VAL G 28 60.52 46.34 -32.69
N HIS G 29 60.06 47.19 -31.77
CA HIS G 29 59.69 46.73 -30.43
C HIS G 29 58.61 45.67 -30.51
N VAL G 30 58.84 44.55 -29.83
CA VAL G 30 57.97 43.38 -29.92
C VAL G 30 57.34 43.06 -28.57
N SER G 31 58.15 42.98 -27.52
CA SER G 31 57.67 42.58 -26.21
C SER G 31 58.46 43.27 -25.11
N GLY G 32 57.79 43.52 -24.00
CA GLY G 32 58.48 43.78 -22.74
C GLY G 32 58.33 45.20 -22.23
N ASP G 33 58.28 45.33 -20.89
CA ASP G 33 58.32 46.60 -20.17
C ASP G 33 59.76 47.08 -20.03
N ASN G 34 59.93 48.21 -19.34
CA ASN G 34 61.21 48.44 -18.68
C ASN G 34 61.38 47.49 -17.50
N LYS G 35 60.27 47.12 -16.85
CA LYS G 35 60.31 46.15 -15.76
C LYS G 35 60.57 44.73 -16.26
N SER G 36 60.19 44.44 -17.51
CA SER G 36 60.46 43.16 -18.13
C SER G 36 61.68 43.31 -19.04
N THR G 37 61.94 42.32 -19.90
CA THR G 37 63.00 42.40 -20.89
C THR G 37 62.48 42.94 -22.22
N ILE G 38 63.10 44.01 -22.73
CA ILE G 38 62.73 44.58 -24.03
C ILE G 38 63.23 43.70 -25.14
N GLU G 39 62.41 43.50 -26.18
CA GLU G 39 62.77 42.62 -27.29
C GLU G 39 62.51 43.33 -28.60
N TYR G 40 63.51 43.31 -29.50
CA TYR G 40 63.38 43.90 -30.82
C TYR G 40 63.55 42.85 -31.90
N LEU G 41 62.78 43.04 -32.98
CA LEU G 41 62.86 42.24 -34.19
C LEU G 41 63.57 43.04 -35.29
N ASP G 42 64.59 42.43 -35.90
CA ASP G 42 65.27 43.02 -37.05
C ASP G 42 64.43 42.70 -38.29
N THR G 43 63.66 43.68 -38.77
CA THR G 43 62.76 43.49 -39.89
C THR G 43 63.47 43.52 -41.23
N GLY G 44 64.78 43.79 -41.23
CA GLY G 44 65.56 43.69 -42.45
C GLY G 44 66.09 42.29 -42.61
N SER G 45 65.20 41.31 -42.60
CA SER G 45 65.55 39.90 -42.74
C SER G 45 64.66 39.24 -43.78
N ASP G 46 64.99 38.00 -44.11
CA ASP G 46 64.16 37.27 -45.06
C ASP G 46 62.80 37.01 -44.43
N ASN G 47 61.79 37.66 -44.98
CA ASN G 47 60.41 37.50 -44.54
C ASN G 47 59.96 36.05 -44.69
N SER G 48 60.50 35.33 -45.68
CA SER G 48 60.04 33.99 -46.01
C SER G 48 60.53 32.93 -45.03
N LEU G 49 61.17 33.34 -43.94
CA LEU G 49 61.47 32.46 -42.81
C LEU G 49 60.54 32.78 -41.66
N LEU G 50 60.13 31.75 -40.94
CA LEU G 50 59.34 31.98 -39.73
C LEU G 50 60.20 32.33 -38.53
N VAL G 51 61.51 32.26 -38.65
CA VAL G 51 62.44 32.73 -37.63
C VAL G 51 63.13 33.97 -38.18
N ARG G 52 63.27 34.97 -37.34
CA ARG G 52 63.87 36.24 -37.75
C ARG G 52 64.76 36.74 -36.64
N PRO G 53 65.75 37.57 -36.97
CA PRO G 53 66.74 37.99 -35.98
C PRO G 53 66.14 38.92 -34.94
N THR G 54 66.47 38.67 -33.68
CA THR G 54 65.98 39.47 -32.57
C THR G 54 67.13 39.80 -31.63
N GLN G 55 67.15 41.02 -31.11
CA GLN G 55 68.02 41.31 -29.98
C GLN G 55 67.21 41.87 -28.81
N GLN G 56 67.54 41.42 -27.60
CA GLN G 56 66.81 41.84 -26.42
C GLN G 56 67.75 42.45 -25.39
N PHE G 57 67.18 43.37 -24.61
CA PHE G 57 67.88 44.15 -23.60
C PHE G 57 67.09 44.16 -22.31
N ASN G 58 67.72 43.72 -21.23
CA ASN G 58 67.16 43.71 -19.89
C ASN G 58 68.14 44.42 -18.97
N CYS G 59 67.63 45.19 -18.01
CA CYS G 59 68.54 45.71 -17.00
C CYS G 59 67.82 45.85 -15.67
N VAL G 60 68.57 45.58 -14.59
CA VAL G 60 68.05 45.54 -13.23
C VAL G 60 69.09 46.09 -12.27
N SER G 61 68.62 46.58 -11.13
CA SER G 61 69.45 47.31 -10.20
C SER G 61 69.06 46.93 -8.77
N SER G 62 70.05 46.90 -7.88
CA SER G 62 69.79 46.55 -6.49
C SER G 62 70.63 47.39 -5.53
N GLN G 63 70.06 47.63 -4.35
CA GLN G 63 70.74 48.37 -3.30
C GLN G 63 71.69 47.51 -2.49
N TYR G 64 71.79 46.22 -2.82
CA TYR G 64 72.57 45.25 -2.03
C TYR G 64 73.64 44.64 -2.92
N PRO G 65 74.70 45.40 -3.24
CA PRO G 65 75.61 44.99 -4.32
C PRO G 65 76.53 43.86 -3.95
N TYR G 66 76.66 43.55 -2.66
CA TYR G 66 77.56 42.51 -2.18
C TYR G 66 76.85 41.18 -1.96
N ARG G 67 75.61 41.03 -2.47
CA ARG G 67 74.82 39.84 -2.14
C ARG G 67 75.47 38.56 -2.68
N ASN G 68 76.04 38.62 -3.89
CA ASN G 68 76.62 37.44 -4.50
C ASN G 68 78.05 37.17 -4.05
N TYR G 69 78.75 38.19 -3.56
CA TYR G 69 80.16 38.08 -3.24
C TYR G 69 80.30 37.84 -1.74
N SER G 70 80.86 36.68 -1.38
CA SER G 70 80.82 36.24 0.01
C SER G 70 82.05 36.65 0.80
N LYS G 71 83.23 36.73 0.18
CA LYS G 71 84.46 36.89 0.93
C LYS G 71 84.94 38.33 1.02
N ILE G 72 84.02 39.29 0.93
CA ILE G 72 84.34 40.69 1.12
C ILE G 72 83.85 41.11 2.50
N PRO G 73 84.74 41.53 3.41
CA PRO G 73 84.30 41.93 4.75
C PRO G 73 83.46 43.20 4.73
N ARG G 74 82.59 43.32 5.73
CA ARG G 74 81.75 44.51 5.85
C ARG G 74 82.59 45.78 5.96
N SER G 75 83.72 45.69 6.67
CA SER G 75 84.61 46.84 6.80
C SER G 75 85.15 47.32 5.46
N GLN G 76 84.97 46.55 4.40
CA GLN G 76 85.40 46.92 3.06
C GLN G 76 84.25 47.13 2.10
N GLN G 77 83.00 47.08 2.58
CA GLN G 77 81.83 47.25 1.74
C GLN G 77 81.38 48.72 1.75
N ASP G 78 81.40 49.35 0.57
CA ASP G 78 81.00 50.76 0.45
C ASP G 78 79.50 50.91 0.66
N PRO G 79 79.05 51.60 1.72
CA PRO G 79 77.61 51.66 2.01
C PRO G 79 76.84 52.46 0.99
N LEU G 80 77.51 53.28 0.19
CA LEU G 80 76.88 54.04 -0.88
C LEU G 80 76.88 53.29 -2.20
N ALA G 81 77.52 52.13 -2.26
CA ALA G 81 77.62 51.41 -3.52
C ALA G 81 76.29 50.77 -3.88
N VAL G 82 76.04 50.69 -5.18
CA VAL G 82 74.82 50.13 -5.73
C VAL G 82 75.20 49.15 -6.83
N ARG G 83 74.32 48.19 -7.12
CA ARG G 83 74.54 47.20 -8.16
C ARG G 83 73.74 47.58 -9.39
N ARG G 84 74.41 47.78 -10.52
CA ARG G 84 73.77 48.05 -11.79
C ARG G 84 74.09 46.90 -12.73
N GLU G 85 73.08 46.31 -13.34
CA GLU G 85 73.26 45.13 -14.19
C GLU G 85 72.49 45.32 -15.48
N PHE G 86 73.06 44.86 -16.59
CA PHE G 86 72.35 44.81 -17.86
C PHE G 86 72.75 43.55 -18.62
N TYR G 87 71.90 43.16 -19.56
CA TYR G 87 71.98 41.88 -20.22
C TYR G 87 71.40 42.00 -21.61
N THR G 88 72.19 41.66 -22.62
CA THR G 88 71.70 41.66 -23.98
C THR G 88 71.87 40.26 -24.56
N ARG G 89 70.91 39.85 -25.40
CA ARG G 89 70.99 38.58 -26.12
C ARG G 89 70.54 38.80 -27.55
N ARG G 90 71.47 38.58 -28.48
CA ARG G 90 71.19 38.69 -29.90
C ARG G 90 71.16 37.29 -30.49
N VAL G 91 70.05 36.97 -31.16
CA VAL G 91 69.93 35.76 -31.94
C VAL G 91 69.80 36.18 -33.39
N GLU G 92 70.70 35.69 -34.24
CA GLU G 92 70.52 35.82 -35.67
C GLU G 92 70.38 34.42 -36.28
N TYR G 93 69.82 34.40 -37.49
CA TYR G 93 69.51 33.17 -38.19
C TYR G 93 70.13 33.25 -39.59
N TRP G 94 71.29 32.63 -39.76
CA TRP G 94 71.98 32.68 -41.04
C TRP G 94 71.30 31.75 -42.04
N ARG G 95 71.63 31.93 -43.31
CA ARG G 95 71.04 31.15 -44.39
C ARG G 95 72.17 30.69 -45.30
N LYS G 96 72.30 29.38 -45.49
CA LYS G 96 73.29 28.84 -46.42
C LYS G 96 72.58 28.34 -47.67
N ALA G 97 73.09 28.77 -48.84
CA ALA G 97 72.61 28.30 -50.14
C ALA G 97 73.67 28.63 -51.19
N ASP G 98 73.47 28.13 -52.42
CA ASP G 98 74.33 28.57 -53.51
C ASP G 98 73.51 28.88 -54.75
N ALA G 99 73.82 30.03 -55.37
CA ALA G 99 73.17 30.40 -56.62
C ALA G 99 73.59 29.51 -57.77
N SER G 100 74.65 28.71 -57.59
CA SER G 100 75.13 27.82 -58.63
C SER G 100 74.15 26.68 -58.90
N ASN G 101 73.37 26.29 -57.89
CA ASN G 101 72.55 25.08 -57.97
C ASN G 101 71.15 25.38 -57.43
N VAL G 102 70.20 25.63 -58.33
CA VAL G 102 68.82 25.82 -57.89
C VAL G 102 68.25 24.54 -57.30
N ASP G 103 68.85 23.40 -57.60
CA ASP G 103 68.35 22.10 -57.16
C ASP G 103 68.80 21.73 -55.75
N ALA G 104 69.78 22.45 -55.18
CA ALA G 104 70.34 22.05 -53.89
C ALA G 104 69.64 22.80 -52.75
N PRO G 105 69.39 22.13 -51.62
CA PRO G 105 68.52 22.71 -50.59
C PRO G 105 69.20 23.84 -49.86
N GLU G 106 68.36 24.71 -49.30
CA GLU G 106 68.82 25.81 -48.45
C GLU G 106 68.64 25.42 -46.98
N TYR G 107 69.55 25.90 -46.13
CA TYR G 107 69.46 25.62 -44.72
C TYR G 107 69.53 26.91 -43.92
N THR G 108 68.85 26.95 -42.79
CA THR G 108 68.94 28.09 -41.87
C THR G 108 69.71 27.66 -40.62
N LEU G 109 70.71 28.46 -40.26
CA LEU G 109 71.69 28.14 -39.22
C LEU G 109 71.59 29.10 -38.05
N PRO G 110 71.14 28.66 -36.87
CA PRO G 110 70.98 29.58 -35.74
C PRO G 110 72.27 29.91 -35.00
N GLN G 111 72.36 31.18 -34.60
CA GLN G 111 73.50 31.72 -33.87
C GLN G 111 72.97 32.60 -32.76
N SER G 112 73.58 32.51 -31.57
CA SER G 112 73.17 33.35 -30.45
C SER G 112 74.38 33.80 -29.65
N CYS G 113 74.30 35.02 -29.13
CA CYS G 113 75.38 35.59 -28.32
C CYS G 113 74.78 36.50 -27.26
N SER G 114 75.26 36.35 -26.02
CA SER G 114 74.67 37.08 -24.90
C SER G 114 75.75 37.62 -23.99
N ILE G 115 75.62 38.91 -23.62
CA ILE G 115 76.54 39.59 -22.74
C ILE G 115 75.79 40.10 -21.52
N ARG G 116 76.27 39.72 -20.34
CA ARG G 116 75.75 40.22 -19.06
C ARG G 116 76.85 40.97 -18.32
N LEU G 117 76.49 42.08 -17.70
CA LEU G 117 77.41 42.95 -16.99
C LEU G 117 76.75 43.44 -15.71
N ALA G 118 77.41 43.20 -14.58
CA ALA G 118 76.94 43.70 -13.28
C ALA G 118 78.11 44.41 -12.62
N SER G 119 78.02 45.73 -12.54
CA SER G 119 79.04 46.55 -11.90
C SER G 119 78.56 47.05 -10.54
N THR G 120 79.49 47.14 -9.60
CA THR G 120 79.24 47.91 -8.40
C THR G 120 79.58 49.37 -8.72
N VAL G 121 78.59 50.25 -8.60
CA VAL G 121 78.74 51.66 -8.95
C VAL G 121 78.64 52.51 -7.70
N THR G 122 79.62 53.40 -7.54
CA THR G 122 79.66 54.39 -6.48
C THR G 122 79.88 55.76 -7.12
N LYS G 123 79.95 56.80 -6.27
CA LYS G 123 80.05 58.17 -6.75
C LYS G 123 81.12 58.33 -7.81
N GLU G 124 82.29 57.72 -7.58
CA GLU G 124 83.47 57.91 -8.41
C GLU G 124 83.50 57.00 -9.63
N THR G 125 82.61 56.03 -9.71
CA THR G 125 82.56 55.12 -10.86
C THR G 125 81.98 55.85 -12.07
N THR G 126 82.78 55.94 -13.14
CA THR G 126 82.36 56.61 -14.37
C THR G 126 81.92 55.60 -15.43
N ALA G 127 81.15 56.11 -16.40
CA ALA G 127 80.70 55.27 -17.50
C ALA G 127 81.87 54.62 -18.22
N ALA G 128 82.96 55.38 -18.40
CA ALA G 128 84.17 54.81 -18.96
C ALA G 128 84.71 53.69 -18.10
N ASP G 129 84.74 53.89 -16.78
CA ASP G 129 85.22 52.83 -15.87
C ASP G 129 84.43 51.56 -16.08
N ILE G 130 83.11 51.68 -16.28
CA ILE G 130 82.29 50.49 -16.43
C ILE G 130 82.46 49.88 -17.81
N ALA G 131 82.68 50.70 -18.84
CA ALA G 131 83.00 50.13 -20.15
C ALA G 131 84.30 49.35 -20.10
N GLY G 132 85.22 49.78 -19.24
CA GLY G 132 86.48 49.08 -19.08
C GLY G 132 86.32 47.60 -18.81
N ILE G 133 85.31 47.24 -18.00
CA ILE G 133 85.20 45.83 -17.63
C ILE G 133 84.79 44.98 -18.83
N VAL G 134 83.91 45.51 -19.68
CA VAL G 134 83.57 44.79 -20.90
C VAL G 134 84.78 44.71 -21.83
N LEU G 135 85.53 45.81 -21.94
CA LEU G 135 86.69 45.81 -22.82
C LEU G 135 87.75 44.80 -22.36
N ARG G 136 87.95 44.69 -21.05
CA ARG G 136 88.92 43.73 -20.53
C ARG G 136 88.40 42.31 -20.59
N THR G 137 87.08 42.11 -20.51
CA THR G 137 86.56 40.77 -20.75
C THR G 137 86.80 40.34 -22.19
N LEU G 138 86.63 41.27 -23.14
CA LEU G 138 86.79 40.93 -24.56
C LEU G 138 88.26 40.73 -24.91
N ALA G 139 89.15 41.53 -24.34
CA ALA G 139 90.52 41.59 -24.83
C ALA G 139 91.25 40.24 -24.90
N PRO G 140 91.14 39.32 -23.93
CA PRO G 140 91.87 38.04 -24.06
C PRO G 140 91.47 37.23 -25.28
N ILE G 141 90.19 37.28 -25.67
CA ILE G 141 89.69 36.54 -26.82
C ILE G 141 90.08 37.22 -28.14
N PHE G 142 90.18 38.55 -28.15
CA PHE G 142 90.53 39.32 -29.34
C PHE G 142 91.79 40.12 -29.03
N PRO G 143 92.93 39.46 -28.84
CA PRO G 143 94.12 40.17 -28.40
C PRO G 143 94.70 41.10 -29.45
N ASN G 144 94.30 40.94 -30.71
CA ASN G 144 94.67 41.87 -31.77
C ASN G 144 93.45 42.51 -32.42
N GLY G 145 92.32 42.51 -31.71
CA GLY G 145 91.17 43.20 -32.21
C GLY G 145 90.63 42.49 -33.44
N SER G 146 90.08 43.27 -34.38
CA SER G 146 89.60 42.66 -35.60
C SER G 146 90.72 42.10 -36.46
N GLY G 147 91.98 42.25 -36.04
CA GLY G 147 93.10 41.83 -36.90
C GLY G 147 93.11 40.35 -37.20
N ASP G 148 93.17 39.51 -36.16
CA ASP G 148 93.20 38.07 -36.34
C ASP G 148 92.15 37.43 -35.45
N TRP G 149 91.86 36.16 -35.72
CA TRP G 149 90.81 35.45 -35.00
C TRP G 149 91.36 34.21 -34.31
N ILE G 150 92.63 34.23 -33.91
CA ILE G 150 93.30 32.98 -33.55
C ILE G 150 92.73 32.43 -32.25
N LYS G 151 92.61 33.28 -31.23
CA LYS G 151 92.10 32.80 -29.95
C LYS G 151 90.61 32.48 -30.04
N LEU G 152 89.87 33.25 -30.83
CA LEU G 152 88.46 32.91 -31.03
C LEU G 152 88.33 31.54 -31.68
N GLN G 153 89.16 31.29 -32.69
CA GLN G 153 89.19 30.00 -33.36
C GLN G 153 89.44 28.89 -32.35
N GLN G 154 90.38 29.10 -31.43
CA GLN G 154 90.62 28.11 -30.38
C GLN G 154 89.36 27.86 -29.56
N LEU G 155 88.72 28.93 -29.09
CA LEU G 155 87.52 28.78 -28.28
C LEU G 155 86.48 27.94 -29.02
N ILE G 156 86.34 28.16 -30.33
CA ILE G 156 85.36 27.39 -31.08
C ILE G 156 85.84 25.95 -31.26
N ASP G 157 87.14 25.76 -31.51
CA ASP G 157 87.75 24.44 -31.63
C ASP G 157 87.63 23.63 -30.36
N GLY G 158 87.25 24.25 -29.24
CA GLY G 158 87.07 23.54 -28.00
C GLY G 158 88.25 23.59 -27.06
N LEU G 159 89.13 24.58 -27.18
CA LEU G 159 90.34 24.71 -26.37
C LEU G 159 90.22 25.93 -25.48
N PRO G 160 89.85 25.75 -24.20
CA PRO G 160 89.47 26.89 -23.36
C PRO G 160 90.62 27.71 -22.80
N ARG G 161 91.87 27.26 -22.91
CA ARG G 161 92.95 27.94 -22.21
C ARG G 161 93.48 29.08 -23.09
N ILE G 162 92.84 30.24 -22.97
CA ILE G 162 93.28 31.45 -23.65
C ILE G 162 94.67 31.86 -23.18
N PHE G 163 94.92 31.75 -21.89
CA PHE G 163 96.18 32.21 -21.32
C PHE G 163 97.25 31.13 -21.28
N GLY G 164 96.90 29.88 -21.59
CA GLY G 164 97.87 28.80 -21.58
C GLY G 164 97.84 27.91 -20.35
N SER H 1 79.92 25.44 -53.38
CA SER H 1 79.52 26.78 -53.78
C SER H 1 78.60 27.40 -52.76
N TYR H 2 78.24 26.62 -51.73
CA TYR H 2 77.43 27.11 -50.63
C TYR H 2 78.03 28.35 -50.00
N THR H 3 77.20 29.36 -49.78
CA THR H 3 77.58 30.59 -49.12
C THR H 3 76.66 30.84 -47.94
N ILE H 4 77.26 31.47 -46.92
CA ILE H 4 76.61 31.80 -45.67
C ILE H 4 76.22 33.27 -45.73
N ASP H 5 74.92 33.54 -45.70
CA ASP H 5 74.39 34.89 -45.64
C ASP H 5 73.86 35.13 -44.23
N ILE H 6 74.47 36.08 -43.51
CA ILE H 6 73.84 36.54 -42.28
C ILE H 6 72.53 37.21 -42.65
N ASN H 7 71.50 36.92 -41.89
CA ASN H 7 70.18 37.47 -42.20
C ASN H 7 69.91 38.71 -41.36
N CYS H 8 70.81 39.68 -41.42
CA CYS H 8 70.80 40.79 -40.48
C CYS H 8 70.68 42.12 -41.22
N SER H 9 70.58 43.18 -40.43
CA SER H 9 70.73 44.53 -40.93
C SER H 9 72.11 45.04 -40.51
N THR H 10 72.90 45.49 -41.48
CA THR H 10 74.23 46.03 -41.23
C THR H 10 74.37 47.36 -41.95
N GLY H 11 74.99 48.32 -41.26
CA GLY H 11 75.21 49.64 -41.81
C GLY H 11 76.49 49.73 -42.61
N ASP H 12 76.73 50.93 -43.15
CA ASP H 12 77.95 51.22 -43.87
C ASP H 12 79.05 51.82 -43.00
N THR H 13 78.68 52.34 -41.83
CA THR H 13 79.56 53.05 -40.94
C THR H 13 80.34 52.06 -40.06
N GLN H 14 81.51 52.47 -39.56
CA GLN H 14 82.29 51.59 -38.69
C GLN H 14 82.95 52.41 -37.58
N ALA H 15 83.19 51.75 -36.44
CA ALA H 15 83.77 52.40 -35.28
C ALA H 15 84.83 51.49 -34.65
N ASN H 16 85.77 52.13 -33.95
CA ASN H 16 86.87 51.42 -33.29
C ASN H 16 86.56 51.29 -31.80
N LEU H 17 86.36 50.06 -31.34
CA LEU H 17 86.28 49.75 -29.92
C LEU H 17 87.70 49.37 -29.48
N VAL H 18 88.30 50.22 -28.65
CA VAL H 18 89.74 50.12 -28.40
C VAL H 18 90.00 49.22 -27.19
N LEU H 19 90.54 48.04 -27.46
CA LEU H 19 90.86 47.08 -26.42
C LEU H 19 92.28 47.31 -25.94
N THR H 20 92.47 47.33 -24.63
CA THR H 20 93.80 47.36 -24.05
C THR H 20 94.19 45.94 -23.66
N GLU H 21 95.43 45.56 -23.96
CA GLU H 21 95.81 44.17 -23.89
C GLU H 21 95.82 43.68 -22.44
N ILE H 22 95.62 42.38 -22.28
CA ILE H 22 95.71 41.76 -20.97
C ILE H 22 96.78 40.67 -21.06
N PRO H 23 97.91 40.84 -20.36
CA PRO H 23 99.03 39.91 -20.51
C PRO H 23 98.75 38.56 -19.87
N ALA H 24 99.29 37.51 -20.48
CA ALA H 24 99.05 36.17 -19.93
C ALA H 24 100.03 35.84 -18.80
N GLU H 25 101.21 36.46 -18.81
CA GLU H 25 102.22 36.18 -17.80
C GLU H 25 101.68 36.29 -16.38
N PRO H 26 100.90 37.30 -16.00
CA PRO H 26 100.41 37.35 -14.61
C PRO H 26 99.36 36.30 -14.26
N TYR H 27 98.82 35.53 -15.22
CA TYR H 27 97.70 34.65 -14.92
C TYR H 27 98.17 33.26 -14.50
N VAL H 28 97.40 32.64 -13.60
CA VAL H 28 97.75 31.37 -12.95
C VAL H 28 96.57 30.41 -13.01
N HIS H 29 96.89 29.13 -13.26
CA HIS H 29 95.89 28.06 -13.19
C HIS H 29 95.27 27.98 -11.79
N VAL H 30 93.95 27.79 -11.75
CA VAL H 30 93.21 27.64 -10.51
C VAL H 30 92.47 26.32 -10.46
N SER H 31 91.63 26.05 -11.46
CA SER H 31 90.90 24.78 -11.52
C SER H 31 90.85 24.30 -12.97
N GLY H 32 90.63 23.00 -13.12
CA GLY H 32 90.44 22.37 -14.42
C GLY H 32 91.55 22.63 -15.41
N ASP H 33 92.77 22.18 -15.10
CA ASP H 33 93.93 22.53 -15.91
C ASP H 33 93.82 21.98 -17.33
N ASN H 34 93.46 20.72 -17.45
CA ASN H 34 93.36 20.07 -18.74
C ASN H 34 91.94 20.07 -19.31
N LYS H 35 90.93 20.34 -18.48
CA LYS H 35 89.55 20.05 -18.83
C LYS H 35 88.95 21.16 -19.71
N SER H 36 87.71 20.93 -20.15
CA SER H 36 87.00 21.86 -21.03
C SER H 36 86.62 23.16 -20.34
N THR H 37 86.83 23.26 -19.02
CA THR H 37 86.56 24.46 -18.25
C THR H 37 87.81 24.80 -17.46
N ILE H 38 88.30 26.03 -17.62
CA ILE H 38 89.50 26.48 -16.93
C ILE H 38 89.20 27.81 -16.25
N GLU H 39 89.80 28.02 -15.09
CA GLU H 39 89.66 29.26 -14.33
C GLU H 39 91.03 29.82 -14.01
N TYR H 40 91.30 31.06 -14.42
CA TYR H 40 92.57 31.70 -14.15
C TYR H 40 92.43 32.78 -13.09
N LEU H 41 93.55 33.00 -12.38
CA LEU H 41 93.68 34.08 -11.41
C LEU H 41 94.70 35.07 -11.93
N ASP H 42 94.36 36.36 -11.84
CA ASP H 42 95.29 37.45 -12.14
C ASP H 42 96.05 37.77 -10.86
N THR H 43 97.32 37.36 -10.80
CA THR H 43 98.15 37.66 -9.63
C THR H 43 98.78 39.03 -9.70
N GLY H 44 98.36 39.87 -10.63
CA GLY H 44 98.77 41.25 -10.57
C GLY H 44 97.79 42.02 -9.71
N SER H 45 97.21 41.34 -8.74
CA SER H 45 96.20 41.94 -7.88
C SER H 45 96.72 42.09 -6.47
N ASP H 46 95.96 42.84 -5.68
CA ASP H 46 96.37 43.09 -4.31
C ASP H 46 96.58 41.77 -3.60
N ASN H 47 97.80 41.59 -3.12
CA ASN H 47 98.18 40.40 -2.39
C ASN H 47 97.23 40.13 -1.24
N SER H 48 96.84 41.18 -0.52
CA SER H 48 96.30 41.05 0.83
C SER H 48 94.78 40.94 0.90
N LEU H 49 94.07 40.99 -0.22
CA LEU H 49 92.63 40.82 -0.18
C LEU H 49 92.23 39.34 -0.23
N LEU H 50 90.97 39.10 0.10
CA LEU H 50 90.43 37.75 0.00
C LEU H 50 89.87 37.46 -1.37
N VAL H 51 89.59 38.50 -2.14
CA VAL H 51 89.10 38.38 -3.50
C VAL H 51 90.19 38.86 -4.44
N ARG H 52 90.30 38.18 -5.58
CA ARG H 52 91.27 38.59 -6.59
C ARG H 52 90.67 38.35 -7.95
N PRO H 53 91.06 39.13 -8.97
CA PRO H 53 90.44 39.05 -10.29
C PRO H 53 90.69 37.69 -10.92
N THR H 54 89.60 37.08 -11.38
CA THR H 54 89.64 35.81 -12.08
C THR H 54 88.97 35.99 -13.43
N GLN H 55 89.35 35.13 -14.36
CA GLN H 55 88.57 34.96 -15.58
C GLN H 55 88.51 33.49 -15.91
N GLN H 56 87.31 32.99 -16.14
CA GLN H 56 87.18 31.61 -16.57
C GLN H 56 86.73 31.55 -18.01
N PHE H 57 87.12 30.45 -18.65
CA PHE H 57 86.69 30.11 -20.00
C PHE H 57 86.24 28.66 -19.98
N ASN H 58 85.13 28.38 -20.65
CA ASN H 58 84.77 26.97 -20.85
C ASN H 58 84.08 26.80 -22.20
N CYS H 59 84.33 25.64 -22.81
CA CYS H 59 83.79 25.30 -24.12
C CYS H 59 82.82 24.15 -23.97
N VAL H 60 81.83 24.12 -24.87
CA VAL H 60 80.81 23.08 -24.89
C VAL H 60 80.48 22.81 -26.36
N SER H 61 80.18 21.55 -26.68
CA SER H 61 79.76 21.16 -28.01
C SER H 61 78.54 20.26 -27.89
N SER H 62 77.62 20.37 -28.84
CA SER H 62 76.45 19.51 -28.89
C SER H 62 76.22 18.99 -30.30
N GLN H 63 75.70 17.76 -30.37
CA GLN H 63 75.46 17.08 -31.64
C GLN H 63 74.19 17.56 -32.31
N TYR H 64 73.22 18.03 -31.53
CA TYR H 64 71.90 18.44 -32.00
C TYR H 64 71.77 19.96 -31.92
N PRO H 65 72.22 20.70 -32.94
CA PRO H 65 72.29 22.15 -32.81
C PRO H 65 70.94 22.83 -32.92
N TYR H 66 69.94 22.09 -33.40
CA TYR H 66 68.60 22.61 -33.60
C TYR H 66 67.66 22.26 -32.45
N ARG H 67 68.20 21.86 -31.30
CA ARG H 67 67.34 21.33 -30.24
C ARG H 67 66.35 22.39 -29.77
N ASN H 68 66.84 23.58 -29.47
CA ASN H 68 66.00 24.64 -28.96
C ASN H 68 65.31 25.44 -30.06
N TYR H 69 65.65 25.19 -31.32
CA TYR H 69 65.07 25.95 -32.43
C TYR H 69 64.02 25.08 -33.12
N SER H 70 62.79 25.13 -32.59
CA SER H 70 61.74 24.30 -33.15
C SER H 70 61.03 24.96 -34.31
N LYS H 71 61.03 26.30 -34.39
CA LYS H 71 60.35 26.98 -35.49
C LYS H 71 61.07 26.81 -36.84
N ILE H 72 62.16 26.06 -36.85
CA ILE H 72 62.87 25.71 -38.08
C ILE H 72 62.42 24.33 -38.52
N PRO H 73 62.01 24.15 -39.78
CA PRO H 73 61.62 22.82 -40.25
C PRO H 73 62.82 21.94 -40.51
N ARG H 74 62.59 20.63 -40.39
CA ARG H 74 63.66 19.66 -40.66
C ARG H 74 64.20 19.84 -42.07
N SER H 75 63.33 20.10 -43.04
CA SER H 75 63.74 20.32 -44.43
C SER H 75 64.72 21.49 -44.58
N GLN H 76 64.89 22.31 -43.55
CA GLN H 76 65.86 23.40 -43.59
C GLN H 76 66.95 23.26 -42.54
N GLN H 77 66.93 22.21 -41.73
CA GLN H 77 67.99 21.94 -40.76
C GLN H 77 69.12 21.17 -41.44
N ASP H 78 70.33 21.74 -41.39
CA ASP H 78 71.51 21.09 -41.97
C ASP H 78 71.90 19.87 -41.16
N PRO H 79 71.73 18.66 -41.67
CA PRO H 79 72.01 17.46 -40.85
C PRO H 79 73.48 17.27 -40.54
N LEU H 80 74.37 18.02 -41.20
CA LEU H 80 75.78 18.02 -40.88
C LEU H 80 76.18 19.14 -39.93
N ALA H 81 75.22 19.92 -39.43
CA ALA H 81 75.55 21.02 -38.55
C ALA H 81 75.84 20.50 -37.16
N VAL H 82 76.75 21.20 -36.48
CA VAL H 82 77.17 20.85 -35.12
C VAL H 82 77.18 22.14 -34.31
N ARG H 83 76.78 22.06 -33.05
CA ARG H 83 76.71 23.24 -32.19
C ARG H 83 78.01 23.40 -31.41
N ARG H 84 78.67 24.54 -31.57
CA ARG H 84 79.86 24.89 -30.78
C ARG H 84 79.51 26.12 -29.95
N GLU H 85 79.77 26.07 -28.64
CA GLU H 85 79.62 27.26 -27.81
C GLU H 85 80.82 27.40 -26.88
N PHE H 86 81.03 28.65 -26.46
CA PHE H 86 82.02 28.96 -25.43
C PHE H 86 81.47 30.06 -24.54
N TYR H 87 82.09 30.20 -23.37
CA TYR H 87 81.60 31.09 -22.34
C TYR H 87 82.77 31.61 -21.52
N THR H 88 82.86 32.93 -21.40
CA THR H 88 83.86 33.53 -20.54
C THR H 88 83.15 34.33 -19.46
N ARG H 89 83.74 34.34 -18.27
CA ARG H 89 83.23 35.16 -17.17
C ARG H 89 84.42 35.76 -16.43
N ARG H 90 84.52 37.08 -16.47
CA ARG H 90 85.58 37.82 -15.81
C ARG H 90 85.00 38.52 -14.61
N VAL H 91 85.59 38.28 -13.45
CA VAL H 91 85.31 39.05 -12.25
C VAL H 91 86.57 39.80 -11.89
N GLU H 92 86.45 41.11 -11.68
CA GLU H 92 87.53 41.87 -11.08
C GLU H 92 86.99 42.59 -9.85
N TYR H 93 87.91 43.01 -8.99
CA TYR H 93 87.57 43.61 -7.71
C TYR H 93 88.36 44.92 -7.58
N TRP H 94 87.68 46.04 -7.82
CA TRP H 94 88.29 47.35 -7.73
C TRP H 94 88.46 47.76 -6.28
N ARG H 95 89.32 48.76 -6.06
CA ARG H 95 89.61 49.29 -4.74
C ARG H 95 89.48 50.80 -4.77
N LYS H 96 88.55 51.34 -4.00
CA LYS H 96 88.45 52.79 -3.90
C LYS H 96 89.11 53.21 -2.59
N ALA H 97 90.00 54.21 -2.70
CA ALA H 97 90.66 54.86 -1.57
C ALA H 97 91.32 56.14 -2.07
N ASP H 98 91.54 57.08 -1.16
CA ASP H 98 92.34 58.26 -1.46
C ASP H 98 93.61 58.26 -0.63
N ALA H 99 94.74 58.55 -1.28
CA ALA H 99 96.01 58.65 -0.57
C ALA H 99 96.06 59.88 0.34
N SER H 100 95.11 60.81 0.18
CA SER H 100 95.12 62.02 0.98
C SER H 100 94.85 61.72 2.45
N ASN H 101 93.81 60.94 2.71
CA ASN H 101 93.37 60.67 4.08
C ASN H 101 93.50 59.16 4.31
N VAL H 102 94.45 58.77 5.16
CA VAL H 102 94.61 57.35 5.47
C VAL H 102 93.63 56.90 6.55
N ASP H 103 93.03 57.84 7.28
CA ASP H 103 91.88 57.49 8.13
C ASP H 103 90.76 56.87 7.31
N ALA H 104 90.55 57.38 6.10
CA ALA H 104 89.38 56.99 5.32
C ALA H 104 89.47 55.52 4.92
N PRO H 105 88.37 54.79 4.98
CA PRO H 105 88.43 53.35 4.75
C PRO H 105 88.55 53.04 3.27
N GLU H 106 89.21 51.93 2.98
CA GLU H 106 89.33 51.44 1.62
C GLU H 106 88.18 50.48 1.37
N TYR H 107 87.49 50.65 0.24
CA TYR H 107 86.38 49.78 -0.11
C TYR H 107 86.73 48.92 -1.32
N THR H 108 86.15 47.72 -1.35
CA THR H 108 86.31 46.79 -2.45
C THR H 108 85.02 46.76 -3.26
N LEU H 109 85.12 47.08 -4.54
CA LEU H 109 83.97 47.17 -5.43
C LEU H 109 84.01 46.02 -6.41
N PRO H 110 83.13 45.03 -6.32
CA PRO H 110 83.15 43.93 -7.28
C PRO H 110 82.43 44.26 -8.59
N GLN H 111 82.98 43.70 -9.67
CA GLN H 111 82.47 43.90 -11.02
C GLN H 111 82.60 42.57 -11.76
N SER H 112 81.56 42.19 -12.50
CA SER H 112 81.58 40.92 -13.22
C SER H 112 80.91 41.07 -14.58
N CYS H 113 81.44 40.34 -15.56
CA CYS H 113 80.94 40.42 -16.93
C CYS H 113 81.14 39.07 -17.61
N SER H 114 80.13 38.62 -18.35
CA SER H 114 80.13 37.30 -18.96
C SER H 114 79.60 37.33 -20.37
N ILE H 115 80.24 36.58 -21.26
CA ILE H 115 79.86 36.47 -22.66
C ILE H 115 79.71 35.00 -23.01
N ARG H 116 78.54 34.65 -23.57
CA ARG H 116 78.26 33.29 -24.03
C ARG H 116 77.96 33.34 -25.52
N LEU H 117 78.72 32.59 -26.30
CA LEU H 117 78.57 32.53 -27.75
C LEU H 117 78.27 31.10 -28.15
N ALA H 118 77.16 30.89 -28.87
CA ALA H 118 76.70 29.55 -29.23
C ALA H 118 76.29 29.59 -30.69
N SER H 119 77.11 28.99 -31.55
CA SER H 119 76.91 29.03 -32.97
C SER H 119 76.57 27.64 -33.49
N THR H 120 75.77 27.58 -34.54
CA THR H 120 75.77 26.36 -35.34
C THR H 120 76.89 26.48 -36.36
N VAL H 121 77.56 25.36 -36.63
CA VAL H 121 78.74 25.35 -37.48
C VAL H 121 78.61 24.23 -38.49
N THR H 122 78.84 24.56 -39.75
CA THR H 122 79.01 23.63 -40.85
C THR H 122 80.34 23.92 -41.51
N LYS H 123 80.68 23.13 -42.53
CA LYS H 123 81.99 23.24 -43.15
C LYS H 123 82.27 24.64 -43.68
N GLU H 124 81.23 25.42 -43.97
CA GLU H 124 81.41 26.75 -44.54
C GLU H 124 81.37 27.86 -43.51
N THR H 125 81.10 27.55 -42.24
CA THR H 125 81.20 28.54 -41.18
C THR H 125 82.67 28.89 -40.95
N THR H 126 82.99 30.18 -40.99
CA THR H 126 84.36 30.62 -40.78
C THR H 126 84.54 31.29 -39.42
N ALA H 127 85.81 31.37 -39.01
CA ALA H 127 86.16 32.05 -37.78
C ALA H 127 85.62 33.47 -37.78
N ALA H 128 85.85 34.21 -38.87
CA ALA H 128 85.40 35.59 -38.94
C ALA H 128 83.88 35.70 -38.99
N ASP H 129 83.20 34.73 -39.60
CA ASP H 129 81.74 34.72 -39.53
C ASP H 129 81.28 34.66 -38.07
N ILE H 130 81.89 33.79 -37.29
CA ILE H 130 81.45 33.67 -35.90
C ILE H 130 81.87 34.90 -35.09
N ALA H 131 83.02 35.49 -35.41
CA ALA H 131 83.41 36.74 -34.77
C ALA H 131 82.39 37.84 -35.04
N GLY H 132 81.73 37.77 -36.20
CA GLY H 132 80.81 38.82 -36.57
C GLY H 132 79.63 38.93 -35.62
N ILE H 133 79.16 37.81 -35.09
CA ILE H 133 77.97 37.90 -34.24
C ILE H 133 78.32 38.55 -32.91
N VAL H 134 79.52 38.35 -32.39
CA VAL H 134 79.93 39.07 -31.18
C VAL H 134 80.01 40.56 -31.45
N LEU H 135 80.57 40.95 -32.59
CA LEU H 135 80.68 42.36 -32.93
C LEU H 135 79.32 43.00 -33.17
N ARG H 136 78.36 42.23 -33.67
CA ARG H 136 77.02 42.76 -33.89
C ARG H 136 76.21 42.82 -32.60
N THR H 137 76.47 41.90 -31.66
CA THR H 137 75.88 42.05 -30.33
C THR H 137 76.42 43.29 -29.64
N LEU H 138 77.72 43.53 -29.76
CA LEU H 138 78.31 44.71 -29.13
C LEU H 138 77.86 46.01 -29.80
N ALA H 139 77.66 46.00 -31.11
CA ALA H 139 77.47 47.22 -31.89
C ALA H 139 76.39 48.15 -31.36
N PRO H 140 75.20 47.68 -30.97
CA PRO H 140 74.17 48.65 -30.53
C PRO H 140 74.47 49.29 -29.18
N ILE H 141 75.23 48.63 -28.30
CA ILE H 141 75.60 49.22 -27.03
C ILE H 141 76.73 50.23 -27.19
N PHE H 142 77.67 49.97 -28.10
CA PHE H 142 78.83 50.83 -28.32
C PHE H 142 78.81 51.34 -29.76
N PRO H 143 77.80 52.12 -30.14
CA PRO H 143 77.62 52.43 -31.56
C PRO H 143 78.70 53.32 -32.13
N ASN H 144 79.42 54.05 -31.29
CA ASN H 144 80.62 54.77 -31.70
C ASN H 144 81.88 54.14 -31.13
N GLY H 145 81.81 52.86 -30.75
CA GLY H 145 82.98 52.21 -30.22
C GLY H 145 83.45 52.91 -28.98
N SER H 146 84.77 53.00 -28.82
CA SER H 146 85.34 53.65 -27.65
C SER H 146 85.12 55.15 -27.63
N GLY H 147 84.40 55.72 -28.61
CA GLY H 147 84.28 57.17 -28.68
C GLY H 147 83.41 57.77 -27.57
N ASP H 148 82.14 57.38 -27.51
CA ASP H 148 81.25 57.87 -26.47
C ASP H 148 80.58 56.70 -25.79
N TRP H 149 80.10 56.92 -24.57
CA TRP H 149 79.49 55.88 -23.78
C TRP H 149 78.01 56.14 -23.55
N ILE H 150 77.33 56.74 -24.53
CA ILE H 150 75.99 57.26 -24.27
C ILE H 150 75.00 56.12 -24.05
N LYS H 151 75.02 55.15 -24.96
CA LYS H 151 74.07 54.04 -24.83
C LYS H 151 74.43 53.15 -23.64
N LEU H 152 75.73 52.97 -23.39
CA LEU H 152 76.12 52.23 -22.20
C LEU H 152 75.57 52.90 -20.95
N GLN H 153 75.79 54.21 -20.82
CA GLN H 153 75.33 54.93 -19.63
C GLN H 153 73.83 54.79 -19.47
N GLN H 154 73.08 54.91 -20.56
CA GLN H 154 71.64 54.76 -20.43
C GLN H 154 71.25 53.32 -20.08
N LEU H 155 72.10 52.33 -20.37
CA LEU H 155 71.84 51.00 -19.85
C LEU H 155 72.08 50.91 -18.35
N ILE H 156 73.11 51.63 -17.86
CA ILE H 156 73.34 51.66 -16.43
C ILE H 156 72.22 52.39 -15.70
N ASP H 157 71.56 53.33 -16.38
CA ASP H 157 70.49 54.11 -15.78
C ASP H 157 69.17 53.35 -15.69
N GLY H 158 69.09 52.17 -16.32
CA GLY H 158 67.88 51.38 -16.30
C GLY H 158 66.90 51.74 -17.40
N LEU H 159 67.42 52.01 -18.60
CA LEU H 159 66.61 52.43 -19.75
C LEU H 159 66.84 51.43 -20.87
N PRO H 160 66.15 50.27 -20.79
CA PRO H 160 66.47 49.15 -21.69
C PRO H 160 66.18 49.41 -23.15
N ARG H 161 65.33 50.38 -23.49
CA ARG H 161 64.92 50.60 -24.87
C ARG H 161 66.05 51.32 -25.62
N ILE H 162 66.80 50.54 -26.40
CA ILE H 162 67.99 51.05 -27.06
C ILE H 162 67.69 51.48 -28.49
N PHE H 163 66.90 50.70 -29.22
CA PHE H 163 66.43 51.10 -30.53
C PHE H 163 65.11 51.85 -30.47
N GLY H 164 64.57 52.08 -29.26
CA GLY H 164 63.31 52.80 -29.10
C GLY H 164 62.14 52.01 -28.51
N SER I 1 67.17 35.64 -60.33
CA SER I 1 66.65 35.60 -61.69
C SER I 1 65.15 35.36 -61.69
N TYR I 2 64.68 34.63 -60.67
CA TYR I 2 63.26 34.33 -60.51
C TYR I 2 62.41 35.60 -60.48
N THR I 3 61.35 35.61 -61.27
CA THR I 3 60.36 36.68 -61.20
C THR I 3 59.00 36.09 -60.86
N ILE I 4 58.18 36.92 -60.22
CA ILE I 4 56.81 36.57 -59.85
C ILE I 4 55.88 37.28 -60.82
N ASP I 5 55.04 36.51 -61.49
CA ASP I 5 54.02 37.03 -62.38
C ASP I 5 52.67 36.79 -61.74
N ILE I 6 51.92 37.87 -61.51
CA ILE I 6 50.52 37.71 -61.17
C ILE I 6 49.81 37.11 -62.37
N ASN I 7 49.03 36.07 -62.13
CA ASN I 7 48.34 35.41 -63.24
C ASN I 7 46.94 36.00 -63.39
N CYS I 8 46.87 37.33 -63.55
CA CYS I 8 45.60 38.03 -63.52
C CYS I 8 45.41 38.87 -64.77
N SER I 9 44.21 39.41 -64.91
CA SER I 9 43.89 40.41 -65.93
C SER I 9 43.88 41.79 -65.29
N THR I 10 44.69 42.69 -65.82
CA THR I 10 44.76 44.07 -65.37
C THR I 10 44.65 45.01 -66.55
N GLY I 11 44.20 46.23 -66.25
CA GLY I 11 43.95 47.23 -67.26
C GLY I 11 45.04 48.30 -67.31
N ASP I 12 44.78 49.29 -68.15
CA ASP I 12 45.67 50.44 -68.30
C ASP I 12 45.28 51.59 -67.41
N THR I 13 44.01 51.70 -67.06
CA THR I 13 43.50 52.86 -66.36
C THR I 13 43.79 52.76 -64.87
N GLN I 14 43.88 53.90 -64.21
CA GLN I 14 44.08 53.94 -62.77
C GLN I 14 43.19 55.01 -62.16
N ALA I 15 42.89 54.82 -60.87
CA ALA I 15 41.98 55.70 -60.15
C ALA I 15 42.42 55.85 -58.71
N ASN I 16 42.14 57.03 -58.14
CA ASN I 16 42.50 57.34 -56.77
C ASN I 16 41.35 56.96 -55.82
N LEU I 17 41.58 55.97 -54.96
CA LEU I 17 40.73 55.73 -53.80
C LEU I 17 41.34 56.51 -52.65
N VAL I 18 40.68 57.59 -52.24
CA VAL I 18 41.33 58.57 -51.37
C VAL I 18 40.97 58.30 -49.92
N LEU I 19 42.00 57.98 -49.15
CA LEU I 19 41.89 57.62 -47.75
C LEU I 19 42.13 58.84 -46.88
N THR I 20 41.31 58.99 -45.86
CA THR I 20 41.48 59.99 -44.83
C THR I 20 42.12 59.33 -43.63
N GLU I 21 43.15 59.98 -43.05
CA GLU I 21 44.01 59.32 -42.08
C GLU I 21 43.27 59.04 -40.78
N ILE I 22 43.69 57.96 -40.11
CA ILE I 22 43.13 57.56 -38.82
C ILE I 22 44.23 57.77 -37.79
N PRO I 23 44.13 58.79 -36.94
CA PRO I 23 45.22 59.09 -35.99
C PRO I 23 45.41 57.96 -35.00
N ALA I 24 46.67 57.61 -34.74
CA ALA I 24 46.93 56.51 -33.82
C ALA I 24 46.76 56.95 -32.38
N GLU I 25 47.14 58.20 -32.09
CA GLU I 25 47.11 58.76 -30.73
C GLU I 25 45.88 58.40 -29.90
N PRO I 26 44.65 58.41 -30.44
CA PRO I 26 43.48 58.10 -29.59
C PRO I 26 43.23 56.63 -29.29
N TYR I 27 43.85 55.68 -29.98
CA TYR I 27 43.48 54.28 -29.79
C TYR I 27 44.15 53.68 -28.55
N VAL I 28 43.47 52.72 -27.93
CA VAL I 28 43.94 52.13 -26.67
C VAL I 28 43.69 50.62 -26.67
N HIS I 29 44.70 49.85 -26.28
CA HIS I 29 44.57 48.40 -26.15
C HIS I 29 43.45 48.02 -25.18
N VAL I 30 42.62 47.06 -25.59
CA VAL I 30 41.48 46.65 -24.77
C VAL I 30 41.52 45.15 -24.48
N SER I 31 42.06 44.36 -25.39
CA SER I 31 42.06 42.92 -25.18
C SER I 31 42.98 42.26 -26.19
N GLY I 32 43.46 41.07 -25.81
CA GLY I 32 44.37 40.27 -26.60
C GLY I 32 45.76 40.28 -26.02
N ASP I 33 46.69 39.67 -26.75
CA ASP I 33 48.10 39.67 -26.44
C ASP I 33 48.86 40.44 -27.51
N ASN I 34 49.89 41.19 -27.10
CA ASN I 34 50.68 41.97 -28.05
C ASN I 34 51.45 41.08 -29.04
N LYS I 35 51.36 39.76 -28.93
CA LYS I 35 52.02 38.83 -29.83
C LYS I 35 51.15 38.46 -31.03
N SER I 36 49.94 37.94 -30.77
CA SER I 36 49.08 37.43 -31.84
C SER I 36 47.95 38.38 -32.21
N THR I 37 47.10 38.76 -31.26
CA THR I 37 45.86 39.47 -31.56
C THR I 37 45.69 40.65 -30.61
N ILE I 38 45.30 41.81 -31.16
CA ILE I 38 45.18 43.05 -30.40
C ILE I 38 43.91 43.78 -30.83
N GLU I 39 43.19 44.35 -29.86
CA GLU I 39 41.96 45.08 -30.14
C GLU I 39 42.08 46.50 -29.58
N TYR I 40 42.12 47.49 -30.47
CA TYR I 40 42.18 48.89 -30.05
C TYR I 40 40.80 49.51 -29.98
N LEU I 41 40.66 50.46 -29.04
CA LEU I 41 39.45 51.24 -28.84
C LEU I 41 39.73 52.70 -29.15
N ASP I 42 38.92 53.30 -30.01
CA ASP I 42 38.98 54.71 -30.33
C ASP I 42 38.36 55.48 -29.16
N THR I 43 39.22 56.05 -28.30
CA THR I 43 38.75 56.94 -27.24
C THR I 43 38.19 58.25 -27.76
N GLY I 44 38.23 58.48 -29.08
CA GLY I 44 37.66 59.69 -29.65
C GLY I 44 36.16 59.57 -29.87
N SER I 45 35.50 58.74 -29.07
CA SER I 45 34.08 58.47 -29.23
C SER I 45 33.32 58.96 -28.00
N ASP I 46 32.01 58.73 -28.03
CA ASP I 46 31.15 59.17 -26.94
C ASP I 46 31.43 58.37 -25.67
N ASN I 47 31.44 59.07 -24.52
CA ASN I 47 31.57 58.39 -23.24
C ASN I 47 30.33 57.55 -22.93
N SER I 48 29.14 58.09 -23.26
CA SER I 48 27.88 57.69 -22.65
C SER I 48 27.23 56.48 -23.30
N LEU I 49 27.95 55.79 -24.17
CA LEU I 49 27.46 54.59 -24.83
C LEU I 49 28.21 53.38 -24.33
N LEU I 50 27.50 52.25 -24.21
CA LEU I 50 28.18 51.01 -23.89
C LEU I 50 28.98 50.48 -25.08
N VAL I 51 28.73 51.01 -26.28
CA VAL I 51 29.47 50.63 -27.48
C VAL I 51 30.33 51.79 -27.91
N ARG I 52 31.56 51.48 -28.31
CA ARG I 52 32.49 52.49 -28.80
C ARG I 52 33.31 51.86 -29.92
N PRO I 53 33.76 52.69 -30.87
CA PRO I 53 34.44 52.15 -32.06
C PRO I 53 35.76 51.49 -31.71
N THR I 54 35.98 50.34 -32.34
CA THR I 54 37.11 49.48 -32.03
C THR I 54 37.60 48.83 -33.31
N GLN I 55 38.92 48.85 -33.51
CA GLN I 55 39.51 48.14 -34.64
C GLN I 55 40.50 47.11 -34.14
N GLN I 56 40.40 45.91 -34.67
CA GLN I 56 41.18 44.78 -34.21
C GLN I 56 42.13 44.34 -35.31
N PHE I 57 43.33 43.90 -34.90
CA PHE I 57 44.35 43.35 -35.78
C PHE I 57 44.81 41.99 -35.27
N ASN I 58 45.11 41.08 -36.20
CA ASN I 58 45.30 39.68 -35.86
C ASN I 58 46.16 39.04 -36.94
N CYS I 59 47.38 38.58 -36.58
CA CYS I 59 48.30 37.96 -37.52
C CYS I 59 48.55 36.50 -37.17
N VAL I 60 48.78 35.68 -38.20
CA VAL I 60 49.15 34.27 -38.07
C VAL I 60 50.07 33.89 -39.22
N SER I 61 50.74 32.74 -39.07
CA SER I 61 51.71 32.28 -40.06
C SER I 61 51.85 30.77 -39.94
N SER I 62 52.19 30.14 -41.07
CA SER I 62 52.23 28.68 -41.14
C SER I 62 53.32 28.23 -42.10
N GLN I 63 53.92 27.09 -41.76
CA GLN I 63 54.96 26.45 -42.55
C GLN I 63 54.39 25.57 -43.67
N TYR I 64 53.08 25.50 -43.79
CA TYR I 64 52.41 24.61 -44.74
C TYR I 64 51.50 25.43 -45.63
N PRO I 65 52.08 26.22 -46.54
CA PRO I 65 51.28 27.22 -47.26
C PRO I 65 50.30 26.61 -48.25
N TYR I 66 50.47 25.34 -48.61
CA TYR I 66 49.62 24.68 -49.59
C TYR I 66 48.57 23.78 -48.95
N ARG I 67 48.28 24.00 -47.66
CA ARG I 67 47.45 23.04 -46.93
C ARG I 67 46.05 22.94 -47.52
N ASN I 68 45.45 24.08 -47.86
CA ASN I 68 44.09 24.08 -48.39
C ASN I 68 44.04 24.09 -49.91
N TYR I 69 45.17 24.34 -50.57
CA TYR I 69 45.21 24.40 -52.03
C TYR I 69 45.63 23.04 -52.59
N SER I 70 44.66 22.11 -52.54
CA SER I 70 44.93 20.72 -52.87
C SER I 70 45.26 20.54 -54.35
N LYS I 71 44.75 21.41 -55.21
CA LYS I 71 44.84 21.24 -56.66
C LYS I 71 46.16 21.76 -57.25
N ILE I 72 47.14 22.08 -56.43
CA ILE I 72 48.48 22.41 -56.91
C ILE I 72 49.36 21.18 -56.68
N PRO I 73 50.00 20.64 -57.71
CA PRO I 73 50.87 19.47 -57.52
C PRO I 73 52.15 19.83 -56.78
N ARG I 74 52.75 18.81 -56.16
CA ARG I 74 54.00 19.03 -55.44
C ARG I 74 55.11 19.49 -56.36
N SER I 75 55.09 19.07 -57.63
CA SER I 75 56.05 19.55 -58.60
C SER I 75 55.97 21.06 -58.82
N GLN I 76 54.91 21.71 -58.36
CA GLN I 76 54.75 23.15 -58.52
C GLN I 76 54.62 23.88 -57.19
N GLN I 77 54.86 23.19 -56.07
CA GLN I 77 54.81 23.80 -54.75
C GLN I 77 56.22 24.25 -54.34
N ASP I 78 56.40 25.55 -54.13
CA ASP I 78 57.69 26.11 -53.72
C ASP I 78 58.00 25.72 -52.28
N PRO I 79 59.00 24.87 -52.04
CA PRO I 79 59.24 24.38 -50.67
C PRO I 79 59.78 25.44 -49.73
N LEU I 80 60.42 26.48 -50.27
CA LEU I 80 60.88 27.58 -49.43
C LEU I 80 59.71 28.43 -48.95
N ALA I 81 58.62 28.47 -49.71
CA ALA I 81 57.54 29.42 -49.47
C ALA I 81 56.78 29.08 -48.20
N VAL I 82 56.21 30.12 -47.59
CA VAL I 82 55.63 30.10 -46.25
C VAL I 82 54.39 30.98 -46.24
N ARG I 83 53.38 30.59 -45.45
CA ARG I 83 52.11 31.32 -45.42
C ARG I 83 52.10 32.41 -44.35
N ARG I 84 51.79 33.64 -44.77
CA ARG I 84 51.61 34.78 -43.88
C ARG I 84 50.16 35.26 -44.00
N GLU I 85 49.55 35.67 -42.88
CA GLU I 85 48.15 36.08 -42.94
C GLU I 85 47.89 37.12 -41.86
N PHE I 86 47.04 38.10 -42.19
CA PHE I 86 46.55 39.07 -41.23
C PHE I 86 45.07 39.32 -41.44
N TYR I 87 44.44 39.89 -40.40
CA TYR I 87 43.00 40.11 -40.34
C TYR I 87 42.75 41.37 -39.56
N THR I 88 42.00 42.30 -40.16
CA THR I 88 41.57 43.49 -39.45
C THR I 88 40.06 43.52 -39.45
N ARG I 89 39.48 43.99 -38.34
CA ARG I 89 38.04 44.16 -38.23
C ARG I 89 37.75 45.47 -37.52
N ARG I 90 37.17 46.43 -38.24
CA ARG I 90 36.78 47.71 -37.68
C ARG I 90 35.27 47.69 -37.45
N VAL I 91 34.87 48.01 -36.23
CA VAL I 91 33.48 48.21 -35.86
C VAL I 91 33.37 49.66 -35.44
N GLU I 92 32.51 50.42 -36.12
CA GLU I 92 32.19 51.76 -35.66
C GLU I 92 30.68 51.86 -35.46
N TYR I 93 30.28 52.64 -34.46
CA TYR I 93 28.88 52.80 -34.10
C TYR I 93 28.48 54.25 -34.38
N TRP I 94 27.67 54.45 -35.42
CA TRP I 94 27.25 55.79 -35.79
C TRP I 94 26.12 56.28 -34.90
N ARG I 95 25.90 57.58 -34.96
CA ARG I 95 25.00 58.30 -34.07
C ARG I 95 24.08 59.14 -34.96
N LYS I 96 22.80 58.78 -35.03
CA LYS I 96 21.87 59.58 -35.83
C LYS I 96 20.97 60.40 -34.93
N ALA I 97 20.81 61.67 -35.30
CA ALA I 97 19.94 62.61 -34.61
C ALA I 97 19.90 63.92 -35.39
N ASP I 98 18.85 64.70 -35.16
CA ASP I 98 18.76 66.05 -35.71
C ASP I 98 18.85 67.05 -34.57
N ALA I 99 19.65 68.09 -34.78
CA ALA I 99 19.78 69.14 -33.77
C ALA I 99 18.55 70.04 -33.75
N SER I 100 17.78 70.05 -34.83
CA SER I 100 16.56 70.85 -34.88
C SER I 100 15.54 70.39 -33.84
N ASN I 101 15.41 69.09 -33.66
CA ASN I 101 14.38 68.50 -32.79
C ASN I 101 15.08 67.66 -31.74
N VAL I 102 15.23 68.20 -30.53
CA VAL I 102 15.85 67.44 -29.44
C VAL I 102 14.87 66.48 -28.80
N ASP I 103 13.56 66.64 -29.07
CA ASP I 103 12.59 65.63 -28.67
C ASP I 103 12.77 64.34 -29.46
N ALA I 104 13.20 64.45 -30.71
CA ALA I 104 13.32 63.26 -31.56
C ALA I 104 14.44 62.37 -31.06
N PRO I 105 14.23 61.06 -31.00
CA PRO I 105 15.18 60.18 -30.32
C PRO I 105 16.45 59.99 -31.14
N GLU I 106 17.54 59.73 -30.42
CA GLU I 106 18.84 59.48 -31.03
C GLU I 106 19.05 57.97 -31.15
N TYR I 107 19.65 57.54 -32.26
CA TYR I 107 19.83 56.12 -32.50
C TYR I 107 21.30 55.80 -32.76
N THR I 108 21.67 54.57 -32.41
CA THR I 108 22.99 54.02 -32.66
C THR I 108 22.91 53.06 -33.84
N LEU I 109 23.76 53.30 -34.85
CA LEU I 109 23.75 52.52 -36.09
C LEU I 109 25.05 51.77 -36.21
N PRO I 110 25.10 50.47 -35.91
CA PRO I 110 26.36 49.73 -36.02
C PRO I 110 26.75 49.40 -37.45
N GLN I 111 28.05 49.50 -37.69
CA GLN I 111 28.68 49.27 -38.99
C GLN I 111 29.96 48.51 -38.71
N SER I 112 30.29 47.52 -39.56
CA SER I 112 31.48 46.70 -39.34
C SER I 112 32.04 46.24 -40.67
N CYS I 113 33.36 46.16 -40.73
CA CYS I 113 34.06 45.82 -41.98
C CYS I 113 35.35 45.09 -41.65
N SER I 114 35.63 44.00 -42.37
CA SER I 114 36.78 43.17 -42.08
C SER I 114 37.52 42.79 -43.35
N ILE I 115 38.85 42.78 -43.25
CA ILE I 115 39.73 42.41 -44.35
C ILE I 115 40.64 41.28 -43.87
N ARG I 116 40.69 40.21 -44.66
CA ARG I 116 41.57 39.07 -44.37
C ARG I 116 42.48 38.86 -45.56
N LEU I 117 43.79 38.99 -45.34
CA LEU I 117 44.79 38.77 -46.38
C LEU I 117 45.66 37.59 -46.00
N ALA I 118 45.72 36.60 -46.87
CA ALA I 118 46.57 35.43 -46.67
C ALA I 118 47.40 35.27 -47.95
N SER I 119 48.71 35.47 -47.83
CA SER I 119 49.64 35.34 -48.94
C SER I 119 50.57 34.15 -48.71
N THR I 120 50.99 33.51 -49.79
CA THR I 120 52.18 32.67 -49.68
C THR I 120 53.37 33.53 -50.10
N VAL I 121 54.29 33.75 -49.16
CA VAL I 121 55.48 34.55 -49.37
C VAL I 121 56.63 33.62 -49.71
N THR I 122 57.46 34.05 -50.66
CA THR I 122 58.74 33.42 -50.94
C THR I 122 59.80 34.52 -50.95
N LYS I 123 61.05 34.13 -51.23
CA LYS I 123 62.17 35.07 -51.16
C LYS I 123 61.90 36.31 -52.02
N GLU I 124 61.27 36.12 -53.17
CA GLU I 124 61.06 37.19 -54.14
C GLU I 124 59.75 37.94 -53.94
N THR I 125 58.86 37.44 -53.09
CA THR I 125 57.62 38.15 -52.79
C THR I 125 57.93 39.46 -52.08
N THR I 126 57.41 40.56 -52.60
CA THR I 126 57.71 41.88 -52.08
C THR I 126 56.50 42.51 -51.38
N ALA I 127 56.80 43.57 -50.64
CA ALA I 127 55.76 44.39 -50.03
C ALA I 127 54.73 44.80 -51.07
N ALA I 128 55.20 45.39 -52.17
CA ALA I 128 54.30 45.90 -53.20
C ALA I 128 53.49 44.76 -53.83
N ASP I 129 54.12 43.61 -54.05
CA ASP I 129 53.39 42.46 -54.58
C ASP I 129 52.23 42.08 -53.68
N ILE I 130 52.45 42.10 -52.36
CA ILE I 130 51.36 41.70 -51.48
C ILE I 130 50.30 42.79 -51.40
N ALA I 131 50.70 44.06 -51.49
CA ALA I 131 49.71 45.13 -51.58
C ALA I 131 48.85 45.00 -52.83
N GLY I 132 49.44 44.51 -53.91
CA GLY I 132 48.73 44.40 -55.17
C GLY I 132 47.45 43.58 -55.06
N ILE I 133 47.46 42.53 -54.24
CA ILE I 133 46.28 41.68 -54.19
C ILE I 133 45.13 42.39 -53.49
N VAL I 134 45.44 43.17 -52.45
CA VAL I 134 44.41 44.00 -51.83
C VAL I 134 43.86 45.00 -52.83
N LEU I 135 44.75 45.64 -53.59
CA LEU I 135 44.29 46.65 -54.54
C LEU I 135 43.42 46.04 -55.63
N ARG I 136 43.79 44.86 -56.13
CA ARG I 136 42.99 44.19 -57.16
C ARG I 136 41.72 43.59 -56.60
N THR I 137 41.67 43.32 -55.29
CA THR I 137 40.41 42.92 -54.67
C THR I 137 39.46 44.10 -54.57
N LEU I 138 40.01 45.30 -54.34
CA LEU I 138 39.16 46.48 -54.22
C LEU I 138 38.67 46.98 -55.57
N ALA I 139 39.53 46.94 -56.59
CA ALA I 139 39.20 47.59 -57.86
C ALA I 139 37.87 47.18 -58.48
N PRO I 140 37.38 45.94 -58.36
CA PRO I 140 36.04 45.65 -58.89
C PRO I 140 34.94 46.43 -58.19
N ILE I 141 35.08 46.67 -56.88
CA ILE I 141 34.08 47.41 -56.12
C ILE I 141 34.23 48.93 -56.34
N PHE I 142 35.45 49.42 -56.58
CA PHE I 142 35.71 50.85 -56.72
C PHE I 142 36.36 51.09 -58.09
N PRO I 143 35.61 50.90 -59.18
CA PRO I 143 36.23 51.01 -60.50
C PRO I 143 36.75 52.41 -60.81
N ASN I 144 36.22 53.44 -60.15
CA ASN I 144 36.70 54.81 -60.30
C ASN I 144 37.24 55.36 -59.00
N GLY I 145 37.50 54.49 -58.02
CA GLY I 145 38.07 54.95 -56.77
C GLY I 145 37.05 55.78 -56.03
N SER I 146 37.47 56.91 -55.49
CA SER I 146 36.53 57.78 -54.81
C SER I 146 35.59 58.52 -55.77
N GLY I 147 35.81 58.42 -57.09
CA GLY I 147 35.07 59.25 -58.03
C GLY I 147 33.56 59.04 -58.00
N ASP I 148 33.11 57.80 -57.87
CA ASP I 148 31.71 57.45 -57.74
C ASP I 148 31.60 56.24 -56.82
N TRP I 149 30.37 55.90 -56.44
CA TRP I 149 30.16 54.76 -55.56
C TRP I 149 29.21 53.74 -56.17
N ILE I 150 29.16 53.66 -57.51
CA ILE I 150 28.04 52.98 -58.15
C ILE I 150 28.05 51.49 -57.88
N LYS I 151 29.22 50.86 -58.04
CA LYS I 151 29.28 49.42 -57.83
C LYS I 151 29.10 49.08 -56.36
N LEU I 152 29.63 49.91 -55.46
CA LEU I 152 29.39 49.69 -54.04
C LEU I 152 27.91 49.77 -53.73
N GLN I 153 27.22 50.75 -54.31
CA GLN I 153 25.78 50.88 -54.12
C GLN I 153 25.05 49.63 -54.60
N GLN I 154 25.48 49.07 -55.74
CA GLN I 154 24.89 47.81 -56.20
C GLN I 154 25.08 46.70 -55.18
N LEU I 155 26.28 46.60 -54.61
CA LEU I 155 26.54 45.59 -53.60
C LEU I 155 25.60 45.74 -52.41
N ILE I 156 25.42 46.97 -51.95
CA ILE I 156 24.51 47.19 -50.83
C ILE I 156 23.07 46.86 -51.22
N ASP I 157 22.65 47.30 -52.41
CA ASP I 157 21.32 47.00 -52.94
C ASP I 157 21.08 45.51 -53.08
N GLY I 158 22.14 44.71 -53.10
CA GLY I 158 22.03 43.27 -53.14
C GLY I 158 22.25 42.63 -54.48
N LEU I 159 23.00 43.29 -55.38
CA LEU I 159 23.16 42.89 -56.77
C LEU I 159 24.56 42.36 -57.01
N PRO I 160 24.81 41.08 -56.76
CA PRO I 160 26.20 40.58 -56.69
C PRO I 160 26.89 40.47 -58.03
N ARG I 161 26.16 40.53 -59.14
CA ARG I 161 26.75 40.43 -60.48
C ARG I 161 27.48 41.74 -60.81
N ILE I 162 28.75 41.80 -60.40
CA ILE I 162 29.55 43.01 -60.60
C ILE I 162 30.26 43.01 -61.95
N PHE I 163 30.67 41.84 -62.43
CA PHE I 163 31.28 41.74 -63.74
C PHE I 163 30.26 41.42 -64.81
N GLY I 164 28.97 41.62 -64.51
CA GLY I 164 27.91 41.29 -65.44
C GLY I 164 27.37 39.89 -65.21
N SER J 1 11.56 33.80 -110.87
CA SER J 1 12.34 32.59 -110.60
C SER J 1 12.97 32.69 -109.21
N TYR J 2 12.79 31.62 -108.43
CA TYR J 2 13.12 31.65 -107.01
C TYR J 2 14.59 31.99 -106.76
N THR J 3 14.84 32.83 -105.75
CA THR J 3 16.18 33.10 -105.26
C THR J 3 16.23 32.79 -103.76
N ILE J 4 17.43 32.48 -103.29
CA ILE J 4 17.68 32.10 -101.90
C ILE J 4 18.38 33.26 -101.19
N ASP J 5 17.73 33.80 -100.17
CA ASP J 5 18.29 34.83 -99.31
C ASP J 5 18.83 34.17 -98.05
N ILE J 6 20.14 34.31 -97.80
CA ILE J 6 20.63 33.90 -96.49
C ILE J 6 20.21 34.97 -95.50
N ASN J 7 19.17 34.69 -94.74
CA ASN J 7 18.67 35.63 -93.76
C ASN J 7 19.73 35.72 -92.67
N CYS J 8 20.56 36.77 -92.72
CA CYS J 8 21.81 36.74 -91.97
C CYS J 8 22.52 38.08 -92.14
N SER J 9 23.48 38.34 -91.26
CA SER J 9 24.31 39.55 -91.32
C SER J 9 25.70 39.19 -91.84
N THR J 10 26.07 39.75 -93.00
CA THR J 10 27.40 39.61 -93.57
C THR J 10 28.08 40.98 -93.64
N GLY J 11 29.40 40.93 -93.84
CA GLY J 11 30.22 42.12 -93.84
C GLY J 11 30.92 42.33 -95.18
N ASP J 12 31.60 43.46 -95.35
CA ASP J 12 32.28 43.70 -96.62
C ASP J 12 33.65 43.05 -96.66
N THR J 13 34.35 43.00 -95.54
CA THR J 13 35.73 42.54 -95.48
C THR J 13 35.84 41.02 -95.68
N GLN J 14 37.00 40.56 -96.15
CA GLN J 14 37.23 39.12 -96.28
C GLN J 14 38.64 38.80 -95.80
N ALA J 15 38.77 37.65 -95.15
CA ALA J 15 40.06 37.15 -94.69
C ALA J 15 40.36 35.80 -95.32
N ASN J 16 41.65 35.47 -95.36
CA ASN J 16 42.11 34.17 -95.84
C ASN J 16 42.39 33.27 -94.63
N LEU J 17 41.67 32.15 -94.55
CA LEU J 17 42.02 31.06 -93.65
C LEU J 17 42.87 30.10 -94.48
N VAL J 18 44.16 30.03 -94.16
CA VAL J 18 45.11 29.32 -95.02
C VAL J 18 45.16 27.86 -94.59
N LEU J 19 44.62 26.99 -95.44
CA LEU J 19 44.62 25.56 -95.19
C LEU J 19 45.84 24.95 -95.84
N THR J 20 46.49 24.04 -95.13
CA THR J 20 47.56 23.23 -95.70
C THR J 20 47.00 21.87 -96.07
N GLU J 21 47.31 21.42 -97.29
CA GLU J 21 46.68 20.21 -97.80
C GLU J 21 47.05 19.01 -96.95
N ILE J 22 46.22 17.98 -97.03
CA ILE J 22 46.49 16.71 -96.38
C ILE J 22 46.50 15.65 -97.46
N PRO J 23 47.65 15.03 -97.75
CA PRO J 23 47.74 14.14 -98.92
C PRO J 23 46.91 12.88 -98.71
N ALA J 24 46.19 12.48 -99.75
CA ALA J 24 45.29 11.34 -99.62
C ALA J 24 46.04 10.01 -99.63
N GLU J 25 47.23 9.97 -100.23
CA GLU J 25 47.94 8.70 -100.33
C GLU J 25 48.14 8.01 -98.98
N PRO J 26 48.62 8.67 -97.92
CA PRO J 26 48.90 7.93 -96.69
C PRO J 26 47.65 7.42 -95.97
N TYR J 27 46.43 7.82 -96.34
CA TYR J 27 45.26 7.37 -95.58
C TYR J 27 44.80 6.00 -96.06
N VAL J 28 44.44 5.15 -95.11
CA VAL J 28 44.02 3.76 -95.37
C VAL J 28 42.62 3.54 -94.81
N HIS J 29 41.71 3.10 -95.68
CA HIS J 29 40.37 2.71 -95.25
C HIS J 29 40.46 1.60 -94.21
N VAL J 30 39.78 1.80 -93.08
CA VAL J 30 39.85 0.90 -91.94
C VAL J 30 38.51 0.25 -91.65
N SER J 31 37.44 1.04 -91.56
CA SER J 31 36.14 0.53 -91.19
C SER J 31 35.04 1.32 -91.87
N GLY J 32 33.94 0.64 -92.16
CA GLY J 32 32.67 1.32 -92.41
C GLY J 32 32.17 1.20 -93.84
N ASP J 33 30.84 1.14 -93.98
CA ASP J 33 30.13 1.20 -95.26
C ASP J 33 29.98 2.65 -95.70
N ASN J 34 29.29 2.84 -96.84
CA ASN J 34 28.62 4.12 -97.05
C ASN J 34 27.44 4.25 -96.11
N LYS J 35 26.80 3.12 -95.76
CA LYS J 35 25.69 3.11 -94.81
C LYS J 35 26.18 3.35 -93.38
N SER J 36 27.41 2.98 -93.09
CA SER J 36 28.03 3.23 -91.80
C SER J 36 28.92 4.47 -91.91
N THR J 37 29.76 4.71 -90.90
CA THR J 37 30.75 5.79 -90.95
C THR J 37 32.09 5.30 -91.49
N ILE J 38 32.61 5.94 -92.54
CA ILE J 38 33.91 5.61 -93.11
C ILE J 38 35.02 6.11 -92.19
N GLU J 39 36.05 5.29 -92.00
CA GLU J 39 37.15 5.63 -91.10
C GLU J 39 38.48 5.42 -91.81
N TYR J 40 39.36 6.43 -91.75
CA TYR J 40 40.69 6.33 -92.33
C TYR J 40 41.75 6.49 -91.27
N LEU J 41 42.84 5.74 -91.46
CA LEU J 41 44.05 5.82 -90.64
C LEU J 41 45.13 6.55 -91.41
N ASP J 42 45.73 7.57 -90.78
CA ASP J 42 46.88 8.28 -91.33
C ASP J 42 48.12 7.45 -91.02
N THR J 43 48.62 6.72 -92.02
CA THR J 43 49.76 5.82 -91.83
C THR J 43 51.09 6.55 -91.83
N GLY J 44 51.08 7.86 -92.07
CA GLY J 44 52.28 8.65 -91.94
C GLY J 44 52.42 9.15 -90.53
N SER J 45 52.41 8.24 -89.56
CA SER J 45 52.53 8.57 -88.15
C SER J 45 53.58 7.67 -87.50
N ASP J 46 53.90 7.97 -86.24
CA ASP J 46 54.85 7.14 -85.53
C ASP J 46 54.23 5.77 -85.31
N ASN J 47 54.80 4.78 -85.98
CA ASN J 47 54.38 3.39 -85.84
C ASN J 47 54.52 2.91 -84.41
N SER J 48 55.49 3.45 -83.66
CA SER J 48 55.81 2.96 -82.33
C SER J 48 54.81 3.41 -81.26
N LEU J 49 53.72 4.04 -81.67
CA LEU J 49 52.59 4.31 -80.81
C LEU J 49 51.44 3.36 -81.16
N LEU J 50 50.72 2.92 -80.15
CA LEU J 50 49.52 2.13 -80.41
C LEU J 50 48.31 2.97 -80.75
N VAL J 51 48.42 4.30 -80.65
CA VAL J 51 47.38 5.21 -81.11
C VAL J 51 47.94 5.95 -82.33
N ARG J 52 47.11 6.10 -83.34
CA ARG J 52 47.53 6.72 -84.58
C ARG J 52 46.41 7.62 -85.08
N PRO J 53 46.74 8.64 -85.88
CA PRO J 53 45.74 9.63 -86.29
C PRO J 53 44.71 9.03 -87.24
N THR J 54 43.45 9.34 -87.00
CA THR J 54 42.36 8.86 -87.83
C THR J 54 41.41 10.00 -88.13
N GLN J 55 40.89 10.03 -89.36
CA GLN J 55 39.76 10.90 -89.64
C GLN J 55 38.61 10.10 -90.22
N GLN J 56 37.39 10.39 -89.79
CA GLN J 56 36.22 9.66 -90.24
C GLN J 56 35.18 10.60 -90.84
N PHE J 57 34.43 10.04 -91.78
CA PHE J 57 33.42 10.75 -92.56
C PHE J 57 32.13 9.92 -92.59
N ASN J 58 31.04 10.54 -92.15
CA ASN J 58 29.71 9.97 -92.17
C ASN J 58 28.78 10.94 -92.86
N CYS J 59 27.84 10.44 -93.65
CA CYS J 59 26.82 11.35 -94.17
C CYS J 59 25.50 10.62 -94.34
N VAL J 60 24.41 11.35 -94.07
CA VAL J 60 23.06 10.81 -94.05
C VAL J 60 22.09 11.86 -94.59
N SER J 61 20.96 11.37 -95.10
CA SER J 61 20.02 12.21 -95.82
C SER J 61 18.61 11.79 -95.47
N SER J 62 17.69 12.77 -95.43
CA SER J 62 16.30 12.48 -95.10
C SER J 62 15.34 13.33 -95.92
N GLN J 63 14.17 12.75 -96.19
CA GLN J 63 13.12 13.43 -96.93
C GLN J 63 12.29 14.35 -96.06
N TYR J 64 12.60 14.43 -94.76
CA TYR J 64 11.79 15.17 -93.78
C TYR J 64 12.66 16.24 -93.13
N PRO J 65 12.97 17.32 -93.86
CA PRO J 65 14.04 18.24 -93.43
C PRO J 65 13.65 19.13 -92.28
N TYR J 66 12.35 19.23 -91.97
CA TYR J 66 11.85 20.10 -90.92
C TYR J 66 11.63 19.35 -89.60
N ARG J 67 12.15 18.13 -89.48
CA ARG J 67 11.82 17.31 -88.32
C ARG J 67 12.34 17.93 -87.02
N ASN J 68 13.53 18.51 -87.05
CA ASN J 68 14.12 19.07 -85.84
C ASN J 68 13.66 20.49 -85.55
N TYR J 69 13.18 21.20 -86.56
CA TYR J 69 12.83 22.61 -86.42
C TYR J 69 11.32 22.72 -86.19
N SER J 70 10.94 23.26 -85.04
CA SER J 70 9.56 23.19 -84.61
C SER J 70 8.75 24.41 -85.00
N LYS J 71 9.35 25.60 -85.05
CA LYS J 71 8.59 26.83 -85.17
C LYS J 71 8.52 27.34 -86.61
N ILE J 72 8.62 26.45 -87.58
CA ILE J 72 8.44 26.79 -89.00
C ILE J 72 7.07 26.29 -89.43
N PRO J 73 6.16 27.18 -89.83
CA PRO J 73 4.82 26.74 -90.27
C PRO J 73 4.88 25.92 -91.55
N ARG J 74 3.88 25.04 -91.71
CA ARG J 74 3.80 24.23 -92.92
C ARG J 74 3.68 25.10 -94.16
N SER J 75 2.95 26.22 -94.06
CA SER J 75 2.82 27.13 -95.19
C SER J 75 4.15 27.71 -95.64
N GLN J 76 5.22 27.52 -94.86
CA GLN J 76 6.55 27.99 -95.21
C GLN J 76 7.53 26.84 -95.43
N GLN J 77 7.06 25.60 -95.42
CA GLN J 77 7.92 24.43 -95.61
C GLN J 77 7.94 24.02 -97.09
N ASP J 78 9.12 24.06 -97.71
CA ASP J 78 9.26 23.69 -99.12
C ASP J 78 9.07 22.20 -99.31
N PRO J 79 8.03 21.76 -100.02
CA PRO J 79 7.76 20.31 -100.12
C PRO J 79 8.80 19.57 -100.92
N LEU J 80 9.59 20.27 -101.72
CA LEU J 80 10.68 19.67 -102.47
C LEU J 80 12.00 19.68 -101.71
N ALA J 81 12.03 20.28 -100.54
CA ALA J 81 13.27 20.38 -99.80
C ALA J 81 13.65 19.05 -99.20
N VAL J 82 14.96 18.81 -99.10
CA VAL J 82 15.52 17.57 -98.56
C VAL J 82 16.60 17.96 -97.57
N ARG J 83 16.89 17.05 -96.63
CA ARG J 83 17.92 17.27 -95.62
C ARG J 83 19.16 16.48 -96.01
N ARG J 84 20.28 17.19 -96.16
CA ARG J 84 21.57 16.57 -96.45
C ARG J 84 22.49 16.88 -95.28
N GLU J 85 23.11 15.85 -94.70
CA GLU J 85 23.94 16.02 -93.51
C GLU J 85 25.24 15.27 -93.70
N PHE J 86 26.33 15.85 -93.22
CA PHE J 86 27.62 15.15 -93.17
C PHE J 86 28.35 15.53 -91.90
N TYR J 87 29.31 14.68 -91.52
CA TYR J 87 29.95 14.74 -90.22
C TYR J 87 31.35 14.18 -90.34
N THR J 88 32.35 14.97 -89.97
CA THR J 88 33.72 14.51 -89.97
C THR J 88 34.27 14.65 -88.56
N ARG J 89 35.12 13.70 -88.17
CA ARG J 89 35.82 13.76 -86.88
C ARG J 89 37.27 13.33 -87.10
N ARG J 90 38.19 14.26 -86.85
CA ARG J 90 39.61 14.00 -86.94
C ARG J 90 40.18 13.94 -85.55
N VAL J 91 40.86 12.85 -85.24
CA VAL J 91 41.64 12.71 -84.02
C VAL J 91 43.09 12.60 -84.43
N GLU J 92 43.91 13.50 -83.92
CA GLU J 92 45.35 13.35 -84.03
C GLU J 92 45.96 13.18 -82.64
N TYR J 93 47.17 12.62 -82.62
CA TYR J 93 47.86 12.31 -81.38
C TYR J 93 49.25 12.94 -81.43
N TRP J 94 49.40 14.09 -80.79
CA TRP J 94 50.67 14.80 -80.80
C TRP J 94 51.67 14.11 -79.88
N ARG J 95 52.94 14.46 -80.04
CA ARG J 95 54.01 13.87 -79.25
C ARG J 95 54.90 15.00 -78.76
N LYS J 96 55.08 15.11 -77.45
CA LYS J 96 56.00 16.08 -76.88
C LYS J 96 57.25 15.39 -76.38
N ALA J 97 58.42 15.92 -76.78
CA ALA J 97 59.72 15.45 -76.31
C ALA J 97 60.77 16.52 -76.60
N ASP J 98 61.98 16.33 -76.09
CA ASP J 98 63.06 17.21 -76.50
C ASP J 98 64.32 16.42 -76.82
N ALA J 99 64.95 16.76 -77.96
CA ALA J 99 66.21 16.13 -78.33
C ALA J 99 67.35 16.55 -77.41
N SER J 100 67.14 17.58 -76.59
CA SER J 100 68.17 18.06 -75.68
C SER J 100 68.43 17.06 -74.56
N ASN J 101 67.43 16.26 -74.19
CA ASN J 101 67.51 15.42 -73.01
C ASN J 101 66.99 14.01 -73.34
N VAL J 102 67.90 13.08 -73.61
CA VAL J 102 67.49 11.70 -73.83
C VAL J 102 66.90 11.09 -72.57
N ASP J 103 67.18 11.67 -71.41
CA ASP J 103 66.72 11.14 -70.13
C ASP J 103 65.30 11.56 -69.76
N ALA J 104 64.73 12.54 -70.47
CA ALA J 104 63.42 13.07 -70.07
C ALA J 104 62.31 12.38 -70.85
N PRO J 105 61.18 12.10 -70.20
CA PRO J 105 60.16 11.23 -70.80
C PRO J 105 59.43 11.92 -71.94
N GLU J 106 58.89 11.10 -72.83
CA GLU J 106 58.04 11.57 -73.92
C GLU J 106 56.58 11.37 -73.55
N TYR J 107 55.72 12.28 -74.03
CA TYR J 107 54.30 12.16 -73.76
C TYR J 107 53.53 12.26 -75.06
N THR J 108 52.40 11.56 -75.13
CA THR J 108 51.50 11.66 -76.27
C THR J 108 50.23 12.40 -75.84
N LEU J 109 49.86 13.42 -76.62
CA LEU J 109 48.81 14.38 -76.29
C LEU J 109 47.65 14.28 -77.26
N PRO J 110 46.47 13.82 -76.84
CA PRO J 110 45.36 13.66 -77.79
C PRO J 110 44.60 14.94 -78.09
N GLN J 111 44.21 15.06 -79.37
CA GLN J 111 43.47 16.21 -79.88
C GLN J 111 42.38 15.68 -80.79
N SER J 112 41.18 16.27 -80.70
CA SER J 112 40.07 15.87 -81.56
C SER J 112 39.26 17.08 -82.00
N CYS J 113 38.75 17.02 -83.22
CA CYS J 113 37.94 18.11 -83.77
C CYS J 113 36.90 17.52 -84.70
N SER J 114 35.65 17.97 -84.56
CA SER J 114 34.54 17.38 -85.30
C SER J 114 33.62 18.46 -85.84
N ILE J 115 33.28 18.35 -87.12
CA ILE J 115 32.39 19.29 -87.80
C ILE J 115 31.19 18.53 -88.34
N ARG J 116 29.99 18.98 -87.98
CA ARG J 116 28.73 18.47 -88.49
C ARG J 116 27.98 19.58 -89.22
N LEU J 117 27.38 19.22 -90.35
CA LEU J 117 26.66 20.16 -91.20
C LEU J 117 25.39 19.50 -91.72
N ALA J 118 24.25 20.12 -91.49
CA ALA J 118 22.97 19.66 -92.01
C ALA J 118 22.29 20.83 -92.70
N SER J 119 22.23 20.77 -94.03
CA SER J 119 21.59 21.80 -94.83
C SER J 119 20.25 21.31 -95.34
N THR J 120 19.28 22.23 -95.42
CA THR J 120 18.11 21.98 -96.22
C THR J 120 18.43 22.37 -97.66
N VAL J 121 18.33 21.40 -98.57
CA VAL J 121 18.71 21.57 -99.97
C VAL J 121 17.46 21.49 -100.84
N THR J 122 17.30 22.48 -101.71
CA THR J 122 16.25 22.53 -102.71
C THR J 122 16.89 22.79 -104.06
N LYS J 123 16.06 22.88 -105.10
CA LYS J 123 16.55 23.01 -106.47
C LYS J 123 17.59 24.10 -106.59
N GLU J 124 17.34 25.25 -105.96
CA GLU J 124 18.16 26.45 -106.12
C GLU J 124 19.37 26.48 -105.19
N THR J 125 19.46 25.55 -104.24
CA THR J 125 20.59 25.50 -103.32
C THR J 125 21.82 24.96 -104.05
N THR J 126 22.88 25.77 -104.11
CA THR J 126 24.12 25.37 -104.77
C THR J 126 25.18 24.93 -103.77
N ALA J 127 26.16 24.20 -104.28
CA ALA J 127 27.26 23.73 -103.44
C ALA J 127 27.95 24.90 -102.76
N ALA J 128 28.13 26.00 -103.49
CA ALA J 128 28.67 27.22 -102.89
C ALA J 128 27.79 27.72 -101.76
N ASP J 129 26.47 27.74 -101.97
CA ASP J 129 25.55 28.17 -100.92
C ASP J 129 25.75 27.35 -99.65
N ILE J 130 25.97 26.05 -99.81
CA ILE J 130 26.12 25.19 -98.64
C ILE J 130 27.49 25.38 -98.01
N ALA J 131 28.52 25.62 -98.81
CA ALA J 131 29.82 25.95 -98.23
C ALA J 131 29.75 27.23 -97.40
N GLY J 132 28.88 28.15 -97.83
CA GLY J 132 28.71 29.40 -97.10
C GLY J 132 28.41 29.18 -95.62
N ILE J 133 27.62 28.17 -95.30
CA ILE J 133 27.23 28.01 -93.90
C ILE J 133 28.43 27.60 -93.05
N VAL J 134 29.30 26.74 -93.58
CA VAL J 134 30.52 26.40 -92.86
C VAL J 134 31.42 27.61 -92.74
N LEU J 135 31.53 28.41 -93.82
CA LEU J 135 32.41 29.58 -93.78
C LEU J 135 31.92 30.61 -92.76
N ARG J 136 30.60 30.78 -92.65
CA ARG J 136 30.05 31.72 -91.69
C ARG J 136 30.11 31.17 -90.27
N THR J 137 30.05 29.85 -90.10
CA THR J 137 30.28 29.30 -88.77
C THR J 137 31.71 29.54 -88.33
N LEU J 138 32.68 29.40 -89.24
CA LEU J 138 34.08 29.58 -88.89
C LEU J 138 34.42 31.04 -88.64
N ALA J 139 33.84 31.95 -89.43
CA ALA J 139 34.31 33.34 -89.45
C ALA J 139 34.36 34.03 -88.09
N PRO J 140 33.38 33.88 -87.19
CA PRO J 140 33.49 34.59 -85.89
C PRO J 140 34.71 34.18 -85.08
N ILE J 141 35.12 32.91 -85.16
CA ILE J 141 36.27 32.40 -84.41
C ILE J 141 37.58 32.84 -85.06
N PHE J 142 37.60 32.97 -86.39
CA PHE J 142 38.81 33.34 -87.13
C PHE J 142 38.49 34.61 -87.91
N PRO J 143 38.27 35.73 -87.22
CA PRO J 143 37.82 36.95 -87.92
C PRO J 143 38.88 37.55 -88.82
N ASN J 144 40.14 37.18 -88.65
CA ASN J 144 41.21 37.58 -89.56
C ASN J 144 41.87 36.38 -90.23
N GLY J 145 41.18 35.24 -90.26
CA GLY J 145 41.70 34.11 -90.98
C GLY J 145 42.93 33.57 -90.26
N SER J 146 43.88 33.06 -91.05
CA SER J 146 45.11 32.58 -90.44
C SER J 146 45.94 33.69 -89.83
N GLY J 147 45.51 34.95 -89.96
CA GLY J 147 46.34 36.06 -89.51
C GLY J 147 46.63 36.05 -88.02
N ASP J 148 45.59 36.08 -87.20
CA ASP J 148 45.75 36.07 -85.74
C ASP J 148 44.87 35.00 -85.15
N TRP J 149 45.13 34.68 -83.87
CA TRP J 149 44.41 33.61 -83.20
C TRP J 149 43.70 34.12 -81.95
N ILE J 150 43.30 35.38 -81.95
CA ILE J 150 42.91 36.01 -80.69
C ILE J 150 41.61 35.41 -80.17
N LYS J 151 40.59 35.31 -81.03
CA LYS J 151 39.32 34.77 -80.59
C LYS J 151 39.43 33.28 -80.29
N LEU J 152 40.23 32.56 -81.07
CA LEU J 152 40.45 31.15 -80.76
C LEU J 152 41.09 31.00 -79.39
N GLN J 153 42.09 31.83 -79.11
CA GLN J 153 42.73 31.84 -77.81
C GLN J 153 41.72 32.05 -76.70
N GLN J 154 40.78 32.99 -76.90
CA GLN J 154 39.71 33.18 -75.92
C GLN J 154 38.91 31.91 -75.70
N LEU J 155 38.46 31.29 -76.80
CA LEU J 155 37.67 30.08 -76.68
C LEU J 155 38.41 29.03 -75.86
N ILE J 156 39.73 28.91 -76.06
CA ILE J 156 40.49 27.92 -75.31
C ILE J 156 40.65 28.37 -73.86
N ASP J 157 40.87 29.66 -73.64
CA ASP J 157 40.97 30.24 -72.30
C ASP J 157 39.69 30.10 -71.51
N GLY J 158 38.59 29.71 -72.16
CA GLY J 158 37.33 29.50 -71.46
C GLY J 158 36.38 30.67 -71.49
N LEU J 159 36.51 31.57 -72.45
CA LEU J 159 35.69 32.78 -72.58
C LEU J 159 34.80 32.67 -73.80
N PRO J 160 33.53 32.29 -73.64
CA PRO J 160 32.70 31.92 -74.81
C PRO J 160 32.14 33.09 -75.60
N ARG J 161 32.23 34.32 -75.12
CA ARG J 161 31.51 35.41 -75.78
C ARG J 161 32.40 35.97 -76.90
N ILE J 162 32.30 35.36 -78.08
CA ILE J 162 33.00 35.84 -79.27
C ILE J 162 32.51 37.23 -79.65
N PHE J 163 31.21 37.47 -79.56
CA PHE J 163 30.64 38.73 -79.99
C PHE J 163 30.56 39.77 -78.88
N GLY J 164 30.87 39.40 -77.65
CA GLY J 164 30.84 40.34 -76.54
C GLY J 164 29.60 40.27 -75.67
N SER K 1 62.82 22.73 -73.25
CA SER K 1 63.25 22.36 -74.59
C SER K 1 62.25 21.45 -75.25
N TYR K 2 61.21 21.06 -74.47
CA TYR K 2 60.13 20.23 -75.00
C TYR K 2 59.49 20.87 -76.24
N THR K 3 59.31 20.05 -77.27
CA THR K 3 58.66 20.46 -78.50
C THR K 3 57.49 19.53 -78.79
N ILE K 4 56.48 20.12 -79.40
CA ILE K 4 55.23 19.46 -79.77
C ILE K 4 55.31 19.10 -81.24
N ASP K 5 55.29 17.81 -81.55
CA ASP K 5 55.26 17.32 -82.91
C ASP K 5 53.87 16.78 -83.17
N ILE K 6 53.15 17.40 -84.12
CA ILE K 6 51.93 16.76 -84.60
C ILE K 6 52.32 15.48 -85.30
N ASN K 7 51.58 14.42 -85.04
CA ASN K 7 51.91 13.12 -85.61
C ASN K 7 51.08 12.88 -86.87
N CYS K 8 51.14 13.80 -87.81
CA CYS K 8 50.22 13.80 -88.94
C CYS K 8 50.97 13.72 -90.27
N SER K 9 50.19 13.64 -91.33
CA SER K 9 50.70 13.82 -92.68
C SER K 9 50.27 15.20 -93.16
N THR K 10 51.24 16.02 -93.58
CA THR K 10 50.98 17.36 -94.09
C THR K 10 51.71 17.54 -95.41
N GLY K 11 51.02 18.17 -96.37
CA GLY K 11 51.59 18.43 -97.67
C GLY K 11 52.36 19.72 -97.73
N ASP K 12 52.91 20.00 -98.92
CA ASP K 12 53.63 21.24 -99.17
C ASP K 12 52.74 22.33 -99.76
N THR K 13 51.58 21.96 -100.30
CA THR K 13 50.69 22.85 -101.00
C THR K 13 49.79 23.59 -100.00
N GLN K 14 49.28 24.77 -100.39
CA GLN K 14 48.38 25.51 -99.50
C GLN K 14 47.29 26.16 -100.31
N ALA K 15 46.14 26.38 -99.66
CA ALA K 15 44.97 26.97 -100.31
C ALA K 15 44.32 28.00 -99.39
N ASN K 16 43.61 28.94 -100.00
CA ASN K 16 42.93 30.02 -99.28
C ASN K 16 41.45 29.70 -99.17
N LEU K 17 40.97 29.45 -97.94
CA LEU K 17 39.54 29.35 -97.66
C LEU K 17 39.08 30.74 -97.25
N VAL K 18 38.25 31.37 -98.08
CA VAL K 18 37.98 32.79 -97.97
C VAL K 18 36.77 33.01 -97.07
N LEU K 19 37.01 33.54 -95.88
CA LEU K 19 35.96 33.82 -94.93
C LEU K 19 35.46 35.24 -95.12
N THR K 20 34.15 35.41 -95.16
CA THR K 20 33.56 36.74 -95.16
C THR K 20 33.14 37.08 -93.73
N GLU K 21 33.43 38.32 -93.33
CA GLU K 21 33.33 38.67 -91.92
C GLU K 21 31.88 38.65 -91.45
N ILE K 22 31.70 38.41 -90.16
CA ILE K 22 30.39 38.47 -89.54
C ILE K 22 30.45 39.52 -88.44
N PRO K 23 29.73 40.64 -88.59
CA PRO K 23 29.86 41.74 -87.62
C PRO K 23 29.21 41.42 -86.30
N ALA K 24 29.80 41.94 -85.23
CA ALA K 24 29.24 41.67 -83.90
C ALA K 24 28.11 42.62 -83.56
N GLU K 25 28.11 43.82 -84.15
CA GLU K 25 27.08 44.81 -83.86
C GLU K 25 25.65 44.26 -84.00
N PRO K 26 25.30 43.49 -85.03
CA PRO K 26 23.92 42.98 -85.10
C PRO K 26 23.57 41.90 -84.08
N TYR K 27 24.53 41.37 -83.32
CA TYR K 27 24.24 40.22 -82.46
C TYR K 27 23.80 40.65 -81.07
N VAL K 28 22.91 39.86 -80.48
CA VAL K 28 22.23 40.17 -79.22
C VAL K 28 22.30 38.97 -78.28
N HIS K 29 22.54 39.25 -76.98
CA HIS K 29 22.46 38.23 -75.94
C HIS K 29 21.07 37.59 -75.88
N VAL K 30 21.05 36.27 -75.73
CA VAL K 30 19.81 35.51 -75.61
C VAL K 30 19.76 34.74 -74.30
N SER K 31 20.77 33.91 -74.03
CA SER K 31 20.82 33.15 -72.79
C SER K 31 22.27 33.10 -72.29
N GLY K 32 22.41 32.85 -70.99
CA GLY K 32 23.70 32.67 -70.35
C GLY K 32 24.68 33.79 -70.58
N ASP K 33 24.35 35.00 -70.11
CA ASP K 33 25.14 36.18 -70.43
C ASP K 33 26.56 36.08 -69.86
N ASN K 34 26.68 35.69 -68.60
CA ASN K 34 27.96 35.58 -67.94
C ASN K 34 28.55 34.18 -67.98
N LYS K 35 27.73 33.16 -68.27
CA LYS K 35 28.10 31.78 -68.01
C LYS K 35 29.00 31.22 -69.11
N SER K 36 29.45 29.98 -68.93
CA SER K 36 30.35 29.32 -69.86
C SER K 36 29.68 28.95 -71.18
N THR K 37 28.37 29.14 -71.28
CA THR K 37 27.60 28.89 -72.50
C THR K 37 26.80 30.15 -72.81
N ILE K 38 26.96 30.66 -74.03
CA ILE K 38 26.27 31.86 -74.46
C ILE K 38 25.61 31.58 -75.80
N GLU K 39 24.43 32.17 -76.02
CA GLU K 39 23.70 32.04 -77.27
C GLU K 39 23.37 33.43 -77.79
N TYR K 40 23.79 33.73 -79.02
CA TYR K 40 23.50 35.01 -79.64
C TYR K 40 22.45 34.89 -80.74
N LEU K 41 21.74 35.99 -80.93
CA LEU K 41 20.78 36.14 -82.01
C LEU K 41 21.29 37.20 -82.99
N ASP K 42 21.22 36.89 -84.29
CA ASP K 42 21.52 37.84 -85.36
C ASP K 42 20.24 38.59 -85.67
N THR K 43 20.15 39.85 -85.23
CA THR K 43 18.98 40.66 -85.52
C THR K 43 19.05 41.33 -86.87
N GLY K 44 19.99 40.94 -87.72
CA GLY K 44 19.94 41.37 -89.09
C GLY K 44 19.11 40.41 -89.89
N SER K 45 18.14 39.80 -89.22
CA SER K 45 17.29 38.80 -89.86
C SER K 45 15.88 39.31 -90.02
N ASP K 46 15.10 38.54 -90.79
CA ASP K 46 13.74 38.94 -91.05
C ASP K 46 13.01 39.11 -89.72
N ASN K 47 12.51 40.33 -89.53
CA ASN K 47 11.77 40.67 -88.34
C ASN K 47 10.62 39.70 -88.09
N SER K 48 9.92 39.33 -89.16
CA SER K 48 8.58 38.77 -89.06
C SER K 48 8.53 37.25 -89.00
N LEU K 49 9.66 36.55 -89.04
CA LEU K 49 9.64 35.10 -88.90
C LEU K 49 9.67 34.67 -87.44
N LEU K 50 9.36 33.39 -87.23
CA LEU K 50 9.45 32.83 -85.89
C LEU K 50 10.83 32.28 -85.60
N VAL K 51 11.61 32.04 -86.64
CA VAL K 51 12.97 31.56 -86.51
C VAL K 51 13.91 32.67 -86.96
N ARG K 52 15.03 32.79 -86.27
CA ARG K 52 16.03 33.77 -86.64
C ARG K 52 17.40 33.18 -86.40
N PRO K 53 18.42 33.61 -87.16
CA PRO K 53 19.75 33.00 -87.07
C PRO K 53 20.36 33.23 -85.71
N THR K 54 20.83 32.13 -85.11
CA THR K 54 21.51 32.16 -83.84
C THR K 54 22.88 31.50 -84.02
N GLN K 55 23.80 31.87 -83.14
CA GLN K 55 25.02 31.10 -82.98
C GLN K 55 25.34 31.01 -81.51
N GLN K 56 25.58 29.80 -81.03
CA GLN K 56 25.99 29.65 -79.65
C GLN K 56 27.45 29.22 -79.59
N PHE K 57 28.06 29.59 -78.47
CA PHE K 57 29.41 29.17 -78.12
C PHE K 57 29.38 28.69 -76.68
N ASN K 58 30.07 27.58 -76.42
CA ASN K 58 30.26 27.20 -75.02
C ASN K 58 31.61 26.51 -74.85
N CYS K 59 32.21 26.74 -73.68
CA CYS K 59 33.52 26.22 -73.34
C CYS K 59 33.38 25.22 -72.20
N VAL K 60 34.28 24.24 -72.19
CA VAL K 60 34.32 23.19 -71.17
C VAL K 60 35.78 22.87 -70.90
N SER K 61 36.08 22.56 -69.65
CA SER K 61 37.42 22.14 -69.25
C SER K 61 37.31 20.90 -68.38
N SER K 62 38.27 19.99 -68.51
CA SER K 62 38.33 18.81 -67.66
C SER K 62 39.74 18.58 -67.14
N GLN K 63 39.79 18.04 -65.92
CA GLN K 63 41.05 17.81 -65.24
C GLN K 63 41.75 16.55 -65.73
N TYR K 64 40.98 15.57 -66.23
CA TYR K 64 41.48 14.26 -66.67
C TYR K 64 41.42 14.18 -68.19
N PRO K 65 42.45 14.65 -68.90
CA PRO K 65 42.34 14.76 -70.36
C PRO K 65 42.46 13.43 -71.06
N TYR K 66 42.94 12.41 -70.35
CA TYR K 66 43.17 11.09 -70.89
C TYR K 66 42.04 10.13 -70.58
N ARG K 67 40.87 10.65 -70.18
CA ARG K 67 39.81 9.76 -69.69
C ARG K 67 39.37 8.79 -70.76
N ASN K 68 39.08 9.30 -71.95
CA ASN K 68 38.59 8.47 -73.03
C ASN K 68 39.71 7.83 -73.83
N TYR K 69 40.96 8.17 -73.57
CA TYR K 69 42.09 7.63 -74.32
C TYR K 69 42.77 6.56 -73.48
N SER K 70 42.26 5.33 -73.56
CA SER K 70 42.83 4.27 -72.75
C SER K 70 44.01 3.59 -73.42
N LYS K 71 44.10 3.63 -74.74
CA LYS K 71 45.22 2.98 -75.43
C LYS K 71 46.55 3.71 -75.22
N ILE K 72 46.54 4.78 -74.46
CA ILE K 72 47.76 5.49 -74.09
C ILE K 72 48.19 5.02 -72.71
N PRO K 73 49.45 4.62 -72.52
CA PRO K 73 49.91 4.20 -71.20
C PRO K 73 50.15 5.38 -70.28
N ARG K 74 50.02 5.12 -68.97
CA ARG K 74 50.27 6.17 -67.99
C ARG K 74 51.67 6.74 -68.13
N SER K 75 52.66 5.89 -68.41
CA SER K 75 54.04 6.32 -68.60
C SER K 75 54.19 7.34 -69.74
N GLN K 76 53.17 7.51 -70.58
CA GLN K 76 53.19 8.49 -71.64
C GLN K 76 52.14 9.58 -71.49
N GLN K 77 51.32 9.51 -70.43
CA GLN K 77 50.33 10.55 -70.15
C GLN K 77 50.98 11.68 -69.36
N ASP K 78 50.93 12.89 -69.90
CA ASP K 78 51.49 14.07 -69.22
C ASP K 78 50.65 14.42 -68.00
N PRO K 79 51.16 14.23 -66.78
CA PRO K 79 50.32 14.47 -65.59
C PRO K 79 49.99 15.93 -65.37
N LEU K 80 50.64 16.85 -66.09
CA LEU K 80 50.30 18.26 -66.05
C LEU K 80 49.36 18.67 -67.19
N ALA K 81 48.89 17.72 -67.98
CA ALA K 81 48.01 18.06 -69.10
C ALA K 81 46.61 18.32 -68.58
N VAL K 82 45.93 19.24 -69.26
CA VAL K 82 44.56 19.64 -68.92
C VAL K 82 43.77 19.67 -70.22
N ARG K 83 42.50 19.25 -70.16
CA ARG K 83 41.66 19.19 -71.35
C ARG K 83 40.86 20.49 -71.49
N ARG K 84 41.03 21.18 -72.62
CA ARG K 84 40.23 22.35 -72.94
C ARG K 84 39.43 22.04 -74.20
N GLU K 85 38.11 22.27 -74.16
CA GLU K 85 37.29 22.14 -75.34
C GLU K 85 36.35 23.33 -75.47
N PHE K 86 35.93 23.57 -76.71
CA PHE K 86 34.89 24.55 -77.02
C PHE K 86 34.03 24.01 -78.14
N TYR K 87 32.84 24.62 -78.28
CA TYR K 87 31.83 24.13 -79.19
C TYR K 87 31.01 25.30 -79.70
N THR K 88 30.90 25.42 -81.02
CA THR K 88 30.03 26.43 -81.60
C THR K 88 28.97 25.71 -82.43
N ARG K 89 27.77 26.29 -82.44
CA ARG K 89 26.68 25.80 -83.28
C ARG K 89 25.93 26.98 -83.86
N ARG K 90 25.99 27.12 -85.18
CA ARG K 90 25.33 28.19 -85.90
C ARG K 90 24.13 27.61 -86.63
N VAL K 91 22.97 28.18 -86.39
CA VAL K 91 21.78 27.90 -87.18
C VAL K 91 21.41 29.17 -87.90
N GLU K 92 21.21 29.08 -89.21
CA GLU K 92 20.61 30.17 -89.96
C GLU K 92 19.40 29.63 -90.70
N TYR K 93 18.53 30.55 -91.11
CA TYR K 93 17.25 30.22 -91.73
C TYR K 93 17.14 31.02 -93.02
N TRP K 94 17.39 30.37 -94.15
CA TRP K 94 17.32 31.01 -95.45
C TRP K 94 15.86 31.17 -95.88
N ARG K 95 15.64 32.05 -96.86
CA ARG K 95 14.32 32.35 -97.39
C ARG K 95 14.37 32.24 -98.91
N LYS K 96 13.62 31.31 -99.48
CA LYS K 96 13.52 31.26 -100.93
C LYS K 96 12.22 31.91 -101.36
N ALA K 97 12.32 32.81 -102.33
CA ALA K 97 11.20 33.48 -102.98
C ALA K 97 11.70 34.17 -104.23
N ASP K 98 10.79 34.39 -105.18
CA ASP K 98 11.10 35.23 -106.34
C ASP K 98 10.25 36.49 -106.31
N ALA K 99 10.89 37.64 -106.57
CA ALA K 99 10.16 38.89 -106.66
C ALA K 99 9.26 38.96 -107.89
N SER K 100 9.46 38.04 -108.84
CA SER K 100 8.66 38.07 -110.06
C SER K 100 7.19 37.77 -109.77
N ASN K 101 6.94 36.71 -109.02
CA ASN K 101 5.58 36.24 -108.77
C ASN K 101 5.32 36.34 -107.27
N VAL K 102 4.46 37.26 -106.87
CA VAL K 102 4.13 37.39 -105.45
C VAL K 102 3.06 36.38 -105.04
N ASP K 103 2.35 35.79 -105.99
CA ASP K 103 1.51 34.64 -105.68
C ASP K 103 2.34 33.52 -105.08
N ALA K 104 3.56 33.32 -105.57
CA ALA K 104 4.34 32.16 -105.21
C ALA K 104 4.73 32.22 -103.73
N PRO K 105 4.67 31.10 -103.03
CA PRO K 105 4.89 31.12 -101.57
C PRO K 105 6.37 31.26 -101.26
N GLU K 106 6.63 31.91 -100.13
CA GLU K 106 7.99 32.03 -99.61
C GLU K 106 8.25 30.85 -98.68
N TYR K 107 9.39 30.19 -98.86
CA TYR K 107 9.73 29.06 -98.01
C TYR K 107 10.93 29.40 -97.13
N THR K 108 10.96 28.79 -95.95
CA THR K 108 12.04 28.95 -94.99
C THR K 108 12.87 27.66 -94.99
N LEU K 109 14.15 27.79 -95.29
CA LEU K 109 15.06 26.65 -95.40
C LEU K 109 16.03 26.69 -94.25
N PRO K 110 15.94 25.78 -93.27
CA PRO K 110 16.89 25.79 -92.16
C PRO K 110 18.21 25.10 -92.49
N GLN K 111 19.28 25.65 -91.91
CA GLN K 111 20.64 25.16 -92.10
C GLN K 111 21.36 25.26 -90.77
N SER K 112 22.11 24.22 -90.39
CA SER K 112 22.82 24.22 -89.12
C SER K 112 24.19 23.58 -89.26
N CYS K 113 25.15 24.11 -88.52
CA CYS K 113 26.53 23.63 -88.58
C CYS K 113 27.20 23.80 -87.23
N SER K 114 27.94 22.78 -86.80
CA SER K 114 28.53 22.77 -85.46
C SER K 114 29.96 22.25 -85.50
N ILE K 115 30.82 22.89 -84.72
CA ILE K 115 32.23 22.52 -84.61
C ILE K 115 32.58 22.34 -83.14
N ARG K 116 33.14 21.17 -82.81
CA ARG K 116 33.59 20.87 -81.45
C ARG K 116 35.09 20.59 -81.49
N LEU K 117 35.85 21.35 -80.72
CA LEU K 117 37.29 21.20 -80.65
C LEU K 117 37.68 20.88 -79.21
N ALA K 118 38.42 19.79 -79.03
CA ALA K 118 38.78 19.28 -77.70
C ALA K 118 40.24 18.90 -77.73
N SER K 119 41.06 19.72 -77.10
CA SER K 119 42.51 19.53 -77.13
C SER K 119 43.00 19.17 -75.74
N THR K 120 44.07 18.39 -75.68
CA THR K 120 44.85 18.36 -74.45
C THR K 120 45.86 19.50 -74.53
N VAL K 121 46.12 20.15 -73.40
CA VAL K 121 46.95 21.34 -73.36
C VAL K 121 47.94 21.20 -72.23
N THR K 122 49.20 21.46 -72.53
CA THR K 122 50.29 21.61 -71.60
C THR K 122 50.94 22.97 -71.85
N LYS K 123 51.94 23.29 -71.03
CA LYS K 123 52.55 24.62 -71.10
C LYS K 123 53.09 24.93 -72.50
N GLU K 124 53.41 23.91 -73.30
CA GLU K 124 53.98 24.13 -74.62
C GLU K 124 52.96 24.11 -75.74
N THR K 125 51.70 23.81 -75.46
CA THR K 125 50.64 23.92 -76.45
C THR K 125 50.39 25.40 -76.77
N THR K 126 50.45 25.75 -78.05
CA THR K 126 50.23 27.12 -78.46
C THR K 126 48.87 27.30 -79.15
N ALA K 127 48.45 28.57 -79.20
CA ALA K 127 47.22 28.93 -79.88
C ALA K 127 47.23 28.41 -81.31
N ALA K 128 48.33 28.67 -82.03
CA ALA K 128 48.43 28.26 -83.42
C ALA K 128 48.49 26.74 -83.57
N ASP K 129 49.10 26.04 -82.61
CA ASP K 129 49.05 24.58 -82.63
C ASP K 129 47.61 24.10 -82.60
N ILE K 130 46.80 24.68 -81.71
CA ILE K 130 45.42 24.23 -81.63
C ILE K 130 44.62 24.66 -82.86
N ALA K 131 44.93 25.83 -83.42
CA ALA K 131 44.29 26.23 -84.67
C ALA K 131 44.59 25.25 -85.79
N GLY K 132 45.76 24.60 -85.72
CA GLY K 132 46.15 23.70 -86.79
C GLY K 132 45.23 22.52 -86.94
N ILE K 133 44.68 22.01 -85.83
CA ILE K 133 43.85 20.82 -85.95
C ILE K 133 42.52 21.16 -86.63
N VAL K 134 41.99 22.35 -86.39
CA VAL K 134 40.79 22.77 -87.10
C VAL K 134 41.06 22.88 -88.60
N LEU K 135 42.20 23.47 -88.96
CA LEU K 135 42.55 23.62 -90.36
C LEU K 135 42.82 22.27 -91.03
N ARG K 136 43.32 21.30 -90.27
CA ARG K 136 43.56 19.98 -90.84
C ARG K 136 42.28 19.16 -90.93
N THR K 137 41.33 19.38 -90.02
CA THR K 137 40.02 18.77 -90.19
C THR K 137 39.32 19.34 -91.43
N LEU K 138 39.44 20.65 -91.65
CA LEU K 138 38.81 21.25 -92.82
C LEU K 138 39.49 20.84 -94.12
N ALA K 139 40.82 20.66 -94.09
CA ALA K 139 41.60 20.51 -95.30
C ALA K 139 41.10 19.44 -96.27
N PRO K 140 40.72 18.24 -95.83
CA PRO K 140 40.30 17.23 -96.82
C PRO K 140 38.96 17.51 -97.48
N ILE K 141 38.07 18.26 -96.80
CA ILE K 141 36.78 18.62 -97.40
C ILE K 141 36.95 19.78 -98.38
N PHE K 142 37.85 20.72 -98.10
CA PHE K 142 38.05 21.90 -98.92
C PHE K 142 39.50 21.91 -99.42
N PRO K 143 39.90 20.92 -100.21
CA PRO K 143 41.33 20.77 -100.52
C PRO K 143 41.89 21.88 -101.38
N ASN K 144 41.05 22.61 -102.10
CA ASN K 144 41.45 23.83 -102.79
C ASN K 144 40.86 25.06 -102.13
N GLY K 145 40.46 24.96 -100.87
CA GLY K 145 39.93 26.11 -100.18
C GLY K 145 38.68 26.58 -100.89
N SER K 146 38.50 27.90 -100.95
CA SER K 146 37.33 28.47 -101.60
C SER K 146 37.33 28.27 -103.12
N GLY K 147 38.32 27.59 -103.68
CA GLY K 147 38.40 27.49 -105.14
C GLY K 147 37.32 26.62 -105.77
N ASP K 148 37.27 25.35 -105.40
CA ASP K 148 36.25 24.46 -105.93
C ASP K 148 35.57 23.75 -104.77
N TRP K 149 34.35 23.27 -105.03
CA TRP K 149 33.56 22.62 -104.00
C TRP K 149 33.35 21.14 -104.30
N ILE K 150 34.34 20.49 -104.91
CA ILE K 150 34.11 19.16 -105.47
C ILE K 150 33.90 18.15 -104.35
N LYS K 151 34.80 18.14 -103.37
CA LYS K 151 34.66 17.17 -102.28
C LYS K 151 33.46 17.51 -101.41
N LEU K 152 33.19 18.79 -101.19
CA LEU K 152 31.98 19.14 -100.45
C LEU K 152 30.74 18.60 -101.14
N GLN K 153 30.63 18.84 -102.46
CA GLN K 153 29.46 18.38 -103.20
C GLN K 153 29.31 16.88 -103.10
N GLN K 154 30.42 16.15 -103.23
CA GLN K 154 30.30 14.70 -103.11
C GLN K 154 29.94 14.27 -101.68
N LEU K 155 30.21 15.10 -100.67
CA LEU K 155 29.68 14.81 -99.34
C LEU K 155 28.18 15.03 -99.28
N ILE K 156 27.68 16.06 -99.97
CA ILE K 156 26.25 16.29 -100.01
C ILE K 156 25.55 15.17 -100.79
N ASP K 157 26.25 14.54 -101.73
CA ASP K 157 25.67 13.48 -102.53
C ASP K 157 25.58 12.15 -101.81
N GLY K 158 26.20 12.04 -100.63
CA GLY K 158 26.19 10.81 -99.85
C GLY K 158 27.31 9.85 -100.23
N LEU K 159 28.50 10.40 -100.48
CA LEU K 159 29.66 9.61 -100.91
C LEU K 159 30.77 9.83 -99.88
N PRO K 160 30.69 9.12 -98.75
CA PRO K 160 31.57 9.41 -97.61
C PRO K 160 33.04 9.16 -97.85
N ARG K 161 33.39 8.33 -98.84
CA ARG K 161 34.78 7.95 -99.07
C ARG K 161 35.53 9.11 -99.73
N ILE K 162 36.29 9.84 -98.94
CA ILE K 162 36.95 11.06 -99.41
C ILE K 162 38.39 10.79 -99.83
N PHE K 163 39.11 9.98 -99.06
CA PHE K 163 40.44 9.54 -99.45
C PHE K 163 40.39 8.23 -100.24
N GLY K 164 39.20 7.68 -100.49
CA GLY K 164 39.07 6.44 -101.24
C GLY K 164 38.49 5.26 -100.48
N SER L 1 70.05 10.31 -83.66
CA SER L 1 71.41 9.80 -83.62
C SER L 1 71.43 8.29 -83.41
N TYR L 2 70.41 7.79 -82.70
CA TYR L 2 70.26 6.38 -82.43
C TYR L 2 70.26 5.56 -83.73
N THR L 3 71.07 4.49 -83.76
CA THR L 3 71.02 3.53 -84.85
C THR L 3 70.69 2.16 -84.30
N ILE L 4 70.07 1.35 -85.15
CA ILE L 4 69.72 -0.03 -84.83
C ILE L 4 70.70 -0.93 -85.56
N ASP L 5 71.39 -1.78 -84.80
CA ASP L 5 72.30 -2.77 -85.34
C ASP L 5 71.66 -4.14 -85.13
N ILE L 6 71.45 -4.87 -86.23
CA ILE L 6 71.13 -6.28 -86.10
C ILE L 6 72.34 -6.99 -85.51
N ASN L 7 72.11 -7.80 -84.48
CA ASN L 7 73.22 -8.49 -83.84
C ASN L 7 73.39 -9.86 -84.46
N CYS L 8 73.56 -9.90 -85.78
CA CYS L 8 73.56 -11.15 -86.51
C CYS L 8 74.82 -11.30 -87.34
N SER L 9 74.97 -12.50 -87.92
CA SER L 9 76.01 -12.78 -88.90
C SER L 9 75.39 -12.77 -90.28
N THR L 10 75.91 -11.93 -91.17
CA THR L 10 75.48 -11.83 -92.56
C THR L 10 76.67 -11.91 -93.48
N GLY L 11 76.39 -12.33 -94.72
CA GLY L 11 77.42 -12.54 -95.71
C GLY L 11 77.46 -11.44 -96.75
N ASP L 12 78.32 -11.66 -97.74
CA ASP L 12 78.46 -10.74 -98.86
C ASP L 12 77.58 -11.11 -100.04
N THR L 13 77.26 -12.38 -100.17
CA THR L 13 76.57 -12.87 -101.36
C THR L 13 75.08 -12.61 -101.26
N GLN L 14 74.43 -12.50 -102.42
CA GLN L 14 72.99 -12.31 -102.46
C GLN L 14 72.41 -13.20 -103.55
N ALA L 15 71.12 -13.52 -103.39
CA ALA L 15 70.42 -14.42 -104.30
C ALA L 15 68.98 -13.99 -104.46
N ASN L 16 68.42 -14.25 -105.64
CA ASN L 16 67.04 -13.90 -105.96
C ASN L 16 66.12 -15.06 -105.62
N LEU L 17 65.24 -14.87 -104.63
CA LEU L 17 64.08 -15.74 -104.43
C LEU L 17 62.94 -15.13 -105.21
N VAL L 18 62.53 -15.77 -106.30
CA VAL L 18 61.68 -15.10 -107.28
C VAL L 18 60.24 -15.50 -107.03
N LEU L 19 59.45 -14.49 -106.69
CA LEU L 19 58.04 -14.61 -106.35
C LEU L 19 57.19 -14.35 -107.58
N THR L 20 56.17 -15.19 -107.75
CA THR L 20 55.15 -15.00 -108.77
C THR L 20 53.93 -14.39 -108.10
N GLU L 21 53.36 -13.36 -108.73
CA GLU L 21 52.36 -12.53 -108.07
C GLU L 21 51.07 -13.29 -107.82
N ILE L 22 50.38 -12.91 -106.73
CA ILE L 22 49.11 -13.48 -106.37
C ILE L 22 48.04 -12.40 -106.56
N PRO L 23 47.21 -12.49 -107.59
CA PRO L 23 46.25 -11.41 -107.87
C PRO L 23 45.25 -11.25 -106.75
N ALA L 24 44.98 -10.00 -106.37
CA ALA L 24 44.04 -9.79 -105.28
C ALA L 24 42.60 -9.96 -105.74
N GLU L 25 42.31 -9.56 -106.98
CA GLU L 25 40.97 -9.59 -107.56
C GLU L 25 40.15 -10.84 -107.23
N PRO L 26 40.71 -12.07 -107.26
CA PRO L 26 39.87 -13.24 -106.99
C PRO L 26 39.56 -13.55 -105.53
N TYR L 27 40.23 -12.93 -104.56
CA TYR L 27 40.03 -13.34 -103.17
C TYR L 27 38.78 -12.69 -102.58
N VAL L 28 38.15 -13.41 -101.64
CA VAL L 28 36.88 -12.97 -101.04
C VAL L 28 36.88 -13.25 -99.55
N HIS L 29 36.45 -12.26 -98.75
CA HIS L 29 36.31 -12.43 -97.31
C HIS L 29 35.35 -13.58 -96.97
N VAL L 30 35.77 -14.42 -96.02
CA VAL L 30 34.95 -15.57 -95.64
C VAL L 30 34.65 -15.59 -94.15
N SER L 31 35.54 -15.04 -93.33
CA SER L 31 35.31 -15.08 -91.90
C SER L 31 36.31 -14.16 -91.20
N GLY L 32 35.91 -13.72 -90.01
CA GLY L 32 36.68 -12.81 -89.19
C GLY L 32 36.07 -11.42 -89.16
N ASP L 33 36.80 -10.51 -88.52
CA ASP L 33 36.46 -9.10 -88.50
C ASP L 33 37.54 -8.31 -89.24
N ASN L 34 37.11 -7.26 -89.97
CA ASN L 34 38.07 -6.44 -90.71
C ASN L 34 39.04 -5.68 -89.80
N LYS L 35 38.91 -5.81 -88.49
CA LYS L 35 39.80 -5.16 -87.53
C LYS L 35 40.99 -6.02 -87.16
N SER L 36 40.76 -7.25 -86.69
CA SER L 36 41.82 -8.10 -86.17
C SER L 36 42.22 -9.20 -87.15
N THR L 37 41.28 -10.05 -87.56
CA THR L 37 41.61 -11.27 -88.29
C THR L 37 40.67 -11.44 -89.49
N ILE L 38 41.24 -11.79 -90.65
CA ILE L 38 40.50 -11.88 -91.90
C ILE L 38 40.95 -13.14 -92.66
N GLU L 39 39.99 -13.86 -93.25
CA GLU L 39 40.30 -15.07 -94.02
C GLU L 39 39.75 -14.92 -95.43
N TYR L 40 40.66 -14.84 -96.42
CA TYR L 40 40.25 -14.76 -97.81
C TYR L 40 40.19 -16.13 -98.47
N LEU L 41 39.27 -16.26 -99.42
CA LEU L 41 39.10 -17.45 -100.23
C LEU L 41 39.41 -17.12 -101.69
N ASP L 42 40.30 -17.91 -102.29
CA ASP L 42 40.63 -17.82 -103.71
C ASP L 42 39.48 -18.43 -104.50
N THR L 43 38.61 -17.57 -105.06
CA THR L 43 37.57 -18.03 -105.96
C THR L 43 38.11 -18.55 -107.28
N GLY L 44 39.43 -18.50 -107.49
CA GLY L 44 40.02 -19.04 -108.70
C GLY L 44 40.26 -20.52 -108.63
N SER L 45 39.46 -21.21 -107.83
CA SER L 45 39.63 -22.64 -107.58
C SER L 45 38.43 -23.41 -108.11
N ASP L 46 38.47 -24.72 -107.90
CA ASP L 46 37.40 -25.59 -108.37
C ASP L 46 36.12 -25.33 -107.58
N ASN L 47 34.98 -25.33 -108.30
CA ASN L 47 33.68 -25.24 -107.62
C ASN L 47 33.38 -26.49 -106.83
N SER L 48 33.74 -27.66 -107.39
CA SER L 48 33.13 -28.94 -107.03
C SER L 48 33.78 -29.61 -105.81
N LEU L 49 34.64 -28.89 -105.11
CA LEU L 49 35.28 -29.41 -103.92
C LEU L 49 34.76 -28.69 -102.68
N LEU L 50 34.63 -29.42 -101.58
CA LEU L 50 34.30 -28.78 -100.32
C LEU L 50 35.47 -27.98 -99.76
N VAL L 51 36.68 -28.21 -100.28
CA VAL L 51 37.86 -27.46 -99.87
C VAL L 51 38.29 -26.56 -101.01
N ARG L 52 38.67 -25.33 -100.67
CA ARG L 52 39.17 -24.38 -101.64
C ARG L 52 40.27 -23.54 -100.99
N PRO L 53 41.22 -23.07 -101.79
CA PRO L 53 42.40 -22.40 -101.23
C PRO L 53 42.03 -21.10 -100.53
N THR L 54 42.63 -20.89 -99.38
CA THR L 54 42.30 -19.79 -98.50
C THR L 54 43.57 -19.29 -97.82
N GLN L 55 43.76 -17.97 -97.81
CA GLN L 55 44.87 -17.39 -97.07
C GLN L 55 44.34 -16.42 -96.03
N GLN L 56 44.85 -16.54 -94.82
CA GLN L 56 44.37 -15.79 -93.68
C GLN L 56 45.47 -14.84 -93.21
N PHE L 57 45.02 -13.67 -92.74
CA PHE L 57 45.90 -12.65 -92.16
C PHE L 57 45.35 -12.23 -90.80
N ASN L 58 46.28 -11.93 -89.88
CA ASN L 58 45.92 -11.77 -88.48
C ASN L 58 46.97 -10.92 -87.80
N CYS L 59 46.59 -9.72 -87.32
CA CYS L 59 47.53 -8.79 -86.67
C CYS L 59 47.15 -8.59 -85.20
N VAL L 60 48.17 -8.37 -84.36
CA VAL L 60 48.02 -8.02 -82.95
C VAL L 60 49.15 -7.09 -82.53
N SER L 61 48.98 -6.46 -81.37
CA SER L 61 49.95 -5.49 -80.88
C SER L 61 49.82 -5.38 -79.37
N SER L 62 50.93 -5.05 -78.72
CA SER L 62 50.99 -5.04 -77.26
C SER L 62 51.93 -3.94 -76.77
N GLN L 63 51.57 -3.38 -75.61
CA GLN L 63 52.34 -2.33 -74.95
C GLN L 63 53.45 -2.91 -74.07
N TYR L 64 53.59 -4.23 -74.03
CA TYR L 64 54.53 -4.91 -73.14
C TYR L 64 55.46 -5.79 -73.97
N PRO L 65 56.37 -5.18 -74.74
CA PRO L 65 57.10 -5.94 -75.75
C PRO L 65 58.10 -6.93 -75.16
N TYR L 66 58.45 -6.78 -73.88
CA TYR L 66 59.43 -7.63 -73.23
C TYR L 66 58.80 -8.71 -72.36
N ARG L 67 57.51 -9.02 -72.59
CA ARG L 67 56.79 -9.88 -71.67
C ARG L 67 57.39 -11.27 -71.59
N ASN L 68 57.75 -11.84 -72.73
CA ASN L 68 58.29 -13.19 -72.78
C ASN L 68 59.82 -13.21 -72.77
N TYR L 69 60.47 -12.07 -72.98
CA TYR L 69 61.93 -12.01 -73.03
C TYR L 69 62.47 -11.63 -71.65
N SER L 70 62.41 -12.61 -70.75
CA SER L 70 62.74 -12.36 -69.34
C SER L 70 64.20 -12.02 -69.14
N LYS L 71 65.08 -12.50 -70.02
CA LYS L 71 66.53 -12.39 -69.82
C LYS L 71 67.11 -11.06 -70.30
N ILE L 72 66.28 -10.07 -70.62
CA ILE L 72 66.74 -8.72 -70.90
C ILE L 72 66.48 -7.89 -69.65
N PRO L 73 67.51 -7.23 -69.09
CA PRO L 73 67.28 -6.40 -67.90
C PRO L 73 66.53 -5.13 -68.24
N ARG L 74 65.90 -4.55 -67.21
CA ARG L 74 65.15 -3.31 -67.41
C ARG L 74 66.08 -2.17 -67.84
N SER L 75 67.34 -2.19 -67.41
CA SER L 75 68.30 -1.20 -67.85
C SER L 75 68.54 -1.24 -69.36
N GLN L 76 68.10 -2.30 -70.04
CA GLN L 76 68.28 -2.42 -71.48
C GLN L 76 66.96 -2.55 -72.23
N GLN L 77 65.83 -2.35 -71.55
CA GLN L 77 64.50 -2.38 -72.17
C GLN L 77 64.08 -0.98 -72.59
N ASP L 78 63.89 -0.78 -73.90
CA ASP L 78 63.47 0.52 -74.43
C ASP L 78 62.02 0.82 -74.04
N PRO L 79 61.76 1.79 -73.17
CA PRO L 79 60.38 1.99 -72.69
C PRO L 79 59.45 2.55 -73.75
N LEU L 80 59.99 3.22 -74.77
CA LEU L 80 59.16 3.69 -75.86
C LEU L 80 58.70 2.55 -76.75
N ALA L 81 59.47 1.46 -76.80
CA ALA L 81 59.27 0.40 -77.77
C ALA L 81 57.99 -0.39 -77.48
N VAL L 82 57.40 -0.95 -78.54
CA VAL L 82 56.07 -1.53 -78.54
C VAL L 82 56.09 -2.75 -79.46
N ARG L 83 55.31 -3.79 -79.09
CA ARG L 83 55.30 -5.04 -79.86
C ARG L 83 54.25 -5.04 -80.96
N ARG L 84 54.67 -5.31 -82.18
CA ARG L 84 53.80 -5.48 -83.34
C ARG L 84 53.94 -6.91 -83.85
N GLU L 85 52.84 -7.53 -84.28
CA GLU L 85 52.92 -8.91 -84.73
C GLU L 85 51.86 -9.17 -85.79
N PHE L 86 52.22 -10.00 -86.78
CA PHE L 86 51.26 -10.47 -87.77
C PHE L 86 51.50 -11.95 -88.05
N TYR L 87 50.49 -12.57 -88.65
CA TYR L 87 50.43 -14.01 -88.89
C TYR L 87 49.67 -14.24 -90.19
N THR L 88 50.28 -14.95 -91.12
CA THR L 88 49.60 -15.37 -92.33
C THR L 88 49.62 -16.88 -92.38
N ARG L 89 48.53 -17.45 -92.88
CA ARG L 89 48.43 -18.91 -93.09
C ARG L 89 47.74 -19.17 -94.41
N ARG L 90 48.48 -19.72 -95.38
CA ARG L 90 47.93 -20.09 -96.67
C ARG L 90 47.72 -21.59 -96.69
N VAL L 91 46.51 -22.01 -97.03
CA VAL L 91 46.17 -23.39 -97.28
C VAL L 91 45.77 -23.48 -98.73
N GLU L 92 46.47 -24.30 -99.50
CA GLU L 92 46.02 -24.61 -100.85
C GLU L 92 45.84 -26.12 -100.98
N TYR L 93 44.85 -26.50 -101.79
CA TYR L 93 44.51 -27.91 -101.99
C TYR L 93 44.82 -28.26 -103.43
N TRP L 94 45.86 -29.06 -103.65
CA TRP L 94 46.27 -29.45 -105.00
C TRP L 94 45.38 -30.57 -105.52
N ARG L 95 45.47 -30.77 -106.83
CA ARG L 95 44.59 -31.66 -107.58
C ARG L 95 45.50 -32.54 -108.42
N LYS L 96 45.59 -33.83 -108.10
CA LYS L 96 46.42 -34.74 -108.90
C LYS L 96 45.53 -35.64 -109.74
N ALA L 97 45.92 -35.76 -111.01
CA ALA L 97 45.24 -36.62 -111.99
C ALA L 97 46.04 -36.61 -113.29
N ASP L 98 45.83 -37.65 -114.09
CA ASP L 98 46.39 -37.71 -115.44
C ASP L 98 45.26 -37.60 -116.45
N ALA L 99 45.47 -36.77 -117.48
CA ALA L 99 44.48 -36.64 -118.53
C ALA L 99 44.49 -37.84 -119.47
N SER L 100 45.57 -38.61 -119.47
CA SER L 100 45.65 -39.80 -120.31
C SER L 100 44.62 -40.84 -119.88
N ASN L 101 44.43 -41.00 -118.58
CA ASN L 101 43.57 -42.06 -118.04
C ASN L 101 42.49 -41.39 -117.19
N VAL L 102 41.29 -41.24 -117.73
CA VAL L 102 40.18 -40.66 -116.97
C VAL L 102 39.54 -41.67 -116.04
N ASP L 103 39.84 -42.97 -116.23
CA ASP L 103 39.43 -43.96 -115.24
C ASP L 103 40.21 -43.81 -113.94
N ALA L 104 41.46 -43.36 -114.02
CA ALA L 104 42.28 -43.26 -112.84
C ALA L 104 41.77 -42.16 -111.91
N PRO L 105 41.69 -42.41 -110.61
CA PRO L 105 41.00 -41.48 -109.72
C PRO L 105 41.79 -40.21 -109.49
N GLU L 106 41.07 -39.12 -109.21
CA GLU L 106 41.65 -37.83 -108.92
C GLU L 106 41.75 -37.66 -107.41
N TYR L 107 42.85 -37.06 -106.95
CA TYR L 107 43.07 -36.90 -105.53
C TYR L 107 43.30 -35.43 -105.17
N THR L 108 42.93 -35.10 -103.93
CA THR L 108 43.16 -33.79 -103.35
C THR L 108 44.33 -33.87 -102.38
N LEU L 109 45.33 -33.01 -102.59
CA LEU L 109 46.56 -33.03 -101.80
C LEU L 109 46.68 -31.73 -101.01
N PRO L 110 46.35 -31.72 -99.72
CA PRO L 110 46.44 -30.48 -98.95
C PRO L 110 47.85 -30.07 -98.59
N GLN L 111 48.09 -28.76 -98.67
CA GLN L 111 49.37 -28.13 -98.40
C GLN L 111 49.06 -26.86 -97.62
N SER L 112 49.90 -26.56 -96.62
CA SER L 112 49.65 -25.39 -95.77
C SER L 112 50.98 -24.81 -95.27
N CYS L 113 51.02 -23.50 -95.17
CA CYS L 113 52.24 -22.80 -94.80
C CYS L 113 51.90 -21.53 -94.04
N SER L 114 52.60 -21.27 -92.95
CA SER L 114 52.29 -20.13 -92.09
C SER L 114 53.55 -19.38 -91.69
N ILE L 115 53.43 -18.06 -91.64
CA ILE L 115 54.51 -17.17 -91.23
C ILE L 115 54.01 -16.30 -90.09
N ARG L 116 54.78 -16.25 -89.01
CA ARG L 116 54.47 -15.41 -87.86
C ARG L 116 55.65 -14.49 -87.60
N LEU L 117 55.41 -13.18 -87.70
CA LEU L 117 56.44 -12.18 -87.46
C LEU L 117 56.03 -11.33 -86.26
N ALA L 118 56.89 -11.29 -85.26
CA ALA L 118 56.68 -10.47 -84.07
C ALA L 118 57.93 -9.62 -83.88
N SER L 119 57.79 -8.31 -84.05
CA SER L 119 58.89 -7.37 -83.89
C SER L 119 58.64 -6.48 -82.69
N THR L 120 59.71 -6.04 -82.02
CA THR L 120 59.58 -4.88 -81.15
C THR L 120 59.98 -3.66 -81.98
N VAL L 121 59.04 -2.75 -82.18
CA VAL L 121 59.23 -1.55 -82.96
C VAL L 121 59.56 -0.41 -82.00
N THR L 122 60.49 0.44 -82.40
CA THR L 122 60.74 1.71 -81.74
C THR L 122 60.77 2.80 -82.81
N LYS L 123 61.01 4.04 -82.39
CA LYS L 123 60.94 5.17 -83.31
C LYS L 123 61.83 4.95 -84.54
N GLU L 124 62.98 4.32 -84.36
CA GLU L 124 63.96 4.16 -85.42
C GLU L 124 63.79 2.86 -86.19
N THR L 125 62.94 1.95 -85.73
CA THR L 125 62.67 0.72 -86.47
C THR L 125 61.97 1.06 -87.78
N THR L 126 62.51 0.56 -88.88
CA THR L 126 61.99 0.89 -90.20
C THR L 126 61.32 -0.31 -90.87
N ALA L 127 60.58 0.01 -91.93
CA ALA L 127 60.00 -1.03 -92.78
C ALA L 127 61.06 -2.04 -93.20
N ALA L 128 62.15 -1.54 -93.78
CA ALA L 128 63.21 -2.42 -94.29
C ALA L 128 63.83 -3.24 -93.17
N ASP L 129 64.03 -2.63 -91.99
CA ASP L 129 64.56 -3.38 -90.86
C ASP L 129 63.67 -4.57 -90.52
N ILE L 130 62.35 -4.36 -90.54
CA ILE L 130 61.48 -5.47 -90.18
C ILE L 130 61.42 -6.50 -91.30
N ALA L 131 61.52 -6.08 -92.56
CA ALA L 131 61.64 -7.04 -93.65
C ALA L 131 62.89 -7.88 -93.52
N GLY L 132 63.97 -7.29 -93.00
CA GLY L 132 65.23 -8.00 -92.90
C GLY L 132 65.13 -9.29 -92.10
N ILE L 133 64.31 -9.31 -91.07
CA ILE L 133 64.26 -10.52 -90.24
C ILE L 133 63.57 -11.66 -91.00
N VAL L 134 62.54 -11.34 -91.78
CA VAL L 134 61.93 -12.37 -92.63
C VAL L 134 62.96 -12.88 -93.64
N LEU L 135 63.71 -11.96 -94.24
CA LEU L 135 64.69 -12.38 -95.26
C LEU L 135 65.78 -13.26 -94.65
N ARG L 136 66.27 -12.91 -93.46
CA ARG L 136 67.29 -13.70 -92.80
C ARG L 136 66.74 -15.00 -92.23
N THR L 137 65.43 -15.07 -91.97
CA THR L 137 64.82 -16.35 -91.62
C THR L 137 64.76 -17.27 -92.82
N LEU L 138 64.51 -16.70 -94.01
CA LEU L 138 64.42 -17.51 -95.22
C LEU L 138 65.79 -17.98 -95.71
N ALA L 139 66.80 -17.11 -95.64
CA ALA L 139 68.09 -17.40 -96.27
C ALA L 139 68.72 -18.74 -95.89
N PRO L 140 68.59 -19.26 -94.67
CA PRO L 140 69.13 -20.59 -94.40
C PRO L 140 68.45 -21.69 -95.21
N ILE L 141 67.14 -21.56 -95.46
CA ILE L 141 66.41 -22.55 -96.24
C ILE L 141 66.64 -22.36 -97.74
N PHE L 142 66.86 -21.13 -98.21
CA PHE L 142 67.02 -20.84 -99.63
C PHE L 142 68.38 -20.17 -99.84
N PRO L 143 69.48 -20.90 -99.66
CA PRO L 143 70.80 -20.26 -99.75
C PRO L 143 71.11 -19.70 -101.11
N ASN L 144 70.47 -20.22 -102.17
CA ASN L 144 70.63 -19.71 -103.53
C ASN L 144 69.32 -19.17 -104.07
N GLY L 145 68.34 -18.95 -103.22
CA GLY L 145 67.08 -18.38 -103.67
C GLY L 145 66.37 -19.40 -104.53
N SER L 146 65.84 -18.95 -105.67
CA SER L 146 65.18 -19.88 -106.56
C SER L 146 66.16 -20.79 -107.31
N GLY L 147 67.46 -20.56 -107.19
CA GLY L 147 68.43 -21.27 -108.04
C GLY L 147 68.42 -22.78 -107.86
N ASP L 148 68.29 -23.25 -106.62
CA ASP L 148 68.16 -24.68 -106.31
C ASP L 148 67.23 -24.81 -105.11
N TRP L 149 66.86 -26.05 -104.80
CA TRP L 149 65.97 -26.31 -103.68
C TRP L 149 66.59 -27.27 -102.67
N ILE L 150 67.92 -27.31 -102.57
CA ILE L 150 68.58 -28.44 -101.93
C ILE L 150 68.28 -28.46 -100.43
N LYS L 151 68.42 -27.31 -99.78
CA LYS L 151 68.19 -27.28 -98.35
C LYS L 151 66.73 -27.48 -98.01
N LEU L 152 65.84 -26.95 -98.85
CA LEU L 152 64.41 -27.21 -98.64
C LEU L 152 64.12 -28.70 -98.76
N GLN L 153 64.72 -29.36 -99.75
CA GLN L 153 64.55 -30.80 -99.92
C GLN L 153 65.02 -31.55 -98.68
N GLN L 154 66.15 -31.12 -98.09
CA GLN L 154 66.61 -31.74 -96.85
C GLN L 154 65.57 -31.58 -95.75
N LEU L 155 64.99 -30.38 -95.63
CA LEU L 155 63.96 -30.16 -94.61
C LEU L 155 62.79 -31.11 -94.80
N ILE L 156 62.34 -31.28 -96.04
CA ILE L 156 61.24 -32.19 -96.30
C ILE L 156 61.65 -33.63 -95.99
N ASP L 157 62.85 -34.02 -96.43
CA ASP L 157 63.38 -35.35 -96.16
C ASP L 157 63.52 -35.63 -94.67
N GLY L 158 63.53 -34.59 -93.84
CA GLY L 158 63.53 -34.73 -92.40
C GLY L 158 64.88 -34.50 -91.75
N LEU L 159 65.76 -33.73 -92.38
CA LEU L 159 67.15 -33.58 -91.96
C LEU L 159 67.37 -32.18 -91.40
N PRO L 160 67.10 -31.96 -90.10
CA PRO L 160 67.01 -30.59 -89.58
C PRO L 160 68.34 -29.88 -89.43
N ARG L 161 69.46 -30.59 -89.51
CA ARG L 161 70.79 -29.98 -89.38
C ARG L 161 71.12 -29.22 -90.67
N ILE L 162 70.70 -27.96 -90.70
CA ILE L 162 70.89 -27.13 -91.89
C ILE L 162 72.23 -26.39 -91.85
N PHE L 163 72.71 -26.01 -90.67
CA PHE L 163 74.00 -25.38 -90.54
C PHE L 163 75.08 -26.40 -90.24
N GLY L 164 74.80 -27.68 -90.47
CA GLY L 164 75.73 -28.75 -90.15
C GLY L 164 75.50 -29.31 -88.77
N SER M 1 121.28 -44.63 -82.71
CA SER M 1 120.98 -43.89 -81.49
C SER M 1 119.59 -43.29 -81.58
N TYR M 2 118.80 -43.48 -80.53
CA TYR M 2 117.37 -43.18 -80.55
C TYR M 2 117.11 -41.71 -80.85
N THR M 3 116.12 -41.46 -81.71
CA THR M 3 115.60 -40.11 -81.94
C THR M 3 114.09 -40.09 -81.66
N ILE M 4 113.60 -38.90 -81.31
CA ILE M 4 112.21 -38.69 -80.95
C ILE M 4 111.51 -37.96 -82.10
N ASP M 5 110.50 -38.61 -82.66
CA ASP M 5 109.63 -38.04 -83.69
C ASP M 5 108.36 -37.53 -83.03
N ILE M 6 108.09 -36.23 -83.14
CA ILE M 6 106.77 -35.76 -82.73
C ILE M 6 105.80 -36.17 -83.83
N ASN M 7 105.06 -37.22 -83.56
CA ASN M 7 104.09 -37.71 -84.53
C ASN M 7 102.99 -36.67 -84.60
N CYS M 8 103.03 -35.82 -85.63
CA CYS M 8 102.27 -34.58 -85.58
C CYS M 8 102.44 -33.83 -86.90
N SER M 9 101.55 -32.88 -87.15
CA SER M 9 101.60 -32.02 -88.33
C SER M 9 102.10 -30.63 -87.94
N THR M 10 103.27 -30.24 -88.48
CA THR M 10 103.82 -28.90 -88.30
C THR M 10 103.89 -28.18 -89.65
N GLY M 11 104.07 -26.86 -89.57
CA GLY M 11 104.07 -26.01 -90.74
C GLY M 11 105.39 -25.29 -90.91
N ASP M 12 105.57 -24.58 -92.03
CA ASP M 12 106.84 -23.87 -92.24
C ASP M 12 106.85 -22.51 -91.55
N THR M 13 105.71 -21.84 -91.50
CA THR M 13 105.63 -20.47 -91.00
C THR M 13 105.82 -20.40 -89.48
N GLN M 14 106.26 -19.24 -88.99
CA GLN M 14 106.38 -19.05 -87.55
C GLN M 14 105.88 -17.65 -87.19
N ALA M 15 105.22 -17.55 -86.06
CA ALA M 15 104.73 -16.28 -85.52
C ALA M 15 105.35 -16.01 -84.16
N ASN M 16 105.38 -14.73 -83.79
CA ASN M 16 105.83 -14.29 -82.48
C ASN M 16 104.61 -14.06 -81.59
N LEU M 17 104.52 -14.81 -80.50
CA LEU M 17 103.61 -14.49 -79.41
C LEU M 17 104.41 -13.65 -78.42
N VAL M 18 104.08 -12.37 -78.31
CA VAL M 18 104.92 -11.43 -77.57
C VAL M 18 104.48 -11.41 -76.11
N LEU M 19 105.32 -11.97 -75.25
CA LEU M 19 105.06 -12.00 -73.82
C LEU M 19 105.70 -10.78 -73.17
N THR M 20 104.97 -10.16 -72.25
CA THR M 20 105.51 -9.11 -71.42
C THR M 20 105.88 -9.70 -70.07
N GLU M 21 107.08 -9.38 -69.60
CA GLU M 21 107.60 -10.04 -68.40
C GLU M 21 106.72 -9.70 -67.20
N ILE M 22 106.81 -10.56 -66.19
CA ILE M 22 106.14 -10.33 -64.92
C ILE M 22 107.22 -10.33 -63.85
N PRO M 23 107.49 -9.19 -63.20
CA PRO M 23 108.64 -9.11 -62.29
C PRO M 23 108.43 -9.97 -61.06
N ALA M 24 109.48 -10.68 -60.66
CA ALA M 24 109.35 -11.61 -59.55
C ALA M 24 109.34 -10.90 -58.20
N GLU M 25 109.92 -9.70 -58.12
CA GLU M 25 110.00 -9.02 -56.84
C GLU M 25 108.65 -8.86 -56.17
N PRO M 26 107.59 -8.36 -56.82
CA PRO M 26 106.34 -8.13 -56.08
C PRO M 26 105.63 -9.39 -55.61
N TYR M 27 106.02 -10.61 -56.03
CA TYR M 27 105.28 -11.80 -55.62
C TYR M 27 105.75 -12.28 -54.25
N VAL M 28 104.80 -12.68 -53.42
CA VAL M 28 105.06 -13.13 -52.05
C VAL M 28 104.51 -14.54 -51.87
N HIS M 29 105.39 -15.45 -51.43
CA HIS M 29 104.98 -16.80 -51.07
C HIS M 29 103.92 -16.75 -49.98
N VAL M 30 102.81 -17.45 -50.21
CA VAL M 30 101.66 -17.41 -49.32
C VAL M 30 101.38 -18.77 -48.70
N SER M 31 101.31 -19.82 -49.52
CA SER M 31 100.95 -21.14 -49.03
C SER M 31 101.65 -22.21 -49.85
N GLY M 32 101.95 -23.32 -49.20
CA GLY M 32 102.23 -24.57 -49.90
C GLY M 32 103.66 -25.05 -49.79
N ASP M 33 103.82 -26.38 -49.75
CA ASP M 33 105.10 -27.07 -49.82
C ASP M 33 105.58 -27.18 -51.26
N ASN M 34 106.71 -27.84 -51.46
CA ASN M 34 106.95 -28.49 -52.75
C ASN M 34 106.02 -29.68 -52.92
N LYS M 35 105.68 -30.35 -51.81
CA LYS M 35 104.74 -31.47 -51.85
C LYS M 35 103.31 -30.99 -52.08
N SER M 36 102.99 -29.77 -51.68
CA SER M 36 101.70 -29.16 -51.93
C SER M 36 101.81 -28.25 -53.15
N THR M 37 100.79 -27.42 -53.38
CA THR M 37 100.84 -26.41 -54.44
C THR M 37 101.35 -25.06 -53.90
N ILE M 38 102.40 -24.52 -54.53
CA ILE M 38 102.94 -23.22 -54.16
C ILE M 38 102.01 -22.12 -54.64
N GLU M 39 101.81 -21.10 -53.80
CA GLU M 39 100.90 -20.00 -54.13
C GLU M 39 101.58 -18.68 -53.88
N TYR M 40 101.52 -17.78 -54.85
CA TYR M 40 102.08 -16.43 -54.72
C TYR M 40 101.00 -15.38 -54.85
N LEU M 41 101.17 -14.31 -54.09
CA LEU M 41 100.34 -13.11 -54.15
C LEU M 41 101.10 -11.99 -54.85
N ASP M 42 100.48 -11.39 -55.85
CA ASP M 42 101.02 -10.21 -56.54
C ASP M 42 100.68 -9.00 -55.68
N THR M 43 101.67 -8.50 -54.92
CA THR M 43 101.45 -7.38 -54.00
C THR M 43 101.44 -6.04 -54.70
N GLY M 44 101.70 -6.02 -56.01
CA GLY M 44 101.56 -4.79 -56.76
C GLY M 44 100.14 -4.67 -57.28
N SER M 45 99.16 -4.71 -56.37
CA SER M 45 97.76 -4.60 -56.71
C SER M 45 97.09 -3.59 -55.80
N ASP M 46 95.83 -3.28 -56.11
CA ASP M 46 95.09 -2.36 -55.26
C ASP M 46 94.86 -3.01 -53.91
N ASN M 47 95.52 -2.46 -52.90
CA ASN M 47 95.38 -2.91 -51.51
C ASN M 47 93.94 -2.80 -51.04
N SER M 48 93.18 -1.83 -51.56
CA SER M 48 91.84 -1.54 -51.09
C SER M 48 90.80 -2.54 -51.57
N LEU M 49 91.22 -3.61 -52.21
CA LEU M 49 90.37 -4.75 -52.52
C LEU M 49 90.74 -5.91 -51.61
N LEU M 50 89.73 -6.66 -51.20
CA LEU M 50 89.99 -7.87 -50.43
C LEU M 50 90.37 -9.06 -51.30
N VAL M 51 90.27 -8.91 -52.61
CA VAL M 51 90.77 -9.91 -53.56
C VAL M 51 91.97 -9.32 -54.26
N ARG M 52 93.00 -10.15 -54.43
CA ARG M 52 94.23 -9.69 -55.03
C ARG M 52 94.76 -10.79 -55.94
N PRO M 53 95.57 -10.42 -56.94
CA PRO M 53 96.00 -11.39 -57.95
C PRO M 53 96.96 -12.41 -57.37
N THR M 54 96.73 -13.67 -57.71
CA THR M 54 97.57 -14.77 -57.25
C THR M 54 97.91 -15.69 -58.41
N GLN M 55 99.14 -16.18 -58.44
CA GLN M 55 99.45 -17.29 -59.34
C GLN M 55 100.04 -18.45 -58.55
N GLN M 56 99.62 -19.67 -58.89
CA GLN M 56 100.08 -20.85 -58.17
C GLN M 56 100.71 -21.85 -59.13
N PHE M 57 101.66 -22.62 -58.58
CA PHE M 57 102.45 -23.60 -59.31
C PHE M 57 102.50 -24.90 -58.52
N ASN M 58 102.08 -25.98 -59.17
CA ASN M 58 102.11 -27.33 -58.62
C ASN M 58 102.82 -28.22 -59.62
N CYS M 59 103.62 -29.16 -59.14
CA CYS M 59 104.17 -30.15 -60.06
C CYS M 59 104.35 -31.49 -59.36
N VAL M 60 104.09 -32.56 -60.11
CA VAL M 60 104.09 -33.93 -59.60
C VAL M 60 104.65 -34.87 -60.67
N SER M 61 105.18 -36.00 -60.21
CA SER M 61 105.91 -36.91 -61.07
C SER M 61 105.58 -38.33 -60.68
N SER M 62 105.56 -39.22 -61.68
CA SER M 62 105.25 -40.62 -61.43
C SER M 62 106.09 -41.56 -62.30
N GLN M 63 106.38 -42.73 -61.75
CA GLN M 63 107.13 -43.76 -62.44
C GLN M 63 106.28 -44.57 -63.39
N TYR M 64 104.98 -44.28 -63.47
CA TYR M 64 104.02 -45.08 -64.24
C TYR M 64 103.37 -44.20 -65.30
N PRO M 65 104.11 -43.85 -66.36
CA PRO M 65 103.66 -42.77 -67.25
C PRO M 65 102.53 -43.16 -68.16
N TYR M 66 102.24 -44.45 -68.31
CA TYR M 66 101.21 -44.95 -69.19
C TYR M 66 99.89 -45.20 -68.46
N ARG M 67 99.74 -44.71 -67.23
CA ARG M 67 98.57 -45.08 -66.43
C ARG M 67 97.28 -44.57 -67.05
N ASN M 68 97.30 -43.35 -67.60
CA ASN M 68 96.09 -42.77 -68.16
C ASN M 68 95.82 -43.21 -69.59
N TYR M 69 96.83 -43.66 -70.31
CA TYR M 69 96.71 -43.97 -71.72
C TYR M 69 96.51 -45.48 -71.87
N SER M 70 95.36 -45.85 -72.43
CA SER M 70 94.95 -47.25 -72.40
C SER M 70 95.37 -48.04 -73.64
N LYS M 71 95.41 -47.39 -74.81
CA LYS M 71 95.56 -48.13 -76.05
C LYS M 71 97.00 -48.17 -76.54
N ILE M 72 97.97 -48.07 -75.64
CA ILE M 72 99.39 -48.22 -75.98
C ILE M 72 99.83 -49.59 -75.52
N PRO M 73 100.27 -50.48 -76.41
CA PRO M 73 100.71 -51.82 -76.00
C PRO M 73 101.98 -51.77 -75.18
N ARG M 74 102.15 -52.79 -74.32
CA ARG M 74 103.34 -52.88 -73.49
C ARG M 74 104.61 -52.96 -74.35
N SER M 75 104.53 -53.65 -75.50
CA SER M 75 105.66 -53.74 -76.40
C SER M 75 106.10 -52.40 -76.94
N GLN M 76 105.30 -51.34 -76.73
CA GLN M 76 105.64 -49.99 -77.16
C GLN M 76 105.84 -49.03 -75.99
N GLN M 77 105.82 -49.54 -74.76
CA GLN M 77 106.00 -48.71 -73.57
C GLN M 77 107.46 -48.68 -73.14
N ASP M 78 108.06 -47.50 -73.15
CA ASP M 78 109.48 -47.33 -72.77
C ASP M 78 109.65 -47.56 -71.27
N PRO M 79 110.36 -48.61 -70.85
CA PRO M 79 110.46 -48.90 -69.42
C PRO M 79 111.24 -47.87 -68.63
N LEU M 80 112.04 -47.05 -69.31
CA LEU M 80 112.77 -45.97 -68.68
C LEU M 80 111.99 -44.66 -68.66
N ALA M 81 110.82 -44.64 -69.28
CA ALA M 81 110.07 -43.40 -69.36
C ALA M 81 109.45 -43.06 -68.01
N VAL M 82 109.33 -41.76 -67.75
CA VAL M 82 108.77 -41.24 -66.51
C VAL M 82 107.76 -40.16 -66.88
N ARG M 83 106.81 -39.91 -65.97
CA ARG M 83 105.79 -38.89 -66.18
C ARG M 83 106.15 -37.66 -65.36
N ARG M 84 106.30 -36.52 -66.03
CA ARG M 84 106.56 -35.24 -65.37
C ARG M 84 105.39 -34.33 -65.67
N GLU M 85 104.79 -33.75 -64.64
CA GLU M 85 103.59 -32.93 -64.80
C GLU M 85 103.75 -31.64 -64.02
N PHE M 86 103.26 -30.54 -64.57
CA PHE M 86 103.18 -29.27 -63.84
C PHE M 86 101.91 -28.55 -64.22
N TYR M 87 101.51 -27.62 -63.35
CA TYR M 87 100.20 -26.99 -63.41
C TYR M 87 100.30 -25.60 -62.81
N THR M 88 99.92 -24.59 -63.58
CA THR M 88 99.90 -23.23 -63.08
C THR M 88 98.48 -22.70 -63.22
N ARG M 89 98.07 -21.88 -62.26
CA ARG M 89 96.78 -21.19 -62.31
C ARG M 89 96.97 -19.76 -61.85
N ARG M 90 96.70 -18.82 -62.76
CA ARG M 90 96.78 -17.40 -62.47
C ARG M 90 95.37 -16.85 -62.41
N VAL M 91 95.06 -16.20 -61.30
CA VAL M 91 93.82 -15.45 -61.15
C VAL M 91 94.21 -14.00 -61.01
N GLU M 92 93.68 -13.15 -61.90
CA GLU M 92 93.78 -11.71 -61.70
C GLU M 92 92.38 -11.14 -61.53
N TYR M 93 92.34 -9.94 -60.95
CA TYR M 93 91.08 -9.26 -60.62
C TYR M 93 91.12 -7.87 -61.23
N TRP M 94 90.48 -7.69 -62.38
CA TRP M 94 90.48 -6.41 -63.06
C TRP M 94 89.55 -5.44 -62.34
N ARG M 95 89.69 -4.16 -62.66
CA ARG M 95 88.89 -3.11 -62.06
C ARG M 95 88.40 -2.21 -63.18
N LYS M 96 87.08 -2.05 -63.29
CA LYS M 96 86.51 -1.11 -64.26
C LYS M 96 85.97 0.12 -63.52
N ALA M 97 86.37 1.29 -64.03
CA ALA M 97 85.88 2.58 -63.54
C ALA M 97 86.16 3.66 -64.58
N ASP M 98 85.64 4.87 -64.36
CA ASP M 98 86.05 5.98 -65.22
C ASP M 98 86.33 7.22 -64.39
N ALA M 99 87.46 7.87 -64.70
CA ALA M 99 87.82 9.13 -64.05
C ALA M 99 86.88 10.26 -64.44
N SER M 100 86.08 10.06 -65.49
CA SER M 100 85.15 11.09 -65.94
C SER M 100 84.02 11.32 -64.95
N ASN M 101 83.66 10.29 -64.18
CA ASN M 101 82.47 10.33 -63.34
C ASN M 101 82.80 9.78 -61.95
N VAL M 102 83.04 10.67 -60.99
CA VAL M 102 83.26 10.23 -59.62
C VAL M 102 82.00 9.60 -59.03
N ASP M 103 80.84 9.88 -59.62
CA ASP M 103 79.57 9.40 -59.11
C ASP M 103 79.23 7.99 -59.58
N ALA M 104 79.95 7.45 -60.57
CA ALA M 104 79.57 6.15 -61.12
C ALA M 104 80.35 5.02 -60.45
N PRO M 105 79.72 3.88 -60.21
CA PRO M 105 80.34 2.85 -59.35
C PRO M 105 81.48 2.15 -60.06
N GLU M 106 82.38 1.61 -59.24
CA GLU M 106 83.48 0.79 -59.73
C GLU M 106 83.13 -0.68 -59.55
N TYR M 107 83.63 -1.51 -60.48
CA TYR M 107 83.38 -2.94 -60.41
C TYR M 107 84.69 -3.70 -60.50
N THR M 108 84.77 -4.84 -59.83
CA THR M 108 85.92 -5.72 -59.95
C THR M 108 85.52 -6.98 -60.73
N LEU M 109 86.31 -7.30 -61.74
CA LEU M 109 86.00 -8.34 -62.74
C LEU M 109 86.99 -9.50 -62.65
N PRO M 110 86.58 -10.69 -62.22
CA PRO M 110 87.54 -11.79 -62.07
C PRO M 110 87.87 -12.51 -63.37
N GLN M 111 89.15 -12.88 -63.49
CA GLN M 111 89.69 -13.59 -64.64
C GLN M 111 90.61 -14.67 -64.13
N SER M 112 90.54 -15.85 -64.76
CA SER M 112 91.41 -16.97 -64.38
C SER M 112 91.87 -17.75 -65.60
N CYS M 113 93.11 -18.25 -65.54
CA CYS M 113 93.67 -19.02 -66.63
C CYS M 113 94.61 -20.06 -66.06
N SER M 114 94.49 -21.30 -66.55
CA SER M 114 95.25 -22.41 -65.98
C SER M 114 95.80 -23.29 -67.08
N ILE M 115 97.10 -23.62 -66.96
CA ILE M 115 97.79 -24.48 -67.91
C ILE M 115 98.34 -25.69 -67.17
N ARG M 116 97.99 -26.88 -67.67
CA ARG M 116 98.52 -28.15 -67.17
C ARG M 116 99.27 -28.86 -68.30
N LEU M 117 100.41 -29.46 -67.95
CA LEU M 117 101.28 -30.15 -68.90
C LEU M 117 101.81 -31.41 -68.25
N ALA M 118 101.60 -32.54 -68.91
CA ALA M 118 102.12 -33.82 -68.47
C ALA M 118 102.84 -34.46 -69.65
N SER M 119 104.16 -34.51 -69.58
CA SER M 119 104.99 -35.12 -70.62
C SER M 119 105.51 -36.47 -70.15
N THR M 120 105.61 -37.40 -71.09
CA THR M 120 106.43 -38.58 -70.88
C THR M 120 107.87 -38.23 -71.23
N VAL M 121 108.77 -38.33 -70.26
CA VAL M 121 110.17 -37.94 -70.42
C VAL M 121 111.05 -39.16 -70.35
N THR M 122 111.93 -39.29 -71.34
CA THR M 122 112.95 -40.33 -71.41
C THR M 122 114.29 -39.66 -71.63
N LYS M 123 115.35 -40.48 -71.74
CA LYS M 123 116.71 -39.97 -71.84
C LYS M 123 116.83 -38.89 -72.91
N GLU M 124 116.21 -39.13 -74.07
CA GLU M 124 116.37 -38.28 -75.25
C GLU M 124 115.43 -37.08 -75.26
N THR M 125 114.47 -37.03 -74.34
CA THR M 125 113.54 -35.91 -74.26
C THR M 125 114.24 -34.69 -73.69
N THR M 126 114.29 -33.60 -74.47
CA THR M 126 114.93 -32.36 -74.04
C THR M 126 113.90 -31.33 -73.58
N ALA M 127 114.40 -30.36 -72.82
CA ALA M 127 113.53 -29.29 -72.34
C ALA M 127 112.86 -28.57 -73.49
N ALA M 128 113.60 -28.35 -74.58
CA ALA M 128 113.00 -27.80 -75.79
C ALA M 128 111.89 -28.68 -76.32
N ASP M 129 112.12 -30.00 -76.37
CA ASP M 129 111.08 -30.92 -76.84
C ASP M 129 109.81 -30.75 -76.03
N ILE M 130 109.95 -30.57 -74.71
CA ILE M 130 108.77 -30.46 -73.86
C ILE M 130 108.11 -29.09 -74.03
N ALA M 131 108.91 -28.04 -74.24
CA ALA M 131 108.31 -26.74 -74.54
C ALA M 131 107.51 -26.79 -75.84
N GLY M 132 107.95 -27.63 -76.77
CA GLY M 132 107.23 -27.79 -78.02
C GLY M 132 105.76 -28.11 -77.83
N ILE M 133 105.43 -28.93 -76.83
CA ILE M 133 104.03 -29.34 -76.71
C ILE M 133 103.17 -28.17 -76.27
N VAL M 134 103.68 -27.31 -75.39
CA VAL M 134 102.94 -26.11 -75.03
C VAL M 134 102.82 -25.17 -76.22
N LEU M 135 103.91 -25.03 -76.99
CA LEU M 135 103.87 -24.13 -78.14
C LEU M 135 102.86 -24.61 -79.20
N ARG M 136 102.77 -25.92 -79.41
CA ARG M 136 101.82 -26.46 -80.36
C ARG M 136 100.40 -26.44 -79.83
N THR M 137 100.22 -26.53 -78.52
CA THR M 137 98.88 -26.33 -77.97
C THR M 137 98.42 -24.90 -78.18
N LEU M 138 99.32 -23.93 -78.01
CA LEU M 138 98.95 -22.52 -78.16
C LEU M 138 98.71 -22.16 -79.61
N ALA M 139 99.51 -22.70 -80.53
CA ALA M 139 99.54 -22.19 -81.90
C ALA M 139 98.19 -22.15 -82.61
N PRO M 140 97.30 -23.14 -82.50
CA PRO M 140 96.01 -23.03 -83.21
C PRO M 140 95.16 -21.84 -82.78
N ILE M 141 95.23 -21.46 -81.50
CA ILE M 141 94.47 -20.33 -80.97
C ILE M 141 95.11 -19.00 -81.36
N PHE M 142 96.43 -18.95 -81.48
CA PHE M 142 97.16 -17.73 -81.82
C PHE M 142 97.96 -18.02 -83.08
N PRO M 143 97.28 -18.20 -84.22
CA PRO M 143 98.00 -18.62 -85.44
C PRO M 143 98.88 -17.54 -86.01
N ASN M 144 98.70 -16.28 -85.60
CA ASN M 144 99.59 -15.20 -85.97
C ASN M 144 100.24 -14.56 -84.75
N GLY M 145 100.28 -15.27 -83.63
CA GLY M 145 100.97 -14.76 -82.47
C GLY M 145 100.23 -13.57 -81.92
N SER M 146 101.00 -12.62 -81.38
CA SER M 146 100.37 -11.41 -80.87
C SER M 146 99.76 -10.55 -81.97
N GLY M 147 99.91 -10.95 -83.25
CA GLY M 147 99.45 -10.10 -84.34
C GLY M 147 97.96 -9.83 -84.34
N ASP M 148 97.15 -10.89 -84.40
CA ASP M 148 95.71 -10.74 -84.39
C ASP M 148 95.11 -11.67 -83.35
N TRP M 149 93.83 -11.43 -83.03
CA TRP M 149 93.15 -12.18 -82.00
C TRP M 149 91.92 -12.89 -82.53
N ILE M 150 91.93 -13.28 -83.81
CA ILE M 150 90.69 -13.66 -84.46
C ILE M 150 90.18 -14.98 -83.89
N LYS M 151 91.06 -15.98 -83.79
CA LYS M 151 90.62 -17.28 -83.29
C LYS M 151 90.30 -17.21 -81.81
N LEU M 152 91.08 -16.41 -81.06
CA LEU M 152 90.75 -16.24 -79.64
C LEU M 152 89.36 -15.62 -79.49
N GLN M 153 89.08 -14.60 -80.31
CA GLN M 153 87.77 -13.98 -80.32
C GLN M 153 86.67 -15.00 -80.56
N GLN M 154 86.90 -15.91 -81.51
CA GLN M 154 85.93 -16.99 -81.75
C GLN M 154 85.72 -17.83 -80.49
N LEU M 155 86.82 -18.27 -79.88
CA LEU M 155 86.69 -19.09 -78.68
C LEU M 155 85.86 -18.39 -77.62
N ILE M 156 86.04 -17.08 -77.47
CA ILE M 156 85.26 -16.35 -76.48
C ILE M 156 83.81 -16.19 -76.93
N ASP M 157 83.60 -15.95 -78.22
CA ASP M 157 82.27 -15.85 -78.81
C ASP M 157 81.50 -17.15 -78.69
N GLY M 158 82.15 -18.25 -78.34
CA GLY M 158 81.48 -19.51 -78.17
C GLY M 158 81.52 -20.44 -79.35
N LEU M 159 82.51 -20.27 -80.25
CA LEU M 159 82.64 -21.06 -81.47
C LEU M 159 83.88 -21.94 -81.36
N PRO M 160 83.74 -23.23 -81.02
CA PRO M 160 84.91 -24.04 -80.67
C PRO M 160 85.72 -24.56 -81.83
N ARG M 161 85.25 -24.46 -83.07
CA ARG M 161 85.94 -25.12 -84.17
C ARG M 161 87.05 -24.22 -84.71
N ILE M 162 88.21 -24.31 -84.07
CA ILE M 162 89.40 -23.59 -84.53
C ILE M 162 89.81 -24.03 -85.93
N PHE M 163 89.73 -25.33 -86.20
CA PHE M 163 90.19 -25.87 -87.46
C PHE M 163 89.09 -25.93 -88.52
N GLY M 164 87.84 -25.65 -88.14
CA GLY M 164 86.75 -25.67 -89.11
C GLY M 164 85.88 -26.93 -89.08
N SER N 1 82.84 5.82 -70.77
CA SER N 1 84.17 6.26 -70.38
C SER N 1 84.83 5.24 -69.47
N TYR N 2 84.08 4.19 -69.12
CA TYR N 2 84.61 3.10 -68.32
C TYR N 2 85.86 2.50 -68.96
N THR N 3 86.88 2.30 -68.14
CA THR N 3 88.13 1.68 -68.55
C THR N 3 88.42 0.49 -67.64
N ILE N 4 89.06 -0.50 -68.25
CA ILE N 4 89.44 -1.75 -67.63
C ILE N 4 90.91 -1.66 -67.24
N ASP N 5 91.20 -1.70 -65.95
CA ASP N 5 92.56 -1.73 -65.45
C ASP N 5 92.84 -3.14 -64.93
N ILE N 6 93.80 -3.83 -65.57
CA ILE N 6 94.29 -5.05 -64.95
C ILE N 6 94.98 -4.69 -63.65
N ASN N 7 94.72 -5.46 -62.62
CA ASN N 7 95.27 -5.15 -61.31
C ASN N 7 96.54 -5.97 -61.06
N CYS N 8 97.50 -5.87 -61.98
CA CYS N 8 98.63 -6.78 -61.99
C CYS N 8 99.93 -6.02 -61.88
N SER N 9 101.02 -6.77 -61.81
CA SER N 9 102.37 -6.24 -61.97
C SER N 9 102.87 -6.63 -63.35
N THR N 10 103.26 -5.65 -64.15
CA THR N 10 103.80 -5.87 -65.48
C THR N 10 105.11 -5.10 -65.63
N GLY N 11 106.09 -5.76 -66.27
CA GLY N 11 107.39 -5.18 -66.51
C GLY N 11 107.44 -4.37 -67.77
N ASP N 12 108.62 -3.79 -68.04
CA ASP N 12 108.88 -3.04 -69.25
C ASP N 12 109.48 -3.90 -70.35
N THR N 13 110.04 -5.06 -70.00
CA THR N 13 110.76 -5.92 -70.92
C THR N 13 109.78 -6.82 -71.69
N GLN N 14 110.18 -7.30 -72.87
CA GLN N 14 109.31 -8.18 -73.64
C GLN N 14 110.15 -9.26 -74.32
N ALA N 15 109.52 -10.41 -74.57
CA ALA N 15 110.18 -11.55 -75.18
C ALA N 15 109.29 -12.18 -76.22
N ASN N 16 109.91 -12.86 -77.18
CA ASN N 16 109.22 -13.52 -78.28
C ASN N 16 109.12 -15.02 -77.99
N LEU N 17 107.91 -15.52 -77.77
CA LEU N 17 107.64 -16.95 -77.71
C LEU N 17 107.25 -17.39 -79.11
N VAL N 18 108.10 -18.18 -79.76
CA VAL N 18 107.99 -18.42 -81.19
C VAL N 18 107.12 -19.64 -81.44
N LEU N 19 105.93 -19.41 -81.97
CA LEU N 19 104.99 -20.47 -82.29
C LEU N 19 105.22 -20.93 -83.72
N THR N 20 105.27 -22.23 -83.92
CA THR N 20 105.29 -22.79 -85.26
C THR N 20 103.88 -23.21 -85.63
N GLU N 21 103.47 -22.90 -86.86
CA GLU N 21 102.08 -23.02 -87.23
C GLU N 21 101.62 -24.47 -87.25
N ILE N 22 100.33 -24.67 -87.02
CA ILE N 22 99.73 -25.99 -87.13
C ILE N 22 98.65 -25.92 -88.18
N PRO N 23 98.81 -26.60 -89.32
CA PRO N 23 97.86 -26.46 -90.42
C PRO N 23 96.53 -27.14 -90.13
N ALA N 24 95.45 -26.55 -90.65
CA ALA N 24 94.14 -27.14 -90.40
C ALA N 24 93.82 -28.25 -91.39
N GLU N 25 94.43 -28.21 -92.58
CA GLU N 25 94.16 -29.24 -93.59
C GLU N 25 94.31 -30.65 -93.08
N PRO N 26 95.35 -31.02 -92.31
CA PRO N 26 95.43 -32.41 -91.83
C PRO N 26 94.40 -32.79 -90.76
N TYR N 27 93.62 -31.86 -90.22
CA TYR N 27 92.76 -32.20 -89.09
C TYR N 27 91.37 -32.64 -89.55
N VAL N 28 90.79 -33.56 -88.77
CA VAL N 28 89.54 -34.25 -89.12
C VAL N 28 88.58 -34.23 -87.93
N HIS N 29 87.30 -34.00 -88.21
CA HIS N 29 86.25 -34.11 -87.21
C HIS N 29 86.20 -35.51 -86.60
N VAL N 30 86.04 -35.57 -85.29
CA VAL N 30 85.93 -36.82 -84.55
C VAL N 30 84.61 -36.92 -83.80
N SER N 31 84.32 -35.94 -82.94
CA SER N 31 83.08 -35.92 -82.19
C SER N 31 82.55 -34.49 -82.12
N GLY N 32 81.25 -34.36 -81.87
CA GLY N 32 80.59 -33.08 -81.67
C GLY N 32 80.81 -32.07 -82.77
N ASP N 33 80.36 -32.38 -83.99
CA ASP N 33 80.68 -31.55 -85.15
C ASP N 33 80.09 -30.15 -85.01
N ASN N 34 78.82 -30.07 -84.63
CA ASN N 34 78.14 -28.79 -84.50
C ASN N 34 78.16 -28.23 -83.09
N LYS N 35 78.46 -29.07 -82.09
CA LYS N 35 78.18 -28.74 -80.70
C LYS N 35 79.27 -27.83 -80.10
N SER N 36 79.06 -27.42 -78.86
CA SER N 36 79.97 -26.53 -78.16
C SER N 36 81.29 -27.19 -77.80
N THR N 37 81.42 -28.49 -78.02
CA THR N 37 82.64 -29.24 -77.78
C THR N 37 82.98 -30.01 -79.04
N ILE N 38 84.20 -29.82 -79.55
CA ILE N 38 84.66 -30.48 -80.76
C ILE N 38 86.00 -31.12 -80.48
N GLU N 39 86.24 -32.28 -81.10
CA GLU N 39 87.50 -33.00 -80.98
C GLU N 39 88.04 -33.30 -82.37
N TYR N 40 89.26 -32.85 -82.64
CA TYR N 40 89.90 -33.10 -83.93
C TYR N 40 91.01 -34.13 -83.81
N LEU N 41 91.23 -34.83 -84.93
CA LEU N 41 92.32 -35.76 -85.10
C LEU N 41 93.30 -35.21 -86.13
N ASP N 42 94.59 -35.27 -85.81
CA ASP N 42 95.67 -34.93 -86.75
C ASP N 42 96.01 -36.19 -87.53
N THR N 43 95.58 -36.25 -88.79
CA THR N 43 95.90 -37.40 -89.62
C THR N 43 97.24 -37.29 -90.29
N GLY N 44 98.08 -36.35 -89.86
CA GLY N 44 99.46 -36.37 -90.29
C GLY N 44 100.25 -37.22 -89.33
N SER N 45 99.61 -38.21 -88.75
CA SER N 45 100.23 -39.07 -87.77
C SER N 45 100.43 -40.47 -88.30
N ASP N 46 101.20 -41.25 -87.56
CA ASP N 46 101.47 -42.60 -87.99
C ASP N 46 100.17 -43.34 -88.18
N ASN N 47 99.99 -43.81 -89.41
CA ASN N 47 98.82 -44.57 -89.79
C ASN N 47 98.58 -45.74 -88.85
N SER N 48 99.65 -46.44 -88.47
CA SER N 48 99.57 -47.79 -87.95
C SER N 48 99.49 -47.87 -86.43
N LEU N 49 99.51 -46.76 -85.71
CA LEU N 49 99.36 -46.82 -84.26
C LEU N 49 97.89 -46.83 -83.84
N LEU N 50 97.67 -47.17 -82.58
CA LEU N 50 96.32 -47.12 -82.03
C LEU N 50 96.01 -45.75 -81.44
N VAL N 51 97.04 -44.96 -81.18
CA VAL N 51 96.89 -43.61 -80.66
C VAL N 51 97.33 -42.65 -81.75
N ARG N 52 96.63 -41.53 -81.85
CA ARG N 52 97.00 -40.50 -82.80
C ARG N 52 96.72 -39.14 -82.18
N PRO N 53 97.48 -38.11 -82.58
CA PRO N 53 97.36 -36.80 -81.93
C PRO N 53 95.99 -36.20 -82.16
N THR N 54 95.38 -35.77 -81.07
CA THR N 54 94.10 -35.09 -81.08
C THR N 54 94.25 -33.74 -80.39
N GLN N 55 93.36 -32.82 -80.75
CA GLN N 55 93.18 -31.62 -79.95
C GLN N 55 91.70 -31.33 -79.87
N GLN N 56 91.21 -31.12 -78.66
CA GLN N 56 89.81 -30.74 -78.50
C GLN N 56 89.74 -29.30 -78.04
N PHE N 57 88.62 -28.68 -78.41
CA PHE N 57 88.24 -27.35 -77.96
C PHE N 57 86.81 -27.42 -77.49
N ASN N 58 86.51 -26.76 -76.37
CA ASN N 58 85.11 -26.59 -75.99
C ASN N 58 84.91 -25.26 -75.29
N CYS N 59 83.74 -24.68 -75.50
CA CYS N 59 83.37 -23.38 -74.96
C CYS N 59 82.24 -23.57 -73.97
N VAL N 60 82.20 -22.69 -72.97
CA VAL N 60 81.17 -22.69 -71.93
C VAL N 60 80.88 -21.23 -71.58
N SER N 61 79.62 -20.96 -71.27
CA SER N 61 79.20 -19.64 -70.83
C SER N 61 78.32 -19.80 -69.60
N SER N 62 78.42 -18.85 -68.66
CA SER N 62 77.56 -18.83 -67.49
C SER N 62 77.02 -17.44 -67.23
N GLN N 63 75.79 -17.41 -66.70
CA GLN N 63 75.09 -16.17 -66.44
C GLN N 63 75.57 -15.49 -65.16
N TYR N 64 76.07 -16.28 -64.21
CA TYR N 64 76.49 -15.81 -62.88
C TYR N 64 78.01 -15.84 -62.78
N PRO N 65 78.70 -14.80 -63.22
CA PRO N 65 80.17 -14.89 -63.31
C PRO N 65 80.85 -14.78 -61.98
N TYR N 66 80.13 -14.34 -60.96
CA TYR N 66 80.65 -14.13 -59.62
C TYR N 66 80.34 -15.29 -58.70
N ARG N 67 79.97 -16.45 -59.25
CA ARG N 67 79.49 -17.54 -58.39
C ARG N 67 80.55 -17.99 -57.42
N ASN N 68 81.75 -18.26 -57.92
CA ASN N 68 82.83 -18.75 -57.09
C ASN N 68 83.62 -17.63 -56.42
N TYR N 69 83.33 -16.37 -56.74
CA TYR N 69 84.06 -15.26 -56.15
C TYR N 69 83.21 -14.60 -55.08
N SER N 70 83.28 -15.14 -53.86
CA SER N 70 82.45 -14.61 -52.80
C SER N 70 83.10 -13.44 -52.08
N LYS N 71 84.43 -13.33 -52.10
CA LYS N 71 85.09 -12.22 -51.42
C LYS N 71 84.87 -10.88 -52.11
N ILE N 72 84.12 -10.87 -53.20
CA ILE N 72 83.74 -9.64 -53.88
C ILE N 72 82.34 -9.24 -53.41
N PRO N 73 82.13 -7.99 -52.99
CA PRO N 73 80.80 -7.56 -52.57
C PRO N 73 79.90 -7.30 -53.76
N ARG N 74 78.59 -7.46 -53.51
CA ARG N 74 77.61 -7.20 -54.56
C ARG N 74 77.74 -5.78 -55.10
N SER N 75 77.98 -4.81 -54.22
CA SER N 75 78.17 -3.42 -54.63
C SER N 75 79.31 -3.22 -55.62
N GLN N 76 80.17 -4.23 -55.80
CA GLN N 76 81.24 -4.17 -56.78
C GLN N 76 81.11 -5.20 -57.89
N GLN N 77 80.07 -6.04 -57.86
CA GLN N 77 79.81 -7.00 -58.93
C GLN N 77 79.02 -6.34 -60.04
N ASP N 78 79.57 -6.34 -61.25
CA ASP N 78 78.90 -5.77 -62.42
C ASP N 78 77.69 -6.61 -62.81
N PRO N 79 76.46 -6.13 -62.61
CA PRO N 79 75.28 -6.98 -62.89
C PRO N 79 75.08 -7.28 -64.36
N LEU N 80 75.80 -6.60 -65.25
CA LEU N 80 75.79 -6.91 -66.67
C LEU N 80 76.93 -7.82 -67.08
N ALA N 81 77.73 -8.30 -66.14
CA ALA N 81 78.85 -9.14 -66.49
C ALA N 81 78.37 -10.55 -66.80
N VAL N 82 79.06 -11.21 -67.72
CA VAL N 82 78.75 -12.57 -68.15
C VAL N 82 80.05 -13.34 -68.19
N ARG N 83 80.00 -14.62 -67.80
CA ARG N 83 81.21 -15.45 -67.77
C ARG N 83 81.37 -16.21 -69.07
N ARG N 84 82.50 -16.00 -69.74
CA ARG N 84 82.85 -16.77 -70.94
C ARG N 84 84.10 -17.57 -70.62
N GLU N 85 84.09 -18.88 -70.89
CA GLU N 85 85.29 -19.69 -70.76
C GLU N 85 85.45 -20.60 -71.98
N PHE N 86 86.71 -20.99 -72.22
CA PHE N 86 87.02 -22.00 -73.22
C PHE N 86 88.16 -22.87 -72.70
N TYR N 87 88.32 -24.03 -73.33
CA TYR N 87 89.24 -25.05 -72.86
C TYR N 87 89.76 -25.83 -74.05
N THR N 88 91.08 -25.92 -74.15
CA THR N 88 91.69 -26.75 -75.17
C THR N 88 92.52 -27.82 -74.48
N ARG N 89 92.56 -29.00 -75.08
CA ARG N 89 93.41 -30.09 -74.61
C ARG N 89 94.01 -30.80 -75.81
N ARG N 90 95.33 -30.72 -75.93
CA ARG N 90 96.07 -31.34 -77.00
C ARG N 90 96.80 -32.54 -76.44
N VAL N 91 96.59 -33.70 -77.05
CA VAL N 91 97.39 -34.89 -76.78
C VAL N 91 98.13 -35.21 -78.06
N GLU N 92 99.45 -35.39 -77.96
CA GLU N 92 100.21 -35.96 -79.06
C GLU N 92 100.97 -37.18 -78.53
N TYR N 93 101.39 -38.01 -79.48
CA TYR N 93 102.03 -39.29 -79.17
C TYR N 93 103.33 -39.38 -79.96
N TRP N 94 104.45 -39.12 -79.30
CA TRP N 94 105.76 -39.17 -79.93
C TRP N 94 106.21 -40.61 -80.12
N ARG N 95 107.20 -40.78 -80.99
CA ARG N 95 107.75 -42.10 -81.31
C ARG N 95 109.27 -42.03 -81.20
N LYS N 96 109.84 -42.79 -80.28
CA LYS N 96 111.29 -42.87 -80.21
C LYS N 96 111.74 -44.15 -80.89
N ALA N 97 112.72 -44.01 -81.78
CA ALA N 97 113.39 -45.11 -82.46
C ALA N 97 114.64 -44.57 -83.13
N ASP N 98 115.60 -45.46 -83.37
CA ASP N 98 116.77 -45.12 -84.19
C ASP N 98 116.76 -45.94 -85.47
N ALA N 99 117.02 -45.27 -86.60
CA ALA N 99 117.14 -45.97 -87.87
C ALA N 99 118.37 -46.84 -87.95
N SER N 100 119.31 -46.66 -87.02
CA SER N 100 120.55 -47.44 -87.04
C SER N 100 120.28 -48.91 -86.80
N ASN N 101 119.52 -49.21 -85.74
CA ASN N 101 119.29 -50.59 -85.32
C ASN N 101 117.80 -50.86 -85.42
N VAL N 102 117.41 -51.70 -86.37
CA VAL N 102 116.01 -52.05 -86.52
C VAL N 102 115.59 -53.14 -85.55
N ASP N 103 116.55 -53.86 -84.97
CA ASP N 103 116.24 -54.73 -83.83
C ASP N 103 115.61 -53.93 -82.69
N ALA N 104 116.10 -52.71 -82.47
CA ALA N 104 115.71 -51.96 -81.29
C ALA N 104 114.22 -51.59 -81.36
N PRO N 105 113.51 -51.69 -80.25
CA PRO N 105 112.06 -51.48 -80.28
C PRO N 105 111.72 -50.01 -80.38
N GLU N 106 110.60 -49.75 -81.03
CA GLU N 106 110.06 -48.40 -81.13
C GLU N 106 109.11 -48.18 -79.96
N TYR N 107 109.26 -47.06 -79.26
CA TYR N 107 108.40 -46.75 -78.14
C TYR N 107 107.50 -45.56 -78.46
N THR N 108 106.32 -45.56 -77.86
CA THR N 108 105.35 -44.49 -78.00
C THR N 108 105.33 -43.69 -76.70
N LEU N 109 105.62 -42.40 -76.79
CA LEU N 109 105.70 -41.52 -75.62
C LEU N 109 104.53 -40.56 -75.65
N PRO N 110 103.55 -40.69 -74.75
CA PRO N 110 102.42 -39.76 -74.74
C PRO N 110 102.73 -38.45 -74.02
N GLN N 111 102.14 -37.38 -74.56
CA GLN N 111 102.31 -36.03 -74.03
C GLN N 111 100.96 -35.32 -74.13
N SER N 112 100.58 -34.60 -73.08
CA SER N 112 99.29 -33.91 -73.07
C SER N 112 99.41 -32.55 -72.39
N CYS N 113 98.65 -31.58 -72.90
CA CYS N 113 98.69 -30.22 -72.39
C CYS N 113 97.33 -29.57 -72.56
N SER N 114 96.88 -28.86 -71.53
CA SER N 114 95.54 -28.28 -71.52
C SER N 114 95.55 -26.87 -70.96
N ILE N 115 94.77 -26.00 -71.60
CA ILE N 115 94.63 -24.60 -71.19
C ILE N 115 93.15 -24.28 -71.01
N ARG N 116 92.81 -23.75 -69.83
CA ARG N 116 91.44 -23.33 -69.53
C ARG N 116 91.46 -21.84 -69.22
N LEU N 117 90.67 -21.07 -69.96
CA LEU N 117 90.58 -19.63 -69.78
C LEU N 117 89.14 -19.27 -69.46
N ALA N 118 88.93 -18.56 -68.36
CA ALA N 118 87.59 -18.24 -67.87
C ALA N 118 87.60 -16.78 -67.44
N SER N 119 86.97 -15.94 -68.23
CA SER N 119 86.98 -14.51 -68.02
C SER N 119 85.58 -14.04 -67.66
N THR N 120 85.50 -12.99 -66.85
CA THR N 120 84.26 -12.23 -66.83
C THR N 120 84.34 -11.19 -67.94
N VAL N 121 83.21 -10.94 -68.59
CA VAL N 121 83.17 -10.07 -69.76
C VAL N 121 82.02 -9.10 -69.60
N THR N 122 82.32 -7.83 -69.83
CA THR N 122 81.36 -6.75 -69.96
C THR N 122 81.61 -6.07 -71.30
N LYS N 123 80.78 -5.06 -71.61
CA LYS N 123 80.86 -4.44 -72.92
C LYS N 123 82.24 -3.85 -73.21
N GLU N 124 83.04 -3.55 -72.17
CA GLU N 124 84.35 -2.95 -72.36
C GLU N 124 85.50 -3.97 -72.35
N THR N 125 85.21 -5.24 -72.09
CA THR N 125 86.22 -6.28 -72.22
C THR N 125 86.56 -6.48 -73.70
N THR N 126 87.85 -6.41 -74.03
CA THR N 126 88.27 -6.59 -75.40
C THR N 126 88.97 -7.93 -75.61
N ALA N 127 89.04 -8.32 -76.89
CA ALA N 127 89.75 -9.53 -77.27
C ALA N 127 91.18 -9.51 -76.75
N ALA N 128 91.88 -8.40 -76.97
CA ALA N 128 93.27 -8.29 -76.54
C ALA N 128 93.40 -8.26 -75.02
N ASP N 129 92.42 -7.68 -74.31
CA ASP N 129 92.44 -7.76 -72.86
C ASP N 129 92.41 -9.22 -72.41
N ILE N 130 91.56 -10.03 -73.02
CA ILE N 130 91.49 -11.42 -72.60
C ILE N 130 92.72 -12.18 -73.04
N ALA N 131 93.29 -11.84 -74.20
CA ALA N 131 94.55 -12.46 -74.60
C ALA N 131 95.66 -12.16 -73.60
N GLY N 132 95.57 -11.02 -72.93
CA GLY N 132 96.62 -10.63 -72.01
C GLY N 132 96.78 -11.59 -70.85
N ILE N 133 95.67 -12.15 -70.36
CA ILE N 133 95.80 -13.01 -69.19
C ILE N 133 96.48 -14.32 -69.55
N VAL N 134 96.27 -14.84 -70.77
CA VAL N 134 97.01 -16.01 -71.20
C VAL N 134 98.50 -15.71 -71.29
N LEU N 135 98.84 -14.56 -71.86
CA LEU N 135 100.25 -14.18 -71.98
C LEU N 135 100.90 -13.95 -70.62
N ARG N 136 100.13 -13.47 -69.64
CA ARG N 136 100.68 -13.26 -68.31
C ARG N 136 100.78 -14.55 -67.51
N THR N 137 99.88 -15.51 -67.76
CA THR N 137 100.07 -16.84 -67.20
C THR N 137 101.32 -17.50 -67.76
N LEU N 138 101.55 -17.34 -69.08
CA LEU N 138 102.73 -17.95 -69.68
C LEU N 138 104.02 -17.26 -69.24
N ALA N 139 103.97 -15.93 -69.03
CA ALA N 139 105.18 -15.13 -68.84
C ALA N 139 106.13 -15.65 -67.78
N PRO N 140 105.70 -16.06 -66.58
CA PRO N 140 106.69 -16.49 -65.58
C PRO N 140 107.35 -17.82 -65.89
N ILE N 141 106.71 -18.71 -66.66
CA ILE N 141 107.32 -19.97 -67.05
C ILE N 141 108.31 -19.76 -68.20
N PHE N 142 108.02 -18.85 -69.12
CA PHE N 142 108.86 -18.60 -70.29
C PHE N 142 109.32 -17.15 -70.26
N PRO N 143 110.11 -16.76 -69.24
CA PRO N 143 110.39 -15.33 -69.06
C PRO N 143 111.26 -14.73 -70.14
N ASN N 144 111.99 -15.55 -70.89
CA ASN N 144 112.69 -15.10 -72.10
C ASN N 144 112.05 -15.68 -73.35
N GLY N 145 110.79 -16.09 -73.26
CA GLY N 145 110.12 -16.61 -74.44
C GLY N 145 110.86 -17.84 -74.93
N SER N 146 110.92 -17.98 -76.26
CA SER N 146 111.60 -19.13 -76.84
C SER N 146 113.11 -19.11 -76.64
N GLY N 147 113.67 -18.13 -75.91
CA GLY N 147 115.11 -18.03 -75.81
C GLY N 147 115.75 -19.12 -74.96
N ASP N 148 115.38 -19.21 -73.70
CA ASP N 148 115.90 -20.25 -72.82
C ASP N 148 114.76 -20.95 -72.15
N TRP N 149 115.03 -22.18 -71.68
CA TRP N 149 113.99 -23.00 -71.07
C TRP N 149 114.29 -23.24 -69.59
N ILE N 150 114.88 -22.26 -68.91
CA ILE N 150 115.42 -22.51 -67.58
C ILE N 150 114.31 -22.77 -66.58
N LYS N 151 113.31 -21.89 -66.57
CA LYS N 151 112.22 -22.07 -65.61
C LYS N 151 111.36 -23.26 -65.98
N LEU N 152 111.16 -23.51 -67.28
CA LEU N 152 110.44 -24.72 -67.67
C LEU N 152 111.16 -25.95 -67.13
N GLN N 153 112.47 -26.04 -67.37
CA GLN N 153 113.22 -27.21 -66.94
C GLN N 153 113.11 -27.40 -65.44
N GLN N 154 113.21 -26.31 -64.68
CA GLN N 154 113.09 -26.47 -63.24
C GLN N 154 111.66 -26.86 -62.83
N LEU N 155 110.65 -26.58 -63.66
CA LEU N 155 109.32 -27.13 -63.39
C LEU N 155 109.28 -28.63 -63.65
N ILE N 156 109.99 -29.09 -64.69
CA ILE N 156 110.05 -30.53 -64.95
C ILE N 156 110.83 -31.24 -63.85
N ASP N 157 111.76 -30.55 -63.18
CA ASP N 157 112.56 -31.14 -62.13
C ASP N 157 111.82 -31.26 -60.81
N GLY N 158 110.63 -30.66 -60.70
CA GLY N 158 109.85 -30.71 -59.48
C GLY N 158 110.20 -29.61 -58.49
N LEU N 159 110.44 -28.41 -59.00
CA LEU N 159 110.84 -27.26 -58.19
C LEU N 159 109.80 -26.17 -58.38
N PRO N 160 108.67 -26.28 -57.69
CA PRO N 160 107.51 -25.40 -57.97
C PRO N 160 107.74 -23.94 -57.68
N ARG N 161 108.71 -23.59 -56.84
CA ARG N 161 108.92 -22.20 -56.42
C ARG N 161 109.58 -21.43 -57.55
N ILE N 162 108.78 -20.65 -58.28
CA ILE N 162 109.26 -19.96 -59.47
C ILE N 162 109.66 -18.53 -59.16
N PHE N 163 108.87 -17.83 -58.35
CA PHE N 163 109.24 -16.51 -57.86
C PHE N 163 110.01 -16.57 -56.56
N GLY N 164 110.27 -17.78 -56.03
CA GLY N 164 111.01 -17.94 -54.79
C GLY N 164 110.26 -18.56 -53.62
N SER O 1 93.04 12.89 -58.08
CA SER O 1 92.97 14.25 -57.54
C SER O 1 92.75 14.22 -56.03
N TYR O 2 92.06 13.18 -55.56
CA TYR O 2 91.78 13.00 -54.14
C TYR O 2 93.06 12.99 -53.32
N THR O 3 93.07 13.76 -52.25
CA THR O 3 94.15 13.72 -51.27
C THR O 3 93.59 13.35 -49.91
N ILE O 4 94.45 12.72 -49.11
CA ILE O 4 94.13 12.34 -47.74
C ILE O 4 94.82 13.30 -46.81
N ASP O 5 94.05 13.95 -45.95
CA ASP O 5 94.56 14.84 -44.93
C ASP O 5 94.35 14.18 -43.58
N ILE O 6 95.45 13.97 -42.85
CA ILE O 6 95.31 13.60 -41.45
C ILE O 6 94.70 14.79 -40.72
N ASN O 7 93.67 14.52 -39.92
CA ASN O 7 93.00 15.61 -39.21
C ASN O 7 93.60 15.75 -37.82
N CYS O 8 94.92 15.94 -37.77
CA CYS O 8 95.64 15.92 -36.50
C CYS O 8 96.45 17.19 -36.31
N SER O 9 97.01 17.32 -35.12
CA SER O 9 97.98 18.36 -34.80
C SER O 9 99.38 17.76 -34.81
N THR O 10 100.26 18.31 -35.63
CA THR O 10 101.65 17.90 -35.73
C THR O 10 102.57 19.11 -35.61
N GLY O 11 103.79 18.83 -35.19
CA GLY O 11 104.77 19.87 -34.94
C GLY O 11 105.82 19.95 -36.04
N ASP O 12 106.80 20.82 -35.78
CA ASP O 12 107.92 21.00 -36.68
C ASP O 12 109.11 20.13 -36.33
N THR O 13 109.24 19.77 -35.06
CA THR O 13 110.43 19.09 -34.58
C THR O 13 110.35 17.61 -34.87
N GLN O 14 111.51 16.98 -34.98
CA GLN O 14 111.59 15.55 -35.21
C GLN O 14 112.68 14.95 -34.33
N ALA O 15 112.53 13.65 -34.05
CA ALA O 15 113.44 12.95 -33.16
C ALA O 15 113.63 11.52 -33.61
N ASN O 16 114.81 10.98 -33.35
CA ASN O 16 115.16 9.61 -33.73
C ASN O 16 114.81 8.65 -32.59
N LEU O 17 113.84 7.76 -32.82
CA LEU O 17 113.65 6.58 -31.98
C LEU O 17 114.45 5.46 -32.61
N VAL O 18 115.54 5.07 -31.97
CA VAL O 18 116.54 4.24 -32.65
C VAL O 18 116.31 2.77 -32.29
N LEU O 19 115.99 2.01 -33.32
CA LEU O 19 115.66 0.61 -33.24
C LEU O 19 116.91 -0.23 -33.50
N THR O 20 117.08 -1.27 -32.68
CA THR O 20 118.12 -2.27 -32.89
C THR O 20 117.47 -3.48 -33.54
N GLU O 21 118.12 -4.02 -34.57
CA GLU O 21 117.48 -5.00 -35.43
C GLU O 21 117.23 -6.32 -34.71
N ILE O 22 116.18 -7.00 -35.12
CA ILE O 22 115.82 -8.31 -34.58
C ILE O 22 116.03 -9.33 -35.68
N PRO O 23 117.08 -10.16 -35.61
CA PRO O 23 117.37 -11.08 -36.71
C PRO O 23 116.28 -12.10 -36.89
N ALA O 24 115.91 -12.35 -38.16
CA ALA O 24 114.83 -13.30 -38.40
C ALA O 24 115.31 -14.73 -38.26
N GLU O 25 116.56 -14.99 -38.65
CA GLU O 25 117.16 -16.32 -38.66
C GLU O 25 116.83 -17.18 -37.42
N PRO O 26 116.85 -16.66 -36.18
CA PRO O 26 116.58 -17.53 -35.03
C PRO O 26 115.11 -17.87 -34.76
N TYR O 27 114.15 -17.19 -35.36
CA TYR O 27 112.75 -17.41 -34.97
C TYR O 27 112.18 -18.65 -35.65
N VAL O 28 111.25 -19.32 -34.96
CA VAL O 28 110.67 -20.59 -35.44
C VAL O 28 109.17 -20.63 -35.16
N HIS O 29 108.39 -21.03 -36.17
CA HIS O 29 106.95 -21.19 -36.02
C HIS O 29 106.61 -22.17 -34.91
N VAL O 30 105.65 -21.81 -34.06
CA VAL O 30 105.27 -22.65 -32.94
C VAL O 30 103.79 -22.98 -32.94
N SER O 31 102.97 -22.09 -33.47
CA SER O 31 101.53 -22.33 -33.45
C SER O 31 100.83 -21.32 -34.36
N GLY O 32 99.65 -21.72 -34.82
CA GLY O 32 98.82 -20.95 -35.71
C GLY O 32 98.82 -21.53 -37.12
N ASP O 33 98.18 -20.78 -38.02
CA ASP O 33 98.17 -21.08 -39.44
C ASP O 33 98.90 -19.99 -40.20
N ASN O 34 99.65 -20.37 -41.24
CA ASN O 34 100.39 -19.39 -42.03
C ASN O 34 99.47 -18.42 -42.78
N LYS O 35 98.15 -18.56 -42.67
CA LYS O 35 97.20 -17.68 -43.31
C LYS O 35 96.79 -16.50 -42.41
N SER O 36 96.32 -16.77 -41.20
CA SER O 36 95.78 -15.73 -40.33
C SER O 36 96.74 -15.35 -39.20
N THR O 37 97.15 -16.30 -38.37
CA THR O 37 97.87 -16.00 -37.14
C THR O 37 99.08 -16.92 -36.99
N ILE O 38 100.23 -16.34 -36.62
CA ILE O 38 101.49 -17.07 -36.52
C ILE O 38 102.23 -16.64 -35.26
N GLU O 39 102.83 -17.61 -34.55
CA GLU O 39 103.58 -17.31 -33.33
C GLU O 39 105.00 -17.83 -33.47
N TYR O 40 105.97 -16.93 -33.52
CA TYR O 40 107.37 -17.31 -33.61
C TYR O 40 108.02 -17.39 -32.22
N LEU O 41 108.99 -18.30 -32.11
CA LEU O 41 109.79 -18.49 -30.91
C LEU O 41 111.24 -18.15 -31.21
N ASP O 42 111.82 -17.27 -30.40
CA ASP O 42 113.24 -16.93 -30.48
C ASP O 42 114.04 -18.08 -29.89
N THR O 43 114.62 -18.91 -30.76
CA THR O 43 115.54 -19.95 -30.31
C THR O 43 116.84 -19.40 -29.77
N GLY O 44 117.03 -18.09 -29.78
CA GLY O 44 118.23 -17.49 -29.22
C GLY O 44 118.14 -17.29 -27.73
N SER O 45 117.34 -18.12 -27.07
CA SER O 45 117.09 -17.98 -25.65
C SER O 45 117.62 -19.20 -24.90
N ASP O 46 117.40 -19.19 -23.59
CA ASP O 46 117.88 -20.28 -22.74
C ASP O 46 117.11 -21.56 -23.03
N ASN O 47 117.83 -22.69 -23.07
CA ASN O 47 117.18 -24.00 -23.19
C ASN O 47 116.37 -24.33 -21.94
N SER O 48 116.92 -24.00 -20.76
CA SER O 48 116.56 -24.64 -19.50
C SER O 48 115.34 -24.02 -18.83
N LEU O 49 114.61 -23.16 -19.53
CA LEU O 49 113.41 -22.54 -19.01
C LEU O 49 112.19 -23.06 -19.75
N LEU O 50 111.08 -23.22 -19.04
CA LEU O 50 109.84 -23.56 -19.70
C LEU O 50 109.27 -22.38 -20.47
N VAL O 51 109.77 -21.17 -20.22
CA VAL O 51 109.34 -19.97 -20.94
C VAL O 51 110.49 -19.51 -21.82
N ARG O 52 110.16 -19.09 -23.04
CA ARG O 52 111.13 -18.57 -23.97
C ARG O 52 110.48 -17.46 -24.78
N PRO O 53 111.26 -16.48 -25.23
CA PRO O 53 110.69 -15.30 -25.89
C PRO O 53 110.02 -15.64 -27.20
N THR O 54 108.85 -15.05 -27.39
CA THR O 54 107.99 -15.37 -28.52
C THR O 54 107.30 -14.09 -28.98
N GLN O 55 107.29 -13.89 -30.30
CA GLN O 55 106.55 -12.76 -30.86
C GLN O 55 105.52 -13.28 -31.85
N GLN O 56 104.30 -12.79 -31.73
CA GLN O 56 103.17 -13.27 -32.51
C GLN O 56 102.69 -12.16 -33.44
N PHE O 57 102.24 -12.57 -34.62
CA PHE O 57 101.66 -11.69 -35.62
C PHE O 57 100.31 -12.23 -36.08
N ASN O 58 99.38 -11.32 -36.35
CA ASN O 58 97.99 -11.70 -36.54
C ASN O 58 97.30 -10.63 -37.38
N CYS O 59 96.84 -10.98 -38.58
CA CYS O 59 96.19 -10.05 -39.49
C CYS O 59 94.73 -10.43 -39.72
N VAL O 60 93.88 -9.42 -39.93
CA VAL O 60 92.47 -9.58 -40.28
C VAL O 60 92.04 -8.43 -41.18
N SER O 61 90.90 -8.61 -41.84
CA SER O 61 90.39 -7.62 -42.79
C SER O 61 88.89 -7.77 -42.92
N SER O 62 88.22 -6.65 -43.23
CA SER O 62 86.77 -6.62 -43.25
C SER O 62 86.27 -5.67 -44.33
N GLN O 63 85.13 -6.03 -44.92
CA GLN O 63 84.46 -5.24 -45.94
C GLN O 63 83.56 -4.16 -45.35
N TYR O 64 83.51 -4.05 -44.02
CA TYR O 64 82.59 -3.14 -43.34
C TYR O 64 83.41 -2.22 -42.43
N PRO O 65 84.16 -1.28 -43.01
CA PRO O 65 85.16 -0.54 -42.22
C PRO O 65 84.55 0.41 -41.21
N TYR O 66 83.27 0.75 -41.37
CA TYR O 66 82.58 1.70 -40.50
C TYR O 66 81.72 1.03 -39.45
N ARG O 67 81.97 -0.27 -39.16
CA ARG O 67 81.04 -1.02 -38.33
C ARG O 67 80.96 -0.45 -36.93
N ASN O 68 82.09 -0.09 -36.34
CA ASN O 68 82.10 0.42 -34.98
C ASN O 68 82.07 1.94 -34.91
N TYR O 69 82.28 2.63 -36.03
CA TYR O 69 82.32 4.08 -36.06
C TYR O 69 80.93 4.62 -36.45
N SER O 70 80.02 4.53 -35.47
CA SER O 70 78.61 4.83 -35.72
C SER O 70 78.39 6.31 -36.03
N LYS O 71 79.25 7.19 -35.53
CA LYS O 71 79.04 8.63 -35.60
C LYS O 71 79.53 9.25 -36.90
N ILE O 72 79.86 8.44 -37.91
CA ILE O 72 80.15 8.95 -39.25
C ILE O 72 78.91 8.70 -40.11
N PRO O 73 78.34 9.72 -40.73
CA PRO O 73 77.16 9.50 -41.59
C PRO O 73 77.52 8.79 -42.88
N ARG O 74 76.51 8.16 -43.48
CA ARG O 74 76.73 7.45 -44.74
C ARG O 74 77.17 8.40 -45.84
N SER O 75 76.71 9.65 -45.79
CA SER O 75 77.15 10.65 -46.77
C SER O 75 78.65 10.90 -46.70
N GLN O 76 79.33 10.45 -45.65
CA GLN O 76 80.76 10.65 -45.51
C GLN O 76 81.54 9.33 -45.40
N GLN O 77 80.87 8.19 -45.64
CA GLN O 77 81.51 6.89 -45.63
C GLN O 77 81.95 6.50 -47.04
N ASP O 78 83.26 6.33 -47.23
CA ASP O 78 83.81 5.94 -48.55
C ASP O 78 83.45 4.50 -48.87
N PRO O 79 82.59 4.25 -49.86
CA PRO O 79 82.13 2.88 -50.10
C PRO O 79 83.21 1.97 -50.67
N LEU O 80 84.23 2.54 -51.32
CA LEU O 80 85.34 1.74 -51.79
C LEU O 80 86.22 1.26 -50.65
N ALA O 81 86.25 2.01 -49.56
CA ALA O 81 87.22 1.78 -48.48
C ALA O 81 86.92 0.49 -47.73
N VAL O 82 87.99 -0.09 -47.17
CA VAL O 82 88.00 -1.44 -46.63
C VAL O 82 88.90 -1.44 -45.39
N ARG O 83 88.55 -2.25 -44.38
CA ARG O 83 89.29 -2.27 -43.13
C ARG O 83 90.41 -3.32 -43.14
N ARG O 84 91.64 -2.87 -42.85
CA ARG O 84 92.80 -3.74 -42.69
C ARG O 84 93.29 -3.62 -41.25
N GLU O 85 93.74 -4.73 -40.65
CA GLU O 85 94.17 -4.68 -39.26
C GLU O 85 95.24 -5.73 -39.02
N PHE O 86 96.22 -5.39 -38.18
CA PHE O 86 97.23 -6.34 -37.71
C PHE O 86 97.48 -6.13 -36.23
N TYR O 87 98.08 -7.15 -35.63
CA TYR O 87 98.33 -7.24 -34.19
C TYR O 87 99.63 -7.98 -33.96
N THR O 88 100.54 -7.38 -33.22
CA THR O 88 101.76 -8.05 -32.82
C THR O 88 101.80 -8.07 -31.30
N ARG O 89 102.31 -9.17 -30.75
CA ARG O 89 102.50 -9.30 -29.30
C ARG O 89 103.83 -9.98 -29.03
N ARG O 90 104.78 -9.24 -28.47
CA ARG O 90 106.08 -9.77 -28.10
C ARG O 90 106.09 -10.02 -26.60
N VAL O 91 106.44 -11.24 -26.22
CA VAL O 91 106.67 -11.61 -24.83
C VAL O 91 108.14 -11.99 -24.74
N GLU O 92 108.89 -11.30 -23.89
CA GLU O 92 110.24 -11.74 -23.58
C GLU O 92 110.36 -11.96 -22.08
N TYR O 93 111.18 -12.93 -21.71
CA TYR O 93 111.36 -13.32 -20.31
C TYR O 93 112.81 -12.99 -19.93
N TRP O 94 113.00 -11.96 -19.11
CA TRP O 94 114.34 -11.55 -18.70
C TRP O 94 114.86 -12.45 -17.59
N ARG O 95 116.17 -12.35 -17.38
CA ARG O 95 116.92 -13.24 -16.50
C ARG O 95 117.74 -12.33 -15.59
N LYS O 96 117.41 -12.29 -14.31
CA LYS O 96 118.19 -11.47 -13.37
C LYS O 96 119.04 -12.37 -12.49
N ALA O 97 120.31 -11.97 -12.34
CA ALA O 97 121.28 -12.65 -11.49
C ALA O 97 122.56 -11.83 -11.47
N ASP O 98 123.36 -12.05 -10.43
CA ASP O 98 124.70 -11.47 -10.35
C ASP O 98 125.73 -12.59 -10.47
N ALA O 99 126.76 -12.35 -11.28
CA ALA O 99 127.83 -13.33 -11.43
C ALA O 99 128.75 -13.34 -10.22
N SER O 100 128.74 -12.26 -9.42
CA SER O 100 129.56 -12.21 -8.23
C SER O 100 129.14 -13.26 -7.21
N ASN O 101 127.84 -13.48 -7.06
CA ASN O 101 127.30 -14.38 -6.04
C ASN O 101 126.47 -15.44 -6.74
N VAL O 102 127.04 -16.64 -6.91
CA VAL O 102 126.30 -17.74 -7.53
C VAL O 102 125.36 -18.41 -6.54
N ASP O 103 125.54 -18.15 -5.23
CA ASP O 103 124.55 -18.59 -4.25
C ASP O 103 123.24 -17.83 -4.40
N ALA O 104 123.30 -16.57 -4.83
CA ALA O 104 122.11 -15.75 -4.91
C ALA O 104 121.20 -16.26 -6.04
N PRO O 105 119.90 -16.35 -5.80
CA PRO O 105 119.02 -17.04 -6.75
C PRO O 105 118.80 -16.22 -8.01
N GLU O 106 118.54 -16.93 -9.11
CA GLU O 106 118.25 -16.30 -10.39
C GLU O 106 116.75 -16.23 -10.58
N TYR O 107 116.28 -15.12 -11.16
CA TYR O 107 114.85 -14.92 -11.33
C TYR O 107 114.50 -14.66 -12.78
N THR O 108 113.27 -15.03 -13.13
CA THR O 108 112.70 -14.78 -14.46
C THR O 108 111.71 -13.62 -14.35
N LEU O 109 111.91 -12.60 -15.18
CA LEU O 109 111.11 -11.38 -15.15
C LEU O 109 110.33 -11.25 -16.45
N PRO O 110 109.04 -11.59 -16.47
CA PRO O 110 108.28 -11.49 -17.72
C PRO O 110 107.91 -10.06 -18.10
N GLN O 111 108.00 -9.80 -19.41
CA GLN O 111 107.71 -8.51 -20.01
C GLN O 111 106.95 -8.79 -21.29
N SER O 112 105.94 -7.96 -21.59
CA SER O 112 105.11 -8.19 -22.77
C SER O 112 104.60 -6.86 -23.31
N CYS O 113 104.50 -6.79 -24.63
CA CYS O 113 104.12 -5.55 -25.30
C CYS O 113 103.37 -5.88 -26.59
N SER O 114 102.28 -5.18 -26.84
CA SER O 114 101.44 -5.49 -27.99
C SER O 114 101.02 -4.21 -28.72
N ILE O 115 100.99 -4.30 -30.04
CA ILE O 115 100.57 -3.21 -30.90
C ILE O 115 99.45 -3.70 -31.80
N ARG O 116 98.36 -2.94 -31.83
CA ARG O 116 97.21 -3.25 -32.70
C ARG O 116 96.96 -2.05 -33.59
N LEU O 117 97.07 -2.26 -34.90
CA LEU O 117 96.82 -1.21 -35.89
C LEU O 117 95.64 -1.61 -36.75
N ALA O 118 94.62 -0.76 -36.79
CA ALA O 118 93.45 -0.98 -37.63
C ALA O 118 93.24 0.29 -38.44
N SER O 119 93.43 0.20 -39.76
CA SER O 119 93.26 1.31 -40.67
C SER O 119 92.06 1.06 -41.58
N THR O 120 91.39 2.14 -41.99
CA THR O 120 90.54 2.02 -43.17
C THR O 120 91.37 2.46 -44.37
N VAL O 121 91.59 1.54 -45.29
CA VAL O 121 92.37 1.78 -46.50
C VAL O 121 91.42 2.12 -47.63
N THR O 122 91.82 3.08 -48.45
CA THR O 122 91.17 3.36 -49.71
C THR O 122 92.25 3.42 -50.79
N LYS O 123 91.83 3.69 -52.04
CA LYS O 123 92.77 3.67 -53.16
C LYS O 123 93.99 4.55 -52.91
N GLU O 124 93.78 5.69 -52.25
CA GLU O 124 94.83 6.68 -52.06
C GLU O 124 95.59 6.50 -50.76
N THR O 125 95.13 5.61 -49.87
CA THR O 125 95.86 5.32 -48.64
C THR O 125 97.18 4.64 -48.99
N THR O 126 98.28 5.19 -48.46
CA THR O 126 99.61 4.70 -48.80
C THR O 126 100.27 4.02 -47.60
N ALA O 127 101.35 3.29 -47.92
CA ALA O 127 102.19 2.70 -46.89
C ALA O 127 102.59 3.74 -45.85
N ALA O 128 103.16 4.86 -46.32
CA ALA O 128 103.64 5.88 -45.42
C ALA O 128 102.51 6.49 -44.60
N ASP O 129 101.34 6.68 -45.21
CA ASP O 129 100.19 7.17 -44.45
C ASP O 129 99.85 6.25 -43.30
N ILE O 130 99.89 4.93 -43.53
CA ILE O 130 99.54 4.03 -42.44
C ILE O 130 100.64 3.97 -41.40
N ALA O 131 101.90 4.10 -41.82
CA ALA O 131 102.99 4.20 -40.84
C ALA O 131 102.84 5.43 -39.96
N GLY O 132 102.30 6.51 -40.54
CA GLY O 132 102.18 7.76 -39.81
C GLY O 132 101.37 7.62 -38.53
N ILE O 133 100.34 6.78 -38.52
CA ILE O 133 99.51 6.69 -37.33
C ILE O 133 100.26 5.99 -36.20
N VAL O 134 101.05 4.97 -36.53
CA VAL O 134 101.91 4.37 -35.52
C VAL O 134 102.90 5.38 -34.98
N LEU O 135 103.50 6.17 -35.86
CA LEU O 135 104.50 7.14 -35.41
C LEU O 135 103.87 8.20 -34.52
N ARG O 136 102.67 8.69 -34.87
CA ARG O 136 102.00 9.68 -34.05
C ARG O 136 101.43 9.09 -32.77
N THR O 137 101.18 7.78 -32.73
CA THR O 137 100.82 7.13 -31.47
C THR O 137 102.02 7.05 -30.54
N LEU O 138 103.21 6.85 -31.11
CA LEU O 138 104.42 6.76 -30.29
C LEU O 138 104.88 8.12 -29.78
N ALA O 139 104.81 9.15 -30.62
CA ALA O 139 105.42 10.44 -30.30
C ALA O 139 105.02 11.03 -28.95
N PRO O 140 103.79 10.87 -28.45
CA PRO O 140 103.50 11.38 -27.10
C PRO O 140 104.31 10.68 -26.02
N ILE O 141 104.58 9.39 -26.17
CA ILE O 141 105.37 8.64 -25.20
C ILE O 141 106.87 8.89 -25.36
N PHE O 142 107.34 9.15 -26.59
CA PHE O 142 108.76 9.34 -26.87
C PHE O 142 108.95 10.71 -27.49
N PRO O 143 108.76 11.79 -26.74
CA PRO O 143 108.82 13.12 -27.34
C PRO O 143 110.20 13.47 -27.88
N ASN O 144 111.26 12.82 -27.37
CA ASN O 144 112.62 13.02 -27.87
C ASN O 144 113.19 11.73 -28.42
N GLY O 145 112.35 10.74 -28.68
CA GLY O 145 112.83 9.51 -29.28
C GLY O 145 113.68 8.79 -28.27
N SER O 146 114.83 8.28 -28.71
CA SER O 146 115.73 7.61 -27.79
C SER O 146 116.46 8.57 -26.85
N GLY O 147 116.32 9.89 -27.05
CA GLY O 147 117.14 10.85 -26.32
C GLY O 147 116.95 10.80 -24.81
N ASP O 148 115.71 10.63 -24.35
CA ASP O 148 115.39 10.47 -22.93
C ASP O 148 114.20 9.53 -22.83
N TRP O 149 113.89 9.11 -21.60
CA TRP O 149 112.78 8.21 -21.38
C TRP O 149 111.75 8.79 -20.42
N ILE O 150 111.64 10.11 -20.34
CA ILE O 150 110.97 10.73 -19.20
C ILE O 150 109.48 10.42 -19.20
N LYS O 151 108.83 10.57 -20.36
CA LYS O 151 107.40 10.33 -20.41
C LYS O 151 107.08 8.85 -20.24
N LEU O 152 107.94 7.99 -20.78
CA LEU O 152 107.75 6.56 -20.55
C LEU O 152 107.85 6.22 -19.07
N GLN O 153 108.83 6.83 -18.39
CA GLN O 153 108.99 6.62 -16.96
C GLN O 153 107.74 7.06 -16.21
N GLN O 154 107.14 8.20 -16.62
CA GLN O 154 105.89 8.61 -16.01
C GLN O 154 104.80 7.57 -16.19
N LEU O 155 104.69 7.02 -17.41
CA LEU O 155 103.70 5.98 -17.66
C LEU O 155 103.89 4.79 -16.74
N ILE O 156 105.14 4.36 -16.57
CA ILE O 156 105.41 3.23 -15.68
C ILE O 156 105.08 3.60 -14.24
N ASP O 157 105.50 4.81 -13.81
CA ASP O 157 105.20 5.30 -12.47
C ASP O 157 103.71 5.41 -12.20
N GLY O 158 102.90 5.43 -13.25
CA GLY O 158 101.45 5.41 -13.12
C GLY O 158 100.78 6.75 -13.32
N LEU O 159 101.41 7.66 -14.07
CA LEU O 159 100.97 9.05 -14.20
C LEU O 159 100.42 9.30 -15.60
N PRO O 160 99.14 9.01 -15.83
CA PRO O 160 98.62 8.94 -17.21
C PRO O 160 98.47 10.29 -17.89
N ARG O 161 98.53 11.39 -17.15
CA ARG O 161 98.37 12.72 -17.73
C ARG O 161 99.67 13.10 -18.47
N ILE O 162 99.73 12.72 -19.74
CA ILE O 162 100.91 12.94 -20.56
C ILE O 162 100.86 14.30 -21.26
N PHE O 163 99.67 14.76 -21.64
CA PHE O 163 99.53 16.07 -22.23
C PHE O 163 99.21 17.13 -21.19
N GLY O 164 99.43 16.81 -19.91
CA GLY O 164 99.09 17.73 -18.84
C GLY O 164 97.70 17.46 -18.29
N SER P 1 142.43 -64.38 71.28
CA SER P 1 141.58 -63.21 71.03
C SER P 1 141.15 -63.21 69.57
N TYR P 2 139.85 -63.02 69.35
CA TYR P 2 139.24 -63.22 68.05
C TYR P 2 139.86 -62.32 66.98
N THR P 3 140.10 -62.89 65.79
CA THR P 3 140.49 -62.14 64.61
C THR P 3 139.50 -62.40 63.48
N ILE P 4 139.40 -61.44 62.58
CA ILE P 4 138.47 -61.49 61.45
C ILE P 4 139.25 -61.77 60.18
N ASP P 5 138.93 -62.89 59.53
CA ASP P 5 139.49 -63.27 58.24
C ASP P 5 138.49 -62.89 57.15
N ILE P 6 138.91 -62.02 56.23
CA ILE P 6 138.08 -61.82 55.05
C ILE P 6 138.28 -63.03 54.16
N ASN P 7 137.32 -63.93 54.18
CA ASN P 7 137.39 -65.14 53.37
C ASN P 7 137.25 -64.69 51.93
N CYS P 8 138.38 -64.59 51.22
CA CYS P 8 138.38 -63.82 49.98
C CYS P 8 139.76 -63.92 49.33
N SER P 9 139.83 -63.59 48.05
CA SER P 9 141.09 -63.56 47.30
C SER P 9 141.53 -62.11 47.10
N THR P 10 142.69 -61.75 47.66
CA THR P 10 143.32 -60.45 47.46
C THR P 10 144.65 -60.62 46.76
N GLY P 11 145.15 -59.50 46.23
CA GLY P 11 146.38 -59.48 45.45
C GLY P 11 147.45 -58.63 46.08
N ASP P 12 148.66 -58.63 45.53
CA ASP P 12 149.73 -57.82 46.11
C ASP P 12 149.69 -56.38 45.63
N THR P 13 149.29 -56.16 44.37
CA THR P 13 149.36 -54.85 43.73
C THR P 13 148.29 -53.91 44.31
N GLN P 14 148.55 -52.59 44.21
CA GLN P 14 147.56 -51.61 44.63
C GLN P 14 147.52 -50.48 43.61
N ALA P 15 146.32 -49.96 43.36
CA ALA P 15 146.11 -48.83 42.47
C ALA P 15 145.47 -47.68 43.23
N ASN P 16 145.65 -46.48 42.69
CA ASN P 16 145.02 -45.27 43.22
C ASN P 16 143.77 -44.96 42.39
N LEU P 17 142.61 -44.97 43.03
CA LEU P 17 141.40 -44.38 42.46
C LEU P 17 141.34 -42.94 42.96
N VAL P 18 141.55 -41.98 42.06
CA VAL P 18 141.74 -40.60 42.46
C VAL P 18 140.39 -39.92 42.53
N LEU P 19 139.95 -39.61 43.76
CA LEU P 19 138.69 -38.92 43.98
C LEU P 19 138.95 -37.42 44.06
N THR P 20 138.07 -36.66 43.43
CA THR P 20 138.09 -35.21 43.57
C THR P 20 137.02 -34.82 44.56
N GLU P 21 137.38 -33.95 45.51
CA GLU P 21 136.48 -33.64 46.61
C GLU P 21 135.22 -32.97 46.10
N ILE P 22 134.17 -33.06 46.91
CA ILE P 22 132.92 -32.38 46.64
C ILE P 22 132.65 -31.46 47.82
N PRO P 23 132.68 -30.14 47.63
CA PRO P 23 132.60 -29.23 48.78
C PRO P 23 131.23 -29.28 49.42
N ALA P 24 131.22 -29.30 50.76
CA ALA P 24 129.95 -29.44 51.46
C ALA P 24 129.15 -28.15 51.49
N GLU P 25 129.82 -27.01 51.35
CA GLU P 25 129.09 -25.73 51.45
C GLU P 25 127.92 -25.64 50.48
N PRO P 26 128.07 -25.94 49.17
CA PRO P 26 126.93 -25.72 48.27
C PRO P 26 125.74 -26.66 48.50
N TYR P 27 125.84 -27.71 49.31
CA TYR P 27 124.71 -28.63 49.45
C TYR P 27 123.72 -28.11 50.49
N VAL P 28 122.44 -28.24 50.18
CA VAL P 28 121.35 -27.75 51.03
C VAL P 28 120.43 -28.91 51.38
N HIS P 29 120.22 -29.12 52.68
CA HIS P 29 119.25 -30.10 53.16
C HIS P 29 117.86 -29.77 52.61
N VAL P 30 117.22 -30.77 52.02
CA VAL P 30 115.94 -30.59 51.34
C VAL P 30 114.83 -31.38 52.01
N SER P 31 115.06 -32.67 52.26
CA SER P 31 114.03 -33.54 52.79
C SER P 31 114.66 -34.62 53.67
N GLY P 32 113.90 -35.04 54.68
CA GLY P 32 114.16 -36.31 55.34
C GLY P 32 114.63 -36.19 56.78
N ASP P 33 114.22 -37.16 57.60
CA ASP P 33 114.69 -37.34 58.97
C ASP P 33 116.02 -38.10 58.97
N ASN P 34 116.52 -38.38 60.18
CA ASN P 34 117.42 -39.52 60.30
C ASN P 34 116.65 -40.82 60.14
N LYS P 35 115.37 -40.83 60.54
CA LYS P 35 114.51 -42.00 60.36
C LYS P 35 114.12 -42.19 58.90
N SER P 36 114.08 -41.11 58.12
CA SER P 36 113.82 -41.16 56.70
C SER P 36 115.15 -41.09 55.95
N THR P 37 115.10 -40.87 54.63
CA THR P 37 116.31 -40.66 53.83
C THR P 37 116.63 -39.17 53.70
N ILE P 38 117.86 -38.79 54.08
CA ILE P 38 118.31 -37.40 53.94
C ILE P 38 118.60 -37.08 52.48
N GLU P 39 118.20 -35.89 52.04
CA GLU P 39 118.37 -35.49 50.65
C GLU P 39 119.00 -34.11 50.58
N TYR P 40 120.05 -33.97 49.77
CA TYR P 40 120.71 -32.69 49.58
C TYR P 40 120.64 -32.27 48.12
N LEU P 41 120.50 -30.96 47.93
CA LEU P 41 120.55 -30.31 46.62
C LEU P 41 121.89 -29.60 46.45
N ASP P 42 122.56 -29.88 45.32
CA ASP P 42 123.78 -29.17 44.95
C ASP P 42 123.38 -27.86 44.30
N THR P 43 123.47 -26.75 45.06
CA THR P 43 123.03 -25.44 44.58
C THR P 43 124.05 -24.79 43.67
N GLY P 44 125.21 -25.42 43.48
CA GLY P 44 126.16 -24.93 42.51
C GLY P 44 125.88 -25.54 41.14
N SER P 45 124.65 -25.36 40.66
CA SER P 45 124.22 -25.89 39.37
C SER P 45 123.52 -24.80 38.58
N ASP P 46 123.22 -25.10 37.32
CA ASP P 46 122.50 -24.13 36.50
C ASP P 46 121.10 -23.96 37.06
N ASN P 47 120.86 -22.77 37.60
CA ASN P 47 119.55 -22.40 38.13
C ASN P 47 118.47 -22.48 37.06
N SER P 48 118.84 -22.25 35.80
CA SER P 48 117.87 -22.15 34.71
C SER P 48 117.35 -23.50 34.25
N LEU P 49 117.69 -24.58 34.96
CA LEU P 49 117.09 -25.89 34.77
C LEU P 49 116.15 -26.17 35.94
N LEU P 50 115.04 -26.83 35.65
CA LEU P 50 114.15 -27.26 36.71
C LEU P 50 114.60 -28.56 37.36
N VAL P 51 115.63 -29.21 36.83
CA VAL P 51 116.26 -30.35 37.47
C VAL P 51 117.64 -29.93 37.92
N ARG P 52 118.01 -30.35 39.11
CA ARG P 52 119.28 -29.96 39.69
C ARG P 52 119.88 -31.17 40.41
N PRO P 53 121.21 -31.19 40.57
CA PRO P 53 121.86 -32.37 41.12
C PRO P 53 121.55 -32.56 42.60
N THR P 54 121.25 -33.80 42.97
CA THR P 54 120.94 -34.14 44.34
C THR P 54 121.69 -35.40 44.74
N GLN P 55 122.17 -35.44 45.98
CA GLN P 55 122.64 -36.70 46.53
C GLN P 55 121.92 -36.99 47.85
N GLN P 56 121.54 -38.25 48.04
CA GLN P 56 120.79 -38.64 49.24
C GLN P 56 121.51 -39.76 49.98
N PHE P 57 121.29 -39.76 51.28
CA PHE P 57 121.93 -40.69 52.22
C PHE P 57 120.88 -41.24 53.17
N ASN P 58 120.78 -42.57 53.21
CA ASN P 58 119.90 -43.31 54.08
C ASN P 58 120.73 -44.34 54.82
N CYS P 59 120.43 -44.57 56.10
CA CYS P 59 121.08 -45.69 56.77
C CYS P 59 120.15 -46.28 57.82
N VAL P 60 120.22 -47.62 57.95
CA VAL P 60 119.34 -48.40 58.81
C VAL P 60 120.13 -49.54 59.43
N SER P 61 119.64 -50.01 60.57
CA SER P 61 120.37 -50.98 61.39
C SER P 61 119.38 -51.97 61.98
N SER P 62 119.84 -53.23 62.13
CA SER P 62 118.98 -54.28 62.67
C SER P 62 119.77 -55.23 63.57
N GLN P 63 119.06 -55.75 64.57
CA GLN P 63 119.63 -56.70 65.51
C GLN P 63 119.63 -58.11 64.96
N TYR P 64 119.13 -58.33 63.75
CA TYR P 64 118.95 -59.65 63.16
C TYR P 64 119.76 -59.75 61.87
N PRO P 65 121.08 -59.84 61.97
CA PRO P 65 121.93 -59.64 60.79
C PRO P 65 121.91 -60.78 59.80
N TYR P 66 121.41 -61.95 60.21
CA TYR P 66 121.39 -63.14 59.36
C TYR P 66 120.06 -63.32 58.67
N ARG P 67 119.19 -62.31 58.66
CA ARG P 67 117.83 -62.49 58.15
C ARG P 67 117.83 -62.82 56.65
N ASN P 68 118.70 -62.19 55.88
CA ASN P 68 118.72 -62.40 54.45
C ASN P 68 119.54 -63.61 54.03
N TYR P 69 120.46 -64.05 54.86
CA TYR P 69 121.38 -65.12 54.51
C TYR P 69 120.86 -66.43 55.08
N SER P 70 120.56 -67.38 54.19
CA SER P 70 119.84 -68.57 54.60
C SER P 70 120.74 -69.74 54.97
N LYS P 71 121.90 -69.87 54.33
CA LYS P 71 122.68 -71.08 54.46
C LYS P 71 123.80 -70.97 55.49
N ILE P 72 123.63 -70.10 56.48
CA ILE P 72 124.58 -69.98 57.59
C ILE P 72 123.95 -70.66 58.80
N PRO P 73 124.57 -71.72 59.34
CA PRO P 73 124.00 -72.40 60.52
C PRO P 73 124.04 -71.52 61.76
N ARG P 74 123.09 -71.79 62.67
CA ARG P 74 123.04 -71.04 63.93
C ARG P 74 124.33 -71.20 64.71
N SER P 75 124.93 -72.40 64.67
CA SER P 75 126.19 -72.63 65.37
C SER P 75 127.31 -71.75 64.86
N GLN P 76 127.11 -71.06 63.73
CA GLN P 76 128.10 -70.15 63.18
C GLN P 76 127.63 -68.70 63.18
N GLN P 77 126.48 -68.40 63.80
CA GLN P 77 125.94 -67.05 63.86
C GLN P 77 126.39 -66.36 65.15
N ASP P 78 127.12 -65.26 65.01
CA ASP P 78 127.62 -64.51 66.17
C ASP P 78 126.46 -63.79 66.88
N PRO P 79 126.13 -64.17 68.12
CA PRO P 79 124.95 -63.57 68.77
C PRO P 79 125.12 -62.10 69.09
N LEU P 80 126.35 -61.60 69.11
CA LEU P 80 126.63 -60.20 69.32
C LEU P 80 126.67 -59.40 68.02
N ALA P 81 126.56 -60.07 66.89
CA ALA P 81 126.67 -59.38 65.62
C ALA P 81 125.42 -58.56 65.34
N VAL P 82 125.62 -57.43 64.65
CA VAL P 82 124.55 -56.51 64.31
C VAL P 82 124.69 -56.17 62.83
N ARG P 83 123.58 -55.75 62.20
CA ARG P 83 123.58 -55.38 60.79
C ARG P 83 123.56 -53.87 60.68
N ARG P 84 124.56 -53.31 60.03
CA ARG P 84 124.65 -51.88 59.76
C ARG P 84 124.59 -51.68 58.25
N GLU P 85 123.69 -50.84 57.78
CA GLU P 85 123.48 -50.65 56.34
C GLU P 85 123.42 -49.16 56.05
N PHE P 86 123.98 -48.76 54.91
CA PHE P 86 123.83 -47.40 54.40
C PHE P 86 123.72 -47.42 52.89
N TYR P 87 123.15 -46.34 52.36
CA TYR P 87 122.75 -46.27 50.96
C TYR P 87 122.83 -44.84 50.50
N THR P 88 123.60 -44.59 49.44
CA THR P 88 123.68 -43.26 48.87
C THR P 88 123.25 -43.34 47.41
N ARG P 89 122.57 -42.29 46.94
CA ARG P 89 122.19 -42.18 45.53
C ARG P 89 122.44 -40.76 45.07
N ARG P 90 123.34 -40.60 44.11
CA ARG P 90 123.65 -39.31 43.53
C ARG P 90 123.07 -39.27 42.13
N VAL P 91 122.27 -38.25 41.86
CA VAL P 91 121.79 -37.95 40.53
C VAL P 91 122.40 -36.62 40.13
N GLU P 92 123.12 -36.61 39.00
CA GLU P 92 123.52 -35.37 38.39
C GLU P 92 122.86 -35.24 37.02
N TYR P 93 122.82 -34.00 36.54
CA TYR P 93 122.16 -33.67 35.29
C TYR P 93 123.14 -32.90 34.42
N TRP P 94 123.77 -33.60 33.46
CA TRP P 94 124.75 -32.98 32.60
C TRP P 94 124.05 -32.11 31.56
N ARG P 95 124.84 -31.25 30.91
CA ARG P 95 124.32 -30.33 29.90
C ARG P 95 125.26 -30.40 28.71
N LYS P 96 124.72 -30.73 27.53
CA LYS P 96 125.50 -30.70 26.30
C LYS P 96 125.10 -29.50 25.45
N ALA P 97 126.12 -28.75 25.02
CA ALA P 97 125.93 -27.61 24.09
C ALA P 97 127.27 -27.27 23.45
N ASP P 98 127.26 -26.37 22.47
CA ASP P 98 128.53 -25.87 21.97
C ASP P 98 128.48 -24.35 21.81
N ALA P 99 129.53 -23.68 22.28
CA ALA P 99 129.65 -22.24 22.10
C ALA P 99 129.88 -21.86 20.66
N SER P 100 130.21 -22.83 19.80
CA SER P 100 130.45 -22.56 18.39
C SER P 100 129.17 -22.17 17.66
N ASN P 101 128.02 -22.64 18.12
CA ASN P 101 126.77 -22.51 17.40
C ASN P 101 125.66 -22.07 18.36
N VAL P 102 125.35 -20.77 18.37
CA VAL P 102 124.25 -20.29 19.20
C VAL P 102 122.91 -20.83 18.68
N ASP P 103 122.87 -21.28 17.44
CA ASP P 103 121.65 -21.76 16.81
C ASP P 103 121.33 -23.21 17.14
N ALA P 104 122.28 -23.96 17.70
CA ALA P 104 122.06 -25.39 17.91
C ALA P 104 121.54 -25.66 19.31
N PRO P 105 120.61 -26.60 19.47
CA PRO P 105 119.90 -26.75 20.75
C PRO P 105 120.80 -27.34 21.83
N GLU P 106 120.43 -27.05 23.07
CA GLU P 106 121.09 -27.62 24.23
C GLU P 106 120.26 -28.77 24.77
N TYR P 107 120.94 -29.78 25.32
CA TYR P 107 120.24 -30.92 25.89
C TYR P 107 120.73 -31.18 27.31
N THR P 108 119.84 -31.67 28.16
CA THR P 108 120.21 -32.08 29.50
C THR P 108 120.17 -33.61 29.60
N LEU P 109 121.24 -34.19 30.11
CA LEU P 109 121.49 -35.63 30.11
C LEU P 109 121.53 -36.18 31.52
N PRO P 110 120.56 -36.99 31.94
CA PRO P 110 120.55 -37.49 33.32
C PRO P 110 121.48 -38.67 33.57
N GLN P 111 122.10 -38.64 34.76
CA GLN P 111 123.02 -39.67 35.21
C GLN P 111 122.72 -39.96 36.67
N SER P 112 122.75 -41.25 37.04
CA SER P 112 122.51 -41.63 38.43
C SER P 112 123.43 -42.78 38.84
N CYS P 113 123.84 -42.77 40.10
CA CYS P 113 124.71 -43.81 40.63
C CYS P 113 124.38 -44.02 42.09
N SER P 114 124.26 -45.29 42.49
CA SER P 114 123.82 -45.60 43.84
C SER P 114 124.64 -46.75 44.43
N ILE P 115 125.11 -46.55 45.66
CA ILE P 115 125.91 -47.53 46.39
C ILE P 115 125.18 -47.91 47.68
N ARG P 116 124.96 -49.20 47.87
CA ARG P 116 124.40 -49.76 49.10
C ARG P 116 125.41 -50.71 49.74
N LEU P 117 125.51 -50.64 51.07
CA LEU P 117 126.46 -51.44 51.83
C LEU P 117 125.78 -51.92 53.11
N ALA P 118 125.79 -53.22 53.33
CA ALA P 118 125.26 -53.81 54.56
C ALA P 118 126.32 -54.75 55.10
N SER P 119 126.94 -54.36 56.21
CA SER P 119 127.96 -55.15 56.88
C SER P 119 127.40 -55.79 58.13
N THR P 120 127.85 -57.00 58.42
CA THR P 120 127.67 -57.56 59.75
C THR P 120 128.82 -57.05 60.62
N VAL P 121 128.50 -56.33 61.68
CA VAL P 121 129.48 -55.69 62.55
C VAL P 121 129.45 -56.34 63.92
N THR P 122 130.62 -56.73 64.40
CA THR P 122 130.84 -57.26 65.73
C THR P 122 131.95 -56.47 66.39
N LYS P 123 132.29 -56.84 67.63
CA LYS P 123 133.26 -56.10 68.43
C LYS P 123 134.54 -55.82 67.65
N GLU P 124 135.03 -56.83 66.93
CA GLU P 124 136.32 -56.77 66.27
C GLU P 124 136.28 -56.12 64.89
N THR P 125 135.08 -55.87 64.36
CA THR P 125 134.93 -55.24 63.06
C THR P 125 135.29 -53.76 63.15
N THR P 126 136.31 -53.32 62.41
CA THR P 126 136.75 -51.94 62.40
C THR P 126 136.23 -51.18 61.19
N ALA P 127 136.23 -49.86 61.30
CA ALA P 127 135.79 -49.02 60.20
C ALA P 127 136.60 -49.30 58.94
N ALA P 128 137.90 -49.53 59.09
CA ALA P 128 138.73 -49.92 57.97
C ALA P 128 138.25 -51.25 57.37
N ASP P 129 137.94 -52.23 58.23
CA ASP P 129 137.44 -53.51 57.74
C ASP P 129 136.21 -53.31 56.87
N ILE P 130 135.33 -52.40 57.28
CA ILE P 130 134.09 -52.19 56.52
C ILE P 130 134.37 -51.41 55.24
N ALA P 131 135.32 -50.48 55.26
CA ALA P 131 135.70 -49.81 54.03
C ALA P 131 136.28 -50.81 53.03
N GLY P 132 136.93 -51.85 53.54
CA GLY P 132 137.47 -52.88 52.67
C GLY P 132 136.46 -53.47 51.72
N ILE P 133 135.22 -53.65 52.18
CA ILE P 133 134.25 -54.31 51.31
C ILE P 133 133.88 -53.42 50.13
N VAL P 134 133.76 -52.11 50.36
CA VAL P 134 133.52 -51.19 49.25
C VAL P 134 134.72 -51.17 48.32
N LEU P 135 135.94 -51.16 48.88
CA LEU P 135 137.13 -51.11 48.05
C LEU P 135 137.26 -52.36 47.17
N ARG P 136 136.91 -53.52 47.72
CA ARG P 136 136.97 -54.76 46.95
C ARG P 136 135.83 -54.86 45.96
N THR P 137 134.67 -54.27 46.25
CA THR P 137 133.63 -54.22 45.24
C THR P 137 134.07 -53.36 44.06
N LEU P 138 134.75 -52.23 44.34
CA LEU P 138 135.16 -51.34 43.26
C LEU P 138 136.30 -51.92 42.45
N ALA P 139 137.23 -52.62 43.10
CA ALA P 139 138.50 -52.97 42.46
C ALA P 139 138.36 -53.73 41.14
N PRO P 140 137.47 -54.71 40.97
CA PRO P 140 137.39 -55.40 39.67
C PRO P 140 137.05 -54.49 38.50
N ILE P 141 136.22 -53.47 38.73
CA ILE P 141 135.81 -52.51 37.70
C ILE P 141 136.92 -51.51 37.40
N PHE P 142 137.71 -51.15 38.41
CA PHE P 142 138.79 -50.17 38.26
C PHE P 142 140.09 -50.86 38.66
N PRO P 143 140.55 -51.83 37.89
CA PRO P 143 141.72 -52.62 38.32
C PRO P 143 143.01 -51.83 38.29
N ASN P 144 143.04 -50.68 37.62
CA ASN P 144 144.18 -49.76 37.66
C ASN P 144 143.79 -48.40 38.20
N GLY P 145 142.68 -48.33 38.94
CA GLY P 145 142.33 -47.09 39.57
C GLY P 145 141.94 -46.06 38.53
N SER P 146 142.25 -44.79 38.81
CA SER P 146 141.96 -43.77 37.83
C SER P 146 142.81 -43.90 36.58
N GLY P 147 143.73 -44.86 36.52
CA GLY P 147 144.65 -44.94 35.39
C GLY P 147 143.96 -45.18 34.05
N ASP P 148 143.22 -46.28 33.93
CA ASP P 148 142.52 -46.60 32.70
C ASP P 148 141.07 -46.90 33.00
N TRP P 149 140.25 -46.93 31.95
CA TRP P 149 138.82 -47.14 32.11
C TRP P 149 138.35 -48.36 31.34
N ILE P 150 139.22 -49.36 31.16
CA ILE P 150 138.94 -50.40 30.17
C ILE P 150 137.76 -51.26 30.61
N LYS P 151 137.79 -51.72 31.87
CA LYS P 151 136.71 -52.58 32.34
C LYS P 151 135.42 -51.80 32.50
N LEU P 152 135.51 -50.54 32.92
CA LEU P 152 134.31 -49.72 32.98
C LEU P 152 133.70 -49.57 31.60
N GLN P 153 134.55 -49.31 30.60
CA GLN P 153 134.09 -49.22 29.22
C GLN P 153 133.36 -50.47 28.82
N GLN P 154 133.88 -51.65 29.18
CA GLN P 154 133.19 -52.90 28.89
C GLN P 154 131.80 -52.92 29.52
N LEU P 155 131.74 -52.60 30.82
CA LEU P 155 130.45 -52.61 31.51
C LEU P 155 129.44 -51.73 30.78
N ILE P 156 129.89 -50.57 30.30
CA ILE P 156 128.96 -49.69 29.59
C ILE P 156 128.62 -50.25 28.21
N ASP P 157 129.61 -50.84 27.53
CA ASP P 157 129.41 -51.48 26.24
C ASP P 157 128.45 -52.67 26.33
N GLY P 158 128.13 -53.12 27.53
CA GLY P 158 127.19 -54.20 27.69
C GLY P 158 127.81 -55.58 27.86
N LEU P 159 129.08 -55.65 28.29
CA LEU P 159 129.81 -56.89 28.45
C LEU P 159 130.06 -57.15 29.93
N PRO P 160 129.27 -58.00 30.59
CA PRO P 160 129.30 -58.09 32.05
C PRO P 160 130.46 -58.90 32.63
N ARG P 161 131.21 -59.64 31.82
CA ARG P 161 132.18 -60.57 32.40
C ARG P 161 133.50 -59.83 32.65
N ILE P 162 133.58 -59.21 33.83
CA ILE P 162 134.80 -58.54 34.27
C ILE P 162 135.94 -59.54 34.41
N PHE P 163 135.64 -60.72 34.94
CA PHE P 163 136.69 -61.71 35.21
C PHE P 163 136.91 -62.66 34.05
N GLY P 164 136.07 -62.62 33.02
CA GLY P 164 136.25 -63.48 31.87
C GLY P 164 135.34 -64.70 31.84
N SER Q 1 131.14 -30.01 17.83
CA SER Q 1 131.68 -29.05 18.79
C SER Q 1 130.96 -29.16 20.12
N TYR Q 2 129.93 -30.00 20.16
CA TYR Q 2 129.18 -30.25 21.40
C TYR Q 2 130.11 -30.69 22.52
N THR Q 3 129.94 -30.08 23.69
CA THR Q 3 130.67 -30.42 24.88
C THR Q 3 129.70 -30.76 26.01
N ILE Q 4 130.16 -31.68 26.85
CA ILE Q 4 129.42 -32.19 27.99
C ILE Q 4 129.91 -31.47 29.23
N ASP Q 5 129.05 -30.70 29.87
CA ASP Q 5 129.35 -30.04 31.12
C ASP Q 5 128.60 -30.76 32.24
N ILE Q 6 129.34 -31.37 33.17
CA ILE Q 6 128.68 -31.84 34.38
C ILE Q 6 128.16 -30.62 35.12
N ASN Q 7 126.94 -30.73 35.63
CA ASN Q 7 126.32 -29.60 36.30
C ASN Q 7 126.49 -29.72 37.81
N CYS Q 8 127.73 -29.86 38.26
CA CYS Q 8 128.00 -30.24 39.64
C CYS Q 8 128.88 -29.19 40.32
N SER Q 9 129.12 -29.42 41.60
CA SER Q 9 130.12 -28.70 42.35
C SER Q 9 131.32 -29.62 42.55
N THR Q 10 132.50 -29.17 42.12
CA THR Q 10 133.73 -29.92 42.27
C THR Q 10 134.79 -29.02 42.87
N GLY Q 11 135.56 -29.59 43.82
CA GLY Q 11 136.63 -28.88 44.48
C GLY Q 11 137.93 -28.93 43.72
N ASP Q 12 138.95 -28.29 44.30
CA ASP Q 12 140.30 -28.29 43.76
C ASP Q 12 141.16 -29.39 44.36
N THR Q 13 140.77 -29.93 45.51
CA THR Q 13 141.55 -30.89 46.26
C THR Q 13 141.32 -32.31 45.72
N GLN Q 14 142.27 -33.21 45.94
CA GLN Q 14 142.11 -34.59 45.47
C GLN Q 14 142.69 -35.55 46.49
N ALA Q 15 142.15 -36.77 46.52
CA ALA Q 15 142.56 -37.80 47.46
C ALA Q 15 142.69 -39.14 46.76
N ASN Q 16 143.52 -40.00 47.33
CA ASN Q 16 143.78 -41.34 46.79
C ASN Q 16 142.97 -42.37 47.58
N LEU Q 17 142.00 -43.00 46.92
CA LEU Q 17 141.30 -44.15 47.47
C LEU Q 17 142.04 -45.39 46.97
N VAL Q 18 142.69 -46.11 47.87
CA VAL Q 18 143.67 -47.12 47.49
C VAL Q 18 142.98 -48.47 47.35
N LEU Q 19 142.86 -48.94 46.11
CA LEU Q 19 142.24 -50.22 45.81
C LEU Q 19 143.31 -51.30 45.81
N THR Q 20 143.03 -52.41 46.47
CA THR Q 20 143.89 -53.59 46.38
C THR Q 20 143.29 -54.53 45.35
N GLU Q 21 144.15 -55.09 44.51
CA GLU Q 21 143.67 -55.80 43.33
C GLU Q 21 142.94 -57.08 43.72
N ILE Q 22 142.02 -57.50 42.85
CA ILE Q 22 141.33 -58.76 43.03
C ILE Q 22 141.60 -59.62 41.81
N PRO Q 23 142.33 -60.72 41.96
CA PRO Q 23 142.75 -61.51 40.79
C PRO Q 23 141.59 -62.27 40.17
N ALA Q 24 141.65 -62.43 38.84
CA ALA Q 24 140.56 -63.13 38.16
C ALA Q 24 140.77 -64.64 38.20
N GLU Q 25 142.02 -65.09 38.31
CA GLU Q 25 142.31 -66.53 38.32
C GLU Q 25 141.49 -67.30 39.33
N PRO Q 26 141.29 -66.85 40.58
CA PRO Q 26 140.47 -67.64 41.51
C PRO Q 26 138.97 -67.66 41.20
N TYR Q 27 138.48 -66.86 40.25
CA TYR Q 27 137.04 -66.75 40.08
C TYR Q 27 136.51 -67.76 39.06
N VAL Q 28 135.28 -68.24 39.30
CA VAL Q 28 134.66 -69.32 38.55
C VAL Q 28 133.25 -68.93 38.12
N HIS Q 29 132.88 -69.30 36.89
CA HIS Q 29 131.52 -69.15 36.41
C HIS Q 29 130.52 -69.91 37.28
N VAL Q 30 129.39 -69.27 37.57
CA VAL Q 30 128.32 -69.88 38.35
C VAL Q 30 127.01 -69.92 37.56
N SER Q 31 126.55 -68.77 37.08
CA SER Q 31 125.33 -68.71 36.29
C SER Q 31 125.51 -67.72 35.15
N GLY Q 32 124.68 -67.88 34.11
CA GLY Q 32 124.64 -66.97 32.98
C GLY Q 32 125.98 -66.71 32.31
N ASP Q 33 126.57 -67.78 31.74
CA ASP Q 33 127.93 -67.67 31.22
C ASP Q 33 128.03 -66.69 30.07
N ASN Q 34 127.10 -66.78 29.11
CA ASN Q 34 127.10 -65.93 27.95
C ASN Q 34 126.20 -64.71 28.10
N LYS Q 35 125.29 -64.71 29.06
CA LYS Q 35 124.18 -63.77 29.09
C LYS Q 35 124.60 -62.42 29.66
N SER Q 36 123.66 -61.46 29.65
CA SER Q 36 123.92 -60.12 30.13
C SER Q 36 124.08 -60.03 31.64
N THR Q 37 123.86 -61.13 32.36
CA THR Q 37 124.03 -61.21 33.80
C THR Q 37 124.93 -62.41 34.09
N ILE Q 38 126.02 -62.18 34.81
CA ILE Q 38 126.96 -63.23 35.16
C ILE Q 38 127.22 -63.17 36.66
N GLU Q 39 127.41 -64.35 37.26
CA GLU Q 39 127.71 -64.46 38.69
C GLU Q 39 128.97 -65.29 38.85
N TYR Q 40 129.97 -64.73 39.53
CA TYR Q 40 131.21 -65.45 39.79
C TYR Q 40 131.34 -65.87 41.24
N LEU Q 41 132.07 -66.95 41.44
CA LEU Q 41 132.43 -67.44 42.76
C LEU Q 41 133.94 -67.29 42.95
N ASP Q 42 134.34 -66.78 44.11
CA ASP Q 42 135.75 -66.71 44.52
C ASP Q 42 136.08 -68.02 45.21
N THR Q 43 136.82 -68.90 44.52
CA THR Q 43 137.22 -70.16 45.12
C THR Q 43 138.48 -70.04 45.97
N GLY Q 44 138.91 -68.83 46.27
CA GLY Q 44 139.96 -68.66 47.25
C GLY Q 44 139.32 -68.55 48.62
N SER Q 45 138.18 -69.20 48.78
CA SER Q 45 137.44 -69.14 50.02
C SER Q 45 137.46 -70.46 50.75
N ASP Q 46 136.99 -70.43 52.00
CA ASP Q 46 136.99 -71.64 52.80
C ASP Q 46 136.21 -72.70 52.07
N ASN Q 47 136.90 -73.81 51.81
CA ASN Q 47 136.31 -74.95 51.14
C ASN Q 47 135.04 -75.41 51.85
N SER Q 48 135.06 -75.43 53.17
CA SER Q 48 134.13 -76.21 53.97
C SER Q 48 132.87 -75.47 54.39
N LEU Q 49 132.72 -74.19 54.04
CA LEU Q 49 131.50 -73.48 54.39
C LEU Q 49 130.41 -73.69 53.34
N LEU Q 50 129.19 -73.33 53.71
CA LEU Q 50 128.08 -73.38 52.77
C LEU Q 50 127.95 -72.09 51.98
N VAL Q 51 128.55 -71.02 52.48
CA VAL Q 51 128.56 -69.73 51.81
C VAL Q 51 129.98 -69.45 51.35
N ARG Q 52 130.08 -68.85 50.17
CA ARG Q 52 131.38 -68.46 49.64
C ARG Q 52 131.24 -67.14 48.91
N PRO Q 53 132.31 -66.34 48.86
CA PRO Q 53 132.22 -65.00 48.27
C PRO Q 53 131.90 -65.06 46.80
N THR Q 54 130.88 -64.30 46.41
CA THR Q 54 130.47 -64.16 45.03
C THR Q 54 130.49 -62.70 44.65
N GLN Q 55 130.63 -62.44 43.36
CA GLN Q 55 130.34 -61.12 42.83
C GLN Q 55 129.62 -61.29 41.51
N GLN Q 56 128.49 -60.61 41.37
CA GLN Q 56 127.79 -60.63 40.10
C GLN Q 56 127.90 -59.29 39.43
N PHE Q 57 127.83 -59.35 38.10
CA PHE Q 57 127.76 -58.17 37.24
C PHE Q 57 126.62 -58.39 36.26
N ASN Q 58 125.83 -57.35 36.02
CA ASN Q 58 124.87 -57.43 34.92
C ASN Q 58 124.69 -56.06 34.29
N CYS Q 59 124.46 -56.08 32.98
CA CYS Q 59 124.31 -54.87 32.17
C CYS Q 59 122.88 -54.82 31.65
N VAL Q 60 122.40 -53.58 31.46
CA VAL Q 60 121.05 -53.32 30.95
C VAL Q 60 121.14 -52.08 30.06
N SER Q 61 120.35 -52.08 29.00
CA SER Q 61 120.25 -50.93 28.11
C SER Q 61 118.78 -50.63 27.85
N SER Q 62 118.45 -49.35 27.72
CA SER Q 62 117.10 -48.94 27.37
C SER Q 62 117.11 -47.87 26.29
N GLN Q 63 116.07 -47.92 25.45
CA GLN Q 63 115.95 -47.02 24.31
C GLN Q 63 115.44 -45.65 24.73
N TYR Q 64 114.68 -45.57 25.82
CA TYR Q 64 114.03 -44.35 26.30
C TYR Q 64 114.72 -43.88 27.58
N PRO Q 65 115.80 -43.11 27.46
CA PRO Q 65 116.60 -42.79 28.65
C PRO Q 65 115.95 -41.76 29.54
N TYR Q 66 114.94 -41.06 29.03
CA TYR Q 66 114.24 -40.01 29.74
C TYR Q 66 112.95 -40.49 30.38
N ARG Q 67 112.77 -41.81 30.51
CA ARG Q 67 111.48 -42.32 30.94
C ARG Q 67 111.10 -41.83 32.32
N ASN Q 68 112.03 -41.96 33.27
CA ASN Q 68 111.77 -41.55 34.64
C ASN Q 68 112.04 -40.07 34.88
N TYR Q 69 112.59 -39.36 33.91
CA TYR Q 69 112.91 -37.95 34.10
C TYR Q 69 111.86 -37.10 33.38
N SER Q 70 110.77 -36.83 34.08
CA SER Q 70 109.70 -36.07 33.46
C SER Q 70 109.89 -34.57 33.58
N LYS Q 71 110.64 -34.09 34.59
CA LYS Q 71 110.84 -32.66 34.75
C LYS Q 71 111.74 -32.07 33.67
N ILE Q 72 112.20 -32.88 32.73
CA ILE Q 72 112.97 -32.42 31.59
C ILE Q 72 112.03 -32.26 30.39
N PRO Q 73 112.04 -31.13 29.71
CA PRO Q 73 111.17 -30.96 28.55
C PRO Q 73 111.71 -31.68 27.32
N ARG Q 74 110.79 -32.05 26.44
CA ARG Q 74 111.20 -32.73 25.21
C ARG Q 74 112.18 -31.88 24.42
N SER Q 75 111.96 -30.56 24.37
CA SER Q 75 112.87 -29.65 23.67
C SER Q 75 114.30 -29.71 24.19
N GLN Q 76 114.54 -30.34 25.35
CA GLN Q 76 115.88 -30.51 25.88
C GLN Q 76 116.31 -31.97 25.99
N GLN Q 77 115.45 -32.92 25.59
CA GLN Q 77 115.80 -34.33 25.58
C GLN Q 77 116.50 -34.67 24.26
N ASP Q 78 117.71 -35.18 24.35
CA ASP Q 78 118.48 -35.58 23.16
C ASP Q 78 117.86 -36.81 22.52
N PRO Q 79 117.24 -36.69 21.34
CA PRO Q 79 116.55 -37.85 20.76
C PRO Q 79 117.49 -38.97 20.31
N LEU Q 80 118.79 -38.71 20.27
CA LEU Q 80 119.77 -39.74 20.00
C LEU Q 80 120.37 -40.35 21.26
N ALA Q 81 119.87 -39.95 22.43
CA ALA Q 81 120.43 -40.48 23.68
C ALA Q 81 119.92 -41.88 23.92
N VAL Q 82 120.77 -42.70 24.54
CA VAL Q 82 120.45 -44.08 24.87
C VAL Q 82 120.88 -44.32 26.30
N ARG Q 83 120.10 -45.11 27.05
CA ARG Q 83 120.40 -45.36 28.46
C ARG Q 83 121.24 -46.64 28.59
N ARG Q 84 122.42 -46.51 29.19
CA ARG Q 84 123.25 -47.68 29.52
C ARG Q 84 123.37 -47.75 31.03
N GLU Q 85 123.11 -48.92 31.62
CA GLU Q 85 123.35 -49.11 33.04
C GLU Q 85 124.06 -50.45 33.27
N PHE Q 86 124.74 -50.51 34.41
CA PHE Q 86 125.34 -51.75 34.90
C PHE Q 86 125.20 -51.80 36.40
N TYR Q 87 125.37 -53.00 36.95
CA TYR Q 87 125.12 -53.26 38.36
C TYR Q 87 126.04 -54.37 38.84
N THR Q 88 126.77 -54.11 39.91
CA THR Q 88 127.59 -55.14 40.53
C THR Q 88 127.10 -55.33 41.95
N ARG Q 89 127.16 -56.58 42.41
CA ARG Q 89 126.85 -56.90 43.80
C ARG Q 89 127.84 -57.95 44.30
N ARG Q 90 128.64 -57.55 45.28
CA ARG Q 90 129.65 -58.42 45.87
C ARG Q 90 129.16 -58.81 47.26
N VAL Q 91 129.11 -60.12 47.50
CA VAL Q 91 128.89 -60.65 48.84
C VAL Q 91 130.17 -61.39 49.22
N GLU Q 92 130.70 -61.09 50.40
CA GLU Q 92 131.74 -61.90 50.99
C GLU Q 92 131.30 -62.34 52.36
N TYR Q 93 131.96 -63.38 52.87
CA TYR Q 93 131.59 -64.01 54.13
C TYR Q 93 132.86 -64.13 54.98
N TRP Q 94 133.02 -63.22 55.95
CA TRP Q 94 134.16 -63.23 56.83
C TRP Q 94 134.02 -64.31 57.88
N ARG Q 95 135.15 -64.64 58.51
CA ARG Q 95 135.23 -65.67 59.55
C ARG Q 95 135.95 -65.10 60.75
N LYS Q 96 135.26 -65.02 61.88
CA LYS Q 96 135.93 -64.61 63.10
C LYS Q 96 136.24 -65.84 63.93
N ALA Q 97 137.49 -65.93 64.37
CA ALA Q 97 137.97 -66.97 65.28
C ALA Q 97 139.34 -66.55 65.81
N ASP Q 98 139.71 -67.09 66.97
CA ASP Q 98 141.06 -66.92 67.49
C ASP Q 98 141.77 -68.27 67.53
N ALA Q 99 143.02 -68.30 67.05
CA ALA Q 99 143.82 -69.51 67.12
C ALA Q 99 144.22 -69.87 68.55
N SER Q 100 144.04 -68.94 69.48
CA SER Q 100 144.42 -69.18 70.87
C SER Q 100 143.56 -70.26 71.49
N ASN Q 101 142.25 -70.14 71.36
CA ASN Q 101 141.31 -71.04 72.01
C ASN Q 101 140.53 -71.76 70.92
N VAL Q 102 140.76 -73.06 70.76
CA VAL Q 102 140.02 -73.83 69.77
C VAL Q 102 138.66 -74.27 70.29
N ASP Q 103 138.45 -74.22 71.61
CA ASP Q 103 137.10 -74.36 72.16
C ASP Q 103 136.18 -73.29 71.58
N ALA Q 104 136.69 -72.08 71.40
CA ALA Q 104 135.84 -70.96 71.04
C ALA Q 104 135.24 -71.15 69.65
N PRO Q 105 133.97 -70.83 69.44
CA PRO Q 105 133.32 -71.11 68.18
C PRO Q 105 133.75 -70.13 67.10
N GLU Q 106 133.77 -70.62 65.87
CA GLU Q 106 134.04 -69.78 64.72
C GLU Q 106 132.72 -69.25 64.19
N TYR Q 107 132.66 -67.94 63.94
CA TYR Q 107 131.44 -67.34 63.42
C TYR Q 107 131.65 -66.86 61.99
N THR Q 108 130.57 -66.88 61.21
CA THR Q 108 130.56 -66.41 59.84
C THR Q 108 129.82 -65.08 59.79
N LEU Q 109 130.49 -64.04 59.33
CA LEU Q 109 129.94 -62.69 59.29
C LEU Q 109 129.70 -62.30 57.83
N PRO Q 110 128.45 -62.20 57.39
CA PRO Q 110 128.20 -61.81 56.00
C PRO Q 110 128.25 -60.30 55.78
N GLN Q 111 128.75 -59.93 54.60
CA GLN Q 111 128.90 -58.55 54.18
C GLN Q 111 128.53 -58.45 52.71
N SER Q 112 127.76 -57.42 52.34
CA SER Q 112 127.34 -57.27 50.95
C SER Q 112 127.35 -55.80 50.55
N CYS Q 113 127.70 -55.56 49.28
CA CYS Q 113 127.82 -54.20 48.77
C CYS Q 113 127.47 -54.20 47.28
N SER Q 114 126.69 -53.21 46.86
CA SER Q 114 126.19 -53.16 45.49
C SER Q 114 126.26 -51.74 44.94
N ILE Q 115 126.65 -51.65 43.67
CA ILE Q 115 126.77 -50.38 42.95
C ILE Q 115 125.98 -50.48 41.66
N ARG Q 116 125.08 -49.52 41.45
CA ARG Q 116 124.28 -49.43 40.22
C ARG Q 116 124.57 -48.09 39.56
N LEU Q 117 125.02 -48.14 38.31
CA LEU Q 117 125.34 -46.94 37.54
C LEU Q 117 124.48 -46.92 36.29
N ALA Q 118 123.76 -45.81 36.09
CA ALA Q 118 122.80 -45.70 35.00
C ALA Q 118 122.98 -44.33 34.37
N SER Q 119 123.58 -44.30 33.20
CA SER Q 119 123.93 -43.06 32.52
C SER Q 119 123.09 -42.92 31.26
N THR Q 120 122.79 -41.67 30.89
CA THR Q 120 122.40 -41.43 29.51
C THR Q 120 123.67 -41.22 28.71
N VAL Q 121 123.68 -41.72 27.47
CA VAL Q 121 124.88 -41.71 26.64
C VAL Q 121 124.50 -41.21 25.27
N THR Q 122 125.28 -40.26 24.77
CA THR Q 122 125.27 -39.78 23.40
C THR Q 122 126.69 -39.91 22.86
N LYS Q 123 126.86 -39.56 21.58
CA LYS Q 123 128.14 -39.76 20.93
C LYS Q 123 129.29 -39.07 21.66
N GLU Q 124 129.00 -38.03 22.44
CA GLU Q 124 130.05 -37.26 23.13
C GLU Q 124 130.27 -37.71 24.57
N THR Q 125 129.47 -38.64 25.08
CA THR Q 125 129.73 -39.21 26.39
C THR Q 125 130.97 -40.09 26.34
N THR Q 126 131.93 -39.83 27.22
CA THR Q 126 133.16 -40.61 27.25
C THR Q 126 133.20 -41.56 28.45
N ALA Q 127 134.09 -42.54 28.33
CA ALA Q 127 134.33 -43.48 29.41
C ALA Q 127 134.67 -42.76 30.70
N ALA Q 128 135.60 -41.79 30.62
CA ALA Q 128 136.02 -41.07 31.81
C ALA Q 128 134.92 -40.17 32.35
N ASP Q 129 134.07 -39.61 31.48
CA ASP Q 129 132.90 -38.87 31.96
C ASP Q 129 132.03 -39.75 32.83
N ILE Q 130 131.78 -40.98 32.38
CA ILE Q 130 130.92 -41.85 33.16
C ILE Q 130 131.63 -42.32 34.43
N ALA Q 131 132.95 -42.53 34.36
CA ALA Q 131 133.70 -42.86 35.57
C ALA Q 131 133.60 -41.74 36.60
N GLY Q 132 133.43 -40.51 36.13
CA GLY Q 132 133.40 -39.38 37.05
C GLY Q 132 132.24 -39.43 38.01
N ILE Q 133 131.08 -39.93 37.56
CA ILE Q 133 129.93 -39.92 38.46
C ILE Q 133 130.10 -40.93 39.58
N VAL Q 134 130.76 -42.06 39.32
CA VAL Q 134 131.06 -43.01 40.39
C VAL Q 134 132.01 -42.37 41.41
N LEU Q 135 133.04 -41.68 40.91
CA LEU Q 135 134.00 -41.04 41.81
C LEU Q 135 133.36 -39.91 42.61
N ARG Q 136 132.37 -39.22 42.04
CA ARG Q 136 131.69 -38.16 42.76
C ARG Q 136 130.66 -38.70 43.75
N THR Q 137 130.05 -39.85 43.45
CA THR Q 137 129.23 -40.51 44.46
C THR Q 137 130.09 -40.97 45.63
N LEU Q 138 131.28 -41.51 45.36
CA LEU Q 138 132.15 -41.95 46.43
C LEU Q 138 132.73 -40.78 47.24
N ALA Q 139 133.00 -39.66 46.58
CA ALA Q 139 133.78 -38.57 47.18
C ALA Q 139 133.26 -38.10 48.54
N PRO Q 140 131.95 -37.89 48.76
CA PRO Q 140 131.53 -37.38 50.07
C PRO Q 140 131.64 -38.38 51.20
N ILE Q 141 131.60 -39.69 50.91
CA ILE Q 141 131.77 -40.70 51.95
C ILE Q 141 133.25 -40.87 52.29
N PHE Q 142 134.14 -40.76 51.31
CA PHE Q 142 135.57 -40.96 51.51
C PHE Q 142 136.31 -39.69 51.14
N PRO Q 143 136.06 -38.59 51.86
CA PRO Q 143 136.57 -37.29 51.41
C PRO Q 143 138.07 -37.17 51.47
N ASN Q 144 138.75 -37.99 52.26
CA ASN Q 144 140.19 -38.11 52.23
C ASN Q 144 140.64 -39.44 51.64
N GLY Q 145 139.77 -40.09 50.87
CA GLY Q 145 140.15 -41.34 50.26
C GLY Q 145 140.48 -42.35 51.34
N SER Q 146 141.50 -43.17 51.07
CA SER Q 146 141.90 -44.19 52.03
C SER Q 146 142.53 -43.61 53.30
N GLY Q 147 142.60 -42.29 53.44
CA GLY Q 147 143.31 -41.72 54.58
C GLY Q 147 142.60 -41.91 55.92
N ASP Q 148 141.38 -41.38 56.04
CA ASP Q 148 140.61 -41.55 57.26
C ASP Q 148 139.23 -42.07 56.91
N TRP Q 149 138.58 -42.69 57.89
CA TRP Q 149 137.27 -43.29 57.68
C TRP Q 149 136.19 -42.58 58.48
N ILE Q 150 136.32 -41.25 58.64
CA ILE Q 150 135.47 -40.55 59.61
C ILE Q 150 134.03 -40.53 59.14
N LYS Q 151 133.81 -40.14 57.88
CA LYS Q 151 132.44 -40.07 57.39
C LYS Q 151 131.86 -41.47 57.21
N LEU Q 152 132.67 -42.43 56.80
CA LEU Q 152 132.18 -43.80 56.73
C LEU Q 152 131.70 -44.26 58.10
N GLN Q 153 132.53 -44.07 59.13
CA GLN Q 153 132.16 -44.52 60.47
C GLN Q 153 130.87 -43.86 60.92
N GLN Q 154 130.73 -42.56 60.66
CA GLN Q 154 129.48 -41.92 61.07
C GLN Q 154 128.29 -42.43 60.25
N LEU Q 155 128.51 -42.98 59.05
CA LEU Q 155 127.41 -43.65 58.35
C LEU Q 155 127.06 -44.97 59.02
N ILE Q 156 128.07 -45.69 59.52
CA ILE Q 156 127.80 -46.93 60.23
C ILE Q 156 127.09 -46.64 61.56
N ASP Q 157 127.31 -45.46 62.14
CA ASP Q 157 126.69 -45.09 63.41
C ASP Q 157 125.23 -44.68 63.27
N GLY Q 158 124.74 -44.51 62.04
CA GLY Q 158 123.37 -44.11 61.80
C GLY Q 158 123.17 -42.60 61.80
N LEU Q 159 124.12 -41.88 61.21
CA LEU Q 159 124.11 -40.41 61.18
C LEU Q 159 124.11 -39.98 59.72
N PRO Q 160 122.93 -40.02 59.07
CA PRO Q 160 122.87 -39.85 57.61
C PRO Q 160 123.28 -38.48 57.12
N ARG Q 161 123.26 -37.45 57.97
CA ARG Q 161 123.52 -36.07 57.54
C ARG Q 161 125.02 -35.90 57.33
N ILE Q 162 125.46 -35.94 56.07
CA ILE Q 162 126.87 -35.92 55.74
C ILE Q 162 127.35 -34.51 55.41
N PHE Q 163 126.56 -33.76 54.66
CA PHE Q 163 126.84 -32.36 54.41
C PHE Q 163 126.20 -31.45 55.46
N GLY Q 164 125.50 -32.01 56.44
CA GLY Q 164 124.85 -31.22 57.49
C GLY Q 164 123.34 -31.29 57.54
N SER R 1 129.05 -14.45 26.10
CA SER R 1 129.08 -13.12 25.52
C SER R 1 127.78 -12.36 25.79
N TYR R 2 126.69 -13.12 25.91
CA TYR R 2 125.37 -12.57 26.20
C TYR R 2 125.39 -11.73 27.48
N THR R 3 124.84 -10.53 27.41
CA THR R 3 124.63 -9.70 28.59
C THR R 3 123.14 -9.41 28.74
N ILE R 4 122.74 -9.19 29.99
CA ILE R 4 121.38 -8.84 30.33
C ILE R 4 121.36 -7.35 30.67
N ASP R 5 120.51 -6.60 29.96
CA ASP R 5 120.30 -5.20 30.22
C ASP R 5 118.91 -5.03 30.80
N ILE R 6 118.83 -4.46 32.00
CA ILE R 6 117.54 -4.01 32.49
C ILE R 6 117.08 -2.87 31.61
N ASN R 7 115.83 -2.94 31.15
CA ASN R 7 115.32 -1.91 30.27
C ASN R 7 114.60 -0.84 31.09
N CYS R 8 115.31 -0.27 32.06
CA CYS R 8 114.70 0.62 33.02
C CYS R 8 115.41 1.96 33.06
N SER R 9 114.82 2.90 33.81
CA SER R 9 115.45 4.17 34.13
C SER R 9 115.96 4.10 35.57
N THR R 10 117.26 4.35 35.74
CA THR R 10 117.90 4.40 37.04
C THR R 10 118.72 5.67 37.18
N GLY R 11 118.93 6.05 38.44
CA GLY R 11 119.61 7.29 38.76
C GLY R 11 121.03 7.06 39.23
N ASP R 12 121.66 8.16 39.64
CA ASP R 12 123.00 8.14 40.18
C ASP R 12 123.03 8.02 41.69
N THR R 13 121.98 8.48 42.36
CA THR R 13 121.98 8.58 43.80
C THR R 13 121.64 7.23 44.43
N GLN R 14 122.11 7.03 45.65
CA GLN R 14 121.80 5.80 46.39
C GLN R 14 121.49 6.16 47.83
N ALA R 15 120.72 5.27 48.47
CA ALA R 15 120.25 5.48 49.83
C ALA R 15 120.19 4.16 50.58
N ASN R 16 120.41 4.24 51.89
CA ASN R 16 120.40 3.08 52.77
C ASN R 16 119.00 2.86 53.33
N LEU R 17 118.36 1.76 52.94
CA LEU R 17 117.18 1.24 53.64
C LEU R 17 117.69 0.26 54.68
N VAL R 18 117.61 0.63 55.95
CA VAL R 18 118.36 -0.09 56.98
C VAL R 18 117.45 -1.09 57.66
N LEU R 19 117.82 -2.36 57.50
CA LEU R 19 117.08 -3.50 58.00
C LEU R 19 117.63 -3.93 59.35
N THR R 20 116.72 -4.22 60.27
CA THR R 20 117.07 -4.81 61.55
C THR R 20 116.80 -6.30 61.47
N GLU R 21 117.75 -7.10 61.96
CA GLU R 21 117.74 -8.53 61.70
C GLU R 21 116.58 -9.23 62.41
N ILE R 22 116.11 -10.30 61.80
CA ILE R 22 115.04 -11.12 62.34
C ILE R 22 115.65 -12.48 62.72
N PRO R 23 115.84 -12.76 64.01
CA PRO R 23 116.51 -14.00 64.40
C PRO R 23 115.72 -15.22 63.99
N ALA R 24 116.44 -16.22 63.46
CA ALA R 24 115.74 -17.42 63.01
C ALA R 24 115.36 -18.31 64.18
N GLU R 25 116.22 -18.36 65.20
CA GLU R 25 116.06 -19.22 66.38
C GLU R 25 114.63 -19.29 66.91
N PRO R 26 113.86 -18.20 67.01
CA PRO R 26 112.52 -18.32 67.61
C PRO R 26 111.42 -18.87 66.69
N TYR R 27 111.62 -18.96 65.37
CA TYR R 27 110.52 -19.35 64.49
C TYR R 27 110.31 -20.85 64.48
N VAL R 28 109.06 -21.27 64.27
CA VAL R 28 108.68 -22.68 64.34
C VAL R 28 107.68 -23.01 63.22
N HIS R 29 107.91 -24.12 62.52
CA HIS R 29 106.99 -24.59 61.49
C HIS R 29 105.60 -24.84 62.07
N VAL R 30 104.58 -24.37 61.34
CA VAL R 30 103.20 -24.51 61.82
C VAL R 30 102.33 -25.22 60.80
N SER R 31 102.63 -25.05 59.51
CA SER R 31 101.78 -25.67 58.49
C SER R 31 102.48 -25.59 57.15
N GLY R 32 102.09 -26.51 56.28
CA GLY R 32 102.63 -26.66 54.94
C GLY R 32 103.52 -27.88 54.82
N ASP R 33 104.15 -27.99 53.66
CA ASP R 33 105.15 -29.01 53.38
C ASP R 33 106.50 -28.36 53.18
N ASN R 34 107.56 -29.02 53.66
CA ASN R 34 108.91 -28.47 53.51
C ASN R 34 109.36 -28.40 52.05
N LYS R 35 108.54 -28.85 51.11
CA LYS R 35 108.86 -28.80 49.68
C LYS R 35 108.37 -27.51 49.03
N SER R 36 107.08 -27.20 49.14
CA SER R 36 106.50 -26.06 48.42
C SER R 36 106.26 -24.86 49.32
N THR R 37 105.48 -25.02 50.40
CA THR R 37 105.00 -23.88 51.19
C THR R 37 105.19 -24.15 52.68
N ILE R 38 105.69 -23.15 53.41
CA ILE R 38 106.02 -23.29 54.83
C ILE R 38 105.57 -22.04 55.57
N GLU R 39 104.99 -22.22 56.76
CA GLU R 39 104.53 -21.09 57.57
C GLU R 39 105.20 -21.16 58.94
N TYR R 40 106.05 -20.17 59.24
CA TYR R 40 106.71 -20.11 60.54
C TYR R 40 105.95 -19.21 61.50
N LEU R 41 106.02 -19.56 62.78
CA LEU R 41 105.45 -18.81 63.89
C LEU R 41 106.55 -18.28 64.78
N ASP R 42 106.53 -16.97 65.03
CA ASP R 42 107.45 -16.33 65.96
C ASP R 42 107.00 -16.66 67.38
N THR R 43 107.67 -17.62 68.02
CA THR R 43 107.44 -17.90 69.43
C THR R 43 107.89 -16.78 70.35
N GLY R 44 108.47 -15.71 69.81
CA GLY R 44 108.86 -14.58 70.63
C GLY R 44 107.72 -13.62 70.90
N SER R 45 106.50 -14.14 70.88
CA SER R 45 105.31 -13.33 71.03
C SER R 45 104.57 -13.70 72.30
N ASP R 46 103.44 -13.03 72.53
CA ASP R 46 102.65 -13.27 73.72
C ASP R 46 102.02 -14.66 73.69
N ASN R 47 102.02 -15.34 74.84
CA ASN R 47 101.31 -16.61 74.96
C ASN R 47 99.81 -16.42 74.85
N SER R 48 99.29 -15.36 75.47
CA SER R 48 97.89 -15.26 75.89
C SER R 48 96.95 -14.78 74.78
N LEU R 49 97.44 -14.70 73.54
CA LEU R 49 96.62 -14.30 72.41
C LEU R 49 96.38 -15.48 71.49
N LEU R 50 95.19 -15.53 70.90
CA LEU R 50 94.94 -16.53 69.87
C LEU R 50 95.68 -16.21 68.58
N VAL R 51 96.16 -14.99 68.43
CA VAL R 51 96.93 -14.58 67.25
C VAL R 51 98.38 -14.36 67.68
N ARG R 52 99.29 -14.82 66.83
CA ARG R 52 100.71 -14.63 67.05
C ARG R 52 101.40 -14.41 65.72
N PRO R 53 102.50 -13.66 65.71
CA PRO R 53 103.13 -13.28 64.45
C PRO R 53 103.68 -14.48 63.69
N THR R 54 103.44 -14.46 62.38
CA THR R 54 103.76 -15.60 61.53
C THR R 54 104.22 -15.07 60.18
N GLN R 55 105.31 -15.63 59.67
CA GLN R 55 105.77 -15.30 58.33
C GLN R 55 105.82 -16.56 57.48
N GLN R 56 105.27 -16.47 56.28
CA GLN R 56 105.12 -17.60 55.40
C GLN R 56 105.98 -17.41 54.16
N PHE R 57 106.53 -18.52 53.66
CA PHE R 57 107.32 -18.56 52.44
C PHE R 57 106.78 -19.63 51.50
N ASN R 58 106.83 -19.36 50.20
CA ASN R 58 106.12 -20.16 49.23
C ASN R 58 106.80 -20.00 47.87
N CYS R 59 107.37 -21.09 47.33
CA CYS R 59 108.08 -21.05 46.05
C CYS R 59 107.37 -21.92 45.02
N VAL R 60 107.44 -21.49 43.74
CA VAL R 60 106.93 -22.24 42.59
C VAL R 60 107.82 -21.98 41.39
N SER R 61 107.67 -22.81 40.36
CA SER R 61 108.51 -22.73 39.17
C SER R 61 107.77 -23.36 38.00
N SER R 62 108.07 -22.87 36.80
CA SER R 62 107.35 -23.29 35.61
C SER R 62 108.27 -23.28 34.39
N GLN R 63 108.00 -24.23 33.49
CA GLN R 63 108.73 -24.38 32.24
C GLN R 63 108.19 -23.48 31.13
N TYR R 64 107.17 -22.68 31.42
CA TYR R 64 106.48 -21.86 30.42
C TYR R 64 106.52 -20.41 30.87
N PRO R 65 107.71 -19.78 30.81
CA PRO R 65 107.86 -18.47 31.47
C PRO R 65 107.10 -17.36 30.79
N TYR R 66 106.68 -17.55 29.53
CA TYR R 66 106.00 -16.54 28.75
C TYR R 66 104.48 -16.74 28.72
N ARG R 67 103.93 -17.50 29.67
CA ARG R 67 102.53 -17.91 29.57
C ARG R 67 101.60 -16.72 29.62
N ASN R 68 101.86 -15.78 30.52
CA ASN R 68 100.98 -14.62 30.67
C ASN R 68 101.46 -13.41 29.87
N TYR R 69 102.69 -13.44 29.35
CA TYR R 69 103.24 -12.31 28.61
C TYR R 69 103.02 -12.52 27.12
N SER R 70 101.76 -12.33 26.72
CA SER R 70 101.33 -12.64 25.36
C SER R 70 101.98 -11.74 24.32
N LYS R 71 102.35 -10.51 24.72
CA LYS R 71 102.80 -9.50 23.77
C LYS R 71 104.29 -9.59 23.45
N ILE R 72 104.96 -10.67 23.84
CA ILE R 72 106.32 -10.94 23.42
C ILE R 72 106.27 -11.98 22.29
N PRO R 73 106.83 -11.70 21.12
CA PRO R 73 106.80 -12.69 20.03
C PRO R 73 107.74 -13.85 20.31
N ARG R 74 107.45 -14.98 19.65
CA ARG R 74 108.29 -16.16 19.82
C ARG R 74 109.72 -15.91 19.35
N SER R 75 109.90 -15.04 18.35
CA SER R 75 111.23 -14.67 17.89
C SER R 75 112.05 -13.99 18.98
N GLN R 76 111.42 -13.55 20.07
CA GLN R 76 112.12 -12.90 21.17
C GLN R 76 111.97 -13.63 22.49
N GLN R 77 111.40 -14.84 22.47
CA GLN R 77 111.26 -15.67 23.68
C GLN R 77 112.46 -16.61 23.81
N ASP R 78 113.22 -16.47 24.89
CA ASP R 78 114.39 -17.33 25.14
C ASP R 78 113.95 -18.74 25.51
N PRO R 79 114.18 -19.74 24.65
CA PRO R 79 113.63 -21.07 24.93
C PRO R 79 114.32 -21.77 26.09
N LEU R 80 115.55 -21.39 26.42
CA LEU R 80 116.21 -21.94 27.59
C LEU R 80 115.61 -21.42 28.89
N ALA R 81 115.04 -20.21 28.84
CA ALA R 81 114.63 -19.51 30.05
C ALA R 81 113.43 -20.19 30.71
N VAL R 82 113.34 -20.01 32.04
CA VAL R 82 112.44 -20.75 32.90
C VAL R 82 111.96 -19.81 33.99
N ARG R 83 110.70 -19.97 34.43
CA ARG R 83 110.09 -19.08 35.41
C ARG R 83 110.31 -19.56 36.85
N ARG R 84 110.88 -18.70 37.68
CA ARG R 84 111.05 -18.93 39.12
C ARG R 84 110.22 -17.90 39.87
N GLU R 85 109.60 -18.30 40.98
CA GLU R 85 108.76 -17.36 41.71
C GLU R 85 108.75 -17.72 43.20
N PHE R 86 108.73 -16.69 44.05
CA PHE R 86 108.54 -16.87 45.48
C PHE R 86 107.60 -15.81 46.02
N TYR R 87 107.08 -16.09 47.22
CA TYR R 87 106.06 -15.30 47.88
C TYR R 87 106.29 -15.36 49.37
N THR R 88 106.40 -14.21 50.01
CA THR R 88 106.48 -14.14 51.45
C THR R 88 105.32 -13.31 51.95
N ARG R 89 104.75 -13.71 53.10
CA ARG R 89 103.68 -12.95 53.74
C ARG R 89 103.92 -12.94 55.25
N ARG R 90 104.24 -11.76 55.79
CA ARG R 90 104.43 -11.59 57.22
C ARG R 90 103.18 -10.94 57.80
N VAL R 91 102.64 -11.57 58.83
CA VAL R 91 101.55 -11.03 59.62
C VAL R 91 102.10 -10.84 61.02
N GLU R 92 102.06 -9.60 61.51
CA GLU R 92 102.38 -9.37 62.92
C GLU R 92 101.19 -8.67 63.57
N TYR R 93 100.98 -8.99 64.85
CA TYR R 93 99.85 -8.45 65.61
C TYR R 93 100.42 -7.56 66.71
N TRP R 94 100.25 -6.24 66.56
CA TRP R 94 100.76 -5.30 67.55
C TRP R 94 99.85 -5.23 68.77
N ARG R 95 100.40 -4.65 69.82
CA ARG R 95 99.79 -4.63 71.15
C ARG R 95 99.82 -3.18 71.61
N LYS R 96 98.67 -2.52 71.70
CA LYS R 96 98.64 -1.15 72.18
C LYS R 96 98.07 -1.09 73.59
N ALA R 97 98.76 -0.32 74.44
CA ALA R 97 98.36 -0.09 75.82
C ALA R 97 99.30 0.94 76.44
N ASP R 98 98.83 1.59 77.50
CA ASP R 98 99.66 2.48 78.30
C ASP R 98 99.89 1.85 79.66
N ALA R 99 101.15 1.89 80.13
CA ALA R 99 101.47 1.37 81.44
C ALA R 99 101.00 2.30 82.55
N SER R 100 100.76 3.57 82.22
CA SER R 100 100.27 4.53 83.20
C SER R 100 98.88 4.14 83.71
N ASN R 101 98.01 3.67 82.83
CA ASN R 101 96.63 3.38 83.16
C ASN R 101 96.36 1.91 82.84
N VAL R 102 96.36 1.06 83.87
CA VAL R 102 96.07 -0.36 83.66
C VAL R 102 94.57 -0.61 83.56
N ASP R 103 93.74 0.36 83.95
CA ASP R 103 92.31 0.26 83.68
C ASP R 103 92.03 0.38 82.19
N ALA R 104 92.83 1.15 81.46
CA ALA R 104 92.57 1.38 80.05
C ALA R 104 92.79 0.09 79.26
N PRO R 105 91.90 -0.24 78.33
CA PRO R 105 91.94 -1.56 77.71
C PRO R 105 93.09 -1.69 76.72
N GLU R 106 93.57 -2.91 76.56
CA GLU R 106 94.64 -3.24 75.62
C GLU R 106 94.03 -3.72 74.32
N TYR R 107 94.63 -3.32 73.20
CA TYR R 107 94.09 -3.68 71.89
C TYR R 107 95.14 -4.40 71.05
N THR R 108 94.65 -5.25 70.15
CA THR R 108 95.46 -5.95 69.17
C THR R 108 95.28 -5.29 67.81
N LEU R 109 96.40 -4.90 67.20
CA LEU R 109 96.39 -4.17 65.93
C LEU R 109 97.05 -5.02 64.85
N PRO R 110 96.27 -5.68 63.98
CA PRO R 110 96.89 -6.53 62.96
C PRO R 110 97.49 -5.73 61.80
N GLN R 111 98.65 -6.22 61.35
CA GLN R 111 99.43 -5.63 60.27
C GLN R 111 99.93 -6.79 59.43
N SER R 112 99.94 -6.61 58.10
CA SER R 112 100.34 -7.70 57.20
C SER R 112 100.97 -7.11 55.94
N CYS R 113 101.97 -7.82 55.43
CA CYS R 113 102.74 -7.34 54.29
C CYS R 113 103.24 -8.53 53.48
N SER R 114 103.12 -8.45 52.16
CA SER R 114 103.47 -9.58 51.31
C SER R 114 104.26 -9.11 50.09
N ILE R 115 105.25 -9.92 49.72
CA ILE R 115 106.10 -9.68 48.57
C ILE R 115 106.04 -10.88 47.65
N ARG R 116 105.76 -10.64 46.37
CA ARG R 116 105.73 -11.70 45.35
C ARG R 116 106.73 -11.34 44.27
N LEU R 117 107.74 -12.19 44.08
CA LEU R 117 108.75 -12.00 43.04
C LEU R 117 108.66 -13.14 42.04
N ALA R 118 108.47 -12.81 40.78
CA ALA R 118 108.42 -13.79 39.69
C ALA R 118 109.41 -13.31 38.63
N SER R 119 110.50 -14.07 38.45
CA SER R 119 111.51 -13.74 37.46
C SER R 119 111.51 -14.80 36.36
N THR R 120 111.87 -14.40 35.14
CA THR R 120 112.30 -15.39 34.16
C THR R 120 113.82 -15.47 34.25
N VAL R 121 114.33 -16.63 34.63
CA VAL R 121 115.75 -16.87 34.78
C VAL R 121 116.27 -17.52 33.51
N THR R 122 117.45 -17.11 33.08
CA THR R 122 118.20 -17.79 32.03
C THR R 122 119.61 -18.02 32.56
N LYS R 123 120.47 -18.62 31.72
CA LYS R 123 121.81 -18.98 32.13
C LYS R 123 122.56 -17.80 32.72
N GLU R 124 122.34 -16.60 32.16
CA GLU R 124 123.09 -15.41 32.55
C GLU R 124 122.41 -14.61 33.65
N THR R 125 121.16 -14.94 34.00
CA THR R 125 120.49 -14.27 35.09
C THR R 125 121.20 -14.59 36.40
N THR R 126 121.55 -13.55 37.15
CA THR R 126 122.33 -13.72 38.38
C THR R 126 121.50 -13.39 39.63
N ALA R 127 122.05 -13.81 40.77
CA ALA R 127 121.47 -13.45 42.05
C ALA R 127 121.24 -11.95 42.14
N ALA R 128 122.30 -11.17 41.88
CA ALA R 128 122.21 -9.72 42.00
C ALA R 128 121.19 -9.14 41.02
N ASP R 129 121.13 -9.68 39.80
CA ASP R 129 120.13 -9.22 38.85
C ASP R 129 118.72 -9.40 39.40
N ILE R 130 118.47 -10.54 40.05
CA ILE R 130 117.11 -10.75 40.55
C ILE R 130 116.85 -9.89 41.78
N ALA R 131 117.87 -9.64 42.60
CA ALA R 131 117.71 -8.70 43.71
C ALA R 131 117.38 -7.30 43.21
N GLY R 132 117.94 -6.93 42.05
CA GLY R 132 117.75 -5.59 41.52
C GLY R 132 116.29 -5.24 41.33
N ILE R 133 115.45 -6.20 40.93
CA ILE R 133 114.07 -5.85 40.66
C ILE R 133 113.32 -5.55 41.97
N VAL R 134 113.63 -6.28 43.04
CA VAL R 134 113.07 -5.95 44.34
C VAL R 134 113.52 -4.56 44.77
N LEU R 135 114.81 -4.26 44.58
CA LEU R 135 115.31 -2.95 45.01
C LEU R 135 114.66 -1.82 44.21
N ARG R 136 114.49 -2.00 42.90
CA ARG R 136 113.85 -0.98 42.08
C ARG R 136 112.36 -0.90 42.31
N THR R 137 111.73 -1.96 42.81
CA THR R 137 110.34 -1.88 43.23
C THR R 137 110.21 -1.06 44.51
N LEU R 138 111.19 -1.18 45.40
CA LEU R 138 111.14 -0.45 46.66
C LEU R 138 111.48 1.03 46.48
N ALA R 139 112.46 1.35 45.64
CA ALA R 139 112.98 2.71 45.55
C ALA R 139 111.94 3.80 45.32
N PRO R 140 110.85 3.58 44.57
CA PRO R 140 109.83 4.64 44.47
C PRO R 140 109.16 4.94 45.81
N ILE R 141 108.96 3.93 46.65
CA ILE R 141 108.34 4.12 47.95
C ILE R 141 109.34 4.68 48.98
N PHE R 142 110.63 4.34 48.86
CA PHE R 142 111.64 4.76 49.82
C PHE R 142 112.73 5.53 49.08
N PRO R 143 112.41 6.73 48.59
CA PRO R 143 113.40 7.46 47.76
C PRO R 143 114.64 7.84 48.53
N ASN R 144 114.58 7.94 49.86
CA ASN R 144 115.73 8.22 50.70
C ASN R 144 116.02 7.07 51.66
N GLY R 145 115.42 5.90 51.42
CA GLY R 145 115.69 4.76 52.27
C GLY R 145 115.10 5.02 53.63
N SER R 146 115.86 4.73 54.69
CA SER R 146 115.36 4.98 56.03
C SER R 146 115.35 6.47 56.38
N GLY R 147 115.90 7.34 55.54
CA GLY R 147 116.10 8.74 55.91
C GLY R 147 114.80 9.48 56.24
N ASP R 148 113.75 9.22 55.46
CA ASP R 148 112.43 9.79 55.71
C ASP R 148 111.39 8.76 55.28
N TRP R 149 110.12 9.03 55.60
CA TRP R 149 109.05 8.11 55.25
C TRP R 149 107.98 8.80 54.41
N ILE R 150 108.34 9.83 53.66
CA ILE R 150 107.33 10.75 53.14
C ILE R 150 106.44 10.05 52.10
N LYS R 151 107.06 9.34 51.17
CA LYS R 151 106.26 8.70 50.13
C LYS R 151 105.45 7.54 50.69
N LEU R 152 106.01 6.83 51.66
CA LEU R 152 105.23 5.79 52.32
C LEU R 152 104.02 6.38 53.02
N GLN R 153 104.20 7.51 53.69
CA GLN R 153 103.10 8.20 54.35
C GLN R 153 102.02 8.59 53.34
N GLN R 154 102.43 9.05 52.16
CA GLN R 154 101.45 9.35 51.11
C GLN R 154 100.66 8.11 50.73
N LEU R 155 101.36 6.97 50.57
CA LEU R 155 100.67 5.74 50.23
C LEU R 155 99.63 5.37 51.28
N ILE R 156 99.99 5.51 52.55
CA ILE R 156 99.03 5.20 53.61
C ILE R 156 97.88 6.19 53.60
N ASP R 157 98.18 7.48 53.43
CA ASP R 157 97.16 8.52 53.34
C ASP R 157 96.22 8.31 52.16
N GLY R 158 96.63 7.50 51.19
CA GLY R 158 95.77 7.13 50.07
C GLY R 158 96.06 7.86 48.79
N LEU R 159 97.28 8.35 48.59
CA LEU R 159 97.65 9.22 47.48
C LEU R 159 98.54 8.47 46.50
N PRO R 160 97.96 7.74 45.55
CA PRO R 160 98.75 6.77 44.76
C PRO R 160 99.67 7.40 43.74
N ARG R 161 99.52 8.68 43.42
CA ARG R 161 100.36 9.35 42.44
C ARG R 161 101.74 9.62 43.06
N ILE R 162 102.62 8.64 42.94
CA ILE R 162 103.95 8.71 43.52
C ILE R 162 104.95 9.37 42.57
N PHE R 163 104.81 9.16 41.27
CA PHE R 163 105.66 9.80 40.29
C PHE R 163 105.05 11.10 39.80
N GLY R 164 104.07 11.63 40.52
CA GLY R 164 103.37 12.84 40.10
C GLY R 164 102.12 12.52 39.29
N SER S 1 -63.43 81.85 16.52
CA SER S 1 -63.16 81.04 15.33
C SER S 1 -61.69 80.61 15.33
N TYR S 2 -61.47 79.32 15.12
CA TYR S 2 -60.16 78.71 15.33
C TYR S 2 -59.09 79.35 14.45
N THR S 3 -57.91 79.58 15.05
CA THR S 3 -56.72 79.99 14.32
C THR S 3 -55.59 79.00 14.58
N ILE S 4 -54.67 78.93 13.61
CA ILE S 4 -53.55 77.99 13.66
C ILE S 4 -52.27 78.77 13.97
N ASP S 5 -51.64 78.43 15.09
CA ASP S 5 -50.36 78.99 15.51
C ASP S 5 -49.27 78.00 15.12
N ILE S 6 -48.33 78.43 14.27
CA ILE S 6 -47.15 77.62 14.06
C ILE S 6 -46.27 77.80 15.29
N ASN S 7 -46.31 76.81 16.17
CA ASN S 7 -45.51 76.86 17.39
C ASN S 7 -44.06 76.73 16.95
N CYS S 8 -43.36 77.86 16.89
CA CYS S 8 -42.10 77.89 16.14
C CYS S 8 -41.47 79.27 16.28
N SER S 9 -40.17 79.35 15.96
CA SER S 9 -39.44 80.61 15.97
C SER S 9 -39.21 81.08 14.54
N THR S 10 -39.77 82.25 14.20
CA THR S 10 -39.56 82.91 12.92
C THR S 10 -38.86 84.25 13.13
N GLY S 11 -38.32 84.78 12.02
CA GLY S 11 -37.54 85.99 12.04
C GLY S 11 -38.17 87.09 11.21
N ASP S 12 -37.62 88.30 11.25
CA ASP S 12 -38.19 89.38 10.46
C ASP S 12 -37.69 89.37 9.01
N THR S 13 -36.43 89.00 8.81
CA THR S 13 -35.79 89.08 7.51
C THR S 13 -36.34 88.04 6.53
N GLN S 14 -36.23 88.33 5.22
CA GLN S 14 -36.62 87.36 4.21
C GLN S 14 -35.59 87.36 3.10
N ALA S 15 -35.34 86.16 2.56
CA ALA S 15 -34.43 85.98 1.44
C ALA S 15 -35.17 85.37 0.25
N ASN S 16 -34.62 85.58 -0.94
CA ASN S 16 -35.13 84.98 -2.16
C ASN S 16 -34.29 83.74 -2.50
N LEU S 17 -34.92 82.57 -2.52
CA LEU S 17 -34.34 81.39 -3.13
C LEU S 17 -34.83 81.36 -4.57
N VAL S 18 -33.92 81.59 -5.51
CA VAL S 18 -34.30 81.81 -6.89
C VAL S 18 -34.35 80.48 -7.62
N LEU S 19 -35.57 80.03 -7.94
CA LEU S 19 -35.79 78.80 -8.67
C LEU S 19 -35.85 79.09 -10.15
N THR S 20 -35.21 78.23 -10.93
CA THR S 20 -35.32 78.27 -12.38
C THR S 20 -36.31 77.21 -12.82
N GLU S 21 -37.25 77.60 -13.68
CA GLU S 21 -38.34 76.71 -14.04
C GLU S 21 -37.82 75.46 -14.72
N ILE S 22 -38.63 74.41 -14.67
CA ILE S 22 -38.33 73.17 -15.37
C ILE S 22 -39.50 72.91 -16.32
N PRO S 23 -39.31 72.99 -17.63
CA PRO S 23 -40.44 72.92 -18.55
C PRO S 23 -41.08 71.54 -18.55
N ALA S 24 -42.41 71.52 -18.55
CA ALA S 24 -43.11 70.26 -18.44
C ALA S 24 -43.13 69.48 -19.76
N GLU S 25 -42.97 70.18 -20.89
CA GLU S 25 -43.04 69.48 -22.17
C GLU S 25 -42.08 68.32 -22.28
N PRO S 26 -40.77 68.45 -21.96
CA PRO S 26 -39.86 67.33 -22.19
C PRO S 26 -40.10 66.11 -21.29
N TYR S 27 -40.93 66.20 -20.25
CA TYR S 27 -41.08 65.05 -19.35
C TYR S 27 -42.11 64.07 -19.91
N VAL S 28 -41.79 62.78 -19.80
CA VAL S 28 -42.63 61.69 -20.33
C VAL S 28 -43.00 60.74 -19.19
N HIS S 29 -44.30 60.53 -19.01
CA HIS S 29 -44.79 59.53 -18.07
C HIS S 29 -44.24 58.16 -18.41
N VAL S 30 -43.65 57.49 -17.42
CA VAL S 30 -42.97 56.22 -17.62
C VAL S 30 -43.64 55.10 -16.86
N SER S 31 -43.90 55.29 -15.57
CA SER S 31 -44.44 54.24 -14.73
C SER S 31 -45.33 54.84 -13.65
N GLY S 32 -46.35 54.07 -13.27
CA GLY S 32 -47.03 54.30 -12.00
C GLY S 32 -48.47 54.77 -12.13
N ASP S 33 -49.31 54.33 -11.18
CA ASP S 33 -50.68 54.79 -11.00
C ASP S 33 -50.69 56.10 -10.22
N ASN S 34 -51.90 56.60 -9.94
CA ASN S 34 -52.05 57.47 -8.78
C ASN S 34 -51.90 56.66 -7.49
N LYS S 35 -52.29 55.39 -7.52
CA LYS S 35 -52.12 54.50 -6.36
C LYS S 35 -50.66 54.11 -6.17
N SER S 36 -49.87 54.10 -7.24
CA SER S 36 -48.45 53.84 -7.17
C SER S 36 -47.71 55.18 -7.20
N THR S 37 -46.39 55.13 -7.40
CA THR S 37 -45.59 56.34 -7.58
C THR S 37 -45.44 56.71 -9.06
N ILE S 38 -45.81 57.94 -9.42
CA ILE S 38 -45.67 58.42 -10.79
C ILE S 38 -44.20 58.73 -11.08
N GLU S 39 -43.74 58.36 -12.28
CA GLU S 39 -42.34 58.53 -12.65
C GLU S 39 -42.26 59.20 -14.01
N TYR S 40 -41.46 60.26 -14.12
CA TYR S 40 -41.24 60.95 -15.38
C TYR S 40 -39.78 60.89 -15.78
N LEU S 41 -39.57 60.79 -17.10
CA LEU S 41 -38.26 60.84 -17.74
C LEU S 41 -38.07 62.20 -18.40
N ASP S 42 -36.96 62.87 -18.11
CA ASP S 42 -36.58 64.12 -18.77
C ASP S 42 -35.92 63.73 -20.09
N THR S 43 -36.66 63.86 -21.19
CA THR S 43 -36.17 63.45 -22.52
C THR S 43 -35.25 64.49 -23.13
N GLY S 44 -35.06 65.63 -22.47
CA GLY S 44 -34.09 66.59 -22.92
C GLY S 44 -32.74 66.30 -22.31
N SER S 45 -32.24 65.08 -22.50
CA SER S 45 -30.96 64.65 -21.98
C SER S 45 -30.16 63.97 -23.08
N ASP S 46 -28.90 63.67 -22.76
CA ASP S 46 -28.06 62.98 -23.73
C ASP S 46 -28.62 61.58 -23.94
N ASN S 47 -29.14 61.35 -25.14
CA ASN S 47 -29.66 60.06 -25.54
C ASN S 47 -28.59 58.98 -25.47
N SER S 48 -27.32 59.36 -25.69
CA SER S 48 -26.23 58.39 -25.79
C SER S 48 -25.79 57.84 -24.44
N LEU S 49 -26.51 58.16 -23.37
CA LEU S 49 -26.34 57.53 -22.08
C LEU S 49 -27.51 56.58 -21.84
N LEU S 50 -27.23 55.45 -21.19
CA LEU S 50 -28.29 54.55 -20.79
C LEU S 50 -28.96 54.97 -19.50
N VAL S 51 -28.43 55.98 -18.82
CA VAL S 51 -29.08 56.58 -17.66
C VAL S 51 -29.53 57.97 -18.07
N ARG S 52 -30.74 58.33 -17.65
CA ARG S 52 -31.32 59.61 -18.02
C ARG S 52 -32.05 60.18 -16.81
N PRO S 53 -32.22 61.50 -16.76
CA PRO S 53 -32.79 62.13 -15.57
C PRO S 53 -34.26 61.80 -15.40
N THR S 54 -34.65 61.48 -14.18
CA THR S 54 -36.03 61.15 -13.86
C THR S 54 -36.45 61.88 -12.59
N GLN S 55 -37.68 62.35 -12.57
CA GLN S 55 -38.25 62.79 -11.29
C GLN S 55 -39.57 62.06 -11.04
N GLN S 56 -39.78 61.64 -9.80
CA GLN S 56 -40.98 60.89 -9.43
C GLN S 56 -41.73 61.58 -8.31
N PHE S 57 -43.05 61.37 -8.33
CA PHE S 57 -44.00 61.97 -7.40
C PHE S 57 -44.95 60.91 -6.87
N ASN S 58 -45.00 60.77 -5.55
CA ASN S 58 -45.89 59.87 -4.84
C ASN S 58 -46.64 60.68 -3.80
N CYS S 59 -47.92 60.37 -3.60
CA CYS S 59 -48.61 60.99 -2.48
C CYS S 59 -49.66 60.05 -1.92
N VAL S 60 -49.80 60.08 -0.58
CA VAL S 60 -50.68 59.19 0.16
C VAL S 60 -51.31 59.94 1.33
N SER S 61 -52.46 59.44 1.76
CA SER S 61 -53.28 60.15 2.73
C SER S 61 -53.88 59.14 3.70
N SER S 62 -54.06 59.56 4.96
CA SER S 62 -54.62 58.68 5.98
C SER S 62 -55.53 59.44 6.93
N GLN S 63 -56.53 58.72 7.43
CA GLN S 63 -57.48 59.26 8.39
C GLN S 63 -56.95 59.24 9.80
N TYR S 64 -55.74 58.74 10.02
CA TYR S 64 -55.17 58.52 11.35
C TYR S 64 -53.88 59.33 11.48
N PRO S 65 -53.98 60.65 11.61
CA PRO S 65 -52.81 61.50 11.43
C PRO S 65 -51.84 61.46 12.59
N TYR S 66 -52.26 60.94 13.74
CA TYR S 66 -51.43 60.89 14.93
C TYR S 66 -50.73 59.56 15.10
N ARG S 67 -50.71 58.72 14.06
CA ARG S 67 -50.19 57.36 14.22
C ARG S 67 -48.70 57.35 14.57
N ASN S 68 -47.93 58.23 13.96
CA ASN S 68 -46.50 58.25 14.20
C ASN S 68 -46.09 59.04 15.44
N TYR S 69 -46.94 59.95 15.89
CA TYR S 69 -46.60 60.85 16.98
C TYR S 69 -47.19 60.29 18.27
N SER S 70 -46.31 59.98 19.23
CA SER S 70 -46.73 59.23 20.39
C SER S 70 -47.11 60.09 21.57
N LYS S 71 -46.49 61.26 21.75
CA LYS S 71 -46.63 62.01 22.98
C LYS S 71 -47.66 63.13 22.87
N ILE S 72 -48.64 62.98 21.99
CA ILE S 72 -49.76 63.92 21.88
C ILE S 72 -50.97 63.29 22.52
N PRO S 73 -51.53 63.87 23.59
CA PRO S 73 -52.71 63.29 24.24
C PRO S 73 -53.94 63.33 23.35
N ARG S 74 -54.85 62.38 23.59
CA ARG S 74 -56.09 62.34 22.82
C ARG S 74 -56.89 63.63 23.01
N SER S 75 -56.87 64.19 24.21
CA SER S 75 -57.58 65.45 24.47
C SER S 75 -57.05 66.59 23.61
N GLN S 76 -55.92 66.41 22.93
CA GLN S 76 -55.36 67.43 22.05
C GLN S 76 -55.35 66.99 20.59
N GLN S 77 -55.95 65.85 20.27
CA GLN S 77 -55.98 65.34 18.90
C GLN S 77 -57.27 65.80 18.20
N ASP S 78 -57.12 66.56 17.12
CA ASP S 78 -58.27 67.06 16.36
C ASP S 78 -58.96 65.92 15.62
N PRO S 79 -60.21 65.58 15.96
CA PRO S 79 -60.85 64.42 15.34
C PRO S 79 -61.16 64.61 13.86
N LEU S 80 -61.17 65.86 13.39
CA LEU S 80 -61.37 66.17 11.99
C LEU S 80 -60.05 66.22 11.21
N ALA S 81 -58.93 66.10 11.90
CA ALA S 81 -57.65 66.24 11.22
C ALA S 81 -57.36 65.01 10.38
N VAL S 82 -56.66 65.23 9.26
CA VAL S 82 -56.29 64.19 8.32
C VAL S 82 -54.81 64.34 8.00
N ARG S 83 -54.18 63.25 7.57
CA ARG S 83 -52.77 63.25 7.22
C ARG S 83 -52.64 63.27 5.70
N ARG S 84 -51.97 64.29 5.18
CA ARG S 84 -51.69 64.41 3.76
C ARG S 84 -50.17 64.36 3.58
N GLU S 85 -49.68 63.49 2.71
CA GLU S 85 -48.25 63.28 2.54
C GLU S 85 -47.93 63.25 1.06
N PHE S 86 -46.79 63.83 0.69
CA PHE S 86 -46.28 63.70 -0.67
C PHE S 86 -44.76 63.59 -0.64
N TYR S 87 -44.21 63.07 -1.72
CA TYR S 87 -42.81 62.67 -1.78
C TYR S 87 -42.33 62.78 -3.21
N THR S 88 -41.27 63.55 -3.42
CA THR S 88 -40.68 63.66 -4.74
C THR S 88 -39.23 63.24 -4.65
N ARG S 89 -38.74 62.59 -5.71
CA ARG S 89 -37.33 62.21 -5.82
C ARG S 89 -36.86 62.50 -7.23
N ARG S 90 -35.89 63.40 -7.34
CA ARG S 90 -35.29 63.76 -8.62
C ARG S 90 -33.89 63.18 -8.65
N VAL S 91 -33.60 62.40 -9.70
CA VAL S 91 -32.27 61.93 -9.99
C VAL S 91 -31.85 62.57 -11.30
N GLU S 92 -30.73 63.29 -11.27
CA GLU S 92 -30.11 63.72 -12.50
C GLU S 92 -28.74 63.09 -12.62
N TYR S 93 -28.24 63.06 -13.86
CA TYR S 93 -26.98 62.40 -14.19
C TYR S 93 -26.09 63.42 -14.92
N TRP S 94 -25.16 64.04 -14.20
CA TRP S 94 -24.29 65.03 -14.79
C TRP S 94 -23.23 64.36 -15.65
N ARG S 95 -22.58 65.16 -16.49
CA ARG S 95 -21.56 64.67 -17.41
C ARG S 95 -20.36 65.60 -17.30
N LYS S 96 -19.19 65.07 -16.97
CA LYS S 96 -17.96 65.86 -16.96
C LYS S 96 -17.10 65.48 -18.16
N ALA S 97 -16.65 66.52 -18.89
CA ALA S 97 -15.71 66.36 -20.00
C ALA S 97 -15.07 67.71 -20.30
N ASP S 98 -14.08 67.72 -21.20
CA ASP S 98 -13.57 69.00 -21.67
C ASP S 98 -13.39 68.99 -23.18
N ALA S 99 -13.86 70.05 -23.83
CA ALA S 99 -13.66 70.21 -25.27
C ALA S 99 -12.21 70.45 -25.62
N SER S 100 -11.37 70.77 -24.64
CA SER S 100 -9.95 71.01 -24.88
C SER S 100 -9.22 69.75 -25.29
N ASN S 101 -9.69 68.58 -24.85
CA ASN S 101 -8.95 67.33 -25.01
C ASN S 101 -9.91 66.23 -25.48
N VAL S 102 -9.90 65.95 -26.79
CA VAL S 102 -10.71 64.86 -27.31
C VAL S 102 -10.21 63.51 -26.79
N ASP S 103 -8.96 63.47 -26.32
CA ASP S 103 -8.33 62.23 -25.87
C ASP S 103 -8.69 61.88 -24.42
N ALA S 104 -9.26 62.81 -23.66
CA ALA S 104 -9.48 62.55 -22.23
C ALA S 104 -10.90 62.03 -22.01
N PRO S 105 -11.06 61.08 -21.08
CA PRO S 105 -12.34 60.37 -20.97
C PRO S 105 -13.43 61.23 -20.38
N GLU S 106 -14.67 60.88 -20.69
CA GLU S 106 -15.84 61.52 -20.12
C GLU S 106 -16.38 60.65 -18.99
N TYR S 107 -16.96 61.30 -17.98
CA TYR S 107 -17.53 60.58 -16.85
C TYR S 107 -18.96 61.07 -16.61
N THR S 108 -19.81 60.15 -16.15
CA THR S 108 -21.16 60.52 -15.74
C THR S 108 -21.28 60.44 -14.22
N LEU S 109 -21.80 61.50 -13.62
CA LEU S 109 -21.81 61.72 -12.17
C LEU S 109 -23.24 61.74 -11.64
N PRO S 110 -23.66 60.75 -10.86
CA PRO S 110 -25.05 60.73 -10.38
C PRO S 110 -25.32 61.62 -9.18
N GLN S 111 -26.50 62.24 -9.21
CA GLN S 111 -26.97 63.14 -8.17
C GLN S 111 -28.43 62.83 -7.90
N SER S 112 -28.82 62.82 -6.63
CA SER S 112 -30.22 62.57 -6.26
C SER S 112 -30.65 63.46 -5.09
N CYS S 113 -31.90 63.87 -5.12
CA CYS S 113 -32.45 64.72 -4.06
C CYS S 113 -33.92 64.37 -3.87
N SER S 114 -34.34 64.22 -2.62
CA SER S 114 -35.69 63.77 -2.32
C SER S 114 -36.29 64.57 -1.19
N ILE S 115 -37.53 65.03 -1.38
CA ILE S 115 -38.27 65.80 -0.39
C ILE S 115 -39.55 65.07 -0.05
N ARG S 116 -39.77 64.82 1.24
CA ARG S 116 -41.00 64.23 1.77
C ARG S 116 -41.65 65.22 2.73
N LEU S 117 -42.98 65.33 2.65
CA LEU S 117 -43.77 66.26 3.46
C LEU S 117 -45.05 65.56 3.90
N ALA S 118 -45.28 65.53 5.21
CA ALA S 118 -46.51 64.99 5.77
C ALA S 118 -47.07 66.03 6.72
N SER S 119 -48.18 66.65 6.33
CA SER S 119 -48.86 67.65 7.13
C SER S 119 -50.12 67.07 7.74
N THR S 120 -50.42 67.49 8.97
CA THR S 120 -51.76 67.30 9.50
C THR S 120 -52.63 68.46 9.01
N VAL S 121 -53.68 68.15 8.26
CA VAL S 121 -54.54 69.14 7.63
C VAL S 121 -55.92 69.09 8.28
N THR S 122 -56.40 70.26 8.68
CA THR S 122 -57.75 70.46 9.21
C THR S 122 -58.40 71.58 8.42
N LYS S 123 -59.64 71.91 8.79
CA LYS S 123 -60.44 72.89 8.06
C LYS S 123 -59.66 74.18 7.82
N GLU S 124 -58.95 74.64 8.85
CA GLU S 124 -58.30 75.95 8.83
C GLU S 124 -56.90 75.91 8.21
N THR S 125 -56.37 74.73 7.92
CA THR S 125 -55.06 74.60 7.31
C THR S 125 -55.14 74.99 5.83
N THR S 126 -54.39 76.02 5.44
CA THR S 126 -54.37 76.50 4.06
C THR S 126 -53.14 76.00 3.31
N ALA S 127 -53.24 76.03 1.98
CA ALA S 127 -52.12 75.61 1.14
C ALA S 127 -50.87 76.41 1.46
N ALA S 128 -51.03 77.71 1.71
CA ALA S 128 -49.91 78.54 2.15
C ALA S 128 -49.33 78.02 3.47
N ASP S 129 -50.20 77.70 4.43
CA ASP S 129 -49.72 77.17 5.71
C ASP S 129 -48.85 75.94 5.49
N ILE S 130 -49.25 75.08 4.56
CA ILE S 130 -48.48 73.86 4.33
C ILE S 130 -47.19 74.16 3.58
N ALA S 131 -47.22 75.12 2.66
CA ALA S 131 -45.96 75.52 2.02
C ALA S 131 -44.98 76.08 3.05
N GLY S 132 -45.51 76.71 4.10
CA GLY S 132 -44.66 77.24 5.14
C GLY S 132 -43.71 76.20 5.72
N ILE S 133 -44.16 74.95 5.87
CA ILE S 133 -43.29 73.98 6.52
C ILE S 133 -42.11 73.63 5.63
N VAL S 134 -42.32 73.54 4.33
CA VAL S 134 -41.20 73.32 3.42
C VAL S 134 -40.27 74.53 3.42
N LEU S 135 -40.84 75.74 3.44
CA LEU S 135 -40.00 76.94 3.43
C LEU S 135 -39.15 77.04 4.69
N ARG S 136 -39.71 76.67 5.84
CA ARG S 136 -38.96 76.70 7.09
C ARG S 136 -37.96 75.55 7.18
N THR S 137 -38.24 74.42 6.55
CA THR S 137 -37.23 73.38 6.48
C THR S 137 -36.03 73.84 5.66
N LEU S 138 -36.30 74.54 4.54
CA LEU S 138 -35.22 74.99 3.67
C LEU S 138 -34.41 76.11 4.30
N ALA S 139 -35.08 77.02 5.00
CA ALA S 139 -34.45 78.29 5.40
C ALA S 139 -33.14 78.13 6.16
N PRO S 140 -32.98 77.21 7.12
CA PRO S 140 -31.69 77.12 7.82
C PRO S 140 -30.50 76.80 6.92
N ILE S 141 -30.72 76.00 5.88
CA ILE S 141 -29.67 75.62 4.94
C ILE S 141 -29.37 76.75 3.96
N PHE S 142 -30.37 77.55 3.60
CA PHE S 142 -30.21 78.65 2.65
C PHE S 142 -30.62 79.93 3.36
N PRO S 143 -29.86 80.37 4.36
CA PRO S 143 -30.31 81.53 5.17
C PRO S 143 -30.29 82.83 4.41
N ASN S 144 -29.59 82.89 3.27
CA ASN S 144 -29.63 84.05 2.39
C ASN S 144 -30.15 83.69 1.00
N GLY S 145 -30.88 82.58 0.90
CA GLY S 145 -31.49 82.25 -0.36
C GLY S 145 -30.44 81.89 -1.37
N SER S 146 -30.70 82.24 -2.64
CA SER S 146 -29.71 81.97 -3.67
C SER S 146 -28.45 82.82 -3.50
N GLY S 147 -28.41 83.72 -2.51
CA GLY S 147 -27.30 84.64 -2.40
C GLY S 147 -25.96 83.95 -2.16
N ASP S 148 -25.85 83.18 -1.08
CA ASP S 148 -24.62 82.48 -0.76
C ASP S 148 -24.92 81.02 -0.48
N TRP S 149 -23.87 80.20 -0.47
CA TRP S 149 -24.03 78.76 -0.29
C TRP S 149 -23.26 78.27 0.92
N ILE S 150 -23.10 79.11 1.95
CA ILE S 150 -22.12 78.81 2.99
C ILE S 150 -22.58 77.61 3.83
N LYS S 151 -23.83 77.64 4.26
CA LYS S 151 -24.32 76.53 5.10
C LYS S 151 -24.46 75.25 4.29
N LEU S 152 -24.86 75.38 3.02
CA LEU S 152 -24.92 74.20 2.16
C LEU S 152 -23.52 73.59 2.01
N GLN S 153 -22.52 74.44 1.80
CA GLN S 153 -21.15 73.99 1.71
C GLN S 153 -20.75 73.23 2.96
N GLN S 154 -21.14 73.74 4.14
CA GLN S 154 -20.85 73.01 5.37
C GLN S 154 -21.49 71.62 5.36
N LEU S 155 -22.78 71.56 5.02
CA LEU S 155 -23.46 70.27 4.99
C LEU S 155 -22.72 69.28 4.09
N ILE S 156 -22.22 69.76 2.95
CA ILE S 156 -21.50 68.86 2.05
C ILE S 156 -20.14 68.50 2.62
N ASP S 157 -19.46 69.48 3.24
CA ASP S 157 -18.18 69.27 3.90
C ASP S 157 -18.28 68.29 5.06
N GLY S 158 -19.48 67.95 5.50
CA GLY S 158 -19.66 66.99 6.56
C GLY S 158 -19.85 67.58 7.94
N LEU S 159 -20.28 68.83 8.04
CA LEU S 159 -20.46 69.54 9.30
C LEU S 159 -21.95 69.79 9.54
N PRO S 160 -22.61 68.96 10.36
CA PRO S 160 -24.08 69.00 10.43
C PRO S 160 -24.66 70.13 11.26
N ARG S 161 -23.88 70.87 12.04
CA ARG S 161 -24.46 71.82 12.98
C ARG S 161 -24.71 73.15 12.26
N ILE S 162 -25.88 73.24 11.63
CA ILE S 162 -26.32 74.48 10.98
C ILE S 162 -26.48 75.59 12.01
N PHE S 163 -27.03 75.27 13.17
CA PHE S 163 -27.31 76.28 14.17
C PHE S 163 -26.16 76.50 15.16
N GLY S 164 -25.12 75.66 15.10
CA GLY S 164 -23.98 75.82 15.99
C GLY S 164 -23.96 74.87 17.18
N SER T 1 -9.50 71.53 -17.42
CA SER T 1 -10.45 72.09 -18.36
C SER T 1 -11.78 71.36 -18.30
N TYR T 2 -11.83 70.31 -17.48
CA TYR T 2 -13.06 69.55 -17.26
C TYR T 2 -14.19 70.47 -16.82
N THR T 3 -15.35 70.30 -17.45
CA THR T 3 -16.55 71.03 -17.09
C THR T 3 -17.67 70.05 -16.80
N ILE T 4 -18.54 70.48 -15.89
CA ILE T 4 -19.68 69.72 -15.40
C ILE T 4 -20.91 70.24 -16.12
N ASP T 5 -21.54 69.38 -16.93
CA ASP T 5 -22.78 69.70 -17.60
C ASP T 5 -23.90 68.93 -16.91
N ILE T 6 -24.85 69.65 -16.29
CA ILE T 6 -26.06 68.98 -15.86
C ILE T 6 -26.79 68.49 -17.10
N ASN T 7 -27.29 67.27 -17.03
CA ASN T 7 -27.95 66.66 -18.18
C ASN T 7 -29.46 66.83 -18.07
N CYS T 8 -29.91 68.07 -17.90
CA CYS T 8 -31.30 68.33 -17.54
C CYS T 8 -31.96 69.22 -18.57
N SER T 9 -33.25 69.44 -18.36
CA SER T 9 -34.00 70.47 -19.07
C SER T 9 -34.21 71.64 -18.12
N THR T 10 -33.79 72.82 -18.54
CA THR T 10 -33.94 74.04 -17.76
C THR T 10 -34.54 75.13 -18.64
N GLY T 11 -35.49 75.89 -18.06
CA GLY T 11 -36.15 76.96 -18.77
C GLY T 11 -35.41 78.27 -18.66
N ASP T 12 -35.97 79.29 -19.30
CA ASP T 12 -35.43 80.64 -19.25
C ASP T 12 -36.05 81.48 -18.15
N THR T 13 -37.20 81.08 -17.63
CA THR T 13 -37.97 81.83 -16.66
C THR T 13 -37.44 81.57 -15.24
N GLN T 14 -37.68 82.50 -14.32
CA GLN T 14 -37.23 82.31 -12.94
C GLN T 14 -38.26 82.87 -11.98
N ALA T 15 -38.30 82.30 -10.77
CA ALA T 15 -39.26 82.68 -9.75
C ALA T 15 -38.58 82.78 -8.39
N ASN T 16 -39.17 83.59 -7.52
CA ASN T 16 -38.64 83.81 -6.17
C ASN T 16 -39.44 82.98 -5.17
N LEU T 17 -38.79 82.00 -4.55
CA LEU T 17 -39.35 81.27 -3.42
C LEU T 17 -38.87 81.99 -2.16
N VAL T 18 -39.79 82.61 -1.44
CA VAL T 18 -39.42 83.57 -0.40
C VAL T 18 -39.30 82.85 0.93
N LEU T 19 -38.06 82.72 1.41
CA LEU T 19 -37.77 82.08 2.68
C LEU T 19 -37.79 83.12 3.78
N THR T 20 -38.46 82.81 4.89
CA THR T 20 -38.38 83.64 6.08
C THR T 20 -37.38 83.03 7.03
N GLU T 21 -36.53 83.87 7.61
CA GLU T 21 -35.37 83.39 8.33
C GLU T 21 -35.77 82.62 9.59
N ILE T 22 -34.91 81.69 9.99
CA ILE T 22 -35.11 80.96 11.23
C ILE T 22 -33.89 81.23 12.12
N PRO T 23 -34.06 81.94 13.23
CA PRO T 23 -32.89 82.34 14.05
C PRO T 23 -32.28 81.16 14.79
N ALA T 24 -30.96 81.22 14.96
CA ALA T 24 -30.29 80.12 15.66
C ALA T 24 -30.35 80.30 17.17
N GLU T 25 -30.47 81.53 17.64
CA GLU T 25 -30.50 81.79 19.08
C GLU T 25 -31.52 80.94 19.83
N PRO T 26 -32.76 80.76 19.35
CA PRO T 26 -33.70 79.92 20.12
C PRO T 26 -33.38 78.42 20.10
N TYR T 27 -32.42 77.94 19.31
CA TYR T 27 -32.25 76.50 19.16
C TYR T 27 -31.24 75.96 20.18
N VAL T 28 -31.48 74.71 20.61
CA VAL T 28 -30.73 74.07 21.70
C VAL T 28 -30.30 72.67 21.28
N HIS T 29 -29.07 72.30 21.66
CA HIS T 29 -28.58 70.94 21.48
C HIS T 29 -29.46 69.93 22.21
N VAL T 30 -29.74 68.81 21.55
CA VAL T 30 -30.52 67.72 22.11
C VAL T 30 -29.74 66.42 22.14
N SER T 31 -29.23 65.99 20.99
CA SER T 31 -28.44 64.76 20.90
C SER T 31 -27.28 64.98 19.93
N GLY T 32 -26.24 64.16 20.09
CA GLY T 32 -25.11 64.13 19.18
C GLY T 32 -24.43 65.47 18.98
N ASP T 33 -23.89 66.05 20.05
CA ASP T 33 -23.37 67.41 19.99
C ASP T 33 -22.20 67.52 19.02
N ASN T 34 -21.25 66.60 19.11
CA ASN T 34 -20.07 66.63 18.27
C ASN T 34 -20.19 65.75 17.03
N LYS T 35 -21.16 64.83 17.00
CA LYS T 35 -21.16 63.75 16.03
C LYS T 35 -21.73 64.20 14.68
N SER T 36 -21.70 63.29 13.70
CA SER T 36 -22.16 63.57 12.36
C SER T 36 -23.67 63.74 12.26
N THR T 37 -24.40 63.48 13.34
CA THR T 37 -25.84 63.66 13.41
C THR T 37 -26.15 64.52 14.62
N ILE T 38 -26.88 65.61 14.41
CA ILE T 38 -27.24 66.53 15.48
C ILE T 38 -28.74 66.78 15.40
N GLU T 39 -29.37 66.94 16.57
CA GLU T 39 -30.79 67.23 16.68
C GLU T 39 -30.97 68.48 17.53
N TYR T 40 -31.65 69.49 16.99
CA TYR T 40 -31.91 70.71 17.73
C TYR T 40 -33.37 70.82 18.13
N LEU T 41 -33.59 71.53 19.24
CA LEU T 41 -34.92 71.88 19.72
C LEU T 41 -35.10 73.39 19.59
N ASP T 42 -36.26 73.80 19.08
CA ASP T 42 -36.67 75.19 19.03
C ASP T 42 -37.38 75.51 20.35
N THR T 43 -36.71 76.22 21.25
CA THR T 43 -37.34 76.60 22.51
C THR T 43 -38.17 77.85 22.41
N GLY T 44 -38.46 78.31 21.20
CA GLY T 44 -39.45 79.36 21.04
C GLY T 44 -40.81 78.72 20.91
N SER T 45 -40.98 77.56 21.52
CA SER T 45 -42.21 76.82 21.42
C SER T 45 -42.96 76.80 22.74
N ASP T 46 -44.20 76.34 22.68
CA ASP T 46 -45.02 76.31 23.88
C ASP T 46 -44.30 75.50 24.94
N ASN T 47 -44.07 76.17 26.06
CA ASN T 47 -43.41 75.56 27.20
C ASN T 47 -44.11 74.28 27.62
N SER T 48 -45.44 74.29 27.63
CA SER T 48 -46.24 73.34 28.38
C SER T 48 -46.66 72.10 27.59
N LEU T 49 -46.29 71.97 26.32
CA LEU T 49 -46.62 70.77 25.58
C LEU T 49 -45.57 69.68 25.78
N LEU T 50 -45.93 68.47 25.38
CA LEU T 50 -44.99 67.36 25.42
C LEU T 50 -44.19 67.27 24.14
N VAL T 51 -44.67 67.90 23.07
CA VAL T 51 -43.98 67.93 21.80
C VAL T 51 -43.51 69.35 21.55
N ARG T 52 -42.33 69.47 20.96
CA ARG T 52 -41.81 70.79 20.62
C ARG T 52 -41.06 70.67 19.31
N PRO T 53 -41.01 71.76 18.52
CA PRO T 53 -40.40 71.70 17.19
C PRO T 53 -38.92 71.39 17.27
N THR T 54 -38.52 70.39 16.50
CA THR T 54 -37.13 69.98 16.36
C THR T 54 -36.75 70.03 14.90
N GLN T 55 -35.45 70.19 14.66
CA GLN T 55 -34.90 69.94 13.34
C GLN T 55 -33.58 69.21 13.52
N GLN T 56 -33.43 68.10 12.81
CA GLN T 56 -32.16 67.40 12.84
C GLN T 56 -31.46 67.54 11.49
N PHE T 57 -30.13 67.47 11.57
CA PHE T 57 -29.27 67.44 10.41
C PHE T 57 -28.29 66.30 10.61
N ASN T 58 -28.02 65.53 9.56
CA ASN T 58 -26.92 64.58 9.63
C ASN T 58 -26.27 64.42 8.27
N CYS T 59 -24.96 64.20 8.29
CA CYS T 59 -24.15 64.08 7.10
C CYS T 59 -23.61 62.65 7.01
N VAL T 60 -23.41 62.20 5.78
CA VAL T 60 -22.88 60.87 5.49
C VAL T 60 -21.98 60.99 4.27
N SER T 61 -20.92 60.20 4.25
CA SER T 61 -20.01 60.13 3.11
C SER T 61 -19.75 58.67 2.79
N SER T 62 -19.60 58.36 1.50
CA SER T 62 -19.24 57.02 1.07
C SER T 62 -18.15 57.06 0.01
N GLN T 63 -17.30 56.03 0.05
CA GLN T 63 -16.15 55.92 -0.84
C GLN T 63 -16.55 55.44 -2.22
N TYR T 64 -17.64 54.68 -2.34
CA TYR T 64 -18.10 54.07 -3.57
C TYR T 64 -19.37 54.76 -4.06
N PRO T 65 -19.25 55.87 -4.80
CA PRO T 65 -20.44 56.67 -5.11
C PRO T 65 -21.32 56.04 -6.17
N TYR T 66 -20.79 55.04 -6.89
CA TYR T 66 -21.49 54.37 -7.96
C TYR T 66 -22.12 53.06 -7.52
N ARG T 67 -22.28 52.85 -6.21
CA ARG T 67 -22.70 51.54 -5.72
C ARG T 67 -24.08 51.18 -6.26
N ASN T 68 -25.03 52.09 -6.12
CA ASN T 68 -26.39 51.85 -6.54
C ASN T 68 -26.62 52.15 -8.02
N TYR T 69 -25.65 52.71 -8.71
CA TYR T 69 -25.80 53.08 -10.11
C TYR T 69 -25.08 52.05 -10.96
N SER T 70 -25.77 50.95 -11.28
CA SER T 70 -25.14 49.91 -12.05
C SER T 70 -25.24 50.14 -13.55
N LYS T 71 -26.24 50.89 -14.02
CA LYS T 71 -26.38 51.12 -15.45
C LYS T 71 -25.30 52.04 -16.01
N ILE T 72 -24.37 52.48 -15.17
CA ILE T 72 -23.22 53.27 -15.60
C ILE T 72 -22.04 52.33 -15.77
N PRO T 73 -21.33 52.37 -16.89
CA PRO T 73 -20.16 51.51 -17.06
C PRO T 73 -18.96 52.04 -16.31
N ARG T 74 -18.07 51.11 -15.95
CA ARG T 74 -16.85 51.51 -15.24
C ARG T 74 -16.05 52.51 -16.06
N SER T 75 -15.98 52.33 -17.38
CA SER T 75 -15.27 53.25 -18.26
C SER T 75 -15.81 54.69 -18.18
N GLN T 76 -16.96 54.90 -17.56
CA GLN T 76 -17.50 56.23 -17.38
C GLN T 76 -17.63 56.63 -15.90
N GLN T 77 -17.25 55.75 -14.98
CA GLN T 77 -17.25 56.07 -13.55
C GLN T 77 -15.94 56.75 -13.18
N ASP T 78 -16.04 57.97 -12.64
CA ASP T 78 -14.87 58.73 -12.20
C ASP T 78 -14.24 58.09 -10.98
N PRO T 79 -13.05 57.47 -11.10
CA PRO T 79 -12.48 56.75 -9.94
C PRO T 79 -12.06 57.66 -8.82
N LEU T 80 -12.02 58.97 -9.03
CA LEU T 80 -11.76 59.94 -7.98
C LEU T 80 -13.03 60.51 -7.37
N ALA T 81 -14.20 60.02 -7.80
CA ALA T 81 -15.44 60.56 -7.28
C ALA T 81 -15.71 60.01 -5.88
N VAL T 82 -16.35 60.84 -5.06
CA VAL T 82 -16.68 60.50 -3.69
C VAL T 82 -18.13 60.91 -3.45
N ARG T 83 -18.87 60.12 -2.69
CA ARG T 83 -20.29 60.40 -2.45
C ARG T 83 -20.44 61.20 -1.16
N ARG T 84 -21.04 62.39 -1.26
CA ARG T 84 -21.39 63.19 -0.09
C ARG T 84 -22.90 63.32 -0.04
N GLU T 85 -23.50 63.02 1.12
CA GLU T 85 -24.93 63.25 1.31
C GLU T 85 -25.18 63.93 2.66
N PHE T 86 -26.33 64.61 2.72
CA PHE T 86 -26.83 65.17 3.96
C PHE T 86 -28.34 65.04 3.99
N TYR T 87 -28.89 65.17 5.20
CA TYR T 87 -30.31 64.91 5.43
C TYR T 87 -30.80 65.80 6.54
N THR T 88 -31.87 66.54 6.29
CA THR T 88 -32.51 67.32 7.33
C THR T 88 -33.94 66.83 7.50
N ARG T 89 -34.41 66.86 8.74
CA ARG T 89 -35.81 66.53 9.04
C ARG T 89 -36.32 67.50 10.10
N ARG T 90 -37.30 68.32 9.71
CA ARG T 90 -37.91 69.29 10.59
C ARG T 90 -39.29 68.80 10.95
N VAL T 91 -39.56 68.72 12.25
CA VAL T 91 -40.89 68.49 12.76
C VAL T 91 -41.29 69.73 13.53
N GLU T 92 -42.46 70.27 13.22
CA GLU T 92 -43.06 71.30 14.06
C GLU T 92 -44.45 70.84 14.46
N TYR T 93 -44.97 71.47 15.51
CA TYR T 93 -46.25 71.09 16.12
C TYR T 93 -47.10 72.34 16.25
N TRP T 94 -48.05 72.52 15.34
CA TRP T 94 -48.94 73.67 15.35
C TRP T 94 -50.00 73.51 16.43
N ARG T 95 -50.63 74.62 16.77
CA ARG T 95 -51.69 74.67 17.78
C ARG T 95 -52.89 75.40 17.22
N LYS T 96 -54.02 74.71 17.11
CA LYS T 96 -55.23 75.38 16.69
C LYS T 96 -56.08 75.66 17.93
N ALA T 97 -56.53 76.91 18.04
CA ALA T 97 -57.44 77.37 19.07
C ALA T 97 -57.97 78.73 18.68
N ASP T 98 -59.15 79.09 19.21
CA ASP T 98 -59.67 80.45 19.07
C ASP T 98 -59.72 81.13 20.43
N ALA T 99 -59.26 82.37 20.50
CA ALA T 99 -59.34 83.15 21.73
C ALA T 99 -60.77 83.53 22.07
N SER T 100 -61.69 83.36 21.12
CA SER T 100 -63.08 83.74 21.36
C SER T 100 -63.72 82.85 22.42
N ASN T 101 -63.58 81.55 22.26
CA ASN T 101 -64.23 80.58 23.14
C ASN T 101 -63.16 79.78 23.85
N VAL T 102 -63.02 80.00 25.16
CA VAL T 102 -62.03 79.24 25.92
C VAL T 102 -62.56 77.87 26.32
N ASP T 103 -63.88 77.66 26.25
CA ASP T 103 -64.41 76.30 26.35
C ASP T 103 -63.82 75.40 25.28
N ALA T 104 -63.63 75.94 24.08
CA ALA T 104 -63.25 75.11 22.94
C ALA T 104 -61.85 74.53 23.14
N PRO T 105 -61.65 73.27 22.78
CA PRO T 105 -60.38 72.61 23.07
C PRO T 105 -59.30 73.06 22.12
N GLU T 106 -58.07 73.07 22.62
CA GLU T 106 -56.90 73.37 21.81
C GLU T 106 -56.36 72.06 21.24
N TYR T 107 -56.10 72.03 19.95
CA TYR T 107 -55.57 70.83 19.31
C TYR T 107 -54.13 71.06 18.86
N THR T 108 -53.35 69.98 18.87
CA THR T 108 -51.97 69.98 18.42
C THR T 108 -51.91 69.27 17.07
N LEU T 109 -51.43 69.97 16.05
CA LEU T 109 -51.37 69.46 14.69
C LEU T 109 -49.91 69.22 14.32
N PRO T 110 -49.47 67.98 14.20
CA PRO T 110 -48.07 67.73 13.81
C PRO T 110 -47.84 67.83 12.31
N GLN T 111 -46.65 68.33 11.97
CA GLN T 111 -46.22 68.52 10.59
C GLN T 111 -44.74 68.15 10.50
N SER T 112 -44.35 67.41 9.47
CA SER T 112 -42.96 67.00 9.31
C SER T 112 -42.53 67.05 7.86
N CYS T 113 -41.27 67.41 7.64
CA CYS T 113 -40.73 67.56 6.29
C CYS T 113 -39.25 67.21 6.29
N SER T 114 -38.81 66.45 5.30
CA SER T 114 -37.44 65.96 5.26
C SER T 114 -36.87 66.07 3.85
N ILE T 115 -35.60 66.47 3.78
CA ILE T 115 -34.87 66.61 2.53
C ILE T 115 -33.58 65.81 2.62
N ARG T 116 -33.35 64.94 1.64
CA ARG T 116 -32.12 64.15 1.54
C ARG T 116 -31.44 64.48 0.22
N LEU T 117 -30.19 64.93 0.30
CA LEU T 117 -29.40 65.28 -0.87
C LEU T 117 -28.16 64.42 -0.90
N ALA T 118 -27.94 63.73 -2.02
CA ALA T 118 -26.84 62.77 -2.15
C ALA T 118 -26.20 62.99 -3.50
N SER T 119 -25.02 63.60 -3.51
CA SER T 119 -24.33 63.97 -4.72
C SER T 119 -23.06 63.15 -4.86
N THR T 120 -22.69 62.87 -6.12
CA THR T 120 -21.29 62.49 -6.34
C THR T 120 -20.50 63.77 -6.51
N VAL T 121 -19.27 63.77 -6.00
CA VAL T 121 -18.45 64.97 -5.97
C VAL T 121 -17.06 64.61 -6.46
N THR T 122 -16.56 65.41 -7.39
CA THR T 122 -15.18 65.42 -7.85
C THR T 122 -14.64 66.84 -7.68
N LYS T 123 -13.36 67.02 -8.01
CA LYS T 123 -12.72 68.30 -7.77
C LYS T 123 -13.44 69.46 -8.45
N GLU T 124 -14.20 69.19 -9.51
CA GLU T 124 -14.88 70.25 -10.25
C GLU T 124 -16.33 70.46 -9.82
N THR T 125 -16.85 69.64 -8.93
CA THR T 125 -18.18 69.88 -8.36
C THR T 125 -18.14 71.10 -7.45
N THR T 126 -19.03 72.06 -7.70
CA THR T 126 -19.06 73.27 -6.90
C THR T 126 -20.27 73.29 -5.96
N ALA T 127 -20.16 74.16 -4.95
CA ALA T 127 -21.27 74.37 -4.01
C ALA T 127 -22.54 74.72 -4.76
N ALA T 128 -22.46 75.68 -5.69
CA ALA T 128 -23.64 76.11 -6.42
C ALA T 128 -24.15 75.02 -7.36
N ASP T 129 -23.27 74.19 -7.93
CA ASP T 129 -23.74 73.04 -8.70
C ASP T 129 -24.62 72.15 -7.84
N ILE T 130 -24.18 71.87 -6.62
CA ILE T 130 -24.99 70.99 -5.77
C ILE T 130 -26.25 71.69 -5.31
N ALA T 131 -26.19 72.99 -5.07
CA ALA T 131 -27.41 73.74 -4.75
C ALA T 131 -28.43 73.65 -5.87
N GLY T 132 -27.95 73.52 -7.10
CA GLY T 132 -28.84 73.51 -8.24
C GLY T 132 -29.81 72.35 -8.23
N ILE T 133 -29.36 71.19 -7.75
CA ILE T 133 -30.25 70.04 -7.80
C ILE T 133 -31.39 70.18 -6.80
N VAL T 134 -31.14 70.80 -5.66
CA VAL T 134 -32.22 71.08 -4.71
C VAL T 134 -33.23 72.04 -5.34
N LEU T 135 -32.74 73.09 -6.00
CA LEU T 135 -33.64 74.06 -6.64
C LEU T 135 -34.42 73.45 -7.79
N ARG T 136 -33.83 72.47 -8.48
CA ARG T 136 -34.54 71.82 -9.58
C ARG T 136 -35.53 70.78 -9.07
N THR T 137 -35.24 70.14 -7.93
CA THR T 137 -36.26 69.30 -7.31
C THR T 137 -37.44 70.14 -6.84
N LEU T 138 -37.17 71.33 -6.28
CA LEU T 138 -38.26 72.18 -5.82
C LEU T 138 -39.05 72.78 -6.98
N ALA T 139 -38.38 73.08 -8.09
CA ALA T 139 -38.97 73.87 -9.18
C ALA T 139 -40.32 73.36 -9.67
N PRO T 140 -40.53 72.06 -9.91
CA PRO T 140 -41.83 71.65 -10.46
C PRO T 140 -42.97 71.74 -9.46
N ILE T 141 -42.70 71.67 -8.16
CA ILE T 141 -43.75 71.81 -7.15
C ILE T 141 -44.10 73.27 -6.95
N PHE T 142 -43.13 74.18 -7.02
CA PHE T 142 -43.33 75.61 -6.79
C PHE T 142 -42.95 76.37 -8.06
N PRO T 143 -43.65 76.15 -9.16
CA PRO T 143 -43.18 76.68 -10.45
C PRO T 143 -43.25 78.20 -10.54
N ASN T 144 -44.06 78.85 -9.70
CA ASN T 144 -44.02 80.30 -9.56
C ASN T 144 -43.46 80.71 -8.20
N GLY T 145 -42.69 79.83 -7.57
CA GLY T 145 -42.10 80.18 -6.29
C GLY T 145 -43.19 80.49 -5.29
N SER T 146 -42.94 81.48 -4.44
CA SER T 146 -43.92 81.85 -3.43
C SER T 146 -45.17 82.49 -4.02
N GLY T 147 -45.30 82.60 -5.34
CA GLY T 147 -46.44 83.32 -5.90
C GLY T 147 -47.77 82.60 -5.75
N ASP T 148 -47.89 81.39 -6.30
CA ASP T 148 -49.10 80.61 -6.17
C ASP T 148 -48.76 79.22 -5.67
N TRP T 149 -49.75 78.55 -5.09
CA TRP T 149 -49.54 77.24 -4.51
C TRP T 149 -50.32 76.17 -5.27
N ILE T 150 -50.47 76.32 -6.58
CA ILE T 150 -51.42 75.49 -7.31
C ILE T 150 -50.96 74.04 -7.36
N LYS T 151 -49.69 73.85 -7.74
CA LYS T 151 -49.18 72.48 -7.84
C LYS T 151 -49.03 71.86 -6.45
N LEU T 152 -48.62 72.66 -5.46
CA LEU T 152 -48.58 72.13 -4.11
C LEU T 152 -49.95 71.64 -3.68
N GLN T 153 -50.98 72.47 -3.87
CA GLN T 153 -52.32 72.09 -3.44
C GLN T 153 -52.76 70.81 -4.13
N GLN T 154 -52.49 70.70 -5.43
CA GLN T 154 -52.88 69.46 -6.10
C GLN T 154 -52.06 68.26 -5.62
N LEU T 155 -50.87 68.48 -5.05
CA LEU T 155 -50.18 67.36 -4.39
C LEU T 155 -50.87 66.98 -3.08
N ILE T 156 -51.38 67.97 -2.35
CA ILE T 156 -52.12 67.67 -1.13
C ILE T 156 -53.43 66.96 -1.44
N ASP T 157 -53.99 67.20 -2.63
CA ASP T 157 -55.25 66.59 -3.03
C ASP T 157 -55.10 65.15 -3.47
N GLY T 158 -53.87 64.66 -3.64
CA GLY T 158 -53.62 63.30 -4.07
C GLY T 158 -53.60 63.14 -5.58
N LEU T 159 -53.01 64.11 -6.28
CA LEU T 159 -52.96 64.13 -7.73
C LEU T 159 -51.49 64.14 -8.15
N PRO T 160 -50.84 62.97 -8.13
CA PRO T 160 -49.38 62.91 -8.29
C PRO T 160 -48.86 63.36 -9.64
N ARG T 161 -49.71 63.35 -10.68
CA ARG T 161 -49.26 63.66 -12.04
C ARG T 161 -49.05 65.16 -12.18
N ILE T 162 -47.80 65.59 -12.11
CA ILE T 162 -47.47 67.01 -12.09
C ILE T 162 -47.12 67.53 -13.48
N PHE T 163 -46.36 66.75 -14.25
CA PHE T 163 -46.10 67.06 -15.64
C PHE T 163 -47.12 66.44 -16.57
N GLY T 164 -48.12 65.72 -16.04
CA GLY T 164 -49.15 65.11 -16.86
C GLY T 164 -49.21 63.58 -16.82
N SER U 1 -17.57 69.79 -33.13
CA SER U 1 -16.95 69.83 -34.45
C SER U 1 -17.21 68.56 -35.23
N TYR U 2 -17.35 67.45 -34.50
CA TYR U 2 -17.63 66.15 -35.10
C TYR U 2 -18.90 66.18 -35.94
N THR U 3 -18.80 65.66 -37.15
CA THR U 3 -19.97 65.45 -38.00
C THR U 3 -20.11 63.98 -38.33
N ILE U 4 -21.36 63.58 -38.57
CA ILE U 4 -21.69 62.22 -38.96
C ILE U 4 -22.01 62.23 -40.45
N ASP U 5 -21.29 61.41 -41.21
CA ASP U 5 -21.53 61.23 -42.63
C ASP U 5 -22.10 59.85 -42.84
N ILE U 6 -23.30 59.77 -43.42
CA ILE U 6 -23.77 58.49 -43.91
C ILE U 6 -22.87 58.05 -45.05
N ASN U 7 -22.43 56.81 -44.99
CA ASN U 7 -21.52 56.33 -46.03
C ASN U 7 -22.33 55.63 -47.13
N CYS U 8 -23.29 56.35 -47.69
CA CYS U 8 -24.24 55.76 -48.61
C CYS U 8 -24.27 56.50 -49.94
N SER U 9 -25.00 55.93 -50.89
CA SER U 9 -25.31 56.59 -52.15
C SER U 9 -26.75 57.09 -52.09
N THR U 10 -26.92 58.39 -52.31
CA THR U 10 -28.22 59.04 -52.36
C THR U 10 -28.35 59.88 -53.61
N GLY U 11 -29.59 60.10 -54.02
CA GLY U 11 -29.90 60.79 -55.23
C GLY U 11 -30.38 62.22 -54.97
N ASP U 12 -30.78 62.87 -56.08
CA ASP U 12 -31.32 64.21 -56.02
C ASP U 12 -32.83 64.23 -55.93
N THR U 13 -33.50 63.19 -56.42
CA THR U 13 -34.94 63.19 -56.53
C THR U 13 -35.58 62.82 -55.21
N GLN U 14 -36.80 63.27 -55.00
CA GLN U 14 -37.55 62.95 -53.81
C GLN U 14 -39.00 62.62 -54.18
N ALA U 15 -39.64 61.84 -53.32
CA ALA U 15 -41.00 61.37 -53.56
C ALA U 15 -41.78 61.29 -52.26
N ASN U 16 -43.08 61.50 -52.35
CA ASN U 16 -43.97 61.46 -51.19
C ASN U 16 -44.53 60.05 -51.01
N LEU U 17 -44.16 59.38 -49.91
CA LEU U 17 -44.86 58.19 -49.45
C LEU U 17 -45.91 58.67 -48.47
N VAL U 18 -47.18 58.61 -48.85
CA VAL U 18 -48.22 59.33 -48.13
C VAL U 18 -48.90 58.40 -47.15
N LEU U 19 -48.76 58.74 -45.88
CA LEU U 19 -49.27 57.97 -44.76
C LEU U 19 -50.63 58.50 -44.34
N THR U 20 -51.55 57.59 -44.08
CA THR U 20 -52.85 57.92 -43.50
C THR U 20 -52.78 57.62 -42.01
N GLU U 21 -53.29 58.55 -41.19
CA GLU U 21 -53.05 58.51 -39.75
C GLU U 21 -53.76 57.32 -39.10
N ILE U 22 -53.15 56.83 -38.03
CA ILE U 22 -53.71 55.73 -37.24
C ILE U 22 -54.11 56.32 -35.89
N PRO U 23 -55.40 56.49 -35.62
CA PRO U 23 -55.81 57.15 -34.37
C PRO U 23 -55.41 56.33 -33.15
N ALA U 24 -54.90 57.02 -32.13
CA ALA U 24 -54.46 56.29 -30.94
C ALA U 24 -55.64 55.89 -30.08
N GLU U 25 -56.66 56.74 -30.02
CA GLU U 25 -57.85 56.56 -29.18
C GLU U 25 -58.39 55.13 -29.14
N PRO U 26 -58.48 54.38 -30.26
CA PRO U 26 -59.05 53.03 -30.17
C PRO U 26 -58.14 51.92 -29.64
N TYR U 27 -56.84 52.13 -29.53
CA TYR U 27 -55.95 51.03 -29.17
C TYR U 27 -55.96 50.79 -27.65
N VAL U 28 -55.75 49.53 -27.27
CA VAL U 28 -55.83 49.11 -25.86
C VAL U 28 -54.73 48.10 -25.54
N HIS U 29 -54.03 48.32 -24.41
CA HIS U 29 -53.00 47.39 -23.95
C HIS U 29 -53.58 45.99 -23.74
N VAL U 30 -52.85 44.98 -24.23
CA VAL U 30 -53.33 43.59 -24.13
C VAL U 30 -52.31 42.70 -23.42
N SER U 31 -51.02 43.02 -23.57
CA SER U 31 -50.01 42.16 -22.96
C SER U 31 -48.66 42.86 -23.00
N GLY U 32 -47.80 42.45 -22.07
CA GLY U 32 -46.47 43.00 -21.91
C GLY U 32 -46.37 43.86 -20.66
N ASP U 33 -45.20 44.49 -20.52
CA ASP U 33 -44.95 45.46 -19.46
C ASP U 33 -44.75 46.83 -20.08
N ASN U 34 -45.23 47.88 -19.42
CA ASN U 34 -45.08 49.23 -19.92
C ASN U 34 -43.62 49.69 -19.97
N LYS U 35 -42.68 48.86 -19.54
CA LYS U 35 -41.26 49.19 -19.55
C LYS U 35 -40.58 48.74 -20.85
N SER U 36 -40.68 47.45 -21.19
CA SER U 36 -39.97 46.90 -22.33
C SER U 36 -40.85 46.68 -23.55
N THR U 37 -41.92 45.90 -23.43
CA THR U 37 -42.69 45.44 -24.57
C THR U 37 -44.19 45.62 -24.32
N ILE U 38 -44.91 46.14 -25.32
CA ILE U 38 -46.33 46.45 -25.19
C ILE U 38 -47.06 46.04 -26.47
N GLU U 39 -48.24 45.44 -26.31
CA GLU U 39 -49.03 45.01 -27.46
C GLU U 39 -50.41 45.68 -27.41
N TYR U 40 -50.70 46.55 -28.36
CA TYR U 40 -51.99 47.20 -28.44
C TYR U 40 -52.95 46.46 -29.36
N LEU U 41 -54.23 46.53 -29.02
CA LEU U 41 -55.33 45.96 -29.80
C LEU U 41 -56.21 47.08 -30.32
N ASP U 42 -56.44 47.09 -31.62
CA ASP U 42 -57.38 48.02 -32.27
C ASP U 42 -58.79 47.56 -31.97
N THR U 43 -59.45 48.21 -31.00
CA THR U 43 -60.86 47.96 -30.73
C THR U 43 -61.76 48.43 -31.86
N GLY U 44 -61.22 49.04 -32.91
CA GLY U 44 -62.03 49.47 -34.04
C GLY U 44 -62.27 48.34 -35.03
N SER U 45 -62.26 47.11 -34.54
CA SER U 45 -62.39 45.94 -35.39
C SER U 45 -63.67 45.19 -35.04
N ASP U 46 -63.88 44.07 -35.74
CA ASP U 46 -65.08 43.26 -35.54
C ASP U 46 -65.06 42.61 -34.16
N ASN U 47 -66.22 42.59 -33.50
CA ASN U 47 -66.34 41.85 -32.24
C ASN U 47 -66.24 40.35 -32.45
N SER U 48 -66.84 39.86 -33.55
CA SER U 48 -67.25 38.46 -33.69
C SER U 48 -66.14 37.54 -34.17
N LEU U 49 -64.90 38.02 -34.22
CA LEU U 49 -63.76 37.23 -34.63
C LEU U 49 -62.86 36.96 -33.44
N LEU U 50 -62.26 35.77 -33.41
CA LEU U 50 -61.24 35.51 -32.40
C LEU U 50 -59.95 36.25 -32.69
N VAL U 51 -59.79 36.76 -33.90
CA VAL U 51 -58.61 37.54 -34.27
C VAL U 51 -59.03 38.98 -34.46
N ARG U 52 -58.19 39.90 -33.98
CA ARG U 52 -58.43 41.32 -34.14
C ARG U 52 -57.08 42.02 -34.31
N PRO U 53 -57.07 43.14 -35.04
CA PRO U 53 -55.80 43.78 -35.39
C PRO U 53 -55.06 44.31 -34.17
N THR U 54 -53.76 44.08 -34.17
CA THR U 54 -52.92 44.35 -33.02
C THR U 54 -51.56 44.84 -33.52
N GLN U 55 -51.06 45.92 -32.92
CA GLN U 55 -49.72 46.38 -33.23
C GLN U 55 -48.89 46.42 -31.96
N GLN U 56 -47.69 45.86 -32.05
CA GLN U 56 -46.82 45.69 -30.90
C GLN U 56 -45.58 46.56 -31.06
N PHE U 57 -45.11 47.09 -29.94
CA PHE U 57 -43.88 47.88 -29.86
C PHE U 57 -42.96 47.31 -28.79
N ASN U 58 -41.66 47.38 -29.05
CA ASN U 58 -40.68 46.66 -28.24
C ASN U 58 -39.33 47.34 -28.36
N CYS U 59 -38.81 47.89 -27.27
CA CYS U 59 -37.53 48.60 -27.26
C CYS U 59 -36.49 47.86 -26.40
N VAL U 60 -35.22 47.96 -26.81
CA VAL U 60 -34.08 47.43 -26.06
C VAL U 60 -32.87 48.34 -26.29
N SER U 61 -31.86 48.17 -25.44
CA SER U 61 -30.67 49.01 -25.50
C SER U 61 -29.51 48.26 -24.87
N SER U 62 -28.30 48.57 -25.34
CA SER U 62 -27.10 47.84 -24.91
C SER U 62 -25.90 48.77 -24.87
N GLN U 63 -25.01 48.48 -23.92
CA GLN U 63 -23.77 49.22 -23.73
C GLN U 63 -22.65 48.70 -24.64
N TYR U 64 -22.92 47.70 -25.47
CA TYR U 64 -21.91 47.03 -26.29
C TYR U 64 -22.33 47.10 -27.75
N PRO U 65 -22.28 48.29 -28.35
CA PRO U 65 -22.91 48.48 -29.66
C PRO U 65 -22.21 47.75 -30.78
N TYR U 66 -20.96 47.33 -30.58
CA TYR U 66 -20.16 46.66 -31.60
C TYR U 66 -20.13 45.15 -31.43
N ARG U 67 -21.09 44.58 -30.69
CA ARG U 67 -20.99 43.18 -30.32
C ARG U 67 -21.02 42.27 -31.53
N ASN U 68 -21.90 42.54 -32.48
CA ASN U 68 -22.03 41.70 -33.66
C ASN U 68 -21.23 42.21 -34.86
N TYR U 69 -20.72 43.43 -34.78
CA TYR U 69 -19.96 44.02 -35.89
C TYR U 69 -18.47 43.79 -35.66
N SER U 70 -18.06 42.53 -35.89
CA SER U 70 -16.71 42.11 -35.57
C SER U 70 -15.66 42.77 -36.44
N LYS U 71 -16.03 43.17 -37.66
CA LYS U 71 -15.08 43.65 -38.64
C LYS U 71 -14.77 45.15 -38.52
N ILE U 72 -15.17 45.78 -37.43
CA ILE U 72 -14.75 47.15 -37.12
C ILE U 72 -13.64 47.07 -36.07
N PRO U 73 -12.47 47.63 -36.33
CA PRO U 73 -11.40 47.59 -35.32
C PRO U 73 -11.70 48.50 -34.13
N ARG U 74 -11.05 48.18 -33.00
CA ARG U 74 -11.24 49.01 -31.81
C ARG U 74 -10.76 50.43 -32.03
N SER U 75 -9.75 50.63 -32.88
CA SER U 75 -9.29 51.97 -33.20
C SER U 75 -10.38 52.81 -33.88
N GLN U 76 -11.47 52.18 -34.35
CA GLN U 76 -12.55 52.90 -35.00
C GLN U 76 -13.88 52.73 -34.29
N GLN U 77 -13.88 52.13 -33.09
CA GLN U 77 -15.09 51.97 -32.29
C GLN U 77 -15.24 53.14 -31.32
N ASP U 78 -16.33 53.91 -31.46
CA ASP U 78 -16.59 55.05 -30.57
C ASP U 78 -16.97 54.58 -29.18
N PRO U 79 -16.13 54.78 -28.16
CA PRO U 79 -16.43 54.22 -26.84
C PRO U 79 -17.59 54.87 -26.14
N LEU U 80 -17.92 56.12 -26.51
CA LEU U 80 -19.10 56.77 -25.95
C LEU U 80 -20.39 56.18 -26.50
N ALA U 81 -20.34 55.63 -27.71
CA ALA U 81 -21.53 55.23 -28.45
C ALA U 81 -22.19 54.02 -27.81
N VAL U 82 -23.51 53.93 -28.00
CA VAL U 82 -24.39 53.01 -27.30
C VAL U 82 -25.47 52.54 -28.27
N ARG U 83 -25.90 51.27 -28.13
CA ARG U 83 -26.87 50.69 -29.06
C ARG U 83 -28.31 50.89 -28.59
N ARG U 84 -29.14 51.48 -29.45
CA ARG U 84 -30.57 51.63 -29.24
C ARG U 84 -31.31 50.83 -30.29
N GLU U 85 -32.43 50.20 -29.92
CA GLU U 85 -33.14 49.37 -30.89
C GLU U 85 -34.63 49.36 -30.54
N PHE U 86 -35.47 49.36 -31.59
CA PHE U 86 -36.90 49.17 -31.43
C PHE U 86 -37.43 48.24 -32.52
N TYR U 87 -38.63 47.72 -32.26
CA TYR U 87 -39.27 46.71 -33.09
C TYR U 87 -40.76 46.93 -33.04
N THR U 88 -41.39 47.07 -34.20
CA THR U 88 -42.83 47.15 -34.28
C THR U 88 -43.32 46.00 -35.15
N ARG U 89 -44.47 45.42 -34.78
CA ARG U 89 -45.10 44.36 -35.57
C ARG U 89 -46.60 44.61 -35.60
N ARG U 90 -47.13 44.94 -36.77
CA ARG U 90 -48.56 45.14 -36.97
C ARG U 90 -49.13 43.90 -37.63
N VAL U 91 -50.16 43.34 -37.04
CA VAL U 91 -50.94 42.26 -37.62
C VAL U 91 -52.35 42.81 -37.81
N GLU U 92 -52.82 42.81 -39.05
CA GLU U 92 -54.21 43.12 -39.30
C GLU U 92 -54.86 41.96 -40.03
N TYR U 93 -56.14 41.72 -39.74
CA TYR U 93 -56.90 40.61 -40.31
C TYR U 93 -57.98 41.20 -41.20
N TRP U 94 -57.82 41.05 -42.52
CA TRP U 94 -58.79 41.59 -43.46
C TRP U 94 -60.01 40.68 -43.58
N ARG U 95 -61.06 41.23 -44.15
CA ARG U 95 -62.38 40.63 -44.20
C ARG U 95 -62.83 40.69 -45.66
N LYS U 96 -62.91 39.54 -46.34
CA LYS U 96 -63.36 39.55 -47.73
C LYS U 96 -64.77 38.98 -47.81
N ALA U 97 -65.61 39.68 -48.57
CA ALA U 97 -66.99 39.29 -48.84
C ALA U 97 -67.59 40.24 -49.85
N ASP U 98 -68.65 39.78 -50.52
CA ASP U 98 -69.44 40.63 -51.40
C ASP U 98 -70.81 40.84 -50.78
N ALA U 99 -71.28 42.10 -50.80
CA ALA U 99 -72.61 42.41 -50.30
C ALA U 99 -73.70 41.96 -51.26
N SER U 100 -73.34 41.74 -52.53
CA SER U 100 -74.31 41.27 -53.50
C SER U 100 -74.83 39.87 -53.16
N ASN U 101 -73.95 39.00 -52.69
CA ASN U 101 -74.28 37.60 -52.44
C ASN U 101 -73.98 37.30 -50.97
N VAL U 102 -75.02 37.29 -50.14
CA VAL U 102 -74.83 36.96 -48.72
C VAL U 102 -74.73 35.46 -48.51
N ASP U 103 -75.09 34.65 -49.50
CA ASP U 103 -74.82 33.22 -49.43
C ASP U 103 -73.33 32.94 -49.54
N ALA U 104 -72.59 33.77 -50.27
CA ALA U 104 -71.18 33.52 -50.49
C ALA U 104 -70.41 33.71 -49.20
N PRO U 105 -69.48 32.81 -48.87
CA PRO U 105 -68.86 32.83 -47.54
C PRO U 105 -67.89 33.98 -47.37
N GLU U 106 -67.75 34.42 -46.13
CA GLU U 106 -66.83 35.49 -45.78
C GLU U 106 -65.52 34.87 -45.28
N TYR U 107 -64.40 35.49 -45.65
CA TYR U 107 -63.10 34.95 -45.29
C TYR U 107 -62.27 35.97 -44.54
N THR U 108 -61.37 35.47 -43.69
CA THR U 108 -60.41 36.27 -42.95
C THR U 108 -59.04 36.11 -43.61
N LEU U 109 -58.42 37.23 -43.97
CA LEU U 109 -57.14 37.24 -44.67
C LEU U 109 -56.08 37.88 -43.79
N PRO U 110 -55.22 37.11 -43.14
CA PRO U 110 -54.20 37.70 -42.27
C PRO U 110 -53.05 38.33 -43.04
N GLN U 111 -52.60 39.47 -42.50
CA GLN U 111 -51.53 40.27 -43.07
C GLN U 111 -50.69 40.75 -41.89
N SER U 112 -49.37 40.76 -42.05
CA SER U 112 -48.47 41.13 -40.95
C SER U 112 -47.21 41.78 -41.49
N CYS U 113 -46.71 42.78 -40.76
CA CYS U 113 -45.57 43.56 -41.21
C CYS U 113 -44.78 44.03 -39.99
N SER U 114 -43.46 43.92 -40.06
CA SER U 114 -42.62 44.24 -38.91
C SER U 114 -41.41 45.05 -39.34
N ILE U 115 -41.04 46.02 -38.51
CA ILE U 115 -39.89 46.88 -38.72
C ILE U 115 -38.99 46.78 -37.50
N ARG U 116 -37.70 46.53 -37.73
CA ARG U 116 -36.70 46.47 -36.66
C ARG U 116 -35.61 47.48 -36.98
N LEU U 117 -35.44 48.47 -36.11
CA LEU U 117 -34.41 49.48 -36.26
C LEU U 117 -33.42 49.37 -35.10
N ALA U 118 -32.15 49.19 -35.43
CA ALA U 118 -31.08 49.13 -34.44
C ALA U 118 -30.01 50.13 -34.87
N SER U 119 -29.84 51.19 -34.09
CA SER U 119 -28.86 52.23 -34.38
C SER U 119 -27.76 52.21 -33.31
N THR U 120 -26.54 52.56 -33.69
CA THR U 120 -25.58 52.98 -32.67
C THR U 120 -25.67 54.51 -32.57
N VAL U 121 -26.07 54.99 -31.40
CA VAL U 121 -26.22 56.41 -31.12
C VAL U 121 -24.97 56.90 -30.44
N THR U 122 -24.53 58.09 -30.82
CA THR U 122 -23.50 58.83 -30.12
C THR U 122 -24.03 60.24 -29.85
N LYS U 123 -23.19 61.08 -29.23
CA LYS U 123 -23.63 62.41 -28.84
C LYS U 123 -24.20 63.19 -30.02
N GLU U 124 -23.63 63.00 -31.21
CA GLU U 124 -24.00 63.77 -32.38
C GLU U 124 -25.09 63.12 -33.22
N THR U 125 -25.44 61.86 -32.92
CA THR U 125 -26.53 61.19 -33.62
C THR U 125 -27.84 61.90 -33.30
N THR U 126 -28.58 62.28 -34.34
CA THR U 126 -29.80 63.04 -34.17
C THR U 126 -31.04 62.21 -34.52
N ALA U 127 -32.19 62.74 -34.12
CA ALA U 127 -33.47 62.18 -34.51
C ALA U 127 -33.54 61.98 -36.01
N ALA U 128 -33.28 63.05 -36.76
CA ALA U 128 -33.38 63.00 -38.21
C ALA U 128 -32.39 61.99 -38.81
N ASP U 129 -31.17 61.93 -38.25
CA ASP U 129 -30.21 60.94 -38.72
C ASP U 129 -30.76 59.52 -38.58
N ILE U 130 -31.42 59.24 -37.46
CA ILE U 130 -31.93 57.88 -37.29
C ILE U 130 -33.14 57.63 -38.17
N ALA U 131 -33.96 58.66 -38.41
CA ALA U 131 -35.05 58.52 -39.37
C ALA U 131 -34.54 58.23 -40.77
N GLY U 132 -33.38 58.80 -41.10
CA GLY U 132 -32.82 58.63 -42.43
C GLY U 132 -32.63 57.18 -42.82
N ILE U 133 -32.25 56.33 -41.87
CA ILE U 133 -31.96 54.95 -42.25
C ILE U 133 -33.26 54.21 -42.58
N VAL U 134 -34.34 54.51 -41.86
CA VAL U 134 -35.63 53.94 -42.23
C VAL U 134 -36.05 54.43 -43.62
N LEU U 135 -35.86 55.71 -43.88
CA LEU U 135 -36.26 56.25 -45.18
C LEU U 135 -35.46 55.63 -46.31
N ARG U 136 -34.15 55.46 -46.12
CA ARG U 136 -33.31 54.85 -47.15
C ARG U 136 -33.54 53.35 -47.28
N THR U 137 -34.04 52.70 -46.23
CA THR U 137 -34.46 51.31 -46.35
C THR U 137 -35.73 51.19 -47.18
N LEU U 138 -36.63 52.18 -47.05
CA LEU U 138 -37.88 52.14 -47.81
C LEU U 138 -37.68 52.51 -49.27
N ALA U 139 -36.83 53.50 -49.55
CA ALA U 139 -36.73 54.05 -50.90
C ALA U 139 -36.49 53.03 -52.01
N PRO U 140 -35.74 51.95 -51.82
CA PRO U 140 -35.63 50.95 -52.89
C PRO U 140 -36.95 50.28 -53.22
N ILE U 141 -37.80 50.06 -52.22
CA ILE U 141 -39.10 49.44 -52.45
C ILE U 141 -40.12 50.44 -53.00
N PHE U 142 -40.02 51.72 -52.63
CA PHE U 142 -40.97 52.75 -53.03
C PHE U 142 -40.23 53.86 -53.78
N PRO U 143 -39.72 53.57 -54.97
CA PRO U 143 -38.89 54.57 -55.66
C PRO U 143 -39.65 55.83 -56.03
N ASN U 144 -40.98 55.75 -56.15
CA ASN U 144 -41.82 56.92 -56.41
C ASN U 144 -42.80 57.17 -55.27
N GLY U 145 -42.57 56.54 -54.11
CA GLY U 145 -43.44 56.79 -52.98
C GLY U 145 -44.79 56.20 -53.27
N SER U 146 -45.86 56.94 -52.96
CA SER U 146 -47.18 56.45 -53.25
C SER U 146 -47.52 56.47 -54.74
N GLY U 147 -46.67 57.06 -55.59
CA GLY U 147 -47.03 57.28 -56.98
C GLY U 147 -47.34 56.01 -57.76
N ASP U 148 -46.57 54.95 -57.53
CA ASP U 148 -46.80 53.64 -58.12
C ASP U 148 -46.38 52.58 -57.12
N TRP U 149 -46.70 51.32 -57.42
CA TRP U 149 -46.35 50.22 -56.52
C TRP U 149 -45.51 49.17 -57.21
N ILE U 150 -44.73 49.55 -58.23
CA ILE U 150 -44.20 48.56 -59.16
C ILE U 150 -43.18 47.67 -58.48
N LYS U 151 -42.24 48.27 -57.74
CA LYS U 151 -41.21 47.46 -57.10
C LYS U 151 -41.79 46.62 -55.98
N LEU U 152 -42.77 47.16 -55.26
CA LEU U 152 -43.44 46.35 -54.24
C LEU U 152 -44.13 45.15 -54.87
N GLN U 153 -44.78 45.37 -56.02
CA GLN U 153 -45.43 44.26 -56.73
C GLN U 153 -44.40 43.21 -57.13
N GLN U 154 -43.22 43.63 -57.58
CA GLN U 154 -42.16 42.66 -57.88
C GLN U 154 -41.80 41.85 -56.64
N LEU U 155 -41.66 42.51 -55.50
CA LEU U 155 -41.34 41.80 -54.27
C LEU U 155 -42.39 40.76 -53.95
N ILE U 156 -43.67 41.11 -54.08
CA ILE U 156 -44.72 40.14 -53.82
C ILE U 156 -44.68 39.01 -54.83
N ASP U 157 -44.50 39.35 -56.12
CA ASP U 157 -44.39 38.35 -57.18
C ASP U 157 -43.22 37.41 -56.97
N GLY U 158 -42.25 37.80 -56.14
CA GLY U 158 -41.15 36.94 -55.78
C GLY U 158 -39.85 37.24 -56.49
N LEU U 159 -39.65 38.49 -56.94
CA LEU U 159 -38.53 38.88 -57.78
C LEU U 159 -37.57 39.75 -57.01
N PRO U 160 -36.61 39.16 -56.28
CA PRO U 160 -35.85 39.92 -55.28
C PRO U 160 -34.82 40.86 -55.87
N ARG U 161 -34.49 40.73 -57.16
CA ARG U 161 -33.50 41.60 -57.80
C ARG U 161 -34.13 42.98 -58.04
N ILE U 162 -34.01 43.84 -57.02
CA ILE U 162 -34.60 45.17 -57.08
C ILE U 162 -33.65 46.19 -57.70
N PHE U 163 -32.34 46.03 -57.48
CA PHE U 163 -31.37 46.91 -58.09
C PHE U 163 -30.85 46.34 -59.40
N GLY U 164 -31.56 45.35 -59.96
CA GLY U 164 -31.11 44.70 -61.18
C GLY U 164 -30.31 43.44 -60.88
N SER V 1 -63.27 79.41 38.07
CA SER V 1 -61.95 79.12 37.51
C SER V 1 -61.18 78.21 38.45
N TYR V 2 -60.62 77.13 37.89
CA TYR V 2 -60.05 76.05 38.69
C TYR V 2 -58.95 76.53 39.61
N THR V 3 -58.95 76.03 40.84
CA THR V 3 -57.84 76.22 41.79
C THR V 3 -57.34 74.86 42.25
N ILE V 4 -56.07 74.84 42.64
CA ILE V 4 -55.38 73.63 43.08
C ILE V 4 -55.22 73.66 44.59
N ASP V 5 -55.82 72.68 45.27
CA ASP V 5 -55.69 72.48 46.71
C ASP V 5 -54.63 71.42 46.95
N ILE V 6 -53.55 71.77 47.66
CA ILE V 6 -52.65 70.72 48.12
C ILE V 6 -53.34 70.03 49.29
N ASN V 7 -53.90 68.86 49.02
CA ASN V 7 -54.58 68.10 50.06
C ASN V 7 -53.51 67.63 51.02
N CYS V 8 -53.36 68.32 52.14
CA CYS V 8 -52.13 68.17 52.92
C CYS V 8 -52.23 69.03 54.19
N SER V 9 -51.37 68.73 55.15
CA SER V 9 -51.30 69.49 56.41
C SER V 9 -50.06 70.39 56.39
N THR V 10 -50.29 71.71 56.44
CA THR V 10 -49.21 72.70 56.55
C THR V 10 -49.34 73.45 57.86
N GLY V 11 -48.26 74.15 58.22
CA GLY V 11 -48.16 74.85 59.49
C GLY V 11 -47.97 76.34 59.28
N ASP V 12 -48.00 77.12 60.37
CA ASP V 12 -47.80 78.56 60.22
C ASP V 12 -46.33 78.95 60.17
N THR V 13 -45.49 78.24 60.92
CA THR V 13 -44.09 78.60 61.08
C THR V 13 -43.29 78.34 59.79
N GLN V 14 -42.18 79.08 59.63
CA GLN V 14 -41.29 78.84 58.50
C GLN V 14 -39.85 78.89 58.97
N ALA V 15 -39.02 78.03 58.39
CA ALA V 15 -37.59 78.00 58.67
C ALA V 15 -36.80 78.24 57.40
N ASN V 16 -35.56 78.69 57.57
CA ASN V 16 -34.62 78.89 56.47
C ASN V 16 -33.69 77.68 56.41
N LEU V 17 -33.71 76.96 55.29
CA LEU V 17 -32.68 76.00 54.94
C LEU V 17 -31.66 76.76 54.10
N VAL V 18 -30.47 76.98 54.66
CA VAL V 18 -29.50 77.87 54.03
C VAL V 18 -28.63 77.08 53.07
N LEU V 19 -28.84 77.31 51.78
CA LEU V 19 -28.06 76.66 50.74
C LEU V 19 -26.87 77.53 50.39
N THR V 20 -25.72 76.88 50.21
CA THR V 20 -24.54 77.56 49.70
C THR V 20 -24.41 77.23 48.22
N GLU V 21 -24.18 78.26 47.41
CA GLU V 21 -24.21 78.07 45.96
C GLU V 21 -23.12 77.12 45.52
N ILE V 22 -23.32 76.54 44.35
CA ILE V 22 -22.32 75.68 43.72
C ILE V 22 -22.02 76.30 42.36
N PRO V 23 -20.80 76.82 42.15
CA PRO V 23 -20.52 77.57 40.92
C PRO V 23 -20.54 76.67 39.70
N ALA V 24 -21.16 77.16 38.63
CA ALA V 24 -21.32 76.33 37.45
C ALA V 24 -20.04 76.24 36.64
N GLU V 25 -19.14 77.21 36.76
CA GLU V 25 -17.92 77.19 35.95
C GLU V 25 -17.14 75.90 36.09
N PRO V 26 -16.83 75.39 37.29
CA PRO V 26 -15.97 74.20 37.37
C PRO V 26 -16.60 72.91 36.83
N TYR V 27 -17.91 72.87 36.53
CA TYR V 27 -18.50 71.61 36.09
C TYR V 27 -18.30 71.41 34.60
N VAL V 28 -17.98 70.18 34.22
CA VAL V 28 -17.70 69.80 32.83
C VAL V 28 -18.64 68.70 32.39
N HIS V 29 -19.37 68.94 31.29
CA HIS V 29 -20.20 67.90 30.69
C HIS V 29 -19.35 66.70 30.31
N VAL V 30 -19.80 65.53 30.74
CA VAL V 30 -19.04 64.29 30.56
C VAL V 30 -19.78 63.29 29.68
N SER V 31 -21.05 63.04 29.98
CA SER V 31 -21.81 62.02 29.26
C SER V 31 -23.27 62.42 29.18
N GLY V 32 -23.92 62.01 28.11
CA GLY V 32 -25.37 61.94 28.07
C GLY V 32 -26.04 62.92 27.13
N ASP V 33 -27.15 62.49 26.53
CA ASP V 33 -28.05 63.32 25.73
C ASP V 33 -28.99 64.10 26.64
N ASN V 34 -29.90 64.85 26.02
CA ASN V 34 -31.15 65.16 26.71
C ASN V 34 -32.01 63.91 26.81
N LYS V 35 -31.91 63.01 25.82
CA LYS V 35 -32.63 61.74 25.86
C LYS V 35 -32.04 60.78 26.89
N SER V 36 -30.75 60.92 27.18
CA SER V 36 -30.09 60.13 28.20
C SER V 36 -29.98 60.97 29.48
N THR V 37 -29.19 60.51 30.45
CA THR V 37 -28.92 61.29 31.65
C THR V 37 -27.65 62.14 31.50
N ILE V 38 -27.77 63.45 31.73
CA ILE V 38 -26.63 64.36 31.67
C ILE V 38 -25.75 64.16 32.90
N GLU V 39 -24.43 64.18 32.70
CA GLU V 39 -23.50 63.95 33.80
C GLU V 39 -22.43 65.03 33.79
N TYR V 40 -22.17 65.64 34.95
CA TYR V 40 -21.14 66.64 35.08
C TYR V 40 -20.09 66.20 36.09
N LEU V 41 -18.85 66.58 35.80
CA LEU V 41 -17.69 66.39 36.68
C LEU V 41 -17.32 67.71 37.32
N ASP V 42 -17.20 67.73 38.65
CA ASP V 42 -16.70 68.89 39.39
C ASP V 42 -15.18 68.86 39.31
N THR V 43 -14.60 69.69 38.44
CA THR V 43 -13.16 69.71 38.22
C THR V 43 -12.41 70.47 39.29
N GLY V 44 -13.13 71.08 40.23
CA GLY V 44 -12.48 71.69 41.37
C GLY V 44 -12.32 70.69 42.49
N SER V 45 -11.67 69.57 42.19
CA SER V 45 -11.43 68.50 43.14
C SER V 45 -9.97 68.09 43.11
N ASP V 46 -9.59 67.23 44.05
CA ASP V 46 -8.22 66.74 44.05
C ASP V 46 -8.01 65.87 42.83
N ASN V 47 -7.17 66.38 41.92
CA ASN V 47 -6.80 65.66 40.71
C ASN V 47 -6.14 64.33 41.03
N SER V 48 -5.44 64.24 42.16
CA SER V 48 -4.63 63.08 42.51
C SER V 48 -5.47 61.90 43.00
N LEU V 49 -6.79 62.00 42.91
CA LEU V 49 -7.70 60.88 43.12
C LEU V 49 -8.25 60.43 41.78
N LEU V 50 -8.44 59.14 41.62
CA LEU V 50 -9.10 58.63 40.42
C LEU V 50 -10.61 58.70 40.51
N VAL V 51 -11.16 59.06 41.66
CA VAL V 51 -12.58 59.34 41.82
C VAL V 51 -12.73 60.83 42.05
N ARG V 52 -13.73 61.41 41.40
CA ARG V 52 -13.95 62.84 41.49
C ARG V 52 -15.44 63.10 41.57
N PRO V 53 -15.84 64.24 42.14
CA PRO V 53 -17.27 64.49 42.38
C PRO V 53 -18.03 64.72 41.08
N THR V 54 -19.19 64.09 40.99
CA THR V 54 -20.04 64.22 39.82
C THR V 54 -21.48 64.46 40.25
N GLN V 55 -22.19 65.32 39.52
CA GLN V 55 -23.64 65.38 39.68
C GLN V 55 -24.32 65.17 38.33
N GLN V 56 -25.40 64.39 38.34
CA GLN V 56 -26.11 64.08 37.11
C GLN V 56 -27.58 64.47 37.21
N PHE V 57 -28.13 64.80 36.04
CA PHE V 57 -29.50 65.28 35.89
C PHE V 57 -30.17 64.55 34.75
N ASN V 58 -31.30 63.92 35.04
CA ASN V 58 -32.13 63.21 34.08
C ASN V 58 -33.55 63.74 34.22
N CYS V 59 -34.26 63.89 33.10
CA CYS V 59 -35.68 64.21 33.23
C CYS V 59 -36.46 63.60 32.07
N VAL V 60 -37.68 63.14 32.39
CA VAL V 60 -38.54 62.42 31.46
C VAL V 60 -39.99 62.82 31.71
N SER V 61 -40.81 62.66 30.67
CA SER V 61 -42.18 63.16 30.68
C SER V 61 -43.07 62.15 29.98
N SER V 62 -44.31 62.06 30.44
CA SER V 62 -45.27 61.12 29.87
C SER V 62 -46.67 61.71 29.82
N GLN V 63 -47.42 61.29 28.80
CA GLN V 63 -48.80 61.71 28.63
C GLN V 63 -49.78 60.91 29.47
N TYR V 64 -49.28 59.95 30.25
CA TYR V 64 -50.12 59.01 31.01
C TYR V 64 -49.78 59.14 32.49
N PRO V 65 -50.22 60.22 33.13
CA PRO V 65 -49.69 60.56 34.46
C PRO V 65 -50.23 59.69 35.56
N TYR V 66 -51.30 58.95 35.32
CA TYR V 66 -51.93 58.10 36.32
C TYR V 66 -51.47 56.65 36.25
N ARG V 67 -50.39 56.37 35.51
CA ARG V 67 -50.01 54.98 35.26
C ARG V 67 -49.61 54.27 36.55
N ASN V 68 -48.90 54.96 37.44
CA ASN V 68 -48.44 54.33 38.67
C ASN V 68 -49.47 54.32 39.78
N TYR V 69 -50.46 55.21 39.72
CA TYR V 69 -51.42 55.39 40.79
C TYR V 69 -52.69 54.63 40.44
N SER V 70 -53.03 53.65 41.26
CA SER V 70 -54.07 52.70 40.90
C SER V 70 -55.45 53.09 41.41
N LYS V 71 -55.54 53.74 42.57
CA LYS V 71 -56.83 53.92 43.23
C LYS V 71 -57.45 55.29 42.95
N ILE V 72 -57.12 55.90 41.81
CA ILE V 72 -57.75 57.14 41.38
C ILE V 72 -58.73 56.82 40.28
N PRO V 73 -60.03 57.07 40.47
CA PRO V 73 -61.02 56.78 39.43
C PRO V 73 -60.84 57.64 38.19
N ARG V 74 -61.27 57.10 37.05
CA ARG V 74 -61.19 57.86 35.80
C ARG V 74 -61.99 59.15 35.89
N SER V 75 -63.13 59.12 36.57
CA SER V 75 -63.94 60.32 36.73
C SER V 75 -63.21 61.43 37.48
N GLN V 76 -62.05 61.13 38.07
CA GLN V 76 -61.24 62.11 38.78
C GLN V 76 -59.89 62.34 38.10
N GLN V 77 -59.65 61.76 36.93
CA GLN V 77 -58.39 61.91 36.22
C GLN V 77 -58.49 63.06 35.21
N ASP V 78 -57.65 64.07 35.38
CA ASP V 78 -57.64 65.24 34.49
C ASP V 78 -57.09 64.86 33.13
N PRO V 79 -57.90 64.90 32.05
CA PRO V 79 -57.42 64.43 30.75
C PRO V 79 -56.34 65.32 30.16
N LEU V 80 -56.20 66.54 30.65
CA LEU V 80 -55.15 67.45 30.21
C LEU V 80 -53.88 67.32 31.05
N ALA V 81 -53.92 66.51 32.09
CA ALA V 81 -52.76 66.42 32.97
C ALA V 81 -51.65 65.62 32.30
N VAL V 82 -50.41 65.99 32.64
CA VAL V 82 -49.22 65.37 32.09
C VAL V 82 -48.28 65.07 33.25
N ARG V 83 -47.39 64.10 33.06
CA ARG V 83 -46.43 63.71 34.08
C ARG V 83 -45.07 64.30 33.73
N ARG V 84 -44.52 65.11 34.63
CA ARG V 84 -43.17 65.67 34.47
C ARG V 84 -42.31 65.13 35.59
N GLU V 85 -41.16 64.57 35.26
CA GLU V 85 -40.29 63.93 36.25
C GLU V 85 -38.87 64.39 36.03
N PHE V 86 -38.14 64.59 37.12
CA PHE V 86 -36.69 64.85 37.05
C PHE V 86 -36.00 64.16 38.21
N TYR V 87 -34.69 63.96 38.05
CA TYR V 87 -33.91 63.12 38.93
C TYR V 87 -32.48 63.62 38.94
N THR V 88 -31.96 63.94 40.11
CA THR V 88 -30.58 64.35 40.24
C THR V 88 -29.89 63.40 41.21
N ARG V 89 -28.62 63.11 40.92
CA ARG V 89 -27.78 62.30 41.83
C ARG V 89 -26.40 62.94 41.91
N ARG V 90 -26.04 63.38 43.11
CA ARG V 90 -24.74 63.96 43.38
C ARG V 90 -23.93 62.97 44.18
N VAL V 91 -22.75 62.63 43.69
CA VAL V 91 -21.77 61.85 44.42
C VAL V 91 -20.59 62.76 44.68
N GLU V 92 -20.23 62.92 45.95
CA GLU V 92 -18.98 63.56 46.29
C GLU V 92 -18.08 62.55 47.02
N TYR V 93 -16.80 62.84 47.03
CA TYR V 93 -15.78 61.96 47.59
C TYR V 93 -14.95 62.76 48.59
N TRP V 94 -15.26 62.62 49.88
CA TRP V 94 -14.56 63.36 50.91
C TRP V 94 -13.18 62.76 51.13
N ARG V 95 -12.32 63.52 51.81
CA ARG V 95 -10.95 63.09 52.08
C ARG V 95 -10.68 63.37 53.55
N LYS V 96 -10.30 62.34 54.31
CA LYS V 96 -9.89 62.52 55.70
C LYS V 96 -8.39 62.38 55.83
N ALA V 97 -7.76 63.36 56.50
CA ALA V 97 -6.34 63.34 56.81
C ALA V 97 -6.06 64.34 57.92
N ASP V 98 -4.83 64.33 58.45
CA ASP V 98 -4.45 65.40 59.37
C ASP V 98 -3.07 65.94 59.04
N ALA V 99 -2.95 67.26 59.02
CA ALA V 99 -1.66 67.91 58.80
C ALA V 99 -0.71 67.69 59.98
N SER V 100 -1.24 67.23 61.12
CA SER V 100 -0.41 67.01 62.29
C SER V 100 0.54 65.84 62.11
N ASN V 101 0.19 64.88 61.26
CA ASN V 101 0.93 63.62 61.15
C ASN V 101 1.11 63.26 59.68
N VAL V 102 2.30 63.57 59.14
CA VAL V 102 2.59 63.18 57.77
C VAL V 102 2.66 61.65 57.64
N ASP V 103 2.85 60.94 58.74
CA ASP V 103 3.01 59.50 58.75
C ASP V 103 1.69 58.75 58.73
N ALA V 104 0.56 59.43 58.99
CA ALA V 104 -0.72 58.72 59.12
C ALA V 104 -1.47 58.72 57.80
N PRO V 105 -2.14 57.63 57.46
CA PRO V 105 -2.69 57.47 56.11
C PRO V 105 -3.88 58.36 55.87
N GLU V 106 -4.12 58.66 54.60
CA GLU V 106 -5.29 59.41 54.18
C GLU V 106 -6.34 58.44 53.65
N TYR V 107 -7.61 58.79 53.84
CA TYR V 107 -8.69 57.94 53.35
C TYR V 107 -9.67 58.78 52.55
N THR V 108 -10.28 58.17 51.53
CA THR V 108 -11.33 58.81 50.77
C THR V 108 -12.68 58.17 51.11
N LEU V 109 -13.66 59.01 51.43
CA LEU V 109 -14.95 58.60 51.98
C LEU V 109 -16.08 58.94 51.02
N PRO V 110 -16.75 57.97 50.40
CA PRO V 110 -17.80 58.27 49.44
C PRO V 110 -19.14 58.64 50.05
N GLN V 111 -19.80 59.61 49.42
CA GLN V 111 -21.10 60.11 49.84
C GLN V 111 -21.95 60.29 48.58
N SER V 112 -23.23 59.92 48.67
CA SER V 112 -24.14 60.09 47.54
C SER V 112 -25.53 60.51 48.03
N CYS V 113 -26.19 61.34 47.22
CA CYS V 113 -27.53 61.82 47.55
C CYS V 113 -28.31 62.02 46.26
N SER V 114 -29.55 61.54 46.23
CA SER V 114 -30.34 61.55 45.01
C SER V 114 -31.76 61.98 45.30
N ILE V 115 -32.27 62.91 44.49
CA ILE V 115 -33.63 63.43 44.61
C ILE V 115 -34.37 63.17 43.31
N ARG V 116 -35.53 62.51 43.41
CA ARG V 116 -36.43 62.29 42.29
C ARG V 116 -37.78 62.96 42.58
N LEU V 117 -38.34 63.59 41.55
CA LEU V 117 -39.59 64.33 41.65
C LEU V 117 -40.43 64.05 40.41
N ALA V 118 -41.66 63.59 40.62
CA ALA V 118 -42.60 63.37 39.53
C ALA V 118 -43.91 64.06 39.91
N SER V 119 -44.21 65.15 39.22
CA SER V 119 -45.43 65.91 39.45
C SER V 119 -46.43 65.66 38.33
N THR V 120 -47.71 65.63 38.68
CA THR V 120 -48.76 65.77 37.69
C THR V 120 -48.98 67.26 37.44
N VAL V 121 -48.76 67.70 36.20
CA VAL V 121 -48.84 69.11 35.84
C VAL V 121 -50.01 69.33 34.92
N THR V 122 -50.85 70.32 35.25
CA THR V 122 -51.96 70.77 34.45
C THR V 122 -51.83 72.28 34.27
N LYS V 123 -52.80 72.87 33.56
CA LYS V 123 -52.74 74.29 33.21
C LYS V 123 -52.43 75.15 34.42
N GLU V 124 -53.09 74.86 35.55
CA GLU V 124 -53.04 75.69 36.73
C GLU V 124 -51.84 75.40 37.63
N THR V 125 -51.11 74.33 37.36
CA THR V 125 -49.93 73.97 38.14
C THR V 125 -48.79 74.93 37.83
N THR V 126 -48.31 75.67 38.84
CA THR V 126 -47.21 76.60 38.67
C THR V 126 -45.88 76.03 39.17
N ALA V 127 -44.80 76.64 38.69
CA ALA V 127 -43.47 76.21 39.10
C ALA V 127 -43.33 76.27 40.62
N ALA V 128 -43.89 77.31 41.23
CA ALA V 128 -43.91 77.38 42.69
C ALA V 128 -44.67 76.21 43.30
N ASP V 129 -45.83 75.87 42.73
CA ASP V 129 -46.59 74.74 43.23
C ASP V 129 -45.74 73.47 43.24
N ILE V 130 -44.95 73.28 42.18
CA ILE V 130 -44.14 72.07 42.09
C ILE V 130 -42.95 72.14 43.04
N ALA V 131 -42.38 73.32 43.23
CA ALA V 131 -41.32 73.44 44.24
C ALA V 131 -41.86 73.11 45.63
N GLY V 132 -43.13 73.41 45.87
CA GLY V 132 -43.75 73.09 47.13
C GLY V 132 -43.58 71.64 47.54
N ILE V 133 -43.66 70.72 46.58
CA ILE V 133 -43.62 69.31 46.96
C ILE V 133 -42.22 68.93 47.46
N VAL V 134 -41.18 69.47 46.84
CA VAL V 134 -39.83 69.24 47.34
C VAL V 134 -39.65 69.88 48.71
N LEU V 135 -40.18 71.10 48.89
CA LEU V 135 -40.04 71.78 50.17
C LEU V 135 -40.74 71.03 51.29
N ARG V 136 -41.91 70.46 51.01
CA ARG V 136 -42.63 69.69 52.01
C ARG V 136 -42.01 68.33 52.24
N THR V 137 -41.37 67.74 51.23
CA THR V 137 -40.62 66.52 51.49
C THR V 137 -39.44 66.79 52.42
N LEU V 138 -38.76 67.92 52.22
CA LEU V 138 -37.59 68.24 53.05
C LEU V 138 -37.99 68.61 54.47
N ALA V 139 -39.09 69.34 54.62
CA ALA V 139 -39.40 69.98 55.90
C ALA V 139 -39.42 69.05 57.11
N PRO V 140 -39.97 67.83 57.06
CA PRO V 140 -39.96 66.98 58.26
C PRO V 140 -38.56 66.64 58.76
N ILE V 141 -37.60 66.48 57.84
CA ILE V 141 -36.22 66.15 58.20
C ILE V 141 -35.48 67.37 58.72
N PHE V 142 -35.80 68.56 58.23
CA PHE V 142 -35.13 69.80 58.62
C PHE V 142 -36.20 70.74 59.18
N PRO V 143 -36.81 70.41 60.32
CA PRO V 143 -37.94 71.20 60.81
C PRO V 143 -37.55 72.59 61.27
N ASN V 144 -36.26 72.84 61.51
CA ASN V 144 -35.76 74.17 61.80
C ASN V 144 -34.74 74.64 60.77
N GLY V 145 -34.76 74.04 59.57
CA GLY V 145 -33.90 74.52 58.53
C GLY V 145 -32.46 74.23 58.87
N SER V 146 -31.57 75.12 58.44
CA SER V 146 -30.16 74.94 58.78
C SER V 146 -29.90 75.10 60.27
N GLY V 147 -30.92 75.44 61.07
CA GLY V 147 -30.68 75.72 62.48
C GLY V 147 -30.11 74.55 63.26
N ASP V 148 -30.83 73.43 63.28
CA ASP V 148 -30.38 72.25 64.01
C ASP V 148 -30.46 71.04 63.10
N TRP V 149 -29.81 69.96 63.52
CA TRP V 149 -29.74 68.75 62.71
C TRP V 149 -30.32 67.56 63.44
N ILE V 150 -31.30 67.77 64.31
CA ILE V 150 -31.68 66.73 65.27
C ILE V 150 -32.35 65.57 64.55
N LYS V 151 -33.33 65.88 63.69
CA LYS V 151 -34.04 64.81 62.99
C LYS V 151 -33.14 64.14 61.96
N LEU V 152 -32.26 64.90 61.31
CA LEU V 152 -31.31 64.30 60.40
C LEU V 152 -30.41 63.32 61.14
N GLN V 153 -29.93 63.74 62.32
CA GLN V 153 -29.12 62.89 63.16
C GLN V 153 -29.84 61.59 63.47
N GLN V 154 -31.14 61.67 63.79
CA GLN V 154 -31.92 60.46 64.02
C GLN V 154 -31.92 59.55 62.78
N LEU V 155 -32.22 60.13 61.62
CA LEU V 155 -32.24 59.33 60.40
C LEU V 155 -30.92 58.59 60.21
N ILE V 156 -29.80 59.26 60.49
CA ILE V 156 -28.51 58.61 60.32
C ILE V 156 -28.29 57.56 61.41
N ASP V 157 -28.70 57.87 62.65
CA ASP V 157 -28.63 56.94 63.76
C ASP V 157 -29.47 55.69 63.54
N GLY V 158 -30.34 55.69 62.54
CA GLY V 158 -31.13 54.52 62.23
C GLY V 158 -32.52 54.52 62.81
N LEU V 159 -33.07 55.69 63.14
CA LEU V 159 -34.38 55.83 63.76
C LEU V 159 -35.35 56.50 62.78
N PRO V 160 -36.18 55.73 62.07
CA PRO V 160 -36.94 56.29 60.94
C PRO V 160 -38.16 57.11 61.31
N ARG V 161 -38.61 57.11 62.56
CA ARG V 161 -39.89 57.74 62.88
C ARG V 161 -39.67 59.23 63.14
N ILE V 162 -39.69 60.00 62.06
CA ILE V 162 -39.60 61.47 62.15
C ILE V 162 -40.79 62.03 62.93
N PHE V 163 -41.98 61.50 62.68
CA PHE V 163 -43.18 62.03 63.29
C PHE V 163 -43.53 61.37 64.61
N GLY V 164 -42.82 60.32 65.00
CA GLY V 164 -43.09 59.64 66.26
C GLY V 164 -43.91 58.37 66.17
N SER W 1 -6.73 64.21 65.25
CA SER W 1 -6.47 65.43 64.48
C SER W 1 -6.99 65.29 63.07
N TYR W 2 -7.50 64.10 62.74
CA TYR W 2 -8.11 63.86 61.43
C TYR W 2 -9.22 64.87 61.14
N THR W 3 -9.19 65.43 59.94
CA THR W 3 -10.20 66.35 59.46
C THR W 3 -10.77 65.84 58.15
N ILE W 4 -12.05 66.15 57.97
CA ILE W 4 -12.85 65.76 56.82
C ILE W 4 -12.91 66.94 55.88
N ASP W 5 -12.34 66.80 54.68
CA ASP W 5 -12.41 67.82 53.65
C ASP W 5 -13.36 67.31 52.57
N ILE W 6 -14.47 68.02 52.38
CA ILE W 6 -15.29 67.75 51.20
C ILE W 6 -14.46 68.12 49.97
N ASN W 7 -14.51 67.27 48.97
CA ASN W 7 -13.69 67.48 47.78
C ASN W 7 -14.53 68.16 46.69
N CYS W 8 -15.15 69.28 47.02
CA CYS W 8 -16.16 69.88 46.17
C CYS W 8 -15.77 71.30 45.77
N SER W 9 -16.61 71.88 44.93
CA SER W 9 -16.56 73.30 44.64
C SER W 9 -17.71 73.97 45.37
N THR W 10 -17.41 74.97 46.19
CA THR W 10 -18.39 75.72 46.94
C THR W 10 -18.15 77.21 46.75
N GLY W 11 -19.25 77.96 46.56
CA GLY W 11 -19.18 79.39 46.37
C GLY W 11 -19.18 80.15 47.67
N ASP W 12 -19.12 81.48 47.56
CA ASP W 12 -19.19 82.38 48.70
C ASP W 12 -20.61 82.86 48.98
N THR W 13 -21.50 82.75 48.01
CA THR W 13 -22.85 83.26 48.09
C THR W 13 -23.77 82.27 48.81
N GLN W 14 -24.87 82.76 49.40
CA GLN W 14 -25.79 81.87 50.08
C GLN W 14 -27.22 82.33 49.84
N ALA W 15 -28.16 81.38 49.89
CA ALA W 15 -29.57 81.64 49.64
C ALA W 15 -30.43 80.91 50.66
N ASN W 16 -31.63 81.45 50.88
CA ASN W 16 -32.58 80.89 51.83
C ASN W 16 -33.64 80.09 51.08
N LEU W 17 -33.67 78.77 51.27
CA LEU W 17 -34.75 77.93 50.80
C LEU W 17 -35.76 77.82 51.95
N VAL W 18 -36.93 78.40 51.77
CA VAL W 18 -37.85 78.63 52.88
C VAL W 18 -38.78 77.44 53.01
N LEU W 19 -38.59 76.66 54.08
CA LEU W 19 -39.42 75.51 54.37
C LEU W 19 -40.59 75.93 55.25
N THR W 20 -41.78 75.48 54.89
CA THR W 20 -42.94 75.65 55.74
C THR W 20 -43.16 74.36 56.53
N GLU W 21 -43.45 74.51 57.81
CA GLU W 21 -43.42 73.38 58.72
C GLU W 21 -44.52 72.38 58.39
N ILE W 22 -44.27 71.12 58.72
CA ILE W 22 -45.29 70.08 58.58
C ILE W 22 -45.53 69.47 59.96
N PRO W 23 -46.71 69.67 60.54
CA PRO W 23 -46.95 69.23 61.92
C PRO W 23 -47.05 67.73 62.03
N ALA W 24 -46.59 67.20 63.17
CA ALA W 24 -46.65 65.75 63.35
C ALA W 24 -48.01 65.30 63.86
N GLU W 25 -48.73 66.18 64.56
CA GLU W 25 -50.04 65.81 65.11
C GLU W 25 -50.98 65.20 64.09
N PRO W 26 -51.10 65.71 62.86
CA PRO W 26 -52.03 65.05 61.91
C PRO W 26 -51.55 63.70 61.39
N TYR W 27 -50.33 63.26 61.66
CA TYR W 27 -49.82 62.05 61.01
C TYR W 27 -50.11 60.81 61.85
N VAL W 28 -50.34 59.69 61.16
CA VAL W 28 -50.79 58.43 61.75
C VAL W 28 -49.94 57.27 61.24
N HIS W 29 -49.60 56.35 62.14
CA HIS W 29 -48.94 55.09 61.78
C HIS W 29 -49.77 54.30 60.78
N VAL W 30 -49.09 53.74 59.77
CA VAL W 30 -49.72 52.91 58.76
C VAL W 30 -49.11 51.51 58.72
N SER W 31 -47.79 51.43 58.54
CA SER W 31 -47.10 50.15 58.52
C SER W 31 -45.77 50.29 59.25
N GLY W 32 -45.24 49.15 59.69
CA GLY W 32 -43.93 49.07 60.32
C GLY W 32 -43.72 50.01 61.49
N ASP W 33 -44.50 49.83 62.55
CA ASP W 33 -44.49 50.80 63.65
C ASP W 33 -43.13 50.85 64.34
N ASN W 34 -42.57 49.68 64.65
CA ASN W 34 -41.30 49.60 65.35
C ASN W 34 -40.11 49.43 64.40
N LYS W 35 -40.34 49.04 63.15
CA LYS W 35 -39.29 48.54 62.29
C LYS W 35 -38.49 49.68 61.65
N SER W 36 -37.46 49.31 60.90
CA SER W 36 -36.57 50.27 60.26
C SER W 36 -37.22 51.01 59.11
N THR W 37 -38.45 50.64 58.74
CA THR W 37 -39.21 51.31 57.70
C THR W 37 -40.58 51.64 58.26
N ILE W 38 -40.96 52.91 58.19
CA ILE W 38 -42.24 53.39 58.70
C ILE W 38 -42.93 54.19 57.62
N GLU W 39 -44.26 54.08 57.56
CA GLU W 39 -45.08 54.82 56.61
C GLU W 39 -46.16 55.58 57.37
N TYR W 40 -46.22 56.89 57.20
CA TYR W 40 -47.23 57.71 57.84
C TYR W 40 -48.29 58.19 56.85
N LEU W 41 -49.47 58.42 57.39
CA LEU W 41 -50.59 59.01 56.66
C LEU W 41 -50.89 60.38 57.25
N ASP W 42 -51.07 61.37 56.38
CA ASP W 42 -51.52 62.71 56.76
C ASP W 42 -53.03 62.69 56.76
N THR W 43 -53.65 62.67 57.95
CA THR W 43 -55.11 62.70 58.04
C THR W 43 -55.66 64.10 57.98
N GLY W 44 -54.86 65.09 57.61
CA GLY W 44 -55.40 66.39 57.32
C GLY W 44 -55.79 66.44 55.87
N SER W 45 -56.16 65.29 55.32
CA SER W 45 -56.50 65.18 53.92
C SER W 45 -57.98 64.91 53.73
N ASP W 46 -58.41 65.03 52.48
CA ASP W 46 -59.81 64.82 52.19
C ASP W 46 -60.22 63.45 52.67
N ASN W 47 -61.22 63.45 53.55
CA ASN W 47 -61.76 62.23 54.12
C ASN W 47 -62.19 61.26 53.01
N SER W 48 -62.80 61.78 51.96
CA SER W 48 -63.63 60.98 51.07
C SER W 48 -62.90 60.43 49.85
N LEU W 49 -61.61 60.70 49.69
CA LEU W 49 -60.87 60.13 48.56
C LEU W 49 -60.33 58.75 48.91
N LEU W 50 -59.90 58.05 47.86
CA LEU W 50 -59.26 56.76 48.06
C LEU W 50 -57.77 56.89 48.25
N VAL W 51 -57.21 58.03 47.87
CA VAL W 51 -55.80 58.31 48.03
C VAL W 51 -55.67 59.42 49.07
N ARG W 52 -54.63 59.32 49.89
CA ARG W 52 -54.37 60.35 50.88
C ARG W 52 -52.86 60.50 51.02
N PRO W 53 -52.39 61.70 51.38
CA PRO W 53 -50.96 61.97 51.42
C PRO W 53 -50.26 61.10 52.45
N THR W 54 -49.20 60.45 52.01
CA THR W 54 -48.36 59.64 52.88
C THR W 54 -46.93 60.14 52.76
N GLN W 55 -46.15 59.87 53.80
CA GLN W 55 -44.70 59.98 53.69
C GLN W 55 -44.08 58.81 54.43
N GLN W 56 -43.18 58.12 53.76
CA GLN W 56 -42.46 57.05 54.42
C GLN W 56 -41.01 57.45 54.63
N PHE W 57 -40.44 56.85 55.67
CA PHE W 57 -39.02 56.97 55.99
C PHE W 57 -38.51 55.56 56.25
N ASN W 58 -37.32 55.26 55.73
CA ASN W 58 -36.66 54.03 56.13
C ASN W 58 -35.16 54.20 56.16
N CYS W 59 -34.52 53.51 57.10
CA CYS W 59 -33.09 53.58 57.31
C CYS W 59 -32.46 52.23 56.97
N VAL W 60 -31.22 52.28 56.52
CA VAL W 60 -30.45 51.10 56.15
C VAL W 60 -29.00 51.35 56.56
N SER W 61 -28.31 50.30 56.99
CA SER W 61 -26.90 50.36 57.33
C SER W 61 -26.20 49.19 56.69
N SER W 62 -24.96 49.39 56.25
CA SER W 62 -24.13 48.33 55.71
C SER W 62 -22.73 48.37 56.28
N GLN W 63 -22.16 47.18 56.42
CA GLN W 63 -20.83 47.02 57.01
C GLN W 63 -19.73 47.34 56.02
N TYR W 64 -19.98 47.16 54.72
CA TYR W 64 -19.01 47.34 53.65
C TYR W 64 -19.33 48.59 52.85
N PRO W 65 -18.86 49.76 53.28
CA PRO W 65 -19.33 51.01 52.65
C PRO W 65 -18.70 51.25 51.30
N TYR W 66 -17.63 50.51 50.98
CA TYR W 66 -16.89 50.65 49.74
C TYR W 66 -17.30 49.63 48.70
N ARG W 67 -18.45 48.98 48.87
CA ARG W 67 -18.79 47.86 48.01
C ARG W 67 -18.90 48.30 46.56
N ASN W 68 -19.66 49.37 46.32
CA ASN W 68 -19.88 49.85 44.96
C ASN W 68 -18.79 50.78 44.48
N TYR W 69 -17.85 51.17 45.34
CA TYR W 69 -16.80 52.10 44.96
C TYR W 69 -15.51 51.32 44.74
N SER W 70 -15.33 50.80 43.53
CA SER W 70 -14.16 50.01 43.25
C SER W 70 -12.97 50.84 42.83
N LYS W 71 -13.19 52.04 42.28
CA LYS W 71 -12.07 52.88 41.83
C LYS W 71 -11.28 53.46 43.01
N ILE W 72 -11.66 53.13 44.23
CA ILE W 72 -10.92 53.52 45.43
C ILE W 72 -10.03 52.36 45.83
N PRO W 73 -8.74 52.57 46.06
CA PRO W 73 -7.86 51.49 46.50
C PRO W 73 -8.05 51.17 47.97
N ARG W 74 -7.76 49.91 48.31
CA ARG W 74 -7.87 49.49 49.71
C ARG W 74 -7.00 50.36 50.61
N SER W 75 -5.80 50.72 50.16
CA SER W 75 -4.90 51.58 50.93
C SER W 75 -5.52 52.93 51.27
N GLN W 76 -6.64 53.30 50.64
CA GLN W 76 -7.34 54.53 50.97
C GLN W 76 -8.74 54.31 51.52
N GLN W 77 -9.17 53.06 51.66
CA GLN W 77 -10.46 52.74 52.27
C GLN W 77 -10.31 52.67 53.78
N ASP W 78 -11.07 53.49 54.50
CA ASP W 78 -11.05 53.49 55.96
C ASP W 78 -11.67 52.22 56.51
N PRO W 79 -10.90 51.31 57.10
CA PRO W 79 -11.46 50.02 57.54
C PRO W 79 -12.42 50.16 58.70
N LEU W 80 -12.49 51.32 59.35
CA LEU W 80 -13.48 51.59 60.37
C LEU W 80 -14.71 52.31 59.85
N ALA W 81 -14.79 52.52 58.53
CA ALA W 81 -15.94 53.23 57.98
C ALA W 81 -17.15 52.30 57.91
N VAL W 82 -18.32 52.89 58.10
CA VAL W 82 -19.59 52.18 58.07
C VAL W 82 -20.55 52.98 57.21
N ARG W 83 -21.39 52.29 56.43
CA ARG W 83 -22.32 52.96 55.53
C ARG W 83 -23.67 53.17 56.23
N ARG W 84 -24.11 54.42 56.33
CA ARG W 84 -25.44 54.74 56.82
C ARG W 84 -26.22 55.39 55.70
N GLU W 85 -27.43 54.90 55.43
CA GLU W 85 -28.31 55.56 54.46
C GLU W 85 -29.72 55.66 55.03
N PHE W 86 -30.46 56.64 54.50
CA PHE W 86 -31.88 56.78 54.77
C PHE W 86 -32.58 57.23 53.49
N TYR W 87 -33.91 57.08 53.49
CA TYR W 87 -34.71 57.30 52.30
C TYR W 87 -36.09 57.77 52.72
N THR W 88 -36.52 58.89 52.17
CA THR W 88 -37.88 59.35 52.39
C THR W 88 -38.59 59.42 51.04
N ARG W 89 -39.88 59.12 51.07
CA ARG W 89 -40.72 59.26 49.88
C ARG W 89 -42.07 59.83 50.30
N ARG W 90 -42.36 61.03 49.81
CA ARG W 90 -43.61 61.72 50.11
C ARG W 90 -44.47 61.67 48.86
N VAL W 91 -45.69 61.18 49.02
CA VAL W 91 -46.71 61.29 47.98
C VAL W 91 -47.82 62.16 48.54
N GLU W 92 -48.22 63.18 47.79
CA GLU W 92 -49.42 63.92 48.11
C GLU W 92 -50.33 63.91 46.88
N TYR W 93 -51.60 64.20 47.13
CA TYR W 93 -52.64 64.12 46.10
C TYR W 93 -53.41 65.42 46.11
N TRP W 94 -53.11 66.31 45.16
CA TRP W 94 -53.78 67.59 45.04
C TRP W 94 -55.17 67.42 44.44
N ARG W 95 -55.99 68.45 44.62
CA ARG W 95 -57.36 68.47 44.13
C ARG W 95 -57.59 69.76 43.37
N LYS W 96 -57.88 69.67 42.07
CA LYS W 96 -58.23 70.86 41.32
C LYS W 96 -59.75 70.90 41.18
N ALA W 97 -60.32 72.07 41.50
CA ALA W 97 -61.73 72.37 41.32
C ALA W 97 -61.92 73.87 41.48
N ASP W 98 -63.00 74.39 40.89
CA ASP W 98 -63.41 75.77 41.14
C ASP W 98 -64.74 75.81 41.87
N ALA W 99 -64.84 76.64 42.91
CA ALA W 99 -66.10 76.81 43.62
C ALA W 99 -67.14 77.52 42.79
N SER W 100 -66.73 78.14 41.67
CA SER W 100 -67.66 78.88 40.84
C SER W 100 -68.68 77.95 40.19
N ASN W 101 -68.21 76.87 39.59
CA ASN W 101 -69.06 75.97 38.83
C ASN W 101 -69.00 74.59 39.50
N VAL W 102 -70.12 74.19 40.13
CA VAL W 102 -70.15 72.88 40.77
C VAL W 102 -70.45 71.78 39.75
N ASP W 103 -70.97 72.12 38.57
CA ASP W 103 -71.02 71.16 37.47
C ASP W 103 -69.63 70.63 37.14
N ALA W 104 -68.62 71.49 37.20
CA ALA W 104 -67.29 71.13 36.73
C ALA W 104 -66.70 70.03 37.60
N PRO W 105 -66.04 69.05 36.99
CA PRO W 105 -65.55 67.90 37.76
C PRO W 105 -64.32 68.26 38.56
N GLU W 106 -64.17 67.59 39.70
CA GLU W 106 -62.99 67.73 40.53
C GLU W 106 -61.99 66.67 40.12
N TYR W 107 -60.73 67.08 39.91
CA TYR W 107 -59.69 66.14 39.52
C TYR W 107 -58.67 65.96 40.64
N THR W 108 -58.10 64.77 40.71
CA THR W 108 -57.07 64.44 41.67
C THR W 108 -55.73 64.37 40.93
N LEU W 109 -54.78 65.18 41.36
CA LEU W 109 -53.48 65.28 40.72
C LEU W 109 -52.42 64.69 41.64
N PRO W 110 -51.85 63.54 41.33
CA PRO W 110 -50.82 62.97 42.19
C PRO W 110 -49.44 63.57 41.96
N GLN W 111 -48.69 63.67 43.07
CA GLN W 111 -47.34 64.23 43.08
C GLN W 111 -46.51 63.39 44.04
N SER W 112 -45.28 63.06 43.64
CA SER W 112 -44.42 62.25 44.50
C SER W 112 -42.97 62.72 44.41
N CYS W 113 -42.26 62.63 45.53
CA CYS W 113 -40.89 63.10 45.62
C CYS W 113 -40.12 62.25 46.63
N SER W 114 -38.90 61.86 46.28
CA SER W 114 -38.12 60.94 47.10
C SER W 114 -36.67 61.39 47.18
N ILE W 115 -36.10 61.27 48.38
CA ILE W 115 -34.71 61.63 48.65
C ILE W 115 -34.01 60.44 49.30
N ARG W 116 -32.89 60.02 48.73
CA ARG W 116 -32.07 58.94 49.26
C ARG W 116 -30.68 59.49 49.57
N LEU W 117 -30.26 59.36 50.82
CA LEU W 117 -28.96 59.83 51.26
C LEU W 117 -28.17 58.66 51.80
N ALA W 118 -26.96 58.45 51.28
CA ALA W 118 -26.13 57.30 51.62
C ALA W 118 -24.71 57.79 51.83
N SER W 119 -24.29 57.84 53.08
CA SER W 119 -23.01 58.39 53.44
C SER W 119 -22.11 57.28 53.98
N THR W 120 -20.81 57.41 53.76
CA THR W 120 -19.87 56.67 54.60
C THR W 120 -19.62 57.50 55.84
N VAL W 121 -19.49 56.83 56.98
CA VAL W 121 -19.38 57.49 58.26
C VAL W 121 -18.24 56.87 59.04
N THR W 122 -17.37 57.72 59.56
CA THR W 122 -16.33 57.40 60.52
C THR W 122 -16.52 58.30 61.74
N LYS W 123 -15.67 58.10 62.74
CA LYS W 123 -15.84 58.82 64.00
C LYS W 123 -15.84 60.34 63.82
N GLU W 124 -15.23 60.84 62.74
CA GLU W 124 -15.13 62.28 62.51
C GLU W 124 -16.22 62.83 61.59
N THR W 125 -17.06 61.97 61.03
CA THR W 125 -18.22 62.44 60.28
C THR W 125 -19.23 63.07 61.22
N THR W 126 -19.64 64.31 60.93
CA THR W 126 -20.61 65.00 61.78
C THR W 126 -21.97 65.09 61.11
N ALA W 127 -22.96 65.36 61.96
CA ALA W 127 -24.33 65.57 61.48
C ALA W 127 -24.37 66.65 60.41
N ALA W 128 -23.72 67.78 60.69
CA ALA W 128 -23.74 68.90 59.75
C ALA W 128 -22.95 68.58 58.48
N ASP W 129 -21.88 67.78 58.58
CA ASP W 129 -21.19 67.32 57.37
C ASP W 129 -22.16 66.56 56.47
N ILE W 130 -22.94 65.66 57.05
CA ILE W 130 -23.86 64.90 56.21
C ILE W 130 -25.00 65.76 55.71
N ALA W 131 -25.45 66.74 56.51
CA ALA W 131 -26.45 67.68 56.03
C ALA W 131 -25.94 68.45 54.82
N GLY W 132 -24.63 68.66 54.76
CA GLY W 132 -24.07 69.47 53.68
C GLY W 132 -24.29 68.86 52.31
N ILE W 133 -24.25 67.53 52.22
CA ILE W 133 -24.38 66.92 50.90
C ILE W 133 -25.81 67.07 50.37
N VAL W 134 -26.81 67.03 51.26
CA VAL W 134 -28.18 67.29 50.81
C VAL W 134 -28.31 68.72 50.32
N LEU W 135 -27.74 69.67 51.05
CA LEU W 135 -27.81 71.07 50.64
C LEU W 135 -27.06 71.33 49.34
N ARG W 136 -25.98 70.58 49.10
CA ARG W 136 -25.24 70.76 47.85
C ARG W 136 -25.93 70.07 46.68
N THR W 137 -26.63 68.96 46.93
CA THR W 137 -27.47 68.40 45.88
C THR W 137 -28.60 69.36 45.52
N LEU W 138 -29.20 70.00 46.52
CA LEU W 138 -30.29 70.95 46.23
C LEU W 138 -29.78 72.20 45.55
N ALA W 139 -28.58 72.66 45.90
CA ALA W 139 -28.10 73.98 45.50
C ALA W 139 -28.19 74.28 44.00
N PRO W 140 -27.81 73.37 43.09
CA PRO W 140 -27.86 73.75 41.67
C PRO W 140 -29.28 73.85 41.12
N ILE W 141 -30.25 73.15 41.70
CA ILE W 141 -31.64 73.26 41.25
C ILE W 141 -32.29 74.53 41.78
N PHE W 142 -31.95 74.94 43.00
CA PHE W 142 -32.54 76.10 43.66
C PHE W 142 -31.43 77.11 43.97
N PRO W 143 -30.77 77.65 42.94
CA PRO W 143 -29.56 78.44 43.20
C PRO W 143 -29.83 79.75 43.90
N ASN W 144 -31.05 80.26 43.86
CA ASN W 144 -31.47 81.38 44.67
C ASN W 144 -32.45 80.97 45.75
N GLY W 145 -32.46 79.69 46.11
CA GLY W 145 -33.34 79.24 47.16
C GLY W 145 -34.77 79.49 46.76
N SER W 146 -35.59 79.88 47.73
CA SER W 146 -37.00 80.15 47.47
C SER W 146 -37.22 81.39 46.61
N GLY W 147 -36.17 82.07 46.15
CA GLY W 147 -36.36 83.33 45.44
C GLY W 147 -36.96 83.17 44.04
N ASP W 148 -36.30 82.44 43.17
CA ASP W 148 -36.82 82.20 41.83
C ASP W 148 -36.79 80.71 41.54
N TRP W 149 -37.62 80.30 40.59
CA TRP W 149 -37.74 78.89 40.25
C TRP W 149 -37.24 78.60 38.84
N ILE W 150 -36.21 79.32 38.39
CA ILE W 150 -35.86 79.29 36.97
C ILE W 150 -35.29 77.94 36.59
N LYS W 151 -34.33 77.45 37.37
CA LYS W 151 -33.74 76.16 37.05
C LYS W 151 -34.72 75.02 37.28
N LEU W 152 -35.54 75.13 38.32
CA LEU W 152 -36.58 74.12 38.50
C LEU W 152 -37.49 74.05 37.29
N GLN W 153 -37.98 75.21 36.83
CA GLN W 153 -38.90 75.23 35.70
C GLN W 153 -38.25 74.62 34.47
N GLN W 154 -36.97 74.95 34.23
CA GLN W 154 -36.33 74.34 33.07
C GLN W 154 -36.11 72.84 33.25
N LEU W 155 -36.08 72.33 34.49
CA LEU W 155 -36.10 70.88 34.67
C LEU W 155 -37.46 70.29 34.33
N ILE W 156 -38.54 71.01 34.67
CA ILE W 156 -39.87 70.54 34.30
C ILE W 156 -40.06 70.57 32.79
N ASP W 157 -39.36 71.47 32.10
CA ASP W 157 -39.49 71.60 30.65
C ASP W 157 -38.73 70.53 29.89
N GLY W 158 -37.91 69.73 30.57
CA GLY W 158 -37.14 68.68 29.93
C GLY W 158 -35.80 69.15 29.39
N LEU W 159 -35.12 70.02 30.15
CA LEU W 159 -33.86 70.62 29.75
C LEU W 159 -32.81 70.23 30.80
N PRO W 160 -32.29 69.01 30.72
CA PRO W 160 -31.45 68.47 31.81
C PRO W 160 -30.14 69.20 32.02
N ARG W 161 -29.64 69.94 31.03
CA ARG W 161 -28.33 70.58 31.12
C ARG W 161 -28.43 71.81 32.02
N ILE W 162 -27.98 71.65 33.27
CA ILE W 162 -28.14 72.71 34.27
C ILE W 162 -26.89 73.56 34.38
N PHE W 163 -25.71 72.94 34.35
CA PHE W 163 -24.46 73.68 34.29
C PHE W 163 -24.01 73.94 32.86
N GLY W 164 -24.78 73.49 31.86
CA GLY W 164 -24.44 73.70 30.46
C GLY W 164 -24.18 72.45 29.64
N SER X 1 3.35 72.23 53.04
CA SER X 1 4.76 72.59 53.14
C SER X 1 5.58 71.94 52.03
N TYR X 2 5.12 70.78 51.58
CA TYR X 2 5.77 70.05 50.50
C TYR X 2 5.89 70.90 49.24
N THR X 3 7.09 70.92 48.67
CA THR X 3 7.31 71.55 47.37
C THR X 3 7.84 70.51 46.39
N ILE X 4 7.55 70.75 45.12
CA ILE X 4 8.00 69.91 44.02
C ILE X 4 9.13 70.64 43.32
N ASP X 5 10.29 70.00 43.23
CA ASP X 5 11.44 70.52 42.51
C ASP X 5 11.63 69.66 41.26
N ILE X 6 11.59 70.30 40.10
CA ILE X 6 12.05 69.62 38.90
C ILE X 6 13.54 69.37 39.05
N ASN X 7 13.97 68.15 38.78
CA ASN X 7 15.38 67.83 38.92
C ASN X 7 16.09 68.00 37.58
N CYS X 8 15.96 69.19 37.01
CA CYS X 8 16.44 69.43 35.65
C CYS X 8 17.41 70.60 35.61
N SER X 9 18.01 70.79 34.45
CA SER X 9 18.80 71.98 34.13
C SER X 9 17.98 72.92 33.27
N THR X 10 17.81 74.15 33.74
CA THR X 10 17.12 75.20 33.02
C THR X 10 17.96 76.46 32.96
N GLY X 11 17.67 77.28 31.95
CA GLY X 11 18.43 78.48 31.70
C GLY X 11 17.68 79.73 32.13
N ASP X 12 18.31 80.87 31.80
CA ASP X 12 17.73 82.17 32.08
C ASP X 12 16.93 82.72 30.92
N THR X 13 17.26 82.31 29.70
CA THR X 13 16.69 82.90 28.51
C THR X 13 15.33 82.29 28.21
N GLN X 14 14.49 83.06 27.54
CA GLN X 14 13.17 82.58 27.14
C GLN X 14 12.89 83.01 25.71
N ALA X 15 12.00 82.25 25.06
CA ALA X 15 11.67 82.48 23.65
C ALA X 15 10.20 82.16 23.40
N ASN X 16 9.63 82.88 22.43
CA ASN X 16 8.23 82.72 22.07
C ASN X 16 8.11 81.68 20.95
N LEU X 17 7.48 80.54 21.24
CA LEU X 17 6.99 79.62 20.21
C LEU X 17 5.55 80.02 19.92
N VAL X 18 5.31 80.62 18.76
CA VAL X 18 4.06 81.31 18.53
C VAL X 18 3.09 80.40 17.80
N LEU X 19 1.99 80.10 18.49
CA LEU X 19 0.95 79.20 18.03
C LEU X 19 -0.16 79.99 17.35
N THR X 20 -0.62 79.47 16.22
CA THR X 20 -1.79 80.00 15.54
C THR X 20 -2.98 79.12 15.89
N GLU X 21 -4.11 79.76 16.23
CA GLU X 21 -5.23 79.04 16.84
C GLU X 21 -5.87 78.06 15.86
N ILE X 22 -6.41 76.99 16.42
CA ILE X 22 -7.13 75.96 15.66
C ILE X 22 -8.59 76.05 16.06
N PRO X 23 -9.47 76.57 15.21
CA PRO X 23 -10.87 76.76 15.61
C PRO X 23 -11.56 75.43 15.87
N ALA X 24 -12.34 75.40 16.97
CA ALA X 24 -13.00 74.14 17.30
C ALA X 24 -14.21 73.90 16.42
N GLU X 25 -14.92 74.98 16.07
CA GLU X 25 -16.15 74.93 15.28
C GLU X 25 -16.14 73.93 14.13
N PRO X 26 -15.07 73.80 13.32
CA PRO X 26 -15.13 72.87 12.19
C PRO X 26 -14.93 71.39 12.50
N TYR X 27 -14.47 71.02 13.70
CA TYR X 27 -14.13 69.61 13.94
C TYR X 27 -15.38 68.80 14.28
N VAL X 28 -15.35 67.51 13.91
CA VAL X 28 -16.51 66.63 14.08
C VAL X 28 -16.06 65.25 14.54
N HIS X 29 -16.74 64.70 15.54
CA HIS X 29 -16.47 63.35 16.02
C HIS X 29 -16.62 62.31 14.91
N VAL X 30 -15.66 61.40 14.82
CA VAL X 30 -15.68 60.38 13.76
C VAL X 30 -15.63 58.98 14.33
N SER X 31 -14.97 58.81 15.47
CA SER X 31 -14.84 57.47 16.02
C SER X 31 -14.32 57.55 17.45
N GLY X 32 -14.62 56.50 18.21
CA GLY X 32 -14.25 56.38 19.60
C GLY X 32 -15.45 56.55 20.51
N ASP X 33 -15.16 56.57 21.82
CA ASP X 33 -16.15 56.86 22.85
C ASP X 33 -15.80 58.18 23.53
N ASN X 34 -16.83 58.95 23.89
CA ASN X 34 -16.60 60.23 24.56
C ASN X 34 -15.97 60.08 25.93
N LYS X 35 -15.73 58.85 26.40
CA LYS X 35 -15.12 58.59 27.70
C LYS X 35 -13.60 58.48 27.60
N SER X 36 -13.09 57.59 26.75
CA SER X 36 -11.66 57.33 26.68
C SER X 36 -10.97 57.98 25.49
N THR X 37 -11.42 57.69 24.26
CA THR X 37 -10.70 58.07 23.06
C THR X 37 -11.65 58.68 22.04
N ILE X 38 -11.24 59.79 21.42
CA ILE X 38 -12.08 60.54 20.50
C ILE X 38 -11.24 60.99 19.29
N GLU X 39 -11.81 60.89 18.10
CA GLU X 39 -11.10 61.30 16.88
C GLU X 39 -11.93 62.35 16.15
N TYR X 40 -11.43 63.58 16.07
CA TYR X 40 -12.11 64.64 15.35
C TYR X 40 -11.61 64.76 13.91
N LEU X 41 -12.51 65.17 13.04
CA LEU X 41 -12.24 65.43 11.63
C LEU X 41 -12.44 66.91 11.34
N ASP X 42 -11.43 67.53 10.76
CA ASP X 42 -11.51 68.92 10.29
C ASP X 42 -12.34 68.95 9.01
N THR X 43 -13.60 69.35 9.13
CA THR X 43 -14.44 69.57 7.96
C THR X 43 -14.01 70.76 7.12
N GLY X 44 -12.97 71.49 7.55
CA GLY X 44 -12.47 72.60 6.78
C GLY X 44 -11.50 72.17 5.69
N SER X 45 -11.65 70.95 5.22
CA SER X 45 -10.75 70.37 4.24
C SER X 45 -11.49 70.09 2.93
N ASP X 46 -10.76 69.53 1.98
CA ASP X 46 -11.31 69.23 0.67
C ASP X 46 -12.35 68.12 0.78
N ASN X 47 -13.47 68.27 0.04
CA ASN X 47 -14.45 67.19 -0.05
C ASN X 47 -13.90 66.00 -0.81
N SER X 48 -13.14 66.25 -1.88
CA SER X 48 -12.93 65.31 -2.97
C SER X 48 -11.79 64.32 -2.72
N LEU X 49 -11.28 64.27 -1.49
CA LEU X 49 -10.23 63.34 -1.12
C LEU X 49 -10.77 62.29 -0.16
N LEU X 50 -10.27 61.07 -0.29
CA LEU X 50 -10.61 60.04 0.69
C LEU X 50 -9.90 60.29 2.01
N VAL X 51 -8.89 61.15 2.04
CA VAL X 51 -8.18 61.51 3.27
C VAL X 51 -8.52 62.94 3.62
N ARG X 52 -8.73 63.18 4.90
CA ARG X 52 -9.00 64.52 5.41
C ARG X 52 -8.36 64.66 6.78
N PRO X 53 -7.97 65.87 7.15
CA PRO X 53 -7.20 66.08 8.39
C PRO X 53 -8.01 65.74 9.62
N THR X 54 -7.36 65.05 10.54
CA THR X 54 -8.01 64.50 11.72
C THR X 54 -7.05 64.58 12.89
N GLN X 55 -7.55 65.06 14.03
CA GLN X 55 -6.76 65.05 15.25
C GLN X 55 -7.46 64.24 16.32
N GLN X 56 -6.71 63.37 16.97
CA GLN X 56 -7.25 62.42 17.93
C GLN X 56 -6.72 62.74 19.32
N PHE X 57 -7.57 62.53 20.32
CA PHE X 57 -7.22 62.70 21.73
C PHE X 57 -7.59 61.44 22.51
N ASN X 58 -6.78 61.11 23.50
CA ASN X 58 -6.86 59.81 24.15
C ASN X 58 -6.26 59.91 25.54
N CYS X 59 -7.08 59.72 26.59
CA CYS X 59 -6.63 59.82 27.98
C CYS X 59 -6.73 58.48 28.69
N VAL X 60 -5.81 58.24 29.63
CA VAL X 60 -5.81 57.07 30.50
C VAL X 60 -5.23 57.44 31.86
N SER X 61 -5.45 56.58 32.85
CA SER X 61 -5.02 56.84 34.21
C SER X 61 -4.86 55.52 34.95
N SER X 62 -3.95 55.51 35.93
CA SER X 62 -3.60 54.29 36.63
C SER X 62 -3.26 54.58 38.08
N GLN X 63 -3.61 53.62 38.95
CA GLN X 63 -3.34 53.68 40.38
C GLN X 63 -1.93 53.19 40.72
N TYR X 64 -1.14 52.80 39.72
CA TYR X 64 0.17 52.20 39.93
C TYR X 64 1.22 53.02 39.17
N PRO X 65 1.51 54.23 39.65
CA PRO X 65 2.30 55.16 38.83
C PRO X 65 3.75 54.75 38.67
N TYR X 66 4.24 53.84 39.50
CA TYR X 66 5.63 53.41 39.48
C TYR X 66 5.82 52.07 38.78
N ARG X 67 4.85 51.65 37.95
CA ARG X 67 4.87 50.29 37.42
C ARG X 67 6.09 50.04 36.55
N ASN X 68 6.43 51.01 35.69
CA ASN X 68 7.55 50.83 34.79
C ASN X 68 8.85 51.43 35.32
N TYR X 69 8.78 52.22 36.39
CA TYR X 69 9.96 52.87 36.95
C TYR X 69 10.51 52.03 38.10
N SER X 70 11.15 50.92 37.69
CA SER X 70 11.59 49.92 38.66
C SER X 70 12.70 50.44 39.56
N LYS X 71 13.49 51.40 39.10
CA LYS X 71 14.69 51.85 39.80
C LYS X 71 14.42 52.91 40.86
N ILE X 72 13.16 53.14 41.21
CA ILE X 72 12.80 54.00 42.34
C ILE X 72 12.43 53.08 43.51
N PRO X 73 13.09 53.21 44.66
CA PRO X 73 12.73 52.36 45.80
C PRO X 73 11.39 52.75 46.41
N ARG X 74 10.79 51.78 47.11
CA ARG X 74 9.50 52.04 47.75
C ARG X 74 9.62 53.14 48.81
N SER X 75 10.78 53.26 49.46
CA SER X 75 11.00 54.34 50.40
C SER X 75 10.89 55.72 49.76
N GLN X 76 10.91 55.80 48.43
CA GLN X 76 10.82 57.08 47.73
C GLN X 76 9.62 57.15 46.79
N GLN X 77 8.72 56.17 46.86
CA GLN X 77 7.49 56.17 46.06
C GLN X 77 6.34 56.80 46.85
N ASP X 78 5.80 57.90 46.33
CA ASP X 78 4.67 58.59 46.99
C ASP X 78 3.40 57.77 46.87
N PRO X 79 2.88 57.22 47.96
CA PRO X 79 1.73 56.31 47.85
C PRO X 79 0.44 57.02 47.47
N LEU X 80 0.34 58.32 47.74
CA LEU X 80 -0.83 59.08 47.31
C LEU X 80 -0.83 59.30 45.80
N ALA X 81 0.36 59.32 45.19
CA ALA X 81 0.51 59.75 43.81
C ALA X 81 -0.10 58.72 42.85
N VAL X 82 -0.54 59.24 41.69
CA VAL X 82 -1.36 58.52 40.73
C VAL X 82 -0.94 58.93 39.33
N ARG X 83 -0.99 57.99 38.37
CA ARG X 83 -0.53 58.26 37.00
C ARG X 83 -1.66 58.78 36.11
N ARG X 84 -1.42 59.93 35.48
CA ARG X 84 -2.31 60.51 34.48
C ARG X 84 -1.58 60.56 33.15
N GLU X 85 -2.29 60.30 32.05
CA GLU X 85 -1.63 60.29 30.76
C GLU X 85 -2.61 60.70 29.66
N PHE X 86 -2.12 61.43 28.67
CA PHE X 86 -2.88 61.76 27.48
C PHE X 86 -2.00 61.64 26.24
N TYR X 87 -2.67 61.55 25.09
CA TYR X 87 -2.05 61.30 23.80
C TYR X 87 -2.84 62.02 22.74
N THR X 88 -2.16 62.86 21.95
CA THR X 88 -2.79 63.49 20.81
C THR X 88 -2.03 63.08 19.57
N ARG X 89 -2.76 62.89 18.47
CA ARG X 89 -2.16 62.58 17.17
C ARG X 89 -2.90 63.36 16.09
N ARG X 90 -2.20 64.31 15.47
CA ARG X 90 -2.75 65.09 14.38
C ARG X 90 -2.18 64.56 13.08
N VAL X 91 -3.06 64.25 12.15
CA VAL X 91 -2.70 63.88 10.79
C VAL X 91 -3.31 64.95 9.89
N GLU X 92 -2.46 65.63 9.13
CA GLU X 92 -2.98 66.52 8.10
C GLU X 92 -2.40 66.09 6.75
N TYR X 93 -3.21 66.27 5.71
CA TYR X 93 -2.84 65.87 4.35
C TYR X 93 -2.70 67.13 3.50
N TRP X 94 -1.47 67.49 3.14
CA TRP X 94 -1.23 68.68 2.37
C TRP X 94 -1.51 68.43 0.88
N ARG X 95 -1.63 69.53 0.15
CA ARG X 95 -2.07 69.55 -1.23
C ARG X 95 -1.03 70.36 -2.00
N LYS X 96 -0.25 69.72 -2.87
CA LYS X 96 0.72 70.47 -3.66
C LYS X 96 0.25 70.56 -5.10
N ALA X 97 0.37 71.78 -5.65
CA ALA X 97 0.03 72.07 -7.04
C ALA X 97 0.42 73.52 -7.34
N ASP X 98 0.60 73.81 -8.63
CA ASP X 98 0.81 75.17 -9.09
C ASP X 98 -0.41 75.62 -9.89
N ALA X 99 -0.87 76.84 -9.61
CA ALA X 99 -1.99 77.40 -10.36
C ALA X 99 -1.59 77.82 -11.76
N SER X 100 -0.29 78.03 -11.98
CA SER X 100 0.20 78.41 -13.31
C SER X 100 -0.05 77.31 -14.33
N ASN X 101 0.15 76.06 -13.94
CA ASN X 101 0.06 74.91 -14.84
C ASN X 101 -1.00 73.96 -14.30
N VAL X 102 -2.20 73.99 -14.88
CA VAL X 102 -3.25 73.07 -14.46
C VAL X 102 -3.08 71.70 -15.08
N ASP X 103 -2.23 71.58 -16.10
CA ASP X 103 -1.87 70.25 -16.61
C ASP X 103 -1.01 69.50 -15.59
N ALA X 104 -0.21 70.21 -14.81
CA ALA X 104 0.70 69.55 -13.88
C ALA X 104 -0.10 68.89 -12.75
N PRO X 105 0.24 67.66 -12.38
CA PRO X 105 -0.62 66.89 -11.47
C PRO X 105 -0.54 67.41 -10.05
N GLU X 106 -1.64 67.22 -9.31
CA GLU X 106 -1.72 67.61 -7.92
C GLU X 106 -1.42 66.40 -7.05
N TYR X 107 -0.70 66.64 -5.94
CA TYR X 107 -0.29 65.55 -5.08
C TYR X 107 -0.75 65.79 -3.65
N THR X 108 -0.96 64.68 -2.94
CA THR X 108 -1.31 64.68 -1.52
C THR X 108 -0.07 64.28 -0.71
N LEU X 109 0.29 65.14 0.25
CA LEU X 109 1.50 64.95 1.05
C LEU X 109 1.11 64.72 2.50
N PRO X 110 1.11 63.47 2.99
CA PRO X 110 0.72 63.23 4.38
C PRO X 110 1.79 63.62 5.40
N GLN X 111 1.31 64.18 6.50
CA GLN X 111 2.12 64.67 7.60
C GLN X 111 1.40 64.27 8.88
N SER X 112 2.15 63.85 9.90
CA SER X 112 1.54 63.37 11.14
C SER X 112 2.47 63.65 12.32
N CYS X 113 1.87 63.98 13.45
CA CYS X 113 2.63 64.39 14.63
C CYS X 113 1.86 63.98 15.88
N SER X 114 2.56 63.41 16.85
CA SER X 114 1.90 62.90 18.05
C SER X 114 2.67 63.28 19.30
N ILE X 115 1.91 63.60 20.35
CA ILE X 115 2.46 63.96 21.66
C ILE X 115 1.85 63.05 22.70
N ARG X 116 2.71 62.44 23.52
CA ARG X 116 2.27 61.59 24.62
C ARG X 116 2.84 62.14 25.92
N LEU X 117 1.97 62.54 26.84
CA LEU X 117 2.38 63.05 28.14
C LEU X 117 1.87 62.11 29.22
N ALA X 118 2.78 61.60 30.04
CA ALA X 118 2.44 60.75 31.17
C ALA X 118 3.11 61.35 32.41
N SER X 119 2.31 61.85 33.33
CA SER X 119 2.79 62.45 34.57
C SER X 119 2.38 61.59 35.75
N THR X 120 3.21 61.57 36.80
CA THR X 120 2.70 61.14 38.09
C THR X 120 2.25 62.40 38.85
N VAL X 121 0.97 62.47 39.14
CA VAL X 121 0.36 63.60 39.83
C VAL X 121 0.27 63.25 41.30
N THR X 122 0.54 64.23 42.15
CA THR X 122 0.26 64.16 43.58
C THR X 122 -0.50 65.43 43.96
N LYS X 123 -0.82 65.55 45.26
CA LYS X 123 -1.64 66.67 45.72
C LYS X 123 -1.06 68.02 45.29
N GLU X 124 0.27 68.13 45.29
CA GLU X 124 0.95 69.39 45.04
C GLU X 124 1.30 69.59 43.56
N THR X 125 1.13 68.56 42.73
CA THR X 125 1.36 68.70 41.30
C THR X 125 0.33 69.65 40.70
N THR X 126 0.79 70.68 39.99
CA THR X 126 -0.08 71.70 39.46
C THR X 126 -0.18 71.63 37.93
N ALA X 127 -1.19 72.35 37.42
CA ALA X 127 -1.34 72.53 35.99
C ALA X 127 -0.03 73.00 35.36
N ALA X 128 0.51 74.09 35.90
CA ALA X 128 1.73 74.68 35.34
C ALA X 128 2.91 73.72 35.43
N ASP X 129 3.02 72.97 36.53
CA ASP X 129 4.08 71.97 36.64
C ASP X 129 3.99 70.95 35.52
N ILE X 130 2.77 70.51 35.19
CA ILE X 130 2.67 69.50 34.14
C ILE X 130 2.91 70.12 32.76
N ALA X 131 2.51 71.38 32.57
CA ALA X 131 2.87 72.06 31.33
C ALA X 131 4.37 72.19 31.16
N GLY X 132 5.08 72.37 32.28
CA GLY X 132 6.51 72.57 32.21
C GLY X 132 7.25 71.44 31.50
N ILE X 133 6.79 70.20 31.66
CA ILE X 133 7.53 69.11 31.05
C ILE X 133 7.37 69.12 29.53
N VAL X 134 6.17 69.47 29.05
CA VAL X 134 6.00 69.65 27.61
C VAL X 134 6.90 70.77 27.10
N LEU X 135 6.94 71.89 27.83
CA LEU X 135 7.75 73.01 27.39
C LEU X 135 9.24 72.66 27.36
N ARG X 136 9.72 71.94 28.37
CA ARG X 136 11.13 71.54 28.40
C ARG X 136 11.44 70.42 27.41
N THR X 137 10.43 69.66 27.00
CA THR X 137 10.63 68.70 25.91
C THR X 137 10.78 69.43 24.58
N LEU X 138 10.05 70.53 24.40
CA LEU X 138 10.11 71.28 23.16
C LEU X 138 11.39 72.11 23.06
N ALA X 139 11.82 72.72 24.15
CA ALA X 139 12.91 73.70 24.11
C ALA X 139 14.19 73.20 23.43
N PRO X 140 14.60 71.94 23.53
CA PRO X 140 15.78 71.52 22.77
C PRO X 140 15.58 71.59 21.26
N ILE X 141 14.37 71.33 20.77
CA ILE X 141 14.08 71.40 19.34
C ILE X 141 13.86 72.84 18.88
N PHE X 142 13.34 73.71 19.75
CA PHE X 142 13.03 75.10 19.39
C PHE X 142 13.79 76.03 20.32
N PRO X 143 15.11 76.09 20.21
CA PRO X 143 15.88 76.89 21.18
C PRO X 143 15.58 78.37 21.10
N ASN X 144 15.07 78.86 19.96
CA ASN X 144 14.66 80.25 19.82
C ASN X 144 13.18 80.37 19.51
N GLY X 145 12.42 79.30 19.73
CA GLY X 145 10.98 79.36 19.53
C GLY X 145 10.72 79.50 18.05
N SER X 146 9.81 80.40 17.68
CA SER X 146 9.53 80.62 16.27
C SER X 146 10.65 81.37 15.56
N GLY X 147 11.65 81.87 16.27
CA GLY X 147 12.64 82.77 15.68
C GLY X 147 13.43 82.14 14.53
N ASP X 148 13.80 80.87 14.66
CA ASP X 148 14.49 80.11 13.61
C ASP X 148 14.03 78.67 13.71
N TRP X 149 14.41 77.87 12.71
CA TRP X 149 14.03 76.46 12.71
C TRP X 149 15.24 75.54 12.62
N ILE X 150 16.40 75.99 13.12
CA ILE X 150 17.64 75.34 12.75
C ILE X 150 17.73 73.93 13.31
N LYS X 151 17.40 73.78 14.60
CA LYS X 151 17.51 72.46 15.20
C LYS X 151 16.44 71.51 14.65
N LEU X 152 15.26 72.04 14.37
CA LEU X 152 14.24 71.21 13.73
C LEU X 152 14.71 70.73 12.37
N GLN X 153 15.33 71.62 11.60
CA GLN X 153 15.87 71.25 10.30
C GLN X 153 16.91 70.15 10.44
N GLN X 154 17.76 70.23 11.47
CA GLN X 154 18.72 69.15 11.71
C GLN X 154 18.01 67.83 11.97
N LEU X 155 16.95 67.87 12.78
CA LEU X 155 16.19 66.65 13.05
C LEU X 155 15.64 66.04 11.76
N ILE X 156 15.09 66.88 10.90
CA ILE X 156 14.56 66.37 9.63
C ILE X 156 15.69 65.83 8.76
N ASP X 157 16.80 66.56 8.68
CA ASP X 157 17.98 66.13 7.93
C ASP X 157 18.54 64.81 8.44
N GLY X 158 18.20 64.43 9.66
CA GLY X 158 18.59 63.15 10.21
C GLY X 158 19.74 63.20 11.20
N LEU X 159 19.96 64.34 11.85
CA LEU X 159 21.13 64.59 12.68
C LEU X 159 20.73 64.63 14.15
N PRO X 160 20.68 63.47 14.83
CA PRO X 160 20.02 63.41 16.14
C PRO X 160 20.82 64.05 17.27
N ARG X 161 22.09 64.33 17.07
CA ARG X 161 22.93 64.94 18.11
C ARG X 161 22.56 66.42 18.24
N ILE X 162 21.57 66.67 19.10
CA ILE X 162 21.06 68.04 19.29
C ILE X 162 21.82 68.77 20.39
N PHE X 163 22.28 68.06 21.41
CA PHE X 163 23.09 68.66 22.46
C PHE X 163 24.57 68.52 22.17
N GLY X 164 24.92 68.21 20.93
CA GLY X 164 26.30 67.99 20.56
C GLY X 164 26.69 66.52 20.65
N SER Y 1 -26.37 -120.01 -131.74
CA SER Y 1 -25.82 -118.70 -131.39
C SER Y 1 -26.79 -117.97 -130.47
N TYR Y 2 -26.26 -117.45 -129.37
CA TYR Y 2 -27.08 -116.94 -128.27
C TYR Y 2 -28.00 -115.82 -128.74
N THR Y 3 -29.25 -115.85 -128.27
CA THR Y 3 -30.20 -114.75 -128.43
C THR Y 3 -30.69 -114.29 -127.07
N ILE Y 4 -31.11 -113.03 -127.01
CA ILE Y 4 -31.57 -112.39 -125.79
C ILE Y 4 -33.09 -112.24 -125.85
N ASP Y 5 -33.78 -112.88 -124.90
CA ASP Y 5 -35.22 -112.77 -124.73
C ASP Y 5 -35.50 -111.76 -123.62
N ILE Y 6 -36.21 -110.68 -123.96
CA ILE Y 6 -36.69 -109.81 -122.89
C ILE Y 6 -37.87 -110.53 -122.25
N ASN Y 7 -37.62 -111.14 -121.10
CA ASN Y 7 -38.67 -111.85 -120.39
C ASN Y 7 -39.65 -110.81 -119.89
N CYS Y 8 -40.76 -110.64 -120.60
CA CYS Y 8 -41.56 -109.43 -120.43
C CYS Y 8 -42.80 -109.52 -121.31
N SER Y 9 -43.79 -108.67 -121.00
CA SER Y 9 -45.02 -108.59 -121.79
C SER Y 9 -45.00 -107.32 -122.64
N THR Y 10 -45.02 -107.49 -123.97
CA THR Y 10 -45.12 -106.39 -124.92
C THR Y 10 -46.42 -106.50 -125.71
N GLY Y 11 -46.78 -105.40 -126.36
CA GLY Y 11 -48.02 -105.30 -127.10
C GLY Y 11 -47.80 -105.04 -128.57
N ASP Y 12 -48.87 -105.05 -129.37
CA ASP Y 12 -48.70 -104.82 -130.80
C ASP Y 12 -48.65 -103.32 -131.14
N THR Y 13 -49.42 -102.52 -130.42
CA THR Y 13 -49.58 -101.11 -130.73
C THR Y 13 -48.31 -100.30 -130.42
N GLN Y 14 -48.14 -99.17 -131.10
CA GLN Y 14 -47.03 -98.28 -130.81
C GLN Y 14 -47.51 -96.84 -130.83
N ALA Y 15 -46.96 -96.04 -129.93
CA ALA Y 15 -47.26 -94.61 -129.85
C ALA Y 15 -45.99 -93.79 -130.04
N ASN Y 16 -46.17 -92.55 -130.46
CA ASN Y 16 -45.08 -91.59 -130.59
C ASN Y 16 -45.04 -90.70 -129.35
N LEU Y 17 -43.93 -90.74 -128.61
CA LEU Y 17 -43.62 -89.73 -127.61
C LEU Y 17 -42.77 -88.68 -128.31
N VAL Y 18 -43.33 -87.50 -128.50
CA VAL Y 18 -42.71 -86.49 -129.35
C VAL Y 18 -41.77 -85.63 -128.51
N LEU Y 19 -40.47 -85.82 -128.72
CA LEU Y 19 -39.45 -85.06 -128.03
C LEU Y 19 -39.09 -83.83 -128.84
N THR Y 20 -38.94 -82.71 -128.16
CA THR Y 20 -38.43 -81.50 -128.78
C THR Y 20 -36.97 -81.36 -128.42
N GLU Y 21 -36.13 -81.10 -129.42
CA GLU Y 21 -34.69 -81.12 -129.21
C GLU Y 21 -34.28 -80.05 -128.20
N ILE Y 22 -33.11 -80.26 -127.60
CA ILE Y 22 -32.51 -79.29 -126.70
C ILE Y 22 -31.15 -78.94 -127.28
N PRO Y 23 -30.94 -77.71 -127.75
CA PRO Y 23 -29.70 -77.39 -128.48
C PRO Y 23 -28.50 -77.43 -127.55
N ALA Y 24 -27.41 -78.03 -128.04
CA ALA Y 24 -26.25 -78.20 -127.19
C ALA Y 24 -25.45 -76.92 -127.02
N GLU Y 25 -25.56 -75.99 -127.98
CA GLU Y 25 -24.76 -74.77 -127.90
C GLU Y 25 -24.94 -74.03 -126.58
N PRO Y 26 -26.15 -73.75 -126.08
CA PRO Y 26 -26.26 -72.93 -124.87
C PRO Y 26 -25.75 -73.61 -123.60
N TYR Y 27 -25.43 -74.91 -123.59
CA TYR Y 27 -25.01 -75.54 -122.34
C TYR Y 27 -23.52 -75.33 -122.11
N VAL Y 28 -23.17 -75.05 -120.85
CA VAL Y 28 -21.80 -74.77 -120.45
C VAL Y 28 -21.37 -75.75 -119.37
N HIS Y 29 -20.26 -76.45 -119.61
CA HIS Y 29 -19.66 -77.31 -118.59
C HIS Y 29 -19.32 -76.51 -117.35
N VAL Y 30 -19.77 -77.00 -116.20
CA VAL Y 30 -19.63 -76.28 -114.94
C VAL Y 30 -18.75 -77.04 -113.95
N SER Y 31 -19.04 -78.33 -113.74
CA SER Y 31 -18.34 -79.11 -112.74
C SER Y 31 -18.24 -80.56 -113.19
N GLY Y 32 -17.17 -81.20 -112.78
CA GLY Y 32 -17.11 -82.66 -112.76
C GLY Y 32 -16.15 -83.29 -113.75
N ASP Y 33 -15.54 -84.41 -113.33
CA ASP Y 33 -14.71 -85.26 -114.18
C ASP Y 33 -15.60 -86.19 -115.01
N ASN Y 34 -14.95 -87.07 -115.79
CA ASN Y 34 -15.63 -88.31 -116.15
C ASN Y 34 -15.75 -89.22 -114.93
N LYS Y 35 -14.78 -89.14 -114.01
CA LYS Y 35 -14.83 -89.91 -112.77
C LYS Y 35 -15.89 -89.36 -111.81
N SER Y 36 -16.19 -88.07 -111.90
CA SER Y 36 -17.23 -87.44 -111.11
C SER Y 36 -18.49 -87.32 -111.98
N THR Y 37 -19.47 -86.55 -111.52
CA THR Y 37 -20.67 -86.27 -112.30
C THR Y 37 -20.52 -84.97 -113.10
N ILE Y 38 -20.71 -85.05 -114.43
CA ILE Y 38 -20.65 -83.87 -115.30
C ILE Y 38 -21.90 -83.02 -115.09
N GLU Y 39 -21.72 -81.69 -115.05
CA GLU Y 39 -22.82 -80.77 -114.82
C GLU Y 39 -22.80 -79.67 -115.86
N TYR Y 40 -23.94 -79.41 -116.49
CA TYR Y 40 -24.06 -78.33 -117.45
C TYR Y 40 -25.10 -77.32 -116.99
N LEU Y 41 -24.81 -76.06 -117.32
CA LEU Y 41 -25.71 -74.92 -117.11
C LEU Y 41 -26.33 -74.51 -118.43
N ASP Y 42 -27.66 -74.39 -118.47
CA ASP Y 42 -28.38 -73.87 -119.63
C ASP Y 42 -28.32 -72.35 -119.55
N THR Y 43 -27.44 -71.72 -120.34
CA THR Y 43 -27.23 -70.28 -120.30
C THR Y 43 -28.30 -69.53 -121.06
N GLY Y 44 -29.22 -70.22 -121.71
CA GLY Y 44 -30.35 -69.57 -122.33
C GLY Y 44 -31.49 -69.46 -121.34
N SER Y 45 -31.23 -68.84 -120.19
CA SER Y 45 -32.20 -68.65 -119.14
C SER Y 45 -32.19 -67.20 -118.67
N ASP Y 46 -33.15 -66.86 -117.82
CA ASP Y 46 -33.18 -65.52 -117.28
C ASP Y 46 -31.97 -65.32 -116.38
N ASN Y 47 -31.06 -64.45 -116.83
CA ASN Y 47 -29.87 -64.10 -116.09
C ASN Y 47 -30.22 -63.48 -114.74
N SER Y 48 -31.37 -62.79 -114.65
CA SER Y 48 -31.74 -62.04 -113.46
C SER Y 48 -32.24 -62.93 -112.33
N LEU Y 49 -32.15 -64.24 -112.48
CA LEU Y 49 -32.37 -65.19 -111.39
C LEU Y 49 -31.03 -65.75 -110.94
N LEU Y 50 -30.89 -65.98 -109.64
CA LEU Y 50 -29.71 -66.63 -109.13
C LEU Y 50 -29.77 -68.15 -109.26
N VAL Y 51 -30.91 -68.69 -109.66
CA VAL Y 51 -31.04 -70.10 -110.00
C VAL Y 51 -31.25 -70.21 -111.49
N ARG Y 52 -30.58 -71.18 -112.10
CA ARG Y 52 -30.63 -71.35 -113.53
C ARG Y 52 -30.69 -72.83 -113.85
N PRO Y 53 -31.23 -73.20 -115.01
CA PRO Y 53 -31.45 -74.61 -115.32
C PRO Y 53 -30.15 -75.35 -115.55
N THR Y 54 -30.05 -76.54 -114.96
CA THR Y 54 -28.87 -77.37 -115.09
C THR Y 54 -29.28 -78.81 -115.39
N GLN Y 55 -28.53 -79.47 -116.25
CA GLN Y 55 -28.67 -80.92 -116.36
C GLN Y 55 -27.32 -81.60 -116.15
N GLN Y 56 -27.33 -82.71 -115.41
CA GLN Y 56 -26.10 -83.41 -115.10
C GLN Y 56 -26.17 -84.87 -115.54
N PHE Y 57 -25.00 -85.40 -115.88
CA PHE Y 57 -24.82 -86.74 -116.41
C PHE Y 57 -23.68 -87.43 -115.66
N ASN Y 58 -23.98 -88.59 -115.08
CA ASN Y 58 -23.02 -89.44 -114.39
C ASN Y 58 -23.13 -90.84 -114.97
N CYS Y 59 -22.01 -91.53 -115.12
CA CYS Y 59 -22.11 -92.94 -115.49
C CYS Y 59 -20.96 -93.72 -114.88
N VAL Y 60 -21.28 -94.96 -114.48
CA VAL Y 60 -20.35 -95.84 -113.76
C VAL Y 60 -20.58 -97.28 -114.22
N SER Y 61 -19.53 -98.09 -114.07
CA SER Y 61 -19.52 -99.44 -114.62
C SER Y 61 -18.83 -100.36 -113.62
N SER Y 62 -19.29 -101.62 -113.58
CA SER Y 62 -18.72 -102.60 -112.67
C SER Y 62 -18.65 -103.98 -113.30
N GLN Y 63 -17.62 -104.73 -112.89
CA GLN Y 63 -17.42 -106.09 -113.36
C GLN Y 63 -18.28 -107.10 -112.61
N TYR Y 64 -19.08 -106.64 -111.64
CA TYR Y 64 -19.84 -107.52 -110.76
C TYR Y 64 -21.33 -107.20 -110.90
N PRO Y 65 -21.94 -107.61 -112.01
CA PRO Y 65 -23.26 -107.08 -112.36
C PRO Y 65 -24.39 -107.65 -111.52
N TYR Y 66 -24.15 -108.76 -110.81
CA TYR Y 66 -25.16 -109.42 -110.01
C TYR Y 66 -25.12 -109.01 -108.55
N ARG Y 67 -24.40 -107.93 -108.22
CA ARG Y 67 -24.18 -107.60 -106.80
C ARG Y 67 -25.49 -107.24 -106.11
N ASN Y 68 -26.38 -106.52 -106.79
CA ASN Y 68 -27.62 -106.08 -106.17
C ASN Y 68 -28.72 -107.13 -106.24
N TYR Y 69 -28.63 -108.08 -107.15
CA TYR Y 69 -29.69 -109.04 -107.38
C TYR Y 69 -29.34 -110.34 -106.66
N SER Y 70 -30.18 -110.72 -105.71
CA SER Y 70 -29.83 -111.79 -104.79
C SER Y 70 -30.31 -113.16 -105.24
N LYS Y 71 -31.46 -113.24 -105.92
CA LYS Y 71 -32.10 -114.53 -106.16
C LYS Y 71 -31.78 -115.10 -107.53
N ILE Y 72 -30.64 -114.74 -108.11
CA ILE Y 72 -30.17 -115.31 -109.36
C ILE Y 72 -29.07 -116.30 -109.05
N PRO Y 73 -29.24 -117.59 -109.36
CA PRO Y 73 -28.19 -118.58 -109.08
C PRO Y 73 -26.94 -118.36 -109.90
N ARG Y 74 -25.80 -118.80 -109.36
CA ARG Y 74 -24.55 -118.68 -110.08
C ARG Y 74 -24.59 -119.43 -111.41
N SER Y 75 -25.27 -120.58 -111.43
CA SER Y 75 -25.41 -121.35 -112.66
C SER Y 75 -26.13 -120.58 -113.76
N GLN Y 76 -26.75 -119.44 -113.43
CA GLN Y 76 -27.44 -118.60 -114.40
C GLN Y 76 -26.78 -117.24 -114.57
N GLN Y 77 -25.62 -117.02 -113.95
CA GLN Y 77 -24.92 -115.74 -114.04
C GLN Y 77 -23.88 -115.79 -115.17
N ASP Y 78 -24.05 -114.92 -116.17
CA ASP Y 78 -23.13 -114.86 -117.31
C ASP Y 78 -21.78 -114.31 -116.88
N PRO Y 79 -20.70 -115.11 -116.94
CA PRO Y 79 -19.41 -114.63 -116.42
C PRO Y 79 -18.81 -113.52 -117.26
N LEU Y 80 -19.27 -113.33 -118.49
CA LEU Y 80 -18.83 -112.25 -119.34
C LEU Y 80 -19.68 -111.00 -119.19
N ALA Y 81 -20.75 -111.06 -118.41
CA ALA Y 81 -21.64 -109.92 -118.28
C ALA Y 81 -21.00 -108.84 -117.45
N VAL Y 82 -21.34 -107.59 -117.78
CA VAL Y 82 -20.82 -106.41 -117.10
C VAL Y 82 -21.99 -105.50 -116.79
N ARG Y 83 -21.83 -104.64 -115.79
CA ARG Y 83 -22.87 -103.70 -115.38
C ARG Y 83 -22.52 -102.32 -115.92
N ARG Y 84 -23.41 -101.74 -116.72
CA ARG Y 84 -23.25 -100.39 -117.24
C ARG Y 84 -24.39 -99.56 -116.69
N GLU Y 85 -24.08 -98.42 -116.09
CA GLU Y 85 -25.09 -97.59 -115.43
C GLU Y 85 -24.88 -96.14 -115.84
N PHE Y 86 -25.97 -95.42 -116.04
CA PHE Y 86 -25.91 -93.97 -116.24
C PHE Y 86 -27.10 -93.30 -115.56
N TYR Y 87 -26.95 -92.02 -115.30
CA TYR Y 87 -27.86 -91.26 -114.46
C TYR Y 87 -27.87 -89.82 -114.90
N THR Y 88 -29.04 -89.30 -115.24
CA THR Y 88 -29.17 -87.90 -115.60
C THR Y 88 -30.17 -87.25 -114.65
N ARG Y 89 -29.91 -85.99 -114.30
CA ARG Y 89 -30.83 -85.19 -113.49
C ARG Y 89 -30.92 -83.80 -114.07
N ARG Y 90 -32.11 -83.43 -114.53
CA ARG Y 90 -32.39 -82.12 -115.07
C ARG Y 90 -33.22 -81.35 -114.06
N VAL Y 91 -32.75 -80.17 -113.68
CA VAL Y 91 -33.50 -79.23 -112.87
C VAL Y 91 -33.75 -78.01 -113.75
N GLU Y 92 -35.02 -77.67 -113.93
CA GLU Y 92 -35.37 -76.39 -114.52
C GLU Y 92 -36.13 -75.55 -113.49
N TYR Y 93 -36.14 -74.25 -113.75
CA TYR Y 93 -36.73 -73.27 -112.84
C TYR Y 93 -37.72 -72.43 -113.63
N TRP Y 94 -39.01 -72.75 -113.53
CA TRP Y 94 -40.02 -72.03 -114.26
C TRP Y 94 -40.28 -70.67 -113.61
N ARG Y 95 -40.95 -69.79 -114.36
CA ARG Y 95 -41.25 -68.45 -113.89
C ARG Y 95 -42.71 -68.18 -114.19
N LYS Y 96 -43.50 -67.84 -113.18
CA LYS Y 96 -44.89 -67.45 -113.37
C LYS Y 96 -45.03 -65.95 -113.17
N ALA Y 97 -45.69 -65.30 -114.15
CA ALA Y 97 -46.02 -63.87 -114.08
C ALA Y 97 -47.12 -63.57 -115.09
N ASP Y 98 -47.65 -62.35 -115.05
CA ASP Y 98 -48.55 -61.94 -116.12
C ASP Y 98 -48.23 -60.54 -116.61
N ALA Y 99 -48.18 -60.38 -117.93
CA ALA Y 99 -47.97 -59.06 -118.52
C ALA Y 99 -49.16 -58.14 -118.30
N SER Y 100 -50.30 -58.68 -117.88
CA SER Y 100 -51.50 -57.88 -117.64
C SER Y 100 -51.33 -56.96 -116.44
N ASN Y 101 -50.51 -57.34 -115.47
CA ASN Y 101 -50.44 -56.65 -114.20
C ASN Y 101 -48.96 -56.46 -113.81
N VAL Y 102 -48.43 -55.26 -114.05
CA VAL Y 102 -47.07 -54.97 -113.62
C VAL Y 102 -46.97 -54.95 -112.10
N ASP Y 103 -48.10 -54.79 -111.41
CA ASP Y 103 -48.13 -54.68 -109.95
C ASP Y 103 -48.12 -56.04 -109.25
N ALA Y 104 -48.35 -57.14 -109.98
CA ALA Y 104 -48.48 -58.43 -109.32
C ALA Y 104 -47.15 -59.18 -109.33
N PRO Y 105 -46.83 -59.89 -108.24
CA PRO Y 105 -45.47 -60.42 -108.07
C PRO Y 105 -45.21 -61.59 -109.00
N GLU Y 106 -43.93 -61.80 -109.28
CA GLU Y 106 -43.47 -62.94 -110.06
C GLU Y 106 -42.95 -64.01 -109.11
N TYR Y 107 -43.13 -65.27 -109.51
CA TYR Y 107 -42.65 -66.38 -108.70
C TYR Y 107 -41.81 -67.32 -109.56
N THR Y 108 -40.81 -67.94 -108.94
CA THR Y 108 -40.01 -68.96 -109.61
C THR Y 108 -40.35 -70.34 -109.02
N LEU Y 109 -40.65 -71.29 -109.90
CA LEU Y 109 -41.18 -72.60 -109.55
C LEU Y 109 -40.21 -73.71 -109.91
N PRO Y 110 -39.61 -74.40 -108.94
CA PRO Y 110 -38.62 -75.44 -109.27
C PRO Y 110 -39.23 -76.78 -109.68
N GLN Y 111 -38.56 -77.39 -110.67
CA GLN Y 111 -38.95 -78.67 -111.22
C GLN Y 111 -37.69 -79.51 -111.41
N SER Y 112 -37.77 -80.80 -111.09
CA SER Y 112 -36.64 -81.69 -111.26
C SER Y 112 -37.09 -83.07 -111.74
N CYS Y 113 -36.26 -83.69 -112.58
CA CYS Y 113 -36.56 -85.01 -113.11
C CYS Y 113 -35.27 -85.77 -113.31
N SER Y 114 -35.24 -87.02 -112.87
CA SER Y 114 -34.01 -87.80 -112.90
C SER Y 114 -34.28 -89.22 -113.37
N ILE Y 115 -33.44 -89.69 -114.30
CA ILE Y 115 -33.53 -91.03 -114.87
C ILE Y 115 -32.23 -91.76 -114.61
N ARG Y 116 -32.34 -92.95 -114.00
CA ARG Y 116 -31.20 -93.85 -113.78
C ARG Y 116 -31.47 -95.16 -114.50
N LEU Y 117 -30.42 -95.70 -115.14
CA LEU Y 117 -30.50 -96.93 -115.91
C LEU Y 117 -29.26 -97.76 -115.65
N ALA Y 118 -29.45 -99.01 -115.22
CA ALA Y 118 -28.36 -99.95 -115.02
C ALA Y 118 -28.72 -101.23 -115.76
N SER Y 119 -28.01 -101.49 -116.86
CA SER Y 119 -28.20 -102.68 -117.66
C SER Y 119 -27.07 -103.68 -117.42
N THR Y 120 -27.42 -104.96 -117.44
CA THR Y 120 -26.41 -105.99 -117.59
C THR Y 120 -26.13 -106.16 -119.08
N VAL Y 121 -24.88 -105.91 -119.49
CA VAL Y 121 -24.49 -105.94 -120.90
C VAL Y 121 -23.55 -107.10 -121.14
N THR Y 122 -23.86 -107.89 -122.16
CA THR Y 122 -23.04 -108.99 -122.64
C THR Y 122 -22.83 -108.80 -124.14
N LYS Y 123 -22.09 -109.74 -124.75
CA LYS Y 123 -21.72 -109.63 -126.15
C LYS Y 123 -22.91 -109.31 -127.04
N GLU Y 124 -24.04 -109.98 -126.79
CA GLU Y 124 -25.21 -109.91 -127.64
C GLU Y 124 -26.13 -108.74 -127.32
N THR Y 125 -25.88 -108.03 -126.22
CA THR Y 125 -26.69 -106.89 -125.84
C THR Y 125 -26.37 -105.70 -126.75
N THR Y 126 -27.36 -105.21 -127.49
CA THR Y 126 -27.19 -104.08 -128.39
C THR Y 126 -27.70 -102.78 -127.77
N ALA Y 127 -27.23 -101.67 -128.34
CA ALA Y 127 -27.67 -100.36 -127.87
C ALA Y 127 -29.18 -100.23 -127.96
N ALA Y 128 -29.77 -100.76 -129.03
CA ALA Y 128 -31.23 -100.79 -129.14
C ALA Y 128 -31.85 -101.59 -128.00
N ASP Y 129 -31.28 -102.76 -127.69
CA ASP Y 129 -31.80 -103.57 -126.59
C ASP Y 129 -31.82 -102.77 -125.30
N ILE Y 130 -30.78 -101.97 -125.07
CA ILE Y 130 -30.72 -101.21 -123.82
C ILE Y 130 -31.68 -100.01 -123.87
N ALA Y 131 -31.87 -99.40 -125.03
CA ALA Y 131 -32.89 -98.37 -125.13
C ALA Y 131 -34.27 -98.92 -124.85
N GLY Y 132 -34.49 -100.18 -125.20
CA GLY Y 132 -35.76 -100.82 -124.93
C GLY Y 132 -36.19 -100.71 -123.48
N ILE Y 133 -35.26 -100.83 -122.54
CA ILE Y 133 -35.66 -100.82 -121.14
C ILE Y 133 -36.18 -99.45 -120.73
N VAL Y 134 -35.56 -98.38 -121.22
CA VAL Y 134 -36.08 -97.04 -120.95
C VAL Y 134 -37.44 -96.86 -121.62
N LEU Y 135 -37.59 -97.35 -122.85
CA LEU Y 135 -38.85 -97.18 -123.55
C LEU Y 135 -39.99 -97.93 -122.84
N ARG Y 136 -39.70 -99.12 -122.32
CA ARG Y 136 -40.71 -99.88 -121.60
C ARG Y 136 -40.98 -99.30 -120.21
N THR Y 137 -39.99 -98.67 -119.59
CA THR Y 137 -40.27 -97.97 -118.35
C THR Y 137 -41.20 -96.80 -118.59
N LEU Y 138 -41.00 -96.07 -119.70
CA LEU Y 138 -41.83 -94.90 -119.99
C LEU Y 138 -43.24 -95.30 -120.41
N ALA Y 139 -43.37 -96.38 -121.18
CA ALA Y 139 -44.63 -96.67 -121.85
C ALA Y 139 -45.86 -96.73 -120.94
N PRO Y 140 -45.82 -97.34 -119.75
CA PRO Y 140 -47.04 -97.36 -118.91
C PRO Y 140 -47.56 -95.97 -118.54
N ILE Y 141 -46.67 -95.01 -118.33
CA ILE Y 141 -47.03 -93.65 -117.95
C ILE Y 141 -47.55 -92.87 -119.16
N PHE Y 142 -47.02 -93.15 -120.35
CA PHE Y 142 -47.40 -92.44 -121.57
C PHE Y 142 -47.92 -93.49 -122.56
N PRO Y 143 -49.07 -94.10 -122.28
CA PRO Y 143 -49.53 -95.22 -123.12
C PRO Y 143 -49.96 -94.78 -124.49
N ASN Y 144 -50.20 -93.48 -124.71
CA ASN Y 144 -50.48 -92.94 -126.03
C ASN Y 144 -49.45 -91.90 -126.43
N GLY Y 145 -48.27 -91.93 -125.81
CA GLY Y 145 -47.22 -91.04 -126.24
C GLY Y 145 -47.59 -89.61 -125.91
N SER Y 146 -47.15 -88.69 -126.76
CA SER Y 146 -47.50 -87.29 -126.54
C SER Y 146 -48.99 -87.04 -126.73
N GLY Y 147 -49.78 -88.05 -127.11
CA GLY Y 147 -51.18 -87.82 -127.42
C GLY Y 147 -52.00 -87.30 -126.24
N ASP Y 148 -52.04 -88.06 -125.15
CA ASP Y 148 -52.78 -87.66 -123.97
C ASP Y 148 -51.89 -87.77 -122.74
N TRP Y 149 -52.35 -87.16 -121.65
CA TRP Y 149 -51.56 -87.12 -120.43
C TRP Y 149 -52.31 -87.75 -119.26
N ILE Y 150 -53.17 -88.74 -119.54
CA ILE Y 150 -54.13 -89.16 -118.52
C ILE Y 150 -53.44 -89.87 -117.38
N LYS Y 151 -52.55 -90.82 -117.70
CA LYS Y 151 -51.88 -91.56 -116.64
C LYS Y 151 -50.87 -90.68 -115.91
N LEU Y 152 -50.21 -89.77 -116.64
CA LEU Y 152 -49.32 -88.83 -115.97
C LEU Y 152 -50.10 -87.97 -114.98
N GLN Y 153 -51.26 -87.49 -115.41
CA GLN Y 153 -52.14 -86.71 -114.54
C GLN Y 153 -52.46 -87.49 -113.29
N GLN Y 154 -52.77 -88.78 -113.42
CA GLN Y 154 -53.01 -89.61 -112.24
C GLN Y 154 -51.80 -89.63 -111.31
N LEU Y 155 -50.62 -89.89 -111.88
CA LEU Y 155 -49.42 -89.94 -111.05
C LEU Y 155 -49.24 -88.64 -110.26
N ILE Y 156 -49.54 -87.51 -110.90
CA ILE Y 156 -49.39 -86.22 -110.20
C ILE Y 156 -50.50 -86.06 -109.17
N ASP Y 157 -51.72 -86.47 -109.51
CA ASP Y 157 -52.87 -86.44 -108.60
C ASP Y 157 -52.66 -87.32 -107.38
N GLY Y 158 -51.65 -88.18 -107.39
CA GLY Y 158 -51.35 -89.01 -106.24
C GLY Y 158 -51.92 -90.41 -106.30
N LEU Y 159 -52.22 -90.92 -107.49
CA LEU Y 159 -52.82 -92.24 -107.70
C LEU Y 159 -51.81 -93.16 -108.38
N PRO Y 160 -51.12 -94.02 -107.62
CA PRO Y 160 -49.97 -94.75 -108.18
C PRO Y 160 -50.31 -95.94 -109.05
N ARG Y 161 -51.55 -96.40 -109.09
CA ARG Y 161 -51.84 -97.66 -109.78
C ARG Y 161 -52.08 -97.39 -111.26
N ILE Y 162 -50.98 -97.38 -112.02
CA ILE Y 162 -51.05 -97.23 -113.47
C ILE Y 162 -51.79 -98.41 -114.10
N PHE Y 163 -51.55 -99.61 -113.59
CA PHE Y 163 -52.13 -100.80 -114.19
C PHE Y 163 -53.47 -101.18 -113.57
N GLY Y 164 -53.88 -100.52 -112.50
CA GLY Y 164 -55.16 -100.82 -111.86
C GLY Y 164 -55.07 -101.69 -110.61
N SER Z 1 -54.42 -64.32 -115.13
CA SER Z 1 -53.65 -64.01 -116.33
C SER Z 1 -52.23 -64.52 -116.19
N TYR Z 2 -51.91 -65.06 -115.01
CA TYR Z 2 -50.61 -65.67 -114.76
C TYR Z 2 -50.29 -66.74 -115.79
N THR Z 3 -49.07 -66.68 -116.33
CA THR Z 3 -48.56 -67.66 -117.27
C THR Z 3 -47.26 -68.23 -116.75
N ILE Z 4 -47.07 -69.49 -117.11
CA ILE Z 4 -45.91 -70.29 -116.72
C ILE Z 4 -44.93 -70.31 -117.89
N ASP Z 5 -43.76 -69.73 -117.70
CA ASP Z 5 -42.70 -69.75 -118.69
C ASP Z 5 -41.62 -70.72 -118.21
N ILE Z 6 -41.41 -71.80 -118.96
CA ILE Z 6 -40.23 -72.61 -118.68
C ILE Z 6 -39.00 -71.75 -119.00
N ASN Z 7 -38.01 -71.82 -118.13
CA ASN Z 7 -36.83 -71.00 -118.30
C ASN Z 7 -35.72 -71.79 -118.98
N CYS Z 8 -36.02 -72.37 -120.13
CA CYS Z 8 -35.14 -73.36 -120.74
C CYS Z 8 -34.72 -72.91 -122.13
N SER Z 9 -33.86 -73.72 -122.73
CA SER Z 9 -33.54 -73.61 -124.15
C SER Z 9 -34.25 -74.76 -124.87
N THR Z 10 -35.05 -74.42 -125.87
CA THR Z 10 -35.78 -75.39 -126.67
C THR Z 10 -35.56 -75.10 -128.15
N GLY Z 11 -35.34 -76.17 -128.92
CA GLY Z 11 -35.13 -76.04 -130.35
C GLY Z 11 -36.42 -76.03 -131.14
N ASP Z 12 -36.27 -75.92 -132.46
CA ASP Z 12 -37.39 -75.96 -133.38
C ASP Z 12 -37.65 -77.37 -133.91
N THR Z 13 -36.68 -78.26 -133.82
CA THR Z 13 -36.72 -79.60 -134.38
C THR Z 13 -37.46 -80.54 -133.44
N GLN Z 14 -38.02 -81.63 -133.98
CA GLN Z 14 -38.72 -82.60 -133.14
C GLN Z 14 -38.45 -84.01 -133.63
N ALA Z 15 -38.51 -84.98 -132.72
CA ALA Z 15 -38.24 -86.38 -133.03
C ALA Z 15 -39.26 -87.27 -132.35
N ASN Z 16 -39.46 -88.46 -132.93
CA ASN Z 16 -40.42 -89.44 -132.43
C ASN Z 16 -39.66 -90.52 -131.65
N LEU Z 17 -39.88 -90.59 -130.34
CA LEU Z 17 -39.42 -91.70 -129.52
C LEU Z 17 -40.56 -92.71 -129.48
N VAL Z 18 -40.35 -93.87 -130.09
CA VAL Z 18 -41.45 -94.79 -130.37
C VAL Z 18 -41.61 -95.77 -129.22
N LEU Z 19 -42.69 -95.61 -128.46
CA LEU Z 19 -42.98 -96.48 -127.34
C LEU Z 19 -43.83 -97.65 -127.82
N THR Z 20 -43.48 -98.85 -127.41
CA THR Z 20 -44.32 -100.01 -127.63
C THR Z 20 -45.13 -100.28 -126.37
N GLU Z 21 -46.41 -100.58 -126.56
CA GLU Z 21 -47.34 -100.59 -125.44
C GLU Z 21 -47.02 -101.73 -124.48
N ILE Z 22 -47.38 -101.53 -123.22
CA ILE Z 22 -47.24 -102.57 -122.21
C ILE Z 22 -48.62 -102.85 -121.64
N PRO Z 23 -49.19 -104.04 -121.89
CA PRO Z 23 -50.58 -104.30 -121.49
C PRO Z 23 -50.72 -104.46 -119.98
N ALA Z 24 -51.88 -104.03 -119.47
CA ALA Z 24 -52.09 -104.14 -118.03
C ALA Z 24 -52.60 -105.51 -117.63
N GLU Z 25 -53.26 -106.21 -118.55
CA GLU Z 25 -53.81 -107.53 -118.24
C GLU Z 25 -52.80 -108.49 -117.63
N PRO Z 26 -51.55 -108.59 -118.12
CA PRO Z 26 -50.61 -109.53 -117.49
C PRO Z 26 -50.11 -109.10 -116.10
N TYR Z 27 -50.40 -107.88 -115.63
CA TYR Z 27 -49.79 -107.41 -114.40
C TYR Z 27 -50.65 -107.75 -113.18
N VAL Z 28 -49.96 -108.01 -112.05
CA VAL Z 28 -50.59 -108.52 -110.82
C VAL Z 28 -50.11 -107.70 -109.62
N HIS Z 29 -51.04 -107.42 -108.70
CA HIS Z 29 -50.70 -106.79 -107.43
C HIS Z 29 -49.72 -107.63 -106.64
N VAL Z 30 -48.72 -106.96 -106.04
CA VAL Z 30 -47.72 -107.61 -105.21
C VAL Z 30 -47.72 -107.05 -103.79
N SER Z 31 -47.56 -105.73 -103.66
CA SER Z 31 -47.57 -105.08 -102.36
C SER Z 31 -48.30 -103.76 -102.47
N GLY Z 32 -48.78 -103.28 -101.31
CA GLY Z 32 -49.41 -101.97 -101.19
C GLY Z 32 -50.57 -101.74 -102.15
N ASP Z 33 -51.62 -102.54 -102.04
CA ASP Z 33 -52.70 -102.50 -103.02
C ASP Z 33 -53.41 -101.15 -103.03
N ASN Z 34 -53.75 -100.64 -101.86
CA ASN Z 34 -54.46 -99.37 -101.75
C ASN Z 34 -53.54 -98.19 -101.51
N LYS Z 35 -52.29 -98.42 -101.12
CA LYS Z 35 -51.45 -97.38 -100.55
C LYS Z 35 -50.79 -96.53 -101.65
N SER Z 36 -50.06 -95.50 -101.22
CA SER Z 36 -49.41 -94.57 -102.14
C SER Z 36 -48.24 -95.19 -102.89
N THR Z 37 -47.87 -96.42 -102.55
CA THR Z 37 -46.80 -97.16 -103.21
C THR Z 37 -47.35 -98.52 -103.61
N ILE Z 38 -47.24 -98.85 -104.90
CA ILE Z 38 -47.73 -100.12 -105.42
C ILE Z 38 -46.62 -100.77 -106.22
N GLU Z 39 -46.56 -102.10 -106.16
CA GLU Z 39 -45.58 -102.88 -106.91
C GLU Z 39 -46.32 -103.94 -107.72
N TYR Z 40 -46.12 -103.96 -109.03
CA TYR Z 40 -46.74 -104.94 -109.89
C TYR Z 40 -45.73 -105.97 -110.39
N LEU Z 41 -46.25 -107.16 -110.67
CA LEU Z 41 -45.49 -108.24 -111.29
C LEU Z 41 -46.05 -108.50 -112.68
N ASP Z 42 -45.15 -108.64 -113.67
CA ASP Z 42 -45.51 -109.05 -115.02
C ASP Z 42 -45.49 -110.56 -115.06
N THR Z 43 -46.67 -111.19 -115.08
CA THR Z 43 -46.75 -112.64 -115.16
C THR Z 43 -46.66 -113.16 -116.58
N GLY Z 44 -46.28 -112.31 -117.53
CA GLY Z 44 -45.96 -112.81 -118.85
C GLY Z 44 -44.49 -113.18 -118.88
N SER Z 45 -43.97 -113.58 -117.73
CA SER Z 45 -42.56 -113.91 -117.61
C SER Z 45 -42.37 -115.39 -117.39
N ASP Z 46 -41.10 -115.81 -117.49
CA ASP Z 46 -40.80 -117.22 -117.34
C ASP Z 46 -41.31 -117.68 -115.98
N ASN Z 47 -42.18 -118.68 -116.04
CA ASN Z 47 -42.76 -119.27 -114.85
C ASN Z 47 -41.68 -119.72 -113.87
N SER Z 48 -40.61 -120.31 -114.39
CA SER Z 48 -39.73 -121.15 -113.60
C SER Z 48 -38.53 -120.43 -113.00
N LEU Z 49 -38.37 -119.13 -113.22
CA LEU Z 49 -37.27 -118.40 -112.61
C LEU Z 49 -37.64 -117.91 -111.22
N LEU Z 50 -36.62 -117.50 -110.48
CA LEU Z 50 -36.84 -116.91 -109.16
C LEU Z 50 -37.05 -115.41 -109.25
N VAL Z 51 -36.65 -114.81 -110.36
CA VAL Z 51 -36.82 -113.39 -110.61
C VAL Z 51 -37.83 -113.23 -111.72
N ARG Z 52 -38.67 -112.21 -111.60
CA ARG Z 52 -39.64 -111.92 -112.63
C ARG Z 52 -39.79 -110.41 -112.75
N PRO Z 53 -40.14 -109.90 -113.94
CA PRO Z 53 -40.18 -108.46 -114.15
C PRO Z 53 -41.24 -107.80 -113.29
N THR Z 54 -40.83 -106.76 -112.59
CA THR Z 54 -41.71 -105.96 -111.77
C THR Z 54 -41.61 -104.51 -112.20
N GLN Z 55 -42.66 -103.75 -111.93
CA GLN Z 55 -42.57 -102.30 -112.00
C GLN Z 55 -43.32 -101.72 -110.82
N GLN Z 56 -42.68 -100.84 -110.08
CA GLN Z 56 -43.38 -100.17 -109.00
C GLN Z 56 -43.59 -98.71 -109.36
N PHE Z 57 -44.65 -98.17 -108.76
CA PHE Z 57 -44.98 -96.75 -108.83
C PHE Z 57 -45.27 -96.28 -107.42
N ASN Z 58 -44.77 -95.11 -107.07
CA ASN Z 58 -45.21 -94.50 -105.82
C ASN Z 58 -45.24 -92.99 -105.94
N CYS Z 59 -46.21 -92.38 -105.24
CA CYS Z 59 -46.44 -90.95 -105.27
C CYS Z 59 -46.13 -90.37 -103.89
N VAL Z 60 -45.68 -89.12 -103.89
CA VAL Z 60 -45.36 -88.39 -102.68
C VAL Z 60 -45.77 -86.94 -102.89
N SER Z 61 -46.24 -86.30 -101.81
CA SER Z 61 -46.58 -84.89 -101.84
C SER Z 61 -45.97 -84.22 -100.63
N SER Z 62 -45.54 -82.97 -100.79
CA SER Z 62 -45.02 -82.18 -99.67
C SER Z 62 -45.62 -80.78 -99.69
N GLN Z 63 -45.79 -80.24 -98.48
CA GLN Z 63 -46.40 -78.94 -98.29
C GLN Z 63 -45.41 -77.81 -98.54
N TYR Z 64 -44.11 -78.06 -98.35
CA TYR Z 64 -43.04 -77.06 -98.46
C TYR Z 64 -42.22 -77.34 -99.71
N PRO Z 65 -42.63 -76.84 -100.88
CA PRO Z 65 -41.97 -77.24 -102.12
C PRO Z 65 -40.62 -76.59 -102.31
N TYR Z 66 -40.33 -75.55 -101.53
CA TYR Z 66 -39.09 -74.80 -101.63
C TYR Z 66 -38.07 -75.23 -100.60
N ARG Z 67 -38.24 -76.41 -99.99
CA ARG Z 67 -37.39 -76.78 -98.86
C ARG Z 67 -35.93 -76.86 -99.28
N ASN Z 68 -35.67 -77.57 -100.36
CA ASN Z 68 -34.30 -77.76 -100.82
C ASN Z 68 -33.81 -76.64 -101.72
N TYR Z 69 -34.67 -75.70 -102.08
CA TYR Z 69 -34.29 -74.61 -102.98
C TYR Z 69 -34.10 -73.34 -102.14
N SER Z 70 -32.90 -73.17 -101.59
CA SER Z 70 -32.65 -72.03 -100.75
C SER Z 70 -32.21 -70.80 -101.54
N LYS Z 71 -31.64 -70.98 -102.73
CA LYS Z 71 -31.20 -69.83 -103.53
C LYS Z 71 -32.36 -69.02 -104.09
N ILE Z 72 -33.59 -69.43 -103.81
CA ILE Z 72 -34.78 -68.68 -104.19
C ILE Z 72 -35.22 -67.83 -103.01
N PRO Z 73 -35.46 -66.54 -103.19
CA PRO Z 73 -35.93 -65.71 -102.09
C PRO Z 73 -37.40 -65.92 -101.79
N ARG Z 74 -37.77 -65.68 -100.54
CA ARG Z 74 -39.18 -65.81 -100.15
C ARG Z 74 -40.07 -64.93 -101.00
N SER Z 75 -39.62 -63.71 -101.32
CA SER Z 75 -40.38 -62.79 -102.16
C SER Z 75 -40.69 -63.37 -103.53
N GLN Z 76 -40.05 -64.47 -103.93
CA GLN Z 76 -40.34 -65.12 -105.20
C GLN Z 76 -40.89 -66.53 -105.03
N GLN Z 77 -41.04 -67.02 -103.80
CA GLN Z 77 -41.65 -68.33 -103.54
C GLN Z 77 -43.16 -68.19 -103.49
N ASP Z 78 -43.86 -68.93 -104.35
CA ASP Z 78 -45.32 -68.92 -104.39
C ASP Z 78 -45.89 -69.59 -103.15
N PRO Z 79 -46.50 -68.85 -102.23
CA PRO Z 79 -46.96 -69.48 -100.97
C PRO Z 79 -48.12 -70.44 -101.15
N LEU Z 80 -48.73 -70.46 -102.33
CA LEU Z 80 -49.74 -71.46 -102.66
C LEU Z 80 -49.18 -72.66 -103.41
N ALA Z 81 -47.87 -72.72 -103.60
CA ALA Z 81 -47.28 -73.84 -104.33
C ALA Z 81 -47.23 -75.07 -103.45
N VAL Z 82 -47.39 -76.23 -104.08
CA VAL Z 82 -47.36 -77.52 -103.41
C VAL Z 82 -46.47 -78.44 -104.23
N ARG Z 83 -45.70 -79.30 -103.56
CA ARG Z 83 -44.78 -80.20 -104.24
C ARG Z 83 -45.45 -81.54 -104.51
N ARG Z 84 -45.52 -81.94 -105.78
CA ARG Z 84 -46.00 -83.26 -106.16
C ARG Z 84 -44.86 -84.01 -106.81
N GLU Z 85 -44.58 -85.23 -106.36
CA GLU Z 85 -43.59 -86.08 -107.02
C GLU Z 85 -44.14 -87.49 -107.19
N PHE Z 86 -43.58 -88.20 -108.18
CA PHE Z 86 -43.84 -89.61 -108.38
C PHE Z 86 -42.55 -90.28 -108.82
N TYR Z 87 -42.54 -91.61 -108.71
CA TYR Z 87 -41.34 -92.40 -108.94
C TYR Z 87 -41.73 -93.76 -109.46
N THR Z 88 -41.15 -94.15 -110.59
CA THR Z 88 -41.34 -95.48 -111.11
C THR Z 88 -40.00 -96.17 -111.17
N ARG Z 89 -40.01 -97.48 -110.92
CA ARG Z 89 -38.81 -98.31 -111.06
C ARG Z 89 -39.20 -99.64 -111.68
N ARG Z 90 -38.69 -99.89 -112.88
CA ARG Z 90 -38.95 -101.11 -113.62
C ARG Z 90 -37.70 -101.96 -113.58
N VAL Z 91 -37.85 -103.20 -113.14
CA VAL Z 91 -36.81 -104.20 -113.25
C VAL Z 91 -37.34 -105.29 -114.18
N GLU Z 92 -36.57 -105.64 -115.19
CA GLU Z 92 -36.85 -106.82 -115.99
C GLU Z 92 -35.62 -107.72 -115.97
N TYR Z 93 -35.84 -108.98 -116.32
CA TYR Z 93 -34.81 -110.01 -116.25
C TYR Z 93 -34.78 -110.74 -117.58
N TRP Z 94 -33.82 -110.40 -118.43
CA TRP Z 94 -33.68 -111.02 -119.74
C TRP Z 94 -33.06 -112.41 -119.61
N ARG Z 95 -33.21 -113.20 -120.66
CA ARG Z 95 -32.70 -114.56 -120.72
C ARG Z 95 -31.92 -114.74 -122.01
N LYS Z 96 -30.62 -115.01 -121.90
CA LYS Z 96 -29.84 -115.32 -123.09
C LYS Z 96 -29.68 -116.83 -123.18
N ALA Z 97 -29.97 -117.36 -124.37
CA ALA Z 97 -29.77 -118.76 -124.73
C ALA Z 97 -29.91 -118.90 -126.23
N ASP Z 98 -29.29 -119.95 -126.77
CA ASP Z 98 -29.51 -120.32 -128.18
C ASP Z 98 -30.22 -121.66 -128.26
N ALA Z 99 -31.24 -121.73 -129.12
CA ALA Z 99 -31.93 -123.00 -129.34
C ALA Z 99 -31.07 -124.00 -130.08
N SER Z 100 -29.95 -123.55 -130.66
CA SER Z 100 -29.09 -124.45 -131.42
C SER Z 100 -28.45 -125.50 -130.51
N ASN Z 101 -27.88 -125.06 -129.40
CA ASN Z 101 -27.13 -125.94 -128.51
C ASN Z 101 -27.83 -125.94 -127.15
N VAL Z 102 -28.45 -127.06 -126.81
CA VAL Z 102 -29.11 -127.15 -125.51
C VAL Z 102 -28.12 -127.49 -124.39
N ASP Z 103 -26.92 -127.97 -124.74
CA ASP Z 103 -25.85 -128.04 -123.75
C ASP Z 103 -25.55 -126.68 -123.17
N ALA Z 104 -25.60 -125.64 -123.99
CA ALA Z 104 -25.15 -124.32 -123.58
C ALA Z 104 -26.05 -123.77 -122.48
N PRO Z 105 -25.47 -123.14 -121.46
CA PRO Z 105 -26.26 -122.70 -120.32
C PRO Z 105 -27.07 -121.46 -120.64
N GLU Z 106 -28.22 -121.35 -120.00
CA GLU Z 106 -29.06 -120.18 -120.11
C GLU Z 106 -28.67 -119.20 -119.01
N TYR Z 107 -28.48 -117.94 -119.36
CA TYR Z 107 -28.11 -116.93 -118.37
C TYR Z 107 -29.25 -115.93 -118.20
N THR Z 108 -29.35 -115.40 -116.99
CA THR Z 108 -30.33 -114.38 -116.63
C THR Z 108 -29.61 -113.04 -116.50
N LEU Z 109 -30.02 -112.07 -117.30
CA LEU Z 109 -29.40 -110.75 -117.34
C LEU Z 109 -30.34 -109.73 -116.73
N PRO Z 110 -30.05 -109.19 -115.55
CA PRO Z 110 -30.95 -108.19 -114.96
C PRO Z 110 -30.71 -106.78 -115.50
N GLN Z 111 -31.83 -106.05 -115.61
CA GLN Z 111 -31.84 -104.69 -116.12
C GLN Z 111 -32.83 -103.89 -115.28
N SER Z 112 -32.45 -102.67 -114.88
CA SER Z 112 -33.33 -101.84 -114.06
C SER Z 112 -33.24 -100.38 -114.49
N CYS Z 113 -34.39 -99.69 -114.40
CA CYS Z 113 -34.48 -98.30 -114.80
C CYS Z 113 -35.51 -97.58 -113.96
N SER Z 114 -35.18 -96.36 -113.52
CA SER Z 114 -36.02 -95.62 -112.59
C SER Z 114 -36.11 -94.15 -113.00
N ILE Z 115 -37.32 -93.61 -112.87
CA ILE Z 115 -37.59 -92.21 -113.19
C ILE Z 115 -38.28 -91.57 -111.99
N ARG Z 116 -37.72 -90.44 -111.52
CA ARG Z 116 -38.30 -89.67 -110.42
C ARG Z 116 -38.60 -88.27 -110.93
N LEU Z 117 -39.86 -87.86 -110.82
CA LEU Z 117 -40.30 -86.55 -111.25
C LEU Z 117 -40.88 -85.80 -110.05
N ALA Z 118 -40.37 -84.60 -109.80
CA ALA Z 118 -40.74 -83.82 -108.62
C ALA Z 118 -40.95 -82.39 -109.07
N SER Z 119 -42.21 -81.97 -109.13
CA SER Z 119 -42.58 -80.66 -109.65
C SER Z 119 -43.14 -79.83 -108.52
N THR Z 120 -42.93 -78.51 -108.60
CA THR Z 120 -43.79 -77.62 -107.84
C THR Z 120 -45.03 -77.35 -108.68
N VAL Z 121 -46.18 -77.25 -108.03
CA VAL Z 121 -47.46 -77.12 -108.72
C VAL Z 121 -48.25 -76.01 -108.07
N THR Z 122 -48.76 -75.12 -108.91
CA THR Z 122 -49.74 -74.11 -108.56
C THR Z 122 -50.94 -74.28 -109.49
N LYS Z 123 -51.96 -73.44 -109.29
CA LYS Z 123 -53.20 -73.60 -110.04
C LYS Z 123 -52.98 -73.54 -111.55
N GLU Z 124 -51.90 -72.91 -112.01
CA GLU Z 124 -51.65 -72.76 -113.43
C GLU Z 124 -50.71 -73.82 -114.00
N THR Z 125 -50.15 -74.68 -113.17
CA THR Z 125 -49.38 -75.82 -113.67
C THR Z 125 -50.30 -76.81 -114.35
N THR Z 126 -49.98 -77.18 -115.59
CA THR Z 126 -50.80 -78.12 -116.33
C THR Z 126 -50.12 -79.48 -116.46
N ALA Z 127 -50.95 -80.47 -116.79
CA ALA Z 127 -50.45 -81.82 -117.03
C ALA Z 127 -49.37 -81.81 -118.08
N ALA Z 128 -49.63 -81.13 -119.21
CA ALA Z 128 -48.66 -81.09 -120.30
C ALA Z 128 -47.41 -80.31 -119.93
N ASP Z 129 -47.53 -79.27 -119.09
CA ASP Z 129 -46.34 -78.59 -118.59
C ASP Z 129 -45.45 -79.57 -117.85
N ILE Z 130 -46.04 -80.39 -116.98
CA ILE Z 130 -45.21 -81.33 -116.23
C ILE Z 130 -44.68 -82.43 -117.13
N ALA Z 131 -45.45 -82.85 -118.13
CA ALA Z 131 -44.94 -83.82 -119.09
C ALA Z 131 -43.73 -83.27 -119.83
N GLY Z 132 -43.66 -81.95 -119.99
CA GLY Z 132 -42.58 -81.35 -120.75
C GLY Z 132 -41.22 -81.57 -120.13
N ILE Z 133 -41.15 -81.59 -118.79
CA ILE Z 133 -39.85 -81.73 -118.17
C ILE Z 133 -39.31 -83.14 -118.35
N VAL Z 134 -40.17 -84.15 -118.37
CA VAL Z 134 -39.72 -85.51 -118.66
C VAL Z 134 -39.18 -85.58 -120.09
N LEU Z 135 -39.91 -84.98 -121.04
CA LEU Z 135 -39.47 -85.01 -122.43
C LEU Z 135 -38.18 -84.23 -122.64
N ARG Z 136 -37.95 -83.18 -121.85
CA ARG Z 136 -36.71 -82.42 -121.96
C ARG Z 136 -35.55 -83.11 -121.27
N THR Z 137 -35.81 -83.86 -120.20
CA THR Z 137 -34.77 -84.71 -119.65
C THR Z 137 -34.37 -85.80 -120.64
N LEU Z 138 -35.35 -86.39 -121.32
CA LEU Z 138 -35.04 -87.43 -122.30
C LEU Z 138 -34.34 -86.88 -123.52
N ALA Z 139 -34.70 -85.67 -123.94
CA ALA Z 139 -34.27 -85.13 -125.24
C ALA Z 139 -32.77 -85.20 -125.50
N PRO Z 140 -31.88 -84.84 -124.57
CA PRO Z 140 -30.45 -84.87 -124.92
C PRO Z 140 -29.87 -86.27 -125.06
N ILE Z 141 -30.46 -87.29 -124.41
CA ILE Z 141 -29.99 -88.66 -124.55
C ILE Z 141 -30.50 -89.27 -125.86
N PHE Z 142 -31.71 -88.92 -126.28
CA PHE Z 142 -32.33 -89.48 -127.47
C PHE Z 142 -32.64 -88.34 -128.45
N PRO Z 143 -31.61 -87.65 -128.95
CA PRO Z 143 -31.86 -86.41 -129.69
C PRO Z 143 -32.54 -86.64 -131.03
N ASN Z 144 -32.46 -87.86 -131.57
CA ASN Z 144 -33.25 -88.23 -132.74
C ASN Z 144 -34.33 -89.24 -132.38
N GLY Z 145 -34.72 -89.29 -131.11
CA GLY Z 145 -35.77 -90.20 -130.71
C GLY Z 145 -35.34 -91.63 -131.00
N SER Z 146 -36.31 -92.44 -131.44
CA SER Z 146 -36.02 -93.83 -131.76
C SER Z 146 -35.13 -94.01 -132.99
N GLY Z 147 -34.67 -92.92 -133.61
CA GLY Z 147 -33.93 -93.07 -134.86
C GLY Z 147 -32.54 -93.66 -134.69
N ASP Z 148 -31.67 -93.01 -133.93
CA ASP Z 148 -30.34 -93.53 -133.68
C ASP Z 148 -30.08 -93.55 -132.19
N TRP Z 149 -29.13 -94.38 -131.78
CA TRP Z 149 -28.83 -94.55 -130.37
C TRP Z 149 -27.42 -94.05 -130.04
N ILE Z 150 -26.97 -92.98 -130.71
CA ILE Z 150 -25.56 -92.63 -130.65
C ILE Z 150 -25.21 -92.10 -129.26
N LYS Z 151 -26.01 -91.17 -128.76
CA LYS Z 151 -25.72 -90.61 -127.44
C LYS Z 151 -25.95 -91.64 -126.34
N LEU Z 152 -26.99 -92.46 -126.49
CA LEU Z 152 -27.18 -93.53 -125.53
C LEU Z 152 -25.96 -94.44 -125.47
N GLN Z 153 -25.48 -94.89 -126.63
CA GLN Z 153 -24.34 -95.79 -126.67
C GLN Z 153 -23.13 -95.15 -126.01
N GLN Z 154 -22.89 -93.86 -126.28
CA GLN Z 154 -21.75 -93.23 -125.64
C GLN Z 154 -21.97 -93.07 -124.13
N LEU Z 155 -23.21 -93.07 -123.65
CA LEU Z 155 -23.42 -93.14 -122.21
C LEU Z 155 -23.09 -94.51 -121.65
N ILE Z 156 -23.38 -95.57 -122.41
CA ILE Z 156 -23.02 -96.91 -121.98
C ILE Z 156 -21.50 -97.09 -121.99
N ASP Z 157 -20.80 -96.35 -122.85
CA ASP Z 157 -19.35 -96.45 -122.96
C ASP Z 157 -18.62 -95.73 -121.84
N GLY Z 158 -19.33 -94.94 -121.03
CA GLY Z 158 -18.72 -94.21 -119.94
C GLY Z 158 -18.18 -92.85 -120.36
N LEU Z 159 -18.93 -92.15 -121.22
CA LEU Z 159 -18.53 -90.85 -121.76
C LEU Z 159 -19.59 -89.83 -121.36
N PRO Z 160 -19.55 -89.35 -120.12
CA PRO Z 160 -20.65 -88.55 -119.57
C PRO Z 160 -20.87 -87.22 -120.26
N ARG Z 161 -19.87 -86.67 -120.96
CA ARG Z 161 -19.96 -85.34 -121.55
C ARG Z 161 -20.83 -85.41 -122.80
N ILE Z 162 -22.08 -84.98 -122.66
CA ILE Z 162 -23.07 -85.11 -123.74
C ILE Z 162 -23.17 -83.84 -124.55
N PHE Z 163 -23.16 -82.68 -123.89
CA PHE Z 163 -23.11 -81.41 -124.58
C PHE Z 163 -21.67 -80.93 -124.79
N GLY Z 164 -20.68 -81.72 -124.36
CA GLY Z 164 -19.28 -81.35 -124.52
C GLY Z 164 -18.49 -81.12 -123.24
N SER AA 1 -42.17 -53.84 -122.55
CA SER AA 1 -42.29 -52.42 -122.85
C SER AA 1 -41.19 -51.62 -122.16
N TYR AA 2 -40.75 -52.11 -121.00
CA TYR AA 2 -39.70 -51.48 -120.23
C TYR AA 2 -38.42 -51.31 -121.05
N THR AA 3 -37.87 -50.11 -121.02
CA THR AA 3 -36.56 -49.85 -121.61
C THR AA 3 -35.61 -49.35 -120.53
N ILE AA 4 -34.32 -49.62 -120.76
CA ILE AA 4 -33.25 -49.19 -119.87
C ILE AA 4 -32.54 -48.03 -120.56
N ASP AA 5 -32.48 -46.89 -119.87
CA ASP AA 5 -31.77 -45.72 -120.34
C ASP AA 5 -30.54 -45.55 -119.46
N ILE AA 6 -29.35 -45.55 -120.07
CA ILE AA 6 -28.18 -45.10 -119.34
C ILE AA 6 -28.35 -43.62 -119.05
N ASN AA 7 -28.10 -43.24 -117.81
CA ASN AA 7 -28.27 -41.84 -117.44
C ASN AA 7 -26.94 -41.11 -117.56
N CYS AA 8 -26.34 -41.19 -118.75
CA CYS AA 8 -24.98 -40.70 -118.94
C CYS AA 8 -24.93 -39.69 -120.08
N SER AA 9 -23.76 -39.06 -120.22
CA SER AA 9 -23.44 -38.22 -121.37
C SER AA 9 -22.55 -39.01 -122.32
N THR AA 10 -22.98 -39.14 -123.57
CA THR AA 10 -22.24 -39.79 -124.63
C THR AA 10 -22.17 -38.90 -125.86
N GLY AA 11 -21.14 -39.15 -126.66
CA GLY AA 11 -20.87 -38.35 -127.82
C GLY AA 11 -21.26 -39.05 -129.12
N ASP AA 12 -20.92 -38.38 -130.22
CA ASP AA 12 -21.16 -38.92 -131.56
C ASP AA 12 -19.98 -39.68 -132.10
N THR AA 13 -18.78 -39.35 -131.65
CA THR AA 13 -17.58 -39.90 -132.24
C THR AA 13 -17.28 -41.28 -131.68
N GLN AA 14 -16.58 -42.09 -132.46
CA GLN AA 14 -16.17 -43.41 -132.02
C GLN AA 14 -14.74 -43.67 -132.43
N ALA AA 15 -14.08 -44.57 -131.69
CA ALA AA 15 -12.67 -44.88 -131.89
C ALA AA 15 -12.41 -46.36 -131.64
N ASN AA 16 -11.43 -46.90 -132.35
CA ASN AA 16 -11.04 -48.30 -132.22
C ASN AA 16 -9.95 -48.44 -131.17
N LEU AA 17 -10.26 -49.12 -130.06
CA LEU AA 17 -9.24 -49.62 -129.14
C LEU AA 17 -8.93 -51.04 -129.59
N VAL AA 18 -7.75 -51.26 -130.15
CA VAL AA 18 -7.49 -52.48 -130.89
C VAL AA 18 -6.77 -53.47 -130.00
N LEU AA 19 -7.45 -54.59 -129.76
CA LEU AA 19 -7.01 -55.65 -128.88
C LEU AA 19 -6.30 -56.73 -129.70
N THR AA 20 -5.18 -57.20 -129.17
CA THR AA 20 -4.47 -58.34 -129.72
C THR AA 20 -4.83 -59.57 -128.89
N GLU AA 21 -5.14 -60.68 -129.58
CA GLU AA 21 -5.75 -61.82 -128.91
C GLU AA 21 -4.80 -62.49 -127.94
N ILE AA 22 -5.37 -63.07 -126.89
CA ILE AA 22 -4.62 -63.81 -125.88
C ILE AA 22 -5.00 -65.29 -126.02
N PRO AA 23 -4.13 -66.14 -126.56
CA PRO AA 23 -4.50 -67.52 -126.80
C PRO AA 23 -4.80 -68.27 -125.52
N ALA AA 24 -5.88 -69.05 -125.52
CA ALA AA 24 -6.23 -69.77 -124.29
C ALA AA 24 -5.34 -70.98 -124.08
N GLU AA 25 -4.96 -71.64 -125.18
CA GLU AA 25 -4.16 -72.87 -125.16
C GLU AA 25 -3.03 -72.88 -124.13
N PRO AA 26 -2.24 -71.81 -123.95
CA PRO AA 26 -1.12 -71.89 -123.00
C PRO AA 26 -1.48 -71.75 -121.52
N TYR AA 27 -2.67 -71.30 -121.15
CA TYR AA 27 -2.96 -71.03 -119.74
C TYR AA 27 -3.29 -72.30 -118.98
N VAL AA 28 -2.95 -72.32 -117.69
CA VAL AA 28 -3.12 -73.51 -116.84
C VAL AA 28 -3.61 -73.12 -115.46
N HIS AA 29 -4.63 -73.82 -114.96
CA HIS AA 29 -5.14 -73.60 -113.61
C HIS AA 29 -4.04 -73.78 -112.56
N VAL AA 30 -3.97 -72.85 -111.61
CA VAL AA 30 -2.94 -72.90 -110.58
C VAL AA 30 -3.53 -72.89 -109.17
N SER AA 31 -4.69 -72.25 -109.00
CA SER AA 31 -5.27 -72.17 -107.67
C SER AA 31 -6.70 -71.66 -107.77
N GLY AA 32 -7.48 -72.01 -106.75
CA GLY AA 32 -8.88 -71.66 -106.64
C GLY AA 32 -9.77 -72.87 -106.87
N ASP AA 33 -11.08 -72.59 -106.92
CA ASP AA 33 -12.09 -73.58 -107.25
C ASP AA 33 -12.75 -73.19 -108.57
N ASN AA 34 -13.08 -74.19 -109.39
CA ASN AA 34 -13.72 -73.93 -110.67
C ASN AA 34 -15.12 -73.32 -110.52
N LYS AA 35 -15.61 -73.12 -109.29
CA LYS AA 35 -16.91 -72.54 -109.04
C LYS AA 35 -16.84 -71.02 -108.89
N SER AA 36 -16.01 -70.52 -107.96
CA SER AA 36 -15.97 -69.10 -107.64
C SER AA 36 -14.76 -68.39 -108.25
N THR AA 37 -13.55 -68.84 -107.95
CA THR AA 37 -12.33 -68.08 -108.27
C THR AA 37 -11.29 -69.00 -108.89
N ILE AA 38 -10.66 -68.55 -109.99
CA ILE AA 38 -9.70 -69.36 -110.75
C ILE AA 38 -8.51 -68.49 -111.15
N GLU AA 39 -7.30 -69.04 -111.03
CA GLU AA 39 -6.09 -68.31 -111.39
C GLU AA 39 -5.33 -69.10 -112.45
N TYR AA 40 -5.23 -68.55 -113.66
CA TYR AA 40 -4.48 -69.19 -114.73
C TYR AA 40 -3.05 -68.67 -114.80
N LEU AA 41 -2.15 -69.55 -115.23
CA LEU AA 41 -0.75 -69.26 -115.45
C LEU AA 41 -0.42 -69.41 -116.92
N ASP AA 42 0.16 -68.37 -117.51
CA ASP AA 42 0.65 -68.38 -118.89
C ASP AA 42 1.94 -69.21 -118.92
N THR AA 43 1.84 -70.46 -119.37
CA THR AA 43 3.03 -71.28 -119.59
C THR AA 43 3.88 -70.79 -120.75
N GLY AA 44 3.47 -69.73 -121.45
CA GLY AA 44 4.26 -69.19 -122.53
C GLY AA 44 5.32 -68.22 -122.04
N SER AA 45 5.77 -68.42 -120.81
CA SER AA 45 6.72 -67.52 -120.18
C SER AA 45 8.03 -68.25 -119.90
N ASP AA 46 8.97 -67.53 -119.29
CA ASP AA 46 10.27 -68.09 -118.99
C ASP AA 46 10.16 -69.17 -117.92
N ASN AA 47 10.91 -70.27 -118.09
CA ASN AA 47 11.00 -71.29 -117.05
C ASN AA 47 11.71 -70.77 -115.83
N SER AA 48 12.79 -69.99 -116.03
CA SER AA 48 13.86 -69.81 -115.05
C SER AA 48 13.56 -68.71 -114.03
N LEU AA 49 12.34 -68.21 -113.99
CA LEU AA 49 11.94 -67.19 -113.04
C LEU AA 49 10.96 -67.78 -112.03
N LEU AA 50 11.07 -67.33 -110.78
CA LEU AA 50 10.07 -67.71 -109.79
C LEU AA 50 8.73 -67.01 -110.04
N VAL AA 51 8.72 -65.97 -110.87
CA VAL AA 51 7.50 -65.26 -111.22
C VAL AA 51 7.17 -65.55 -112.67
N ARG AA 52 5.89 -65.77 -112.95
CA ARG AA 52 5.42 -66.00 -114.30
C ARG AA 52 4.05 -65.36 -114.45
N PRO AA 53 3.70 -64.93 -115.66
CA PRO AA 53 2.46 -64.17 -115.86
C PRO AA 53 1.22 -65.00 -115.57
N THR AA 54 0.28 -64.38 -114.87
CA THR AA 54 -0.90 -65.07 -114.37
C THR AA 54 -2.08 -64.12 -114.45
N GLN AA 55 -3.20 -64.61 -114.96
CA GLN AA 55 -4.44 -63.83 -114.95
C GLN AA 55 -5.52 -64.58 -114.19
N GLN AA 56 -6.18 -63.86 -113.31
CA GLN AA 56 -7.16 -64.44 -112.40
C GLN AA 56 -8.55 -63.90 -112.74
N PHE AA 57 -9.54 -64.77 -112.58
CA PHE AA 57 -10.95 -64.44 -112.75
C PHE AA 57 -11.75 -64.86 -111.52
N ASN AA 58 -12.76 -64.07 -111.19
CA ASN AA 58 -13.43 -64.21 -109.90
C ASN AA 58 -14.83 -63.62 -110.02
N CYS AA 59 -15.87 -64.45 -109.88
CA CYS AA 59 -17.26 -64.00 -109.99
C CYS AA 59 -17.99 -64.16 -108.66
N VAL AA 60 -18.95 -63.25 -108.41
CA VAL AA 60 -19.84 -63.31 -107.25
C VAL AA 60 -21.20 -62.73 -107.64
N SER AA 61 -22.21 -62.99 -106.80
CA SER AA 61 -23.57 -62.57 -107.08
C SER AA 61 -24.33 -62.46 -105.77
N SER AA 62 -25.32 -61.56 -105.75
CA SER AA 62 -26.05 -61.27 -104.53
C SER AA 62 -27.50 -60.93 -104.83
N GLN AA 63 -28.38 -61.31 -103.90
CA GLN AA 63 -29.81 -61.05 -103.99
C GLN AA 63 -30.18 -59.66 -103.46
N TYR AA 64 -29.19 -58.88 -103.02
CA TYR AA 64 -29.44 -57.59 -102.38
C TYR AA 64 -28.67 -56.51 -103.14
N PRO AA 65 -29.12 -56.19 -104.36
CA PRO AA 65 -28.30 -55.35 -105.24
C PRO AA 65 -28.16 -53.92 -104.77
N TYR AA 66 -29.02 -53.47 -103.86
CA TYR AA 66 -29.02 -52.09 -103.39
C TYR AA 66 -28.35 -51.95 -102.02
N ARG AA 67 -27.52 -52.92 -101.63
CA ARG AA 67 -27.01 -52.95 -100.25
C ARG AA 67 -26.16 -51.73 -99.95
N ASN AA 68 -25.28 -51.34 -100.88
CA ASN AA 68 -24.40 -50.22 -100.65
C ASN AA 68 -24.93 -48.91 -101.21
N TYR AA 69 -25.98 -48.96 -102.03
CA TYR AA 69 -26.54 -47.75 -102.65
C TYR AA 69 -27.71 -47.25 -101.81
N SER AA 70 -27.34 -46.65 -100.68
CA SER AA 70 -28.33 -46.24 -99.67
C SER AA 70 -29.24 -45.13 -100.17
N LYS AA 71 -28.76 -44.31 -101.10
CA LYS AA 71 -29.46 -43.10 -101.51
C LYS AA 71 -30.50 -43.35 -102.61
N ILE AA 72 -30.83 -44.60 -102.90
CA ILE AA 72 -31.94 -44.93 -103.79
C ILE AA 72 -33.12 -45.35 -102.91
N PRO AA 73 -34.27 -44.70 -103.03
CA PRO AA 73 -35.43 -45.09 -102.22
C PRO AA 73 -36.01 -46.43 -102.66
N ARG AA 74 -36.73 -47.07 -101.74
CA ARG AA 74 -37.36 -48.35 -102.05
C ARG AA 74 -38.39 -48.21 -103.16
N SER AA 75 -39.04 -47.06 -103.26
CA SER AA 75 -39.98 -46.80 -104.36
C SER AA 75 -39.30 -46.85 -105.72
N GLN AA 76 -37.97 -46.81 -105.78
CA GLN AA 76 -37.25 -46.86 -107.04
C GLN AA 76 -36.30 -48.05 -107.13
N GLN AA 77 -36.37 -48.98 -106.19
CA GLN AA 77 -35.56 -50.20 -106.21
C GLN AA 77 -36.32 -51.34 -106.90
N ASP AA 78 -35.78 -51.84 -108.01
CA ASP AA 78 -36.41 -52.94 -108.75
C ASP AA 78 -36.29 -54.24 -107.98
N PRO AA 79 -37.39 -54.79 -107.46
CA PRO AA 79 -37.28 -55.97 -106.60
C PRO AA 79 -36.88 -57.23 -107.33
N LEU AA 80 -37.12 -57.28 -108.65
CA LEU AA 80 -36.66 -58.43 -109.44
C LEU AA 80 -35.16 -58.40 -109.63
N ALA AA 81 -34.55 -57.21 -109.60
CA ALA AA 81 -33.16 -57.03 -109.99
C ALA AA 81 -32.21 -57.67 -108.96
N VAL AA 82 -31.04 -58.08 -109.47
CA VAL AA 82 -30.09 -58.92 -108.75
C VAL AA 82 -28.68 -58.46 -109.13
N ARG AA 83 -27.74 -58.54 -108.17
CA ARG AA 83 -26.38 -58.06 -108.39
C ARG AA 83 -25.47 -59.16 -108.93
N ARG AA 84 -24.81 -58.87 -110.06
CA ARG AA 84 -23.80 -59.73 -110.65
C ARG AA 84 -22.46 -58.99 -110.66
N GLU AA 85 -21.37 -59.69 -110.40
CA GLU AA 85 -20.07 -59.01 -110.34
C GLU AA 85 -18.98 -59.98 -110.75
N PHE AA 86 -17.97 -59.44 -111.46
CA PHE AA 86 -16.76 -60.19 -111.78
C PHE AA 86 -15.54 -59.30 -111.60
N TYR AA 87 -14.38 -59.96 -111.51
CA TYR AA 87 -13.10 -59.33 -111.21
C TYR AA 87 -12.02 -60.10 -111.96
N THR AA 88 -11.22 -59.38 -112.74
CA THR AA 88 -10.06 -59.97 -113.38
C THR AA 88 -8.83 -59.21 -112.91
N ARG AA 89 -7.74 -59.95 -112.72
CA ARG AA 89 -6.45 -59.34 -112.37
C ARG AA 89 -5.34 -60.03 -113.15
N ARG AA 90 -4.72 -59.30 -114.06
CA ARG AA 90 -3.59 -59.81 -114.84
C ARG AA 90 -2.31 -59.24 -114.26
N VAL AA 91 -1.38 -60.13 -113.95
CA VAL AA 91 -0.03 -59.76 -113.55
C VAL AA 91 0.89 -60.33 -114.62
N GLU AA 92 1.66 -59.45 -115.26
CA GLU AA 92 2.72 -59.92 -116.15
C GLU AA 92 4.04 -59.35 -115.67
N TYR AA 93 5.10 -60.14 -115.86
CA TYR AA 93 6.44 -59.76 -115.41
C TYR AA 93 7.31 -59.58 -116.65
N TRP AA 94 7.66 -58.34 -116.95
CA TRP AA 94 8.47 -58.05 -118.13
C TRP AA 94 9.95 -58.32 -117.86
N ARG AA 95 10.69 -58.39 -118.94
CA ARG AA 95 12.09 -58.82 -118.95
C ARG AA 95 12.86 -57.75 -119.71
N LYS AA 96 13.71 -56.98 -119.03
CA LYS AA 96 14.51 -55.98 -119.72
C LYS AA 96 15.95 -56.43 -119.80
N ALA AA 97 16.53 -56.26 -121.00
CA ALA AA 97 17.93 -56.57 -121.28
C ALA AA 97 18.25 -56.14 -122.70
N ASP AA 98 19.54 -55.94 -122.96
CA ASP AA 98 20.03 -55.68 -124.31
C ASP AA 98 20.85 -56.87 -124.78
N ALA AA 99 20.61 -57.29 -126.02
CA ALA AA 99 21.38 -58.38 -126.60
C ALA AA 99 22.77 -57.95 -126.99
N SER AA 100 22.98 -56.64 -127.14
CA SER AA 100 24.31 -56.13 -127.48
C SER AA 100 25.31 -56.41 -126.37
N ASN AA 101 24.89 -56.26 -125.12
CA ASN AA 101 25.78 -56.37 -123.96
C ASN AA 101 25.23 -57.47 -123.05
N VAL AA 102 25.83 -58.66 -123.11
CA VAL AA 102 25.39 -59.75 -122.24
C VAL AA 102 25.99 -59.62 -120.85
N ASP AA 103 27.00 -58.78 -120.67
CA ASP AA 103 27.46 -58.44 -119.33
C ASP AA 103 26.43 -57.63 -118.57
N ALA AA 104 25.65 -56.81 -119.26
CA ALA AA 104 24.70 -55.94 -118.59
C ALA AA 104 23.57 -56.77 -117.99
N PRO AA 105 23.17 -56.47 -116.76
CA PRO AA 105 22.26 -57.36 -116.04
C PRO AA 105 20.84 -57.29 -116.58
N GLU AA 106 20.12 -58.39 -116.45
CA GLU AA 106 18.73 -58.48 -116.87
C GLU AA 106 17.83 -58.22 -115.67
N TYR AA 107 16.73 -57.52 -115.90
CA TYR AA 107 15.83 -57.14 -114.81
C TYR AA 107 14.41 -57.61 -115.09
N THR AA 108 13.69 -57.87 -114.01
CA THR AA 108 12.27 -58.23 -114.05
C THR AA 108 11.45 -57.02 -113.63
N LEU AA 109 10.50 -56.64 -114.49
CA LEU AA 109 9.68 -55.45 -114.27
C LEU AA 109 8.22 -55.86 -114.09
N PRO AA 110 7.71 -55.91 -112.86
CA PRO AA 110 6.32 -56.32 -112.65
C PRO AA 110 5.30 -55.25 -113.02
N GLN AA 111 4.21 -55.72 -113.64
CA GLN AA 111 3.11 -54.90 -114.10
C GLN AA 111 1.83 -55.65 -113.76
N SER AA 112 0.81 -54.91 -113.32
CA SER AA 112 -0.44 -55.55 -112.90
C SER AA 112 -1.62 -54.62 -113.18
N CYS AA 113 -2.74 -55.23 -113.55
CA CYS AA 113 -3.92 -54.46 -113.94
C CYS AA 113 -5.17 -55.26 -113.60
N SER AA 114 -6.16 -54.59 -113.02
CA SER AA 114 -7.36 -55.28 -112.55
C SER AA 114 -8.62 -54.51 -112.94
N ILE AA 115 -9.65 -55.25 -113.31
CA ILE AA 115 -10.95 -54.71 -113.67
C ILE AA 115 -12.01 -55.37 -112.81
N ARG AA 116 -12.85 -54.54 -112.19
CA ARG AA 116 -13.96 -55.02 -111.36
C ARG AA 116 -15.25 -54.44 -111.92
N LEU AA 117 -16.15 -55.31 -112.37
CA LEU AA 117 -17.45 -54.90 -112.90
C LEU AA 117 -18.54 -55.45 -112.00
N ALA AA 118 -19.38 -54.56 -111.48
CA ALA AA 118 -20.53 -54.94 -110.66
C ALA AA 118 -21.75 -54.26 -111.27
N SER AA 119 -22.66 -55.06 -111.82
CA SER AA 119 -23.89 -54.56 -112.42
C SER AA 119 -25.09 -55.01 -111.59
N THR AA 120 -26.14 -54.20 -111.57
CA THR AA 120 -27.44 -54.74 -111.18
C THR AA 120 -28.17 -55.15 -112.46
N VAL AA 121 -28.44 -56.44 -112.59
CA VAL AA 121 -29.11 -57.01 -113.75
C VAL AA 121 -30.59 -57.13 -113.44
N THR AA 122 -31.41 -56.83 -114.43
CA THR AA 122 -32.84 -57.12 -114.40
C THR AA 122 -33.19 -57.84 -115.70
N LYS AA 123 -34.48 -58.18 -115.86
CA LYS AA 123 -34.91 -58.96 -117.01
C LYS AA 123 -34.47 -58.32 -118.33
N GLU AA 124 -34.47 -56.99 -118.39
CA GLU AA 124 -34.20 -56.26 -119.62
C GLU AA 124 -32.73 -55.90 -119.78
N THR AA 125 -31.91 -56.09 -118.74
CA THR AA 125 -30.48 -55.83 -118.86
C THR AA 125 -29.86 -56.84 -119.82
N THR AA 126 -29.13 -56.33 -120.81
CA THR AA 126 -28.57 -57.16 -121.87
C THR AA 126 -27.04 -57.24 -121.76
N ALA AA 127 -26.51 -58.22 -122.50
CA ALA AA 127 -25.06 -58.35 -122.65
C ALA AA 127 -24.45 -57.03 -123.07
N ALA AA 128 -24.96 -56.45 -124.15
CA ALA AA 128 -24.41 -55.20 -124.69
C ALA AA 128 -24.52 -54.06 -123.68
N ASP AA 129 -25.65 -53.99 -122.96
CA ASP AA 129 -25.80 -52.97 -121.93
C ASP AA 129 -24.69 -53.08 -120.88
N ILE AA 130 -24.35 -54.30 -120.48
CA ILE AA 130 -23.32 -54.43 -119.45
C ILE AA 130 -21.94 -54.15 -120.04
N ALA AA 131 -21.72 -54.51 -121.30
CA ALA AA 131 -20.46 -54.13 -121.95
C ALA AA 131 -20.31 -52.61 -122.03
N GLY AA 132 -21.43 -51.90 -122.19
CA GLY AA 132 -21.37 -50.47 -122.35
C GLY AA 132 -20.69 -49.77 -121.18
N ILE AA 133 -20.87 -50.27 -119.97
CA ILE AA 133 -20.29 -49.56 -118.83
C ILE AA 133 -18.77 -49.72 -118.82
N VAL AA 134 -18.27 -50.89 -119.21
CA VAL AA 134 -16.83 -51.04 -119.36
C VAL AA 134 -16.30 -50.10 -120.44
N LEU AA 135 -17.01 -50.02 -121.57
CA LEU AA 135 -16.55 -49.17 -122.65
C LEU AA 135 -16.54 -47.69 -122.25
N ARG AA 136 -17.58 -47.25 -121.53
CA ARG AA 136 -17.64 -45.85 -121.08
C ARG AA 136 -16.67 -45.58 -119.94
N THR AA 137 -16.26 -46.61 -119.19
CA THR AA 137 -15.20 -46.42 -118.21
C THR AA 137 -13.85 -46.24 -118.90
N LEU AA 138 -13.65 -46.94 -120.03
CA LEU AA 138 -12.39 -46.83 -120.75
C LEU AA 138 -12.28 -45.52 -121.53
N ALA AA 139 -13.37 -45.08 -122.16
CA ALA AA 139 -13.31 -43.95 -123.09
C ALA AA 139 -12.66 -42.69 -122.54
N PRO AA 140 -12.79 -42.32 -121.27
CA PRO AA 140 -12.05 -41.15 -120.78
C PRO AA 140 -10.54 -41.33 -120.83
N ILE AA 141 -10.04 -42.54 -120.61
CA ILE AA 141 -8.61 -42.81 -120.66
C ILE AA 141 -8.12 -42.98 -122.10
N PHE AA 142 -8.96 -43.48 -123.00
CA PHE AA 142 -8.57 -43.74 -124.39
C PHE AA 142 -9.49 -42.97 -125.32
N PRO AA 143 -9.40 -41.63 -125.33
CA PRO AA 143 -10.35 -40.85 -126.11
C PRO AA 143 -10.24 -41.10 -127.61
N ASN AA 144 -9.10 -41.57 -128.09
CA ASN AA 144 -8.92 -41.94 -129.49
C ASN AA 144 -8.59 -43.41 -129.65
N GLY AA 145 -8.83 -44.22 -128.61
CA GLY AA 145 -8.60 -45.64 -128.73
C GLY AA 145 -7.11 -45.88 -128.84
N SER AA 146 -6.73 -46.75 -129.76
CA SER AA 146 -5.31 -47.01 -129.96
C SER AA 146 -4.59 -45.87 -130.66
N GLY AA 147 -5.31 -44.85 -131.14
CA GLY AA 147 -4.70 -43.82 -131.98
C GLY AA 147 -3.57 -43.05 -131.32
N ASP AA 148 -3.74 -42.72 -130.04
CA ASP AA 148 -2.71 -42.05 -129.24
C ASP AA 148 -2.83 -42.55 -127.80
N TRP AA 149 -1.86 -42.20 -126.98
CA TRP AA 149 -1.88 -42.64 -125.58
C TRP AA 149 -1.81 -41.45 -124.61
N ILE AA 150 -2.32 -40.29 -125.03
CA ILE AA 150 -1.97 -39.05 -124.33
C ILE AA 150 -2.58 -39.03 -122.93
N LYS AA 151 -3.85 -39.38 -122.82
CA LYS AA 151 -4.48 -39.31 -121.51
C LYS AA 151 -3.94 -40.41 -120.60
N LEU AA 152 -3.64 -41.57 -121.15
CA LEU AA 152 -3.01 -42.62 -120.35
C LEU AA 152 -1.66 -42.14 -119.82
N GLN AA 153 -0.88 -41.48 -120.68
CA GLN AA 153 0.41 -40.94 -120.26
C GLN AA 153 0.23 -39.94 -119.13
N GLN AA 154 -0.81 -39.10 -119.20
CA GLN AA 154 -1.08 -38.19 -118.08
C GLN AA 154 -1.35 -38.95 -116.80
N LEU AA 155 -2.15 -40.02 -116.89
CA LEU AA 155 -2.44 -40.82 -115.70
C LEU AA 155 -1.16 -41.37 -115.10
N ILE AA 156 -0.27 -41.90 -115.93
CA ILE AA 156 0.98 -42.42 -115.42
C ILE AA 156 1.84 -41.31 -114.82
N ASP AA 157 1.92 -40.17 -115.51
CA ASP AA 157 2.66 -39.00 -115.02
C ASP AA 157 2.11 -38.49 -113.69
N GLY AA 158 0.88 -38.85 -113.35
CA GLY AA 158 0.30 -38.52 -112.07
C GLY AA 158 -0.69 -37.38 -112.10
N LEU AA 159 -1.32 -37.12 -113.24
CA LEU AA 159 -2.16 -35.94 -113.47
C LEU AA 159 -3.62 -36.35 -113.55
N PRO AA 160 -4.33 -36.46 -112.41
CA PRO AA 160 -5.63 -37.13 -112.40
C PRO AA 160 -6.76 -36.33 -113.03
N ARG AA 161 -6.56 -35.04 -113.27
CA ARG AA 161 -7.60 -34.19 -113.87
C ARG AA 161 -7.71 -34.51 -115.37
N ILE AA 162 -8.54 -35.50 -115.67
CA ILE AA 162 -8.70 -35.97 -117.05
C ILE AA 162 -9.80 -35.18 -117.78
N PHE AA 163 -10.83 -34.76 -117.07
CA PHE AA 163 -11.88 -33.94 -117.67
C PHE AA 163 -11.61 -32.47 -117.47
N GLY AA 164 -10.37 -32.12 -117.12
CA GLY AA 164 -10.02 -30.73 -116.85
C GLY AA 164 -10.15 -30.41 -115.37
N SER BA 1 -135.94 -31.16 -63.72
CA SER BA 1 -134.58 -30.98 -64.22
C SER BA 1 -133.78 -30.13 -63.25
N TYR BA 2 -132.58 -30.59 -62.90
CA TYR BA 2 -131.81 -30.02 -61.80
C TYR BA 2 -131.50 -28.55 -62.03
N THR BA 3 -131.63 -27.74 -60.97
CA THR BA 3 -131.18 -26.36 -60.96
C THR BA 3 -130.19 -26.16 -59.82
N ILE BA 4 -129.32 -25.16 -59.99
CA ILE BA 4 -128.27 -24.85 -59.03
C ILE BA 4 -128.64 -23.57 -58.30
N ASP BA 5 -128.79 -23.68 -56.97
CA ASP BA 5 -129.04 -22.56 -56.08
C ASP BA 5 -127.72 -22.13 -55.45
N ILE BA 6 -127.29 -20.90 -55.69
CA ILE BA 6 -126.17 -20.39 -54.91
C ILE BA 6 -126.71 -20.07 -53.53
N ASN BA 7 -126.43 -20.94 -52.58
CA ASN BA 7 -126.87 -20.76 -51.21
C ASN BA 7 -126.08 -19.58 -50.67
N CYS BA 8 -126.70 -18.41 -50.65
CA CYS BA 8 -125.92 -17.18 -50.50
C CYS BA 8 -126.87 -15.98 -50.45
N SER BA 9 -126.35 -14.85 -49.96
CA SER BA 9 -127.10 -13.60 -49.90
C SER BA 9 -126.63 -12.65 -51.00
N THR BA 10 -127.53 -12.32 -51.93
CA THR BA 10 -127.27 -11.33 -52.97
C THR BA 10 -128.20 -10.14 -52.81
N GLY BA 11 -127.84 -9.05 -53.49
CA GLY BA 11 -128.55 -7.80 -53.39
C GLY BA 11 -129.15 -7.36 -54.72
N ASP BA 12 -129.94 -6.29 -54.72
CA ASP BA 12 -130.53 -5.84 -55.98
C ASP BA 12 -129.58 -4.96 -56.78
N THR BA 13 -128.78 -4.15 -56.10
CA THR BA 13 -127.94 -3.15 -56.74
C THR BA 13 -126.77 -3.80 -57.49
N GLN BA 14 -126.24 -3.09 -58.50
CA GLN BA 14 -125.07 -3.57 -59.22
C GLN BA 14 -124.13 -2.40 -59.47
N ALA BA 15 -122.83 -2.67 -59.38
CA ALA BA 15 -121.80 -1.69 -59.66
C ALA BA 15 -120.90 -2.17 -60.79
N ASN BA 16 -120.24 -1.21 -61.44
CA ASN BA 16 -119.27 -1.50 -62.49
C ASN BA 16 -117.87 -1.43 -61.88
N LEU BA 17 -117.14 -2.54 -61.93
CA LEU BA 17 -115.70 -2.55 -61.70
C LEU BA 17 -115.05 -2.42 -63.08
N VAL BA 18 -114.43 -1.27 -63.33
CA VAL BA 18 -113.97 -0.94 -64.67
C VAL BA 18 -112.56 -1.47 -64.85
N LEU BA 19 -112.42 -2.52 -65.67
CA LEU BA 19 -111.14 -3.10 -65.98
C LEU BA 19 -110.58 -2.46 -67.23
N THR BA 20 -109.27 -2.18 -67.19
CA THR BA 20 -108.57 -1.72 -68.37
C THR BA 20 -107.81 -2.89 -68.96
N GLU BA 21 -107.94 -3.08 -70.27
CA GLU BA 21 -107.40 -4.28 -70.91
C GLU BA 21 -105.89 -4.33 -70.75
N ILE BA 22 -105.35 -5.54 -70.87
CA ILE BA 22 -103.92 -5.75 -70.87
C ILE BA 22 -103.58 -6.44 -72.18
N PRO BA 23 -102.84 -5.78 -73.09
CA PRO BA 23 -102.66 -6.35 -74.43
C PRO BA 23 -101.79 -7.60 -74.39
N ALA BA 24 -102.20 -8.61 -75.15
CA ALA BA 24 -101.49 -9.87 -75.10
C ALA BA 24 -100.18 -9.84 -75.87
N GLU BA 25 -100.05 -8.95 -76.85
CA GLU BA 25 -98.84 -8.93 -77.66
C GLU BA 25 -97.57 -8.81 -76.84
N PRO BA 26 -97.44 -7.86 -75.89
CA PRO BA 26 -96.15 -7.73 -75.20
C PRO BA 26 -95.77 -8.89 -74.29
N TYR BA 27 -96.66 -9.85 -74.00
CA TYR BA 27 -96.31 -10.92 -73.07
C TYR BA 27 -95.57 -12.03 -73.79
N VAL BA 28 -94.52 -12.55 -73.14
CA VAL BA 28 -93.66 -13.59 -73.70
C VAL BA 28 -93.65 -14.79 -72.77
N HIS BA 29 -93.99 -15.97 -73.32
CA HIS BA 29 -93.89 -17.22 -72.58
C HIS BA 29 -92.46 -17.44 -72.13
N VAL BA 30 -92.28 -17.72 -70.83
CA VAL BA 30 -90.98 -17.83 -70.22
C VAL BA 30 -90.73 -19.24 -69.68
N SER BA 31 -91.67 -19.79 -68.91
CA SER BA 31 -91.48 -21.07 -68.28
C SER BA 31 -92.81 -21.81 -68.16
N GLY BA 32 -92.74 -23.13 -68.22
CA GLY BA 32 -93.82 -23.96 -67.72
C GLY BA 32 -94.58 -24.74 -68.78
N ASP BA 33 -95.02 -25.95 -68.41
CA ASP BA 33 -95.90 -26.79 -69.20
C ASP BA 33 -97.35 -26.35 -69.01
N ASN BA 34 -98.28 -27.08 -69.65
CA ASN BA 34 -99.63 -27.13 -69.11
C ASN BA 34 -99.65 -27.91 -67.81
N LYS BA 35 -98.77 -28.91 -67.68
CA LYS BA 35 -98.66 -29.68 -66.44
C LYS BA 35 -98.00 -28.87 -65.33
N SER BA 36 -97.16 -27.90 -65.68
CA SER BA 36 -96.54 -27.00 -64.74
C SER BA 36 -97.33 -25.68 -64.73
N THR BA 37 -96.77 -24.65 -64.10
CA THR BA 37 -97.37 -23.31 -64.13
C THR BA 37 -96.79 -22.48 -65.28
N ILE BA 38 -97.67 -21.94 -66.14
CA ILE BA 38 -97.26 -21.08 -67.24
C ILE BA 38 -96.88 -19.70 -66.70
N GLU BA 39 -95.79 -19.14 -67.24
CA GLU BA 39 -95.28 -17.85 -66.77
C GLU BA 39 -95.03 -16.93 -67.95
N TYR BA 40 -95.54 -15.70 -67.88
CA TYR BA 40 -95.33 -14.71 -68.93
C TYR BA 40 -94.60 -13.50 -68.37
N LEU BA 41 -93.74 -12.93 -69.21
CA LEU BA 41 -93.03 -11.69 -68.95
C LEU BA 41 -93.66 -10.57 -69.76
N ASP BA 42 -93.99 -9.46 -69.09
CA ASP BA 42 -94.48 -8.25 -69.75
C ASP BA 42 -93.26 -7.49 -70.26
N THR BA 43 -92.98 -7.59 -71.55
CA THR BA 43 -91.79 -6.97 -72.15
C THR BA 43 -91.98 -5.49 -72.40
N GLY BA 44 -93.16 -4.95 -72.13
CA GLY BA 44 -93.36 -3.52 -72.20
C GLY BA 44 -93.04 -2.88 -70.86
N SER BA 45 -91.83 -3.12 -70.36
CA SER BA 45 -91.37 -2.58 -69.09
C SER BA 45 -89.99 -1.96 -69.26
N ASP BA 46 -89.53 -1.30 -68.20
CA ASP BA 46 -88.21 -0.71 -68.25
C ASP BA 46 -87.18 -1.81 -68.32
N ASN BA 47 -86.51 -1.91 -69.47
CA ASN BA 47 -85.45 -2.89 -69.69
C ASN BA 47 -84.31 -2.70 -68.69
N SER BA 48 -84.08 -1.46 -68.24
CA SER BA 48 -82.94 -1.13 -67.40
C SER BA 48 -83.10 -1.59 -65.95
N LEU BA 49 -84.16 -2.33 -65.66
CA LEU BA 49 -84.33 -3.02 -64.38
C LEU BA 49 -84.08 -4.51 -64.59
N LEU BA 50 -83.48 -5.14 -63.60
CA LEU BA 50 -83.32 -6.59 -63.66
C LEU BA 50 -84.56 -7.32 -63.17
N VAL BA 51 -85.56 -6.61 -62.66
CA VAL BA 51 -86.86 -7.18 -62.33
C VAL BA 51 -87.87 -6.60 -63.31
N ARG BA 52 -88.74 -7.46 -63.80
CA ARG BA 52 -89.72 -7.05 -64.79
C ARG BA 52 -91.05 -7.72 -64.47
N PRO BA 53 -92.16 -7.13 -64.92
CA PRO BA 53 -93.49 -7.63 -64.53
C PRO BA 53 -93.78 -8.97 -65.16
N THR BA 54 -94.31 -9.89 -64.36
CA THR BA 54 -94.67 -11.22 -64.82
C THR BA 54 -96.06 -11.58 -64.31
N GLN BA 55 -96.83 -12.26 -65.14
CA GLN BA 55 -98.04 -12.90 -64.63
C GLN BA 55 -98.03 -14.38 -64.99
N GLN BA 56 -98.45 -15.22 -64.04
CA GLN BA 56 -98.44 -16.66 -64.23
C GLN BA 56 -99.83 -17.25 -64.01
N PHE BA 57 -100.06 -18.35 -64.73
CA PHE BA 57 -101.34 -19.06 -64.74
C PHE BA 57 -101.09 -20.55 -64.59
N ASN BA 58 -101.73 -21.13 -63.57
CA ASN BA 58 -101.69 -22.56 -63.28
C ASN BA 58 -103.12 -23.05 -63.16
N CYS BA 59 -103.40 -24.25 -63.66
CA CYS BA 59 -104.71 -24.82 -63.38
C CYS BA 59 -104.61 -26.34 -63.28
N VAL BA 60 -105.41 -26.89 -62.36
CA VAL BA 60 -105.40 -28.32 -62.03
C VAL BA 60 -106.82 -28.79 -61.75
N SER BA 61 -107.04 -30.08 -61.92
CA SER BA 61 -108.37 -30.67 -61.87
C SER BA 61 -108.30 -32.01 -61.19
N SER BA 62 -109.36 -32.36 -60.46
CA SER BA 62 -109.41 -33.62 -59.74
C SER BA 62 -110.80 -34.23 -59.76
N GLN BA 63 -110.83 -35.56 -59.76
CA GLN BA 63 -112.08 -36.32 -59.74
C GLN BA 63 -112.67 -36.45 -58.35
N TYR BA 64 -112.01 -35.89 -57.33
CA TYR BA 64 -112.39 -36.05 -55.93
C TYR BA 64 -112.67 -34.67 -55.33
N PRO BA 65 -113.81 -34.06 -55.68
CA PRO BA 65 -114.01 -32.63 -55.39
C PRO BA 65 -114.30 -32.35 -53.94
N TYR BA 66 -114.65 -33.36 -53.15
CA TYR BA 66 -115.00 -33.19 -51.75
C TYR BA 66 -113.82 -33.46 -50.82
N ARG BA 67 -112.60 -33.54 -51.35
CA ARG BA 67 -111.47 -33.96 -50.53
C ARG BA 67 -111.19 -32.98 -49.39
N ASN BA 68 -111.30 -31.68 -49.67
CA ASN BA 68 -110.98 -30.67 -48.67
C ASN BA 68 -112.14 -30.38 -47.74
N TYR BA 69 -113.37 -30.66 -48.15
CA TYR BA 69 -114.55 -30.31 -47.39
C TYR BA 69 -115.01 -31.51 -46.59
N SER BA 70 -115.01 -31.36 -45.26
CA SER BA 70 -115.19 -32.51 -44.39
C SER BA 70 -116.63 -32.74 -43.98
N LYS BA 71 -117.43 -31.68 -43.82
CA LYS BA 71 -118.74 -31.81 -43.20
C LYS BA 71 -119.86 -31.93 -44.21
N ILE BA 72 -119.58 -32.45 -45.40
CA ILE BA 72 -120.60 -32.72 -46.41
C ILE BA 72 -120.85 -34.22 -46.43
N PRO BA 73 -122.05 -34.69 -46.11
CA PRO BA 73 -122.33 -36.13 -46.13
C PRO BA 73 -122.27 -36.72 -47.53
N ARG BA 74 -121.94 -38.01 -47.59
CA ARG BA 74 -121.89 -38.70 -48.89
C ARG BA 74 -123.24 -38.65 -49.59
N SER BA 75 -124.33 -38.75 -48.82
CA SER BA 75 -125.66 -38.67 -49.42
C SER BA 75 -125.93 -37.34 -50.10
N GLN BA 76 -125.06 -36.35 -49.92
CA GLN BA 76 -125.19 -35.05 -50.55
C GLN BA 76 -124.05 -34.76 -51.53
N GLN BA 77 -123.17 -35.74 -51.78
CA GLN BA 77 -122.05 -35.56 -52.69
C GLN BA 77 -122.43 -36.02 -54.11
N ASP BA 78 -122.39 -35.11 -55.07
CA ASP BA 78 -122.73 -35.43 -56.46
C ASP BA 78 -121.66 -36.32 -57.08
N PRO BA 79 -121.98 -37.56 -57.45
CA PRO BA 79 -120.93 -38.47 -57.95
C PRO BA 79 -120.38 -38.07 -59.29
N LEU BA 80 -121.09 -37.22 -60.02
CA LEU BA 80 -120.63 -36.69 -61.30
C LEU BA 80 -119.85 -35.40 -61.15
N ALA BA 81 -119.76 -34.86 -59.94
CA ALA BA 81 -119.09 -33.59 -59.76
C ALA BA 81 -117.59 -33.75 -59.87
N VAL BA 82 -116.93 -32.70 -60.37
CA VAL BA 82 -115.50 -32.67 -60.56
C VAL BA 82 -114.97 -31.36 -60.00
N ARG BA 83 -113.69 -31.34 -59.63
CA ARG BA 83 -113.05 -30.14 -59.09
C ARG BA 83 -112.21 -29.50 -60.17
N ARG BA 84 -112.51 -28.24 -60.49
CA ARG BA 84 -111.72 -27.46 -61.44
C ARG BA 84 -111.12 -26.29 -60.69
N GLU BA 85 -109.81 -26.10 -60.81
CA GLU BA 85 -109.11 -25.07 -60.04
C GLU BA 85 -108.17 -24.33 -60.97
N PHE BA 86 -108.06 -23.01 -60.78
CA PHE BA 86 -107.06 -22.20 -61.47
C PHE BA 86 -106.52 -21.13 -60.53
N TYR BA 87 -105.35 -20.62 -60.89
CA TYR BA 87 -104.56 -19.77 -60.01
C TYR BA 87 -103.72 -18.84 -60.85
N THR BA 88 -103.87 -17.54 -60.62
CA THR BA 88 -103.06 -16.57 -61.32
C THR BA 88 -102.31 -15.74 -60.28
N ARG BA 89 -101.08 -15.36 -60.61
CA ARG BA 89 -100.28 -14.47 -59.77
C ARG BA 89 -99.58 -13.45 -60.65
N ARG BA 90 -99.92 -12.19 -60.45
CA ARG BA 90 -99.31 -11.08 -61.18
C ARG BA 90 -98.41 -10.33 -60.22
N VAL BA 91 -97.15 -10.19 -60.62
CA VAL BA 91 -96.20 -9.34 -59.92
C VAL BA 91 -95.84 -8.20 -60.87
N GLU BA 92 -96.07 -6.97 -60.42
CA GLU BA 92 -95.54 -5.82 -61.12
C GLU BA 92 -94.54 -5.10 -60.23
N TYR BA 93 -93.70 -4.29 -60.88
CA TYR BA 93 -92.61 -3.59 -60.20
C TYR BA 93 -92.72 -2.11 -60.55
N TRP BA 94 -93.30 -1.32 -59.64
CA TRP BA 94 -93.47 0.10 -59.89
C TRP BA 94 -92.15 0.83 -59.73
N ARG BA 95 -92.11 2.07 -60.23
CA ARG BA 95 -90.91 2.89 -60.19
C ARG BA 95 -91.32 4.26 -59.70
N LYS BA 96 -90.71 4.74 -58.61
CA LYS BA 96 -90.94 6.09 -58.12
C LYS BA 96 -89.72 6.96 -58.43
N ALA BA 97 -89.99 8.13 -59.02
CA ALA BA 97 -88.97 9.14 -59.29
C ALA BA 97 -89.65 10.48 -59.56
N ASP BA 98 -88.86 11.55 -59.66
CA ASP BA 98 -89.44 12.81 -60.11
C ASP BA 98 -88.55 13.47 -61.14
N ALA BA 99 -89.17 13.95 -62.23
CA ALA BA 99 -88.45 14.68 -63.25
C ALA BA 99 -87.98 16.05 -62.75
N SER BA 100 -88.50 16.49 -61.61
CA SER BA 100 -88.11 17.79 -61.06
C SER BA 100 -86.67 17.79 -60.57
N ASN BA 101 -86.16 16.63 -60.16
CA ASN BA 101 -84.86 16.54 -59.48
C ASN BA 101 -84.06 15.39 -60.07
N VAL BA 102 -83.13 15.70 -60.97
CA VAL BA 102 -82.24 14.66 -61.51
C VAL BA 102 -81.32 14.13 -60.42
N ASP BA 103 -81.15 14.87 -59.33
CA ASP BA 103 -80.23 14.49 -58.26
C ASP BA 103 -80.85 13.51 -57.25
N ALA BA 104 -82.18 13.33 -57.27
CA ALA BA 104 -82.83 12.51 -56.25
C ALA BA 104 -82.99 11.07 -56.73
N PRO BA 105 -82.81 10.09 -55.85
CA PRO BA 105 -82.72 8.70 -56.29
C PRO BA 105 -84.06 8.15 -56.73
N GLU BA 106 -84.00 7.13 -57.58
CA GLU BA 106 -85.18 6.40 -58.01
C GLU BA 106 -85.30 5.11 -57.21
N TYR BA 107 -86.54 4.69 -56.97
CA TYR BA 107 -86.76 3.45 -56.23
C TYR BA 107 -87.72 2.55 -57.00
N THR BA 108 -87.54 1.25 -56.88
CA THR BA 108 -88.46 0.29 -57.46
C THR BA 108 -89.26 -0.39 -56.35
N LEU BA 109 -90.59 -0.40 -56.51
CA LEU BA 109 -91.54 -0.81 -55.49
C LEU BA 109 -92.29 -2.06 -55.91
N PRO BA 110 -92.09 -3.20 -55.27
CA PRO BA 110 -92.77 -4.43 -55.70
C PRO BA 110 -94.20 -4.56 -55.21
N GLN BA 111 -95.04 -5.11 -56.10
CA GLN BA 111 -96.45 -5.32 -55.85
C GLN BA 111 -96.81 -6.69 -56.40
N SER BA 112 -97.64 -7.44 -55.65
CA SER BA 112 -98.07 -8.76 -56.10
C SER BA 112 -99.54 -9.01 -55.73
N CYS BA 113 -100.24 -9.72 -56.59
CA CYS BA 113 -101.65 -10.03 -56.36
C CYS BA 113 -101.94 -11.39 -56.96
N SER BA 114 -102.64 -12.24 -56.21
CA SER BA 114 -102.88 -13.62 -56.63
C SER BA 114 -104.30 -14.03 -56.35
N ILE BA 115 -104.94 -14.64 -57.34
CA ILE BA 115 -106.33 -15.12 -57.25
C ILE BA 115 -106.35 -16.61 -57.52
N ARG BA 116 -106.92 -17.37 -56.58
CA ARG BA 116 -107.14 -18.80 -56.73
C ARG BA 116 -108.63 -19.09 -56.66
N LEU BA 117 -109.09 -20.00 -57.53
CA LEU BA 117 -110.50 -20.36 -57.64
C LEU BA 117 -110.61 -21.87 -57.84
N ALA BA 118 -111.37 -22.53 -56.97
CA ALA BA 118 -111.65 -23.95 -57.10
C ALA BA 118 -113.14 -24.14 -57.00
N SER BA 119 -113.76 -24.49 -58.12
CA SER BA 119 -115.19 -24.74 -58.20
C SER BA 119 -115.47 -26.23 -58.29
N THR BA 120 -116.57 -26.65 -57.66
CA THR BA 120 -117.13 -27.95 -57.98
C THR BA 120 -118.03 -27.79 -59.20
N VAL BA 121 -117.71 -28.49 -60.29
CA VAL BA 121 -118.42 -28.37 -61.56
C VAL BA 121 -119.16 -29.66 -61.85
N THR BA 122 -120.45 -29.52 -62.17
CA THR BA 122 -121.31 -30.61 -62.60
C THR BA 122 -121.96 -30.20 -63.91
N LYS BA 123 -122.81 -31.08 -64.45
CA LYS BA 123 -123.43 -30.88 -65.76
C LYS BA 123 -124.05 -29.49 -65.86
N GLU BA 124 -124.76 -29.06 -64.81
CA GLU BA 124 -125.55 -27.84 -64.84
C GLU BA 124 -124.74 -26.60 -64.50
N THR BA 125 -123.50 -26.75 -64.05
CA THR BA 125 -122.66 -25.61 -63.73
C THR BA 125 -122.17 -24.93 -65.00
N THR BA 126 -122.52 -23.65 -65.18
CA THR BA 126 -122.14 -22.89 -66.36
C THR BA 126 -120.95 -21.97 -66.06
N ALA BA 127 -120.29 -21.56 -67.15
CA ALA BA 127 -119.15 -20.65 -67.01
C ALA BA 127 -119.56 -19.38 -66.28
N ALA BA 128 -120.76 -18.87 -66.57
CA ALA BA 128 -121.27 -17.72 -65.83
C ALA BA 128 -121.41 -18.04 -64.36
N ASP BA 129 -121.95 -19.22 -64.03
CA ASP BA 129 -122.09 -19.61 -62.62
C ASP BA 129 -120.75 -19.55 -61.92
N ILE BA 130 -119.69 -19.99 -62.59
CA ILE BA 130 -118.37 -20.02 -61.97
C ILE BA 130 -117.79 -18.61 -61.89
N ALA BA 131 -118.05 -17.76 -62.88
CA ALA BA 131 -117.62 -16.38 -62.76
C ALA BA 131 -118.29 -15.69 -61.57
N GLY BA 132 -119.53 -16.11 -61.27
CA GLY BA 132 -120.24 -15.55 -60.14
C GLY BA 132 -119.44 -15.61 -58.85
N ILE BA 133 -118.70 -16.71 -58.62
CA ILE BA 133 -118.03 -16.82 -57.34
C ILE BA 133 -116.89 -15.80 -57.23
N VAL BA 134 -116.18 -15.55 -58.32
CA VAL BA 134 -115.16 -14.50 -58.29
C VAL BA 134 -115.82 -13.14 -58.11
N LEU BA 135 -116.94 -12.91 -58.78
CA LEU BA 135 -117.60 -11.61 -58.67
C LEU BA 135 -118.10 -11.36 -57.24
N ARG BA 136 -118.61 -12.39 -56.58
CA ARG BA 136 -119.08 -12.25 -55.21
C ARG BA 136 -117.93 -12.17 -54.23
N THR BA 137 -116.79 -12.79 -54.53
CA THR BA 137 -115.62 -12.58 -53.68
C THR BA 137 -115.16 -11.13 -53.76
N LEU BA 138 -115.18 -10.55 -54.97
CA LEU BA 138 -114.71 -9.18 -55.14
C LEU BA 138 -115.67 -8.16 -54.53
N ALA BA 139 -116.98 -8.41 -54.66
CA ALA BA 139 -117.97 -7.38 -54.37
C ALA BA 139 -117.85 -6.74 -52.98
N PRO BA 140 -117.62 -7.48 -51.87
CA PRO BA 140 -117.52 -6.81 -50.57
C PRO BA 140 -116.41 -5.78 -50.48
N ILE BA 141 -115.28 -6.02 -51.16
CA ILE BA 141 -114.14 -5.10 -51.15
C ILE BA 141 -114.40 -3.89 -52.06
N PHE BA 142 -115.13 -4.08 -53.15
CA PHE BA 142 -115.42 -3.02 -54.10
C PHE BA 142 -116.94 -2.86 -54.19
N PRO BA 143 -117.59 -2.40 -53.12
CA PRO BA 143 -119.06 -2.39 -53.11
C PRO BA 143 -119.65 -1.37 -54.06
N ASN BA 144 -118.85 -0.41 -54.54
CA ASN BA 144 -119.29 0.52 -55.57
C ASN BA 144 -118.42 0.42 -56.82
N GLY BA 145 -117.74 -0.70 -57.00
CA GLY BA 145 -116.98 -0.91 -58.21
C GLY BA 145 -115.82 0.05 -58.26
N SER BA 146 -115.48 0.49 -59.48
CA SER BA 146 -114.40 1.45 -59.61
C SER BA 146 -114.76 2.81 -59.01
N GLY BA 147 -115.99 2.99 -58.50
CA GLY BA 147 -116.40 4.29 -58.04
C GLY BA 147 -115.58 4.84 -56.88
N ASP BA 148 -115.54 4.11 -55.77
CA ASP BA 148 -114.78 4.54 -54.61
C ASP BA 148 -113.89 3.40 -54.14
N TRP BA 149 -112.93 3.74 -53.28
CA TRP BA 149 -111.96 2.75 -52.81
C TRP BA 149 -111.99 2.63 -51.29
N ILE BA 150 -113.16 2.84 -50.68
CA ILE BA 150 -113.18 3.05 -49.22
C ILE BA 150 -112.85 1.75 -48.50
N LYS BA 151 -113.50 0.65 -48.89
CA LYS BA 151 -113.25 -0.62 -48.21
C LYS BA 151 -111.86 -1.15 -48.53
N LEU BA 152 -111.39 -0.92 -49.77
CA LEU BA 152 -110.02 -1.32 -50.09
C LEU BA 152 -109.04 -0.56 -49.22
N GLN BA 153 -109.26 0.75 -49.07
CA GLN BA 153 -108.43 1.57 -48.20
C GLN BA 153 -108.39 1.00 -46.80
N GLN BA 154 -109.55 0.57 -46.27
CA GLN BA 154 -109.56 -0.07 -44.95
C GLN BA 154 -108.68 -1.30 -44.93
N LEU BA 155 -108.85 -2.19 -45.91
CA LEU BA 155 -108.05 -3.40 -45.94
C LEU BA 155 -106.56 -3.08 -45.90
N ILE BA 156 -106.15 -2.03 -46.62
CA ILE BA 156 -104.73 -1.67 -46.62
C ILE BA 156 -104.34 -1.04 -45.29
N ASP BA 157 -105.23 -0.22 -44.72
CA ASP BA 157 -105.02 0.40 -43.41
C ASP BA 157 -104.92 -0.63 -42.30
N GLY BA 158 -105.27 -1.88 -42.56
CA GLY BA 158 -105.16 -2.92 -41.57
C GLY BA 158 -106.42 -3.23 -40.80
N LEU BA 159 -107.59 -2.90 -41.36
CA LEU BA 159 -108.88 -3.08 -40.71
C LEU BA 159 -109.67 -4.14 -41.46
N PRO BA 160 -109.70 -5.40 -40.97
CA PRO BA 160 -110.23 -6.50 -41.78
C PRO BA 160 -111.73 -6.62 -41.82
N ARG BA 161 -112.48 -5.89 -41.00
CA ARG BA 161 -113.92 -6.14 -40.91
C ARG BA 161 -114.64 -5.34 -41.99
N ILE BA 162 -114.74 -5.94 -43.18
CA ILE BA 162 -115.48 -5.35 -44.28
C ILE BA 162 -116.96 -5.22 -43.93
N PHE BA 163 -117.51 -6.22 -43.27
CA PHE BA 163 -118.94 -6.23 -42.96
C PHE BA 163 -119.27 -5.60 -41.62
N GLY BA 164 -118.27 -5.26 -40.82
CA GLY BA 164 -118.51 -4.64 -39.53
C GLY BA 164 -118.43 -5.57 -38.33
N SER CA 1 -92.43 15.76 -55.26
CA SER CA 1 -92.65 15.69 -56.71
C SER CA 1 -92.53 14.26 -57.21
N TYR CA 2 -92.18 13.36 -56.30
CA TYR CA 2 -92.10 11.94 -56.62
C TYR CA 2 -93.42 11.43 -57.21
N THR CA 3 -93.31 10.69 -58.30
CA THR CA 3 -94.45 10.07 -58.96
C THR CA 3 -94.19 8.57 -59.09
N ILE CA 4 -95.29 7.84 -59.01
CA ILE CA 4 -95.33 6.38 -59.08
C ILE CA 4 -95.73 5.99 -60.50
N ASP CA 5 -94.82 5.34 -61.22
CA ASP CA 5 -95.10 4.81 -62.55
C ASP CA 5 -95.23 3.30 -62.43
N ILE CA 6 -96.42 2.78 -62.73
CA ILE CA 6 -96.52 1.33 -62.90
C ILE CA 6 -95.69 0.94 -64.11
N ASN CA 7 -94.94 -0.13 -63.99
CA ASN CA 7 -94.05 -0.54 -65.06
C ASN CA 7 -94.72 -1.63 -65.91
N CYS CA 8 -95.92 -1.34 -66.41
CA CYS CA 8 -96.76 -2.37 -67.01
C CYS CA 8 -97.10 -2.02 -68.45
N SER CA 9 -97.80 -2.93 -69.10
CA SER CA 9 -98.43 -2.67 -70.37
C SER CA 9 -99.93 -2.52 -70.12
N THR CA 10 -100.49 -1.39 -70.55
CA THR CA 10 -101.91 -1.11 -70.41
C THR CA 10 -102.48 -0.65 -71.74
N GLY CA 11 -103.67 -1.15 -72.08
CA GLY CA 11 -104.33 -0.80 -73.31
C GLY CA 11 -105.17 0.45 -73.20
N ASP CA 12 -105.79 0.82 -74.31
CA ASP CA 12 -106.70 1.95 -74.37
C ASP CA 12 -108.15 1.56 -74.12
N THR CA 13 -108.48 0.27 -74.28
CA THR CA 13 -109.83 -0.23 -74.22
C THR CA 13 -110.23 -0.48 -72.75
N GLN CA 14 -111.55 -0.47 -72.46
CA GLN CA 14 -112.00 -0.72 -71.10
C GLN CA 14 -113.28 -1.54 -71.13
N ALA CA 15 -113.51 -2.31 -70.06
CA ALA CA 15 -114.67 -3.19 -69.96
C ALA CA 15 -115.26 -3.10 -68.56
N ASN CA 16 -116.56 -3.40 -68.47
CA ASN CA 16 -117.29 -3.36 -67.22
C ASN CA 16 -117.45 -4.78 -66.67
N LEU CA 17 -116.81 -5.05 -65.54
CA LEU CA 17 -117.04 -6.28 -64.78
C LEU CA 17 -118.13 -5.97 -63.75
N VAL CA 18 -119.30 -6.56 -63.93
CA VAL CA 18 -120.49 -6.13 -63.21
C VAL CA 18 -120.62 -6.91 -61.91
N LEU CA 19 -120.39 -6.21 -60.80
CA LEU CA 19 -120.50 -6.82 -59.47
C LEU CA 19 -121.91 -6.64 -58.96
N THR CA 20 -122.48 -7.71 -58.42
CA THR CA 20 -123.74 -7.62 -57.71
C THR CA 20 -123.47 -7.54 -56.22
N GLU CA 21 -124.18 -6.64 -55.55
CA GLU CA 21 -123.82 -6.28 -54.18
C GLU CA 21 -124.04 -7.46 -53.23
N ILE CA 22 -123.26 -7.47 -52.15
CA ILE CA 22 -123.44 -8.46 -51.10
C ILE CA 22 -123.74 -7.72 -49.81
N PRO CA 23 -124.95 -7.85 -49.26
CA PRO CA 23 -125.33 -7.04 -48.09
C PRO CA 23 -124.64 -7.49 -46.82
N ALA CA 24 -124.36 -6.52 -45.95
CA ALA CA 24 -123.67 -6.88 -44.71
C ALA CA 24 -124.64 -7.36 -43.64
N GLU CA 25 -125.90 -6.93 -43.72
CA GLU CA 25 -126.90 -7.32 -42.72
C GLU CA 25 -126.97 -8.83 -42.49
N PRO CA 26 -126.95 -9.70 -43.51
CA PRO CA 26 -127.01 -11.14 -43.23
C PRO CA 26 -125.75 -11.73 -42.61
N TYR CA 27 -124.64 -10.99 -42.52
CA TYR CA 27 -123.38 -11.60 -42.10
C TYR CA 27 -123.19 -11.50 -40.59
N VAL CA 28 -122.53 -12.53 -40.02
CA VAL CA 28 -122.40 -12.71 -38.57
C VAL CA 28 -120.94 -13.01 -38.21
N HIS CA 29 -120.47 -12.43 -37.12
CA HIS CA 29 -119.15 -12.75 -36.56
C HIS CA 29 -119.05 -14.23 -36.22
N VAL CA 30 -117.90 -14.82 -36.55
CA VAL CA 30 -117.61 -16.22 -36.25
C VAL CA 30 -116.37 -16.36 -35.38
N SER CA 31 -115.25 -15.81 -35.84
CA SER CA 31 -114.00 -15.86 -35.08
C SER CA 31 -113.27 -14.53 -35.22
N GLY CA 32 -112.38 -14.26 -34.25
CA GLY CA 32 -111.52 -13.09 -34.27
C GLY CA 32 -112.24 -11.77 -34.45
N ASP CA 33 -113.09 -11.42 -33.48
CA ASP CA 33 -113.96 -10.26 -33.64
C ASP CA 33 -113.16 -8.97 -33.73
N ASN CA 34 -112.19 -8.80 -32.84
CA ASN CA 34 -111.37 -7.59 -32.81
C ASN CA 34 -110.06 -7.73 -33.56
N LYS CA 35 -109.63 -8.95 -33.87
CA LYS CA 35 -108.26 -9.22 -34.28
C LYS CA 35 -108.06 -8.91 -35.77
N SER CA 36 -106.81 -9.05 -36.22
CA SER CA 36 -106.44 -8.75 -37.60
C SER CA 36 -106.99 -9.76 -38.59
N THR CA 37 -107.61 -10.84 -38.11
CA THR CA 37 -108.24 -11.86 -38.94
C THR CA 37 -109.67 -12.04 -38.46
N ILE CA 38 -110.63 -11.90 -39.37
CA ILE CA 38 -112.04 -12.04 -39.04
C ILE CA 38 -112.67 -13.01 -40.03
N GLU CA 39 -113.63 -13.81 -39.56
CA GLU CA 39 -114.36 -14.76 -40.38
C GLU CA 39 -115.85 -14.51 -40.21
N TYR CA 40 -116.55 -14.26 -41.31
CA TYR CA 40 -118.00 -14.05 -41.27
C TYR CA 40 -118.76 -15.23 -41.84
N LEU CA 41 -119.98 -15.39 -41.34
CA LEU CA 41 -120.93 -16.36 -41.85
C LEU CA 41 -122.09 -15.63 -42.49
N ASP CA 42 -122.49 -16.09 -43.68
CA ASP CA 42 -123.70 -15.61 -44.36
C ASP CA 42 -124.87 -16.44 -43.88
N THR CA 43 -125.71 -15.85 -43.00
CA THR CA 43 -126.89 -16.56 -42.52
C THR CA 43 -128.07 -16.46 -43.45
N GLY CA 44 -127.85 -16.00 -44.68
CA GLY CA 44 -128.90 -16.11 -45.67
C GLY CA 44 -128.75 -17.43 -46.38
N SER CA 45 -128.24 -18.43 -45.66
CA SER CA 45 -128.00 -19.73 -46.24
C SER CA 45 -128.94 -20.77 -45.65
N ASP CA 46 -128.94 -21.94 -46.29
CA ASP CA 46 -129.83 -22.99 -45.83
C ASP CA 46 -129.55 -23.28 -44.39
N ASN CA 47 -130.61 -23.12 -43.58
CA ASN CA 47 -130.55 -23.38 -42.16
C ASN CA 47 -130.00 -24.77 -41.86
N SER CA 48 -130.43 -25.76 -42.64
CA SER CA 48 -130.35 -27.16 -42.24
C SER CA 48 -129.09 -27.88 -42.70
N LEU CA 49 -128.19 -27.23 -43.42
CA LEU CA 49 -126.95 -27.88 -43.82
C LEU CA 49 -125.89 -27.76 -42.74
N LEU CA 50 -124.83 -28.57 -42.89
CA LEU CA 50 -123.71 -28.47 -41.99
C LEU CA 50 -122.67 -27.48 -42.47
N VAL CA 51 -122.74 -27.11 -43.74
CA VAL CA 51 -121.85 -26.12 -44.32
C VAL CA 51 -122.68 -24.89 -44.66
N ARG CA 52 -122.09 -23.73 -44.46
CA ARG CA 52 -122.75 -22.49 -44.82
C ARG CA 52 -121.71 -21.51 -45.35
N PRO CA 53 -122.11 -20.58 -46.23
CA PRO CA 53 -121.15 -19.70 -46.88
C PRO CA 53 -120.48 -18.79 -45.87
N THR CA 54 -119.15 -18.76 -45.94
CA THR CA 54 -118.33 -17.90 -45.11
C THR CA 54 -117.46 -17.05 -46.01
N GLN CA 55 -117.04 -15.91 -45.49
CA GLN CA 55 -115.94 -15.17 -46.09
C GLN CA 55 -115.06 -14.64 -44.99
N GLN CA 56 -113.77 -14.89 -45.11
CA GLN CA 56 -112.83 -14.33 -44.15
C GLN CA 56 -112.00 -13.25 -44.80
N PHE CA 57 -111.57 -12.32 -43.96
CA PHE CA 57 -110.62 -11.27 -44.33
C PHE CA 57 -109.54 -11.23 -43.26
N ASN CA 58 -108.30 -11.09 -43.69
CA ASN CA 58 -107.24 -10.82 -42.72
C ASN CA 58 -106.18 -9.93 -43.33
N CYS CA 59 -105.61 -9.07 -42.49
CA CYS CA 59 -104.60 -8.10 -42.88
C CYS CA 59 -103.28 -8.46 -42.23
N VAL CA 60 -102.18 -8.12 -42.90
CA VAL CA 60 -100.83 -8.36 -42.42
C VAL CA 60 -99.98 -7.18 -42.86
N SER CA 61 -99.01 -6.81 -42.03
CA SER CA 61 -98.06 -5.76 -42.36
C SER CA 61 -96.66 -6.26 -42.01
N SER CA 62 -95.67 -5.86 -42.82
CA SER CA 62 -94.28 -6.18 -42.54
C SER CA 62 -93.39 -4.96 -42.72
N GLN CA 63 -92.34 -4.91 -41.89
CA GLN CA 63 -91.42 -3.79 -41.87
C GLN CA 63 -90.42 -3.85 -43.01
N TYR CA 64 -90.11 -5.06 -43.50
CA TYR CA 64 -89.11 -5.31 -44.53
C TYR CA 64 -89.78 -5.71 -45.84
N PRO CA 65 -90.19 -4.74 -46.66
CA PRO CA 65 -91.03 -5.09 -47.82
C PRO CA 65 -90.24 -5.71 -48.94
N TYR CA 66 -88.91 -5.62 -48.89
CA TYR CA 66 -88.02 -6.13 -49.91
C TYR CA 66 -87.45 -7.49 -49.55
N ARG CA 67 -88.04 -8.19 -48.58
CA ARG CA 67 -87.42 -9.41 -48.07
C ARG CA 67 -87.29 -10.45 -49.16
N ASN CA 68 -88.38 -10.72 -49.88
CA ASN CA 68 -88.38 -11.72 -50.92
C ASN CA 68 -87.89 -11.21 -52.26
N TYR CA 69 -87.64 -9.91 -52.38
CA TYR CA 69 -87.20 -9.33 -53.65
C TYR CA 69 -85.71 -9.05 -53.58
N SER CA 70 -84.91 -10.07 -53.89
CA SER CA 70 -83.47 -9.90 -53.80
C SER CA 70 -82.87 -9.32 -55.06
N LYS CA 71 -83.52 -9.48 -56.22
CA LYS CA 71 -82.96 -8.95 -57.47
C LYS CA 71 -83.03 -7.43 -57.54
N ILE CA 72 -83.54 -6.78 -56.50
CA ILE CA 72 -83.55 -5.33 -56.39
C ILE CA 72 -82.36 -4.90 -55.54
N PRO CA 73 -81.55 -3.95 -56.01
CA PRO CA 73 -80.42 -3.48 -55.21
C PRO CA 73 -80.86 -2.55 -54.10
N ARG CA 74 -80.06 -2.52 -53.03
CA ARG CA 74 -80.36 -1.64 -51.92
C ARG CA 74 -80.46 -0.18 -52.37
N SER CA 75 -79.57 0.23 -53.28
CA SER CA 75 -79.58 1.59 -53.81
C SER CA 75 -80.91 1.95 -54.48
N GLN CA 76 -81.78 0.97 -54.75
CA GLN CA 76 -83.09 1.24 -55.31
C GLN CA 76 -84.24 0.84 -54.38
N GLN CA 77 -83.94 0.32 -53.20
CA GLN CA 77 -84.96 -0.02 -52.22
C GLN CA 77 -85.29 1.22 -51.38
N ASP CA 78 -86.55 1.62 -51.39
CA ASP CA 78 -87.00 2.78 -50.60
C ASP CA 78 -86.97 2.46 -49.11
N PRO CA 79 -86.06 3.05 -48.34
CA PRO CA 79 -85.95 2.67 -46.92
C PRO CA 79 -87.14 3.09 -46.08
N LEU CA 80 -88.02 3.93 -46.62
CA LEU CA 80 -89.27 4.28 -45.95
C LEU CA 80 -90.45 3.43 -46.40
N ALA CA 81 -90.21 2.43 -47.25
CA ALA CA 81 -91.30 1.61 -47.74
C ALA CA 81 -91.71 0.61 -46.67
N VAL CA 82 -93.01 0.30 -46.65
CA VAL CA 82 -93.59 -0.64 -45.70
C VAL CA 82 -94.50 -1.57 -46.49
N ARG CA 83 -94.53 -2.85 -46.10
CA ARG CA 83 -95.33 -3.84 -46.81
C ARG CA 83 -96.71 -3.97 -46.17
N ARG CA 84 -97.77 -3.74 -46.95
CA ARG CA 84 -99.13 -3.96 -46.49
C ARG CA 84 -99.74 -5.05 -47.36
N GLU CA 85 -100.33 -6.08 -46.74
CA GLU CA 85 -101.05 -7.10 -47.50
C GLU CA 85 -102.39 -7.38 -46.82
N PHE CA 86 -103.32 -7.89 -47.63
CA PHE CA 86 -104.59 -8.40 -47.14
C PHE CA 86 -104.97 -9.62 -47.95
N TYR CA 87 -105.91 -10.40 -47.40
CA TYR CA 87 -106.28 -11.69 -47.97
C TYR CA 87 -107.74 -11.96 -47.66
N THR CA 88 -108.51 -12.27 -48.70
CA THR CA 88 -109.89 -12.68 -48.51
C THR CA 88 -110.04 -14.08 -49.06
N ARG CA 89 -110.89 -14.87 -48.40
CA ARG CA 89 -111.24 -16.20 -48.89
C ARG CA 89 -112.74 -16.43 -48.66
N ARG CA 90 -113.46 -16.58 -49.76
CA ARG CA 90 -114.89 -16.80 -49.74
C ARG CA 90 -115.14 -18.25 -50.11
N VAL CA 91 -115.87 -18.96 -49.25
CA VAL CA 91 -116.39 -20.28 -49.57
C VAL CA 91 -117.90 -20.16 -49.59
N GLU CA 92 -118.53 -20.63 -50.66
CA GLU CA 92 -119.96 -20.81 -50.68
C GLU CA 92 -120.27 -22.25 -51.04
N TYR CA 93 -121.49 -22.66 -50.72
CA TYR CA 93 -121.93 -24.05 -50.89
C TYR CA 93 -123.25 -24.05 -51.65
N TRP CA 94 -123.19 -24.34 -52.95
CA TRP CA 94 -124.36 -24.38 -53.79
C TRP CA 94 -125.16 -25.65 -53.54
N ARG CA 95 -126.42 -25.63 -53.98
CA ARG CA 95 -127.33 -26.75 -53.82
C ARG CA 95 -127.98 -27.06 -55.17
N LYS CA 96 -127.73 -28.25 -55.71
CA LYS CA 96 -128.42 -28.64 -56.92
C LYS CA 96 -129.57 -29.57 -56.56
N ALA CA 97 -130.75 -29.25 -57.10
CA ALA CA 97 -131.95 -30.05 -56.98
C ALA CA 97 -132.97 -29.56 -57.99
N ASP CA 98 -133.90 -30.43 -58.37
CA ASP CA 98 -135.05 -30.02 -59.18
C ASP CA 98 -136.34 -30.17 -58.38
N ALA CA 99 -137.19 -29.15 -58.44
CA ALA CA 99 -138.49 -29.23 -57.78
C ALA CA 99 -139.43 -30.21 -58.46
N SER CA 100 -139.08 -30.65 -59.67
CA SER CA 100 -139.94 -31.58 -60.40
C SER CA 100 -140.03 -32.92 -59.70
N ASN CA 101 -138.88 -33.49 -59.34
CA ASN CA 101 -138.80 -34.82 -58.78
C ASN CA 101 -138.23 -34.70 -57.37
N VAL CA 102 -139.07 -34.95 -56.36
CA VAL CA 102 -138.59 -34.90 -54.98
C VAL CA 102 -137.90 -36.20 -54.58
N ASP CA 103 -138.12 -37.29 -55.32
CA ASP CA 103 -137.28 -38.47 -55.16
C ASP CA 103 -135.82 -38.15 -55.36
N ALA CA 104 -135.51 -37.28 -56.33
CA ALA CA 104 -134.13 -37.04 -56.73
C ALA CA 104 -133.35 -36.39 -55.59
N PRO CA 105 -132.12 -36.81 -55.37
CA PRO CA 105 -131.36 -36.32 -54.22
C PRO CA 105 -130.85 -34.92 -54.46
N GLU CA 106 -130.74 -34.17 -53.37
CA GLU CA 106 -130.16 -32.84 -53.41
C GLU CA 106 -128.67 -32.96 -53.13
N TYR CA 107 -127.85 -32.31 -53.96
CA TYR CA 107 -126.41 -32.35 -53.77
C TYR CA 107 -125.89 -30.98 -53.36
N THR CA 108 -124.81 -31.00 -52.57
CA THR CA 108 -124.13 -29.79 -52.12
C THR CA 108 -122.82 -29.67 -52.90
N LEU CA 109 -122.66 -28.55 -53.61
CA LEU CA 109 -121.50 -28.31 -54.45
C LEU CA 109 -120.65 -27.21 -53.83
N PRO CA 110 -119.48 -27.52 -53.29
CA PRO CA 110 -118.65 -26.47 -52.70
C PRO CA 110 -117.82 -25.71 -53.74
N GLN CA 111 -117.66 -24.41 -53.45
CA GLN CA 111 -116.92 -23.49 -54.31
C GLN CA 111 -116.12 -22.56 -53.41
N SER CA 112 -114.85 -22.31 -53.75
CA SER CA 112 -114.01 -21.43 -52.94
C SER CA 112 -113.13 -20.56 -53.82
N CYS CA 113 -112.89 -19.34 -53.36
CA CYS CA 113 -112.10 -18.37 -54.12
C CYS CA 113 -111.37 -17.45 -53.15
N SER CA 114 -110.09 -17.18 -53.43
CA SER CA 114 -109.25 -16.42 -52.53
C SER CA 114 -108.40 -15.42 -53.30
N ILE CA 115 -108.27 -14.22 -52.74
CA ILE CA 115 -107.47 -13.14 -53.31
C ILE CA 115 -106.49 -12.64 -52.26
N ARG CA 116 -105.20 -12.61 -52.60
CA ARG CA 116 -104.15 -12.09 -51.73
C ARG CA 116 -103.47 -10.93 -52.44
N LEU CA 117 -103.47 -9.76 -51.80
CA LEU CA 117 -102.86 -8.56 -52.35
C LEU CA 117 -101.78 -8.09 -51.39
N ALA CA 118 -100.56 -7.91 -51.90
CA ALA CA 118 -99.40 -7.57 -51.08
C ALA CA 118 -98.63 -6.48 -51.81
N SER CA 119 -98.73 -5.26 -51.30
CA SER CA 119 -98.15 -4.10 -51.95
C SER CA 119 -97.02 -3.56 -51.08
N THR CA 120 -96.01 -2.98 -51.72
CA THR CA 120 -95.15 -2.06 -50.98
C THR CA 120 -95.80 -0.69 -51.03
N VAL CA 121 -95.70 0.05 -49.93
CA VAL CA 121 -96.39 1.32 -49.79
C VAL CA 121 -95.40 2.35 -49.25
N THR CA 122 -95.36 3.50 -49.91
CA THR CA 122 -94.68 4.70 -49.46
C THR CA 122 -95.70 5.83 -49.45
N LYS CA 123 -95.26 7.01 -49.02
CA LYS CA 123 -96.18 8.12 -48.84
C LYS CA 123 -96.94 8.47 -50.12
N GLU CA 124 -96.40 8.11 -51.29
CA GLU CA 124 -97.03 8.45 -52.55
C GLU CA 124 -97.89 7.33 -53.13
N THR CA 125 -97.90 6.16 -52.50
CA THR CA 125 -98.81 5.10 -52.91
C THR CA 125 -100.24 5.49 -52.56
N THR CA 126 -101.13 5.43 -53.54
CA THR CA 126 -102.53 5.79 -53.32
C THR CA 126 -103.43 4.56 -53.32
N ALA CA 127 -104.63 4.76 -52.74
CA ALA CA 127 -105.64 3.72 -52.72
C ALA CA 127 -105.91 3.22 -54.13
N ALA CA 128 -106.12 4.15 -55.08
CA ALA CA 128 -106.43 3.76 -56.45
C ALA CA 128 -105.24 3.09 -57.13
N ASP CA 129 -104.01 3.50 -56.81
CA ASP CA 129 -102.84 2.78 -57.33
C ASP CA 129 -102.90 1.32 -56.92
N ILE CA 130 -103.20 1.06 -55.65
CA ILE CA 130 -103.23 -0.33 -55.21
C ILE CA 130 -104.43 -1.07 -55.80
N ALA CA 131 -105.56 -0.38 -55.97
CA ALA CA 131 -106.69 -1.00 -56.64
C ALA CA 131 -106.34 -1.41 -58.06
N GLY CA 132 -105.40 -0.67 -58.69
CA GLY CA 132 -105.07 -0.95 -60.07
C GLY CA 132 -104.47 -2.33 -60.27
N ILE CA 133 -103.69 -2.81 -59.30
CA ILE CA 133 -103.04 -4.10 -59.51
C ILE CA 133 -104.07 -5.24 -59.46
N VAL CA 134 -105.10 -5.11 -58.62
CA VAL CA 134 -106.16 -6.11 -58.63
C VAL CA 134 -106.89 -6.11 -59.96
N LEU CA 135 -107.19 -4.92 -60.49
CA LEU CA 135 -107.88 -4.84 -61.77
C LEU CA 135 -107.02 -5.35 -62.92
N ARG CA 136 -105.70 -5.20 -62.82
CA ARG CA 136 -104.82 -5.71 -63.87
C ARG CA 136 -104.60 -7.21 -63.74
N THR CA 137 -104.63 -7.75 -62.53
CA THR CA 137 -104.64 -9.20 -62.39
C THR CA 137 -105.93 -9.79 -62.97
N LEU CA 138 -107.06 -9.14 -62.73
CA LEU CA 138 -108.32 -9.64 -63.28
C LEU CA 138 -108.40 -9.49 -64.79
N ALA CA 139 -107.82 -8.42 -65.33
CA ALA CA 139 -108.04 -8.05 -66.73
C ALA CA 139 -107.80 -9.17 -67.74
N PRO CA 140 -106.72 -9.96 -67.66
CA PRO CA 140 -106.52 -10.97 -68.70
C PRO CA 140 -107.49 -12.15 -68.63
N ILE CA 141 -108.05 -12.44 -67.46
CA ILE CA 141 -109.04 -13.51 -67.34
C ILE CA 141 -110.40 -13.03 -67.83
N PHE CA 142 -110.76 -11.77 -67.60
CA PHE CA 142 -112.06 -11.21 -67.96
C PHE CA 142 -111.84 -10.05 -68.92
N PRO CA 143 -111.29 -10.32 -70.12
CA PRO CA 143 -110.86 -9.21 -70.97
C PRO CA 143 -112.01 -8.38 -71.52
N ASN CA 144 -113.22 -8.93 -71.56
CA ASN CA 144 -114.42 -8.15 -71.85
C ASN CA 144 -115.29 -7.98 -70.63
N GLY CA 145 -114.72 -8.11 -69.44
CA GLY CA 145 -115.49 -7.93 -68.23
C GLY CA 145 -116.62 -8.94 -68.19
N SER CA 146 -117.78 -8.50 -67.70
CA SER CA 146 -118.93 -9.39 -67.60
C SER CA 146 -119.51 -9.77 -68.96
N GLY CA 147 -118.91 -9.35 -70.08
CA GLY CA 147 -119.52 -9.60 -71.38
C GLY CA 147 -119.46 -11.06 -71.81
N ASP CA 148 -118.25 -11.61 -71.94
CA ASP CA 148 -118.11 -13.01 -72.31
C ASP CA 148 -117.19 -13.69 -71.32
N TRP CA 149 -117.30 -15.01 -71.25
CA TRP CA 149 -116.53 -15.79 -70.30
C TRP CA 149 -115.53 -16.71 -71.01
N ILE CA 150 -114.98 -16.26 -72.14
CA ILE CA 150 -114.24 -17.18 -73.00
C ILE CA 150 -112.94 -17.62 -72.34
N LYS CA 151 -112.18 -16.64 -71.83
CA LYS CA 151 -110.91 -16.98 -71.20
C LYS CA 151 -111.13 -17.70 -69.88
N LEU CA 152 -112.15 -17.30 -69.13
CA LEU CA 152 -112.47 -18.04 -67.91
C LEU CA 152 -112.75 -19.50 -68.24
N GLN CA 153 -113.62 -19.76 -69.22
CA GLN CA 153 -113.99 -21.12 -69.56
C GLN CA 153 -112.76 -21.92 -69.96
N GLN CA 154 -111.87 -21.31 -70.75
CA GLN CA 154 -110.67 -22.05 -71.12
C GLN CA 154 -109.74 -22.28 -69.93
N LEU CA 155 -109.84 -21.46 -68.87
CA LEU CA 155 -109.12 -21.79 -67.64
C LEU CA 155 -109.75 -22.99 -66.93
N ILE CA 156 -111.08 -23.08 -66.97
CA ILE CA 156 -111.74 -24.24 -66.37
C ILE CA 156 -111.43 -25.51 -67.16
N ASP CA 157 -111.16 -25.37 -68.46
CA ASP CA 157 -110.86 -26.52 -69.30
C ASP CA 157 -109.45 -27.05 -69.13
N GLY CA 158 -108.59 -26.33 -68.40
CA GLY CA 158 -107.22 -26.75 -68.17
C GLY CA 158 -106.27 -26.29 -69.26
N LEU CA 159 -106.45 -25.05 -69.74
CA LEU CA 159 -105.66 -24.49 -70.82
C LEU CA 159 -104.98 -23.23 -70.30
N PRO CA 160 -103.88 -23.40 -69.56
CA PRO CA 160 -103.29 -22.26 -68.81
C PRO CA 160 -102.74 -21.16 -69.69
N ARG CA 161 -102.43 -21.42 -70.95
CA ARG CA 161 -101.78 -20.43 -71.82
C ARG CA 161 -102.81 -19.40 -72.26
N ILE CA 162 -102.79 -18.24 -71.60
CA ILE CA 162 -103.79 -17.21 -71.82
C ILE CA 162 -103.33 -16.17 -72.83
N PHE CA 163 -102.07 -15.75 -72.75
CA PHE CA 163 -101.48 -14.88 -73.74
C PHE CA 163 -100.81 -15.67 -74.86
N GLY CA 164 -100.85 -17.00 -74.82
CA GLY CA 164 -100.25 -17.84 -75.84
C GLY CA 164 -99.10 -18.73 -75.40
N SER DA 1 -85.07 14.31 -71.35
CA SER DA 1 -84.19 15.27 -72.02
C SER DA 1 -82.87 14.64 -72.39
N TYR DA 2 -82.44 13.67 -71.57
CA TYR DA 2 -81.20 12.95 -71.81
C TYR DA 2 -81.16 12.30 -73.19
N THR DA 3 -80.06 12.52 -73.91
CA THR DA 3 -79.81 11.83 -75.17
C THR DA 3 -78.53 11.03 -75.05
N ILE DA 4 -78.48 9.95 -75.84
CA ILE DA 4 -77.32 9.09 -75.93
C ILE DA 4 -76.62 9.37 -77.24
N ASP DA 5 -75.34 9.73 -77.16
CA ASP DA 5 -74.50 9.96 -78.32
C ASP DA 5 -73.49 8.83 -78.40
N ILE DA 6 -73.49 8.11 -79.51
CA ILE DA 6 -72.39 7.20 -79.78
C ILE DA 6 -71.14 8.05 -79.98
N ASN DA 7 -70.06 7.68 -79.32
CA ASN DA 7 -68.83 8.46 -79.44
C ASN DA 7 -67.95 7.85 -80.53
N CYS DA 8 -68.51 7.73 -81.73
CA CYS DA 8 -67.84 7.00 -82.80
C CYS DA 8 -67.72 7.87 -84.05
N SER DA 9 -66.98 7.35 -85.02
CA SER DA 9 -66.90 7.92 -86.36
C SER DA 9 -67.78 7.10 -87.30
N THR DA 10 -68.73 7.77 -87.95
CA THR DA 10 -69.62 7.16 -88.93
C THR DA 10 -69.62 7.98 -90.20
N GLY DA 11 -69.97 7.30 -91.30
CA GLY DA 11 -69.94 7.90 -92.61
C GLY DA 11 -71.35 8.23 -93.12
N ASP DA 12 -71.38 8.68 -94.37
CA ASP DA 12 -72.62 9.00 -95.05
C ASP DA 12 -73.16 7.84 -95.85
N THR DA 13 -72.29 6.94 -96.30
CA THR DA 13 -72.69 5.89 -97.22
C THR DA 13 -73.32 4.74 -96.47
N GLN DA 14 -74.18 3.99 -97.16
CA GLN DA 14 -74.81 2.82 -96.59
C GLN DA 14 -74.81 1.69 -97.60
N ALA DA 15 -74.87 0.47 -97.09
CA ALA DA 15 -74.80 -0.73 -97.92
C ALA DA 15 -75.69 -1.82 -97.35
N ASN DA 16 -76.23 -2.66 -98.24
CA ASN DA 16 -77.10 -3.76 -97.86
C ASN DA 16 -76.27 -5.03 -97.63
N LEU DA 17 -76.24 -5.50 -96.38
CA LEU DA 17 -75.79 -6.86 -96.08
C LEU DA 17 -77.03 -7.73 -96.09
N VAL DA 18 -77.17 -8.59 -97.09
CA VAL DA 18 -78.45 -9.23 -97.36
C VAL DA 18 -78.47 -10.61 -96.73
N LEU DA 19 -79.39 -10.76 -95.78
CA LEU DA 19 -79.56 -11.97 -95.01
C LEU DA 19 -80.64 -12.84 -95.63
N THR DA 20 -80.36 -14.13 -95.68
CA THR DA 20 -81.33 -15.14 -96.09
C THR DA 20 -81.89 -15.79 -94.84
N GLU DA 21 -83.22 -15.94 -94.79
CA GLU DA 21 -83.88 -16.29 -93.54
C GLU DA 21 -83.55 -17.71 -93.10
N ILE DA 22 -83.56 -17.92 -91.79
CA ILE DA 22 -83.31 -19.22 -91.19
C ILE DA 22 -84.63 -19.67 -90.56
N PRO DA 23 -85.32 -20.65 -91.15
CA PRO DA 23 -86.64 -21.04 -90.63
C PRO DA 23 -86.54 -21.63 -89.24
N ALA DA 24 -87.47 -21.22 -88.37
CA ALA DA 24 -87.41 -21.71 -87.00
C ALA DA 24 -87.94 -23.13 -86.90
N GLU DA 25 -88.97 -23.45 -87.71
CA GLU DA 25 -89.65 -24.74 -87.70
C GLU DA 25 -88.72 -25.95 -87.56
N PRO DA 26 -87.56 -26.04 -88.23
CA PRO DA 26 -86.74 -27.25 -88.10
C PRO DA 26 -85.89 -27.36 -86.84
N TYR DA 27 -85.70 -26.31 -86.06
CA TYR DA 27 -84.75 -26.38 -84.94
C TYR DA 27 -85.39 -27.06 -83.73
N VAL DA 28 -84.56 -27.75 -82.94
CA VAL DA 28 -85.03 -28.54 -81.79
C VAL DA 28 -84.08 -28.37 -80.61
N HIS DA 29 -84.63 -28.13 -79.42
CA HIS DA 29 -83.83 -28.04 -78.20
C HIS DA 29 -83.03 -29.32 -77.96
N VAL DA 30 -81.76 -29.17 -77.61
CA VAL DA 30 -80.90 -30.32 -77.39
C VAL DA 30 -80.27 -30.30 -76.00
N SER DA 31 -80.02 -29.11 -75.46
CA SER DA 31 -79.37 -29.03 -74.16
C SER DA 31 -79.46 -27.62 -73.62
N GLY DA 32 -79.38 -27.53 -72.29
CA GLY DA 32 -79.47 -26.28 -71.56
C GLY DA 32 -80.79 -26.18 -70.81
N ASP DA 33 -80.99 -24.99 -70.22
CA ASP DA 33 -82.23 -24.64 -69.57
C ASP DA 33 -82.90 -23.50 -70.32
N ASN DA 34 -84.23 -23.53 -70.41
CA ASN DA 34 -84.97 -22.48 -71.11
C ASN DA 34 -84.83 -21.12 -70.44
N LYS DA 35 -84.13 -21.03 -69.31
CA LYS DA 35 -83.92 -19.76 -68.61
C LYS DA 35 -82.65 -19.05 -69.06
N SER DA 36 -81.51 -19.72 -69.00
CA SER DA 36 -80.22 -19.08 -69.28
C SER DA 36 -79.67 -19.42 -70.66
N THR DA 37 -79.47 -20.71 -70.95
CA THR DA 37 -78.73 -21.13 -72.14
C THR DA 37 -79.47 -22.25 -72.85
N ILE DA 38 -79.56 -22.15 -74.19
CA ILE DA 38 -80.33 -23.09 -75.01
C ILE DA 38 -79.54 -23.41 -76.27
N GLU DA 39 -79.54 -24.69 -76.67
CA GLU DA 39 -78.82 -25.12 -77.87
C GLU DA 39 -79.80 -25.80 -78.81
N TYR DA 40 -80.06 -25.20 -79.96
CA TYR DA 40 -80.94 -25.79 -80.97
C TYR DA 40 -80.16 -26.59 -82.00
N LEU DA 41 -80.80 -27.63 -82.50
CA LEU DA 41 -80.28 -28.49 -83.56
C LEU DA 41 -81.15 -28.36 -84.80
N ASP DA 42 -80.52 -28.06 -85.93
CA ASP DA 42 -81.18 -28.02 -87.23
C ASP DA 42 -81.43 -29.46 -87.69
N THR DA 43 -82.68 -29.93 -87.52
CA THR DA 43 -83.07 -31.22 -88.06
C THR DA 43 -83.11 -31.25 -89.58
N GLY DA 44 -82.84 -30.12 -90.24
CA GLY DA 44 -82.81 -30.09 -91.68
C GLY DA 44 -81.47 -30.54 -92.25
N SER DA 45 -80.78 -31.39 -91.51
CA SER DA 45 -79.45 -31.85 -91.88
C SER DA 45 -79.45 -33.35 -92.13
N ASP DA 46 -78.27 -33.87 -92.46
CA ASP DA 46 -78.13 -35.29 -92.75
C ASP DA 46 -78.36 -36.14 -91.50
N ASN DA 47 -79.07 -37.26 -91.66
CA ASN DA 47 -79.24 -38.21 -90.56
C ASN DA 47 -77.92 -38.88 -90.22
N SER DA 48 -77.12 -39.22 -91.25
CA SER DA 48 -76.09 -40.25 -91.17
C SER DA 48 -74.76 -39.75 -90.63
N LEU DA 49 -74.72 -38.54 -90.09
CA LEU DA 49 -73.52 -37.97 -89.52
C LEU DA 49 -73.67 -37.86 -88.00
N LEU DA 50 -72.58 -38.08 -87.28
CA LEU DA 50 -72.61 -37.82 -85.84
C LEU DA 50 -72.61 -36.33 -85.53
N VAL DA 51 -72.30 -35.50 -86.51
CA VAL DA 51 -72.34 -34.04 -86.35
C VAL DA 51 -73.49 -33.50 -87.17
N ARG DA 52 -74.20 -32.53 -86.59
CA ARG DA 52 -75.29 -31.87 -87.26
C ARG DA 52 -75.31 -30.41 -86.83
N PRO DA 53 -75.77 -29.51 -87.71
CA PRO DA 53 -75.68 -28.08 -87.44
C PRO DA 53 -76.53 -27.67 -86.24
N THR DA 54 -75.94 -26.81 -85.42
CA THR DA 54 -76.52 -26.44 -84.14
C THR DA 54 -76.19 -24.97 -83.88
N GLN DA 55 -77.20 -24.21 -83.45
CA GLN DA 55 -76.97 -22.83 -83.05
C GLN DA 55 -77.42 -22.64 -81.62
N GLN DA 56 -76.57 -22.00 -80.83
CA GLN DA 56 -76.78 -21.85 -79.40
C GLN DA 56 -76.98 -20.38 -79.07
N PHE DA 57 -77.86 -20.13 -78.09
CA PHE DA 57 -78.12 -18.80 -77.56
C PHE DA 57 -77.97 -18.80 -76.04
N ASN DA 58 -77.48 -17.70 -75.51
CA ASN DA 58 -77.05 -17.65 -74.12
C ASN DA 58 -77.08 -16.20 -73.64
N CYS DA 59 -77.94 -15.90 -72.65
CA CYS DA 59 -78.09 -14.54 -72.12
C CYS DA 59 -77.66 -14.48 -70.66
N VAL DA 60 -77.11 -13.32 -70.26
CA VAL DA 60 -76.76 -13.02 -68.88
C VAL DA 60 -76.95 -11.53 -68.63
N SER DA 61 -76.96 -11.16 -67.35
CA SER DA 61 -77.21 -9.78 -66.95
C SER DA 61 -76.60 -9.54 -65.57
N SER DA 62 -76.20 -8.30 -65.32
CA SER DA 62 -75.49 -7.96 -64.09
C SER DA 62 -75.84 -6.54 -63.64
N GLN DA 63 -75.87 -6.36 -62.33
CA GLN DA 63 -76.14 -5.09 -61.68
C GLN DA 63 -74.90 -4.22 -61.56
N TYR DA 64 -73.76 -4.69 -62.06
CA TYR DA 64 -72.47 -4.00 -61.90
C TYR DA 64 -71.87 -3.76 -63.27
N PRO DA 65 -72.45 -2.85 -64.06
CA PRO DA 65 -72.08 -2.76 -65.48
C PRO DA 65 -70.68 -2.23 -65.71
N TYR DA 66 -70.07 -1.60 -64.70
CA TYR DA 66 -68.75 -1.00 -64.82
C TYR DA 66 -67.65 -1.87 -64.22
N ARG DA 67 -67.91 -3.18 -64.05
CA ARG DA 67 -66.99 -4.02 -63.28
C ARG DA 67 -65.64 -4.11 -63.95
N ASN DA 68 -65.61 -4.29 -65.27
CA ASN DA 68 -64.36 -4.44 -65.99
C ASN DA 68 -63.86 -3.12 -66.58
N TYR DA 69 -64.68 -2.07 -66.59
CA TYR DA 69 -64.29 -0.80 -67.17
C TYR DA 69 -63.77 0.12 -66.06
N SER DA 70 -62.54 -0.20 -65.63
CA SER DA 70 -61.96 0.47 -64.47
C SER DA 70 -61.67 1.95 -64.74
N LYS DA 71 -61.44 2.32 -65.99
CA LYS DA 71 -60.97 3.66 -66.34
C LYS DA 71 -62.09 4.67 -66.50
N ILE DA 72 -63.32 4.33 -66.09
CA ILE DA 72 -64.41 5.30 -66.03
C ILE DA 72 -64.57 5.71 -64.57
N PRO DA 73 -64.51 7.00 -64.25
CA PRO DA 73 -64.68 7.43 -62.85
C PRO DA 73 -66.13 7.29 -62.39
N ARG DA 74 -66.29 7.20 -61.07
CA ARG DA 74 -67.64 7.09 -60.51
C ARG DA 74 -68.48 8.32 -60.83
N SER DA 75 -67.86 9.49 -60.94
CA SER DA 75 -68.57 10.69 -61.34
C SER DA 75 -69.19 10.57 -62.73
N GLN DA 76 -68.80 9.58 -63.52
CA GLN DA 76 -69.34 9.39 -64.86
C GLN DA 76 -70.02 8.03 -65.04
N GLN DA 77 -70.21 7.28 -63.95
CA GLN DA 77 -70.90 5.99 -63.99
C GLN DA 77 -72.39 6.19 -63.69
N ASP DA 78 -73.25 5.85 -64.65
CA ASP DA 78 -74.70 5.96 -64.47
C ASP DA 78 -75.21 4.92 -63.49
N PRO DA 79 -75.66 5.30 -62.29
CA PRO DA 79 -76.03 4.30 -61.29
C PRO DA 79 -77.29 3.55 -61.63
N LEU DA 80 -78.16 4.11 -62.47
CA LEU DA 80 -79.34 3.38 -62.91
C LEU DA 80 -78.98 2.29 -63.90
N ALA DA 81 -77.89 2.46 -64.63
CA ALA DA 81 -77.55 1.59 -65.75
C ALA DA 81 -77.16 0.20 -65.30
N VAL DA 82 -77.42 -0.77 -66.18
CA VAL DA 82 -77.36 -2.20 -65.88
C VAL DA 82 -76.80 -2.93 -67.10
N ARG DA 83 -76.03 -4.00 -66.86
CA ARG DA 83 -75.38 -4.72 -67.96
C ARG DA 83 -76.25 -5.86 -68.49
N ARG DA 84 -76.49 -5.86 -69.80
CA ARG DA 84 -77.18 -6.92 -70.50
C ARG DA 84 -76.22 -7.56 -71.51
N GLU DA 85 -76.27 -8.87 -71.68
CA GLU DA 85 -75.34 -9.53 -72.59
C GLU DA 85 -75.99 -10.77 -73.18
N PHE DA 86 -75.68 -11.04 -74.45
CA PHE DA 86 -76.07 -12.28 -75.10
C PHE DA 86 -74.93 -12.80 -75.97
N TYR DA 87 -75.03 -14.09 -76.30
CA TYR DA 87 -73.99 -14.83 -77.00
C TYR DA 87 -74.68 -15.86 -77.89
N THR DA 88 -74.35 -15.84 -79.18
CA THR DA 88 -74.81 -16.85 -80.10
C THR DA 88 -73.60 -17.54 -80.69
N ARG DA 89 -73.72 -18.85 -80.90
CA ARG DA 89 -72.67 -19.64 -81.56
C ARG DA 89 -73.32 -20.63 -82.52
N ARG DA 90 -73.10 -20.42 -83.82
CA ARG DA 90 -73.61 -21.32 -84.84
C ARG DA 90 -72.46 -22.19 -85.32
N VAL DA 91 -72.67 -23.49 -85.30
CA VAL DA 91 -71.77 -24.47 -85.87
C VAL DA 91 -72.53 -25.15 -86.99
N GLU DA 92 -72.00 -25.07 -88.21
CA GLU DA 92 -72.55 -25.86 -89.30
C GLU DA 92 -71.44 -26.73 -89.88
N TYR DA 93 -71.83 -27.93 -90.31
CA TYR DA 93 -70.89 -28.90 -90.86
C TYR DA 93 -71.20 -29.09 -92.35
N TRP DA 94 -70.33 -28.58 -93.21
CA TRP DA 94 -70.54 -28.68 -94.65
C TRP DA 94 -70.15 -30.06 -95.16
N ARG DA 95 -70.60 -30.34 -96.38
CA ARG DA 95 -70.52 -31.65 -96.99
C ARG DA 95 -69.91 -31.42 -98.38
N LYS DA 96 -68.68 -31.89 -98.61
CA LYS DA 96 -68.08 -31.74 -99.92
C LYS DA 96 -68.03 -33.08 -100.63
N ALA DA 97 -68.42 -33.05 -101.90
CA ALA DA 97 -68.41 -34.22 -102.79
C ALA DA 97 -68.79 -33.78 -104.18
N ASP DA 98 -68.41 -34.60 -105.17
CA ASP DA 98 -68.84 -34.40 -106.55
C ASP DA 98 -69.76 -35.53 -106.94
N ALA DA 99 -70.87 -35.18 -107.60
CA ALA DA 99 -71.81 -36.19 -108.07
C ALA DA 99 -71.28 -36.92 -109.29
N SER DA 100 -70.32 -36.32 -110.00
CA SER DA 100 -69.73 -36.97 -111.16
C SER DA 100 -68.99 -38.25 -110.78
N ASN DA 101 -68.28 -38.24 -109.65
CA ASN DA 101 -67.44 -39.35 -109.23
C ASN DA 101 -67.91 -39.82 -107.86
N VAL DA 102 -68.68 -40.91 -107.82
CA VAL DA 102 -69.13 -41.44 -106.53
C VAL DA 102 -68.05 -42.27 -105.86
N ASP DA 103 -67.00 -42.65 -106.59
CA ASP DA 103 -65.84 -43.26 -105.95
C ASP DA 103 -65.09 -42.25 -105.09
N ALA DA 104 -65.10 -40.98 -105.48
CA ALA DA 104 -64.34 -39.97 -104.74
C ALA DA 104 -64.96 -39.75 -103.36
N PRO DA 105 -64.15 -39.66 -102.32
CA PRO DA 105 -64.69 -39.67 -100.96
C PRO DA 105 -65.36 -38.35 -100.61
N GLU DA 106 -66.34 -38.44 -99.72
CA GLU DA 106 -67.07 -37.28 -99.23
C GLU DA 106 -66.45 -36.82 -97.92
N TYR DA 107 -66.37 -35.50 -97.73
CA TYR DA 107 -65.74 -34.95 -96.55
C TYR DA 107 -66.68 -34.02 -95.81
N THR DA 108 -66.46 -33.93 -94.49
CA THR DA 108 -67.19 -33.03 -93.61
C THR DA 108 -66.28 -31.85 -93.27
N LEU DA 109 -66.76 -30.64 -93.52
CA LEU DA 109 -65.98 -29.42 -93.33
C LEU DA 109 -66.62 -28.58 -92.23
N PRO DA 110 -66.10 -28.60 -91.00
CA PRO DA 110 -66.71 -27.80 -89.93
C PRO DA 110 -66.42 -26.31 -90.03
N GLN DA 111 -67.46 -25.53 -89.72
CA GLN DA 111 -67.44 -24.07 -89.75
C GLN DA 111 -68.18 -23.61 -88.51
N SER DA 112 -67.69 -22.55 -87.88
CA SER DA 112 -68.29 -22.06 -86.64
C SER DA 112 -68.11 -20.55 -86.51
N CYS DA 113 -69.12 -19.89 -85.96
CA CYS DA 113 -69.12 -18.43 -85.88
C CYS DA 113 -69.90 -18.01 -84.64
N SER DA 114 -69.36 -17.06 -83.88
CA SER DA 114 -69.96 -16.65 -82.64
C SER DA 114 -69.98 -15.13 -82.49
N ILE DA 115 -71.07 -14.62 -81.94
CA ILE DA 115 -71.26 -13.20 -81.69
C ILE DA 115 -71.58 -13.01 -80.22
N ARG DA 116 -70.85 -12.10 -79.56
CA ARG DA 116 -71.07 -11.76 -78.17
C ARG DA 116 -71.33 -10.26 -78.07
N LEU DA 117 -72.52 -9.91 -77.60
CA LEU DA 117 -72.89 -8.51 -77.43
C LEU DA 117 -73.13 -8.24 -75.95
N ALA DA 118 -72.40 -7.26 -75.40
CA ALA DA 118 -72.56 -6.85 -74.02
C ALA DA 118 -72.77 -5.33 -74.03
N SER DA 119 -73.97 -4.89 -73.66
CA SER DA 119 -74.30 -3.47 -73.61
C SER DA 119 -74.53 -3.05 -72.16
N THR DA 120 -74.21 -1.79 -71.85
CA THR DA 120 -74.79 -1.20 -70.65
C THR DA 120 -76.05 -0.46 -71.07
N VAL DA 121 -77.18 -0.91 -70.56
CA VAL DA 121 -78.49 -0.34 -70.86
C VAL DA 121 -78.85 0.65 -69.75
N THR DA 122 -79.44 1.77 -70.15
CA THR DA 122 -80.07 2.70 -69.24
C THR DA 122 -81.47 2.99 -69.76
N LYS DA 123 -82.20 3.86 -69.05
CA LYS DA 123 -83.60 4.14 -69.40
C LYS DA 123 -83.73 4.56 -70.87
N GLU DA 124 -82.77 5.31 -71.38
CA GLU DA 124 -82.84 5.88 -72.72
C GLU DA 124 -82.21 4.98 -73.79
N THR DA 125 -81.50 3.91 -73.39
CA THR DA 125 -80.95 2.98 -74.36
C THR DA 125 -82.08 2.25 -75.07
N THR DA 126 -82.05 2.29 -76.40
CA THR DA 126 -83.12 1.72 -77.21
C THR DA 126 -82.67 0.47 -77.96
N ALA DA 127 -83.67 -0.25 -78.46
CA ALA DA 127 -83.43 -1.40 -79.33
C ALA DA 127 -82.48 -1.02 -80.46
N ALA DA 128 -82.82 0.04 -81.19
CA ALA DA 128 -82.02 0.46 -82.33
C ALA DA 128 -80.61 0.85 -81.92
N ASP DA 129 -80.47 1.53 -80.78
CA ASP DA 129 -79.13 1.88 -80.28
C ASP DA 129 -78.29 0.63 -80.07
N ILE DA 130 -78.89 -0.42 -79.51
CA ILE DA 130 -78.09 -1.62 -79.27
C ILE DA 130 -77.80 -2.36 -80.57
N ALA DA 131 -78.72 -2.32 -81.53
CA ALA DA 131 -78.44 -2.88 -82.85
C ALA DA 131 -77.28 -2.15 -83.53
N GLY DA 132 -77.18 -0.84 -83.28
CA GLY DA 132 -76.15 -0.05 -83.93
C GLY DA 132 -74.74 -0.56 -83.68
N ILE DA 133 -74.48 -1.09 -82.48
CA ILE DA 133 -73.12 -1.51 -82.20
C ILE DA 133 -72.77 -2.77 -82.98
N VAL DA 134 -73.73 -3.69 -83.13
CA VAL DA 134 -73.50 -4.83 -84.00
C VAL DA 134 -73.26 -4.39 -85.44
N LEU DA 135 -74.05 -3.44 -85.92
CA LEU DA 135 -73.89 -2.99 -87.30
C LEU DA 135 -72.54 -2.31 -87.51
N ARG DA 136 -72.09 -1.49 -86.55
CA ARG DA 136 -70.80 -0.84 -86.67
C ARG DA 136 -69.64 -1.80 -86.45
N THR DA 137 -69.87 -2.91 -85.75
CA THR DA 137 -68.85 -3.96 -85.67
C THR DA 137 -68.70 -4.67 -87.00
N LEU DA 138 -69.82 -4.86 -87.71
CA LEU DA 138 -69.77 -5.54 -89.00
C LEU DA 138 -69.20 -4.67 -90.11
N ALA DA 139 -69.55 -3.38 -90.13
CA ALA DA 139 -69.21 -2.52 -91.26
C ALA DA 139 -67.74 -2.51 -91.66
N PRO DA 140 -66.77 -2.62 -90.75
CA PRO DA 140 -65.38 -2.70 -91.21
C PRO DA 140 -65.09 -3.95 -92.02
N ILE DA 141 -65.73 -5.07 -91.69
CA ILE DA 141 -65.54 -6.31 -92.43
C ILE DA 141 -66.35 -6.33 -93.74
N PHE DA 142 -67.50 -5.67 -93.77
CA PHE DA 142 -68.38 -5.67 -94.94
C PHE DA 142 -68.60 -4.24 -95.39
N PRO DA 143 -67.57 -3.59 -95.93
CA PRO DA 143 -67.71 -2.17 -96.27
C PRO DA 143 -68.73 -1.92 -97.37
N ASN DA 144 -69.02 -2.91 -98.21
CA ASN DA 144 -70.05 -2.81 -99.23
C ASN DA 144 -71.17 -3.81 -99.01
N GLY DA 145 -71.25 -4.39 -97.81
CA GLY DA 145 -72.33 -5.31 -97.53
C GLY DA 145 -72.15 -6.56 -98.36
N SER DA 146 -73.22 -7.05 -98.95
CA SER DA 146 -73.11 -8.22 -99.80
C SER DA 146 -72.42 -7.94 -101.13
N GLY DA 147 -72.13 -6.67 -101.45
CA GLY DA 147 -71.66 -6.32 -102.79
C GLY DA 147 -70.35 -6.98 -103.18
N ASP DA 148 -69.41 -7.08 -102.24
CA ASP DA 148 -68.14 -7.77 -102.44
C ASP DA 148 -67.73 -8.39 -101.11
N TRP DA 149 -66.69 -9.22 -101.15
CA TRP DA 149 -66.22 -9.89 -99.95
C TRP DA 149 -64.75 -9.59 -99.67
N ILE DA 150 -64.26 -8.43 -100.11
CA ILE DA 150 -62.81 -8.25 -100.21
C ILE DA 150 -62.17 -8.21 -98.84
N LYS DA 151 -62.74 -7.44 -97.92
CA LYS DA 151 -62.13 -7.34 -96.60
C LYS DA 151 -62.27 -8.64 -95.83
N LEU DA 152 -63.39 -9.34 -96.01
CA LEU DA 152 -63.53 -10.65 -95.38
C LEU DA 152 -62.46 -11.61 -95.90
N GLN DA 153 -62.22 -11.58 -97.21
CA GLN DA 153 -61.18 -12.41 -97.80
C GLN DA 153 -59.82 -12.10 -97.20
N GLN DA 154 -59.53 -10.80 -96.98
CA GLN DA 154 -58.28 -10.45 -96.31
C GLN DA 154 -58.21 -11.06 -94.92
N LEU DA 155 -59.31 -10.99 -94.17
CA LEU DA 155 -59.32 -11.58 -92.83
C LEU DA 155 -59.00 -13.07 -92.89
N ILE DA 156 -59.60 -13.78 -93.83
CA ILE DA 156 -59.34 -15.21 -93.95
C ILE DA 156 -57.90 -15.45 -94.37
N ASP DA 157 -57.40 -14.66 -95.34
CA ASP DA 157 -56.01 -14.76 -95.79
C ASP DA 157 -55.02 -14.47 -94.67
N GLY DA 158 -55.47 -13.83 -93.59
CA GLY DA 158 -54.66 -13.60 -92.42
C GLY DA 158 -54.10 -12.20 -92.31
N LEU DA 159 -54.75 -11.20 -92.90
CA LEU DA 159 -54.24 -9.84 -93.02
C LEU DA 159 -55.04 -8.91 -92.12
N PRO DA 160 -54.67 -8.78 -90.84
CA PRO DA 160 -55.57 -8.14 -89.87
C PRO DA 160 -55.65 -6.63 -90.00
N ARG DA 161 -54.75 -5.99 -90.75
CA ARG DA 161 -54.76 -4.54 -90.92
C ARG DA 161 -55.90 -4.16 -91.88
N ILE DA 162 -57.09 -3.95 -91.31
CA ILE DA 162 -58.28 -3.65 -92.08
C ILE DA 162 -58.43 -2.14 -92.30
N PHE DA 163 -58.02 -1.33 -91.34
CA PHE DA 163 -58.05 0.11 -91.50
C PHE DA 163 -56.73 0.65 -92.02
N GLY DA 164 -55.89 -0.23 -92.57
CA GLY DA 164 -54.58 0.16 -93.04
C GLY DA 164 -53.51 -0.02 -91.97
N SER EA 1 28.54 12.53 145.71
CA SER EA 1 28.69 13.05 144.36
C SER EA 1 29.55 12.09 143.53
N TYR EA 2 29.05 11.75 142.34
CA TYR EA 2 29.63 10.67 141.55
C TYR EA 2 31.09 10.93 141.21
N THR EA 3 31.91 9.87 141.31
CA THR EA 3 33.28 9.89 140.82
C THR EA 3 33.49 8.75 139.82
N ILE EA 4 34.46 8.96 138.93
CA ILE EA 4 34.77 8.01 137.87
C ILE EA 4 36.06 7.29 138.21
N ASP EA 5 35.97 5.97 138.34
CA ASP EA 5 37.12 5.09 138.56
C ASP EA 5 37.52 4.47 137.22
N ILE EA 6 38.75 4.74 136.78
CA ILE EA 6 39.24 3.98 135.63
C ILE EA 6 39.59 2.59 136.15
N ASN EA 7 38.72 1.64 135.87
CA ASN EA 7 38.94 0.27 136.30
C ASN EA 7 40.11 -0.25 135.48
N CYS EA 8 41.30 -0.26 136.07
CA CYS EA 8 42.51 -0.38 135.27
C CYS EA 8 43.73 -0.44 136.19
N SER EA 9 44.85 -0.90 135.64
CA SER EA 9 46.11 -0.94 136.36
C SER EA 9 47.04 0.17 135.89
N THR EA 10 47.37 1.09 136.79
CA THR EA 10 48.34 2.16 136.53
C THR EA 10 49.56 2.00 137.43
N GLY EA 11 50.62 2.70 137.07
CA GLY EA 11 51.90 2.61 137.75
C GLY EA 11 52.33 3.93 138.34
N ASP EA 12 53.41 3.95 139.12
CA ASP EA 12 53.86 5.20 139.71
C ASP EA 12 54.72 6.02 138.76
N THR EA 13 55.51 5.36 137.93
CA THR EA 13 56.48 6.03 137.08
C THR EA 13 55.81 6.79 135.93
N GLN EA 14 56.49 7.81 135.40
CA GLN EA 14 55.98 8.54 134.24
C GLN EA 14 57.12 8.81 133.29
N ALA EA 15 56.82 8.72 131.99
CA ALA EA 15 57.78 9.03 130.94
C ALA EA 15 57.27 10.17 130.07
N ASN EA 16 58.20 10.85 129.40
CA ASN EA 16 57.89 11.89 128.45
C ASN EA 16 57.94 11.32 127.03
N LEU EA 17 56.80 11.35 126.33
CA LEU EA 17 56.76 11.14 124.90
C LEU EA 17 56.87 12.52 124.25
N VAL EA 18 58.00 12.80 123.62
CA VAL EA 18 58.31 14.15 123.16
C VAL EA 18 57.74 14.34 121.76
N LEU EA 19 56.69 15.14 121.66
CA LEU EA 19 56.07 15.46 120.38
C LEU EA 19 56.69 16.72 119.83
N THR EA 20 56.94 16.70 118.52
CA THR EA 20 57.37 17.90 117.82
C THR EA 20 56.16 18.48 117.09
N GLU EA 21 55.97 19.79 117.24
CA GLU EA 21 54.75 20.41 116.73
C GLU EA 21 54.66 20.27 115.21
N ILE EA 22 53.45 20.38 114.70
CA ILE EA 22 53.21 20.40 113.28
C ILE EA 22 52.49 21.70 112.97
N PRO EA 23 53.12 22.62 112.24
CA PRO EA 23 52.53 23.96 112.06
C PRO EA 23 51.28 23.91 111.23
N ALA EA 24 50.26 24.65 111.66
CA ALA EA 24 48.98 24.59 110.98
C ALA EA 24 48.97 25.38 109.68
N GLU EA 25 49.85 26.37 109.55
CA GLU EA 25 49.84 27.20 108.34
C GLU EA 25 49.95 26.39 107.06
N PRO EA 26 50.89 25.46 106.91
CA PRO EA 26 51.02 24.78 105.61
C PRO EA 26 49.86 23.86 105.24
N TYR EA 27 48.93 23.54 106.14
CA TYR EA 27 47.87 22.60 105.80
C TYR EA 27 46.72 23.32 105.08
N VAL EA 28 46.20 22.67 104.04
CA VAL EA 28 45.13 23.23 103.21
C VAL EA 28 43.94 22.28 103.22
N HIS EA 29 42.76 22.81 103.59
CA HIS EA 29 41.53 22.06 103.50
C HIS EA 29 41.28 21.62 102.06
N VAL EA 30 41.01 20.32 101.89
CA VAL EA 30 40.88 19.72 100.57
C VAL EA 30 39.47 19.17 100.35
N SER EA 31 38.96 18.39 101.29
CA SER EA 31 37.68 17.73 101.12
C SER EA 31 36.98 17.58 102.46
N GLY EA 32 35.65 17.62 102.43
CA GLY EA 32 34.84 17.10 103.52
C GLY EA 32 34.07 18.15 104.29
N ASP EA 33 32.87 17.75 104.75
CA ASP EA 33 32.04 18.53 105.67
C ASP EA 33 32.50 18.33 107.10
N ASN EA 34 31.78 18.93 108.04
CA ASN EA 34 31.78 18.39 109.40
C ASN EA 34 31.01 17.07 109.42
N LYS EA 35 29.99 16.93 108.56
CA LYS EA 35 29.24 15.69 108.44
C LYS EA 35 30.05 14.60 107.76
N SER EA 36 31.00 14.97 106.91
CA SER EA 36 31.90 14.04 106.27
C SER EA 36 33.24 14.05 107.02
N THR EA 37 34.27 13.45 106.43
CA THR EA 37 35.62 13.49 107.01
C THR EA 37 36.43 14.65 106.42
N ILE EA 38 36.96 15.51 107.31
CA ILE EA 38 37.80 16.62 106.88
C ILE EA 38 39.17 16.12 106.47
N GLU EA 39 39.71 16.67 105.38
CA GLU EA 39 41.00 16.22 104.85
C GLU EA 39 41.89 17.42 104.59
N TYR EA 40 43.13 17.36 105.07
CA TYR EA 40 44.10 18.42 104.84
C TYR EA 40 45.31 17.88 104.08
N LEU EA 41 45.85 18.75 103.23
CA LEU EA 41 47.08 18.52 102.49
C LEU EA 41 48.21 19.33 103.11
N ASP EA 42 49.33 18.67 103.40
CA ASP EA 42 50.53 19.34 103.87
C ASP EA 42 51.26 19.87 102.64
N THR EA 43 51.15 21.18 102.39
CA THR EA 43 51.73 21.79 101.19
C THR EA 43 53.21 22.06 101.35
N GLY EA 44 53.78 21.79 102.52
CA GLY EA 44 55.21 21.86 102.69
C GLY EA 44 55.86 20.55 102.35
N SER EA 45 55.61 20.06 101.13
CA SER EA 45 56.14 18.80 100.64
C SER EA 45 56.74 18.99 99.27
N ASP EA 46 57.41 17.95 98.78
CA ASP EA 46 57.98 18.02 97.43
C ASP EA 46 56.84 18.08 96.44
N ASN EA 47 56.72 19.24 95.79
CA ASN EA 47 55.72 19.46 94.75
C ASN EA 47 55.90 18.48 93.60
N SER EA 48 57.14 18.05 93.33
CA SER EA 48 57.45 17.23 92.17
C SER EA 48 57.03 15.77 92.33
N LEU EA 49 56.31 15.45 93.40
CA LEU EA 49 55.64 14.16 93.56
C LEU EA 49 54.14 14.35 93.36
N LEU EA 50 53.51 13.37 92.74
CA LEU EA 50 52.06 13.40 92.62
C LEU EA 50 51.35 12.90 93.87
N VAL EA 51 52.10 12.37 94.85
CA VAL EA 51 51.56 12.03 96.15
C VAL EA 51 52.14 13.01 97.15
N ARG EA 52 51.30 13.47 98.06
CA ARG EA 52 51.71 14.46 99.04
C ARG EA 52 51.07 14.11 100.38
N PRO EA 53 51.67 14.55 101.48
CA PRO EA 53 51.21 14.14 102.81
C PRO EA 53 49.85 14.76 103.14
N THR EA 54 48.98 13.93 103.69
CA THR EA 54 47.64 14.37 104.07
C THR EA 54 47.31 13.83 105.46
N GLN EA 55 46.64 14.66 106.25
CA GLN EA 55 46.03 14.13 107.47
C GLN EA 55 44.54 14.46 107.50
N GLN EA 56 43.73 13.49 107.93
CA GLN EA 56 42.29 13.66 107.94
C GLN EA 56 41.73 13.43 109.34
N PHE EA 57 40.62 14.12 109.61
CA PHE EA 57 39.94 14.12 110.89
C PHE EA 57 38.44 13.93 110.68
N ASN EA 58 37.89 12.90 111.32
CA ASN EA 58 36.47 12.59 111.30
C ASN EA 58 36.01 12.45 112.74
N CYS EA 59 34.80 12.92 113.04
CA CYS EA 59 34.27 12.63 114.36
C CYS EA 59 32.75 12.51 114.29
N VAL EA 60 32.21 11.58 115.09
CA VAL EA 60 30.80 11.23 115.10
C VAL EA 60 30.36 10.92 116.53
N SER EA 61 29.07 11.08 116.77
CA SER EA 61 28.51 11.00 118.11
C SER EA 61 27.17 10.30 118.07
N SER EA 62 26.86 9.54 119.13
CA SER EA 62 25.60 8.81 119.19
C SER EA 62 25.02 8.82 120.60
N GLN EA 63 23.70 8.79 120.65
CA GLN EA 63 22.97 8.75 121.92
C GLN EA 63 22.88 7.35 122.49
N TYR EA 64 23.44 6.35 121.81
CA TYR EA 64 23.30 4.94 122.17
C TYR EA 64 24.68 4.35 122.43
N PRO EA 65 25.31 4.71 123.55
CA PRO EA 65 26.75 4.43 123.71
C PRO EA 65 27.06 2.97 123.99
N TYR EA 66 26.06 2.17 124.35
CA TYR EA 66 26.27 0.77 124.68
C TYR EA 66 25.98 -0.15 123.50
N ARG EA 67 25.87 0.39 122.29
CA ARG EA 67 25.43 -0.43 121.15
C ARG EA 67 26.43 -1.53 120.84
N ASN EA 68 27.72 -1.24 120.92
CA ASN EA 68 28.74 -2.23 120.59
C ASN EA 68 29.07 -3.17 121.73
N TYR EA 69 28.80 -2.78 122.96
CA TYR EA 69 29.20 -3.55 124.12
C TYR EA 69 28.02 -4.38 124.59
N SER EA 70 28.17 -5.70 124.57
CA SER EA 70 27.05 -6.59 124.77
C SER EA 70 26.85 -7.02 126.21
N LYS EA 71 27.93 -7.16 126.99
CA LYS EA 71 27.83 -7.81 128.29
C LYS EA 71 27.72 -6.81 129.44
N ILE EA 72 27.20 -5.62 129.17
CA ILE EA 72 26.92 -4.62 130.21
C ILE EA 72 25.43 -4.63 130.48
N PRO EA 73 24.98 -4.96 131.69
CA PRO EA 73 23.54 -4.97 132.00
C PRO EA 73 22.94 -3.59 131.96
N ARG EA 74 21.64 -3.53 131.67
CA ARG EA 74 20.94 -2.25 131.65
C ARG EA 74 21.00 -1.56 133.01
N SER EA 75 20.93 -2.33 134.09
CA SER EA 75 21.03 -1.77 135.42
C SER EA 75 22.36 -1.06 135.67
N GLN EA 76 23.33 -1.23 134.78
CA GLN EA 76 24.63 -0.57 134.89
C GLN EA 76 24.87 0.43 133.76
N GLN EA 77 23.88 0.68 132.91
CA GLN EA 77 24.03 1.60 131.79
C GLN EA 77 23.54 3.00 132.19
N ASP EA 78 24.45 3.97 132.14
CA ASP EA 78 24.12 5.36 132.51
C ASP EA 78 23.20 5.98 131.47
N PRO EA 79 21.95 6.32 131.80
CA PRO EA 79 21.02 6.82 130.79
C PRO EA 79 21.40 8.18 130.24
N LEU EA 80 22.24 8.92 130.95
CA LEU EA 80 22.74 10.20 130.49
C LEU EA 80 24.02 10.08 129.68
N ALA EA 81 24.58 8.88 129.57
CA ALA EA 81 25.84 8.73 128.87
C ALA EA 81 25.65 8.85 127.37
N VAL EA 82 26.67 9.37 126.70
CA VAL EA 82 26.67 9.58 125.26
C VAL EA 82 27.98 9.04 124.71
N ARG EA 83 27.99 8.69 123.43
CA ARG EA 83 29.17 8.16 122.76
C ARG EA 83 29.78 9.27 121.91
N ARG EA 84 31.04 9.61 122.19
CA ARG EA 84 31.79 10.58 121.41
C ARG EA 84 32.96 9.85 120.76
N GLU EA 85 33.12 9.98 119.45
CA GLU EA 85 34.14 9.24 118.72
C GLU EA 85 34.86 10.20 117.79
N PHE EA 86 36.18 10.01 117.64
CA PHE EA 86 36.95 10.74 116.63
C PHE EA 86 38.02 9.82 116.06
N TYR EA 87 38.50 10.19 114.89
CA TYR EA 87 39.35 9.33 114.08
C TYR EA 87 40.26 10.19 113.23
N THR EA 88 41.56 9.98 113.35
CA THR EA 88 42.52 10.70 112.53
C THR EA 88 43.34 9.68 111.75
N ARG EA 89 43.68 10.04 110.51
CA ARG EA 89 44.57 9.21 109.69
C ARG EA 89 45.56 10.11 108.98
N ARG EA 90 46.84 9.93 109.29
CA ARG EA 90 47.92 10.67 108.67
C ARG EA 90 48.66 9.75 107.73
N VAL EA 91 48.78 10.16 106.48
CA VAL EA 91 49.61 9.48 105.50
C VAL EA 91 50.73 10.45 105.14
N GLU EA 92 51.98 10.02 105.34
CA GLU EA 92 53.10 10.74 104.79
C GLU EA 92 53.82 9.87 103.77
N TYR EA 93 54.59 10.53 102.92
CA TYR EA 93 55.29 9.89 101.81
C TYR EA 93 56.77 10.25 101.89
N TRP EA 94 57.57 9.35 102.44
CA TRP EA 94 59.00 9.61 102.59
C TRP EA 94 59.71 9.48 101.25
N ARG EA 95 60.93 9.99 101.19
CA ARG EA 95 61.73 9.98 99.98
C ARG EA 95 63.12 9.51 100.35
N LYS EA 96 63.60 8.43 99.72
CA LYS EA 96 64.96 7.96 99.92
C LYS EA 96 65.80 8.29 98.70
N ALA EA 97 66.96 8.91 98.94
CA ALA EA 97 67.95 9.19 97.90
C ALA EA 97 69.30 9.47 98.56
N ASP EA 98 70.35 9.60 97.76
CA ASP EA 98 71.62 10.05 98.31
C ASP EA 98 72.25 11.11 97.41
N ALA EA 99 72.73 12.19 98.05
CA ALA EA 99 73.43 13.24 97.32
C ALA EA 99 74.79 12.76 96.82
N SER EA 100 75.27 11.62 97.31
CA SER EA 100 76.56 11.09 96.90
C SER EA 100 76.53 10.61 95.45
N ASN EA 101 75.37 10.19 94.95
CA ASN EA 101 75.27 9.53 93.65
C ASN EA 101 74.09 10.11 92.88
N VAL EA 102 74.37 11.03 91.95
CA VAL EA 102 73.32 11.55 91.10
C VAL EA 102 72.77 10.48 90.18
N ASP EA 103 73.52 9.40 89.97
CA ASP EA 103 73.14 8.34 89.05
C ASP EA 103 72.19 7.31 89.68
N ALA EA 104 72.04 7.31 91.00
CA ALA EA 104 71.24 6.28 91.66
C ALA EA 104 69.81 6.73 91.86
N PRO EA 105 68.84 5.83 91.68
CA PRO EA 105 67.43 6.25 91.63
C PRO EA 105 66.91 6.67 92.99
N GLU EA 106 65.87 7.51 92.95
CA GLU EA 106 65.16 7.92 94.16
C GLU EA 106 63.88 7.10 94.29
N TYR EA 107 63.48 6.83 95.53
CA TYR EA 107 62.27 6.07 95.78
C TYR EA 107 61.39 6.83 96.76
N THR EA 108 60.07 6.69 96.60
CA THR EA 108 59.12 7.25 97.55
C THR EA 108 58.47 6.12 98.35
N LEU EA 109 58.49 6.27 99.67
CA LEU EA 109 58.11 5.22 100.63
C LEU EA 109 56.88 5.61 101.42
N PRO EA 110 55.74 4.96 101.21
CA PRO EA 110 54.51 5.36 101.93
C PRO EA 110 54.42 4.86 103.36
N GLN EA 111 53.89 5.73 104.22
CA GLN EA 111 53.70 5.46 105.63
C GLN EA 111 52.32 5.99 106.03
N SER EA 112 51.60 5.22 106.86
CA SER EA 112 50.29 5.64 107.33
C SER EA 112 50.08 5.26 108.78
N CYS EA 113 49.37 6.11 109.52
CA CYS EA 113 49.08 5.85 110.92
C CYS EA 113 47.72 6.44 111.25
N SER EA 114 46.90 5.65 111.96
CA SER EA 114 45.52 6.06 112.23
C SER EA 114 45.14 5.75 113.67
N ILE EA 115 44.53 6.73 114.33
CA ILE EA 115 44.09 6.62 115.71
C ILE EA 115 42.59 6.87 115.77
N ARG EA 116 41.85 5.91 116.35
CA ARG EA 116 40.41 6.04 116.60
C ARG EA 116 40.16 5.95 118.10
N LEU EA 117 39.25 6.79 118.58
CA LEU EA 117 38.92 6.89 120.00
C LEU EA 117 37.41 7.06 120.13
N ALA EA 118 36.77 6.18 120.91
CA ALA EA 118 35.36 6.28 121.20
C ALA EA 118 35.21 6.16 122.72
N SER EA 119 34.84 7.28 123.34
CA SER EA 119 34.63 7.33 124.78
C SER EA 119 33.14 7.41 125.09
N THR EA 120 32.75 6.76 126.18
CA THR EA 120 31.46 7.05 126.78
C THR EA 120 31.62 8.26 127.69
N VAL EA 121 30.90 9.33 127.40
CA VAL EA 121 31.02 10.60 128.12
C VAL EA 121 29.74 10.86 128.89
N THR EA 122 29.89 11.18 130.18
CA THR EA 122 28.82 11.58 131.06
C THR EA 122 29.23 12.89 131.73
N LYS EA 123 28.35 13.40 132.60
CA LYS EA 123 28.56 14.71 133.22
C LYS EA 123 29.95 14.83 133.82
N GLU EA 124 30.40 13.78 134.50
CA GLU EA 124 31.64 13.81 135.27
C GLU EA 124 32.88 13.50 134.43
N THR EA 125 32.71 13.06 133.20
CA THR EA 125 33.83 12.76 132.32
C THR EA 125 34.48 14.06 131.85
N THR EA 126 35.77 14.24 132.17
CA THR EA 126 36.50 15.44 131.78
C THR EA 126 37.40 15.17 130.57
N ALA EA 127 37.79 16.26 129.92
CA ALA EA 127 38.67 16.16 128.76
C ALA EA 127 39.96 15.45 129.13
N ALA EA 128 40.50 15.73 130.32
CA ALA EA 128 41.66 15.00 130.81
C ALA EA 128 41.37 13.51 130.94
N ASP EA 129 40.20 13.15 131.50
CA ASP EA 129 39.84 11.75 131.63
C ASP EA 129 39.88 11.05 130.28
N ILE EA 130 39.40 11.75 129.23
CA ILE EA 130 39.36 11.12 127.91
C ILE EA 130 40.75 11.07 127.30
N ALA EA 131 41.59 12.07 127.55
CA ALA EA 131 42.97 11.98 127.10
C ALA EA 131 43.69 10.80 127.74
N GLY EA 132 43.29 10.47 128.97
CA GLY EA 132 43.88 9.34 129.66
C GLY EA 132 43.83 8.06 128.86
N ILE EA 133 42.72 7.83 128.13
CA ILE EA 133 42.60 6.55 127.44
C ILE EA 133 43.61 6.46 126.29
N VAL EA 134 43.83 7.57 125.59
CA VAL EA 134 44.86 7.57 124.55
C VAL EA 134 46.24 7.39 125.17
N LEU EA 135 46.49 8.06 126.30
CA LEU EA 135 47.80 7.96 126.94
C LEU EA 135 48.08 6.53 127.41
N ARG EA 136 47.06 5.85 127.94
CA ARG EA 136 47.23 4.48 128.39
C ARG EA 136 47.30 3.50 127.22
N THR EA 137 46.65 3.81 126.09
CA THR EA 137 46.85 2.98 124.91
C THR EA 137 48.29 3.08 124.41
N LEU EA 138 48.85 4.30 124.45
CA LEU EA 138 50.22 4.50 123.94
C LEU EA 138 51.25 3.89 124.88
N ALA EA 139 51.03 4.00 126.20
CA ALA EA 139 52.10 3.71 127.16
C ALA EA 139 52.74 2.33 127.02
N PRO EA 140 52.02 1.23 126.79
CA PRO EA 140 52.71 -0.07 126.66
C PRO EA 140 53.71 -0.13 125.52
N ILE EA 141 53.44 0.55 124.42
CA ILE EA 141 54.34 0.58 123.26
C ILE EA 141 55.53 1.49 123.50
N PHE EA 142 55.35 2.57 124.25
CA PHE EA 142 56.41 3.54 124.53
C PHE EA 142 56.58 3.61 126.04
N PRO EA 143 57.07 2.53 126.67
CA PRO EA 143 57.12 2.51 128.14
C PRO EA 143 58.13 3.47 128.72
N ASN EA 144 59.07 3.97 127.92
CA ASN EA 144 60.00 5.02 128.35
C ASN EA 144 59.86 6.27 127.50
N GLY EA 145 58.71 6.44 126.84
CA GLY EA 145 58.49 7.65 126.11
C GLY EA 145 59.42 7.74 124.92
N SER EA 146 59.83 8.96 124.58
CA SER EA 146 60.77 9.11 123.49
C SER EA 146 62.14 8.53 123.81
N GLY EA 147 62.35 8.01 125.02
CA GLY EA 147 63.68 7.57 125.41
C GLY EA 147 64.22 6.42 124.57
N ASP EA 148 63.50 5.30 124.52
CA ASP EA 148 63.93 4.15 123.74
C ASP EA 148 62.79 3.68 122.87
N TRP EA 149 63.11 2.83 121.90
CA TRP EA 149 62.12 2.36 120.94
C TRP EA 149 62.02 0.85 120.96
N ILE EA 150 62.26 0.21 122.11
CA ILE EA 150 62.48 -1.23 122.12
C ILE EA 150 61.19 -1.97 121.80
N LYS EA 151 60.10 -1.60 122.47
CA LYS EA 151 58.84 -2.29 122.24
C LYS EA 151 58.29 -1.96 120.86
N LEU EA 152 58.47 -0.73 120.41
CA LEU EA 152 58.05 -0.39 119.06
C LEU EA 152 58.80 -1.24 118.04
N GLN EA 153 60.11 -1.38 118.24
CA GLN EA 153 60.92 -2.23 117.38
C GLN EA 153 60.38 -3.64 117.34
N GLN EA 154 59.99 -4.18 118.49
CA GLN EA 154 59.37 -5.51 118.51
C GLN EA 154 58.10 -5.54 117.65
N LEU EA 155 57.21 -4.57 117.85
CA LEU EA 155 55.98 -4.55 117.07
C LEU EA 155 56.28 -4.57 115.57
N ILE EA 156 57.30 -3.83 115.16
CA ILE EA 156 57.64 -3.81 113.73
C ILE EA 156 58.28 -5.13 113.31
N ASP EA 157 59.13 -5.69 114.18
CA ASP EA 157 59.76 -6.99 113.94
C ASP EA 157 58.75 -8.11 113.85
N GLY EA 158 57.50 -7.87 114.23
CA GLY EA 158 56.46 -8.88 114.12
C GLY EA 158 56.19 -9.66 115.38
N LEU EA 159 56.55 -9.12 116.55
CA LEU EA 159 56.39 -9.77 117.84
C LEU EA 159 55.33 -9.05 118.66
N PRO EA 160 54.09 -9.55 118.70
CA PRO EA 160 52.98 -8.78 119.26
C PRO EA 160 52.89 -8.75 120.77
N ARG EA 161 53.65 -9.57 121.50
CA ARG EA 161 53.43 -9.68 122.94
C ARG EA 161 54.23 -8.59 123.65
N ILE EA 162 53.61 -7.42 123.78
CA ILE EA 162 54.20 -6.31 124.53
C ILE EA 162 54.38 -6.68 125.99
N PHE EA 163 53.39 -7.37 126.56
CA PHE EA 163 53.41 -7.68 127.98
C PHE EA 163 54.07 -9.02 128.29
N GLY EA 164 54.40 -9.81 127.27
CA GLY EA 164 55.05 -11.10 127.48
C GLY EA 164 54.13 -12.31 127.40
N SER FA 1 74.69 5.23 101.18
CA SER FA 1 74.62 6.66 101.42
C SER FA 1 73.18 7.14 101.34
N TYR FA 2 72.27 6.22 100.99
CA TYR FA 2 70.85 6.53 100.95
C TYR FA 2 70.36 7.10 102.28
N THR FA 3 69.61 8.18 102.20
CA THR FA 3 69.00 8.81 103.35
C THR FA 3 67.49 8.92 103.14
N ILE FA 4 66.79 8.82 104.26
CA ILE FA 4 65.33 8.88 104.31
C ILE FA 4 64.94 10.28 104.74
N ASP FA 5 64.24 10.99 103.86
CA ASP FA 5 63.71 12.32 104.16
C ASP FA 5 62.20 12.17 104.31
N ILE FA 6 61.70 12.46 105.51
CA ILE FA 6 60.25 12.61 105.65
C ILE FA 6 59.83 13.83 104.85
N ASN FA 7 58.74 13.69 104.11
CA ASN FA 7 58.29 14.77 103.24
C ASN FA 7 57.21 15.59 103.95
N CYS FA 8 57.52 16.08 105.14
CA CYS FA 8 56.49 16.66 106.01
C CYS FA 8 56.84 18.10 106.35
N SER FA 9 55.92 18.73 107.08
CA SER FA 9 56.18 20.00 107.73
C SER FA 9 56.37 19.73 109.22
N THR FA 10 57.50 20.17 109.76
CA THR FA 10 57.82 20.02 111.18
C THR FA 10 58.26 21.36 111.74
N GLY FA 11 57.78 21.66 112.95
CA GLY FA 11 58.12 22.90 113.62
C GLY FA 11 59.40 22.79 114.43
N ASP FA 12 59.76 23.91 115.06
CA ASP FA 12 60.92 23.96 115.95
C ASP FA 12 60.55 23.71 117.41
N THR FA 13 59.29 23.84 117.75
CA THR FA 13 58.80 23.74 119.13
C THR FA 13 58.58 22.27 119.51
N GLN FA 14 58.62 21.97 120.81
CA GLN FA 14 58.39 20.60 121.26
C GLN FA 14 57.61 20.61 122.56
N ALA FA 15 56.85 19.53 122.78
CA ALA FA 15 56.00 19.40 123.96
C ALA FA 15 56.12 17.99 124.54
N ASN FA 16 55.85 17.88 125.83
CA ASN FA 16 55.92 16.63 126.56
C ASN FA 16 54.51 16.05 126.73
N LEU FA 17 54.23 14.92 126.09
CA LEU FA 17 53.03 14.15 126.33
C LEU FA 17 53.38 13.12 127.40
N VAL FA 18 52.80 13.27 128.59
CA VAL FA 18 53.27 12.55 129.77
C VAL FA 18 52.51 11.23 129.90
N LEU FA 19 53.21 10.13 129.64
CA LEU FA 19 52.63 8.79 129.74
C LEU FA 19 52.85 8.26 131.15
N THR FA 20 51.80 7.71 131.72
CA THR FA 20 51.92 6.98 132.98
C THR FA 20 52.02 5.49 132.69
N GLU FA 21 52.94 4.83 133.38
CA GLU FA 21 53.30 3.47 132.99
C GLU FA 21 52.15 2.50 133.22
N ILE FA 22 52.14 1.43 132.44
CA ILE FA 22 51.17 0.37 132.62
C ILE FA 22 51.93 -0.92 132.89
N PRO FA 23 51.83 -1.48 134.10
CA PRO FA 23 52.66 -2.64 134.45
C PRO FA 23 52.21 -3.91 133.75
N ALA FA 24 53.19 -4.77 133.44
CA ALA FA 24 52.84 -6.00 132.75
C ALA FA 24 52.39 -7.08 133.71
N GLU FA 25 52.85 -7.02 134.97
CA GLU FA 25 52.48 -8.03 135.96
C GLU FA 25 50.99 -8.29 136.05
N PRO FA 26 50.11 -7.28 136.07
CA PRO FA 26 48.66 -7.59 136.15
C PRO FA 26 48.06 -8.19 134.88
N TYR FA 27 48.78 -8.26 133.77
CA TYR FA 27 48.16 -8.68 132.52
C TYR FA 27 48.26 -10.19 132.31
N VAL FA 28 47.23 -10.76 131.67
CA VAL FA 28 47.07 -12.21 131.51
C VAL FA 28 46.74 -12.55 130.07
N HIS FA 29 47.33 -13.64 129.57
CA HIS FA 29 46.99 -14.19 128.26
C HIS FA 29 45.52 -14.55 128.17
N VAL FA 30 44.89 -14.21 127.04
CA VAL FA 30 43.50 -14.53 126.78
C VAL FA 30 43.34 -15.38 125.53
N SER FA 31 43.86 -14.90 124.39
CA SER FA 31 43.80 -15.65 123.15
C SER FA 31 45.11 -15.48 122.40
N GLY FA 32 45.38 -16.43 121.49
CA GLY FA 32 46.53 -16.39 120.60
C GLY FA 32 47.86 -16.21 121.29
N ASP FA 33 48.23 -17.17 122.13
CA ASP FA 33 49.42 -17.01 122.97
C ASP FA 33 50.69 -16.89 122.15
N ASN FA 34 50.86 -17.77 121.17
CA ASN FA 34 52.05 -17.77 120.33
C ASN FA 34 51.87 -17.01 119.03
N LYS FA 35 50.63 -16.71 118.63
CA LYS FA 35 50.33 -16.28 117.27
C LYS FA 35 50.62 -14.79 117.08
N SER FA 36 50.45 -14.34 115.84
CA SER FA 36 50.71 -12.95 115.47
C SER FA 36 49.70 -11.97 116.06
N THR FA 37 48.64 -12.48 116.70
CA THR FA 37 47.63 -11.66 117.35
C THR FA 37 47.48 -12.16 118.78
N ILE FA 38 47.62 -11.27 119.75
CA ILE FA 38 47.51 -11.61 121.16
C ILE FA 38 46.54 -10.64 121.81
N GLU FA 39 45.78 -11.14 122.78
CA GLU FA 39 44.83 -10.33 123.55
C GLU FA 39 45.11 -10.52 125.03
N TYR FA 40 45.36 -9.43 125.74
CA TYR FA 40 45.60 -9.48 127.17
C TYR FA 40 44.43 -8.93 127.97
N LEU FA 41 44.30 -9.45 129.18
CA LEU FA 41 43.34 -8.97 130.16
C LEU FA 41 44.08 -8.32 131.32
N ASP FA 42 43.62 -7.15 131.74
CA ASP FA 42 44.11 -6.47 132.94
C ASP FA 42 43.31 -6.99 134.12
N THR FA 43 43.92 -7.85 134.94
CA THR FA 43 43.24 -8.37 136.13
C THR FA 43 43.36 -7.44 137.32
N GLY FA 44 43.81 -6.21 137.12
CA GLY FA 44 43.71 -5.23 138.16
C GLY FA 44 42.37 -4.53 138.06
N SER FA 45 41.38 -5.26 137.56
CA SER FA 45 40.06 -4.71 137.35
C SER FA 45 39.05 -5.31 138.30
N ASP FA 46 37.86 -4.70 138.33
CA ASP FA 46 36.84 -5.17 139.23
C ASP FA 46 36.56 -6.63 138.95
N ASN FA 47 36.74 -7.43 139.99
CA ASN FA 47 36.52 -8.86 139.92
C ASN FA 47 35.12 -9.17 139.40
N SER FA 48 34.12 -8.42 139.85
CA SER FA 48 32.74 -8.83 139.80
C SER FA 48 31.97 -8.36 138.56
N LEU FA 49 32.60 -7.63 137.65
CA LEU FA 49 31.92 -7.22 136.43
C LEU FA 49 32.04 -8.29 135.35
N LEU FA 50 31.20 -8.13 134.32
CA LEU FA 50 31.28 -9.02 133.18
C LEU FA 50 32.25 -8.52 132.13
N VAL FA 51 32.60 -7.24 132.20
CA VAL FA 51 33.57 -6.64 131.30
C VAL FA 51 34.81 -6.28 132.11
N ARG FA 52 35.97 -6.46 131.49
CA ARG FA 52 37.21 -6.11 132.13
C ARG FA 52 38.16 -5.55 131.08
N PRO FA 53 39.08 -4.66 131.48
CA PRO FA 53 39.94 -3.99 130.50
C PRO FA 53 40.85 -4.97 129.81
N THR FA 54 40.85 -4.89 128.48
CA THR FA 54 41.71 -5.69 127.64
C THR FA 54 42.52 -4.78 126.75
N GLN FA 55 43.66 -5.28 126.30
CA GLN FA 55 44.37 -4.64 125.20
C GLN FA 55 44.90 -5.73 124.29
N GLN FA 56 44.63 -5.61 123.00
CA GLN FA 56 45.18 -6.55 122.06
C GLN FA 56 46.23 -5.87 121.20
N PHE FA 57 47.16 -6.69 120.74
CA PHE FA 57 48.18 -6.30 119.79
C PHE FA 57 48.22 -7.35 118.69
N ASN FA 58 48.33 -6.90 117.44
CA ASN FA 58 48.60 -7.86 116.38
C ASN FA 58 49.46 -7.22 115.31
N CYS FA 59 50.32 -8.05 114.70
CA CYS FA 59 51.25 -7.63 113.68
C CYS FA 59 50.88 -8.28 112.36
N VAL FA 60 51.19 -7.58 111.27
CA VAL FA 60 50.93 -8.04 109.91
C VAL FA 60 52.08 -7.57 109.04
N SER FA 61 52.45 -8.40 108.06
CA SER FA 61 53.48 -8.05 107.09
C SER FA 61 52.96 -8.38 105.70
N SER FA 62 53.32 -7.56 104.72
CA SER FA 62 52.98 -7.83 103.32
C SER FA 62 54.18 -7.62 102.42
N GLN FA 63 54.22 -8.44 101.35
CA GLN FA 63 55.32 -8.42 100.41
C GLN FA 63 55.22 -7.28 99.42
N TYR FA 64 53.99 -6.80 99.15
CA TYR FA 64 53.71 -5.77 98.16
C TYR FA 64 53.31 -4.48 98.85
N PRO FA 65 54.27 -3.65 99.26
CA PRO FA 65 53.93 -2.50 100.11
C PRO FA 65 53.28 -1.38 99.35
N TYR FA 66 53.35 -1.41 98.02
CA TYR FA 66 52.80 -0.39 97.15
C TYR FA 66 51.43 -0.76 96.60
N ARG FA 67 50.76 -1.75 97.20
CA ARG FA 67 49.54 -2.27 96.59
C ARG FA 67 48.47 -1.19 96.49
N ASN FA 68 48.23 -0.49 97.60
CA ASN FA 68 47.20 0.53 97.63
C ASN FA 68 47.70 1.89 97.14
N TYR FA 69 48.98 2.04 96.87
CA TYR FA 69 49.53 3.32 96.44
C TYR FA 69 49.78 3.26 94.94
N SER FA 70 48.75 3.58 94.16
CA SER FA 70 48.89 3.50 92.72
C SER FA 70 49.43 4.78 92.12
N LYS FA 71 49.27 5.92 92.78
CA LYS FA 71 49.77 7.19 92.24
C LYS FA 71 51.30 7.27 92.28
N ILE FA 72 51.97 6.24 92.76
CA ILE FA 72 53.42 6.15 92.74
C ILE FA 72 53.84 5.33 91.53
N PRO FA 73 54.76 5.82 90.71
CA PRO FA 73 55.22 5.04 89.56
C PRO FA 73 56.17 3.93 89.97
N ARG FA 74 56.21 2.87 89.15
CA ARG FA 74 57.11 1.76 89.43
C ARG FA 74 58.56 2.24 89.50
N SER FA 75 58.95 3.17 88.61
CA SER FA 75 60.29 3.73 88.61
C SER FA 75 60.68 4.38 89.94
N GLN FA 76 59.72 4.62 90.83
CA GLN FA 76 59.99 5.17 92.15
C GLN FA 76 59.64 4.23 93.28
N GLN FA 77 59.12 3.04 92.98
CA GLN FA 77 58.81 2.04 94.00
C GLN FA 77 60.07 1.22 94.29
N ASP FA 78 60.50 1.22 95.55
CA ASP FA 78 61.67 0.44 95.97
C ASP FA 78 61.37 -1.05 95.92
N PRO FA 79 61.96 -1.82 94.99
CA PRO FA 79 61.60 -3.23 94.87
C PRO FA 79 62.05 -4.08 96.04
N LEU FA 80 62.90 -3.54 96.91
CA LEU FA 80 63.29 -4.22 98.14
C LEU FA 80 62.45 -3.79 99.34
N ALA FA 81 61.43 -2.95 99.14
CA ALA FA 81 60.63 -2.49 100.24
C ALA FA 81 59.66 -3.58 100.67
N VAL FA 82 59.37 -3.61 101.97
CA VAL FA 82 58.46 -4.58 102.57
C VAL FA 82 57.52 -3.82 103.50
N ARG FA 83 56.26 -4.22 103.56
CA ARG FA 83 55.27 -3.53 104.38
C ARG FA 83 55.19 -4.19 105.75
N ARG FA 84 55.44 -3.43 106.81
CA ARG FA 84 55.24 -3.90 108.17
C ARG FA 84 54.14 -3.05 108.81
N GLU FA 85 53.14 -3.69 109.41
CA GLU FA 85 52.13 -2.96 110.17
C GLU FA 85 51.87 -3.66 111.50
N PHE FA 86 51.38 -2.86 112.45
CA PHE FA 86 50.90 -3.38 113.73
C PHE FA 86 49.67 -2.58 114.15
N TYR FA 87 48.92 -3.16 115.09
CA TYR FA 87 47.63 -2.61 115.49
C TYR FA 87 47.39 -2.95 116.95
N THR FA 88 47.09 -1.92 117.74
CA THR FA 88 46.70 -2.13 119.12
C THR FA 88 45.30 -1.59 119.31
N ARG FA 89 44.54 -2.28 120.17
CA ARG FA 89 43.20 -1.82 120.56
C ARG FA 89 43.02 -2.06 122.05
N ARG FA 90 42.86 -0.97 122.78
CA ARG FA 90 42.66 -1.01 124.23
C ARG FA 90 41.21 -0.66 124.51
N VAL FA 91 40.55 -1.54 125.24
CA VAL FA 91 39.23 -1.24 125.80
C VAL FA 91 39.37 -1.24 127.30
N GLU FA 92 38.90 -0.18 127.95
CA GLU FA 92 38.75 -0.18 129.39
C GLU FA 92 37.31 0.15 129.73
N TYR FA 93 36.93 -0.18 130.96
CA TYR FA 93 35.54 -0.04 131.42
C TYR FA 93 35.57 0.71 132.75
N TRP FA 94 35.26 1.99 132.71
CA TRP FA 94 35.23 2.83 133.90
C TRP FA 94 33.97 2.55 134.71
N ARG FA 95 34.01 2.97 135.97
CA ARG FA 95 32.92 2.80 136.91
C ARG FA 95 32.61 4.13 137.58
N LYS FA 96 31.40 4.65 137.36
CA LYS FA 96 31.01 5.85 138.06
C LYS FA 96 30.11 5.46 139.23
N ALA FA 97 30.44 6.00 140.40
CA ALA FA 97 29.66 5.85 141.63
C ALA FA 97 30.17 6.86 142.64
N ASP FA 98 29.31 7.22 143.60
CA ASP FA 98 29.74 8.02 144.75
C ASP FA 98 29.62 7.20 146.03
N ALA FA 99 30.66 7.26 146.87
CA ALA FA 99 30.61 6.58 148.16
C ALA FA 99 29.64 7.24 149.11
N SER FA 100 29.17 8.45 148.79
CA SER FA 100 28.25 9.15 149.69
C SER FA 100 26.92 8.44 149.78
N ASN FA 101 26.35 8.08 148.65
CA ASN FA 101 25.01 7.50 148.60
C ASN FA 101 25.13 6.10 148.01
N VAL FA 102 24.92 5.08 148.83
CA VAL FA 102 24.98 3.71 148.34
C VAL FA 102 23.67 3.29 147.68
N ASP FA 103 22.58 4.03 147.92
CA ASP FA 103 21.37 3.85 147.10
C ASP FA 103 21.68 4.08 145.62
N ALA FA 104 22.53 5.05 145.33
CA ALA FA 104 22.72 5.48 143.95
C ALA FA 104 23.37 4.36 143.13
N PRO FA 105 22.93 4.15 141.90
CA PRO FA 105 23.42 3.01 141.12
C PRO FA 105 24.82 3.27 140.59
N GLU FA 106 25.58 2.19 140.46
CA GLU FA 106 26.89 2.26 139.85
C GLU FA 106 26.75 1.99 138.36
N TYR FA 107 27.37 2.84 137.54
CA TYR FA 107 27.30 2.67 136.10
C TYR FA 107 28.67 2.28 135.54
N THR FA 108 28.64 1.52 134.46
CA THR FA 108 29.83 1.08 133.75
C THR FA 108 29.93 1.87 132.44
N LEU FA 109 31.02 2.60 132.27
CA LEU FA 109 31.24 3.46 131.12
C LEU FA 109 32.32 2.86 130.24
N PRO FA 110 32.00 2.33 129.07
CA PRO FA 110 33.04 1.77 128.20
C PRO FA 110 33.77 2.82 127.37
N GLN FA 111 35.07 2.56 127.18
CA GLN FA 111 35.96 3.44 126.43
C GLN FA 111 36.89 2.56 125.62
N SER FA 112 37.12 2.92 124.34
CA SER FA 112 37.98 2.13 123.48
C SER FA 112 38.81 3.03 122.58
N CYS FA 113 40.05 2.60 122.32
CA CYS FA 113 40.99 3.38 121.51
C CYS FA 113 41.90 2.43 120.75
N SER FA 114 42.14 2.74 119.48
CA SER FA 114 42.91 1.85 118.60
C SER FA 114 43.87 2.64 117.74
N ILE FA 115 45.08 2.10 117.59
CA ILE FA 115 46.14 2.70 116.77
C ILE FA 115 46.63 1.66 115.77
N ARG FA 116 46.64 2.03 114.49
CA ARG FA 116 47.14 1.17 113.41
C ARG FA 116 48.28 1.90 112.72
N LEU FA 117 49.45 1.27 112.69
CA LEU FA 117 50.63 1.84 112.06
C LEU FA 117 51.09 0.91 110.96
N ALA FA 118 51.25 1.44 109.74
CA ALA FA 118 51.57 0.64 108.57
C ALA FA 118 52.64 1.39 107.79
N SER FA 119 53.87 0.90 107.86
CA SER FA 119 55.00 1.56 107.26
C SER FA 119 55.54 0.71 106.11
N THR FA 120 56.08 1.37 105.10
CA THR FA 120 56.99 0.66 104.21
C THR FA 120 58.38 0.71 104.83
N VAL FA 121 59.13 -0.37 104.70
CA VAL FA 121 60.42 -0.50 105.36
C VAL FA 121 61.43 -1.00 104.35
N THR FA 122 62.58 -0.34 104.29
CA THR FA 122 63.77 -0.76 103.60
C THR FA 122 64.91 -0.78 104.59
N LYS FA 123 66.10 -1.18 104.11
CA LYS FA 123 67.22 -1.36 105.02
C LYS FA 123 67.57 -0.08 105.79
N GLU FA 124 67.19 1.09 105.26
CA GLU FA 124 67.53 2.36 105.90
C GLU FA 124 66.41 2.91 106.79
N THR FA 125 65.24 2.26 106.81
CA THR FA 125 64.20 2.64 107.75
C THR FA 125 64.62 2.29 109.17
N THR FA 126 64.58 3.26 110.07
CA THR FA 126 64.96 3.02 111.45
C THR FA 126 63.74 2.99 112.39
N ALA FA 127 63.98 2.41 113.56
CA ALA FA 127 62.97 2.37 114.60
C ALA FA 127 62.44 3.76 114.91
N ALA FA 128 63.36 4.71 115.10
CA ALA FA 128 62.97 6.07 115.43
C ALA FA 128 62.27 6.77 114.27
N ASP FA 129 62.66 6.46 113.03
CA ASP FA 129 61.90 6.98 111.88
C ASP FA 129 60.45 6.55 111.95
N ILE FA 130 60.21 5.28 112.25
CA ILE FA 130 58.82 4.83 112.30
C ILE FA 130 58.11 5.38 113.52
N ALA FA 131 58.81 5.55 114.64
CA ALA FA 131 58.21 6.21 115.80
C ALA FA 131 57.78 7.62 115.47
N GLY FA 132 58.47 8.27 114.52
CA GLY FA 132 58.18 9.65 114.21
C GLY FA 132 56.78 9.84 113.64
N ILE FA 133 56.30 8.87 112.87
CA ILE FA 133 55.00 9.07 112.24
C ILE FA 133 53.89 8.98 113.29
N VAL FA 134 54.04 8.14 114.31
CA VAL FA 134 53.07 8.12 115.39
C VAL FA 134 53.06 9.45 116.13
N LEU FA 135 54.25 9.99 116.41
CA LEU FA 135 54.33 11.26 117.11
C LEU FA 135 53.79 12.41 116.28
N ARG FA 136 53.91 12.33 114.96
CA ARG FA 136 53.37 13.38 114.09
C ARG FA 136 51.87 13.24 113.90
N THR FA 137 51.34 12.02 113.93
CA THR FA 137 49.90 11.86 113.98
C THR FA 137 49.32 12.41 115.27
N LEU FA 138 50.00 12.17 116.40
CA LEU FA 138 49.51 12.69 117.67
C LEU FA 138 49.64 14.21 117.77
N ALA FA 139 50.69 14.77 117.17
CA ALA FA 139 51.05 16.17 117.40
C ALA FA 139 49.91 17.17 117.19
N PRO FA 140 49.11 17.08 116.13
CA PRO FA 140 48.07 18.13 115.96
C PRO FA 140 46.92 18.02 116.95
N ILE FA 141 46.66 16.85 117.50
CA ILE FA 141 45.60 16.71 118.51
C ILE FA 141 46.10 17.18 119.88
N PHE FA 142 47.37 16.96 120.19
CA PHE FA 142 47.95 17.31 121.49
C PHE FA 142 49.10 18.30 121.26
N PRO FA 143 48.80 19.49 120.74
CA PRO FA 143 49.89 20.36 120.29
C PRO FA 143 50.72 20.92 121.43
N ASN FA 144 50.20 20.93 122.65
CA ASN FA 144 51.00 21.22 123.83
C ASN FA 144 51.21 19.99 124.70
N GLY FA 145 51.08 18.81 124.11
CA GLY FA 145 51.30 17.60 124.87
C GLY FA 145 50.31 17.52 126.01
N SER FA 146 50.79 17.03 127.16
CA SER FA 146 49.93 16.91 128.32
C SER FA 146 49.53 18.25 128.92
N GLY FA 147 49.93 19.38 128.33
CA GLY FA 147 49.67 20.68 128.96
C GLY FA 147 48.20 21.09 128.93
N ASP FA 148 47.62 21.21 127.74
CA ASP FA 148 46.22 21.57 127.63
C ASP FA 148 45.53 20.58 126.71
N TRP FA 149 44.21 20.49 126.84
CA TRP FA 149 43.43 19.54 126.08
C TRP FA 149 42.48 20.25 125.11
N ILE FA 150 42.91 21.39 124.56
CA ILE FA 150 41.96 22.25 123.85
C ILE FA 150 41.51 21.59 122.55
N LYS FA 151 42.48 21.11 121.77
CA LYS FA 151 42.12 20.49 120.49
C LYS FA 151 41.43 19.16 120.71
N LEU FA 152 41.85 18.41 121.72
CA LEU FA 152 41.13 17.17 122.04
C LEU FA 152 39.67 17.47 122.35
N GLN FA 153 39.43 18.44 123.24
CA GLN FA 153 38.06 18.76 123.64
C GLN FA 153 37.24 19.16 122.43
N GLN FA 154 37.81 19.97 121.54
CA GLN FA 154 37.05 20.34 120.36
C GLN FA 154 36.82 19.16 119.42
N LEU FA 155 37.65 18.11 119.49
CA LEU FA 155 37.32 16.88 118.77
C LEU FA 155 36.15 16.15 119.41
N ILE FA 156 36.08 16.16 120.73
CA ILE FA 156 34.95 15.54 121.42
C ILE FA 156 33.67 16.32 121.14
N ASP FA 157 33.77 17.62 120.87
CA ASP FA 157 32.60 18.46 120.61
C ASP FA 157 32.05 18.28 119.21
N GLY FA 158 32.76 17.58 118.34
CA GLY FA 158 32.32 17.37 116.97
C GLY FA 158 32.75 18.47 116.01
N LEU FA 159 33.98 18.97 116.18
CA LEU FA 159 34.52 20.07 115.39
C LEU FA 159 35.77 19.56 114.68
N PRO FA 160 35.59 18.83 113.57
CA PRO FA 160 36.72 18.11 112.95
C PRO FA 160 37.81 19.01 112.39
N ARG FA 161 37.52 20.27 112.10
CA ARG FA 161 38.47 21.16 111.45
C ARG FA 161 39.53 21.60 112.46
N ILE FA 162 40.70 20.97 112.41
CA ILE FA 162 41.74 21.19 113.40
C ILE FA 162 42.75 22.22 112.91
N PHE FA 163 43.15 22.15 111.65
CA PHE FA 163 43.99 23.16 111.06
C PHE FA 163 43.17 24.28 110.41
N GLY FA 164 41.84 24.21 110.48
CA GLY FA 164 40.98 25.25 109.92
C GLY FA 164 40.08 24.81 108.78
N SER GA 1 72.87 21.37 94.05
CA SER GA 1 73.81 22.05 93.16
C SER GA 1 73.15 22.43 91.84
N TYR GA 2 72.18 21.61 91.43
CA TYR GA 2 71.43 21.84 90.20
C TYR GA 2 70.77 23.22 90.20
N THR GA 3 70.96 23.95 89.10
CA THR GA 3 70.25 25.20 88.89
C THR GA 3 69.41 25.10 87.61
N ILE GA 4 68.33 25.87 87.59
CA ILE GA 4 67.43 25.96 86.44
C ILE GA 4 67.70 27.28 85.75
N ASP GA 5 68.04 27.22 84.48
CA ASP GA 5 68.23 28.40 83.64
C ASP GA 5 67.08 28.47 82.66
N ILE GA 6 66.33 29.57 82.69
CA ILE GA 6 65.41 29.84 81.60
C ILE GA 6 66.22 30.07 80.34
N ASN GA 7 65.85 29.41 79.27
CA ASN GA 7 66.59 29.56 78.02
C ASN GA 7 65.96 30.65 77.16
N CYS GA 8 65.83 31.84 77.74
CA CYS GA 8 65.08 32.91 77.10
C CYS GA 8 65.92 34.17 76.96
N SER GA 9 65.37 35.14 76.26
CA SER GA 9 65.93 36.49 76.18
C SER GA 9 65.11 37.40 77.08
N THR GA 10 65.79 38.05 78.02
CA THR GA 10 65.19 39.02 78.94
C THR GA 10 65.99 40.31 78.95
N GLY GA 11 65.30 41.38 79.32
CA GLY GA 11 65.87 42.70 79.30
C GLY GA 11 66.23 43.20 80.70
N ASP GA 12 66.67 44.46 80.73
CA ASP GA 12 67.01 45.13 81.97
C ASP GA 12 65.84 45.91 82.56
N THR GA 13 64.92 46.35 81.71
CA THR GA 13 63.86 47.25 82.14
C THR GA 13 62.73 46.48 82.78
N GLN GA 14 61.99 47.16 83.65
CA GLN GA 14 60.84 46.55 84.31
C GLN GA 14 59.70 47.56 84.34
N ALA GA 15 58.48 47.03 84.42
CA ALA GA 15 57.28 47.84 84.39
C ALA GA 15 56.20 47.25 85.29
N ASN GA 16 55.37 48.12 85.85
CA ASN GA 16 54.30 47.71 86.74
C ASN GA 16 53.02 47.47 85.94
N LEU GA 17 52.55 46.22 85.90
CA LEU GA 17 51.19 45.90 85.47
C LEU GA 17 50.34 45.88 86.73
N VAL GA 18 49.48 46.88 86.90
CA VAL GA 18 48.86 47.12 88.20
C VAL GA 18 47.49 46.48 88.24
N LEU GA 19 47.37 45.51 89.14
CA LEU GA 19 46.18 44.71 89.33
C LEU GA 19 45.32 45.31 90.43
N THR GA 20 44.01 45.36 90.18
CA THR GA 20 43.03 45.73 91.18
C THR GA 20 42.40 44.47 91.73
N GLU GA 21 42.29 44.40 93.06
CA GLU GA 21 41.96 43.14 93.73
C GLU GA 21 40.54 42.68 93.42
N ILE GA 22 40.35 41.37 93.41
CA ILE GA 22 39.05 40.75 93.19
C ILE GA 22 38.63 40.10 94.50
N PRO GA 23 37.67 40.67 95.22
CA PRO GA 23 37.30 40.13 96.54
C PRO GA 23 36.74 38.74 96.43
N ALA GA 24 37.17 37.86 97.34
CA ALA GA 24 36.69 36.49 97.28
C ALA GA 24 35.29 36.36 97.84
N GLU GA 25 34.98 37.15 98.88
CA GLU GA 25 33.70 37.12 99.59
C GLU GA 25 32.48 36.97 98.68
N PRO GA 26 32.36 37.66 97.54
CA PRO GA 26 31.14 37.51 96.74
C PRO GA 26 31.02 36.27 95.87
N TYR GA 27 32.09 35.50 95.65
CA TYR GA 27 32.01 34.39 94.70
C TYR GA 27 31.36 33.16 95.33
N VAL GA 28 30.67 32.37 94.50
CA VAL GA 28 29.90 31.22 94.97
C VAL GA 28 30.06 30.04 94.00
N HIS GA 29 30.33 28.85 94.54
CA HIS GA 29 30.42 27.64 93.73
C HIS GA 29 29.13 27.38 92.95
N VAL GA 30 29.27 27.05 91.67
CA VAL GA 30 28.10 26.83 90.83
C VAL GA 30 28.13 25.45 90.17
N SER GA 31 29.32 24.93 89.91
CA SER GA 31 29.40 23.64 89.23
C SER GA 31 30.82 23.11 89.30
N GLY GA 32 30.93 21.79 89.19
CA GLY GA 32 32.18 21.07 89.25
C GLY GA 32 32.33 20.31 90.56
N ASP GA 33 33.52 19.73 90.73
CA ASP GA 33 33.91 19.06 91.96
C ASP GA 33 35.05 19.84 92.61
N ASN GA 34 35.04 19.90 93.95
CA ASN GA 34 36.10 20.61 94.66
C ASN GA 34 37.47 19.96 94.50
N LYS GA 35 37.57 18.84 93.78
CA LYS GA 35 38.83 18.16 93.54
C LYS GA 35 39.51 18.64 92.27
N SER GA 36 38.82 18.58 91.13
CA SER GA 36 39.44 18.88 89.83
C SER GA 36 39.06 20.26 89.31
N THR GA 37 37.77 20.54 89.14
CA THR GA 37 37.31 21.73 88.42
C THR GA 37 36.20 22.43 89.19
N ILE GA 38 36.28 23.76 89.30
CA ILE GA 38 35.35 24.55 90.09
C ILE GA 38 34.98 25.83 89.32
N GLU GA 39 33.71 26.20 89.34
CA GLU GA 39 33.24 27.40 88.66
C GLU GA 39 32.56 28.32 89.67
N TYR GA 40 33.17 29.49 89.91
CA TYR GA 40 32.59 30.46 90.82
C TYR GA 40 31.75 31.50 90.06
N LEU GA 41 30.71 31.98 90.74
CA LEU GA 41 29.83 33.03 90.24
C LEU GA 41 29.96 34.27 91.12
N ASP GA 42 30.23 35.41 90.50
CA ASP GA 42 30.27 36.70 91.18
C ASP GA 42 28.83 37.13 91.46
N THR GA 43 28.39 36.95 92.71
CA THR GA 43 27.09 37.46 93.14
C THR GA 43 27.05 38.98 93.20
N GLY GA 44 28.16 39.66 92.91
CA GLY GA 44 28.16 41.11 92.90
C GLY GA 44 27.67 41.68 91.59
N SER GA 45 26.83 40.93 90.89
CA SER GA 45 26.34 41.31 89.58
C SER GA 45 24.84 41.54 89.62
N ASP GA 46 24.28 41.87 88.45
CA ASP GA 46 22.86 42.15 88.33
C ASP GA 46 22.04 40.88 88.58
N ASN GA 47 20.94 41.03 89.31
CA ASN GA 47 20.00 39.91 89.47
C ASN GA 47 19.31 39.57 88.16
N SER GA 48 18.93 40.61 87.39
CA SER GA 48 17.88 40.52 86.38
C SER GA 48 18.36 40.01 85.04
N LEU GA 49 19.58 39.49 84.97
CA LEU GA 49 20.13 38.93 83.75
C LEU GA 49 20.27 37.41 83.88
N LEU GA 50 20.04 36.71 82.78
CA LEU GA 50 20.30 35.28 82.79
C LEU GA 50 21.80 34.98 82.75
N VAL GA 51 22.63 35.98 82.45
CA VAL GA 51 24.07 35.84 82.45
C VAL GA 51 24.64 36.65 83.60
N ARG GA 52 25.62 36.06 84.28
CA ARG GA 52 26.31 36.74 85.37
C ARG GA 52 27.77 36.33 85.35
N PRO GA 53 28.66 37.22 85.82
CA PRO GA 53 30.09 36.96 85.69
C PRO GA 53 30.54 35.77 86.51
N THR GA 54 31.39 34.96 85.89
CA THR GA 54 31.81 33.68 86.45
C THR GA 54 33.27 33.45 86.10
N GLN GA 55 34.05 33.03 87.08
CA GLN GA 55 35.43 32.64 86.82
C GLN GA 55 35.65 31.20 87.25
N GLN GA 56 36.27 30.43 86.38
CA GLN GA 56 36.45 29.01 86.57
C GLN GA 56 37.93 28.69 86.74
N PHE GA 57 38.21 27.70 87.59
CA PHE GA 57 39.56 27.19 87.82
C PHE GA 57 39.57 25.68 87.67
N ASN GA 58 40.69 25.17 87.14
CA ASN GA 58 40.73 23.78 86.68
C ASN GA 58 42.18 23.31 86.68
N CYS GA 59 42.53 22.33 87.53
CA CYS GA 59 43.88 21.82 87.65
C CYS GA 59 43.96 20.36 87.20
N VAL GA 60 45.11 19.98 86.63
CA VAL GA 60 45.43 18.60 86.25
C VAL GA 60 46.92 18.37 86.40
N SER GA 61 47.31 17.10 86.39
CA SER GA 61 48.70 16.71 86.61
C SER GA 61 48.94 15.35 85.98
N SER GA 62 50.18 15.12 85.56
CA SER GA 62 50.53 13.92 84.83
C SER GA 62 51.95 13.48 85.15
N GLN GA 63 52.15 12.16 85.15
CA GLN GA 63 53.44 11.53 85.39
C GLN GA 63 54.29 11.44 84.13
N TYR GA 64 53.79 11.94 83.00
CA TYR GA 64 54.46 11.81 81.70
C TYR GA 64 54.66 13.20 81.11
N PRO GA 65 55.57 13.98 81.69
CA PRO GA 65 55.65 15.40 81.33
C PRO GA 65 56.14 15.65 79.92
N TYR GA 66 56.77 14.66 79.29
CA TYR GA 66 57.34 14.80 77.95
C TYR GA 66 56.44 14.21 76.87
N ARG GA 67 55.16 14.01 77.15
CA ARG GA 67 54.31 13.25 76.25
C ARG GA 67 54.18 13.94 74.89
N ASN GA 68 53.99 15.25 74.89
CA ASN GA 68 53.80 15.98 73.65
C ASN GA 68 55.09 16.59 73.13
N TYR GA 69 56.16 16.62 73.93
CA TYR GA 69 57.42 17.22 73.51
C TYR GA 69 58.34 16.13 72.97
N SER GA 70 58.01 15.70 71.74
CA SER GA 70 58.68 14.56 71.14
C SER GA 70 60.14 14.85 70.82
N LYS GA 71 60.49 16.11 70.58
CA LYS GA 71 61.82 16.48 70.10
C LYS GA 71 62.85 16.64 71.22
N ILE GA 72 62.54 16.22 72.43
CA ILE GA 72 63.52 16.16 73.50
C ILE GA 72 63.96 14.69 73.64
N PRO GA 73 65.25 14.39 73.54
CA PRO GA 73 65.71 13.00 73.70
C PRO GA 73 65.61 12.52 75.13
N ARG GA 74 65.54 11.19 75.29
CA ARG GA 74 65.46 10.63 76.63
C ARG GA 74 66.69 10.95 77.45
N SER GA 75 67.85 11.09 76.81
CA SER GA 75 69.06 11.49 77.50
C SER GA 75 68.94 12.87 78.15
N GLN GA 76 67.93 13.66 77.78
CA GLN GA 76 67.74 14.98 78.34
C GLN GA 76 66.40 15.14 79.04
N GLN GA 77 65.65 14.04 79.24
CA GLN GA 77 64.39 14.05 79.96
C GLN GA 77 64.61 13.74 81.43
N ASP GA 78 64.27 14.68 82.32
CA ASP GA 78 64.43 14.49 83.76
C ASP GA 78 63.40 13.49 84.27
N PRO GA 79 63.82 12.29 84.72
CA PRO GA 79 62.83 11.27 85.08
C PRO GA 79 62.09 11.59 86.37
N LEU GA 80 62.67 12.41 87.23
CA LEU GA 80 61.96 12.84 88.44
C LEU GA 80 60.84 13.82 88.11
N ALA GA 81 60.98 14.57 87.01
CA ALA GA 81 60.10 15.68 86.71
C ALA GA 81 58.70 15.21 86.34
N VAL GA 82 57.72 16.08 86.63
CA VAL GA 82 56.29 15.75 86.60
C VAL GA 82 55.55 16.96 86.07
N ARG GA 83 54.46 16.73 85.31
CA ARG GA 83 53.70 17.82 84.69
C ARG GA 83 52.57 18.33 85.59
N ARG GA 84 52.58 19.63 85.85
CA ARG GA 84 51.50 20.32 86.57
C ARG GA 84 50.84 21.33 85.63
N GLU GA 85 49.52 21.47 85.72
CA GLU GA 85 48.84 22.38 84.80
C GLU GA 85 47.60 22.94 85.47
N PHE GA 86 47.30 24.22 85.19
CA PHE GA 86 46.06 24.85 85.62
C PHE GA 86 45.51 25.72 84.50
N TYR GA 87 44.23 26.03 84.63
CA TYR GA 87 43.45 26.74 83.62
C TYR GA 87 42.43 27.60 84.33
N THR GA 88 42.42 28.89 84.02
CA THR GA 88 41.40 29.79 84.51
C THR GA 88 40.69 30.39 83.32
N ARG GA 89 39.37 30.59 83.47
CA ARG GA 89 38.55 31.24 82.44
C ARG GA 89 37.56 32.18 83.12
N ARG GA 90 37.75 33.49 82.91
CA ARG GA 90 36.85 34.49 83.45
C ARG GA 90 35.94 34.97 82.32
N VAL GA 91 34.64 34.93 82.56
CA VAL GA 91 33.65 35.49 81.67
C VAL GA 91 32.96 36.60 82.46
N GLU GA 92 33.01 37.82 81.95
CA GLU GA 92 32.22 38.89 82.53
C GLU GA 92 31.31 39.46 81.46
N TYR GA 93 30.13 39.90 81.86
CA TYR GA 93 29.12 40.43 80.96
C TYR GA 93 28.93 41.91 81.29
N TRP GA 94 29.41 42.79 80.41
CA TRP GA 94 29.29 44.22 80.64
C TRP GA 94 27.90 44.72 80.29
N ARG GA 95 27.61 45.93 80.76
CA ARG GA 95 26.29 46.53 80.71
C ARG GA 95 26.48 47.92 80.11
N LYS GA 96 26.00 48.16 78.89
CA LYS GA 96 26.12 49.48 78.30
C LYS GA 96 24.76 50.17 78.30
N ALA GA 97 24.78 51.45 78.69
CA ALA GA 97 23.60 52.31 78.71
C ALA GA 97 24.03 53.72 79.10
N ASP GA 98 23.20 54.69 78.74
CA ASP GA 98 23.38 56.07 79.19
C ASP GA 98 22.26 56.43 80.15
N ALA GA 99 22.62 57.08 81.25
CA ALA GA 99 21.61 57.52 82.21
C ALA GA 99 20.87 58.75 81.71
N SER GA 100 21.43 59.46 80.74
CA SER GA 100 20.76 60.62 80.19
C SER GA 100 19.47 60.24 79.47
N ASN GA 101 19.49 59.11 78.75
CA ASN GA 101 18.36 58.70 77.92
C ASN GA 101 17.93 57.31 78.39
N VAL GA 102 16.85 57.24 79.17
CA VAL GA 102 16.35 55.95 79.63
C VAL GA 102 15.50 55.27 78.56
N ASP GA 103 15.10 56.01 77.52
CA ASP GA 103 14.47 55.38 76.37
C ASP GA 103 15.47 54.54 75.58
N ALA GA 104 16.74 54.94 75.57
CA ALA GA 104 17.74 54.23 74.79
C ALA GA 104 18.00 52.86 75.38
N PRO GA 105 18.08 51.82 74.55
CA PRO GA 105 18.10 50.45 75.09
C PRO GA 105 19.44 50.12 75.72
N GLU GA 106 19.38 49.20 76.70
CA GLU GA 106 20.56 48.73 77.40
C GLU GA 106 21.03 47.43 76.76
N TYR GA 107 22.35 47.27 76.65
CA TYR GA 107 22.90 46.09 75.99
C TYR GA 107 23.86 45.35 76.90
N THR GA 108 23.96 44.04 76.67
CA THR GA 108 24.90 43.17 77.37
C THR GA 108 26.06 42.85 76.43
N LEU GA 109 27.27 43.11 76.89
CA LEU GA 109 28.48 42.94 76.09
C LEU GA 109 29.35 41.85 76.69
N PRO GA 110 29.35 40.63 76.16
CA PRO GA 110 30.15 39.56 76.74
C PRO GA 110 31.64 39.69 76.41
N GLN GA 111 32.45 39.37 77.43
CA GLN GA 111 33.90 39.43 77.38
C GLN GA 111 34.40 38.19 78.11
N SER GA 112 35.47 37.57 77.59
CA SER GA 112 35.98 36.33 78.18
C SER GA 112 37.48 36.24 77.95
N CYS GA 113 38.17 35.69 78.95
CA CYS GA 113 39.62 35.61 78.92
C CYS GA 113 40.08 34.38 79.68
N SER GA 114 41.04 33.64 79.10
CA SER GA 114 41.47 32.38 79.69
C SER GA 114 42.99 32.27 79.67
N ILE GA 115 43.53 31.71 80.75
CA ILE GA 115 44.96 31.47 80.91
C ILE GA 115 45.18 30.00 81.20
N ARG GA 116 46.07 29.38 80.44
CA ARG GA 116 46.45 27.97 80.64
C ARG GA 116 47.94 27.91 80.87
N LEU GA 117 48.34 27.43 82.05
CA LEU GA 117 49.75 27.26 82.39
C LEU GA 117 50.04 25.79 82.61
N ALA GA 118 51.01 25.26 81.86
CA ALA GA 118 51.44 23.87 81.99
C ALA GA 118 52.96 23.91 82.16
N SER GA 119 53.44 23.53 83.35
CA SER GA 119 54.85 23.50 83.66
C SER GA 119 55.30 22.06 83.86
N THR GA 120 56.56 21.76 83.51
CA THR GA 120 57.18 20.56 84.06
C THR GA 120 57.94 20.98 85.31
N VAL GA 121 57.51 20.45 86.46
CA VAL GA 121 58.11 20.74 87.76
C VAL GA 121 59.12 19.65 88.08
N THR GA 122 60.24 20.05 88.64
CA THR GA 122 61.20 19.14 89.25
C THR GA 122 61.51 19.66 90.65
N LYS GA 123 62.41 18.96 91.35
CA LYS GA 123 62.71 19.30 92.75
C LYS GA 123 63.10 20.76 92.89
N GLU GA 124 63.84 21.30 91.91
CA GLU GA 124 64.38 22.64 92.00
C GLU GA 124 63.46 23.70 91.40
N THR GA 125 62.39 23.29 90.72
CA THR GA 125 61.43 24.25 90.18
C THR GA 125 60.72 24.95 91.34
N THR GA 126 60.73 26.29 91.32
CA THR GA 126 60.18 27.07 92.41
C THR GA 126 58.90 27.80 91.99
N ALA GA 127 58.20 28.29 93.02
CA ALA GA 127 57.04 29.14 92.81
C ALA GA 127 57.38 30.29 91.86
N ALA GA 128 58.44 31.03 92.18
CA ALA GA 128 58.82 32.20 91.39
C ALA GA 128 59.20 31.79 89.97
N ASP GA 129 59.88 30.67 89.80
CA ASP GA 129 60.21 30.20 88.46
C ASP GA 129 58.95 29.97 87.64
N ILE GA 130 57.91 29.39 88.25
CA ILE GA 130 56.71 29.15 87.47
C ILE GA 130 55.95 30.44 87.21
N ALA GA 131 55.99 31.39 88.15
CA ALA GA 131 55.40 32.70 87.89
C ALA GA 131 56.09 33.39 86.72
N GLY GA 132 57.41 33.17 86.59
CA GLY GA 132 58.18 33.84 85.56
C GLY GA 132 57.63 33.60 84.16
N ILE GA 133 57.12 32.40 83.90
CA ILE GA 133 56.68 32.12 82.53
C ILE GA 133 55.40 32.89 82.22
N VAL GA 134 54.51 33.03 83.21
CA VAL GA 134 53.33 33.88 83.00
C VAL GA 134 53.76 35.32 82.77
N LEU GA 135 54.72 35.80 83.55
CA LEU GA 135 55.15 37.19 83.40
C LEU GA 135 55.79 37.44 82.04
N ARG GA 136 56.61 36.50 81.56
CA ARG GA 136 57.24 36.63 80.26
C ARG GA 136 56.26 36.41 79.11
N THR GA 137 55.16 35.70 79.35
CA THR GA 137 54.11 35.61 78.35
C THR GA 137 53.36 36.93 78.24
N LEU GA 138 53.19 37.63 79.37
CA LEU GA 138 52.49 38.91 79.35
C LEU GA 138 53.33 40.03 78.77
N ALA GA 139 54.63 40.07 79.09
CA ALA GA 139 55.47 41.22 78.76
C ALA GA 139 55.44 41.63 77.29
N PRO GA 140 55.33 40.73 76.31
CA PRO GA 140 55.21 41.21 74.92
C PRO GA 140 53.94 42.01 74.67
N ILE GA 141 52.84 41.66 75.33
CA ILE GA 141 51.57 42.38 75.17
C ILE GA 141 51.56 43.67 75.99
N PHE GA 142 52.24 43.70 77.13
CA PHE GA 142 52.25 44.87 78.03
C PHE GA 142 53.68 45.34 78.23
N PRO GA 143 54.30 45.90 77.18
CA PRO GA 143 55.72 46.26 77.30
C PRO GA 143 55.98 47.34 78.33
N ASN GA 144 54.98 48.16 78.66
CA ASN GA 144 55.09 49.18 79.69
C ASN GA 144 54.12 48.93 80.83
N GLY GA 145 53.55 47.72 80.91
CA GLY GA 145 52.65 47.41 82.00
C GLY GA 145 51.39 48.22 81.84
N SER GA 146 50.91 48.80 82.94
CA SER GA 146 49.72 49.63 82.86
C SER GA 146 49.97 50.98 82.18
N GLY GA 147 51.23 51.32 81.88
CA GLY GA 147 51.56 52.66 81.41
C GLY GA 147 50.86 53.06 80.11
N ASP GA 148 50.76 52.13 79.17
CA ASP GA 148 50.05 52.34 77.91
C ASP GA 148 49.43 51.01 77.51
N TRP GA 149 48.59 51.05 76.48
CA TRP GA 149 47.92 49.83 76.01
C TRP GA 149 48.19 49.58 74.53
N ILE GA 150 49.34 50.05 74.02
CA ILE GA 150 49.49 50.17 72.57
C ILE GA 150 49.52 48.79 71.90
N LYS GA 151 50.32 47.88 72.46
CA LYS GA 151 50.43 46.57 71.83
C LYS GA 151 49.15 45.78 71.99
N LEU GA 152 48.47 45.93 73.12
CA LEU GA 152 47.17 45.29 73.29
C LEU GA 152 46.19 45.81 72.25
N GLN GA 153 46.18 47.12 72.01
CA GLN GA 153 45.33 47.72 71.00
C GLN GA 153 45.63 47.14 69.63
N GLN GA 154 46.91 46.93 69.30
CA GLN GA 154 47.25 46.28 68.04
C GLN GA 154 46.66 44.88 67.96
N LEU GA 155 46.76 44.12 69.05
CA LEU GA 155 46.18 42.78 69.06
C LEU GA 155 44.69 42.81 68.78
N ILE GA 156 43.99 43.74 69.41
CA ILE GA 156 42.54 43.84 69.17
C ILE GA 156 42.28 44.28 67.73
N ASP GA 157 43.03 45.26 67.24
CA ASP GA 157 42.90 45.72 65.86
C ASP GA 157 43.19 44.62 64.85
N GLY GA 158 43.85 43.55 65.27
CA GLY GA 158 44.08 42.40 64.43
C GLY GA 158 45.47 42.30 63.84
N LEU GA 159 46.48 42.90 64.49
CA LEU GA 159 47.82 43.04 63.95
C LEU GA 159 48.78 42.15 64.72
N PRO GA 160 48.92 40.88 64.34
CA PRO GA 160 49.60 39.90 65.21
C PRO GA 160 51.10 40.05 65.27
N ARG GA 161 51.71 40.83 64.37
CA ARG GA 161 53.16 41.02 64.35
C ARG GA 161 53.55 41.97 65.49
N ILE GA 162 53.79 41.38 66.65
CA ILE GA 162 54.11 42.15 67.86
C ILE GA 162 55.61 42.39 67.98
N PHE GA 163 56.43 41.44 67.54
CA PHE GA 163 57.87 41.62 67.55
C PHE GA 163 58.37 42.17 66.22
N GLY GA 164 57.48 42.71 65.41
CA GLY GA 164 57.84 43.20 64.09
C GLY GA 164 57.63 42.15 63.02
N SER HA 1 -118.46 -64.36 116.34
CA SER HA 1 -117.33 -63.45 116.31
C SER HA 1 -116.03 -64.24 116.28
N TYR HA 2 -115.15 -63.88 115.35
CA TYR HA 2 -113.98 -64.69 115.03
C TYR HA 2 -113.08 -64.90 116.24
N THR HA 3 -112.59 -66.13 116.41
CA THR HA 3 -111.56 -66.45 117.39
C THR HA 3 -110.36 -67.08 116.67
N ILE HA 4 -109.19 -66.93 117.30
CA ILE HA 4 -107.92 -67.42 116.76
C ILE HA 4 -107.50 -68.66 117.54
N ASP HA 5 -107.38 -69.78 116.84
CA ASP HA 5 -106.88 -71.04 117.39
C ASP HA 5 -105.42 -71.17 117.02
N ILE HA 6 -104.53 -71.25 118.01
CA ILE HA 6 -103.16 -71.62 117.69
C ILE HA 6 -103.17 -73.12 117.43
N ASN HA 7 -103.12 -73.48 116.16
CA ASN HA 7 -103.12 -74.89 115.78
C ASN HA 7 -101.78 -75.44 116.22
N CYS HA 8 -101.76 -76.14 117.36
CA CYS HA 8 -100.49 -76.38 118.03
C CYS HA 8 -100.73 -77.23 119.27
N SER HA 9 -99.66 -77.84 119.78
CA SER HA 9 -99.71 -78.64 121.00
C SER HA 9 -99.11 -77.85 122.17
N THR HA 10 -99.93 -77.56 123.18
CA THR HA 10 -99.47 -76.92 124.42
C THR HA 10 -99.68 -77.86 125.60
N GLY HA 11 -99.03 -77.53 126.71
CA GLY HA 11 -99.03 -78.35 127.89
C GLY HA 11 -99.63 -77.63 129.08
N ASP HA 12 -99.81 -78.33 130.20
CA ASP HA 12 -100.40 -77.67 131.38
C ASP HA 12 -99.34 -76.94 132.19
N THR HA 13 -98.13 -77.46 132.26
CA THR HA 13 -97.08 -76.94 133.13
C THR HA 13 -96.55 -75.60 132.62
N GLN HA 14 -95.99 -74.79 133.53
CA GLN HA 14 -95.37 -73.53 133.12
C GLN HA 14 -94.06 -73.36 133.90
N ALA HA 15 -93.05 -72.82 133.22
CA ALA HA 15 -91.77 -72.51 133.83
C ALA HA 15 -91.49 -71.01 133.74
N ASN HA 16 -90.62 -70.53 134.62
CA ASN HA 16 -90.14 -69.16 134.61
C ASN HA 16 -88.77 -69.11 133.93
N LEU HA 17 -88.67 -68.39 132.82
CA LEU HA 17 -87.40 -67.99 132.25
C LEU HA 17 -87.07 -66.63 132.84
N VAL HA 18 -86.07 -66.57 133.70
CA VAL HA 18 -85.81 -65.37 134.48
C VAL HA 18 -84.88 -64.45 133.71
N LEU HA 19 -85.43 -63.34 133.22
CA LEU HA 19 -84.67 -62.34 132.49
C LEU HA 19 -84.15 -61.29 133.45
N THR HA 20 -82.90 -60.89 133.26
CA THR HA 20 -82.33 -59.77 133.99
C THR HA 20 -82.37 -58.56 133.09
N GLU HA 21 -82.85 -57.43 133.63
CA GLU HA 21 -83.08 -56.26 132.80
C GLU HA 21 -81.77 -55.76 132.21
N ILE HA 22 -81.90 -55.01 131.13
CA ILE HA 22 -80.77 -54.34 130.50
C ILE HA 22 -81.08 -52.85 130.49
N PRO HA 23 -80.35 -52.03 131.24
CA PRO HA 23 -80.74 -50.62 131.38
C PRO HA 23 -80.56 -49.86 130.09
N ALA HA 24 -81.55 -49.02 129.77
CA ALA HA 24 -81.52 -48.33 128.48
C ALA HA 24 -80.55 -47.16 128.49
N GLU HA 25 -80.24 -46.61 129.66
CA GLU HA 25 -79.37 -45.44 129.69
C GLU HA 25 -78.04 -45.66 129.00
N PRO HA 26 -77.29 -46.74 129.25
CA PRO HA 26 -75.96 -46.85 128.62
C PRO HA 26 -75.98 -47.04 127.10
N TYR HA 27 -77.13 -47.31 126.46
CA TYR HA 27 -77.11 -47.56 125.03
C TYR HA 27 -77.14 -46.26 124.25
N VAL HA 28 -76.35 -46.19 123.18
CA VAL HA 28 -76.21 -45.00 122.34
C VAL HA 28 -76.57 -45.36 120.90
N HIS HA 29 -77.52 -44.61 120.33
CA HIS HA 29 -77.85 -44.75 118.91
C HIS HA 29 -76.62 -44.47 118.06
N VAL HA 30 -76.33 -45.39 117.15
CA VAL HA 30 -75.11 -45.33 116.34
C VAL HA 30 -75.44 -45.18 114.86
N SER HA 31 -76.33 -46.01 114.34
CA SER HA 31 -76.63 -46.01 112.90
C SER HA 31 -78.08 -46.40 112.68
N GLY HA 32 -78.65 -45.86 111.61
CA GLY HA 32 -79.85 -46.41 111.02
C GLY HA 32 -81.10 -45.55 111.16
N ASP HA 33 -81.95 -45.60 110.12
CA ASP HA 33 -83.28 -45.00 110.11
C ASP HA 33 -84.28 -45.91 110.82
N ASN HA 34 -85.54 -45.49 110.83
CA ASN HA 34 -86.61 -46.47 110.95
C ASN HA 34 -86.71 -47.30 109.68
N LYS HA 35 -86.39 -46.70 108.52
CA LYS HA 35 -86.38 -47.42 107.25
C LYS HA 35 -85.19 -48.38 107.16
N SER HA 36 -84.10 -48.08 107.86
CA SER HA 36 -82.95 -48.95 107.93
C SER HA 36 -83.01 -49.75 109.24
N THR HA 37 -81.91 -50.41 109.60
CA THR HA 37 -81.81 -51.10 110.88
C THR HA 37 -81.18 -50.20 111.96
N ILE HA 38 -81.88 -50.03 113.09
CA ILE HA 38 -81.36 -49.24 114.20
C ILE HA 38 -80.28 -50.02 114.93
N GLU HA 39 -79.20 -49.34 115.31
CA GLU HA 39 -78.07 -49.99 115.96
C GLU HA 39 -77.69 -49.21 117.21
N TYR HA 40 -77.54 -49.91 118.34
CA TYR HA 40 -77.12 -49.30 119.59
C TYR HA 40 -75.81 -49.91 120.06
N LEU HA 41 -75.00 -49.05 120.68
CA LEU HA 41 -73.75 -49.41 121.34
C LEU HA 41 -73.95 -49.39 122.85
N ASP HA 42 -73.57 -50.49 123.52
CA ASP HA 42 -73.57 -50.56 124.98
C ASP HA 42 -72.28 -49.91 125.46
N THR HA 43 -72.38 -48.66 125.94
CA THR HA 43 -71.21 -47.90 126.37
C THR HA 43 -70.73 -48.30 127.75
N GLY HA 44 -71.43 -49.19 128.42
CA GLY HA 44 -70.96 -49.73 129.68
C GLY HA 44 -70.10 -50.94 129.43
N SER HA 45 -69.05 -50.79 128.62
CA SER HA 45 -68.14 -51.87 128.28
C SER HA 45 -66.71 -51.39 128.44
N ASP HA 46 -65.77 -52.32 128.32
CA ASP HA 46 -64.36 -51.95 128.40
C ASP HA 46 -64.01 -51.08 127.22
N ASN HA 47 -63.74 -49.81 127.50
CA ASN HA 47 -63.33 -48.85 126.49
C ASN HA 47 -62.05 -49.29 125.80
N SER HA 48 -61.18 -50.02 126.50
CA SER HA 48 -59.86 -50.38 125.99
C SER HA 48 -59.89 -51.50 124.96
N LEU HA 49 -61.08 -51.92 124.54
CA LEU HA 49 -61.25 -52.80 123.40
C LEU HA 49 -61.79 -52.00 122.23
N LEU HA 50 -61.34 -52.36 121.03
CA LEU HA 50 -61.89 -51.74 119.83
C LEU HA 50 -63.19 -52.38 119.39
N VAL HA 51 -63.60 -53.48 120.02
CA VAL HA 51 -64.91 -54.09 119.81
C VAL HA 51 -65.72 -53.87 121.08
N ARG HA 52 -66.98 -53.51 120.89
CA ARG HA 52 -67.86 -53.22 122.02
C ARG HA 52 -69.23 -53.80 121.73
N PRO HA 53 -70.01 -54.08 122.78
CA PRO HA 53 -71.29 -54.77 122.60
C PRO HA 53 -72.31 -53.88 121.91
N THR HA 54 -73.01 -54.45 120.93
CA THR HA 54 -74.04 -53.74 120.19
C THR HA 54 -75.28 -54.60 120.07
N GLN HA 55 -76.45 -53.97 120.18
CA GLN HA 55 -77.67 -54.66 119.79
C GLN HA 55 -78.43 -53.83 118.75
N GLN HA 56 -78.96 -54.50 117.74
CA GLN HA 56 -79.66 -53.82 116.66
C GLN HA 56 -81.08 -54.36 116.51
N PHE HA 57 -81.95 -53.46 116.04
CA PHE HA 57 -83.38 -53.71 115.88
C PHE HA 57 -83.83 -53.22 114.50
N ASN HA 58 -84.42 -54.13 113.73
CA ASN HA 58 -84.98 -53.85 112.42
C ASN HA 58 -86.41 -54.35 112.41
N CYS HA 59 -87.31 -53.62 111.76
CA CYS HA 59 -88.65 -54.18 111.57
C CYS HA 59 -89.24 -53.69 110.26
N VAL HA 60 -89.99 -54.59 109.61
CA VAL HA 60 -90.56 -54.36 108.28
C VAL HA 60 -91.93 -55.01 108.21
N SER HA 61 -92.76 -54.48 107.31
CA SER HA 61 -94.17 -54.87 107.22
C SER HA 61 -94.58 -54.93 105.77
N SER HA 62 -95.49 -55.85 105.47
CA SER HA 62 -95.96 -56.03 104.10
C SER HA 62 -97.44 -56.36 104.05
N GLN HA 63 -98.08 -55.91 102.98
CA GLN HA 63 -99.50 -56.16 102.74
C GLN HA 63 -99.76 -57.52 102.14
N TYR HA 64 -98.71 -58.30 101.89
CA TYR HA 64 -98.81 -59.59 101.18
C TYR HA 64 -98.28 -60.70 102.09
N PRO HA 65 -99.05 -61.08 103.12
CA PRO HA 65 -98.50 -61.90 104.19
C PRO HA 65 -98.29 -63.36 103.80
N TYR HA 66 -98.89 -63.79 102.69
CA TYR HA 66 -98.81 -65.19 102.25
C TYR HA 66 -97.72 -65.39 101.20
N ARG HA 67 -96.83 -64.41 101.02
CA ARG HA 67 -95.87 -64.50 99.91
C ARG HA 67 -94.92 -65.68 100.07
N ASN HA 68 -94.48 -65.96 101.29
CA ASN HA 68 -93.52 -67.03 101.51
C ASN HA 68 -94.17 -68.40 101.66
N TYR HA 69 -95.45 -68.44 102.01
CA TYR HA 69 -96.13 -69.70 102.30
C TYR HA 69 -96.91 -70.13 101.06
N SER HA 70 -96.54 -71.30 100.53
CA SER HA 70 -97.04 -71.70 99.22
C SER HA 70 -98.29 -72.55 99.28
N LYS HA 71 -98.46 -73.38 100.31
CA LYS HA 71 -99.50 -74.39 100.30
C LYS HA 71 -100.75 -73.95 101.06
N ILE HA 72 -101.00 -72.65 101.15
CA ILE HA 72 -102.23 -72.12 101.74
C ILE HA 72 -103.14 -71.67 100.62
N PRO HA 73 -104.32 -72.26 100.45
CA PRO HA 73 -105.22 -71.84 99.37
C PRO HA 73 -105.75 -70.43 99.56
N ARG HA 74 -106.09 -69.79 98.44
CA ARG HA 74 -106.65 -68.43 98.52
C ARG HA 74 -107.94 -68.41 99.31
N SER HA 75 -108.76 -69.46 99.21
CA SER HA 75 -110.00 -69.54 99.98
C SER HA 75 -109.76 -69.54 101.47
N GLN HA 76 -108.51 -69.70 101.92
CA GLN HA 76 -108.15 -69.67 103.33
C GLN HA 76 -107.26 -68.49 103.68
N GLN HA 77 -107.02 -67.58 102.75
CA GLN HA 77 -106.17 -66.41 103.00
C GLN HA 77 -107.01 -65.22 103.43
N ASP HA 78 -106.77 -64.71 104.63
CA ASP HA 78 -107.51 -63.57 105.17
C ASP HA 78 -107.14 -62.30 104.43
N PRO HA 79 -108.07 -61.67 103.69
CA PRO HA 79 -107.70 -60.51 102.88
C PRO HA 79 -107.34 -59.29 103.70
N LEU HA 80 -107.72 -59.27 104.97
CA LEU HA 80 -107.36 -58.20 105.88
C LEU HA 80 -106.05 -58.46 106.61
N ALA HA 81 -105.47 -59.64 106.43
CA ALA HA 81 -104.26 -59.97 107.17
C ALA HA 81 -103.07 -59.21 106.61
N VAL HA 82 -102.13 -58.89 107.51
CA VAL HA 82 -100.93 -58.15 107.18
C VAL HA 82 -99.74 -58.88 107.80
N ARG HA 83 -98.55 -58.67 107.24
CA ARG HA 83 -97.34 -59.30 107.74
C ARG HA 83 -96.55 -58.27 108.54
N ARG HA 84 -96.29 -58.57 109.80
CA ARG HA 84 -95.46 -57.73 110.67
C ARG HA 84 -94.24 -58.54 111.05
N GLU HA 85 -93.05 -57.98 110.85
CA GLU HA 85 -91.81 -58.70 111.10
C GLU HA 85 -90.86 -57.80 111.87
N PHE HA 86 -90.11 -58.38 112.81
CA PHE HA 86 -89.04 -57.68 113.49
C PHE HA 86 -87.86 -58.63 113.73
N TYR HA 87 -86.70 -58.04 113.95
CA TYR HA 87 -85.44 -58.76 113.96
C TYR HA 87 -84.47 -58.05 114.87
N THR HA 88 -83.95 -58.75 115.86
CA THR HA 88 -82.95 -58.18 116.75
C THR HA 88 -81.70 -59.05 116.66
N ARG HA 89 -80.54 -58.40 116.75
CA ARG HA 89 -79.25 -59.11 116.80
C ARG HA 89 -78.37 -58.44 117.85
N ARG HA 90 -78.04 -59.20 118.89
CA ARG HA 90 -77.16 -58.73 119.95
C ARG HA 90 -75.82 -59.43 119.80
N VAL HA 91 -74.76 -58.64 119.73
CA VAL HA 91 -73.40 -59.13 119.78
C VAL HA 91 -72.79 -58.61 121.06
N GLU HA 92 -72.31 -59.51 121.90
CA GLU HA 92 -71.47 -59.11 123.03
C GLU HA 92 -70.09 -59.72 122.85
N TYR HA 93 -69.13 -59.12 123.56
CA TYR HA 93 -67.72 -59.50 123.46
C TYR HA 93 -67.20 -59.77 124.87
N TRP HA 94 -67.13 -61.05 125.24
CA TRP HA 94 -66.68 -61.42 126.57
C TRP HA 94 -65.17 -61.27 126.67
N ARG HA 95 -64.68 -61.28 127.91
CA ARG HA 95 -63.25 -61.11 128.18
C ARG HA 95 -62.86 -62.18 129.18
N LYS HA 96 -61.88 -63.01 128.84
CA LYS HA 96 -61.34 -63.99 129.77
C LYS HA 96 -59.96 -63.56 130.25
N ALA HA 97 -59.78 -63.59 131.57
CA ALA HA 97 -58.49 -63.30 132.20
C ALA HA 97 -58.52 -63.84 133.63
N ASP HA 98 -57.36 -63.80 134.31
CA ASP HA 98 -57.38 -64.11 135.73
C ASP HA 98 -56.53 -63.11 136.51
N ALA HA 99 -57.08 -62.63 137.62
CA ALA HA 99 -56.35 -61.73 138.50
C ALA HA 99 -55.20 -62.44 139.21
N SER HA 100 -55.19 -63.77 139.17
CA SER HA 100 -54.13 -64.55 139.83
C SER HA 100 -52.79 -64.37 139.13
N ASN HA 101 -52.80 -64.10 137.83
CA ASN HA 101 -51.57 -64.11 137.03
C ASN HA 101 -51.55 -62.87 136.12
N VAL HA 102 -50.80 -61.85 136.54
CA VAL HA 102 -50.65 -60.67 135.69
C VAL HA 102 -49.87 -61.01 134.42
N ASP HA 103 -49.13 -62.12 134.42
CA ASP HA 103 -48.29 -62.52 133.31
C ASP HA 103 -49.05 -63.27 132.22
N ALA HA 104 -50.28 -63.72 132.49
CA ALA HA 104 -50.99 -64.56 131.52
C ALA HA 104 -51.91 -63.70 130.65
N PRO HA 105 -52.00 -64.03 129.36
CA PRO HA 105 -52.67 -63.12 128.41
C PRO HA 105 -54.17 -63.11 128.61
N GLU HA 106 -54.79 -62.01 128.18
CA GLU HA 106 -56.22 -61.86 128.17
C GLU HA 106 -56.75 -62.13 126.76
N TYR HA 107 -57.96 -62.69 126.68
CA TYR HA 107 -58.56 -62.96 125.39
C TYR HA 107 -59.97 -62.37 125.34
N THR HA 108 -60.39 -61.94 124.17
CA THR HA 108 -61.76 -61.48 123.96
C THR HA 108 -62.52 -62.51 123.12
N LEU HA 109 -63.69 -62.90 123.60
CA LEU HA 109 -64.48 -64.01 123.05
C LEU HA 109 -65.81 -63.52 122.48
N PRO HA 110 -66.00 -63.57 121.17
CA PRO HA 110 -67.26 -63.04 120.61
C PRO HA 110 -68.45 -64.00 120.70
N GLN HA 111 -69.60 -63.39 120.97
CA GLN HA 111 -70.87 -64.10 121.11
C GLN HA 111 -71.93 -63.30 120.37
N SER HA 112 -72.82 -63.99 119.65
CA SER HA 112 -73.91 -63.32 118.95
C SER HA 112 -75.19 -64.15 119.01
N CYS HA 113 -76.32 -63.45 119.08
CA CYS HA 113 -77.62 -64.11 119.15
C CYS HA 113 -78.64 -63.24 118.44
N SER HA 114 -79.46 -63.86 117.59
CA SER HA 114 -80.39 -63.10 116.77
C SER HA 114 -81.75 -63.78 116.73
N ILE HA 115 -82.80 -62.99 116.93
CA ILE HA 115 -84.19 -63.45 116.93
C ILE HA 115 -84.96 -62.70 115.85
N ARG HA 116 -85.60 -63.45 114.95
CA ARG HA 116 -86.49 -62.91 113.93
C ARG HA 116 -87.89 -63.47 114.13
N LEU HA 117 -88.89 -62.61 113.96
CA LEU HA 117 -90.29 -62.96 114.16
C LEU HA 117 -91.12 -62.29 113.07
N ALA HA 118 -91.89 -63.10 112.35
CA ALA HA 118 -92.82 -62.61 111.33
C ALA HA 118 -94.18 -63.24 111.61
N SER HA 119 -95.11 -62.41 112.07
CA SER HA 119 -96.47 -62.84 112.35
C SER HA 119 -97.43 -62.34 111.28
N THR HA 120 -98.42 -63.16 110.96
CA THR HA 120 -99.58 -62.67 110.24
C THR HA 120 -100.54 -62.08 111.26
N VAL HA 121 -100.83 -60.79 111.12
CA VAL HA 121 -101.66 -60.04 112.07
C VAL HA 121 -102.96 -59.64 111.40
N THR HA 122 -104.07 -59.94 112.07
CA THR HA 122 -105.41 -59.54 111.67
C THR HA 122 -106.07 -58.85 112.85
N LYS HA 123 -107.32 -58.43 112.67
CA LYS HA 123 -108.04 -57.65 113.68
C LYS HA 123 -107.96 -58.30 115.05
N GLU HA 124 -108.13 -59.63 115.10
CA GLU HA 124 -108.26 -60.36 116.35
C GLU HA 124 -106.91 -60.77 116.94
N THR HA 125 -105.82 -60.59 116.21
CA THR HA 125 -104.49 -60.91 116.71
C THR HA 125 -104.05 -59.88 117.73
N THR HA 126 -103.79 -60.34 118.97
CA THR HA 126 -103.36 -59.46 120.05
C THR HA 126 -101.86 -59.55 120.28
N ALA HA 127 -101.33 -58.52 120.95
CA ALA HA 127 -99.91 -58.50 121.26
C ALA HA 127 -99.51 -59.72 122.06
N ALA HA 128 -100.36 -60.15 122.99
CA ALA HA 128 -100.11 -61.38 123.72
C ALA HA 128 -100.06 -62.59 122.77
N ASP HA 129 -101.00 -62.66 121.82
CA ASP HA 129 -100.99 -63.75 120.85
C ASP HA 129 -99.65 -63.82 120.13
N ILE HA 130 -99.10 -62.66 119.77
CA ILE HA 130 -97.84 -62.65 119.04
C ILE HA 130 -96.67 -62.98 119.95
N ALA HA 131 -96.72 -62.55 121.21
CA ALA HA 131 -95.68 -62.97 122.14
C ALA HA 131 -95.69 -64.48 122.33
N GLY HA 132 -96.87 -65.09 122.23
CA GLY HA 132 -96.96 -66.53 122.34
C GLY HA 132 -96.04 -67.27 121.41
N ILE HA 133 -95.85 -66.77 120.18
CA ILE HA 133 -95.04 -67.53 119.24
C ILE HA 133 -93.58 -67.53 119.66
N VAL HA 134 -93.09 -66.41 120.18
CA VAL HA 134 -91.73 -66.39 120.70
C VAL HA 134 -91.61 -67.30 121.91
N LEU HA 135 -92.62 -67.27 122.79
CA LEU HA 135 -92.56 -68.10 124.00
C LEU HA 135 -92.55 -69.59 123.65
N ARG HA 136 -93.33 -69.98 122.64
CA ARG HA 136 -93.36 -71.39 122.22
C ARG HA 136 -92.12 -71.77 121.44
N THR HA 137 -91.50 -70.83 120.74
CA THR HA 137 -90.22 -71.14 120.12
C THR HA 137 -89.16 -71.40 121.19
N LEU HA 138 -89.17 -70.60 122.27
CA LEU HA 138 -88.17 -70.76 123.32
C LEU HA 138 -88.39 -72.02 124.14
N ALA HA 139 -89.65 -72.35 124.40
CA ALA HA 139 -89.96 -73.37 125.42
C ALA HA 139 -89.27 -74.72 125.20
N PRO HA 140 -89.16 -75.28 123.99
CA PRO HA 140 -88.48 -76.58 123.86
C PRO HA 140 -87.02 -76.57 124.31
N ILE HA 141 -86.32 -75.46 124.10
CA ILE HA 141 -84.92 -75.33 124.48
C ILE HA 141 -84.78 -75.10 125.99
N PHE HA 142 -85.74 -74.42 126.61
CA PHE HA 142 -85.70 -74.11 128.03
C PHE HA 142 -86.95 -74.71 128.66
N PRO HA 143 -87.05 -76.03 128.71
CA PRO HA 143 -88.31 -76.65 129.18
C PRO HA 143 -88.56 -76.46 130.66
N ASN HA 144 -87.54 -76.07 131.43
CA ASN HA 144 -87.71 -75.70 132.84
C ASN HA 144 -87.29 -74.27 133.10
N GLY HA 145 -87.25 -73.44 132.05
CA GLY HA 145 -86.97 -72.04 132.26
C GLY HA 145 -85.54 -71.86 132.70
N SER HA 146 -85.31 -70.85 133.55
CA SER HA 146 -83.96 -70.66 134.05
C SER HA 146 -83.51 -71.78 134.97
N GLY HA 147 -84.37 -72.77 135.24
CA GLY HA 147 -84.01 -73.80 136.22
C GLY HA 147 -82.81 -74.64 135.83
N ASP HA 148 -82.86 -75.28 134.67
CA ASP HA 148 -81.76 -76.11 134.20
C ASP HA 148 -81.41 -75.74 132.78
N TRP HA 149 -80.25 -76.19 132.32
CA TRP HA 149 -79.77 -75.85 131.00
C TRP HA 149 -79.53 -77.09 130.14
N ILE HA 150 -80.29 -78.16 130.38
CA ILE HA 150 -79.90 -79.46 129.84
C ILE HA 150 -80.06 -79.47 128.32
N LYS HA 151 -81.21 -79.01 127.83
CA LYS HA 151 -81.43 -79.03 126.39
C LYS HA 151 -80.55 -78.00 125.69
N LEU HA 152 -80.32 -76.86 126.32
CA LEU HA 152 -79.40 -75.90 125.74
C LEU HA 152 -78.01 -76.49 125.62
N GLN HA 153 -77.56 -77.18 126.67
CA GLN HA 153 -76.28 -77.86 126.65
C GLN HA 153 -76.20 -78.82 125.48
N GLN HA 154 -77.28 -79.58 125.24
CA GLN HA 154 -77.30 -80.48 124.08
C GLN HA 154 -77.10 -79.69 122.78
N LEU HA 155 -77.88 -78.63 122.60
CA LEU HA 155 -77.76 -77.84 121.38
C LEU HA 155 -76.32 -77.38 121.17
N ILE HA 156 -75.64 -76.98 122.24
CA ILE HA 156 -74.26 -76.54 122.09
C ILE HA 156 -73.34 -77.73 121.82
N ASP HA 157 -73.59 -78.86 122.49
CA ASP HA 157 -72.84 -80.09 122.27
C ASP HA 157 -72.98 -80.61 120.86
N GLY HA 158 -73.93 -80.08 120.09
CA GLY HA 158 -74.09 -80.51 118.71
C GLY HA 158 -75.15 -81.56 118.48
N LEU HA 159 -76.12 -81.69 119.39
CA LEU HA 159 -77.18 -82.69 119.32
C LEU HA 159 -78.52 -82.00 119.06
N PRO HA 160 -79.00 -81.98 117.82
CA PRO HA 160 -80.15 -81.12 117.48
C PRO HA 160 -81.51 -81.66 117.89
N ARG HA 161 -81.64 -82.91 118.30
CA ARG HA 161 -82.97 -83.48 118.51
C ARG HA 161 -83.45 -83.15 119.92
N ILE HA 162 -84.07 -81.98 120.04
CA ILE HA 162 -84.68 -81.56 121.30
C ILE HA 162 -85.82 -82.51 121.69
N PHE HA 163 -86.61 -82.94 120.72
CA PHE HA 163 -87.77 -83.76 121.01
C PHE HA 163 -87.47 -85.25 120.96
N GLY HA 164 -86.27 -85.64 120.53
CA GLY HA 164 -85.91 -87.06 120.48
C GLY HA 164 -86.00 -87.69 119.10
N SER IA 1 -57.52 -70.45 136.66
CA SER IA 1 -58.04 -69.30 137.39
C SER IA 1 -58.72 -68.33 136.45
N TYR IA 2 -58.64 -68.63 135.14
CA TYR IA 2 -59.30 -67.81 134.13
C TYR IA 2 -60.80 -67.68 134.42
N THR IA 3 -61.28 -66.44 134.33
CA THR IA 3 -62.69 -66.14 134.50
C THR IA 3 -63.20 -65.40 133.27
N ILE IA 4 -64.47 -65.65 132.99
CA ILE IA 4 -65.19 -65.09 131.85
C ILE IA 4 -66.02 -63.92 132.37
N ASP IA 5 -65.70 -62.71 131.89
CA ASP IA 5 -66.47 -61.52 132.21
C ASP IA 5 -67.26 -61.13 130.97
N ILE IA 6 -68.59 -61.18 131.06
CA ILE IA 6 -69.39 -60.56 130.01
C ILE IA 6 -69.12 -59.06 130.03
N ASN IA 7 -68.94 -58.49 128.86
CA ASN IA 7 -68.62 -57.06 128.78
C ASN IA 7 -69.88 -56.25 128.53
N CYS IA 8 -70.87 -56.42 129.39
CA CYS IA 8 -72.21 -55.89 129.11
C CYS IA 8 -72.65 -54.94 130.20
N SER IA 9 -73.82 -54.35 130.00
CA SER IA 9 -74.52 -53.63 131.04
C SER IA 9 -75.68 -54.51 131.51
N THR IA 10 -75.74 -54.77 132.82
CA THR IA 10 -76.79 -55.57 133.42
C THR IA 10 -77.36 -54.83 134.62
N GLY IA 11 -78.69 -54.86 134.75
CA GLY IA 11 -79.37 -54.23 135.85
C GLY IA 11 -79.48 -55.11 137.07
N ASP IA 12 -80.09 -54.55 138.12
CA ASP IA 12 -80.35 -55.28 139.35
C ASP IA 12 -81.73 -55.93 139.37
N THR IA 13 -82.63 -55.47 138.51
CA THR IA 13 -84.02 -55.91 138.48
C THR IA 13 -84.16 -57.22 137.68
N GLN IA 14 -85.21 -57.99 137.96
CA GLN IA 14 -85.42 -59.23 137.22
C GLN IA 14 -86.91 -59.43 136.98
N ALA IA 15 -87.22 -60.14 135.89
CA ALA IA 15 -88.61 -60.40 135.49
C ALA IA 15 -88.77 -61.85 135.05
N ASN IA 16 -90.00 -62.34 135.17
CA ASN IA 16 -90.34 -63.72 134.81
C ASN IA 16 -91.01 -63.73 133.44
N LEU IA 17 -90.34 -64.33 132.46
CA LEU IA 17 -90.94 -64.62 131.16
C LEU IA 17 -91.51 -66.03 131.24
N VAL IA 18 -92.83 -66.16 131.22
CA VAL IA 18 -93.49 -67.40 131.59
C VAL IA 18 -93.68 -68.28 130.35
N LEU IA 19 -92.92 -69.36 130.29
CA LEU IA 19 -93.00 -70.30 129.18
C LEU IA 19 -94.01 -71.38 129.51
N THR IA 20 -94.87 -71.68 128.55
CA THR IA 20 -95.77 -72.82 128.67
C THR IA 20 -95.16 -73.99 127.92
N GLU IA 21 -95.22 -75.18 128.53
CA GLU IA 21 -94.45 -76.30 128.04
C GLU IA 21 -94.96 -76.77 126.68
N ILE IA 22 -94.07 -77.36 125.91
CA ILE IA 22 -94.44 -77.96 124.63
C ILE IA 22 -94.07 -79.44 124.68
N PRO IA 23 -95.05 -80.34 124.69
CA PRO IA 23 -94.76 -81.77 124.88
C PRO IA 23 -94.09 -82.39 123.67
N ALA IA 24 -93.21 -83.36 123.94
CA ALA IA 24 -92.51 -83.99 122.83
C ALA IA 24 -93.34 -85.12 122.21
N GLU IA 25 -94.23 -85.72 122.99
CA GLU IA 25 -95.05 -86.82 122.49
C GLU IA 25 -95.76 -86.51 121.17
N PRO IA 26 -96.37 -85.33 120.97
CA PRO IA 26 -97.03 -85.09 119.67
C PRO IA 26 -96.07 -84.88 118.50
N TYR IA 27 -94.76 -84.77 118.71
CA TYR IA 27 -93.88 -84.40 117.61
C TYR IA 27 -93.34 -85.63 116.88
N VAL IA 28 -93.13 -85.47 115.57
CA VAL IA 28 -92.78 -86.57 114.66
C VAL IA 28 -91.59 -86.16 113.79
N HIS IA 29 -90.67 -87.10 113.57
CA HIS IA 29 -89.57 -86.92 112.63
C HIS IA 29 -90.09 -86.65 111.22
N VAL IA 30 -89.46 -85.69 110.54
CA VAL IA 30 -89.79 -85.33 109.18
C VAL IA 30 -88.59 -85.50 108.25
N SER IA 31 -87.48 -84.85 108.57
CA SER IA 31 -86.26 -84.97 107.77
C SER IA 31 -85.05 -85.02 108.69
N GLY IA 32 -83.96 -85.58 108.15
CA GLY IA 32 -82.67 -85.61 108.84
C GLY IA 32 -82.71 -86.24 110.21
N ASP IA 33 -83.08 -87.52 110.29
CA ASP IA 33 -83.31 -88.16 111.59
C ASP IA 33 -82.04 -88.21 112.43
N ASN IA 34 -80.94 -88.63 111.83
CA ASN IA 34 -79.67 -88.76 112.53
C ASN IA 34 -78.78 -87.53 112.38
N LYS IA 35 -79.05 -86.67 111.41
CA LYS IA 35 -78.09 -85.67 110.97
C LYS IA 35 -78.09 -84.44 111.89
N SER IA 36 -77.18 -83.51 111.61
CA SER IA 36 -77.03 -82.30 112.41
C SER IA 36 -78.18 -81.33 112.26
N THR IA 37 -79.12 -81.60 111.34
CA THR IA 37 -80.31 -80.80 111.13
C THR IA 37 -81.52 -81.72 111.18
N ILE IA 38 -82.48 -81.39 112.04
CA ILE IA 38 -83.68 -82.19 112.20
C ILE IA 38 -84.88 -81.26 112.11
N GLU IA 39 -85.97 -81.78 111.53
CA GLU IA 39 -87.22 -81.05 111.39
C GLU IA 39 -88.36 -81.89 111.97
N TYR IA 40 -89.08 -81.33 112.94
CA TYR IA 40 -90.21 -82.03 113.54
C TYR IA 40 -91.54 -81.43 113.10
N LEU IA 41 -92.55 -82.30 113.11
CA LEU IA 41 -93.93 -81.91 112.86
C LEU IA 41 -94.74 -82.10 114.14
N ASP IA 42 -95.55 -81.11 114.47
CA ASP IA 42 -96.50 -81.20 115.58
C ASP IA 42 -97.79 -81.79 115.02
N THR IA 43 -98.05 -83.06 115.34
CA THR IA 43 -99.28 -83.70 114.89
C THR IA 43 -100.45 -83.43 115.80
N GLY IA 44 -100.32 -82.48 116.72
CA GLY IA 44 -101.49 -82.03 117.44
C GLY IA 44 -102.13 -80.90 116.67
N SER IA 45 -102.00 -80.95 115.36
CA SER IA 45 -102.53 -79.89 114.50
C SER IA 45 -103.68 -80.41 113.66
N ASP IA 46 -104.36 -79.45 113.03
CA ASP IA 46 -105.52 -79.82 112.23
C ASP IA 46 -105.09 -80.82 111.19
N ASN IA 47 -105.75 -81.98 111.25
CA ASN IA 47 -105.50 -83.07 110.32
C ASN IA 47 -105.61 -82.60 108.87
N SER IA 48 -106.61 -81.77 108.59
CA SER IA 48 -107.11 -81.58 107.23
C SER IA 48 -106.46 -80.42 106.48
N LEU IA 49 -105.54 -79.67 107.09
CA LEU IA 49 -104.87 -78.61 106.37
C LEU IA 49 -103.66 -79.13 105.60
N LEU IA 50 -103.17 -78.29 104.70
CA LEU IA 50 -101.96 -78.61 103.97
C LEU IA 50 -100.71 -78.15 104.70
N VAL IA 51 -100.88 -77.23 105.64
CA VAL IA 51 -99.78 -76.73 106.45
C VAL IA 51 -100.00 -77.22 107.87
N ARG IA 52 -98.90 -77.56 108.54
CA ARG IA 52 -98.97 -77.98 109.92
C ARG IA 52 -97.75 -77.45 110.66
N PRO IA 53 -97.87 -77.20 111.96
CA PRO IA 53 -96.76 -76.58 112.71
C PRO IA 53 -95.54 -77.48 112.74
N THR IA 54 -94.41 -76.90 112.38
CA THR IA 54 -93.13 -77.56 112.41
C THR IA 54 -92.18 -76.75 113.28
N GLN IA 55 -91.17 -77.43 113.82
CA GLN IA 55 -90.03 -76.73 114.37
C GLN IA 55 -88.78 -77.50 113.98
N GLN IA 56 -87.80 -76.78 113.43
CA GLN IA 56 -86.54 -77.41 113.12
C GLN IA 56 -85.46 -76.90 114.06
N PHE IA 57 -84.48 -77.76 114.27
CA PHE IA 57 -83.27 -77.44 115.00
C PHE IA 57 -82.09 -77.91 114.17
N ASN IA 58 -81.04 -77.09 114.11
CA ASN IA 58 -79.80 -77.58 113.52
C ASN IA 58 -78.61 -76.95 114.21
N CYS IA 59 -77.54 -77.73 114.31
CA CYS IA 59 -76.31 -77.34 114.98
C CYS IA 59 -75.20 -77.22 113.95
N VAL IA 60 -74.24 -76.32 114.23
CA VAL IA 60 -73.09 -76.09 113.38
C VAL IA 60 -71.90 -75.79 114.28
N SER IA 61 -70.72 -76.23 113.87
CA SER IA 61 -69.49 -75.95 114.58
C SER IA 61 -68.44 -75.50 113.57
N SER IA 62 -67.60 -74.56 113.99
CA SER IA 62 -66.48 -74.11 113.16
C SER IA 62 -65.19 -74.03 113.96
N GLN IA 63 -64.09 -74.32 113.26
CA GLN IA 63 -62.77 -74.36 113.88
C GLN IA 63 -62.19 -72.96 114.07
N TYR IA 64 -62.59 -72.00 113.24
CA TYR IA 64 -62.07 -70.63 113.23
C TYR IA 64 -63.12 -69.67 113.76
N PRO IA 65 -63.20 -69.49 115.08
CA PRO IA 65 -64.33 -68.73 115.64
C PRO IA 65 -64.20 -67.25 115.43
N TYR IA 66 -63.00 -66.78 115.07
CA TYR IA 66 -62.70 -65.38 114.88
C TYR IA 66 -62.76 -64.97 113.42
N ARG IA 67 -63.39 -65.77 112.56
CA ARG IA 67 -63.30 -65.52 111.13
C ARG IA 67 -63.91 -64.17 110.78
N ASN IA 68 -65.12 -63.92 111.27
CA ASN IA 68 -65.83 -62.69 110.95
C ASN IA 68 -65.46 -61.54 111.88
N TYR IA 69 -64.67 -61.80 112.93
CA TYR IA 69 -64.31 -60.75 113.88
C TYR IA 69 -62.88 -60.31 113.60
N SER IA 70 -62.72 -59.36 112.68
CA SER IA 70 -61.40 -58.91 112.32
C SER IA 70 -60.88 -57.81 113.23
N LYS IA 71 -61.78 -57.04 113.87
CA LYS IA 71 -61.32 -55.96 114.75
C LYS IA 71 -60.69 -56.47 116.04
N ILE IA 72 -60.60 -57.77 116.21
CA ILE IA 72 -59.92 -58.39 117.34
C ILE IA 72 -58.50 -58.76 116.90
N PRO IA 73 -57.48 -58.39 117.65
CA PRO IA 73 -56.11 -58.76 117.28
C PRO IA 73 -55.82 -60.21 117.63
N ARG IA 74 -54.88 -60.79 116.87
CA ARG IA 74 -54.48 -62.17 117.13
C ARG IA 74 -53.99 -62.34 118.56
N SER IA 75 -53.24 -61.36 119.07
CA SER IA 75 -52.74 -61.40 120.44
C SER IA 75 -53.85 -61.51 121.49
N GLN IA 76 -55.11 -61.29 121.10
CA GLN IA 76 -56.24 -61.45 122.00
C GLN IA 76 -57.20 -62.56 121.58
N GLN IA 77 -56.93 -63.24 120.47
CA GLN IA 77 -57.74 -64.37 120.03
C GLN IA 77 -57.27 -65.64 120.73
N ASP IA 78 -58.17 -66.29 121.45
CA ASP IA 78 -57.85 -67.55 122.13
C ASP IA 78 -57.64 -68.67 121.13
N PRO IA 79 -56.42 -69.16 120.94
CA PRO IA 79 -56.19 -70.18 119.90
C PRO IA 79 -56.83 -71.52 120.21
N LEU IA 80 -57.32 -71.72 121.42
CA LEU IA 80 -58.08 -72.92 121.77
C LEU IA 80 -59.58 -72.71 121.66
N ALA IA 81 -60.02 -71.55 121.20
CA ALA IA 81 -61.45 -71.29 121.11
C ALA IA 81 -62.04 -72.00 119.90
N VAL IA 82 -63.28 -72.43 120.04
CA VAL IA 82 -64.02 -73.14 119.00
C VAL IA 82 -65.40 -72.51 118.91
N ARG IA 83 -65.94 -72.39 117.69
CA ARG IA 83 -67.24 -71.77 117.49
C ARG IA 83 -68.34 -72.83 117.50
N ARG IA 84 -69.31 -72.68 118.41
CA ARG IA 84 -70.48 -73.54 118.43
C ARG IA 84 -71.70 -72.67 118.15
N GLU IA 85 -72.55 -73.07 117.20
CA GLU IA 85 -73.81 -72.37 116.98
C GLU IA 85 -74.93 -73.38 116.82
N PHE IA 86 -76.15 -72.90 117.10
CA PHE IA 86 -77.37 -73.64 116.84
C PHE IA 86 -78.44 -72.68 116.37
N TYR IA 87 -79.48 -73.25 115.76
CA TYR IA 87 -80.52 -72.46 115.11
C TYR IA 87 -81.84 -73.22 115.19
N THR IA 88 -82.86 -72.55 115.69
CA THR IA 88 -84.20 -73.13 115.70
C THR IA 88 -85.11 -72.23 114.88
N ARG IA 89 -86.06 -72.85 114.18
CA ARG IA 89 -87.09 -72.11 113.45
C ARG IA 89 -88.41 -72.82 113.62
N ARG IA 90 -89.35 -72.13 114.27
CA ARG IA 90 -90.68 -72.65 114.52
C ARG IA 90 -91.65 -71.93 113.60
N VAL IA 91 -92.41 -72.69 112.84
CA VAL IA 91 -93.54 -72.18 112.08
C VAL IA 91 -94.79 -72.82 112.66
N GLU IA 92 -95.78 -71.99 113.00
CA GLU IA 92 -97.10 -72.51 113.31
C GLU IA 92 -98.11 -71.81 112.42
N TYR IA 93 -99.29 -72.43 112.31
CA TYR IA 93 -100.34 -71.98 111.40
C TYR IA 93 -101.63 -71.87 112.19
N TRP IA 94 -102.00 -70.65 112.57
CA TRP IA 94 -103.21 -70.41 113.33
C TRP IA 94 -104.43 -70.49 112.42
N ARG IA 95 -105.60 -70.64 113.05
CA ARG IA 95 -106.88 -70.75 112.34
C ARG IA 95 -107.85 -69.76 112.97
N LYS IA 96 -108.32 -68.80 112.19
CA LYS IA 96 -109.35 -67.91 112.68
C LYS IA 96 -110.69 -68.35 112.11
N ALA IA 97 -111.68 -68.49 113.01
CA ALA IA 97 -113.06 -68.80 112.67
C ALA IA 97 -113.92 -68.54 113.89
N ASP IA 98 -115.21 -68.28 113.66
CA ASP IA 98 -116.17 -68.22 114.75
C ASP IA 98 -117.18 -69.36 114.63
N ALA IA 99 -117.45 -70.02 115.76
CA ALA IA 99 -118.46 -71.09 115.77
C ALA IA 99 -119.87 -70.53 115.60
N SER IA 100 -120.04 -69.23 115.73
CA SER IA 100 -121.37 -68.63 115.62
C SER IA 100 -121.91 -68.77 114.20
N ASN IA 101 -121.11 -68.41 113.20
CA ASN IA 101 -121.54 -68.38 111.82
C ASN IA 101 -120.69 -69.38 111.04
N VAL IA 102 -121.30 -70.47 110.61
CA VAL IA 102 -120.57 -71.45 109.82
C VAL IA 102 -120.49 -71.05 108.34
N ASP IA 103 -121.34 -70.12 107.90
CA ASP IA 103 -121.13 -69.50 106.59
C ASP IA 103 -119.76 -68.84 106.50
N ALA IA 104 -119.32 -68.23 107.59
CA ALA IA 104 -118.12 -67.41 107.55
C ALA IA 104 -116.89 -68.27 107.27
N PRO IA 105 -115.97 -67.81 106.43
CA PRO IA 105 -114.85 -68.65 106.03
C PRO IA 105 -113.81 -68.74 107.13
N GLU IA 106 -113.13 -69.88 107.17
CA GLU IA 106 -112.02 -70.09 108.08
C GLU IA 106 -110.74 -69.66 107.38
N TYR IA 107 -109.92 -68.87 108.06
CA TYR IA 107 -108.66 -68.43 107.48
C TYR IA 107 -107.49 -69.05 108.23
N THR IA 108 -106.39 -69.26 107.50
CA THR IA 108 -105.16 -69.79 108.04
C THR IA 108 -104.14 -68.65 108.12
N LEU IA 109 -103.65 -68.39 109.32
CA LEU IA 109 -102.72 -67.30 109.58
C LEU IA 109 -101.35 -67.87 109.89
N PRO IA 110 -100.37 -67.73 109.01
CA PRO IA 110 -99.03 -68.26 109.31
C PRO IA 110 -98.20 -67.32 110.19
N GLN IA 111 -97.39 -67.96 111.04
CA GLN IA 111 -96.52 -67.25 111.98
C GLN IA 111 -95.21 -68.03 112.05
N SER IA 112 -94.08 -67.31 112.03
CA SER IA 112 -92.78 -67.96 112.07
C SER IA 112 -91.81 -67.17 112.93
N CYS IA 113 -90.93 -67.89 113.64
CA CYS IA 113 -89.97 -67.28 114.54
C CYS IA 113 -88.71 -68.12 114.58
N SER IA 114 -87.54 -67.46 114.55
CA SER IA 114 -86.27 -68.15 114.45
C SER IA 114 -85.24 -67.51 115.37
N ILE IA 115 -84.45 -68.36 116.04
CA ILE IA 115 -83.39 -67.93 116.94
C ILE IA 115 -82.09 -68.60 116.52
N ARG IA 116 -81.05 -67.79 116.32
CA ARG IA 116 -79.71 -68.28 115.98
C ARG IA 116 -78.74 -67.83 117.06
N LEU IA 117 -78.07 -68.79 117.69
CA LEU IA 117 -77.10 -68.50 118.74
C LEU IA 117 -75.74 -69.04 118.31
N ALA IA 118 -74.73 -68.17 118.34
CA ALA IA 118 -73.40 -68.50 117.85
C ALA IA 118 -72.39 -67.97 118.84
N SER IA 119 -71.80 -68.87 119.61
CA SER IA 119 -70.90 -68.51 120.70
C SER IA 119 -69.49 -68.97 120.36
N THR IA 120 -68.49 -68.22 120.82
CA THR IA 120 -67.17 -68.82 120.94
C THR IA 120 -67.10 -69.54 122.28
N VAL IA 121 -66.43 -70.68 122.31
CA VAL IA 121 -66.39 -71.53 123.48
C VAL IA 121 -64.96 -71.95 123.75
N THR IA 122 -64.54 -71.79 124.99
CA THR IA 122 -63.31 -72.32 125.54
C THR IA 122 -63.65 -73.15 126.75
N LYS IA 123 -62.62 -73.75 127.36
CA LYS IA 123 -62.87 -74.68 128.46
C LYS IA 123 -63.64 -74.03 129.62
N GLU IA 124 -63.60 -72.70 129.74
CA GLU IA 124 -64.25 -72.01 130.84
C GLU IA 124 -65.64 -71.47 130.47
N THR IA 125 -66.06 -71.59 129.22
CA THR IA 125 -67.42 -71.24 128.84
C THR IA 125 -68.39 -72.25 129.43
N THR IA 126 -69.39 -71.77 130.16
CA THR IA 126 -70.38 -72.65 130.76
C THR IA 126 -71.72 -72.59 130.05
N ALA IA 127 -72.53 -73.62 130.31
CA ALA IA 127 -73.88 -73.68 129.76
C ALA IA 127 -74.66 -72.43 130.14
N ALA IA 128 -74.61 -72.05 131.42
CA ALA IA 128 -75.36 -70.89 131.88
C ALA IA 128 -74.80 -69.59 131.31
N ASP IA 129 -73.48 -69.50 131.10
CA ASP IA 129 -72.92 -68.34 130.41
C ASP IA 129 -73.55 -68.18 129.03
N ILE IA 130 -73.66 -69.29 128.29
CA ILE IA 130 -74.23 -69.16 126.95
C ILE IA 130 -75.73 -68.90 127.02
N ALA IA 131 -76.41 -69.46 128.01
CA ALA IA 131 -77.83 -69.14 128.21
C ALA IA 131 -78.02 -67.65 128.46
N GLY IA 132 -77.02 -67.00 129.06
CA GLY IA 132 -77.17 -65.61 129.42
C GLY IA 132 -77.34 -64.71 128.21
N ILE IA 133 -76.67 -65.04 127.10
CA ILE IA 133 -76.76 -64.13 125.95
C ILE IA 133 -78.15 -64.19 125.33
N VAL IA 134 -78.79 -65.37 125.34
CA VAL IA 134 -80.17 -65.44 124.87
C VAL IA 134 -81.10 -64.60 125.75
N LEU IA 135 -80.91 -64.71 127.07
CA LEU IA 135 -81.75 -63.94 127.99
C LEU IA 135 -81.50 -62.44 127.88
N ARG IA 136 -80.28 -62.04 127.53
CA ARG IA 136 -79.99 -60.62 127.36
C ARG IA 136 -80.47 -60.11 126.01
N THR IA 137 -80.48 -60.94 124.99
CA THR IA 137 -81.13 -60.55 123.74
C THR IA 137 -82.63 -60.37 123.95
N LEU IA 138 -83.25 -61.26 124.72
CA LEU IA 138 -84.69 -61.14 124.97
C LEU IA 138 -85.02 -59.96 125.87
N ALA IA 139 -84.15 -59.64 126.82
CA ALA IA 139 -84.46 -58.69 127.88
C ALA IA 139 -85.00 -57.34 127.40
N PRO IA 140 -84.42 -56.70 126.38
CA PRO IA 140 -84.94 -55.37 126.01
C PRO IA 140 -86.30 -55.41 125.33
N ILE IA 141 -86.67 -56.52 124.68
CA ILE IA 141 -87.99 -56.63 124.07
C ILE IA 141 -89.05 -56.95 125.12
N PHE IA 142 -88.71 -57.74 126.13
CA PHE IA 142 -89.65 -58.17 127.18
C PHE IA 142 -89.13 -57.69 128.52
N PRO IA 143 -89.05 -56.36 128.73
CA PRO IA 143 -88.35 -55.86 129.92
C PRO IA 143 -89.08 -56.15 131.22
N ASN IA 144 -90.38 -56.43 131.16
CA ASN IA 144 -91.11 -56.94 132.31
C ASN IA 144 -91.52 -58.39 132.13
N GLY IA 145 -90.82 -59.11 131.25
CA GLY IA 145 -91.15 -60.50 131.05
C GLY IA 145 -92.56 -60.64 130.55
N SER IA 146 -93.25 -61.68 131.03
CA SER IA 146 -94.63 -61.91 130.63
C SER IA 146 -95.60 -60.87 131.16
N GLY IA 147 -95.13 -59.84 131.88
CA GLY IA 147 -96.06 -58.90 132.50
C GLY IA 147 -96.78 -57.99 131.51
N ASP IA 148 -96.03 -57.20 130.75
CA ASP IA 148 -96.63 -56.34 129.75
C ASP IA 148 -95.94 -56.54 128.43
N TRP IA 149 -96.63 -56.18 127.35
CA TRP IA 149 -96.12 -56.39 126.00
C TRP IA 149 -95.85 -55.06 125.31
N ILE IA 150 -95.42 -54.04 126.04
CA ILE IA 150 -95.40 -52.69 125.50
C ILE IA 150 -94.34 -52.57 124.42
N LYS IA 151 -93.12 -53.03 124.72
CA LYS IA 151 -92.05 -52.91 123.74
C LYS IA 151 -92.28 -53.86 122.57
N LEU IA 152 -92.81 -55.05 122.84
CA LEU IA 152 -93.16 -55.94 121.74
C LEU IA 152 -94.15 -55.26 120.79
N GLN IA 153 -95.23 -54.70 121.35
CA GLN IA 153 -96.25 -54.07 120.53
C GLN IA 153 -95.65 -52.96 119.70
N GLN IA 154 -94.78 -52.14 120.30
CA GLN IA 154 -94.18 -51.08 119.51
C GLN IA 154 -93.22 -51.63 118.45
N LEU IA 155 -92.70 -52.85 118.62
CA LEU IA 155 -91.97 -53.47 117.51
C LEU IA 155 -92.90 -53.90 116.40
N ILE IA 156 -94.09 -54.38 116.75
CA ILE IA 156 -95.06 -54.75 115.72
C ILE IA 156 -95.56 -53.50 114.98
N ASP IA 157 -95.55 -52.34 115.65
CA ASP IA 157 -96.01 -51.11 115.04
C ASP IA 157 -95.01 -50.49 114.08
N GLY IA 158 -93.78 -51.01 114.04
CA GLY IA 158 -92.75 -50.49 113.17
C GLY IA 158 -91.95 -49.35 113.78
N LEU IA 159 -91.65 -49.46 115.07
CA LEU IA 159 -90.94 -48.43 115.82
C LEU IA 159 -89.66 -49.04 116.37
N PRO IA 160 -88.62 -49.16 115.52
CA PRO IA 160 -87.44 -49.94 115.89
C PRO IA 160 -86.64 -49.39 117.05
N ARG IA 161 -86.77 -48.09 117.37
CA ARG IA 161 -85.95 -47.45 118.40
C ARG IA 161 -86.45 -47.88 119.77
N ILE IA 162 -85.75 -48.83 120.39
CA ILE IA 162 -86.19 -49.42 121.64
C ILE IA 162 -85.52 -48.75 122.83
N PHE IA 163 -84.23 -48.47 122.74
CA PHE IA 163 -83.54 -47.69 123.75
C PHE IA 163 -83.57 -46.19 123.45
N GLY IA 164 -84.22 -45.78 122.36
CA GLY IA 164 -84.32 -44.37 122.01
C GLY IA 164 -83.64 -43.96 120.71
N SER JA 1 -55.40 -53.41 141.14
CA SER JA 1 -54.35 -52.83 141.98
C SER JA 1 -53.58 -51.75 141.23
N TYR JA 2 -53.48 -51.92 139.91
CA TYR JA 2 -52.80 -50.97 139.05
C TYR JA 2 -53.37 -49.56 139.20
N THR JA 3 -52.48 -48.58 139.39
CA THR JA 3 -52.87 -47.18 139.37
C THR JA 3 -52.11 -46.46 138.27
N ILE JA 4 -52.74 -45.40 137.77
CA ILE JA 4 -52.17 -44.55 136.74
C ILE JA 4 -51.72 -43.26 137.41
N ASP JA 5 -50.43 -42.93 137.27
CA ASP JA 5 -49.86 -41.70 137.76
C ASP JA 5 -49.53 -40.82 136.56
N ILE JA 6 -50.12 -39.63 136.53
CA ILE JA 6 -49.65 -38.63 135.58
C ILE JA 6 -48.23 -38.25 135.99
N ASN JA 7 -47.33 -38.23 135.01
CA ASN JA 7 -45.94 -37.92 135.33
C ASN JA 7 -45.70 -36.42 135.11
N CYS JA 8 -46.50 -35.60 135.77
CA CYS JA 8 -46.50 -34.16 135.50
C CYS JA 8 -46.26 -33.38 136.77
N SER JA 9 -46.08 -32.07 136.61
CA SER JA 9 -46.05 -31.11 137.71
C SER JA 9 -47.38 -30.40 137.78
N THR JA 10 -48.03 -30.47 138.94
CA THR JA 10 -49.29 -29.79 139.21
C THR JA 10 -49.20 -29.01 140.51
N GLY JA 11 -50.04 -27.99 140.60
CA GLY JA 11 -50.05 -27.09 141.73
C GLY JA 11 -51.20 -27.35 142.68
N ASP JA 12 -51.29 -26.47 143.68
CA ASP JA 12 -52.36 -26.52 144.66
C ASP JA 12 -53.55 -25.65 144.28
N THR JA 13 -53.32 -24.60 143.50
CA THR JA 13 -54.34 -23.62 143.23
C THR JA 13 -55.25 -24.09 142.12
N GLN JA 14 -56.49 -23.59 142.13
CA GLN JA 14 -57.44 -23.91 141.08
C GLN JA 14 -58.19 -22.66 140.68
N ALA JA 15 -58.71 -22.68 139.44
CA ALA JA 15 -59.38 -21.52 138.86
C ALA JA 15 -60.52 -21.98 137.97
N ASN JA 16 -61.56 -21.15 137.90
CA ASN JA 16 -62.74 -21.43 137.09
C ASN JA 16 -62.56 -20.85 135.69
N LEU JA 17 -62.48 -21.70 134.68
CA LEU JA 17 -62.66 -21.30 133.29
C LEU JA 17 -64.14 -21.48 132.96
N VAL JA 18 -64.87 -20.39 132.82
CA VAL JA 18 -66.33 -20.47 132.83
C VAL JA 18 -66.85 -20.51 131.40
N LEU JA 19 -67.49 -21.63 131.10
CA LEU JA 19 -68.03 -21.92 129.78
C LEU JA 19 -69.50 -21.52 129.72
N THR JA 20 -69.87 -20.90 128.60
CA THR JA 20 -71.26 -20.60 128.30
C THR JA 20 -71.77 -21.65 127.33
N GLU JA 21 -72.96 -22.18 127.59
CA GLU JA 21 -73.43 -23.37 126.91
C GLU JA 21 -73.70 -23.10 125.43
N ILE JA 22 -73.52 -24.14 124.62
CA ILE JA 22 -73.78 -24.08 123.18
C ILE JA 22 -74.98 -24.98 122.91
N PRO JA 23 -76.16 -24.42 122.64
CA PRO JA 23 -77.36 -25.25 122.47
C PRO JA 23 -77.23 -26.17 121.27
N ALA JA 24 -77.66 -27.43 121.47
CA ALA JA 24 -77.54 -28.38 120.37
C ALA JA 24 -78.63 -28.17 119.33
N GLU JA 25 -79.82 -27.79 119.80
CA GLU JA 25 -81.01 -27.62 118.96
C GLU JA 25 -80.75 -26.95 117.61
N PRO JA 26 -79.95 -25.87 117.52
CA PRO JA 26 -79.77 -25.21 116.22
C PRO JA 26 -78.81 -25.88 115.23
N TYR JA 27 -77.99 -26.84 115.64
CA TYR JA 27 -76.97 -27.37 114.74
C TYR JA 27 -77.56 -28.41 113.79
N VAL JA 28 -76.99 -28.48 112.57
CA VAL JA 28 -77.51 -29.36 111.52
C VAL JA 28 -76.36 -30.02 110.77
N HIS JA 29 -76.46 -31.34 110.55
CA HIS JA 29 -75.46 -32.07 109.77
C HIS JA 29 -75.32 -31.50 108.37
N VAL JA 30 -74.07 -31.33 107.92
CA VAL JA 30 -73.82 -30.75 106.61
C VAL JA 30 -72.96 -31.67 105.74
N SER JA 31 -72.09 -32.46 106.36
CA SER JA 31 -71.21 -33.31 105.58
C SER JA 31 -70.52 -34.30 106.49
N GLY JA 32 -70.10 -35.42 105.88
CA GLY JA 32 -69.45 -36.51 106.56
C GLY JA 32 -70.36 -37.72 106.69
N ASP JA 33 -69.86 -38.72 107.41
CA ASP JA 33 -70.62 -39.91 107.77
C ASP JA 33 -70.83 -39.93 109.28
N ASN JA 34 -72.01 -40.40 109.70
CA ASN JA 34 -72.30 -40.48 111.14
C ASN JA 34 -71.41 -41.48 111.87
N LYS JA 35 -70.52 -42.17 111.16
CA LYS JA 35 -69.60 -43.13 111.78
C LYS JA 35 -68.28 -42.49 112.19
N SER JA 36 -67.59 -41.83 111.26
CA SER JA 36 -66.25 -41.30 111.52
C SER JA 36 -66.24 -39.80 111.74
N THR JA 37 -66.73 -39.01 110.79
CA THR JA 37 -66.55 -37.56 110.79
C THR JA 37 -67.87 -36.85 110.46
N ILE JA 38 -68.19 -35.81 111.24
CA ILE JA 38 -69.46 -35.11 111.12
C ILE JA 38 -69.21 -33.60 111.23
N GLU JA 39 -69.89 -32.81 110.39
CA GLU JA 39 -69.74 -31.36 110.41
C GLU JA 39 -71.10 -30.72 110.63
N TYR JA 40 -71.30 -30.07 111.77
CA TYR JA 40 -72.54 -29.37 112.07
C TYR JA 40 -72.46 -27.91 111.68
N LEU JA 41 -73.61 -27.37 111.29
CA LEU JA 41 -73.79 -25.96 110.95
C LEU JA 41 -74.76 -25.31 111.94
N ASP JA 42 -74.32 -24.22 112.54
CA ASP JA 42 -75.16 -23.40 113.42
C ASP JA 42 -76.14 -22.62 112.56
N THR JA 43 -77.38 -23.10 112.49
CA THR JA 43 -78.44 -22.34 111.83
C THR JA 43 -78.83 -21.08 112.57
N GLY JA 44 -78.22 -20.80 113.72
CA GLY JA 44 -78.49 -19.58 114.45
C GLY JA 44 -77.68 -18.40 113.94
N SER JA 45 -77.32 -18.44 112.67
CA SER JA 45 -76.46 -17.43 112.07
C SER JA 45 -77.22 -16.68 110.98
N ASP JA 46 -76.52 -15.75 110.34
CA ASP JA 46 -77.12 -14.94 109.30
C ASP JA 46 -77.44 -15.78 108.07
N ASN JA 47 -78.61 -15.53 107.46
CA ASN JA 47 -78.94 -16.19 106.20
C ASN JA 47 -78.04 -15.70 105.07
N SER JA 48 -77.75 -14.39 105.05
CA SER JA 48 -77.32 -13.68 103.85
C SER JA 48 -75.83 -13.76 103.58
N LEU JA 49 -75.12 -14.63 104.29
CA LEU JA 49 -73.69 -14.83 104.08
C LEU JA 49 -73.45 -16.20 103.48
N LEU JA 50 -72.45 -16.29 102.60
CA LEU JA 50 -72.03 -17.59 102.10
C LEU JA 50 -71.28 -18.39 103.16
N VAL JA 51 -70.85 -17.73 104.23
CA VAL JA 51 -70.16 -18.40 105.34
C VAL JA 51 -71.08 -18.39 106.55
N ARG JA 52 -71.11 -19.50 107.27
CA ARG JA 52 -71.89 -19.62 108.48
C ARG JA 52 -71.14 -20.50 109.46
N PRO JA 53 -71.31 -20.27 110.76
CA PRO JA 53 -70.52 -20.98 111.76
C PRO JA 53 -70.78 -22.47 111.77
N THR JA 54 -69.70 -23.23 111.87
CA THR JA 54 -69.74 -24.67 111.73
C THR JA 54 -68.73 -25.28 112.68
N GLN JA 55 -69.14 -26.32 113.41
CA GLN JA 55 -68.22 -27.06 114.26
C GLN JA 55 -68.20 -28.51 113.84
N GLN JA 56 -67.00 -29.06 113.70
CA GLN JA 56 -66.80 -30.39 113.19
C GLN JA 56 -66.22 -31.28 114.28
N PHE JA 57 -66.64 -32.55 114.27
CA PHE JA 57 -66.14 -33.58 115.17
C PHE JA 57 -65.68 -34.79 114.38
N ASN JA 58 -64.62 -35.43 114.87
CA ASN JA 58 -63.92 -36.44 114.07
C ASN JA 58 -63.18 -37.38 115.01
N CYS JA 59 -63.56 -38.66 115.06
CA CYS JA 59 -62.94 -39.66 115.93
C CYS JA 59 -62.23 -40.73 115.12
N VAL JA 60 -61.13 -41.26 115.70
CA VAL JA 60 -60.38 -42.38 115.15
C VAL JA 60 -59.80 -43.20 116.29
N SER JA 61 -59.36 -44.42 115.96
CA SER JA 61 -58.85 -45.34 116.97
C SER JA 61 -57.92 -46.34 116.29
N SER JA 62 -56.94 -46.83 117.06
CA SER JA 62 -55.90 -47.69 116.50
C SER JA 62 -55.46 -48.72 117.53
N GLN JA 63 -55.10 -49.90 117.03
CA GLN JA 63 -54.61 -51.00 117.84
C GLN JA 63 -53.10 -50.92 118.10
N TYR JA 64 -52.45 -49.86 117.60
CA TYR JA 64 -51.00 -49.72 117.68
C TYR JA 64 -50.67 -48.40 118.36
N PRO JA 65 -50.92 -48.31 119.67
CA PRO JA 65 -50.87 -47.00 120.34
C PRO JA 65 -49.47 -46.42 120.45
N TYR JA 66 -48.43 -47.24 120.27
CA TYR JA 66 -47.04 -46.81 120.40
C TYR JA 66 -46.39 -46.56 119.05
N ARG JA 67 -47.17 -46.35 117.99
CA ARG JA 67 -46.60 -46.32 116.65
C ARG JA 67 -45.62 -45.17 116.48
N ASN JA 68 -45.97 -43.99 116.97
CA ASN JA 68 -45.12 -42.82 116.82
C ASN JA 68 -44.21 -42.59 118.02
N TYR JA 69 -44.44 -43.28 119.14
CA TYR JA 69 -43.64 -43.09 120.34
C TYR JA 69 -42.52 -44.14 120.37
N SER JA 70 -41.52 -43.89 119.52
CA SER JA 70 -40.45 -44.87 119.30
C SER JA 70 -39.59 -45.05 120.54
N LYS JA 71 -39.48 -44.03 121.39
CA LYS JA 71 -38.54 -44.03 122.50
C LYS JA 71 -39.08 -44.72 123.76
N ILE JA 72 -40.19 -45.43 123.67
CA ILE JA 72 -40.68 -46.27 124.75
C ILE JA 72 -40.29 -47.72 124.41
N PRO JA 73 -39.57 -48.41 125.29
CA PRO JA 73 -39.21 -49.82 125.00
C PRO JA 73 -40.42 -50.73 125.11
N ARG JA 74 -40.31 -51.89 124.43
CA ARG JA 74 -41.40 -52.86 124.49
C ARG JA 74 -41.62 -53.38 125.90
N SER JA 75 -40.56 -53.44 126.72
CA SER JA 75 -40.71 -53.83 128.11
C SER JA 75 -41.61 -52.88 128.90
N GLN JA 76 -41.90 -51.70 128.36
CA GLN JA 76 -42.74 -50.72 129.04
C GLN JA 76 -43.99 -50.36 128.24
N GLN JA 77 -44.27 -51.09 127.15
CA GLN JA 77 -45.47 -50.88 126.34
C GLN JA 77 -46.59 -51.80 126.81
N ASP JA 78 -47.69 -51.23 127.27
CA ASP JA 78 -48.84 -52.01 127.73
C ASP JA 78 -49.56 -52.67 126.56
N PRO JA 79 -49.50 -54.00 126.43
CA PRO JA 79 -50.06 -54.64 125.23
C PRO JA 79 -51.57 -54.59 125.17
N LEU JA 80 -52.24 -54.44 126.32
CA LEU JA 80 -53.69 -54.29 126.32
C LEU JA 80 -54.10 -52.92 125.81
N ALA JA 81 -53.24 -51.93 125.96
CA ALA JA 81 -53.60 -50.53 125.72
C ALA JA 81 -53.82 -50.27 124.23
N VAL JA 82 -54.68 -49.28 123.96
CA VAL JA 82 -55.23 -49.00 122.63
C VAL JA 82 -55.35 -47.49 122.47
N ARG JA 83 -55.13 -46.99 121.25
CA ARG JA 83 -55.16 -45.54 120.99
C ARG JA 83 -56.54 -45.06 120.60
N ARG JA 84 -57.04 -44.05 121.34
CA ARG JA 84 -58.29 -43.35 121.04
C ARG JA 84 -57.96 -41.90 120.72
N GLU JA 85 -58.66 -41.31 119.74
CA GLU JA 85 -58.35 -39.93 119.37
C GLU JA 85 -59.62 -39.26 118.85
N PHE JA 86 -59.76 -37.96 119.17
CA PHE JA 86 -60.81 -37.13 118.60
C PHE JA 86 -60.27 -35.75 118.26
N TYR JA 87 -61.03 -35.06 117.41
CA TYR JA 87 -60.63 -33.78 116.83
C TYR JA 87 -61.89 -32.94 116.66
N THR JA 88 -61.88 -31.74 117.20
CA THR JA 88 -62.95 -30.79 116.98
C THR JA 88 -62.36 -29.55 116.34
N ARG JA 89 -63.12 -28.95 115.41
CA ARG JA 89 -62.72 -27.69 114.77
C ARG JA 89 -63.95 -26.80 114.64
N ARG JA 90 -63.95 -25.70 115.39
CA ARG JA 90 -65.02 -24.72 115.32
C ARG JA 90 -64.55 -23.54 114.49
N VAL JA 91 -65.33 -23.18 113.48
CA VAL JA 91 -65.13 -21.98 112.69
C VAL JA 91 -66.35 -21.11 112.92
N GLU JA 92 -66.12 -19.90 113.43
CA GLU JA 92 -67.20 -18.93 113.50
C GLU JA 92 -66.79 -17.68 112.74
N TYR JA 93 -67.76 -17.04 112.11
CA TYR JA 93 -67.53 -15.85 111.30
C TYR JA 93 -68.21 -14.67 111.97
N TRP JA 94 -67.42 -13.76 112.53
CA TRP JA 94 -67.96 -12.61 113.23
C TRP JA 94 -68.38 -11.52 112.25
N ARG JA 95 -69.16 -10.59 112.76
CA ARG JA 95 -69.83 -9.56 111.97
C ARG JA 95 -69.51 -8.22 112.65
N LYS JA 96 -68.71 -7.37 112.01
CA LYS JA 96 -68.41 -6.07 112.59
C LYS JA 96 -69.15 -4.99 111.83
N ALA JA 97 -69.75 -4.07 112.61
CA ALA JA 97 -70.47 -2.92 112.09
C ALA JA 97 -70.91 -2.05 113.26
N ASP JA 98 -71.17 -0.78 112.97
CA ASP JA 98 -71.75 0.14 113.93
C ASP JA 98 -73.16 0.49 113.50
N ALA JA 99 -74.10 0.47 114.45
CA ALA JA 99 -75.48 0.85 114.16
C ALA JA 99 -75.62 2.34 114.01
N SER JA 100 -74.66 3.12 114.54
CA SER JA 100 -74.72 4.57 114.40
C SER JA 100 -74.59 5.00 112.95
N ASN JA 101 -73.75 4.33 112.19
CA ASN JA 101 -73.44 4.72 110.81
C ASN JA 101 -73.76 3.54 109.91
N VAL JA 102 -74.91 3.58 109.24
CA VAL JA 102 -75.27 2.51 108.31
C VAL JA 102 -74.58 2.68 106.97
N ASP JA 103 -74.01 3.86 106.70
CA ASP JA 103 -73.16 4.01 105.52
C ASP JA 103 -71.85 3.23 105.68
N ALA JA 104 -71.37 3.09 106.91
CA ALA JA 104 -70.08 2.44 107.12
C ALA JA 104 -70.21 0.95 106.82
N PRO JA 105 -69.24 0.36 106.12
CA PRO JA 105 -69.41 -1.00 105.60
C PRO JA 105 -69.30 -2.04 106.72
N GLU JA 106 -69.98 -3.15 106.51
CA GLU JA 106 -69.97 -4.28 107.44
C GLU JA 106 -68.94 -5.29 106.97
N TYR JA 107 -68.22 -5.88 107.92
CA TYR JA 107 -67.16 -6.82 107.58
C TYR JA 107 -67.37 -8.16 108.27
N THR JA 108 -66.86 -9.21 107.63
CA THR JA 108 -66.86 -10.56 108.15
C THR JA 108 -65.46 -10.90 108.65
N LEU JA 109 -65.37 -11.31 109.90
CA LEU JA 109 -64.09 -11.60 110.56
C LEU JA 109 -64.01 -13.08 110.90
N PRO JA 110 -63.30 -13.89 110.12
CA PRO JA 110 -63.23 -15.33 110.41
C PRO JA 110 -62.31 -15.66 111.59
N GLN JA 111 -62.76 -16.62 112.39
CA GLN JA 111 -62.09 -17.10 113.58
C GLN JA 111 -62.23 -18.61 113.58
N SER JA 112 -61.18 -19.32 113.97
CA SER JA 112 -61.20 -20.79 113.95
C SER JA 112 -60.32 -21.34 115.05
N CYS JA 113 -60.75 -22.45 115.63
CA CYS JA 113 -60.07 -23.05 116.77
C CYS JA 113 -60.26 -24.56 116.75
N SER JA 114 -59.19 -25.30 116.98
CA SER JA 114 -59.25 -26.76 116.88
C SER JA 114 -58.54 -27.42 118.05
N ILE JA 115 -59.11 -28.51 118.53
CA ILE JA 115 -58.56 -29.31 119.62
C ILE JA 115 -58.41 -30.74 119.14
N ARG JA 116 -57.22 -31.31 119.33
CA ARG JA 116 -56.95 -32.70 118.99
C ARG JA 116 -56.46 -33.41 120.24
N LEU JA 117 -57.21 -34.43 120.67
CA LEU JA 117 -56.85 -35.22 121.83
C LEU JA 117 -56.60 -36.66 121.40
N ALA JA 118 -55.41 -37.17 121.69
CA ALA JA 118 -55.05 -38.55 121.39
C ALA JA 118 -54.52 -39.17 122.68
N SER JA 119 -55.27 -40.12 123.24
CA SER JA 119 -54.89 -40.80 124.47
C SER JA 119 -54.56 -42.26 124.16
N THR JA 120 -53.65 -42.84 124.93
CA THR JA 120 -53.60 -44.30 125.00
C THR JA 120 -54.44 -44.73 126.20
N VAL JA 121 -55.51 -45.46 125.94
CA VAL JA 121 -56.43 -45.93 126.96
C VAL JA 121 -56.04 -47.36 127.32
N THR JA 122 -56.11 -47.66 128.61
CA THR JA 122 -56.02 -49.02 129.11
C THR JA 122 -57.20 -49.25 130.05
N LYS JA 123 -57.27 -50.46 130.63
CA LYS JA 123 -58.41 -50.83 131.47
C LYS JA 123 -58.66 -49.80 132.57
N GLU JA 124 -57.59 -49.24 133.13
CA GLU JA 124 -57.69 -48.35 134.27
C GLU JA 124 -57.79 -46.88 133.88
N THR JA 125 -57.60 -46.55 132.60
CA THR JA 125 -57.77 -45.18 132.15
C THR JA 125 -59.23 -44.78 132.28
N THR JA 126 -59.48 -43.65 132.94
CA THR JA 126 -60.84 -43.21 133.21
C THR JA 126 -61.19 -41.95 132.42
N ALA JA 127 -62.50 -41.67 132.41
CA ALA JA 127 -63.01 -40.44 131.83
C ALA JA 127 -62.27 -39.24 132.39
N ALA JA 128 -62.23 -39.14 133.72
CA ALA JA 128 -61.60 -37.99 134.37
C ALA JA 128 -60.12 -37.92 134.05
N ASP JA 129 -59.43 -39.07 134.00
CA ASP JA 129 -58.02 -39.06 133.61
C ASP JA 129 -57.83 -38.45 132.23
N ILE JA 130 -58.71 -38.78 131.30
CA ILE JA 130 -58.52 -38.24 129.95
C ILE JA 130 -58.90 -36.76 129.90
N ALA JA 131 -59.89 -36.35 130.70
CA ALA JA 131 -60.19 -34.92 130.80
C ALA JA 131 -59.01 -34.14 131.37
N GLY JA 132 -58.25 -34.77 132.27
CA GLY JA 132 -57.15 -34.09 132.92
C GLY JA 132 -56.13 -33.55 131.95
N ILE JA 133 -55.88 -34.26 130.85
CA ILE JA 133 -54.84 -33.79 129.93
C ILE JA 133 -55.31 -32.55 129.19
N VAL JA 134 -56.58 -32.48 128.83
CA VAL JA 134 -57.12 -31.25 128.24
C VAL JA 134 -57.01 -30.10 129.24
N LEU JA 135 -57.36 -30.36 130.50
CA LEU JA 135 -57.31 -29.29 131.49
C LEU JA 135 -55.88 -28.80 131.72
N ARG JA 136 -54.91 -29.72 131.78
CA ARG JA 136 -53.52 -29.32 131.97
C ARG JA 136 -52.92 -28.70 130.71
N THR JA 137 -53.48 -28.98 129.54
CA THR JA 137 -53.07 -28.27 128.34
C THR JA 137 -53.58 -26.83 128.36
N LEU JA 138 -54.76 -26.62 128.92
CA LEU JA 138 -55.33 -25.27 128.98
C LEU JA 138 -54.68 -24.42 130.06
N ALA JA 139 -54.39 -25.01 131.22
CA ALA JA 139 -53.95 -24.22 132.38
C ALA JA 139 -52.77 -23.29 132.12
N PRO JA 140 -51.78 -23.62 131.28
CA PRO JA 140 -50.72 -22.63 131.01
C PRO JA 140 -51.24 -21.39 130.30
N ILE JA 141 -52.24 -21.53 129.44
CA ILE JA 141 -52.81 -20.39 128.73
C ILE JA 141 -53.80 -19.62 129.61
N PHE JA 142 -54.49 -20.29 130.53
CA PHE JA 142 -55.50 -19.66 131.38
C PHE JA 142 -55.13 -19.88 132.83
N PRO JA 143 -54.05 -19.24 133.31
CA PRO JA 143 -53.59 -19.51 134.68
C PRO JA 143 -54.59 -19.10 135.74
N ASN JA 144 -55.48 -18.16 135.43
CA ASN JA 144 -56.55 -17.75 136.34
C ASN JA 144 -57.92 -18.03 135.77
N GLY JA 145 -58.00 -18.86 134.73
CA GLY JA 145 -59.29 -19.22 134.18
C GLY JA 145 -59.89 -18.00 133.52
N SER JA 146 -61.17 -17.76 133.75
CA SER JA 146 -61.81 -16.59 133.17
C SER JA 146 -61.37 -15.29 133.85
N GLY JA 147 -60.61 -15.35 134.96
CA GLY JA 147 -60.34 -14.16 135.75
C GLY JA 147 -59.60 -13.06 135.00
N ASP JA 148 -58.63 -13.44 134.17
CA ASP JA 148 -57.91 -12.51 133.31
C ASP JA 148 -57.56 -13.23 132.02
N TRP JA 149 -57.05 -12.48 131.04
CA TRP JA 149 -56.70 -13.07 129.75
C TRP JA 149 -55.23 -12.81 129.40
N ILE JA 150 -54.37 -12.64 130.41
CA ILE JA 150 -53.07 -12.03 130.15
C ILE JA 150 -52.20 -12.95 129.29
N LYS JA 151 -52.13 -14.24 129.65
CA LYS JA 151 -51.27 -15.13 128.89
C LYS JA 151 -51.83 -15.38 127.50
N LEU JA 152 -53.15 -15.43 127.37
CA LEU JA 152 -53.75 -15.54 126.05
C LEU JA 152 -53.39 -14.33 125.19
N GLN JA 153 -53.44 -13.15 125.78
CA GLN JA 153 -53.08 -11.93 125.07
C GLN JA 153 -51.63 -11.99 124.61
N GLN JA 154 -50.73 -12.51 125.46
CA GLN JA 154 -49.35 -12.70 125.03
C GLN JA 154 -49.25 -13.61 123.82
N LEU JA 155 -50.00 -14.73 123.85
CA LEU JA 155 -50.00 -15.64 122.71
C LEU JA 155 -50.43 -14.95 121.43
N ILE JA 156 -51.49 -14.14 121.52
CA ILE JA 156 -51.94 -13.42 120.33
C ILE JA 156 -50.90 -12.40 119.89
N ASP JA 157 -50.33 -11.66 120.85
CA ASP JA 157 -49.28 -10.68 120.56
C ASP JA 157 -48.05 -11.33 119.93
N GLY JA 158 -47.91 -12.64 120.06
CA GLY JA 158 -46.84 -13.37 119.43
C GLY JA 158 -45.69 -13.75 120.32
N LEU JA 159 -45.92 -13.87 121.62
CA LEU JA 159 -44.87 -14.04 122.63
C LEU JA 159 -44.93 -15.45 123.19
N PRO JA 160 -44.28 -16.42 122.55
CA PRO JA 160 -44.53 -17.84 122.87
C PRO JA 160 -43.93 -18.30 124.19
N ARG JA 161 -43.03 -17.52 124.79
CA ARG JA 161 -42.40 -17.90 126.06
C ARG JA 161 -43.41 -17.70 127.20
N ILE JA 162 -44.21 -18.74 127.45
CA ILE JA 162 -45.25 -18.67 128.46
C ILE JA 162 -44.74 -19.09 129.83
N PHE JA 163 -43.80 -20.02 129.89
CA PHE JA 163 -43.20 -20.41 131.15
C PHE JA 163 -41.93 -19.62 131.43
N GLY JA 164 -41.73 -18.51 130.73
CA GLY JA 164 -40.53 -17.72 130.87
C GLY JA 164 -39.47 -18.12 129.86
N SER KA 1 -124.25 -45.06 108.41
CA SER KA 1 -123.87 -44.18 107.30
C SER KA 1 -122.42 -43.75 107.47
N TYR KA 2 -121.65 -43.89 106.40
CA TYR KA 2 -120.19 -43.75 106.46
C TYR KA 2 -119.77 -42.37 106.98
N THR KA 3 -118.76 -42.35 107.85
CA THR KA 3 -118.09 -41.13 108.27
C THR KA 3 -116.60 -41.23 107.98
N ILE KA 4 -115.98 -40.06 107.81
CA ILE KA 4 -114.57 -39.96 107.47
C ILE KA 4 -113.80 -39.49 108.71
N ASP KA 5 -112.88 -40.33 109.17
CA ASP KA 5 -111.95 -40.02 110.26
C ASP KA 5 -110.64 -39.55 109.67
N ILE KA 6 -110.22 -38.32 109.97
CA ILE KA 6 -108.85 -37.94 109.62
C ILE KA 6 -107.96 -38.61 110.64
N ASN KA 7 -107.31 -39.69 110.23
CA ASN KA 7 -106.42 -40.43 111.11
C ASN KA 7 -105.22 -39.54 111.32
N CYS KA 8 -105.18 -38.84 112.46
CA CYS KA 8 -104.28 -37.70 112.60
C CYS KA 8 -104.38 -37.14 114.00
N SER KA 9 -103.38 -36.34 114.38
CA SER KA 9 -103.36 -35.66 115.67
C SER KA 9 -103.70 -34.18 115.50
N THR KA 10 -104.81 -33.74 116.09
CA THR KA 10 -105.21 -32.34 116.12
C THR KA 10 -105.22 -31.82 117.55
N GLY KA 11 -105.25 -30.50 117.67
CA GLY KA 11 -105.17 -29.83 118.95
C GLY KA 11 -106.40 -29.00 119.23
N ASP KA 12 -106.51 -28.44 120.44
CA ASP KA 12 -107.69 -27.64 120.76
C ASP KA 12 -107.56 -26.20 120.27
N THR KA 13 -106.34 -25.65 120.32
CA THR KA 13 -106.10 -24.24 120.02
C THR KA 13 -106.27 -23.94 118.54
N GLN KA 14 -106.58 -22.67 118.22
CA GLN KA 14 -106.66 -22.26 116.83
C GLN KA 14 -106.00 -20.89 116.66
N ALA KA 15 -105.32 -20.70 115.54
CA ALA KA 15 -104.69 -19.43 115.21
C ALA KA 15 -105.26 -18.89 113.91
N ASN KA 16 -105.14 -17.58 113.73
CA ASN KA 16 -105.53 -16.90 112.49
C ASN KA 16 -104.29 -16.68 111.64
N LEU KA 17 -104.27 -17.27 110.44
CA LEU KA 17 -103.32 -16.91 109.40
C LEU KA 17 -104.02 -15.84 108.55
N VAL KA 18 -103.54 -14.61 108.63
CA VAL KA 18 -104.27 -13.49 108.05
C VAL KA 18 -103.81 -13.30 106.60
N LEU KA 19 -104.69 -13.63 105.67
CA LEU KA 19 -104.43 -13.47 104.25
C LEU KA 19 -104.92 -12.12 103.79
N THR KA 20 -104.12 -11.47 102.96
CA THR KA 20 -104.53 -10.25 102.30
C THR KA 20 -104.95 -10.58 100.88
N GLU KA 21 -106.11 -10.08 100.47
CA GLU KA 21 -106.68 -10.49 99.19
C GLU KA 21 -105.76 -10.08 98.04
N ILE KA 22 -105.93 -10.77 96.92
CA ILE KA 22 -105.23 -10.43 95.69
C ILE KA 22 -106.29 -10.15 94.65
N PRO KA 23 -106.42 -8.92 94.17
CA PRO KA 23 -107.56 -8.58 93.29
C PRO KA 23 -107.42 -9.26 91.94
N ALA KA 24 -108.55 -9.79 91.45
CA ALA KA 24 -108.51 -10.55 90.22
C ALA KA 24 -108.41 -9.67 88.99
N GLU KA 25 -108.85 -8.42 89.09
CA GLU KA 25 -108.84 -7.54 87.91
C GLU KA 25 -107.47 -7.44 87.26
N PRO KA 26 -106.37 -7.17 87.97
CA PRO KA 26 -105.10 -6.97 87.28
C PRO KA 26 -104.52 -8.23 86.61
N TYR KA 27 -105.06 -9.43 86.86
CA TYR KA 27 -104.44 -10.62 86.28
C TYR KA 27 -104.95 -10.85 84.86
N VAL KA 28 -104.03 -11.23 83.97
CA VAL KA 28 -104.33 -11.43 82.55
C VAL KA 28 -103.95 -12.87 82.16
N HIS KA 29 -104.91 -13.59 81.60
CA HIS KA 29 -104.65 -14.92 81.05
C HIS KA 29 -103.59 -14.84 79.97
N VAL KA 30 -102.56 -15.67 80.08
CA VAL KA 30 -101.40 -15.63 79.21
C VAL KA 30 -101.28 -16.91 78.39
N SER KA 31 -101.33 -18.07 79.05
CA SER KA 31 -101.11 -19.34 78.38
C SER KA 31 -101.94 -20.43 79.04
N GLY KA 32 -102.35 -21.39 78.23
CA GLY KA 32 -102.78 -22.69 78.74
C GLY KA 32 -104.25 -22.99 78.57
N ASP KA 33 -104.56 -24.28 78.34
CA ASP KA 33 -105.90 -24.82 78.31
C ASP KA 33 -106.41 -25.09 79.73
N ASN KA 34 -107.61 -25.64 79.83
CA ASN KA 34 -107.92 -26.43 81.02
C ASN KA 34 -107.14 -27.74 81.01
N LYS KA 35 -106.86 -28.27 79.81
CA LYS KA 35 -106.05 -29.48 79.68
C LYS KA 35 -104.58 -29.21 79.97
N SER KA 36 -104.12 -27.98 79.75
CA SER KA 36 -102.77 -27.56 80.08
C SER KA 36 -102.80 -26.82 81.42
N THR KA 37 -101.70 -26.15 81.76
CA THR KA 37 -101.64 -25.31 82.96
C THR KA 37 -101.99 -23.85 82.62
N ILE KA 38 -102.98 -23.30 83.33
CA ILE KA 38 -103.37 -21.90 83.15
C ILE KA 38 -102.33 -20.99 83.78
N GLU KA 39 -102.01 -19.89 83.11
CA GLU KA 39 -100.99 -18.97 83.58
C GLU KA 39 -101.52 -17.54 83.53
N TYR KA 40 -101.37 -16.81 84.63
CA TYR KA 40 -101.78 -15.41 84.69
C TYR KA 40 -100.58 -14.51 84.98
N LEU KA 41 -100.62 -13.33 84.36
CA LEU KA 41 -99.67 -12.26 84.59
C LEU KA 41 -100.31 -11.18 85.46
N ASP KA 42 -99.62 -10.79 86.54
CA ASP KA 42 -100.05 -9.67 87.38
C ASP KA 42 -99.56 -8.39 86.71
N THR KA 43 -100.48 -7.68 86.04
CA THR KA 43 -100.14 -6.48 85.28
C THR KA 43 -99.98 -5.26 86.17
N GLY KA 44 -100.25 -5.40 87.47
CA GLY KA 44 -99.97 -4.32 88.40
C GLY KA 44 -98.56 -4.43 88.92
N SER KA 45 -97.58 -4.45 88.01
CA SER KA 45 -96.18 -4.54 88.35
C SER KA 45 -95.39 -3.49 87.60
N ASP KA 46 -94.10 -3.37 87.93
CA ASP KA 46 -93.26 -2.43 87.22
C ASP KA 46 -93.10 -2.89 85.79
N ASN KA 47 -93.68 -2.13 84.87
CA ASN KA 47 -93.58 -2.39 83.44
C ASN KA 47 -92.12 -2.38 82.98
N SER KA 48 -91.28 -1.58 83.63
CA SER KA 48 -89.90 -1.38 83.19
C SER KA 48 -88.99 -2.55 83.52
N LEU KA 49 -89.53 -3.65 84.01
CA LEU KA 49 -88.81 -4.91 84.14
C LEU KA 49 -89.29 -5.87 83.07
N LEU KA 50 -88.38 -6.67 82.55
CA LEU KA 50 -88.77 -7.71 81.61
C LEU KA 50 -89.28 -8.96 82.30
N VAL KA 51 -89.17 -9.03 83.63
CA VAL KA 51 -89.79 -10.10 84.41
C VAL KA 51 -90.93 -9.48 85.20
N ARG KA 52 -92.05 -10.19 85.25
CA ARG KA 52 -93.23 -9.71 85.92
C ARG KA 52 -93.88 -10.84 86.68
N PRO KA 53 -94.66 -10.55 87.72
CA PRO KA 53 -95.21 -11.59 88.57
C PRO KA 53 -96.26 -12.41 87.86
N THR KA 54 -96.18 -13.73 88.01
CA THR KA 54 -97.13 -14.64 87.40
C THR KA 54 -97.58 -15.67 88.43
N GLN KA 55 -98.85 -16.03 88.39
CA GLN KA 55 -99.30 -17.21 89.12
C GLN KA 55 -100.01 -18.17 88.17
N GLN KA 56 -99.72 -19.47 88.33
CA GLN KA 56 -100.30 -20.48 87.45
C GLN KA 56 -101.06 -21.53 88.26
N PHE KA 57 -102.07 -22.09 87.61
CA PHE KA 57 -102.98 -23.07 88.19
C PHE KA 57 -103.17 -24.23 87.22
N ASN KA 58 -102.87 -25.44 87.71
CA ASN KA 58 -103.05 -26.68 86.97
C ASN KA 58 -103.87 -27.63 87.83
N CYS KA 59 -104.76 -28.39 87.22
CA CYS KA 59 -105.42 -29.44 87.99
C CYS KA 59 -105.74 -30.63 87.11
N VAL KA 60 -105.60 -31.83 87.69
CA VAL KA 60 -105.76 -33.10 86.99
C VAL KA 60 -106.43 -34.11 87.91
N SER KA 61 -107.08 -35.09 87.31
CA SER KA 61 -107.92 -36.03 88.02
C SER KA 61 -107.74 -37.41 87.43
N SER KA 62 -107.83 -38.44 88.29
CA SER KA 62 -107.67 -39.81 87.84
C SER KA 62 -108.62 -40.75 88.56
N GLN KA 63 -109.03 -41.80 87.84
CA GLN KA 63 -109.90 -42.83 88.39
C GLN KA 63 -109.15 -43.87 89.20
N TYR KA 64 -107.83 -43.74 89.33
CA TYR KA 64 -106.98 -44.74 89.97
C TYR KA 64 -106.23 -44.09 91.14
N PRO KA 65 -106.94 -43.83 92.23
CA PRO KA 65 -106.39 -42.94 93.28
C PRO KA 65 -105.31 -43.59 94.11
N TYR KA 66 -105.18 -44.91 94.06
CA TYR KA 66 -104.21 -45.64 94.86
C TYR KA 66 -102.92 -45.93 94.10
N ARG KA 67 -102.71 -45.29 92.94
CA ARG KA 67 -101.58 -45.66 92.09
C ARG KA 67 -100.25 -45.39 92.77
N ASN KA 68 -100.13 -44.28 93.50
CA ASN KA 68 -98.87 -43.92 94.12
C ASN KA 68 -98.66 -44.58 95.47
N TYR KA 69 -99.74 -45.02 96.12
CA TYR KA 69 -99.66 -45.55 97.48
C TYR KA 69 -99.62 -47.07 97.41
N SER KA 70 -98.53 -47.65 97.89
CA SER KA 70 -98.28 -49.06 97.66
C SER KA 70 -98.79 -49.96 98.78
N LYS KA 71 -98.78 -49.50 100.02
CA LYS KA 71 -99.02 -50.39 101.16
C LYS KA 71 -100.47 -50.33 101.65
N ILE KA 72 -101.41 -50.00 100.77
CA ILE KA 72 -102.83 -50.04 101.10
C ILE KA 72 -103.43 -51.27 100.44
N PRO KA 73 -103.97 -52.23 101.20
CA PRO KA 73 -104.55 -53.44 100.61
C PRO KA 73 -105.80 -53.13 99.79
N ARG KA 74 -106.06 -53.99 98.81
CA ARG KA 74 -107.26 -53.82 97.99
C ARG KA 74 -108.52 -53.88 98.83
N SER KA 75 -108.54 -54.74 99.86
CA SER KA 75 -109.69 -54.84 100.75
C SER KA 75 -109.97 -53.53 101.48
N GLN KA 76 -109.07 -52.56 101.42
CA GLN KA 76 -109.26 -51.26 102.05
C GLN KA 76 -109.33 -50.13 101.03
N GLN KA 77 -109.36 -50.44 99.73
CA GLN KA 77 -109.42 -49.43 98.68
C GLN KA 77 -110.88 -49.18 98.27
N ASP KA 78 -111.35 -47.95 98.46
CA ASP KA 78 -112.73 -47.59 98.11
C ASP KA 78 -112.91 -47.57 96.59
N PRO KA 79 -113.73 -48.45 96.03
CA PRO KA 79 -113.84 -48.53 94.57
C PRO KA 79 -114.50 -47.32 93.95
N LEU KA 80 -115.21 -46.52 94.74
CA LEU KA 80 -115.81 -45.28 94.29
C LEU KA 80 -114.89 -44.09 94.45
N ALA KA 81 -113.73 -44.27 95.06
CA ALA KA 81 -112.85 -43.15 95.31
C ALA KA 81 -112.17 -42.69 94.03
N VAL KA 82 -111.91 -41.39 93.95
CA VAL KA 82 -111.29 -40.76 92.80
C VAL KA 82 -110.17 -39.86 93.31
N ARG KA 83 -109.19 -39.59 92.44
CA ARG KA 83 -108.06 -38.74 92.79
C ARG KA 83 -108.27 -37.36 92.16
N ARG KA 84 -108.31 -36.32 92.99
CA ARG KA 84 -108.41 -34.95 92.53
C ARG KA 84 -107.15 -34.22 92.94
N GLU KA 85 -106.48 -33.56 92.01
CA GLU KA 85 -105.20 -32.93 92.28
C GLU KA 85 -105.21 -31.52 91.69
N PHE KA 86 -104.61 -30.57 92.39
CA PHE KA 86 -104.38 -29.23 91.86
C PHE KA 86 -103.03 -28.71 92.33
N TYR KA 87 -102.53 -27.72 91.60
CA TYR KA 87 -101.16 -27.26 91.73
C TYR KA 87 -101.09 -25.80 91.36
N THR KA 88 -100.61 -24.95 92.27
CA THR KA 88 -100.44 -23.55 91.97
C THR KA 88 -98.97 -23.21 92.17
N ARG KA 89 -98.46 -22.30 91.34
CA ARG KA 89 -97.10 -21.78 91.47
C ARG KA 89 -97.12 -20.28 91.24
N ARG KA 90 -96.78 -19.52 92.26
CA ARG KA 90 -96.70 -18.07 92.19
C ARG KA 90 -95.23 -17.68 92.20
N VAL KA 91 -94.83 -16.91 91.19
CA VAL KA 91 -93.52 -16.29 91.15
C VAL KA 91 -93.74 -14.80 91.22
N GLU KA 92 -93.14 -14.16 92.21
CA GLU KA 92 -93.06 -12.71 92.23
C GLU KA 92 -91.61 -12.27 92.13
N TYR KA 93 -91.43 -11.01 91.73
CA TYR KA 93 -90.11 -10.45 91.50
C TYR KA 93 -90.00 -9.16 92.30
N TRP KA 94 -89.36 -9.23 93.46
CA TRP KA 94 -89.22 -8.05 94.32
C TRP KA 94 -88.18 -7.10 93.75
N ARG KA 95 -88.17 -5.88 94.26
CA ARG KA 95 -87.26 -4.84 93.80
C ARG KA 95 -86.68 -4.17 95.04
N LYS KA 96 -85.35 -4.17 95.17
CA LYS KA 96 -84.69 -3.46 96.26
C LYS KA 96 -84.02 -2.20 95.70
N ALA KA 97 -84.29 -1.07 96.38
CA ALA KA 97 -83.64 0.21 96.08
C ALA KA 97 -83.83 1.15 97.26
N ASP KA 98 -83.16 2.31 97.21
CA ASP KA 98 -83.45 3.32 98.23
C ASP KA 98 -83.60 4.69 97.60
N ALA KA 99 -84.65 5.41 98.00
CA ALA KA 99 -84.85 6.78 97.54
C ALA KA 99 -83.80 7.73 98.08
N SER KA 100 -83.03 7.30 99.09
CA SER KA 100 -82.00 8.14 99.68
C SER KA 100 -80.85 8.38 98.72
N ASN KA 101 -80.59 7.45 97.81
CA ASN KA 101 -79.39 7.48 96.98
C ASN KA 101 -79.76 7.17 95.53
N VAL KA 102 -79.90 8.22 94.71
CA VAL KA 102 -80.16 8.01 93.30
C VAL KA 102 -78.97 7.33 92.61
N ASP KA 103 -77.79 7.39 93.22
CA ASP KA 103 -76.57 6.85 92.65
C ASP KA 103 -76.40 5.36 92.90
N ALA KA 104 -77.18 4.76 93.80
CA ALA KA 104 -76.96 3.36 94.17
C ALA KA 104 -77.86 2.44 93.33
N PRO KA 105 -77.34 1.28 92.92
CA PRO KA 105 -78.06 0.46 91.95
C PRO KA 105 -79.29 -0.20 92.54
N GLU KA 106 -80.24 -0.52 91.66
CA GLU KA 106 -81.42 -1.27 92.03
C GLU KA 106 -81.24 -2.73 91.64
N TYR KA 107 -81.83 -3.62 92.43
CA TYR KA 107 -81.74 -5.04 92.15
C TYR KA 107 -83.13 -5.66 92.15
N THR KA 108 -83.33 -6.68 91.32
CA THR KA 108 -84.57 -7.43 91.31
C THR KA 108 -84.32 -8.83 91.90
N LEU KA 109 -85.16 -9.21 92.86
CA LEU KA 109 -84.97 -10.40 93.69
C LEU KA 109 -86.08 -11.41 93.45
N PRO KA 110 -85.81 -12.56 92.84
CA PRO KA 110 -86.88 -13.53 92.54
C PRO KA 110 -87.30 -14.39 93.74
N GLN KA 111 -88.61 -14.63 93.80
CA GLN KA 111 -89.23 -15.42 94.84
C GLN KA 111 -90.27 -16.32 94.18
N SER KA 112 -90.34 -17.58 94.63
CA SER KA 112 -91.32 -18.52 94.10
C SER KA 112 -91.88 -19.41 95.20
N CYS KA 113 -93.16 -19.75 95.08
CA CYS KA 113 -93.82 -20.61 96.06
C CYS KA 113 -94.86 -21.46 95.34
N SER KA 114 -94.89 -22.75 95.64
CA SER KA 114 -95.75 -23.68 94.92
C SER KA 114 -96.42 -24.64 95.89
N ILE KA 115 -97.73 -24.81 95.73
CA ILE KA 115 -98.54 -25.71 96.55
C ILE KA 115 -99.20 -26.74 95.65
N ARG KA 116 -98.99 -28.02 95.96
CA ARG KA 116 -99.66 -29.13 95.29
C ARG KA 116 -100.49 -29.91 96.30
N LEU KA 117 -101.68 -30.32 95.87
CA LEU KA 117 -102.64 -31.03 96.72
C LEU KA 117 -103.30 -32.12 95.90
N ALA KA 118 -103.22 -33.37 96.39
CA ALA KA 118 -103.89 -34.50 95.77
C ALA KA 118 -104.68 -35.22 96.86
N SER KA 119 -106.00 -35.10 96.78
CA SER KA 119 -106.89 -35.76 97.72
C SER KA 119 -107.56 -36.96 97.08
N THR KA 120 -107.78 -38.00 97.87
CA THR KA 120 -108.71 -39.04 97.49
C THR KA 120 -110.11 -38.58 97.90
N VAL KA 121 -111.00 -38.45 96.93
CA VAL KA 121 -112.35 -37.93 97.15
C VAL KA 121 -113.36 -39.03 96.91
N THR KA 122 -114.26 -39.20 97.87
CA THR KA 122 -115.38 -40.12 97.80
C THR KA 122 -116.66 -39.34 98.13
N LYS KA 123 -117.79 -40.04 98.12
CA LYS KA 123 -119.10 -39.40 98.31
C LYS KA 123 -119.10 -38.48 99.52
N GLU KA 124 -118.52 -38.95 100.63
CA GLU KA 124 -118.60 -38.27 101.91
C GLU KA 124 -117.53 -37.20 102.09
N THR KA 125 -116.56 -37.12 101.19
CA THR KA 125 -115.51 -36.12 101.27
C THR KA 125 -116.06 -34.75 100.89
N THR KA 126 -116.01 -33.79 101.82
CA THR KA 126 -116.51 -32.44 101.57
C THR KA 126 -115.36 -31.47 101.26
N ALA KA 127 -115.74 -30.35 100.65
CA ALA KA 127 -114.76 -29.33 100.32
C ALA KA 127 -114.02 -28.86 101.58
N ALA KA 128 -114.74 -28.73 102.69
CA ALA KA 128 -114.09 -28.41 103.95
C ALA KA 128 -113.08 -29.49 104.35
N ASP KA 129 -113.47 -30.77 104.21
CA ASP KA 129 -112.55 -31.86 104.53
C ASP KA 129 -111.25 -31.72 103.74
N ILE KA 130 -111.35 -31.34 102.47
CA ILE KA 130 -110.16 -31.22 101.64
C ILE KA 130 -109.37 -29.98 102.00
N ALA KA 131 -110.03 -28.89 102.36
CA ALA KA 131 -109.30 -27.72 102.84
C ALA KA 131 -108.52 -28.05 104.11
N GLY KA 132 -109.06 -28.96 104.92
CA GLY KA 132 -108.38 -29.38 106.13
C GLY KA 132 -106.96 -29.83 105.89
N ILE KA 133 -106.70 -30.53 104.77
CA ILE KA 133 -105.36 -31.07 104.58
C ILE KA 133 -104.37 -29.94 104.32
N VAL KA 134 -104.78 -28.92 103.58
CA VAL KA 134 -103.90 -27.77 103.38
C VAL KA 134 -103.69 -27.03 104.70
N LEU KA 135 -104.76 -26.89 105.49
CA LEU KA 135 -104.64 -26.18 106.76
C LEU KA 135 -103.70 -26.91 107.72
N ARG KA 136 -103.75 -28.23 107.74
CA ARG KA 136 -102.88 -29.01 108.61
C ARG KA 136 -101.46 -29.07 108.07
N THR KA 137 -101.28 -28.99 106.76
CA THR KA 137 -99.92 -28.87 106.24
C THR KA 137 -99.31 -27.54 106.65
N LEU KA 138 -100.10 -26.46 106.63
CA LEU KA 138 -99.56 -25.15 106.97
C LEU KA 138 -99.30 -25.02 108.46
N ALA KA 139 -100.17 -25.60 109.29
CA ALA KA 139 -100.16 -25.30 110.72
C ALA KA 139 -98.82 -25.50 111.43
N PRO KA 140 -98.03 -26.56 111.17
CA PRO KA 140 -96.75 -26.70 111.87
C PRO KA 140 -95.78 -25.56 111.62
N ILE KA 141 -95.79 -25.00 110.41
CA ILE KA 141 -94.90 -23.90 110.04
C ILE KA 141 -95.39 -22.57 110.63
N PHE KA 142 -96.71 -22.39 110.76
CA PHE KA 142 -97.29 -21.17 111.28
C PHE KA 142 -98.12 -21.53 112.51
N PRO KA 143 -97.49 -21.97 113.59
CA PRO KA 143 -98.26 -22.47 114.74
C PRO KA 143 -99.02 -21.39 115.47
N ASN KA 144 -98.70 -20.11 115.24
CA ASN KA 144 -99.48 -19.00 115.77
C ASN KA 144 -100.03 -18.12 114.66
N GLY KA 145 -100.13 -18.66 113.45
CA GLY KA 145 -100.75 -17.91 112.39
C GLY KA 145 -99.88 -16.74 112.01
N SER KA 146 -100.54 -15.64 111.61
CA SER KA 146 -99.77 -14.45 111.28
C SER KA 146 -99.08 -13.84 112.49
N GLY KA 147 -99.28 -14.40 113.69
CA GLY KA 147 -98.75 -13.77 114.89
C GLY KA 147 -97.24 -13.67 114.92
N ASP KA 148 -96.55 -14.81 114.82
CA ASP KA 148 -95.09 -14.83 114.84
C ASP KA 148 -94.59 -15.64 113.67
N TRP KA 149 -93.30 -15.51 113.38
CA TRP KA 149 -92.69 -16.17 112.23
C TRP KA 149 -91.56 -17.08 112.65
N ILE KA 150 -91.63 -17.65 113.86
CA ILE KA 150 -90.44 -18.27 114.44
C ILE KA 150 -90.07 -19.54 113.70
N LYS KA 151 -91.05 -20.41 113.45
CA LYS KA 151 -90.76 -21.66 112.76
C LYS KA 151 -90.43 -21.41 111.30
N LEU KA 152 -91.09 -20.43 110.68
CA LEU KA 152 -90.73 -20.09 109.31
C LEU KA 152 -89.29 -19.61 109.24
N GLN KA 153 -88.90 -18.76 110.19
CA GLN KA 153 -87.52 -18.30 110.28
C GLN KA 153 -86.56 -19.46 110.36
N GLN KA 154 -86.89 -20.47 111.19
CA GLN KA 154 -86.05 -21.66 111.25
C GLN KA 154 -85.92 -22.34 109.89
N LEU KA 155 -87.05 -22.56 109.22
CA LEU KA 155 -87.01 -23.21 107.91
C LEU KA 155 -86.09 -22.45 106.96
N ILE KA 156 -86.12 -21.12 107.01
CA ILE KA 156 -85.26 -20.35 106.12
C ILE KA 156 -83.81 -20.43 106.58
N ASP KA 157 -83.59 -20.39 107.90
CA ASP KA 157 -82.26 -20.53 108.48
C ASP KA 157 -81.63 -21.88 108.17
N GLY KA 158 -82.40 -22.83 107.67
CA GLY KA 158 -81.87 -24.13 107.31
C GLY KA 158 -82.04 -25.21 108.35
N LEU KA 159 -82.99 -25.06 109.27
CA LEU KA 159 -83.23 -26.00 110.36
C LEU KA 159 -84.56 -26.71 110.14
N PRO KA 160 -84.56 -27.94 109.61
CA PRO KA 160 -85.80 -28.56 109.14
C PRO KA 160 -86.69 -29.15 110.24
N ARG KA 161 -86.22 -29.28 111.47
CA ARG KA 161 -86.98 -30.03 112.46
C ARG KA 161 -87.99 -29.08 113.13
N ILE KA 162 -89.15 -28.96 112.50
CA ILE KA 162 -90.26 -28.18 113.06
C ILE KA 162 -90.73 -28.77 114.39
N PHE KA 163 -90.80 -30.10 114.47
CA PHE KA 163 -91.32 -30.76 115.64
C PHE KA 163 -90.25 -31.09 116.67
N GLY KA 164 -88.98 -30.91 116.34
CA GLY KA 164 -87.90 -31.19 117.28
C GLY KA 164 -87.18 -32.51 117.06
N SER LA 1 -80.34 2.01 103.68
CA SER LA 1 -81.61 2.65 103.36
C SER LA 1 -82.37 1.84 102.32
N TYR LA 2 -81.74 0.77 101.82
CA TYR LA 2 -82.38 -0.13 100.87
C TYR LA 2 -83.69 -0.66 101.42
N THR LA 3 -84.72 -0.62 100.58
CA THR LA 3 -86.03 -1.16 100.91
C THR LA 3 -86.45 -2.16 99.84
N ILE LA 4 -87.19 -3.15 100.31
CA ILE LA 4 -87.70 -4.25 99.50
C ILE LA 4 -89.15 -3.94 99.15
N ASP LA 5 -89.43 -3.77 97.87
CA ASP LA 5 -90.79 -3.57 97.37
C ASP LA 5 -91.21 -4.85 96.67
N ILE LA 6 -92.24 -5.51 97.20
CA ILE LA 6 -92.87 -6.57 96.42
C ILE LA 6 -93.49 -5.94 95.20
N ASN LA 7 -93.32 -6.58 94.05
CA ASN LA 7 -93.81 -6.03 92.80
C ASN LA 7 -95.16 -6.66 92.45
N CYS LA 8 -96.11 -6.58 93.38
CA CYS LA 8 -97.34 -7.36 93.26
C CYS LA 8 -98.55 -6.44 93.28
N SER LA 9 -99.72 -7.06 93.11
CA SER LA 9 -100.99 -6.40 93.35
C SER LA 9 -101.54 -6.94 94.66
N THR LA 10 -101.85 -6.04 95.59
CA THR LA 10 -102.41 -6.38 96.88
C THR LA 10 -103.62 -5.52 97.16
N GLY LA 11 -104.68 -6.16 97.69
CA GLY LA 11 -105.91 -5.46 98.02
C GLY LA 11 -105.89 -4.85 99.40
N ASP LA 12 -107.00 -4.19 99.74
CA ASP LA 12 -107.18 -3.59 101.05
C ASP LA 12 -107.89 -4.53 102.02
N THR LA 13 -108.57 -5.55 101.51
CA THR LA 13 -109.39 -6.45 102.29
C THR LA 13 -108.52 -7.56 102.92
N GLN LA 14 -108.98 -8.16 104.02
CA GLN LA 14 -108.23 -9.23 104.65
C GLN LA 14 -109.18 -10.29 105.18
N ALA LA 15 -108.69 -11.53 105.25
CA ALA LA 15 -109.49 -12.67 105.69
C ALA LA 15 -108.67 -13.55 106.63
N ASN LA 16 -109.38 -14.28 107.48
CA ASN LA 16 -108.77 -15.17 108.47
C ASN LA 16 -108.84 -16.61 107.96
N LEU LA 17 -107.69 -17.20 107.67
CA LEU LA 17 -107.58 -18.62 107.40
C LEU LA 17 -107.26 -19.30 108.72
N VAL LA 18 -108.20 -20.09 109.24
CA VAL LA 18 -108.13 -20.55 110.63
C VAL LA 18 -107.40 -21.88 110.70
N LEU LA 19 -106.19 -21.85 111.24
CA LEU LA 19 -105.39 -23.05 111.40
C LEU LA 19 -105.68 -23.68 112.75
N THR LA 20 -105.88 -24.99 112.76
CA THR LA 20 -105.96 -25.73 114.00
C THR LA 20 -104.61 -26.36 114.30
N GLU LA 21 -104.19 -26.28 115.56
CA GLU LA 21 -102.82 -26.59 115.90
C GLU LA 21 -102.53 -28.07 115.71
N ILE LA 22 -101.27 -28.38 115.45
CA ILE LA 22 -100.83 -29.76 115.35
C ILE LA 22 -99.74 -29.97 116.39
N PRO LA 23 -100.00 -30.79 117.42
CA PRO LA 23 -99.04 -30.91 118.53
C PRO LA 23 -97.80 -31.69 118.14
N ALA LA 24 -96.67 -31.31 118.73
CA ALA LA 24 -95.42 -31.98 118.39
C ALA LA 24 -95.24 -33.27 119.20
N GLU LA 25 -95.85 -33.33 120.39
CA GLU LA 25 -95.70 -34.51 121.24
C GLU LA 25 -96.00 -35.82 120.53
N PRO LA 26 -97.07 -35.95 119.71
CA PRO LA 26 -97.30 -37.24 119.05
C PRO LA 26 -96.31 -37.57 117.93
N TYR LA 27 -95.43 -36.66 117.53
CA TYR LA 27 -94.60 -36.93 116.35
C TYR LA 27 -93.28 -37.58 116.72
N VAL LA 28 -92.78 -38.45 115.82
CA VAL LA 28 -91.63 -39.30 116.06
C VAL LA 28 -90.66 -39.22 114.88
N HIS LA 29 -89.36 -39.18 115.19
CA HIS LA 29 -88.32 -39.26 114.17
C HIS LA 29 -88.43 -40.55 113.37
N VAL LA 30 -88.26 -40.44 112.04
CA VAL LA 30 -88.27 -41.58 111.14
C VAL LA 30 -86.97 -41.71 110.37
N SER LA 31 -86.57 -40.65 109.67
CA SER LA 31 -85.31 -40.66 108.92
C SER LA 31 -84.64 -39.30 109.06
N GLY LA 32 -83.32 -39.29 108.83
CA GLY LA 32 -82.53 -38.07 108.80
C GLY LA 32 -82.65 -37.21 110.04
N ASP LA 33 -82.25 -37.75 111.19
CA ASP LA 33 -82.48 -37.07 112.47
C ASP LA 33 -81.74 -35.73 112.53
N ASN LA 34 -80.47 -35.73 112.16
CA ASN LA 34 -79.65 -34.54 112.21
C ASN LA 34 -79.59 -33.79 110.89
N LYS LA 35 -79.97 -34.42 109.78
CA LYS LA 35 -79.64 -33.93 108.45
C LYS LA 35 -80.62 -32.84 108.01
N SER LA 36 -80.35 -32.27 106.83
CA SER LA 36 -81.15 -31.20 106.27
C SER LA 36 -82.54 -31.64 105.83
N THR LA 37 -82.81 -32.94 105.86
CA THR LA 37 -84.11 -33.50 105.52
C THR LA 37 -84.54 -34.40 106.66
N ILE LA 38 -85.73 -34.16 107.20
CA ILE LA 38 -86.27 -34.94 108.31
C ILE LA 38 -87.68 -35.37 107.95
N GLU LA 39 -88.04 -36.58 108.39
CA GLU LA 39 -89.38 -37.13 108.17
C GLU LA 39 -89.97 -37.55 109.51
N TYR LA 40 -91.13 -37.02 109.85
CA TYR LA 40 -91.81 -37.38 111.09
C TYR LA 40 -93.02 -38.26 110.84
N LEU LA 41 -93.33 -39.08 111.85
CA LEU LA 41 -94.52 -39.90 111.88
C LEU LA 41 -95.44 -39.39 112.99
N ASP LA 42 -96.73 -39.26 112.67
CA ASP LA 42 -97.77 -38.94 113.65
C ASP LA 42 -98.25 -40.26 114.24
N THR LA 43 -97.84 -40.55 115.48
CA THR LA 43 -98.30 -41.77 116.15
C THR LA 43 -99.64 -41.62 116.82
N GLY LA 44 -100.36 -40.54 116.54
CA GLY LA 44 -101.73 -40.45 116.97
C GLY LA 44 -102.60 -41.06 115.91
N SER LA 45 -102.07 -42.03 115.19
CA SER LA 45 -102.77 -42.66 114.09
C SER LA 45 -103.12 -44.09 114.42
N ASP LA 46 -103.97 -44.67 113.56
CA ASP LA 46 -104.41 -46.03 113.80
C ASP LA 46 -103.19 -46.92 113.88
N ASN LA 47 -103.08 -47.59 115.02
CA ASN LA 47 -102.00 -48.52 115.28
C ASN LA 47 -101.88 -49.56 114.17
N SER LA 48 -103.02 -50.06 113.71
CA SER LA 48 -103.08 -51.34 113.00
C SER LA 48 -102.99 -51.21 111.48
N LEU LA 49 -102.88 -50.01 110.93
CA LEU LA 49 -102.73 -49.87 109.48
C LEU LA 49 -101.28 -49.97 109.07
N LEU LA 50 -101.07 -50.16 107.76
CA LEU LA 50 -99.73 -50.17 107.22
C LEU LA 50 -99.26 -48.78 106.83
N VAL LA 51 -100.18 -47.85 106.69
CA VAL LA 51 -99.88 -46.47 106.39
C VAL LA 51 -100.23 -45.62 107.59
N ARG LA 52 -99.41 -44.62 107.85
CA ARG LA 52 -99.66 -43.71 108.95
C ARG LA 52 -99.24 -42.31 108.53
N PRO LA 53 -99.88 -41.27 109.08
CA PRO LA 53 -99.61 -39.90 108.63
C PRO LA 53 -98.19 -39.50 108.93
N THR LA 54 -97.52 -38.97 107.91
CA THR LA 54 -96.17 -38.47 108.02
C THR LA 54 -96.16 -37.02 107.52
N GLN LA 55 -95.19 -36.27 108.01
CA GLN LA 55 -94.86 -34.99 107.39
C GLN LA 55 -93.35 -34.85 107.34
N GLN LA 56 -92.83 -34.53 106.17
CA GLN LA 56 -91.40 -34.29 106.06
C GLN LA 56 -91.16 -32.81 105.82
N PHE LA 57 -89.98 -32.38 106.26
CA PHE LA 57 -89.46 -31.05 106.01
C PHE LA 57 -88.03 -31.21 105.53
N ASN LA 58 -87.66 -30.43 104.51
CA ASN LA 58 -86.25 -30.37 104.16
C ASN LA 58 -85.90 -28.98 103.65
N CYS LA 59 -84.67 -28.57 103.94
CA CYS LA 59 -84.15 -27.26 103.58
C CYS LA 59 -83.03 -27.43 102.57
N VAL LA 60 -82.89 -26.42 101.71
CA VAL LA 60 -81.86 -26.38 100.68
C VAL LA 60 -81.40 -24.94 100.54
N SER LA 61 -80.11 -24.75 100.26
CA SER LA 61 -79.55 -23.43 100.01
C SER LA 61 -78.67 -23.52 98.77
N SER LA 62 -78.67 -22.44 97.99
CA SER LA 62 -77.80 -22.34 96.82
C SER LA 62 -77.10 -21.00 96.77
N GLN LA 63 -75.88 -21.03 96.23
CA GLN LA 63 -75.03 -19.85 96.15
C GLN LA 63 -75.42 -18.95 94.99
N TYR LA 64 -76.00 -19.52 93.93
CA TYR LA 64 -76.35 -18.82 92.69
C TYR LA 64 -77.87 -18.68 92.59
N PRO LA 65 -78.45 -17.64 93.19
CA PRO LA 65 -79.91 -17.57 93.28
C PRO LA 65 -80.56 -17.21 91.98
N TYR LA 66 -79.79 -16.69 91.03
CA TYR LA 66 -80.27 -16.24 89.74
C TYR LA 66 -80.08 -17.28 88.65
N ARG LA 67 -79.84 -18.54 89.02
CA ARG LA 67 -79.48 -19.54 88.02
C ARG LA 67 -80.58 -19.73 86.99
N ASN LA 68 -81.80 -19.93 87.47
CA ASN LA 68 -82.93 -20.17 86.59
C ASN LA 68 -83.57 -18.89 86.07
N TYR LA 69 -83.16 -17.73 86.57
CA TYR LA 69 -83.75 -16.46 86.17
C TYR LA 69 -82.82 -15.77 85.19
N SER LA 70 -82.93 -16.11 83.91
CA SER LA 70 -82.04 -15.53 82.93
C SER LA 70 -82.55 -14.20 82.39
N LYS LA 71 -83.86 -13.94 82.45
CA LYS LA 71 -84.39 -12.68 81.94
C LYS LA 71 -84.02 -11.48 82.81
N ILE LA 72 -83.28 -11.72 83.88
CA ILE LA 72 -82.77 -10.65 84.74
C ILE LA 72 -81.34 -10.34 84.32
N PRO LA 73 -81.00 -9.08 84.09
CA PRO LA 73 -79.61 -8.74 83.71
C PRO LA 73 -78.70 -8.76 84.92
N ARG LA 74 -77.42 -9.02 84.65
CA ARG LA 74 -76.42 -9.03 85.72
C ARG LA 74 -76.40 -7.70 86.46
N SER LA 75 -76.53 -6.59 85.73
CA SER LA 75 -76.55 -5.26 86.33
C SER LA 75 -77.68 -5.09 87.35
N GLN LA 76 -78.65 -6.01 87.39
CA GLN LA 76 -79.71 -5.96 88.38
C GLN LA 76 -79.71 -7.15 89.32
N GLN LA 77 -78.78 -8.09 89.16
CA GLN LA 77 -78.63 -9.23 90.07
C GLN LA 77 -77.78 -8.82 91.27
N ASP LA 78 -78.35 -8.94 92.48
CA ASP LA 78 -77.62 -8.62 93.71
C ASP LA 78 -76.53 -9.64 93.96
N PRO LA 79 -75.25 -9.28 93.83
CA PRO LA 79 -74.17 -10.28 93.98
C PRO LA 79 -74.02 -10.81 95.39
N LEU LA 80 -74.67 -10.18 96.37
CA LEU LA 80 -74.71 -10.69 97.73
C LEU LA 80 -75.94 -11.53 98.02
N ALA LA 81 -76.78 -11.77 97.02
CA ALA LA 81 -77.99 -12.54 97.24
C ALA LA 81 -77.67 -14.02 97.34
N VAL LA 82 -78.44 -14.72 98.17
CA VAL LA 82 -78.29 -16.15 98.40
C VAL LA 82 -79.67 -16.78 98.33
N ARG LA 83 -79.77 -17.98 97.76
CA ARG LA 83 -81.04 -18.65 97.60
C ARG LA 83 -81.30 -19.57 98.79
N ARG LA 84 -82.42 -19.34 99.50
CA ARG LA 84 -82.85 -20.23 100.56
C ARG LA 84 -84.20 -20.83 100.15
N GLU LA 85 -84.33 -22.16 100.23
CA GLU LA 85 -85.61 -22.80 99.99
C GLU LA 85 -85.87 -23.85 101.06
N PHE LA 86 -87.17 -24.14 101.25
CA PHE LA 86 -87.61 -25.23 102.09
C PHE LA 86 -88.82 -25.89 101.45
N TYR LA 87 -89.11 -27.10 101.92
CA TYR LA 87 -90.15 -27.94 101.31
C TYR LA 87 -90.76 -28.82 102.36
N THR LA 88 -92.09 -28.78 102.48
CA THR LA 88 -92.80 -29.67 103.36
C THR LA 88 -93.74 -30.52 102.53
N ARG LA 89 -93.90 -31.78 102.95
CA ARG LA 89 -94.86 -32.69 102.33
C ARG LA 89 -95.55 -33.49 103.42
N ARG LA 90 -96.86 -33.28 103.55
CA ARG LA 90 -97.68 -33.97 104.53
C ARG LA 90 -98.53 -34.99 103.81
N VAL LA 91 -98.46 -36.24 104.24
CA VAL LA 91 -99.37 -37.27 103.81
C VAL LA 91 -100.16 -37.70 105.03
N GLU LA 92 -101.49 -37.72 104.92
CA GLU LA 92 -102.33 -38.35 105.92
C GLU LA 92 -103.20 -39.39 105.24
N TYR LA 93 -103.73 -40.29 106.05
CA TYR LA 93 -104.50 -41.43 105.56
C TYR LA 93 -105.81 -41.49 106.35
N TRP LA 94 -106.89 -41.00 105.73
CA TRP LA 94 -108.20 -41.00 106.36
C TRP LA 94 -108.80 -42.40 106.33
N ARG LA 95 -109.82 -42.59 107.18
CA ARG LA 95 -110.52 -43.86 107.31
C ARG LA 95 -112.02 -43.60 107.21
N LYS LA 96 -112.66 -44.17 106.21
CA LYS LA 96 -114.11 -44.06 106.13
C LYS LA 96 -114.71 -45.37 106.62
N ALA LA 97 -115.67 -45.26 107.52
CA ALA LA 97 -116.46 -46.37 108.05
C ALA LA 97 -117.66 -45.80 108.80
N ASP LA 98 -118.72 -46.59 108.91
CA ASP LA 98 -119.85 -46.25 109.77
C ASP LA 98 -119.95 -47.24 110.92
N ALA LA 99 -120.14 -46.72 112.14
CA ALA LA 99 -120.34 -47.58 113.30
C ALA LA 99 -121.67 -48.31 113.26
N SER LA 100 -122.58 -47.90 112.37
CA SER LA 100 -123.89 -48.52 112.29
C SER LA 100 -123.78 -49.96 111.82
N ASN LA 101 -123.05 -50.19 110.74
CA ASN LA 101 -122.97 -51.50 110.11
C ASN LA 101 -121.51 -51.95 110.17
N VAL LA 102 -121.24 -52.97 110.99
CA VAL LA 102 -119.87 -53.48 111.08
C VAL LA 102 -119.58 -54.46 109.95
N ASP LA 103 -120.61 -54.98 109.28
CA ASP LA 103 -120.38 -55.71 108.02
C ASP LA 103 -119.66 -54.83 107.00
N ALA LA 104 -120.01 -53.54 106.97
CA ALA LA 104 -119.52 -52.67 105.91
C ALA LA 104 -118.01 -52.49 106.02
N PRO LA 105 -117.29 -52.50 104.90
CA PRO LA 105 -115.83 -52.46 104.95
C PRO LA 105 -115.33 -51.07 105.27
N GLU LA 106 -114.19 -51.03 105.94
CA GLU LA 106 -113.52 -49.78 106.22
C GLU LA 106 -112.53 -49.50 105.10
N TYR LA 107 -112.56 -48.27 104.58
CA TYR LA 107 -111.65 -47.90 103.50
C TYR LA 107 -110.63 -46.87 103.98
N THR LA 108 -109.45 -46.93 103.39
CA THR LA 108 -108.37 -45.99 103.67
C THR LA 108 -108.24 -45.03 102.49
N LEU LA 109 -108.38 -43.75 102.77
CA LEU LA 109 -108.36 -42.70 101.75
C LEU LA 109 -107.08 -41.88 101.91
N PRO LA 110 -106.13 -42.00 101.00
CA PRO LA 110 -104.90 -41.20 101.12
C PRO LA 110 -105.05 -39.77 100.59
N GLN LA 111 -104.35 -38.86 101.28
CA GLN LA 111 -104.36 -37.45 100.95
C GLN LA 111 -102.95 -36.92 101.14
N SER LA 112 -102.47 -36.09 100.19
CA SER LA 112 -101.11 -35.56 100.29
C SER LA 112 -101.08 -34.12 99.82
N CYS LA 113 -100.23 -33.32 100.47
CA CYS LA 113 -100.12 -31.90 100.15
C CYS LA 113 -98.69 -31.44 100.40
N SER LA 114 -98.15 -30.64 99.49
CA SER LA 114 -96.75 -30.23 99.55
C SER LA 114 -96.61 -28.74 99.20
N ILE LA 115 -95.73 -28.07 99.94
CA ILE LA 115 -95.44 -26.66 99.75
C ILE LA 115 -93.94 -26.48 99.61
N ARG LA 116 -93.52 -25.82 98.53
CA ARG LA 116 -92.11 -25.52 98.27
C ARG LA 116 -91.96 -24.00 98.18
N LEU LA 117 -91.11 -23.45 99.03
CA LEU LA 117 -90.84 -22.01 99.05
C LEU LA 117 -89.37 -21.78 98.78
N ALA LA 118 -89.07 -20.94 97.79
CA ALA LA 118 -87.71 -20.70 97.33
C ALA LA 118 -87.55 -19.20 97.13
N SER LA 119 -86.84 -18.56 98.04
CA SER LA 119 -86.69 -17.12 98.04
C SER LA 119 -85.24 -16.76 97.74
N THR LA 120 -85.03 -15.62 97.09
CA THR LA 120 -83.71 -15.01 97.17
C THR LA 120 -83.69 -14.15 98.41
N VAL LA 121 -82.54 -14.11 99.09
CA VAL LA 121 -82.43 -13.44 100.38
C VAL LA 121 -81.17 -12.59 100.36
N THR LA 122 -81.32 -11.34 100.76
CA THR LA 122 -80.25 -10.41 101.04
C THR LA 122 -80.44 -9.90 102.46
N LYS LA 123 -79.51 -9.05 102.91
CA LYS LA 123 -79.53 -8.61 104.30
C LYS LA 123 -80.85 -7.93 104.68
N GLU LA 124 -81.59 -7.40 103.71
CA GLU LA 124 -82.83 -6.69 103.99
C GLU LA 124 -84.08 -7.55 103.85
N THR LA 125 -83.94 -8.80 103.39
CA THR LA 125 -85.06 -9.73 103.38
C THR LA 125 -85.44 -10.11 104.81
N THR LA 126 -86.70 -9.93 105.16
CA THR LA 126 -87.16 -10.26 106.50
C THR LA 126 -88.00 -11.53 106.52
N ALA LA 127 -88.13 -12.09 107.72
CA ALA LA 127 -88.97 -13.26 107.92
C ALA LA 127 -90.39 -13.01 107.42
N ALA LA 128 -90.97 -11.87 107.80
CA ALA LA 128 -92.33 -11.55 107.41
C ALA LA 128 -92.44 -11.28 105.90
N ASP LA 129 -91.40 -10.71 105.29
CA ASP LA 129 -91.40 -10.59 103.83
C ASP LA 129 -91.54 -11.95 103.18
N ILE LA 130 -90.78 -12.93 103.66
CA ILE LA 130 -90.86 -14.25 103.04
C ILE LA 130 -92.19 -14.94 103.37
N ALA LA 131 -92.72 -14.70 104.58
CA ALA LA 131 -94.05 -15.23 104.90
C ALA LA 131 -95.09 -14.67 103.95
N GLY LA 132 -94.88 -13.45 103.45
CA GLY LA 132 -95.87 -12.81 102.61
C GLY LA 132 -96.13 -13.57 101.31
N ILE LA 133 -95.08 -14.17 100.75
CA ILE LA 133 -95.29 -14.84 99.47
C ILE LA 133 -96.12 -16.11 99.64
N VAL LA 134 -95.98 -16.80 100.76
CA VAL LA 134 -96.85 -17.95 101.03
C VAL LA 134 -98.29 -17.50 101.16
N LEU LA 135 -98.52 -16.41 101.90
CA LEU LA 135 -99.88 -15.90 102.08
C LEU LA 135 -100.48 -15.40 100.78
N ARG LA 136 -99.65 -14.88 99.87
CA ARG LA 136 -100.15 -14.40 98.58
C ARG LA 136 -100.40 -15.56 97.62
N THR LA 137 -99.61 -16.63 97.72
CA THR LA 137 -99.94 -17.83 96.96
C THR LA 137 -101.25 -18.43 97.43
N LEU LA 138 -101.48 -18.44 98.75
CA LEU LA 138 -102.74 -18.99 99.28
C LEU LA 138 -103.93 -18.10 98.95
N ALA LA 139 -103.73 -16.78 98.94
CA ALA LA 139 -104.84 -15.83 98.88
C ALA LA 139 -105.84 -16.09 97.75
N PRO LA 140 -105.44 -16.36 96.50
CA PRO LA 140 -106.46 -16.53 95.46
C PRO LA 140 -107.28 -17.81 95.58
N ILE LA 141 -106.74 -18.85 96.20
CA ILE LA 141 -107.50 -20.09 96.42
C ILE LA 141 -108.47 -19.94 97.58
N PHE LA 142 -108.09 -19.21 98.63
CA PHE LA 142 -108.90 -19.04 99.82
C PHE LA 142 -109.20 -17.56 100.01
N PRO LA 143 -109.93 -16.95 99.07
CA PRO LA 143 -110.05 -15.48 99.09
C PRO LA 143 -110.86 -14.95 100.26
N ASN LA 144 -111.69 -15.78 100.88
CA ASN LA 144 -112.33 -15.44 102.14
C ASN LA 144 -111.79 -16.25 103.29
N GLY LA 145 -110.57 -16.79 103.14
CA GLY LA 145 -109.98 -17.55 104.22
C GLY LA 145 -110.84 -18.74 104.54
N SER LA 146 -110.94 -19.06 105.83
CA SER LA 146 -111.75 -20.20 106.25
C SER LA 146 -113.24 -19.99 106.06
N GLY LA 147 -113.68 -18.86 105.49
CA GLY LA 147 -115.11 -18.58 105.41
C GLY LA 147 -115.86 -19.47 104.41
N ASP LA 148 -115.49 -19.41 103.15
CA ASP LA 148 -116.12 -20.25 102.14
C ASP LA 148 -115.04 -20.98 101.35
N TRP LA 149 -115.44 -22.07 100.72
CA TRP LA 149 -114.51 -22.91 99.99
C TRP LA 149 -114.81 -22.90 98.49
N ILE LA 150 -115.27 -21.76 97.96
CA ILE LA 150 -115.84 -21.76 96.61
C ILE LA 150 -114.74 -21.99 95.58
N LYS LA 151 -113.65 -21.24 95.69
CA LYS LA 151 -112.58 -21.40 94.71
C LYS LA 151 -111.86 -22.72 94.90
N LEU LA 152 -111.70 -23.17 96.14
CA LEU LA 152 -111.13 -24.50 96.35
C LEU LA 152 -111.97 -25.56 95.65
N GLN LA 153 -113.28 -25.54 95.88
CA GLN LA 153 -114.16 -26.54 95.29
C GLN LA 153 -114.06 -26.52 93.77
N GLN LA 154 -114.03 -25.33 93.18
CA GLN LA 154 -113.90 -25.29 91.73
C GLN LA 154 -112.53 -25.77 91.27
N LEU LA 155 -111.51 -25.73 92.12
CA LEU LA 155 -110.24 -26.38 91.77
C LEU LA 155 -110.37 -27.90 91.81
N ILE LA 156 -111.14 -28.42 92.76
CA ILE LA 156 -111.36 -29.86 92.81
C ILE LA 156 -112.20 -30.32 91.63
N ASP LA 157 -113.04 -29.43 91.08
CA ASP LA 157 -113.89 -29.78 89.95
C ASP LA 157 -113.16 -29.79 88.62
N GLY LA 158 -111.91 -29.32 88.60
CA GLY LA 158 -111.13 -29.28 87.37
C GLY LA 158 -111.34 -28.02 86.56
N LEU LA 159 -111.45 -26.87 87.24
CA LEU LA 159 -111.71 -25.58 86.60
C LEU LA 159 -110.56 -24.64 86.95
N PRO LA 160 -109.43 -24.79 86.24
CA PRO LA 160 -108.19 -24.09 86.64
C PRO LA 160 -108.25 -22.58 86.57
N ARG LA 161 -109.17 -22.01 85.79
CA ARG LA 161 -109.22 -20.57 85.57
C ARG LA 161 -109.81 -19.89 86.81
N ILE LA 162 -108.93 -19.33 87.64
CA ILE LA 162 -109.34 -18.77 88.92
C ILE LA 162 -109.57 -17.27 88.82
N PHE LA 163 -108.70 -16.55 88.12
CA PHE LA 163 -108.92 -15.15 87.83
C PHE LA 163 -109.69 -14.93 86.53
N GLY LA 164 -110.07 -16.01 85.84
CA GLY LA 164 -110.82 -15.90 84.59
C GLY LA 164 -110.12 -16.42 83.35
N SER MA 1 -89.56 11.93 92.22
CA SER MA 1 -89.34 13.34 91.87
C SER MA 1 -89.10 13.51 90.38
N TYR MA 2 -88.53 12.47 89.76
CA TYR MA 2 -88.26 12.46 88.32
C TYR MA 2 -89.52 12.71 87.52
N THR MA 3 -89.44 13.64 86.57
CA THR MA 3 -90.50 13.86 85.60
C THR MA 3 -89.98 13.62 84.20
N ILE MA 4 -90.90 13.21 83.32
CA ILE MA 4 -90.60 13.00 81.91
C ILE MA 4 -91.18 14.17 81.13
N ASP MA 5 -90.33 14.85 80.38
CA ASP MA 5 -90.72 15.93 79.49
C ASP MA 5 -90.58 15.44 78.06
N ILE MA 6 -91.68 15.46 77.31
CA ILE MA 6 -91.58 15.30 75.87
C ILE MA 6 -90.82 16.49 75.32
N ASN MA 7 -89.83 16.23 74.49
CA ASN MA 7 -89.03 17.33 73.95
C ASN MA 7 -89.60 17.74 72.59
N CYS MA 8 -90.89 18.08 72.58
CA CYS MA 8 -91.60 18.32 71.33
C CYS MA 8 -92.26 19.70 71.33
N SER MA 9 -92.79 20.05 70.17
CA SER MA 9 -93.63 21.24 70.01
C SER MA 9 -95.09 20.79 69.95
N THR MA 10 -95.91 21.32 70.84
CA THR MA 10 -97.35 21.06 70.89
C THR MA 10 -98.11 22.36 70.95
N GLY MA 11 -99.36 22.29 70.50
CA GLY MA 11 -100.21 23.45 70.41
C GLY MA 11 -101.26 23.50 71.51
N ASP MA 12 -102.14 24.49 71.39
CA ASP MA 12 -103.24 24.66 72.32
C ASP MA 12 -104.51 23.99 71.84
N THR MA 13 -104.67 23.84 70.54
CA THR MA 13 -105.92 23.37 69.97
C THR MA 13 -106.01 21.86 70.04
N GLN MA 14 -107.24 21.36 70.08
CA GLN MA 14 -107.47 19.92 70.09
C GLN MA 14 -108.62 19.59 69.14
N ALA MA 15 -108.61 18.34 68.66
CA ALA MA 15 -109.58 17.87 67.69
C ALA MA 15 -109.93 16.42 67.94
N ASN MA 16 -111.17 16.05 67.61
CA ASN MA 16 -111.67 14.69 67.79
C ASN MA 16 -111.42 13.87 66.52
N LEU MA 17 -110.56 12.87 66.61
CA LEU MA 17 -110.48 11.81 65.61
C LEU MA 17 -111.41 10.70 66.07
N VAL MA 18 -112.53 10.53 65.39
CA VAL MA 18 -113.62 9.73 65.94
C VAL MA 18 -113.56 8.32 65.38
N LEU MA 19 -113.33 7.38 66.30
CA LEU MA 19 -113.16 5.97 65.99
C LEU MA 19 -114.49 5.24 66.14
N THR MA 20 -114.78 4.37 65.18
CA THR MA 20 -115.91 3.47 65.25
C THR MA 20 -115.42 2.11 65.71
N GLU MA 21 -116.13 1.51 66.66
CA GLU MA 21 -115.61 0.34 67.37
C GLU MA 21 -115.51 -0.87 66.46
N ILE MA 22 -114.53 -1.73 66.76
CA ILE MA 22 -114.31 -2.97 66.03
C ILE MA 22 -114.66 -4.11 66.97
N PRO MA 23 -115.79 -4.80 66.79
CA PRO MA 23 -116.20 -5.83 67.75
C PRO MA 23 -115.22 -6.99 67.77
N ALA MA 24 -114.90 -7.45 68.98
CA ALA MA 24 -113.94 -8.54 69.08
C ALA MA 24 -114.57 -9.88 68.73
N GLU MA 25 -115.84 -10.05 69.10
CA GLU MA 25 -116.60 -11.30 68.90
C GLU MA 25 -116.34 -11.99 67.57
N PRO MA 26 -116.28 -11.30 66.41
CA PRO MA 26 -116.11 -12.02 65.15
C PRO MA 26 -114.69 -12.47 64.81
N TYR MA 27 -113.65 -12.01 65.50
CA TYR MA 27 -112.28 -12.32 65.08
C TYR MA 27 -111.86 -13.71 65.56
N VAL MA 28 -111.00 -14.36 64.79
CA VAL MA 28 -110.58 -15.74 65.07
C VAL MA 28 -109.08 -15.90 64.79
N HIS MA 29 -108.37 -16.54 65.72
CA HIS MA 29 -106.95 -16.84 65.53
C HIS MA 29 -106.72 -17.68 64.28
N VAL MA 30 -105.71 -17.29 63.49
CA VAL MA 30 -105.41 -18.01 62.25
C VAL MA 30 -103.98 -18.50 62.20
N SER MA 31 -103.06 -17.78 62.86
CA SER MA 31 -101.66 -18.19 62.79
C SER MA 31 -100.86 -17.40 63.82
N GLY MA 32 -99.74 -18.00 64.21
CA GLY MA 32 -98.84 -17.45 65.21
C GLY MA 32 -98.92 -18.23 66.52
N ASP MA 33 -98.20 -17.70 67.52
CA ASP MA 33 -98.25 -18.20 68.88
C ASP MA 33 -98.87 -17.14 69.78
N ASN MA 34 -99.65 -17.59 70.77
CA ASN MA 34 -100.28 -16.66 71.69
C ASN MA 34 -99.27 -15.92 72.57
N LYS MA 35 -97.98 -16.19 72.42
CA LYS MA 35 -96.94 -15.52 73.19
C LYS MA 35 -96.41 -14.28 72.48
N SER MA 36 -95.95 -14.42 71.23
CA SER MA 36 -95.29 -13.33 70.51
C SER MA 36 -96.19 -12.69 69.46
N THR MA 37 -96.70 -13.46 68.50
CA THR MA 37 -97.36 -12.90 67.33
C THR MA 37 -98.66 -13.65 67.05
N ILE MA 38 -99.74 -12.90 66.77
CA ILE MA 38 -101.07 -13.46 66.59
C ILE MA 38 -101.75 -12.78 65.40
N GLU MA 39 -102.44 -13.55 64.57
CA GLU MA 39 -103.14 -13.00 63.41
C GLU MA 39 -104.62 -13.38 63.49
N TYR MA 40 -105.48 -12.38 63.66
CA TYR MA 40 -106.91 -12.62 63.70
C TYR MA 40 -107.56 -12.43 62.33
N LEU MA 41 -108.61 -13.20 62.09
CA LEU MA 41 -109.42 -13.13 60.89
C LEU MA 41 -110.83 -12.67 61.24
N ASP MA 42 -111.29 -11.62 60.57
CA ASP MA 42 -112.67 -11.14 60.70
C ASP MA 42 -113.60 -12.09 59.95
N THR MA 43 -114.26 -12.97 60.70
CA THR MA 43 -115.29 -13.84 60.11
C THR MA 43 -116.52 -13.06 59.66
N GLY MA 44 -116.56 -11.75 59.87
CA GLY MA 44 -117.69 -10.96 59.42
C GLY MA 44 -117.55 -10.55 57.96
N SER MA 45 -116.84 -11.35 57.19
CA SER MA 45 -116.57 -11.04 55.80
C SER MA 45 -117.21 -12.07 54.89
N ASP MA 46 -117.00 -11.90 53.58
CA ASP MA 46 -117.58 -12.79 52.59
C ASP MA 46 -116.96 -14.18 52.69
N ASN MA 47 -117.81 -15.22 52.56
CA ASN MA 47 -117.31 -16.59 52.49
C ASN MA 47 -116.53 -16.83 51.21
N SER MA 48 -117.02 -16.28 50.09
CA SER MA 48 -116.71 -16.77 48.74
C SER MA 48 -115.43 -16.19 48.16
N LEU MA 49 -114.63 -15.52 48.98
CA LEU MA 49 -113.35 -14.98 48.55
C LEU MA 49 -112.20 -15.73 49.20
N LEU MA 50 -111.12 -15.91 48.46
CA LEU MA 50 -109.92 -16.47 49.06
C LEU MA 50 -109.23 -15.49 49.99
N VAL MA 51 -109.59 -14.21 49.92
CA VAL MA 51 -109.05 -13.18 50.79
C VAL MA 51 -110.15 -12.72 51.75
N ARG MA 52 -109.77 -12.53 53.00
CA ARG MA 52 -110.70 -12.04 54.01
C ARG MA 52 -109.93 -11.15 54.98
N PRO MA 53 -110.61 -10.16 55.56
CA PRO MA 53 -109.91 -9.16 56.37
C PRO MA 53 -109.30 -9.76 57.63
N THR MA 54 -108.07 -9.33 57.90
CA THR MA 54 -107.26 -9.91 58.95
C THR MA 54 -106.44 -8.80 59.60
N GLN MA 55 -106.42 -8.78 60.93
CA GLN MA 55 -105.56 -7.84 61.64
C GLN MA 55 -104.62 -8.62 62.55
N GLN MA 56 -103.35 -8.24 62.48
CA GLN MA 56 -102.29 -8.95 63.17
C GLN MA 56 -101.70 -8.05 64.26
N PHE MA 57 -101.30 -8.68 65.37
CA PHE MA 57 -100.64 -8.03 66.48
C PHE MA 57 -99.36 -8.77 66.83
N ASN MA 58 -98.34 -8.02 67.24
CA ASN MA 58 -96.99 -8.57 67.36
C ASN MA 58 -96.20 -7.72 68.34
N CYS MA 59 -95.80 -8.30 69.48
CA CYS MA 59 -95.05 -7.58 70.51
C CYS MA 59 -93.64 -8.15 70.68
N VAL MA 60 -92.69 -7.28 71.03
CA VAL MA 60 -91.31 -7.65 71.34
C VAL MA 60 -90.77 -6.69 72.40
N SER MA 61 -89.66 -7.09 73.01
CA SER MA 61 -89.06 -6.31 74.10
C SER MA 61 -87.58 -6.65 74.18
N SER MA 62 -86.80 -5.68 74.65
CA SER MA 62 -85.35 -5.81 74.67
C SER MA 62 -84.76 -5.08 75.87
N GLN MA 63 -83.67 -5.64 76.39
CA GLN MA 63 -82.93 -5.08 77.53
C GLN MA 63 -81.91 -4.03 77.08
N TYR MA 64 -81.83 -3.74 75.80
CA TYR MA 64 -80.82 -2.85 75.23
C TYR MA 64 -81.52 -1.73 74.47
N PRO MA 65 -82.17 -0.81 75.19
CA PRO MA 65 -83.07 0.14 74.52
C PRO MA 65 -82.34 1.15 73.66
N TYR MA 66 -81.03 1.32 73.85
CA TYR MA 66 -80.24 2.32 73.13
C TYR MA 66 -79.44 1.70 71.99
N ARG MA 67 -79.83 0.51 71.52
CA ARG MA 67 -78.99 -0.23 70.58
C ARG MA 67 -78.82 0.54 69.27
N ASN MA 68 -79.91 1.10 68.75
CA ASN MA 68 -79.85 1.80 67.48
C ASN MA 68 -79.65 3.31 67.64
N TYR MA 69 -79.79 3.84 68.85
CA TYR MA 69 -79.66 5.27 69.09
C TYR MA 69 -78.24 5.58 69.53
N SER MA 70 -77.33 5.53 68.56
CA SER MA 70 -75.90 5.64 68.83
C SER MA 70 -75.52 7.03 69.35
N LYS MA 71 -76.27 8.05 68.99
CA LYS MA 71 -75.90 9.44 69.27
C LYS MA 71 -76.33 9.91 70.65
N ILE MA 72 -76.76 9.02 71.53
CA ILE MA 72 -77.01 9.34 72.93
C ILE MA 72 -75.81 8.83 73.74
N PRO MA 73 -75.14 9.69 74.50
CA PRO MA 73 -74.00 9.23 75.31
C PRO MA 73 -74.45 8.38 76.48
N ARG MA 74 -73.52 7.55 76.98
CA ARG MA 74 -73.83 6.70 78.12
C ARG MA 74 -74.17 7.52 79.35
N SER MA 75 -73.58 8.71 79.50
CA SER MA 75 -73.91 9.60 80.60
C SER MA 75 -75.37 10.02 80.58
N GLN MA 76 -76.09 9.81 79.48
CA GLN MA 76 -77.49 10.19 79.37
C GLN MA 76 -78.40 8.99 79.09
N GLN MA 77 -77.87 7.77 79.15
CA GLN MA 77 -78.65 6.55 78.94
C GLN MA 77 -79.15 6.02 80.30
N ASP MA 78 -80.46 5.96 80.47
CA ASP MA 78 -81.07 5.46 81.72
C ASP MA 78 -80.88 3.95 81.82
N PRO MA 79 -80.06 3.46 82.76
CA PRO MA 79 -79.75 2.03 82.79
C PRO MA 79 -80.93 1.17 83.23
N LEU MA 80 -81.89 1.75 83.96
CA LEU MA 80 -83.08 1.02 84.33
C LEU MA 80 -84.01 0.81 83.14
N ALA MA 81 -83.94 1.72 82.16
CA ALA MA 81 -84.91 1.75 81.07
C ALA MA 81 -84.76 0.56 80.13
N VAL MA 82 -85.88 0.19 79.51
CA VAL MA 82 -86.04 -1.06 78.77
C VAL MA 82 -86.92 -0.78 77.55
N ARG MA 83 -86.64 -1.46 76.44
CA ARG MA 83 -87.37 -1.23 75.19
C ARG MA 83 -88.60 -2.14 75.06
N ARG MA 84 -89.77 -1.51 74.85
CA ARG MA 84 -91.02 -2.21 74.56
C ARG MA 84 -91.48 -1.84 73.16
N GLU MA 85 -92.03 -2.80 72.41
CA GLU MA 85 -92.45 -2.49 71.06
C GLU MA 85 -93.63 -3.37 70.66
N PHE MA 86 -94.56 -2.80 69.89
CA PHE MA 86 -95.65 -3.56 69.29
C PHE MA 86 -95.88 -3.11 67.87
N TYR MA 87 -96.59 -3.96 67.13
CA TYR MA 87 -96.81 -3.80 65.69
C TYR MA 87 -98.19 -4.36 65.37
N THR MA 88 -99.01 -3.55 64.73
CA THR MA 88 -100.29 -4.03 64.23
C THR MA 88 -100.33 -3.82 62.74
N ARG MA 89 -100.95 -4.77 62.03
CA ARG MA 89 -101.14 -4.66 60.57
C ARG MA 89 -102.54 -5.14 60.23
N ARG MA 90 -103.39 -4.23 59.77
CA ARG MA 90 -104.74 -4.55 59.34
C ARG MA 90 -104.76 -4.58 57.82
N VAL MA 91 -105.24 -5.68 57.27
CA VAL MA 91 -105.51 -5.82 55.84
C VAL MA 91 -107.00 -6.02 55.71
N GLU MA 92 -107.66 -5.14 54.97
CA GLU MA 92 -109.06 -5.37 54.62
C GLU MA 92 -109.18 -5.35 53.10
N TYR MA 93 -110.09 -6.17 52.59
CA TYR MA 93 -110.32 -6.32 51.16
C TYR MA 93 -111.71 -5.79 50.84
N TRP MA 94 -111.77 -4.63 50.17
CA TRP MA 94 -113.05 -4.03 49.85
C TRP MA 94 -113.66 -4.69 48.62
N ARG MA 95 -114.95 -4.42 48.43
CA ARG MA 95 -115.78 -5.08 47.44
C ARG MA 95 -116.49 -3.97 46.67
N LYS MA 96 -116.14 -3.77 45.40
CA LYS MA 96 -116.81 -2.75 44.60
C LYS MA 96 -117.76 -3.40 43.60
N ALA MA 97 -118.97 -2.85 43.52
CA ALA MA 97 -120.00 -3.28 42.59
C ALA MA 97 -121.18 -2.34 42.69
N ASP MA 98 -122.00 -2.31 41.63
CA ASP MA 98 -123.26 -1.59 41.66
C ASP MA 98 -124.41 -2.58 41.61
N ALA MA 99 -125.41 -2.35 42.46
CA ALA MA 99 -126.58 -3.21 42.47
C ALA MA 99 -127.49 -2.94 41.28
N SER MA 100 -127.34 -1.78 40.65
CA SER MA 100 -128.15 -1.46 39.48
C SER MA 100 -127.84 -2.39 38.31
N ASN MA 101 -126.56 -2.72 38.13
CA ASN MA 101 -126.12 -3.51 36.99
C ASN MA 101 -125.41 -4.77 37.52
N VAL MA 102 -126.12 -5.91 37.52
CA VAL MA 102 -125.51 -7.15 37.96
C VAL MA 102 -124.64 -7.77 36.88
N ASP MA 103 -124.77 -7.31 35.63
CA ASP MA 103 -123.84 -7.71 34.59
C ASP MA 103 -122.45 -7.13 34.84
N ALA MA 104 -122.38 -5.95 35.44
CA ALA MA 104 -121.10 -5.29 35.64
C ALA MA 104 -120.27 -6.05 36.67
N PRO MA 105 -118.98 -6.26 36.42
CA PRO MA 105 -118.19 -7.17 37.26
C PRO MA 105 -117.89 -6.57 38.61
N GLU MA 106 -117.73 -7.45 39.60
CA GLU MA 106 -117.38 -7.06 40.96
C GLU MA 106 -115.88 -7.18 41.13
N TYR MA 107 -115.30 -6.23 41.87
CA TYR MA 107 -113.86 -6.21 42.05
C TYR MA 107 -113.50 -6.20 43.53
N THR MA 108 -112.32 -6.76 43.82
CA THR MA 108 -111.74 -6.76 45.16
C THR MA 108 -110.63 -5.72 45.22
N LEU MA 109 -110.72 -4.82 46.19
CA LEU MA 109 -109.79 -3.70 46.33
C LEU MA 109 -109.01 -3.85 47.63
N PRO MA 110 -107.76 -4.33 47.60
CA PRO MA 110 -107.02 -4.50 48.85
C PRO MA 110 -106.49 -3.18 49.41
N GLN MA 111 -106.56 -3.10 50.75
CA GLN MA 111 -106.15 -1.96 51.53
C GLN MA 111 -105.42 -2.50 52.75
N SER MA 112 -104.34 -1.85 53.17
CA SER MA 112 -103.55 -2.34 54.28
C SER MA 112 -102.90 -1.16 55.02
N CYS MA 113 -102.81 -1.30 56.34
CA CYS MA 113 -102.30 -0.22 57.18
C CYS MA 113 -101.61 -0.81 58.40
N SER MA 114 -100.44 -0.28 58.74
CA SER MA 114 -99.65 -0.84 59.83
C SER MA 114 -99.10 0.26 60.73
N ILE MA 115 -99.09 -0.02 62.03
CA ILE MA 115 -98.57 0.88 63.04
C ILE MA 115 -97.51 0.14 63.85
N ARG MA 116 -96.34 0.77 63.99
CA ARG MA 116 -95.25 0.21 64.78
C ARG MA 116 -94.88 1.23 65.85
N LEU MA 117 -95.02 0.85 67.12
CA LEU MA 117 -94.66 1.70 68.23
C LEU MA 117 -93.55 1.05 69.03
N ALA MA 118 -92.44 1.77 69.18
CA ALA MA 118 -91.31 1.30 69.97
C ALA MA 118 -90.96 2.42 70.96
N SER MA 119 -91.17 2.15 72.24
CA SER MA 119 -90.89 3.10 73.31
C SER MA 119 -89.74 2.59 74.16
N THR MA 120 -88.95 3.51 74.72
CA THR MA 120 -88.13 3.13 75.87
C THR MA 120 -88.93 3.48 77.12
N VAL MA 121 -89.26 2.47 77.91
CA VAL MA 121 -90.02 2.62 79.13
C VAL MA 121 -89.05 2.67 80.30
N THR MA 122 -89.34 3.55 81.26
CA THR MA 122 -88.67 3.56 82.55
C THR MA 122 -89.76 3.58 83.62
N LYS MA 123 -89.33 3.62 84.89
CA LYS MA 123 -90.27 3.54 86.01
C LYS MA 123 -91.37 4.58 85.89
N GLU MA 124 -91.03 5.78 85.41
CA GLU MA 124 -91.97 6.89 85.37
C GLU MA 124 -92.74 6.99 84.06
N THR MA 125 -92.37 6.19 83.05
CA THR MA 125 -93.12 6.17 81.80
C THR MA 125 -94.51 5.61 82.04
N THR MA 126 -95.53 6.33 81.62
CA THR MA 126 -96.91 5.96 81.88
C THR MA 126 -97.63 5.52 80.60
N ALA MA 127 -98.79 4.89 80.82
CA ALA MA 127 -99.68 4.55 79.73
C ALA MA 127 -99.95 5.76 78.85
N ALA MA 128 -100.39 6.86 79.48
CA ALA MA 128 -100.75 8.06 78.74
C ALA MA 128 -99.55 8.64 78.00
N ASP MA 129 -98.37 8.61 78.63
CA ASP MA 129 -97.16 9.08 77.95
C ASP MA 129 -96.92 8.30 76.67
N ILE MA 130 -97.12 6.97 76.71
CA ILE MA 130 -96.84 6.21 75.50
C ILE MA 130 -97.95 6.42 74.47
N ALA MA 131 -99.18 6.63 74.91
CA ALA MA 131 -100.24 6.99 73.96
C ALA MA 131 -99.95 8.31 73.27
N GLY MA 132 -99.30 9.23 74.00
CA GLY MA 132 -99.03 10.55 73.45
C GLY MA 132 -98.24 10.51 72.15
N ILE MA 133 -97.31 9.56 72.03
CA ILE MA 133 -96.47 9.56 70.83
C ILE MA 133 -97.29 9.12 69.62
N VAL MA 134 -98.20 8.16 69.80
CA VAL MA 134 -99.10 7.80 68.71
C VAL MA 134 -99.97 8.99 68.33
N LEU MA 135 -100.49 9.70 69.33
CA LEU MA 135 -101.37 10.83 69.03
C LEU MA 135 -100.61 11.94 68.29
N ARG MA 136 -99.37 12.23 68.70
CA ARG MA 136 -98.58 13.26 68.04
C ARG MA 136 -98.06 12.79 66.67
N THR MA 137 -97.97 11.49 66.45
CA THR MA 137 -97.67 10.99 65.11
C THR MA 137 -98.86 11.18 64.17
N LEU MA 138 -100.08 11.03 64.71
CA LEU MA 138 -101.27 11.19 63.90
C LEU MA 138 -101.59 12.66 63.59
N ALA MA 139 -101.40 13.54 64.58
CA ALA MA 139 -101.87 14.92 64.46
C ALA MA 139 -101.38 15.65 63.20
N PRO MA 140 -100.17 15.43 62.67
CA PRO MA 140 -99.82 16.09 61.41
C PRO MA 140 -100.69 15.65 60.24
N ILE MA 141 -101.11 14.39 60.22
CA ILE MA 141 -101.96 13.88 59.14
C ILE MA 141 -103.42 14.28 59.35
N PHE MA 142 -103.87 14.41 60.60
CA PHE MA 142 -105.27 14.71 60.92
C PHE MA 142 -105.32 15.99 61.74
N PRO MA 143 -104.99 17.13 61.15
CA PRO MA 143 -104.92 18.37 61.94
C PRO MA 143 -106.26 18.78 62.53
N ASN MA 144 -107.37 18.35 61.94
CA ASN MA 144 -108.71 18.61 62.47
C ASN MA 144 -109.43 17.33 62.84
N GLY MA 145 -108.69 16.22 62.94
CA GLY MA 145 -109.32 14.98 63.35
C GLY MA 145 -110.24 14.51 62.26
N SER MA 146 -111.44 14.08 62.63
CA SER MA 146 -112.39 13.65 61.62
C SER MA 146 -113.00 14.81 60.84
N GLY MA 147 -112.72 16.06 61.23
CA GLY MA 147 -113.42 17.20 60.65
C GLY MA 147 -113.22 17.36 59.14
N ASP MA 148 -112.01 17.12 58.66
CA ASP MA 148 -111.70 17.14 57.24
C ASP MA 148 -110.62 16.09 56.99
N TRP MA 149 -110.34 15.83 55.71
CA TRP MA 149 -109.33 14.84 55.35
C TRP MA 149 -108.24 15.44 54.47
N ILE MA 150 -107.98 16.74 54.59
CA ILE MA 150 -107.23 17.44 53.54
C ILE MA 150 -105.79 16.97 53.50
N LYS MA 151 -105.14 16.87 54.66
CA LYS MA 151 -103.74 16.48 54.66
C LYS MA 151 -103.59 15.00 54.28
N LEU MA 152 -104.54 14.17 54.70
CA LEU MA 152 -104.52 12.78 54.26
C LEU MA 152 -104.64 12.68 52.75
N GLN MA 153 -105.53 13.48 52.16
CA GLN MA 153 -105.70 13.50 50.72
C GLN MA 153 -104.40 13.91 50.05
N GLN MA 154 -103.69 14.89 50.60
CA GLN MA 154 -102.38 15.25 50.05
C GLN MA 154 -101.43 14.08 50.08
N LEU MA 155 -101.40 13.35 51.19
CA LEU MA 155 -100.52 12.18 51.29
C LEU MA 155 -100.84 11.17 50.20
N ILE MA 156 -102.12 10.91 49.98
CA ILE MA 156 -102.50 9.95 48.94
C ILE MA 156 -102.12 10.49 47.56
N ASP MA 157 -102.40 11.77 47.32
CA ASP MA 157 -102.05 12.43 46.06
C ASP MA 157 -100.54 12.40 45.80
N GLY MA 158 -99.74 12.18 46.84
CA GLY MA 158 -98.31 12.03 46.70
C GLY MA 158 -97.50 13.24 47.09
N LEU MA 159 -98.02 14.11 47.96
CA LEU MA 159 -97.43 15.40 48.29
C LEU MA 159 -96.88 15.37 49.71
N PRO MA 160 -95.64 14.91 49.89
CA PRO MA 160 -95.14 14.59 51.25
C PRO MA 160 -94.85 15.81 52.11
N ARG MA 161 -94.77 17.00 51.54
CA ARG MA 161 -94.48 18.21 52.30
C ARG MA 161 -95.73 18.62 53.10
N ILE MA 162 -95.84 18.06 54.30
CA ILE MA 162 -97.00 18.30 55.15
C ILE MA 162 -96.81 19.52 56.03
N PHE MA 163 -95.59 19.79 56.48
CA PHE MA 163 -95.31 20.98 57.25
C PHE MA 163 -94.85 22.13 56.37
N GLY MA 164 -95.10 22.04 55.07
CA GLY MA 164 -94.65 23.04 54.13
C GLY MA 164 -93.30 22.71 53.53
N SER NA 1 -145.88 -39.77 -46.62
CA SER NA 1 -144.93 -38.75 -46.21
C SER NA 1 -144.50 -39.01 -44.77
N TYR NA 2 -143.19 -39.00 -44.54
CA TYR NA 2 -142.62 -39.46 -43.28
C TYR NA 2 -143.14 -38.67 -42.09
N THR NA 3 -143.44 -39.37 -41.01
CA THR NA 3 -143.76 -38.77 -39.72
C THR NA 3 -142.80 -39.30 -38.65
N ILE NA 4 -142.60 -38.49 -37.61
CA ILE NA 4 -141.68 -38.81 -36.52
C ILE NA 4 -142.50 -39.19 -35.29
N ASP NA 5 -142.31 -40.42 -34.82
CA ASP NA 5 -142.91 -40.93 -33.59
C ASP NA 5 -141.89 -40.82 -32.48
N ILE NA 6 -142.20 -40.06 -31.43
CA ILE NA 6 -141.36 -40.13 -30.24
C ILE NA 6 -141.69 -41.43 -29.55
N ASN NA 7 -140.84 -42.41 -29.70
CA ASN NA 7 -141.04 -43.71 -29.08
C ASN NA 7 -140.86 -43.50 -27.59
N CYS NA 8 -141.97 -43.39 -26.86
CA CYS NA 8 -141.90 -42.82 -25.52
C CYS NA 8 -143.28 -42.86 -24.88
N SER NA 9 -143.32 -42.72 -23.56
CA SER NA 9 -144.57 -42.65 -22.80
C SER NA 9 -144.86 -41.23 -22.38
N THR NA 10 -145.97 -40.67 -22.87
CA THR NA 10 -146.46 -39.35 -22.47
C THR NA 10 -147.80 -39.48 -21.78
N GLY NA 11 -148.19 -38.40 -21.10
CA GLY NA 11 -149.40 -38.37 -20.30
C GLY NA 11 -150.37 -37.32 -20.79
N ASP NA 12 -151.58 -37.28 -20.22
CA ASP NA 12 -152.56 -36.28 -20.67
C ASP NA 12 -152.35 -34.94 -19.98
N THR NA 13 -151.96 -34.96 -18.71
CA THR NA 13 -151.88 -33.76 -17.89
C THR NA 13 -150.71 -32.84 -18.33
N GLN NA 14 -150.83 -31.55 -18.03
CA GLN NA 14 -149.74 -30.63 -18.31
C GLN NA 14 -149.58 -29.67 -17.14
N ALA NA 15 -148.33 -29.33 -16.83
CA ALA NA 15 -148.00 -28.37 -15.79
C ALA NA 15 -147.24 -27.20 -16.37
N ASN NA 16 -147.30 -26.07 -15.67
CA ASN NA 16 -146.54 -24.87 -16.01
C ASN NA 16 -145.27 -24.83 -15.16
N LEU NA 17 -144.11 -24.86 -15.80
CA LEU NA 17 -142.85 -24.49 -15.17
C LEU NA 17 -142.64 -23.01 -15.46
N VAL NA 18 -142.75 -22.19 -14.42
CA VAL NA 18 -142.79 -20.74 -14.61
C VAL NA 18 -141.36 -20.20 -14.60
N LEU NA 19 -140.89 -19.77 -15.77
CA LEU NA 19 -139.57 -19.19 -15.91
C LEU NA 19 -139.66 -17.68 -15.75
N THR NA 20 -138.71 -17.12 -15.02
CA THR NA 20 -138.57 -15.67 -14.95
C THR NA 20 -137.46 -15.25 -15.89
N GLU NA 21 -137.72 -14.23 -16.69
CA GLU NA 21 -136.80 -13.84 -17.74
C GLU NA 21 -135.46 -13.41 -17.15
N ILE NA 22 -134.44 -13.48 -17.98
CA ILE NA 22 -133.11 -12.99 -17.62
C ILE NA 22 -132.74 -11.94 -18.65
N PRO NA 23 -132.64 -10.66 -18.28
CA PRO NA 23 -132.45 -9.61 -19.28
C PRO NA 23 -131.08 -9.70 -19.94
N ALA NA 24 -131.07 -9.53 -21.26
CA ALA NA 24 -129.83 -9.70 -21.99
C ALA NA 24 -128.89 -8.51 -21.84
N GLU NA 25 -129.43 -7.32 -21.53
CA GLU NA 25 -128.58 -6.14 -21.44
C GLU NA 25 -127.41 -6.32 -20.48
N PRO NA 26 -127.58 -6.79 -19.25
CA PRO NA 26 -126.44 -6.84 -18.33
C PRO NA 26 -125.35 -7.85 -18.70
N TYR NA 27 -125.57 -8.74 -19.67
CA TYR NA 27 -124.54 -9.75 -19.96
C TYR NA 27 -123.50 -9.19 -20.91
N VAL NA 28 -122.23 -9.50 -20.64
CA VAL NA 28 -121.09 -9.01 -21.42
C VAL NA 28 -120.30 -10.20 -21.95
N HIS NA 29 -120.10 -10.23 -23.27
CA HIS NA 29 -119.24 -11.22 -23.90
C HIS NA 29 -117.83 -11.13 -23.33
N VAL NA 30 -117.30 -12.27 -22.90
CA VAL NA 30 -116.02 -12.33 -22.21
C VAL NA 30 -114.99 -13.14 -23.00
N SER NA 31 -115.37 -14.34 -23.44
CA SER NA 31 -114.43 -15.24 -24.11
C SER NA 31 -115.16 -16.09 -25.12
N GLY NA 32 -114.46 -16.43 -26.19
CA GLY NA 32 -114.84 -17.55 -27.04
C GLY NA 32 -115.30 -17.17 -28.43
N ASP NA 33 -114.98 -18.05 -29.40
CA ASP NA 33 -115.46 -17.98 -30.78
C ASP NA 33 -116.86 -18.57 -30.87
N ASN NA 34 -117.40 -18.62 -32.09
CA ASN NA 34 -118.41 -19.63 -32.38
C ASN NA 34 -117.78 -21.01 -32.42
N LYS NA 35 -116.51 -21.10 -32.84
CA LYS NA 35 -115.78 -22.37 -32.84
C LYS NA 35 -115.43 -22.81 -31.42
N SER NA 36 -115.28 -21.87 -30.50
CA SER NA 36 -115.02 -22.17 -29.10
C SER NA 36 -116.35 -22.06 -28.33
N THR NA 37 -116.27 -22.05 -27.00
CA THR NA 37 -117.45 -21.83 -26.16
C THR NA 37 -117.62 -20.34 -25.81
N ILE NA 38 -118.79 -19.77 -26.11
CA ILE NA 38 -119.09 -18.39 -25.77
C ILE NA 38 -119.35 -18.26 -24.28
N GLU NA 39 -118.83 -17.20 -23.66
CA GLU NA 39 -118.96 -17.00 -22.22
C GLU NA 39 -119.44 -15.59 -21.95
N TYR NA 40 -120.47 -15.46 -21.12
CA TYR NA 40 -120.99 -14.16 -20.72
C TYR NA 40 -120.88 -13.96 -19.22
N LEU NA 41 -120.61 -12.72 -18.84
CA LEU NA 41 -120.58 -12.27 -17.46
C LEU NA 41 -121.85 -11.45 -17.16
N ASP NA 42 -122.55 -11.82 -16.08
CA ASP NA 42 -123.69 -11.06 -15.59
C ASP NA 42 -123.15 -9.90 -14.76
N THR NA 43 -123.12 -8.69 -15.34
CA THR NA 43 -122.55 -7.52 -14.69
C THR NA 43 -123.49 -6.90 -13.67
N GLY NA 44 -124.72 -7.43 -13.56
CA GLY NA 44 -125.61 -7.00 -12.51
C GLY NA 44 -125.40 -7.82 -11.26
N SER NA 45 -124.16 -7.86 -10.77
CA SER NA 45 -123.80 -8.60 -9.58
C SER NA 45 -122.99 -7.72 -8.64
N ASP NA 46 -122.73 -8.24 -7.45
CA ASP NA 46 -121.91 -7.49 -6.50
C ASP NA 46 -120.50 -7.38 -7.05
N ASN NA 47 -120.12 -6.16 -7.41
CA ASN NA 47 -118.78 -5.86 -7.90
C ASN NA 47 -117.73 -6.22 -6.87
N SER NA 48 -118.06 -6.13 -5.57
CA SER NA 48 -117.10 -6.31 -4.50
C SER NA 48 -116.73 -7.76 -4.24
N LEU NA 49 -117.19 -8.67 -5.10
CA LEU NA 49 -116.72 -10.05 -5.12
C LEU NA 49 -115.82 -10.25 -6.33
N LEU NA 50 -114.79 -11.07 -6.15
CA LEU NA 50 -113.95 -11.42 -7.28
C LEU NA 50 -114.53 -12.55 -8.11
N VAL NA 51 -115.62 -13.17 -7.66
CA VAL NA 51 -116.37 -14.14 -8.45
C VAL NA 51 -117.69 -13.50 -8.82
N ARG NA 52 -118.10 -13.70 -10.06
CA ARG NA 52 -119.32 -13.10 -10.56
C ARG NA 52 -120.04 -14.10 -11.44
N PRO NA 53 -121.36 -13.97 -11.59
CA PRO NA 53 -122.14 -14.97 -12.30
C PRO NA 53 -121.84 -14.97 -13.79
N THR NA 54 -121.68 -16.17 -14.35
CA THR NA 54 -121.40 -16.33 -15.76
C THR NA 54 -122.28 -17.44 -16.33
N GLN NA 55 -122.76 -17.23 -17.55
CA GLN NA 55 -123.35 -18.34 -18.29
C GLN NA 55 -122.67 -18.51 -19.64
N GLN NA 56 -122.41 -19.76 -20.02
CA GLN NA 56 -121.72 -20.04 -21.27
C GLN NA 56 -122.54 -20.96 -22.15
N PHE NA 57 -122.33 -20.79 -23.45
CA PHE NA 57 -123.06 -21.50 -24.51
C PHE NA 57 -122.06 -22.02 -25.54
N ASN NA 58 -122.11 -23.32 -25.77
CA ASN NA 58 -121.30 -24.01 -26.76
C ASN NA 58 -122.23 -24.83 -27.64
N CYS NA 59 -121.96 -24.90 -28.93
CA CYS NA 59 -122.72 -25.82 -29.76
C CYS NA 59 -121.86 -26.35 -30.89
N VAL NA 60 -122.08 -27.65 -31.22
CA VAL NA 60 -121.28 -28.38 -32.20
C VAL NA 60 -122.18 -29.33 -32.96
N SER NA 61 -121.74 -29.66 -34.18
CA SER NA 61 -122.57 -30.42 -35.11
C SER NA 61 -121.69 -31.42 -35.85
N SER NA 62 -122.27 -32.57 -36.18
CA SER NA 62 -121.54 -33.62 -36.89
C SER NA 62 -122.42 -34.33 -37.91
N GLN NA 63 -121.77 -34.77 -38.98
CA GLN NA 63 -122.43 -35.51 -40.04
C GLN NA 63 -122.59 -36.98 -39.72
N TYR NA 64 -122.12 -37.42 -38.54
CA TYR NA 64 -122.08 -38.83 -38.17
C TYR NA 64 -122.90 -39.03 -36.90
N PRO NA 65 -124.22 -38.97 -36.99
CA PRO NA 65 -125.05 -38.85 -35.79
C PRO NA 65 -125.16 -40.12 -34.99
N TYR NA 66 -124.79 -41.27 -35.57
CA TYR NA 66 -124.90 -42.55 -34.90
C TYR NA 66 -123.59 -42.99 -34.25
N ARG NA 67 -122.62 -42.08 -34.10
CA ARG NA 67 -121.29 -42.48 -33.65
C ARG NA 67 -121.33 -43.04 -32.22
N ASN NA 68 -122.13 -42.43 -31.35
CA ASN NA 68 -122.18 -42.85 -29.96
C ASN NA 68 -123.12 -44.01 -29.72
N TYR NA 69 -124.08 -44.24 -30.60
CA TYR NA 69 -125.11 -45.24 -30.40
C TYR NA 69 -124.74 -46.49 -31.16
N SER NA 70 -124.54 -47.58 -30.43
CA SER NA 70 -123.95 -48.77 -31.01
C SER NA 70 -124.97 -49.77 -31.54
N LYS NA 71 -126.14 -49.88 -30.92
CA LYS NA 71 -127.05 -50.97 -31.22
C LYS NA 71 -128.15 -50.57 -32.20
N ILE NA 72 -127.88 -49.59 -33.06
CA ILE NA 72 -128.80 -49.22 -34.12
C ILE NA 72 -128.25 -49.77 -35.43
N PRO NA 73 -128.97 -50.66 -36.11
CA PRO NA 73 -128.49 -51.22 -37.38
C PRO NA 73 -128.41 -50.17 -38.48
N ARG NA 74 -127.50 -50.40 -39.43
CA ARG NA 74 -127.37 -49.48 -40.56
C ARG NA 74 -128.66 -49.39 -41.35
N SER NA 75 -129.39 -50.50 -41.49
CA SER NA 75 -130.66 -50.50 -42.20
C SER NA 75 -131.69 -49.58 -41.53
N GLN NA 76 -131.42 -49.09 -40.33
CA GLN NA 76 -132.31 -48.17 -39.64
C GLN NA 76 -131.68 -46.79 -39.43
N GLN NA 77 -130.50 -46.54 -40.01
CA GLN NA 77 -129.83 -45.26 -39.87
C GLN NA 77 -130.18 -44.34 -41.04
N ASP NA 78 -130.80 -43.19 -40.74
CA ASP NA 78 -131.21 -42.23 -41.77
C ASP NA 78 -129.98 -41.55 -42.37
N PRO NA 79 -129.68 -41.76 -43.66
CA PRO NA 79 -128.45 -41.21 -44.23
C PRO NA 79 -128.45 -39.71 -44.33
N LEU NA 80 -129.62 -39.08 -44.25
CA LEU NA 80 -129.75 -37.64 -44.25
C LEU NA 80 -129.70 -37.04 -42.85
N ALA NA 81 -129.67 -37.88 -41.83
CA ALA NA 81 -129.71 -37.37 -40.47
C ALA NA 81 -128.38 -36.74 -40.08
N VAL NA 82 -128.46 -35.72 -39.24
CA VAL NA 82 -127.30 -34.98 -38.77
C VAL NA 82 -127.41 -34.84 -37.26
N ARG NA 83 -126.28 -34.65 -36.60
CA ARG NA 83 -126.22 -34.50 -35.14
C ARG NA 83 -126.06 -33.02 -34.82
N ARG NA 84 -126.99 -32.46 -34.06
CA ARG NA 84 -126.92 -31.08 -33.58
C ARG NA 84 -126.85 -31.12 -32.07
N GLU NA 85 -125.87 -30.46 -31.49
CA GLU NA 85 -125.65 -30.51 -30.05
C GLU NA 85 -125.42 -29.10 -29.52
N PHE NA 86 -125.95 -28.81 -28.34
CA PHE NA 86 -125.65 -27.56 -27.65
C PHE NA 86 -125.54 -27.82 -26.15
N TYR NA 87 -124.88 -26.89 -25.46
CA TYR NA 87 -124.48 -27.08 -24.08
C TYR NA 87 -124.40 -25.73 -23.41
N THR NA 88 -125.14 -25.56 -22.32
CA THR NA 88 -125.08 -24.34 -21.55
C THR NA 88 -124.66 -24.68 -20.13
N ARG NA 89 -123.89 -23.78 -19.51
CA ARG NA 89 -123.49 -23.92 -18.11
C ARG NA 89 -123.59 -22.56 -17.45
N ARG NA 90 -124.48 -22.46 -16.46
CA ARG NA 90 -124.66 -21.24 -15.68
C ARG NA 90 -124.08 -21.48 -14.30
N VAL NA 91 -123.17 -20.60 -13.90
CA VAL NA 91 -122.67 -20.55 -12.54
C VAL NA 91 -123.13 -19.24 -11.94
N GLU NA 92 -123.85 -19.33 -10.82
CA GLU NA 92 -124.12 -18.14 -10.02
C GLU NA 92 -123.46 -18.29 -8.66
N TYR NA 93 -123.28 -17.16 -8.00
CA TYR NA 93 -122.59 -17.08 -6.72
C TYR NA 93 -123.50 -16.36 -5.73
N TRP NA 94 -124.21 -17.11 -4.90
CA TRP NA 94 -125.12 -16.52 -3.93
C TRP NA 94 -124.34 -15.90 -2.78
N ARG NA 95 -125.03 -15.07 -2.00
CA ARG NA 95 -124.42 -14.37 -0.88
C ARG NA 95 -125.36 -14.51 0.31
N LYS NA 96 -124.86 -15.07 1.42
CA LYS NA 96 -125.65 -15.14 2.65
C LYS NA 96 -125.12 -14.13 3.65
N ALA NA 97 -126.05 -13.34 4.22
CA ALA NA 97 -125.75 -12.39 5.29
C ALA NA 97 -127.05 -12.01 5.99
N ASP NA 98 -126.94 -11.27 7.09
CA ASP NA 98 -128.15 -10.71 7.68
C ASP NA 98 -127.94 -9.25 8.06
N ALA NA 99 -128.92 -8.41 7.71
CA ALA NA 99 -128.88 -7.00 8.09
C ALA NA 99 -129.07 -6.82 9.60
N SER NA 100 -129.51 -7.86 10.30
CA SER NA 100 -129.72 -7.78 11.74
C SER NA 100 -128.41 -7.65 12.50
N ASN NA 101 -127.32 -8.17 11.95
CA ASN NA 101 -126.06 -8.27 12.68
C ASN NA 101 -124.90 -7.82 11.78
N VAL NA 102 -124.46 -6.57 11.96
CA VAL NA 102 -123.31 -6.09 11.20
C VAL NA 102 -122.05 -6.84 11.61
N ASP NA 103 -122.05 -7.48 12.78
CA ASP NA 103 -120.89 -8.16 13.32
C ASP NA 103 -120.72 -9.59 12.76
N ALA NA 104 -121.75 -10.14 12.11
CA ALA NA 104 -121.68 -11.53 11.69
C ALA NA 104 -121.19 -11.64 10.26
N PRO NA 105 -120.37 -12.65 9.95
CA PRO NA 105 -119.68 -12.68 8.65
C PRO NA 105 -120.62 -13.00 7.51
N GLU NA 106 -120.22 -12.57 6.32
CA GLU NA 106 -120.94 -12.89 5.10
C GLU NA 106 -120.23 -14.04 4.38
N TYR NA 107 -121.01 -14.87 3.69
CA TYR NA 107 -120.43 -15.99 2.96
C TYR NA 107 -120.95 -15.97 1.53
N THR NA 108 -120.11 -16.42 0.60
CA THR NA 108 -120.52 -16.58 -0.79
C THR NA 108 -120.63 -18.08 -1.12
N LEU NA 109 -121.77 -18.46 -1.68
CA LEU NA 109 -122.17 -19.86 -1.89
C LEU NA 109 -122.25 -20.18 -3.38
N PRO NA 110 -121.38 -21.02 -3.92
CA PRO NA 110 -121.42 -21.30 -5.37
C PRO NA 110 -122.47 -22.33 -5.77
N GLN NA 111 -123.08 -22.06 -6.93
CA GLN NA 111 -124.10 -22.90 -7.52
C GLN NA 111 -123.82 -23.00 -9.01
N SER NA 112 -123.99 -24.21 -9.57
CA SER NA 112 -123.78 -24.41 -10.99
C SER NA 112 -124.81 -25.38 -11.57
N CYS NA 113 -125.23 -25.13 -12.81
CA CYS NA 113 -126.21 -25.98 -13.47
C CYS NA 113 -125.89 -26.02 -14.96
N SER NA 114 -125.90 -27.22 -15.54
CA SER NA 114 -125.49 -27.37 -16.94
C SER NA 114 -126.43 -28.31 -17.67
N ILE NA 115 -126.86 -27.89 -18.86
CA ILE NA 115 -127.76 -28.67 -19.71
C ILE NA 115 -127.08 -28.92 -21.04
N ARG NA 116 -127.00 -30.19 -21.44
CA ARG NA 116 -126.49 -30.61 -22.73
C ARG NA 116 -127.60 -31.34 -23.50
N LEU NA 117 -127.68 -31.07 -24.79
CA LEU NA 117 -128.71 -31.63 -25.66
C LEU NA 117 -128.09 -31.98 -27.00
N ALA NA 118 -128.23 -33.24 -27.42
CA ALA NA 118 -127.76 -33.69 -28.72
C ALA NA 118 -128.92 -34.42 -29.38
N SER NA 119 -129.48 -33.80 -30.42
CA SER NA 119 -130.58 -34.37 -31.18
C SER NA 119 -130.08 -34.87 -32.52
N THR NA 120 -130.66 -35.99 -32.99
CA THR NA 120 -130.54 -36.34 -34.39
C THR NA 120 -131.63 -35.60 -35.16
N VAL NA 121 -131.22 -34.76 -36.10
CA VAL NA 121 -132.13 -33.90 -36.85
C VAL NA 121 -132.16 -34.35 -38.30
N THR NA 122 -133.37 -34.53 -38.83
CA THR NA 122 -133.63 -34.84 -40.22
C THR NA 122 -134.65 -33.83 -40.74
N LYS NA 123 -135.02 -33.99 -42.02
CA LYS NA 123 -135.90 -33.03 -42.68
C LYS NA 123 -137.15 -32.74 -41.86
N GLU NA 124 -137.74 -33.78 -41.29
CA GLU NA 124 -139.03 -33.69 -40.61
C GLU NA 124 -138.91 -33.26 -39.15
N THR NA 125 -137.71 -33.21 -38.61
CA THR NA 125 -137.49 -32.80 -37.22
C THR NA 125 -137.69 -31.30 -37.10
N THR NA 126 -138.66 -30.88 -36.28
CA THR NA 126 -138.95 -29.47 -36.07
C THR NA 126 -138.35 -28.96 -34.76
N ALA NA 127 -138.22 -27.64 -34.68
CA ALA NA 127 -137.69 -27.02 -33.47
C ALA NA 127 -138.53 -27.40 -32.25
N ALA NA 128 -139.85 -27.45 -32.42
CA ALA NA 128 -140.72 -27.93 -31.36
C ALA NA 128 -140.39 -29.37 -30.97
N ASP NA 129 -140.19 -30.24 -31.97
CA ASP NA 129 -139.83 -31.63 -31.68
C ASP NA 129 -138.59 -31.69 -30.80
N ILE NA 130 -137.60 -30.83 -31.08
CA ILE NA 130 -136.37 -30.87 -30.32
C ILE NA 130 -136.56 -30.26 -28.94
N ALA NA 131 -137.40 -29.25 -28.82
CA ALA NA 131 -137.72 -28.74 -27.49
C ALA NA 131 -138.40 -29.80 -26.63
N GLY NA 132 -139.16 -30.67 -27.28
CA GLY NA 132 -139.82 -31.75 -26.58
C GLY NA 132 -138.87 -32.58 -25.73
N ILE NA 133 -137.65 -32.83 -26.23
CA ILE NA 133 -136.77 -33.71 -25.48
C ILE NA 133 -136.30 -33.04 -24.19
N VAL NA 134 -136.05 -31.74 -24.22
CA VAL NA 134 -135.72 -31.03 -22.99
C VAL NA 134 -136.91 -31.01 -22.04
N LEU NA 135 -138.11 -30.79 -22.59
CA LEU NA 135 -139.31 -30.75 -21.75
C LEU NA 135 -139.57 -32.08 -21.06
N ARG NA 136 -139.34 -33.18 -21.78
CA ARG NA 136 -139.54 -34.51 -21.20
C ARG NA 136 -138.41 -34.88 -20.25
N THR NA 137 -137.21 -34.37 -20.47
CA THR NA 137 -136.17 -34.58 -19.47
C THR NA 137 -136.52 -33.87 -18.17
N LEU NA 138 -137.06 -32.65 -18.27
CA LEU NA 138 -137.40 -31.88 -17.07
C LEU NA 138 -138.59 -32.46 -16.34
N ALA NA 139 -139.59 -32.94 -17.08
CA ALA NA 139 -140.89 -33.25 -16.48
C ALA NA 139 -140.84 -34.20 -15.28
N PRO NA 140 -140.05 -35.30 -15.28
CA PRO NA 140 -140.05 -36.17 -14.09
C PRO NA 140 -139.61 -35.49 -12.81
N ILE NA 141 -138.68 -34.54 -12.89
CA ILE NA 141 -138.18 -33.81 -11.74
C ILE NA 141 -139.18 -32.73 -11.28
N PHE NA 142 -139.93 -32.14 -12.21
CA PHE NA 142 -140.89 -31.09 -11.90
C PHE NA 142 -142.26 -31.56 -12.39
N PRO NA 143 -142.82 -32.60 -11.77
CA PRO NA 143 -144.07 -33.18 -12.29
C PRO NA 143 -145.27 -32.26 -12.14
N ASN NA 144 -145.18 -31.24 -11.30
CA ASN NA 144 -146.22 -30.21 -11.19
C ASN NA 144 -145.68 -28.83 -11.53
N GLY NA 145 -144.56 -28.76 -12.26
CA GLY NA 145 -144.07 -27.48 -12.71
C GLY NA 145 -143.58 -26.68 -11.52
N SER NA 146 -143.75 -25.36 -11.61
CA SER NA 146 -143.36 -24.52 -10.50
C SER NA 146 -144.22 -24.75 -9.26
N GLY NA 147 -145.24 -25.61 -9.34
CA GLY NA 147 -146.17 -25.75 -8.22
C GLY NA 147 -145.51 -26.26 -6.94
N ASP NA 148 -144.90 -27.44 -7.00
CA ASP NA 148 -144.24 -28.01 -5.83
C ASP NA 148 -142.82 -28.42 -6.20
N TRP NA 149 -142.03 -28.68 -5.17
CA TRP NA 149 -140.62 -29.02 -5.38
C TRP NA 149 -140.29 -30.38 -4.79
N ILE NA 150 -141.26 -31.30 -4.76
CA ILE NA 150 -141.09 -32.50 -3.93
C ILE NA 150 -140.02 -33.41 -4.51
N LYS NA 151 -140.09 -33.67 -5.83
CA LYS NA 151 -139.12 -34.57 -6.44
C LYS NA 151 -137.74 -33.91 -6.49
N LEU NA 152 -137.70 -32.59 -6.71
CA LEU NA 152 -136.41 -31.91 -6.67
C LEU NA 152 -135.79 -32.03 -5.29
N GLN NA 153 -136.61 -31.84 -4.25
CA GLN NA 153 -136.15 -32.00 -2.88
C GLN NA 153 -135.55 -33.37 -2.67
N GLN NA 154 -136.21 -34.41 -3.20
CA GLN NA 154 -135.65 -35.76 -3.11
C GLN NA 154 -134.28 -35.84 -3.76
N LEU NA 155 -134.17 -35.34 -4.99
CA LEU NA 155 -132.88 -35.38 -5.68
C LEU NA 155 -131.79 -34.73 -4.85
N ILE NA 156 -132.11 -33.62 -4.20
CA ILE NA 156 -131.10 -32.94 -3.38
C ILE NA 156 -130.83 -33.75 -2.10
N ASP NA 157 -131.87 -34.32 -1.50
CA ASP NA 157 -131.76 -35.17 -0.33
C ASP NA 157 -130.93 -36.42 -0.60
N GLY NA 158 -130.65 -36.72 -1.86
CA GLY NA 158 -129.84 -37.87 -2.19
C GLY NA 158 -130.60 -39.12 -2.55
N LEU NA 159 -131.85 -38.99 -2.98
CA LEU NA 159 -132.72 -40.12 -3.32
C LEU NA 159 -133.01 -40.12 -4.81
N PRO NA 160 -132.29 -40.94 -5.59
CA PRO NA 160 -132.34 -40.82 -7.05
C PRO NA 160 -133.56 -41.40 -7.73
N ARG NA 161 -134.40 -42.17 -7.04
CA ARG NA 161 -135.46 -42.89 -7.73
C ARG NA 161 -136.68 -41.99 -7.86
N ILE NA 162 -136.69 -41.19 -8.93
CA ILE NA 162 -137.84 -40.34 -9.25
C ILE NA 162 -139.08 -41.18 -9.52
N PHE NA 163 -138.91 -42.29 -10.23
CA PHE NA 163 -140.04 -43.11 -10.63
C PHE NA 163 -140.38 -44.20 -9.62
N GLY NA 164 -139.55 -44.39 -8.59
CA GLY NA 164 -139.82 -45.41 -7.59
C GLY NA 164 -139.04 -46.70 -7.74
N SER OA 1 -131.20 -15.12 11.19
CA SER OA 1 -131.64 -13.98 10.39
C SER OA 1 -130.92 -13.95 9.05
N TYR OA 2 -129.99 -14.90 8.88
CA TYR OA 2 -129.28 -15.03 7.61
C TYR OA 2 -130.23 -15.20 6.44
N THR OA 3 -130.00 -14.46 5.38
CA THR OA 3 -130.76 -14.53 4.15
C THR OA 3 -129.82 -14.80 2.98
N ILE OA 4 -130.37 -15.52 2.02
CA ILE OA 4 -129.69 -15.94 0.80
C ILE OA 4 -130.10 -15.00 -0.31
N ASP OA 5 -129.15 -14.23 -0.84
CA ASP OA 5 -129.38 -13.37 -1.98
C ASP OA 5 -128.71 -13.99 -3.19
N ILE OA 6 -129.49 -14.37 -4.20
CA ILE OA 6 -128.89 -14.71 -5.48
C ILE OA 6 -128.23 -13.47 -6.04
N ASN OA 7 -127.03 -13.62 -6.56
CA ASN OA 7 -126.29 -12.48 -7.07
C ASN OA 7 -126.47 -12.36 -8.58
N CYS OA 8 -127.72 -12.31 -9.03
CA CYS OA 8 -128.03 -12.43 -10.44
C CYS OA 8 -128.78 -11.22 -10.96
N SER OA 9 -129.04 -11.23 -12.26
CA SER OA 9 -129.95 -10.29 -12.88
C SER OA 9 -131.24 -11.04 -13.19
N THR OA 10 -132.36 -10.53 -12.70
CA THR OA 10 -133.67 -11.13 -12.93
C THR OA 10 -134.63 -10.04 -13.39
N GLY OA 11 -135.45 -10.38 -14.39
CA GLY OA 11 -136.43 -9.47 -14.94
C GLY OA 11 -137.74 -9.49 -14.18
N ASP OA 12 -138.68 -8.65 -14.64
CA ASP OA 12 -140.01 -8.60 -14.09
C ASP OA 12 -140.99 -9.50 -14.84
N THR OA 13 -140.66 -9.91 -16.05
CA THR OA 13 -141.53 -10.66 -16.94
C THR OA 13 -141.45 -12.15 -16.61
N GLN OA 14 -142.51 -12.91 -16.94
CA GLN OA 14 -142.49 -14.35 -16.69
C GLN OA 14 -143.17 -15.07 -17.84
N ALA OA 15 -142.76 -16.33 -18.05
CA ALA OA 15 -143.28 -17.16 -19.13
C ALA OA 15 -143.55 -18.57 -18.63
N ASN OA 16 -144.47 -19.24 -19.32
CA ASN OA 16 -144.86 -20.61 -18.97
C ASN OA 16 -144.17 -21.60 -19.91
N LEU OA 17 -143.28 -22.41 -19.38
CA LEU OA 17 -142.70 -23.55 -20.09
C LEU OA 17 -143.57 -24.75 -19.77
N VAL OA 18 -144.29 -25.25 -20.77
CA VAL OA 18 -145.38 -26.20 -20.53
C VAL OA 18 -144.83 -27.62 -20.59
N LEU OA 19 -144.77 -28.27 -19.43
CA LEU OA 19 -144.30 -29.65 -19.35
C LEU OA 19 -145.48 -30.59 -19.49
N THR OA 20 -145.31 -31.62 -20.30
CA THR OA 20 -146.29 -32.70 -20.38
C THR OA 20 -145.80 -33.86 -19.52
N GLU OA 21 -146.72 -34.43 -18.75
CA GLU OA 21 -146.33 -35.36 -17.70
C GLU OA 21 -145.73 -36.63 -18.28
N ILE OA 22 -144.87 -37.26 -17.49
CA ILE OA 22 -144.31 -38.56 -17.87
C ILE OA 22 -144.69 -39.55 -16.78
N PRO OA 23 -145.53 -40.54 -17.08
CA PRO OA 23 -146.03 -41.45 -16.04
C PRO OA 23 -144.96 -42.41 -15.55
N ALA OA 24 -145.04 -42.75 -14.27
CA ALA OA 24 -144.05 -43.66 -13.71
C ALA OA 24 -144.42 -45.12 -13.97
N GLU OA 25 -145.71 -45.40 -14.12
CA GLU OA 25 -146.14 -46.78 -14.35
C GLU OA 25 -145.40 -47.49 -15.48
N PRO OA 26 -145.16 -46.87 -16.64
CA PRO OA 26 -144.42 -47.61 -17.69
C PRO OA 26 -142.94 -47.83 -17.41
N TYR OA 27 -142.37 -47.24 -16.35
CA TYR OA 27 -140.91 -47.31 -16.18
C TYR OA 27 -140.51 -48.51 -15.33
N VAL OA 28 -139.33 -49.07 -15.65
CA VAL OA 28 -138.83 -50.32 -15.07
C VAL OA 28 -137.39 -50.14 -14.62
N HIS OA 29 -137.07 -50.73 -13.46
CA HIS OA 29 -135.70 -50.80 -12.97
C HIS OA 29 -134.80 -51.52 -13.96
N VAL OA 30 -133.60 -50.98 -14.16
CA VAL OA 30 -132.59 -51.57 -15.04
C VAL OA 30 -131.30 -51.88 -14.29
N SER OA 31 -130.72 -50.87 -13.64
CA SER OA 31 -129.50 -51.05 -12.86
C SER OA 31 -129.59 -50.22 -11.58
N GLY OA 32 -128.79 -50.63 -10.59
CA GLY OA 32 -128.65 -49.90 -9.34
C GLY OA 32 -129.95 -49.61 -8.62
N ASP OA 33 -130.66 -50.67 -8.21
CA ASP OA 33 -132.01 -50.50 -7.67
C ASP OA 33 -131.99 -49.69 -6.38
N ASN OA 34 -131.09 -50.03 -5.46
CA ASN OA 34 -131.00 -49.35 -4.18
C ASN OA 34 -129.98 -48.23 -4.15
N LYS OA 35 -129.07 -48.19 -5.12
CA LYS OA 35 -127.85 -47.38 -5.02
C LYS OA 35 -128.14 -45.92 -5.39
N SER OA 36 -127.10 -45.09 -5.24
CA SER OA 36 -127.20 -43.66 -5.51
C SER OA 36 -127.35 -43.33 -6.99
N THR OA 37 -127.25 -44.33 -7.86
CA THR OA 37 -127.43 -44.19 -9.30
C THR OA 37 -128.44 -45.22 -9.76
N ILE OA 38 -129.50 -44.77 -10.43
CA ILE OA 38 -130.55 -45.65 -10.92
C ILE OA 38 -130.79 -45.34 -12.38
N GLU OA 39 -131.09 -46.39 -13.16
CA GLU OA 39 -131.40 -46.26 -14.57
C GLU OA 39 -132.75 -46.92 -14.85
N TYR OA 40 -133.68 -46.16 -15.42
CA TYR OA 40 -134.99 -46.69 -15.77
C TYR OA 40 -135.15 -46.87 -17.27
N LEU OA 41 -136.00 -47.84 -17.62
CA LEU OA 41 -136.41 -48.08 -18.99
C LEU OA 41 -137.88 -47.74 -19.14
N ASP OA 42 -138.23 -47.02 -20.20
CA ASP OA 42 -139.61 -46.75 -20.58
C ASP OA 42 -140.09 -47.90 -21.46
N THR OA 43 -140.92 -48.78 -20.90
CA THR OA 43 -141.45 -49.89 -21.68
C THR OA 43 -142.67 -49.52 -22.47
N GLY OA 44 -142.98 -48.23 -22.59
CA GLY OA 44 -143.99 -47.81 -23.52
C GLY OA 44 -143.35 -47.57 -24.86
N SER OA 45 -142.28 -48.30 -25.14
CA SER OA 45 -141.53 -48.14 -26.37
C SER OA 45 -141.69 -49.32 -27.27
N ASP OA 46 -141.22 -49.16 -28.51
CA ASP OA 46 -141.35 -50.22 -29.48
C ASP OA 46 -140.68 -51.47 -28.93
N ASN OA 47 -141.49 -52.52 -28.83
CA ASN OA 47 -141.03 -53.81 -28.35
C ASN OA 47 -139.81 -54.29 -29.12
N SER OA 48 -139.83 -54.10 -30.44
CA SER OA 48 -138.99 -54.86 -31.35
C SER OA 48 -137.65 -54.20 -31.68
N LEU OA 49 -137.36 -53.01 -31.14
CA LEU OA 49 -136.08 -52.40 -31.40
C LEU OA 49 -135.02 -52.86 -30.40
N LEU OA 50 -133.76 -52.59 -30.73
CA LEU OA 50 -132.68 -52.90 -29.82
C LEU OA 50 -132.41 -51.76 -28.86
N VAL OA 51 -132.90 -50.57 -29.17
CA VAL OA 51 -132.76 -49.41 -28.32
C VAL OA 51 -134.14 -49.04 -27.80
N ARG OA 52 -134.19 -48.61 -26.55
CA ARG OA 52 -135.44 -48.18 -25.97
C ARG OA 52 -135.16 -47.00 -25.04
N PRO OA 53 -136.14 -46.10 -24.86
CA PRO OA 53 -135.91 -44.88 -24.09
C PRO OA 53 -135.60 -45.20 -22.63
N THR OA 54 -134.51 -44.61 -22.16
CA THR OA 54 -134.09 -44.74 -20.77
C THR OA 54 -133.96 -43.35 -20.19
N GLN OA 55 -134.07 -43.27 -18.87
CA GLN OA 55 -133.65 -42.07 -18.15
C GLN OA 55 -132.95 -42.52 -16.88
N GLN OA 56 -131.76 -41.99 -16.66
CA GLN OA 56 -131.07 -42.29 -15.41
C GLN OA 56 -131.04 -41.04 -14.54
N PHE OA 57 -130.97 -41.31 -13.23
CA PHE OA 57 -130.78 -40.29 -12.21
C PHE OA 57 -129.68 -40.76 -11.29
N ASN OA 58 -128.78 -39.87 -10.91
CA ASN OA 58 -127.84 -40.21 -9.85
C ASN OA 58 -127.52 -38.98 -9.02
N CYS OA 59 -127.30 -39.21 -7.73
CA CYS OA 59 -127.02 -38.17 -6.76
C CYS OA 59 -125.59 -38.33 -6.25
N VAL OA 60 -124.98 -37.21 -5.89
CA VAL OA 60 -123.63 -37.16 -5.35
C VAL OA 60 -123.59 -36.08 -4.29
N SER OA 61 -122.80 -36.30 -3.24
CA SER OA 61 -122.59 -35.32 -2.20
C SER OA 61 -121.10 -35.23 -1.92
N SER OA 62 -120.63 -34.02 -1.61
CA SER OA 62 -119.23 -33.81 -1.21
C SER OA 62 -119.14 -32.92 0.01
N GLN OA 63 -118.12 -33.21 0.82
CA GLN OA 63 -117.91 -32.50 2.08
C GLN OA 63 -117.25 -31.15 1.87
N TYR OA 64 -116.47 -30.99 0.79
CA TYR OA 64 -115.70 -29.79 0.48
C TYR OA 64 -116.33 -29.06 -0.69
N PRO OA 65 -117.33 -28.20 -0.45
CA PRO OA 65 -118.08 -27.63 -1.57
C PRO OA 65 -117.32 -26.56 -2.31
N TYR OA 66 -116.24 -26.05 -1.71
CA TYR OA 66 -115.43 -24.98 -2.27
C TYR OA 66 -114.20 -25.51 -2.98
N ARG OA 67 -114.15 -26.79 -3.32
CA ARG OA 67 -112.92 -27.38 -3.83
C ARG OA 67 -112.49 -26.72 -5.12
N ASN OA 68 -113.42 -26.60 -6.07
CA ASN OA 68 -113.12 -26.04 -7.37
C ASN OA 68 -113.23 -24.52 -7.39
N TYR OA 69 -113.70 -23.91 -6.32
CA TYR OA 69 -113.87 -22.46 -6.28
C TYR OA 69 -112.74 -21.84 -5.47
N SER OA 70 -111.61 -21.58 -6.13
CA SER OA 70 -110.47 -21.04 -5.42
C SER OA 70 -110.50 -19.53 -5.31
N LYS OA 71 -111.20 -18.84 -6.23
CA LYS OA 71 -111.24 -17.38 -6.17
C LYS OA 71 -112.08 -16.86 -5.00
N ILE OA 72 -112.62 -17.75 -4.19
CA ILE OA 72 -113.35 -17.39 -2.98
C ILE OA 72 -112.39 -17.51 -1.79
N PRO OA 73 -112.29 -16.49 -0.94
CA PRO OA 73 -111.41 -16.59 0.22
C PRO OA 73 -112.03 -17.42 1.32
N ARG OA 74 -111.15 -18.02 2.13
CA ARG OA 74 -111.64 -18.82 3.26
C ARG OA 74 -112.53 -18.01 4.18
N SER OA 75 -112.18 -16.74 4.42
CA SER OA 75 -112.98 -15.85 5.25
C SER OA 75 -114.42 -15.68 4.74
N GLN OA 76 -114.71 -16.10 3.51
CA GLN OA 76 -116.06 -16.05 2.97
C GLN OA 76 -116.64 -17.41 2.66
N GLN OA 77 -115.88 -18.49 2.90
CA GLN OA 77 -116.39 -19.86 2.71
C GLN OA 77 -117.12 -20.31 3.97
N ASP OA 78 -118.39 -20.67 3.82
CA ASP OA 78 -119.19 -21.16 4.95
C ASP OA 78 -118.71 -22.53 5.38
N PRO OA 79 -118.09 -22.65 6.56
CA PRO OA 79 -117.53 -23.96 6.95
C PRO OA 79 -118.58 -25.01 7.25
N LEU OA 80 -119.85 -24.62 7.34
CA LEU OA 80 -120.94 -25.57 7.47
C LEU OA 80 -121.59 -25.92 6.13
N ALA OA 81 -121.06 -25.41 5.03
CA ALA OA 81 -121.66 -25.69 3.73
C ALA OA 81 -121.30 -27.08 3.27
N VAL OA 82 -122.22 -27.70 2.55
CA VAL OA 82 -122.06 -29.05 2.02
C VAL OA 82 -122.51 -29.02 0.57
N ARG OA 83 -121.82 -29.78 -0.29
CA ARG OA 83 -122.14 -29.79 -1.72
C ARG OA 83 -123.10 -30.92 -2.03
N ARG OA 84 -124.26 -30.59 -2.59
CA ARG OA 84 -125.21 -31.60 -3.08
C ARG OA 84 -125.34 -31.43 -4.58
N GLU OA 85 -125.20 -32.52 -5.34
CA GLU OA 85 -125.45 -32.47 -6.77
C GLU OA 85 -126.30 -33.68 -7.19
N PHE OA 86 -126.98 -33.50 -8.31
CA PHE OA 86 -127.69 -34.58 -8.97
C PHE OA 86 -127.56 -34.42 -10.47
N TYR OA 87 -127.86 -35.50 -11.19
CA TYR OA 87 -127.62 -35.57 -12.62
C TYR OA 87 -128.66 -36.50 -13.25
N THR OA 88 -129.36 -36.00 -14.26
CA THR OA 88 -130.28 -36.84 -15.01
C THR OA 88 -129.80 -36.86 -16.46
N ARG OA 89 -130.00 -38.02 -17.10
CA ARG OA 89 -129.71 -38.17 -18.52
C ARG OA 89 -130.81 -39.01 -19.16
N ARG OA 90 -131.56 -38.39 -20.06
CA ARG OA 90 -132.65 -39.04 -20.77
C ARG OA 90 -132.21 -39.28 -22.20
N VAL OA 91 -132.30 -40.53 -22.63
CA VAL OA 91 -132.14 -40.88 -24.04
C VAL OA 91 -133.47 -41.42 -24.51
N GLU OA 92 -133.97 -40.88 -25.63
CA GLU OA 92 -135.09 -41.49 -26.31
C GLU OA 92 -134.69 -41.76 -27.76
N TYR OA 93 -135.46 -42.64 -28.39
CA TYR OA 93 -135.16 -43.11 -29.74
C TYR OA 93 -136.42 -42.97 -30.58
N TRP OA 94 -136.47 -41.91 -31.39
CA TRP OA 94 -137.61 -41.66 -32.26
C TRP OA 94 -137.60 -42.60 -33.46
N ARG OA 95 -138.75 -42.70 -34.12
CA ARG OA 95 -138.93 -43.55 -35.29
C ARG OA 95 -139.57 -42.73 -36.40
N LYS OA 96 -138.88 -42.56 -37.51
CA LYS OA 96 -139.49 -41.89 -38.64
C LYS OA 96 -139.93 -42.96 -39.64
N ALA OA 97 -141.18 -42.85 -40.09
CA ALA OA 97 -141.77 -43.69 -41.12
C ALA OA 97 -143.07 -43.05 -41.57
N ASP OA 98 -143.49 -43.36 -42.79
CA ASP OA 98 -144.83 -42.99 -43.27
C ASP OA 98 -145.67 -44.22 -43.50
N ALA OA 99 -146.92 -44.18 -43.02
CA ALA OA 99 -147.84 -45.29 -43.25
C ALA OA 99 -148.27 -45.38 -44.71
N SER OA 100 -148.00 -44.34 -45.50
CA SER OA 100 -148.40 -44.33 -46.90
C SER OA 100 -147.65 -45.40 -47.69
N ASN OA 101 -146.34 -45.44 -47.55
CA ASN OA 101 -145.49 -46.33 -48.34
C ASN OA 101 -144.80 -47.28 -47.37
N VAL OA 102 -145.17 -48.56 -47.41
CA VAL OA 102 -144.52 -49.55 -46.56
C VAL OA 102 -143.21 -50.04 -47.16
N ASP OA 103 -143.00 -49.82 -48.46
CA ASP OA 103 -141.66 -50.02 -49.02
C ASP OA 103 -140.63 -49.16 -48.31
N ALA OA 104 -141.01 -47.93 -47.94
CA ALA OA 104 -140.05 -46.98 -47.44
C ALA OA 104 -139.49 -47.44 -46.09
N PRO OA 105 -138.18 -47.28 -45.87
CA PRO OA 105 -137.58 -47.83 -44.65
C PRO OA 105 -137.90 -46.97 -43.45
N GLU OA 106 -137.97 -47.63 -42.30
CA GLU OA 106 -138.16 -46.95 -41.03
C GLU OA 106 -136.79 -46.64 -40.45
N TYR OA 107 -136.60 -45.41 -40.00
CA TYR OA 107 -135.32 -45.01 -39.41
C TYR OA 107 -135.48 -44.74 -37.92
N THR OA 108 -134.42 -44.99 -37.18
CA THR OA 108 -134.36 -44.73 -35.74
C THR OA 108 -133.47 -43.50 -35.52
N LEU OA 109 -134.04 -42.49 -34.90
CA LEU OA 109 -133.35 -41.22 -34.65
C LEU OA 109 -133.07 -41.08 -33.17
N PRO OA 110 -131.82 -41.18 -32.73
CA PRO OA 110 -131.53 -41.03 -31.31
C PRO OA 110 -131.42 -39.57 -30.86
N GLN OA 111 -131.88 -39.33 -29.63
CA GLN OA 111 -131.88 -38.02 -29.01
C GLN OA 111 -131.51 -38.18 -27.55
N SER OA 112 -130.64 -37.31 -27.03
CA SER OA 112 -130.22 -37.41 -25.64
C SER OA 112 -130.07 -36.02 -25.02
N CYS OA 113 -130.41 -35.94 -23.74
CA CYS OA 113 -130.37 -34.67 -23.02
C CYS OA 113 -130.03 -34.91 -21.56
N SER OA 114 -129.15 -34.09 -21.01
CA SER OA 114 -128.65 -34.30 -19.66
C SER OA 114 -128.58 -32.98 -18.89
N ILE OA 115 -128.96 -33.04 -17.62
CA ILE OA 115 -128.95 -31.89 -16.72
C ILE OA 115 -128.17 -32.25 -15.46
N ARG OA 116 -127.17 -31.43 -15.12
CA ARG OA 116 -126.38 -31.61 -13.91
C ARG OA 116 -126.53 -30.37 -13.05
N LEU OA 117 -126.99 -30.55 -11.82
CA LEU OA 117 -127.18 -29.46 -10.87
C LEU OA 117 -126.32 -29.72 -9.65
N ALA OA 118 -125.48 -28.73 -9.29
CA ALA OA 118 -124.52 -28.88 -8.20
C ALA OA 118 -124.56 -27.61 -7.39
N SER OA 119 -125.17 -27.69 -6.20
CA SER OA 119 -125.37 -26.54 -5.35
C SER OA 119 -124.53 -26.68 -4.09
N THR OA 120 -124.10 -25.54 -3.55
CA THR OA 120 -123.69 -25.56 -2.16
C THR OA 120 -124.94 -25.33 -1.31
N VAL OA 121 -125.00 -26.00 -0.17
CA VAL OA 121 -126.20 -25.99 0.67
C VAL OA 121 -125.78 -25.74 2.10
N THR OA 122 -126.46 -24.79 2.74
CA THR OA 122 -126.40 -24.53 4.16
C THR OA 122 -127.82 -24.59 4.70
N LYS OA 123 -127.96 -24.40 6.02
CA LYS OA 123 -129.27 -24.57 6.65
C LYS OA 123 -130.32 -23.65 6.04
N GLU OA 124 -129.93 -22.54 5.42
CA GLU OA 124 -130.88 -21.59 4.87
C GLU OA 124 -131.15 -21.78 3.38
N THR OA 125 -130.44 -22.70 2.73
CA THR OA 125 -130.76 -23.04 1.34
C THR OA 125 -132.08 -23.78 1.29
N THR OA 126 -133.00 -23.30 0.46
CA THR OA 126 -134.31 -23.93 0.33
C THR OA 126 -134.45 -24.67 -1.00
N ALA OA 127 -135.44 -25.56 -1.01
CA ALA OA 127 -135.77 -26.30 -2.21
C ALA OA 127 -136.02 -25.37 -3.38
N ALA OA 128 -136.85 -24.34 -3.15
CA ALA OA 128 -137.19 -23.39 -4.21
C ALA OA 128 -135.99 -22.55 -4.62
N ASP OA 129 -135.09 -22.22 -3.69
CA ASP OA 129 -133.85 -21.54 -4.06
C ASP OA 129 -133.08 -22.38 -5.08
N ILE OA 130 -132.96 -23.68 -4.81
CA ILE OA 130 -132.19 -24.51 -5.73
C ILE OA 130 -132.95 -24.70 -7.04
N ALA OA 131 -134.28 -24.79 -6.99
CA ALA OA 131 -135.05 -24.83 -8.22
C ALA OA 131 -134.83 -23.60 -9.08
N GLY OA 132 -134.54 -22.47 -8.44
CA GLY OA 132 -134.38 -21.23 -9.17
C GLY OA 132 -133.22 -21.27 -10.16
N ILE OA 133 -132.13 -21.95 -9.80
CA ILE OA 133 -130.99 -21.92 -10.70
C ILE OA 133 -131.26 -22.74 -11.95
N VAL OA 134 -132.03 -23.82 -11.85
CA VAL OA 134 -132.43 -24.55 -13.04
C VAL OA 134 -133.30 -23.68 -13.95
N LEU OA 135 -134.25 -22.96 -13.35
CA LEU OA 135 -135.13 -22.10 -14.13
C LEU OA 135 -134.38 -20.93 -14.76
N ARG OA 136 -133.31 -20.45 -14.09
CA ARG OA 136 -132.52 -19.37 -14.66
C ARG OA 136 -131.56 -19.87 -15.73
N THR OA 137 -131.08 -21.10 -15.62
CA THR OA 137 -130.33 -21.69 -16.72
C THR OA 137 -131.22 -21.88 -17.94
N LEU OA 138 -132.47 -22.32 -17.73
CA LEU OA 138 -133.37 -22.51 -18.86
C LEU OA 138 -133.82 -21.19 -19.47
N ALA OA 139 -133.97 -20.14 -18.65
CA ALA OA 139 -134.62 -18.91 -19.07
C ALA OA 139 -134.05 -18.29 -20.35
N PRO OA 140 -132.73 -18.20 -20.55
CA PRO OA 140 -132.25 -17.53 -21.78
C PRO OA 140 -132.48 -18.34 -23.04
N ILE OA 141 -132.56 -19.67 -22.95
CA ILE OA 141 -132.84 -20.50 -24.11
C ILE OA 141 -134.32 -20.46 -24.47
N PHE OA 142 -135.20 -20.40 -23.47
CA PHE OA 142 -136.65 -20.42 -23.68
C PHE OA 142 -137.24 -19.14 -23.12
N PRO OA 143 -136.88 -17.98 -23.68
CA PRO OA 143 -137.24 -16.71 -23.02
C PRO OA 143 -138.73 -16.42 -23.05
N ASN OA 144 -139.49 -17.05 -23.95
CA ASN OA 144 -140.94 -17.01 -23.92
C ASN OA 144 -141.53 -18.36 -23.53
N GLY OA 145 -140.74 -19.20 -22.87
CA GLY OA 145 -141.26 -20.49 -22.45
C GLY OA 145 -141.69 -21.29 -23.66
N SER OA 146 -142.79 -22.02 -23.51
CA SER OA 146 -143.28 -22.83 -24.61
C SER OA 146 -143.84 -22.01 -25.76
N GLY OA 147 -143.78 -20.68 -25.71
CA GLY OA 147 -144.41 -19.87 -26.75
C GLY OA 147 -143.71 -19.94 -28.10
N ASP OA 148 -142.45 -19.54 -28.16
CA ASP OA 148 -141.69 -19.60 -29.40
C ASP OA 148 -140.39 -20.31 -29.14
N TRP OA 149 -139.80 -20.84 -30.22
CA TRP OA 149 -138.57 -21.61 -30.11
C TRP OA 149 -137.41 -20.90 -30.80
N ILE OA 150 -137.39 -19.57 -30.77
CA ILE OA 150 -136.47 -18.83 -31.64
C ILE OA 150 -135.04 -19.03 -31.19
N LYS OA 151 -134.78 -18.85 -29.89
CA LYS OA 151 -133.41 -19.00 -29.40
C LYS OA 151 -132.99 -20.46 -29.44
N LEU OA 152 -133.90 -21.38 -29.16
CA LEU OA 152 -133.56 -22.79 -29.31
C LEU OA 152 -133.12 -23.09 -30.73
N GLN OA 153 -133.92 -22.66 -31.71
CA GLN OA 153 -133.61 -22.94 -33.11
C GLN OA 153 -132.25 -22.37 -33.48
N GLN OA 154 -131.97 -21.15 -33.02
CA GLN OA 154 -130.65 -20.59 -33.35
C GLN OA 154 -129.52 -21.33 -32.63
N LEU OA 155 -129.81 -22.03 -31.52
CA LEU OA 155 -128.80 -22.91 -30.95
C LEU OA 155 -128.59 -24.15 -31.81
N ILE OA 156 -129.66 -24.67 -32.39
CA ILE OA 156 -129.52 -25.81 -33.30
C ILE OA 156 -128.78 -25.42 -34.56
N ASP OA 157 -128.87 -24.14 -34.96
CA ASP OA 157 -128.21 -23.66 -36.17
C ASP OA 157 -126.72 -23.44 -35.98
N GLY OA 158 -126.22 -23.49 -34.75
CA GLY OA 158 -124.81 -23.29 -34.47
C GLY OA 158 -124.45 -21.83 -34.25
N LEU OA 159 -125.32 -21.09 -33.55
CA LEU OA 159 -125.16 -19.66 -33.31
C LEU OA 159 -125.11 -19.46 -31.80
N PRO OA 160 -123.95 -19.72 -31.17
CA PRO OA 160 -123.88 -19.76 -29.70
C PRO OA 160 -124.15 -18.44 -29.01
N ARG OA 161 -124.00 -17.31 -29.69
CA ARG OA 161 -124.12 -16.01 -29.06
C ARG OA 161 -125.59 -15.70 -28.82
N ILE OA 162 -126.03 -15.88 -27.58
CA ILE OA 162 -127.45 -15.75 -27.22
C ILE OA 162 -127.76 -14.37 -26.68
N PHE OA 163 -126.90 -13.82 -25.83
CA PHE OA 163 -127.03 -12.45 -25.38
C PHE OA 163 -126.30 -11.47 -26.29
N GLY OA 164 -125.65 -11.96 -27.36
CA GLY OA 164 -124.92 -11.10 -28.28
C GLY OA 164 -123.43 -11.31 -28.37
N SER PA 1 -127.43 1.19 5.29
CA SER PA 1 -127.32 2.41 6.07
C SER PA 1 -125.94 3.05 5.90
N TYR PA 2 -124.94 2.21 5.65
CA TYR PA 2 -123.57 2.66 5.43
C TYR PA 2 -123.50 3.67 4.28
N THR PA 3 -122.81 4.78 4.53
CA THR PA 3 -122.51 5.75 3.49
C THR PA 3 -121.00 5.90 3.36
N ILE PA 4 -120.58 6.25 2.15
CA ILE PA 4 -119.17 6.51 1.84
C ILE PA 4 -118.99 8.02 1.74
N ASP PA 5 -118.08 8.56 2.54
CA ASP PA 5 -117.72 9.96 2.49
C ASP PA 5 -116.32 10.07 1.92
N ILE PA 6 -116.18 10.80 0.82
CA ILE PA 6 -114.84 11.17 0.38
C ILE PA 6 -114.25 12.11 1.42
N ASN PA 7 -113.03 11.83 1.85
CA ASN PA 7 -112.41 12.67 2.86
C ASN PA 7 -111.58 13.76 2.20
N CYS PA 8 -112.22 14.54 1.34
CA CYS PA 8 -111.50 15.50 0.50
C CYS PA 8 -112.08 16.90 0.66
N SER PA 9 -111.39 17.86 0.07
CA SER PA 9 -111.87 19.23 -0.06
C SER PA 9 -112.38 19.43 -1.48
N THR PA 10 -113.64 19.84 -1.59
CA THR PA 10 -114.28 20.15 -2.87
C THR PA 10 -114.95 21.50 -2.81
N GLY PA 11 -115.11 22.10 -3.99
CA GLY PA 11 -115.65 23.42 -4.11
C GLY PA 11 -117.10 23.42 -4.61
N ASP PA 12 -117.59 24.63 -4.84
CA ASP PA 12 -118.93 24.84 -5.35
C ASP PA 12 -118.96 24.95 -6.87
N THR PA 13 -117.87 25.39 -7.47
CA THR PA 13 -117.86 25.69 -8.89
C THR PA 13 -117.65 24.44 -9.71
N GLN PA 14 -118.15 24.46 -10.95
CA GLN PA 14 -117.97 23.34 -11.86
C GLN PA 14 -117.61 23.86 -13.24
N ALA PA 15 -116.94 23.00 -14.00
CA ALA PA 15 -116.44 23.36 -15.33
C ALA PA 15 -116.53 22.18 -16.27
N ASN PA 16 -116.73 22.48 -17.55
CA ASN PA 16 -116.84 21.45 -18.59
C ASN PA 16 -115.47 21.17 -19.19
N LEU PA 17 -114.94 19.96 -18.99
CA LEU PA 17 -113.82 19.44 -19.76
C LEU PA 17 -114.43 18.68 -20.93
N VAL PA 18 -114.31 19.22 -22.14
CA VAL PA 18 -115.13 18.75 -23.25
C VAL PA 18 -114.33 17.76 -24.07
N LEU PA 19 -114.83 16.53 -24.09
CA LEU PA 19 -114.22 15.40 -24.77
C LEU PA 19 -114.81 15.25 -26.16
N THR PA 20 -113.93 15.00 -27.12
CA THR PA 20 -114.33 14.65 -28.47
C THR PA 20 -114.23 13.14 -28.63
N GLU PA 21 -115.26 12.53 -29.22
CA GLU PA 21 -115.40 11.08 -29.18
C GLU PA 21 -114.32 10.38 -29.99
N ILE PA 22 -113.97 9.18 -29.55
CA ILE PA 22 -112.99 8.34 -30.21
C ILE PA 22 -113.74 7.14 -30.78
N PRO PA 23 -113.95 7.07 -32.10
CA PRO PA 23 -114.75 5.98 -32.67
C PRO PA 23 -114.11 4.63 -32.45
N ALA PA 24 -114.92 3.65 -32.06
CA ALA PA 24 -114.36 2.32 -31.80
C ALA PA 24 -114.07 1.58 -33.10
N GLU PA 25 -114.93 1.78 -34.11
CA GLU PA 25 -114.86 1.10 -35.39
C GLU PA 25 -113.44 0.94 -35.96
N PRO PA 26 -112.55 1.95 -35.91
CA PRO PA 26 -111.23 1.78 -36.52
C PRO PA 26 -110.20 0.99 -35.71
N TYR PA 27 -110.42 0.71 -34.43
CA TYR PA 27 -109.37 0.10 -33.62
C TYR PA 27 -109.33 -1.41 -33.82
N VAL PA 28 -108.13 -1.98 -33.70
CA VAL PA 28 -107.90 -3.41 -33.97
C VAL PA 28 -106.95 -4.00 -32.95
N HIS PA 29 -107.30 -5.17 -32.41
CA HIS PA 29 -106.44 -5.89 -31.46
C HIS PA 29 -105.07 -6.20 -32.09
N VAL PA 30 -104.02 -5.94 -31.32
CA VAL PA 30 -102.67 -6.16 -31.83
C VAL PA 30 -101.86 -7.11 -30.93
N SER PA 31 -102.16 -7.11 -29.63
CA SER PA 31 -101.39 -7.95 -28.73
C SER PA 31 -102.08 -8.00 -27.37
N GLY PA 32 -101.79 -9.08 -26.65
CA GLY PA 32 -102.35 -9.35 -25.35
C GLY PA 32 -103.36 -10.48 -25.40
N ASP PA 33 -104.01 -10.70 -24.26
CA ASP PA 33 -105.11 -11.64 -24.13
C ASP PA 33 -106.39 -10.88 -23.81
N ASN PA 34 -107.51 -11.34 -24.37
CA ASN PA 34 -108.79 -10.68 -24.12
C ASN PA 34 -109.24 -10.77 -22.67
N LYS PA 35 -108.47 -11.45 -21.81
CA LYS PA 35 -108.79 -11.57 -20.40
C LYS PA 35 -108.18 -10.46 -19.56
N SER PA 36 -106.86 -10.27 -19.64
CA SER PA 36 -106.15 -9.32 -18.77
C SER PA 36 -105.78 -8.03 -19.49
N THR PA 37 -105.03 -8.10 -20.58
CA THR PA 37 -104.43 -6.93 -21.20
C THR PA 37 -104.63 -6.95 -22.71
N ILE PA 38 -105.02 -5.81 -23.28
CA ILE PA 38 -105.35 -5.70 -24.70
C ILE PA 38 -104.77 -4.40 -25.26
N GLU PA 39 -104.20 -4.47 -26.46
CA GLU PA 39 -103.62 -3.29 -27.10
C GLU PA 39 -104.29 -3.07 -28.46
N TYR PA 40 -105.04 -1.98 -28.59
CA TYR PA 40 -105.68 -1.65 -29.86
C TYR PA 40 -104.81 -0.71 -30.69
N LEU PA 41 -104.93 -0.86 -32.02
CA LEU PA 41 -104.27 -0.01 -33.00
C LEU PA 41 -105.31 0.75 -33.79
N ASP PA 42 -105.15 2.08 -33.85
CA ASP PA 42 -105.99 2.95 -34.66
C ASP PA 42 -105.57 2.79 -36.12
N THR PA 43 -106.34 2.02 -36.87
CA THR PA 43 -106.12 1.91 -38.32
C THR PA 43 -106.45 3.20 -39.06
N GLY PA 44 -106.91 4.24 -38.36
CA GLY PA 44 -107.19 5.50 -39.01
C GLY PA 44 -105.95 6.37 -39.13
N SER PA 45 -104.78 5.73 -39.21
CA SER PA 45 -103.52 6.43 -39.25
C SER PA 45 -102.82 6.17 -40.58
N ASP PA 46 -101.62 6.74 -40.71
CA ASP PA 46 -100.85 6.60 -41.94
C ASP PA 46 -100.38 5.16 -42.12
N ASN PA 47 -100.44 4.66 -43.36
CA ASN PA 47 -99.88 3.35 -43.67
C ASN PA 47 -98.36 3.36 -43.56
N SER PA 48 -97.72 4.45 -44.01
CA SER PA 48 -96.32 4.45 -44.42
C SER PA 48 -95.35 4.68 -43.28
N LEU PA 49 -95.82 4.61 -42.05
CA LEU PA 49 -94.98 4.75 -40.87
C LEU PA 49 -94.87 3.42 -40.13
N LEU PA 50 -93.70 3.16 -39.57
CA LEU PA 50 -93.56 2.00 -38.70
C LEU PA 50 -94.25 2.20 -37.37
N VAL PA 51 -94.61 3.43 -37.03
CA VAL PA 51 -95.34 3.74 -35.80
C VAL PA 51 -96.74 4.17 -36.17
N ARG PA 52 -97.71 3.70 -35.39
CA ARG PA 52 -99.10 4.06 -35.57
C ARG PA 52 -99.77 4.15 -34.20
N PRO PA 53 -100.78 5.01 -34.07
CA PRO PA 53 -101.37 5.26 -32.76
C PRO PA 53 -102.06 4.03 -32.19
N THR PA 54 -101.82 3.82 -30.90
CA THR PA 54 -102.26 2.62 -30.21
C THR PA 54 -102.67 2.98 -28.80
N GLN PA 55 -103.82 2.46 -28.36
CA GLN PA 55 -104.23 2.65 -26.98
C GLN PA 55 -104.42 1.29 -26.33
N GLN PA 56 -103.87 1.14 -25.14
CA GLN PA 56 -103.85 -0.12 -24.43
C GLN PA 56 -104.69 -0.02 -23.17
N PHE PA 57 -105.36 -1.13 -22.83
CA PHE PA 57 -106.16 -1.27 -21.62
C PHE PA 57 -105.73 -2.52 -20.87
N ASN PA 58 -105.77 -2.43 -19.54
CA ASN PA 58 -105.15 -3.45 -18.70
C ASN PA 58 -105.81 -3.42 -17.32
N CYS PA 59 -106.50 -4.50 -16.94
CA CYS PA 59 -107.20 -4.58 -15.66
C CYS PA 59 -106.59 -5.66 -14.77
N VAL PA 60 -106.63 -5.43 -13.45
CA VAL PA 60 -106.21 -6.39 -12.44
C VAL PA 60 -107.07 -6.21 -11.19
N SER PA 61 -107.01 -7.20 -10.31
CA SER PA 61 -107.84 -7.20 -9.10
C SER PA 61 -107.18 -8.08 -8.04
N SER PA 62 -107.42 -7.74 -6.78
CA SER PA 62 -106.75 -8.41 -5.68
C SER PA 62 -107.67 -8.49 -4.46
N GLN PA 63 -107.52 -9.59 -3.71
CA GLN PA 63 -108.27 -9.84 -2.49
C GLN PA 63 -107.63 -9.17 -1.28
N TYR PA 64 -106.54 -8.45 -1.46
CA TYR PA 64 -105.77 -7.87 -0.35
C TYR PA 64 -105.65 -6.37 -0.57
N PRO PA 65 -106.75 -5.63 -0.42
CA PRO PA 65 -106.77 -4.23 -0.86
C PRO PA 65 -105.89 -3.32 -0.02
N TYR PA 66 -105.50 -3.74 1.17
CA TYR PA 66 -104.71 -2.94 2.09
C TYR PA 66 -103.23 -3.30 2.08
N ARG PA 67 -102.77 -3.97 1.01
CA ARG PA 67 -101.42 -4.54 1.03
C ARG PA 67 -100.36 -3.45 1.15
N ASN PA 68 -100.51 -2.36 0.41
CA ASN PA 68 -99.52 -1.30 0.42
C ASN PA 68 -99.87 -0.18 1.39
N TYR PA 69 -101.09 -0.15 1.92
CA TYR PA 69 -101.53 0.90 2.82
C TYR PA 69 -101.33 0.45 4.27
N SER PA 70 -100.05 0.45 4.67
CA SER PA 70 -99.68 -0.11 5.96
C SER PA 70 -100.23 0.69 7.13
N LYS PA 71 -100.46 2.00 6.93
CA LYS PA 71 -100.80 2.90 8.02
C LYS PA 71 -102.30 2.92 8.34
N ILE PA 72 -103.08 1.99 7.81
CA ILE PA 72 -104.47 1.81 8.20
C ILE PA 72 -104.52 0.61 9.16
N PRO PA 73 -105.05 0.77 10.36
CA PRO PA 73 -105.14 -0.36 11.29
C PRO PA 73 -106.20 -1.37 10.85
N ARG PA 74 -106.04 -2.60 11.34
CA ARG PA 74 -107.00 -3.64 11.00
C ARG PA 74 -108.39 -3.31 11.53
N SER PA 75 -108.48 -2.60 12.65
CA SER PA 75 -109.77 -2.15 13.17
C SER PA 75 -110.50 -1.23 12.20
N GLN PA 76 -109.83 -0.71 11.18
CA GLN PA 76 -110.45 0.17 10.20
C GLN PA 76 -110.37 -0.37 8.78
N GLN PA 77 -109.94 -1.62 8.61
CA GLN PA 77 -109.88 -2.27 7.30
C GLN PA 77 -111.17 -3.05 7.04
N ASP PA 78 -111.91 -2.67 6.00
CA ASP PA 78 -113.16 -3.35 5.64
C ASP PA 78 -112.87 -4.72 5.07
N PRO PA 79 -113.21 -5.82 5.76
CA PRO PA 79 -112.82 -7.14 5.28
C PRO PA 79 -113.56 -7.59 4.04
N LEU PA 80 -114.75 -7.02 3.79
CA LEU PA 80 -115.47 -7.33 2.56
C LEU PA 80 -114.80 -6.69 1.36
N ALA PA 81 -114.11 -5.57 1.56
CA ALA PA 81 -113.62 -4.74 0.47
C ALA PA 81 -112.49 -5.43 -0.30
N VAL PA 82 -112.39 -5.08 -1.58
CA VAL PA 82 -111.56 -5.78 -2.57
C VAL PA 82 -110.97 -4.74 -3.51
N ARG PA 83 -109.74 -4.97 -3.98
CA ARG PA 83 -109.04 -4.01 -4.83
C ARG PA 83 -109.31 -4.26 -6.31
N ARG PA 84 -109.77 -3.21 -7.00
CA ARG PA 84 -109.96 -3.21 -8.45
C ARG PA 84 -109.02 -2.17 -9.06
N GLU PA 85 -108.43 -2.47 -10.23
CA GLU PA 85 -107.50 -1.52 -10.82
C GLU PA 85 -107.53 -1.66 -12.34
N PHE PA 86 -107.39 -0.53 -13.03
CA PHE PA 86 -107.22 -0.52 -14.48
C PHE PA 86 -106.16 0.51 -14.87
N TYR PA 87 -105.68 0.36 -16.10
CA TYR PA 87 -104.56 1.12 -16.64
C TYR PA 87 -104.80 1.31 -18.13
N THR PA 88 -104.78 2.55 -18.58
CA THR PA 88 -104.84 2.84 -20.00
C THR PA 88 -103.59 3.61 -20.38
N ARG PA 89 -103.07 3.33 -21.58
CA ARG PA 89 -101.93 4.06 -22.12
C ARG PA 89 -102.17 4.32 -23.61
N ARG PA 90 -102.34 5.59 -23.96
CA ARG PA 90 -102.51 5.99 -25.34
C ARG PA 90 -101.20 6.58 -25.84
N VAL PA 91 -100.72 6.05 -26.97
CA VAL PA 91 -99.57 6.59 -27.67
C VAL PA 91 -100.09 7.04 -29.02
N GLU PA 92 -99.94 8.32 -29.33
CA GLU PA 92 -100.21 8.80 -30.67
C GLU PA 92 -98.96 9.45 -31.23
N TYR PA 93 -98.76 9.32 -32.54
CA TYR PA 93 -97.59 9.84 -33.24
C TYR PA 93 -98.06 10.94 -34.18
N TRP PA 94 -97.74 12.19 -33.86
CA TRP PA 94 -98.15 13.32 -34.68
C TRP PA 94 -97.23 13.47 -35.89
N ARG PA 95 -97.71 14.26 -36.84
CA ARG PA 95 -97.09 14.40 -38.15
C ARG PA 95 -96.97 15.91 -38.39
N LYS PA 96 -95.75 16.44 -38.40
CA LYS PA 96 -95.57 17.86 -38.67
C LYS PA 96 -95.00 18.06 -40.06
N ALA PA 97 -95.59 19.02 -40.78
CA ALA PA 97 -95.17 19.41 -42.12
C ALA PA 97 -95.99 20.61 -42.56
N ASP PA 98 -95.45 21.35 -43.53
CA ASP PA 98 -96.18 22.44 -44.18
C ASP PA 98 -96.46 22.05 -45.61
N ALA PA 99 -97.70 22.29 -46.04
CA ALA PA 99 -98.07 22.01 -47.43
C ALA PA 99 -97.51 23.05 -48.38
N SER PA 100 -97.12 24.22 -47.86
CA SER PA 100 -96.54 25.25 -48.70
C SER PA 100 -95.19 24.80 -49.28
N ASN PA 101 -94.39 24.11 -48.49
CA ASN PA 101 -93.03 23.73 -48.88
C ASN PA 101 -92.93 22.20 -48.78
N VAL PA 102 -93.02 21.52 -49.93
CA VAL PA 102 -92.88 20.07 -49.94
C VAL PA 102 -91.43 19.64 -49.89
N ASP PA 103 -90.49 20.57 -50.14
CA ASP PA 103 -89.08 20.28 -49.90
C ASP PA 103 -88.79 20.15 -48.42
N ALA PA 104 -89.52 20.88 -47.57
CA ALA PA 104 -89.23 20.87 -46.14
C ALA PA 104 -89.60 19.51 -45.54
N PRO PA 105 -88.75 18.95 -44.70
CA PRO PA 105 -88.93 17.56 -44.26
C PRO PA 105 -90.10 17.41 -43.30
N GLU PA 106 -90.70 16.23 -43.32
CA GLU PA 106 -91.80 15.89 -42.43
C GLU PA 106 -91.26 15.15 -41.22
N TYR PA 107 -91.82 15.44 -40.04
CA TYR PA 107 -91.33 14.84 -38.82
C TYR PA 107 -92.45 14.12 -38.07
N THR PA 108 -92.05 13.10 -37.31
CA THR PA 108 -92.94 12.35 -36.44
C THR PA 108 -92.70 12.78 -35.00
N LEU PA 109 -93.76 13.20 -34.33
CA LEU PA 109 -93.68 13.72 -32.96
C LEU PA 109 -94.43 12.79 -32.01
N PRO PA 110 -93.74 11.93 -31.26
CA PRO PA 110 -94.45 11.02 -30.36
C PRO PA 110 -94.96 11.69 -29.10
N GLN PA 111 -96.17 11.26 -28.71
CA GLN PA 111 -96.90 11.76 -27.55
C GLN PA 111 -97.51 10.55 -26.87
N SER PA 112 -97.51 10.53 -25.54
CA SER PA 112 -98.03 9.38 -24.80
C SER PA 112 -98.60 9.83 -23.46
N CYS PA 113 -99.68 9.17 -23.05
CA CYS PA 113 -100.39 9.55 -21.83
C CYS PA 113 -101.02 8.32 -21.21
N SER PA 114 -100.89 8.18 -19.89
CA SER PA 114 -101.37 6.99 -19.21
C SER PA 114 -102.11 7.35 -17.94
N ILE PA 115 -103.18 6.60 -17.68
CA ILE PA 115 -104.00 6.76 -16.49
C ILE PA 115 -104.07 5.43 -15.77
N ARG PA 116 -103.78 5.45 -14.47
CA ARG PA 116 -103.87 4.26 -13.63
C ARG PA 116 -104.83 4.55 -12.48
N LEU PA 117 -105.92 3.79 -12.41
CA LEU PA 117 -106.90 3.94 -11.34
C LEU PA 117 -106.95 2.66 -10.53
N ALA PA 118 -106.72 2.78 -9.22
CA ALA PA 118 -106.79 1.66 -8.30
C ALA PA 118 -107.72 2.07 -7.16
N SER PA 119 -108.88 1.42 -7.09
CA SER PA 119 -109.87 1.70 -6.04
C SER PA 119 -109.98 0.49 -5.12
N THR PA 120 -110.30 0.74 -3.84
CA THR PA 120 -110.84 -0.33 -3.02
C THR PA 120 -112.35 -0.23 -3.10
N VAL PA 121 -112.99 -1.26 -3.64
CA VAL PA 121 -114.43 -1.33 -3.81
C VAL PA 121 -115.01 -2.10 -2.65
N THR PA 122 -116.15 -1.64 -2.14
CA THR PA 122 -116.97 -2.38 -1.20
C THR PA 122 -118.40 -2.38 -1.73
N LYS PA 123 -119.32 -3.00 -0.97
CA LYS PA 123 -120.69 -3.15 -1.43
C LYS PA 123 -121.31 -1.81 -1.83
N GLU PA 124 -120.97 -0.75 -1.10
CA GLU PA 124 -121.58 0.56 -1.30
C GLU PA 124 -120.81 1.44 -2.28
N THR PA 125 -119.61 1.03 -2.69
CA THR PA 125 -118.86 1.78 -3.68
C THR PA 125 -119.60 1.74 -5.01
N THR PA 126 -119.84 2.91 -5.60
CA THR PA 126 -120.62 3.01 -6.83
C THR PA 126 -119.74 3.42 -8.01
N ALA PA 127 -120.33 3.25 -9.20
CA ALA PA 127 -119.73 3.72 -10.43
C ALA PA 127 -119.33 5.18 -10.30
N ALA PA 128 -120.30 6.02 -9.91
CA ALA PA 128 -120.05 7.46 -9.82
C ALA PA 128 -118.98 7.78 -8.77
N ASP PA 129 -118.98 7.06 -7.65
CA ASP PA 129 -117.94 7.27 -6.64
C ASP PA 129 -116.56 7.02 -7.23
N ILE PA 130 -116.42 5.97 -8.05
CA ILE PA 130 -115.10 5.70 -8.59
C ILE PA 130 -114.74 6.70 -9.69
N ALA PA 131 -115.73 7.17 -10.45
CA ALA PA 131 -115.46 8.25 -11.40
C ALA PA 131 -114.99 9.51 -10.70
N GLY PA 132 -115.51 9.76 -9.49
CA GLY PA 132 -115.17 10.97 -8.78
C GLY PA 132 -113.68 11.14 -8.55
N ILE PA 133 -112.97 10.04 -8.32
CA ILE PA 133 -111.54 10.20 -8.02
C ILE PA 133 -110.77 10.61 -9.27
N VAL PA 134 -111.15 10.08 -10.43
CA VAL PA 134 -110.55 10.54 -11.67
C VAL PA 134 -110.85 12.02 -11.89
N LEU PA 135 -112.09 12.43 -11.64
CA LEU PA 135 -112.46 13.83 -11.86
C LEU PA 135 -111.70 14.76 -10.92
N ARG PA 136 -111.54 14.36 -9.66
CA ARG PA 136 -110.81 15.18 -8.70
C ARG PA 136 -109.31 15.14 -8.93
N THR PA 137 -108.80 14.09 -9.58
CA THR PA 137 -107.41 14.09 -10.01
C THR PA 137 -107.18 15.07 -11.15
N LEU PA 138 -108.17 15.19 -12.04
CA LEU PA 138 -108.04 16.10 -13.17
C LEU PA 138 -108.21 17.55 -12.77
N ALA PA 139 -109.16 17.84 -11.88
CA ALA PA 139 -109.53 19.23 -11.59
C ALA PA 139 -108.38 20.15 -11.21
N PRO PA 140 -107.32 19.71 -10.52
CA PRO PA 140 -106.19 20.64 -10.28
C PRO PA 140 -105.48 21.05 -11.56
N ILE PA 141 -105.40 20.16 -12.55
CA ILE PA 141 -104.76 20.47 -13.82
C ILE PA 141 -105.68 21.28 -14.73
N PHE PA 142 -106.99 21.07 -14.65
CA PHE PA 142 -107.96 21.73 -15.52
C PHE PA 142 -108.96 22.50 -14.67
N PRO PA 143 -108.52 23.57 -14.00
CA PRO PA 143 -109.43 24.26 -13.08
C PRO PA 143 -110.62 24.88 -13.76
N ASN PA 144 -110.54 25.18 -15.06
CA ASN PA 144 -111.65 25.70 -15.84
C ASN PA 144 -112.05 24.76 -16.95
N GLY PA 145 -111.58 23.51 -16.90
CA GLY PA 145 -111.98 22.53 -17.91
C GLY PA 145 -111.36 22.93 -19.22
N SER PA 146 -112.13 22.87 -20.30
CA SER PA 146 -111.61 23.26 -21.59
C SER PA 146 -111.44 24.78 -21.72
N GLY PA 147 -111.90 25.57 -20.74
CA GLY PA 147 -111.93 27.02 -20.91
C GLY PA 147 -110.57 27.66 -21.14
N ASP PA 148 -109.56 27.19 -20.42
CA ASP PA 148 -108.18 27.64 -20.60
C ASP PA 148 -107.26 26.46 -20.34
N TRP PA 149 -105.98 26.63 -20.64
CA TRP PA 149 -105.00 25.56 -20.44
C TRP PA 149 -103.87 25.99 -19.51
N ILE PA 150 -104.12 26.94 -18.61
CA ILE PA 150 -103.01 27.65 -17.98
C ILE PA 150 -102.21 26.73 -17.06
N LYS PA 151 -102.91 25.94 -16.24
CA LYS PA 151 -102.19 25.08 -15.31
C LYS PA 151 -101.50 23.94 -16.05
N LEU PA 152 -102.13 23.44 -17.11
CA LEU PA 152 -101.47 22.43 -17.92
C LEU PA 152 -100.19 22.99 -18.54
N GLN PA 153 -100.25 24.23 -19.03
CA GLN PA 153 -99.07 24.87 -19.59
C GLN PA 153 -97.97 24.99 -18.55
N GLN PA 154 -98.33 25.32 -17.31
CA GLN PA 154 -97.33 25.35 -16.25
C GLN PA 154 -96.68 23.99 -16.06
N LEU PA 155 -97.50 22.93 -16.06
CA LEU PA 155 -96.95 21.58 -15.92
C LEU PA 155 -95.95 21.27 -17.02
N ILE PA 156 -96.29 21.63 -18.26
CA ILE PA 156 -95.37 21.38 -19.36
C ILE PA 156 -94.11 22.23 -19.21
N ASP PA 157 -94.27 23.51 -18.85
CA ASP PA 157 -93.15 24.41 -18.62
C ASP PA 157 -92.24 23.92 -17.50
N GLY PA 158 -92.73 23.03 -16.65
CA GLY PA 158 -91.93 22.42 -15.61
C GLY PA 158 -92.14 22.97 -14.23
N LEU PA 159 -93.30 23.54 -13.95
CA LEU PA 159 -93.59 24.28 -12.72
C LEU PA 159 -94.55 23.49 -11.85
N PRO PA 160 -94.05 22.57 -11.02
CA PRO PA 160 -94.94 21.58 -10.38
C PRO PA 160 -95.80 22.14 -9.26
N ARG PA 161 -95.51 23.35 -8.76
CA ARG PA 161 -96.28 23.95 -7.68
C ARG PA 161 -97.62 24.45 -8.25
N ILE PA 162 -98.61 23.56 -8.25
CA ILE PA 162 -99.91 23.86 -8.81
C ILE PA 162 -100.84 24.48 -7.76
N PHE PA 163 -100.72 24.06 -6.51
CA PHE PA 163 -101.50 24.65 -5.43
C PHE PA 163 -100.77 25.79 -4.76
N GLY PA 164 -99.72 26.29 -5.40
CA GLY PA 164 -98.91 27.34 -4.81
C GLY PA 164 -97.71 26.78 -4.08
N SER QA 1 20.03 -5.20 155.29
CA SER QA 1 21.06 -5.57 154.32
C SER QA 1 20.83 -7.01 153.86
N TYR QA 2 20.84 -7.21 152.53
CA TYR QA 2 20.40 -8.47 151.94
C TYR QA 2 21.22 -9.65 152.43
N THR QA 3 20.53 -10.76 152.72
CA THR QA 3 21.17 -12.05 153.00
C THR QA 3 20.65 -13.09 152.02
N ILE QA 4 21.47 -14.12 151.79
CA ILE QA 4 21.18 -15.20 150.86
C ILE QA 4 20.83 -16.44 151.65
N ASP QA 5 19.60 -16.94 151.45
CA ASP QA 5 19.12 -18.19 152.02
C ASP QA 5 19.24 -19.28 150.98
N ILE QA 6 20.02 -20.32 151.27
CA ILE QA 6 19.99 -21.49 150.40
C ILE QA 6 18.69 -22.22 150.73
N ASN QA 7 17.71 -22.06 149.87
CA ASN QA 7 16.42 -22.71 150.07
C ASN QA 7 16.66 -24.19 149.86
N CYS QA 8 16.79 -24.94 150.95
CA CYS QA 8 17.38 -26.27 150.84
C CYS QA 8 17.37 -26.94 152.21
N SER QA 9 17.53 -28.26 152.22
CA SER QA 9 17.61 -29.04 153.44
C SER QA 9 19.06 -29.45 153.73
N THR QA 10 19.61 -28.96 154.85
CA THR QA 10 20.93 -29.35 155.32
C THR QA 10 20.82 -30.08 156.65
N GLY QA 11 21.92 -30.74 157.02
CA GLY QA 11 21.97 -31.57 158.21
C GLY QA 11 23.01 -31.08 159.19
N ASP QA 12 23.07 -31.67 160.39
CA ASP QA 12 24.06 -31.22 161.36
C ASP QA 12 25.42 -31.89 161.15
N THR QA 13 25.42 -33.14 160.72
CA THR QA 13 26.63 -33.93 160.61
C THR QA 13 27.53 -33.46 159.45
N GLN QA 14 28.83 -33.72 159.56
CA GLN QA 14 29.75 -33.41 158.48
C GLN QA 14 30.73 -34.55 158.29
N ALA QA 15 31.07 -34.83 157.04
CA ALA QA 15 32.05 -35.84 156.68
C ALA QA 15 33.21 -35.23 155.93
N ASN QA 16 34.35 -35.92 155.96
CA ASN QA 16 35.54 -35.53 155.21
C ASN QA 16 35.60 -36.35 153.92
N LEU QA 17 35.55 -35.68 152.77
CA LEU QA 17 35.92 -36.27 151.49
C LEU QA 17 37.39 -35.96 151.29
N VAL QA 18 38.24 -36.97 151.36
CA VAL QA 18 39.68 -36.75 151.40
C VAL QA 18 40.22 -36.73 149.98
N LEU QA 19 40.62 -35.54 149.54
CA LEU QA 19 41.19 -35.36 148.21
C LEU QA 19 42.70 -35.49 148.30
N THR QA 20 43.28 -36.18 147.33
CA THR QA 20 44.72 -36.23 147.18
C THR QA 20 45.12 -35.25 146.09
N GLU QA 21 46.13 -34.44 146.37
CA GLU QA 21 46.49 -33.36 145.46
C GLU QA 21 46.93 -33.91 144.11
N ILE QA 22 46.84 -33.06 143.10
CA ILE QA 22 47.34 -33.38 141.77
C ILE QA 22 48.36 -32.31 141.43
N PRO QA 23 49.65 -32.66 141.31
CA PRO QA 23 50.68 -31.64 141.14
C PRO QA 23 50.57 -30.95 139.79
N ALA QA 24 50.72 -29.62 139.80
CA ALA QA 24 50.52 -28.87 138.58
C ALA QA 24 51.71 -28.97 137.63
N GLU QA 25 52.90 -29.28 138.16
CA GLU QA 25 54.08 -29.33 137.30
C GLU QA 25 53.92 -30.26 136.11
N PRO QA 26 53.48 -31.52 136.26
CA PRO QA 26 53.45 -32.41 135.10
C PRO QA 26 52.42 -32.02 134.02
N TYR QA 27 51.50 -31.09 134.26
CA TYR QA 27 50.48 -30.79 133.24
C TYR QA 27 51.02 -29.79 132.22
N VAL QA 28 50.71 -30.06 130.95
CA VAL QA 28 51.18 -29.24 129.82
C VAL QA 28 49.98 -28.71 129.05
N HIS QA 29 49.93 -27.39 128.89
CA HIS QA 29 48.92 -26.76 128.04
C HIS QA 29 49.01 -27.30 126.62
N VAL QA 30 47.87 -27.75 126.08
CA VAL QA 30 47.83 -28.40 124.78
C VAL QA 30 47.01 -27.61 123.78
N SER QA 31 45.79 -27.21 124.17
CA SER QA 31 44.89 -26.53 123.25
C SER QA 31 44.01 -25.55 124.01
N GLY QA 32 43.64 -24.47 123.32
CA GLY QA 32 42.51 -23.66 123.73
C GLY QA 32 42.86 -22.26 124.23
N ASP QA 33 41.96 -21.31 123.93
CA ASP QA 33 42.01 -19.94 124.44
C ASP QA 33 41.42 -19.88 125.85
N ASN QA 34 41.35 -18.68 126.41
CA ASN QA 34 40.34 -18.43 127.43
C ASN QA 34 38.95 -18.41 126.80
N LYS QA 35 38.86 -17.97 125.55
CA LYS QA 35 37.58 -17.97 124.82
C LYS QA 35 37.17 -19.39 124.43
N SER QA 36 38.12 -20.29 124.26
CA SER QA 36 37.85 -21.69 123.98
C SER QA 36 37.99 -22.48 125.28
N THR QA 37 38.02 -23.81 125.18
CA THR QA 37 38.26 -24.67 126.34
C THR QA 37 39.75 -25.00 126.49
N ILE QA 38 40.32 -24.71 127.67
CA ILE QA 38 41.71 -25.04 127.96
C ILE QA 38 41.86 -26.53 128.19
N GLU QA 39 42.94 -27.10 127.64
CA GLU QA 39 43.17 -28.54 127.74
C GLU QA 39 44.59 -28.80 128.22
N TYR QA 40 44.75 -29.65 129.23
CA TYR QA 40 46.06 -30.03 129.73
C TYR QA 40 46.27 -31.53 129.58
N LEU QA 41 47.53 -31.88 129.30
CA LEU QA 41 48.01 -33.26 129.24
C LEU QA 41 48.83 -33.57 130.49
N ASP QA 42 48.49 -34.67 131.17
CA ASP QA 42 49.27 -35.16 132.30
C ASP QA 42 50.44 -35.95 131.74
N THR QA 43 51.63 -35.36 131.72
CA THR QA 43 52.81 -35.97 131.13
C THR QA 43 53.45 -36.99 132.05
N GLY QA 44 52.94 -37.14 133.26
CA GLY QA 44 53.39 -38.20 134.15
C GLY QA 44 52.59 -39.46 133.90
N SER QA 45 52.57 -39.92 132.66
CA SER QA 45 51.84 -41.13 132.27
C SER QA 45 52.73 -42.02 131.44
N ASP QA 46 52.24 -43.22 131.15
CA ASP QA 46 53.00 -44.13 130.31
C ASP QA 46 53.09 -43.56 128.91
N ASN QA 47 54.31 -43.17 128.54
CA ASN QA 47 54.59 -42.64 127.21
C ASN QA 47 54.25 -43.67 126.13
N SER QA 48 54.36 -44.95 126.44
CA SER QA 48 54.21 -46.01 125.45
C SER QA 48 52.76 -46.29 125.08
N LEU QA 49 51.83 -45.46 125.56
CA LEU QA 49 50.45 -45.45 125.10
C LEU QA 49 50.22 -44.23 124.23
N LEU QA 50 49.41 -44.41 123.20
CA LEU QA 50 49.02 -43.26 122.38
C LEU QA 50 47.87 -42.47 122.98
N VAL QA 51 47.28 -42.95 124.06
CA VAL QA 51 46.30 -42.20 124.83
C VAL QA 51 46.93 -41.85 126.17
N ARG QA 52 46.71 -40.62 126.61
CA ARG QA 52 47.31 -40.13 127.84
C ARG QA 52 46.29 -39.29 128.58
N PRO QA 53 46.43 -39.16 129.89
CA PRO QA 53 45.41 -38.49 130.70
C PRO QA 53 45.38 -37.00 130.43
N THR QA 54 44.17 -36.46 130.28
CA THR QA 54 43.98 -35.05 130.03
C THR QA 54 42.87 -34.52 130.93
N GLN QA 55 43.05 -33.31 131.44
CA GLN QA 55 41.93 -32.61 132.05
C GLN QA 55 41.73 -31.25 131.39
N GLN QA 56 40.47 -30.88 131.15
CA GLN QA 56 40.17 -29.62 130.49
C GLN QA 56 39.23 -28.78 131.33
N PHE QA 57 39.37 -27.46 131.16
CA PHE QA 57 38.65 -26.44 131.91
C PHE QA 57 38.10 -25.39 130.94
N ASN QA 58 36.79 -25.20 130.99
CA ASN QA 58 36.07 -24.20 130.21
C ASN QA 58 35.25 -23.36 131.17
N CYS QA 59 35.16 -22.06 130.92
CA CYS QA 59 34.21 -21.27 131.71
C CYS QA 59 33.65 -20.12 130.87
N VAL QA 60 32.37 -19.83 131.09
CA VAL QA 60 31.61 -18.85 130.32
C VAL QA 60 30.65 -18.12 131.25
N SER QA 61 30.28 -16.92 130.84
CA SER QA 61 29.51 -16.01 131.68
C SER QA 61 28.50 -15.27 130.83
N SER QA 62 27.34 -14.97 131.43
CA SER QA 62 26.28 -14.28 130.71
C SER QA 62 25.56 -13.29 131.61
N GLN QA 63 25.09 -12.21 130.98
CA GLN QA 63 24.32 -11.17 131.67
C GLN QA 63 22.86 -11.53 131.83
N TYR QA 64 22.44 -12.70 131.33
CA TYR QA 64 21.04 -13.11 131.30
C TYR QA 64 20.87 -14.40 132.08
N PRO QA 65 20.94 -14.34 133.42
CA PRO QA 65 21.08 -15.55 134.21
C PRO QA 65 19.82 -16.39 134.31
N TYR QA 66 18.67 -15.82 133.96
CA TYR QA 66 17.39 -16.51 134.06
C TYR QA 66 16.97 -17.15 132.73
N ARG QA 67 17.87 -17.25 131.76
CA ARG QA 67 17.47 -17.68 130.43
C ARG QA 67 16.96 -19.12 130.43
N ASN QA 68 17.59 -19.99 131.20
CA ASN QA 68 17.19 -21.40 131.23
C ASN QA 68 16.03 -21.68 132.16
N TYR QA 69 15.80 -20.83 133.15
CA TYR QA 69 14.81 -21.08 134.18
C TYR QA 69 13.53 -20.33 133.83
N SER QA 70 12.45 -21.08 133.62
CA SER QA 70 11.25 -20.50 133.04
C SER QA 70 10.25 -20.02 134.08
N LYS QA 71 10.16 -20.67 135.23
CA LYS QA 71 9.06 -20.41 136.16
C LYS QA 71 9.45 -19.45 137.27
N ILE QA 72 10.41 -18.56 137.02
CA ILE QA 72 10.76 -17.50 137.96
C ILE QA 72 10.19 -16.21 137.45
N PRO QA 73 9.28 -15.55 138.18
CA PRO QA 73 8.70 -14.28 137.72
C PRO QA 73 9.73 -13.16 137.67
N ARG QA 74 9.48 -12.20 136.78
CA ARG QA 74 10.37 -11.04 136.67
C ARG QA 74 10.45 -10.28 137.99
N SER QA 75 9.34 -10.20 138.71
CA SER QA 75 9.33 -9.51 140.00
C SER QA 75 10.26 -10.16 141.01
N GLN QA 76 10.78 -11.36 140.72
CA GLN QA 76 11.72 -12.06 141.58
C GLN QA 76 13.09 -12.22 140.94
N GLN QA 77 13.33 -11.60 139.78
CA GLN QA 77 14.61 -11.71 139.10
C GLN QA 77 15.51 -10.53 139.48
N ASP QA 78 16.66 -10.82 140.09
CA ASP QA 78 17.60 -9.79 140.51
C ASP QA 78 18.27 -9.14 139.29
N PRO QA 79 18.03 -7.85 139.03
CA PRO QA 79 18.56 -7.24 137.80
C PRO QA 79 20.08 -7.11 137.80
N LEU QA 80 20.70 -7.20 138.97
CA LEU QA 80 22.15 -7.17 139.09
C LEU QA 80 22.77 -8.57 139.02
N ALA QA 81 21.95 -9.60 138.96
CA ALA QA 81 22.49 -10.95 138.97
C ALA QA 81 23.12 -11.29 137.63
N VAL QA 82 24.16 -12.12 137.68
CA VAL QA 82 24.91 -12.55 136.52
C VAL QA 82 25.07 -14.06 136.59
N ARG QA 83 25.27 -14.70 135.44
CA ARG QA 83 25.45 -16.15 135.36
C ARG QA 83 26.94 -16.44 135.17
N ARG QA 84 27.51 -17.20 136.09
CA ARG QA 84 28.89 -17.65 136.01
C ARG QA 84 28.89 -19.16 135.90
N GLU QA 85 29.57 -19.71 134.90
CA GLU QA 85 29.54 -21.14 134.65
C GLU QA 85 30.95 -21.63 134.41
N PHE QA 86 31.27 -22.82 134.91
CA PHE QA 86 32.54 -23.49 134.59
C PHE QA 86 32.30 -24.98 134.45
N TYR QA 87 33.24 -25.63 133.77
CA TYR QA 87 33.08 -27.01 133.33
C TYR QA 87 34.44 -27.65 133.25
N THR QA 88 34.63 -28.76 133.95
CA THR QA 88 35.88 -29.50 133.88
C THR QA 88 35.56 -30.92 133.42
N ARG QA 89 36.46 -31.49 132.63
CA ARG QA 89 36.35 -32.89 132.20
C ARG QA 89 37.72 -33.54 132.29
N ARG QA 90 37.85 -34.53 133.15
CA ARG QA 90 39.07 -35.29 133.31
C ARG QA 90 38.87 -36.66 132.70
N VAL QA 91 39.76 -37.03 131.78
CA VAL QA 91 39.83 -38.38 131.25
C VAL QA 91 41.15 -38.96 131.70
N GLU QA 92 41.09 -40.09 132.38
CA GLU QA 92 42.29 -40.87 132.64
C GLU QA 92 42.17 -42.22 131.95
N TYR QA 93 43.32 -42.86 131.75
CA TYR QA 93 43.41 -44.12 131.03
C TYR QA 93 44.16 -45.11 131.91
N TRP QA 94 43.43 -45.99 132.60
CA TRP QA 94 44.04 -46.96 133.49
C TRP QA 94 44.68 -48.08 132.68
N ARG QA 95 45.53 -48.85 133.34
CA ARG QA 95 46.25 -49.95 132.71
C ARG QA 95 46.14 -51.16 133.63
N LYS QA 96 45.60 -52.26 133.11
CA LYS QA 96 45.55 -53.52 133.86
C LYS QA 96 46.58 -54.49 133.32
N ALA QA 97 47.37 -55.06 134.23
CA ALA QA 97 48.35 -56.11 133.90
C ALA QA 97 48.75 -56.83 135.19
N ASP QA 98 49.51 -57.91 135.05
CA ASP QA 98 50.09 -58.52 136.25
C ASP QA 98 51.56 -58.87 136.02
N ALA QA 99 52.39 -58.51 137.00
CA ALA QA 99 53.81 -58.87 136.96
C ALA QA 99 54.02 -60.37 137.11
N SER QA 100 52.99 -61.11 137.53
CA SER QA 100 53.11 -62.55 137.71
C SER QA 100 53.26 -63.27 136.39
N ASN QA 101 52.71 -62.72 135.31
CA ASN QA 101 52.62 -63.41 134.04
C ASN QA 101 53.05 -62.48 132.90
N VAL QA 102 54.30 -62.62 132.45
CA VAL QA 102 54.76 -61.84 131.30
C VAL QA 102 54.01 -62.23 130.04
N ASP QA 103 53.40 -63.41 130.02
CA ASP QA 103 52.71 -63.93 128.84
C ASP QA 103 51.28 -63.41 128.70
N ALA QA 104 50.72 -62.80 129.74
CA ALA QA 104 49.31 -62.40 129.69
C ALA QA 104 49.18 -60.95 129.23
N PRO QA 105 48.16 -60.65 128.43
CA PRO QA 105 48.10 -59.34 127.76
C PRO QA 105 47.76 -58.22 128.73
N GLU QA 106 48.17 -57.01 128.35
CA GLU QA 106 47.83 -55.81 129.10
C GLU QA 106 46.66 -55.11 128.40
N TYR QA 107 45.83 -54.45 129.20
CA TYR QA 107 44.69 -53.73 128.65
C TYR QA 107 44.68 -52.31 129.19
N THR QA 108 44.20 -51.38 128.38
CA THR QA 108 44.02 -50.00 128.82
C THR QA 108 42.52 -49.70 128.95
N LEU QA 109 42.13 -49.17 130.10
CA LEU QA 109 40.73 -48.99 130.51
C LEU QA 109 40.38 -47.52 130.63
N PRO QA 110 39.53 -46.98 129.77
CA PRO QA 110 39.21 -45.54 129.84
C PRO QA 110 38.19 -45.18 130.90
N GLN QA 111 38.44 -44.02 131.54
CA GLN QA 111 37.59 -43.47 132.58
C GLN QA 111 37.45 -41.98 132.33
N SER QA 112 36.24 -41.46 132.52
CA SER QA 112 36.00 -40.02 132.35
C SER QA 112 35.03 -39.49 133.39
N CYS QA 113 35.25 -38.26 133.83
CA CYS QA 113 34.39 -37.63 134.82
C CYS QA 113 34.33 -36.14 134.55
N SER QA 114 33.12 -35.58 134.57
CA SER QA 114 32.94 -34.18 134.20
C SER QA 114 31.98 -33.49 135.16
N ILE QA 115 32.38 -32.31 135.61
CA ILE QA 115 31.59 -31.48 136.53
C ILE QA 115 31.32 -30.14 135.88
N ARG QA 116 30.03 -29.78 135.81
CA ARG QA 116 29.59 -28.47 135.33
C ARG QA 116 28.84 -27.75 136.45
N LEU QA 117 29.10 -26.45 136.58
CA LEU QA 117 28.51 -25.62 137.62
C LEU QA 117 28.13 -24.27 137.02
N ALA QA 118 26.87 -23.88 137.18
CA ALA QA 118 26.39 -22.59 136.75
C ALA QA 118 25.65 -21.96 137.92
N SER QA 119 26.25 -20.92 138.51
CA SER QA 119 25.67 -20.20 139.62
C SER QA 119 25.14 -18.85 139.15
N THR QA 120 24.02 -18.43 139.75
CA THR QA 120 23.63 -17.03 139.66
C THR QA 120 24.38 -16.27 140.76
N VAL QA 121 25.19 -15.29 140.37
CA VAL QA 121 26.04 -14.55 141.29
C VAL QA 121 25.56 -13.11 141.36
N THR QA 122 25.37 -12.62 142.58
CA THR QA 122 25.04 -11.24 142.88
C THR QA 122 26.04 -10.72 143.90
N LYS QA 123 25.86 -9.46 144.30
CA LYS QA 123 26.81 -8.79 145.19
C LYS QA 123 27.12 -9.64 146.41
N GLU QA 124 26.10 -10.23 147.01
CA GLU QA 124 26.21 -10.94 148.27
C GLU QA 124 26.66 -12.39 148.13
N THR QA 125 26.71 -12.91 146.91
CA THR QA 125 27.16 -14.27 146.66
C THR QA 125 28.66 -14.38 146.85
N THR QA 126 29.10 -15.21 147.80
CA THR QA 126 30.52 -15.39 148.08
C THR QA 126 31.04 -16.69 147.45
N ALA QA 127 32.38 -16.74 147.31
CA ALA QA 127 33.01 -17.93 146.75
C ALA QA 127 32.65 -19.16 147.57
N ALA QA 128 32.61 -19.02 148.89
CA ALA QA 128 32.16 -20.11 149.74
C ALA QA 128 30.72 -20.52 149.41
N ASP QA 129 29.83 -19.54 149.22
CA ASP QA 129 28.45 -19.84 148.87
C ASP QA 129 28.39 -20.70 147.61
N ILE QA 130 29.24 -20.37 146.63
CA ILE QA 130 29.22 -21.11 145.37
C ILE QA 130 29.85 -22.49 145.54
N ALA QA 131 30.87 -22.61 146.37
CA ALA QA 131 31.41 -23.94 146.65
C ALA QA 131 30.36 -24.82 147.32
N GLY QA 132 29.48 -24.20 148.10
CA GLY QA 132 28.42 -24.95 148.74
C GLY QA 132 27.61 -25.79 147.78
N ILE QA 133 27.34 -25.27 146.58
CA ILE QA 133 26.47 -26.02 145.68
C ILE QA 133 27.17 -27.29 145.18
N VAL QA 134 28.47 -27.22 144.92
CA VAL QA 134 29.20 -28.42 144.56
C VAL QA 134 29.25 -29.40 145.74
N LEU QA 135 29.45 -28.88 146.95
CA LEU QA 135 29.53 -29.75 148.12
C LEU QA 135 28.20 -30.46 148.37
N ARG QA 136 27.08 -29.76 148.17
CA ARG QA 136 25.77 -30.37 148.36
C ARG QA 136 25.42 -31.30 147.22
N THR QA 137 25.92 -31.05 146.01
CA THR QA 137 25.72 -32.03 144.94
C THR QA 137 26.46 -33.32 145.26
N LEU QA 138 27.67 -33.21 145.81
CA LEU QA 138 28.48 -34.40 146.11
C LEU QA 138 27.92 -35.17 147.29
N ALA QA 139 27.42 -34.47 148.31
CA ALA QA 139 27.13 -35.09 149.60
C ALA QA 139 26.20 -36.31 149.52
N PRO QA 140 25.10 -36.32 148.74
CA PRO QA 140 24.25 -37.52 148.72
C PRO QA 140 24.97 -38.79 148.25
N ILE QA 141 25.91 -38.65 147.32
CA ILE QA 141 26.66 -39.79 146.79
C ILE QA 141 27.73 -40.25 147.77
N PHE QA 142 28.31 -39.33 148.53
CA PHE QA 142 29.38 -39.62 149.49
C PHE QA 142 28.90 -39.18 150.87
N PRO QA 143 27.88 -39.84 151.43
CA PRO QA 143 27.30 -39.35 152.68
C PRO QA 143 28.21 -39.51 153.87
N ASN QA 144 29.27 -40.33 153.76
CA ASN QA 144 30.30 -40.45 154.79
C ASN QA 144 31.66 -40.06 154.26
N GLY QA 145 31.71 -39.31 153.16
CA GLY QA 145 32.98 -38.82 152.67
C GLY QA 145 33.81 -39.98 152.16
N SER QA 146 35.13 -39.87 152.32
CA SER QA 146 35.98 -40.96 151.90
C SER QA 146 35.79 -42.22 152.74
N GLY QA 147 34.93 -42.18 153.76
CA GLY QA 147 34.81 -43.31 154.67
C GLY QA 147 34.33 -44.59 153.99
N ASP QA 148 33.15 -44.54 153.37
CA ASP QA 148 32.60 -45.71 152.69
C ASP QA 148 32.17 -45.31 151.29
N TRP QA 149 31.92 -46.33 150.47
CA TRP QA 149 31.57 -46.10 149.07
C TRP QA 149 30.22 -46.70 148.73
N ILE QA 150 29.31 -46.78 149.70
CA ILE QA 150 28.13 -47.62 149.52
C ILE QA 150 27.20 -47.04 148.46
N LYS QA 151 26.92 -45.74 148.56
CA LYS QA 151 26.00 -45.12 147.60
C LYS QA 151 26.66 -45.03 146.23
N LEU QA 152 27.96 -44.78 146.19
CA LEU QA 152 28.65 -44.77 144.89
C LEU QA 152 28.56 -46.15 144.24
N GLN QA 153 28.77 -47.19 145.04
CA GLN QA 153 28.63 -48.55 144.55
C GLN QA 153 27.26 -48.78 143.96
N GLN QA 154 26.21 -48.29 144.63
CA GLN QA 154 24.86 -48.40 144.07
C GLN QA 154 24.76 -47.71 142.71
N LEU QA 155 25.24 -46.47 142.63
CA LEU QA 155 25.18 -45.75 141.37
C LEU QA 155 25.84 -46.55 140.25
N ILE QA 156 26.97 -47.19 140.55
CA ILE QA 156 27.65 -47.97 139.52
C ILE QA 156 26.87 -49.25 139.22
N ASP QA 157 26.32 -49.89 140.26
CA ASP QA 157 25.50 -51.08 140.11
C ASP QA 157 24.23 -50.81 139.31
N GLY QA 158 23.91 -49.55 139.06
CA GLY QA 158 22.75 -49.22 138.25
C GLY QA 158 21.49 -48.90 139.02
N LEU QA 159 21.61 -48.51 140.29
CA LEU QA 159 20.49 -48.22 141.17
C LEU QA 159 20.46 -46.73 141.48
N PRO QA 160 19.62 -45.95 140.79
CA PRO QA 160 19.72 -44.48 140.86
C PRO QA 160 19.12 -43.84 142.11
N ARG QA 161 18.36 -44.57 142.92
CA ARG QA 161 17.64 -43.91 144.01
C ARG QA 161 18.55 -43.79 145.24
N ILE QA 162 19.32 -42.71 145.27
CA ILE QA 162 20.17 -42.40 146.41
C ILE QA 162 19.33 -42.16 147.66
N PHE QA 163 18.20 -41.47 147.52
CA PHE QA 163 17.38 -41.12 148.66
C PHE QA 163 16.32 -42.16 148.97
N GLY QA 164 16.14 -43.17 148.12
CA GLY QA 164 15.15 -44.20 148.37
C GLY QA 164 13.84 -44.05 147.60
N SER RA 1 45.76 -62.17 139.24
CA SER RA 1 46.89 -61.36 139.69
C SER RA 1 46.89 -60.02 139.00
N TYR RA 2 45.94 -59.83 138.07
CA TYR RA 2 45.77 -58.55 137.39
C TYR RA 2 45.58 -57.41 138.37
N THR RA 3 46.32 -56.33 138.16
CA THR RA 3 46.21 -55.12 138.95
C THR RA 3 45.93 -53.94 138.04
N ILE RA 4 45.17 -53.00 138.61
CA ILE RA 4 44.74 -51.78 137.96
C ILE RA 4 45.65 -50.66 138.39
N ASP RA 5 46.40 -50.09 137.44
CA ASP RA 5 47.25 -48.94 137.69
C ASP RA 5 46.59 -47.73 137.05
N ILE RA 6 46.21 -46.74 137.87
CA ILE RA 6 45.83 -45.46 137.29
C ILE RA 6 47.06 -44.86 136.65
N ASN RA 7 46.89 -44.31 135.46
CA ASN RA 7 48.01 -43.76 134.72
C ASN RA 7 48.11 -42.26 134.94
N CYS RA 8 48.17 -41.84 136.19
CA CYS RA 8 48.00 -40.43 136.53
C CYS RA 8 49.22 -39.91 137.29
N SER RA 9 49.18 -38.62 137.57
CA SER RA 9 50.11 -38.00 138.50
C SER RA 9 49.36 -37.73 139.80
N THR RA 10 49.88 -38.24 140.91
CA THR RA 10 49.29 -38.05 142.22
C THR RA 10 50.37 -37.58 143.19
N GLY RA 11 50.01 -36.61 144.03
CA GLY RA 11 50.92 -36.06 145.02
C GLY RA 11 50.92 -36.86 146.31
N ASP RA 12 51.74 -36.40 147.25
CA ASP RA 12 51.81 -36.98 148.58
C ASP RA 12 50.90 -36.27 149.58
N THR RA 13 50.48 -35.05 149.27
CA THR RA 13 49.71 -34.20 150.17
C THR RA 13 48.22 -34.56 150.09
N GLN RA 14 47.46 -34.26 151.15
CA GLN RA 14 46.03 -34.54 151.14
C GLN RA 14 45.28 -33.42 151.84
N ALA RA 15 44.02 -33.23 151.44
CA ALA RA 15 43.18 -32.18 151.99
C ALA RA 15 41.77 -32.71 152.25
N ASN RA 16 41.09 -32.06 153.19
CA ASN RA 16 39.73 -32.44 153.58
C ASN RA 16 38.73 -31.50 152.91
N LEU RA 17 37.92 -32.04 152.01
CA LEU RA 17 36.77 -31.33 151.45
C LEU RA 17 35.57 -31.69 152.32
N VAL RA 18 35.05 -30.72 153.07
CA VAL RA 18 34.11 -31.01 154.15
C VAL RA 18 32.69 -30.96 153.61
N LEU RA 19 32.05 -32.13 153.52
CA LEU RA 19 30.68 -32.23 153.06
C LEU RA 19 29.74 -32.14 154.24
N THR RA 20 28.70 -31.34 154.09
CA THR RA 20 27.62 -31.31 155.07
C THR RA 20 26.48 -32.19 154.58
N GLU RA 21 25.92 -32.98 155.49
CA GLU RA 21 25.03 -34.04 155.07
C GLU RA 21 23.73 -33.47 154.50
N ILE RA 22 23.11 -34.24 153.62
CA ILE RA 22 21.81 -33.89 153.07
C ILE RA 22 20.83 -35.01 153.42
N PRO RA 23 19.84 -34.74 154.28
CA PRO RA 23 18.97 -35.81 154.75
C PRO RA 23 18.01 -36.30 153.69
N ALA RA 24 17.69 -37.60 153.74
CA ALA RA 24 16.79 -38.13 152.74
C ALA RA 24 15.33 -37.92 153.11
N GLU RA 25 15.04 -37.79 154.41
CA GLU RA 25 13.66 -37.62 154.86
C GLU RA 25 12.93 -36.48 154.14
N PRO RA 26 13.52 -35.30 153.92
CA PRO RA 26 12.77 -34.25 153.21
C PRO RA 26 12.55 -34.50 151.72
N TYR RA 27 13.15 -35.53 151.11
CA TYR RA 27 13.08 -35.67 149.67
C TYR RA 27 11.89 -36.53 149.25
N VAL RA 28 11.33 -36.20 148.08
CA VAL RA 28 10.08 -36.79 147.58
C VAL RA 28 10.26 -37.22 146.12
N HIS RA 29 9.69 -38.38 145.78
CA HIS RA 29 9.63 -38.84 144.40
C HIS RA 29 8.88 -37.85 143.52
N VAL RA 30 9.42 -37.60 142.32
CA VAL RA 30 8.81 -36.72 141.34
C VAL RA 30 8.50 -37.46 140.03
N SER RA 31 9.53 -38.06 139.44
CA SER RA 31 9.36 -38.82 138.20
C SER RA 31 10.21 -40.07 138.25
N GLY RA 32 9.83 -41.06 137.43
CA GLY RA 32 10.58 -42.29 137.26
C GLY RA 32 10.89 -43.03 138.55
N ASP RA 33 9.84 -43.48 139.25
CA ASP RA 33 10.02 -44.04 140.58
C ASP RA 33 10.85 -45.32 140.54
N ASN RA 34 10.53 -46.22 139.62
CA ASN RA 34 11.23 -47.49 139.50
C ASN RA 34 12.34 -47.47 138.47
N LYS RA 35 12.36 -46.48 137.57
CA LYS RA 35 13.17 -46.54 136.37
C LYS RA 35 14.63 -46.15 136.64
N SER RA 36 15.46 -46.26 135.61
CA SER RA 36 16.88 -45.97 135.70
C SER RA 36 17.18 -44.48 135.90
N THR RA 37 16.15 -43.63 135.81
CA THR RA 37 16.29 -42.19 136.02
C THR RA 37 15.24 -41.78 137.04
N ILE RA 38 15.68 -41.12 138.11
CA ILE RA 38 14.80 -40.67 139.18
C ILE RA 38 15.07 -39.20 139.45
N GLU RA 39 14.02 -38.47 139.78
CA GLU RA 39 14.12 -37.05 140.11
C GLU RA 39 13.47 -36.82 141.46
N TYR RA 40 14.21 -36.25 142.41
CA TYR RA 40 13.67 -35.95 143.74
C TYR RA 40 13.47 -34.45 143.93
N LEU RA 41 12.51 -34.14 144.78
CA LEU RA 41 12.23 -32.78 145.23
C LEU RA 41 12.57 -32.66 146.71
N ASP RA 42 13.27 -31.59 147.06
CA ASP RA 42 13.55 -31.23 148.46
C ASP RA 42 12.38 -30.40 148.95
N THR RA 43 11.51 -30.99 149.78
CA THR RA 43 10.39 -30.24 150.33
C THR RA 43 10.75 -29.47 151.58
N GLY RA 44 12.04 -29.33 151.87
CA GLY RA 44 12.44 -28.42 152.91
C GLY RA 44 12.66 -27.06 152.30
N SER RA 45 11.91 -26.77 151.24
CA SER RA 45 12.06 -25.52 150.51
C SER RA 45 10.85 -24.65 150.69
N ASP RA 46 10.99 -23.39 150.25
CA ASP RA 46 9.90 -22.45 150.41
C ASP RA 46 8.67 -23.01 149.74
N ASN RA 47 7.62 -23.15 150.54
CA ASN RA 47 6.34 -23.65 150.08
C ASN RA 47 5.84 -22.86 148.89
N SER RA 48 6.00 -21.53 148.93
CA SER RA 48 5.22 -20.62 148.11
C SER RA 48 5.87 -20.25 146.78
N LEU RA 49 7.06 -20.75 146.48
CA LEU RA 49 7.67 -20.46 145.18
C LEU RA 49 7.21 -21.44 144.12
N LEU RA 50 7.49 -21.08 142.86
CA LEU RA 50 7.19 -21.97 141.75
C LEU RA 50 8.34 -22.90 141.47
N VAL RA 51 9.53 -22.57 141.95
CA VAL RA 51 10.71 -23.40 141.79
C VAL RA 51 11.09 -23.94 143.17
N ARG RA 52 11.54 -25.18 143.18
CA ARG RA 52 11.99 -25.79 144.41
C ARG RA 52 13.19 -26.69 144.11
N PRO RA 53 14.10 -26.87 145.08
CA PRO RA 53 15.33 -27.61 144.83
C PRO RA 53 15.04 -29.06 144.49
N THR RA 54 15.63 -29.51 143.38
CA THR RA 54 15.53 -30.88 142.93
C THR RA 54 16.94 -31.44 142.78
N GLN RA 55 17.04 -32.76 142.87
CA GLN RA 55 18.24 -33.44 142.43
C GLN RA 55 17.82 -34.70 141.70
N GLN RA 56 18.35 -34.90 140.50
CA GLN RA 56 18.08 -36.13 139.79
C GLN RA 56 19.34 -36.97 139.73
N PHE RA 57 19.10 -38.28 139.64
CA PHE RA 57 20.13 -39.27 139.43
C PHE RA 57 19.67 -40.18 138.30
N ASN RA 58 20.58 -40.53 137.39
CA ASN RA 58 20.25 -41.58 136.44
C ASN RA 58 21.49 -42.37 136.08
N CYS RA 59 21.29 -43.66 135.84
CA CYS RA 59 22.35 -44.60 135.54
C CYS RA 59 22.19 -45.09 134.11
N VAL RA 60 23.31 -45.41 133.47
CA VAL RA 60 23.36 -45.91 132.11
C VAL RA 60 24.48 -46.95 132.04
N SER RA 61 24.26 -47.99 131.23
CA SER RA 61 25.27 -49.01 130.98
C SER RA 61 25.36 -49.25 129.49
N SER RA 62 26.57 -49.53 129.01
CA SER RA 62 26.78 -49.89 127.61
C SER RA 62 27.69 -51.09 127.48
N GLN RA 63 27.42 -51.89 126.45
CA GLN RA 63 28.14 -53.12 126.20
C GLN RA 63 29.50 -52.87 125.55
N TYR RA 64 29.62 -51.77 124.80
CA TYR RA 64 30.82 -51.42 124.03
C TYR RA 64 31.53 -50.25 124.68
N PRO RA 65 32.39 -50.49 125.66
CA PRO RA 65 32.95 -49.38 126.45
C PRO RA 65 34.01 -48.61 125.69
N TYR RA 66 34.52 -49.17 124.60
CA TYR RA 66 35.57 -48.57 123.80
C TYR RA 66 35.03 -47.84 122.59
N ARG RA 67 33.73 -47.53 122.56
CA ARG RA 67 33.14 -47.00 121.33
C ARG RA 67 33.77 -45.68 120.94
N ASN RA 68 33.87 -44.76 121.88
CA ASN RA 68 34.41 -43.44 121.61
C ASN RA 68 35.92 -43.39 121.72
N TYR RA 69 36.57 -44.46 122.15
CA TYR RA 69 38.01 -44.48 122.32
C TYR RA 69 38.64 -45.25 121.17
N SER RA 70 38.88 -44.56 120.05
CA SER RA 70 39.43 -45.24 118.90
C SER RA 70 40.94 -45.31 118.93
N LYS RA 71 41.62 -44.40 119.63
CA LYS RA 71 43.08 -44.43 119.67
C LYS RA 71 43.63 -45.60 120.48
N ILE RA 72 42.76 -46.44 121.01
CA ILE RA 72 43.14 -47.66 121.70
C ILE RA 72 43.04 -48.83 120.73
N PRO RA 73 44.07 -49.65 120.59
CA PRO RA 73 43.99 -50.80 119.69
C PRO RA 73 43.19 -51.93 120.30
N ARG RA 74 42.59 -52.74 119.40
CA ARG RA 74 41.82 -53.89 119.87
C ARG RA 74 42.66 -54.81 120.74
N SER RA 75 43.93 -55.01 120.37
CA SER RA 75 44.84 -55.85 121.15
C SER RA 75 45.01 -55.37 122.59
N GLN RA 76 44.56 -54.16 122.92
CA GLN RA 76 44.62 -53.65 124.27
C GLN RA 76 43.24 -53.37 124.87
N GLN RA 77 42.16 -53.62 124.12
CA GLN RA 77 40.81 -53.47 124.62
C GLN RA 77 40.38 -54.75 125.33
N ASP RA 78 40.02 -54.63 126.61
CA ASP RA 78 39.56 -55.78 127.39
C ASP RA 78 38.19 -56.25 126.91
N PRO RA 79 38.09 -57.41 126.25
CA PRO RA 79 36.79 -57.82 125.69
C PRO RA 79 35.75 -58.16 126.74
N LEU RA 80 36.13 -58.27 128.01
CA LEU RA 80 35.19 -58.44 129.10
C LEU RA 80 34.82 -57.13 129.78
N ALA RA 81 35.31 -55.99 129.27
CA ALA RA 81 35.02 -54.73 129.89
C ALA RA 81 33.61 -54.28 129.54
N VAL RA 82 32.97 -53.60 130.50
CA VAL RA 82 31.62 -53.09 130.35
C VAL RA 82 31.62 -51.64 130.83
N ARG RA 83 30.85 -50.79 130.15
CA ARG RA 83 30.81 -49.37 130.50
C ARG RA 83 29.66 -49.10 131.48
N ARG RA 84 30.00 -48.56 132.66
CA ARG RA 84 28.99 -48.11 133.62
C ARG RA 84 29.12 -46.61 133.78
N GLU RA 85 28.02 -45.87 133.66
CA GLU RA 85 28.03 -44.44 133.94
C GLU RA 85 26.83 -44.07 134.80
N PHE RA 86 26.99 -42.95 135.52
CA PHE RA 86 25.89 -42.34 136.25
C PHE RA 86 26.03 -40.82 136.15
N TYR RA 87 24.92 -40.14 136.47
CA TYR RA 87 24.83 -38.70 136.26
C TYR RA 87 23.89 -38.12 137.31
N THR RA 88 24.37 -37.12 138.03
CA THR RA 88 23.53 -36.39 138.96
C THR RA 88 23.47 -34.95 138.53
N ARG RA 89 22.30 -34.33 138.74
CA ARG RA 89 22.13 -32.89 138.49
C ARG RA 89 21.28 -32.31 139.60
N ARG RA 90 21.89 -31.41 140.38
CA ARG RA 90 21.22 -30.74 141.47
C ARG RA 90 20.95 -29.31 141.07
N VAL RA 91 19.70 -28.90 141.17
CA VAL RA 91 19.32 -27.50 141.04
C VAL RA 91 18.77 -27.06 142.38
N GLU RA 92 19.29 -25.95 142.91
CA GLU RA 92 18.67 -25.31 144.05
C GLU RA 92 18.37 -23.86 143.69
N TYR RA 93 17.48 -23.25 144.46
CA TYR RA 93 16.99 -21.90 144.20
C TYR RA 93 17.11 -21.10 145.47
N TRP RA 94 18.15 -20.25 145.55
CA TRP RA 94 18.39 -19.42 146.71
C TRP RA 94 17.44 -18.23 146.71
N ARG RA 95 17.33 -17.61 147.87
CA ARG RA 95 16.46 -16.45 148.09
C ARG RA 95 17.25 -15.35 148.76
N LYS RA 96 17.40 -14.22 148.09
CA LYS RA 96 18.04 -13.08 148.73
C LYS RA 96 16.96 -12.12 149.18
N ALA RA 97 17.06 -11.70 150.45
CA ALA RA 97 16.21 -10.69 151.07
C ALA RA 97 16.85 -10.26 152.38
N ASP RA 98 16.51 -9.05 152.83
CA ASP RA 98 16.88 -8.60 154.16
C ASP RA 98 15.64 -8.41 155.02
N ALA RA 99 15.69 -8.92 156.26
CA ALA RA 99 14.59 -8.72 157.19
C ALA RA 99 14.48 -7.28 157.64
N SER RA 100 15.50 -6.46 157.38
CA SER RA 100 15.48 -5.07 157.82
C SER RA 100 14.39 -4.29 157.09
N ASN RA 101 14.34 -4.40 155.78
CA ASN RA 101 13.44 -3.61 154.95
C ASN RA 101 12.50 -4.58 154.23
N VAL RA 102 11.22 -4.57 154.63
CA VAL RA 102 10.25 -5.44 153.96
C VAL RA 102 9.75 -4.81 152.67
N ASP RA 103 9.94 -3.51 152.47
CA ASP RA 103 9.72 -2.92 151.15
C ASP RA 103 10.59 -3.59 150.10
N ALA RA 104 11.82 -3.94 150.47
CA ALA RA 104 12.79 -4.40 149.49
C ALA RA 104 12.35 -5.75 148.91
N PRO RA 105 12.51 -5.94 147.60
CA PRO RA 105 11.98 -7.15 146.96
C PRO RA 105 12.86 -8.34 147.26
N GLU RA 106 12.23 -9.51 147.31
CA GLU RA 106 12.94 -10.77 147.46
C GLU RA 106 13.25 -11.32 146.08
N TYR RA 107 14.49 -11.73 145.87
CA TYR RA 107 14.89 -12.28 144.58
C TYR RA 107 15.20 -13.77 144.71
N THR RA 108 14.95 -14.49 143.63
CA THR RA 108 15.25 -15.92 143.54
C THR RA 108 16.46 -16.11 142.65
N LEU RA 109 17.50 -16.72 143.20
CA LEU RA 109 18.77 -16.92 142.50
C LEU RA 109 18.94 -18.39 142.18
N PRO RA 110 18.83 -18.81 140.92
CA PRO RA 110 19.02 -20.23 140.60
C PRO RA 110 20.49 -20.63 140.47
N GLN RA 111 20.74 -21.88 140.91
CA GLN RA 111 22.08 -22.46 140.89
C GLN RA 111 21.94 -23.92 140.49
N SER RA 112 22.82 -24.39 139.60
CA SER RA 112 22.75 -25.78 139.15
C SER RA 112 24.15 -26.37 138.99
N CYS RA 113 24.26 -27.66 139.28
CA CYS RA 113 25.54 -28.35 139.23
C CYS RA 113 25.32 -29.81 138.87
N SER RA 114 26.15 -30.33 137.97
CA SER RA 114 25.97 -31.68 137.44
C SER RA 114 27.29 -32.41 137.34
N ILE RA 115 27.26 -33.69 137.70
CA ILE RA 115 28.44 -34.57 137.66
C ILE RA 115 28.09 -35.81 136.85
N ARG RA 116 28.92 -36.12 135.84
CA ARG RA 116 28.76 -37.31 135.02
C ARG RA 116 30.02 -38.15 135.15
N LEU RA 117 29.86 -39.39 135.58
CA LEU RA 117 30.97 -40.32 135.75
C LEU RA 117 30.74 -41.53 134.86
N ALA RA 118 31.73 -41.85 134.03
CA ALA RA 118 31.60 -42.92 133.03
C ALA RA 118 32.88 -43.72 133.06
N SER RA 119 32.82 -44.90 133.63
CA SER RA 119 34.00 -45.75 133.82
C SER RA 119 33.88 -46.98 132.94
N THR RA 120 35.03 -47.49 132.49
CA THR RA 120 35.04 -48.88 132.05
C THR RA 120 35.29 -49.75 133.29
N VAL RA 121 34.64 -50.91 133.33
CA VAL RA 121 34.67 -51.77 134.50
C VAL RA 121 34.94 -53.18 134.06
N THR RA 122 35.91 -53.82 134.71
CA THR RA 122 36.20 -55.23 134.62
C THR RA 122 36.16 -55.80 136.03
N LYS RA 123 36.36 -57.12 136.14
CA LYS RA 123 36.21 -57.78 137.43
C LYS RA 123 37.12 -57.18 138.51
N GLU RA 124 38.23 -56.52 138.11
CA GLU RA 124 39.17 -55.97 139.07
C GLU RA 124 38.94 -54.50 139.38
N THR RA 125 38.02 -53.85 138.68
CA THR RA 125 37.65 -52.48 139.03
C THR RA 125 36.91 -52.47 140.37
N THR RA 126 37.39 -51.65 141.30
CA THR RA 126 36.76 -51.57 142.62
C THR RA 126 35.98 -50.26 142.78
N ALA RA 127 35.09 -50.29 143.79
CA ALA RA 127 34.33 -49.10 144.13
C ALA RA 127 35.25 -47.93 144.42
N ALA RA 128 36.29 -48.15 145.24
CA ALA RA 128 37.21 -47.08 145.59
C ALA RA 128 38.05 -46.63 144.40
N ASP RA 129 38.39 -47.54 143.48
CA ASP RA 129 39.05 -47.12 142.25
C ASP RA 129 38.19 -46.11 141.49
N ILE RA 130 36.89 -46.39 141.37
CA ILE RA 130 36.04 -45.47 140.64
C ILE RA 130 35.82 -44.18 141.42
N ALA RA 131 35.76 -44.27 142.75
CA ALA RA 131 35.68 -43.06 143.55
C ALA RA 131 36.90 -42.16 143.34
N GLY RA 132 38.04 -42.78 143.03
CA GLY RA 132 39.26 -42.01 142.89
C GLY RA 132 39.21 -41.01 141.75
N ILE RA 133 38.52 -41.36 140.66
CA ILE RA 133 38.53 -40.43 139.52
C ILE RA 133 37.69 -39.20 139.84
N VAL RA 134 36.62 -39.34 140.60
CA VAL RA 134 35.86 -38.17 141.03
C VAL RA 134 36.72 -37.27 141.92
N LEU RA 135 37.45 -37.88 142.86
CA LEU RA 135 38.30 -37.10 143.75
C LEU RA 135 39.45 -36.43 143.00
N ARG RA 136 39.94 -37.05 141.93
CA ARG RA 136 41.01 -36.45 141.14
C ARG RA 136 40.48 -35.37 140.21
N THR RA 137 39.25 -35.50 139.73
CA THR RA 137 38.63 -34.39 139.00
C THR RA 137 38.43 -33.19 139.92
N LEU RA 138 38.00 -33.44 141.16
CA LEU RA 138 37.80 -32.34 142.10
C LEU RA 138 39.10 -31.72 142.55
N ALA RA 139 40.16 -32.52 142.68
CA ALA RA 139 41.40 -32.08 143.34
C ALA RA 139 41.98 -30.78 142.79
N PRO RA 140 42.07 -30.55 141.47
CA PRO RA 140 42.71 -29.30 141.02
C PRO RA 140 41.86 -28.05 141.27
N ILE RA 141 40.54 -28.18 141.37
CA ILE RA 141 39.69 -27.02 141.67
C ILE RA 141 39.73 -26.70 143.17
N PHE RA 142 39.81 -27.73 144.02
CA PHE RA 142 39.80 -27.55 145.47
C PHE RA 142 41.09 -28.10 146.05
N PRO RA 143 42.23 -27.51 145.70
CA PRO RA 143 43.52 -28.15 146.04
C PRO RA 143 43.82 -28.15 147.52
N ASN RA 144 43.17 -27.27 148.30
CA ASN RA 144 43.22 -27.34 149.76
C ASN RA 144 41.89 -27.76 150.34
N GLY RA 145 41.05 -28.43 149.54
CA GLY RA 145 39.77 -28.88 150.05
C GLY RA 145 38.95 -27.70 150.51
N SER RA 146 38.22 -27.89 151.60
CA SER RA 146 37.40 -26.82 152.14
C SER RA 146 38.20 -25.66 152.72
N GLY RA 147 39.52 -25.69 152.64
CA GLY RA 147 40.31 -24.65 153.30
C GLY RA 147 40.22 -23.28 152.63
N ASP RA 148 40.62 -23.19 151.37
CA ASP RA 148 40.52 -21.93 150.64
C ASP RA 148 39.81 -22.17 149.33
N TRP RA 149 39.26 -21.09 148.77
CA TRP RA 149 38.49 -21.18 147.53
C TRP RA 149 39.18 -20.46 146.39
N ILE RA 150 40.51 -20.46 146.36
CA ILE RA 150 41.23 -19.56 145.47
C ILE RA 150 41.03 -19.99 144.02
N LYS RA 151 41.23 -21.27 143.74
CA LYS RA 151 41.09 -21.73 142.37
C LYS RA 151 39.63 -21.71 141.93
N LEU RA 152 38.72 -22.03 142.85
CA LEU RA 152 37.30 -21.91 142.52
C LEU RA 152 36.97 -20.48 142.11
N GLN RA 153 37.38 -19.51 142.94
CA GLN RA 153 37.07 -18.11 142.65
C GLN RA 153 37.64 -17.70 141.29
N GLN RA 154 38.87 -18.11 141.00
CA GLN RA 154 39.41 -17.75 139.69
C GLN RA 154 38.67 -18.46 138.55
N LEU RA 155 38.01 -19.59 138.82
CA LEU RA 155 37.13 -20.16 137.79
C LEU RA 155 35.87 -19.33 137.61
N ILE RA 156 35.34 -18.77 138.69
CA ILE RA 156 34.19 -17.89 138.58
C ILE RA 156 34.56 -16.60 137.86
N ASP RA 157 35.82 -16.18 137.96
CA ASP RA 157 36.28 -14.95 137.32
C ASP RA 157 36.50 -15.09 135.83
N GLY RA 158 36.46 -16.31 135.29
CA GLY RA 158 36.67 -16.56 133.88
C GLY RA 158 38.13 -16.74 133.52
N LEU RA 159 38.88 -17.44 134.37
CA LEU RA 159 40.32 -17.66 134.19
C LEU RA 159 40.55 -19.17 134.12
N PRO RA 160 40.30 -19.77 132.94
CA PRO RA 160 40.28 -21.23 132.84
C PRO RA 160 41.62 -21.91 133.07
N ARG RA 161 42.73 -21.19 132.95
CA ARG RA 161 44.06 -21.81 133.05
C ARG RA 161 44.37 -22.08 134.52
N ILE RA 162 44.22 -23.33 134.92
CA ILE RA 162 44.35 -23.71 136.33
C ILE RA 162 45.74 -24.23 136.63
N PHE RA 163 46.30 -25.05 135.75
CA PHE RA 163 47.68 -25.48 135.87
C PHE RA 163 48.65 -24.53 135.14
N GLY RA 164 48.14 -23.46 134.53
CA GLY RA 164 48.98 -22.50 133.82
C GLY RA 164 48.75 -22.39 132.32
N SER SA 1 61.94 -55.87 135.54
CA SER SA 1 63.18 -56.63 135.40
C SER SA 1 63.80 -56.41 134.03
N TYR SA 2 62.95 -56.15 133.04
CA TYR SA 2 63.40 -55.89 131.67
C TYR SA 2 64.38 -54.73 131.61
N THR SA 3 65.50 -54.94 130.93
CA THR SA 3 66.44 -53.87 130.64
C THR SA 3 66.59 -53.71 129.13
N ILE SA 4 66.92 -52.48 128.73
CA ILE SA 4 67.15 -52.15 127.34
C ILE SA 4 68.65 -52.00 127.16
N ASP SA 5 69.21 -52.77 126.23
CA ASP SA 5 70.61 -52.68 125.86
C ASP SA 5 70.70 -52.08 124.46
N ILE SA 6 71.40 -50.95 124.34
CA ILE SA 6 71.77 -50.48 123.02
C ILE SA 6 72.72 -51.50 122.41
N ASN SA 7 72.46 -51.90 121.18
CA ASN SA 7 73.31 -52.89 120.53
C ASN SA 7 74.38 -52.18 119.71
N CYS SA 8 75.14 -51.32 120.37
CA CYS SA 8 76.08 -50.45 119.67
C CYS SA 8 77.49 -50.60 120.23
N SER SA 9 78.44 -49.97 119.55
CA SER SA 9 79.80 -49.82 120.04
C SER SA 9 79.98 -48.41 120.58
N THR SA 10 80.39 -48.32 121.84
CA THR SA 10 80.68 -47.05 122.50
C THR SA 10 82.03 -47.09 123.16
N GLY SA 11 82.60 -45.90 123.35
CA GLY SA 11 83.93 -45.76 123.89
C GLY SA 11 83.93 -45.32 125.34
N ASP SA 12 85.14 -45.07 125.83
CA ASP SA 12 85.33 -44.57 127.18
C ASP SA 12 85.41 -43.06 127.26
N THR SA 13 85.84 -42.42 126.17
CA THR SA 13 86.12 -41.00 126.18
C THR SA 13 84.83 -40.21 126.01
N GLN SA 14 84.84 -38.98 126.53
CA GLN SA 14 83.71 -38.09 126.37
C GLN SA 14 84.20 -36.69 126.03
N ALA SA 15 83.32 -35.92 125.39
CA ALA SA 15 83.66 -34.58 124.92
C ALA SA 15 82.45 -33.66 125.03
N ASN SA 16 82.72 -32.38 125.27
CA ASN SA 16 81.68 -31.36 125.40
C ASN SA 16 81.37 -30.75 124.04
N LEU SA 17 80.17 -30.97 123.53
CA LEU SA 17 79.63 -30.17 122.42
C LEU SA 17 78.85 -29.03 123.06
N VAL SA 18 79.37 -27.81 122.97
CA VAL SA 18 78.88 -26.73 123.81
C VAL SA 18 77.87 -25.90 123.03
N LEU SA 19 76.65 -25.92 123.54
CA LEU SA 19 75.51 -25.25 122.94
C LEU SA 19 75.32 -23.88 123.56
N THR SA 20 75.05 -22.90 122.71
CA THR SA 20 74.67 -21.56 123.14
C THR SA 20 73.16 -21.44 123.05
N GLU SA 21 72.54 -20.88 124.09
CA GLU SA 21 71.09 -20.96 124.24
C GLU SA 21 70.37 -20.14 123.18
N ILE SA 22 69.18 -20.60 122.82
CA ILE SA 22 68.32 -19.92 121.85
C ILE SA 22 67.11 -19.40 122.62
N PRO SA 23 67.01 -18.08 122.87
CA PRO SA 23 65.93 -17.56 123.69
C PRO SA 23 64.57 -17.78 123.03
N ALA SA 24 63.60 -18.21 123.85
CA ALA SA 24 62.28 -18.48 123.28
C ALA SA 24 61.51 -17.20 123.03
N GLU SA 25 61.70 -16.21 123.91
CA GLU SA 25 60.98 -14.93 123.87
C GLU SA 25 60.81 -14.34 122.47
N PRO SA 26 61.82 -14.35 121.57
CA PRO SA 26 61.63 -13.71 120.26
C PRO SA 26 60.85 -14.51 119.22
N TYR SA 27 60.62 -15.81 119.41
CA TYR SA 27 60.00 -16.61 118.35
C TYR SA 27 58.49 -16.42 118.32
N VAL SA 28 57.91 -16.53 117.11
CA VAL SA 28 56.48 -16.28 116.90
C VAL SA 28 55.90 -17.31 115.92
N HIS SA 29 54.75 -17.87 116.27
CA HIS SA 29 54.05 -18.80 115.39
C HIS SA 29 53.73 -18.17 114.04
N VAL SA 30 53.98 -18.90 112.96
CA VAL SA 30 53.75 -18.37 111.62
C VAL SA 30 52.82 -19.27 110.81
N SER SA 31 52.85 -20.57 111.07
CA SER SA 31 52.03 -21.48 110.29
C SER SA 31 52.00 -22.85 110.95
N GLY SA 32 50.93 -23.58 110.65
CA GLY SA 32 50.69 -24.91 111.18
C GLY SA 32 49.57 -24.90 112.19
N ASP SA 33 49.37 -26.06 112.81
CA ASP SA 33 48.44 -26.23 113.92
C ASP SA 33 49.21 -26.55 115.19
N ASN SA 34 48.75 -26.03 116.32
CA ASN SA 34 49.41 -26.29 117.60
C ASN SA 34 49.35 -27.76 118.02
N LYS SA 35 48.69 -28.62 117.22
CA LYS SA 35 48.59 -30.05 117.52
C LYS SA 35 49.72 -30.85 116.88
N SER SA 36 49.90 -30.73 115.56
CA SER SA 36 50.86 -31.56 114.84
C SER SA 36 52.14 -30.80 114.48
N THR SA 37 52.04 -29.70 113.75
CA THR SA 37 53.20 -29.05 113.15
C THR SA 37 53.14 -27.54 113.39
N ILE SA 38 54.28 -26.96 113.79
CA ILE SA 38 54.37 -25.55 114.15
C ILE SA 38 55.66 -24.95 113.58
N GLU SA 39 55.56 -23.73 113.04
CA GLU SA 39 56.72 -23.05 112.47
C GLU SA 39 56.91 -21.71 113.17
N TYR SA 40 58.01 -21.57 113.91
CA TYR SA 40 58.31 -20.31 114.58
C TYR SA 40 59.23 -19.44 113.73
N LEU SA 41 59.07 -18.13 113.88
CA LEU SA 41 59.88 -17.11 113.23
C LEU SA 41 60.64 -16.33 114.29
N ASP SA 42 61.96 -16.25 114.13
CA ASP SA 42 62.82 -15.43 114.97
C ASP SA 42 62.63 -13.97 114.59
N THR SA 43 61.84 -13.24 115.38
CA THR SA 43 61.71 -11.79 115.20
C THR SA 43 62.99 -11.04 115.53
N GLY SA 44 64.04 -11.72 115.98
CA GLY SA 44 65.30 -11.07 116.26
C GLY SA 44 66.15 -10.89 115.02
N SER SA 45 65.51 -10.80 113.87
CA SER SA 45 66.19 -10.71 112.60
C SER SA 45 65.90 -9.38 111.92
N ASP SA 46 66.47 -9.21 110.74
CA ASP SA 46 66.30 -7.97 109.98
C ASP SA 46 64.86 -7.81 109.53
N ASN SA 47 64.34 -6.57 109.62
CA ASN SA 47 63.02 -6.28 109.06
C ASN SA 47 63.02 -6.36 107.54
N SER SA 48 64.10 -5.87 106.91
CA SER SA 48 64.09 -5.42 105.53
C SER SA 48 64.33 -6.55 104.53
N LEU SA 49 64.29 -7.79 104.97
CA LEU SA 49 64.45 -8.94 104.10
C LEU SA 49 63.14 -9.71 103.99
N LEU SA 50 62.88 -10.24 102.80
CA LEU SA 50 61.74 -11.13 102.64
C LEU SA 50 61.96 -12.48 103.31
N VAL SA 51 63.20 -12.80 103.66
CA VAL SA 51 63.54 -14.03 104.35
C VAL SA 51 63.97 -13.69 105.77
N ARG SA 52 63.51 -14.51 106.71
CA ARG SA 52 63.88 -14.35 108.11
C ARG SA 52 64.01 -15.72 108.74
N PRO SA 53 64.86 -15.86 109.75
CA PRO SA 53 65.15 -17.18 110.31
C PRO SA 53 63.94 -17.80 110.98
N THR SA 54 63.75 -19.09 110.72
CA THR SA 54 62.56 -19.80 111.15
C THR SA 54 62.95 -21.22 111.53
N GLN SA 55 62.45 -21.68 112.67
CA GLN SA 55 62.66 -23.08 113.06
C GLN SA 55 61.32 -23.76 113.24
N GLN SA 56 61.19 -24.94 112.66
CA GLN SA 56 59.94 -25.67 112.62
C GLN SA 56 60.07 -26.95 113.44
N PHE SA 57 58.97 -27.32 114.10
CA PHE SA 57 58.86 -28.56 114.87
C PHE SA 57 57.63 -29.33 114.43
N ASN SA 58 57.73 -30.65 114.44
CA ASN SA 58 56.74 -31.50 113.80
C ASN SA 58 56.79 -32.88 114.44
N CYS SA 59 55.72 -33.29 115.12
CA CYS SA 59 55.66 -34.60 115.80
C CYS SA 59 54.60 -35.49 115.16
N VAL SA 60 54.86 -36.81 115.18
CA VAL SA 60 53.92 -37.84 114.73
C VAL SA 60 54.13 -39.10 115.57
N SER SA 61 53.15 -40.01 115.50
CA SER SA 61 53.18 -41.22 116.30
C SER SA 61 52.32 -42.28 115.61
N SER SA 62 52.69 -43.54 115.83
CA SER SA 62 52.04 -44.65 115.14
C SER SA 62 51.99 -45.88 116.03
N GLN SA 63 50.90 -46.65 115.86
CA GLN SA 63 50.68 -47.89 116.60
C GLN SA 63 51.37 -49.08 115.93
N TYR SA 64 52.08 -48.87 114.83
CA TYR SA 64 52.67 -49.94 114.04
C TYR SA 64 54.17 -49.68 113.91
N PRO SA 65 54.92 -49.84 115.01
CA PRO SA 65 56.31 -49.38 115.03
C PRO SA 65 57.24 -50.17 114.15
N TYR SA 66 56.84 -51.37 113.72
CA TYR SA 66 57.66 -52.25 112.91
C TYR SA 66 57.28 -52.21 111.43
N ARG SA 67 56.60 -51.16 110.99
CA ARG SA 67 56.02 -51.15 109.65
C ARG SA 67 57.10 -51.24 108.58
N ASN SA 68 58.18 -50.46 108.74
CA ASN SA 68 59.24 -50.43 107.75
C ASN SA 68 60.38 -51.39 108.08
N TYR SA 69 60.42 -51.94 109.29
CA TYR SA 69 61.50 -52.84 109.69
C TYR SA 69 61.07 -54.28 109.47
N SER SA 70 61.07 -54.66 108.18
CA SER SA 70 60.54 -55.96 107.78
C SER SA 70 61.38 -57.12 108.29
N LYS SA 71 62.67 -56.90 108.52
CA LYS SA 71 63.60 -57.97 108.85
C LYS SA 71 63.63 -58.33 110.33
N ILE SA 72 62.69 -57.83 111.13
CA ILE SA 72 62.52 -58.27 112.51
C ILE SA 72 61.35 -59.24 112.55
N PRO SA 73 61.53 -60.45 113.05
CA PRO SA 73 60.42 -61.41 113.12
C PRO SA 73 59.40 -61.02 114.19
N ARG SA 74 58.18 -61.52 114.03
CA ARG SA 74 57.13 -61.23 115.01
C ARG SA 74 57.48 -61.78 116.38
N SER SA 75 58.22 -62.89 116.43
CA SER SA 75 58.68 -63.42 117.71
C SER SA 75 59.58 -62.45 118.47
N GLN SA 76 60.08 -61.41 117.81
CA GLN SA 76 60.95 -60.43 118.45
C GLN SA 76 60.38 -59.02 118.41
N GLN SA 77 59.12 -58.85 117.98
CA GLN SA 77 58.45 -57.56 117.96
C GLN SA 77 57.67 -57.34 119.25
N ASP SA 78 58.03 -56.32 120.02
CA ASP SA 78 57.35 -55.99 121.28
C ASP SA 78 55.96 -55.44 121.01
N PRO SA 79 54.88 -56.17 121.33
CA PRO SA 79 53.55 -55.71 120.95
C PRO SA 79 53.08 -54.50 121.73
N LEU SA 80 53.64 -54.26 122.92
CA LEU SA 80 53.32 -53.05 123.66
C LEU SA 80 53.93 -51.82 123.03
N ALA SA 81 55.05 -51.98 122.32
CA ALA SA 81 55.85 -50.87 121.85
C ALA SA 81 55.14 -50.08 120.75
N VAL SA 82 55.47 -48.79 120.68
CA VAL SA 82 54.75 -47.81 119.87
C VAL SA 82 55.78 -46.84 119.30
N ARG SA 83 55.52 -46.35 118.07
CA ARG SA 83 56.47 -45.46 117.39
C ARG SA 83 56.20 -43.98 117.69
N ARG SA 84 57.23 -43.28 118.16
CA ARG SA 84 57.20 -41.84 118.39
C ARG SA 84 58.22 -41.19 117.46
N GLU SA 85 57.90 -40.02 116.89
CA GLU SA 85 58.83 -39.38 115.97
C GLU SA 85 58.66 -37.87 116.04
N PHE SA 86 59.77 -37.15 115.91
CA PHE SA 86 59.77 -35.70 115.78
C PHE SA 86 60.77 -35.26 114.72
N TYR SA 87 60.59 -34.03 114.26
CA TYR SA 87 61.35 -33.45 113.16
C TYR SA 87 61.50 -31.97 113.43
N THR SA 88 62.73 -31.48 113.42
CA THR SA 88 62.99 -30.06 113.51
C THR SA 88 63.75 -29.63 112.27
N ARG SA 89 63.45 -28.43 111.78
CA ARG SA 89 64.15 -27.85 110.63
C ARG SA 89 64.39 -26.37 110.91
N ARG SA 90 65.65 -26.00 111.08
CA ARG SA 90 66.03 -24.60 111.28
C ARG SA 90 66.60 -24.06 109.98
N VAL SA 91 66.05 -22.95 109.53
CA VAL SA 91 66.57 -22.21 108.40
C VAL SA 91 67.00 -20.85 108.95
N GLU SA 92 68.27 -20.52 108.79
CA GLU SA 92 68.72 -19.16 109.09
C GLU SA 92 69.36 -18.56 107.85
N TYR SA 93 69.20 -17.27 107.69
CA TYR SA 93 69.70 -16.54 106.52
C TYR SA 93 70.78 -15.58 107.01
N TRP SA 94 72.04 -15.88 106.68
CA TRP SA 94 73.14 -15.04 107.11
C TRP SA 94 73.28 -13.81 106.21
N ARG SA 95 74.04 -12.85 106.71
CA ARG SA 95 74.17 -11.51 106.13
C ARG SA 95 75.66 -11.25 106.00
N LYS SA 96 76.19 -11.20 104.78
CA LYS SA 96 77.60 -10.90 104.61
C LYS SA 96 77.78 -9.48 104.06
N ALA SA 97 78.72 -8.76 104.66
CA ALA SA 97 79.09 -7.41 104.27
C ALA SA 97 80.28 -6.96 105.09
N ASP SA 98 81.00 -5.97 104.57
CA ASP SA 98 82.07 -5.32 105.31
C ASP SA 98 81.65 -3.90 105.63
N ALA SA 99 81.90 -3.48 106.87
CA ALA SA 99 81.59 -2.12 107.28
C ALA SA 99 82.61 -1.12 106.73
N SER SA 100 83.78 -1.61 106.33
CA SER SA 100 84.80 -0.74 105.76
C SER SA 100 84.33 -0.14 104.44
N ASN SA 101 83.66 -0.93 103.62
CA ASN SA 101 83.26 -0.52 102.27
C ASN SA 101 81.74 -0.64 102.17
N VAL SA 102 81.03 0.48 102.28
CA VAL SA 102 79.58 0.47 102.15
C VAL SA 102 79.15 0.44 100.69
N ASP SA 103 80.06 0.73 99.77
CA ASP SA 103 79.78 0.52 98.35
C ASP SA 103 79.67 -0.96 98.03
N ALA SA 104 80.42 -1.80 98.73
CA ALA SA 104 80.44 -3.23 98.42
C ALA SA 104 79.09 -3.85 98.77
N PRO SA 105 78.54 -4.70 97.91
CA PRO SA 105 77.17 -5.16 98.09
C PRO SA 105 77.04 -6.16 99.23
N GLU SA 106 75.87 -6.18 99.84
CA GLU SA 106 75.55 -7.09 100.92
C GLU SA 106 74.83 -8.31 100.35
N TYR SA 107 75.14 -9.48 100.89
CA TYR SA 107 74.56 -10.72 100.37
C TYR SA 107 73.86 -11.50 101.47
N THR SA 108 72.86 -12.27 101.06
CA THR SA 108 72.13 -13.17 101.94
C THR SA 108 72.59 -14.60 101.66
N LEU SA 109 73.02 -15.29 102.71
CA LEU SA 109 73.57 -16.65 102.60
C LEU SA 109 72.66 -17.62 103.33
N PRO SA 110 71.82 -18.38 102.62
CA PRO SA 110 70.92 -19.32 103.32
C PRO SA 110 71.62 -20.58 103.80
N GLN SA 111 71.21 -21.00 105.01
CA GLN SA 111 71.74 -22.16 105.69
C GLN SA 111 70.54 -22.87 106.31
N SER SA 112 70.54 -24.21 106.27
CA SER SA 112 69.41 -24.98 106.77
C SER SA 112 69.89 -26.32 107.32
N CYS SA 113 69.24 -26.77 108.38
CA CYS SA 113 69.65 -27.98 109.07
C CYS SA 113 68.43 -28.66 109.69
N SER SA 114 68.32 -29.97 109.53
CA SER SA 114 67.14 -30.68 110.00
C SER SA 114 67.54 -31.97 110.72
N ILE SA 115 66.80 -32.27 111.78
CA ILE SA 115 66.98 -33.48 112.58
C ILE SA 115 65.66 -34.23 112.63
N ARG SA 116 65.71 -35.52 112.32
CA ARG SA 116 64.54 -36.39 112.40
C ARG SA 116 64.86 -37.55 113.32
N LEU SA 117 64.10 -37.65 114.41
CA LEU SA 117 64.27 -38.74 115.37
C LEU SA 117 63.01 -39.58 115.40
N ALA SA 118 63.16 -40.88 115.14
CA ALA SA 118 62.05 -41.82 115.20
C ALA SA 118 62.48 -42.97 116.11
N SER SA 119 61.84 -43.10 117.27
CA SER SA 119 62.14 -44.14 118.22
C SER SA 119 60.97 -45.10 118.33
N THR SA 120 61.24 -46.38 118.61
CA THR SA 120 60.18 -47.22 119.13
C THR SA 120 60.30 -47.19 120.65
N VAL SA 121 59.25 -46.67 121.30
CA VAL SA 121 59.19 -46.54 122.75
C VAL SA 121 58.44 -47.74 123.31
N THR SA 122 58.92 -48.25 124.43
CA THR SA 122 58.20 -49.23 125.23
C THR SA 122 58.20 -48.73 126.68
N LYS SA 123 57.60 -49.52 127.57
CA LYS SA 123 57.44 -49.09 128.96
C LYS SA 123 58.78 -48.69 129.58
N GLU SA 124 59.85 -49.38 129.23
CA GLU SA 124 61.16 -49.17 129.83
C GLU SA 124 62.01 -48.16 129.08
N THR SA 125 61.59 -47.73 127.89
CA THR SA 125 62.33 -46.70 127.16
C THR SA 125 62.25 -45.39 127.93
N THR SA 126 63.40 -44.79 128.18
CA THR SA 126 63.49 -43.57 128.98
C THR SA 126 63.87 -42.36 128.13
N ALA SA 127 63.67 -41.20 128.76
CA ALA SA 127 64.13 -39.95 128.17
C ALA SA 127 65.59 -40.03 127.76
N ALA SA 128 66.45 -40.43 128.72
CA ALA SA 128 67.88 -40.49 128.47
C ALA SA 128 68.21 -41.50 127.37
N ASP SA 129 67.52 -42.64 127.35
CA ASP SA 129 67.74 -43.61 126.29
C ASP SA 129 67.47 -43.01 124.92
N ILE SA 130 66.41 -42.21 124.80
CA ILE SA 130 66.12 -41.63 123.50
C ILE SA 130 67.10 -40.52 123.16
N ALA SA 131 67.55 -39.76 124.16
CA ALA SA 131 68.61 -38.78 123.91
C ALA SA 131 69.89 -39.45 123.42
N GLY SA 132 70.16 -40.66 123.91
CA GLY SA 132 71.39 -41.34 123.56
C GLY SA 132 71.56 -41.53 122.06
N ILE SA 133 70.46 -41.78 121.34
CA ILE SA 133 70.62 -42.04 119.91
C ILE SA 133 71.00 -40.76 119.17
N VAL SA 134 70.45 -39.63 119.58
CA VAL SA 134 70.89 -38.35 119.00
C VAL SA 134 72.36 -38.11 119.30
N LEU SA 135 72.77 -38.38 120.54
CA LEU SA 135 74.17 -38.14 120.90
C LEU SA 135 75.12 -39.05 120.12
N ARG SA 136 74.75 -40.32 119.93
CA ARG SA 136 75.59 -41.25 119.18
C ARG SA 136 75.53 -40.98 117.68
N THR SA 137 74.47 -40.34 117.19
CA THR SA 137 74.45 -39.88 115.80
C THR SA 137 75.41 -38.71 115.61
N LEU SA 138 75.51 -37.84 116.61
CA LEU SA 138 76.40 -36.69 116.50
C LEU SA 138 77.87 -37.07 116.66
N ALA SA 139 78.18 -37.98 117.58
CA ALA SA 139 79.57 -38.25 117.95
C ALA SA 139 80.49 -38.57 116.78
N PRO SA 140 80.06 -39.26 115.71
CA PRO SA 140 80.98 -39.45 114.58
C PRO SA 140 81.37 -38.15 113.90
N ILE SA 141 80.46 -37.18 113.84
CA ILE SA 141 80.75 -35.89 113.22
C ILE SA 141 81.54 -34.97 114.16
N PHE SA 142 81.33 -35.10 115.48
CA PHE SA 142 81.98 -34.23 116.46
C PHE SA 142 82.78 -35.10 117.44
N PRO SA 143 83.86 -35.72 116.98
CA PRO SA 143 84.57 -36.66 117.86
C PRO SA 143 85.19 -35.99 119.07
N ASN SA 144 85.45 -34.68 119.01
CA ASN SA 144 85.96 -33.92 120.14
C ASN SA 144 84.99 -32.83 120.56
N GLY SA 145 83.75 -32.90 120.11
CA GLY SA 145 82.75 -31.92 120.52
C GLY SA 145 83.12 -30.58 119.92
N SER SA 146 83.04 -29.53 120.72
CA SER SA 146 83.42 -28.21 120.23
C SER SA 146 84.92 -28.05 120.05
N GLY SA 147 85.73 -29.02 120.50
CA GLY SA 147 87.18 -28.83 120.54
C GLY SA 147 87.81 -28.56 119.17
N ASP SA 148 87.35 -29.25 118.14
CA ASP SA 148 87.79 -29.05 116.76
C ASP SA 148 86.60 -29.31 115.85
N TRP SA 149 86.78 -28.98 114.57
CA TRP SA 149 85.70 -29.18 113.59
C TRP SA 149 86.15 -30.06 112.44
N ILE SA 150 87.11 -30.96 112.66
CA ILE SA 150 87.83 -31.55 111.55
C ILE SA 150 86.92 -32.46 110.73
N LYS SA 151 86.17 -33.33 111.41
CA LYS SA 151 85.31 -34.25 110.67
C LYS SA 151 84.16 -33.51 110.01
N LEU SA 152 83.63 -32.48 110.66
CA LEU SA 152 82.61 -31.67 110.01
C LEU SA 152 83.15 -31.01 108.75
N GLN SA 153 84.37 -30.50 108.82
CA GLN SA 153 85.01 -29.90 107.65
C GLN SA 153 85.14 -30.92 106.53
N GLN SA 154 85.50 -32.16 106.86
CA GLN SA 154 85.54 -33.20 105.84
C GLN SA 154 84.18 -33.40 105.19
N LEU SA 155 83.12 -33.44 106.00
CA LEU SA 155 81.78 -33.59 105.46
C LEU SA 155 81.45 -32.47 104.48
N ILE SA 156 81.78 -31.23 104.85
CA ILE SA 156 81.51 -30.12 103.95
C ILE SA 156 82.35 -30.23 102.68
N ASP SA 157 83.64 -30.57 102.84
CA ASP SA 157 84.54 -30.76 101.71
C ASP SA 157 84.07 -31.86 100.78
N GLY SA 158 83.20 -32.74 101.25
CA GLY SA 158 82.60 -33.76 100.43
C GLY SA 158 83.18 -35.14 100.61
N LEU SA 159 83.77 -35.44 101.76
CA LEU SA 159 84.53 -36.67 102.02
C LEU SA 159 83.76 -37.57 102.97
N PRO SA 160 82.85 -38.41 102.45
CA PRO SA 160 81.88 -39.09 103.33
C PRO SA 160 82.47 -40.20 104.16
N ARG SA 161 83.68 -40.67 103.85
CA ARG SA 161 84.31 -41.76 104.60
C ARG SA 161 84.81 -41.23 105.95
N ILE SA 162 83.92 -41.26 106.93
CA ILE SA 162 84.21 -40.72 108.26
C ILE SA 162 84.85 -41.78 109.16
N PHE SA 163 84.46 -43.04 109.01
CA PHE SA 163 85.07 -44.11 109.77
C PHE SA 163 86.22 -44.75 109.01
N GLY SA 164 86.72 -44.08 107.98
CA GLY SA 164 87.78 -44.63 107.15
C GLY SA 164 87.22 -45.34 105.93
N SER TA 1 -81.27 68.77 44.01
CA SER TA 1 -80.11 68.25 44.71
C SER TA 1 -80.36 66.81 45.13
N TYR TA 2 -79.41 65.93 44.83
CA TYR TA 2 -79.61 64.49 44.95
C TYR TA 2 -79.96 64.08 46.37
N THR TA 3 -80.93 63.16 46.49
CA THR TA 3 -81.26 62.50 47.76
C THR TA 3 -81.13 60.99 47.59
N ILE TA 4 -80.87 60.32 48.70
CA ILE TA 4 -80.68 58.87 48.74
C ILE TA 4 -81.92 58.22 49.36
N ASP TA 5 -82.58 57.38 48.58
CA ASP TA 5 -83.71 56.57 49.03
C ASP TA 5 -83.21 55.18 49.37
N ILE TA 6 -83.38 54.76 50.62
CA ILE TA 6 -83.13 53.36 50.92
C ILE TA 6 -84.32 52.58 50.38
N ASN TA 7 -84.14 51.94 49.25
CA ASN TA 7 -85.19 51.16 48.63
C ASN TA 7 -85.41 49.96 49.53
N CYS TA 8 -86.45 50.01 50.36
CA CYS TA 8 -86.51 49.10 51.50
C CYS TA 8 -87.81 49.33 52.26
N SER TA 9 -88.18 48.35 53.08
CA SER TA 9 -89.36 48.44 53.93
C SER TA 9 -88.95 48.70 55.38
N THR TA 10 -89.35 49.86 55.91
CA THR TA 10 -89.14 50.21 57.32
C THR TA 10 -90.48 50.35 58.03
N GLY TA 11 -90.41 50.34 59.36
CA GLY TA 11 -91.59 50.37 60.21
C GLY TA 11 -91.63 51.60 61.09
N ASP TA 12 -92.72 51.82 61.81
CA ASP TA 12 -92.81 52.99 62.67
C ASP TA 12 -92.14 52.76 64.03
N THR TA 13 -92.24 51.55 64.55
CA THR TA 13 -91.78 51.23 65.89
C THR TA 13 -90.25 51.23 65.99
N GLN TA 14 -89.73 51.46 67.20
CA GLN TA 14 -88.29 51.39 67.42
C GLN TA 14 -88.03 50.67 68.74
N ALA TA 15 -86.97 49.87 68.76
CA ALA TA 15 -86.53 49.17 69.95
C ALA TA 15 -85.11 49.58 70.32
N ASN TA 16 -84.76 49.40 71.59
CA ASN TA 16 -83.42 49.64 72.09
C ASN TA 16 -82.68 48.30 72.17
N LEU TA 17 -81.58 48.18 71.41
CA LEU TA 17 -80.61 47.12 71.62
C LEU TA 17 -79.55 47.69 72.56
N VAL TA 18 -79.51 47.19 73.79
CA VAL TA 18 -78.70 47.80 74.83
C VAL TA 18 -77.30 47.19 74.80
N LEU TA 19 -76.34 48.00 74.36
CA LEU TA 19 -74.95 47.58 74.31
C LEU TA 19 -74.25 47.97 75.60
N THR TA 20 -73.43 47.06 76.10
CA THR TA 20 -72.57 47.37 77.23
C THR TA 20 -71.17 47.64 76.71
N GLU TA 21 -70.57 48.74 77.17
CA GLU TA 21 -69.31 49.19 76.60
C GLU TA 21 -68.22 48.14 76.82
N ILE TA 22 -67.20 48.22 75.99
CA ILE TA 22 -66.02 47.39 76.12
C ILE TA 22 -64.82 48.33 76.28
N PRO TA 23 -64.17 48.37 77.44
CA PRO TA 23 -63.14 49.38 77.68
C PRO TA 23 -61.92 49.14 76.80
N ALA TA 24 -61.39 50.23 76.24
CA ALA TA 24 -60.28 50.09 75.31
C ALA TA 24 -58.97 49.83 76.01
N GLU TA 25 -58.84 50.23 77.27
CA GLU TA 25 -57.57 50.08 77.97
C GLU TA 25 -57.05 48.64 77.95
N PRO TA 26 -57.84 47.61 78.30
CA PRO TA 26 -57.26 46.27 78.37
C PRO TA 26 -56.85 45.67 77.03
N TYR TA 27 -57.20 46.26 75.88
CA TYR TA 27 -56.85 45.64 74.61
C TYR TA 27 -55.43 46.00 74.20
N VAL TA 28 -54.70 45.01 73.68
CA VAL TA 28 -53.30 45.17 73.28
C VAL TA 28 -53.16 44.80 71.81
N HIS TA 29 -52.61 45.72 71.02
CA HIS TA 29 -52.27 45.46 69.63
C HIS TA 29 -51.31 44.27 69.55
N VAL TA 30 -51.65 43.30 68.71
CA VAL TA 30 -50.90 42.06 68.60
C VAL TA 30 -50.29 41.88 67.21
N SER TA 31 -51.09 42.05 66.17
CA SER TA 31 -50.63 41.80 64.81
C SER TA 31 -51.34 42.73 63.84
N GLY TA 32 -50.63 43.09 62.78
CA GLY TA 32 -51.28 43.61 61.58
C GLY TA 32 -50.98 45.07 61.28
N ASP TA 33 -50.90 45.39 59.98
CA ASP TA 33 -50.81 46.75 59.46
C ASP TA 33 -52.19 47.40 59.41
N ASN TA 34 -52.24 48.63 58.90
CA ASN TA 34 -53.49 49.09 58.29
C ASN TA 34 -53.73 48.35 56.98
N LYS TA 35 -52.66 47.97 56.28
CA LYS TA 35 -52.77 47.19 55.04
C LYS TA 35 -53.19 45.75 55.33
N SER TA 36 -52.85 45.23 56.51
CA SER TA 36 -53.25 43.91 56.93
C SER TA 36 -54.47 44.05 57.86
N THR TA 37 -54.83 42.97 58.55
CA THR TA 37 -55.90 43.01 59.55
C THR TA 37 -55.34 43.27 60.96
N ILE TA 38 -55.85 44.31 61.62
CA ILE TA 38 -55.45 44.63 62.99
C ILE TA 38 -56.05 43.63 63.96
N GLU TA 39 -55.26 43.20 64.95
CA GLU TA 39 -55.71 42.20 65.90
C GLU TA 39 -55.41 42.68 67.32
N TYR TA 40 -56.41 42.62 68.20
CA TYR TA 40 -56.23 42.98 69.60
C TYR TA 40 -56.51 41.80 70.50
N LEU TA 41 -55.75 41.74 71.59
CA LEU TA 41 -55.93 40.77 72.67
C LEU TA 41 -56.56 41.47 73.87
N ASP TA 42 -57.65 40.88 74.39
CA ASP TA 42 -58.28 41.34 75.62
C ASP TA 42 -57.49 40.76 76.79
N THR TA 43 -56.63 41.57 77.41
CA THR TA 43 -55.77 41.11 78.49
C THR TA 43 -56.49 41.01 79.82
N GLY TA 44 -57.76 41.41 79.87
CA GLY TA 44 -58.55 41.21 81.06
C GLY TA 44 -59.23 39.85 81.00
N SER TA 45 -58.44 38.79 80.84
CA SER TA 45 -58.93 37.44 80.76
C SER TA 45 -58.14 36.53 81.68
N ASP TA 46 -58.58 35.29 81.82
CA ASP TA 46 -57.85 34.34 82.65
C ASP TA 46 -56.51 34.05 81.97
N ASN TA 47 -55.45 34.51 82.62
CA ASN TA 47 -54.09 34.27 82.15
C ASN TA 47 -53.78 32.78 82.07
N SER TA 48 -54.41 31.97 82.94
CA SER TA 48 -54.09 30.56 83.06
C SER TA 48 -54.67 29.72 81.93
N LEU TA 49 -55.25 30.35 80.91
CA LEU TA 49 -55.63 29.69 79.67
C LEU TA 49 -54.65 30.09 78.58
N LEU TA 50 -54.34 29.15 77.70
CA LEU TA 50 -53.52 29.47 76.54
C LEU TA 50 -54.33 30.09 75.41
N VAL TA 51 -55.65 30.14 75.53
CA VAL TA 51 -56.50 30.86 74.59
C VAL TA 51 -57.08 32.06 75.33
N ARG TA 52 -57.11 33.19 74.66
CA ARG TA 52 -57.57 34.43 75.26
C ARG TA 52 -58.40 35.19 74.25
N PRO TA 53 -59.30 36.05 74.70
CA PRO TA 53 -60.23 36.73 73.79
C PRO TA 53 -59.53 37.73 72.90
N THR TA 54 -59.88 37.71 71.62
CA THR TA 54 -59.29 38.62 70.65
C THR TA 54 -60.40 39.20 69.78
N GLN TA 55 -60.27 40.48 69.45
CA GLN TA 55 -61.11 41.04 68.38
C GLN TA 55 -60.23 41.68 67.31
N GLN TA 56 -60.59 41.46 66.06
CA GLN TA 56 -59.80 41.98 64.95
C GLN TA 56 -60.66 42.84 64.03
N PHE TA 57 -60.00 43.80 63.39
CA PHE TA 57 -60.61 44.80 62.53
C PHE TA 57 -59.79 44.92 61.25
N ASN TA 58 -60.46 44.72 60.12
CA ASN TA 58 -59.89 44.86 58.78
C ASN TA 58 -60.79 45.80 57.98
N CYS TA 59 -60.19 46.65 57.15
CA CYS TA 59 -61.03 47.42 56.24
C CYS TA 59 -60.28 47.69 54.95
N VAL TA 60 -61.04 47.65 53.85
CA VAL TA 60 -60.51 47.78 52.49
C VAL TA 60 -61.49 48.57 51.63
N SER TA 61 -60.95 49.19 50.58
CA SER TA 61 -61.70 50.12 49.77
C SER TA 61 -61.32 49.94 48.31
N SER TA 62 -62.29 50.15 47.42
CA SER TA 62 -62.06 49.99 45.99
C SER TA 62 -62.81 51.04 45.18
N GLN TA 63 -62.20 51.41 44.05
CA GLN TA 63 -62.79 52.36 43.13
C GLN TA 63 -63.81 51.74 42.20
N TYR TA 64 -64.05 50.43 42.32
CA TYR TA 64 -64.91 49.68 41.41
C TYR TA 64 -66.05 49.04 42.19
N PRO TA 65 -67.02 49.85 42.62
CA PRO TA 65 -67.98 49.38 43.63
C PRO TA 65 -69.01 48.41 43.10
N TYR TA 66 -69.16 48.32 41.78
CA TYR TA 66 -70.15 47.47 41.15
C TYR TA 66 -69.57 46.12 40.73
N ARG TA 67 -68.37 45.77 41.20
CA ARG TA 67 -67.70 44.57 40.69
C ARG TA 67 -68.48 43.30 41.03
N ASN TA 68 -69.05 43.23 42.23
CA ASN TA 68 -69.76 42.03 42.65
C ASN TA 68 -71.20 41.99 42.17
N TYR TA 69 -71.79 43.13 41.85
CA TYR TA 69 -73.20 43.22 41.52
C TYR TA 69 -73.35 43.22 40.00
N SER TA 70 -74.02 42.20 39.48
CA SER TA 70 -74.01 41.98 38.04
C SER TA 70 -75.18 42.64 37.32
N LYS TA 71 -76.35 42.74 37.95
CA LYS TA 71 -77.56 43.12 37.23
C LYS TA 71 -77.88 44.60 37.38
N ILE TA 72 -76.88 45.43 37.60
CA ILE TA 72 -77.04 46.89 37.64
C ILE TA 72 -76.50 47.45 36.34
N PRO TA 73 -77.32 48.10 35.51
CA PRO TA 73 -76.85 48.66 34.24
C PRO TA 73 -75.87 49.81 34.45
N ARG TA 74 -74.98 49.99 33.47
CA ARG TA 74 -74.02 51.10 33.54
C ARG TA 74 -74.73 52.45 33.63
N SER TA 75 -75.85 52.58 32.92
CA SER TA 75 -76.62 53.83 32.97
C SER TA 75 -77.13 54.14 34.37
N GLN TA 76 -77.04 53.21 35.30
CA GLN TA 76 -77.46 53.42 36.69
C GLN TA 76 -76.28 53.35 37.66
N GLN TA 77 -75.06 53.26 37.17
CA GLN TA 77 -73.88 53.18 38.03
C GLN TA 77 -73.28 54.57 38.25
N ASP TA 78 -73.24 55.01 39.50
CA ASP TA 78 -72.71 56.33 39.84
C ASP TA 78 -71.19 56.37 39.65
N PRO TA 79 -70.68 57.16 38.70
CA PRO TA 79 -69.23 57.12 38.42
C PRO TA 79 -68.39 57.66 39.56
N LEU TA 80 -68.98 58.42 40.46
CA LEU TA 80 -68.29 58.93 41.64
C LEU TA 80 -68.38 57.99 42.83
N ALA TA 81 -69.14 56.91 42.71
CA ALA TA 81 -69.33 56.02 43.84
C ALA TA 81 -68.07 55.20 44.10
N VAL TA 82 -67.85 54.89 45.37
CA VAL TA 82 -66.69 54.13 45.82
C VAL TA 82 -67.19 53.04 46.76
N ARG TA 83 -66.41 51.97 46.89
CA ARG TA 83 -66.75 50.85 47.77
C ARG TA 83 -65.92 50.96 49.04
N ARG TA 84 -66.59 51.04 50.18
CA ARG TA 84 -65.93 51.05 51.48
C ARG TA 84 -66.38 49.81 52.24
N GLU TA 85 -65.44 49.02 52.74
CA GLU TA 85 -65.75 47.76 53.39
C GLU TA 85 -64.97 47.67 54.69
N PHE TA 86 -65.61 47.10 55.72
CA PHE TA 86 -64.92 46.78 56.98
C PHE TA 86 -65.45 45.47 57.52
N TYR TA 87 -64.65 44.86 58.39
CA TYR TA 87 -64.87 43.50 58.85
C TYR TA 87 -64.30 43.35 60.23
N THR TA 88 -65.13 42.94 61.19
CA THR TA 88 -64.66 42.68 62.54
C THR TA 88 -64.98 41.24 62.88
N ARG TA 89 -64.07 40.61 63.65
CA ARG TA 89 -64.29 39.25 64.15
C ARG TA 89 -63.84 39.20 65.61
N ARG TA 90 -64.79 38.93 66.50
CA ARG TA 90 -64.52 38.79 67.92
C ARG TA 90 -64.63 37.33 68.28
N VAL TA 91 -63.59 36.80 68.89
CA VAL TA 91 -63.59 35.47 69.48
C VAL TA 91 -63.44 35.64 70.97
N GLU TA 92 -64.38 35.13 71.73
CA GLU TA 92 -64.21 35.02 73.17
C GLU TA 92 -64.22 33.54 73.56
N TYR TA 93 -63.68 33.28 74.74
CA TYR TA 93 -63.50 31.92 75.25
C TYR TA 93 -64.12 31.85 76.64
N TRP TA 94 -65.35 31.34 76.72
CA TRP TA 94 -66.04 31.25 77.99
C TRP TA 94 -65.47 30.12 78.84
N ARG TA 95 -65.80 30.13 80.12
CA ARG TA 95 -65.30 29.14 81.06
C ARG TA 95 -66.48 28.66 81.89
N LYS TA 96 -66.76 27.36 81.89
CA LYS TA 96 -67.80 26.78 82.73
C LYS TA 96 -67.16 26.02 83.88
N ALA TA 97 -67.63 26.32 85.10
CA ALA TA 97 -67.23 25.61 86.32
C ALA TA 97 -68.26 25.87 87.41
N ASP TA 98 -68.11 25.18 88.55
CA ASP TA 98 -68.94 25.53 89.69
C ASP TA 98 -68.12 25.57 90.96
N ALA TA 99 -68.30 26.63 91.75
CA ALA TA 99 -67.64 26.74 93.05
C ALA TA 99 -68.15 25.72 94.04
N SER TA 100 -69.29 25.08 93.74
CA SER TA 100 -69.86 24.09 94.64
C SER TA 100 -69.02 22.82 94.72
N ASN TA 101 -68.27 22.51 93.66
CA ASN TA 101 -67.58 21.24 93.55
C ASN TA 101 -66.15 21.47 93.06
N VAL TA 102 -65.18 21.47 93.98
CA VAL TA 102 -63.79 21.60 93.57
C VAL TA 102 -63.34 20.37 92.79
N ASP TA 103 -64.06 19.25 92.92
CA ASP TA 103 -63.69 18.00 92.27
C ASP TA 103 -64.16 17.90 90.82
N ALA TA 104 -65.05 18.80 90.38
CA ALA TA 104 -65.63 18.66 89.04
C ALA TA 104 -64.84 19.50 88.03
N PRO TA 105 -64.66 18.99 86.81
CA PRO TA 105 -63.72 19.63 85.88
C PRO TA 105 -64.27 20.93 85.33
N GLU TA 106 -63.34 21.79 84.91
CA GLU TA 106 -63.68 23.03 84.24
C GLU TA 106 -63.53 22.86 82.73
N TYR TA 107 -64.37 23.56 81.97
CA TYR TA 107 -64.30 23.49 80.52
C TYR TA 107 -64.23 24.89 79.95
N THR TA 108 -63.53 25.03 78.83
CA THR TA 108 -63.49 26.29 78.10
C THR TA 108 -64.29 26.16 76.79
N LEU TA 109 -65.20 27.10 76.56
CA LEU TA 109 -66.20 27.05 75.50
C LEU TA 109 -65.98 28.16 74.48
N PRO TA 110 -65.57 27.86 73.26
CA PRO TA 110 -65.30 28.92 72.29
C PRO TA 110 -66.54 29.49 71.60
N GLN TA 111 -66.50 30.81 71.41
CA GLN TA 111 -67.57 31.56 70.77
C GLN TA 111 -66.94 32.56 69.81
N SER TA 112 -67.54 32.72 68.63
CA SER TA 112 -67.04 33.67 67.64
C SER TA 112 -68.19 34.36 66.92
N CYS TA 113 -67.98 35.63 66.59
CA CYS TA 113 -68.99 36.42 65.89
C CYS TA 113 -68.29 37.41 64.98
N SER TA 114 -68.76 37.51 63.74
CA SER TA 114 -68.09 38.33 62.74
C SER TA 114 -69.10 39.12 61.93
N ILE TA 115 -68.82 40.42 61.77
CA ILE TA 115 -69.68 41.34 61.00
C ILE TA 115 -68.86 41.94 59.88
N ARG TA 116 -69.36 41.81 58.64
CA ARG TA 116 -68.79 42.43 57.46
C ARG TA 116 -69.80 43.39 56.86
N LEU TA 117 -69.30 44.55 56.40
CA LEU TA 117 -70.14 45.61 55.84
C LEU TA 117 -69.41 46.22 54.66
N ALA TA 118 -70.07 46.23 53.50
CA ALA TA 118 -69.55 46.87 52.30
C ALA TA 118 -70.63 47.79 51.75
N SER TA 119 -70.40 49.09 51.88
CA SER TA 119 -71.32 50.10 51.38
C SER TA 119 -70.78 50.74 50.11
N THR TA 120 -71.68 51.07 49.20
CA THR TA 120 -71.35 51.99 48.14
C THR TA 120 -71.54 53.41 48.67
N VAL TA 121 -70.47 54.20 48.69
CA VAL TA 121 -70.47 55.54 49.26
C VAL TA 121 -70.28 56.55 48.15
N THR TA 122 -71.15 57.56 48.13
CA THR TA 122 -71.09 58.70 47.23
C THR TA 122 -71.17 59.97 48.08
N LYS TA 123 -71.13 61.13 47.41
CA LYS TA 123 -71.09 62.41 48.10
C LYS TA 123 -72.16 62.51 49.17
N GLU TA 124 -73.38 62.07 48.85
CA GLU TA 124 -74.54 62.25 49.70
C GLU TA 124 -74.69 61.17 50.77
N THR TA 125 -73.89 60.11 50.70
CA THR TA 125 -73.94 59.04 51.68
C THR TA 125 -73.32 59.51 52.99
N THR TA 126 -74.10 59.51 54.07
CA THR TA 126 -73.63 59.94 55.39
C THR TA 126 -73.31 58.74 56.28
N ALA TA 127 -72.52 59.01 57.31
CA ALA TA 127 -72.16 57.97 58.26
C ALA TA 127 -73.40 57.35 58.88
N ALA TA 128 -74.40 58.17 59.19
CA ALA TA 128 -75.67 57.65 59.66
C ALA TA 128 -76.32 56.72 58.63
N ASP TA 129 -76.31 57.13 57.36
CA ASP TA 129 -76.88 56.28 56.31
C ASP TA 129 -76.22 54.92 56.31
N ILE TA 130 -74.91 54.88 56.52
CA ILE TA 130 -74.20 53.60 56.48
C ILE TA 130 -74.47 52.81 57.75
N ALA TA 131 -74.61 53.47 58.90
CA ALA TA 131 -75.00 52.75 60.10
C ALA TA 131 -76.37 52.12 59.94
N GLY TA 132 -77.24 52.77 59.16
CA GLY TA 132 -78.55 52.23 58.91
C GLY TA 132 -78.54 50.81 58.40
N ILE TA 133 -77.57 50.46 57.54
CA ILE TA 133 -77.60 49.13 56.96
C ILE TA 133 -77.28 48.07 58.02
N VAL TA 134 -76.36 48.37 58.93
CA VAL TA 134 -76.11 47.44 60.03
C VAL TA 134 -77.33 47.34 60.94
N LEU TA 135 -77.98 48.48 61.21
CA LEU TA 135 -79.14 48.46 62.09
C LEU TA 135 -80.29 47.66 61.48
N ARG TA 136 -80.48 47.76 60.18
CA ARG TA 136 -81.54 47.00 59.51
C ARG TA 136 -81.17 45.54 59.35
N THR TA 137 -79.88 45.22 59.23
CA THR TA 137 -79.50 43.81 59.26
C THR TA 137 -79.80 43.20 60.63
N LEU TA 138 -79.54 43.94 61.71
CA LEU TA 138 -79.76 43.42 63.05
C LEU TA 138 -81.23 43.30 63.38
N ALA TA 139 -82.04 44.27 62.93
CA ALA TA 139 -83.40 44.40 63.43
C ALA TA 139 -84.26 43.14 63.31
N PRO TA 140 -84.24 42.38 62.20
CA PRO TA 140 -85.09 41.17 62.14
C PRO TA 140 -84.79 40.14 63.22
N ILE TA 141 -83.51 40.01 63.61
CA ILE TA 141 -83.10 39.05 64.63
C ILE TA 141 -83.45 39.55 66.03
N PHE TA 142 -83.41 40.87 66.25
CA PHE TA 142 -83.69 41.47 67.55
C PHE TA 142 -84.85 42.43 67.37
N PRO TA 143 -86.06 41.92 67.08
CA PRO TA 143 -87.17 42.83 66.76
C PRO TA 143 -87.66 43.62 67.94
N ASN TA 144 -87.30 43.24 69.17
CA ASN TA 144 -87.58 44.03 70.37
C ASN TA 144 -86.31 44.43 71.09
N GLY TA 145 -85.18 44.42 70.38
CA GLY TA 145 -83.96 44.91 70.98
C GLY TA 145 -83.51 43.97 72.08
N SER TA 146 -82.90 44.54 73.13
CA SER TA 146 -82.50 43.70 74.24
C SER TA 146 -83.68 43.13 75.01
N GLY TA 147 -84.92 43.47 74.63
CA GLY TA 147 -86.07 43.04 75.41
C GLY TA 147 -86.25 41.53 75.48
N ASP TA 148 -86.38 40.88 74.32
CA ASP TA 148 -86.55 39.43 74.28
C ASP TA 148 -85.56 38.84 73.30
N TRP TA 149 -85.40 37.51 73.37
CA TRP TA 149 -84.42 36.83 72.54
C TRP TA 149 -85.09 35.77 71.67
N ILE TA 150 -86.36 35.98 71.29
CA ILE TA 150 -87.13 34.87 70.74
C ILE TA 150 -86.61 34.47 69.36
N LYS TA 151 -86.39 35.46 68.49
CA LYS TA 151 -85.92 35.14 67.15
C LYS TA 151 -84.48 34.65 67.19
N LEU TA 152 -83.66 35.21 68.07
CA LEU TA 152 -82.30 34.70 68.21
C LEU TA 152 -82.32 33.24 68.65
N GLN TA 153 -83.18 32.92 69.62
CA GLN TA 153 -83.35 31.55 70.06
C GLN TA 153 -83.69 30.65 68.91
N GLN TA 154 -84.60 31.09 68.03
CA GLN TA 154 -84.93 30.30 66.84
C GLN TA 154 -83.69 30.05 65.98
N LEU TA 155 -82.95 31.12 65.68
CA LEU TA 155 -81.75 30.97 64.87
C LEU TA 155 -80.81 29.92 65.46
N ILE TA 156 -80.67 29.92 66.78
CA ILE TA 156 -79.77 28.95 67.41
C ILE TA 156 -80.40 27.56 67.36
N ASP TA 157 -81.71 27.47 67.58
CA ASP TA 157 -82.45 26.21 67.50
C ASP TA 157 -82.40 25.60 66.11
N GLY TA 158 -81.95 26.35 65.10
CA GLY TA 158 -81.83 25.83 63.77
C GLY TA 158 -82.99 26.13 62.84
N LEU TA 159 -83.77 27.17 63.14
CA LEU TA 159 -84.94 27.55 62.37
C LEU TA 159 -84.68 28.88 61.65
N PRO TA 160 -84.34 28.86 60.37
CA PRO TA 160 -83.83 30.08 59.71
C PRO TA 160 -84.89 31.08 59.30
N ARG TA 161 -86.18 30.74 59.33
CA ARG TA 161 -87.18 31.63 58.75
C ARG TA 161 -87.60 32.67 59.80
N ILE TA 162 -86.83 33.76 59.85
CA ILE TA 162 -87.16 34.89 60.73
C ILE TA 162 -88.49 35.52 60.33
N PHE TA 163 -88.74 35.64 59.03
CA PHE TA 163 -89.94 36.30 58.56
C PHE TA 163 -91.11 35.35 58.34
N GLY TA 164 -90.90 34.04 58.46
CA GLY TA 164 -91.97 33.08 58.29
C GLY TA 164 -92.01 32.39 56.94
N SER UA 1 -74.82 23.05 89.10
CA SER UA 1 -74.28 24.26 89.71
C SER UA 1 -73.29 24.94 88.79
N TYR UA 2 -73.02 24.29 87.65
CA TYR UA 2 -72.13 24.85 86.63
C TYR UA 2 -72.61 26.24 86.20
N THR UA 3 -71.68 27.17 86.14
CA THR UA 3 -71.93 28.53 85.68
C THR UA 3 -70.96 28.86 84.56
N ILE UA 4 -71.48 29.69 83.65
CA ILE UA 4 -70.79 30.15 82.46
C ILE UA 4 -70.25 31.54 82.74
N ASP UA 5 -68.93 31.68 82.74
CA ASP UA 5 -68.27 32.97 82.90
C ASP UA 5 -67.71 33.36 81.54
N ILE UA 6 -68.20 34.46 80.98
CA ILE UA 6 -67.51 35.04 79.83
C ILE UA 6 -66.16 35.52 80.29
N ASN UA 7 -65.14 35.24 79.49
CA ASN UA 7 -63.78 35.60 79.88
C ASN UA 7 -63.38 36.91 79.23
N CYS UA 8 -64.17 37.95 79.45
CA CYS UA 8 -64.04 39.19 78.69
C CYS UA 8 -63.80 40.37 79.62
N SER UA 9 -63.59 41.52 79.01
CA SER UA 9 -63.60 42.80 79.71
C SER UA 9 -64.91 43.49 79.38
N THR UA 10 -65.67 43.86 80.41
CA THR UA 10 -66.93 44.58 80.26
C THR UA 10 -66.95 45.78 81.17
N GLY UA 11 -67.45 46.90 80.64
CA GLY UA 11 -67.55 48.14 81.39
C GLY UA 11 -68.82 48.23 82.21
N ASP UA 12 -68.95 49.34 82.92
CA ASP UA 12 -70.14 49.65 83.69
C ASP UA 12 -71.15 50.49 82.92
N THR UA 13 -70.72 51.14 81.85
CA THR UA 13 -71.52 52.07 81.08
C THR UA 13 -72.38 51.31 80.06
N GLN UA 14 -73.49 51.90 79.62
CA GLN UA 14 -74.36 51.25 78.64
C GLN UA 14 -74.91 52.29 77.68
N ALA UA 15 -75.20 51.85 76.45
CA ALA UA 15 -75.71 52.72 75.40
C ALA UA 15 -76.84 52.04 74.65
N ASN UA 16 -77.71 52.86 74.06
CA ASN UA 16 -78.87 52.38 73.31
C ASN UA 16 -78.56 52.45 71.82
N LEU UA 17 -78.47 51.29 71.17
CA LEU UA 17 -78.41 51.20 69.71
C LEU UA 17 -79.85 51.05 69.22
N VAL UA 18 -80.36 52.05 68.54
CA VAL UA 18 -81.80 52.15 68.28
C VAL UA 18 -82.13 51.47 66.95
N LEU UA 19 -82.80 50.33 67.03
CA LEU UA 19 -83.20 49.59 65.86
C LEU UA 19 -84.58 50.03 65.43
N THR UA 20 -84.76 50.27 64.14
CA THR UA 20 -86.08 50.52 63.58
C THR UA 20 -86.59 49.22 62.97
N GLU UA 21 -87.87 48.94 63.22
CA GLU UA 21 -88.39 47.61 62.94
C GLU UA 21 -88.45 47.36 61.43
N ILE UA 22 -88.36 46.09 61.07
CA ILE UA 22 -88.51 45.69 59.67
C ILE UA 22 -89.67 44.72 59.60
N PRO UA 23 -90.77 45.11 58.94
CA PRO UA 23 -91.99 44.28 58.95
C PRO UA 23 -91.83 43.02 58.11
N ALA UA 24 -92.48 41.95 58.55
CA ALA UA 24 -92.38 40.70 57.80
C ALA UA 24 -93.37 40.65 56.65
N GLU UA 25 -94.48 41.37 56.76
CA GLU UA 25 -95.50 41.36 55.70
C GLU UA 25 -94.94 41.63 54.31
N PRO UA 26 -94.06 42.61 54.09
CA PRO UA 26 -93.55 42.82 52.73
C PRO UA 26 -92.60 41.73 52.23
N TYR UA 27 -92.17 40.78 53.05
CA TYR UA 27 -91.13 39.84 52.61
C TYR UA 27 -91.74 38.59 51.98
N VAL UA 28 -91.02 38.03 50.99
CA VAL UA 28 -91.49 36.94 50.16
C VAL UA 28 -90.42 35.85 50.06
N HIS UA 29 -90.86 34.58 50.11
CA HIS UA 29 -89.98 33.45 49.87
C HIS UA 29 -89.36 33.52 48.48
N VAL UA 30 -88.06 33.21 48.41
CA VAL UA 30 -87.32 33.18 47.15
C VAL UA 30 -86.72 31.80 46.89
N SER UA 31 -85.93 31.29 47.83
CA SER UA 31 -85.33 29.97 47.70
C SER UA 31 -85.35 29.27 49.04
N GLY UA 32 -85.26 27.94 49.00
CA GLY UA 32 -85.15 27.10 50.18
C GLY UA 32 -86.24 27.32 51.22
N ASP UA 33 -87.49 27.05 50.84
CA ASP UA 33 -88.62 27.39 51.69
C ASP UA 33 -88.58 26.63 53.01
N ASN UA 34 -88.35 25.31 52.94
CA ASN UA 34 -88.32 24.46 54.11
C ASN UA 34 -86.93 24.24 54.66
N LYS UA 35 -85.89 24.54 53.89
CA LYS UA 35 -84.55 24.05 54.18
C LYS UA 35 -83.85 24.94 55.22
N SER UA 36 -82.64 24.53 55.61
CA SER UA 36 -81.86 25.24 56.61
C SER UA 36 -81.34 26.58 56.13
N THR UA 37 -81.52 26.90 54.86
CA THR UA 37 -81.12 28.18 54.27
C THR UA 37 -82.33 28.75 53.56
N ILE UA 38 -82.69 29.99 53.90
CA ILE UA 38 -83.83 30.67 53.30
C ILE UA 38 -83.38 32.04 52.84
N GLU UA 39 -83.95 32.50 51.71
CA GLU UA 39 -83.67 33.82 51.16
C GLU UA 39 -84.98 34.54 50.94
N TYR UA 40 -85.12 35.73 51.53
CA TYR UA 40 -86.31 36.53 51.37
C TYR UA 40 -86.06 37.75 50.48
N LEU UA 41 -87.14 38.18 49.82
CA LEU UA 41 -87.15 39.40 49.04
C LEU UA 41 -88.07 40.40 49.71
N ASP UA 42 -87.61 41.65 49.82
CA ASP UA 42 -88.42 42.78 50.29
C ASP UA 42 -89.13 43.36 49.08
N THR UA 43 -90.43 43.09 48.96
CA THR UA 43 -91.21 43.65 47.85
C THR UA 43 -91.70 45.05 48.13
N GLY UA 44 -91.21 45.70 49.18
CA GLY UA 44 -91.47 47.11 49.34
C GLY UA 44 -90.41 47.89 48.61
N SER UA 45 -89.89 47.32 47.54
CA SER UA 45 -88.83 47.93 46.77
C SER UA 45 -89.31 48.35 45.41
N ASP UA 46 -88.46 49.13 44.73
CA ASP UA 46 -88.83 49.63 43.43
C ASP UA 46 -89.16 48.46 42.52
N ASN UA 47 -90.39 48.49 42.03
CA ASN UA 47 -90.89 47.47 41.12
C ASN UA 47 -89.95 47.28 39.93
N SER UA 48 -89.44 48.38 39.39
CA SER UA 48 -88.91 48.41 38.03
C SER UA 48 -87.41 48.16 37.95
N LEU UA 49 -86.72 47.96 39.05
CA LEU UA 49 -85.29 47.66 38.98
C LEU UA 49 -85.05 46.16 38.79
N LEU UA 50 -83.82 45.83 38.43
CA LEU UA 50 -83.42 44.44 38.31
C LEU UA 50 -82.90 43.89 39.63
N VAL UA 51 -82.54 44.77 40.54
CA VAL UA 51 -82.07 44.38 41.86
C VAL UA 51 -83.11 44.83 42.88
N ARG UA 52 -83.32 44.00 43.89
CA ARG UA 52 -84.24 44.34 44.95
C ARG UA 52 -83.68 43.83 46.26
N PRO UA 53 -84.00 44.49 47.39
CA PRO UA 53 -83.41 44.13 48.67
C PRO UA 53 -83.81 42.72 49.09
N THR UA 54 -82.79 41.94 49.45
CA THR UA 54 -82.97 40.59 49.95
C THR UA 54 -82.30 40.48 51.31
N GLN UA 55 -82.77 39.54 52.10
CA GLN UA 55 -82.02 39.11 53.27
C GLN UA 55 -82.11 37.60 53.37
N GLN UA 56 -80.97 36.96 53.51
CA GLN UA 56 -80.99 35.51 53.72
C GLN UA 56 -80.56 35.19 55.14
N PHE UA 57 -81.07 34.06 55.60
CA PHE UA 57 -80.69 33.47 56.88
C PHE UA 57 -80.39 32.00 56.63
N ASN UA 58 -79.32 31.50 57.24
CA ASN UA 58 -79.13 30.05 57.23
C ASN UA 58 -78.46 29.61 58.53
N CYS UA 59 -78.82 28.41 58.95
CA CYS UA 59 -78.35 27.81 60.19
C CYS UA 59 -77.50 26.61 59.87
N VAL UA 60 -76.52 26.33 60.74
CA VAL UA 60 -75.61 25.20 60.61
C VAL UA 60 -75.33 24.69 62.01
N SER UA 61 -75.17 23.37 62.12
CA SER UA 61 -74.80 22.73 63.38
C SER UA 61 -73.69 21.75 63.11
N SER UA 62 -72.76 21.62 64.07
CA SER UA 62 -71.69 20.63 63.98
C SER UA 62 -71.53 19.89 65.30
N GLN UA 63 -71.14 18.62 65.17
CA GLN UA 63 -70.99 17.74 66.31
C GLN UA 63 -69.68 17.96 67.04
N TYR UA 64 -68.65 18.45 66.34
CA TYR UA 64 -67.30 18.65 66.87
C TYR UA 64 -67.01 20.14 67.02
N PRO UA 65 -67.40 20.74 68.15
CA PRO UA 65 -67.33 22.21 68.24
C PRO UA 65 -65.92 22.71 68.44
N TYR UA 66 -65.00 21.82 68.80
CA TYR UA 66 -63.62 22.15 69.07
C TYR UA 66 -62.71 21.90 67.89
N ARG UA 67 -63.27 21.73 66.69
CA ARG UA 67 -62.46 21.30 65.56
C ARG UA 67 -61.37 22.30 65.24
N ASN UA 68 -61.72 23.56 65.14
CA ASN UA 68 -60.77 24.61 64.80
C ASN UA 68 -60.02 25.14 66.00
N TYR UA 69 -60.40 24.74 67.22
CA TYR UA 69 -59.75 25.26 68.42
C TYR UA 69 -58.81 24.19 68.96
N SER UA 70 -57.58 24.20 68.45
CA SER UA 70 -56.62 23.19 68.86
C SER UA 70 -55.86 23.59 70.11
N LYS UA 71 -55.74 24.89 70.40
CA LYS UA 71 -54.99 25.32 71.59
C LYS UA 71 -55.73 25.01 72.89
N ILE UA 72 -56.90 24.39 72.79
CA ILE UA 72 -57.65 23.94 73.96
C ILE UA 72 -57.35 22.46 74.18
N PRO UA 73 -56.98 22.05 75.39
CA PRO UA 73 -56.73 20.63 75.64
C PRO UA 73 -58.01 19.84 75.77
N ARG UA 74 -57.92 18.55 75.46
CA ARG UA 74 -59.08 17.68 75.57
C ARG UA 74 -59.62 17.69 77.00
N SER UA 75 -58.73 17.70 77.99
CA SER UA 75 -59.14 17.74 79.40
C SER UA 75 -60.01 18.96 79.73
N GLN UA 76 -60.07 19.95 78.85
CA GLN UA 76 -60.92 21.12 79.05
C GLN UA 76 -62.02 21.25 78.00
N GLN UA 77 -62.09 20.33 77.04
CA GLN UA 77 -63.16 20.33 76.04
C GLN UA 77 -64.37 19.60 76.60
N ASP UA 78 -65.51 20.27 76.66
CA ASP UA 78 -66.76 19.67 77.13
C ASP UA 78 -67.27 18.64 76.13
N PRO UA 79 -67.22 17.35 76.45
CA PRO UA 79 -67.61 16.33 75.46
C PRO UA 79 -69.10 16.34 75.13
N LEU UA 80 -69.90 17.07 75.90
CA LEU UA 80 -71.31 17.25 75.59
C LEU UA 80 -71.59 18.55 74.82
N ALA UA 81 -70.54 19.29 74.45
CA ALA UA 81 -70.74 20.55 73.76
C ALA UA 81 -71.07 20.29 72.30
N VAL UA 82 -71.90 21.15 71.74
CA VAL UA 82 -72.34 21.07 70.35
C VAL UA 82 -72.21 22.46 69.74
N ARG UA 83 -71.81 22.53 68.47
CA ARG UA 83 -71.60 23.82 67.81
C ARG UA 83 -72.88 24.23 67.08
N ARG UA 84 -73.43 25.40 67.42
CA ARG UA 84 -74.55 25.98 66.69
C ARG UA 84 -74.07 27.28 66.07
N GLU UA 85 -74.32 27.47 64.77
CA GLU UA 85 -74.04 28.74 64.12
C GLU UA 85 -75.21 29.15 63.24
N PHE UA 86 -75.30 30.46 63.01
CA PHE UA 86 -76.23 31.02 62.05
C PHE UA 86 -75.57 32.18 61.34
N TYR UA 87 -76.16 32.56 60.20
CA TYR UA 87 -75.56 33.56 59.31
C TYR UA 87 -76.67 34.31 58.60
N THR UA 88 -76.62 35.63 58.68
CA THR UA 88 -77.55 36.46 57.92
C THR UA 88 -76.74 37.33 56.98
N ARG UA 89 -77.31 37.59 55.81
CA ARG UA 89 -76.71 38.52 54.84
C ARG UA 89 -77.83 39.34 54.21
N ARG UA 90 -77.80 40.64 54.46
CA ARG UA 90 -78.77 41.58 53.93
C ARG UA 90 -78.10 42.39 52.85
N VAL UA 91 -78.71 42.40 51.67
CA VAL UA 91 -78.33 43.31 50.59
C VAL UA 91 -79.50 44.23 50.36
N GLU UA 92 -79.25 45.53 50.35
CA GLU UA 92 -80.23 46.49 49.88
C GLU UA 92 -79.61 47.32 48.77
N TYR UA 93 -80.48 47.97 48.00
CA TYR UA 93 -80.07 48.72 46.82
C TYR UA 93 -80.71 50.10 46.91
N TRP UA 94 -79.93 51.10 47.31
CA TRP UA 94 -80.41 52.46 47.43
C TRP UA 94 -80.52 53.11 46.05
N ARG UA 95 -81.26 54.21 46.00
CA ARG UA 95 -81.49 54.97 44.77
C ARG UA 95 -81.20 56.44 45.04
N LYS UA 96 -80.21 56.99 44.36
CA LYS UA 96 -79.97 58.43 44.48
C LYS UA 96 -80.57 59.10 43.26
N ALA UA 97 -81.34 60.16 43.52
CA ALA UA 97 -81.93 61.04 42.52
C ALA UA 97 -82.45 62.28 43.20
N ASP UA 98 -82.57 63.37 42.45
CA ASP UA 98 -83.25 64.57 42.93
C ASP UA 98 -84.50 64.83 42.11
N ALA UA 99 -85.61 65.13 42.81
CA ALA UA 99 -86.85 65.47 42.13
C ALA UA 99 -86.77 66.81 41.42
N SER UA 100 -85.73 67.60 41.72
CA SER UA 100 -85.61 68.93 41.11
C SER UA 100 -85.35 68.82 39.62
N ASN UA 101 -84.40 67.99 39.23
CA ASN UA 101 -83.97 67.88 37.84
C ASN UA 101 -84.24 66.46 37.37
N VAL UA 102 -85.22 66.31 36.48
CA VAL UA 102 -85.53 64.98 35.95
C VAL UA 102 -84.58 64.61 34.82
N ASP UA 103 -83.87 65.57 34.23
CA ASP UA 103 -82.77 65.24 33.33
C ASP UA 103 -81.73 64.39 34.05
N ALA UA 104 -81.48 64.69 35.32
CA ALA UA 104 -80.36 64.06 36.03
C ALA UA 104 -80.60 62.57 36.19
N PRO UA 105 -79.58 61.75 36.01
CA PRO UA 105 -79.79 60.29 36.02
C PRO UA 105 -79.96 59.79 37.44
N GLU UA 106 -80.74 58.71 37.56
CA GLU UA 106 -80.91 58.03 38.82
C GLU UA 106 -79.86 56.92 38.92
N TYR UA 107 -79.18 56.85 40.07
CA TYR UA 107 -78.16 55.83 40.26
C TYR UA 107 -78.62 54.84 41.32
N THR UA 108 -78.16 53.60 41.17
CA THR UA 108 -78.43 52.52 42.11
C THR UA 108 -77.15 52.25 42.90
N LEU UA 109 -77.23 52.37 44.21
CA LEU UA 109 -76.09 52.21 45.10
C LEU UA 109 -76.26 50.93 45.91
N PRO UA 110 -75.49 49.89 45.65
CA PRO UA 110 -75.63 48.65 46.43
C PRO UA 110 -74.89 48.70 47.76
N GLN UA 111 -75.52 48.05 48.76
CA GLN UA 111 -75.01 47.98 50.12
C GLN UA 111 -75.26 46.57 50.64
N SER UA 112 -74.28 45.97 51.30
CA SER UA 112 -74.44 44.61 51.83
C SER UA 112 -73.78 44.49 53.20
N CYS UA 113 -74.39 43.67 54.05
CA CYS UA 113 -73.91 43.47 55.41
C CYS UA 113 -74.25 42.07 55.89
N SER UA 114 -73.28 41.42 56.53
CA SER UA 114 -73.44 40.02 56.92
C SER UA 114 -72.91 39.79 58.33
N ILE UA 115 -73.65 38.98 59.09
CA ILE UA 115 -73.29 38.62 60.46
C ILE UA 115 -73.28 37.10 60.59
N ARG UA 116 -72.17 36.55 61.08
CA ARG UA 116 -72.03 35.11 61.32
C ARG UA 116 -71.75 34.91 62.80
N LEU UA 117 -72.60 34.12 63.46
CA LEU UA 117 -72.45 33.83 64.87
C LEU UA 117 -72.30 32.32 65.04
N ALA UA 118 -71.25 31.90 65.72
CA ALA UA 118 -70.92 30.48 65.87
C ALA UA 118 -70.52 30.25 67.31
N SER UA 119 -71.42 29.61 68.07
CA SER UA 119 -71.22 29.42 69.50
C SER UA 119 -71.04 27.93 69.77
N THR UA 120 -70.25 27.62 70.81
CA THR UA 120 -70.39 26.30 71.40
C THR UA 120 -71.50 26.38 72.44
N VAL UA 121 -72.28 25.31 72.54
CA VAL UA 121 -73.47 25.29 73.38
C VAL UA 121 -73.47 24.02 74.20
N THR UA 122 -73.68 24.17 75.50
CA THR UA 122 -73.95 23.11 76.45
C THR UA 122 -75.26 23.43 77.15
N LYS UA 123 -75.68 22.52 78.03
CA LYS UA 123 -76.98 22.67 78.66
C LYS UA 123 -77.13 23.99 79.41
N GLU UA 124 -76.02 24.61 79.81
CA GLU UA 124 -76.05 25.85 80.58
C GLU UA 124 -75.91 27.10 79.73
N THR UA 125 -75.64 26.96 78.43
CA THR UA 125 -75.64 28.10 77.53
C THR UA 125 -77.06 28.64 77.36
N THR UA 126 -77.25 29.93 77.61
CA THR UA 126 -78.56 30.53 77.47
C THR UA 126 -78.66 31.42 76.24
N ALA UA 127 -79.91 31.69 75.86
CA ALA UA 127 -80.19 32.58 74.75
C ALA UA 127 -79.50 33.92 74.96
N ALA UA 128 -79.66 34.50 76.15
CA ALA UA 128 -79.08 35.81 76.43
C ALA UA 128 -77.55 35.75 76.48
N ASP UA 129 -76.98 34.64 76.94
CA ASP UA 129 -75.53 34.48 76.86
C ASP UA 129 -75.05 34.60 75.42
N ILE UA 130 -75.75 33.93 74.50
CA ILE UA 130 -75.31 33.99 73.11
C ILE UA 130 -75.59 35.36 72.52
N ALA UA 131 -76.68 36.00 72.92
CA ALA UA 131 -76.93 37.38 72.48
C ALA UA 131 -75.82 38.31 72.91
N GLY UA 132 -75.18 38.00 74.04
CA GLY UA 132 -74.15 38.88 74.57
C GLY UA 132 -72.95 39.02 73.65
N ILE UA 133 -72.59 37.95 72.95
CA ILE UA 133 -71.40 38.04 72.11
C ILE UA 133 -71.65 38.94 70.90
N VAL UA 134 -72.87 38.93 70.36
CA VAL UA 134 -73.20 39.85 69.28
C VAL UA 134 -73.11 41.30 69.78
N LEU UA 135 -73.67 41.56 70.96
CA LEU UA 135 -73.63 42.91 71.52
C LEU UA 135 -72.21 43.35 71.84
N ARG UA 136 -71.33 42.41 72.22
CA ARG UA 136 -69.95 42.78 72.51
C ARG UA 136 -69.13 42.95 71.24
N THR UA 137 -69.46 42.22 70.17
CA THR UA 137 -68.85 42.51 68.89
C THR UA 137 -69.25 43.89 68.39
N LEU UA 138 -70.53 44.25 68.56
CA LEU UA 138 -70.98 45.56 68.12
C LEU UA 138 -70.42 46.68 68.97
N ALA UA 139 -70.23 46.44 70.27
CA ALA UA 139 -69.94 47.51 71.22
C ALA UA 139 -68.75 48.40 70.84
N PRO UA 140 -67.61 47.88 70.38
CA PRO UA 140 -66.49 48.79 70.09
C PRO UA 140 -66.69 49.65 68.86
N ILE UA 141 -67.52 49.22 67.90
CA ILE UA 141 -67.81 50.03 66.73
C ILE UA 141 -68.83 51.12 67.05
N PHE UA 142 -69.80 50.82 67.91
CA PHE UA 142 -70.87 51.75 68.26
C PHE UA 142 -70.82 52.02 69.77
N PRO UA 143 -69.73 52.63 70.25
CA PRO UA 143 -69.53 52.69 71.71
C PRO UA 143 -70.53 53.60 72.41
N ASN UA 144 -71.17 54.52 71.69
CA ASN UA 144 -72.29 55.29 72.22
C ASN UA 144 -73.60 54.88 71.56
N GLY UA 145 -73.66 53.68 71.00
CA GLY UA 145 -74.88 53.23 70.38
C GLY UA 145 -75.26 54.16 69.25
N SER UA 146 -76.57 54.41 69.12
CA SER UA 146 -77.05 55.28 68.07
C SER UA 146 -76.67 56.74 68.28
N GLY UA 147 -75.91 57.08 69.33
CA GLY UA 147 -75.64 58.49 69.62
C GLY UA 147 -74.71 59.16 68.62
N ASP UA 148 -73.49 58.64 68.49
CA ASP UA 148 -72.54 59.20 67.53
C ASP UA 148 -71.98 58.08 66.68
N TRP UA 149 -71.48 58.45 65.51
CA TRP UA 149 -70.97 57.47 64.56
C TRP UA 149 -69.46 57.62 64.37
N ILE UA 150 -68.73 57.99 65.42
CA ILE UA 150 -67.35 58.41 65.25
C ILE UA 150 -66.48 57.22 64.85
N LYS UA 151 -66.60 56.12 65.60
CA LYS UA 151 -65.77 54.96 65.28
C LYS UA 151 -66.21 54.31 63.98
N LEU UA 152 -67.52 54.29 63.71
CA LEU UA 152 -67.97 53.79 62.42
C LEU UA 152 -67.33 54.59 61.28
N GLN UA 153 -67.42 55.92 61.36
CA GLN UA 153 -66.87 56.77 60.30
C GLN UA 153 -65.40 56.51 60.11
N GLN UA 154 -64.65 56.37 61.21
CA GLN UA 154 -63.23 56.10 61.04
C GLN UA 154 -62.98 54.70 60.47
N LEU UA 155 -63.93 53.77 60.61
CA LEU UA 155 -63.80 52.50 59.89
C LEU UA 155 -64.04 52.68 58.40
N ILE UA 156 -64.97 53.56 58.03
CA ILE UA 156 -65.20 53.83 56.62
C ILE UA 156 -64.00 54.56 56.01
N ASP UA 157 -63.25 55.31 56.83
CA ASP UA 157 -62.09 56.06 56.35
C ASP UA 157 -60.87 55.18 56.13
N GLY UA 158 -60.90 53.93 56.57
CA GLY UA 158 -59.78 53.02 56.43
C GLY UA 158 -58.78 53.11 57.57
N LEU UA 159 -59.28 53.25 58.80
CA LEU UA 159 -58.45 53.40 59.99
C LEU UA 159 -58.79 52.27 60.93
N PRO UA 160 -58.24 51.07 60.68
CA PRO UA 160 -58.67 49.86 61.40
C PRO UA 160 -58.38 49.86 62.89
N ARG UA 161 -57.44 50.67 63.35
CA ARG UA 161 -57.02 50.65 64.75
C ARG UA 161 -58.08 51.33 65.61
N ILE UA 162 -58.91 50.53 66.28
CA ILE UA 162 -60.05 51.05 67.01
C ILE UA 162 -59.73 51.22 68.49
N PHE UA 163 -59.02 50.27 69.08
CA PHE UA 163 -58.54 50.40 70.44
C PHE UA 163 -57.14 51.02 70.48
N GLY UA 164 -56.56 51.37 69.32
CA GLY UA 164 -55.24 51.98 69.28
C GLY UA 164 -54.16 51.18 68.56
N SER VA 1 -61.18 30.70 97.49
CA SER VA 1 -60.68 30.40 98.82
C SER VA 1 -59.21 30.01 98.78
N TYR VA 2 -58.80 29.40 97.65
CA TYR VA 2 -57.42 28.99 97.45
C TYR VA 2 -56.46 30.15 97.60
N THR VA 3 -55.40 29.94 98.39
CA THR VA 3 -54.30 30.89 98.48
C THR VA 3 -53.01 30.24 98.05
N ILE VA 4 -52.10 31.06 97.54
CA ILE VA 4 -50.78 30.63 97.12
C ILE VA 4 -49.79 31.09 98.18
N ASP VA 5 -49.04 30.14 98.73
CA ASP VA 5 -47.98 30.40 99.68
C ASP VA 5 -46.65 30.14 98.99
N ILE VA 6 -45.79 31.16 98.94
CA ILE VA 6 -44.41 30.90 98.56
C ILE VA 6 -43.78 30.06 99.66
N ASN VA 7 -43.11 28.99 99.26
CA ASN VA 7 -42.51 28.11 100.25
C ASN VA 7 -41.04 28.53 100.49
N CYS VA 8 -40.86 29.79 100.84
CA CYS VA 8 -39.52 30.36 100.92
C CYS VA 8 -39.26 30.97 102.28
N SER VA 9 -38.01 31.36 102.50
CA SER VA 9 -37.60 32.15 103.66
C SER VA 9 -37.45 33.60 103.23
N THR VA 10 -38.16 34.49 103.90
CA THR VA 10 -38.09 35.94 103.68
C THR VA 10 -37.90 36.66 104.99
N GLY VA 11 -37.32 37.85 104.88
CA GLY VA 11 -36.99 38.66 106.03
C GLY VA 11 -37.96 39.81 106.25
N ASP VA 12 -37.61 40.63 107.24
CA ASP VA 12 -38.38 41.82 107.56
C ASP VA 12 -37.87 43.06 106.85
N THR VA 13 -36.59 43.09 106.51
CA THR VA 13 -35.95 44.28 106.00
C THR VA 13 -36.23 44.43 104.51
N GLN VA 14 -36.19 45.67 104.04
CA GLN VA 14 -36.39 45.95 102.62
C GLN VA 14 -35.38 47.01 102.18
N ALA VA 15 -35.08 46.99 100.88
CA ALA VA 15 -34.07 47.88 100.31
C ALA VA 15 -34.49 48.30 98.90
N ASN VA 16 -34.08 49.51 98.53
CA ASN VA 16 -34.39 50.07 97.21
C ASN VA 16 -33.28 49.71 96.22
N LEU VA 17 -33.60 48.90 95.21
CA LEU VA 17 -32.76 48.76 94.03
C LEU VA 17 -33.28 49.77 93.01
N VAL VA 18 -32.51 50.82 92.76
CA VAL VA 18 -33.05 51.98 92.07
C VAL VA 18 -32.70 51.91 90.60
N LEU VA 19 -33.75 51.81 89.79
CA LEU VA 19 -33.66 51.66 88.35
C LEU VA 19 -33.77 53.02 87.68
N THR VA 20 -32.91 53.23 86.69
CA THR VA 20 -32.98 54.40 85.83
C THR VA 20 -33.68 54.00 84.54
N GLU VA 21 -34.62 54.83 84.08
CA GLU VA 21 -35.53 54.42 83.01
C GLU VA 21 -34.81 54.26 81.68
N ILE VA 22 -35.33 53.36 80.86
CA ILE VA 22 -34.81 53.11 79.53
C ILE VA 22 -35.86 53.59 78.53
N PRO VA 23 -35.64 54.71 77.85
CA PRO VA 23 -36.69 55.26 76.97
C PRO VA 23 -36.98 54.31 75.81
N ALA VA 24 -38.27 54.15 75.52
CA ALA VA 24 -38.62 53.23 74.44
C ALA VA 24 -38.40 53.87 73.07
N GLU VA 25 -38.64 55.18 72.98
CA GLU VA 25 -38.54 55.94 71.73
C GLU VA 25 -37.35 55.58 70.85
N PRO VA 26 -36.13 55.38 71.38
CA PRO VA 26 -34.99 55.10 70.48
C PRO VA 26 -34.87 53.67 69.96
N TYR VA 27 -35.60 52.70 70.50
CA TYR VA 27 -35.37 51.30 70.10
C TYR VA 27 -36.09 50.98 68.79
N VAL VA 28 -35.50 50.07 68.02
CA VAL VA 28 -36.01 49.72 66.68
C VAL VA 28 -35.92 48.21 66.45
N HIS VA 29 -37.00 47.62 65.94
CA HIS VA 29 -37.01 46.20 65.59
C HIS VA 29 -35.92 45.86 64.58
N VAL VA 30 -35.20 44.77 64.83
CA VAL VA 30 -34.11 44.38 63.94
C VAL VA 30 -34.28 42.95 63.42
N SER VA 31 -34.92 42.10 64.21
CA SER VA 31 -35.06 40.71 63.78
C SER VA 31 -36.06 40.00 64.68
N GLY VA 32 -36.65 38.94 64.12
CA GLY VA 32 -37.64 38.12 64.78
C GLY VA 32 -39.03 38.36 64.21
N ASP VA 33 -40.01 37.74 64.85
CA ASP VA 33 -41.42 37.94 64.55
C ASP VA 33 -42.10 38.61 65.73
N ASN VA 34 -43.05 39.51 65.44
CA ASN VA 34 -43.77 40.21 66.51
C ASN VA 34 -44.64 39.28 67.35
N LYS VA 35 -44.66 37.97 67.03
CA LYS VA 35 -45.44 36.99 67.78
C LYS VA 35 -44.62 36.35 68.90
N SER VA 36 -43.47 35.77 68.58
CA SER VA 36 -42.68 35.00 69.54
C SER VA 36 -41.46 35.77 70.05
N THR VA 37 -40.57 36.20 69.16
CA THR VA 37 -39.26 36.72 69.56
C THR VA 37 -38.96 38.02 68.81
N ILE VA 38 -38.47 39.03 69.53
CA ILE VA 38 -38.21 40.35 68.97
C ILE VA 38 -36.88 40.88 69.50
N GLU VA 39 -36.09 41.51 68.62
CA GLU VA 39 -34.80 42.06 69.01
C GLU VA 39 -34.77 43.55 68.69
N TYR VA 40 -34.71 44.40 69.71
CA TYR VA 40 -34.63 45.84 69.51
C TYR VA 40 -33.18 46.32 69.52
N LEU VA 41 -32.94 47.38 68.74
CA LEU VA 41 -31.66 48.05 68.66
C LEU VA 41 -31.80 49.48 69.19
N ASP VA 42 -30.94 49.84 70.14
CA ASP VA 42 -30.86 51.20 70.66
C ASP VA 42 -30.16 52.07 69.63
N THR VA 43 -30.94 52.85 68.87
CA THR VA 43 -30.37 53.83 67.96
C THR VA 43 -29.69 54.98 68.68
N GLY VA 44 -29.71 55.00 70.01
CA GLY VA 44 -29.03 56.05 70.76
C GLY VA 44 -27.56 55.75 70.96
N SER VA 45 -26.97 54.99 70.04
CA SER VA 45 -25.59 54.56 70.14
C SER VA 45 -24.78 55.15 69.00
N ASP VA 46 -23.49 54.79 68.99
CA ASP VA 46 -22.58 55.30 67.98
C ASP VA 46 -22.93 54.74 66.60
N ASN VA 47 -22.85 55.60 65.58
CA ASN VA 47 -23.03 55.14 64.20
C ASN VA 47 -21.89 54.24 63.77
N SER VA 48 -20.65 54.60 64.17
CA SER VA 48 -19.43 54.17 63.49
C SER VA 48 -18.92 52.82 63.95
N LEU VA 49 -19.72 52.07 64.72
CA LEU VA 49 -19.34 50.75 65.18
C LEU VA 49 -20.21 49.70 64.49
N LEU VA 50 -19.62 48.55 64.20
CA LEU VA 50 -20.42 47.44 63.69
C LEU VA 50 -21.28 46.82 64.79
N VAL VA 51 -20.99 47.13 66.05
CA VAL VA 51 -21.78 46.64 67.18
C VAL VA 51 -22.54 47.81 67.79
N ARG VA 52 -23.79 47.57 68.15
CA ARG VA 52 -24.61 48.57 68.80
C ARG VA 52 -25.51 47.88 69.80
N PRO VA 53 -25.88 48.58 70.88
CA PRO VA 53 -26.62 47.95 71.96
C PRO VA 53 -27.99 47.48 71.53
N THR VA 54 -28.35 46.28 71.97
CA THR VA 54 -29.54 45.60 71.53
C THR VA 54 -30.12 44.82 72.71
N GLN VA 55 -31.42 44.93 72.91
CA GLN VA 55 -32.10 44.12 73.92
C GLN VA 55 -33.19 43.30 73.27
N GLN VA 56 -33.22 42.02 73.60
CA GLN VA 56 -34.10 41.06 72.98
C GLN VA 56 -35.10 40.55 74.01
N PHE VA 57 -36.33 40.30 73.54
CA PHE VA 57 -37.41 39.73 74.33
C PHE VA 57 -38.00 38.52 73.61
N ASN VA 58 -38.40 37.52 74.40
CA ASN VA 58 -38.73 36.22 73.85
C ASN VA 58 -39.68 35.50 74.80
N CYS VA 59 -40.91 35.23 74.39
CA CYS VA 59 -41.91 34.58 75.23
C CYS VA 59 -42.30 33.21 74.66
N VAL VA 60 -42.63 32.28 75.56
CA VAL VA 60 -43.14 30.95 75.21
C VAL VA 60 -44.11 30.49 76.29
N SER VA 61 -44.88 29.46 75.97
CA SER VA 61 -45.91 28.95 76.87
C SER VA 61 -46.20 27.50 76.53
N SER VA 62 -46.61 26.73 77.55
CA SER VA 62 -46.80 25.29 77.39
C SER VA 62 -47.94 24.81 78.27
N GLN VA 63 -48.66 23.81 77.76
CA GLN VA 63 -49.77 23.17 78.45
C GLN VA 63 -49.30 22.08 79.42
N TYR VA 64 -48.00 21.85 79.52
CA TYR VA 64 -47.43 20.76 80.31
C TYR VA 64 -46.45 21.33 81.32
N PRO VA 65 -46.96 22.02 82.34
CA PRO VA 65 -46.08 22.81 83.21
C PRO VA 65 -45.17 21.97 84.08
N TYR VA 66 -45.48 20.68 84.25
CA TYR VA 66 -44.71 19.80 85.11
C TYR VA 66 -43.75 18.91 84.33
N ARG VA 67 -43.42 19.28 83.09
CA ARG VA 67 -42.68 18.37 82.22
C ARG VA 67 -41.31 18.04 82.78
N ASN VA 68 -40.59 19.05 83.29
CA ASN VA 68 -39.26 18.83 83.81
C ASN VA 68 -39.23 18.60 85.31
N TYR VA 69 -40.33 18.85 86.01
CA TYR VA 69 -40.38 18.70 87.46
C TYR VA 69 -40.93 17.32 87.80
N SER VA 70 -40.07 16.32 87.60
CA SER VA 70 -40.49 14.92 87.72
C SER VA 70 -40.85 14.55 89.15
N LYS VA 71 -40.26 15.23 90.14
CA LYS VA 71 -40.39 14.84 91.53
C LYS VA 71 -41.64 15.39 92.22
N ILE VA 72 -42.58 15.93 91.46
CA ILE VA 72 -43.89 16.32 91.98
C ILE VA 72 -44.88 15.23 91.57
N PRO VA 73 -45.59 14.61 92.51
CA PRO VA 73 -46.57 13.58 92.14
C PRO VA 73 -47.80 14.17 91.47
N ARG VA 74 -48.50 13.33 90.70
CA ARG VA 74 -49.70 13.78 90.03
C ARG VA 74 -50.78 14.22 91.02
N SER VA 75 -50.80 13.60 92.21
CA SER VA 75 -51.74 14.02 93.26
C SER VA 75 -51.50 15.46 93.70
N GLN VA 76 -50.36 16.06 93.35
CA GLN VA 76 -50.07 17.43 93.73
C GLN VA 76 -49.85 18.35 92.52
N GLN VA 77 -50.14 17.87 91.31
CA GLN VA 77 -50.03 18.66 90.09
C GLN VA 77 -51.37 19.32 89.77
N ASP VA 78 -51.41 20.65 89.76
CA ASP VA 78 -52.64 21.39 89.44
C ASP VA 78 -52.98 21.27 87.97
N PRO VA 79 -54.05 20.56 87.60
CA PRO VA 79 -54.32 20.31 86.17
C PRO VA 79 -54.75 21.56 85.42
N LEU VA 80 -55.28 22.56 86.11
CA LEU VA 80 -55.61 23.82 85.45
C LEU VA 80 -54.36 24.61 85.09
N ALA VA 81 -53.29 24.42 85.86
CA ALA VA 81 -52.11 25.27 85.77
C ALA VA 81 -51.36 25.06 84.44
N VAL VA 82 -50.69 26.13 84.00
CA VAL VA 82 -50.11 26.24 82.68
C VAL VA 82 -48.79 26.98 82.79
N ARG VA 83 -47.80 26.63 81.96
CA ARG VA 83 -46.46 27.22 82.03
C ARG VA 83 -46.34 28.45 81.14
N ARG VA 84 -45.91 29.56 81.74
CA ARG VA 84 -45.59 30.80 81.03
C ARG VA 84 -44.11 31.11 81.22
N GLU VA 85 -43.45 31.62 80.18
CA GLU VA 85 -42.01 31.87 80.30
C GLU VA 85 -41.63 33.03 79.39
N PHE VA 86 -40.70 33.86 79.86
CA PHE VA 86 -40.10 34.91 79.05
C PHE VA 86 -38.59 34.97 79.30
N TYR VA 87 -37.91 35.63 78.37
CA TYR VA 87 -36.45 35.70 78.32
C TYR VA 87 -36.07 37.05 77.76
N THR VA 88 -35.24 37.78 78.48
CA THR VA 88 -34.69 39.02 77.97
C THR VA 88 -33.17 38.89 77.96
N ARG VA 89 -32.54 39.47 76.94
CA ARG VA 89 -31.07 39.50 76.84
C ARG VA 89 -30.65 40.87 76.33
N ARG VA 90 -29.99 41.64 77.20
CA ARG VA 90 -29.47 42.95 76.84
C ARG VA 90 -27.97 42.82 76.60
N VAL VA 91 -27.52 43.28 75.45
CA VAL VA 91 -26.12 43.39 75.10
C VAL VA 91 -25.84 44.87 74.92
N GLU VA 92 -24.92 45.43 75.70
CA GLU VA 92 -24.46 46.78 75.45
C GLU VA 92 -22.96 46.75 75.26
N TYR VA 93 -22.47 47.63 74.40
CA TYR VA 93 -21.05 47.71 74.05
C TYR VA 93 -20.51 49.05 74.56
N TRP VA 94 -19.70 49.00 75.61
CA TRP VA 94 -19.15 50.21 76.19
C TRP VA 94 -17.96 50.72 75.37
N ARG VA 95 -17.61 51.97 75.63
CA ARG VA 95 -16.63 52.72 74.86
C ARG VA 95 -15.64 53.30 75.87
N LYS VA 96 -14.40 52.83 75.87
CA LYS VA 96 -13.41 53.38 76.78
C LYS VA 96 -12.42 54.23 76.01
N ALA VA 97 -12.13 55.40 76.59
CA ALA VA 97 -11.16 56.35 76.04
C ALA VA 97 -11.01 57.51 77.01
N ASP VA 98 -9.88 58.20 76.90
CA ASP VA 98 -9.66 59.44 77.64
C ASP VA 98 -9.63 60.61 76.68
N ALA VA 99 -10.33 61.69 77.04
CA ALA VA 99 -10.33 62.89 76.21
C ALA VA 99 -9.02 63.65 76.33
N SER VA 100 -8.26 63.40 77.40
CA SER VA 100 -6.97 64.07 77.56
C SER VA 100 -5.99 63.68 76.46
N ASN VA 101 -5.99 62.40 76.08
CA ASN VA 101 -5.02 61.87 75.13
C ASN VA 101 -5.80 61.27 73.96
N VAL VA 102 -5.87 62.00 72.85
CA VAL VA 102 -6.55 61.48 71.66
C VAL VA 102 -5.66 60.53 70.87
N ASP VA 103 -4.35 60.52 71.15
CA ASP VA 103 -3.48 59.49 70.59
C ASP VA 103 -3.80 58.11 71.19
N ALA VA 104 -4.23 58.07 72.44
CA ALA VA 104 -4.47 56.79 73.09
C ALA VA 104 -5.68 56.10 72.47
N PRO VA 105 -5.60 54.80 72.20
CA PRO VA 105 -6.64 54.14 71.40
C PRO VA 105 -7.92 53.96 72.19
N GLU VA 106 -9.03 53.92 71.45
CA GLU VA 106 -10.35 53.71 72.01
C GLU VA 106 -10.71 52.24 71.90
N TYR VA 107 -11.36 51.71 72.93
CA TYR VA 107 -11.69 50.29 72.95
C TYR VA 107 -13.19 50.08 73.15
N THR VA 108 -13.67 48.96 72.63
CA THR VA 108 -15.05 48.52 72.79
C THR VA 108 -15.08 47.39 73.82
N LEU VA 109 -15.91 47.56 74.85
CA LEU VA 109 -15.99 46.60 75.95
C LEU VA 109 -17.37 45.97 75.97
N PRO VA 110 -17.55 44.74 75.47
CA PRO VA 110 -18.87 44.13 75.46
C PRO VA 110 -19.32 43.62 76.83
N GLN VA 111 -20.60 43.83 77.10
CA GLN VA 111 -21.26 43.46 78.34
C GLN VA 111 -22.62 42.88 77.96
N SER VA 112 -23.05 41.83 78.65
CA SER VA 112 -24.31 41.17 78.31
C SER VA 112 -24.93 40.56 79.56
N CYS VA 113 -26.26 40.61 79.61
CA CYS VA 113 -27.00 40.16 80.79
C CYS VA 113 -28.36 39.62 80.36
N SER VA 114 -28.74 38.47 80.91
CA SER VA 114 -29.97 37.82 80.49
C SER VA 114 -30.76 37.33 81.70
N ILE VA 115 -32.08 37.47 81.60
CA ILE VA 115 -33.01 37.01 82.62
C ILE VA 115 -34.02 36.07 81.99
N ARG VA 116 -34.20 34.90 82.59
CA ARG VA 116 -35.18 33.92 82.14
C ARG VA 116 -36.13 33.62 83.30
N LEU VA 117 -37.41 33.92 83.10
CA LEU VA 117 -38.43 33.64 84.09
C LEU VA 117 -39.42 32.63 83.54
N ALA VA 118 -39.59 31.53 84.25
CA ALA VA 118 -40.55 30.50 83.88
C ALA VA 118 -41.42 30.22 85.11
N SER VA 119 -42.69 30.58 85.03
CA SER VA 119 -43.64 30.38 86.12
C SER VA 119 -44.67 29.34 85.71
N THR VA 120 -45.19 28.57 86.68
CA THR VA 120 -46.45 27.89 86.45
C THR VA 120 -47.56 28.80 86.99
N VAL VA 121 -48.42 29.24 86.10
CA VAL VA 121 -49.53 30.12 86.44
C VAL VA 121 -50.78 29.28 86.64
N THR VA 122 -51.57 29.64 87.65
CA THR VA 122 -52.91 29.11 87.82
C THR VA 122 -53.85 30.29 88.02
N LYS VA 123 -55.14 29.99 88.23
CA LYS VA 123 -56.15 31.04 88.33
C LYS VA 123 -55.78 32.10 89.37
N GLU VA 124 -55.17 31.67 90.47
CA GLU VA 124 -54.88 32.55 91.59
C GLU VA 124 -53.49 33.19 91.50
N THR VA 125 -52.65 32.74 90.57
CA THR VA 125 -51.34 33.36 90.39
C THR VA 125 -51.51 34.78 89.89
N THR VA 126 -50.88 35.73 90.57
CA THR VA 126 -51.04 37.14 90.26
C THR VA 126 -49.77 37.74 89.67
N ALA VA 127 -49.95 38.93 89.09
CA ALA VA 127 -48.83 39.71 88.62
C ALA VA 127 -47.76 39.86 89.70
N ALA VA 128 -48.18 40.33 90.88
CA ALA VA 128 -47.25 40.56 91.98
C ALA VA 128 -46.57 39.28 92.42
N ASP VA 129 -47.32 38.17 92.46
CA ASP VA 129 -46.71 36.88 92.81
C ASP VA 129 -45.59 36.53 91.85
N ILE VA 130 -45.79 36.78 90.55
CA ILE VA 130 -44.74 36.41 89.62
C ILE VA 130 -43.57 37.38 89.70
N ALA VA 131 -43.84 38.66 89.99
CA ALA VA 131 -42.74 39.60 90.24
C ALA VA 131 -41.91 39.19 91.44
N GLY VA 132 -42.57 38.60 92.45
CA GLY VA 132 -41.88 38.23 93.67
C GLY VA 132 -40.70 37.31 93.43
N ILE VA 133 -40.80 36.40 92.46
CA ILE VA 133 -39.71 35.45 92.27
C ILE VA 133 -38.49 36.14 91.67
N VAL VA 134 -38.71 37.10 90.77
CA VAL VA 134 -37.59 37.90 90.28
C VAL VA 134 -36.95 38.68 91.42
N LEU VA 135 -37.79 39.28 92.27
CA LEU VA 135 -37.24 40.07 93.37
C LEU VA 135 -36.44 39.22 94.35
N ARG VA 136 -36.94 38.02 94.67
CA ARG VA 136 -36.22 37.12 95.57
C ARG VA 136 -35.00 36.50 94.91
N THR VA 137 -34.97 36.42 93.59
CA THR VA 137 -33.76 36.00 92.91
C THR VA 137 -32.68 37.07 92.99
N LEU VA 138 -33.10 38.34 92.94
CA LEU VA 138 -32.15 39.44 93.00
C LEU VA 138 -31.63 39.67 94.41
N ALA VA 139 -32.49 39.56 95.42
CA ALA VA 139 -32.13 39.97 96.78
C ALA VA 139 -30.84 39.34 97.32
N PRO VA 140 -30.48 38.09 97.00
CA PRO VA 140 -29.18 37.59 97.48
C PRO VA 140 -28.00 38.35 96.90
N ILE VA 141 -28.10 38.80 95.65
CA ILE VA 141 -27.03 39.55 95.01
C ILE VA 141 -27.01 41.01 95.45
N PHE VA 142 -28.19 41.59 95.77
CA PHE VA 142 -28.30 42.99 96.15
C PHE VA 142 -28.93 43.09 97.52
N PRO VA 143 -28.22 42.66 98.57
CA PRO VA 143 -28.85 42.63 99.90
C PRO VA 143 -29.22 44.00 100.42
N ASN VA 144 -28.58 45.07 99.92
CA ASN VA 144 -28.92 46.44 100.29
C ASN VA 144 -29.39 47.23 99.09
N GLY VA 145 -29.73 46.56 97.99
CA GLY VA 145 -30.23 47.26 96.82
C GLY VA 145 -29.12 48.07 96.23
N SER VA 146 -29.42 49.33 95.87
CA SER VA 146 -28.38 50.19 95.32
C SER VA 146 -27.39 50.67 96.38
N GLY VA 147 -27.63 50.39 97.66
CA GLY VA 147 -26.83 50.98 98.73
C GLY VA 147 -25.34 50.64 98.67
N ASP VA 148 -25.03 49.38 98.34
CA ASP VA 148 -23.66 48.92 98.14
C ASP VA 148 -23.66 47.86 97.06
N TRP VA 149 -22.48 47.46 96.61
CA TRP VA 149 -22.37 46.45 95.56
C TRP VA 149 -21.54 45.26 96.02
N ILE VA 150 -21.50 44.97 97.31
CA ILE VA 150 -20.46 44.09 97.85
C ILE VA 150 -20.63 42.67 97.34
N LYS VA 151 -21.86 42.15 97.40
CA LYS VA 151 -22.06 40.77 96.98
C LYS VA 151 -21.90 40.63 95.48
N LEU VA 152 -22.33 41.65 94.72
CA LEU VA 152 -22.10 41.62 93.28
C LEU VA 152 -20.61 41.60 92.97
N GLN VA 153 -19.84 42.40 93.70
CA GLN VA 153 -18.38 42.41 93.53
C GLN VA 153 -17.80 41.03 93.81
N GLN VA 154 -18.29 40.35 94.84
CA GLN VA 154 -17.84 38.98 95.11
C GLN VA 154 -18.12 38.08 93.92
N LEU VA 155 -19.33 38.18 93.35
CA LEU VA 155 -19.68 37.37 92.20
C LEU VA 155 -18.72 37.61 91.04
N ILE VA 156 -18.39 38.87 90.78
CA ILE VA 156 -17.46 39.17 89.70
C ILE VA 156 -16.07 38.64 90.03
N ASP VA 157 -15.62 38.84 91.28
CA ASP VA 157 -14.33 38.33 91.74
C ASP VA 157 -14.24 36.81 91.65
N GLY VA 158 -15.39 36.13 91.56
CA GLY VA 158 -15.42 34.70 91.36
C GLY VA 158 -15.72 33.89 92.61
N LEU VA 159 -16.41 34.48 93.58
CA LEU VA 159 -16.61 33.88 94.91
C LEU VA 159 -18.08 33.47 95.06
N PRO VA 160 -18.45 32.27 94.62
CA PRO VA 160 -19.88 31.94 94.47
C PRO VA 160 -20.60 31.69 95.79
N ARG VA 161 -19.87 31.51 96.90
CA ARG VA 161 -20.49 31.26 98.20
C ARG VA 161 -21.08 32.58 98.73
N ILE VA 162 -22.34 32.83 98.35
CA ILE VA 162 -23.01 34.06 98.73
C ILE VA 162 -23.73 33.92 100.06
N PHE VA 163 -24.26 32.74 100.37
CA PHE VA 163 -24.89 32.50 101.65
C PHE VA 163 -23.92 31.93 102.65
N GLY VA 164 -22.62 32.04 102.38
CA GLY VA 164 -21.61 31.46 103.24
C GLY VA 164 -21.21 30.06 102.79
N SER WA 1 -5.64 44.10 -102.84
CA SER WA 1 -4.61 43.94 -101.82
C SER WA 1 -5.25 43.97 -100.43
N TYR WA 2 -4.91 42.99 -99.60
CA TYR WA 2 -5.61 42.76 -98.35
C TYR WA 2 -5.54 43.97 -97.42
N THR WA 3 -6.67 44.28 -96.79
CA THR WA 3 -6.74 45.27 -95.71
C THR WA 3 -7.31 44.63 -94.46
N ILE WA 4 -6.95 45.20 -93.32
CA ILE WA 4 -7.36 44.70 -92.01
C ILE WA 4 -8.41 45.63 -91.42
N ASP WA 5 -9.60 45.07 -91.19
CA ASP WA 5 -10.71 45.77 -90.54
C ASP WA 5 -10.72 45.37 -89.06
N ILE WA 6 -10.56 46.36 -88.17
CA ILE WA 6 -10.80 46.06 -86.76
C ILE WA 6 -12.31 45.99 -86.59
N ASN WA 7 -12.82 44.78 -86.51
CA ASN WA 7 -14.25 44.57 -86.34
C ASN WA 7 -14.59 45.05 -84.94
N CYS WA 8 -15.12 46.27 -84.83
CA CYS WA 8 -15.12 46.95 -83.54
C CYS WA 8 -15.85 48.28 -83.67
N SER WA 9 -16.23 48.85 -82.53
CA SER WA 9 -16.88 50.17 -82.48
C SER WA 9 -15.89 51.21 -81.97
N THR WA 10 -15.56 52.19 -82.82
CA THR WA 10 -14.73 53.33 -82.45
C THR WA 10 -15.54 54.62 -82.53
N GLY WA 11 -14.99 55.67 -81.93
CA GLY WA 11 -15.66 56.95 -81.82
C GLY WA 11 -14.87 58.05 -82.50
N ASP WA 12 -15.43 59.26 -82.59
CA ASP WA 12 -14.71 60.35 -83.25
C ASP WA 12 -13.75 61.04 -82.28
N THR WA 13 -14.12 61.15 -81.02
CA THR WA 13 -13.36 61.93 -80.04
C THR WA 13 -12.05 61.24 -79.67
N GLN WA 14 -11.08 62.04 -79.21
CA GLN WA 14 -9.82 61.47 -78.74
C GLN WA 14 -9.39 62.19 -77.48
N ALA WA 15 -8.81 61.44 -76.54
CA ALA WA 15 -8.28 61.99 -75.30
C ALA WA 15 -6.79 61.69 -75.19
N ASN WA 16 -6.11 62.50 -74.39
CA ASN WA 16 -4.70 62.31 -74.09
C ASN WA 16 -4.58 61.60 -72.73
N LEU WA 17 -3.99 60.40 -72.73
CA LEU WA 17 -3.51 59.77 -71.51
C LEU WA 17 -2.06 60.17 -71.36
N VAL WA 18 -1.77 61.00 -70.36
CA VAL WA 18 -0.46 61.63 -70.24
C VAL WA 18 0.45 60.73 -69.44
N LEU WA 19 1.43 60.12 -70.12
CA LEU WA 19 2.40 59.25 -69.48
C LEU WA 19 3.62 60.08 -69.10
N THR WA 20 4.14 59.81 -67.91
CA THR WA 20 5.40 60.38 -67.48
C THR WA 20 6.48 59.34 -67.65
N GLU WA 21 7.60 59.74 -68.26
CA GLU WA 21 8.63 58.78 -68.64
C GLU WA 21 9.21 58.10 -67.40
N ILE WA 22 9.79 56.94 -67.62
CA ILE WA 22 10.50 56.22 -66.58
C ILE WA 22 11.92 56.02 -67.07
N PRO WA 23 12.92 56.65 -66.45
CA PRO WA 23 14.28 56.63 -67.00
C PRO WA 23 14.89 55.24 -66.92
N ALA WA 24 15.55 54.84 -68.01
CA ALA WA 24 16.08 53.48 -68.07
C ALA WA 24 17.35 53.31 -67.24
N GLU WA 25 18.08 54.41 -67.00
CA GLU WA 25 19.34 54.29 -66.27
C GLU WA 25 19.19 53.59 -64.93
N PRO WA 26 18.25 53.96 -64.05
CA PRO WA 26 18.22 53.33 -62.73
C PRO WA 26 17.83 51.85 -62.72
N TYR WA 27 17.36 51.27 -63.82
CA TYR WA 27 16.93 49.87 -63.79
C TYR WA 27 18.11 48.94 -63.98
N VAL WA 28 18.13 47.86 -63.20
CA VAL WA 28 19.22 46.88 -63.21
C VAL WA 28 18.64 45.50 -63.53
N HIS WA 29 19.20 44.86 -64.56
CA HIS WA 29 18.84 43.48 -64.88
C HIS WA 29 19.16 42.57 -63.69
N VAL WA 30 18.17 41.77 -63.29
CA VAL WA 30 18.27 40.94 -62.10
C VAL WA 30 18.20 39.46 -62.45
N SER WA 31 17.21 39.06 -63.24
CA SER WA 31 16.99 37.65 -63.53
C SER WA 31 16.40 37.49 -64.93
N GLY WA 32 16.75 36.38 -65.56
CA GLY WA 32 15.98 35.89 -66.69
C GLY WA 32 16.69 35.93 -68.02
N ASP WA 33 16.41 34.93 -68.87
CA ASP WA 33 16.84 34.87 -70.26
C ASP WA 33 15.92 35.71 -71.14
N ASN WA 34 16.18 35.68 -72.45
CA ASN WA 34 15.09 35.95 -73.39
C ASN WA 34 14.10 34.80 -73.39
N LYS WA 35 14.59 33.57 -73.15
CA LYS WA 35 13.73 32.40 -73.05
C LYS WA 35 12.92 32.40 -71.76
N SER WA 36 13.42 33.04 -70.71
CA SER WA 36 12.72 33.19 -69.46
C SER WA 36 12.09 34.59 -69.43
N THR WA 37 11.61 35.01 -68.25
CA THR WA 37 11.10 36.37 -68.07
C THR WA 37 12.20 37.30 -67.54
N ILE WA 38 12.43 38.42 -68.26
CA ILE WA 38 13.41 39.42 -67.84
C ILE WA 38 12.85 40.22 -66.67
N GLU WA 39 13.71 40.49 -65.67
CA GLU WA 39 13.29 41.21 -64.47
C GLU WA 39 14.26 42.34 -64.18
N TYR WA 40 13.72 43.54 -63.95
CA TYR WA 40 14.54 44.69 -63.60
C TYR WA 40 14.15 45.22 -62.23
N LEU WA 41 15.18 45.70 -61.52
CA LEU WA 41 15.04 46.39 -60.23
C LEU WA 41 15.23 47.89 -60.43
N ASP WA 42 14.28 48.67 -59.93
CA ASP WA 42 14.39 50.13 -59.91
C ASP WA 42 15.24 50.51 -58.71
N THR WA 43 16.53 50.84 -58.95
CA THR WA 43 17.47 51.14 -57.88
C THR WA 43 17.31 52.55 -57.36
N GLY WA 44 16.43 53.35 -57.94
CA GLY WA 44 16.12 54.65 -57.40
C GLY WA 44 14.99 54.54 -56.40
N SER WA 45 15.16 53.69 -55.39
CA SER WA 45 14.17 53.47 -54.35
C SER WA 45 14.83 53.55 -52.99
N ASP WA 46 14.01 53.52 -51.94
CA ASP WA 46 14.55 53.54 -50.59
C ASP WA 46 15.30 52.24 -50.36
N ASN WA 47 16.62 52.36 -50.24
CA ASN WA 47 17.49 51.24 -49.95
C ASN WA 47 17.12 50.58 -48.62
N SER WA 48 16.60 51.36 -47.67
CA SER WA 48 16.34 50.86 -46.32
C SER WA 48 15.10 49.99 -46.22
N LEU WA 49 14.50 49.64 -47.35
CA LEU WA 49 13.46 48.63 -47.42
C LEU WA 49 14.02 47.37 -48.05
N LEU WA 50 13.59 46.22 -47.56
CA LEU WA 50 13.97 44.96 -48.19
C LEU WA 50 13.12 44.63 -49.41
N VAL WA 51 12.08 45.41 -49.67
CA VAL WA 51 11.31 45.29 -50.90
C VAL WA 51 11.58 46.53 -51.73
N ARG WA 52 11.76 46.33 -53.03
CA ARG WA 52 12.08 47.42 -53.93
C ARG WA 52 11.32 47.24 -55.21
N PRO WA 53 11.07 48.32 -55.96
CA PRO WA 53 10.23 48.25 -57.14
C PRO WA 53 10.88 47.48 -58.27
N THR WA 54 10.12 46.60 -58.90
CA THR WA 54 10.60 45.79 -60.00
C THR WA 54 9.60 45.81 -61.14
N GLN WA 55 10.09 45.86 -62.37
CA GLN WA 55 9.22 45.57 -63.51
C GLN WA 55 9.81 44.46 -64.35
N GLN WA 56 8.95 43.55 -64.81
CA GLN WA 56 9.41 42.41 -65.59
C GLN WA 56 8.69 42.34 -66.94
N PHE WA 57 9.41 41.78 -67.91
CA PHE WA 57 8.97 41.68 -69.29
C PHE WA 57 9.23 40.26 -69.80
N ASN WA 58 8.17 39.62 -70.28
CA ASN WA 58 8.21 38.29 -70.88
C ASN WA 58 7.54 38.37 -72.24
N CYS WA 59 8.07 37.65 -73.22
CA CYS WA 59 7.34 37.56 -74.48
C CYS WA 59 7.59 36.22 -75.14
N VAL WA 60 6.53 35.68 -75.77
CA VAL WA 60 6.53 34.35 -76.37
C VAL WA 60 5.71 34.38 -77.65
N SER WA 61 6.02 33.44 -78.54
CA SER WA 61 5.46 33.44 -79.89
C SER WA 61 5.17 32.01 -80.29
N SER WA 62 4.10 31.84 -81.09
CA SER WA 62 3.70 30.51 -81.54
C SER WA 62 3.20 30.53 -82.97
N GLN WA 63 3.44 29.42 -83.67
CA GLN WA 63 2.99 29.25 -85.04
C GLN WA 63 1.53 28.83 -85.14
N TYR WA 64 0.86 28.65 -84.00
CA TYR WA 64 -0.50 28.11 -83.94
C TYR WA 64 -1.42 29.13 -83.29
N PRO WA 65 -1.75 30.21 -84.00
CA PRO WA 65 -2.37 31.37 -83.35
C PRO WA 65 -3.83 31.16 -82.97
N TYR WA 66 -4.47 30.14 -83.51
CA TYR WA 66 -5.88 29.87 -83.26
C TYR WA 66 -6.09 28.83 -82.17
N ARG WA 67 -5.05 28.51 -81.40
CA ARG WA 67 -5.15 27.41 -80.44
C ARG WA 67 -6.19 27.70 -79.36
N ASN WA 68 -6.24 28.93 -78.88
CA ASN WA 68 -7.17 29.27 -77.80
C ASN WA 68 -8.57 29.59 -78.28
N TYR WA 69 -8.72 29.97 -79.54
CA TYR WA 69 -10.00 30.42 -80.06
C TYR WA 69 -10.68 29.27 -80.79
N SER WA 70 -11.84 28.87 -80.29
CA SER WA 70 -12.46 27.63 -80.73
C SER WA 70 -13.44 27.82 -81.87
N LYS WA 71 -14.15 28.95 -81.93
CA LYS WA 71 -15.27 29.09 -82.85
C LYS WA 71 -14.90 29.81 -84.14
N ILE WA 72 -13.63 29.75 -84.54
CA ILE WA 72 -13.19 30.29 -85.82
C ILE WA 72 -12.99 29.13 -86.78
N PRO WA 73 -13.73 29.05 -87.89
CA PRO WA 73 -13.57 27.96 -88.85
C PRO WA 73 -12.22 27.99 -89.53
N ARG WA 74 -11.76 26.80 -89.95
CA ARG WA 74 -10.49 26.71 -90.67
C ARG WA 74 -10.51 27.52 -91.95
N SER WA 75 -11.66 27.56 -92.64
CA SER WA 75 -11.79 28.35 -93.84
C SER WA 75 -11.58 29.84 -93.61
N GLN WA 76 -11.53 30.27 -92.35
CA GLN WA 76 -11.28 31.66 -92.00
C GLN WA 76 -9.97 31.86 -91.25
N GLN WA 77 -9.15 30.81 -91.13
CA GLN WA 77 -7.88 30.89 -90.42
C GLN WA 77 -6.74 31.18 -91.41
N ASP WA 78 -6.07 32.32 -91.22
CA ASP WA 78 -4.96 32.72 -92.10
C ASP WA 78 -3.76 31.82 -91.88
N PRO WA 79 -3.36 31.02 -92.88
CA PRO WA 79 -2.25 30.06 -92.66
C PRO WA 79 -0.91 30.73 -92.45
N LEU WA 80 -0.77 31.99 -92.82
CA LEU WA 80 0.44 32.75 -92.58
C LEU WA 80 0.43 33.49 -91.26
N ALA WA 81 -0.68 33.45 -90.53
CA ALA WA 81 -0.78 34.19 -89.30
C ALA WA 81 0.04 33.52 -88.21
N VAL WA 82 0.58 34.35 -87.31
CA VAL WA 82 1.42 33.92 -86.20
C VAL WA 82 0.91 34.61 -84.95
N ARG WA 83 1.18 34.01 -83.79
CA ARG WA 83 0.78 34.56 -82.50
C ARG WA 83 1.98 35.20 -81.83
N ARG WA 84 1.88 36.49 -81.54
CA ARG WA 84 2.91 37.23 -80.82
C ARG WA 84 2.32 37.69 -79.50
N GLU WA 85 2.99 37.40 -78.40
CA GLU WA 85 2.46 37.70 -77.07
C GLU WA 85 3.56 38.36 -76.24
N PHE WA 86 3.18 39.33 -75.42
CA PHE WA 86 4.09 39.90 -74.44
C PHE WA 86 3.32 40.24 -73.16
N TYR WA 87 4.07 40.36 -72.08
CA TYR WA 87 3.51 40.44 -70.74
C TYR WA 87 4.44 41.23 -69.86
N THR WA 88 3.94 42.30 -69.24
CA THR WA 88 4.73 43.08 -68.32
C THR WA 88 4.02 43.09 -66.98
N ARG WA 89 4.80 43.08 -65.90
CA ARG WA 89 4.26 43.19 -64.54
C ARG WA 89 5.16 44.14 -63.75
N ARG WA 90 4.59 45.26 -63.32
CA ARG WA 90 5.28 46.24 -62.50
C ARG WA 90 4.73 46.15 -61.09
N VAL WA 91 5.63 45.95 -60.13
CA VAL WA 91 5.31 46.04 -58.72
C VAL WA 91 6.07 47.23 -58.16
N GLU WA 92 5.35 48.17 -57.58
CA GLU WA 92 5.97 49.22 -56.81
C GLU WA 92 5.52 49.10 -55.35
N TYR WA 93 6.31 49.71 -54.47
CA TYR WA 93 6.10 49.64 -53.03
C TYR WA 93 6.07 51.05 -52.48
N TRP WA 94 4.87 51.58 -52.26
CA TRP WA 94 4.72 52.94 -51.75
C TRP WA 94 5.06 52.99 -50.28
N ARG WA 95 5.26 54.21 -49.78
CA ARG WA 95 5.64 54.43 -48.39
C ARG WA 95 4.76 55.56 -47.86
N LYS WA 96 4.00 55.30 -46.79
CA LYS WA 96 3.21 56.33 -46.13
C LYS WA 96 3.87 56.73 -44.81
N ALA WA 97 4.04 58.05 -44.63
CA ALA WA 97 4.55 58.62 -43.38
C ALA WA 97 4.21 60.10 -43.34
N ASP WA 98 4.46 60.74 -42.20
CA ASP WA 98 4.33 62.19 -42.16
C ASP WA 98 5.52 62.83 -41.44
N ALA WA 99 6.07 63.88 -42.05
CA ALA WA 99 7.14 64.62 -41.42
C ALA WA 99 6.67 65.40 -40.20
N SER WA 100 5.35 65.53 -40.02
CA SER WA 100 4.80 66.25 -38.88
C SER WA 100 5.06 65.51 -37.57
N ASN WA 101 5.16 64.19 -37.62
CA ASN WA 101 5.18 63.37 -36.41
C ASN WA 101 6.29 62.33 -36.53
N VAL WA 102 7.45 62.59 -35.90
CA VAL WA 102 8.51 61.60 -35.90
C VAL WA 102 8.12 60.38 -35.08
N ASP WA 103 7.11 60.50 -34.22
CA ASP WA 103 6.68 59.42 -33.34
C ASP WA 103 5.71 58.45 -34.01
N ALA WA 104 5.16 58.80 -35.18
CA ALA WA 104 4.12 57.96 -35.79
C ALA WA 104 4.75 57.00 -36.80
N PRO WA 105 4.25 55.76 -36.86
CA PRO WA 105 4.94 54.72 -37.63
C PRO WA 105 4.80 54.94 -39.13
N GLU WA 106 5.76 54.38 -39.86
CA GLU WA 106 5.73 54.39 -41.32
C GLU WA 106 5.23 53.03 -41.81
N TYR WA 107 4.52 53.05 -42.93
CA TYR WA 107 4.02 51.82 -43.51
C TYR WA 107 4.42 51.72 -44.98
N THR WA 108 4.66 50.51 -45.46
CA THR WA 108 4.92 50.27 -46.87
C THR WA 108 3.72 49.57 -47.50
N LEU WA 109 3.24 50.12 -48.62
CA LEU WA 109 1.98 49.73 -49.26
C LEU WA 109 2.24 49.13 -50.64
N PRO WA 110 2.00 47.84 -50.84
CA PRO WA 110 2.31 47.23 -52.15
C PRO WA 110 1.23 47.47 -53.21
N GLN WA 111 1.73 47.68 -54.44
CA GLN WA 111 0.89 47.93 -55.60
C GLN WA 111 1.46 47.12 -56.76
N SER WA 112 0.58 46.52 -57.56
CA SER WA 112 1.02 45.74 -58.71
C SER WA 112 0.06 45.94 -59.89
N CYS WA 113 0.62 45.94 -61.10
CA CYS WA 113 -0.16 46.11 -62.31
C CYS WA 113 0.48 45.32 -63.43
N SER WA 114 -0.33 44.57 -64.18
CA SER WA 114 0.19 43.67 -65.20
C SER WA 114 -0.64 43.75 -66.46
N ILE WA 115 0.04 43.87 -67.60
CA ILE WA 115 -0.59 43.94 -68.92
C ILE WA 115 -0.08 42.80 -69.78
N ARG WA 116 -1.01 42.01 -70.32
CA ARG WA 116 -0.70 40.94 -71.28
C ARG WA 116 -1.40 41.25 -72.60
N LEU WA 117 -0.69 40.98 -73.69
CA LEU WA 117 -1.18 41.25 -75.04
C LEU WA 117 -0.76 40.10 -75.95
N ALA WA 118 -1.74 39.50 -76.63
CA ALA WA 118 -1.49 38.45 -77.59
C ALA WA 118 -2.23 38.82 -78.88
N SER WA 119 -1.47 39.20 -79.90
CA SER WA 119 -2.02 39.56 -81.20
C SER WA 119 -1.78 38.45 -82.21
N THR WA 120 -2.75 38.25 -83.10
CA THR WA 120 -2.49 37.49 -84.31
C THR WA 120 -1.89 38.45 -85.33
N VAL WA 121 -0.67 38.16 -85.78
CA VAL WA 121 0.08 39.02 -86.69
C VAL WA 121 0.23 38.33 -88.03
N THR WA 122 -0.11 39.05 -89.10
CA THR WA 122 0.08 38.63 -90.47
C THR WA 122 0.82 39.73 -91.21
N LYS WA 123 1.06 39.51 -92.50
CA LYS WA 123 1.87 40.44 -93.30
C LYS WA 123 1.41 41.88 -93.14
N GLU WA 124 0.09 42.09 -93.16
CA GLU WA 124 -0.49 43.42 -93.18
C GLU WA 124 -0.65 44.04 -91.80
N THR WA 125 -0.43 43.26 -90.74
CA THR WA 125 -0.54 43.78 -89.38
C THR WA 125 0.65 44.67 -89.06
N THR WA 126 0.40 45.94 -88.76
CA THR WA 126 1.45 46.90 -88.43
C THR WA 126 1.57 47.10 -86.92
N ALA WA 127 2.73 47.63 -86.52
CA ALA WA 127 2.97 47.91 -85.11
C ALA WA 127 1.91 48.85 -84.56
N ALA WA 128 1.50 49.84 -85.35
CA ALA WA 128 0.40 50.71 -84.95
C ALA WA 128 -0.88 49.92 -84.76
N ASP WA 129 -1.19 49.00 -85.68
CA ASP WA 129 -2.40 48.19 -85.55
C ASP WA 129 -2.40 47.45 -84.21
N ILE WA 130 -1.23 46.95 -83.81
CA ILE WA 130 -1.16 46.19 -82.56
C ILE WA 130 -1.23 47.11 -81.36
N ALA WA 131 -0.65 48.31 -81.45
CA ALA WA 131 -0.83 49.28 -80.36
C ALA WA 131 -2.29 49.64 -80.19
N GLY WA 132 -3.05 49.63 -81.29
CA GLY WA 132 -4.46 49.93 -81.22
C GLY WA 132 -5.20 49.07 -80.20
N ILE WA 133 -4.84 47.80 -80.09
CA ILE WA 133 -5.61 46.94 -79.20
C ILE WA 133 -5.39 47.33 -77.73
N VAL WA 134 -4.16 47.70 -77.38
CA VAL WA 134 -3.90 48.19 -76.03
C VAL WA 134 -4.64 49.51 -75.80
N LEU WA 135 -4.62 50.40 -76.80
CA LEU WA 135 -5.27 51.69 -76.64
C LEU WA 135 -6.79 51.53 -76.46
N ARG WA 136 -7.39 50.59 -77.19
CA ARG WA 136 -8.82 50.35 -77.05
C ARG WA 136 -9.15 49.60 -75.77
N THR WA 137 -8.24 48.77 -75.27
CA THR WA 137 -8.48 48.18 -73.96
C THR WA 137 -8.47 49.26 -72.88
N LEU WA 138 -7.55 50.22 -72.98
CA LEU WA 138 -7.45 51.27 -71.96
C LEU WA 138 -8.61 52.24 -72.03
N ALA WA 139 -9.07 52.57 -73.25
CA ALA WA 139 -9.98 53.70 -73.43
C ALA WA 139 -11.25 53.66 -72.58
N PRO WA 140 -11.95 52.52 -72.41
CA PRO WA 140 -13.16 52.53 -71.57
C PRO WA 140 -12.92 52.95 -70.13
N ILE WA 141 -11.76 52.60 -69.56
CA ILE WA 141 -11.41 52.93 -68.18
C ILE WA 141 -10.99 54.39 -68.06
N PHE WA 142 -10.35 54.94 -69.10
CA PHE WA 142 -9.87 56.31 -69.10
C PHE WA 142 -10.52 57.04 -70.26
N PRO WA 143 -11.84 57.26 -70.21
CA PRO WA 143 -12.53 57.82 -71.38
C PRO WA 143 -12.19 59.27 -71.64
N ASN WA 144 -11.59 59.97 -70.68
CA ASN WA 144 -11.07 61.31 -70.88
C ASN WA 144 -9.57 61.38 -70.64
N GLY WA 145 -8.89 60.25 -70.70
CA GLY WA 145 -7.45 60.27 -70.60
C GLY WA 145 -7.05 60.67 -69.19
N SER WA 146 -5.92 61.37 -69.08
CA SER WA 146 -5.50 61.82 -67.77
C SER WA 146 -6.44 62.88 -67.18
N GLY WA 147 -7.49 63.28 -67.92
CA GLY WA 147 -8.33 64.36 -67.44
C GLY WA 147 -9.05 64.06 -66.14
N ASP WA 148 -9.85 62.99 -66.11
CA ASP WA 148 -10.59 62.62 -64.92
C ASP WA 148 -10.37 61.15 -64.64
N TRP WA 149 -10.73 60.73 -63.43
CA TRP WA 149 -10.50 59.37 -62.99
C TRP WA 149 -11.80 58.67 -62.61
N ILE WA 150 -12.91 59.06 -63.23
CA ILE WA 150 -14.21 58.67 -62.69
C ILE WA 150 -14.44 57.17 -62.84
N LYS WA 151 -14.18 56.64 -64.04
CA LYS WA 151 -14.41 55.22 -64.27
C LYS WA 151 -13.38 54.38 -63.52
N LEU WA 152 -12.15 54.86 -63.43
CA LEU WA 152 -11.16 54.15 -62.64
C LEU WA 152 -11.59 54.08 -61.18
N GLN WA 153 -12.09 55.20 -60.66
CA GLN WA 153 -12.62 55.24 -59.30
C GLN WA 153 -13.69 54.20 -59.11
N GLN WA 154 -14.60 54.08 -60.08
CA GLN WA 154 -15.62 53.03 -60.00
C GLN WA 154 -15.00 51.64 -59.91
N LEU WA 155 -14.07 51.35 -60.80
CA LEU WA 155 -13.43 50.03 -60.79
C LEU WA 155 -12.83 49.73 -59.42
N ILE WA 156 -12.23 50.74 -58.79
CA ILE WA 156 -11.64 50.51 -57.47
C ILE WA 156 -12.73 50.37 -56.41
N ASP WA 157 -13.79 51.19 -56.52
CA ASP WA 157 -14.94 51.11 -55.63
C ASP WA 157 -15.66 49.78 -55.71
N GLY WA 158 -15.35 48.97 -56.71
CA GLY WA 158 -15.95 47.65 -56.83
C GLY WA 158 -17.14 47.57 -57.76
N LEU WA 159 -17.27 48.51 -58.71
CA LEU WA 159 -18.39 48.59 -59.64
C LEU WA 159 -17.91 48.28 -61.05
N PRO WA 160 -18.10 47.04 -61.53
CA PRO WA 160 -17.43 46.62 -62.77
C PRO WA 160 -18.08 47.11 -64.05
N ARG WA 161 -19.27 47.68 -64.03
CA ARG WA 161 -19.97 47.98 -65.28
C ARG WA 161 -19.52 49.35 -65.80
N ILE WA 162 -18.42 49.34 -66.56
CA ILE WA 162 -17.93 50.55 -67.21
C ILE WA 162 -18.95 51.07 -68.21
N PHE WA 163 -19.59 50.19 -68.95
CA PHE WA 163 -20.50 50.59 -70.01
C PHE WA 163 -21.94 50.72 -69.53
N GLY WA 164 -22.24 50.32 -68.29
CA GLY WA 164 -23.58 50.43 -67.76
C GLY WA 164 -24.40 49.16 -67.78
N SER XA 1 -1.81 63.91 -41.53
CA SER XA 1 -0.65 64.50 -42.19
C SER XA 1 0.11 63.46 -42.98
N TYR XA 2 -0.34 62.20 -42.87
CA TYR XA 2 0.26 61.10 -43.63
C TYR XA 2 0.24 61.40 -45.13
N THR XA 3 1.38 61.16 -45.77
CA THR XA 3 1.54 61.32 -47.20
C THR XA 3 2.06 60.02 -47.80
N ILE XA 4 1.62 59.79 -49.03
CA ILE XA 4 1.95 58.61 -49.81
C ILE XA 4 3.06 58.99 -50.78
N ASP XA 5 4.23 58.38 -50.61
CA ASP XA 5 5.35 58.55 -51.52
C ASP XA 5 5.49 57.28 -52.35
N ILE XA 6 5.30 57.40 -53.67
CA ILE XA 6 5.67 56.30 -54.54
C ILE XA 6 7.18 56.13 -54.46
N ASN XA 7 7.62 54.89 -54.35
CA ASN XA 7 9.06 54.63 -54.19
C ASN XA 7 9.68 54.29 -55.55
N CYS XA 8 9.50 55.18 -56.52
CA CYS XA 8 9.83 54.87 -57.90
C CYS XA 8 10.85 55.85 -58.45
N SER XA 9 11.26 55.59 -59.68
CA SER XA 9 12.02 56.55 -60.47
C SER XA 9 11.07 57.14 -61.51
N THR XA 10 10.97 58.47 -61.53
CA THR XA 10 10.13 59.19 -62.48
C THR XA 10 10.94 60.30 -63.12
N GLY XA 11 10.77 60.45 -64.44
CA GLY XA 11 11.46 61.48 -65.20
C GLY XA 11 10.73 62.81 -65.18
N ASP XA 12 11.33 63.78 -65.86
CA ASP XA 12 10.73 65.10 -66.02
C ASP XA 12 9.93 65.23 -67.31
N THR XA 13 10.16 64.33 -68.27
CA THR XA 13 9.57 64.39 -69.60
C THR XA 13 8.17 63.76 -69.58
N GLN XA 14 7.32 64.15 -70.53
CA GLN XA 14 5.97 63.58 -70.59
C GLN XA 14 5.56 63.38 -72.05
N ALA XA 15 4.68 62.40 -72.28
CA ALA XA 15 4.23 62.06 -73.61
C ALA XA 15 2.72 61.82 -73.61
N ASN XA 16 2.10 62.01 -74.76
CA ASN XA 16 0.67 61.83 -74.94
C ASN XA 16 0.39 60.48 -75.61
N LEU XA 17 -0.24 59.57 -74.87
CA LEU XA 17 -0.76 58.33 -75.43
C LEU XA 17 -2.20 58.61 -75.83
N VAL XA 18 -2.49 58.61 -77.12
CA VAL XA 18 -3.74 59.15 -77.63
C VAL XA 18 -4.78 58.03 -77.71
N LEU XA 19 -5.77 58.09 -76.83
CA LEU XA 19 -6.84 57.12 -76.79
C LEU XA 19 -7.99 57.59 -77.67
N THR XA 20 -8.51 56.70 -78.50
CA THR XA 20 -9.72 56.97 -79.25
C THR XA 20 -10.90 56.36 -78.51
N GLU XA 21 -11.98 57.11 -78.42
CA GLU XA 21 -13.07 56.75 -77.51
C GLU XA 21 -13.76 55.47 -77.98
N ILE XA 22 -14.34 54.76 -77.02
CA ILE XA 22 -15.13 53.57 -77.33
C ILE XA 22 -16.54 53.82 -76.77
N PRO XA 23 -17.54 53.94 -77.65
CA PRO XA 23 -18.89 54.31 -77.18
C PRO XA 23 -19.57 53.18 -76.44
N ALA XA 24 -20.38 53.55 -75.45
CA ALA XA 24 -21.07 52.51 -74.68
C ALA XA 24 -22.35 52.05 -75.36
N GLU XA 25 -22.95 52.91 -76.18
CA GLU XA 25 -24.20 52.56 -76.86
C GLU XA 25 -24.15 51.24 -77.61
N PRO XA 26 -23.09 50.90 -78.36
CA PRO XA 26 -23.08 49.60 -79.04
C PRO XA 26 -22.91 48.39 -78.13
N TYR XA 27 -22.62 48.56 -76.84
CA TYR XA 27 -22.29 47.41 -76.00
C TYR XA 27 -23.52 46.83 -75.32
N VAL XA 28 -23.51 45.51 -75.14
CA VAL XA 28 -24.66 44.73 -74.65
C VAL XA 28 -24.23 43.79 -73.54
N HIS XA 29 -25.08 43.68 -72.51
CA HIS XA 29 -24.89 42.70 -71.44
C HIS XA 29 -24.85 41.28 -71.99
N VAL XA 30 -23.91 40.48 -71.47
CA VAL XA 30 -23.77 39.07 -71.86
C VAL XA 30 -23.92 38.15 -70.66
N SER XA 31 -23.10 38.37 -69.62
CA SER XA 31 -23.18 37.57 -68.40
C SER XA 31 -22.97 38.47 -67.19
N GLY XA 32 -23.44 37.99 -66.04
CA GLY XA 32 -23.25 38.65 -64.76
C GLY XA 32 -23.70 40.10 -64.72
N ASP XA 33 -25.00 40.34 -64.93
CA ASP XA 33 -25.49 41.70 -65.08
C ASP XA 33 -25.27 42.52 -63.81
N ASN XA 34 -25.64 41.96 -62.67
CA ASN XA 34 -25.52 42.65 -61.40
C ASN XA 34 -24.23 42.33 -60.66
N LYS XA 35 -23.53 41.26 -61.03
CA LYS XA 35 -22.49 40.69 -60.19
C LYS XA 35 -21.16 41.46 -60.35
N SER XA 36 -20.17 41.04 -59.55
CA SER XA 36 -18.85 41.68 -59.55
C SER XA 36 -18.07 41.43 -60.82
N THR XA 37 -18.56 40.57 -61.71
CA THR XA 37 -17.93 40.28 -62.99
C THR XA 37 -18.97 40.47 -64.07
N ILE XA 38 -18.67 41.30 -65.07
CA ILE XA 38 -19.58 41.58 -66.16
C ILE XA 38 -18.82 41.40 -67.48
N GLU XA 39 -19.53 40.89 -68.49
CA GLU XA 39 -18.97 40.70 -69.82
C GLU XA 39 -19.86 41.39 -70.84
N TYR XA 40 -19.28 42.30 -71.63
CA TYR XA 40 -20.03 43.00 -72.66
C TYR XA 40 -19.65 42.52 -74.06
N LEU XA 41 -20.63 42.64 -74.96
CA LEU XA 41 -20.45 42.38 -76.37
C LEU XA 41 -20.56 43.69 -77.14
N ASP XA 42 -19.64 43.92 -78.07
CA ASP XA 42 -19.69 45.04 -79.00
C ASP XA 42 -20.51 44.59 -80.22
N THR XA 43 -21.76 45.06 -80.32
CA THR XA 43 -22.58 44.71 -81.46
C THR XA 43 -22.35 45.60 -82.66
N GLY XA 44 -21.28 46.40 -82.64
CA GLY XA 44 -20.87 47.09 -83.84
C GLY XA 44 -19.95 46.19 -84.63
N SER XA 45 -20.13 44.89 -84.50
CA SER XA 45 -19.28 43.92 -85.14
C SER XA 45 -20.01 43.18 -86.23
N ASP XA 46 -19.25 42.44 -87.03
CA ASP XA 46 -19.84 41.71 -88.13
C ASP XA 46 -20.92 40.80 -87.59
N ASN XA 47 -22.12 41.01 -88.10
CA ASN XA 47 -23.28 40.21 -87.73
C ASN XA 47 -23.02 38.73 -87.90
N SER XA 48 -22.36 38.35 -88.99
CA SER XA 48 -22.39 37.00 -89.51
C SER XA 48 -21.27 36.10 -89.01
N LEU XA 49 -20.35 36.59 -88.18
CA LEU XA 49 -19.31 35.73 -87.64
C LEU XA 49 -19.77 35.01 -86.39
N LEU XA 50 -19.00 34.00 -86.01
CA LEU XA 50 -19.27 33.30 -84.77
C LEU XA 50 -18.57 33.94 -83.58
N VAL XA 51 -17.57 34.76 -83.85
CA VAL XA 51 -16.84 35.49 -82.83
C VAL XA 51 -17.17 36.96 -82.98
N ARG XA 52 -17.29 37.65 -81.85
CA ARG XA 52 -17.54 39.07 -81.87
C ARG XA 52 -16.78 39.71 -80.71
N PRO XA 53 -16.39 40.98 -80.84
CA PRO XA 53 -15.55 41.62 -79.83
C PRO XA 53 -16.28 41.75 -78.51
N THR XA 54 -15.62 41.30 -77.46
CA THR XA 54 -16.12 41.39 -76.10
C THR XA 54 -15.10 42.12 -75.26
N GLN XA 55 -15.58 42.72 -74.18
CA GLN XA 55 -14.68 43.18 -73.12
C GLN XA 55 -15.33 42.85 -71.79
N GLN XA 56 -14.58 42.20 -70.90
CA GLN XA 56 -15.09 41.95 -69.58
C GLN XA 56 -14.34 42.79 -68.57
N PHE XA 57 -15.05 43.09 -67.48
CA PHE XA 57 -14.50 43.76 -66.32
C PHE XA 57 -14.92 42.98 -65.09
N ASN XA 58 -14.00 42.78 -64.16
CA ASN XA 58 -14.41 42.25 -62.86
C ASN XA 58 -13.55 42.83 -61.75
N CYS XA 59 -14.18 43.01 -60.59
CA CYS XA 59 -13.56 43.60 -59.42
C CYS XA 59 -13.45 42.55 -58.33
N VAL XA 60 -12.42 42.68 -57.51
CA VAL XA 60 -12.16 41.79 -56.38
C VAL XA 60 -11.61 42.63 -55.24
N SER XA 61 -11.95 42.25 -54.01
CA SER XA 61 -11.43 42.91 -52.82
C SER XA 61 -10.99 41.83 -51.84
N SER XA 62 -9.91 42.11 -51.11
CA SER XA 62 -9.44 41.21 -50.06
C SER XA 62 -9.11 41.97 -48.80
N GLN XA 63 -9.34 41.30 -47.67
CA GLN XA 63 -9.15 41.88 -46.35
C GLN XA 63 -7.68 41.90 -45.94
N TYR XA 64 -6.89 40.96 -46.47
CA TYR XA 64 -5.48 40.76 -46.11
C TYR XA 64 -4.60 41.20 -47.27
N PRO XA 65 -4.26 42.48 -47.37
CA PRO XA 65 -3.57 42.96 -48.58
C PRO XA 65 -2.12 42.57 -48.62
N TYR XA 66 -1.57 42.13 -47.49
CA TYR XA 66 -0.17 41.76 -47.36
C TYR XA 66 0.05 40.26 -47.47
N ARG XA 67 -0.94 39.52 -48.00
CA ARG XA 67 -0.86 38.07 -47.95
C ARG XA 67 0.35 37.56 -48.72
N ASN XA 68 0.52 38.03 -49.95
CA ASN XA 68 1.61 37.58 -50.79
C ASN XA 68 2.90 38.35 -50.56
N TYR XA 69 2.88 39.41 -49.75
CA TYR XA 69 4.06 40.22 -49.52
C TYR XA 69 4.63 39.87 -48.15
N SER XA 70 5.47 38.83 -48.12
CA SER XA 70 6.03 38.41 -46.85
C SER XA 70 7.29 39.16 -46.48
N LYS XA 71 8.02 39.71 -47.45
CA LYS XA 71 9.25 40.44 -47.14
C LYS XA 71 8.98 41.77 -46.44
N ILE XA 72 7.73 42.10 -46.19
CA ILE XA 72 7.35 43.28 -45.43
C ILE XA 72 7.09 42.87 -43.99
N PRO XA 73 7.68 43.54 -43.01
CA PRO XA 73 7.43 43.20 -41.61
C PRO XA 73 6.08 43.72 -41.14
N ARG XA 74 5.53 43.02 -40.14
CA ARG XA 74 4.24 43.45 -39.59
C ARG XA 74 4.32 44.88 -39.07
N SER XA 75 5.43 45.25 -38.44
CA SER XA 75 5.64 46.61 -37.93
C SER XA 75 5.52 47.67 -39.03
N GLN XA 76 5.53 47.28 -40.30
CA GLN XA 76 5.37 48.22 -41.40
C GLN XA 76 4.11 47.96 -42.22
N GLN XA 77 3.32 46.93 -41.88
CA GLN XA 77 2.06 46.65 -42.55
C GLN XA 77 0.95 47.50 -41.92
N ASP XA 78 0.29 48.31 -42.73
CA ASP XA 78 -0.83 49.14 -42.26
C ASP XA 78 -2.03 48.29 -41.93
N PRO XA 79 -2.39 48.13 -40.65
CA PRO XA 79 -3.49 47.22 -40.30
C PRO XA 79 -4.85 47.70 -40.77
N LEU XA 80 -4.96 48.94 -41.23
CA LEU XA 80 -6.18 49.45 -41.83
C LEU XA 80 -6.18 49.34 -43.36
N ALA XA 81 -5.14 48.75 -43.94
CA ALA XA 81 -5.06 48.66 -45.39
C ALA XA 81 -5.99 47.55 -45.89
N VAL XA 82 -6.54 47.77 -47.07
CA VAL XA 82 -7.45 46.84 -47.72
C VAL XA 82 -7.01 46.70 -49.17
N ARG XA 83 -7.11 45.49 -49.72
CA ARG XA 83 -6.68 45.23 -51.09
C ARG XA 83 -7.85 45.39 -52.05
N ARG XA 84 -7.72 46.29 -53.02
CA ARG XA 84 -8.70 46.43 -54.09
C ARG XA 84 -8.02 46.08 -55.40
N GLU XA 85 -8.63 45.20 -56.20
CA GLU XA 85 -8.12 44.91 -57.53
C GLU XA 85 -9.27 44.90 -58.54
N PHE XA 86 -8.90 45.14 -59.80
CA PHE XA 86 -9.82 45.01 -60.92
C PHE XA 86 -9.06 44.43 -62.10
N TYR XA 87 -9.82 43.93 -63.07
CA TYR XA 87 -9.25 43.20 -64.20
C TYR XA 87 -10.14 43.40 -65.41
N THR XA 88 -9.54 43.84 -66.51
CA THR XA 88 -10.26 43.93 -67.77
C THR XA 88 -9.59 43.02 -68.78
N ARG XA 89 -10.40 42.42 -69.65
CA ARG XA 89 -9.90 41.62 -70.76
C ARG XA 89 -10.74 41.91 -72.00
N ARG XA 90 -10.09 42.48 -73.01
CA ARG XA 90 -10.73 42.82 -74.26
C ARG XA 90 -10.25 41.84 -75.31
N VAL XA 91 -11.19 41.18 -75.98
CA VAL XA 91 -10.90 40.40 -77.16
C VAL XA 91 -11.61 41.07 -78.32
N GLU XA 92 -10.87 41.32 -79.40
CA GLU XA 92 -11.50 41.72 -80.65
C GLU XA 92 -11.05 40.76 -81.74
N TYR XA 93 -11.81 40.75 -82.84
CA TYR XA 93 -11.60 39.82 -83.93
C TYR XA 93 -11.56 40.61 -85.23
N TRP XA 94 -10.36 40.86 -85.74
CA TRP XA 94 -10.16 41.59 -86.98
C TRP XA 94 -10.50 40.71 -88.18
N ARG XA 95 -10.71 41.38 -89.31
CA ARG XA 95 -11.05 40.72 -90.57
C ARG XA 95 -10.13 41.23 -91.66
N LYS XA 96 -9.33 40.34 -92.24
CA LYS XA 96 -8.51 40.75 -93.37
C LYS XA 96 -9.19 40.26 -94.65
N ALA XA 97 -9.32 41.18 -95.61
CA ALA XA 97 -9.83 40.91 -96.95
C ALA XA 97 -9.52 42.10 -97.83
N ASP XA 98 -9.46 41.87 -99.14
CA ASP XA 98 -9.38 42.96 -100.11
C ASP XA 98 -10.63 43.00 -100.96
N ALA XA 99 -11.18 44.21 -101.15
CA ALA XA 99 -12.34 44.37 -102.02
C ALA XA 99 -11.99 44.16 -103.49
N SER XA 100 -10.70 44.13 -103.81
CA SER XA 100 -10.29 43.97 -105.20
C SER XA 100 -10.67 42.59 -105.73
N ASN XA 101 -10.34 41.55 -104.98
CA ASN XA 101 -10.54 40.17 -105.42
C ASN XA 101 -11.51 39.50 -104.45
N VAL XA 102 -12.72 39.22 -104.93
CA VAL XA 102 -13.70 38.55 -104.09
C VAL XA 102 -13.49 37.04 -104.07
N ASP XA 103 -12.73 36.50 -105.02
CA ASP XA 103 -12.25 35.12 -104.90
C ASP XA 103 -11.46 34.93 -103.62
N ALA XA 104 -10.66 35.92 -103.25
CA ALA XA 104 -9.71 35.76 -102.15
C ALA XA 104 -10.46 35.57 -100.83
N PRO XA 105 -9.98 34.66 -99.98
CA PRO XA 105 -10.73 34.34 -98.75
C PRO XA 105 -10.56 35.42 -97.71
N GLU XA 106 -11.60 35.59 -96.90
CA GLU XA 106 -11.55 36.51 -95.78
C GLU XA 106 -11.08 35.74 -94.56
N TYR XA 107 -10.11 36.30 -93.84
CA TYR XA 107 -9.59 35.64 -92.63
C TYR XA 107 -9.98 36.44 -91.39
N THR XA 108 -10.14 35.71 -90.29
CA THR XA 108 -10.45 36.29 -89.00
C THR XA 108 -9.20 36.21 -88.13
N LEU XA 109 -8.73 37.37 -87.66
CA LEU XA 109 -7.51 37.47 -86.88
C LEU XA 109 -7.86 37.83 -85.44
N PRO XA 110 -7.73 36.92 -84.48
CA PRO XA 110 -8.05 37.26 -83.09
C PRO XA 110 -6.92 37.99 -82.38
N GLN XA 111 -7.33 38.91 -81.50
CA GLN XA 111 -6.43 39.73 -80.72
C GLN XA 111 -7.02 39.88 -79.32
N SER XA 112 -6.18 39.75 -78.29
CA SER XA 112 -6.66 39.84 -76.91
C SER XA 112 -5.66 40.58 -76.04
N CYS XA 113 -6.18 41.35 -75.08
CA CYS XA 113 -5.34 42.15 -74.20
C CYS XA 113 -6.02 42.29 -72.84
N SER XA 114 -5.23 42.13 -71.78
CA SER XA 114 -5.77 42.12 -70.42
C SER XA 114 -4.91 42.93 -69.48
N ILE XA 115 -5.56 43.67 -68.59
CA ILE XA 115 -4.90 44.50 -67.59
C ILE XA 115 -5.45 44.14 -66.22
N ARG XA 116 -4.56 43.82 -65.27
CA ARG XA 116 -4.93 43.53 -63.90
C ARG XA 116 -4.23 44.53 -62.98
N LEU XA 117 -5.01 45.25 -62.19
CA LEU XA 117 -4.49 46.24 -61.27
C LEU XA 117 -4.90 45.86 -59.86
N ALA XA 118 -3.93 45.75 -58.95
CA ALA XA 118 -4.16 45.29 -57.59
C ALA XA 118 -3.39 46.20 -56.65
N SER XA 119 -4.11 47.07 -55.96
CA SER XA 119 -3.51 48.07 -55.10
C SER XA 119 -3.84 47.77 -53.65
N THR XA 120 -2.93 48.12 -52.75
CA THR XA 120 -3.34 48.28 -51.36
C THR XA 120 -3.86 49.70 -51.21
N VAL XA 121 -4.91 49.86 -50.40
CA VAL XA 121 -5.60 51.13 -50.26
C VAL XA 121 -5.80 51.42 -48.79
N THR XA 122 -5.44 52.62 -48.37
CA THR XA 122 -5.74 53.21 -47.09
C THR XA 122 -6.45 54.53 -47.32
N LYS XA 123 -6.84 55.19 -46.24
CA LYS XA 123 -7.64 56.40 -46.36
C LYS XA 123 -6.96 57.47 -47.20
N GLU XA 124 -5.62 57.43 -47.32
CA GLU XA 124 -4.89 58.45 -48.06
C GLU XA 124 -4.57 58.05 -49.50
N THR XA 125 -4.89 56.82 -49.90
CA THR XA 125 -4.76 56.43 -51.29
C THR XA 125 -5.79 57.16 -52.14
N THR XA 126 -5.35 57.83 -53.19
CA THR XA 126 -6.26 58.57 -54.06
C THR XA 126 -6.45 57.86 -55.40
N ALA XA 127 -7.53 58.27 -56.07
CA ALA XA 127 -7.81 57.77 -57.41
C ALA XA 127 -6.63 57.99 -58.32
N ALA XA 128 -6.09 59.22 -58.32
CA ALA XA 128 -4.98 59.55 -59.21
C ALA XA 128 -3.69 58.81 -58.81
N ASP XA 129 -3.49 58.56 -57.51
CA ASP XA 129 -2.36 57.72 -57.10
C ASP XA 129 -2.45 56.35 -57.75
N ILE XA 130 -3.65 55.75 -57.73
CA ILE XA 130 -3.76 54.43 -58.31
C ILE XA 130 -3.68 54.49 -59.83
N ALA XA 131 -4.19 55.55 -60.44
CA ALA XA 131 -4.00 55.72 -61.88
C ALA XA 131 -2.54 55.80 -62.25
N GLY XA 132 -1.71 56.29 -61.34
CA GLY XA 132 -0.30 56.48 -61.64
C GLY XA 132 0.42 55.18 -61.93
N ILE XA 133 0.03 54.10 -61.24
CA ILE XA 133 0.77 52.86 -61.44
C ILE XA 133 0.46 52.26 -62.81
N VAL XA 134 -0.76 52.43 -63.31
CA VAL XA 134 -1.06 51.99 -64.66
C VAL XA 134 -0.25 52.78 -65.68
N LEU XA 135 -0.16 54.10 -65.49
CA LEU XA 135 0.61 54.94 -66.41
C LEU XA 135 2.11 54.63 -66.34
N ARG XA 136 2.61 54.21 -65.17
CA ARG XA 136 4.01 53.86 -65.05
C ARG XA 136 4.30 52.48 -65.60
N THR XA 137 3.34 51.56 -65.51
CA THR XA 137 3.49 50.29 -66.21
C THR XA 137 3.52 50.50 -67.72
N LEU XA 138 2.65 51.39 -68.23
CA LEU XA 138 2.64 51.65 -69.66
C LEU XA 138 3.88 52.39 -70.14
N ALA XA 139 4.41 53.28 -69.30
CA ALA XA 139 5.45 54.22 -69.73
C ALA XA 139 6.65 53.58 -70.43
N PRO XA 140 7.23 52.49 -69.93
CA PRO XA 140 8.42 51.96 -70.62
C PRO XA 140 8.14 51.32 -71.96
N ILE XA 141 6.93 50.82 -72.20
CA ILE XA 141 6.57 50.25 -73.49
C ILE XA 141 6.27 51.36 -74.50
N PHE XA 142 5.65 52.45 -74.07
CA PHE XA 142 5.26 53.55 -74.95
C PHE XA 142 5.96 54.82 -74.49
N PRO XA 143 7.29 54.85 -74.56
CA PRO XA 143 8.02 55.97 -73.93
C PRO XA 143 7.82 57.30 -74.61
N ASN XA 144 7.38 57.31 -75.87
CA ASN XA 144 6.94 58.52 -76.53
C ASN XA 144 5.44 58.52 -76.76
N GLY XA 145 4.70 57.73 -75.99
CA GLY XA 145 3.26 57.71 -76.13
C GLY XA 145 2.89 57.27 -77.53
N SER XA 146 1.86 57.88 -78.08
CA SER XA 146 1.41 57.53 -79.43
C SER XA 146 2.39 57.95 -80.51
N GLY XA 147 3.55 58.52 -80.16
CA GLY XA 147 4.44 59.04 -81.20
C GLY XA 147 5.12 57.97 -82.03
N ASP XA 148 5.89 57.10 -81.38
CA ASP XA 148 6.55 56.01 -82.09
C ASP XA 148 6.26 54.71 -81.38
N TRP XA 149 6.40 53.61 -82.12
CA TRP XA 149 6.09 52.29 -81.59
C TRP XA 149 7.34 51.42 -81.47
N ILE XA 150 8.49 52.03 -81.18
CA ILE XA 150 9.75 51.32 -81.33
C ILE XA 150 9.86 50.21 -80.28
N LYS XA 151 9.59 50.54 -79.02
CA LYS XA 151 9.71 49.54 -77.97
C LYS XA 151 8.60 48.49 -78.09
N LEU XA 152 7.40 48.92 -78.47
CA LEU XA 152 6.35 47.95 -78.72
C LEU XA 152 6.77 46.95 -79.78
N GLN XA 153 7.27 47.45 -80.93
CA GLN XA 153 7.66 46.57 -82.01
C GLN XA 153 8.72 45.59 -81.56
N GLN XA 154 9.71 46.07 -80.79
CA GLN XA 154 10.73 45.15 -80.32
C GLN XA 154 10.17 44.15 -79.31
N LEU XA 155 9.05 44.46 -78.65
CA LEU XA 155 8.39 43.43 -77.84
C LEU XA 155 7.71 42.39 -78.72
N ILE XA 156 7.14 42.82 -79.85
CA ILE XA 156 6.54 41.86 -80.78
C ILE XA 156 7.61 40.99 -81.42
N ASP XA 157 8.84 41.50 -81.54
CA ASP XA 157 9.93 40.76 -82.15
C ASP XA 157 10.54 39.70 -81.24
N GLY XA 158 10.16 39.71 -79.96
CA GLY XA 158 10.69 38.76 -78.99
C GLY XA 158 11.98 39.21 -78.34
N LEU XA 159 12.06 40.50 -78.02
CA LEU XA 159 13.27 41.11 -77.44
C LEU XA 159 12.88 41.70 -76.10
N PRO XA 160 12.78 40.85 -75.05
CA PRO XA 160 12.21 41.30 -73.77
C PRO XA 160 12.99 42.37 -73.04
N ARG XA 161 14.28 42.52 -73.33
CA ARG XA 161 15.14 43.44 -72.60
C ARG XA 161 14.84 44.87 -73.04
N ILE XA 162 14.07 45.58 -72.22
CA ILE XA 162 13.59 46.91 -72.58
C ILE XA 162 14.48 48.00 -72.00
N PHE XA 163 14.90 47.85 -70.75
CA PHE XA 163 15.87 48.74 -70.15
C PHE XA 163 17.31 48.26 -70.37
N GLY XA 164 17.50 47.14 -71.07
CA GLY XA 164 18.84 46.62 -71.34
C GLY XA 164 19.16 45.26 -70.73
N SER YA 1 15.79 66.20 -41.48
CA SER YA 1 16.58 66.93 -40.50
C SER YA 1 17.64 66.04 -39.87
N TYR YA 2 17.32 64.75 -39.76
CA TYR YA 2 18.24 63.77 -39.20
C TYR YA 2 19.58 63.75 -39.93
N THR YA 3 20.67 63.81 -39.17
CA THR YA 3 22.00 63.62 -39.72
C THR YA 3 22.66 62.42 -39.07
N ILE YA 4 23.56 61.80 -39.81
CA ILE YA 4 24.35 60.66 -39.35
C ILE YA 4 25.75 61.17 -39.06
N ASP YA 5 26.20 60.96 -37.82
CA ASP YA 5 27.56 61.28 -37.40
C ASP YA 5 28.31 59.98 -37.19
N ILE YA 6 29.41 59.81 -37.92
CA ILE YA 6 30.33 58.73 -37.57
C ILE YA 6 30.93 59.06 -36.21
N ASN YA 7 30.92 58.09 -35.32
CA ASN YA 7 31.44 58.33 -33.98
C ASN YA 7 32.92 57.91 -33.92
N CYS YA 8 33.71 58.48 -34.82
CA CYS YA 8 35.09 58.04 -34.99
C CYS YA 8 36.06 59.21 -34.85
N SER YA 9 37.34 58.87 -34.82
CA SER YA 9 38.42 59.84 -34.90
C SER YA 9 38.98 59.85 -36.31
N THR YA 10 38.99 61.02 -36.94
CA THR YA 10 39.53 61.23 -38.27
C THR YA 10 40.48 62.42 -38.27
N GLY YA 11 41.39 62.40 -39.24
CA GLY YA 11 42.42 63.41 -39.34
C GLY YA 11 42.15 64.41 -40.45
N ASP YA 12 43.13 65.28 -40.65
CA ASP YA 12 43.08 66.28 -41.69
C ASP YA 12 43.75 65.83 -42.98
N THR YA 13 44.70 64.92 -42.88
CA THR YA 13 45.52 64.55 -44.02
C THR YA 13 44.80 63.51 -44.87
N GLN YA 14 45.14 63.48 -46.15
CA GLN YA 14 44.58 62.51 -47.07
C GLN YA 14 45.68 61.96 -47.96
N ALA YA 15 45.44 60.75 -48.47
CA ALA YA 15 46.43 60.04 -49.29
C ALA YA 15 45.73 59.22 -50.37
N ASN YA 16 46.41 59.07 -51.50
CA ASN YA 16 45.89 58.33 -52.64
C ASN YA 16 46.31 56.86 -52.54
N LEU YA 17 45.35 55.97 -52.36
CA LEU YA 17 45.56 54.54 -52.59
C LEU YA 17 45.15 54.28 -54.03
N VAL YA 18 46.13 54.00 -54.89
CA VAL YA 18 45.88 54.06 -56.33
C VAL YA 18 45.60 52.65 -56.84
N LEU YA 19 44.38 52.50 -57.35
CA LEU YA 19 43.86 51.23 -57.85
C LEU YA 19 44.07 51.15 -59.35
N THR YA 20 44.50 49.98 -59.80
CA THR YA 20 44.59 49.67 -61.23
C THR YA 20 43.37 48.84 -61.60
N GLU YA 21 42.74 49.19 -62.73
CA GLU YA 21 41.43 48.66 -63.05
C GLU YA 21 41.48 47.16 -63.35
N ILE YA 22 40.38 46.49 -63.05
CA ILE YA 22 40.22 45.07 -63.32
C ILE YA 22 39.16 44.93 -64.41
N PRO YA 23 39.53 44.60 -65.64
CA PRO YA 23 38.55 44.57 -66.73
C PRO YA 23 37.51 43.49 -66.50
N ALA YA 24 36.25 43.85 -66.77
CA ALA YA 24 35.18 42.87 -66.53
C ALA YA 24 35.13 41.85 -67.66
N GLU YA 25 35.41 42.28 -68.88
CA GLU YA 25 35.34 41.45 -70.09
C GLU YA 25 35.87 40.02 -69.91
N PRO YA 26 37.00 39.78 -69.24
CA PRO YA 26 37.51 38.40 -69.15
C PRO YA 26 36.84 37.49 -68.13
N TYR YA 27 36.05 38.01 -67.19
CA TYR YA 27 35.53 37.15 -66.12
C TYR YA 27 34.32 36.35 -66.58
N VAL YA 28 34.16 35.15 -66.01
CA VAL YA 28 33.11 34.22 -66.42
C VAL YA 28 32.49 33.53 -65.20
N HIS YA 29 31.16 33.48 -65.14
CA HIS YA 29 30.46 32.79 -64.07
C HIS YA 29 30.87 31.31 -64.00
N VAL YA 30 31.12 30.83 -62.79
CA VAL YA 30 31.56 29.45 -62.60
C VAL YA 30 30.65 28.69 -61.65
N SER YA 31 30.07 29.39 -60.68
CA SER YA 31 29.23 28.70 -59.70
C SER YA 31 28.44 29.72 -58.89
N GLY YA 32 27.32 29.25 -58.36
CA GLY YA 32 26.40 30.03 -57.57
C GLY YA 32 25.12 30.33 -58.33
N ASP YA 33 24.29 31.16 -57.71
CA ASP YA 33 23.07 31.68 -58.32
C ASP YA 33 23.20 33.19 -58.52
N ASN YA 34 22.66 33.69 -59.63
CA ASN YA 34 22.73 35.12 -59.92
C ASN YA 34 21.94 35.96 -58.91
N LYS YA 35 21.27 35.34 -57.93
CA LYS YA 35 20.51 36.04 -56.91
C LYS YA 35 21.36 36.35 -55.68
N SER YA 36 21.98 35.33 -55.07
CA SER YA 36 22.69 35.50 -53.81
C SER YA 36 24.21 35.53 -53.98
N THR YA 37 24.80 34.48 -54.56
CA THR YA 37 26.25 34.31 -54.56
C THR YA 37 26.74 33.93 -55.95
N ILE YA 38 27.83 34.58 -56.40
CA ILE YA 38 28.36 34.39 -57.74
C ILE YA 38 29.89 34.31 -57.68
N GLU YA 39 30.47 33.39 -58.45
CA GLU YA 39 31.93 33.23 -58.46
C GLU YA 39 32.43 33.39 -59.90
N TYR YA 40 33.18 34.45 -60.17
CA TYR YA 40 33.76 34.67 -61.48
C TYR YA 40 35.17 34.10 -61.59
N LEU YA 41 35.51 33.66 -62.80
CA LEU YA 41 36.82 33.15 -63.15
C LEU YA 41 37.46 34.08 -64.17
N ASP YA 42 38.68 34.53 -63.88
CA ASP YA 42 39.49 35.32 -64.80
C ASP YA 42 40.05 34.39 -65.87
N THR YA 43 39.42 34.40 -67.05
CA THR YA 43 39.95 33.66 -68.20
C THR YA 43 41.25 34.25 -68.73
N GLY YA 44 41.73 35.35 -68.15
CA GLY YA 44 43.00 35.93 -68.57
C GLY YA 44 44.18 35.26 -67.91
N SER YA 45 44.03 34.00 -67.54
CA SER YA 45 45.05 33.26 -66.83
C SER YA 45 45.56 32.10 -67.67
N ASP YA 46 46.49 31.35 -67.09
CA ASP YA 46 47.09 30.22 -67.78
C ASP YA 46 46.05 29.11 -68.00
N ASN YA 47 46.08 28.49 -69.19
CA ASN YA 47 45.24 27.33 -69.45
C ASN YA 47 45.68 26.13 -68.62
N SER YA 48 47.01 25.94 -68.48
CA SER YA 48 47.62 24.66 -68.15
C SER YA 48 47.67 24.37 -66.66
N LEU YA 49 46.99 25.17 -65.85
CA LEU YA 49 46.94 24.96 -64.41
C LEU YA 49 45.54 24.53 -64.00
N LEU YA 50 45.47 23.65 -63.00
CA LEU YA 50 44.17 23.31 -62.43
C LEU YA 50 43.60 24.44 -61.60
N VAL YA 51 44.44 25.42 -61.23
CA VAL YA 51 44.00 26.59 -60.48
C VAL YA 51 44.06 27.81 -61.38
N ARG YA 52 43.04 28.66 -61.27
CA ARG YA 52 43.00 29.89 -62.02
C ARG YA 52 42.33 30.95 -61.17
N PRO YA 53 42.70 32.23 -61.37
CA PRO YA 53 42.23 33.29 -60.49
C PRO YA 53 40.72 33.49 -60.58
N THR YA 54 40.12 33.66 -59.41
CA THR YA 54 38.67 33.70 -59.28
C THR YA 54 38.31 34.71 -58.19
N GLN YA 55 37.34 35.56 -58.48
CA GLN YA 55 36.84 36.48 -57.47
C GLN YA 55 35.34 36.25 -57.28
N GLN YA 56 34.94 36.15 -56.03
CA GLN YA 56 33.58 35.81 -55.66
C GLN YA 56 32.91 36.99 -54.98
N PHE YA 57 31.61 37.15 -55.24
CA PHE YA 57 30.77 38.16 -54.61
C PHE YA 57 29.53 37.51 -54.01
N ASN YA 58 29.08 38.06 -52.88
CA ASN YA 58 28.08 37.38 -52.08
C ASN YA 58 27.36 38.42 -51.22
N CYS YA 59 26.05 38.63 -51.44
CA CYS YA 59 25.27 39.61 -50.71
C CYS YA 59 24.19 38.94 -49.86
N VAL YA 60 23.87 39.55 -48.72
CA VAL YA 60 22.79 39.12 -47.84
C VAL YA 60 22.19 40.35 -47.15
N SER YA 61 21.01 40.17 -46.57
CA SER YA 61 20.28 41.26 -45.95
C SER YA 61 19.33 40.71 -44.90
N SER YA 62 19.05 41.50 -43.88
CA SER YA 62 18.26 41.05 -42.74
C SER YA 62 17.44 42.19 -42.17
N GLN YA 63 16.25 41.84 -41.68
CA GLN YA 63 15.32 42.77 -41.05
C GLN YA 63 15.62 42.98 -39.57
N TYR YA 64 16.67 42.34 -39.05
CA TYR YA 64 16.99 42.38 -37.62
C TYR YA 64 18.43 42.89 -37.45
N PRO YA 65 18.65 44.19 -37.71
CA PRO YA 65 20.03 44.68 -37.81
C PRO YA 65 20.78 44.67 -36.50
N TYR YA 66 20.07 44.59 -35.37
CA TYR YA 66 20.68 44.64 -34.04
C TYR YA 66 20.83 43.27 -33.42
N ARG YA 67 20.81 42.20 -34.24
CA ARG YA 67 20.74 40.85 -33.68
C ARG YA 67 21.96 40.53 -32.85
N ASN YA 68 23.15 40.88 -33.34
CA ASN YA 68 24.38 40.57 -32.63
C ASN YA 68 24.88 41.71 -31.75
N TYR YA 69 24.30 42.90 -31.89
CA TYR YA 69 24.73 44.06 -31.12
C TYR YA 69 23.85 44.20 -29.88
N SER YA 70 24.10 43.31 -28.93
CA SER YA 70 23.24 43.20 -27.74
C SER YA 70 23.31 44.43 -26.85
N LYS YA 71 24.44 45.14 -26.88
CA LYS YA 71 24.70 46.23 -25.93
C LYS YA 71 24.11 47.57 -26.38
N ILE YA 72 23.26 47.59 -27.40
CA ILE YA 72 22.51 48.78 -27.77
C ILE YA 72 21.10 48.62 -27.22
N PRO YA 73 20.61 49.55 -26.42
CA PRO YA 73 19.23 49.44 -25.90
C PRO YA 73 18.20 49.69 -26.98
N ARG YA 74 16.98 49.15 -26.73
CA ARG YA 74 15.91 49.35 -27.70
C ARG YA 74 15.55 50.82 -27.85
N SER YA 75 15.72 51.62 -26.80
CA SER YA 75 15.48 53.05 -26.89
C SER YA 75 16.42 53.73 -27.89
N GLN YA 76 17.48 53.05 -28.32
CA GLN YA 76 18.42 53.62 -29.28
C GLN YA 76 18.52 52.81 -30.56
N GLN YA 77 17.64 51.82 -30.76
CA GLN YA 77 17.60 51.01 -31.96
C GLN YA 77 16.61 51.62 -32.97
N ASP YA 78 17.11 52.02 -34.14
CA ASP YA 78 16.26 52.60 -35.19
C ASP YA 78 15.38 51.53 -35.81
N PRO YA 79 14.06 51.57 -35.59
CA PRO YA 79 13.22 50.46 -36.08
C PRO YA 79 13.07 50.43 -37.59
N LEU YA 80 13.28 51.56 -38.27
CA LEU YA 80 13.26 51.57 -39.72
C LEU YA 80 14.49 50.90 -40.30
N ALA YA 81 15.60 50.91 -39.56
CA ALA YA 81 16.90 50.50 -40.09
C ALA YA 81 16.95 48.99 -40.34
N VAL YA 82 17.79 48.62 -41.31
CA VAL YA 82 17.82 47.28 -41.90
C VAL YA 82 19.28 46.94 -42.20
N ARG YA 83 19.64 45.66 -42.06
CA ARG YA 83 21.02 45.23 -42.25
C ARG YA 83 21.30 44.80 -43.68
N ARG YA 84 22.32 45.42 -44.30
CA ARG YA 84 22.82 45.05 -45.61
C ARG YA 84 24.25 44.55 -45.48
N GLU YA 85 24.63 43.53 -46.25
CA GLU YA 85 25.97 42.98 -46.11
C GLU YA 85 26.43 42.39 -47.44
N PHE YA 86 27.72 42.56 -47.74
CA PHE YA 86 28.34 41.92 -48.89
C PHE YA 86 29.72 41.38 -48.51
N TYR YA 87 30.21 40.47 -49.35
CA TYR YA 87 31.44 39.74 -49.12
C TYR YA 87 32.09 39.48 -50.46
N THR YA 88 33.35 39.86 -50.60
CA THR YA 88 34.13 39.54 -51.79
C THR YA 88 35.34 38.74 -51.34
N ARG YA 89 35.72 37.77 -52.17
CA ARG YA 89 36.93 36.97 -51.94
C ARG YA 89 37.64 36.75 -53.25
N ARG YA 90 38.83 37.35 -53.40
CA ARG YA 90 39.65 37.19 -54.58
C ARG YA 90 40.77 36.21 -54.25
N VAL YA 91 40.89 35.17 -55.07
CA VAL YA 91 41.99 34.24 -55.02
C VAL YA 91 42.75 34.39 -56.33
N GLU YA 92 44.02 34.74 -56.26
CA GLU YA 92 44.87 34.70 -57.44
C GLU YA 92 46.04 33.77 -57.18
N TYR YA 93 46.49 33.09 -58.24
CA TYR YA 93 47.58 32.13 -58.15
C TYR YA 93 48.75 32.67 -58.97
N TRP YA 94 49.81 33.11 -58.28
CA TRP YA 94 50.96 33.65 -58.96
C TRP YA 94 51.86 32.55 -59.51
N ARG YA 95 52.75 32.96 -60.39
CA ARG YA 95 53.59 32.06 -61.18
C ARG YA 95 55.02 32.56 -61.03
N LYS YA 96 55.87 31.80 -60.34
CA LYS YA 96 57.26 32.22 -60.20
C LYS YA 96 58.15 31.35 -61.07
N ALA YA 97 59.07 32.01 -61.78
CA ALA YA 97 60.06 31.37 -62.63
C ALA YA 97 61.01 32.43 -63.17
N ASP YA 98 62.19 31.98 -63.58
CA ASP YA 98 63.16 32.85 -64.26
C ASP YA 98 63.28 32.39 -65.71
N ALA YA 99 63.27 33.36 -66.63
CA ALA YA 99 63.43 33.04 -68.04
C ALA YA 99 64.87 32.71 -68.37
N SER YA 100 65.81 33.12 -67.51
CA SER YA 100 67.22 32.81 -67.73
C SER YA 100 67.48 31.31 -67.67
N ASN YA 101 66.83 30.62 -66.75
CA ASN YA 101 67.08 29.21 -66.50
C ASN YA 101 65.76 28.45 -66.68
N VAL YA 102 65.58 27.81 -67.82
CA VAL YA 102 64.36 27.02 -68.06
C VAL YA 102 64.43 25.66 -67.40
N ASP YA 103 65.63 25.24 -66.97
CA ASP YA 103 65.74 24.03 -66.15
C ASP YA 103 65.15 24.27 -64.77
N ALA YA 104 65.23 25.50 -64.25
CA ALA YA 104 64.76 25.77 -62.90
C ALA YA 104 63.24 25.65 -62.85
N PRO YA 105 62.69 25.01 -61.82
CA PRO YA 105 61.26 24.68 -61.83
C PRO YA 105 60.40 25.90 -61.59
N GLU YA 106 59.18 25.85 -62.14
CA GLU YA 106 58.20 26.91 -61.98
C GLU YA 106 57.27 26.56 -60.83
N TYR YA 107 56.89 27.56 -60.04
CA TYR YA 107 56.05 27.32 -58.88
C TYR YA 107 54.79 28.17 -58.93
N THR YA 108 53.74 27.65 -58.30
CA THR YA 108 52.47 28.35 -58.14
C THR YA 108 52.37 28.85 -56.70
N LEU YA 109 52.12 30.15 -56.55
CA LEU YA 109 52.08 30.81 -55.26
C LEU YA 109 50.68 31.33 -54.99
N PRO YA 110 49.86 30.64 -54.19
CA PRO YA 110 48.50 31.13 -53.94
C PRO YA 110 48.43 32.30 -52.98
N GLN YA 111 47.52 33.23 -53.32
CA GLN YA 111 47.29 34.46 -52.58
C GLN YA 111 45.78 34.66 -52.55
N SER YA 112 45.26 35.11 -51.41
CA SER YA 112 43.81 35.27 -51.27
C SER YA 112 43.50 36.41 -50.31
N CYS YA 113 42.43 37.13 -50.62
CA CYS YA 113 42.06 38.32 -49.85
C CYS YA 113 40.55 38.50 -49.87
N SER YA 114 39.97 38.80 -48.71
CA SER YA 114 38.53 38.88 -48.59
C SER YA 114 38.11 40.11 -47.80
N ILE YA 115 37.02 40.73 -48.25
CA ILE YA 115 36.44 41.90 -47.59
C ILE YA 115 34.99 41.60 -47.28
N ARG YA 116 34.59 41.84 -46.03
CA ARG YA 116 33.21 41.66 -45.58
C ARG YA 116 32.72 42.99 -45.02
N LEU YA 117 31.69 43.56 -45.63
CA LEU YA 117 31.10 44.81 -45.17
C LEU YA 117 29.65 44.54 -44.76
N ALA YA 118 29.33 44.87 -43.51
CA ALA YA 118 27.98 44.74 -42.99
C ALA YA 118 27.60 46.10 -42.39
N SER YA 119 26.64 46.78 -43.00
CA SER YA 119 26.17 48.08 -42.54
C SER YA 119 24.74 47.95 -42.04
N THR YA 120 24.36 48.77 -41.06
CA THR YA 120 22.94 49.01 -40.84
C THR YA 120 22.57 50.27 -41.61
N VAL YA 121 21.69 50.12 -42.59
CA VAL YA 121 21.24 51.21 -43.44
C VAL YA 121 19.93 51.74 -42.89
N THR YA 122 19.79 53.06 -42.92
CA THR YA 122 18.52 53.73 -42.65
C THR YA 122 18.27 54.71 -43.81
N LYS YA 123 17.14 55.43 -43.73
CA LYS YA 123 16.76 56.33 -44.81
C LYS YA 123 17.87 57.30 -45.18
N GLU YA 124 18.62 57.76 -44.18
CA GLU YA 124 19.64 58.79 -44.38
C GLU YA 124 21.02 58.22 -44.66
N THR YA 125 21.20 56.91 -44.52
CA THR YA 125 22.48 56.29 -44.85
C THR YA 125 22.72 56.39 -46.35
N THR YA 126 23.87 56.91 -46.74
CA THR YA 126 24.18 57.16 -48.14
C THR YA 126 25.28 56.23 -48.64
N ALA YA 127 25.39 56.20 -49.98
CA ALA YA 127 26.48 55.48 -50.63
C ALA YA 127 27.82 55.88 -50.03
N ALA YA 128 28.10 57.19 -50.00
CA ALA YA 128 29.38 57.68 -49.51
C ALA YA 128 29.60 57.32 -48.06
N ASP YA 129 28.54 57.40 -47.24
CA ASP YA 129 28.66 56.99 -45.83
C ASP YA 129 29.11 55.54 -45.72
N ILE YA 130 28.56 54.66 -46.56
CA ILE YA 130 28.95 53.27 -46.44
C ILE YA 130 30.35 53.05 -47.00
N ALA YA 131 30.75 53.80 -48.03
CA ALA YA 131 32.13 53.73 -48.50
C ALA YA 131 33.10 54.17 -47.41
N GLY YA 132 32.68 55.13 -46.59
CA GLY YA 132 33.57 55.67 -45.58
C GLY YA 132 34.11 54.61 -44.63
N ILE YA 133 33.29 53.61 -44.30
CA ILE YA 133 33.77 52.63 -43.33
C ILE YA 133 34.85 51.74 -43.94
N VAL YA 134 34.71 51.40 -45.22
CA VAL YA 134 35.79 50.68 -45.89
C VAL YA 134 37.05 51.52 -45.93
N LEU YA 135 36.92 52.80 -46.24
CA LEU YA 135 38.10 53.66 -46.32
C LEU YA 135 38.79 53.80 -44.96
N ARG YA 136 38.00 53.95 -43.89
CA ARG YA 136 38.58 54.06 -42.55
C ARG YA 136 39.11 52.73 -42.03
N THR YA 137 38.61 51.61 -42.56
CA THR YA 137 39.22 50.32 -42.24
C THR YA 137 40.58 50.18 -42.91
N LEU YA 138 40.71 50.72 -44.13
CA LEU YA 138 41.98 50.63 -44.85
C LEU YA 138 43.03 51.58 -44.30
N ALA YA 139 42.64 52.80 -43.94
CA ALA YA 139 43.61 53.84 -43.59
C ALA YA 139 44.63 53.45 -42.52
N PRO YA 140 44.31 52.64 -41.52
CA PRO YA 140 45.38 52.22 -40.59
C PRO YA 140 46.46 51.39 -41.24
N ILE YA 141 46.09 50.56 -42.23
CA ILE YA 141 47.06 49.72 -42.93
C ILE YA 141 47.82 50.53 -44.00
N PHE YA 142 47.18 51.53 -44.60
CA PHE YA 142 47.78 52.31 -45.68
C PHE YA 142 47.81 53.78 -45.28
N PRO YA 143 48.62 54.15 -44.30
CA PRO YA 143 48.57 55.53 -43.79
C PRO YA 143 49.00 56.55 -44.83
N ASN YA 144 49.77 56.14 -45.84
CA ASN YA 144 50.17 57.02 -46.94
C ASN YA 144 49.65 56.51 -48.27
N GLY YA 145 48.69 55.59 -48.25
CA GLY YA 145 48.11 55.10 -49.50
C GLY YA 145 49.16 54.31 -50.23
N SER YA 146 49.27 54.54 -51.53
CA SER YA 146 50.28 53.83 -52.31
C SER YA 146 51.70 54.33 -52.04
N GLY YA 147 51.87 55.42 -51.26
CA GLY YA 147 53.17 56.06 -51.14
C GLY YA 147 54.25 55.16 -50.54
N ASP YA 148 53.89 54.36 -49.53
CA ASP YA 148 54.79 53.38 -48.93
C ASP YA 148 53.95 52.19 -48.50
N TRP YA 149 54.63 51.11 -48.10
CA TRP YA 149 53.92 49.91 -47.68
C TRP YA 149 54.31 49.49 -46.25
N ILE YA 150 54.70 50.45 -45.41
CA ILE YA 150 55.43 50.11 -44.19
C ILE YA 150 54.53 49.35 -43.22
N LYS YA 151 53.32 49.86 -43.00
CA LYS YA 151 52.44 49.21 -42.04
C LYS YA 151 51.95 47.87 -42.57
N LEU YA 152 51.73 47.77 -43.88
CA LEU YA 152 51.38 46.48 -44.45
C LEU YA 152 52.50 45.47 -44.25
N GLN YA 153 53.75 45.91 -44.45
CA GLN YA 153 54.90 45.05 -44.23
C GLN YA 153 54.95 44.57 -42.78
N GLN YA 154 54.65 45.46 -41.83
CA GLN YA 154 54.58 45.03 -40.44
C GLN YA 154 53.54 43.95 -40.24
N LEU YA 155 52.36 44.13 -40.85
CA LEU YA 155 51.31 43.11 -40.74
C LEU YA 155 51.78 41.77 -41.25
N ILE YA 156 52.46 41.76 -42.40
CA ILE YA 156 52.96 40.51 -42.94
C ILE YA 156 54.04 39.93 -42.03
N ASP YA 157 54.96 40.78 -41.55
CA ASP YA 157 56.01 40.35 -40.63
C ASP YA 157 55.44 39.78 -39.34
N GLY YA 158 54.18 40.08 -39.03
CA GLY YA 158 53.51 39.51 -37.87
C GLY YA 158 53.39 40.43 -36.69
N LEU YA 159 53.42 41.74 -36.90
CA LEU YA 159 53.49 42.74 -35.83
C LEU YA 159 52.17 43.48 -35.72
N PRO YA 160 51.21 42.95 -34.96
CA PRO YA 160 49.82 43.45 -35.04
C PRO YA 160 49.60 44.80 -34.38
N ARG YA 161 50.55 45.29 -33.58
CA ARG YA 161 50.41 46.58 -32.92
C ARG YA 161 50.64 47.70 -33.94
N ILE YA 162 49.54 48.10 -34.60
CA ILE YA 162 49.61 49.11 -35.64
C ILE YA 162 49.44 50.51 -35.08
N PHE YA 163 48.64 50.67 -34.03
CA PHE YA 163 48.48 51.95 -33.37
C PHE YA 163 49.45 52.11 -32.21
N GLY YA 164 50.48 51.27 -32.16
CA GLY YA 164 51.41 51.30 -31.06
C GLY YA 164 51.02 50.32 -29.97
N SER ZA 1 113.59 -61.73 -93.55
CA SER ZA 1 112.55 -60.72 -93.36
C SER ZA 1 111.18 -61.38 -93.44
N TYR ZA 2 110.33 -61.07 -92.45
CA TYR ZA 2 109.09 -61.79 -92.24
C TYR ZA 2 108.17 -61.71 -93.47
N THR ZA 3 107.56 -62.85 -93.81
CA THR ZA 3 106.49 -62.91 -94.81
C THR ZA 3 105.23 -63.50 -94.18
N ILE ZA 4 104.09 -63.14 -94.77
CA ILE ZA 4 102.78 -63.57 -94.28
C ILE ZA 4 102.22 -64.62 -95.24
N ASP ZA 5 102.00 -65.82 -94.72
CA ASP ZA 5 101.36 -66.92 -95.44
C ASP ZA 5 99.88 -66.96 -95.06
N ILE ZA 6 99.00 -66.79 -96.05
CA ILE ZA 6 97.59 -67.06 -95.77
C ILE ZA 6 97.44 -68.56 -95.73
N ASN ZA 7 97.36 -69.11 -94.54
CA ASN ZA 7 97.21 -70.54 -94.37
C ASN ZA 7 95.81 -70.89 -94.87
N CYS ZA 8 95.73 -71.39 -96.10
CA CYS ZA 8 94.44 -71.39 -96.78
C CYS ZA 8 94.59 -72.08 -98.14
N SER ZA 9 93.46 -72.48 -98.72
CA SER ZA 9 93.42 -73.08 -100.05
C SER ZA 9 92.91 -72.08 -101.08
N THR ZA 10 93.77 -71.72 -102.05
CA THR ZA 10 93.39 -70.86 -103.17
C THR ZA 10 93.50 -71.64 -104.47
N GLY ZA 11 92.89 -71.07 -105.51
CA GLY ZA 11 92.80 -71.71 -106.82
C GLY ZA 11 93.48 -70.88 -107.89
N ASP ZA 12 93.60 -71.42 -109.11
CA ASP ZA 12 94.24 -70.66 -110.17
C ASP ZA 12 93.28 -69.70 -110.86
N THR ZA 13 92.01 -70.08 -110.99
CA THR ZA 13 91.04 -69.33 -111.75
C THR ZA 13 90.64 -68.02 -111.04
N GLN ZA 14 90.19 -67.04 -111.80
CA GLN ZA 14 89.69 -65.80 -111.21
C GLN ZA 14 88.42 -65.38 -111.94
N ALA ZA 15 87.47 -64.83 -111.18
CA ALA ZA 15 86.23 -64.30 -111.72
C ALA ZA 15 86.10 -62.82 -111.39
N ASN ZA 16 85.29 -62.12 -112.19
CA ASN ZA 16 84.96 -60.72 -111.97
C ASN ZA 16 83.61 -60.64 -111.27
N LEU ZA 17 83.59 -60.08 -110.06
CA LEU ZA 17 82.36 -59.64 -109.43
C LEU ZA 17 82.19 -58.18 -109.79
N VAL ZA 18 81.19 -57.88 -110.62
CA VAL ZA 18 81.07 -56.56 -111.21
C VAL ZA 18 80.24 -55.67 -110.30
N LEU ZA 19 80.90 -54.71 -109.66
CA LEU ZA 19 80.25 -53.76 -108.78
C LEU ZA 19 79.86 -52.53 -109.57
N THR ZA 20 78.65 -52.03 -109.31
CA THR ZA 20 78.21 -50.77 -109.85
C THR ZA 20 78.36 -49.70 -108.78
N GLU ZA 21 78.97 -48.57 -109.15
CA GLU ZA 21 79.32 -47.56 -108.16
C GLU ZA 21 78.07 -47.02 -107.48
N ILE ZA 22 78.27 -46.46 -106.30
CA ILE ZA 22 77.22 -45.78 -105.57
C ILE ZA 22 77.69 -44.35 -105.34
N PRO ZA 23 77.05 -43.35 -105.96
CA PRO ZA 23 77.59 -41.99 -105.89
C PRO ZA 23 77.49 -41.42 -104.49
N ALA ZA 24 78.55 -40.75 -104.06
CA ALA ZA 24 78.60 -40.25 -102.69
C ALA ZA 24 77.76 -38.99 -102.50
N GLU ZA 25 77.52 -38.25 -103.58
CA GLU ZA 25 76.78 -36.99 -103.43
C GLU ZA 25 75.43 -37.18 -102.75
N PRO ZA 26 74.56 -38.12 -103.15
CA PRO ZA 26 73.24 -38.18 -102.53
C PRO ZA 26 73.22 -38.60 -101.06
N TYR ZA 27 74.33 -39.08 -100.48
CA TYR ZA 27 74.28 -39.55 -99.09
C TYR ZA 27 74.46 -38.38 -98.13
N VAL ZA 28 73.67 -38.39 -97.06
CA VAL ZA 28 73.66 -37.34 -96.05
C VAL ZA 28 73.97 -37.93 -94.68
N HIS ZA 29 74.99 -37.39 -94.03
CA HIS ZA 29 75.31 -37.76 -92.65
C HIS ZA 29 74.11 -37.50 -91.75
N VAL ZA 30 73.72 -38.50 -90.97
CA VAL ZA 30 72.52 -38.44 -90.15
C VAL ZA 30 72.84 -38.54 -88.67
N SER ZA 31 73.64 -39.54 -88.29
CA SER ZA 31 73.93 -39.79 -86.88
C SER ZA 31 75.33 -40.35 -86.73
N GLY ZA 32 75.95 -40.03 -85.61
CA GLY ZA 32 77.09 -40.80 -85.11
C GLY ZA 32 78.42 -40.07 -85.13
N ASP ZA 33 79.26 -40.37 -84.13
CA ASP ZA 33 80.65 -39.92 -84.05
C ASP ZA 33 81.54 -40.80 -84.90
N ASN ZA 34 82.85 -40.53 -84.87
CA ASN ZA 34 83.80 -41.59 -85.14
C ASN ZA 34 83.80 -42.61 -84.00
N LYS ZA 35 83.55 -42.16 -82.78
CA LYS ZA 35 83.45 -43.05 -81.62
C LYS ZA 35 82.18 -43.88 -81.66
N SER ZA 36 81.13 -43.37 -82.29
CA SER ZA 36 79.88 -44.09 -82.48
C SER ZA 36 79.87 -44.67 -83.89
N THR ZA 37 78.71 -45.17 -84.34
CA THR ZA 37 78.53 -45.64 -85.70
C THR ZA 37 78.01 -44.53 -86.61
N ILE ZA 38 78.72 -44.26 -87.72
CA ILE ZA 38 78.30 -43.27 -88.69
C ILE ZA 38 77.14 -43.81 -89.52
N GLU ZA 39 76.14 -42.97 -89.79
CA GLU ZA 39 74.95 -43.38 -90.51
C GLU ZA 39 74.66 -42.39 -91.62
N TYR ZA 40 74.44 -42.90 -92.84
CA TYR ZA 40 74.09 -42.07 -93.98
C TYR ZA 40 72.73 -42.46 -94.53
N LEU ZA 41 72.02 -41.43 -95.00
CA LEU ZA 41 70.74 -41.56 -95.69
C LEU ZA 41 70.94 -41.34 -97.18
N ASP ZA 42 70.45 -42.28 -98.00
CA ASP ZA 42 70.44 -42.13 -99.45
C ASP ZA 42 69.24 -41.28 -99.82
N THR ZA 43 69.46 -39.99 -100.11
CA THR ZA 43 68.39 -39.05 -100.39
C THR ZA 43 67.86 -39.18 -101.81
N GLY ZA 44 68.48 -40.04 -102.62
CA GLY ZA 44 67.95 -40.33 -103.94
C GLY ZA 44 66.96 -41.48 -103.87
N SER ZA 45 65.94 -41.33 -103.03
CA SER ZA 45 64.92 -42.34 -102.85
C SER ZA 45 63.54 -41.69 -102.92
N ASP ZA 46 62.51 -42.53 -102.92
CA ASP ZA 46 61.16 -42.00 -102.93
C ASP ZA 46 60.90 -41.28 -101.62
N ASN ZA 47 60.76 -39.97 -101.71
CA ASN ZA 47 60.44 -39.13 -100.56
C ASN ZA 47 59.12 -39.53 -99.93
N SER ZA 48 58.18 -40.06 -100.72
CA SER ZA 48 56.83 -40.34 -100.25
C SER ZA 48 56.75 -41.60 -99.40
N LEU ZA 49 57.88 -42.20 -99.06
CA LEU ZA 49 57.95 -43.26 -98.08
C LEU ZA 49 58.57 -42.71 -96.79
N LEU ZA 50 58.09 -43.19 -95.66
CA LEU ZA 50 58.69 -42.82 -94.39
C LEU ZA 50 59.92 -43.66 -94.07
N VAL ZA 51 60.20 -44.68 -94.86
CA VAL ZA 51 61.45 -45.44 -94.76
C VAL ZA 51 62.28 -45.13 -95.99
N ARG ZA 52 63.57 -44.95 -95.77
CA ARG ZA 52 64.47 -44.57 -96.85
C ARG ZA 52 65.77 -45.33 -96.67
N PRO ZA 53 66.52 -45.53 -97.75
CA PRO ZA 53 67.73 -46.37 -97.70
C PRO ZA 53 68.83 -45.71 -96.89
N THR ZA 54 69.47 -46.49 -96.02
CA THR ZA 54 70.56 -46.01 -95.20
C THR ZA 54 71.70 -47.00 -95.24
N GLN ZA 55 72.93 -46.50 -95.26
CA GLN ZA 55 74.07 -47.37 -94.99
C GLN ZA 55 74.90 -46.78 -93.85
N GLN ZA 56 75.36 -47.66 -92.95
CA GLN ZA 56 76.13 -47.22 -91.80
C GLN ZA 56 77.49 -47.92 -91.74
N PHE ZA 57 78.44 -47.21 -91.16
CA PHE ZA 57 79.83 -47.63 -91.06
C PHE ZA 57 80.32 -47.40 -89.63
N ASN ZA 58 80.81 -48.46 -89.01
CA ASN ZA 58 81.40 -48.44 -87.68
C ASN ZA 58 82.77 -49.10 -87.75
N CYS ZA 59 83.74 -48.57 -87.02
CA CYS ZA 59 85.01 -49.29 -86.94
C CYS ZA 59 85.65 -49.06 -85.57
N VAL ZA 60 86.30 -50.13 -85.06
CA VAL ZA 60 86.89 -50.15 -83.73
C VAL ZA 60 88.18 -50.95 -83.77
N SER ZA 61 89.06 -50.66 -82.82
CA SER ZA 61 90.41 -51.20 -82.81
C SER ZA 61 90.81 -51.53 -81.38
N SER ZA 62 91.62 -52.58 -81.23
CA SER ZA 62 92.06 -53.00 -79.91
C SER ZA 62 93.50 -53.48 -79.94
N GLN ZA 63 94.18 -53.27 -78.82
CA GLN ZA 63 95.56 -53.70 -78.64
C GLN ZA 63 95.67 -55.16 -78.26
N TYR ZA 64 94.55 -55.86 -78.11
CA TYR ZA 64 94.50 -57.23 -77.60
C TYR ZA 64 93.87 -58.14 -78.66
N PRO ZA 65 94.59 -58.43 -79.73
CA PRO ZA 65 93.95 -59.04 -80.91
C PRO ZA 65 93.60 -60.49 -80.74
N TYR ZA 66 94.14 -61.16 -79.73
CA TYR ZA 66 93.91 -62.58 -79.49
C TYR ZA 66 92.80 -62.82 -78.47
N ARG ZA 67 92.01 -61.80 -78.12
CA ARG ZA 67 91.05 -61.94 -77.04
C ARG ZA 67 89.98 -62.99 -77.36
N ASN ZA 68 89.51 -63.03 -78.60
CA ASN ZA 68 88.45 -63.95 -78.97
C ASN ZA 68 88.95 -65.33 -79.32
N TYR ZA 69 90.22 -65.46 -79.69
CA TYR ZA 69 90.77 -66.72 -80.17
C TYR ZA 69 91.49 -67.42 -79.03
N SER ZA 70 91.00 -68.60 -78.66
CA SER ZA 70 91.45 -69.24 -77.45
C SER ZA 70 92.60 -70.21 -77.64
N LYS ZA 71 92.67 -70.89 -78.79
CA LYS ZA 71 93.61 -71.99 -78.95
C LYS ZA 71 94.90 -71.58 -79.65
N ILE ZA 72 95.28 -70.31 -79.54
CA ILE ZA 72 96.57 -69.85 -80.07
C ILE ZA 72 97.51 -69.65 -78.89
N PRO ZA 73 98.63 -70.39 -78.84
CA PRO ZA 73 99.57 -70.24 -77.72
C PRO ZA 73 100.24 -68.87 -77.71
N ARG ZA 74 100.64 -68.44 -76.51
CA ARG ZA 74 101.34 -67.16 -76.39
C ARG ZA 74 102.63 -67.16 -77.19
N SER ZA 75 103.33 -68.29 -77.25
CA SER ZA 75 104.56 -68.38 -78.03
C SER ZA 75 104.32 -68.14 -79.51
N GLN ZA 76 103.06 -68.09 -79.96
CA GLN ZA 76 102.72 -67.82 -81.34
C GLN ZA 76 101.97 -66.51 -81.51
N GLN ZA 77 101.81 -65.73 -80.45
CA GLN ZA 77 101.09 -64.45 -80.51
C GLN ZA 77 102.07 -63.30 -80.77
N ASP ZA 78 101.88 -62.60 -81.89
CA ASP ZA 78 102.74 -61.47 -82.25
C ASP ZA 78 102.51 -60.29 -81.32
N PRO ZA 79 103.50 -59.90 -80.51
CA PRO ZA 79 103.26 -58.83 -79.52
C PRO ZA 79 103.02 -57.47 -80.15
N LEU ZA 80 103.41 -57.30 -81.41
CA LEU ZA 80 103.17 -56.07 -82.14
C LEU ZA 80 101.85 -56.08 -82.89
N ALA ZA 81 101.13 -57.20 -82.88
CA ALA ZA 81 99.90 -57.29 -83.63
C ALA ZA 81 98.79 -56.50 -82.96
N VAL ZA 82 97.90 -55.96 -83.79
CA VAL ZA 82 96.78 -55.15 -83.33
C VAL ZA 82 95.53 -55.65 -84.05
N ARG ZA 83 94.37 -55.41 -83.45
CA ARG ZA 83 93.08 -55.82 -84.02
C ARG ZA 83 92.42 -54.61 -84.64
N ARG ZA 84 92.13 -54.68 -85.94
CA ARG ZA 84 91.40 -53.64 -86.65
C ARG ZA 84 90.10 -54.24 -87.15
N GLU ZA 85 88.98 -53.59 -86.84
CA GLU ZA 85 87.66 -54.12 -87.18
C GLU ZA 85 86.82 -53.03 -87.80
N PHE ZA 86 86.02 -53.39 -88.80
CA PHE ZA 86 85.02 -52.48 -89.36
C PHE ZA 86 83.76 -53.26 -89.72
N TYR ZA 87 82.67 -52.52 -89.83
CA TYR ZA 87 81.34 -53.09 -89.93
C TYR ZA 87 80.45 -52.15 -90.71
N THR ZA 88 79.86 -52.64 -91.80
CA THR ZA 88 78.93 -51.84 -92.56
C THR ZA 88 77.60 -52.58 -92.61
N ARG ZA 89 76.50 -51.81 -92.58
CA ARG ZA 89 75.15 -52.36 -92.72
C ARG ZA 89 74.36 -51.45 -93.65
N ARG ZA 90 73.95 -52.00 -94.78
CA ARG ZA 90 73.13 -51.29 -95.75
C ARG ZA 90 71.73 -51.86 -95.69
N VAL ZA 91 70.75 -50.99 -95.48
CA VAL ZA 91 69.34 -51.31 -95.59
C VAL ZA 91 68.79 -50.53 -96.77
N GLU ZA 92 68.22 -51.25 -97.73
CA GLU ZA 92 67.44 -50.61 -98.77
C GLU ZA 92 65.99 -51.07 -98.67
N TYR ZA 93 65.11 -50.28 -99.27
CA TYR ZA 93 63.68 -50.51 -99.20
C TYR ZA 93 63.13 -50.52 -100.63
N TRP ZA 94 62.93 -51.71 -101.20
CA TRP ZA 94 62.44 -51.84 -102.56
C TRP ZA 94 60.96 -51.50 -102.62
N ARG ZA 95 60.47 -51.28 -103.83
CA ARG ZA 95 59.07 -50.93 -104.05
C ARG ZA 95 58.57 -51.78 -105.21
N LYS ZA 96 57.50 -52.55 -104.97
CA LYS ZA 96 56.87 -53.33 -106.04
C LYS ZA 96 55.54 -52.68 -106.42
N ALA ZA 97 55.36 -52.47 -107.74
CA ALA ZA 97 54.11 -51.97 -108.30
C ALA ZA 97 54.09 -52.29 -109.80
N ASP ZA 98 52.95 -52.03 -110.45
CA ASP ZA 98 52.93 -52.12 -111.90
C ASP ZA 98 52.20 -50.93 -112.51
N ALA ZA 99 52.80 -50.35 -113.54
CA ALA ZA 99 52.16 -49.26 -114.27
C ALA ZA 99 50.96 -49.73 -115.06
N SER ZA 100 50.80 -51.04 -115.22
CA SER ZA 100 49.68 -51.58 -115.97
C SER ZA 100 48.35 -51.37 -115.24
N ASN ZA 101 48.38 -51.30 -113.91
CA ASN ZA 101 47.17 -51.31 -113.11
C ASN ZA 101 47.27 -50.23 -112.03
N VAL ZA 102 46.64 -49.08 -112.27
CA VAL ZA 102 46.61 -48.03 -111.26
C VAL ZA 102 45.79 -48.47 -110.05
N ASP ZA 103 44.94 -49.48 -110.21
CA ASP ZA 103 44.06 -49.95 -109.15
C ASP ZA 103 44.74 -50.93 -108.19
N ALA ZA 104 45.91 -51.47 -108.54
CA ALA ZA 104 46.52 -52.51 -107.72
C ALA ZA 104 47.52 -51.90 -106.74
N PRO ZA 105 47.58 -52.43 -105.52
CA PRO ZA 105 48.33 -51.75 -104.46
C PRO ZA 105 49.83 -51.86 -104.66
N GLU ZA 106 50.55 -50.91 -104.08
CA GLU ZA 106 52.00 -50.92 -104.07
C GLU ZA 106 52.49 -51.44 -102.72
N TYR ZA 107 53.64 -52.13 -102.74
CA TYR ZA 107 54.20 -52.67 -101.51
C TYR ZA 107 55.67 -52.24 -101.40
N THR ZA 108 56.12 -52.04 -100.18
CA THR ZA 108 57.53 -51.76 -99.93
C THR ZA 108 58.18 -52.98 -99.25
N LEU ZA 109 59.31 -53.42 -99.80
CA LEU ZA 109 59.97 -54.68 -99.44
C LEU ZA 109 61.33 -54.41 -98.83
N PRO ZA 110 61.53 -54.68 -97.54
CA PRO ZA 110 62.82 -54.38 -96.91
C PRO ZA 110 63.89 -55.43 -97.16
N GLN ZA 111 65.12 -54.93 -97.35
CA GLN ZA 111 66.30 -55.73 -97.61
C GLN ZA 111 67.45 -55.16 -96.78
N SER ZA 112 68.25 -56.05 -96.19
CA SER ZA 112 69.40 -55.61 -95.40
C SER ZA 112 70.59 -56.55 -95.61
N CYS ZA 113 71.78 -55.97 -95.58
CA CYS ZA 113 73.01 -56.75 -95.77
C CYS ZA 113 74.11 -56.10 -94.94
N SER ZA 114 74.86 -56.93 -94.21
CA SER ZA 114 75.86 -56.41 -93.29
C SER ZA 114 77.15 -57.22 -93.38
N ILE ZA 115 78.27 -56.52 -93.47
CA ILE ZA 115 79.60 -57.13 -93.56
C ILE ZA 115 80.45 -56.64 -92.39
N ARG ZA 116 80.99 -57.58 -91.62
CA ARG ZA 116 81.93 -57.29 -90.54
C ARG ZA 116 83.27 -57.96 -90.84
N LEU ZA 117 84.36 -57.24 -90.56
CA LEU ZA 117 85.72 -57.71 -90.82
C LEU ZA 117 86.60 -57.31 -89.66
N ALA ZA 118 87.29 -58.29 -89.07
CA ALA ZA 118 88.25 -58.05 -88.01
C ALA ZA 118 89.54 -58.76 -88.39
N SER ZA 119 90.56 -57.99 -88.74
CA SER ZA 119 91.87 -58.52 -89.11
C SER ZA 119 92.86 -58.29 -87.97
N THR ZA 120 93.77 -59.25 -87.80
CA THR ZA 120 94.96 -58.99 -87.02
C THR ZA 120 95.99 -58.35 -87.95
N VAL ZA 121 96.41 -57.13 -87.63
CA VAL ZA 121 97.32 -56.36 -88.47
C VAL ZA 121 98.66 -56.20 -87.76
N THR ZA 122 99.73 -56.51 -88.49
CA THR ZA 122 101.10 -56.32 -88.05
C THR ZA 122 101.83 -55.53 -89.13
N LYS ZA 123 103.12 -55.28 -88.89
CA LYS ZA 123 103.93 -54.44 -89.78
C LYS ZA 123 103.78 -54.87 -91.24
N GLU ZA 124 103.81 -56.18 -91.48
CA GLU ZA 124 103.86 -56.73 -92.83
C GLU ZA 124 102.48 -56.89 -93.46
N THR ZA 125 101.42 -56.71 -92.69
CA THR ZA 125 100.06 -56.82 -93.21
C THR ZA 125 99.73 -55.61 -94.09
N THR ZA 126 99.44 -55.84 -95.36
CA THR ZA 126 99.11 -54.77 -96.30
C THR ZA 126 97.59 -54.66 -96.52
N ALA ZA 127 97.19 -53.50 -97.02
CA ALA ZA 127 95.77 -53.27 -97.29
C ALA ZA 127 95.25 -54.32 -98.27
N ALA ZA 128 96.05 -54.69 -99.27
CA ALA ZA 128 95.68 -55.77 -100.16
C ALA ZA 128 95.49 -57.07 -99.41
N ASP ZA 129 96.41 -57.40 -98.49
CA ASP ZA 129 96.28 -58.62 -97.70
C ASP ZA 129 94.94 -58.65 -96.98
N ILE ZA 130 94.52 -57.51 -96.45
CA ILE ZA 130 93.27 -57.46 -95.70
C ILE ZA 130 92.07 -57.53 -96.63
N ALA ZA 131 92.17 -56.93 -97.82
CA ALA ZA 131 91.10 -57.09 -98.80
C ALA ZA 131 90.94 -58.55 -99.19
N GLY ZA 132 92.04 -59.28 -99.20
CA GLY ZA 132 91.99 -60.70 -99.53
C GLY ZA 132 90.98 -61.47 -98.70
N ILE ZA 133 90.86 -61.14 -97.42
CA ILE ZA 133 89.97 -61.94 -96.59
C ILE ZA 133 88.51 -61.72 -96.97
N VAL ZA 134 88.14 -60.50 -97.32
CA VAL ZA 134 86.79 -60.26 -97.82
C VAL ZA 134 86.59 -60.95 -99.16
N LEU ZA 135 87.59 -60.90 -100.04
CA LEU ZA 135 87.45 -61.53 -101.34
C LEU ZA 135 87.29 -63.04 -101.22
N ARG ZA 136 88.01 -63.66 -100.29
CA ARG ZA 136 87.90 -65.10 -100.09
C ARG ZA 136 86.62 -65.47 -99.35
N THR ZA 137 86.09 -64.58 -98.51
CA THR ZA 137 84.78 -64.85 -97.94
C THR ZA 137 83.71 -64.83 -99.02
N LEU ZA 138 83.80 -63.89 -99.96
CA LEU ZA 138 82.80 -63.77 -101.02
C LEU ZA 138 82.89 -64.92 -102.01
N ALA ZA 139 84.12 -65.34 -102.35
CA ALA ZA 139 84.32 -66.22 -103.50
C ALA ZA 139 83.48 -67.50 -103.48
N PRO ZA 140 83.31 -68.23 -102.36
CA PRO ZA 140 82.49 -69.46 -102.43
C PRO ZA 140 81.05 -69.22 -102.84
N ILE ZA 141 80.47 -68.09 -102.47
CA ILE ZA 141 79.09 -67.75 -102.80
C ILE ZA 141 78.97 -67.29 -104.26
N PHE ZA 142 80.00 -66.62 -104.78
CA PHE ZA 142 80.00 -66.10 -106.14
C PHE ZA 142 81.18 -66.72 -106.87
N PRO ZA 143 81.14 -68.04 -107.13
CA PRO ZA 143 82.33 -68.70 -107.69
C PRO ZA 143 82.60 -68.31 -109.13
N ASN ZA 144 81.64 -67.71 -109.82
CA ASN ZA 144 81.84 -67.16 -111.16
C ASN ZA 144 81.58 -65.66 -111.19
N GLY ZA 145 81.63 -65.00 -110.04
CA GLY ZA 145 81.50 -63.57 -110.02
C GLY ZA 145 80.09 -63.18 -110.41
N SER ZA 146 79.98 -62.04 -111.10
CA SER ZA 146 78.66 -61.62 -111.55
C SER ZA 146 78.10 -62.54 -112.63
N GLY ZA 147 78.84 -63.56 -113.05
CA GLY ZA 147 78.39 -64.39 -114.17
C GLY ZA 147 77.10 -65.14 -113.89
N ASP ZA 148 77.08 -65.97 -112.85
CA ASP ZA 148 75.89 -66.73 -112.49
C ASP ZA 148 75.58 -66.54 -111.02
N TRP ZA 149 74.38 -66.94 -110.63
CA TRP ZA 149 73.92 -66.74 -109.25
C TRP ZA 149 73.55 -68.06 -108.59
N ILE ZA 150 74.19 -69.16 -109.00
CA ILE ZA 150 73.67 -70.48 -108.65
C ILE ZA 150 73.81 -70.74 -107.16
N LYS ZA 151 75.02 -70.48 -106.62
CA LYS ZA 151 75.23 -70.74 -105.20
C LYS ZA 151 74.46 -69.74 -104.34
N LEU ZA 152 74.35 -68.49 -104.80
CA LEU ZA 152 73.54 -67.53 -104.06
C LEU ZA 152 72.09 -67.99 -104.01
N GLN ZA 153 71.58 -68.47 -105.15
CA GLN ZA 153 70.24 -69.00 -105.21
C GLN ZA 153 70.05 -70.11 -104.20
N GLN ZA 154 71.03 -71.01 -104.09
CA GLN ZA 154 70.96 -72.06 -103.07
C GLN ZA 154 70.85 -71.47 -101.67
N LEU ZA 155 71.73 -70.53 -101.35
CA LEU ZA 155 71.69 -69.93 -100.02
C LEU ZA 155 70.31 -69.35 -99.72
N ILE ZA 156 69.68 -68.73 -100.71
CA ILE ZA 156 68.35 -68.16 -100.48
C ILE ZA 156 67.31 -69.28 -100.38
N ASP ZA 157 67.43 -70.31 -101.21
CA ASP ZA 157 66.56 -71.48 -101.17
C ASP ZA 157 66.65 -72.22 -99.86
N GLY ZA 158 67.64 -71.93 -99.03
CA GLY ZA 158 67.75 -72.56 -97.73
C GLY ZA 158 68.69 -73.73 -97.67
N LEU ZA 159 69.65 -73.83 -98.61
CA LEU ZA 159 70.59 -74.94 -98.70
C LEU ZA 159 71.99 -74.44 -98.37
N PRO ZA 160 72.47 -74.66 -97.14
CA PRO ZA 160 73.70 -73.99 -96.68
C PRO ZA 160 75.00 -74.60 -97.18
N ARG ZA 161 74.99 -75.78 -97.79
CA ARG ZA 161 76.25 -76.45 -98.09
C ARG ZA 161 76.78 -75.97 -99.44
N ILE ZA 162 77.52 -74.86 -99.39
CA ILE ZA 162 78.18 -74.32 -100.59
C ILE ZA 162 79.20 -75.32 -101.13
N PHE ZA 163 79.94 -75.97 -100.25
CA PHE ZA 163 81.01 -76.87 -100.67
C PHE ZA 163 80.54 -78.30 -100.84
N GLY ZA 164 79.32 -78.63 -100.46
CA GLY ZA 164 78.80 -79.98 -100.60
C GLY ZA 164 78.82 -80.83 -99.35
N SER AB 1 52.40 -58.23 -113.77
CA SER AB 1 53.05 -57.04 -114.33
C SER AB 1 53.81 -56.30 -113.25
N TYR AB 2 53.70 -56.78 -112.01
CA TYR AB 2 54.45 -56.20 -110.90
C TYR AB 2 55.94 -56.18 -111.18
N THR AB 3 56.56 -55.04 -110.92
CA THR AB 3 58.00 -54.86 -111.05
C THR AB 3 58.57 -54.36 -109.74
N ILE AB 4 59.81 -54.80 -109.50
CA ILE AB 4 60.58 -54.49 -108.32
C ILE AB 4 61.53 -53.36 -108.65
N ASP AB 5 61.35 -52.20 -108.01
CA ASP AB 5 62.24 -51.07 -108.15
C ASP AB 5 63.06 -50.96 -106.87
N ILE AB 6 64.38 -51.13 -106.99
CA ILE AB 6 65.24 -50.76 -105.86
C ILE AB 6 65.13 -49.26 -105.67
N ASN AB 7 65.01 -48.84 -104.42
CA ASN AB 7 64.84 -47.43 -104.12
C ASN AB 7 66.18 -46.79 -103.77
N CYS AB 8 67.16 -46.94 -104.64
CA CYS AB 8 68.53 -46.59 -104.31
C CYS AB 8 69.07 -45.55 -105.26
N SER AB 9 70.31 -45.13 -104.99
CA SER AB 9 71.09 -44.33 -105.92
C SER AB 9 72.14 -45.25 -106.53
N THR AB 10 72.17 -45.33 -107.85
CA THR AB 10 73.15 -46.13 -108.58
C THR AB 10 73.78 -45.29 -109.68
N GLY AB 11 75.10 -45.43 -109.83
CA GLY AB 11 75.85 -44.71 -110.82
C GLY AB 11 75.87 -45.41 -112.16
N ASP AB 12 76.55 -44.77 -113.13
CA ASP AB 12 76.73 -45.33 -114.46
C ASP AB 12 78.03 -46.12 -114.59
N THR AB 13 78.97 -45.89 -113.68
CA THR AB 13 80.32 -46.47 -113.74
C THR AB 13 80.30 -47.88 -113.15
N GLN AB 14 81.27 -48.72 -113.54
CA GLN AB 14 81.35 -50.08 -113.01
C GLN AB 14 82.80 -50.46 -112.81
N ALA AB 15 83.03 -51.36 -111.85
CA ALA AB 15 84.38 -51.82 -111.51
C ALA AB 15 84.39 -53.32 -111.30
N ASN AB 16 85.56 -53.92 -111.51
CA ASN AB 16 85.75 -55.36 -111.36
C ASN AB 16 86.40 -55.65 -110.01
N LEU AB 17 85.68 -56.32 -109.12
CA LEU AB 17 86.24 -56.87 -107.89
C LEU AB 17 86.65 -58.29 -108.19
N VAL AB 18 87.95 -58.57 -108.20
CA VAL AB 18 88.48 -59.80 -108.75
C VAL AB 18 88.56 -60.86 -107.67
N LEU AB 19 87.68 -61.86 -107.76
CA LEU AB 19 87.66 -62.96 -106.80
C LEU AB 19 88.57 -64.08 -107.30
N THR AB 20 89.38 -64.61 -106.41
CA THR AB 20 90.15 -65.82 -106.72
C THR AB 20 89.42 -67.00 -106.13
N GLU AB 21 89.35 -68.09 -106.92
CA GLU AB 21 88.46 -69.18 -106.58
C GLU AB 21 88.93 -69.90 -105.33
N ILE AB 22 87.97 -70.50 -104.63
CA ILE AB 22 88.28 -71.33 -103.47
C ILE AB 22 87.76 -72.72 -103.74
N PRO AB 23 88.63 -73.72 -103.88
CA PRO AB 23 88.18 -75.06 -104.29
C PRO AB 23 87.45 -75.78 -103.18
N ALA AB 24 86.47 -76.60 -103.57
CA ALA AB 24 85.71 -77.32 -102.56
C ALA AB 24 86.40 -78.60 -102.12
N GLU AB 25 87.23 -79.18 -103.00
CA GLU AB 25 87.92 -80.42 -102.68
C GLU AB 25 88.65 -80.38 -101.35
N PRO AB 26 89.39 -79.32 -100.97
CA PRO AB 26 90.07 -79.35 -99.67
C PRO AB 26 89.15 -79.21 -98.46
N TYR AB 27 87.84 -78.94 -98.64
CA TYR AB 27 87.00 -78.64 -97.49
C TYR AB 27 86.33 -79.91 -96.94
N VAL AB 28 86.14 -79.92 -95.61
CA VAL AB 28 85.67 -81.10 -94.88
C VAL AB 28 84.53 -80.71 -93.93
N HIS AB 29 83.51 -81.57 -93.86
CA HIS AB 29 82.44 -81.42 -92.88
C HIS AB 29 82.98 -81.41 -91.45
N VAL AB 30 82.45 -80.50 -90.63
CA VAL AB 30 82.82 -80.38 -89.22
C VAL AB 30 81.60 -80.57 -88.32
N SER AB 31 80.56 -79.76 -88.52
CA SER AB 31 79.34 -79.87 -87.73
C SER AB 31 78.13 -79.66 -88.63
N GLY AB 32 76.99 -80.16 -88.18
CA GLY AB 32 75.71 -79.97 -88.84
C GLY AB 32 75.68 -80.38 -90.30
N ASP AB 33 75.91 -81.67 -90.58
CA ASP AB 33 76.07 -82.12 -91.95
C ASP AB 33 74.82 -81.91 -92.77
N ASN AB 34 73.67 -82.30 -92.23
CA ASN AB 34 72.39 -82.18 -92.93
C ASN AB 34 71.64 -80.91 -92.58
N LYS AB 35 72.00 -80.23 -91.49
CA LYS AB 35 71.14 -79.22 -90.90
C LYS AB 35 71.28 -77.88 -91.63
N SER AB 36 70.48 -76.89 -91.20
CA SER AB 36 70.46 -75.57 -91.81
C SER AB 36 71.72 -74.77 -91.53
N THR AB 37 72.61 -75.27 -90.68
CA THR AB 37 73.88 -74.64 -90.36
C THR AB 37 74.98 -75.66 -90.56
N ILE AB 38 75.97 -75.31 -91.38
CA ILE AB 38 77.08 -76.20 -91.68
C ILE AB 38 78.38 -75.44 -91.45
N GLU AB 39 79.40 -76.14 -90.97
CA GLU AB 39 80.73 -75.57 -90.74
C GLU AB 39 81.76 -76.43 -91.45
N TYR AB 40 82.55 -75.82 -92.33
CA TYR AB 40 83.60 -76.54 -93.05
C TYR AB 40 84.98 -76.16 -92.55
N LEU AB 41 85.89 -77.11 -92.69
CA LEU AB 41 87.30 -76.91 -92.41
C LEU AB 41 88.09 -77.00 -93.72
N ASP AB 42 89.00 -76.06 -93.91
CA ASP AB 42 89.95 -76.07 -95.03
C ASP AB 42 91.17 -76.88 -94.58
N THR AB 43 91.29 -78.11 -95.08
CA THR AB 43 92.45 -78.94 -94.75
C THR AB 43 93.64 -78.66 -95.62
N GLY AB 44 93.62 -77.58 -96.39
CA GLY AB 44 94.82 -77.14 -97.05
C GLY AB 44 95.58 -76.22 -96.14
N SER AB 45 95.45 -76.45 -94.84
CA SER AB 45 96.08 -75.61 -93.84
C SER AB 45 97.17 -76.35 -93.12
N ASP AB 46 97.94 -75.59 -92.34
CA ASP AB 46 99.04 -76.19 -91.62
C ASP AB 46 98.51 -77.28 -90.74
N ASN AB 47 99.05 -78.48 -90.98
CA ASN AB 47 98.68 -79.67 -90.22
C ASN AB 47 98.83 -79.43 -88.72
N SER AB 48 99.91 -78.76 -88.33
CA SER AB 48 100.42 -78.83 -86.97
C SER AB 48 99.91 -77.73 -86.05
N LEU AB 49 99.07 -76.81 -86.53
CA LEU AB 49 98.52 -75.80 -85.65
C LEU AB 49 97.25 -76.30 -84.95
N LEU AB 50 96.86 -75.55 -83.92
CA LEU AB 50 95.61 -75.85 -83.23
C LEU AB 50 94.42 -75.16 -83.87
N VAL AB 51 94.69 -74.13 -84.66
CA VAL AB 51 93.66 -73.40 -85.38
C VAL AB 51 93.82 -73.69 -86.86
N ARG AB 52 92.71 -73.81 -87.56
CA ARG AB 52 92.73 -74.03 -88.99
C ARG AB 52 91.58 -73.27 -89.62
N PRO AB 53 91.71 -72.84 -90.87
CA PRO AB 53 90.69 -72.01 -91.50
C PRO AB 53 89.38 -72.75 -91.65
N THR AB 54 88.32 -72.11 -91.19
CA THR AB 54 86.97 -72.63 -91.31
C THR AB 54 86.11 -71.59 -92.03
N GLN AB 55 85.04 -72.08 -92.65
CA GLN AB 55 83.98 -71.19 -93.08
C GLN AB 55 82.66 -71.85 -92.79
N GLN AB 56 81.76 -71.14 -92.13
CA GLN AB 56 80.44 -71.67 -91.90
C GLN AB 56 79.43 -70.91 -92.74
N PHE AB 57 78.36 -71.63 -93.06
CA PHE AB 57 77.18 -71.08 -93.73
C PHE AB 57 75.96 -71.53 -92.96
N ASN AB 58 75.01 -70.63 -92.76
CA ASN AB 58 73.72 -71.06 -92.24
C ASN AB 58 72.60 -70.22 -92.81
N CYS AB 59 71.45 -70.86 -93.01
CA CYS AB 59 70.28 -70.23 -93.59
C CYS AB 59 69.18 -70.16 -92.55
N VAL AB 60 68.33 -69.13 -92.67
CA VAL AB 60 67.21 -68.91 -91.79
C VAL AB 60 66.07 -68.35 -92.62
N SER AB 61 64.84 -68.73 -92.26
CA SER AB 61 63.65 -68.21 -92.91
C SER AB 61 62.65 -67.80 -91.83
N SER AB 62 61.91 -66.73 -92.09
CA SER AB 62 60.85 -66.30 -91.19
C SER AB 62 59.58 -65.96 -91.96
N GLN AB 63 58.44 -66.23 -91.29
CA GLN AB 63 57.14 -66.03 -91.88
C GLN AB 63 56.70 -64.57 -91.87
N TYR AB 64 57.21 -63.80 -90.90
CA TYR AB 64 56.83 -62.40 -90.68
C TYR AB 64 57.98 -61.49 -91.08
N PRO AB 65 58.10 -61.12 -92.35
CA PRO AB 65 59.30 -60.41 -92.82
C PRO AB 65 59.32 -58.96 -92.38
N TYR AB 66 58.18 -58.44 -91.94
CA TYR AB 66 58.03 -57.05 -91.54
C TYR AB 66 58.12 -56.87 -90.04
N ARG AB 67 58.65 -57.86 -89.32
CA ARG AB 67 58.59 -57.81 -87.86
C ARG AB 67 59.34 -56.61 -87.32
N ASN AB 68 60.57 -56.42 -87.77
CA ASN AB 68 61.40 -55.32 -87.30
C ASN AB 68 61.16 -54.02 -88.04
N TYR AB 69 60.36 -54.03 -89.09
CA TYR AB 69 60.11 -52.83 -89.88
C TYR AB 69 58.74 -52.28 -89.52
N SER AB 70 58.69 -51.47 -88.47
CA SER AB 70 57.41 -50.93 -88.03
C SER AB 70 57.03 -49.66 -88.76
N LYS AB 71 57.99 -48.91 -89.29
CA LYS AB 71 57.66 -47.67 -89.99
C LYS AB 71 56.98 -47.91 -91.33
N ILE AB 72 56.76 -49.16 -91.69
CA ILE AB 72 56.01 -49.52 -92.89
C ILE AB 72 54.56 -49.81 -92.49
N PRO AB 73 53.59 -49.21 -93.16
CA PRO AB 73 52.19 -49.49 -92.84
C PRO AB 73 51.74 -50.83 -93.39
N ARG AB 74 50.74 -51.42 -92.71
CA ARG AB 74 50.20 -52.69 -93.18
C ARG AB 74 49.70 -52.59 -94.61
N SER AB 75 49.06 -51.48 -94.97
CA SER AB 75 48.56 -51.26 -96.32
C SER AB 75 49.66 -51.33 -97.38
N GLN AB 76 50.93 -51.30 -96.97
CA GLN AB 76 52.05 -51.43 -97.91
C GLN AB 76 52.88 -52.68 -97.67
N GLN AB 77 52.54 -53.50 -96.66
CA GLN AB 77 53.22 -54.77 -96.41
C GLN AB 77 52.62 -55.86 -97.28
N ASP AB 78 53.44 -56.49 -98.11
CA ASP AB 78 53.00 -57.59 -98.98
C ASP AB 78 52.67 -58.82 -98.15
N PRO AB 79 51.40 -59.21 -98.02
CA PRO AB 79 51.05 -60.33 -97.14
C PRO AB 79 51.55 -61.67 -97.64
N LEU AB 80 52.01 -61.74 -98.89
CA LEU AB 80 52.64 -62.94 -99.41
C LEU AB 80 54.17 -62.92 -99.29
N ALA AB 81 54.73 -61.89 -98.68
CA ALA AB 81 56.18 -61.80 -98.57
C ALA AB 81 56.67 -62.74 -97.48
N VAL AB 82 57.88 -63.28 -97.71
CA VAL AB 82 58.52 -64.21 -96.79
C VAL AB 82 59.96 -63.75 -96.62
N ARG AB 83 60.50 -63.87 -95.41
CA ARG AB 83 61.86 -63.43 -95.14
C ARG AB 83 62.85 -64.58 -95.31
N ARG AB 84 63.82 -64.41 -96.20
CA ARG AB 84 64.90 -65.38 -96.36
C ARG AB 84 66.21 -64.68 -95.97
N GLU AB 85 67.00 -65.30 -95.11
CA GLU AB 85 68.33 -64.78 -94.80
C GLU AB 85 69.34 -65.92 -94.81
N PHE AB 86 70.60 -65.53 -95.03
CA PHE AB 86 71.74 -66.44 -94.90
C PHE AB 86 72.90 -65.67 -94.30
N TYR AB 87 73.88 -66.44 -93.80
CA TYR AB 87 74.99 -65.87 -93.05
C TYR AB 87 76.22 -66.73 -93.26
N THR AB 88 77.32 -66.12 -93.67
CA THR AB 88 78.58 -66.82 -93.78
C THR AB 88 79.57 -66.15 -92.84
N ARG AB 89 80.45 -66.97 -92.27
CA ARG AB 89 81.54 -66.47 -91.44
C ARG AB 89 82.80 -67.28 -91.73
N ARG AB 90 83.81 -66.61 -92.28
CA ARG AB 90 85.07 -67.23 -92.63
C ARG AB 90 86.11 -66.76 -91.63
N VAL AB 91 86.78 -67.70 -91.00
CA VAL AB 91 87.96 -67.42 -90.19
C VAL AB 91 89.13 -68.10 -90.87
N GLU AB 92 90.20 -67.34 -91.10
CA GLU AB 92 91.47 -67.94 -91.50
C GLU AB 92 92.54 -67.50 -90.52
N TYR AB 93 93.64 -68.24 -90.52
CA TYR AB 93 94.73 -68.04 -89.57
C TYR AB 93 96.03 -67.97 -90.35
N TRP AB 94 96.53 -66.75 -90.56
CA TRP AB 94 97.76 -66.52 -91.28
C TRP AB 94 98.97 -66.87 -90.41
N ARG AB 95 100.11 -67.05 -91.06
CA ARG AB 95 101.36 -67.39 -90.40
C ARG AB 95 102.45 -66.44 -90.89
N LYS AB 96 103.01 -65.65 -89.97
CA LYS AB 96 104.13 -64.81 -90.34
C LYS AB 96 105.42 -65.48 -89.87
N ALA AB 97 106.39 -65.58 -90.77
CA ALA AB 97 107.73 -66.08 -90.51
C ALA AB 97 108.61 -65.73 -91.69
N ASP AB 98 109.92 -65.65 -91.44
CA ASP AB 98 110.90 -65.53 -92.52
C ASP AB 98 111.76 -66.77 -92.58
N ALA AB 99 111.97 -67.29 -93.80
CA ALA AB 99 112.86 -68.43 -93.99
C ALA AB 99 114.32 -68.07 -93.76
N SER AB 100 114.63 -66.78 -93.69
CA SER AB 100 116.01 -66.36 -93.51
C SER AB 100 116.53 -66.76 -92.14
N ASN AB 101 115.77 -66.47 -91.09
CA ASN AB 101 116.20 -66.69 -89.73
C ASN AB 101 115.25 -67.69 -89.08
N VAL AB 102 115.74 -68.91 -88.83
CA VAL AB 102 114.89 -69.91 -88.18
C VAL AB 102 114.86 -69.73 -86.67
N ASP AB 103 115.80 -68.97 -86.11
CA ASP AB 103 115.66 -68.54 -84.71
C ASP AB 103 114.37 -67.76 -84.51
N ALA AB 104 113.99 -66.94 -85.49
CA ALA AB 104 112.89 -66.02 -85.32
C ALA AB 104 111.57 -66.78 -85.15
N PRO AB 105 110.71 -66.35 -84.24
CA PRO AB 105 109.50 -67.11 -83.95
C PRO AB 105 108.46 -66.93 -85.04
N GLU AB 106 107.67 -67.97 -85.24
CA GLU AB 106 106.54 -67.92 -86.16
C GLU AB 106 105.31 -67.48 -85.39
N TYR AB 107 104.58 -66.51 -85.93
CA TYR AB 107 103.38 -66.02 -85.28
C TYR AB 107 102.14 -66.40 -86.09
N THR AB 108 101.03 -66.60 -85.38
CA THR AB 108 99.74 -66.91 -85.98
C THR AB 108 98.86 -65.67 -85.88
N LEU AB 109 98.40 -65.18 -87.01
CA LEU AB 109 97.60 -63.97 -87.09
C LEU AB 109 96.17 -64.34 -87.47
N PRO AB 110 95.20 -64.23 -86.57
CA PRO AB 110 93.83 -64.56 -86.93
C PRO AB 110 93.09 -63.43 -87.64
N GLN AB 111 92.24 -63.84 -88.58
CA GLN AB 111 91.44 -62.92 -89.39
C GLN AB 111 90.05 -63.52 -89.56
N SER AB 112 89.01 -62.70 -89.41
CA SER AB 112 87.64 -63.20 -89.53
C SER AB 112 86.76 -62.18 -90.26
N CYS AB 113 85.82 -62.70 -91.04
CA CYS AB 113 84.94 -61.86 -91.84
C CYS AB 113 83.59 -62.54 -91.99
N SER AB 114 82.50 -61.78 -91.84
CA SER AB 114 81.16 -62.33 -91.84
C SER AB 114 80.21 -61.46 -92.64
N ILE AB 115 79.33 -62.12 -93.40
CA ILE AB 115 78.33 -61.45 -94.23
C ILE AB 115 76.97 -62.03 -93.90
N ARG AB 116 76.01 -61.15 -93.56
CA ARG AB 116 74.63 -61.55 -93.28
C ARG AB 116 73.72 -60.83 -94.27
N LEU AB 117 72.95 -61.61 -95.02
CA LEU AB 117 72.02 -61.07 -96.01
C LEU AB 117 70.61 -61.52 -95.64
N ALA AB 118 69.70 -60.56 -95.53
CA ALA AB 118 68.33 -60.82 -95.08
C ALA AB 118 67.39 -60.03 -95.98
N SER AB 119 66.72 -60.75 -96.87
CA SER AB 119 65.86 -60.13 -97.86
C SER AB 119 64.41 -60.49 -97.58
N THR AB 120 63.50 -59.57 -97.92
CA THR AB 120 62.12 -60.00 -98.10
C THR AB 120 61.98 -60.50 -99.52
N VAL AB 121 61.19 -61.54 -99.72
CA VAL AB 121 61.07 -62.20 -101.02
C VAL AB 121 59.61 -62.43 -101.31
N THR AB 122 59.19 -62.04 -102.51
CA THR AB 122 57.92 -62.34 -103.12
C THR AB 122 58.17 -63.02 -104.45
N LYS AB 123 57.10 -63.41 -105.13
CA LYS AB 123 57.25 -64.17 -106.36
C LYS AB 123 58.08 -63.44 -107.41
N GLU AB 124 58.18 -62.11 -107.33
CA GLU AB 124 58.91 -61.34 -108.33
C GLU AB 124 60.34 -61.03 -107.91
N THR AB 125 60.74 -61.36 -106.68
CA THR AB 125 62.14 -61.23 -106.28
C THR AB 125 62.99 -62.24 -107.02
N THR AB 126 64.04 -61.76 -107.68
CA THR AB 126 64.93 -62.65 -108.43
C THR AB 126 66.28 -62.82 -107.73
N ALA AB 127 66.97 -63.89 -108.15
CA ALA AB 127 68.30 -64.17 -107.64
C ALA AB 127 69.21 -62.97 -107.83
N ALA AB 128 69.21 -62.40 -109.04
CA ALA AB 128 70.07 -61.26 -109.33
C ALA AB 128 69.65 -60.01 -108.57
N ASP AB 129 68.35 -59.82 -108.33
CA ASP AB 129 67.92 -58.73 -107.47
C ASP AB 129 68.56 -58.84 -106.09
N ILE AB 130 68.55 -60.05 -105.52
CA ILE AB 130 69.13 -60.19 -104.19
C ILE AB 130 70.64 -60.08 -104.24
N ALA AB 131 71.27 -60.55 -105.32
CA ALA AB 131 72.71 -60.35 -105.46
C ALA AB 131 73.06 -58.88 -105.51
N GLY AB 132 72.14 -58.05 -106.00
CA GLY AB 132 72.43 -56.63 -106.14
C GLY AB 132 72.69 -55.94 -104.81
N ILE AB 133 71.99 -56.36 -103.75
CA ILE AB 133 72.17 -55.66 -102.49
C ILE AB 133 73.55 -55.96 -101.89
N VAL AB 134 74.07 -57.18 -102.09
CA VAL AB 134 75.43 -57.47 -101.64
C VAL AB 134 76.43 -56.62 -102.41
N LEU AB 135 76.25 -56.49 -103.72
CA LEU AB 135 77.16 -55.70 -104.53
C LEU AB 135 77.07 -54.22 -104.19
N ARG AB 136 75.89 -53.74 -103.77
CA ARG AB 136 75.76 -52.35 -103.39
C ARG AB 136 76.29 -52.08 -101.99
N THR AB 137 76.21 -53.06 -101.10
CA THR AB 137 76.89 -52.93 -99.81
C THR AB 137 78.40 -52.89 -100.02
N LEU AB 138 78.93 -53.72 -100.91
CA LEU AB 138 80.36 -53.71 -101.17
C LEU AB 138 80.83 -52.45 -101.88
N ALA AB 139 80.00 -51.90 -102.77
CA ALA AB 139 80.42 -50.83 -103.68
C ALA AB 139 81.09 -49.64 -103.00
N PRO AB 140 80.59 -49.10 -101.90
CA PRO AB 140 81.25 -47.90 -101.34
C PRO AB 140 82.59 -48.19 -100.68
N ILE AB 141 82.83 -49.41 -100.22
CA ILE AB 141 84.13 -49.77 -99.65
C ILE AB 141 85.15 -50.03 -100.75
N PHE AB 142 84.74 -50.62 -101.86
CA PHE AB 142 85.63 -50.98 -102.96
C PHE AB 142 85.17 -50.25 -104.23
N PRO AB 143 85.23 -48.91 -104.22
CA PRO AB 143 84.59 -48.16 -105.32
C PRO AB 143 85.29 -48.33 -106.65
N ASN AB 144 86.55 -48.75 -106.66
CA ASN AB 144 87.23 -49.15 -107.89
C ASN AB 144 87.47 -50.66 -107.92
N GLY AB 145 86.71 -51.42 -107.14
CA GLY AB 145 86.87 -52.85 -107.16
C GLY AB 145 88.27 -53.21 -106.71
N SER AB 146 88.85 -54.23 -107.36
CA SER AB 146 90.18 -54.67 -107.00
C SER AB 146 91.26 -53.67 -107.39
N GLY AB 147 90.91 -52.50 -107.93
CA GLY AB 147 91.93 -51.58 -108.42
C GLY AB 147 92.75 -50.91 -107.32
N ASP AB 148 92.08 -50.16 -106.44
CA ASP AB 148 92.78 -49.52 -105.33
C ASP AB 148 92.07 -49.86 -104.04
N TRP AB 149 92.79 -49.73 -102.93
CA TRP AB 149 92.25 -50.09 -101.63
C TRP AB 149 92.12 -48.85 -100.73
N ILE AB 150 91.79 -47.71 -101.31
CA ILE AB 150 91.93 -46.45 -100.57
C ILE AB 150 90.88 -46.38 -99.47
N LYS AB 151 89.62 -46.65 -99.82
CA LYS AB 151 88.56 -46.58 -98.82
C LYS AB 151 88.68 -47.71 -97.81
N LEU AB 152 89.10 -48.90 -98.26
CA LEU AB 152 89.35 -49.98 -97.30
C LEU AB 152 90.40 -49.56 -96.29
N GLN AB 153 91.53 -49.03 -96.77
CA GLN AB 153 92.61 -48.64 -95.87
C GLN AB 153 92.12 -47.61 -94.87
N GLN AB 154 91.35 -46.63 -95.34
CA GLN AB 154 90.86 -45.64 -94.39
C GLN AB 154 89.85 -46.24 -93.41
N LEU AB 155 89.20 -47.36 -93.75
CA LEU AB 155 88.40 -48.05 -92.74
C LEU AB 155 89.28 -48.74 -91.71
N ILE AB 156 90.41 -49.29 -92.15
CA ILE AB 156 91.34 -49.90 -91.20
C ILE AB 156 91.97 -48.84 -90.29
N ASP AB 157 92.08 -47.61 -90.78
CA ASP AB 157 92.67 -46.53 -90.00
C ASP AB 157 91.74 -45.96 -88.94
N GLY AB 158 90.46 -46.35 -88.97
CA GLY AB 158 89.49 -45.85 -88.00
C GLY AB 158 88.82 -44.56 -88.44
N LEU AB 159 88.50 -44.44 -89.73
CA LEU AB 159 87.91 -43.24 -90.30
C LEU AB 159 86.58 -43.63 -90.92
N PRO AB 160 85.53 -43.76 -90.09
CA PRO AB 160 84.27 -44.35 -90.56
C PRO AB 160 83.53 -43.54 -91.61
N ARG AB 161 83.81 -42.24 -91.74
CA ARG AB 161 83.06 -41.37 -92.64
C ARG AB 161 83.52 -41.63 -94.06
N ILE AB 162 82.73 -42.40 -94.81
CA ILE AB 162 83.10 -42.84 -96.14
C ILE AB 162 82.51 -41.93 -97.22
N PHE AB 163 81.26 -41.53 -97.06
CA PHE AB 163 80.66 -40.54 -97.94
C PHE AB 163 80.85 -39.11 -97.42
N GLY AB 164 81.54 -38.95 -96.29
CA GLY AB 164 81.78 -37.62 -95.73
C GLY AB 164 81.15 -37.34 -94.37
N SER BB 1 52.12 -40.58 -115.63
CA SER BB 1 51.15 -39.78 -116.35
C SER BB 1 50.49 -38.75 -115.44
N TYR BB 2 50.37 -39.10 -114.16
CA TYR BB 2 49.79 -38.22 -113.15
C TYR BB 2 50.50 -36.87 -113.11
N THR BB 3 49.73 -35.79 -113.14
CA THR BB 3 50.27 -34.45 -112.92
C THR BB 3 49.59 -33.83 -111.71
N ILE BB 4 50.33 -32.93 -111.06
CA ILE BB 4 49.84 -32.18 -109.91
C ILE BB 4 49.53 -30.77 -110.38
N ASP BB 5 48.29 -30.34 -110.16
CA ASP BB 5 47.85 -28.99 -110.47
C ASP BB 5 47.63 -28.26 -109.14
N ILE BB 6 48.34 -27.16 -108.94
CA ILE BB 6 47.96 -26.27 -107.85
C ILE BB 6 46.60 -25.69 -108.17
N ASN BB 7 45.70 -25.73 -107.20
CA ASN BB 7 44.35 -25.22 -107.44
C ASN BB 7 44.27 -23.76 -107.00
N CYS BB 8 45.16 -22.93 -107.54
CA CYS BB 8 45.31 -21.56 -107.06
C CYS BB 8 45.17 -20.57 -108.20
N SER BB 9 45.12 -19.30 -107.83
CA SER BB 9 45.20 -18.19 -108.78
C SER BB 9 46.60 -17.61 -108.77
N THR BB 10 47.24 -17.58 -109.93
CA THR BB 10 48.56 -17.00 -110.11
C THR BB 10 48.56 -16.03 -111.27
N GLY BB 11 49.51 -15.11 -111.23
CA GLY BB 11 49.61 -14.06 -112.21
C GLY BB 11 50.73 -14.29 -113.20
N ASP BB 12 50.92 -13.28 -114.06
CA ASP BB 12 51.98 -13.29 -115.05
C ASP BB 12 53.25 -12.62 -114.57
N THR BB 13 53.13 -11.69 -113.63
CA THR BB 13 54.25 -10.87 -113.23
C THR BB 13 55.11 -11.59 -112.21
N GLN BB 14 56.39 -11.24 -112.16
CA GLN BB 14 57.31 -11.81 -111.19
C GLN BB 14 58.18 -10.71 -110.61
N ALA BB 15 58.68 -10.98 -109.40
CA ALA BB 15 59.47 -10.00 -108.66
C ALA BB 15 60.57 -10.70 -107.86
N ASN BB 16 61.69 -10.00 -107.69
CA ASN BB 16 62.82 -10.53 -106.95
C ASN BB 16 62.71 -10.14 -105.47
N LEU BB 17 62.53 -11.13 -104.59
CA LEU BB 17 62.75 -10.96 -103.17
C LEU BB 17 64.19 -11.35 -102.90
N VAL BB 18 65.04 -10.37 -102.59
CA VAL BB 18 66.48 -10.59 -102.63
C VAL BB 18 66.99 -10.91 -101.24
N LEU BB 19 67.51 -12.12 -101.10
CA LEU BB 19 68.01 -12.66 -99.86
C LEU BB 19 69.51 -12.44 -99.75
N THR BB 20 69.95 -12.03 -98.57
CA THR BB 20 71.36 -11.92 -98.24
C THR BB 20 71.74 -13.16 -97.44
N GLU BB 21 72.88 -13.76 -97.80
CA GLU BB 21 73.22 -15.09 -97.30
C GLU BB 21 73.51 -15.07 -95.80
N ILE BB 22 73.21 -16.19 -95.16
CA ILE BB 22 73.47 -16.39 -93.74
C ILE BB 22 74.57 -17.44 -93.62
N PRO BB 23 75.81 -17.05 -93.27
CA PRO BB 23 76.90 -18.01 -93.25
C PRO BB 23 76.69 -19.09 -92.20
N ALA BB 24 76.96 -20.34 -92.58
CA ALA BB 24 76.74 -21.43 -91.64
C ALA BB 24 77.85 -21.50 -90.60
N GLU BB 25 79.08 -21.19 -91.01
CA GLU BB 25 80.27 -21.27 -90.18
C GLU BB 25 80.07 -20.77 -88.74
N PRO BB 26 79.39 -19.65 -88.47
CA PRO BB 26 79.29 -19.18 -87.09
C PRO BB 26 78.26 -19.88 -86.20
N TYR BB 27 77.34 -20.68 -86.74
CA TYR BB 27 76.26 -21.22 -85.91
C TYR BB 27 76.75 -22.45 -85.13
N VAL BB 28 76.16 -22.65 -83.94
CA VAL BB 28 76.58 -23.72 -83.03
C VAL BB 28 75.36 -24.36 -82.37
N HIS BB 29 75.32 -25.70 -82.36
CA HIS BB 29 74.26 -26.43 -81.69
C HIS BB 29 74.17 -26.07 -80.20
N VAL BB 30 72.95 -25.84 -79.72
CA VAL BB 30 72.75 -25.43 -78.34
C VAL BB 30 71.80 -26.37 -77.61
N SER BB 31 70.85 -26.95 -78.32
CA SER BB 31 69.88 -27.82 -77.66
C SER BB 31 69.09 -28.59 -78.71
N GLY BB 32 68.56 -29.73 -78.27
CA GLY BB 32 67.78 -30.63 -79.09
C GLY BB 32 68.57 -31.90 -79.41
N ASP BB 33 67.96 -32.72 -80.27
CA ASP BB 33 68.60 -33.92 -80.81
C ASP BB 33 68.81 -33.75 -82.31
N ASN BB 34 69.92 -34.26 -82.81
CA ASN BB 34 70.22 -34.15 -84.25
C ASN BB 34 69.23 -34.93 -85.11
N LYS BB 35 68.26 -35.63 -84.51
CA LYS BB 35 67.25 -36.38 -85.24
C LYS BB 35 66.01 -35.55 -85.54
N SER BB 36 65.38 -34.96 -84.51
CA SER BB 36 64.11 -34.26 -84.67
C SER BB 36 64.27 -32.75 -84.67
N THR BB 37 64.83 -32.17 -83.60
CA THR BB 37 64.80 -30.73 -83.39
C THR BB 37 66.19 -30.22 -83.00
N ILE BB 38 66.63 -29.12 -83.60
CA ILE BB 38 67.96 -28.56 -83.39
C ILE BB 38 67.88 -27.04 -83.28
N GLU BB 39 68.63 -26.47 -82.34
CA GLU BB 39 68.64 -25.02 -82.14
C GLU BB 39 70.07 -24.51 -82.28
N TYR BB 40 70.33 -23.72 -83.32
CA TYR BB 40 71.64 -23.12 -83.51
C TYR BB 40 71.72 -21.72 -82.91
N LEU BB 41 72.92 -21.38 -82.45
CA LEU BB 41 73.26 -20.07 -81.91
C LEU BB 41 74.27 -19.39 -82.80
N ASP BB 42 73.97 -18.17 -83.23
CA ASP BB 42 74.89 -17.33 -83.99
C ASP BB 42 75.94 -16.78 -83.04
N THR BB 43 77.13 -17.40 -83.05
CA THR BB 43 78.26 -16.87 -82.30
C THR BB 43 78.78 -15.55 -82.85
N GLY BB 44 78.20 -15.05 -83.94
CA GLY BB 44 78.61 -13.77 -84.48
C GLY BB 44 77.93 -12.60 -83.80
N SER BB 45 77.55 -12.79 -82.54
CA SER BB 45 76.82 -11.79 -81.79
C SER BB 45 77.64 -11.31 -80.61
N ASP BB 46 77.05 -10.41 -79.84
CA ASP BB 46 77.73 -9.82 -78.68
C ASP BB 46 77.95 -10.88 -77.60
N ASN BB 47 79.13 -10.85 -76.97
CA ASN BB 47 79.39 -11.72 -75.82
C ASN BB 47 78.55 -11.31 -74.63
N SER BB 48 78.39 -9.99 -74.41
CA SER BB 48 78.05 -9.42 -73.11
C SER BB 48 76.55 -9.40 -72.84
N LEU BB 49 75.75 -10.06 -73.66
CA LEU BB 49 74.31 -10.14 -73.46
C LEU BB 49 73.92 -11.56 -73.07
N LEU BB 50 72.92 -11.66 -72.20
CA LEU BB 50 72.37 -12.98 -71.90
C LEU BB 50 71.54 -13.52 -73.05
N VAL BB 51 71.17 -12.67 -74.01
CA VAL BB 51 70.43 -13.09 -75.19
C VAL BB 51 71.35 -12.99 -76.40
N ARG BB 52 71.26 -13.99 -77.27
CA ARG BB 52 72.02 -14.00 -78.51
C ARG BB 52 71.18 -14.65 -79.59
N PRO BB 53 71.39 -14.25 -80.85
CA PRO BB 53 70.52 -14.70 -81.94
C PRO BB 53 70.62 -16.20 -82.17
N THR BB 54 69.47 -16.81 -82.36
CA THR BB 54 69.36 -18.26 -82.44
C THR BB 54 68.29 -18.61 -83.47
N GLN BB 55 68.59 -19.55 -84.34
CA GLN BB 55 67.60 -20.06 -85.28
C GLN BB 55 67.43 -21.55 -85.09
N GLN BB 56 66.18 -21.98 -85.01
CA GLN BB 56 65.83 -23.35 -84.70
C GLN BB 56 65.17 -24.00 -85.91
N PHE BB 57 65.44 -25.29 -86.09
CA PHE BB 57 64.84 -26.11 -87.13
C PHE BB 57 64.25 -27.38 -86.52
N ASN BB 58 63.13 -27.83 -87.08
CA ASN BB 58 62.33 -28.86 -86.44
C ASN BB 58 61.49 -29.56 -87.50
N CYS BB 59 61.73 -30.85 -87.73
CA CYS BB 59 61.01 -31.63 -88.75
C CYS BB 59 60.19 -32.74 -88.10
N VAL BB 60 59.05 -33.05 -88.74
CA VAL BB 60 58.17 -34.16 -88.34
C VAL BB 60 57.51 -34.74 -89.58
N SER BB 61 56.94 -35.94 -89.44
CA SER BB 61 56.34 -36.64 -90.56
C SER BB 61 55.30 -37.62 -90.03
N SER BB 62 54.28 -37.88 -90.84
CA SER BB 62 53.16 -38.71 -90.42
C SER BB 62 52.61 -39.51 -91.59
N GLN BB 63 52.12 -40.71 -91.26
CA GLN BB 63 51.52 -41.63 -92.22
C GLN BB 63 50.04 -41.33 -92.44
N TYR BB 64 49.50 -40.31 -91.78
CA TYR BB 64 48.07 -40.00 -91.82
C TYR BB 64 47.89 -38.56 -92.30
N PRO BB 65 48.15 -38.30 -93.58
CA PRO BB 65 48.23 -36.91 -94.04
C PRO BB 65 46.91 -36.19 -94.04
N TYR BB 66 45.79 -36.90 -93.98
CA TYR BB 66 44.46 -36.32 -94.02
C TYR BB 66 43.82 -36.20 -92.65
N ARG BB 67 44.63 -36.24 -91.58
CA ARG BB 67 44.06 -36.35 -90.23
C ARG BB 67 43.21 -35.14 -89.88
N ASN BB 68 43.69 -33.94 -90.21
CA ASN BB 68 42.96 -32.73 -89.87
C ASN BB 68 42.09 -32.22 -91.00
N TYR BB 69 42.24 -32.76 -92.21
CA TYR BB 69 41.47 -32.31 -93.36
C TYR BB 69 40.25 -33.21 -93.54
N SER BB 70 39.27 -32.99 -92.65
CA SER BB 70 38.11 -33.87 -92.57
C SER BB 70 37.23 -33.77 -93.81
N LYS BB 71 37.24 -32.64 -94.49
CA LYS BB 71 36.31 -32.36 -95.58
C LYS BB 71 36.76 -32.91 -96.93
N ILE BB 72 37.79 -33.75 -96.96
CA ILE BB 72 38.19 -34.46 -98.16
C ILE BB 72 37.66 -35.89 -98.04
N PRO BB 73 36.87 -36.37 -99.00
CA PRO BB 73 36.37 -37.74 -98.91
C PRO BB 73 37.47 -38.77 -99.18
N ARG BB 74 37.24 -39.98 -98.69
CA ARG BB 74 38.21 -41.05 -98.90
C ARG BB 74 38.38 -41.37 -100.38
N SER BB 75 37.33 -41.20 -101.17
CA SER BB 75 37.44 -41.40 -102.61
C SER BB 75 38.43 -40.43 -103.26
N GLN BB 76 38.85 -39.38 -102.56
CA GLN BB 76 39.79 -38.41 -103.09
C GLN BB 76 41.07 -38.31 -102.27
N GLN BB 77 41.27 -39.21 -101.30
CA GLN BB 77 42.47 -39.26 -100.48
C GLN BB 77 43.49 -40.22 -101.10
N ASP BB 78 44.66 -39.70 -101.49
CA ASP BB 78 45.71 -40.52 -102.08
C ASP BB 78 46.35 -41.41 -101.03
N PRO BB 79 46.15 -42.74 -101.10
CA PRO BB 79 46.64 -43.61 -100.01
C PRO BB 79 48.15 -43.73 -99.96
N LEU BB 80 48.83 -43.48 -101.08
CA LEU BB 80 50.29 -43.49 -101.08
C LEU BB 80 50.85 -42.26 -100.38
N ALA BB 81 50.09 -41.16 -100.36
CA ALA BB 81 50.60 -39.87 -99.92
C ALA BB 81 50.84 -39.85 -98.41
N VAL BB 82 51.80 -39.01 -98.01
CA VAL BB 82 52.37 -39.00 -96.66
C VAL BB 82 52.65 -37.56 -96.28
N ARG BB 83 52.48 -37.22 -94.99
CA ARG BB 83 52.66 -35.84 -94.53
C ARG BB 83 54.09 -35.56 -94.08
N ARG BB 84 54.69 -34.52 -94.67
CA ARG BB 84 56.00 -34.01 -94.29
C ARG BB 84 55.84 -32.60 -93.74
N GLU BB 85 56.60 -32.23 -92.71
CA GLU BB 85 56.44 -30.91 -92.13
C GLU BB 85 57.76 -30.45 -91.53
N PHE BB 86 58.04 -29.15 -91.66
CA PHE BB 86 59.17 -28.53 -90.99
C PHE BB 86 58.78 -27.17 -90.42
N TYR BB 87 59.61 -26.68 -89.50
CA TYR BB 87 59.35 -25.48 -88.73
C TYR BB 87 60.68 -24.81 -88.44
N THR BB 88 60.80 -23.54 -88.81
CA THR BB 88 61.97 -22.76 -88.46
C THR BB 88 61.52 -21.58 -87.62
N ARG BB 89 62.33 -21.21 -86.64
CA ARG BB 89 62.07 -20.03 -85.81
C ARG BB 89 63.38 -19.29 -85.57
N ARG BB 90 63.50 -18.11 -86.14
CA ARG BB 90 64.67 -17.25 -85.94
C ARG BB 90 64.32 -16.17 -84.93
N VAL BB 91 65.14 -16.06 -83.90
CA VAL BB 91 65.06 -14.98 -82.93
C VAL BB 91 66.37 -14.21 -83.05
N GLU BB 92 66.27 -12.92 -83.36
CA GLU BB 92 67.45 -12.07 -83.30
C GLU BB 92 67.17 -10.92 -82.35
N TYR BB 93 68.22 -10.48 -81.65
CA TYR BB 93 68.10 -9.41 -80.67
C TYR BB 93 68.90 -8.22 -81.17
N TRP BB 94 68.22 -7.15 -81.58
CA TRP BB 94 68.87 -5.98 -82.11
C TRP BB 94 69.40 -5.10 -80.97
N ARG BB 95 70.29 -4.19 -81.35
CA ARG BB 95 71.06 -3.37 -80.43
C ARG BB 95 70.88 -1.93 -80.90
N LYS BB 96 70.18 -1.10 -80.13
CA LYS BB 96 70.02 0.30 -80.50
C LYS BB 96 70.87 1.18 -79.61
N ALA BB 97 71.57 2.13 -80.24
CA ALA BB 97 72.41 3.11 -79.56
C ALA BB 97 72.94 4.09 -80.60
N ASP BB 98 73.33 5.27 -80.12
CA ASP BB 98 74.02 6.25 -80.95
C ASP BB 98 75.45 6.39 -80.49
N ALA BB 99 76.38 6.40 -81.45
CA ALA BB 99 77.79 6.58 -81.11
C ALA BB 99 78.10 8.03 -80.75
N SER BB 100 77.23 8.97 -81.14
CA SER BB 100 77.44 10.37 -80.80
C SER BB 100 77.36 10.58 -79.28
N ASN BB 101 76.43 9.91 -78.62
CA ASN BB 101 76.17 10.11 -77.19
C ASN BB 101 76.36 8.78 -76.48
N VAL BB 102 77.51 8.60 -75.83
CA VAL BB 102 77.75 7.37 -75.08
C VAL BB 102 77.08 7.41 -73.72
N ASP BB 103 76.63 8.59 -73.26
CA ASP BB 103 75.80 8.65 -72.08
C ASP BB 103 74.42 8.05 -72.32
N ALA BB 104 73.92 8.15 -73.55
CA ALA BB 104 72.57 7.67 -73.84
C ALA BB 104 72.54 6.14 -73.78
N PRO BB 105 71.51 5.56 -73.15
CA PRO BB 105 71.54 4.13 -72.85
C PRO BB 105 71.32 3.30 -74.10
N GLU BB 106 71.88 2.09 -74.07
CA GLU BB 106 71.75 1.14 -75.16
C GLU BB 106 70.61 0.17 -74.83
N TYR BB 107 69.84 -0.20 -75.85
CA TYR BB 107 68.68 -1.05 -75.64
C TYR BB 107 68.75 -2.29 -76.53
N THR BB 108 68.13 -3.36 -76.04
CA THR BB 108 67.99 -4.61 -76.76
C THR BB 108 66.57 -4.72 -77.29
N LEU BB 109 66.43 -4.94 -78.59
CA LEU BB 109 65.14 -4.98 -79.26
C LEU BB 109 64.89 -6.38 -79.82
N PRO BB 110 64.10 -7.22 -79.16
CA PRO BB 110 63.88 -8.57 -79.67
C PRO BB 110 62.93 -8.62 -80.86
N GLN BB 111 63.28 -9.50 -81.81
CA GLN BB 111 62.56 -9.72 -83.04
C GLN BB 111 62.55 -11.22 -83.28
N SER BB 112 61.42 -11.75 -83.76
CA SER BB 112 61.29 -13.19 -83.95
C SER BB 112 60.35 -13.49 -85.11
N CYS BB 113 60.68 -14.54 -85.86
CA CYS BB 113 59.93 -14.88 -87.06
C CYS BB 113 59.96 -16.38 -87.27
N SER BB 114 58.82 -16.97 -87.59
CA SER BB 114 58.72 -18.42 -87.71
C SER BB 114 57.94 -18.81 -88.95
N ILE BB 115 58.41 -19.88 -89.61
CA ILE BB 115 57.77 -20.45 -90.78
C ILE BB 115 57.47 -21.91 -90.53
N ARG BB 116 56.23 -22.32 -90.78
CA ARG BB 116 55.81 -23.70 -90.65
C ARG BB 116 55.25 -24.17 -91.99
N LEU BB 117 55.89 -25.18 -92.57
CA LEU BB 117 55.44 -25.75 -93.83
C LEU BB 117 55.04 -27.20 -93.62
N ALA BB 118 53.81 -27.53 -93.97
CA ALA BB 118 53.30 -28.90 -93.88
C ALA BB 118 52.72 -29.25 -95.23
N SER BB 119 53.35 -30.19 -95.94
CA SER BB 119 52.90 -30.63 -97.25
C SER BB 119 52.43 -32.07 -97.17
N THR BB 120 51.46 -32.44 -98.00
CA THR BB 120 51.26 -33.86 -98.28
C THR BB 120 52.05 -34.18 -99.54
N VAL BB 121 53.03 -35.06 -99.41
CA VAL BB 121 53.90 -35.46 -100.50
C VAL BB 121 53.37 -36.77 -101.07
N THR BB 122 53.40 -36.88 -102.39
CA THR BB 122 53.17 -38.14 -103.08
C THR BB 122 54.32 -38.35 -104.06
N LYS BB 123 54.27 -39.45 -104.82
CA LYS BB 123 55.36 -39.81 -105.71
C LYS BB 123 55.73 -38.66 -106.65
N GLU BB 124 54.72 -37.92 -107.11
CA GLU BB 124 54.92 -36.88 -108.11
C GLU BB 124 55.18 -35.50 -107.51
N THR BB 125 55.01 -35.35 -106.19
CA THR BB 125 55.33 -34.09 -105.54
C THR BB 125 56.82 -33.83 -105.62
N THR BB 126 57.20 -32.65 -106.11
CA THR BB 126 58.60 -32.31 -106.33
C THR BB 126 59.09 -31.23 -105.37
N ALA BB 127 60.41 -31.11 -105.33
CA ALA BB 127 61.05 -30.04 -104.58
C ALA BB 127 60.44 -28.69 -104.95
N ALA BB 128 60.42 -28.39 -106.25
CA ALA BB 128 59.92 -27.10 -106.71
C ALA BB 128 58.45 -26.91 -106.36
N ASP BB 129 57.64 -27.97 -106.47
CA ASP BB 129 56.24 -27.88 -106.08
C ASP BB 129 56.11 -27.47 -104.62
N ILE BB 130 56.95 -28.03 -103.74
CA ILE BB 130 56.81 -27.67 -102.34
C ILE BB 130 57.35 -26.27 -102.07
N ALA BB 131 58.37 -25.85 -102.81
CA ALA BB 131 58.83 -24.46 -102.71
C ALA BB 131 57.74 -23.49 -103.14
N GLY BB 132 56.93 -23.89 -104.12
CA GLY BB 132 55.91 -23.00 -104.63
C GLY BB 132 54.94 -22.51 -103.58
N ILE BB 133 54.62 -23.34 -102.59
CA ILE BB 133 53.63 -22.91 -101.61
C ILE BB 133 54.22 -21.85 -100.69
N VAL BB 134 55.50 -21.98 -100.34
CA VAL BB 134 56.16 -20.90 -99.59
C VAL BB 134 56.17 -19.62 -100.40
N LEU BB 135 56.50 -19.73 -101.69
CA LEU BB 135 56.56 -18.53 -102.52
C LEU BB 135 55.20 -17.84 -102.65
N ARG BB 136 54.14 -18.64 -102.83
CA ARG BB 136 52.80 -18.08 -102.94
C ARG BB 136 52.27 -17.58 -101.60
N THR BB 137 52.79 -18.10 -100.49
CA THR BB 137 52.45 -17.53 -99.18
C THR BB 137 53.10 -16.17 -99.00
N LEU BB 138 54.32 -16.01 -99.54
CA LEU BB 138 55.02 -14.73 -99.40
C LEU BB 138 54.46 -13.67 -100.33
N ALA BB 139 54.12 -14.04 -101.56
CA ALA BB 139 53.77 -13.05 -102.59
C ALA BB 139 52.69 -12.05 -102.18
N PRO BB 140 51.67 -12.39 -101.39
CA PRO BB 140 50.73 -11.35 -100.95
C PRO BB 140 51.37 -10.28 -100.08
N ILE BB 141 52.35 -10.66 -99.25
CA ILE BB 141 53.04 -9.70 -98.40
C ILE BB 141 54.10 -8.91 -99.16
N PHE BB 142 54.72 -9.52 -100.18
CA PHE BB 142 55.80 -8.88 -100.93
C PHE BB 142 55.40 -8.83 -102.41
N PRO BB 143 54.41 -8.02 -102.76
CA PRO BB 143 53.92 -8.04 -104.15
C PRO BB 143 54.96 -7.57 -105.15
N ASN BB 144 55.95 -6.79 -104.72
CA ASN BB 144 57.05 -6.36 -105.57
C ASN BB 144 58.39 -6.88 -105.07
N GLY BB 145 58.37 -7.86 -104.17
CA GLY BB 145 59.62 -8.42 -103.69
C GLY BB 145 60.34 -7.40 -102.86
N SER BB 146 61.65 -7.25 -103.08
CA SER BB 146 62.40 -6.25 -102.34
C SER BB 146 62.11 -4.83 -102.81
N GLY BB 147 61.35 -4.65 -103.90
CA GLY BB 147 61.21 -3.34 -104.51
C GLY BB 147 60.59 -2.28 -103.58
N ASP BB 148 59.58 -2.68 -102.81
CA ASP BB 148 58.96 -1.82 -101.81
C ASP BB 148 58.53 -2.68 -100.64
N TRP BB 149 58.11 -2.03 -99.55
CA TRP BB 149 57.68 -2.77 -98.37
C TRP BB 149 56.26 -2.41 -97.95
N ILE BB 150 55.41 -2.01 -98.92
CA ILE BB 150 54.19 -1.31 -98.55
C ILE BB 150 53.22 -2.24 -97.83
N LYS BB 151 53.02 -3.44 -98.38
CA LYS BB 151 52.06 -4.35 -97.75
C LYS BB 151 52.59 -4.86 -96.42
N LEU BB 152 53.90 -5.07 -96.32
CA LEU BB 152 54.47 -5.44 -95.03
C LEU BB 152 54.24 -4.35 -94.00
N GLN BB 153 54.44 -3.08 -94.40
CA GLN BB 153 54.19 -1.96 -93.52
C GLN BB 153 52.74 -1.94 -93.05
N GLN BB 154 51.80 -2.23 -93.96
CA GLN BB 154 50.40 -2.33 -93.54
C GLN BB 154 50.21 -3.41 -92.49
N LEU BB 155 50.83 -4.57 -92.68
CA LEU BB 155 50.72 -5.64 -91.70
C LEU BB 155 51.23 -5.19 -90.34
N ILE BB 156 52.36 -4.50 -90.30
CA ILE BB 156 52.89 -4.03 -89.04
C ILE BB 156 51.97 -2.97 -88.44
N ASP BB 157 51.48 -2.04 -89.26
CA ASP BB 157 50.53 -1.02 -88.82
C ASP BB 157 49.25 -1.61 -88.28
N GLY BB 158 48.96 -2.86 -88.61
CA GLY BB 158 47.82 -3.56 -88.07
C GLY BB 158 46.63 -3.68 -88.99
N LEU BB 159 46.85 -3.62 -90.31
CA LEU BB 159 45.80 -3.54 -91.31
C LEU BB 159 45.71 -4.84 -92.09
N PRO BB 160 44.95 -5.83 -91.58
CA PRO BB 160 45.06 -7.20 -92.11
C PRO BB 160 44.42 -7.39 -93.48
N ARG BB 161 43.60 -6.44 -93.95
CA ARG BB 161 42.95 -6.56 -95.25
C ARG BB 161 43.98 -6.29 -96.35
N ILE BB 162 44.65 -7.36 -96.77
CA ILE BB 162 45.71 -7.26 -97.77
C ILE BB 162 45.16 -7.40 -99.19
N PHE BB 163 44.12 -8.21 -99.37
CA PHE BB 163 43.48 -8.35 -100.66
C PHE BB 163 42.31 -7.40 -100.81
N GLY BB 164 42.23 -6.39 -99.95
CA GLY BB 164 41.11 -5.47 -99.96
C GLY BB 164 40.01 -5.89 -99.00
N SER CB 1 101.40 54.76 15.14
CA SER CB 1 101.24 53.75 14.09
C SER CB 1 101.33 52.35 14.71
N TYR CB 2 100.35 51.51 14.37
CA TYR CB 2 100.16 50.23 15.05
C TYR CB 2 101.40 49.35 14.96
N THR CB 3 101.74 48.70 16.09
CA THR CB 3 102.75 47.66 16.13
C THR CB 3 102.15 46.37 16.69
N ILE CB 4 102.75 45.25 16.31
CA ILE CB 4 102.28 43.92 16.70
C ILE CB 4 103.24 43.35 17.75
N ASP CB 5 102.71 43.09 18.93
CA ASP CB 5 103.42 42.44 20.03
C ASP CB 5 103.08 40.95 20.02
N ILE CB 6 104.08 40.09 19.85
CA ILE CB 6 103.82 38.67 20.07
C ILE CB 6 103.77 38.48 21.58
N ASN CB 7 102.56 38.37 22.11
CA ASN CB 7 102.38 38.17 23.54
C ASN CB 7 102.89 36.78 23.85
N CYS CB 8 104.12 36.69 24.37
CA CYS CB 8 104.83 35.42 24.34
C CYS CB 8 106.17 35.58 25.05
N SER CB 9 106.77 34.45 25.42
CA SER CB 9 108.10 34.42 26.05
C SER CB 9 109.14 33.96 25.04
N THR CB 10 110.10 34.83 24.73
CA THR CB 10 111.24 34.50 23.87
C THR CB 10 112.53 34.61 24.67
N GLY CB 11 113.59 34.03 24.09
CA GLY CB 11 114.88 33.95 24.74
C GLY CB 11 115.96 34.66 23.95
N ASP CB 12 117.16 34.79 24.50
CA ASP CB 12 118.22 35.47 23.78
C ASP CB 12 118.93 34.55 22.80
N THR CB 13 119.09 33.28 23.16
CA THR CB 13 119.88 32.33 22.38
C THR CB 13 119.18 31.95 21.06
N GLN CB 14 119.98 31.53 20.08
CA GLN CB 14 119.41 31.06 18.81
C GLN CB 14 120.16 29.82 18.37
N ALA CB 15 119.42 28.87 17.79
CA ALA CB 15 120.00 27.64 17.23
C ALA CB 15 119.68 27.55 15.75
N ASN CB 16 120.51 26.77 15.04
CA ASN CB 16 120.30 26.49 13.63
C ASN CB 16 119.63 25.12 13.50
N LEU CB 17 118.43 25.09 12.93
CA LEU CB 17 117.81 23.85 12.45
C LEU CB 17 118.21 23.73 10.98
N VAL CB 18 119.05 22.76 10.68
CA VAL CB 18 119.67 22.67 9.36
C VAL CB 18 118.77 21.86 8.44
N LEU CB 19 118.14 22.54 7.49
CA LEU CB 19 117.29 21.89 6.51
C LEU CB 19 118.09 21.54 5.28
N THR CB 20 117.86 20.35 4.75
CA THR CB 20 118.43 19.95 3.48
C THR CB 20 117.37 20.11 2.41
N GLU CB 21 117.74 20.75 1.30
CA GLU CB 21 116.76 21.11 0.28
C GLU CB 21 116.10 19.86 -0.31
N ILE CB 22 114.93 20.06 -0.86
CA ILE CB 22 114.22 19.01 -1.58
C ILE CB 22 114.00 19.52 -3.00
N PRO CB 23 114.64 18.92 -4.01
CA PRO CB 23 114.59 19.49 -5.36
C PRO CB 23 113.20 19.38 -5.96
N ALA CB 24 112.76 20.46 -6.60
CA ALA CB 24 111.40 20.49 -7.11
C ALA CB 24 111.23 19.68 -8.39
N GLU CB 25 112.32 19.47 -9.13
CA GLU CB 25 112.21 18.76 -10.41
C GLU CB 25 111.55 17.39 -10.26
N PRO CB 26 111.94 16.51 -9.34
CA PRO CB 26 111.35 15.17 -9.32
C PRO CB 26 109.88 15.13 -8.92
N TYR CB 27 109.27 16.21 -8.42
CA TYR CB 27 107.88 16.13 -7.97
C TYR CB 27 106.92 16.33 -9.14
N VAL CB 28 105.87 15.51 -9.16
CA VAL CB 28 104.87 15.51 -10.23
C VAL CB 28 103.49 15.78 -9.65
N HIS CB 29 102.82 16.81 -10.17
CA HIS CB 29 101.45 17.09 -9.81
C HIS CB 29 100.56 15.89 -10.12
N VAL CB 30 99.78 15.45 -9.13
CA VAL CB 30 98.98 14.24 -9.23
C VAL CB 30 97.49 14.54 -9.15
N SER CB 31 97.08 15.31 -8.14
CA SER CB 31 95.67 15.57 -7.90
C SER CB 31 95.48 16.96 -7.29
N GLY CB 32 94.35 17.57 -7.62
CA GLY CB 32 93.84 18.67 -6.83
C GLY CB 32 93.85 20.02 -7.53
N ASP CB 33 92.82 20.83 -7.22
CA ASP CB 33 92.73 22.23 -7.64
C ASP CB 33 93.55 23.11 -6.72
N ASN CB 34 93.49 24.43 -6.96
CA ASN CB 34 93.74 25.36 -5.86
C ASN CB 34 92.59 25.33 -4.86
N LYS CB 35 91.38 25.05 -5.34
CA LYS CB 35 90.21 24.92 -4.46
C LYS CB 35 90.26 23.62 -3.67
N SER CB 36 90.92 22.60 -4.19
CA SER CB 36 91.11 21.34 -3.50
C SER CB 36 92.52 21.33 -2.89
N THR CB 37 92.98 20.16 -2.44
CA THR CB 37 94.35 20.00 -1.95
C THR CB 37 95.28 19.52 -3.06
N ILE CB 38 96.37 20.26 -3.29
CA ILE CB 38 97.37 19.88 -4.28
C ILE CB 38 98.21 18.71 -3.76
N GLU CB 39 98.50 17.75 -4.63
CA GLU CB 39 99.24 16.56 -4.23
C GLU CB 39 100.38 16.31 -5.21
N TYR CB 40 101.59 16.10 -4.69
CA TYR CB 40 102.74 15.80 -5.52
C TYR CB 40 103.31 14.42 -5.16
N LEU CB 41 103.79 13.74 -6.20
CA LEU CB 41 104.51 12.47 -6.09
C LEU CB 41 106.00 12.71 -6.29
N ASP CB 42 106.81 12.21 -5.35
CA ASP CB 42 108.27 12.23 -5.48
C ASP CB 42 108.67 11.05 -6.36
N THR CB 43 108.97 11.31 -7.63
CA THR CB 43 109.29 10.27 -8.60
C THR CB 43 110.71 9.77 -8.46
N GLY CB 44 111.50 10.38 -7.58
CA GLY CB 44 112.82 9.86 -7.29
C GLY CB 44 112.75 8.85 -6.17
N SER CB 45 111.93 7.82 -6.35
CA SER CB 45 111.75 6.76 -5.37
C SER CB 45 111.85 5.40 -6.06
N ASP CB 46 111.86 4.36 -5.24
CA ASP CB 46 111.90 3.01 -5.79
C ASP CB 46 110.61 2.75 -6.54
N ASN CB 47 110.71 2.64 -7.86
CA ASN CB 47 109.59 2.34 -8.71
C ASN CB 47 108.96 0.99 -8.36
N SER CB 48 109.77 0.05 -7.85
CA SER CB 48 109.32 -1.31 -7.61
C SER CB 48 108.46 -1.44 -6.36
N LEU CB 49 108.09 -0.33 -5.74
CA LEU CB 49 107.08 -0.30 -4.69
C LEU CB 49 105.80 0.30 -5.23
N LEU CB 50 104.67 -0.22 -4.79
CA LEU CB 50 103.40 0.38 -5.16
C LEU CB 50 103.04 1.58 -4.29
N VAL CB 51 103.83 1.86 -3.25
CA VAL CB 51 103.69 3.07 -2.46
C VAL CB 51 104.91 3.94 -2.73
N ARG CB 52 104.67 5.23 -2.89
CA ARG CB 52 105.74 6.15 -3.21
C ARG CB 52 105.52 7.43 -2.44
N PRO CB 53 106.59 8.20 -2.20
CA PRO CB 53 106.51 9.38 -1.33
C PRO CB 53 105.69 10.49 -1.98
N THR CB 54 104.81 11.08 -1.19
CA THR CB 54 103.97 12.18 -1.65
C THR CB 54 103.97 13.29 -0.63
N GLN CB 55 103.98 14.53 -1.10
CA GLN CB 55 103.68 15.65 -0.21
C GLN CB 55 102.54 16.48 -0.79
N GLN CB 56 101.62 16.91 0.09
CA GLN CB 56 100.46 17.66 -0.34
C GLN CB 56 100.37 19.00 0.39
N PHE CB 57 99.78 19.96 -0.31
CA PHE CB 57 99.64 21.34 0.15
C PHE CB 57 98.21 21.82 -0.09
N ASN CB 58 97.57 22.27 0.98
CA ASN CB 58 96.24 22.83 0.96
C ASN CB 58 96.28 24.18 1.65
N CYS CB 59 95.53 25.16 1.13
CA CYS CB 59 95.42 26.39 1.88
C CYS CB 59 94.06 27.02 1.65
N VAL CB 60 93.52 27.63 2.72
CA VAL CB 60 92.17 28.20 2.75
C VAL CB 60 92.18 29.47 3.59
N SER CB 61 91.22 30.34 3.29
CA SER CB 61 91.18 31.68 3.87
C SER CB 61 89.75 32.05 4.19
N SER CB 62 89.57 32.82 5.26
CA SER CB 62 88.23 33.24 5.68
C SER CB 62 88.23 34.67 6.20
N GLN CB 63 87.09 35.34 5.99
CA GLN CB 63 86.89 36.70 6.46
C GLN CB 63 86.48 36.77 7.91
N TYR CB 64 86.35 35.62 8.58
CA TYR CB 64 85.82 35.53 9.94
C TYR CB 64 86.88 34.89 10.84
N PRO CB 65 87.94 35.62 11.18
CA PRO CB 65 89.13 35.00 11.77
C PRO CB 65 88.94 34.60 13.22
N TYR CB 66 87.91 35.11 13.88
CA TYR CB 66 87.65 34.83 15.29
C TYR CB 66 86.66 33.71 15.50
N ARG CB 67 86.34 32.93 14.45
CA ARG CB 67 85.26 31.96 14.56
C ARG CB 67 85.59 30.87 15.57
N ASN CB 68 86.84 30.41 15.62
CA ASN CB 68 87.21 29.33 16.52
C ASN CB 68 87.55 29.81 17.92
N TYR CB 69 87.88 31.08 18.09
CA TYR CB 69 88.35 31.60 19.37
C TYR CB 69 87.18 32.28 20.06
N SER CB 70 86.81 31.76 21.23
CA SER CB 70 85.57 32.17 21.86
C SER CB 70 85.74 33.30 22.86
N LYS CB 71 86.88 33.38 23.55
CA LYS CB 71 87.01 34.29 24.69
C LYS CB 71 87.69 35.60 24.32
N ILE CB 72 87.59 36.02 23.06
CA ILE CB 72 88.10 37.31 22.63
C ILE CB 72 86.92 38.24 22.45
N PRO CB 73 86.82 39.34 23.21
CA PRO CB 73 85.69 40.28 23.07
C PRO CB 73 85.69 40.98 21.72
N ARG CB 74 84.49 41.37 21.29
CA ARG CB 74 84.37 42.10 20.03
C ARG CB 74 85.15 43.40 20.06
N SER CB 75 85.18 44.07 21.21
CA SER CB 75 85.94 45.31 21.35
C SER CB 75 87.43 45.11 21.12
N GLN CB 76 87.90 43.85 21.04
CA GLN CB 76 89.30 43.54 20.78
C GLN CB 76 89.50 42.82 19.46
N GLN CB 77 88.44 42.67 18.65
CA GLN CB 77 88.52 41.99 17.37
C GLN CB 77 88.79 42.99 16.24
N ASP CB 78 89.91 42.84 15.55
CA ASP CB 78 90.29 43.74 14.46
C ASP CB 78 89.37 43.52 13.25
N PRO CB 79 88.54 44.50 12.87
CA PRO CB 79 87.59 44.27 11.79
C PRO CB 79 88.23 44.09 10.43
N LEU CB 80 89.48 44.49 10.28
CA LEU CB 80 90.24 44.30 9.05
C LEU CB 80 91.00 42.99 9.04
N ALA CB 81 90.99 42.25 10.14
CA ALA CB 81 91.77 41.03 10.22
C ALA CB 81 91.12 39.93 9.38
N VAL CB 82 91.98 39.06 8.83
CA VAL CB 82 91.55 37.96 7.99
C VAL CB 82 92.27 36.70 8.47
N ARG CB 83 91.70 35.53 8.18
CA ARG CB 83 92.28 34.27 8.57
C ARG CB 83 92.94 33.63 7.35
N ARG CB 84 94.24 33.36 7.44
CA ARG CB 84 94.97 32.68 6.39
C ARG CB 84 95.48 31.36 6.96
N GLU CB 85 95.21 30.26 6.29
CA GLU CB 85 95.56 28.94 6.78
C GLU CB 85 96.20 28.14 5.68
N PHE CB 86 97.21 27.34 6.03
CA PHE CB 86 97.80 26.38 5.10
C PHE CB 86 98.17 25.11 5.84
N TYR CB 87 98.31 24.03 5.09
CA TYR CB 87 98.43 22.69 5.63
C TYR CB 87 99.24 21.84 4.68
N THR CB 88 100.32 21.25 5.16
CA THR CB 88 101.12 20.35 4.36
C THR CB 88 101.17 19.00 5.05
N ARG CB 89 101.18 17.93 4.25
CA ARG CB 89 101.33 16.57 4.77
C ARG CB 89 102.29 15.81 3.86
N ARG CB 90 103.42 15.41 4.41
CA ARG CB 90 104.40 14.62 3.70
C ARG CB 90 104.36 13.20 4.23
N VAL CB 91 104.18 12.25 3.32
CA VAL CB 91 104.31 10.83 3.63
C VAL CB 91 105.51 10.33 2.84
N GLU CB 92 106.47 9.76 3.56
CA GLU CB 92 107.53 9.01 2.90
C GLU CB 92 107.46 7.55 3.33
N TYR CB 93 108.07 6.69 2.52
CA TYR CB 93 108.03 5.25 2.72
C TYR CB 93 109.47 4.73 2.74
N TRP CB 94 110.01 4.50 3.93
CA TRP CB 94 111.38 4.04 4.06
C TRP CB 94 111.48 2.56 3.69
N ARG CB 95 112.70 2.10 3.47
CA ARG CB 95 112.96 0.72 3.09
C ARG CB 95 114.10 0.21 3.94
N LYS CB 96 113.88 -0.87 4.68
CA LYS CB 96 114.94 -1.51 5.44
C LYS CB 96 115.36 -2.81 4.77
N ALA CB 97 116.68 -2.96 4.58
CA ALA CB 97 117.27 -4.19 4.05
C ALA CB 97 118.76 -4.20 4.38
N ASP CB 98 119.43 -5.32 4.11
CA ASP CB 98 120.88 -5.32 4.23
C ASP CB 98 121.52 -6.02 3.02
N ALA CB 99 122.54 -5.37 2.46
CA ALA CB 99 123.31 -5.97 1.37
C ALA CB 99 124.11 -7.18 1.82
N SER CB 100 124.26 -7.36 3.14
CA SER CB 100 125.02 -8.50 3.66
C SER CB 100 124.31 -9.82 3.41
N ASN CB 101 122.98 -9.81 3.32
CA ASN CB 101 122.19 -11.03 3.28
C ASN CB 101 121.13 -10.93 2.19
N VAL CB 102 121.40 -11.52 1.03
CA VAL CB 102 120.40 -11.55 -0.03
C VAL CB 102 119.19 -12.40 0.37
N ASP CB 103 119.36 -13.27 1.36
CA ASP CB 103 118.31 -14.18 1.79
C ASP CB 103 117.33 -13.55 2.78
N ALA CB 104 117.66 -12.38 3.35
CA ALA CB 104 116.81 -11.80 4.40
C ALA CB 104 115.82 -10.81 3.80
N PRO CB 105 114.59 -10.78 4.31
CA PRO CB 105 113.52 -10.03 3.65
C PRO CB 105 113.70 -8.53 3.80
N GLU CB 106 113.13 -7.79 2.85
CA GLU CB 106 113.08 -6.34 2.90
C GLU CB 106 111.72 -5.89 3.42
N TYR CB 107 111.72 -4.77 4.14
CA TYR CB 107 110.48 -4.24 4.66
C TYR CB 107 110.34 -2.76 4.28
N THR CB 108 109.11 -2.32 4.07
CA THR CB 108 108.84 -0.91 3.83
C THR CB 108 108.14 -0.30 5.05
N LEU CB 109 108.67 0.82 5.52
CA LEU CB 109 108.27 1.44 6.79
C LEU CB 109 107.64 2.80 6.57
N PRO CB 110 106.34 2.97 6.81
CA PRO CB 110 105.70 4.26 6.54
C PRO CB 110 105.92 5.32 7.62
N GLN CB 111 106.09 6.55 7.14
CA GLN CB 111 106.32 7.71 7.98
C GLN CB 111 105.49 8.86 7.43
N SER CB 112 104.86 9.63 8.34
CA SER CB 112 104.06 10.78 7.92
C SER CB 112 104.24 11.94 8.88
N CYS CB 113 104.21 13.15 8.33
CA CYS CB 113 104.36 14.37 9.14
C CYS CB 113 103.52 15.48 8.52
N SER CB 114 102.77 16.19 9.35
CA SER CB 114 101.83 17.19 8.84
C SER CB 114 101.89 18.45 9.69
N ILE CB 115 101.98 19.60 9.02
CA ILE CB 115 102.03 20.91 9.67
C ILE CB 115 100.86 21.74 9.18
N ARG CB 116 100.07 22.25 10.12
CA ARG CB 116 98.97 23.18 9.85
C ARG CB 116 99.24 24.51 10.55
N LEU CB 117 98.95 25.60 9.86
CA LEU CB 117 99.18 26.95 10.36
C LEU CB 117 98.02 27.84 9.97
N ALA CB 118 97.40 28.48 10.96
CA ALA CB 118 96.33 29.44 10.73
C ALA CB 118 96.68 30.71 11.49
N SER CB 119 97.02 31.75 10.74
CA SER CB 119 97.36 33.06 11.30
C SER CB 119 96.22 34.04 11.09
N THR CB 120 96.01 34.91 12.07
CA THR CB 120 95.22 36.11 11.83
C THR CB 120 96.13 37.16 11.23
N VAL CB 121 95.82 37.62 10.02
CA VAL CB 121 96.65 38.55 9.27
C VAL CB 121 95.93 39.87 9.14
N THR CB 122 96.63 40.95 9.49
CA THR CB 122 96.18 42.32 9.33
C THR CB 122 97.25 43.10 8.58
N LYS CB 123 96.99 44.39 8.35
CA LYS CB 123 97.88 45.22 7.55
C LYS CB 123 99.33 45.09 7.99
N GLU CB 124 99.56 45.10 9.30
CA GLU CB 124 100.90 45.15 9.88
C GLU CB 124 101.55 43.77 10.01
N THR CB 125 100.80 42.70 9.78
CA THR CB 125 101.35 41.36 9.87
C THR CB 125 102.24 41.07 8.65
N THR CB 126 103.52 40.79 8.90
CA THR CB 126 104.47 40.51 7.84
C THR CB 126 104.72 39.01 7.70
N ALA CB 127 105.24 38.63 6.52
CA ALA CB 127 105.55 37.24 6.27
C ALA CB 127 106.52 36.69 7.32
N ALA CB 128 107.49 37.51 7.71
CA ALA CB 128 108.38 37.12 8.80
C ALA CB 128 107.61 36.89 10.09
N ASP CB 129 106.68 37.78 10.42
CA ASP CB 129 105.87 37.60 11.63
C ASP CB 129 105.17 36.26 11.62
N ILE CB 130 104.67 35.85 10.46
CA ILE CB 130 103.93 34.59 10.38
C ILE CB 130 104.89 33.42 10.42
N ALA CB 131 106.08 33.54 9.84
CA ALA CB 131 107.07 32.48 9.98
C ALA CB 131 107.46 32.30 11.45
N GLY CB 132 107.44 33.38 12.21
CA GLY CB 132 107.75 33.30 13.62
C GLY CB 132 106.93 32.26 14.36
N ILE CB 133 105.65 32.12 14.00
CA ILE CB 133 104.82 31.20 14.78
C ILE CB 133 105.24 29.75 14.53
N VAL CB 134 105.61 29.42 13.30
CA VAL CB 134 106.13 28.09 13.03
C VAL CB 134 107.46 27.88 13.73
N LEU CB 135 108.33 28.90 13.72
CA LEU CB 135 109.63 28.77 14.37
C LEU CB 135 109.50 28.57 15.87
N ARG CB 136 108.55 29.26 16.50
CA ARG CB 136 108.33 29.10 17.93
C ARG CB 136 107.61 27.80 18.26
N THR CB 137 106.78 27.29 17.35
CA THR CB 137 106.23 25.96 17.57
C THR CB 137 107.32 24.90 17.54
N LEU CB 138 108.28 25.04 16.61
CA LEU CB 138 109.35 24.05 16.48
C LEU CB 138 110.33 24.14 17.64
N ALA CB 139 110.65 25.35 18.11
CA ALA CB 139 111.78 25.55 19.00
C ALA CB 139 111.76 24.68 20.26
N PRO CB 140 110.64 24.47 20.96
CA PRO CB 140 110.69 23.62 22.17
C PRO CB 140 111.14 22.19 21.91
N ILE CB 141 110.78 21.63 20.75
CA ILE CB 141 111.15 20.27 20.39
C ILE CB 141 112.62 20.20 19.94
N PHE CB 142 113.13 21.26 19.31
CA PHE CB 142 114.50 21.28 18.81
C PHE CB 142 115.20 22.46 19.48
N PRO CB 143 115.43 22.40 20.79
CA PRO CB 143 115.98 23.57 21.48
C PRO CB 143 117.40 23.88 21.13
N ASN CB 144 118.13 22.93 20.51
CA ASN CB 144 119.46 23.18 19.98
C ASN CB 144 119.52 22.95 18.48
N GLY CB 145 118.38 23.00 17.81
CA GLY CB 145 118.39 22.91 16.36
C GLY CB 145 118.81 21.51 15.94
N SER CB 146 119.51 21.44 14.81
CA SER CB 146 119.99 20.15 14.37
C SER CB 146 121.06 19.57 15.29
N GLY CB 147 121.46 20.31 16.33
CA GLY CB 147 122.57 19.84 17.16
C GLY CB 147 122.31 18.53 17.88
N ASP CB 148 121.25 18.48 18.68
CA ASP CB 148 120.90 17.26 19.42
C ASP CB 148 119.44 16.95 19.20
N TRP CB 149 119.06 15.72 19.55
CA TRP CB 149 117.71 15.25 19.34
C TRP CB 149 117.04 14.83 20.64
N ILE CB 150 117.41 15.45 21.76
CA ILE CB 150 117.06 14.88 23.05
C ILE CB 150 115.56 15.00 23.29
N LYS CB 151 115.00 16.20 23.06
CA LYS CB 151 113.57 16.38 23.31
C LYS CB 151 112.74 15.62 22.28
N LEU CB 152 113.22 15.56 21.04
CA LEU CB 152 112.51 14.76 20.05
C LEU CB 152 112.47 13.30 20.47
N GLN CB 153 113.61 12.79 20.94
CA GLN CB 153 113.70 11.43 21.44
C GLN CB 153 112.68 11.20 22.53
N GLN CB 154 112.54 12.16 23.46
CA GLN CB 154 111.50 12.04 24.49
C GLN CB 154 110.11 11.92 23.89
N LEU CB 155 109.79 12.83 22.96
CA LEU CB 155 108.47 12.78 22.35
C LEU CB 155 108.20 11.41 21.74
N ILE CB 156 109.21 10.81 21.11
CA ILE CB 156 109.00 9.49 20.50
C ILE CB 156 108.91 8.43 21.58
N ASP CB 157 109.73 8.54 22.64
CA ASP CB 157 109.69 7.63 23.78
C ASP CB 157 108.36 7.68 24.51
N GLY CB 158 107.51 8.65 24.23
CA GLY CB 158 106.21 8.74 24.84
C GLY CB 158 106.13 9.65 26.05
N LEU CB 159 107.04 10.61 26.18
CA LEU CB 159 107.10 11.53 27.31
C LEU CB 159 106.75 12.94 26.84
N PRO CB 160 105.51 13.39 27.06
CA PRO CB 160 105.05 14.63 26.41
C PRO CB 160 105.52 15.92 27.06
N ARG CB 161 106.11 15.89 28.25
CA ARG CB 161 106.38 17.14 28.96
C ARG CB 161 107.73 17.70 28.50
N ILE CB 162 107.69 18.47 27.41
CA ILE CB 162 108.87 19.16 26.91
C ILE CB 162 109.38 20.17 27.94
N PHE CB 163 108.48 20.87 28.60
CA PHE CB 163 108.87 21.92 29.52
C PHE CB 163 109.03 21.43 30.95
N GLY CB 164 108.67 20.18 31.24
CA GLY CB 164 108.81 19.64 32.57
C GLY CB 164 107.54 19.62 33.40
N SER DB 1 122.68 -5.98 10.33
CA SER DB 1 123.25 -5.29 9.18
C SER DB 1 122.17 -4.52 8.45
N TYR DB 2 120.92 -4.67 8.90
CA TYR DB 2 119.81 -3.92 8.33
C TYR DB 2 120.06 -2.43 8.35
N THR DB 3 119.80 -1.77 7.22
CA THR DB 3 119.91 -0.34 7.08
C THR DB 3 118.59 0.22 6.58
N ILE DB 4 118.34 1.45 7.04
CA ILE DB 4 117.14 2.21 6.74
C ILE DB 4 117.48 3.19 5.63
N ASP DB 5 116.85 3.03 4.48
CA ASP DB 5 116.99 3.96 3.36
C ASP DB 5 115.70 4.75 3.25
N ILE DB 6 115.79 6.07 3.45
CA ILE DB 6 114.67 6.92 3.10
C ILE DB 6 114.48 6.84 1.58
N ASN DB 7 113.24 6.72 1.15
CA ASN DB 7 112.96 6.57 -0.26
C ASN DB 7 112.60 7.92 -0.88
N CYS DB 8 113.46 8.91 -0.70
CA CYS DB 8 113.10 10.29 -1.01
C CYS DB 8 114.06 10.87 -2.02
N SER DB 9 113.77 12.10 -2.41
CA SER DB 9 114.70 12.93 -3.18
C SER DB 9 115.28 13.97 -2.23
N THR DB 10 116.60 14.02 -2.13
CA THR DB 10 117.31 14.98 -1.30
C THR DB 10 118.39 15.66 -2.11
N GLY DB 11 118.52 16.98 -1.93
CA GLY DB 11 119.52 17.76 -2.62
C GLY DB 11 120.85 17.78 -1.91
N ASP DB 12 121.80 18.49 -2.51
CA ASP DB 12 123.12 18.68 -1.92
C ASP DB 12 123.22 19.97 -1.11
N THR DB 13 122.30 20.90 -1.32
CA THR DB 13 122.33 22.22 -0.71
C THR DB 13 121.71 22.17 0.70
N GLN DB 14 122.10 23.12 1.56
CA GLN DB 14 121.54 23.15 2.90
C GLN DB 14 121.31 24.59 3.33
N ALA DB 15 120.33 24.79 4.22
CA ALA DB 15 119.97 26.12 4.71
C ALA DB 15 119.74 26.07 6.21
N ASN DB 16 119.91 27.24 6.85
CA ASN DB 16 119.75 27.39 8.28
C ASN DB 16 118.39 28.02 8.58
N LEU DB 17 117.50 27.26 9.21
CA LEU DB 17 116.25 27.78 9.75
C LEU DB 17 116.53 28.16 11.21
N VAL DB 18 116.51 29.45 11.50
CA VAL DB 18 117.05 29.96 12.76
C VAL DB 18 115.94 30.00 13.81
N LEU DB 19 116.03 29.11 14.79
CA LEU DB 19 115.07 29.04 15.87
C LEU DB 19 115.54 29.92 17.02
N THR DB 20 114.63 30.71 17.56
CA THR DB 20 114.90 31.45 18.77
C THR DB 20 114.32 30.69 19.95
N GLU DB 21 115.09 30.59 21.03
CA GLU DB 21 114.76 29.67 22.11
C GLU DB 21 113.47 30.10 22.82
N ILE DB 22 112.79 29.12 23.39
CA ILE DB 22 111.61 29.39 24.20
C ILE DB 22 111.88 28.83 25.59
N PRO DB 23 112.00 29.68 26.62
CA PRO DB 23 112.39 29.20 27.95
C PRO DB 23 111.29 28.44 28.63
N ALA DB 24 111.68 27.44 29.43
CA ALA DB 24 110.68 26.64 30.12
C ALA DB 24 110.22 27.30 31.42
N GLU DB 25 111.08 28.13 32.01
CA GLU DB 25 110.72 28.79 33.27
C GLU DB 25 109.37 29.49 33.24
N PRO DB 26 109.01 30.25 32.20
CA PRO DB 26 107.69 30.90 32.22
C PRO DB 26 106.49 29.96 32.04
N TYR DB 27 106.70 28.68 31.75
CA TYR DB 27 105.56 27.82 31.42
C TYR DB 27 105.02 27.11 32.65
N VAL DB 28 103.69 26.89 32.65
CA VAL DB 28 102.95 26.38 33.80
C VAL DB 28 102.04 25.24 33.37
N HIS DB 29 101.95 24.20 34.20
CA HIS DB 29 101.00 23.11 34.01
C HIS DB 29 99.57 23.63 33.99
N VAL DB 30 98.77 23.10 33.06
CA VAL DB 30 97.35 23.45 32.94
C VAL DB 30 96.47 22.22 33.08
N SER DB 31 96.70 21.20 32.26
CA SER DB 31 95.93 19.97 32.31
C SER DB 31 96.85 18.78 32.08
N GLY DB 32 96.40 17.61 32.55
CA GLY DB 32 97.10 16.35 32.34
C GLY DB 32 98.55 16.35 32.77
N ASP DB 33 98.81 16.54 34.07
CA ASP DB 33 100.17 16.72 34.54
C ASP DB 33 101.02 15.47 34.31
N ASN DB 34 100.48 14.31 34.66
CA ASN DB 34 101.21 13.06 34.52
C ASN DB 34 100.90 12.32 33.22
N LYS DB 35 99.81 12.68 32.54
CA LYS DB 35 99.24 11.84 31.49
C LYS DB 35 99.99 12.03 30.16
N SER DB 36 99.58 11.25 29.16
CA SER DB 36 100.21 11.27 27.84
C SER DB 36 99.91 12.54 27.07
N THR DB 37 99.04 13.40 27.59
CA THR DB 37 98.72 14.69 26.98
C THR DB 37 98.88 15.76 28.04
N ILE DB 38 99.68 16.78 27.73
CA ILE DB 38 99.95 17.88 28.64
C ILE DB 38 99.73 19.18 27.91
N GLU DB 39 99.21 20.18 28.63
CA GLU DB 39 98.97 21.51 28.10
C GLU DB 39 99.66 22.54 28.99
N TYR DB 40 100.53 23.35 28.41
CA TYR DB 40 101.22 24.40 29.16
C TYR DB 40 100.69 25.78 28.81
N LEU DB 41 100.81 26.67 29.79
CA LEU DB 41 100.51 28.09 29.63
C LEU DB 41 101.80 28.88 29.74
N ASP DB 42 101.99 29.83 28.83
CA ASP DB 42 103.09 30.80 28.88
C ASP DB 42 102.62 31.98 29.72
N THR DB 43 103.11 32.07 30.96
CA THR DB 43 102.74 33.20 31.80
C THR DB 43 103.59 34.42 31.57
N GLY DB 44 104.38 34.44 30.50
CA GLY DB 44 105.03 35.67 30.10
C GLY DB 44 104.10 36.44 29.19
N SER DB 45 102.81 36.26 29.40
CA SER DB 45 101.81 36.91 28.56
C SER DB 45 101.05 37.97 29.31
N ASP DB 46 100.28 38.75 28.56
CA ASP DB 46 99.53 39.82 29.18
C ASP DB 46 98.64 39.25 30.25
N ASN DB 47 98.86 39.76 31.47
CA ASN DB 47 98.09 39.35 32.63
C ASN DB 47 96.60 39.48 32.38
N SER DB 48 96.19 40.57 31.74
CA SER DB 48 94.82 41.06 31.80
C SER DB 48 93.92 40.55 30.67
N LEU DB 49 94.43 39.75 29.74
CA LEU DB 49 93.57 39.20 28.70
C LEU DB 49 92.88 37.92 29.16
N LEU DB 50 91.88 37.52 28.39
CA LEU DB 50 91.20 36.26 28.66
C LEU DB 50 91.87 35.10 27.94
N VAL DB 51 92.67 35.40 26.93
CA VAL DB 51 93.41 34.40 26.19
C VAL DB 51 94.89 34.60 26.50
N ARG DB 52 95.60 33.48 26.60
CA ARG DB 52 97.03 33.52 26.82
C ARG DB 52 97.69 32.39 26.06
N PRO DB 53 98.95 32.56 25.64
CA PRO DB 53 99.61 31.58 24.78
C PRO DB 53 99.77 30.25 25.51
N THR DB 54 99.33 29.20 24.83
CA THR DB 54 99.47 27.84 25.32
C THR DB 54 100.21 27.02 24.27
N GLN DB 55 100.85 25.95 24.73
CA GLN DB 55 101.31 24.92 23.82
C GLN DB 55 101.03 23.57 24.46
N GLN DB 56 100.40 22.69 23.71
CA GLN DB 56 100.18 21.35 24.21
C GLN DB 56 101.04 20.37 23.43
N PHE DB 57 101.38 19.28 24.12
CA PHE DB 57 102.07 18.14 23.55
C PHE DB 57 101.32 16.89 23.96
N ASN DB 58 101.15 15.95 23.04
CA ASN DB 58 100.64 14.65 23.44
C ASN DB 58 101.25 13.57 22.56
N CYS DB 59 101.45 12.40 23.17
CA CYS DB 59 102.07 11.26 22.52
C CYS DB 59 101.04 10.14 22.42
N VAL DB 60 101.19 9.32 21.37
CA VAL DB 60 100.32 8.18 21.11
C VAL DB 60 101.18 7.08 20.53
N SER DB 61 100.84 5.84 20.87
CA SER DB 61 101.52 4.67 20.33
C SER DB 61 100.46 3.67 19.89
N SER DB 62 100.75 2.94 18.80
CA SER DB 62 99.87 1.89 18.32
C SER DB 62 100.65 0.64 17.97
N GLN DB 63 100.01 -0.51 18.20
CA GLN DB 63 100.63 -1.80 17.98
C GLN DB 63 100.64 -2.20 16.51
N TYR DB 64 99.68 -1.69 15.73
CA TYR DB 64 99.48 -2.04 14.33
C TYR DB 64 99.87 -0.86 13.44
N PRO DB 65 101.15 -0.71 13.10
CA PRO DB 65 101.59 0.52 12.42
C PRO DB 65 101.18 0.56 10.97
N TYR DB 66 100.76 -0.57 10.40
CA TYR DB 66 100.39 -0.69 9.02
C TYR DB 66 98.88 -0.62 8.81
N ARG DB 67 98.14 -0.12 9.81
CA ARG DB 67 96.68 -0.20 9.74
C ARG DB 67 96.14 0.57 8.56
N ASN DB 68 96.58 1.81 8.40
CA ASN DB 68 96.10 2.66 7.32
C ASN DB 68 96.86 2.46 6.02
N TYR DB 69 97.94 1.68 6.02
CA TYR DB 69 98.74 1.47 4.83
C TYR DB 69 98.41 0.11 4.24
N SER DB 70 97.37 0.07 3.41
CA SER DB 70 96.96 -1.21 2.84
C SER DB 70 97.71 -1.56 1.58
N LYS DB 71 98.24 -0.56 0.85
CA LYS DB 71 98.95 -0.84 -0.40
C LYS DB 71 100.31 -1.50 -0.15
N ILE DB 72 100.65 -1.76 1.10
CA ILE DB 72 101.86 -2.49 1.46
C ILE DB 72 101.48 -3.95 1.70
N PRO DB 73 102.18 -4.90 1.09
CA PRO DB 73 101.87 -6.32 1.33
C PRO DB 73 102.42 -6.79 2.67
N ARG DB 74 101.75 -7.81 3.22
CA ARG DB 74 102.21 -8.37 4.48
C ARG DB 74 103.65 -8.85 4.39
N SER DB 75 104.03 -9.46 3.26
CA SER DB 75 105.39 -9.92 3.05
C SER DB 75 106.43 -8.81 3.15
N GLN DB 76 106.01 -7.54 3.16
CA GLN DB 76 106.92 -6.42 3.34
C GLN DB 76 106.65 -5.62 4.60
N GLN DB 77 105.65 -6.00 5.39
CA GLN DB 77 105.37 -5.35 6.68
C GLN DB 77 106.23 -5.97 7.76
N ASP DB 78 107.04 -5.15 8.42
CA ASP DB 78 107.89 -5.61 9.53
C ASP DB 78 107.06 -5.99 10.74
N PRO DB 79 106.94 -7.27 11.08
CA PRO DB 79 106.05 -7.65 12.20
C PRO DB 79 106.53 -7.18 13.55
N LEU DB 80 107.77 -6.70 13.65
CA LEU DB 80 108.27 -6.09 14.87
C LEU DB 80 108.13 -4.57 14.88
N ALA DB 81 107.51 -3.99 13.86
CA ALA DB 81 107.37 -2.55 13.81
C ALA DB 81 106.28 -2.09 14.75
N VAL DB 82 106.47 -0.91 15.32
CA VAL DB 82 105.53 -0.29 16.25
C VAL DB 82 105.35 1.15 15.83
N ARG DB 83 104.13 1.67 15.95
CA ARG DB 83 103.83 3.04 15.54
C ARG DB 83 103.98 3.99 16.72
N ARG DB 84 104.86 4.99 16.58
CA ARG DB 84 104.98 6.06 17.57
C ARG DB 84 104.58 7.36 16.91
N GLU DB 85 103.69 8.13 17.54
CA GLU DB 85 103.37 9.46 17.05
C GLU DB 85 103.35 10.45 18.21
N PHE DB 86 103.55 11.72 17.86
CA PHE DB 86 103.39 12.83 18.79
C PHE DB 86 102.79 14.01 18.05
N TYR DB 87 102.26 14.95 18.83
CA TYR DB 87 101.50 16.07 18.28
C TYR DB 87 101.67 17.27 19.19
N THR DB 88 102.08 18.40 18.60
CA THR DB 88 102.15 19.64 19.34
C THR DB 88 101.20 20.63 18.68
N ARG DB 89 100.60 21.48 19.51
CA ARG DB 89 99.77 22.58 19.02
C ARG DB 89 100.03 23.81 19.88
N ARG DB 90 100.57 24.85 19.23
CA ARG DB 90 100.89 26.10 19.88
C ARG DB 90 99.87 27.13 19.43
N VAL DB 91 99.22 27.77 20.38
CA VAL DB 91 98.40 28.94 20.12
C VAL DB 91 99.04 30.11 20.84
N GLU DB 92 99.26 31.20 20.11
CA GLU DB 92 99.64 32.45 20.74
C GLU DB 92 98.65 33.52 20.32
N TYR DB 93 98.63 34.61 21.10
CA TYR DB 93 97.65 35.68 20.92
C TYR DB 93 98.42 37.00 20.88
N TRP DB 94 98.63 37.53 19.67
CA TRP DB 94 99.33 38.79 19.49
C TRP DB 94 98.44 39.96 19.85
N ARG DB 95 99.06 41.11 20.07
CA ARG DB 95 98.39 42.35 20.44
C ARG DB 95 98.85 43.45 19.51
N LYS DB 96 97.95 44.03 18.73
CA LYS DB 96 98.31 45.18 17.92
C LYS DB 96 97.80 46.44 18.62
N ALA DB 97 98.69 47.41 18.75
CA ALA DB 97 98.40 48.74 19.29
C ALA DB 97 99.57 49.66 18.97
N ASP DB 98 99.30 50.96 18.93
CA ASP DB 98 100.36 51.95 18.85
C ASP DB 98 100.40 52.80 20.11
N ALA DB 99 101.61 53.00 20.65
CA ALA DB 99 101.77 53.87 21.81
C ALA DB 99 101.51 55.33 21.48
N SER DB 100 101.45 55.67 20.20
CA SER DB 100 101.25 57.06 19.81
C SER DB 100 99.87 57.56 20.21
N ASN DB 101 98.84 56.79 19.89
CA ASN DB 101 97.46 57.19 20.11
C ASN DB 101 96.83 56.19 21.07
N VAL DB 102 96.55 56.65 22.30
CA VAL DB 102 95.91 55.76 23.27
C VAL DB 102 94.40 55.71 23.07
N ASP DB 103 93.82 56.67 22.32
CA ASP DB 103 92.44 56.51 21.87
C ASP DB 103 92.27 55.24 21.05
N ALA DB 104 93.27 54.90 20.24
CA ALA DB 104 93.12 53.81 19.29
C ALA DB 104 92.97 52.48 20.01
N PRO DB 105 92.07 51.61 19.56
CA PRO DB 105 91.80 50.37 20.28
C PRO DB 105 92.91 49.36 20.09
N GLU DB 106 93.10 48.54 21.11
CA GLU DB 106 94.05 47.44 21.04
C GLU DB 106 93.30 46.20 20.55
N TYR DB 107 93.87 45.50 19.57
CA TYR DB 107 93.25 44.30 19.06
C TYR DB 107 94.07 43.07 19.41
N THR DB 108 93.37 41.96 19.57
CA THR DB 108 93.99 40.66 19.86
C THR DB 108 93.92 39.81 18.59
N LEU DB 109 95.07 39.38 18.11
CA LEU DB 109 95.19 38.61 16.88
C LEU DB 109 95.58 37.18 17.21
N PRO DB 110 94.70 36.21 17.08
CA PRO DB 110 95.07 34.82 17.38
C PRO DB 110 95.81 34.13 16.23
N GLN DB 111 96.76 33.28 16.62
CA GLN DB 111 97.59 32.53 15.70
C GLN DB 111 97.78 31.12 16.27
N SER DB 112 97.66 30.09 15.42
CA SER DB 112 97.80 28.72 15.88
C SER DB 112 98.55 27.89 14.87
N CYS DB 113 99.35 26.94 15.36
CA CYS DB 113 100.16 26.09 14.51
C CYS DB 113 100.33 24.72 15.16
N SER DB 114 100.21 23.66 14.37
CA SER DB 114 100.23 22.31 14.89
C SER DB 114 101.05 21.38 14.01
N ILE DB 115 101.82 20.51 14.64
CA ILE DB 115 102.67 19.54 13.96
C ILE DB 115 102.35 18.15 14.51
N ARG DB 116 102.05 17.21 13.60
CA ARG DB 116 101.78 15.82 13.95
C ARG DB 116 102.80 14.95 13.23
N LEU DB 117 103.55 14.16 13.99
CA LEU DB 117 104.56 13.26 13.45
C LEU DB 117 104.22 11.85 13.85
N ALA DB 118 104.13 10.95 12.86
CA ALA DB 118 103.70 9.57 13.09
C ALA DB 118 104.62 8.67 12.29
N SER DB 119 105.51 7.99 13.00
CA SER DB 119 106.53 7.17 12.37
C SER DB 119 106.27 5.70 12.69
N THR DB 120 106.63 4.82 11.76
CA THR DB 120 106.83 3.44 12.16
C THR DB 120 108.26 3.31 12.67
N VAL DB 121 108.45 2.48 13.70
CA VAL DB 121 109.74 2.38 14.37
C VAL DB 121 110.06 0.91 14.55
N THR DB 122 111.27 0.54 14.17
CA THR DB 122 111.89 -0.74 14.45
C THR DB 122 113.22 -0.48 15.15
N LYS DB 123 113.91 -1.55 15.52
CA LYS DB 123 115.12 -1.41 16.31
C LYS DB 123 116.16 -0.54 15.61
N GLU DB 124 116.10 -0.40 14.29
CA GLU DB 124 117.10 0.37 13.55
C GLU DB 124 116.66 1.80 13.25
N THR DB 125 115.42 2.16 13.59
CA THR DB 125 114.99 3.55 13.48
C THR DB 125 115.72 4.40 14.52
N THR DB 126 116.36 5.48 14.09
CA THR DB 126 117.08 6.36 15.00
C THR DB 126 116.35 7.67 15.21
N ALA DB 127 116.75 8.34 16.29
CA ALA DB 127 116.21 9.66 16.60
C ALA DB 127 116.41 10.60 15.43
N ALA DB 128 117.62 10.63 14.87
CA ALA DB 128 117.91 11.54 13.76
C ALA DB 128 117.18 11.13 12.49
N ASP DB 129 116.95 9.84 12.27
CA ASP DB 129 116.12 9.42 11.14
C ASP DB 129 114.73 10.03 11.26
N ILE DB 130 114.15 9.98 12.46
CA ILE DB 130 112.81 10.53 12.60
C ILE DB 130 112.83 12.05 12.52
N ALA DB 131 113.89 12.68 13.03
CA ALA DB 131 114.02 14.14 12.87
C ALA DB 131 114.06 14.53 11.40
N GLY DB 132 114.58 13.63 10.55
CA GLY DB 132 114.74 13.96 9.15
C GLY DB 132 113.42 14.22 8.45
N ILE DB 133 112.37 13.49 8.84
CA ILE DB 133 111.10 13.67 8.13
C ILE DB 133 110.48 15.02 8.46
N VAL DB 134 110.66 15.51 9.69
CA VAL DB 134 110.18 16.86 10.00
C VAL DB 134 110.94 17.90 9.18
N LEU DB 135 112.26 17.74 9.08
CA LEU DB 135 113.06 18.68 8.31
C LEU DB 135 112.74 18.63 6.83
N ARG DB 136 112.36 17.45 6.32
CA ARG DB 136 111.99 17.35 4.90
C ARG DB 136 110.58 17.86 4.64
N THR DB 137 109.68 17.74 5.61
CA THR DB 137 108.39 18.41 5.48
C THR DB 137 108.56 19.92 5.48
N LEU DB 138 109.45 20.45 6.33
CA LEU DB 138 109.67 21.89 6.37
C LEU DB 138 110.39 22.39 5.12
N ALA DB 139 111.30 21.59 4.57
CA ALA DB 139 112.21 22.05 3.53
C ALA DB 139 111.55 22.73 2.34
N PRO DB 140 110.45 22.24 1.77
CA PRO DB 140 109.89 22.92 0.58
C PRO DB 140 109.23 24.24 0.89
N ILE DB 141 108.73 24.44 2.13
CA ILE DB 141 108.13 25.72 2.50
C ILE DB 141 109.21 26.76 2.80
N PHE DB 142 110.33 26.34 3.39
CA PHE DB 142 111.42 27.24 3.79
C PHE DB 142 112.69 26.83 3.07
N PRO DB 143 112.70 26.92 1.73
CA PRO DB 143 113.81 26.32 0.98
C PRO DB 143 115.14 27.03 1.19
N ASN DB 144 115.12 28.28 1.64
CA ASN DB 144 116.33 28.97 2.07
C ASN DB 144 116.34 29.18 3.58
N GLY DB 145 115.57 28.38 4.31
CA GLY DB 145 115.56 28.51 5.75
C GLY DB 145 115.10 29.89 6.14
N SER DB 146 115.71 30.45 7.18
CA SER DB 146 115.33 31.77 7.65
C SER DB 146 115.71 32.89 6.68
N GLY DB 147 116.27 32.56 5.51
CA GLY DB 147 116.76 33.62 4.62
C GLY DB 147 115.65 34.43 3.96
N ASP DB 148 114.79 33.78 3.19
CA ASP DB 148 113.68 34.46 2.55
C ASP DB 148 112.39 33.72 2.85
N TRP DB 149 111.28 34.43 2.73
CA TRP DB 149 109.97 33.86 3.05
C TRP DB 149 109.10 33.74 1.81
N ILE DB 150 109.70 33.47 0.65
CA ILE DB 150 108.97 33.61 -0.60
C ILE DB 150 107.88 32.55 -0.71
N LYS DB 151 108.26 31.29 -0.47
CA LYS DB 151 107.27 30.22 -0.58
C LYS DB 151 106.25 30.29 0.54
N LEU DB 152 106.68 30.68 1.74
CA LEU DB 152 105.71 30.89 2.81
C LEU DB 152 104.68 31.93 2.40
N GLN DB 153 105.14 33.08 1.92
CA GLN DB 153 104.23 34.16 1.55
C GLN DB 153 103.25 33.69 0.49
N GLN DB 154 103.74 32.95 -0.51
CA GLN DB 154 102.82 32.47 -1.52
C GLN DB 154 101.84 31.42 -0.97
N LEU DB 155 102.19 30.75 0.14
CA LEU DB 155 101.19 29.92 0.80
C LEU DB 155 100.13 30.76 1.51
N ILE DB 156 100.54 31.89 2.08
CA ILE DB 156 99.57 32.79 2.70
C ILE DB 156 98.66 33.42 1.65
N ASP DB 157 99.16 33.57 0.42
CA ASP DB 157 98.39 34.18 -0.65
C ASP DB 157 97.36 33.24 -1.25
N GLY DB 158 97.40 31.96 -0.89
CA GLY DB 158 96.46 30.98 -1.42
C GLY DB 158 96.91 30.35 -2.73
N LEU DB 159 98.22 30.06 -2.84
CA LEU DB 159 98.81 29.52 -4.05
C LEU DB 159 99.45 28.18 -3.69
N PRO DB 160 98.64 27.12 -3.60
CA PRO DB 160 99.11 25.84 -3.03
C PRO DB 160 100.19 25.16 -3.84
N ARG DB 161 100.32 25.46 -5.14
CA ARG DB 161 101.25 24.76 -6.01
C ARG DB 161 102.67 25.22 -5.72
N ILE DB 162 103.42 24.42 -4.96
CA ILE DB 162 104.75 24.81 -4.50
C ILE DB 162 105.83 24.27 -5.40
N PHE DB 163 105.70 23.02 -5.84
CA PHE DB 163 106.60 22.46 -6.83
C PHE DB 163 106.11 22.68 -8.25
N GLY DB 164 104.96 23.35 -8.43
CA GLY DB 164 104.42 23.61 -9.75
C GLY DB 164 103.07 22.98 -10.06
N SER EB 1 124.77 -5.78 -7.29
CA SER EB 1 125.52 -6.72 -8.10
C SER EB 1 124.63 -7.36 -9.16
N TYR EB 2 123.35 -7.51 -8.83
CA TYR EB 2 122.36 -8.09 -9.74
C TYR EB 2 122.32 -7.34 -11.07
N THR EB 3 122.38 -8.08 -12.17
CA THR EB 3 122.16 -7.52 -13.49
C THR EB 3 120.97 -8.20 -14.15
N ILE EB 4 120.33 -7.45 -15.04
CA ILE EB 4 119.20 -7.94 -15.82
C ILE EB 4 119.68 -8.21 -17.22
N ASP EB 5 119.50 -9.43 -17.69
CA ASP EB 5 119.82 -9.82 -19.05
C ASP EB 5 118.53 -10.07 -19.79
N ILE EB 6 118.32 -9.33 -20.88
CA ILE EB 6 117.25 -9.69 -21.79
C ILE EB 6 117.59 -11.04 -22.41
N ASN EB 7 116.64 -11.95 -22.40
CA ASN EB 7 116.91 -13.28 -22.94
C ASN EB 7 116.48 -13.33 -24.41
N CYS EB 8 117.02 -12.41 -25.21
CA CYS EB 8 116.55 -12.24 -26.58
C CYS EB 8 117.72 -12.34 -27.55
N SER EB 9 117.36 -12.35 -28.84
CA SER EB 9 118.33 -12.24 -29.93
C SER EB 9 118.29 -10.82 -30.47
N THR EB 10 119.45 -10.16 -30.48
CA THR EB 10 119.61 -8.82 -31.02
C THR EB 10 120.78 -8.78 -31.97
N GLY EB 11 120.73 -7.80 -32.87
CA GLY EB 11 121.72 -7.66 -33.91
C GLY EB 11 122.70 -6.53 -33.63
N ASP EB 12 123.56 -6.30 -34.63
CA ASP EB 12 124.53 -5.23 -34.57
C ASP EB 12 124.03 -3.94 -35.22
N THR EB 13 123.12 -4.06 -36.17
CA THR EB 13 122.71 -2.92 -36.97
C THR EB 13 121.67 -2.10 -36.23
N GLN EB 14 121.60 -0.82 -36.56
CA GLN EB 14 120.61 0.07 -35.97
C GLN EB 14 120.02 0.96 -37.05
N ALA EB 15 118.81 1.44 -36.79
CA ALA EB 15 118.06 2.24 -37.76
C ALA EB 15 117.24 3.30 -37.04
N ASN EB 16 117.05 4.43 -37.71
CA ASN EB 16 116.28 5.54 -37.16
C ASN EB 16 114.81 5.42 -37.57
N LEU EB 17 113.93 5.20 -36.60
CA LEU EB 17 112.50 5.39 -36.79
C LEU EB 17 112.19 6.83 -36.37
N VAL EB 18 111.89 7.69 -37.32
CA VAL EB 18 111.91 9.12 -37.06
C VAL EB 18 110.50 9.60 -36.76
N LEU EB 19 110.35 10.09 -35.53
CA LEU EB 19 109.08 10.56 -34.99
C LEU EB 19 108.96 12.06 -35.18
N THR EB 20 107.77 12.48 -35.60
CA THR EB 20 107.42 13.89 -35.67
C THR EB 20 106.60 14.23 -34.43
N GLU EB 21 106.93 15.36 -33.80
CA GLU EB 21 106.40 15.65 -32.47
C GLU EB 21 104.91 15.92 -32.50
N ILE EB 22 104.25 15.59 -31.39
CA ILE EB 22 102.82 15.82 -31.22
C ILE EB 22 102.67 16.89 -30.14
N PRO EB 23 102.30 18.13 -30.50
CA PRO EB 23 102.25 19.21 -29.50
C PRO EB 23 101.20 18.93 -28.45
N ALA EB 24 101.56 19.18 -27.18
CA ALA EB 24 100.61 18.92 -26.11
C ALA EB 24 99.55 20.01 -26.03
N GLU EB 25 99.95 21.25 -26.31
CA GLU EB 25 99.09 22.44 -26.21
C GLU EB 25 97.66 22.23 -26.73
N PRO EB 26 97.42 21.57 -27.87
CA PRO EB 26 96.04 21.45 -28.37
C PRO EB 26 95.17 20.40 -27.70
N TYR EB 27 95.72 19.46 -26.92
CA TYR EB 27 94.89 18.36 -26.41
C TYR EB 27 94.09 18.79 -25.19
N VAL EB 28 92.91 18.18 -25.01
CA VAL EB 28 91.98 18.57 -23.94
C VAL EB 28 91.34 17.31 -23.34
N HIS EB 29 91.30 17.24 -22.01
CA HIS EB 29 90.64 16.15 -21.31
C HIS EB 29 89.17 16.05 -21.70
N VAL EB 30 88.71 14.83 -21.96
CA VAL EB 30 87.33 14.62 -22.39
C VAL EB 30 86.60 13.62 -21.48
N SER EB 31 87.33 12.67 -20.92
CA SER EB 31 86.67 11.67 -20.09
C SER EB 31 87.72 10.87 -19.32
N GLY EB 32 87.28 10.31 -18.20
CA GLY EB 32 88.10 9.53 -17.30
C GLY EB 32 88.39 10.28 -16.01
N ASP EB 33 89.25 9.67 -15.20
CA ASP EB 33 89.76 10.28 -13.98
C ASP EB 33 91.26 10.52 -14.13
N ASN EB 34 91.74 11.64 -13.58
CA ASN EB 34 93.17 11.95 -13.66
C ASN EB 34 94.04 10.97 -12.89
N LYS EB 35 93.44 9.97 -12.24
CA LYS EB 35 94.18 8.95 -11.50
C LYS EB 35 94.52 7.73 -12.35
N SER EB 36 93.50 7.11 -12.96
CA SER EB 36 93.69 5.86 -13.70
C SER EB 36 93.70 6.05 -15.21
N THR EB 37 92.65 6.61 -15.79
CA THR EB 37 92.45 6.62 -17.23
C THR EB 37 92.03 8.02 -17.70
N ILE EB 38 92.65 8.48 -18.79
CA ILE EB 38 92.42 9.83 -19.31
C ILE EB 38 92.33 9.79 -20.83
N GLU EB 39 91.38 10.54 -21.40
CA GLU EB 39 91.20 10.58 -22.85
C GLU EB 39 91.32 12.02 -23.33
N TYR EB 40 92.36 12.32 -24.10
CA TYR EB 40 92.55 13.65 -24.66
C TYR EB 40 91.96 13.76 -26.05
N LEU EB 41 91.49 14.96 -26.38
CA LEU EB 41 90.96 15.31 -27.69
C LEU EB 41 91.84 16.36 -28.33
N ASP EB 42 92.29 16.10 -29.55
CA ASP EB 42 93.05 17.05 -30.36
C ASP EB 42 92.08 18.10 -30.89
N THR EB 43 92.07 19.28 -30.24
CA THR EB 43 91.30 20.40 -30.75
C THR EB 43 91.87 20.97 -32.05
N GLY EB 44 92.97 20.42 -32.56
CA GLY EB 44 93.52 20.87 -33.82
C GLY EB 44 92.86 20.21 -35.02
N SER EB 45 91.60 19.81 -34.85
CA SER EB 45 90.88 19.09 -35.87
C SER EB 45 89.69 19.90 -36.35
N ASP EB 46 88.94 19.32 -37.27
CA ASP EB 46 87.78 19.99 -37.85
C ASP EB 46 86.69 20.17 -36.82
N ASN EB 47 86.04 21.34 -36.81
CA ASN EB 47 84.88 21.56 -35.96
C ASN EB 47 83.70 20.70 -36.40
N SER EB 48 83.51 20.58 -37.72
CA SER EB 48 82.21 20.23 -38.32
C SER EB 48 81.96 18.73 -38.40
N LEU EB 49 82.79 17.93 -37.73
CA LEU EB 49 82.62 16.48 -37.69
C LEU EB 49 82.22 16.05 -36.30
N LEU EB 50 81.36 15.03 -36.23
CA LEU EB 50 81.05 14.44 -34.93
C LEU EB 50 82.21 13.62 -34.39
N VAL EB 51 83.19 13.29 -35.23
CA VAL EB 51 84.38 12.55 -34.82
C VAL EB 51 85.57 13.50 -34.89
N ARG EB 52 86.43 13.40 -33.88
CA ARG EB 52 87.66 14.18 -33.84
C ARG EB 52 88.74 13.34 -33.20
N PRO EB 53 90.00 13.58 -33.57
CA PRO EB 53 91.09 12.72 -33.12
C PRO EB 53 91.31 12.80 -31.62
N THR EB 54 91.52 11.62 -31.03
CA THR EB 54 91.58 11.47 -29.59
C THR EB 54 92.62 10.41 -29.26
N GLN EB 55 93.48 10.71 -28.29
CA GLN EB 55 94.42 9.72 -27.80
C GLN EB 55 94.21 9.50 -26.32
N GLN EB 56 94.15 8.24 -25.91
CA GLN EB 56 93.83 7.86 -24.56
C GLN EB 56 95.04 7.20 -23.91
N PHE EB 57 95.21 7.44 -22.61
CA PHE EB 57 96.24 6.83 -21.79
C PHE EB 57 95.62 6.21 -20.55
N ASN EB 58 96.21 5.08 -20.13
CA ASN EB 58 95.56 4.24 -19.12
C ASN EB 58 96.62 3.41 -18.43
N CYS EB 59 96.84 3.62 -17.12
CA CYS EB 59 97.85 2.90 -16.36
C CYS EB 59 97.22 2.03 -15.28
N VAL EB 60 97.86 0.89 -14.98
CA VAL EB 60 97.47 -0.01 -13.90
C VAL EB 60 98.72 -0.67 -13.33
N SER EB 61 98.56 -1.27 -12.15
CA SER EB 61 99.68 -1.88 -11.44
C SER EB 61 99.16 -2.95 -10.50
N SER EB 62 99.99 -3.95 -10.25
CA SER EB 62 99.57 -5.11 -9.46
C SER EB 62 100.74 -5.66 -8.65
N GLN EB 63 100.40 -6.18 -7.47
CA GLN EB 63 101.35 -6.79 -6.56
C GLN EB 63 101.61 -8.26 -6.88
N TYR EB 64 100.98 -8.78 -7.93
CA TYR EB 64 101.05 -10.21 -8.28
C TYR EB 64 101.54 -10.34 -9.71
N PRO EB 65 102.82 -10.06 -9.94
CA PRO EB 65 103.30 -9.93 -11.33
C PRO EB 65 103.32 -11.23 -12.09
N TYR EB 66 103.27 -12.37 -11.40
CA TYR EB 66 103.36 -13.68 -12.03
C TYR EB 66 101.99 -14.34 -12.17
N ARG EB 67 100.91 -13.55 -12.12
CA ARG EB 67 99.57 -14.15 -12.05
C ARG EB 67 99.25 -14.97 -13.29
N ASN EB 68 99.58 -14.45 -14.47
CA ASN EB 68 99.27 -15.15 -15.70
C ASN EB 68 100.42 -16.00 -16.22
N TYR EB 69 101.62 -15.84 -15.66
CA TYR EB 69 102.80 -16.58 -16.11
C TYR EB 69 102.98 -17.82 -15.24
N SER EB 70 102.11 -18.81 -15.49
CA SER EB 70 102.03 -19.99 -14.64
C SER EB 70 103.29 -20.85 -14.75
N LYS EB 71 103.99 -20.80 -15.88
CA LYS EB 71 105.10 -21.71 -16.16
C LYS EB 71 106.43 -21.23 -15.59
N ILE EB 72 106.43 -20.23 -14.72
CA ILE EB 72 107.62 -19.84 -13.98
C ILE EB 72 107.50 -20.40 -12.56
N PRO EB 73 108.45 -21.19 -12.10
CA PRO EB 73 108.37 -21.73 -10.73
C PRO EB 73 108.60 -20.65 -9.68
N ARG EB 74 108.09 -20.92 -8.48
CA ARG EB 74 108.27 -19.97 -7.38
C ARG EB 74 109.74 -19.78 -7.03
N SER EB 75 110.56 -20.82 -7.22
CA SER EB 75 112.00 -20.69 -7.02
C SER EB 75 112.64 -19.66 -7.94
N GLN EB 76 111.94 -19.23 -8.99
CA GLN EB 76 112.48 -18.25 -9.93
C GLN EB 76 111.62 -16.98 -10.01
N GLN EB 77 110.65 -16.83 -9.11
CA GLN EB 77 109.81 -15.63 -9.05
C GLN EB 77 110.39 -14.63 -8.06
N ASP EB 78 110.76 -13.45 -8.54
CA ASP EB 78 111.33 -12.40 -7.68
C ASP EB 78 110.26 -11.81 -6.79
N PRO EB 79 110.31 -12.03 -5.46
CA PRO EB 79 109.20 -11.59 -4.60
C PRO EB 79 109.14 -10.08 -4.44
N LEU EB 80 110.25 -9.38 -4.65
CA LEU EB 80 110.22 -7.92 -4.62
C LEU EB 80 109.52 -7.35 -5.83
N ALA EB 81 109.54 -8.07 -6.95
CA ALA EB 81 109.10 -7.54 -8.23
C ALA EB 81 107.59 -7.33 -8.26
N VAL EB 82 107.18 -6.35 -9.09
CA VAL EB 82 105.82 -5.80 -9.10
C VAL EB 82 105.46 -5.49 -10.54
N ARG EB 83 104.18 -5.67 -10.90
CA ARG EB 83 103.73 -5.47 -12.28
C ARG EB 83 103.27 -4.03 -12.53
N ARG EB 84 103.85 -3.40 -13.55
CA ARG EB 84 103.44 -2.08 -14.02
C ARG EB 84 102.93 -2.22 -15.46
N GLU EB 85 101.88 -1.48 -15.81
CA GLU EB 85 101.32 -1.60 -17.15
C GLU EB 85 100.71 -0.28 -17.58
N PHE EB 86 100.84 0.04 -18.88
CA PHE EB 86 100.17 1.18 -19.48
C PHE EB 86 99.63 0.80 -20.85
N TYR EB 87 98.69 1.62 -21.32
CA TYR EB 87 97.95 1.39 -22.55
C TYR EB 87 97.64 2.74 -23.18
N THR EB 88 98.02 2.89 -24.44
CA THR EB 88 97.65 4.07 -25.20
C THR EB 88 96.86 3.64 -26.40
N ARG EB 89 95.85 4.45 -26.76
CA ARG EB 89 95.05 4.20 -27.97
C ARG EB 89 94.79 5.52 -28.66
N ARG EB 90 95.37 5.69 -29.84
CA ARG EB 90 95.16 6.87 -30.67
C ARG EB 90 94.18 6.54 -31.77
N VAL EB 91 93.13 7.34 -31.88
CA VAL EB 91 92.18 7.27 -32.97
C VAL EB 91 92.29 8.60 -33.71
N GLU EB 92 92.62 8.54 -34.99
CA GLU EB 92 92.55 9.74 -35.82
C GLU EB 92 91.63 9.47 -36.99
N TYR EB 93 90.91 10.51 -37.41
CA TYR EB 93 89.93 10.42 -38.48
C TYR EB 93 90.43 11.26 -39.66
N TRP EB 94 90.87 10.60 -40.72
CA TRP EB 94 91.40 11.29 -41.88
C TRP EB 94 90.28 11.83 -42.75
N ARG EB 95 90.65 12.74 -43.65
CA ARG EB 95 89.73 13.52 -44.45
C ARG EB 95 90.21 13.39 -45.89
N LYS EB 96 89.46 12.70 -46.75
CA LYS EB 96 89.86 12.58 -48.14
C LYS EB 96 88.96 13.44 -49.02
N ALA EB 97 89.60 14.17 -49.94
CA ALA EB 97 88.91 15.02 -50.91
C ALA EB 97 89.95 15.59 -51.86
N ASP EB 98 89.48 16.01 -53.04
CA ASP EB 98 90.31 16.73 -53.99
C ASP EB 98 89.82 18.16 -54.10
N ALA EB 99 90.77 19.11 -54.08
CA ALA EB 99 90.41 20.51 -54.24
C ALA EB 99 90.07 20.85 -55.66
N SER EB 100 90.48 20.02 -56.62
CA SER EB 100 90.15 20.25 -58.01
C SER EB 100 88.64 20.16 -58.26
N ASN EB 101 87.99 19.20 -57.62
CA ASN EB 101 86.57 18.91 -57.85
C ASN EB 101 85.83 19.06 -56.52
N VAL EB 102 85.16 20.20 -56.31
CA VAL EB 102 84.39 20.40 -55.09
C VAL EB 102 83.05 19.69 -55.16
N ASP EB 103 82.62 19.27 -56.36
CA ASP EB 103 81.43 18.42 -56.46
C ASP EB 103 81.70 17.04 -55.88
N ALA EB 104 82.95 16.57 -55.99
CA ALA EB 104 83.25 15.21 -55.53
C ALA EB 104 83.16 15.13 -54.02
N PRO EB 105 82.55 14.08 -53.48
CA PRO EB 105 82.24 14.06 -52.04
C PRO EB 105 83.48 13.85 -51.19
N GLU EB 106 83.42 14.38 -49.98
CA GLU EB 106 84.50 14.23 -49.00
C GLU EB 106 84.18 13.07 -48.09
N TYR EB 107 85.21 12.30 -47.73
CA TYR EB 107 85.01 11.11 -46.90
C TYR EB 107 85.87 11.18 -45.65
N THR EB 108 85.38 10.52 -44.60
CA THR EB 108 86.09 10.37 -43.34
C THR EB 108 86.65 8.94 -43.26
N LEU EB 109 87.94 8.82 -43.03
CA LEU EB 109 88.64 7.54 -43.02
C LEU EB 109 89.18 7.27 -41.61
N PRO EB 110 88.52 6.44 -40.81
CA PRO EB 110 89.02 6.20 -39.45
C PRO EB 110 90.23 5.27 -39.41
N GLN EB 111 91.15 5.61 -38.51
CA GLN EB 111 92.40 4.90 -38.30
C GLN EB 111 92.61 4.86 -36.79
N SER EB 112 93.11 3.72 -36.28
CA SER EB 112 93.29 3.56 -34.84
C SER EB 112 94.45 2.63 -34.55
N CYS EB 113 95.18 2.94 -33.49
CA CYS EB 113 96.40 2.21 -33.15
C CYS EB 113 96.58 2.21 -31.64
N SER EB 114 96.92 1.06 -31.08
CA SER EB 114 97.02 0.93 -29.63
C SER EB 114 98.27 0.15 -29.24
N ILE EB 115 98.90 0.60 -28.15
CA ILE EB 115 100.09 -0.03 -27.59
C ILE EB 115 99.82 -0.37 -26.13
N ARG EB 116 100.09 -1.62 -25.77
CA ARG EB 116 99.95 -2.07 -24.38
C ARG EB 116 101.29 -2.62 -23.92
N LEU EB 117 101.85 -1.99 -22.89
CA LEU EB 117 103.11 -2.43 -22.30
C LEU EB 117 102.88 -2.88 -20.87
N ALA EB 118 103.25 -4.11 -20.56
CA ALA EB 118 103.15 -4.66 -19.21
C ALA EB 118 104.52 -5.23 -18.86
N SER EB 119 105.19 -4.61 -17.91
CA SER EB 119 106.51 -5.04 -17.45
C SER EB 119 106.42 -5.56 -16.02
N THR EB 120 107.27 -6.52 -15.67
CA THR EB 120 107.52 -6.76 -14.26
C THR EB 120 108.77 -5.95 -13.89
N VAL EB 121 108.60 -4.99 -13.00
CA VAL EB 121 109.68 -4.12 -12.55
C VAL EB 121 110.24 -4.68 -11.26
N THR EB 122 111.56 -4.62 -11.11
CA THR EB 122 112.24 -4.87 -9.86
C THR EB 122 113.20 -3.71 -9.61
N LYS EB 123 113.94 -3.77 -8.50
CA LYS EB 123 114.81 -2.67 -8.10
C LYS EB 123 115.75 -2.27 -9.22
N GLU EB 124 116.25 -3.25 -10.00
CA GLU EB 124 117.25 -3.01 -11.01
C GLU EB 124 116.66 -2.71 -12.39
N THR EB 125 115.35 -2.90 -12.56
CA THR EB 125 114.70 -2.56 -13.83
C THR EB 125 114.76 -1.06 -14.05
N THR EB 126 115.27 -0.66 -15.20
CA THR EB 126 115.47 0.76 -15.50
C THR EB 126 114.51 1.25 -16.58
N ALA EB 127 114.45 2.58 -16.67
CA ALA EB 127 113.71 3.24 -17.75
C ALA EB 127 114.10 2.66 -19.10
N ALA EB 128 115.41 2.68 -19.38
CA ALA EB 128 115.89 2.21 -20.68
C ALA EB 128 115.57 0.74 -20.91
N ASP EB 129 115.68 -0.09 -19.87
CA ASP EB 129 115.31 -1.49 -20.00
C ASP EB 129 113.86 -1.63 -20.44
N ILE EB 130 112.96 -0.83 -19.86
CA ILE EB 130 111.57 -0.98 -20.24
C ILE EB 130 111.31 -0.41 -21.63
N ALA EB 131 112.03 0.65 -22.02
CA ALA EB 131 111.95 1.12 -23.40
C ALA EB 131 112.40 0.07 -24.40
N GLY EB 132 113.39 -0.74 -24.00
CA GLY EB 132 113.94 -1.73 -24.90
C GLY EB 132 112.90 -2.70 -25.44
N ILE EB 133 111.91 -3.06 -24.62
CA ILE EB 133 110.95 -4.05 -25.09
C ILE EB 133 110.04 -3.45 -26.15
N VAL EB 134 109.66 -2.18 -26.00
CA VAL EB 134 108.91 -1.51 -27.05
C VAL EB 134 109.74 -1.44 -28.33
N LEU EB 135 111.02 -1.10 -28.20
CA LEU EB 135 111.86 -0.98 -29.39
C LEU EB 135 112.03 -2.32 -30.10
N ARG EB 136 112.21 -3.41 -29.34
CA ARG EB 136 112.35 -4.73 -29.92
C ARG EB 136 111.03 -5.28 -30.45
N THR EB 137 109.90 -4.79 -29.93
CA THR EB 137 108.61 -5.13 -30.53
C THR EB 137 108.43 -4.44 -31.87
N LEU EB 138 108.95 -3.22 -32.00
CA LEU EB 138 108.82 -2.48 -33.26
C LEU EB 138 109.78 -3.00 -34.33
N ALA EB 139 111.01 -3.33 -33.95
CA ALA EB 139 112.04 -3.64 -34.94
C ALA EB 139 111.67 -4.70 -35.97
N PRO EB 140 110.89 -5.74 -35.66
CA PRO EB 140 110.49 -6.67 -36.73
C PRO EB 140 109.62 -6.01 -37.79
N ILE EB 141 108.77 -5.06 -37.40
CA ILE EB 141 107.91 -4.37 -38.35
C ILE EB 141 108.67 -3.26 -39.10
N PHE EB 142 109.66 -2.64 -38.48
CA PHE EB 142 110.41 -1.54 -39.07
C PHE EB 142 111.90 -1.91 -39.11
N PRO EB 143 112.27 -2.88 -39.94
CA PRO EB 143 113.67 -3.34 -39.92
C PRO EB 143 114.66 -2.27 -40.34
N ASN EB 144 114.21 -1.25 -41.10
CA ASN EB 144 115.07 -0.14 -41.49
C ASN EB 144 114.53 1.18 -40.95
N GLY EB 145 113.62 1.12 -39.98
CA GLY EB 145 113.10 2.34 -39.39
C GLY EB 145 112.28 3.08 -40.41
N SER EB 146 112.47 4.39 -40.51
CA SER EB 146 111.74 5.15 -41.51
C SER EB 146 112.24 4.91 -42.93
N GLY EB 147 113.34 4.17 -43.12
CA GLY EB 147 113.96 4.07 -44.43
C GLY EB 147 113.07 3.47 -45.51
N ASP EB 148 112.29 2.44 -45.15
CA ASP EB 148 111.32 1.81 -46.05
C ASP EB 148 110.15 1.35 -45.20
N TRP EB 149 109.08 0.92 -45.87
CA TRP EB 149 107.89 0.47 -45.16
C TRP EB 149 107.51 -0.96 -45.56
N ILE EB 150 108.49 -1.78 -45.97
CA ILE EB 150 108.16 -2.99 -46.71
C ILE EB 150 107.44 -3.99 -45.81
N LYS EB 151 107.97 -4.22 -44.61
CA LYS EB 151 107.35 -5.20 -43.74
C LYS EB 151 106.00 -4.72 -43.24
N LEU EB 152 105.87 -3.41 -42.98
CA LEU EB 152 104.57 -2.87 -42.61
C LEU EB 152 103.56 -3.09 -43.73
N GLN EB 153 103.98 -2.86 -44.98
CA GLN EB 153 103.11 -3.09 -46.13
C GLN EB 153 102.67 -4.54 -46.18
N GLN EB 154 103.59 -5.48 -45.90
CA GLN EB 154 103.19 -6.89 -45.85
C GLN EB 154 102.12 -7.13 -44.79
N LEU EB 155 102.30 -6.52 -43.61
CA LEU EB 155 101.30 -6.67 -42.55
C LEU EB 155 99.94 -6.18 -43.01
N ILE EB 156 99.91 -5.04 -43.67
CA ILE EB 156 98.63 -4.51 -44.15
C ILE EB 156 98.06 -5.43 -45.24
N ASP EB 157 98.91 -5.87 -46.16
CA ASP EB 157 98.49 -6.80 -47.23
C ASP EB 157 97.97 -8.11 -46.66
N GLY EB 158 98.28 -8.42 -45.41
CA GLY EB 158 97.75 -9.59 -44.75
C GLY EB 158 98.70 -10.76 -44.66
N LEU EB 159 100.00 -10.52 -44.69
CA LEU EB 159 101.03 -11.55 -44.79
C LEU EB 159 101.78 -11.67 -43.48
N PRO EB 160 101.29 -12.45 -42.51
CA PRO EB 160 101.80 -12.38 -41.14
C PRO EB 160 103.17 -12.99 -40.95
N ARG EB 161 103.67 -13.78 -41.90
CA ARG EB 161 104.98 -14.41 -41.79
C ARG EB 161 106.07 -13.36 -42.02
N ILE EB 162 106.46 -12.71 -40.92
CA ILE EB 162 107.44 -11.63 -40.99
C ILE EB 162 108.87 -12.16 -40.84
N PHE EB 163 109.06 -13.21 -40.05
CA PHE EB 163 110.36 -13.84 -39.91
C PHE EB 163 110.54 -14.98 -40.90
N GLY EB 164 109.68 -15.05 -41.91
CA GLY EB 164 109.73 -16.14 -42.86
C GLY EB 164 108.78 -17.26 -42.49
N SER FB 1 120.65 -79.81 -83.77
CA SER FB 1 119.24 -79.93 -84.12
C SER FB 1 118.57 -80.94 -83.19
N TYR FB 2 117.43 -80.53 -82.63
CA TYR FB 2 116.80 -81.27 -81.54
C TYR FB 2 116.45 -82.70 -81.96
N THR FB 3 116.70 -83.65 -81.06
CA THR FB 3 116.24 -85.02 -81.19
C THR FB 3 115.41 -85.41 -79.98
N ILE FB 4 114.51 -86.37 -80.19
CA ILE FB 4 113.59 -86.85 -79.17
C ILE FB 4 114.05 -88.22 -78.69
N ASP FB 5 114.36 -88.31 -77.39
CA ASP FB 5 114.71 -89.55 -76.72
C ASP FB 5 113.48 -90.08 -76.01
N ILE FB 6 113.01 -91.27 -76.37
CA ILE FB 6 111.99 -91.92 -75.55
C ILE FB 6 112.70 -92.43 -74.31
N ASN FB 7 112.55 -91.71 -73.21
CA ASN FB 7 113.16 -92.10 -71.95
C ASN FB 7 112.44 -93.36 -71.49
N CYS FB 8 113.05 -94.52 -71.73
CA CYS FB 8 112.29 -95.76 -71.68
C CYS FB 8 113.21 -96.93 -71.92
N SER FB 9 112.76 -98.13 -71.56
CA SER FB 9 113.49 -99.37 -71.78
C SER FB 9 112.87 -100.15 -72.95
N THR FB 10 113.65 -100.32 -74.02
CA THR FB 10 113.25 -101.14 -75.16
C THR FB 10 114.18 -102.33 -75.30
N GLY FB 11 113.73 -103.31 -76.10
CA GLY FB 11 114.44 -104.56 -76.28
C GLY FB 11 114.85 -104.78 -77.72
N ASP FB 12 115.64 -105.83 -77.99
CA ASP FB 12 116.05 -106.08 -79.37
C ASP FB 12 115.01 -106.84 -80.16
N THR FB 13 114.30 -107.75 -79.52
CA THR FB 13 113.36 -108.65 -80.19
C THR FB 13 112.11 -107.91 -80.69
N GLN FB 14 111.46 -108.45 -81.72
CA GLN FB 14 110.21 -107.89 -82.20
C GLN FB 14 109.24 -109.02 -82.50
N ALA FB 15 107.96 -108.77 -82.20
CA ALA FB 15 106.88 -109.71 -82.49
C ALA FB 15 105.87 -109.08 -83.42
N ASN FB 16 105.12 -109.93 -84.13
CA ASN FB 16 104.02 -109.50 -84.98
C ASN FB 16 102.71 -109.67 -84.23
N LEU FB 17 101.99 -108.58 -84.00
CA LEU FB 17 100.60 -108.61 -83.59
C LEU FB 17 99.78 -108.54 -84.87
N VAL FB 18 99.12 -109.65 -85.22
CA VAL FB 18 98.49 -109.78 -86.53
C VAL FB 18 97.06 -109.24 -86.45
N LEU FB 19 96.84 -108.08 -87.08
CA LEU FB 19 95.53 -107.47 -87.12
C LEU FB 19 94.80 -107.93 -88.37
N THR FB 20 93.52 -108.22 -88.22
CA THR FB 20 92.66 -108.50 -89.35
C THR FB 20 91.84 -107.25 -89.65
N GLU FB 21 91.81 -106.87 -90.92
CA GLU FB 21 91.20 -105.60 -91.30
C GLU FB 21 89.72 -105.58 -90.94
N ILE FB 22 89.19 -104.38 -90.81
CA ILE FB 22 87.76 -104.18 -90.59
C ILE FB 22 87.27 -103.30 -91.74
N PRO FB 23 86.43 -103.82 -92.63
CA PRO FB 23 86.07 -103.06 -93.83
C PRO FB 23 85.22 -101.84 -93.49
N ALA FB 24 85.54 -100.73 -94.14
CA ALA FB 24 84.85 -99.48 -93.79
C ALA FB 24 83.46 -99.41 -94.39
N GLU FB 25 83.20 -100.15 -95.47
CA GLU FB 25 81.89 -100.06 -96.12
C GLU FB 25 80.74 -100.32 -95.18
N PRO FB 26 80.73 -101.40 -94.37
CA PRO FB 26 79.53 -101.66 -93.54
C PRO FB 26 79.29 -100.64 -92.43
N TYR FB 27 80.21 -99.74 -92.12
CA TYR FB 27 79.99 -98.83 -91.00
C TYR FB 27 79.16 -97.62 -91.44
N VAL FB 28 78.22 -97.22 -90.59
CA VAL FB 28 77.30 -96.12 -90.87
C VAL FB 28 77.43 -95.07 -89.76
N HIS FB 29 77.70 -93.82 -90.17
CA HIS FB 29 77.70 -92.70 -89.25
C HIS FB 29 76.34 -92.57 -88.58
N VAL FB 30 76.35 -92.49 -87.26
CA VAL FB 30 75.12 -92.48 -86.47
C VAL FB 30 74.95 -91.18 -85.70
N SER FB 31 75.99 -90.75 -84.99
CA SER FB 31 75.90 -89.57 -84.13
C SER FB 31 77.23 -88.86 -84.07
N GLY FB 32 77.18 -87.54 -83.93
CA GLY FB 32 78.31 -86.78 -83.45
C GLY FB 32 78.93 -85.84 -84.46
N ASP FB 33 79.43 -84.69 -83.97
CA ASP FB 33 80.22 -83.73 -84.73
C ASP FB 33 81.66 -84.18 -84.80
N ASN FB 34 82.51 -83.35 -85.42
CA ASN FB 34 83.92 -83.37 -85.06
C ASN FB 34 84.12 -82.79 -83.66
N LYS FB 35 83.27 -81.84 -83.27
CA LYS FB 35 83.32 -81.26 -81.93
C LYS FB 35 82.80 -82.25 -80.88
N SER FB 36 81.92 -83.16 -81.27
CA SER FB 36 81.42 -84.20 -80.39
C SER FB 36 82.19 -85.49 -80.69
N THR FB 37 81.71 -86.62 -80.17
CA THR FB 37 82.28 -87.92 -80.48
C THR FB 37 81.56 -88.58 -81.66
N ILE FB 38 82.32 -88.97 -82.69
CA ILE FB 38 81.76 -89.67 -83.85
C ILE FB 38 81.43 -91.11 -83.48
N GLU FB 39 80.28 -91.60 -83.96
CA GLU FB 39 79.84 -92.94 -83.63
C GLU FB 39 79.42 -93.67 -84.90
N TYR FB 40 79.93 -94.90 -85.08
CA TYR FB 40 79.57 -95.72 -86.23
C TYR FB 40 78.91 -97.01 -85.77
N LEU FB 41 77.95 -97.44 -86.58
CA LEU FB 41 77.26 -98.73 -86.43
C LEU FB 41 77.78 -99.71 -87.47
N ASP FB 42 78.18 -100.90 -87.02
CA ASP FB 42 78.57 -101.99 -87.91
C ASP FB 42 77.29 -102.68 -88.37
N THR FB 43 76.85 -102.38 -89.60
CA THR FB 43 75.59 -102.92 -90.13
C THR FB 43 75.73 -104.34 -90.62
N GLY FB 44 76.93 -104.90 -90.59
CA GLY FB 44 77.11 -106.31 -90.89
C GLY FB 44 76.96 -107.14 -89.65
N SER FB 45 75.82 -106.99 -88.96
CA SER FB 45 75.52 -107.72 -87.74
C SER FB 45 74.13 -108.33 -87.83
N ASP FB 46 73.80 -109.16 -86.83
CA ASP FB 46 72.47 -109.75 -86.80
C ASP FB 46 71.46 -108.64 -86.57
N ASN FB 47 70.65 -108.38 -87.60
CA ASN FB 47 69.58 -107.40 -87.53
C ASN FB 47 68.58 -107.75 -86.44
N SER FB 48 68.39 -109.04 -86.15
CA SER FB 48 67.36 -109.50 -85.24
C SER FB 48 67.72 -109.28 -83.76
N LEU FB 49 68.81 -108.57 -83.50
CA LEU FB 49 69.14 -108.09 -82.16
C LEU FB 49 68.89 -106.59 -82.11
N LEU FB 50 68.41 -106.12 -80.97
CA LEU FB 50 68.27 -104.68 -80.77
C LEU FB 50 69.56 -104.02 -80.36
N VAL FB 51 70.60 -104.79 -80.09
CA VAL FB 51 71.94 -104.26 -79.84
C VAL FB 51 72.82 -104.67 -81.02
N ARG FB 52 73.64 -103.74 -81.48
CA ARG FB 52 74.47 -103.98 -82.64
C ARG FB 52 75.83 -103.36 -82.39
N PRO FB 53 76.88 -103.85 -83.06
CA PRO FB 53 78.24 -103.41 -82.77
C PRO FB 53 78.47 -101.97 -83.22
N THR FB 54 79.10 -101.19 -82.36
CA THR FB 54 79.42 -99.81 -82.65
C THR FB 54 80.85 -99.51 -82.28
N GLN FB 55 81.53 -98.71 -83.09
CA GLN FB 55 82.79 -98.13 -82.65
C GLN FB 55 82.75 -96.61 -82.76
N GLN FB 56 83.29 -95.93 -81.76
CA GLN FB 56 83.27 -94.48 -81.72
C GLN FB 56 84.68 -93.91 -81.60
N PHE FB 57 84.83 -92.70 -82.16
CA PHE FB 57 86.11 -91.99 -82.23
C PHE FB 57 85.90 -90.54 -81.81
N ASN FB 58 86.66 -90.12 -80.82
CA ASN FB 58 86.67 -88.76 -80.31
C ASN FB 58 88.11 -88.27 -80.30
N CYS FB 59 88.33 -87.00 -80.63
CA CYS FB 59 89.66 -86.47 -80.45
C CYS FB 59 89.60 -84.98 -80.10
N VAL FB 60 90.51 -84.57 -79.22
CA VAL FB 60 90.55 -83.20 -78.68
C VAL FB 60 92.00 -82.78 -78.50
N SER FB 61 92.20 -81.47 -78.51
CA SER FB 61 93.54 -80.89 -78.53
C SER FB 61 93.56 -79.66 -77.65
N SER FB 62 94.72 -79.42 -77.01
CA SER FB 62 94.87 -78.28 -76.13
C SER FB 62 96.26 -77.65 -76.23
N GLN FB 63 96.30 -76.34 -76.03
CA GLN FB 63 97.54 -75.59 -76.06
C GLN FB 63 98.30 -75.67 -74.75
N TYR FB 64 97.77 -76.38 -73.75
CA TYR FB 64 98.33 -76.43 -72.41
C TYR FB 64 98.68 -77.87 -72.05
N PRO FB 65 99.75 -78.41 -72.65
CA PRO FB 65 99.97 -79.86 -72.60
C PRO FB 65 100.44 -80.37 -71.26
N TYR FB 66 100.90 -79.48 -70.38
CA TYR FB 66 101.43 -79.86 -69.08
C TYR FB 66 100.38 -79.75 -67.97
N ARG FB 67 99.10 -79.61 -68.31
CA ARG FB 67 98.09 -79.31 -67.30
C ARG FB 67 97.95 -80.47 -66.31
N ASN FB 68 98.00 -81.71 -66.80
CA ASN FB 68 97.81 -82.86 -65.93
C ASN FB 68 99.08 -83.29 -65.21
N TYR FB 69 100.25 -82.92 -65.72
CA TYR FB 69 101.52 -83.39 -65.18
C TYR FB 69 102.08 -82.31 -64.26
N SER FB 70 102.24 -82.65 -62.99
CA SER FB 70 102.54 -81.65 -61.98
C SER FB 70 104.03 -81.48 -61.73
N LYS FB 71 104.83 -82.53 -61.85
CA LYS FB 71 106.21 -82.49 -61.37
C LYS FB 71 107.20 -82.20 -62.49
N ILE FB 72 106.77 -81.52 -63.55
CA ILE FB 72 107.66 -81.08 -64.62
C ILE FB 72 107.91 -79.60 -64.45
N PRO FB 73 109.15 -79.16 -64.22
CA PRO FB 73 109.43 -77.73 -64.05
C PRO FB 73 109.20 -76.94 -65.32
N ARG FB 74 108.88 -75.66 -65.15
CA ARG FB 74 108.67 -74.78 -66.30
C ARG FB 74 109.92 -74.71 -67.17
N SER FB 75 111.10 -74.71 -66.54
CA SER FB 75 112.35 -74.68 -67.30
C SER FB 75 112.51 -75.90 -68.20
N GLN FB 76 111.67 -76.91 -68.06
CA GLN FB 76 111.70 -78.10 -68.91
C GLN FB 76 110.44 -78.24 -69.76
N GLN FB 77 109.56 -77.25 -69.76
CA GLN FB 77 108.32 -77.30 -70.53
C GLN FB 77 108.52 -76.62 -71.89
N ASP FB 78 108.35 -77.38 -72.97
CA ASP FB 78 108.52 -76.85 -74.33
C ASP FB 78 107.38 -75.89 -74.66
N PRO FB 79 107.66 -74.59 -74.87
CA PRO FB 79 106.57 -73.64 -75.09
C PRO FB 79 105.85 -73.84 -76.40
N LEU FB 80 106.45 -74.55 -77.34
CA LEU FB 80 105.82 -74.88 -78.61
C LEU FB 80 105.06 -76.19 -78.57
N ALA FB 81 105.12 -76.91 -77.45
CA ALA FB 81 104.47 -78.20 -77.39
C ALA FB 81 102.96 -78.04 -77.27
N VAL FB 82 102.24 -79.01 -77.84
CA VAL FB 82 100.79 -79.02 -77.85
C VAL FB 82 100.33 -80.42 -77.43
N ARG FB 83 99.11 -80.51 -76.91
CA ARG FB 83 98.54 -81.77 -76.48
C ARG FB 83 97.55 -82.25 -77.54
N ARG FB 84 97.80 -83.45 -78.08
CA ARG FB 84 96.89 -84.08 -79.03
C ARG FB 84 96.38 -85.36 -78.39
N GLU FB 85 95.07 -85.54 -78.37
CA GLU FB 85 94.45 -86.68 -77.69
C GLU FB 85 93.41 -87.30 -78.60
N PHE FB 86 93.31 -88.62 -78.59
CA PHE FB 86 92.23 -89.32 -79.27
C PHE FB 86 91.80 -90.53 -78.44
N TYR FB 87 90.59 -90.99 -78.72
CA TYR FB 87 89.91 -91.97 -77.88
C TYR FB 87 88.97 -92.78 -78.74
N THR FB 88 89.12 -94.09 -78.74
CA THR FB 88 88.22 -94.96 -79.47
C THR FB 88 87.61 -95.94 -78.49
N ARG FB 89 86.34 -96.29 -78.71
CA ARG FB 89 85.65 -97.30 -77.91
C ARG FB 89 84.84 -98.18 -78.85
N ARG FB 90 85.19 -99.46 -78.89
CA ARG FB 90 84.48 -100.45 -79.70
C ARG FB 90 83.69 -101.33 -78.76
N VAL FB 91 82.39 -101.44 -79.01
CA VAL FB 91 81.53 -102.40 -78.34
C VAL FB 91 81.06 -103.37 -79.40
N GLU FB 92 81.32 -104.65 -79.17
CA GLU FB 92 80.70 -105.69 -79.97
C GLU FB 92 79.81 -106.56 -79.08
N TYR FB 93 78.89 -107.26 -79.72
CA TYR FB 93 77.90 -108.07 -79.04
C TYR FB 93 77.95 -109.47 -79.61
N TRP FB 94 78.62 -110.39 -78.92
CA TRP FB 94 78.76 -111.75 -79.40
C TRP FB 94 77.45 -112.51 -79.19
N ARG FB 95 77.34 -113.66 -79.86
CA ARG FB 95 76.15 -114.49 -79.79
C ARG FB 95 76.60 -115.92 -79.58
N LYS FB 96 76.13 -116.56 -78.51
CA LYS FB 96 76.42 -117.97 -78.27
C LYS FB 96 75.16 -118.80 -78.54
N ALA FB 97 75.34 -119.86 -79.34
CA ALA FB 97 74.29 -120.83 -79.62
C ALA FB 97 74.92 -122.11 -80.18
N ASP FB 98 74.11 -123.16 -80.34
CA ASP FB 98 74.62 -124.32 -81.04
C ASP FB 98 73.59 -124.84 -82.05
N ALA FB 99 74.07 -125.14 -83.26
CA ALA FB 99 73.22 -125.71 -84.28
C ALA FB 99 72.80 -127.14 -83.94
N SER FB 100 73.46 -127.75 -82.96
CA SER FB 100 73.13 -129.11 -82.56
C SER FB 100 71.77 -129.21 -81.90
N ASN FB 101 71.32 -128.13 -81.25
CA ASN FB 101 70.12 -128.16 -80.42
C ASN FB 101 69.26 -126.94 -80.72
N VAL FB 102 68.22 -127.12 -81.53
CA VAL FB 102 67.29 -126.03 -81.78
C VAL FB 102 66.52 -125.67 -80.52
N ASP FB 103 66.47 -126.57 -79.54
CA ASP FB 103 65.70 -126.37 -78.32
C ASP FB 103 66.46 -125.55 -77.26
N ALA FB 104 67.77 -125.35 -77.43
CA ALA FB 104 68.55 -124.69 -76.39
C ALA FB 104 68.66 -123.20 -76.65
N PRO FB 105 68.60 -122.37 -75.61
CA PRO FB 105 68.47 -120.92 -75.82
C PRO FB 105 69.75 -120.30 -76.34
N GLU FB 106 69.59 -119.16 -77.00
CA GLU FB 106 70.71 -118.36 -77.47
C GLU FB 106 70.94 -117.21 -76.50
N TYR FB 107 72.21 -116.81 -76.36
CA TYR FB 107 72.53 -115.70 -75.46
C TYR FB 107 73.39 -114.69 -76.21
N THR FB 108 73.24 -113.42 -75.88
CA THR FB 108 74.09 -112.36 -76.42
C THR FB 108 75.03 -111.86 -75.32
N LEU FB 109 76.33 -111.81 -75.65
CA LEU FB 109 77.41 -111.55 -74.70
C LEU FB 109 78.11 -110.24 -75.02
N PRO FB 110 78.00 -109.21 -74.19
CA PRO FB 110 78.62 -107.92 -74.51
C PRO FB 110 80.11 -107.86 -74.19
N GLN FB 111 80.83 -107.18 -75.09
CA GLN FB 111 82.27 -106.98 -74.99
C GLN FB 111 82.57 -105.54 -75.36
N SER FB 112 83.48 -104.90 -74.62
CA SER FB 112 83.88 -103.53 -74.91
C SER FB 112 85.38 -103.33 -74.69
N CYS FB 113 85.96 -102.48 -75.53
CA CYS FB 113 87.39 -102.19 -75.43
C CYS FB 113 87.63 -100.75 -75.86
N SER FB 114 88.42 -100.01 -75.07
CA SER FB 114 88.61 -98.60 -75.31
C SER FB 114 90.08 -98.21 -75.14
N ILE FB 115 90.58 -97.45 -76.11
CA ILE FB 115 91.97 -96.98 -76.13
C ILE FB 115 91.96 -95.46 -76.16
N ARG FB 116 92.66 -94.85 -75.20
CA ARG FB 116 92.88 -93.41 -75.15
C ARG FB 116 94.37 -93.12 -75.23
N LEU FB 117 94.72 -92.07 -76.00
CA LEU FB 117 96.10 -91.69 -76.23
C LEU FB 117 96.20 -90.17 -76.21
N ALA FB 118 97.07 -89.64 -75.36
CA ALA FB 118 97.34 -88.22 -75.29
C ALA FB 118 98.84 -88.03 -75.37
N SER FB 119 99.32 -87.50 -76.49
CA SER FB 119 100.73 -87.23 -76.71
C SER FB 119 101.00 -85.74 -76.61
N THR FB 120 102.17 -85.40 -76.07
CA THR FB 120 102.70 -84.06 -76.24
C THR FB 120 103.44 -84.03 -77.58
N VAL FB 121 102.99 -83.18 -78.50
CA VAL FB 121 103.53 -83.10 -79.85
C VAL FB 121 104.25 -81.77 -80.04
N THR FB 122 105.47 -81.84 -80.54
CA THR FB 122 106.28 -80.69 -80.90
C THR FB 122 106.77 -80.88 -82.33
N LYS FB 123 107.55 -79.92 -82.82
CA LYS FB 123 107.99 -79.93 -84.22
C LYS FB 123 108.57 -81.27 -84.62
N GLU FB 124 109.41 -81.84 -83.74
CA GLU FB 124 110.18 -83.04 -84.06
C GLU FB 124 109.41 -84.33 -83.81
N THR FB 125 108.24 -84.26 -83.19
CA THR FB 125 107.43 -85.44 -82.94
C THR FB 125 106.79 -85.93 -84.24
N THR FB 126 107.10 -87.16 -84.64
CA THR FB 126 106.56 -87.74 -85.87
C THR FB 126 105.41 -88.70 -85.57
N ALA FB 127 104.61 -88.95 -86.61
CA ALA FB 127 103.49 -89.88 -86.48
C ALA FB 127 103.98 -91.25 -86.00
N ALA FB 128 105.12 -91.69 -86.52
CA ALA FB 128 105.73 -92.93 -86.04
C ALA FB 128 106.06 -92.84 -84.56
N ASP FB 129 106.65 -91.72 -84.12
CA ASP FB 129 106.96 -91.55 -82.70
C ASP FB 129 105.71 -91.72 -81.85
N ILE FB 130 104.59 -91.19 -82.31
CA ILE FB 130 103.36 -91.29 -81.52
C ILE FB 130 102.78 -92.69 -81.59
N ALA FB 131 102.90 -93.37 -82.72
CA ALA FB 131 102.48 -94.77 -82.75
C ALA FB 131 103.29 -95.61 -81.79
N GLY FB 132 104.56 -95.24 -81.59
CA GLY FB 132 105.40 -95.96 -80.66
C GLY FB 132 104.78 -96.10 -79.28
N ILE FB 133 104.08 -95.06 -78.80
CA ILE FB 133 103.58 -95.15 -77.44
C ILE FB 133 102.46 -96.19 -77.33
N VAL FB 134 101.61 -96.28 -78.36
CA VAL FB 134 100.60 -97.33 -78.36
C VAL FB 134 101.25 -98.70 -78.47
N LEU FB 135 102.28 -98.82 -79.32
CA LEU FB 135 102.95 -100.11 -79.48
C LEU FB 135 103.62 -100.57 -78.19
N ARG FB 136 104.21 -99.64 -77.45
CA ARG FB 136 104.85 -99.98 -76.18
C ARG FB 136 103.83 -100.22 -75.08
N THR FB 137 102.67 -99.58 -75.14
CA THR FB 137 101.62 -99.93 -74.19
C THR FB 137 101.14 -101.35 -74.43
N LEU FB 138 101.00 -101.75 -75.70
CA LEU FB 138 100.50 -103.08 -76.02
C LEU FB 138 101.52 -104.16 -75.71
N ALA FB 139 102.80 -103.89 -75.95
CA ALA FB 139 103.81 -104.94 -75.96
C ALA FB 139 103.88 -105.78 -74.68
N PRO FB 140 103.78 -105.22 -73.46
CA PRO FB 140 103.84 -106.08 -72.27
C PRO FB 140 102.74 -107.13 -72.20
N ILE FB 141 101.54 -106.80 -72.68
CA ILE FB 141 100.41 -107.72 -72.67
C ILE FB 141 100.54 -108.78 -73.77
N PHE FB 142 101.13 -108.42 -74.91
CA PHE FB 142 101.28 -109.32 -76.04
C PHE FB 142 102.77 -109.44 -76.34
N PRO FB 143 103.55 -110.05 -75.44
CA PRO FB 143 105.01 -110.06 -75.62
C PRO FB 143 105.47 -110.90 -76.78
N ASN FB 144 104.62 -111.79 -77.31
CA ASN FB 144 104.91 -112.55 -78.51
C ASN FB 144 103.89 -112.26 -79.61
N GLY FB 145 103.19 -111.13 -79.52
CA GLY FB 145 102.30 -110.75 -80.58
C GLY FB 145 101.13 -111.71 -80.64
N SER FB 146 100.63 -111.96 -81.85
CA SER FB 146 99.53 -112.90 -81.98
C SER FB 146 99.96 -114.33 -81.65
N GLY FB 147 101.23 -114.57 -81.34
CA GLY FB 147 101.69 -115.93 -81.14
C GLY FB 147 101.02 -116.66 -79.98
N ASP FB 148 101.13 -116.10 -78.78
CA ASP FB 148 100.51 -116.71 -77.61
C ASP FB 148 99.70 -115.66 -76.86
N TRP FB 149 98.87 -116.14 -75.95
CA TRP FB 149 97.97 -115.25 -75.21
C TRP FB 149 98.20 -115.36 -73.71
N ILE FB 150 99.42 -115.66 -73.29
CA ILE FB 150 99.63 -116.08 -71.90
C ILE FB 150 99.41 -114.91 -70.94
N LYS FB 151 100.01 -113.75 -71.25
CA LYS FB 151 99.86 -112.61 -70.36
C LYS FB 151 98.45 -112.05 -70.42
N LEU FB 152 97.82 -112.09 -71.60
CA LEU FB 152 96.43 -111.66 -71.68
C LEU FB 152 95.55 -112.56 -70.82
N GLN FB 153 95.78 -113.87 -70.89
CA GLN FB 153 95.07 -114.83 -70.06
C GLN FB 153 95.20 -114.48 -68.60
N GLN FB 154 96.42 -114.13 -68.17
CA GLN FB 154 96.62 -113.70 -66.78
C GLN FB 154 95.76 -112.49 -66.45
N LEU FB 155 95.80 -111.45 -67.30
CA LEU FB 155 95.02 -110.26 -67.04
C LEU FB 155 93.55 -110.61 -66.86
N ILE FB 156 93.03 -111.53 -67.68
CA ILE FB 156 91.63 -111.91 -67.55
C ILE FB 156 91.40 -112.73 -66.29
N ASP FB 157 92.34 -113.63 -65.98
CA ASP FB 157 92.30 -114.44 -64.77
C ASP FB 157 92.35 -113.59 -63.50
N GLY FB 158 92.67 -112.32 -63.61
CA GLY FB 158 92.70 -111.44 -62.46
C GLY FB 158 94.06 -111.24 -61.84
N LEU FB 159 95.14 -111.47 -62.58
CA LEU FB 159 96.50 -111.37 -62.08
C LEU FB 159 97.20 -110.19 -62.75
N PRO FB 160 97.29 -109.03 -62.08
CA PRO FB 160 97.72 -107.81 -62.77
C PRO FB 160 99.22 -107.67 -62.99
N ARG FB 161 100.06 -108.51 -62.39
CA ARG FB 161 101.50 -108.26 -62.44
C ARG FB 161 102.07 -108.87 -63.72
N ILE FB 162 102.02 -108.10 -64.80
CA ILE FB 162 102.62 -108.50 -66.07
C ILE FB 162 104.12 -108.67 -65.93
N PHE FB 163 104.77 -107.77 -65.19
CA PHE FB 163 106.22 -107.80 -65.08
C PHE FB 163 106.72 -108.62 -63.90
N GLY FB 164 105.82 -109.10 -63.04
CA GLY FB 164 106.22 -109.91 -61.90
C GLY FB 164 106.30 -109.17 -60.57
N SER GB 1 78.17 -127.94 -77.13
CA SER GB 1 78.21 -127.66 -78.56
C SER GB 1 78.04 -126.18 -78.82
N TYR GB 2 77.81 -125.42 -77.75
CA TYR GB 2 77.71 -123.96 -77.83
C TYR GB 2 78.94 -123.36 -78.49
N THR GB 3 78.70 -122.47 -79.45
CA THR GB 3 79.75 -121.74 -80.14
C THR GB 3 79.50 -120.24 -80.00
N ILE GB 4 80.61 -119.52 -79.95
CA ILE GB 4 80.65 -118.07 -79.81
C ILE GB 4 80.86 -117.46 -81.18
N ASP GB 5 79.88 -116.72 -81.67
CA ASP GB 5 79.99 -115.99 -82.93
C ASP GB 5 80.14 -114.51 -82.60
N ILE GB 6 81.29 -113.93 -82.96
CA ILE GB 6 81.39 -112.48 -82.93
C ILE GB 6 80.41 -111.93 -83.95
N ASN GB 7 79.69 -110.89 -83.56
CA ASN GB 7 78.68 -110.32 -84.45
C ASN GB 7 79.24 -109.11 -85.19
N CYS GB 8 80.36 -109.31 -85.87
CA CYS GB 8 81.12 -108.19 -86.42
C CYS GB 8 81.28 -108.32 -87.92
N SER GB 9 81.90 -107.30 -88.51
CA SER GB 9 82.37 -107.35 -89.88
C SER GB 9 83.88 -107.53 -89.84
N THR GB 10 84.37 -108.58 -90.51
CA THR GB 10 85.80 -108.86 -90.59
C THR GB 10 86.18 -109.11 -92.05
N GLY GB 11 87.33 -108.54 -92.45
CA GLY GB 11 87.82 -108.69 -93.79
C GLY GB 11 88.65 -109.94 -93.98
N ASP GB 12 89.13 -110.12 -95.21
CA ASP GB 12 90.02 -111.23 -95.55
C ASP GB 12 91.49 -110.86 -95.45
N THR GB 13 91.80 -109.57 -95.44
CA THR GB 13 93.16 -109.06 -95.47
C THR GB 13 93.75 -109.03 -94.05
N GLN GB 14 95.08 -109.08 -93.93
CA GLN GB 14 95.71 -109.03 -92.62
C GLN GB 14 96.98 -108.20 -92.69
N ALA GB 15 97.35 -107.60 -91.55
CA ALA GB 15 98.52 -106.74 -91.46
C ALA GB 15 99.29 -107.03 -90.17
N ASN GB 16 100.58 -106.74 -90.21
CA ASN GB 16 101.48 -106.95 -89.08
C ASN GB 16 101.71 -105.63 -88.34
N LEU GB 17 101.23 -105.54 -87.11
CA LEU GB 17 101.55 -104.44 -86.22
C LEU GB 17 102.77 -104.90 -85.40
N VAL GB 18 103.91 -104.27 -85.62
CA VAL GB 18 105.18 -104.80 -85.13
C VAL GB 18 105.48 -104.22 -83.76
N LEU GB 19 105.39 -105.07 -82.74
CA LEU GB 19 105.67 -104.69 -81.37
C LEU GB 19 107.13 -104.93 -81.07
N THR GB 20 107.77 -103.95 -80.45
CA THR GB 20 109.12 -104.13 -79.93
C THR GB 20 109.03 -104.44 -78.44
N GLU GB 21 109.83 -105.42 -78.01
CA GLU GB 21 109.63 -105.98 -76.69
C GLU GB 21 109.98 -104.96 -75.60
N ILE GB 22 109.35 -105.14 -74.45
CA ILE GB 22 109.67 -104.31 -73.29
C ILE GB 22 110.12 -105.24 -72.17
N PRO GB 23 111.40 -105.18 -71.76
CA PRO GB 23 111.92 -106.15 -70.79
C PRO GB 23 111.39 -105.90 -69.39
N ALA GB 24 111.22 -106.99 -68.65
CA ALA GB 24 110.70 -106.84 -67.29
C ALA GB 24 111.80 -106.52 -66.30
N GLU GB 25 113.04 -106.92 -66.59
CA GLU GB 25 114.15 -106.67 -65.69
C GLU GB 25 114.26 -105.22 -65.24
N PRO GB 26 114.13 -104.21 -66.10
CA PRO GB 26 114.23 -102.83 -65.61
C PRO GB 26 113.06 -102.36 -64.76
N TYR GB 27 111.96 -103.11 -64.64
CA TYR GB 27 110.78 -102.59 -63.97
C TYR GB 27 110.79 -102.91 -62.48
N VAL GB 28 110.22 -101.99 -61.68
CA VAL GB 28 110.26 -102.03 -60.22
C VAL GB 28 108.87 -101.80 -59.65
N HIS GB 29 108.54 -102.56 -58.59
CA HIS GB 29 107.30 -102.33 -57.83
C HIS GB 29 107.25 -100.93 -57.26
N VAL GB 30 106.08 -100.30 -57.35
CA VAL GB 30 105.85 -98.97 -56.80
C VAL GB 30 104.72 -98.98 -55.77
N SER GB 31 103.55 -99.47 -56.16
CA SER GB 31 102.41 -99.55 -55.25
C SER GB 31 101.65 -100.85 -55.50
N GLY GB 32 100.90 -101.27 -54.48
CA GLY GB 32 100.03 -102.43 -54.57
C GLY GB 32 100.71 -103.70 -55.03
N ASP GB 33 101.68 -104.18 -54.24
CA ASP GB 33 102.51 -105.31 -54.69
C ASP GB 33 101.68 -106.57 -54.88
N ASN GB 34 100.83 -106.89 -53.91
CA ASN GB 34 100.02 -108.09 -53.95
C ASN GB 34 98.62 -107.85 -54.51
N LYS GB 35 98.18 -106.60 -54.56
CA LYS GB 35 96.76 -106.30 -54.76
C LYS GB 35 96.37 -106.37 -56.24
N SER GB 36 95.07 -106.18 -56.50
CA SER GB 36 94.52 -106.26 -57.84
C SER GB 36 94.95 -105.11 -58.73
N THR GB 37 95.64 -104.11 -58.18
CA THR GB 37 96.17 -102.97 -58.92
C THR GB 37 97.65 -102.84 -58.60
N ILE GB 38 98.48 -102.83 -59.63
CA ILE GB 38 99.93 -102.72 -59.47
C ILE GB 38 100.44 -101.61 -60.38
N GLU GB 39 101.45 -100.89 -59.90
CA GLU GB 39 102.07 -99.82 -60.67
C GLU GB 39 103.57 -100.07 -60.73
N TYR GB 40 104.13 -100.15 -61.92
CA TYR GB 40 105.57 -100.35 -62.11
C TYR GB 40 106.26 -99.08 -62.58
N LEU GB 41 107.53 -98.98 -62.22
CA LEU GB 41 108.43 -97.94 -62.69
C LEU GB 41 109.49 -98.55 -63.59
N ASP GB 42 109.74 -97.91 -64.72
CA ASP GB 42 110.85 -98.27 -65.63
C ASP GB 42 112.08 -97.51 -65.16
N THR GB 43 113.01 -98.21 -64.51
CA THR GB 43 114.24 -97.57 -64.07
C THR GB 43 115.30 -97.51 -65.16
N GLY GB 44 114.93 -97.78 -66.40
CA GLY GB 44 115.84 -97.52 -67.49
C GLY GB 44 115.62 -96.11 -67.96
N SER GB 45 115.21 -95.24 -67.05
CA SER GB 45 114.91 -93.86 -67.37
C SER GB 45 115.93 -92.92 -66.77
N ASP GB 46 115.86 -91.66 -67.20
CA ASP GB 46 116.80 -90.68 -66.72
C ASP GB 46 116.72 -90.62 -65.21
N ASN GB 47 117.86 -90.88 -64.59
CA ASN GB 47 117.99 -90.85 -63.14
C ASN GB 47 117.49 -89.53 -62.57
N SER GB 48 117.82 -88.43 -63.23
CA SER GB 48 117.82 -87.11 -62.62
C SER GB 48 116.51 -86.34 -62.81
N LEU GB 49 115.51 -86.88 -63.50
CA LEU GB 49 114.24 -86.19 -63.63
C LEU GB 49 113.32 -86.49 -62.45
N LEU GB 50 112.27 -85.68 -62.34
CA LEU GB 50 111.26 -85.91 -61.33
C LEU GB 50 110.18 -86.84 -61.83
N VAL GB 51 110.06 -87.01 -63.13
CA VAL GB 51 109.10 -87.91 -63.74
C VAL GB 51 109.88 -89.06 -64.37
N ARG GB 52 109.30 -90.25 -64.27
CA ARG GB 52 109.90 -91.42 -64.89
C ARG GB 52 108.80 -92.31 -65.43
N PRO GB 53 109.07 -93.08 -66.49
CA PRO GB 53 108.04 -93.87 -67.15
C PRO GB 53 107.48 -94.93 -66.21
N THR GB 54 106.16 -94.96 -66.10
CA THR GB 54 105.45 -95.95 -65.32
C THR GB 54 104.45 -96.66 -66.23
N GLN GB 55 104.10 -97.87 -65.83
CA GLN GB 55 102.92 -98.53 -66.40
C GLN GB 55 102.18 -99.22 -65.29
N GLN GB 56 100.88 -98.98 -65.20
CA GLN GB 56 100.09 -99.69 -64.22
C GLN GB 56 99.16 -100.66 -64.93
N PHE GB 57 98.83 -101.71 -64.19
CA PHE GB 57 97.85 -102.71 -64.59
C PHE GB 57 96.91 -102.92 -63.41
N ASN GB 58 95.61 -103.00 -63.70
CA ASN GB 58 94.69 -103.44 -62.65
C ASN GB 58 93.54 -104.23 -63.25
N CYS GB 59 93.07 -105.21 -62.48
CA CYS GB 59 92.03 -106.12 -62.89
C CYS GB 59 90.80 -105.89 -62.02
N VAL GB 60 89.63 -106.13 -62.60
CA VAL GB 60 88.35 -105.98 -61.93
C VAL GB 60 87.43 -107.09 -62.43
N SER GB 61 86.57 -107.59 -61.55
CA SER GB 61 85.58 -108.58 -61.90
C SER GB 61 84.24 -108.16 -61.31
N SER GB 62 83.16 -108.45 -62.03
CA SER GB 62 81.82 -108.19 -61.54
C SER GB 62 80.91 -109.38 -61.79
N GLN GB 63 79.97 -109.57 -60.85
CA GLN GB 63 79.05 -110.68 -60.89
C GLN GB 63 77.90 -110.46 -61.87
N TYR GB 64 77.55 -109.19 -62.12
CA TYR GB 64 76.42 -108.80 -62.96
C TYR GB 64 76.93 -108.20 -64.27
N PRO GB 65 77.22 -109.02 -65.27
CA PRO GB 65 77.90 -108.50 -66.47
C PRO GB 65 76.99 -107.72 -67.37
N TYR GB 66 75.67 -107.84 -67.17
CA TYR GB 66 74.67 -107.18 -67.98
C TYR GB 66 74.15 -105.90 -67.34
N ARG GB 67 74.88 -105.35 -66.36
CA ARG GB 67 74.33 -104.23 -65.59
C ARG GB 67 74.07 -103.03 -66.49
N ASN GB 68 75.06 -102.65 -67.29
CA ASN GB 68 74.94 -101.49 -68.15
C ASN GB 68 74.28 -101.81 -69.48
N TYR GB 69 74.01 -103.07 -69.77
CA TYR GB 69 73.41 -103.45 -71.05
C TYR GB 69 71.94 -103.76 -70.83
N SER GB 70 71.11 -102.72 -70.88
CA SER GB 70 69.70 -102.91 -70.63
C SER GB 70 68.93 -103.30 -71.89
N LYS GB 71 69.43 -102.95 -73.08
CA LYS GB 71 68.72 -103.29 -74.31
C LYS GB 71 68.76 -104.79 -74.61
N ILE GB 72 69.39 -105.57 -73.76
CA ILE GB 72 69.41 -107.03 -73.88
C ILE GB 72 68.33 -107.60 -72.97
N PRO GB 73 67.46 -108.48 -73.46
CA PRO GB 73 66.43 -109.07 -72.61
C PRO GB 73 67.01 -110.16 -71.72
N ARG GB 74 66.35 -110.35 -70.57
CA ARG GB 74 66.78 -111.41 -69.65
C ARG GB 74 66.80 -112.76 -70.33
N SER GB 75 65.80 -113.05 -71.18
CA SER GB 75 65.74 -114.30 -71.92
C SER GB 75 66.97 -114.55 -72.79
N GLN GB 76 67.80 -113.54 -73.01
CA GLN GB 76 69.03 -113.70 -73.77
C GLN GB 76 70.28 -113.43 -72.95
N GLN GB 77 70.14 -113.09 -71.66
CA GLN GB 77 71.29 -112.90 -70.77
C GLN GB 77 71.71 -114.25 -70.20
N ASP GB 78 72.96 -114.64 -70.43
CA ASP GB 78 73.50 -115.88 -69.89
C ASP GB 78 73.66 -115.80 -68.38
N PRO GB 79 72.85 -116.51 -67.59
CA PRO GB 79 72.92 -116.36 -66.13
C PRO GB 79 74.20 -116.89 -65.52
N LEU GB 80 75.00 -117.62 -66.29
CA LEU GB 80 76.32 -118.06 -65.85
C LEU GB 80 77.43 -117.13 -66.30
N ALA GB 81 77.10 -116.02 -66.96
CA ALA GB 81 78.13 -115.12 -67.45
C ALA GB 81 78.68 -114.29 -66.30
N VAL GB 82 79.97 -113.97 -66.40
CA VAL GB 82 80.69 -113.19 -65.40
C VAL GB 82 81.50 -112.13 -66.14
N ARG GB 83 81.58 -110.92 -65.58
CA ARG GB 83 82.30 -109.83 -66.22
C ARG GB 83 83.74 -109.79 -65.74
N ARG GB 84 84.69 -109.90 -66.68
CA ARG GB 84 86.11 -109.72 -66.37
C ARG GB 84 86.60 -108.50 -67.13
N GLU GB 85 87.27 -107.58 -66.45
CA GLU GB 85 87.91 -106.45 -67.12
C GLU GB 85 89.32 -106.26 -66.58
N PHE GB 86 90.15 -105.63 -67.42
CA PHE GB 86 91.47 -105.18 -67.03
C PHE GB 86 91.77 -103.84 -67.68
N TYR GB 87 92.77 -103.15 -67.15
CA TYR GB 87 93.07 -101.79 -67.54
C TYR GB 87 94.56 -101.54 -67.39
N THR GB 88 95.19 -101.08 -68.45
CA THR GB 88 96.59 -100.68 -68.38
C THR GB 88 96.69 -99.21 -68.72
N ARG GB 89 97.63 -98.53 -68.07
CA ARG GB 89 97.92 -97.13 -68.38
C ARG GB 89 99.43 -96.92 -68.32
N ARG GB 90 100.01 -96.60 -69.47
CA ARG GB 90 101.44 -96.36 -69.60
C ARG GB 90 101.65 -94.87 -69.77
N VAL GB 91 102.49 -94.30 -68.91
CA VAL GB 91 102.98 -92.94 -69.09
C VAL GB 91 104.47 -93.04 -69.31
N GLU GB 92 104.96 -92.40 -70.38
CA GLU GB 92 106.39 -92.21 -70.55
C GLU GB 92 106.65 -90.72 -70.72
N TYR GB 93 107.91 -90.35 -70.50
CA TYR GB 93 108.33 -88.94 -70.51
C TYR GB 93 109.54 -88.82 -71.42
N TRP GB 94 109.32 -88.34 -72.64
CA TRP GB 94 110.38 -88.15 -73.61
C TRP GB 94 111.22 -86.92 -73.27
N ARG GB 95 112.41 -86.86 -73.86
CA ARG GB 95 113.35 -85.77 -73.65
C ARG GB 95 113.81 -85.26 -75.01
N LYS GB 96 113.51 -84.00 -75.32
CA LYS GB 96 114.04 -83.42 -76.54
C LYS GB 96 115.24 -82.55 -76.18
N ALA GB 97 116.32 -82.77 -76.91
CA ALA GB 97 117.55 -81.97 -76.83
C ALA GB 97 118.42 -82.30 -78.03
N ASP GB 98 119.31 -81.38 -78.39
CA ASP GB 98 120.34 -81.64 -79.39
C ASP GB 98 121.72 -81.60 -78.74
N ALA GB 99 122.55 -82.59 -79.07
CA ALA GB 99 123.93 -82.61 -78.57
C ALA GB 99 124.78 -81.51 -79.20
N SER GB 100 124.28 -80.89 -80.28
CA SER GB 100 125.05 -79.87 -80.96
C SER GB 100 125.23 -78.64 -80.08
N ASN GB 101 124.15 -78.15 -79.50
CA ASN GB 101 124.16 -76.91 -78.73
C ASN GB 101 123.77 -77.25 -77.29
N VAL GB 102 124.73 -77.16 -76.38
CA VAL GB 102 124.43 -77.42 -74.98
C VAL GB 102 123.81 -76.20 -74.29
N ASP GB 103 123.93 -75.01 -74.89
CA ASP GB 103 123.14 -73.87 -74.44
C ASP GB 103 121.65 -74.19 -74.50
N ALA GB 104 121.23 -74.90 -75.53
CA ALA GB 104 119.82 -75.08 -75.79
C ALA GB 104 119.17 -75.91 -74.68
N PRO GB 105 117.97 -75.54 -74.24
CA PRO GB 105 117.37 -76.21 -73.09
C PRO GB 105 116.81 -77.57 -73.48
N GLU GB 106 116.84 -78.47 -72.51
CA GLU GB 106 116.25 -79.79 -72.67
C GLU GB 106 114.81 -79.73 -72.20
N TYR GB 107 113.89 -80.26 -73.00
CA TYR GB 107 112.48 -80.26 -72.63
C TYR GB 107 112.00 -81.68 -72.37
N THR GB 108 111.04 -81.79 -71.46
CA THR GB 108 110.40 -83.07 -71.12
C THR GB 108 109.01 -83.09 -71.73
N LEU GB 109 108.75 -84.07 -72.57
CA LEU GB 109 107.49 -84.21 -73.29
C LEU GB 109 106.72 -85.39 -72.74
N PRO GB 110 105.63 -85.19 -72.02
CA PRO GB 110 104.87 -86.32 -71.49
C PRO GB 110 103.91 -86.93 -72.52
N GLN GB 111 103.77 -88.26 -72.42
CA GLN GB 111 102.92 -89.03 -73.30
C GLN GB 111 102.24 -90.11 -72.46
N SER GB 112 100.93 -90.32 -72.68
CA SER GB 112 100.20 -91.31 -71.91
C SER GB 112 99.20 -92.04 -72.80
N CYS GB 113 99.01 -93.33 -72.50
CA CYS GB 113 98.12 -94.17 -73.29
C CYS GB 113 97.51 -95.24 -72.40
N SER GB 114 96.21 -95.48 -72.55
CA SER GB 114 95.48 -96.38 -71.67
C SER GB 114 94.53 -97.26 -72.47
N ILE GB 115 94.46 -98.53 -72.08
CA ILE GB 115 93.59 -99.52 -72.71
C ILE GB 115 92.75 -100.18 -71.63
N ARG GB 116 91.42 -100.18 -71.82
CA ARG GB 116 90.49 -100.83 -70.91
C ARG GB 116 89.71 -101.89 -71.69
N LEU GB 117 89.79 -103.13 -71.24
CA LEU GB 117 89.10 -104.25 -71.87
C LEU GB 117 88.14 -104.87 -70.87
N ALA GB 118 86.87 -104.98 -71.25
CA ALA GB 118 85.82 -105.46 -70.35
C ALA GB 118 84.95 -106.43 -71.13
N SER GB 119 85.11 -107.71 -70.84
CA SER GB 119 84.44 -108.76 -71.57
C SER GB 119 83.43 -109.44 -70.66
N THR GB 120 82.33 -109.93 -71.24
CA THR GB 120 81.56 -110.96 -70.55
C THR GB 120 82.20 -112.30 -70.89
N VAL GB 121 82.23 -113.20 -69.92
CA VAL GB 121 82.91 -114.48 -70.06
C VAL GB 121 82.00 -115.58 -69.56
N THR GB 122 81.86 -116.62 -70.38
CA THR GB 122 81.24 -117.88 -70.04
C THR GB 122 82.25 -118.98 -70.32
N LYS GB 123 81.85 -120.23 -70.03
CA LYS GB 123 82.78 -121.34 -70.14
C LYS GB 123 83.37 -121.48 -71.54
N GLU GB 124 82.68 -120.96 -72.56
CA GLU GB 124 83.15 -121.09 -73.94
C GLU GB 124 83.94 -119.88 -74.44
N THR GB 125 84.03 -118.83 -73.65
CA THR GB 125 84.89 -117.70 -74.00
C THR GB 125 86.35 -118.12 -73.90
N THR GB 126 87.11 -117.91 -74.97
CA THR GB 126 88.52 -118.28 -74.97
C THR GB 126 89.43 -117.05 -74.90
N ALA GB 127 90.68 -117.34 -74.53
CA ALA GB 127 91.70 -116.29 -74.48
C ALA GB 127 91.80 -115.58 -75.82
N ALA GB 128 91.88 -116.35 -76.91
CA ALA GB 128 92.01 -115.75 -78.23
C ALA GB 128 90.76 -115.01 -78.65
N ASP GB 129 89.57 -115.47 -78.24
CA ASP GB 129 88.36 -114.70 -78.49
C ASP GB 129 88.47 -113.31 -77.87
N ILE GB 130 88.93 -113.25 -76.63
CA ILE GB 130 89.03 -111.94 -75.99
C ILE GB 130 90.15 -111.11 -76.60
N ALA GB 131 91.24 -111.75 -77.02
CA ALA GB 131 92.29 -111.03 -77.74
C ALA GB 131 91.76 -110.40 -79.02
N GLY GB 132 90.75 -111.04 -79.62
CA GLY GB 132 90.24 -110.55 -80.89
C GLY GB 132 89.63 -109.17 -80.81
N ILE GB 133 88.99 -108.86 -79.68
CA ILE GB 133 88.33 -107.56 -79.60
C ILE GB 133 89.37 -106.44 -79.50
N VAL GB 134 90.49 -106.68 -78.84
CA VAL GB 134 91.56 -105.68 -78.82
C VAL GB 134 92.11 -105.46 -80.23
N LEU GB 135 92.32 -106.55 -80.96
CA LEU GB 135 92.84 -106.44 -82.33
C LEU GB 135 91.85 -105.76 -83.26
N ARG GB 136 90.55 -105.94 -83.02
CA ARG GB 136 89.55 -105.29 -83.85
C ARG GB 136 89.36 -103.82 -83.47
N THR GB 137 89.56 -103.47 -82.21
CA THR GB 137 89.60 -102.06 -81.85
C THR GB 137 90.80 -101.37 -82.49
N LEU GB 138 91.95 -102.04 -82.51
CA LEU GB 138 93.13 -101.45 -83.12
C LEU GB 138 93.02 -101.36 -84.63
N ALA GB 139 92.37 -102.34 -85.26
CA ALA GB 139 92.41 -102.50 -86.71
C ALA GB 139 92.04 -101.24 -87.49
N PRO GB 140 90.99 -100.49 -87.16
CA PRO GB 140 90.66 -99.32 -88.00
C PRO GB 140 91.65 -98.17 -87.88
N ILE GB 141 92.36 -98.04 -86.76
CA ILE GB 141 93.36 -97.00 -86.61
C ILE GB 141 94.65 -97.37 -87.33
N PHE GB 142 95.02 -98.66 -87.33
CA PHE GB 142 96.26 -99.13 -87.94
C PHE GB 142 95.91 -100.14 -89.04
N PRO GB 143 95.22 -99.70 -90.09
CA PRO GB 143 94.67 -100.67 -91.05
C PRO GB 143 95.73 -101.39 -91.86
N ASN GB 144 96.94 -100.83 -91.95
CA ASN GB 144 98.08 -101.54 -92.53
C ASN GB 144 99.11 -101.89 -91.47
N GLY GB 145 98.69 -101.95 -90.20
CA GLY GB 145 99.61 -102.30 -89.15
C GLY GB 145 100.74 -101.31 -89.09
N SER GB 146 101.95 -101.80 -88.83
CA SER GB 146 103.11 -100.93 -88.75
C SER GB 146 103.51 -100.32 -90.09
N GLY GB 147 102.77 -100.59 -91.17
CA GLY GB 147 103.21 -100.14 -92.48
C GLY GB 147 103.10 -98.62 -92.68
N ASP GB 148 101.90 -98.07 -92.57
CA ASP GB 148 101.73 -96.63 -92.70
C ASP GB 148 100.94 -96.12 -91.51
N TRP GB 149 101.07 -94.82 -91.25
CA TRP GB 149 100.44 -94.20 -90.10
C TRP GB 149 99.36 -93.21 -90.53
N ILE GB 150 98.66 -93.48 -91.64
CA ILE GB 150 97.83 -92.45 -92.24
C ILE GB 150 96.63 -92.14 -91.36
N LYS GB 151 95.93 -93.19 -90.93
CA LYS GB 151 94.75 -92.96 -90.10
C LYS GB 151 95.15 -92.45 -88.72
N LEU GB 152 96.26 -92.94 -88.18
CA LEU GB 152 96.73 -92.39 -86.91
C LEU GB 152 96.98 -90.89 -87.04
N GLN GB 153 97.73 -90.49 -88.07
CA GLN GB 153 98.05 -89.08 -88.25
C GLN GB 153 96.79 -88.25 -88.36
N GLN GB 154 95.80 -88.73 -89.12
CA GLN GB 154 94.58 -87.96 -89.21
C GLN GB 154 93.80 -87.93 -87.89
N LEU GB 155 94.04 -88.89 -86.99
CA LEU GB 155 93.48 -88.76 -85.65
C LEU GB 155 94.20 -87.69 -84.84
N ILE GB 156 95.52 -87.57 -85.03
CA ILE GB 156 96.26 -86.52 -84.35
C ILE GB 156 95.86 -85.14 -84.89
N ASP GB 157 95.42 -85.08 -86.15
CA ASP GB 157 95.03 -83.81 -86.77
C ASP GB 157 93.66 -83.33 -86.33
N GLY GB 158 92.90 -84.17 -85.62
CA GLY GB 158 91.56 -83.81 -85.17
C GLY GB 158 90.48 -84.11 -86.18
N LEU GB 159 90.59 -85.25 -86.86
CA LEU GB 159 89.66 -85.66 -87.91
C LEU GB 159 89.05 -86.98 -87.50
N PRO GB 160 88.05 -86.95 -86.61
CA PRO GB 160 87.55 -88.18 -85.98
C PRO GB 160 86.88 -89.16 -86.93
N ARG GB 161 86.42 -88.70 -88.09
CA ARG GB 161 85.66 -89.55 -89.01
C ARG GB 161 86.62 -90.50 -89.73
N ILE GB 162 86.66 -91.74 -89.26
CA ILE GB 162 87.63 -92.71 -89.77
C ILE GB 162 87.02 -93.59 -90.85
N PHE GB 163 85.79 -94.03 -90.67
CA PHE GB 163 85.06 -94.75 -91.71
C PHE GB 163 84.26 -93.80 -92.60
N GLY GB 164 84.33 -92.49 -92.36
CA GLY GB 164 83.60 -91.52 -93.17
C GLY GB 164 82.52 -90.71 -92.45
N SER HB 1 68.84 -124.14 -91.74
CA SER HB 1 67.88 -125.00 -92.43
C SER HB 1 66.51 -124.33 -92.52
N TYR HB 2 66.21 -123.50 -91.53
CA TYR HB 2 64.94 -122.76 -91.47
C TYR HB 2 64.74 -121.92 -92.74
N THR HB 3 63.56 -122.04 -93.33
CA THR HB 3 63.16 -121.16 -94.42
C THR HB 3 61.91 -120.41 -94.03
N ILE HB 4 61.77 -119.22 -94.63
CA ILE HB 4 60.61 -118.37 -94.44
C ILE HB 4 59.74 -118.46 -95.69
N ASP HB 5 58.49 -118.84 -95.49
CA ASP HB 5 57.51 -118.90 -96.56
C ASP HB 5 56.50 -117.78 -96.34
N ILE HB 6 56.37 -116.89 -97.31
CA ILE HB 6 55.24 -115.97 -97.31
C ILE HB 6 53.98 -116.78 -97.48
N ASN HB 7 52.99 -116.54 -96.63
CA ASN HB 7 51.76 -117.30 -96.71
C ASN HB 7 50.74 -116.55 -97.58
N CYS HB 8 51.15 -116.24 -98.80
CA CYS HB 8 50.36 -115.36 -99.66
C CYS HB 8 50.07 -116.03 -101.00
N SER HB 9 49.22 -115.37 -101.77
CA SER HB 9 48.97 -115.74 -103.16
C SER HB 9 49.73 -114.78 -104.07
N THR HB 10 50.58 -115.33 -104.93
CA THR HB 10 51.33 -114.57 -105.91
C THR HB 10 51.18 -115.19 -107.29
N GLY HB 11 51.39 -114.34 -108.30
CA GLY HB 11 51.20 -114.72 -109.67
C GLY HB 11 52.51 -114.97 -110.40
N ASP HB 12 52.37 -115.22 -111.70
CA ASP HB 12 53.52 -115.41 -112.57
C ASP HB 12 53.97 -114.14 -113.25
N THR HB 13 53.06 -113.20 -113.44
CA THR HB 13 53.34 -112.02 -114.23
C THR HB 13 54.07 -110.97 -113.40
N GLN HB 14 54.84 -110.13 -114.08
CA GLN HB 14 55.55 -109.05 -113.41
C GLN HB 14 55.43 -107.77 -114.24
N ALA HB 15 55.57 -106.65 -113.56
CA ALA HB 15 55.40 -105.33 -114.17
C ALA HB 15 56.37 -104.33 -113.56
N ASN HB 16 56.79 -103.36 -114.38
CA ASN HB 16 57.72 -102.33 -113.95
C ASN HB 16 56.94 -101.12 -113.42
N LEU HB 17 57.07 -100.84 -112.12
CA LEU HB 17 56.67 -99.55 -111.57
C LEU HB 17 57.92 -98.67 -111.60
N VAL HB 18 57.93 -97.67 -112.47
CA VAL HB 18 59.18 -96.99 -112.79
C VAL HB 18 59.28 -95.72 -111.97
N LEU HB 19 60.31 -95.70 -111.13
CA LEU HB 19 60.59 -94.62 -110.21
C LEU HB 19 61.59 -93.66 -110.82
N THR HB 20 61.32 -92.37 -110.64
CA THR HB 20 62.24 -91.31 -111.01
C THR HB 20 62.96 -90.85 -109.76
N GLU HB 21 64.28 -90.69 -109.86
CA GLU HB 21 65.11 -90.53 -108.66
C GLU HB 21 64.84 -89.19 -107.98
N ILE HB 22 65.02 -89.20 -106.66
CA ILE HB 22 64.87 -88.00 -105.83
C ILE HB 22 66.25 -87.63 -105.31
N PRO HB 23 66.87 -86.57 -105.83
CA PRO HB 23 68.25 -86.25 -105.44
C PRO HB 23 68.34 -85.88 -103.97
N ALA HB 24 69.36 -86.41 -103.30
CA ALA HB 24 69.49 -86.12 -101.87
C ALA HB 24 70.03 -84.73 -101.62
N GLU HB 25 70.94 -84.29 -102.50
CA GLU HB 25 71.64 -83.00 -102.38
C GLU HB 25 70.75 -81.84 -101.93
N PRO HB 26 69.52 -81.67 -102.44
CA PRO HB 26 68.73 -80.50 -102.02
C PRO HB 26 68.04 -80.58 -100.67
N TYR HB 27 67.94 -81.75 -100.03
CA TYR HB 27 67.15 -81.85 -98.81
C TYR HB 27 67.94 -81.37 -97.59
N VAL HB 28 67.22 -80.82 -96.61
CA VAL HB 28 67.84 -80.21 -95.42
C VAL HB 28 67.05 -80.55 -94.17
N HIS HB 29 67.74 -80.97 -93.11
CA HIS HB 29 67.11 -81.26 -91.83
C HIS HB 29 66.36 -80.04 -91.29
N VAL HB 30 65.14 -80.26 -90.80
CA VAL HB 30 64.32 -79.16 -90.31
C VAL HB 30 63.86 -79.41 -88.87
N SER HB 31 63.68 -80.66 -88.49
CA SER HB 31 63.20 -80.93 -87.15
C SER HB 31 63.35 -82.42 -86.84
N GLY HB 32 63.43 -82.72 -85.55
CA GLY HB 32 63.61 -84.06 -85.03
C GLY HB 32 65.00 -84.26 -84.48
N ASP HB 33 65.28 -85.51 -84.10
CA ASP HB 33 66.59 -85.96 -83.67
C ASP HB 33 67.14 -86.96 -84.68
N ASN HB 34 68.45 -86.90 -84.92
CA ASN HB 34 69.08 -87.82 -85.87
C ASN HB 34 69.03 -89.28 -85.40
N LYS HB 35 68.47 -89.54 -84.22
CA LYS HB 35 68.34 -90.90 -83.70
C LYS HB 35 67.02 -91.55 -84.09
N SER HB 36 65.89 -90.92 -83.79
CA SER HB 36 64.58 -91.52 -83.99
C SER HB 36 63.87 -90.97 -85.21
N THR HB 37 63.64 -89.66 -85.28
CA THR HB 37 62.76 -89.06 -86.29
C THR HB 37 63.41 -87.84 -86.92
N ILE HB 38 63.33 -87.74 -88.25
CA ILE HB 38 63.99 -86.68 -89.01
C ILE HB 38 63.05 -86.17 -90.09
N GLU HB 39 63.01 -84.85 -90.29
CA GLU HB 39 62.15 -84.25 -91.30
C GLU HB 39 63.02 -83.42 -92.25
N TYR HB 40 63.11 -83.85 -93.51
CA TYR HB 40 63.86 -83.09 -94.51
C TYR HB 40 62.96 -82.15 -95.30
N LEU HB 41 63.55 -81.03 -95.72
CA LEU HB 41 62.90 -80.03 -96.56
C LEU HB 41 63.61 -79.96 -97.90
N ASP HB 42 62.84 -80.09 -98.98
CA ASP HB 42 63.33 -79.93 -100.34
C ASP HB 42 63.53 -78.43 -100.60
N THR HB 43 64.79 -77.99 -100.52
CA THR HB 43 65.12 -76.62 -100.90
C THR HB 43 64.97 -76.37 -102.40
N GLY HB 44 64.60 -77.38 -103.18
CA GLY HB 44 64.40 -77.18 -104.60
C GLY HB 44 63.01 -76.67 -104.91
N SER HB 45 62.41 -75.94 -103.97
CA SER HB 45 61.06 -75.46 -104.08
C SER HB 45 61.04 -73.93 -104.11
N ASP HB 46 59.83 -73.38 -104.20
CA ASP HB 46 59.67 -71.94 -104.25
C ASP HB 46 60.07 -71.30 -102.93
N ASN HB 47 60.76 -70.15 -103.01
CA ASN HB 47 61.06 -69.38 -101.80
C ASN HB 47 59.80 -68.78 -101.20
N SER HB 48 58.88 -68.30 -102.06
CA SER HB 48 57.88 -67.30 -101.68
C SER HB 48 56.63 -67.88 -101.07
N LEU HB 49 56.65 -69.17 -100.72
CA LEU HB 49 55.52 -69.83 -100.08
C LEU HB 49 55.87 -70.17 -98.64
N LEU HB 50 54.87 -70.07 -97.75
CA LEU HB 50 55.08 -70.54 -96.40
C LEU HB 50 55.12 -72.06 -96.32
N VAL HB 51 54.67 -72.75 -97.37
CA VAL HB 51 54.72 -74.20 -97.44
C VAL HB 51 55.75 -74.61 -98.46
N ARG HB 52 56.52 -75.64 -98.13
CA ARG HB 52 57.51 -76.19 -99.04
C ARG HB 52 57.58 -77.70 -98.84
N PRO HB 53 57.92 -78.44 -99.89
CA PRO HB 53 57.85 -79.90 -99.84
C PRO HB 53 58.83 -80.48 -98.83
N THR HB 54 58.34 -81.46 -98.08
CA THR HB 54 59.08 -82.02 -96.96
C THR HB 54 58.78 -83.51 -96.89
N GLN HB 55 59.82 -84.32 -96.72
CA GLN HB 55 59.64 -85.75 -96.51
C GLN HB 55 60.27 -86.14 -95.18
N GLN HB 56 59.52 -86.90 -94.40
CA GLN HB 56 59.90 -87.27 -93.05
C GLN HB 56 60.14 -88.77 -92.98
N PHE HB 57 61.12 -89.16 -92.16
CA PHE HB 57 61.45 -90.55 -91.89
C PHE HB 57 61.49 -90.77 -90.38
N ASN HB 58 61.06 -91.97 -89.96
CA ASN HB 58 60.80 -92.22 -88.55
C ASN HB 58 60.88 -93.72 -88.30
N CYS HB 59 61.87 -94.16 -87.50
CA CYS HB 59 62.07 -95.58 -87.21
C CYS HB 59 61.83 -95.88 -85.72
N VAL HB 60 61.33 -97.09 -85.44
CA VAL HB 60 61.14 -97.60 -84.08
C VAL HB 60 61.35 -99.10 -84.08
N SER HB 61 61.52 -99.67 -82.89
CA SER HB 61 61.81 -101.10 -82.74
C SER HB 61 61.38 -101.54 -81.35
N SER HB 62 61.00 -102.81 -81.25
CA SER HB 62 60.46 -103.35 -80.01
C SER HB 62 60.86 -104.81 -79.83
N GLN HB 63 61.03 -105.18 -78.56
CA GLN HB 63 61.38 -106.54 -78.16
C GLN HB 63 60.15 -107.44 -78.02
N TYR HB 64 58.97 -106.91 -78.29
CA TYR HB 64 57.71 -107.63 -78.08
C TYR HB 64 56.93 -107.66 -79.39
N PRO HB 65 57.40 -108.43 -80.36
CA PRO HB 65 56.85 -108.31 -81.72
C PRO HB 65 55.42 -108.81 -81.85
N TYR HB 66 54.95 -109.59 -80.88
CA TYR HB 66 53.61 -110.18 -80.93
C TYR HB 66 52.61 -109.43 -80.07
N ARG HB 67 52.91 -108.16 -79.73
CA ARG HB 67 52.10 -107.46 -78.74
C ARG HB 67 50.66 -107.28 -79.21
N ASN HB 68 50.48 -106.91 -80.46
CA ASN HB 68 49.14 -106.67 -80.98
C ASN HB 68 48.55 -107.88 -81.70
N TYR HB 69 49.36 -108.90 -81.98
CA TYR HB 69 48.88 -110.08 -82.69
C TYR HB 69 48.50 -111.16 -81.69
N SER HB 70 47.35 -110.93 -81.06
CA SER HB 70 46.91 -111.77 -79.95
C SER HB 70 46.58 -113.19 -80.39
N LYS HB 71 46.18 -113.37 -81.65
CA LYS HB 71 45.66 -114.64 -82.13
C LYS HB 71 46.76 -115.61 -82.60
N ILE HB 72 48.01 -115.32 -82.30
CA ILE HB 72 49.11 -116.28 -82.52
C ILE HB 72 49.44 -116.90 -81.16
N PRO HB 73 49.41 -118.22 -81.04
CA PRO HB 73 49.76 -118.86 -79.77
C PRO HB 73 51.25 -118.78 -79.48
N ARG HB 74 51.58 -118.89 -78.18
CA ARG HB 74 52.99 -118.85 -77.79
C ARG HB 74 53.78 -120.00 -78.40
N SER HB 75 53.12 -121.15 -78.61
CA SER HB 75 53.78 -122.28 -79.28
C SER HB 75 54.22 -121.94 -80.70
N GLN HB 76 53.74 -120.84 -81.27
CA GLN HB 76 54.11 -120.44 -82.63
C GLN HB 76 54.76 -119.07 -82.67
N GLN HB 77 55.10 -118.49 -81.52
CA GLN HB 77 55.79 -117.20 -81.45
C GLN HB 77 57.30 -117.42 -81.37
N ASP HB 78 58.03 -116.93 -82.37
CA ASP HB 78 59.50 -117.07 -82.40
C ASP HB 78 60.14 -116.17 -81.35
N PRO HB 79 60.74 -116.73 -80.30
CA PRO HB 79 61.24 -115.89 -79.20
C PRO HB 79 62.46 -115.07 -79.57
N LEU HB 80 63.21 -115.50 -80.60
CA LEU HB 80 64.32 -114.70 -81.07
C LEU HB 80 63.85 -113.47 -81.83
N ALA HB 81 62.67 -113.54 -82.43
CA ALA HB 81 62.20 -112.51 -83.36
C ALA HB 81 61.89 -111.20 -82.64
N VAL HB 82 62.03 -110.11 -83.39
CA VAL HB 82 62.03 -108.75 -82.87
C VAL HB 82 61.33 -107.84 -83.88
N ARG HB 83 60.60 -106.83 -83.40
CA ARG HB 83 59.82 -105.95 -84.27
C ARG HB 83 60.63 -104.74 -84.73
N ARG HB 84 60.70 -104.54 -86.05
CA ARG HB 84 61.31 -103.37 -86.67
C ARG HB 84 60.22 -102.61 -87.43
N GLU HB 85 60.27 -101.28 -87.40
CA GLU HB 85 59.23 -100.50 -88.07
C GLU HB 85 59.81 -99.17 -88.54
N PHE HB 86 59.34 -98.72 -89.71
CA PHE HB 86 59.67 -97.39 -90.21
C PHE HB 86 58.43 -96.76 -90.82
N TYR HB 87 58.50 -95.44 -90.97
CA TYR HB 87 57.39 -94.60 -91.42
C TYR HB 87 57.96 -93.44 -92.23
N THR HB 88 57.47 -93.28 -93.44
CA THR HB 88 57.83 -92.12 -94.24
C THR HB 88 56.55 -91.37 -94.58
N ARG HB 89 56.66 -90.03 -94.60
CA ARG HB 89 55.54 -89.17 -94.99
C ARG HB 89 56.06 -88.04 -95.85
N ARG HB 90 55.69 -88.05 -97.13
CA ARG HB 90 56.06 -87.00 -98.07
C ARG HB 90 54.87 -86.08 -98.25
N VAL HB 91 55.10 -84.79 -98.05
CA VAL HB 91 54.13 -83.74 -98.35
C VAL HB 91 54.75 -82.89 -99.44
N GLU HB 92 54.08 -82.79 -100.57
CA GLU HB 92 54.49 -81.84 -101.60
C GLU HB 92 53.32 -80.90 -101.89
N TYR HB 93 53.65 -79.66 -102.20
CA TYR HB 93 52.67 -78.61 -102.46
C TYR HB 93 52.79 -78.20 -103.92
N TRP HB 94 51.80 -78.58 -104.73
CA TRP HB 94 51.84 -78.26 -106.15
C TRP HB 94 51.40 -76.82 -106.40
N ARG HB 95 51.69 -76.36 -107.61
CA ARG HB 95 51.54 -74.96 -108.00
C ARG HB 95 50.77 -74.98 -109.31
N LYS HB 96 49.52 -74.52 -109.31
CA LYS HB 96 48.75 -74.47 -110.55
C LYS HB 96 48.63 -73.03 -111.03
N ALA HB 97 48.85 -72.86 -112.34
CA ALA HB 97 48.73 -71.57 -113.02
C ALA HB 97 48.93 -71.79 -114.51
N ASP HB 98 48.43 -70.84 -115.29
CA ASP HB 98 48.68 -70.81 -116.73
C ASP HB 98 49.56 -69.62 -117.06
N ALA HB 99 50.58 -69.86 -117.90
CA ALA HB 99 51.46 -68.78 -118.32
C ALA HB 99 50.78 -67.87 -119.35
N SER HB 100 49.73 -68.37 -120.00
CA SER HB 100 49.00 -67.56 -120.97
C SER HB 100 48.32 -66.37 -120.31
N ASN HB 101 47.77 -66.55 -119.12
CA ASN HB 101 47.00 -65.53 -118.43
C ASN HB 101 47.65 -65.27 -117.07
N VAL HB 102 48.43 -64.19 -116.96
CA VAL HB 102 49.04 -63.85 -115.68
C VAL HB 102 48.06 -63.14 -114.75
N ASP HB 103 46.93 -62.68 -115.28
CA ASP HB 103 45.86 -62.18 -114.42
C ASP HB 103 45.22 -63.32 -113.63
N ALA HB 104 45.17 -64.51 -114.20
CA ALA HB 104 44.51 -65.63 -113.54
C ALA HB 104 45.29 -66.05 -112.31
N PRO HB 105 44.61 -66.31 -111.19
CA PRO HB 105 45.32 -66.50 -109.92
C PRO HB 105 46.02 -67.85 -109.87
N GLU HB 106 47.11 -67.89 -109.10
CA GLU HB 106 47.88 -69.10 -108.90
C GLU HB 106 47.43 -69.77 -107.61
N TYR HB 107 47.36 -71.09 -107.61
CA TYR HB 107 46.88 -71.83 -106.45
C TYR HB 107 47.90 -72.85 -105.99
N THR HB 108 47.86 -73.13 -104.68
CA THR HB 108 48.68 -74.16 -104.06
C THR HB 108 47.81 -75.39 -103.78
N LEU HB 109 48.24 -76.55 -104.27
CA LEU HB 109 47.49 -77.79 -104.17
C LEU HB 109 48.26 -78.79 -103.31
N PRO HB 110 47.89 -78.95 -102.04
CA PRO HB 110 48.63 -79.89 -101.19
C PRO HB 110 48.32 -81.35 -101.47
N GLN HB 111 49.38 -82.17 -101.40
CA GLN HB 111 49.34 -83.59 -101.67
C GLN HB 111 50.24 -84.24 -100.62
N SER HB 112 49.81 -85.40 -100.09
CA SER HB 112 50.57 -86.05 -99.04
C SER HB 112 50.38 -87.56 -99.12
N CYS HB 113 51.46 -88.29 -98.81
CA CYS HB 113 51.46 -89.75 -98.94
C CYS HB 113 52.38 -90.34 -97.89
N SER HB 114 51.93 -91.40 -97.24
CA SER HB 114 52.69 -91.99 -96.15
C SER HB 114 52.71 -93.51 -96.25
N ILE HB 115 53.87 -94.08 -95.92
CA ILE HB 115 54.07 -95.53 -95.91
C ILE HB 115 54.56 -95.94 -94.53
N ARG HB 116 53.91 -96.94 -93.95
CA ARG HB 116 54.30 -97.48 -92.66
C ARG HB 116 54.57 -98.98 -92.83
N LEU HB 117 55.80 -99.40 -92.57
CA LEU HB 117 56.18 -100.81 -92.66
C LEU HB 117 56.60 -101.29 -91.29
N ALA HB 118 55.95 -102.34 -90.80
CA ALA HB 118 56.28 -102.96 -89.52
C ALA HB 118 56.46 -104.46 -89.79
N SER HB 119 57.69 -104.94 -89.65
CA SER HB 119 58.03 -106.34 -89.86
C SER HB 119 58.43 -106.98 -88.54
N THR HB 120 58.15 -108.27 -88.39
CA THR HB 120 58.86 -109.03 -87.37
C THR HB 120 60.06 -109.68 -88.05
N VAL HB 121 61.26 -109.31 -87.63
CA VAL HB 121 62.50 -109.82 -88.18
C VAL HB 121 62.98 -110.95 -87.30
N THR HB 122 63.51 -111.99 -87.93
CA THR HB 122 64.25 -113.04 -87.25
C THR HB 122 65.57 -113.24 -88.00
N LYS HB 123 66.38 -114.19 -87.52
CA LYS HB 123 67.70 -114.41 -88.09
C LYS HB 123 67.66 -114.59 -89.61
N GLU HB 124 66.63 -115.26 -90.09
CA GLU HB 124 66.52 -115.62 -91.51
C GLU HB 124 65.77 -114.58 -92.33
N THR HB 125 65.14 -113.60 -91.69
CA THR HB 125 64.47 -112.53 -92.42
C THR HB 125 65.51 -111.70 -93.17
N THR HB 126 65.30 -111.52 -94.46
CA THR HB 126 66.27 -110.83 -95.31
C THR HB 126 65.74 -109.48 -95.79
N ALA HB 127 66.68 -108.68 -96.31
CA ALA HB 127 66.33 -107.43 -96.95
C ALA HB 127 65.24 -107.63 -97.99
N ALA HB 128 65.47 -108.57 -98.92
CA ALA HB 128 64.54 -108.80 -100.00
C ALA HB 128 63.18 -109.28 -99.47
N ASP HB 129 63.18 -110.13 -98.44
CA ASP HB 129 61.92 -110.56 -97.84
C ASP HB 129 61.12 -109.37 -97.33
N ILE HB 130 61.80 -108.40 -96.70
CA ILE HB 130 61.04 -107.27 -96.19
C ILE HB 130 60.60 -106.34 -97.31
N ALA HB 131 61.39 -106.22 -98.36
CA ALA HB 131 60.94 -105.47 -99.54
C ALA HB 131 59.71 -106.10 -100.16
N GLY HB 132 59.62 -107.43 -100.11
CA GLY HB 132 58.52 -108.13 -100.74
C GLY HB 132 57.16 -107.67 -100.24
N ILE HB 133 57.05 -107.35 -98.95
CA ILE HB 133 55.74 -106.98 -98.43
C ILE HB 133 55.30 -105.62 -98.96
N VAL HB 134 56.25 -104.68 -99.09
CA VAL HB 134 55.93 -103.42 -99.74
C VAL HB 134 55.49 -103.65 -101.18
N LEU HB 135 56.22 -104.51 -101.90
CA LEU HB 135 55.87 -104.74 -103.30
C LEU HB 135 54.50 -105.38 -103.45
N ARG HB 136 54.18 -106.34 -102.58
CA ARG HB 136 52.86 -106.99 -102.63
C ARG HB 136 51.75 -106.09 -102.12
N THR HB 137 52.08 -105.09 -101.29
CA THR HB 137 51.09 -104.08 -100.92
C THR HB 137 50.78 -103.17 -102.10
N LEU HB 138 51.80 -102.87 -102.91
CA LEU HB 138 51.60 -102.00 -104.06
C LEU HB 138 50.87 -102.70 -105.21
N ALA HB 139 51.21 -103.96 -105.47
CA ALA HB 139 50.73 -104.65 -106.66
C ALA HB 139 49.21 -104.61 -106.87
N PRO HB 140 48.36 -104.66 -105.84
CA PRO HB 140 46.93 -104.52 -106.10
C PRO HB 140 46.55 -103.17 -106.67
N ILE HB 141 47.24 -102.10 -106.26
CA ILE HB 141 46.96 -100.76 -106.77
C ILE HB 141 47.60 -100.54 -108.14
N PHE HB 142 48.74 -101.17 -108.43
CA PHE HB 142 49.46 -100.98 -109.69
C PHE HB 142 49.60 -102.32 -110.38
N PRO HB 143 48.51 -102.89 -110.87
CA PRO HB 143 48.60 -104.25 -111.44
C PRO HB 143 49.46 -104.32 -112.69
N ASN HB 144 49.65 -103.20 -113.39
CA ASN HB 144 50.54 -103.14 -114.54
C ASN HB 144 51.69 -102.17 -114.31
N GLY HB 145 51.92 -101.77 -113.06
CA GLY HB 145 53.05 -100.90 -112.77
C GLY HB 145 52.76 -99.54 -113.37
N SER HB 146 53.76 -98.95 -114.02
CA SER HB 146 53.55 -97.66 -114.65
C SER HB 146 52.70 -97.75 -115.92
N GLY HB 147 52.37 -98.96 -116.39
CA GLY HB 147 51.72 -99.11 -117.70
C GLY HB 147 50.37 -98.41 -117.81
N ASP HB 148 49.56 -98.47 -116.76
CA ASP HB 148 48.28 -97.77 -116.68
C ASP HB 148 48.06 -97.36 -115.24
N TRP HB 149 47.02 -96.54 -115.02
CA TRP HB 149 46.72 -96.07 -113.67
C TRP HB 149 45.28 -96.43 -113.26
N ILE HB 150 44.73 -97.51 -113.81
CA ILE HB 150 43.28 -97.69 -113.76
C ILE HB 150 42.81 -97.94 -112.33
N LYS HB 151 43.50 -98.83 -111.61
CA LYS HB 151 43.06 -99.14 -110.27
C LYS HB 151 43.31 -97.98 -109.32
N LEU HB 152 44.41 -97.25 -109.54
CA LEU HB 152 44.64 -96.04 -108.75
C LEU HB 152 43.52 -95.03 -108.97
N GLN HB 153 43.11 -94.86 -110.23
CA GLN HB 153 42.02 -93.95 -110.54
C GLN HB 153 40.74 -94.38 -109.83
N GLN HB 154 40.47 -95.69 -109.77
CA GLN HB 154 39.31 -96.16 -109.02
C GLN HB 154 39.41 -95.77 -107.56
N LEU HB 155 40.60 -95.94 -106.97
CA LEU HB 155 40.78 -95.56 -105.57
C LEU HB 155 40.49 -94.08 -105.35
N ILE HB 156 40.97 -93.23 -106.25
CA ILE HB 156 40.70 -91.81 -106.11
C ILE HB 156 39.21 -91.52 -106.30
N ASP HB 157 38.60 -92.15 -107.30
CA ASP HB 157 37.16 -92.01 -107.56
C ASP HB 157 36.32 -92.47 -106.38
N GLY HB 158 36.90 -93.27 -105.48
CA GLY HB 158 36.22 -93.69 -104.27
C GLY HB 158 35.68 -95.09 -104.29
N LEU HB 159 36.24 -95.97 -105.11
CA LEU HB 159 35.71 -97.30 -105.37
C LEU HB 159 36.61 -98.36 -104.73
N PRO HB 160 36.41 -98.69 -103.45
CA PRO HB 160 37.41 -99.46 -102.70
C PRO HB 160 37.47 -100.93 -103.09
N ARG HB 161 36.48 -101.45 -103.80
CA ARG HB 161 36.45 -102.86 -104.19
C ARG HB 161 37.46 -103.08 -105.33
N ILE HB 162 38.70 -103.36 -104.95
CA ILE HB 162 39.79 -103.53 -105.91
C ILE HB 162 39.89 -104.98 -106.37
N PHE HB 163 39.60 -105.94 -105.50
CA PHE HB 163 39.61 -107.33 -105.88
C PHE HB 163 38.22 -107.80 -106.31
N GLY HB 164 37.32 -106.86 -106.61
CA GLY HB 164 35.96 -107.19 -106.95
C GLY HB 164 35.05 -107.18 -105.75
N SER IB 1 91.13 61.22 33.48
CA SER IB 1 91.50 59.81 33.55
C SER IB 1 90.56 59.09 34.52
N TYR IB 2 90.02 57.95 34.06
CA TYR IB 2 88.94 57.27 34.77
C TYR IB 2 89.33 56.89 36.19
N THR IB 3 88.40 57.09 37.13
CA THR IB 3 88.51 56.60 38.49
C THR IB 3 87.31 55.73 38.83
N ILE IB 4 87.51 54.81 39.77
CA ILE IB 4 86.50 53.85 40.18
C ILE IB 4 85.98 54.26 41.56
N ASP IB 5 84.67 54.55 41.62
CA ASP IB 5 83.97 54.84 42.86
C ASP IB 5 83.26 53.58 43.33
N ILE IB 6 83.61 53.09 44.53
CA ILE IB 6 82.79 52.03 45.11
C ILE IB 6 81.52 52.69 45.62
N ASN IB 7 80.45 52.55 44.87
CA ASN IB 7 79.17 53.12 45.25
C ASN IB 7 78.70 52.36 46.47
N CYS IB 8 78.90 52.93 47.65
CA CYS IB 8 78.83 52.13 48.87
C CYS IB 8 79.03 53.03 50.08
N SER IB 9 78.65 52.52 51.25
CA SER IB 9 78.82 53.22 52.52
C SER IB 9 79.99 52.60 53.29
N THR IB 10 81.04 53.40 53.53
CA THR IB 10 82.18 52.99 54.36
C THR IB 10 82.26 53.89 55.59
N GLY IB 11 83.05 53.42 56.56
CA GLY IB 11 83.18 54.10 57.84
C GLY IB 11 84.61 54.53 58.10
N ASP IB 12 84.84 55.27 59.18
CA ASP IB 12 86.20 55.72 59.48
C ASP IB 12 87.00 54.66 60.22
N THR IB 13 86.34 53.91 61.10
CA THR IB 13 87.02 52.97 61.98
C THR IB 13 87.56 51.75 61.22
N GLN IB 14 88.58 51.10 61.77
CA GLN IB 14 89.10 49.87 61.18
C GLN IB 14 89.40 48.87 62.28
N ALA IB 15 89.13 47.60 62.00
CA ALA IB 15 89.42 46.51 62.90
C ALA IB 15 90.38 45.52 62.25
N ASN IB 16 91.07 44.76 63.10
CA ASN IB 16 91.96 43.70 62.66
C ASN IB 16 91.23 42.36 62.78
N LEU IB 17 91.05 41.68 61.65
CA LEU IB 17 90.67 40.27 61.64
C LEU IB 17 91.97 39.48 61.58
N VAL IB 18 92.30 38.79 62.66
CA VAL IB 18 93.61 38.18 62.80
C VAL IB 18 93.57 36.77 62.22
N LEU IB 19 94.23 36.60 61.08
CA LEU IB 19 94.32 35.31 60.42
C LEU IB 19 95.57 34.59 60.88
N THR IB 20 95.43 33.30 61.13
CA THR IB 20 96.58 32.45 61.42
C THR IB 20 96.92 31.69 60.16
N GLU IB 21 98.21 31.68 59.80
CA GLU IB 21 98.62 31.12 58.52
C GLU IB 21 98.29 29.64 58.45
N ILE IB 22 98.20 29.14 57.23
CA ILE IB 22 98.02 27.72 56.98
C ILE IB 22 99.18 27.28 56.12
N PRO IB 23 100.09 26.43 56.63
CA PRO IB 23 101.32 26.12 55.89
C PRO IB 23 101.01 25.31 54.65
N ALA IB 24 101.68 25.67 53.55
CA ALA IB 24 101.38 25.02 52.28
C ALA IB 24 102.01 23.63 52.18
N GLU IB 25 103.08 23.37 52.93
CA GLU IB 25 103.75 22.08 52.82
C GLU IB 25 102.82 20.90 53.02
N PRO IB 26 102.00 20.84 54.07
CA PRO IB 26 101.20 19.62 54.28
C PRO IB 26 100.10 19.39 53.24
N TYR IB 27 99.79 20.33 52.34
CA TYR IB 27 98.69 20.11 51.40
C TYR IB 27 99.18 19.34 50.18
N VAL IB 28 98.36 18.39 49.73
CA VAL IB 28 98.69 17.52 48.61
C VAL IB 28 97.61 17.65 47.53
N HIS IB 29 98.04 17.97 46.31
CA HIS IB 29 97.14 18.00 45.17
C HIS IB 29 96.51 16.62 44.98
N VAL IB 30 95.18 16.60 44.87
CA VAL IB 30 94.41 15.37 44.80
C VAL IB 30 93.69 15.22 43.47
N SER IB 31 92.96 16.26 43.06
CA SER IB 31 92.13 16.19 41.86
C SER IB 31 92.07 17.55 41.19
N GLY IB 32 91.95 17.53 39.87
CA GLY IB 32 91.46 18.68 39.13
C GLY IB 32 92.49 19.36 38.24
N ASP IB 33 92.02 19.87 37.10
CA ASP IB 33 92.79 20.70 36.18
C ASP IB 33 92.81 22.14 36.67
N ASN IB 34 93.43 23.02 35.88
CA ASN IB 34 93.05 24.42 35.94
C ASN IB 34 91.66 24.61 35.34
N LYS IB 35 91.31 23.78 34.35
CA LYS IB 35 89.98 23.83 33.74
C LYS IB 35 88.92 23.27 34.68
N SER IB 36 89.31 22.36 35.57
CA SER IB 36 88.41 21.81 36.58
C SER IB 36 88.67 22.55 37.90
N THR IB 37 88.13 22.01 39.00
CA THR IB 37 88.40 22.55 40.34
C THR IB 37 89.57 21.83 40.99
N ILE IB 38 90.58 22.60 41.43
CA ILE IB 38 91.73 22.05 42.13
C ILE IB 38 91.35 21.66 43.55
N GLU IB 39 91.82 20.51 44.02
CA GLU IB 39 91.47 20.01 45.34
C GLU IB 39 92.73 19.60 46.09
N TYR IB 40 92.88 20.07 47.32
CA TYR IB 40 94.01 19.71 48.17
C TYR IB 40 93.54 19.00 49.42
N LEU IB 41 94.35 18.04 49.86
CA LEU IB 41 94.19 17.31 51.10
C LEU IB 41 95.19 17.82 52.13
N ASP IB 42 94.71 18.18 53.32
CA ASP IB 42 95.56 18.54 54.45
C ASP IB 42 96.03 17.25 55.10
N THR IB 43 97.28 16.84 54.83
CA THR IB 43 97.81 15.59 55.33
C THR IB 43 98.27 15.68 56.77
N GLY IB 44 98.20 16.87 57.36
CA GLY IB 44 98.48 17.01 58.78
C GLY IB 44 97.21 16.80 59.58
N SER IB 45 96.56 15.66 59.39
CA SER IB 45 95.32 15.32 60.08
C SER IB 45 95.42 13.92 60.64
N ASP IB 46 94.42 13.53 61.43
CA ASP IB 46 94.40 12.19 61.98
C ASP IB 46 94.21 11.21 60.84
N ASN IB 47 95.26 10.43 60.59
CA ASN IB 47 95.24 9.39 59.57
C ASN IB 47 94.16 8.35 59.86
N SER IB 48 93.84 8.13 61.14
CA SER IB 48 92.94 7.07 61.55
C SER IB 48 91.47 7.39 61.29
N LEU IB 49 91.19 8.50 60.62
CA LEU IB 49 89.87 8.82 60.11
C LEU IB 49 89.85 8.62 58.61
N LEU IB 50 88.73 8.13 58.09
CA LEU IB 50 88.58 8.03 56.65
C LEU IB 50 88.14 9.34 56.01
N VAL IB 51 87.83 10.35 56.81
CA VAL IB 51 87.58 11.70 56.32
C VAL IB 51 88.73 12.59 56.78
N ARG IB 52 89.19 13.44 55.89
CA ARG IB 52 90.33 14.29 56.18
C ARG IB 52 90.07 15.67 55.59
N PRO IB 53 90.71 16.71 56.14
CA PRO IB 53 90.41 18.08 55.73
C PRO IB 53 90.88 18.36 54.31
N THR IB 54 90.03 19.00 53.53
CA THR IB 54 90.35 19.36 52.16
C THR IB 54 89.95 20.80 51.91
N GLN IB 55 90.77 21.52 51.14
CA GLN IB 55 90.31 22.79 50.59
C GLN IB 55 90.46 22.79 49.07
N GLN IB 56 89.46 23.35 48.39
CA GLN IB 56 89.47 23.36 46.93
C GLN IB 56 89.32 24.78 46.41
N PHE IB 57 89.91 24.99 45.23
CA PHE IB 57 89.98 26.28 44.55
C PHE IB 57 89.59 26.10 43.09
N ASN IB 58 88.59 26.87 42.67
CA ASN IB 58 88.12 26.91 41.29
C ASN IB 58 88.09 28.36 40.85
N CYS IB 59 88.45 28.63 39.60
CA CYS IB 59 88.25 29.98 39.10
C CYS IB 59 87.95 29.95 37.61
N VAL IB 60 87.05 30.86 37.19
CA VAL IB 60 86.54 30.93 35.82
C VAL IB 60 86.35 32.39 35.44
N SER IB 61 86.39 32.64 34.13
CA SER IB 61 86.40 33.98 33.59
C SER IB 61 85.53 34.04 32.34
N SER IB 62 84.89 35.19 32.13
CA SER IB 62 84.02 35.35 30.96
C SER IB 62 84.13 36.76 30.39
N GLN IB 63 83.94 36.84 29.07
CA GLN IB 63 83.96 38.10 28.36
C GLN IB 63 82.64 38.84 28.44
N TYR IB 64 81.64 38.26 29.11
CA TYR IB 64 80.27 38.80 29.15
C TYR IB 64 79.89 39.09 30.59
N PRO IB 65 80.45 40.16 31.17
CA PRO IB 65 80.36 40.33 32.63
C PRO IB 65 79.00 40.77 33.12
N TYR IB 66 78.13 41.23 32.22
CA TYR IB 66 76.81 41.73 32.59
C TYR IB 66 75.73 40.66 32.42
N ARG IB 67 76.10 39.39 32.24
CA ARG IB 67 75.12 38.37 31.90
C ARG IB 67 74.11 38.17 33.03
N ASN IB 68 74.55 38.20 34.27
CA ASN IB 68 73.66 37.96 35.40
C ASN IB 68 72.91 39.20 35.85
N TYR IB 69 73.41 40.39 35.53
CA TYR IB 69 72.83 41.63 36.02
C TYR IB 69 71.93 42.21 34.94
N SER IB 70 70.65 42.34 35.25
CA SER IB 70 69.66 42.65 34.25
C SER IB 70 69.38 44.13 34.10
N LYS IB 71 69.45 44.91 35.19
CA LYS IB 71 68.96 46.27 35.17
C LYS IB 71 70.07 47.30 34.95
N ILE IB 72 71.14 46.91 34.28
CA ILE IB 72 72.20 47.83 33.89
C ILE IB 72 72.06 48.12 32.41
N PRO IB 73 71.82 49.38 32.01
CA PRO IB 73 71.68 49.70 30.59
C PRO IB 73 72.98 49.51 29.81
N ARG IB 74 72.83 49.23 28.51
CA ARG IB 74 74.01 49.07 27.67
C ARG IB 74 74.85 50.33 27.65
N SER IB 75 74.21 51.50 27.68
CA SER IB 75 74.94 52.77 27.71
C SER IB 75 75.82 52.91 28.94
N GLN IB 76 75.67 52.03 29.93
CA GLN IB 76 76.49 52.04 31.14
C GLN IB 76 77.36 50.79 31.26
N GLN IB 77 77.39 49.94 30.25
CA GLN IB 77 78.19 48.72 30.28
C GLN IB 77 79.56 48.96 29.63
N ASP IB 78 80.63 48.79 30.41
CA ASP IB 78 81.99 49.01 29.92
C ASP IB 78 82.37 47.90 28.94
N PRO IB 79 82.60 48.23 27.65
CA PRO IB 79 82.87 47.16 26.67
C PRO IB 79 84.19 46.47 26.88
N LEU IB 80 85.09 47.07 27.63
CA LEU IB 80 86.37 46.45 27.97
C LEU IB 80 86.30 45.64 29.25
N ALA IB 81 85.18 45.67 29.95
CA ALA IB 81 85.10 44.98 31.22
C ALA IB 81 85.02 43.47 31.02
N VAL IB 82 85.58 42.73 31.97
CA VAL IB 82 85.62 41.28 31.94
C VAL IB 82 85.17 40.77 33.30
N ARG IB 83 84.67 39.54 33.34
CA ARG IB 83 84.22 38.92 34.59
C ARG IB 83 85.29 37.94 35.07
N ARG IB 84 85.79 38.16 36.27
CA ARG IB 84 86.75 37.25 36.90
C ARG IB 84 86.09 36.68 38.15
N GLU IB 85 86.09 35.36 38.29
CA GLU IB 85 85.40 34.71 39.40
C GLU IB 85 86.31 33.66 39.99
N PHE IB 86 86.27 33.52 41.32
CA PHE IB 86 86.96 32.42 42.01
C PHE IB 86 86.12 31.94 43.17
N TYR IB 87 86.40 30.72 43.61
CA TYR IB 87 85.56 30.00 44.55
C TYR IB 87 86.42 29.05 45.34
N THR IB 88 86.38 29.17 46.66
CA THR IB 88 87.11 28.25 47.52
C THR IB 88 86.11 27.60 48.46
N ARG IB 89 86.36 26.32 48.76
CA ARG IB 89 85.55 25.58 49.73
C ARG IB 89 86.48 24.76 50.61
N ARG IB 90 86.49 25.07 51.90
CA ARG IB 90 87.27 24.35 52.88
C ARG IB 90 86.33 23.52 53.73
N VAL IB 91 86.60 22.22 53.80
CA VAL IB 91 85.93 21.31 54.71
C VAL IB 91 86.97 20.82 55.70
N GLU IB 92 86.72 21.05 56.99
CA GLU IB 92 87.51 20.41 58.02
C GLU IB 92 86.61 19.49 58.83
N TYR IB 93 87.25 18.55 59.53
CA TYR IB 93 86.57 17.51 60.29
C TYR IB 93 87.11 17.53 61.71
N TRP IB 94 86.38 18.17 62.63
CA TRP IB 94 86.83 18.27 64.00
C TRP IB 94 86.63 16.94 64.71
N ARG IB 95 87.27 16.81 65.88
CA ARG IB 95 87.21 15.59 66.67
C ARG IB 95 86.95 15.99 68.11
N LYS IB 96 85.87 15.48 68.70
CA LYS IB 96 85.59 15.72 70.12
C LYS IB 96 85.87 14.45 70.91
N ALA IB 97 86.64 14.60 71.99
CA ALA IB 97 86.92 13.52 72.94
C ALA IB 97 87.43 14.13 74.24
N ASP IB 98 87.59 13.29 75.27
CA ASP IB 98 88.26 13.77 76.48
C ASP IB 98 89.27 12.75 76.98
N ALA IB 99 90.47 13.24 77.32
CA ALA IB 99 91.50 12.39 77.90
C ALA IB 99 91.13 11.93 79.30
N SER IB 100 90.12 12.55 79.91
CA SER IB 100 89.70 12.17 81.25
C SER IB 100 89.06 10.78 81.29
N ASN IB 101 88.45 10.36 80.19
CA ASN IB 101 87.64 9.15 80.16
C ASN IB 101 87.97 8.32 78.92
N VAL IB 102 88.81 7.30 79.08
CA VAL IB 102 89.10 6.41 77.98
C VAL IB 102 87.87 5.62 77.56
N ASP IB 103 86.87 5.53 78.43
CA ASP IB 103 85.67 4.75 78.18
C ASP IB 103 84.62 5.51 77.36
N ALA IB 104 84.75 6.83 77.21
CA ALA IB 104 83.72 7.61 76.55
C ALA IB 104 84.02 7.78 75.06
N PRO IB 105 82.99 7.72 74.21
CA PRO IB 105 83.23 7.63 72.76
C PRO IB 105 83.75 8.95 72.19
N GLU IB 106 84.44 8.83 71.07
CA GLU IB 106 84.90 9.99 70.31
C GLU IB 106 83.96 10.23 69.14
N TYR IB 107 83.79 11.51 68.78
CA TYR IB 107 82.93 11.86 67.66
C TYR IB 107 83.68 12.76 66.70
N THR IB 108 83.37 12.64 65.42
CA THR IB 108 83.93 13.53 64.41
C THR IB 108 82.83 14.47 63.90
N LEU IB 109 83.13 15.77 63.89
CA LEU IB 109 82.16 16.84 63.65
C LEU IB 109 82.49 17.59 62.37
N PRO IB 110 81.70 17.49 61.32
CA PRO IB 110 82.04 18.16 60.06
C PRO IB 110 81.69 19.65 60.03
N GLN IB 111 82.59 20.41 59.39
CA GLN IB 111 82.47 21.84 59.23
C GLN IB 111 82.87 22.20 57.82
N SER IB 112 82.12 23.12 57.19
CA SER IB 112 82.44 23.56 55.84
C SER IB 112 82.20 25.05 55.68
N CYS IB 113 83.04 25.69 54.87
CA CYS IB 113 82.92 27.12 54.62
C CYS IB 113 83.36 27.41 53.20
N SER IB 114 82.58 28.21 52.47
CA SER IB 114 82.85 28.45 51.06
C SER IB 114 82.67 29.92 50.73
N ILE IB 115 83.65 30.47 50.00
CA ILE IB 115 83.64 31.88 49.57
C ILE IB 115 83.71 31.92 48.05
N ARG IB 116 82.75 32.61 47.44
CA ARG IB 116 82.73 32.87 46.00
C ARG IB 116 82.80 34.37 45.76
N LEU IB 117 83.57 34.77 44.75
CA LEU IB 117 83.79 36.18 44.41
C LEU IB 117 83.80 36.31 42.89
N ALA IB 118 82.95 37.18 42.38
CA ALA IB 118 82.91 37.49 40.96
C ALA IB 118 82.95 39.01 40.82
N SER IB 119 84.08 39.51 40.33
CA SER IB 119 84.28 40.94 40.12
C SER IB 119 84.22 41.25 38.62
N THR IB 120 83.65 42.42 38.30
CA THR IB 120 83.85 43.00 36.99
C THR IB 120 85.18 43.77 37.02
N VAL IB 121 86.12 43.37 36.17
CA VAL IB 121 87.47 43.93 36.14
C VAL IB 121 87.66 44.69 34.84
N THR IB 122 88.14 45.92 34.96
CA THR IB 122 88.51 46.77 33.84
C THR IB 122 89.93 47.27 34.09
N LYS IB 123 90.43 48.10 33.16
CA LYS IB 123 91.82 48.56 33.21
C LYS IB 123 92.18 49.12 34.58
N GLU IB 124 91.28 49.91 35.16
CA GLU IB 124 91.53 50.66 36.38
C GLU IB 124 91.28 49.84 37.65
N THR IB 125 90.69 48.66 37.52
CA THR IB 125 90.42 47.80 38.67
C THR IB 125 91.72 47.18 39.17
N THR IB 126 92.09 47.47 40.42
CA THR IB 126 93.31 46.93 41.01
C THR IB 126 93.01 45.74 41.93
N ALA IB 127 94.06 44.95 42.19
CA ALA IB 127 93.92 43.81 43.08
C ALA IB 127 93.41 44.24 44.44
N ALA IB 128 93.90 45.38 44.94
CA ALA IB 128 93.38 45.93 46.18
C ALA IB 128 91.88 46.23 46.07
N ASP IB 129 91.47 46.85 44.95
CA ASP IB 129 90.05 47.14 44.76
C ASP IB 129 89.22 45.88 44.88
N ILE IB 130 89.72 44.77 44.32
CA ILE IB 130 88.95 43.54 44.36
C ILE IB 130 88.99 42.91 45.75
N ALA IB 131 90.10 43.04 46.46
CA ALA IB 131 90.12 42.58 47.84
C ALA IB 131 89.11 43.34 48.69
N GLY IB 132 88.90 44.61 48.35
CA GLY IB 132 87.93 45.41 49.07
C GLY IB 132 86.57 44.76 49.16
N ILE IB 133 86.12 44.09 48.09
CA ILE IB 133 84.76 43.55 48.13
C ILE IB 133 84.66 42.41 49.13
N VAL IB 134 85.70 41.57 49.22
CA VAL IB 134 85.70 40.53 50.23
C VAL IB 134 85.77 41.15 51.63
N LEU IB 135 86.58 42.18 51.80
CA LEU IB 135 86.71 42.81 53.12
C LEU IB 135 85.39 43.44 53.56
N ARG IB 136 84.66 44.05 52.63
CA ARG IB 136 83.37 44.66 52.97
C ARG IB 136 82.29 43.61 53.15
N THR IB 137 82.39 42.46 52.47
CA THR IB 137 81.45 41.39 52.76
C THR IB 137 81.67 40.85 54.18
N LEU IB 138 82.93 40.74 54.60
CA LEU IB 138 83.23 40.20 55.93
C LEU IB 138 82.86 41.18 57.03
N ALA IB 139 83.09 42.48 56.79
CA ALA IB 139 83.06 43.46 57.89
C ALA IB 139 81.75 43.47 58.69
N PRO IB 140 80.56 43.37 58.11
CA PRO IB 140 79.34 43.39 58.94
C PRO IB 140 79.27 42.25 59.95
N ILE IB 141 79.79 41.08 59.60
CA ILE IB 141 79.78 39.91 60.48
C ILE IB 141 80.85 40.02 61.56
N PHE IB 142 81.97 40.65 61.25
CA PHE IB 142 83.09 40.80 62.19
C PHE IB 142 83.35 42.28 62.35
N PRO IB 143 82.43 43.03 62.97
CA PRO IB 143 82.58 44.48 63.02
C PRO IB 143 83.71 44.94 63.92
N ASN IB 144 84.23 44.07 64.78
CA ASN IB 144 85.42 44.36 65.58
C ASN IB 144 86.54 43.37 65.29
N GLY IB 145 86.49 42.71 64.14
CA GLY IB 145 87.58 41.85 63.75
C GLY IB 145 87.63 40.65 64.67
N SER IB 146 88.85 40.17 64.94
CA SER IB 146 88.98 39.05 65.85
C SER IB 146 88.60 39.42 67.29
N GLY IB 147 88.26 40.68 67.55
CA GLY IB 147 88.02 41.10 68.92
C GLY IB 147 86.87 40.38 69.60
N ASP IB 148 85.67 40.48 69.02
CA ASP IB 148 84.49 39.82 69.58
C ASP IB 148 83.79 39.03 68.50
N TRP IB 149 82.88 38.16 68.92
CA TRP IB 149 82.18 37.28 68.00
C TRP IB 149 80.68 37.48 68.07
N ILE IB 150 80.22 38.68 68.40
CA ILE IB 150 78.83 38.85 68.79
C ILE IB 150 77.90 38.65 67.59
N LYS IB 151 78.22 39.30 66.47
CA LYS IB 151 77.36 39.15 65.29
C LYS IB 151 77.46 37.77 64.70
N LEU IB 152 78.65 37.16 64.74
CA LEU IB 152 78.77 35.79 64.27
C LEU IB 152 77.91 34.86 65.12
N GLN IB 153 77.94 35.06 66.44
CA GLN IB 153 77.11 34.30 67.36
C GLN IB 153 75.65 34.42 66.97
N GLN IB 154 75.21 35.64 66.64
CA GLN IB 154 73.82 35.82 66.19
C GLN IB 154 73.54 34.99 64.95
N LEU IB 155 74.41 35.09 63.95
CA LEU IB 155 74.20 34.33 62.72
C LEU IB 155 74.04 32.85 63.01
N ILE IB 156 74.84 32.32 63.95
CA ILE IB 156 74.73 30.90 64.27
C ILE IB 156 73.45 30.63 65.06
N ASP IB 157 73.10 31.53 65.97
CA ASP IB 157 71.87 31.44 66.75
C ASP IB 157 70.63 31.49 65.88
N GLY IB 158 70.77 31.86 64.61
CA GLY IB 158 69.64 31.89 63.71
C GLY IB 158 68.99 33.24 63.54
N LEU IB 159 69.70 34.33 63.83
CA LEU IB 159 69.18 35.70 63.75
C LEU IB 159 69.86 36.44 62.61
N PRO IB 160 69.22 36.56 61.45
CA PRO IB 160 69.92 37.03 60.25
C PRO IB 160 70.11 38.54 60.16
N ARG IB 161 69.48 39.34 61.00
CA ARG IB 161 69.52 40.79 60.81
C ARG IB 161 70.77 41.37 61.47
N ILE IB 162 71.87 41.36 60.71
CA ILE IB 162 73.11 41.96 61.17
C ILE IB 162 72.94 43.46 61.38
N PHE IB 163 72.21 44.12 60.49
CA PHE IB 163 72.07 45.56 60.55
C PHE IB 163 70.86 46.02 61.36
N GLY IB 164 70.01 45.09 61.79
CA GLY IB 164 68.85 45.44 62.58
C GLY IB 164 67.53 45.51 61.82
N SER JB 1 84.19 17.14 80.11
CA SER JB 1 85.63 17.20 79.86
C SER JB 1 85.93 17.09 78.38
N TYR JB 2 84.87 16.87 77.59
CA TYR JB 2 85.00 16.81 76.13
C TYR JB 2 85.65 18.07 75.59
N THR JB 3 86.63 17.89 74.70
CA THR JB 3 87.31 18.96 74.02
C THR JB 3 87.22 18.76 72.52
N ILE JB 4 87.17 19.89 71.83
CA ILE JB 4 87.05 19.97 70.38
C ILE JB 4 88.44 20.23 69.82
N ASP JB 5 88.96 19.28 69.05
CA ASP JB 5 90.23 19.44 68.36
C ASP JB 5 89.94 19.63 66.88
N ILE JB 6 90.29 20.80 66.35
CA ILE JB 6 90.29 20.94 64.90
C ILE JB 6 91.35 20.00 64.33
N ASN JB 7 91.00 19.31 63.26
CA ASN JB 7 91.91 18.34 62.69
C ASN JB 7 92.67 18.94 61.52
N CYS JB 8 93.33 20.07 61.76
CA CYS JB 8 93.88 20.88 60.69
C CYS JB 8 95.38 21.05 60.85
N SER JB 9 95.97 21.72 59.87
CA SER JB 9 97.34 22.22 59.97
C SER JB 9 97.27 23.72 60.20
N THR JB 10 97.90 24.19 61.27
CA THR JB 10 97.95 25.60 61.60
C THR JB 10 99.38 26.01 61.89
N GLY JB 11 99.78 27.18 61.37
CA GLY JB 11 101.11 27.70 61.57
C GLY JB 11 101.25 28.50 62.84
N ASP JB 12 102.46 28.99 63.07
CA ASP JB 12 102.76 29.84 64.21
C ASP JB 12 102.63 31.32 63.89
N THR JB 13 102.65 31.67 62.61
CA THR JB 13 102.67 33.05 62.14
C THR JB 13 101.23 33.61 62.10
N GLN JB 14 101.09 34.94 62.17
CA GLN JB 14 99.77 35.54 62.12
C GLN JB 14 99.83 36.84 61.33
N ALA JB 15 98.70 37.21 60.72
CA ALA JB 15 98.62 38.40 59.89
C ALA JB 15 97.31 39.14 60.18
N ASN JB 16 97.33 40.45 59.91
CA ASN JB 16 96.17 41.31 60.15
C ASN JB 16 95.46 41.57 58.81
N LEU JB 17 94.24 41.06 58.68
CA LEU JB 17 93.37 41.41 57.57
C LEU JB 17 92.51 42.59 58.03
N VAL JB 18 92.73 43.76 57.44
CA VAL JB 18 92.21 45.00 58.01
C VAL JB 18 90.83 45.29 57.41
N LEU JB 19 89.81 45.16 58.23
CA LEU JB 19 88.44 45.42 57.81
C LEU JB 19 88.10 46.87 58.10
N THR JB 20 87.49 47.53 57.12
CA THR JB 20 86.94 48.86 57.33
C THR JB 20 85.45 48.74 57.61
N GLU JB 21 84.98 49.49 58.59
CA GLU JB 21 83.64 49.26 59.12
C GLU JB 21 82.58 49.61 58.10
N ILE JB 22 81.43 48.97 58.21
CA ILE JB 22 80.28 49.28 57.37
C ILE JB 22 79.14 49.68 58.29
N PRO JB 23 78.71 50.95 58.25
CA PRO JB 23 77.71 51.42 59.22
C PRO JB 23 76.32 50.87 58.92
N ALA JB 24 75.56 50.65 59.99
CA ALA JB 24 74.22 50.12 59.79
C ALA JB 24 73.20 51.21 59.47
N GLU JB 25 73.48 52.44 59.92
CA GLU JB 25 72.54 53.54 59.68
C GLU JB 25 72.13 53.69 58.23
N PRO JB 26 73.03 53.60 57.23
CA PRO JB 26 72.56 53.74 55.84
C PRO JB 26 71.74 52.57 55.31
N TYR JB 27 71.62 51.45 56.04
CA TYR JB 27 70.99 50.27 55.46
C TYR JB 27 69.50 50.24 55.74
N VAL JB 28 68.73 49.68 54.79
CA VAL JB 28 67.27 49.69 54.80
C VAL JB 28 66.73 48.30 54.51
N HIS JB 29 65.66 47.93 55.23
CA HIS JB 29 64.93 46.69 54.96
C HIS JB 29 64.39 46.67 53.53
N VAL JB 30 64.52 45.52 52.86
CA VAL JB 30 64.01 45.31 51.52
C VAL JB 30 63.00 44.17 51.47
N SER JB 31 63.40 42.98 51.93
CA SER JB 31 62.51 41.83 51.96
C SER JB 31 62.75 41.04 53.23
N GLY JB 32 61.74 40.25 53.61
CA GLY JB 32 61.82 39.34 54.75
C GLY JB 32 62.23 40.00 56.05
N ASP JB 33 61.42 40.94 56.55
CA ASP JB 33 61.81 41.74 57.70
C ASP JB 33 61.99 40.87 58.95
N ASN JB 34 61.02 40.00 59.21
CA ASN JB 34 61.06 39.15 60.39
C ASN JB 34 61.64 37.77 60.12
N LYS JB 35 61.75 37.36 58.86
CA LYS JB 35 61.98 35.97 58.51
C LYS JB 35 63.45 35.60 58.61
N SER JB 36 63.74 34.32 58.38
CA SER JB 36 65.10 33.80 58.49
C SER JB 36 66.01 34.28 57.37
N THR JB 37 65.47 34.99 56.38
CA THR JB 37 66.23 35.56 55.28
C THR JB 37 65.88 37.03 55.19
N ILE JB 38 66.89 37.88 55.22
CA ILE JB 38 66.70 39.33 55.16
C ILE JB 38 67.63 39.89 54.08
N GLU JB 39 67.16 40.92 53.38
CA GLU JB 39 67.92 41.60 52.35
C GLU JB 39 67.95 43.09 52.65
N TYR JB 40 69.14 43.67 52.77
CA TYR JB 40 69.28 45.09 53.01
C TYR JB 40 69.78 45.83 51.78
N LEU JB 41 69.39 47.11 51.72
CA LEU JB 41 69.86 48.03 50.70
C LEU JB 41 70.73 49.10 51.37
N ASP JB 42 71.87 49.39 50.77
CA ASP JB 42 72.75 50.49 51.19
C ASP JB 42 72.28 51.75 50.46
N THR JB 43 71.59 52.64 51.17
CA THR JB 43 71.14 53.89 50.55
C THR JB 43 72.21 54.96 50.55
N GLY JB 44 73.46 54.61 50.85
CA GLY JB 44 74.53 55.54 50.63
C GLY JB 44 75.04 55.38 49.22
N SER JB 45 74.15 54.98 48.33
CA SER JB 45 74.52 54.73 46.95
C SER JB 45 73.92 55.77 46.02
N ASP JB 46 74.38 55.74 44.78
CA ASP JB 46 73.90 56.71 43.82
C ASP JB 46 72.40 56.59 43.71
N ASN JB 47 71.74 57.72 44.00
CA ASN JB 47 70.30 57.81 43.94
C ASN JB 47 69.76 57.35 42.58
N SER JB 48 70.44 57.73 41.50
CA SER JB 48 69.87 57.75 40.18
C SER JB 48 70.10 56.48 39.37
N LEU JB 49 70.80 55.48 39.91
CA LEU JB 49 70.97 54.23 39.18
C LEU JB 49 69.80 53.28 39.42
N LEU JB 50 69.73 52.26 38.57
CA LEU JB 50 68.74 51.22 38.75
C LEU JB 50 69.23 50.11 39.65
N VAL JB 51 70.53 50.02 39.85
CA VAL JB 51 71.14 49.05 40.73
C VAL JB 51 71.73 49.79 41.92
N ARG JB 52 71.62 49.18 43.10
CA ARG JB 52 72.20 49.76 44.29
C ARG JB 52 72.74 48.63 45.16
N PRO JB 53 73.77 48.91 45.97
CA PRO JB 53 74.42 47.85 46.74
C PRO JB 53 73.47 47.25 47.77
N THR JB 54 73.40 45.93 47.75
CA THR JB 54 72.60 45.17 48.70
C THR JB 54 73.51 44.17 49.40
N GLN JB 55 73.09 43.77 50.59
CA GLN JB 55 73.68 42.59 51.21
C GLN JB 55 72.56 41.80 51.87
N GLN JB 56 72.50 40.51 51.57
CA GLN JB 56 71.52 39.68 52.24
C GLN JB 56 72.22 38.73 53.20
N PHE JB 57 71.47 38.35 54.23
CA PHE JB 57 71.86 37.35 55.19
C PHE JB 57 70.70 36.38 55.34
N ASN JB 58 71.01 35.09 55.40
CA ASN JB 58 69.97 34.14 55.79
C ASN JB 58 70.58 32.99 56.56
N CYS JB 59 69.79 32.47 57.50
CA CYS JB 59 70.20 31.39 58.39
C CYS JB 59 69.36 30.16 58.10
N VAL JB 60 69.96 29.00 58.32
CA VAL JB 60 69.31 27.70 58.11
C VAL JB 60 69.81 26.76 59.20
N SER JB 61 68.92 25.88 59.66
CA SER JB 61 69.28 24.86 60.63
C SER JB 61 68.73 23.52 60.16
N SER JB 62 69.46 22.45 60.43
CA SER JB 62 69.00 21.10 60.11
C SER JB 62 69.24 20.16 61.28
N GLN JB 63 68.32 19.20 61.41
CA GLN JB 63 68.35 18.24 62.50
C GLN JB 63 69.36 17.13 62.27
N TYR JB 64 69.65 16.82 60.99
CA TYR JB 64 70.51 15.71 60.59
C TYR JB 64 71.83 16.27 60.03
N PRO JB 65 72.80 16.56 60.90
CA PRO JB 65 74.00 17.28 60.42
C PRO JB 65 74.94 16.40 59.62
N TYR JB 66 74.75 15.08 59.70
CA TYR JB 66 75.60 14.11 59.04
C TYR JB 66 75.00 13.63 57.72
N ARG JB 67 74.02 14.35 57.17
CA ARG JB 67 73.29 13.83 56.02
C ARG JB 67 74.22 13.63 54.84
N ASN JB 68 75.01 14.63 54.51
CA ASN JB 68 75.91 14.57 53.37
C ASN JB 68 77.24 13.92 53.70
N TYR JB 69 77.51 13.62 54.96
CA TYR JB 69 78.78 13.03 55.35
C TYR JB 69 78.58 11.54 55.60
N SER JB 70 78.67 10.75 54.54
CA SER JB 70 78.45 9.32 54.68
C SER JB 70 79.71 8.57 55.08
N LYS JB 71 80.89 9.10 54.77
CA LYS JB 71 82.14 8.41 55.13
C LYS JB 71 82.41 8.41 56.63
N ILE JB 72 81.52 8.99 57.41
CA ILE JB 72 81.61 8.97 58.86
C ILE JB 72 80.70 7.85 59.38
N PRO JB 73 81.20 6.97 60.24
CA PRO JB 73 80.35 5.91 60.78
C PRO JB 73 79.42 6.43 61.86
N ARG JB 74 78.28 5.74 62.02
CA ARG JB 74 77.33 6.13 63.05
C ARG JB 74 77.97 6.12 64.43
N SER JB 75 78.83 5.13 64.70
CA SER JB 75 79.54 5.04 65.97
C SER JB 75 80.39 6.27 66.28
N GLN JB 76 80.62 7.14 65.30
CA GLN JB 76 81.35 8.39 65.51
C GLN JB 76 80.51 9.63 65.27
N GLN JB 77 79.23 9.47 64.89
CA GLN JB 77 78.34 10.61 64.72
C GLN JB 77 77.71 10.97 66.06
N ASP JB 78 77.90 12.22 66.49
CA ASP JB 78 77.33 12.71 67.75
C ASP JB 78 75.82 12.84 67.63
N PRO JB 79 75.03 11.99 68.29
CA PRO JB 79 73.57 12.04 68.11
C PRO JB 79 72.92 13.29 68.66
N LEU JB 80 73.66 14.08 69.44
CA LEU JB 80 73.18 15.37 69.91
C LEU JB 80 73.64 16.53 69.02
N ALA JB 81 74.33 16.25 67.92
CA ALA JB 81 74.81 17.31 67.06
C ALA JB 81 73.67 17.88 66.23
N VAL JB 82 73.76 19.17 65.95
CA VAL JB 82 72.76 19.89 65.16
C VAL JB 82 73.51 20.74 64.15
N ARG JB 83 72.97 20.86 62.94
CA ARG JB 83 73.63 21.61 61.88
C ARG JB 83 73.12 23.06 61.87
N ARG JB 84 74.03 24.02 62.03
CA ARG JB 84 73.71 25.43 61.89
C ARG JB 84 74.49 25.98 60.71
N GLU JB 85 73.81 26.67 59.78
CA GLU JB 85 74.49 27.35 58.70
C GLU JB 85 73.94 28.76 58.53
N PHE JB 86 74.77 29.62 57.95
CA PHE JB 86 74.36 30.96 57.53
C PHE JB 86 75.05 31.29 56.22
N TYR JB 87 74.50 32.31 55.54
CA TYR JB 87 74.93 32.66 54.19
C TYR JB 87 74.74 34.16 54.00
N THR JB 88 75.81 34.82 53.58
CA THR JB 88 75.72 36.23 53.23
C THR JB 88 76.10 36.38 51.76
N ARG JB 89 75.44 37.33 51.09
CA ARG JB 89 75.78 37.67 49.72
C ARG JB 89 75.70 39.17 49.56
N ARG JB 90 76.84 39.79 49.27
CA ARG JB 90 76.94 41.23 49.09
C ARG JB 90 77.15 41.49 47.61
N VAL JB 91 76.29 42.33 47.04
CA VAL JB 91 76.49 42.86 45.71
C VAL JB 91 76.68 44.36 45.85
N GLU JB 92 77.74 44.88 45.25
CA GLU JB 92 77.90 46.32 45.11
C GLU JB 92 78.10 46.64 43.64
N TYR JB 93 77.87 47.90 43.29
CA TYR JB 93 77.89 48.37 41.91
C TYR JB 93 78.79 49.60 41.84
N TRP JB 94 80.02 49.42 41.38
CA TRP JB 94 80.97 50.50 41.25
C TRP JB 94 80.64 51.36 40.05
N ARG JB 95 81.22 52.57 40.04
CA ARG JB 95 81.02 53.53 38.97
C ARG JB 95 82.37 54.04 38.50
N LYS JB 96 82.72 53.79 37.25
CA LYS JB 96 83.95 54.36 36.71
C LYS JB 96 83.59 55.57 35.87
N ALA JB 97 84.29 56.67 36.13
CA ALA JB 97 84.20 57.93 35.38
C ALA JB 97 85.37 58.80 35.76
N ASP JB 98 85.73 59.73 34.87
CA ASP JB 98 86.71 60.77 35.19
C ASP JB 98 86.04 62.13 35.17
N ALA JB 99 86.31 62.94 36.21
CA ALA JB 99 85.80 64.30 36.25
C ALA JB 99 86.44 65.19 35.20
N SER JB 100 87.54 64.75 34.59
CA SER JB 100 88.23 65.55 33.60
C SER JB 100 87.38 65.76 32.36
N ASN JB 101 86.83 64.68 31.83
CA ASN JB 101 86.09 64.72 30.57
C ASN JB 101 84.65 64.29 30.86
N VAL JB 102 83.72 65.24 30.77
CA VAL JB 102 82.32 64.90 31.00
C VAL JB 102 81.67 64.31 29.74
N ASP JB 103 82.30 64.48 28.57
CA ASP JB 103 81.88 63.71 27.40
C ASP JB 103 81.97 62.22 27.67
N ALA JB 104 82.99 61.79 28.39
CA ALA JB 104 83.28 60.37 28.54
C ALA JB 104 82.16 59.68 29.32
N PRO JB 105 81.75 58.49 28.90
CA PRO JB 105 80.60 57.85 29.52
C PRO JB 105 80.96 57.26 30.88
N GLU JB 106 79.97 57.24 31.75
CA GLU JB 106 80.12 56.61 33.06
C GLU JB 106 79.67 55.16 32.95
N TYR JB 107 80.48 54.24 33.46
CA TYR JB 107 80.14 52.82 33.41
C TYR JB 107 79.84 52.30 34.81
N THR JB 108 78.96 51.32 34.87
CA THR JB 108 78.60 50.64 36.11
C THR JB 108 79.24 49.25 36.10
N LEU JB 109 80.06 48.98 37.11
CA LEU JB 109 80.81 47.73 37.21
C LEU JB 109 80.24 46.91 38.36
N PRO JB 110 79.54 45.81 38.11
CA PRO JB 110 79.00 45.00 39.21
C PRO JB 110 80.04 44.05 39.80
N GLN JB 111 79.91 43.87 41.12
CA GLN JB 111 80.79 43.01 41.90
C GLN JB 111 79.95 42.28 42.93
N SER JB 112 80.18 40.98 43.11
CA SER JB 112 79.40 40.20 44.05
C SER JB 112 80.29 39.19 44.77
N CYS JB 113 79.97 38.95 46.05
CA CYS JB 113 80.75 38.05 46.89
C CYS JB 113 79.84 37.40 47.92
N SER JB 114 80.02 36.08 48.11
CA SER JB 114 79.14 35.31 48.98
C SER JB 114 79.93 34.35 49.84
N ILE JB 115 79.51 34.24 51.10
CA ILE JB 115 80.14 33.34 52.08
C ILE JB 115 79.06 32.47 52.69
N ARG JB 116 79.27 31.15 52.65
CA ARG JB 116 78.37 30.18 53.25
C ARG JB 116 79.14 29.38 54.30
N LEU JB 117 78.65 29.41 55.53
CA LEU JB 117 79.28 28.70 56.64
C LEU JB 117 78.29 27.70 57.21
N ALA JB 118 78.69 26.44 57.29
CA ALA JB 118 77.80 25.36 57.71
C ALA JB 118 78.57 24.47 58.67
N SER JB 119 78.24 24.58 59.95
CA SER JB 119 78.96 23.89 61.01
C SER JB 119 78.05 22.84 61.63
N THR JB 120 78.65 21.75 62.10
CA THR JB 120 77.95 20.94 63.08
C THR JB 120 78.24 21.53 64.45
N VAL JB 121 77.25 21.51 65.34
CA VAL JB 121 77.35 22.17 66.63
C VAL JB 121 76.85 21.20 67.69
N THR JB 122 77.64 21.05 68.74
CA THR JB 122 77.29 20.38 69.97
C THR JB 122 77.51 21.36 71.12
N LYS JB 123 77.20 20.92 72.34
CA LYS JB 123 77.27 21.82 73.49
C LYS JB 123 78.66 22.43 73.67
N GLU JB 124 79.71 21.78 73.15
CA GLU JB 124 81.07 22.26 73.34
C GLU JB 124 81.58 23.10 72.17
N THR JB 125 80.82 23.21 71.09
CA THR JB 125 81.17 24.11 70.01
C THR JB 125 81.03 25.56 70.47
N THR JB 126 82.10 26.35 70.31
CA THR JB 126 82.06 27.74 70.72
C THR JB 126 82.00 28.69 69.52
N ALA JB 127 81.59 29.92 69.82
CA ALA JB 127 81.56 30.97 68.82
C ALA JB 127 82.90 31.12 68.14
N ALA JB 128 83.97 31.19 68.94
CA ALA JB 128 85.31 31.37 68.38
C ALA JB 128 85.78 30.14 67.60
N ASP JB 129 85.37 28.94 68.02
CA ASP JB 129 85.66 27.76 67.22
C ASP JB 129 85.08 27.90 65.82
N ILE JB 130 83.82 28.35 65.74
CA ILE JB 130 83.22 28.46 64.42
C ILE JB 130 83.83 29.62 63.65
N ALA JB 131 84.21 30.70 64.32
CA ALA JB 131 84.92 31.78 63.65
C ALA JB 131 86.22 31.30 63.05
N GLY JB 132 86.83 30.28 63.66
CA GLY JB 132 88.12 29.82 63.20
C GLY JB 132 88.08 29.25 61.79
N ILE JB 133 86.98 28.59 61.43
CA ILE JB 133 86.94 27.97 60.11
C ILE JB 133 86.85 29.03 59.01
N VAL JB 134 86.15 30.15 59.27
CA VAL JB 134 86.14 31.24 58.31
C VAL JB 134 87.55 31.82 58.15
N LEU JB 135 88.25 32.02 59.26
CA LEU JB 135 89.60 32.57 59.19
C LEU JB 135 90.57 31.61 58.51
N ARG JB 136 90.35 30.30 58.64
CA ARG JB 136 91.22 29.35 57.98
C ARG JB 136 90.88 29.20 56.50
N THR JB 137 89.62 29.37 56.13
CA THR JB 137 89.29 29.46 54.71
C THR JB 137 89.93 30.68 54.08
N LEU JB 138 89.90 31.81 54.78
CA LEU JB 138 90.50 33.03 54.24
C LEU JB 138 92.03 32.95 54.18
N ALA JB 139 92.64 32.28 55.16
CA ALA JB 139 94.09 32.33 55.36
C ALA JB 139 94.90 32.03 54.10
N PRO JB 140 94.61 31.00 53.30
CA PRO JB 140 95.48 30.72 52.16
C PRO JB 140 95.37 31.73 51.04
N ILE JB 141 94.24 32.43 50.90
CA ILE JB 141 94.09 33.46 49.88
C ILE JB 141 94.78 34.75 50.31
N PHE JB 142 94.75 35.08 51.61
CA PHE JB 142 95.32 36.31 52.14
C PHE JB 142 96.39 35.96 53.16
N PRO JB 143 97.48 35.30 52.72
CA PRO JB 143 98.42 34.74 53.70
C PRO JB 143 99.20 35.79 54.47
N ASN JB 144 99.28 37.02 53.96
CA ASN JB 144 99.81 38.14 54.70
C ASN JB 144 98.72 39.14 55.06
N GLY JB 145 97.46 38.69 55.07
CA GLY JB 145 96.39 39.58 55.44
C GLY JB 145 96.33 40.74 54.47
N SER JB 146 96.03 41.93 54.99
CA SER JB 146 95.95 43.11 54.16
C SER JB 146 97.30 43.56 53.60
N GLY JB 147 98.38 42.83 53.87
CA GLY JB 147 99.70 43.31 53.45
C GLY JB 147 99.93 43.27 51.95
N ASP JB 148 99.85 42.07 51.36
CA ASP JB 148 100.02 41.94 49.92
C ASP JB 148 98.86 41.16 49.36
N TRP JB 149 98.63 41.32 48.06
CA TRP JB 149 97.51 40.68 47.39
C TRP JB 149 97.99 39.65 46.37
N ILE JB 150 99.09 38.97 46.65
CA ILE JB 150 99.75 38.18 45.60
C ILE JB 150 98.90 36.97 45.24
N LYS JB 151 98.45 36.23 46.25
CA LYS JB 151 97.65 35.04 45.97
C LYS JB 151 96.28 35.42 45.44
N LEU JB 152 95.69 36.51 45.96
CA LEU JB 152 94.43 36.98 45.39
C LEU JB 152 94.59 37.28 43.91
N GLN JB 153 95.62 38.05 43.54
CA GLN JB 153 95.82 38.42 42.15
C GLN JB 153 95.98 37.19 41.28
N GLN JB 154 96.74 36.20 41.76
CA GLN JB 154 96.88 35.00 40.94
C GLN JB 154 95.57 34.22 40.86
N LEU JB 155 94.65 34.39 41.82
CA LEU JB 155 93.32 33.81 41.63
C LEU JB 155 92.53 34.56 40.56
N ILE JB 156 92.69 35.88 40.49
CA ILE JB 156 92.03 36.63 39.44
C ILE JB 156 92.61 36.29 38.07
N ASP JB 157 93.87 35.88 38.02
CA ASP JB 157 94.52 35.54 36.76
C ASP JB 157 94.13 34.18 36.23
N GLY JB 158 93.42 33.37 37.02
CA GLY JB 158 92.99 32.06 36.61
C GLY JB 158 94.02 30.98 36.90
N LEU JB 159 94.67 31.06 38.06
CA LEU JB 159 95.73 30.14 38.46
C LEU JB 159 95.30 29.48 39.76
N PRO JB 160 94.43 28.47 39.68
CA PRO JB 160 93.78 27.91 40.88
C PRO JB 160 94.72 27.23 41.85
N ARG JB 161 95.91 26.80 41.42
CA ARG JB 161 96.82 26.03 42.26
C ARG JB 161 97.49 26.98 43.25
N ILE JB 162 97.00 26.98 44.49
CA ILE JB 162 97.46 27.92 45.50
C ILE JB 162 98.54 27.31 46.38
N PHE JB 163 98.36 26.06 46.78
CA PHE JB 163 99.40 25.33 47.49
C PHE JB 163 100.33 24.58 46.55
N GLY JB 164 100.12 24.68 45.24
CA GLY JB 164 100.96 24.00 44.26
C GLY JB 164 100.29 22.94 43.41
N SER KB 1 99.07 8.20 76.37
CA SER KB 1 99.76 7.23 77.22
C SER KB 1 99.89 5.89 76.51
N TYR KB 2 98.92 5.59 75.65
CA TYR KB 2 98.91 4.35 74.87
C TYR KB 2 100.20 4.20 74.06
N THR KB 3 100.81 3.02 74.15
CA THR KB 3 101.94 2.67 73.29
C THR KB 3 101.59 1.44 72.48
N ILE KB 4 102.21 1.35 71.31
CA ILE KB 4 102.06 0.21 70.41
C ILE KB 4 103.32 -0.63 70.52
N ASP KB 5 103.15 -1.90 70.85
CA ASP KB 5 104.23 -2.87 70.90
C ASP KB 5 104.05 -3.84 69.74
N ILE KB 6 105.06 -3.92 68.89
CA ILE KB 6 105.09 -5.02 67.93
C ILE KB 6 105.27 -6.31 68.71
N ASN KB 7 104.44 -7.30 68.41
CA ASN KB 7 104.53 -8.56 69.14
C ASN KB 7 105.43 -9.53 68.38
N CYS KB 8 106.66 -9.09 68.09
CA CYS KB 8 107.55 -9.84 67.23
C CYS KB 8 108.87 -10.12 67.92
N SER KB 9 109.69 -10.94 67.25
CA SER KB 9 111.07 -11.18 67.64
C SER KB 9 111.98 -10.38 66.72
N THR KB 10 112.82 -9.53 67.32
CA THR KB 10 113.81 -8.72 66.61
C THR KB 10 115.16 -8.87 67.25
N GLY KB 11 116.19 -8.62 66.44
CA GLY KB 11 117.56 -8.80 66.85
C GLY KB 11 118.25 -7.48 67.15
N ASP KB 12 119.54 -7.59 67.42
CA ASP KB 12 120.39 -6.44 67.69
C ASP KB 12 121.10 -5.94 66.44
N THR KB 13 121.32 -6.81 65.47
CA THR KB 13 122.13 -6.48 64.32
C THR KB 13 121.31 -5.73 63.28
N GLN KB 14 122.00 -4.93 62.48
CA GLN KB 14 121.34 -4.19 61.40
C GLN KB 14 122.20 -4.26 60.15
N ALA KB 15 121.54 -4.09 59.00
CA ALA KB 15 122.20 -4.21 57.70
C ALA KB 15 121.58 -3.23 56.72
N ASN KB 16 122.42 -2.76 55.79
CA ASN KB 16 122.00 -1.81 54.76
C ASN KB 16 121.51 -2.56 53.52
N LEU KB 17 120.22 -2.45 53.21
CA LEU KB 17 119.69 -2.81 51.90
C LEU KB 17 119.72 -1.54 51.06
N VAL KB 18 120.62 -1.49 50.08
CA VAL KB 18 120.93 -0.22 49.45
C VAL KB 18 120.14 -0.08 48.16
N LEU KB 19 119.28 0.93 48.16
CA LEU KB 19 118.37 1.23 47.06
C LEU KB 19 118.99 2.26 46.15
N THR KB 20 118.85 2.03 44.84
CA THR KB 20 119.23 2.99 43.83
C THR KB 20 117.97 3.70 43.36
N GLU KB 21 118.04 5.03 43.24
CA GLU KB 21 116.84 5.84 43.07
C GLU KB 21 116.19 5.60 41.72
N ILE KB 22 114.87 5.76 41.68
CA ILE KB 22 114.08 5.62 40.47
C ILE KB 22 113.54 7.02 40.13
N PRO KB 23 114.07 7.67 39.10
CA PRO KB 23 113.66 9.05 38.81
C PRO KB 23 112.19 9.12 38.42
N ALA KB 24 111.48 10.12 38.96
CA ALA KB 24 110.06 10.22 38.65
C ALA KB 24 109.84 10.82 37.26
N GLU KB 25 110.70 11.75 36.87
CA GLU KB 25 110.61 12.48 35.61
C GLU KB 25 110.20 11.62 34.41
N PRO KB 26 110.73 10.42 34.21
CA PRO KB 26 110.36 9.65 33.00
C PRO KB 26 109.01 8.93 33.04
N TYR KB 27 108.36 8.79 34.18
CA TYR KB 27 107.15 7.97 34.24
C TYR KB 27 105.93 8.75 33.74
N VAL KB 28 104.97 8.03 33.14
CA VAL KB 28 103.79 8.65 32.53
C VAL KB 28 102.55 7.81 32.83
N HIS KB 29 101.47 8.48 33.23
CA HIS KB 29 100.19 7.81 33.46
C HIS KB 29 99.70 7.10 32.22
N VAL KB 30 99.23 5.85 32.40
CA VAL KB 30 98.78 5.06 31.26
C VAL KB 30 97.34 4.57 31.45
N SER KB 31 96.94 4.35 32.69
CA SER KB 31 95.59 3.83 32.92
C SER KB 31 95.26 3.93 34.40
N GLY KB 32 93.95 3.98 34.67
CA GLY KB 32 93.39 4.10 35.99
C GLY KB 32 92.82 5.48 36.23
N ASP KB 33 92.41 5.70 37.48
CA ASP KB 33 91.94 6.99 37.95
C ASP KB 33 92.91 7.54 38.99
N ASN KB 34 93.13 8.85 38.98
CA ASN KB 34 94.04 9.47 39.95
C ASN KB 34 93.54 9.36 41.39
N LYS KB 35 92.37 8.78 41.61
CA LYS KB 35 91.81 8.59 42.95
C LYS KB 35 92.22 7.26 43.58
N SER KB 36 91.95 6.15 42.89
CA SER KB 36 92.17 4.82 43.46
C SER KB 36 93.42 4.14 42.92
N THR KB 37 93.53 3.96 41.60
CA THR KB 37 94.55 3.11 41.01
C THR KB 37 95.20 3.82 39.81
N ILE KB 38 96.54 3.77 39.75
CA ILE KB 38 97.30 4.48 38.73
C ILE KB 38 98.42 3.58 38.22
N GLU KB 39 98.65 3.58 36.89
CA GLU KB 39 99.70 2.76 36.29
C GLU KB 39 100.65 3.66 35.51
N TYR KB 40 101.89 3.77 35.97
CA TYR KB 40 102.89 4.56 35.27
C TYR KB 40 103.72 3.70 34.32
N LEU KB 41 104.16 4.34 33.23
CA LEU KB 41 105.03 3.73 32.23
C LEU KB 41 106.36 4.47 32.22
N ASP KB 42 107.44 3.71 32.35
CA ASP KB 42 108.81 4.24 32.23
C ASP KB 42 109.09 4.50 30.75
N THR KB 43 109.01 5.76 30.34
CA THR KB 43 109.41 6.14 28.98
C THR KB 43 110.91 6.04 28.77
N GLY KB 44 111.67 5.65 29.79
CA GLY KB 44 113.11 5.46 29.62
C GLY KB 44 113.46 4.10 29.06
N SER KB 45 112.54 3.52 28.31
CA SER KB 45 112.70 2.18 27.78
C SER KB 45 112.76 2.21 26.26
N ASP KB 46 112.88 1.03 25.67
CA ASP KB 46 112.97 0.89 24.23
C ASP KB 46 111.66 1.29 23.57
N ASN KB 47 111.75 2.02 22.44
CA ASN KB 47 110.56 2.32 21.65
C ASN KB 47 109.99 1.08 21.00
N SER KB 48 110.88 0.20 20.51
CA SER KB 48 110.55 -0.79 19.47
C SER KB 48 109.94 -2.06 20.01
N LEU KB 49 109.57 -2.10 21.28
CA LEU KB 49 108.94 -3.25 21.89
C LEU KB 49 107.48 -2.95 22.21
N LEU KB 50 106.62 -3.95 22.06
CA LEU KB 50 105.24 -3.79 22.51
C LEU KB 50 105.13 -3.80 24.02
N VAL KB 51 106.18 -4.24 24.72
CA VAL KB 51 106.20 -4.25 26.18
C VAL KB 51 107.20 -3.20 26.64
N ARG KB 52 106.83 -2.47 27.69
CA ARG KB 52 107.70 -1.48 28.28
C ARG KB 52 107.47 -1.47 29.79
N PRO KB 53 108.50 -1.13 30.56
CA PRO KB 53 108.41 -1.24 32.02
C PRO KB 53 107.38 -0.30 32.60
N THR KB 54 106.60 -0.83 33.55
CA THR KB 54 105.46 -0.13 34.11
C THR KB 54 105.36 -0.49 35.59
N GLN KB 55 105.15 0.53 36.42
CA GLN KB 55 104.90 0.29 37.84
C GLN KB 55 103.57 0.88 38.23
N GLN KB 56 102.77 0.10 38.94
CA GLN KB 56 101.42 0.46 39.28
C GLN KB 56 101.30 0.63 40.80
N PHE KB 57 100.46 1.59 41.19
CA PHE KB 57 100.14 1.87 42.59
C PHE KB 57 98.63 1.87 42.77
N ASN KB 58 98.19 1.40 43.94
CA ASN KB 58 96.78 1.11 44.16
C ASN KB 58 96.49 1.14 45.66
N CYS KB 59 95.67 2.09 46.11
CA CYS KB 59 95.33 2.24 47.53
C CYS KB 59 93.86 1.97 47.78
N VAL KB 60 93.55 1.43 48.96
CA VAL KB 60 92.18 1.20 49.43
C VAL KB 60 92.15 1.37 50.95
N SER KB 61 90.94 1.49 51.49
CA SER KB 61 90.74 1.74 52.91
C SER KB 61 89.36 1.26 53.32
N SER KB 62 89.23 0.84 54.57
CA SER KB 62 87.99 0.26 55.06
C SER KB 62 87.77 0.60 56.53
N GLN KB 63 86.49 0.75 56.88
CA GLN KB 63 86.06 1.05 58.23
C GLN KB 63 85.92 -0.21 59.09
N TYR KB 64 86.22 -1.38 58.53
CA TYR KB 64 86.01 -2.66 59.21
C TYR KB 64 87.33 -3.42 59.24
N PRO KB 65 88.28 -2.95 60.05
CA PRO KB 65 89.66 -3.47 59.95
C PRO KB 65 89.80 -4.91 60.41
N TYR KB 66 88.82 -5.43 61.16
CA TYR KB 66 88.88 -6.78 61.70
C TYR KB 66 88.06 -7.78 60.89
N ARG KB 67 87.75 -7.45 59.63
CA ARG KB 67 86.78 -8.25 58.88
C ARG KB 67 87.29 -9.67 58.67
N ASN KB 68 88.57 -9.82 58.31
CA ASN KB 68 89.11 -11.14 58.05
C ASN KB 68 89.81 -11.76 59.25
N TYR KB 69 90.05 -10.97 60.31
CA TYR KB 69 90.75 -11.47 61.49
C TYR KB 69 89.72 -11.91 62.54
N SER KB 70 89.12 -13.06 62.26
CA SER KB 70 88.00 -13.54 63.06
C SER KB 70 88.42 -13.91 64.47
N LYS KB 71 89.68 -14.30 64.67
CA LYS KB 71 90.14 -14.84 65.93
C LYS KB 71 90.55 -13.77 66.95
N ILE KB 72 90.24 -12.50 66.70
CA ILE KB 72 90.42 -11.45 67.68
C ILE KB 72 89.05 -11.15 68.29
N PRO KB 73 88.90 -11.23 69.61
CA PRO KB 73 87.59 -10.93 70.22
C PRO KB 73 87.28 -9.44 70.18
N ARG KB 74 85.98 -9.14 70.27
CA ARG KB 74 85.57 -7.73 70.26
C ARG KB 74 86.13 -6.97 71.45
N SER KB 75 86.33 -7.65 72.59
CA SER KB 75 86.95 -7.02 73.75
C SER KB 75 88.37 -6.54 73.46
N GLN KB 76 88.98 -6.98 72.35
CA GLN KB 76 90.33 -6.57 72.01
C GLN KB 76 90.41 -5.87 70.66
N GLN KB 77 89.26 -5.54 70.06
CA GLN KB 77 89.20 -4.81 68.79
C GLN KB 77 89.09 -3.31 69.06
N ASP KB 78 90.09 -2.54 68.61
CA ASP KB 78 90.08 -1.09 68.79
C ASP KB 78 89.04 -0.44 67.89
N PRO KB 79 87.96 0.12 68.45
CA PRO KB 79 86.87 0.63 67.59
C PRO KB 79 87.25 1.88 66.82
N LEU KB 80 88.24 2.64 67.30
CA LEU KB 80 88.71 3.78 66.54
C LEU KB 80 89.50 3.37 65.31
N ALA KB 81 90.13 2.19 65.36
CA ALA KB 81 91.09 1.78 64.35
C ALA KB 81 90.41 1.49 63.02
N VAL KB 82 91.18 1.69 61.93
CA VAL KB 82 90.70 1.71 60.57
C VAL KB 82 91.74 1.06 59.68
N ARG KB 83 91.29 0.35 58.62
CA ARG KB 83 92.20 -0.38 57.75
C ARG KB 83 92.67 0.47 56.56
N ARG KB 84 94.00 0.58 56.41
CA ARG KB 84 94.63 1.23 55.27
C ARG KB 84 95.43 0.19 54.49
N GLU KB 85 95.43 0.28 53.16
CA GLU KB 85 96.14 -0.73 52.37
C GLU KB 85 96.63 -0.10 51.07
N PHE KB 86 97.81 -0.53 50.63
CA PHE KB 86 98.34 -0.16 49.32
C PHE KB 86 99.00 -1.36 48.66
N TYR KB 87 99.18 -1.25 47.35
CA TYR KB 87 99.66 -2.32 46.49
C TYR KB 87 100.48 -1.70 45.38
N THR KB 88 101.71 -2.16 45.22
CA THR KB 88 102.54 -1.76 44.10
C THR KB 88 102.90 -3.00 43.31
N ARG KB 89 102.96 -2.85 41.99
CA ARG KB 89 103.38 -3.94 41.10
C ARG KB 89 104.27 -3.36 40.01
N ARG KB 90 105.55 -3.71 40.04
CA ARG KB 90 106.51 -3.29 39.02
C ARG KB 90 106.74 -4.45 38.07
N VAL KB 91 106.57 -4.19 36.78
CA VAL KB 91 106.90 -5.12 35.72
C VAL KB 91 108.01 -4.44 34.91
N GLU KB 92 109.16 -5.10 34.82
CA GLU KB 92 110.19 -4.64 33.90
C GLU KB 92 110.53 -5.75 32.93
N TYR KB 93 110.86 -5.38 31.70
CA TYR KB 93 111.16 -6.33 30.64
C TYR KB 93 112.63 -6.17 30.27
N TRP KB 94 113.46 -7.15 30.63
CA TRP KB 94 114.88 -7.08 30.35
C TRP KB 94 115.17 -7.48 28.90
N ARG KB 95 116.37 -7.14 28.48
CA ARG KB 95 116.81 -7.24 27.09
C ARG KB 95 118.14 -8.00 27.12
N LYS KB 96 118.16 -9.22 26.61
CA LYS KB 96 119.42 -9.97 26.57
C LYS KB 96 119.94 -10.03 25.14
N ALA KB 97 121.24 -9.78 25.01
CA ALA KB 97 121.95 -9.85 23.73
C ALA KB 97 123.44 -9.63 23.99
N ASP KB 98 124.25 -10.09 23.05
CA ASP KB 98 125.68 -9.80 23.06
C ASP KB 98 126.03 -8.88 21.90
N ALA KB 99 126.84 -7.86 22.20
CA ALA KB 99 127.27 -6.94 21.15
C ALA KB 99 128.33 -7.57 20.26
N SER KB 100 128.99 -8.63 20.74
CA SER KB 100 129.99 -9.31 19.93
C SER KB 100 129.37 -9.96 18.69
N ASN KB 101 128.19 -10.53 18.84
CA ASN KB 101 127.54 -11.30 17.77
C ASN KB 101 126.18 -10.66 17.50
N VAL KB 102 126.08 -9.86 16.44
CA VAL KB 102 124.79 -9.25 16.09
C VAL KB 102 123.90 -10.22 15.34
N ASP KB 103 124.46 -11.33 14.84
CA ASP KB 103 123.63 -12.40 14.30
C ASP KB 103 122.82 -13.09 15.39
N ALA KB 104 123.37 -13.17 16.60
CA ALA KB 104 122.70 -13.89 17.67
C ALA KB 104 121.45 -13.13 18.10
N PRO KB 105 120.33 -13.84 18.30
CA PRO KB 105 119.04 -13.16 18.49
C PRO KB 105 118.95 -12.50 19.86
N GLU KB 106 118.16 -11.43 19.91
CA GLU KB 106 117.91 -10.69 21.14
C GLU KB 106 116.61 -11.19 21.75
N TYR KB 107 116.59 -11.30 23.09
CA TYR KB 107 115.43 -11.83 23.78
C TYR KB 107 114.91 -10.85 24.82
N THR KB 108 113.61 -10.92 25.08
CA THR KB 108 112.95 -10.15 26.11
C THR KB 108 112.66 -11.07 27.30
N LEU KB 109 113.11 -10.65 28.48
CA LEU KB 109 112.99 -11.46 29.70
C LEU KB 109 112.09 -10.74 30.69
N PRO KB 110 110.82 -11.13 30.82
CA PRO KB 110 109.93 -10.43 31.76
C PRO KB 110 110.19 -10.79 33.22
N GLN KB 111 110.09 -9.76 34.06
CA GLN KB 111 110.32 -9.83 35.49
C GLN KB 111 109.24 -8.98 36.14
N SER KB 112 108.69 -9.44 37.27
CA SER KB 112 107.61 -8.73 37.92
C SER KB 112 107.66 -8.96 39.43
N CYS KB 113 107.32 -7.92 40.19
CA CYS KB 113 107.41 -7.96 41.64
C CYS KB 113 106.33 -7.08 42.24
N SER KB 114 105.65 -7.57 43.27
CA SER KB 114 104.53 -6.84 43.85
C SER KB 114 104.60 -6.88 45.38
N ILE KB 115 104.24 -5.74 45.98
CA ILE KB 115 104.19 -5.59 47.42
C ILE KB 115 102.80 -5.13 47.82
N ARG KB 116 102.20 -5.83 48.79
CA ARG KB 116 100.89 -5.47 49.32
C ARG KB 116 101.02 -5.26 50.82
N LEU KB 117 100.73 -4.03 51.27
CA LEU KB 117 100.78 -3.69 52.69
C LEU KB 117 99.39 -3.32 53.15
N ALA KB 118 98.90 -4.01 54.17
CA ALA KB 118 97.60 -3.72 54.78
C ALA KB 118 97.82 -3.58 56.27
N SER KB 119 97.65 -2.37 56.79
CA SER KB 119 97.82 -2.08 58.21
C SER KB 119 96.47 -1.73 58.83
N THR KB 120 96.29 -2.05 60.11
CA THR KB 120 95.25 -1.38 60.86
C THR KB 120 95.90 -0.19 61.57
N VAL KB 121 95.45 1.01 61.22
CA VAL KB 121 95.96 2.25 61.77
C VAL KB 121 95.05 2.69 62.90
N THR KB 122 95.65 3.19 63.98
CA THR KB 122 94.93 3.88 65.04
C THR KB 122 95.64 5.21 65.29
N LYS KB 123 95.13 5.97 66.26
CA LYS KB 123 95.67 7.31 66.52
C LYS KB 123 97.18 7.28 66.74
N GLU KB 124 97.68 6.23 67.40
CA GLU KB 124 99.08 6.15 67.78
C GLU KB 124 99.95 5.45 66.74
N THR KB 125 99.34 4.83 65.72
CA THR KB 125 100.11 4.22 64.65
C THR KB 125 100.85 5.29 63.87
N THR KB 126 102.16 5.11 63.72
CA THR KB 126 103.00 6.12 63.08
C THR KB 126 103.52 5.64 61.72
N ALA KB 127 104.04 6.62 60.97
CA ALA KB 127 104.71 6.32 59.72
C ALA KB 127 105.77 5.24 59.92
N ALA KB 128 106.67 5.46 60.88
CA ALA KB 128 107.77 4.53 61.12
C ALA KB 128 107.25 3.16 61.53
N ASP KB 129 106.20 3.12 62.35
CA ASP KB 129 105.61 1.84 62.74
C ASP KB 129 105.16 1.06 61.51
N ILE KB 130 104.54 1.75 60.55
CA ILE KB 130 104.05 1.02 59.38
C ILE KB 130 105.21 0.63 58.47
N ALA KB 131 106.26 1.45 58.40
CA ALA KB 131 107.45 1.05 57.66
C ALA KB 131 108.09 -0.20 58.27
N GLY KB 132 108.00 -0.33 59.59
CA GLY KB 132 108.63 -1.44 60.27
C GLY KB 132 108.17 -2.79 59.76
N ILE KB 133 106.90 -2.91 59.40
CA ILE KB 133 106.41 -4.23 58.98
C ILE KB 133 106.98 -4.61 57.62
N VAL KB 134 107.12 -3.64 56.72
CA VAL KB 134 107.80 -3.90 55.46
C VAL KB 134 109.25 -4.32 55.71
N LEU KB 135 109.93 -3.61 56.61
CA LEU KB 135 111.33 -3.93 56.87
C LEU KB 135 111.48 -5.32 57.47
N ARG KB 136 110.60 -5.70 58.39
CA ARG KB 136 110.66 -7.02 59.00
C ARG KB 136 110.20 -8.11 58.06
N THR KB 137 109.39 -7.77 57.06
CA THR KB 137 109.06 -8.74 56.00
C THR KB 137 110.26 -9.00 55.11
N LEU KB 138 111.06 -7.95 54.87
CA LEU KB 138 112.24 -8.11 54.01
C LEU KB 138 113.38 -8.83 54.72
N ALA KB 139 113.60 -8.52 55.99
CA ALA KB 139 114.80 -9.01 56.69
C ALA KB 139 115.03 -10.52 56.62
N PRO KB 140 114.01 -11.38 56.62
CA PRO KB 140 114.31 -12.81 56.44
C PRO KB 140 114.92 -13.14 55.09
N ILE KB 141 114.52 -12.42 54.03
CA ILE KB 141 115.06 -12.64 52.69
C ILE KB 141 116.43 -11.97 52.53
N PHE KB 142 116.68 -10.85 53.20
CA PHE KB 142 117.92 -10.11 53.06
C PHE KB 142 118.58 -9.99 54.43
N PRO KB 143 119.09 -11.09 54.98
CA PRO KB 143 119.62 -11.04 56.34
C PRO KB 143 120.85 -10.14 56.47
N ASN KB 144 121.57 -9.91 55.37
CA ASN KB 144 122.71 -9.00 55.37
C ASN KB 144 122.49 -7.82 54.44
N GLY KB 145 121.23 -7.60 54.01
CA GLY KB 145 120.94 -6.46 53.16
C GLY KB 145 121.58 -6.69 51.82
N SER KB 146 122.22 -5.66 51.28
CA SER KB 146 122.89 -5.82 49.99
C SER KB 146 124.17 -6.65 50.09
N GLY KB 147 124.62 -7.01 51.29
CA GLY KB 147 125.93 -7.63 51.45
C GLY KB 147 126.09 -8.96 50.71
N ASP KB 148 125.05 -9.79 50.73
CA ASP KB 148 125.02 -11.05 49.99
C ASP KB 148 123.59 -11.29 49.53
N TRP KB 149 123.40 -12.30 48.68
CA TRP KB 149 122.08 -12.61 48.17
C TRP KB 149 121.69 -14.06 48.47
N ILE KB 150 122.22 -14.64 49.55
CA ILE KB 150 122.19 -16.10 49.68
C ILE KB 150 120.77 -16.60 49.88
N LYS KB 151 120.02 -15.96 50.79
CA LYS KB 151 118.67 -16.43 51.05
C LYS KB 151 117.75 -16.16 49.86
N LEU KB 152 117.96 -15.03 49.18
CA LEU KB 152 117.19 -14.78 47.96
C LEU KB 152 117.47 -15.86 46.92
N GLN KB 153 118.73 -16.25 46.77
CA GLN KB 153 119.09 -17.31 45.84
C GLN KB 153 118.40 -18.61 46.21
N GLN KB 154 118.32 -18.92 47.50
CA GLN KB 154 117.57 -20.11 47.92
C GLN KB 154 116.11 -20.02 47.50
N LEU KB 155 115.49 -18.85 47.69
CA LEU KB 155 114.10 -18.68 47.28
C LEU KB 155 113.93 -18.94 45.79
N ILE KB 156 114.83 -18.41 44.98
CA ILE KB 156 114.74 -18.64 43.54
C ILE KB 156 114.96 -20.11 43.22
N ASP KB 157 115.97 -20.73 43.85
CA ASP KB 157 116.25 -22.15 43.66
C ASP KB 157 115.07 -23.02 44.08
N GLY KB 158 114.15 -22.50 44.87
CA GLY KB 158 112.95 -23.19 45.24
C GLY KB 158 112.94 -23.79 46.62
N LEU KB 159 113.73 -23.24 47.54
CA LEU KB 159 113.97 -23.80 48.87
C LEU KB 159 113.29 -22.96 49.94
N PRO KB 160 112.00 -23.19 50.21
CA PRO KB 160 111.22 -22.23 51.01
C PRO KB 160 111.56 -22.21 52.49
N ARG KB 161 112.29 -23.20 52.99
CA ARG KB 161 112.65 -23.26 54.41
C ARG KB 161 113.76 -22.24 54.68
N ILE KB 162 113.34 -21.02 55.00
CA ILE KB 162 114.28 -19.92 55.22
C ILE KB 162 114.72 -19.85 56.69
N PHE KB 163 113.83 -20.18 57.61
CA PHE KB 163 114.17 -20.22 59.02
C PHE KB 163 114.61 -21.61 59.45
N GLY KB 164 114.94 -22.46 58.49
CA GLY KB 164 115.32 -23.83 58.80
C GLY KB 164 114.13 -24.78 58.72
N SER LB 1 -23.55 33.88 -109.75
CA SER LB 1 -23.65 34.21 -108.33
C SER LB 1 -24.63 33.27 -107.65
N TYR LB 2 -24.21 32.69 -106.53
CA TYR LB 2 -24.92 31.59 -105.89
C TYR LB 2 -26.35 31.97 -105.52
N THR LB 3 -27.29 31.06 -105.78
CA THR LB 3 -28.67 31.17 -105.31
C THR LB 3 -29.02 29.94 -104.48
N ILE LB 4 -29.98 30.12 -103.57
CA ILE LB 4 -30.42 29.08 -102.65
C ILE LB 4 -31.79 28.58 -103.10
N ASP LB 5 -31.86 27.29 -103.42
CA ASP LB 5 -33.09 26.59 -103.76
C ASP LB 5 -33.59 25.85 -102.53
N ILE LB 6 -34.79 26.20 -102.05
CA ILE LB 6 -35.40 25.36 -101.03
C ILE LB 6 -35.90 24.11 -101.74
N ASN LB 7 -35.15 23.02 -101.61
CA ASN LB 7 -35.53 21.76 -102.23
C ASN LB 7 -36.76 21.27 -101.50
N CYS LB 8 -37.94 21.50 -102.09
CA CYS LB 8 -39.17 21.41 -101.32
C CYS LB 8 -40.36 21.64 -102.24
N SER LB 9 -41.54 21.25 -101.77
CA SER LB 9 -42.79 21.45 -102.49
C SER LB 9 -43.58 22.60 -101.85
N THR LB 10 -43.79 23.68 -102.61
CA THR LB 10 -44.62 24.81 -102.20
C THR LB 10 -45.83 24.92 -103.12
N GLY LB 11 -46.82 25.69 -102.66
CA GLY LB 11 -48.08 25.86 -103.35
C GLY LB 11 -48.32 27.29 -103.75
N ASP LB 12 -49.40 27.55 -104.51
CA ASP LB 12 -49.66 28.93 -104.92
C ASP LB 12 -50.44 29.70 -103.86
N THR LB 13 -51.33 29.03 -103.14
CA THR LB 13 -52.23 29.68 -102.19
C THR LB 13 -51.49 30.18 -100.95
N GLN LB 14 -52.05 31.19 -100.29
CA GLN LB 14 -51.48 31.67 -99.04
C GLN LB 14 -52.60 31.95 -98.05
N ALA LB 15 -52.34 31.64 -96.78
CA ALA LB 15 -53.28 31.91 -95.69
C ALA LB 15 -52.64 32.84 -94.67
N ASN LB 16 -53.50 33.52 -93.91
CA ASN LB 16 -53.08 34.37 -92.81
C ASN LB 16 -53.23 33.60 -91.50
N LEU LB 17 -52.12 33.40 -90.80
CA LEU LB 17 -52.13 32.99 -89.40
C LEU LB 17 -52.09 34.26 -88.58
N VAL LB 18 -53.18 34.58 -87.90
CA VAL LB 18 -53.32 35.87 -87.27
C VAL LB 18 -52.77 35.79 -85.84
N LEU LB 19 -51.63 36.44 -85.63
CA LEU LB 19 -51.00 36.49 -84.32
C LEU LB 19 -51.47 37.72 -83.58
N THR LB 20 -51.76 37.55 -82.29
CA THR LB 20 -52.05 38.67 -81.43
C THR LB 20 -50.80 38.99 -80.62
N GLU LB 21 -50.44 40.27 -80.57
CA GLU LB 21 -49.17 40.66 -79.97
C GLU LB 21 -49.14 40.30 -78.50
N ILE LB 22 -47.93 40.19 -77.98
CA ILE LB 22 -47.70 39.95 -76.56
C ILE LB 22 -46.85 41.11 -76.06
N PRO LB 23 -47.37 41.99 -75.20
CA PRO LB 23 -46.63 43.21 -74.85
C PRO LB 23 -45.41 42.88 -74.01
N ALA LB 24 -44.29 43.55 -74.34
CA ALA LB 24 -43.04 43.24 -73.68
C ALA LB 24 -42.97 43.82 -72.27
N GLU LB 25 -43.73 44.88 -72.00
CA GLU LB 25 -43.64 45.52 -70.69
C GLU LB 25 -43.87 44.55 -69.53
N PRO LB 26 -44.93 43.73 -69.52
CA PRO LB 26 -45.16 42.89 -68.33
C PRO LB 26 -44.12 41.79 -68.10
N TYR LB 27 -43.21 41.50 -69.04
CA TYR LB 27 -42.28 40.40 -68.83
C TYR LB 27 -41.08 40.86 -68.02
N VAL LB 28 -40.65 40.02 -67.08
CA VAL LB 28 -39.54 40.31 -66.17
C VAL LB 28 -38.47 39.23 -66.32
N HIS LB 29 -37.24 39.66 -66.61
CA HIS LB 29 -36.10 38.76 -66.62
C HIS LB 29 -35.94 38.08 -65.26
N VAL LB 30 -35.84 36.77 -65.28
CA VAL LB 30 -35.81 35.96 -64.07
C VAL LB 30 -34.48 35.22 -63.92
N SER LB 31 -34.05 34.52 -64.97
CA SER LB 31 -32.85 33.70 -64.89
C SER LB 31 -32.15 33.66 -66.23
N GLY LB 32 -30.84 33.53 -66.19
CA GLY LB 32 -30.07 33.07 -67.35
C GLY LB 32 -29.16 34.11 -67.97
N ASP LB 33 -28.02 33.66 -68.47
CA ASP LB 33 -27.07 34.44 -69.26
C ASP LB 33 -27.54 34.51 -70.72
N ASN LB 34 -26.73 35.15 -71.56
CA ASN LB 34 -26.76 34.81 -72.97
C ASN LB 34 -26.16 33.42 -73.18
N LYS LB 35 -25.18 33.05 -72.35
CA LYS LB 35 -24.58 31.70 -72.42
C LYS LB 35 -25.54 30.64 -71.90
N SER LB 36 -26.45 31.00 -71.00
CA SER LB 36 -27.47 30.10 -70.50
C SER LB 36 -28.78 30.38 -71.26
N THR LB 37 -29.88 29.83 -70.76
CA THR LB 37 -31.21 30.12 -71.32
C THR LB 37 -31.88 31.28 -70.58
N ILE LB 38 -32.30 32.32 -71.33
CA ILE LB 38 -33.00 33.45 -70.76
C ILE LB 38 -34.44 33.06 -70.42
N GLU LB 39 -34.92 33.51 -69.26
CA GLU LB 39 -36.26 33.16 -68.80
C GLU LB 39 -37.00 34.40 -68.37
N TYR LB 40 -38.23 34.57 -68.86
CA TYR LB 40 -39.07 35.70 -68.49
C TYR LB 40 -40.35 35.21 -67.82
N LEU LB 41 -40.79 36.00 -66.85
CA LEU LB 41 -42.06 35.81 -66.15
C LEU LB 41 -43.08 36.84 -66.64
N ASP LB 42 -44.26 36.38 -67.04
CA ASP LB 42 -45.36 37.25 -67.40
C ASP LB 42 -46.05 37.68 -66.11
N THR LB 43 -45.78 38.91 -65.67
CA THR LB 43 -46.31 39.42 -64.41
C THR LB 43 -47.75 39.88 -64.52
N GLY LB 44 -48.31 39.85 -65.72
CA GLY LB 44 -49.73 40.14 -65.88
C GLY LB 44 -50.53 38.87 -65.73
N SER LB 45 -50.37 38.18 -64.60
CA SER LB 45 -51.07 36.94 -64.30
C SER LB 45 -51.66 37.01 -62.91
N ASP LB 46 -52.46 36.00 -62.58
CA ASP LB 46 -53.04 35.94 -61.24
C ASP LB 46 -51.92 35.72 -60.25
N ASN LB 47 -51.68 36.75 -59.43
CA ASN LB 47 -50.68 36.69 -58.37
C ASN LB 47 -51.01 35.58 -57.37
N SER LB 48 -52.28 35.27 -57.18
CA SER LB 48 -52.71 34.34 -56.15
C SER LB 48 -52.47 32.88 -56.52
N LEU LB 49 -51.77 32.62 -57.62
CA LEU LB 49 -51.26 31.31 -57.96
C LEU LB 49 -49.76 31.28 -57.73
N LEU LB 50 -49.25 30.14 -57.26
CA LEU LB 50 -47.82 29.98 -57.14
C LEU LB 50 -47.15 29.58 -58.44
N VAL LB 51 -47.94 29.30 -59.49
CA VAL LB 51 -47.42 29.09 -60.83
C VAL LB 51 -47.87 30.26 -61.69
N ARG LB 52 -46.94 30.74 -62.51
CA ARG LB 52 -47.21 31.90 -63.34
C ARG LB 52 -46.60 31.67 -64.71
N PRO LB 53 -47.13 32.35 -65.74
CA PRO LB 53 -46.69 32.08 -67.11
C PRO LB 53 -45.27 32.56 -67.34
N THR LB 54 -44.47 31.72 -68.01
CA THR LB 54 -43.09 32.04 -68.31
C THR LB 54 -42.80 31.68 -69.77
N GLN LB 55 -42.02 32.52 -70.44
CA GLN LB 55 -41.45 32.09 -71.71
C GLN LB 55 -39.94 32.24 -71.69
N GLN LB 56 -39.24 31.25 -72.25
CA GLN LB 56 -37.79 31.25 -72.24
C GLN LB 56 -37.23 31.15 -73.65
N PHE LB 57 -36.04 31.72 -73.81
CA PHE LB 57 -35.35 31.83 -75.09
C PHE LB 57 -33.89 31.44 -74.90
N ASN LB 58 -33.45 30.45 -75.67
CA ASN LB 58 -32.08 29.97 -75.70
C ASN LB 58 -31.61 29.98 -77.15
N CYS LB 59 -30.35 30.34 -77.37
CA CYS LB 59 -29.82 30.17 -78.73
C CYS LB 59 -28.33 29.86 -78.67
N VAL LB 60 -27.90 28.99 -79.60
CA VAL LB 60 -26.54 28.48 -79.65
C VAL LB 60 -26.12 28.32 -81.11
N SER LB 61 -24.81 28.36 -81.33
CA SER LB 61 -24.24 28.40 -82.67
C SER LB 61 -23.00 27.54 -82.71
N SER LB 62 -22.76 26.93 -83.88
CA SER LB 62 -21.60 26.06 -84.04
C SER LB 62 -21.00 26.20 -85.43
N GLN LB 63 -19.67 26.01 -85.49
CA GLN LB 63 -18.93 26.06 -86.74
C GLN LB 63 -19.00 24.76 -87.51
N TYR LB 64 -19.69 23.75 -86.99
CA TYR LB 64 -19.72 22.41 -87.55
C TYR LB 64 -21.16 22.03 -87.89
N PRO LB 65 -21.72 22.61 -88.95
CA PRO LB 65 -23.17 22.55 -89.16
C PRO LB 65 -23.65 21.20 -89.64
N TYR LB 66 -22.75 20.34 -90.11
CA TYR LB 66 -23.12 19.03 -90.64
C TYR LB 66 -22.97 17.92 -89.61
N ARG LB 67 -22.82 18.26 -88.32
CA ARG LB 67 -22.50 17.24 -87.33
C ARG LB 67 -23.64 16.23 -87.17
N ASN LB 68 -24.88 16.69 -87.22
CA ASN LB 68 -26.02 15.80 -87.03
C ASN LB 68 -26.44 15.08 -88.29
N TYR LB 69 -26.10 15.61 -89.46
CA TYR LB 69 -26.56 15.08 -90.72
C TYR LB 69 -25.48 14.18 -91.31
N SER LB 70 -25.80 12.90 -91.48
CA SER LB 70 -24.77 11.92 -91.79
C SER LB 70 -24.61 11.67 -93.29
N LYS LB 71 -25.69 11.77 -94.08
CA LYS LB 71 -25.64 11.32 -95.45
C LYS LB 71 -25.39 12.46 -96.45
N ILE LB 72 -24.72 13.52 -96.01
CA ILE LB 72 -24.31 14.61 -96.90
C ILE LB 72 -22.82 14.46 -97.16
N PRO LB 73 -22.40 14.25 -98.41
CA PRO LB 73 -20.97 14.10 -98.71
C PRO LB 73 -20.20 15.40 -98.48
N ARG LB 74 -18.91 15.24 -98.16
CA ARG LB 74 -18.05 16.41 -97.96
C ARG LB 74 -18.01 17.29 -99.20
N SER LB 75 -18.02 16.67 -100.39
CA SER LB 75 -18.01 17.44 -101.63
C SER LB 75 -19.24 18.34 -101.77
N GLN LB 76 -20.25 18.17 -100.92
CA GLN LB 76 -21.45 18.98 -100.92
C GLN LB 76 -21.60 19.82 -99.67
N GLN LB 77 -20.60 19.83 -98.79
CA GLN LB 77 -20.66 20.59 -97.55
C GLN LB 77 -20.00 21.97 -97.74
N ASP LB 78 -20.78 23.03 -97.55
CA ASP LB 78 -20.27 24.40 -97.72
C ASP LB 78 -19.31 24.75 -96.60
N PRO LB 79 -18.02 24.97 -96.88
CA PRO LB 79 -17.06 25.20 -95.79
C PRO LB 79 -17.28 26.51 -95.05
N LEU LB 80 -18.02 27.44 -95.65
CA LEU LB 80 -18.36 28.69 -95.01
C LEU LB 80 -19.66 28.62 -94.23
N ALA LB 81 -20.36 27.50 -94.29
CA ALA LB 81 -21.65 27.40 -93.64
C ALA LB 81 -21.47 27.27 -92.13
N VAL LB 82 -22.44 27.82 -91.39
CA VAL LB 82 -22.44 27.82 -89.94
C VAL LB 82 -23.81 27.36 -89.48
N ARG LB 83 -23.89 26.84 -88.26
CA ARG LB 83 -25.14 26.37 -87.68
C ARG LB 83 -25.63 27.41 -86.67
N ARG LB 84 -26.84 27.93 -86.90
CA ARG LB 84 -27.48 28.87 -85.99
C ARG LB 84 -28.74 28.20 -85.47
N GLU LB 85 -28.91 28.16 -84.14
CA GLU LB 85 -30.03 27.45 -83.53
C GLU LB 85 -30.64 28.35 -82.46
N PHE LB 86 -31.97 28.31 -82.36
CA PHE LB 86 -32.68 28.97 -81.27
C PHE LB 86 -33.86 28.11 -80.83
N TYR LB 87 -34.32 28.37 -79.60
CA TYR LB 87 -35.28 27.52 -78.93
C TYR LB 87 -36.09 28.35 -77.97
N THR LB 88 -37.40 28.32 -78.12
CA THR LB 88 -38.28 29.03 -77.20
C THR LB 88 -39.23 28.02 -76.59
N ARG LB 89 -39.57 28.23 -75.32
CA ARG LB 89 -40.56 27.40 -74.61
C ARG LB 89 -41.45 28.31 -73.78
N ARG LB 90 -42.74 28.34 -74.13
CA ARG LB 90 -43.72 29.11 -73.40
C ARG LB 90 -44.59 28.15 -72.61
N VAL LB 91 -44.68 28.38 -71.31
CA VAL LB 91 -45.62 27.70 -70.45
C VAL LB 91 -46.61 28.73 -69.95
N GLU LB 92 -47.90 28.48 -70.21
CA GLU LB 92 -48.94 29.26 -69.57
C GLU LB 92 -49.77 28.34 -68.68
N TYR LB 93 -50.48 28.96 -67.75
CA TYR LB 93 -51.27 28.25 -66.75
C TYR LB 93 -52.69 28.80 -66.77
N TRP LB 94 -53.59 28.10 -67.45
CA TRP LB 94 -54.96 28.55 -67.57
C TRP LB 94 -55.71 28.31 -66.26
N ARG LB 95 -56.87 28.96 -66.14
CA ARG LB 95 -57.68 28.87 -64.93
C ARG LB 95 -59.12 28.63 -65.37
N LYS LB 96 -59.73 27.53 -64.90
CA LYS LB 96 -61.14 27.27 -65.17
C LYS LB 96 -61.96 27.52 -63.91
N ALA LB 97 -63.03 28.30 -64.08
CA ALA LB 97 -64.00 28.56 -63.00
C ALA LB 97 -65.29 29.08 -63.62
N ASP LB 98 -66.33 29.22 -62.80
CA ASP LB 98 -67.53 29.92 -63.29
C ASP LB 98 -68.04 30.90 -62.26
N ALA LB 99 -68.37 32.11 -62.72
CA ALA LB 99 -68.97 33.12 -61.85
C ALA LB 99 -70.37 32.75 -61.42
N SER LB 100 -70.98 31.75 -62.08
CA SER LB 100 -72.33 31.33 -61.74
C SER LB 100 -72.39 30.65 -60.38
N ASN LB 101 -71.30 30.02 -59.96
CA ASN LB 101 -71.31 29.17 -58.77
C ASN LB 101 -70.08 29.48 -57.91
N VAL LB 102 -70.27 30.29 -56.87
CA VAL LB 102 -69.17 30.57 -55.94
C VAL LB 102 -68.78 29.30 -55.17
N ASP LB 103 -69.66 28.30 -55.13
CA ASP LB 103 -69.43 27.08 -54.39
C ASP LB 103 -68.60 26.04 -55.15
N ALA LB 104 -68.41 26.23 -56.46
CA ALA LB 104 -67.74 25.20 -57.25
C ALA LB 104 -66.25 25.50 -57.39
N PRO LB 105 -65.40 24.47 -57.34
CA PRO LB 105 -63.95 24.71 -57.22
C PRO LB 105 -63.36 25.25 -58.50
N GLU LB 106 -62.23 25.93 -58.34
CA GLU LB 106 -61.45 26.42 -59.48
C GLU LB 106 -60.28 25.47 -59.72
N TYR LB 107 -59.90 25.35 -60.99
CA TYR LB 107 -58.78 24.49 -61.34
C TYR LB 107 -57.78 25.27 -62.20
N THR LB 108 -56.51 24.95 -62.06
CA THR LB 108 -55.48 25.52 -62.92
C THR LB 108 -54.96 24.44 -63.87
N LEU LB 109 -54.92 24.77 -65.16
CA LEU LB 109 -54.66 23.84 -66.26
C LEU LB 109 -53.37 24.19 -66.98
N PRO LB 110 -52.32 23.38 -66.87
CA PRO LB 110 -51.04 23.73 -67.51
C PRO LB 110 -50.98 23.43 -69.01
N GLN LB 111 -50.33 24.34 -69.73
CA GLN LB 111 -50.14 24.26 -71.17
C GLN LB 111 -48.72 24.67 -71.48
N SER LB 112 -48.08 23.95 -72.41
CA SER LB 112 -46.72 24.27 -72.81
C SER LB 112 -46.52 24.07 -74.31
N CYS LB 113 -45.70 24.92 -74.90
CA CYS LB 113 -45.42 24.84 -76.33
C CYS LB 113 -43.99 25.28 -76.58
N SER LB 114 -43.25 24.52 -77.38
CA SER LB 114 -41.83 24.79 -77.58
C SER LB 114 -41.46 24.65 -79.06
N ILE LB 115 -40.72 25.64 -79.57
CA ILE LB 115 -40.27 25.67 -80.95
C ILE LB 115 -38.75 25.74 -80.96
N ARG LB 116 -38.13 24.79 -81.67
CA ARG LB 116 -36.69 24.77 -81.91
C ARG LB 116 -36.41 24.88 -83.40
N LEU LB 117 -35.39 25.66 -83.75
CA LEU LB 117 -35.02 25.91 -85.14
C LEU LB 117 -33.51 25.92 -85.25
N ALA LB 118 -32.97 25.08 -86.14
CA ALA LB 118 -31.54 25.05 -86.41
C ALA LB 118 -31.37 25.14 -87.92
N SER LB 119 -30.87 26.29 -88.39
CA SER LB 119 -30.62 26.52 -89.80
C SER LB 119 -29.13 26.45 -90.09
N THR LB 120 -28.79 25.91 -91.27
CA THR LB 120 -27.46 26.13 -91.81
C THR LB 120 -27.46 27.47 -92.54
N VAL LB 121 -26.62 28.40 -92.09
CA VAL LB 121 -26.58 29.76 -92.63
C VAL LB 121 -25.26 29.98 -93.35
N THR LB 122 -25.35 30.48 -94.57
CA THR LB 122 -24.22 30.88 -95.39
C THR LB 122 -24.45 32.31 -95.86
N LYS LB 123 -23.50 32.83 -96.64
CA LYS LB 123 -23.54 34.23 -97.07
C LYS LB 123 -24.90 34.60 -97.65
N GLU LB 124 -25.46 33.72 -98.48
CA GLU LB 124 -26.66 34.02 -99.23
C GLU LB 124 -27.95 33.75 -98.46
N THR LB 125 -27.86 33.11 -97.29
CA THR LB 125 -29.02 32.83 -96.48
C THR LB 125 -29.52 34.12 -95.82
N THR LB 126 -30.77 34.50 -96.11
CA THR LB 126 -31.36 35.71 -95.56
C THR LB 126 -32.31 35.38 -94.40
N ALA LB 127 -32.57 36.41 -93.59
CA ALA LB 127 -33.49 36.25 -92.47
C ALA LB 127 -34.85 35.76 -92.94
N ALA LB 128 -35.32 36.27 -94.08
CA ALA LB 128 -36.55 35.77 -94.67
C ALA LB 128 -36.44 34.29 -95.01
N ASP LB 129 -35.31 33.88 -95.62
CA ASP LB 129 -35.12 32.47 -95.95
C ASP LB 129 -35.27 31.60 -94.71
N ILE LB 130 -34.74 32.07 -93.57
CA ILE LB 130 -34.80 31.27 -92.35
C ILE LB 130 -36.19 31.30 -91.76
N ALA LB 131 -36.90 32.42 -91.87
CA ALA LB 131 -38.29 32.43 -91.43
C ALA LB 131 -39.13 31.45 -92.24
N GLY LB 132 -38.77 31.26 -93.51
CA GLY LB 132 -39.47 30.32 -94.36
C GLY LB 132 -39.58 28.93 -93.75
N ILE LB 133 -38.53 28.48 -93.06
CA ILE LB 133 -38.58 27.11 -92.57
C ILE LB 133 -39.61 26.98 -91.44
N VAL LB 134 -39.71 27.99 -90.58
CA VAL LB 134 -40.75 27.97 -89.56
C VAL LB 134 -42.13 28.05 -90.21
N LEU LB 135 -42.28 28.90 -91.22
CA LEU LB 135 -43.58 29.06 -91.87
C LEU LB 135 -44.02 27.75 -92.54
N ARG LB 136 -43.08 27.03 -93.16
CA ARG LB 136 -43.41 25.77 -93.80
C ARG LB 136 -43.62 24.65 -92.80
N THR LB 137 -42.95 24.72 -91.63
CA THR LB 137 -43.28 23.75 -90.60
C THR LB 137 -44.70 23.97 -90.09
N LEU LB 138 -45.11 25.22 -89.94
CA LEU LB 138 -46.45 25.51 -89.42
C LEU LB 138 -47.54 25.19 -90.44
N ALA LB 139 -47.28 25.45 -91.72
CA ALA LB 139 -48.35 25.44 -92.72
C ALA LB 139 -49.16 24.14 -92.78
N PRO LB 140 -48.57 22.94 -92.70
CA PRO LB 140 -49.42 21.73 -92.77
C PRO LB 140 -50.45 21.63 -91.65
N ILE LB 141 -50.12 22.11 -90.46
CA ILE LB 141 -51.03 22.07 -89.31
C ILE LB 141 -52.10 23.16 -89.42
N PHE LB 142 -51.77 24.30 -90.02
CA PHE LB 142 -52.71 25.42 -90.15
C PHE LB 142 -52.84 25.73 -91.63
N PRO LB 143 -53.45 24.83 -92.41
CA PRO LB 143 -53.46 25.02 -93.87
C PRO LB 143 -54.34 26.16 -94.31
N ASN LB 144 -55.22 26.66 -93.45
CA ASN LB 144 -56.01 27.86 -93.71
C ASN LB 144 -55.74 28.96 -92.69
N GLY LB 145 -54.60 28.88 -92.01
CA GLY LB 145 -54.23 29.94 -91.11
C GLY LB 145 -55.17 29.96 -89.93
N SER LB 146 -55.45 31.17 -89.42
CA SER LB 146 -56.38 31.28 -88.32
C SER LB 146 -57.80 30.92 -88.72
N GLY LB 147 -58.05 30.62 -90.00
CA GLY LB 147 -59.42 30.39 -90.45
C GLY LB 147 -60.11 29.21 -89.78
N ASP LB 148 -59.53 28.02 -89.90
CA ASP LB 148 -60.11 26.83 -89.29
C ASP LB 148 -59.04 26.10 -88.50
N TRP LB 149 -59.50 25.17 -87.66
CA TRP LB 149 -58.59 24.44 -86.78
C TRP LB 149 -58.66 22.95 -87.02
N ILE LB 150 -58.97 22.52 -88.25
CA ILE LB 150 -59.36 21.13 -88.46
C ILE LB 150 -58.17 20.21 -88.26
N LYS LB 151 -57.03 20.53 -88.87
CA LYS LB 151 -55.86 19.66 -88.74
C LYS LB 151 -55.30 19.72 -87.32
N LEU LB 152 -55.34 20.89 -86.69
CA LEU LB 152 -54.92 20.98 -85.31
C LEU LB 152 -55.78 20.09 -84.43
N GLN LB 153 -57.09 20.15 -84.65
CA GLN LB 153 -58.03 19.28 -83.92
C GLN LB 153 -57.65 17.83 -84.08
N GLN LB 154 -57.30 17.42 -85.30
CA GLN LB 154 -56.84 16.04 -85.51
C GLN LB 154 -55.62 15.72 -84.66
N LEU LB 155 -54.61 16.60 -84.72
CA LEU LB 155 -53.40 16.35 -83.94
C LEU LB 155 -53.72 16.16 -82.47
N ILE LB 156 -54.66 16.95 -81.94
CA ILE LB 156 -55.02 16.81 -80.53
C ILE LB 156 -55.82 15.53 -80.31
N ASP LB 157 -56.72 15.20 -81.24
CA ASP LB 157 -57.50 13.97 -81.20
C ASP LB 157 -56.64 12.73 -81.27
N GLY LB 158 -55.37 12.87 -81.61
CA GLY LB 158 -54.46 11.74 -81.65
C GLY LB 158 -54.26 11.12 -83.01
N LEU LB 159 -54.52 11.87 -84.09
CA LEU LB 159 -54.42 11.38 -85.46
C LEU LB 159 -53.27 12.07 -86.17
N PRO LB 160 -52.10 11.44 -86.28
CA PRO LB 160 -50.90 12.15 -86.71
C PRO LB 160 -50.77 12.38 -88.21
N ARG LB 161 -51.61 11.77 -89.04
CA ARG LB 161 -51.38 11.85 -90.49
C ARG LB 161 -52.03 13.11 -91.04
N ILE LB 162 -51.27 14.22 -90.98
CA ILE LB 162 -51.70 15.48 -91.57
C ILE LB 162 -51.89 15.34 -93.07
N PHE LB 163 -50.99 14.63 -93.74
CA PHE LB 163 -51.02 14.53 -95.18
C PHE LB 163 -51.82 13.34 -95.68
N GLY LB 164 -52.27 12.46 -94.79
CA GLY LB 164 -53.06 11.31 -95.19
C GLY LB 164 -52.30 10.00 -95.28
N SER MB 1 -71.10 25.96 -66.84
CA SER MB 1 -70.85 27.40 -66.86
C SER MB 1 -69.37 27.68 -66.71
N TYR MB 2 -68.59 26.62 -66.50
CA TYR MB 2 -67.14 26.73 -66.41
C TYR MB 2 -66.56 27.42 -67.64
N THR MB 3 -65.68 28.38 -67.40
CA THR MB 3 -64.97 29.09 -68.46
C THR MB 3 -63.47 28.99 -68.22
N ILE MB 4 -62.76 28.97 -69.33
CA ILE MB 4 -61.31 28.85 -69.39
C ILE MB 4 -60.73 30.24 -69.60
N ASP MB 5 -59.98 30.73 -68.62
CA ASP MB 5 -59.28 32.00 -68.73
C ASP MB 5 -57.80 31.70 -68.90
N ILE MB 6 -57.24 32.09 -70.05
CA ILE MB 6 -55.79 32.09 -70.16
C ILE MB 6 -55.24 33.11 -69.19
N ASN MB 7 -54.19 32.74 -68.48
CA ASN MB 7 -53.63 33.62 -67.46
C ASN MB 7 -52.44 34.40 -68.03
N CYS MB 8 -52.66 35.09 -69.14
CA CYS MB 8 -51.56 35.65 -69.92
C CYS MB 8 -51.73 37.16 -70.05
N SER MB 9 -50.72 37.76 -70.68
CA SER MB 9 -50.82 39.14 -71.14
C SER MB 9 -51.01 39.11 -72.65
N THR MB 10 -52.06 39.77 -73.12
CA THR MB 10 -52.36 39.85 -74.54
C THR MB 10 -52.64 41.30 -74.91
N GLY MB 11 -52.10 41.73 -76.06
CA GLY MB 11 -52.28 43.07 -76.55
C GLY MB 11 -53.54 43.23 -77.36
N ASP MB 12 -53.75 44.47 -77.83
CA ASP MB 12 -54.88 44.79 -78.70
C ASP MB 12 -54.52 44.71 -80.18
N THR MB 13 -53.23 44.73 -80.50
CA THR MB 13 -52.74 44.78 -81.87
C THR MB 13 -52.69 43.36 -82.47
N GLN MB 14 -52.74 43.26 -83.80
CA GLN MB 14 -52.67 41.94 -84.44
C GLN MB 14 -51.86 42.05 -85.72
N ALA MB 15 -51.25 40.93 -86.10
CA ALA MB 15 -50.39 40.87 -87.28
C ALA MB 15 -50.66 39.58 -88.06
N ASN MB 16 -50.38 39.63 -89.36
CA ASN MB 16 -50.59 38.50 -90.26
C ASN MB 16 -49.26 37.80 -90.51
N LEU MB 17 -49.14 36.56 -90.03
CA LEU MB 17 -48.03 35.69 -90.38
C LEU MB 17 -48.47 34.87 -91.59
N VAL MB 18 -47.86 35.11 -92.75
CA VAL MB 18 -48.39 34.63 -94.01
C VAL MB 18 -47.80 33.27 -94.33
N LEU MB 19 -48.63 32.23 -94.24
CA LEU MB 19 -48.22 30.87 -94.53
C LEU MB 19 -48.47 30.57 -96.00
N THR MB 20 -47.48 29.98 -96.65
CA THR MB 20 -47.66 29.47 -97.99
C THR MB 20 -47.94 27.98 -97.92
N GLU MB 21 -48.92 27.54 -98.71
CA GLU MB 21 -49.46 26.19 -98.52
C GLU MB 21 -48.42 25.14 -98.89
N ILE MB 22 -48.56 23.97 -98.27
CA ILE MB 22 -47.73 22.83 -98.60
C ILE MB 22 -48.64 21.70 -99.06
N PRO MB 23 -48.58 21.30 -100.33
CA PRO MB 23 -49.54 20.32 -100.86
C PRO MB 23 -49.25 18.92 -100.34
N ALA MB 24 -50.33 18.16 -100.16
CA ALA MB 24 -50.15 16.80 -99.66
C ALA MB 24 -49.82 15.82 -100.76
N GLU MB 25 -50.24 16.11 -102.00
CA GLU MB 25 -49.98 15.22 -103.12
C GLU MB 25 -48.52 14.80 -103.25
N PRO MB 26 -47.52 15.68 -103.12
CA PRO MB 26 -46.13 15.23 -103.25
C PRO MB 26 -45.63 14.37 -102.08
N TYR MB 27 -46.38 14.23 -100.98
CA TYR MB 27 -45.82 13.56 -99.80
C TYR MB 27 -46.12 12.06 -99.82
N VAL MB 28 -45.18 11.28 -99.27
CA VAL MB 28 -45.20 9.82 -99.33
C VAL MB 28 -44.94 9.23 -97.94
N HIS MB 29 -45.67 8.17 -97.61
CA HIS MB 29 -45.42 7.40 -96.38
C HIS MB 29 -44.00 6.85 -96.35
N VAL MB 30 -43.37 6.94 -95.18
CA VAL MB 30 -42.03 6.43 -94.97
C VAL MB 30 -42.01 5.38 -93.85
N SER MB 31 -42.48 5.76 -92.67
CA SER MB 31 -42.53 4.83 -91.54
C SER MB 31 -43.84 5.05 -90.78
N GLY MB 32 -44.23 4.02 -90.02
CA GLY MB 32 -45.38 4.08 -89.14
C GLY MB 32 -46.67 4.52 -89.80
N ASP MB 33 -47.14 3.73 -90.77
CA ASP MB 33 -48.28 4.16 -91.59
C ASP MB 33 -49.54 4.32 -90.74
N ASN MB 34 -49.83 3.33 -89.90
CA ASN MB 34 -51.03 3.35 -89.07
C ASN MB 34 -50.78 3.90 -87.68
N LYS MB 35 -49.54 3.98 -87.24
CA LYS MB 35 -49.21 4.16 -85.83
C LYS MB 35 -49.32 5.64 -85.43
N SER MB 36 -49.11 5.90 -84.13
CA SER MB 36 -49.22 7.23 -83.57
C SER MB 36 -48.09 8.14 -84.00
N THR MB 37 -47.09 7.62 -84.71
CA THR MB 37 -45.97 8.39 -85.24
C THR MB 37 -45.85 8.08 -86.72
N ILE MB 38 -45.87 9.12 -87.55
CA ILE MB 38 -45.77 8.97 -88.99
C ILE MB 38 -44.68 9.91 -89.50
N GLU MB 39 -43.96 9.45 -90.53
CA GLU MB 39 -42.91 10.24 -91.16
C GLU MB 39 -43.18 10.31 -92.66
N TYR MB 40 -43.28 11.51 -93.20
CA TYR MB 40 -43.50 11.70 -94.63
C TYR MB 40 -42.25 12.21 -95.34
N LEU MB 41 -42.17 11.86 -96.62
CA LEU MB 41 -41.13 12.35 -97.51
C LEU MB 41 -41.77 13.24 -98.56
N ASP MB 42 -41.16 14.40 -98.81
CA ASP MB 42 -41.55 15.29 -99.90
C ASP MB 42 -40.79 14.86 -101.14
N THR MB 43 -41.49 14.21 -102.08
CA THR MB 43 -40.85 13.79 -103.32
C THR MB 43 -40.82 14.88 -104.37
N GLY MB 44 -41.13 16.11 -103.99
CA GLY MB 44 -40.88 17.22 -104.88
C GLY MB 44 -39.47 17.72 -104.68
N SER MB 45 -38.59 16.81 -104.28
CA SER MB 45 -37.21 17.16 -103.99
C SER MB 45 -36.27 16.58 -105.03
N ASP MB 46 -35.02 17.04 -104.96
CA ASP MB 46 -34.05 16.58 -105.92
C ASP MB 46 -33.96 15.08 -105.85
N ASN MB 47 -34.20 14.46 -107.00
CA ASN MB 47 -34.15 13.02 -107.13
C ASN MB 47 -32.82 12.47 -106.66
N SER MB 48 -31.73 13.15 -107.00
CA SER MB 48 -30.40 12.57 -107.00
C SER MB 48 -29.62 12.76 -105.72
N LEU MB 49 -30.17 13.43 -104.70
CA LEU MB 49 -29.47 13.57 -103.44
C LEU MB 49 -29.73 12.38 -102.52
N LEU MB 50 -28.91 12.28 -101.48
CA LEU MB 50 -29.12 11.25 -100.47
C LEU MB 50 -30.04 11.71 -99.37
N VAL MB 51 -30.23 13.02 -99.26
CA VAL MB 51 -31.13 13.60 -98.28
C VAL MB 51 -32.30 14.21 -99.03
N ARG MB 52 -33.48 14.10 -98.45
CA ARG MB 52 -34.67 14.69 -99.04
C ARG MB 52 -35.56 15.21 -97.91
N PRO MB 53 -36.36 16.25 -98.18
CA PRO MB 53 -37.15 16.87 -97.12
C PRO MB 53 -38.19 15.92 -96.57
N THR MB 54 -38.20 15.80 -95.25
CA THR MB 54 -39.17 14.99 -94.53
C THR MB 54 -39.88 15.88 -93.52
N GLN MB 55 -41.08 15.46 -93.16
CA GLN MB 55 -41.74 16.01 -91.98
C GLN MB 55 -42.41 14.87 -91.24
N GLN MB 56 -42.14 14.78 -89.94
CA GLN MB 56 -42.83 13.78 -89.14
C GLN MB 56 -43.80 14.46 -88.20
N PHE MB 57 -44.84 13.70 -87.86
CA PHE MB 57 -45.82 14.07 -86.87
C PHE MB 57 -46.00 12.88 -85.94
N ASN MB 58 -46.08 13.15 -84.64
CA ASN MB 58 -46.49 12.09 -83.72
C ASN MB 58 -47.28 12.67 -82.56
N CYS MB 59 -48.25 11.88 -82.10
CA CYS MB 59 -49.15 12.26 -81.03
C CYS MB 59 -48.88 11.38 -79.81
N VAL MB 60 -49.13 11.96 -78.63
CA VAL MB 60 -48.96 11.27 -77.36
C VAL MB 60 -50.06 11.75 -76.43
N SER MB 61 -50.53 10.84 -75.58
CA SER MB 61 -51.53 11.17 -74.56
C SER MB 61 -51.09 10.57 -73.24
N SER MB 62 -51.37 11.29 -72.16
CA SER MB 62 -51.09 10.78 -70.81
C SER MB 62 -52.28 11.01 -69.88
N GLN MB 63 -52.43 10.06 -68.95
CA GLN MB 63 -53.54 10.07 -68.02
C GLN MB 63 -53.33 11.04 -66.88
N TYR MB 64 -52.06 11.32 -66.52
CA TYR MB 64 -51.67 12.15 -65.40
C TYR MB 64 -51.11 13.47 -65.90
N PRO MB 65 -51.95 14.47 -66.18
CA PRO MB 65 -51.46 15.68 -66.86
C PRO MB 65 -50.68 16.59 -65.94
N TYR MB 66 -50.79 16.37 -64.63
CA TYR MB 66 -50.14 17.18 -63.62
C TYR MB 66 -48.83 16.57 -63.12
N ARG MB 67 -48.27 15.61 -63.86
CA ARG MB 67 -47.13 14.86 -63.33
C ARG MB 67 -45.95 15.78 -63.09
N ASN MB 68 -45.60 16.59 -64.07
CA ASN MB 68 -44.45 17.48 -63.95
C ASN MB 68 -44.78 18.79 -63.28
N TYR MB 69 -46.06 19.06 -62.98
CA TYR MB 69 -46.45 20.32 -62.38
C TYR MB 69 -46.74 20.08 -60.90
N SER MB 70 -45.69 20.15 -60.09
CA SER MB 70 -45.87 19.89 -58.67
C SER MB 70 -46.27 21.12 -57.89
N LYS MB 71 -45.95 22.32 -58.38
CA LYS MB 71 -46.31 23.54 -57.66
C LYS MB 71 -47.81 23.82 -57.69
N ILE MB 72 -48.59 22.95 -58.31
CA ILE MB 72 -50.04 23.05 -58.31
C ILE MB 72 -50.58 22.12 -57.23
N PRO MB 73 -51.46 22.59 -56.35
CA PRO MB 73 -52.03 21.71 -55.32
C PRO MB 73 -53.10 20.81 -55.90
N ARG MB 74 -53.27 19.65 -55.25
CA ARG MB 74 -54.30 18.71 -55.68
C ARG MB 74 -55.68 19.37 -55.68
N SER MB 75 -55.96 20.20 -54.67
CA SER MB 75 -57.24 20.91 -54.59
C SER MB 75 -57.51 21.79 -55.81
N GLN MB 76 -56.51 22.04 -56.65
CA GLN MB 76 -56.70 22.81 -57.87
C GLN MB 76 -56.44 22.00 -59.13
N GLN MB 77 -56.06 20.73 -59.01
CA GLN MB 77 -55.87 19.85 -60.16
C GLN MB 77 -57.22 19.24 -60.57
N ASP MB 78 -57.62 19.47 -61.82
CA ASP MB 78 -58.86 18.92 -62.35
C ASP MB 78 -58.75 17.41 -62.51
N PRO MB 79 -59.43 16.60 -61.71
CA PRO MB 79 -59.25 15.14 -61.79
C PRO MB 79 -59.79 14.54 -63.07
N LEU MB 80 -60.54 15.29 -63.86
CA LEU MB 80 -60.98 14.86 -65.18
C LEU MB 80 -60.08 15.34 -66.30
N ALA MB 81 -58.98 16.01 -65.97
CA ALA MB 81 -58.09 16.53 -67.00
C ALA MB 81 -57.25 15.40 -67.58
N VAL MB 82 -56.95 15.52 -68.87
CA VAL MB 82 -56.14 14.54 -69.60
C VAL MB 82 -55.12 15.31 -70.40
N ARG MB 83 -53.91 14.77 -70.52
CA ARG MB 83 -52.83 15.44 -71.23
C ARG MB 83 -52.79 14.97 -72.69
N ARG MB 84 -52.93 15.91 -73.62
CA ARG MB 84 -52.76 15.63 -75.05
C ARG MB 84 -51.56 16.41 -75.55
N GLU MB 85 -50.63 15.75 -76.23
CA GLU MB 85 -49.53 16.45 -76.87
C GLU MB 85 -49.33 15.92 -78.29
N PHE MB 86 -48.73 16.78 -79.12
CA PHE MB 86 -48.28 16.40 -80.46
C PHE MB 86 -46.96 17.08 -80.75
N TYR MB 87 -46.27 16.58 -81.76
CA TYR MB 87 -44.92 17.00 -82.08
C TYR MB 87 -44.69 16.87 -83.57
N THR MB 88 -44.25 17.95 -84.21
CA THR MB 88 -43.87 17.89 -85.60
C THR MB 88 -42.40 18.26 -85.71
N ARG MB 89 -41.72 17.63 -86.66
CA ARG MB 89 -40.33 17.97 -86.96
C ARG MB 89 -40.14 17.93 -88.47
N ARG MB 90 -39.84 19.09 -89.05
CA ARG MB 90 -39.62 19.23 -90.48
C ARG MB 90 -38.13 19.43 -90.71
N VAL MB 91 -37.56 18.59 -91.56
CA VAL MB 91 -36.21 18.80 -92.05
C VAL MB 91 -36.32 19.04 -93.55
N GLU MB 92 -35.71 20.11 -94.03
CA GLU MB 92 -35.53 20.30 -95.46
C GLU MB 92 -34.05 20.50 -95.74
N TYR MB 93 -33.69 20.30 -97.02
CA TYR MB 93 -32.29 20.34 -97.44
C TYR MB 93 -32.20 21.26 -98.65
N TRP MB 94 -31.74 22.50 -98.42
CA TRP MB 94 -31.59 23.48 -99.48
C TRP MB 94 -30.35 23.17 -100.32
N ARG MB 95 -30.32 23.77 -101.51
CA ARG MB 95 -29.23 23.59 -102.46
C ARG MB 95 -28.75 24.96 -102.92
N LYS MB 96 -27.50 25.29 -102.63
CA LYS MB 96 -26.95 26.53 -103.16
C LYS MB 96 -26.08 26.20 -104.37
N ALA MB 97 -26.32 26.94 -105.45
CA ALA MB 97 -25.54 26.87 -106.68
C ALA MB 97 -25.90 28.07 -107.54
N ASP MB 98 -24.99 28.45 -108.43
CA ASP MB 98 -25.28 29.46 -109.45
C ASP MB 98 -25.25 28.83 -110.83
N ALA MB 99 -26.26 29.13 -111.66
CA ALA MB 99 -26.27 28.65 -113.03
C ALA MB 99 -25.20 29.31 -113.88
N SER MB 100 -24.59 30.40 -113.39
CA SER MB 100 -23.59 31.11 -114.16
C SER MB 100 -22.35 30.25 -114.37
N ASN MB 101 -21.84 29.67 -113.29
CA ASN MB 101 -20.58 28.93 -113.32
C ASN MB 101 -20.89 27.48 -112.95
N VAL MB 102 -20.79 26.57 -113.91
CA VAL MB 102 -21.02 25.17 -113.62
C VAL MB 102 -19.79 24.50 -113.02
N ASP MB 103 -18.61 25.13 -113.15
CA ASP MB 103 -17.45 24.68 -112.37
C ASP MB 103 -17.75 24.73 -110.88
N ALA MB 104 -18.48 25.75 -110.43
CA ALA MB 104 -18.66 25.99 -109.02
C ALA MB 104 -19.45 24.86 -108.37
N PRO MB 105 -19.06 24.42 -107.19
CA PRO MB 105 -19.71 23.25 -106.58
C PRO MB 105 -21.07 23.60 -106.02
N GLU MB 106 -21.95 22.62 -106.04
CA GLU MB 106 -23.27 22.76 -105.44
C GLU MB 106 -23.18 22.27 -104.00
N TYR MB 107 -23.71 23.05 -103.06
CA TYR MB 107 -23.69 22.67 -101.67
C TYR MB 107 -25.10 22.37 -101.18
N THR MB 108 -25.19 21.46 -100.20
CA THR MB 108 -26.44 21.08 -99.57
C THR MB 108 -26.46 21.68 -98.17
N LEU MB 109 -27.48 22.51 -97.89
CA LEU MB 109 -27.60 23.20 -96.63
C LEU MB 109 -28.77 22.63 -95.85
N PRO MB 110 -28.53 21.89 -94.77
CA PRO MB 110 -29.65 21.35 -93.99
C PRO MB 110 -30.27 22.36 -93.03
N GLN MB 111 -31.59 22.23 -92.87
CA GLN MB 111 -32.38 23.10 -92.01
C GLN MB 111 -33.44 22.23 -91.32
N SER MB 112 -33.63 22.43 -90.01
CA SER MB 112 -34.60 21.63 -89.28
C SER MB 112 -35.34 22.50 -88.26
N CYS MB 113 -36.62 22.18 -88.06
CA CYS MB 113 -37.47 22.94 -87.16
C CYS MB 113 -38.52 22.02 -86.54
N SER MB 114 -38.74 22.15 -85.24
CA SER MB 114 -39.63 21.26 -84.51
C SER MB 114 -40.51 22.03 -83.54
N ILE MB 115 -41.77 21.62 -83.46
CA ILE MB 115 -42.76 22.22 -82.57
C ILE MB 115 -43.39 21.12 -81.74
N ARG MB 116 -43.38 21.29 -80.41
CA ARG MB 116 -44.00 20.37 -79.47
C ARG MB 116 -45.07 21.13 -78.69
N LEU MB 117 -46.30 20.65 -78.75
CA LEU MB 117 -47.42 21.25 -78.05
C LEU MB 117 -48.01 20.23 -77.10
N ALA MB 118 -48.12 20.60 -75.82
CA ALA MB 118 -48.57 19.68 -74.77
C ALA MB 118 -49.55 20.43 -73.89
N SER MB 119 -50.82 20.11 -74.03
CA SER MB 119 -51.88 20.82 -73.34
C SER MB 119 -52.54 19.89 -72.33
N THR MB 120 -53.02 20.46 -71.23
CA THR MB 120 -54.03 19.74 -70.46
C THR MB 120 -55.38 20.07 -71.07
N VAL MB 121 -56.27 19.07 -71.10
CA VAL MB 121 -57.55 19.19 -71.78
C VAL MB 121 -58.64 18.67 -70.86
N THR MB 122 -59.68 19.46 -70.70
CA THR MB 122 -60.93 19.10 -70.07
C THR MB 122 -62.06 19.36 -71.06
N LYS MB 123 -63.29 19.04 -70.65
CA LYS MB 123 -64.41 19.13 -71.57
C LYS MB 123 -64.58 20.53 -72.15
N GLU MB 124 -64.07 21.57 -71.46
CA GLU MB 124 -64.24 22.94 -71.91
C GLU MB 124 -63.06 23.47 -72.71
N THR MB 125 -61.98 22.70 -72.82
CA THR MB 125 -60.87 23.08 -73.69
C THR MB 125 -61.31 22.99 -75.15
N THR MB 126 -61.12 24.07 -75.90
CA THR MB 126 -61.50 24.08 -77.30
C THR MB 126 -60.29 24.03 -78.23
N ALA MB 127 -60.57 23.67 -79.48
CA ALA MB 127 -59.54 23.65 -80.51
C ALA MB 127 -58.86 25.00 -80.60
N ALA MB 128 -59.64 26.07 -80.66
CA ALA MB 128 -59.08 27.41 -80.79
C ALA MB 128 -58.32 27.84 -79.54
N ASP MB 129 -58.77 27.41 -78.36
CA ASP MB 129 -57.99 27.66 -77.14
C ASP MB 129 -56.60 27.07 -77.27
N ILE MB 130 -56.51 25.83 -77.75
CA ILE MB 130 -55.18 25.23 -77.87
C ILE MB 130 -54.38 25.86 -78.99
N ALA MB 131 -55.05 26.27 -80.08
CA ALA MB 131 -54.35 27.00 -81.12
C ALA MB 131 -53.74 28.29 -80.59
N GLY MB 132 -54.38 28.87 -79.56
CA GLY MB 132 -53.92 30.16 -79.05
C GLY MB 132 -52.53 30.09 -78.45
N ILE MB 133 -52.18 28.97 -77.83
CA ILE MB 133 -50.88 28.91 -77.18
C ILE MB 133 -49.76 28.84 -78.23
N VAL MB 134 -50.00 28.18 -79.36
CA VAL MB 134 -49.01 28.20 -80.43
C VAL MB 134 -48.83 29.60 -80.97
N LEU MB 135 -49.94 30.33 -81.18
CA LEU MB 135 -49.85 31.68 -81.69
C LEU MB 135 -49.19 32.63 -80.69
N ARG MB 136 -49.34 32.38 -79.39
CA ARG MB 136 -48.69 33.21 -78.39
C ARG MB 136 -47.23 32.87 -78.22
N THR MB 137 -46.85 31.60 -78.43
CA THR MB 137 -45.44 31.27 -78.48
C THR MB 137 -44.77 31.94 -79.69
N LEU MB 138 -45.46 31.94 -80.83
CA LEU MB 138 -44.88 32.58 -82.01
C LEU MB 138 -44.83 34.10 -81.89
N ALA MB 139 -45.82 34.70 -81.22
CA ALA MB 139 -46.00 36.15 -81.25
C ALA MB 139 -44.76 36.96 -80.89
N PRO MB 140 -43.97 36.62 -79.85
CA PRO MB 140 -42.83 37.49 -79.53
C PRO MB 140 -41.68 37.40 -80.53
N ILE MB 141 -41.54 36.28 -81.24
CA ILE MB 141 -40.50 36.16 -82.26
C ILE MB 141 -40.91 36.89 -83.55
N PHE MB 142 -42.19 36.86 -83.89
CA PHE MB 142 -42.70 37.48 -85.12
C PHE MB 142 -43.72 38.54 -84.76
N PRO MB 143 -43.30 39.60 -84.07
CA PRO MB 143 -44.28 40.54 -83.50
C PRO MB 143 -45.02 41.35 -84.54
N ASN MB 144 -44.48 41.46 -85.76
CA ASN MB 144 -45.20 42.02 -86.88
C ASN MB 144 -45.55 40.97 -87.91
N GLY MB 145 -45.57 39.70 -87.51
CA GLY MB 145 -45.93 38.65 -88.43
C GLY MB 145 -44.93 38.62 -89.58
N SER MB 146 -45.43 38.36 -90.77
CA SER MB 146 -44.57 38.30 -91.94
C SER MB 146 -44.01 39.66 -92.34
N GLY MB 147 -44.29 40.73 -91.60
CA GLY MB 147 -43.86 42.05 -92.02
C GLY MB 147 -42.35 42.28 -91.94
N ASP MB 148 -41.78 42.17 -90.74
CA ASP MB 148 -40.34 42.32 -90.58
C ASP MB 148 -39.80 41.14 -89.81
N TRP MB 149 -38.50 40.91 -89.95
CA TRP MB 149 -37.85 39.76 -89.33
C TRP MB 149 -36.86 40.20 -88.27
N ILE MB 150 -37.14 41.30 -87.56
CA ILE MB 150 -36.11 41.92 -86.73
C ILE MB 150 -35.77 41.04 -85.54
N LYS MB 151 -36.80 40.57 -84.83
CA LYS MB 151 -36.54 39.74 -83.67
C LYS MB 151 -36.02 38.38 -84.08
N LEU MB 152 -36.51 37.83 -85.18
CA LEU MB 152 -35.94 36.58 -85.68
C LEU MB 152 -34.45 36.73 -85.94
N GLN MB 153 -34.07 37.78 -86.67
CA GLN MB 153 -32.67 37.99 -87.02
C GLN MB 153 -31.83 38.11 -85.76
N GLN MB 154 -32.32 38.85 -84.77
CA GLN MB 154 -31.53 38.96 -83.54
C GLN MB 154 -31.46 37.62 -82.79
N LEU MB 155 -32.42 36.71 -83.01
CA LEU MB 155 -32.25 35.36 -82.47
C LEU MB 155 -31.17 34.58 -83.21
N ILE MB 156 -31.07 34.79 -84.52
CA ILE MB 156 -30.01 34.13 -85.28
C ILE MB 156 -28.65 34.70 -84.89
N ASP MB 157 -28.61 35.96 -84.44
CA ASP MB 157 -27.35 36.59 -84.06
C ASP MB 157 -26.85 36.15 -82.70
N GLY MB 158 -27.65 35.42 -81.93
CA GLY MB 158 -27.27 34.96 -80.61
C GLY MB 158 -27.58 35.97 -79.51
N LEU MB 159 -28.74 36.62 -79.61
CA LEU MB 159 -29.15 37.66 -78.66
C LEU MB 159 -30.47 37.21 -78.04
N PRO MB 160 -30.41 36.32 -77.05
CA PRO MB 160 -31.62 35.66 -76.54
C PRO MB 160 -32.60 36.58 -75.85
N ARG MB 161 -32.17 37.75 -75.38
CA ARG MB 161 -33.03 38.64 -74.61
C ARG MB 161 -34.00 39.36 -75.55
N ILE MB 162 -35.24 38.87 -75.59
CA ILE MB 162 -36.22 39.36 -76.54
C ILE MB 162 -37.12 40.42 -75.92
N PHE MB 163 -37.54 40.22 -74.68
CA PHE MB 163 -38.27 41.23 -73.95
C PHE MB 163 -37.33 42.14 -73.14
N GLY MB 164 -36.01 41.92 -73.22
CA GLY MB 164 -35.05 42.74 -72.50
C GLY MB 164 -34.22 42.03 -71.44
N SER NB 1 -67.49 40.56 -57.42
CA SER NB 1 -68.35 41.23 -56.46
C SER NB 1 -67.67 41.32 -55.09
N TYR NB 2 -66.82 40.34 -54.80
CA TYR NB 2 -66.07 40.30 -53.55
C TYR NB 2 -65.25 41.57 -53.35
N THR NB 3 -65.37 42.15 -52.16
CA THR NB 3 -64.52 43.26 -51.76
C THR NB 3 -63.73 42.88 -50.51
N ILE NB 4 -62.56 43.50 -50.38
CA ILE NB 4 -61.69 43.31 -49.23
C ILE NB 4 -61.80 44.55 -48.36
N ASP NB 5 -62.17 44.34 -47.10
CA ASP NB 5 -62.23 45.39 -46.11
C ASP NB 5 -61.10 45.19 -45.11
N ILE NB 6 -60.23 46.18 -44.99
CA ILE NB 6 -59.30 46.18 -43.88
C ILE NB 6 -60.10 46.33 -42.59
N ASN NB 7 -59.83 45.48 -41.62
CA ASN NB 7 -60.58 45.53 -40.38
C ASN NB 7 -59.83 46.41 -39.36
N CYS NB 8 -59.55 47.64 -39.76
CA CYS NB 8 -58.68 48.50 -38.97
C CYS NB 8 -59.37 49.82 -38.67
N SER NB 9 -58.73 50.61 -37.81
CA SER NB 9 -59.11 51.99 -37.54
C SER NB 9 -58.17 52.92 -38.30
N THR NB 10 -58.75 53.77 -39.15
CA THR NB 10 -58.02 54.78 -39.90
C THR NB 10 -58.66 56.15 -39.73
N GLY NB 11 -57.84 57.17 -39.94
CA GLY NB 11 -58.25 58.53 -39.73
C GLY NB 11 -58.52 59.27 -41.04
N ASP NB 12 -58.79 60.56 -40.89
CA ASP NB 12 -59.02 61.43 -42.02
C ASP NB 12 -57.75 62.14 -42.48
N THR NB 13 -56.81 62.34 -41.58
CA THR NB 13 -55.65 63.16 -41.86
C THR NB 13 -54.60 62.36 -42.62
N GLN NB 14 -53.78 63.05 -43.39
CA GLN NB 14 -52.69 62.42 -44.12
C GLN NB 14 -51.44 63.27 -44.00
N ALA NB 15 -50.29 62.61 -44.16
CA ALA NB 15 -48.99 63.26 -44.00
C ALA NB 15 -47.98 62.67 -44.97
N ASN NB 16 -47.04 63.51 -45.40
CA ASN NB 16 -46.00 63.11 -46.35
C ASN NB 16 -44.77 62.60 -45.58
N LEU NB 17 -44.48 61.30 -45.72
CA LEU NB 17 -43.17 60.77 -45.34
C LEU NB 17 -42.30 60.82 -46.59
N VAL NB 18 -41.32 61.72 -46.61
CA VAL NB 18 -40.66 62.06 -47.86
C VAL NB 18 -39.37 61.27 -47.99
N LEU NB 19 -39.35 60.44 -49.03
CA LEU NB 19 -38.26 59.53 -49.32
C LEU NB 19 -37.31 60.18 -50.33
N THR NB 20 -36.02 60.02 -50.07
CA THR NB 20 -34.98 60.42 -51.00
C THR NB 20 -34.50 59.18 -51.73
N GLU NB 21 -34.36 59.28 -53.05
CA GLU NB 21 -34.18 58.11 -53.89
C GLU NB 21 -32.82 57.44 -53.65
N ILE NB 22 -32.80 56.13 -53.83
CA ILE NB 22 -31.60 55.32 -53.70
C ILE NB 22 -31.22 54.83 -55.09
N PRO NB 23 -30.18 55.38 -55.72
CA PRO NB 23 -29.86 54.99 -57.10
C PRO NB 23 -29.47 53.54 -57.20
N ALA NB 24 -29.99 52.86 -58.22
CA ALA NB 24 -29.68 51.44 -58.36
C ALA NB 24 -28.30 51.23 -58.94
N GLU NB 25 -27.88 52.12 -59.84
CA GLU NB 25 -26.60 52.03 -60.55
C GLU NB 25 -25.42 51.59 -59.67
N PRO NB 26 -25.24 52.09 -58.45
CA PRO NB 26 -24.05 51.70 -57.67
C PRO NB 26 -24.11 50.33 -56.99
N TYR NB 27 -25.26 49.67 -56.89
CA TYR NB 27 -25.34 48.43 -56.10
C TYR NB 27 -24.83 47.24 -56.91
N VAL NB 28 -24.25 46.27 -56.20
CA VAL NB 28 -23.63 45.09 -56.84
C VAL NB 28 -23.95 43.83 -56.05
N HIS NB 29 -24.35 42.77 -56.75
CA HIS NB 29 -24.60 41.47 -56.12
C HIS NB 29 -23.36 40.96 -55.40
N VAL NB 30 -23.56 40.46 -54.17
CA VAL NB 30 -22.45 39.97 -53.37
C VAL NB 30 -22.66 38.53 -52.92
N SER NB 31 -23.91 38.12 -52.74
CA SER NB 31 -24.16 36.77 -52.26
C SER NB 31 -25.64 36.44 -52.40
N GLY NB 32 -25.91 35.14 -52.48
CA GLY NB 32 -27.23 34.60 -52.66
C GLY NB 32 -27.45 34.06 -54.06
N ASP NB 33 -28.69 33.66 -54.30
CA ASP NB 33 -29.13 33.23 -55.63
C ASP NB 33 -30.16 34.22 -56.16
N ASN NB 34 -30.11 34.48 -57.47
CA ASN NB 34 -31.07 35.41 -58.08
C ASN NB 34 -32.51 34.91 -58.02
N LYS NB 35 -32.75 33.71 -57.46
CA LYS NB 35 -34.10 33.17 -57.34
C LYS NB 35 -34.75 33.53 -56.00
N SER NB 36 -34.09 33.24 -54.87
CA SER NB 36 -34.68 33.43 -53.56
C SER NB 36 -34.15 34.66 -52.83
N THR NB 37 -32.84 34.74 -52.62
CA THR NB 37 -32.26 35.75 -51.74
C THR NB 37 -31.06 36.41 -52.40
N ILE NB 38 -30.97 37.74 -52.32
CA ILE NB 38 -29.94 38.52 -52.98
C ILE NB 38 -29.44 39.61 -52.03
N GLU NB 39 -28.12 39.83 -52.00
CA GLU NB 39 -27.53 40.85 -51.15
C GLU NB 39 -26.72 41.82 -52.01
N TYR NB 40 -27.18 43.08 -52.09
CA TYR NB 40 -26.46 44.10 -52.83
C TYR NB 40 -25.52 44.89 -51.94
N LEU NB 41 -24.42 45.34 -52.53
CA LEU NB 41 -23.43 46.19 -51.89
C LEU NB 41 -23.39 47.55 -52.59
N ASP NB 42 -23.54 48.61 -51.80
CA ASP NB 42 -23.40 49.98 -52.29
C ASP NB 42 -21.92 50.28 -52.51
N THR NB 43 -21.48 50.22 -53.76
CA THR NB 43 -20.12 50.62 -54.11
C THR NB 43 -19.89 52.12 -53.95
N GLY NB 44 -20.91 52.89 -53.57
CA GLY NB 44 -20.75 54.31 -53.34
C GLY NB 44 -20.22 54.61 -51.96
N SER NB 45 -19.47 53.68 -51.38
CA SER NB 45 -18.98 53.80 -50.02
C SER NB 45 -17.46 53.85 -50.02
N ASP NB 46 -16.89 53.93 -48.83
CA ASP NB 46 -15.45 54.03 -48.67
C ASP NB 46 -14.79 52.71 -49.08
N ASN NB 47 -13.65 52.82 -49.79
CA ASN NB 47 -12.86 51.63 -50.11
C ASN NB 47 -12.24 51.02 -48.86
N SER NB 48 -11.76 51.89 -47.95
CA SER NB 48 -10.74 51.53 -46.96
C SER NB 48 -11.31 50.89 -45.71
N LEU NB 49 -12.58 50.52 -45.71
CA LEU NB 49 -13.22 49.86 -44.59
C LEU NB 49 -13.54 48.41 -44.94
N LEU NB 50 -13.41 47.53 -43.96
CA LEU NB 50 -13.85 46.16 -44.17
C LEU NB 50 -15.38 46.05 -44.19
N VAL NB 51 -16.08 47.08 -43.73
CA VAL NB 51 -17.53 47.12 -43.75
C VAL NB 51 -17.97 48.15 -44.78
N ARG NB 52 -19.01 47.81 -45.54
CA ARG NB 52 -19.58 48.70 -46.52
C ARG NB 52 -21.08 48.48 -46.57
N PRO NB 53 -21.84 49.52 -46.90
CA PRO NB 53 -23.31 49.43 -46.82
C PRO NB 53 -23.88 48.43 -47.80
N THR NB 54 -24.84 47.65 -47.31
CA THR NB 54 -25.38 46.53 -48.04
C THR NB 54 -26.87 46.42 -47.73
N GLN NB 55 -27.68 46.25 -48.77
CA GLN NB 55 -29.11 46.00 -48.57
C GLN NB 55 -29.49 44.68 -49.21
N GLN NB 56 -30.22 43.87 -48.45
CA GLN NB 56 -30.55 42.52 -48.85
C GLN NB 56 -32.07 42.42 -49.07
N PHE NB 57 -32.45 41.61 -50.06
CA PHE NB 57 -33.84 41.31 -50.37
C PHE NB 57 -34.04 39.80 -50.42
N ASN NB 58 -35.21 39.36 -49.98
CA ASN NB 58 -35.44 37.93 -49.74
C ASN NB 58 -36.93 37.65 -49.81
N CYS NB 59 -37.37 36.86 -50.79
CA CYS NB 59 -38.78 36.53 -50.97
C CYS NB 59 -39.04 35.05 -50.75
N VAL NB 60 -40.25 34.73 -50.24
CA VAL NB 60 -40.73 33.37 -50.06
C VAL NB 60 -42.24 33.35 -50.26
N SER NB 61 -42.78 32.14 -50.43
CA SER NB 61 -44.20 31.96 -50.71
C SER NB 61 -44.63 30.56 -50.28
N SER NB 62 -45.89 30.43 -49.90
CA SER NB 62 -46.39 29.17 -49.35
C SER NB 62 -47.85 28.96 -49.73
N GLN NB 63 -48.21 27.70 -49.92
CA GLN NB 63 -49.56 27.28 -50.26
C GLN NB 63 -50.44 27.11 -49.02
N TYR NB 64 -49.90 27.38 -47.83
CA TYR NB 64 -50.60 27.14 -46.57
C TYR NB 64 -50.65 28.44 -45.78
N PRO NB 65 -51.45 29.40 -46.24
CA PRO NB 65 -51.36 30.76 -45.68
C PRO NB 65 -51.84 30.87 -44.25
N TYR NB 66 -52.60 29.88 -43.76
CA TYR NB 66 -53.17 29.90 -42.43
C TYR NB 66 -52.38 29.05 -41.45
N ARG NB 67 -51.13 28.74 -41.75
CA ARG NB 67 -50.39 27.76 -40.96
C ARG NB 67 -50.21 28.21 -39.53
N ASN NB 68 -49.85 29.48 -39.33
CA ASN NB 68 -49.61 30.00 -37.99
C ASN NB 68 -50.83 30.68 -37.39
N TYR NB 69 -51.86 30.95 -38.18
CA TYR NB 69 -53.06 31.63 -37.69
C TYR NB 69 -54.11 30.60 -37.30
N SER NB 70 -53.85 29.96 -36.16
CA SER NB 70 -54.67 28.84 -35.72
C SER NB 70 -56.10 29.25 -35.37
N LYS NB 71 -56.30 30.51 -34.96
CA LYS NB 71 -57.57 30.96 -34.43
C LYS NB 71 -58.55 31.41 -35.50
N ILE NB 72 -58.28 31.14 -36.77
CA ILE NB 72 -59.25 31.34 -37.85
C ILE NB 72 -59.85 29.99 -38.19
N PRO NB 73 -61.18 29.84 -38.15
CA PRO NB 73 -61.79 28.55 -38.49
C PRO NB 73 -61.71 28.26 -39.99
N ARG NB 74 -61.81 26.98 -40.33
CA ARG NB 74 -61.77 26.60 -41.75
C ARG NB 74 -62.94 27.19 -42.51
N SER NB 75 -64.09 27.38 -41.85
CA SER NB 75 -65.23 28.02 -42.49
C SER NB 75 -64.93 29.44 -42.92
N GLN NB 76 -63.83 30.04 -42.45
CA GLN NB 76 -63.47 31.41 -42.81
C GLN NB 76 -62.10 31.49 -43.48
N GLN NB 77 -61.50 30.35 -43.83
CA GLN NB 77 -60.22 30.31 -44.54
C GLN NB 77 -60.46 30.24 -46.05
N ASP NB 78 -59.99 31.25 -46.77
CA ASP NB 78 -60.14 31.28 -48.24
C ASP NB 78 -59.23 30.25 -48.89
N PRO NB 79 -59.78 29.20 -49.49
CA PRO NB 79 -58.92 28.13 -50.01
C PRO NB 79 -58.12 28.53 -51.24
N LEU NB 80 -58.58 29.54 -51.98
CA LEU NB 80 -57.79 30.04 -53.10
C LEU NB 80 -56.57 30.82 -52.63
N ALA NB 81 -56.64 31.41 -51.44
CA ALA NB 81 -55.64 32.36 -50.97
C ALA NB 81 -54.31 31.67 -50.68
N VAL NB 82 -53.23 32.44 -50.83
CA VAL NB 82 -51.86 31.94 -50.84
C VAL NB 82 -50.98 32.97 -50.14
N ARG NB 83 -49.94 32.50 -49.43
CA ARG NB 83 -49.07 33.38 -48.65
C ARG NB 83 -47.88 33.87 -49.47
N ARG NB 84 -47.71 35.19 -49.54
CA ARG NB 84 -46.55 35.83 -50.15
C ARG NB 84 -45.79 36.61 -49.07
N GLU NB 85 -44.46 36.60 -49.13
CA GLU NB 85 -43.69 37.28 -48.09
C GLU NB 85 -42.37 37.78 -48.68
N PHE NB 86 -41.94 38.95 -48.21
CA PHE NB 86 -40.62 39.48 -48.53
C PHE NB 86 -39.98 40.11 -47.30
N TYR NB 87 -38.68 40.28 -47.38
CA TYR NB 87 -37.84 40.73 -46.28
C TYR NB 87 -36.70 41.56 -46.86
N THR NB 88 -36.56 42.78 -46.36
CA THR NB 88 -35.42 43.60 -46.71
C THR NB 88 -34.65 43.94 -45.45
N ARG NB 89 -33.32 43.98 -45.56
CA ARG NB 89 -32.46 44.38 -44.45
C ARG NB 89 -31.35 45.29 -44.98
N ARG NB 90 -31.38 46.55 -44.59
CA ARG NB 90 -30.36 47.51 -44.97
C ARG NB 90 -29.43 47.71 -43.78
N VAL NB 91 -28.14 47.54 -44.02
CA VAL NB 91 -27.08 47.85 -43.07
C VAL NB 91 -26.27 48.96 -43.68
N GLU NB 92 -26.17 50.09 -43.00
CA GLU NB 92 -25.25 51.13 -43.41
C GLU NB 92 -24.30 51.43 -42.27
N TYR NB 93 -23.06 51.77 -42.61
CA TYR NB 93 -22.02 52.04 -41.62
C TYR NB 93 -21.64 53.51 -41.74
N TRP NB 94 -22.02 54.32 -40.75
CA TRP NB 94 -21.74 55.74 -40.77
C TRP NB 94 -20.29 56.01 -40.34
N ARG NB 95 -19.86 57.22 -40.63
CA ARG NB 95 -18.47 57.64 -40.49
C ARG NB 95 -18.51 58.95 -39.70
N LYS NB 96 -18.02 58.95 -38.46
CA LYS NB 96 -17.99 60.18 -37.67
C LYS NB 96 -16.56 60.69 -37.56
N ALA NB 97 -16.42 62.00 -37.78
CA ALA NB 97 -15.14 62.70 -37.67
C ALA NB 97 -15.39 64.19 -37.86
N ASP NB 98 -14.45 64.99 -37.36
CA ASP NB 98 -14.46 66.43 -37.61
C ASP NB 98 -13.29 66.79 -38.49
N ALA NB 99 -13.54 67.62 -39.49
CA ALA NB 99 -12.48 68.09 -40.38
C ALA NB 99 -11.59 69.12 -39.70
N SER NB 100 -12.09 69.75 -38.64
CA SER NB 100 -11.29 70.73 -37.91
C SER NB 100 -10.08 70.09 -37.26
N ASN NB 101 -10.23 68.89 -36.72
CA ASN NB 101 -9.18 68.22 -35.96
C ASN NB 101 -8.91 66.87 -36.62
N VAL NB 102 -7.85 66.79 -37.41
CA VAL NB 102 -7.48 65.52 -38.03
C VAL NB 102 -6.75 64.59 -37.07
N ASP NB 103 -6.28 65.12 -35.94
CA ASP NB 103 -5.76 64.26 -34.89
C ASP NB 103 -6.86 63.44 -34.24
N ALA NB 104 -8.07 64.00 -34.18
CA ALA NB 104 -9.17 63.31 -33.50
C ALA NB 104 -9.58 62.08 -34.29
N PRO NB 105 -9.80 60.95 -33.62
CA PRO NB 105 -9.99 59.68 -34.34
C PRO NB 105 -11.33 59.61 -35.03
N GLU NB 106 -11.37 58.85 -36.12
CA GLU NB 106 -12.59 58.62 -36.88
C GLU NB 106 -13.21 57.31 -36.44
N TYR NB 107 -14.55 57.29 -36.36
CA TYR NB 107 -15.25 56.12 -35.88
C TYR NB 107 -16.28 55.64 -36.89
N THR NB 108 -16.54 54.33 -36.85
CA THR NB 108 -17.56 53.69 -37.67
C THR NB 108 -18.77 53.38 -36.79
N LEU NB 109 -19.94 53.86 -37.21
CA LEU NB 109 -21.17 53.73 -36.44
C LEU NB 109 -22.16 52.85 -37.20
N PRO NB 110 -22.30 51.57 -36.84
CA PRO NB 110 -23.23 50.71 -37.59
C PRO NB 110 -24.69 50.97 -37.25
N GLN NB 111 -25.51 50.90 -38.30
CA GLN NB 111 -26.95 51.13 -38.25
C GLN NB 111 -27.58 50.08 -39.15
N SER NB 112 -28.72 49.53 -38.72
CA SER NB 112 -29.36 48.45 -39.48
C SER NB 112 -30.87 48.51 -39.28
N CYS NB 113 -31.61 48.20 -40.35
CA CYS NB 113 -33.06 48.30 -40.33
C CYS NB 113 -33.66 47.25 -41.25
N SER NB 114 -34.69 46.56 -40.80
CA SER NB 114 -35.27 45.47 -41.57
C SER NB 114 -36.79 45.54 -41.57
N ILE NB 115 -37.38 45.21 -42.72
CA ILE NB 115 -38.82 45.17 -42.91
C ILE NB 115 -39.21 43.80 -43.41
N ARG NB 116 -40.19 43.18 -42.75
CA ARG NB 116 -40.71 41.89 -43.15
C ARG NB 116 -42.21 42.03 -43.41
N LEU NB 117 -42.63 41.78 -44.64
CA LEU NB 117 -44.05 41.84 -45.00
C LEU NB 117 -44.51 40.46 -45.43
N ALA NB 118 -45.54 39.95 -44.76
CA ALA NB 118 -46.15 38.67 -45.10
C ALA NB 118 -47.65 38.91 -45.26
N SER NB 119 -48.14 38.76 -46.50
CA SER NB 119 -49.55 38.95 -46.81
C SER NB 119 -50.17 37.62 -47.21
N THR NB 120 -51.45 37.43 -46.92
CA THR NB 120 -52.20 36.40 -47.64
C THR NB 120 -52.88 37.09 -48.81
N VAL NB 121 -52.50 36.68 -50.02
CA VAL NB 121 -53.04 37.23 -51.26
C VAL NB 121 -54.16 36.33 -51.75
N THR NB 122 -55.21 36.95 -52.26
CA THR NB 122 -56.27 36.26 -52.99
C THR NB 122 -56.48 37.01 -54.30
N LYS NB 123 -57.44 36.52 -55.10
CA LYS NB 123 -57.67 37.10 -56.43
C LYS NB 123 -57.89 38.60 -56.36
N GLU NB 124 -58.56 39.07 -55.31
CA GLU NB 124 -58.94 40.49 -55.20
C GLU NB 124 -57.92 41.32 -54.45
N THR NB 125 -56.92 40.70 -53.83
CA THR NB 125 -55.85 41.44 -53.17
C THR NB 125 -55.05 42.21 -54.20
N THR NB 126 -54.89 43.51 -53.99
CA THR NB 126 -54.23 44.37 -54.96
C THR NB 126 -52.88 44.87 -54.44
N ALA NB 127 -52.11 45.41 -55.39
CA ALA NB 127 -50.85 46.08 -55.04
C ALA NB 127 -51.07 47.11 -53.94
N ALA NB 128 -52.03 48.02 -54.16
CA ALA NB 128 -52.28 49.09 -53.20
C ALA NB 128 -52.73 48.54 -51.85
N ASP NB 129 -53.55 47.49 -51.85
CA ASP NB 129 -53.96 46.87 -50.60
C ASP NB 129 -52.75 46.39 -49.82
N ILE NB 130 -51.78 45.78 -50.50
CA ILE NB 130 -50.64 45.28 -49.76
C ILE NB 130 -49.73 46.41 -49.31
N ALA NB 131 -49.62 47.48 -50.11
CA ALA NB 131 -48.90 48.67 -49.66
C ALA NB 131 -49.52 49.27 -48.41
N GLY NB 132 -50.86 49.19 -48.31
CA GLY NB 132 -51.55 49.79 -47.19
C GLY NB 132 -51.08 49.29 -45.84
N ILE NB 133 -50.71 48.01 -45.75
CA ILE NB 133 -50.33 47.49 -44.44
C ILE NB 133 -48.97 48.04 -44.02
N VAL NB 134 -48.05 48.20 -44.97
CA VAL NB 134 -46.80 48.86 -44.65
C VAL NB 134 -47.04 50.30 -44.20
N LEU NB 135 -47.93 51.01 -44.92
CA LEU NB 135 -48.19 52.40 -44.57
C LEU NB 135 -48.82 52.52 -43.18
N ARG NB 136 -49.76 51.62 -42.85
CA ARG NB 136 -50.39 51.66 -41.54
C ARG NB 136 -49.47 51.15 -40.44
N THR NB 137 -48.46 50.35 -40.78
CA THR NB 137 -47.44 50.00 -39.80
C THR NB 137 -46.55 51.19 -39.49
N LEU NB 138 -46.27 52.01 -40.50
CA LEU NB 138 -45.42 53.17 -40.30
C LEU NB 138 -46.13 54.30 -39.56
N ALA NB 139 -47.41 54.54 -39.89
CA ALA NB 139 -48.11 55.73 -39.39
C ALA NB 139 -48.06 55.91 -37.88
N PRO NB 140 -48.09 54.87 -37.04
CA PRO NB 140 -47.93 55.12 -35.59
C PRO NB 140 -46.58 55.73 -35.22
N ILE NB 141 -45.52 55.34 -35.93
CA ILE NB 141 -44.18 55.87 -35.66
C ILE NB 141 -43.99 57.25 -36.29
N PHE NB 142 -44.65 57.54 -37.41
CA PHE NB 142 -44.49 58.80 -38.13
C PHE NB 142 -45.85 59.47 -38.27
N PRO NB 143 -46.42 59.95 -37.15
CA PRO NB 143 -47.79 60.49 -37.22
C PRO NB 143 -47.89 61.74 -38.08
N ASN NB 144 -46.78 62.46 -38.28
CA ASN NB 144 -46.75 63.63 -39.15
C ASN NB 144 -45.80 63.43 -40.32
N GLY NB 145 -45.37 62.18 -40.56
CA GLY NB 145 -44.50 61.92 -41.69
C GLY NB 145 -43.15 62.54 -41.42
N SER NB 146 -42.58 63.22 -42.42
CA SER NB 146 -41.31 63.87 -42.22
C SER NB 146 -41.41 65.13 -41.35
N GLY NB 147 -42.62 65.57 -41.00
CA GLY NB 147 -42.80 66.86 -40.35
C GLY NB 147 -42.08 66.99 -39.00
N ASP NB 148 -42.12 65.92 -38.20
CA ASP NB 148 -41.41 65.85 -36.92
C ASP NB 148 -40.96 64.41 -36.72
N TRP NB 149 -40.13 64.20 -35.70
CA TRP NB 149 -39.63 62.86 -35.40
C TRP NB 149 -39.97 62.43 -33.98
N ILE NB 150 -41.05 62.95 -33.41
CA ILE NB 150 -41.22 62.89 -31.96
C ILE NB 150 -41.43 61.45 -31.50
N LYS NB 151 -42.32 60.73 -32.18
CA LYS NB 151 -42.60 59.37 -31.75
C LYS NB 151 -41.41 58.45 -32.02
N LEU NB 152 -40.70 58.69 -33.12
CA LEU NB 152 -39.49 57.92 -33.36
C LEU NB 152 -38.46 58.16 -32.26
N GLN NB 153 -38.31 59.42 -31.84
CA GLN NB 153 -37.41 59.74 -30.75
C GLN NB 153 -37.80 59.01 -29.47
N GLN NB 154 -39.11 58.93 -29.19
CA GLN NB 154 -39.56 58.15 -28.04
C GLN NB 154 -39.14 56.69 -28.16
N LEU NB 155 -39.31 56.11 -29.34
CA LEU NB 155 -38.90 54.72 -29.55
C LEU NB 155 -37.42 54.54 -29.26
N ILE NB 156 -36.59 55.45 -29.75
CA ILE NB 156 -35.16 55.34 -29.49
C ILE NB 156 -34.86 55.52 -28.00
N ASP NB 157 -35.50 56.50 -27.38
CA ASP NB 157 -35.34 56.76 -25.94
C ASP NB 157 -35.78 55.56 -25.11
N GLY NB 158 -36.57 54.65 -25.69
CA GLY NB 158 -36.96 53.42 -25.03
C GLY NB 158 -38.35 53.42 -24.46
N LEU NB 159 -39.26 54.22 -25.00
CA LEU NB 159 -40.59 54.45 -24.46
C LEU NB 159 -41.65 53.80 -25.35
N PRO NB 160 -41.94 52.51 -25.16
CA PRO NB 160 -42.71 51.76 -26.16
C PRO NB 160 -44.18 52.11 -26.20
N ARG NB 161 -44.72 52.81 -25.19
CA ARG NB 161 -46.13 53.17 -25.16
C ARG NB 161 -46.38 54.31 -26.15
N ILE NB 162 -46.66 53.93 -27.39
CA ILE NB 162 -46.86 54.91 -28.46
C ILE NB 162 -48.32 55.34 -28.56
N PHE NB 163 -49.26 54.45 -28.26
CA PHE NB 163 -50.67 54.80 -28.25
C PHE NB 163 -51.13 55.21 -26.86
N GLY NB 164 -50.18 55.51 -25.96
CA GLY NB 164 -50.51 55.85 -24.59
C GLY NB 164 -50.46 54.64 -23.69
N SER OB 1 133.23 -52.09 -66.11
CA SER OB 1 133.02 -52.64 -64.77
C SER OB 1 132.33 -51.61 -63.89
N TYR OB 2 131.27 -52.05 -63.22
CA TYR OB 2 130.36 -51.14 -62.53
C TYR OB 2 131.07 -50.30 -61.47
N THR OB 3 130.73 -49.01 -61.42
CA THR OB 3 131.16 -48.12 -60.34
C THR OB 3 129.94 -47.51 -59.67
N ILE OB 4 130.11 -47.13 -58.40
CA ILE OB 4 129.04 -46.57 -57.58
C ILE OB 4 129.28 -45.07 -57.42
N ASP OB 5 128.33 -44.27 -57.89
CA ASP OB 5 128.32 -42.82 -57.74
C ASP OB 5 127.41 -42.47 -56.56
N ILE OB 6 127.98 -41.83 -55.53
CA ILE OB 6 127.10 -41.27 -54.50
C ILE OB 6 126.49 -40.02 -55.11
N ASN OB 7 125.24 -40.13 -55.52
CA ASN OB 7 124.54 -38.99 -56.11
C ASN OB 7 124.31 -38.01 -54.99
N CYS OB 8 125.15 -36.97 -54.91
CA CYS OB 8 125.24 -36.20 -53.68
C CYS OB 8 126.22 -35.05 -53.87
N SER OB 9 126.15 -34.06 -52.98
CA SER OB 9 127.06 -32.93 -52.98
C SER OB 9 128.09 -33.07 -51.86
N THR OB 10 129.36 -33.17 -52.24
CA THR OB 10 130.48 -33.19 -51.29
C THR OB 10 131.37 -31.98 -51.50
N GLY OB 11 132.21 -31.73 -50.50
CA GLY OB 11 133.07 -30.56 -50.49
C GLY OB 11 134.54 -30.94 -50.47
N ASP OB 12 135.43 -29.96 -50.59
CA ASP OB 12 136.86 -30.28 -50.57
C ASP OB 12 137.40 -30.40 -49.16
N THR OB 13 136.90 -29.60 -48.23
CA THR OB 13 137.44 -29.50 -46.88
C THR OB 13 137.12 -30.76 -46.06
N GLN OB 14 137.94 -31.03 -45.04
CA GLN OB 14 137.68 -32.15 -44.15
C GLN OB 14 137.95 -31.71 -42.71
N ALA OB 15 137.13 -32.19 -41.79
CA ALA OB 15 137.30 -31.94 -40.37
C ALA OB 15 137.48 -33.25 -39.62
N ASN OB 16 138.10 -33.15 -38.43
CA ASN OB 16 138.26 -34.27 -37.53
C ASN OB 16 137.17 -34.22 -36.46
N LEU OB 17 136.32 -35.25 -36.41
CA LEU OB 17 135.45 -35.49 -35.27
C LEU OB 17 136.21 -36.43 -34.35
N VAL OB 18 136.64 -35.94 -33.19
CA VAL OB 18 137.56 -36.68 -32.34
C VAL OB 18 136.77 -37.55 -31.39
N LEU OB 19 136.82 -38.86 -31.62
CA LEU OB 19 136.14 -39.82 -30.78
C LEU OB 19 137.09 -40.30 -29.69
N THR OB 20 136.56 -40.43 -28.48
CA THR OB 20 137.31 -41.03 -27.40
C THR OB 20 136.82 -42.46 -27.23
N GLU OB 21 137.76 -43.40 -27.12
CA GLU OB 21 137.41 -44.81 -27.14
C GLU OB 21 136.52 -45.15 -25.95
N ILE OB 22 135.79 -46.25 -26.08
CA ILE OB 22 134.99 -46.78 -24.99
C ILE OB 22 135.48 -48.21 -24.76
N PRO OB 23 136.10 -48.51 -23.62
CA PRO OB 23 136.73 -49.81 -23.44
C PRO OB 23 135.68 -50.92 -23.36
N ALA OB 24 135.96 -52.03 -24.04
CA ALA OB 24 134.99 -53.10 -24.10
C ALA OB 24 134.94 -53.92 -22.81
N GLU OB 25 136.02 -53.93 -22.04
CA GLU OB 25 136.05 -54.76 -20.83
C GLU OB 25 134.88 -54.48 -19.90
N PRO OB 26 134.56 -53.23 -19.53
CA PRO OB 26 133.50 -53.02 -18.54
C PRO OB 26 132.09 -53.39 -19.02
N TYR OB 27 131.85 -53.66 -20.31
CA TYR OB 27 130.50 -53.94 -20.76
C TYR OB 27 130.14 -55.40 -20.54
N VAL OB 28 128.91 -55.64 -20.07
CA VAL OB 28 128.41 -56.98 -19.75
C VAL OB 28 127.16 -57.26 -20.57
N HIS OB 29 127.18 -58.37 -21.32
CA HIS OB 29 125.99 -58.83 -22.03
C HIS OB 29 124.86 -59.07 -21.05
N VAL OB 30 123.70 -58.50 -21.34
CA VAL OB 30 122.55 -58.53 -20.44
C VAL OB 30 121.38 -59.28 -21.06
N SER OB 31 121.01 -58.93 -22.30
CA SER OB 31 119.84 -59.51 -22.93
C SER OB 31 120.04 -59.60 -24.43
N GLY OB 32 119.44 -60.62 -25.03
CA GLY OB 32 119.20 -60.62 -26.47
C GLY OB 32 119.98 -61.65 -27.25
N ASP OB 33 119.35 -62.18 -28.31
CA ASP OB 33 119.96 -63.06 -29.30
C ASP OB 33 120.73 -62.24 -30.32
N ASN OB 34 121.30 -62.93 -31.32
CA ASN OB 34 121.54 -62.25 -32.59
C ASN OB 34 120.21 -61.98 -33.31
N LYS OB 35 119.23 -62.86 -33.10
CA LYS OB 35 117.89 -62.66 -33.67
C LYS OB 35 117.13 -61.53 -32.96
N SER OB 36 117.45 -61.28 -31.70
CA SER OB 36 116.87 -60.18 -30.94
C SER OB 36 117.88 -59.02 -30.93
N THR OB 37 117.63 -58.02 -30.08
CA THR OB 37 118.57 -56.92 -29.90
C THR OB 37 119.54 -57.20 -28.74
N ILE OB 38 120.85 -57.13 -29.02
CA ILE OB 38 121.87 -57.31 -27.98
C ILE OB 38 121.93 -56.08 -27.09
N GLU OB 39 122.07 -56.30 -25.78
CA GLU OB 39 122.09 -55.21 -24.82
C GLU OB 39 123.27 -55.36 -23.89
N TYR OB 40 124.04 -54.29 -23.70
CA TYR OB 40 125.18 -54.30 -22.78
C TYR OB 40 124.98 -53.27 -21.69
N LEU OB 41 125.46 -53.62 -20.50
CA LEU OB 41 125.51 -52.74 -19.33
C LEU OB 41 126.95 -52.28 -19.11
N ASP OB 42 127.12 -50.96 -18.99
CA ASP OB 42 128.42 -50.38 -18.63
C ASP OB 42 128.55 -50.48 -17.11
N THR OB 43 129.34 -51.45 -16.64
CA THR OB 43 129.50 -51.70 -15.21
C THR OB 43 130.47 -50.73 -14.55
N GLY OB 44 131.10 -49.86 -15.33
CA GLY OB 44 131.91 -48.81 -14.76
C GLY OB 44 131.08 -47.58 -14.48
N SER OB 45 130.01 -47.76 -13.69
CA SER OB 45 129.11 -46.69 -13.33
C SER OB 45 128.86 -46.70 -11.83
N ASP OB 46 128.17 -45.67 -11.35
CA ASP OB 46 127.85 -45.63 -9.93
C ASP OB 46 126.87 -46.76 -9.62
N ASN OB 47 127.35 -47.73 -8.86
CA ASN OB 47 126.54 -48.86 -8.41
C ASN OB 47 125.35 -48.39 -7.60
N SER OB 48 125.48 -47.26 -6.88
CA SER OB 48 124.46 -46.80 -5.95
C SER OB 48 123.26 -46.16 -6.64
N LEU OB 49 123.20 -46.23 -7.96
CA LEU OB 49 122.03 -45.87 -8.73
C LEU OB 49 121.36 -47.14 -9.24
N LEU OB 50 120.03 -47.13 -9.27
CA LEU OB 50 119.31 -48.25 -9.86
C LEU OB 50 119.22 -48.15 -11.37
N VAL OB 51 119.66 -47.04 -11.95
CA VAL OB 51 119.78 -46.89 -13.40
C VAL OB 51 121.25 -46.83 -13.73
N ARG OB 52 121.64 -47.53 -14.79
CA ARG OB 52 123.04 -47.62 -15.18
C ARG OB 52 123.12 -47.54 -16.69
N PRO OB 53 124.27 -47.11 -17.22
CA PRO OB 53 124.39 -46.86 -18.66
C PRO OB 53 124.36 -48.17 -19.44
N THR OB 54 123.60 -48.16 -20.54
CA THR OB 54 123.48 -49.33 -21.40
C THR OB 54 123.61 -48.89 -22.85
N GLN OB 55 124.28 -49.71 -23.66
CA GLN OB 55 124.19 -49.54 -25.10
C GLN OB 55 123.74 -50.83 -25.76
N GLN OB 56 122.85 -50.71 -26.74
CA GLN OB 56 122.30 -51.88 -27.41
C GLN OB 56 122.54 -51.81 -28.92
N PHE OB 57 122.66 -53.00 -29.51
CA PHE OB 57 122.96 -53.18 -30.93
C PHE OB 57 122.01 -54.22 -31.51
N ASN OB 58 121.30 -53.83 -32.56
CA ASN OB 58 120.40 -54.68 -33.32
C ASN OB 58 120.76 -54.58 -34.78
N CYS OB 59 120.69 -55.70 -35.51
CA CYS OB 59 120.86 -55.59 -36.95
C CYS OB 59 120.03 -56.65 -37.66
N VAL OB 60 119.47 -56.25 -38.81
CA VAL OB 60 118.54 -57.07 -39.59
C VAL OB 60 118.80 -56.85 -41.08
N SER OB 61 118.42 -57.85 -41.87
CA SER OB 61 118.76 -57.87 -43.29
C SER OB 61 117.58 -58.44 -44.06
N SER OB 62 117.40 -57.93 -45.28
CA SER OB 62 116.30 -58.37 -46.13
C SER OB 62 116.70 -58.46 -47.59
N GLN OB 63 116.08 -59.41 -48.28
CA GLN OB 63 116.32 -59.62 -49.71
C GLN OB 63 115.52 -58.66 -50.57
N TYR OB 64 114.71 -57.78 -49.97
CA TYR OB 64 113.79 -56.90 -50.68
C TYR OB 64 114.13 -55.46 -50.36
N PRO OB 65 115.23 -54.94 -50.92
CA PRO OB 65 115.78 -53.67 -50.43
C PRO OB 65 114.99 -52.46 -50.86
N TYR OB 66 114.10 -52.60 -51.84
CA TYR OB 66 113.32 -51.48 -52.36
C TYR OB 66 111.93 -51.40 -51.73
N ARG OB 67 111.69 -52.12 -50.63
CA ARG OB 67 110.34 -52.20 -50.08
C ARG OB 67 109.84 -50.84 -49.61
N ASN OB 68 110.71 -50.05 -48.98
CA ASN OB 68 110.30 -48.76 -48.44
C ASN OB 68 110.31 -47.65 -49.46
N TYR OB 69 111.07 -47.80 -50.54
CA TYR OB 69 111.25 -46.73 -51.51
C TYR OB 69 110.31 -46.97 -52.68
N SER OB 70 109.40 -46.03 -52.91
CA SER OB 70 108.30 -46.25 -53.82
C SER OB 70 108.59 -45.76 -55.24
N LYS OB 71 109.37 -44.69 -55.41
CA LYS OB 71 109.47 -44.04 -56.71
C LYS OB 71 110.71 -44.47 -57.48
N ILE OB 72 111.21 -45.67 -57.23
CA ILE OB 72 112.32 -46.24 -58.00
C ILE OB 72 111.74 -47.28 -58.94
N PRO OB 73 111.87 -47.10 -60.27
CA PRO OB 73 111.33 -48.09 -61.21
C PRO OB 73 112.06 -49.42 -61.14
N ARG OB 74 111.34 -50.48 -61.52
CA ARG OB 74 111.95 -51.81 -61.52
C ARG OB 74 113.14 -51.86 -62.47
N SER OB 75 113.06 -51.16 -63.60
CA SER OB 75 114.17 -51.12 -64.55
C SER OB 75 115.43 -50.53 -63.94
N GLN OB 76 115.34 -49.92 -62.76
CA GLN OB 76 116.49 -49.36 -62.06
C GLN OB 76 116.79 -50.08 -60.75
N GLN OB 77 116.10 -51.18 -60.46
CA GLN OB 77 116.31 -51.93 -59.22
C GLN OB 77 117.31 -53.06 -59.46
N ASP OB 78 118.43 -53.02 -58.74
CA ASP OB 78 119.47 -54.05 -58.88
C ASP OB 78 119.00 -55.37 -58.29
N PRO OB 79 118.82 -56.42 -59.10
CA PRO OB 79 118.26 -57.67 -58.58
C PRO OB 79 119.18 -58.39 -57.61
N LEU OB 80 120.46 -58.06 -57.62
CA LEU OB 80 121.43 -58.61 -56.68
C LEU OB 80 121.54 -57.79 -55.40
N ALA OB 81 120.87 -56.65 -55.33
CA ALA OB 81 121.01 -55.79 -54.17
C ALA OB 81 120.29 -56.38 -52.98
N VAL OB 82 120.83 -56.11 -51.79
CA VAL OB 82 120.30 -56.60 -50.53
C VAL OB 82 120.24 -55.43 -49.56
N ARG OB 83 119.37 -55.52 -48.57
CA ARG OB 83 119.22 -54.48 -47.56
C ARG OB 83 119.91 -54.93 -46.28
N ARG OB 84 120.89 -54.14 -45.82
CA ARG OB 84 121.58 -54.39 -44.56
C ARG OB 84 121.29 -53.23 -43.63
N GLU OB 85 120.82 -53.51 -42.43
CA GLU OB 85 120.42 -52.47 -41.49
C GLU OB 85 121.00 -52.76 -40.13
N PHE OB 86 121.41 -51.72 -39.42
CA PHE OB 86 121.83 -51.85 -38.02
C PHE OB 86 121.38 -50.62 -37.25
N TYR OB 87 121.31 -50.79 -35.93
CA TYR OB 87 120.68 -49.82 -35.04
C TYR OB 87 121.33 -49.90 -33.68
N THR OB 88 121.85 -48.79 -33.20
CA THR OB 88 122.44 -48.74 -31.87
C THR OB 88 121.70 -47.68 -31.07
N ARG OB 89 121.53 -47.94 -29.77
CA ARG OB 89 120.94 -46.96 -28.85
C ARG OB 89 121.74 -46.98 -27.56
N ARG OB 90 122.36 -45.84 -27.24
CA ARG OB 90 123.11 -45.67 -26.02
C ARG OB 90 122.31 -44.77 -25.09
N VAL OB 91 122.07 -45.24 -23.88
CA VAL OB 91 121.49 -44.44 -22.82
C VAL OB 91 122.57 -44.32 -21.74
N GLU OB 92 122.92 -43.08 -21.41
CA GLU OB 92 123.73 -42.84 -20.23
C GLU OB 92 122.93 -42.02 -19.23
N TYR OB 93 123.37 -42.06 -17.98
CA TYR OB 93 122.68 -41.42 -16.87
C TYR OB 93 123.69 -40.53 -16.13
N TRP OB 94 123.68 -39.24 -16.42
CA TRP OB 94 124.61 -38.32 -15.80
C TRP OB 94 124.20 -38.04 -14.36
N ARG OB 95 125.14 -37.48 -13.60
CA ARG OB 95 124.90 -37.18 -12.19
C ARG OB 95 125.39 -35.76 -11.94
N LYS OB 96 124.52 -34.89 -11.44
CA LYS OB 96 124.91 -33.54 -11.05
C LYS OB 96 124.96 -33.43 -9.54
N ALA OB 97 126.08 -32.89 -9.04
CA ALA OB 97 126.26 -32.59 -7.61
C ALA OB 97 127.41 -31.62 -7.45
N ASP OB 98 127.61 -31.13 -6.23
CA ASP OB 98 128.82 -30.35 -5.97
C ASP OB 98 129.47 -30.76 -4.67
N ALA OB 99 130.79 -30.94 -4.70
CA ALA OB 99 131.55 -31.25 -3.50
C ALA OB 99 131.59 -30.08 -2.53
N SER OB 100 131.21 -28.88 -2.99
CA SER OB 100 131.22 -27.71 -2.14
C SER OB 100 130.16 -27.77 -1.06
N ASN OB 101 129.06 -28.48 -1.31
CA ASN OB 101 127.91 -28.45 -0.42
C ASN OB 101 127.40 -29.89 -0.20
N VAL OB 102 127.77 -30.47 0.94
CA VAL OB 102 127.25 -31.80 1.27
C VAL OB 102 125.74 -31.75 1.53
N ASP OB 103 125.20 -30.57 1.81
CA ASP OB 103 123.79 -30.39 2.13
C ASP OB 103 122.89 -30.29 0.90
N ALA OB 104 123.47 -30.09 -0.29
CA ALA OB 104 122.64 -29.85 -1.48
C ALA OB 104 122.39 -31.16 -2.23
N PRO OB 105 121.19 -31.35 -2.77
CA PRO OB 105 120.81 -32.66 -3.30
C PRO OB 105 121.53 -32.98 -4.60
N GLU OB 106 121.64 -34.28 -4.87
CA GLU OB 106 122.18 -34.78 -6.13
C GLU OB 106 121.04 -35.15 -7.05
N TYR OB 107 121.26 -34.98 -8.36
CA TYR OB 107 120.25 -35.34 -9.33
C TYR OB 107 120.86 -36.23 -10.40
N THR OB 108 120.07 -37.15 -10.94
CA THR OB 108 120.50 -37.98 -12.07
C THR OB 108 119.74 -37.53 -13.33
N LEU OB 109 120.50 -37.30 -14.39
CA LEU OB 109 120.00 -36.68 -15.64
C LEU OB 109 120.09 -37.65 -16.80
N PRO OB 110 118.97 -38.13 -17.35
CA PRO OB 110 119.04 -39.11 -18.44
C PRO OB 110 119.31 -38.51 -19.81
N GLN OB 111 120.12 -39.25 -20.57
CA GLN OB 111 120.52 -38.88 -21.92
C GLN OB 111 120.45 -40.12 -22.79
N SER OB 112 119.94 -39.96 -24.02
CA SER OB 112 119.87 -41.09 -24.95
C SER OB 112 120.18 -40.64 -26.38
N CYS OB 113 120.82 -41.52 -27.13
CA CYS OB 113 121.18 -41.23 -28.52
C CYS OB 113 121.13 -42.51 -29.31
N SER OB 114 120.50 -42.46 -30.49
CA SER OB 114 120.29 -43.66 -31.28
C SER OB 114 120.58 -43.40 -32.75
N ILE OB 115 121.33 -44.31 -33.36
CA ILE OB 115 121.71 -44.23 -34.78
C ILE OB 115 121.20 -45.48 -35.49
N ARG OB 116 120.43 -45.28 -36.56
CA ARG OB 116 119.98 -46.35 -37.44
C ARG OB 116 120.52 -46.12 -38.85
N LEU OB 117 120.94 -47.20 -39.49
CA LEU OB 117 121.53 -47.17 -40.82
C LEU OB 117 121.03 -48.34 -41.62
N ALA OB 118 120.44 -48.07 -42.78
CA ALA OB 118 120.00 -49.10 -43.71
C ALA OB 118 120.56 -48.78 -45.08
N SER OB 119 121.53 -49.58 -45.52
CA SER OB 119 122.15 -49.43 -46.81
C SER OB 119 121.65 -50.50 -47.77
N THR OB 120 121.52 -50.12 -49.05
CA THR OB 120 121.41 -51.11 -50.11
C THR OB 120 122.83 -51.52 -50.50
N VAL OB 121 123.13 -52.81 -50.34
CA VAL OB 121 124.48 -53.33 -50.58
C VAL OB 121 124.44 -54.26 -51.78
N THR OB 122 125.36 -54.02 -52.71
CA THR OB 122 125.59 -54.86 -53.89
C THR OB 122 127.06 -55.22 -53.94
N LYS OB 123 127.44 -55.98 -54.97
CA LYS OB 123 128.81 -56.50 -55.08
C LYS OB 123 129.85 -55.40 -54.88
N GLU OB 124 129.61 -54.24 -55.48
CA GLU OB 124 130.59 -53.16 -55.52
C GLU OB 124 130.55 -52.25 -54.30
N THR OB 125 129.54 -52.41 -53.44
CA THR OB 125 129.42 -51.61 -52.23
C THR OB 125 130.46 -52.05 -51.21
N THR OB 126 131.35 -51.15 -50.81
CA THR OB 126 132.40 -51.45 -49.84
C THR OB 126 132.04 -50.92 -48.45
N ALA OB 127 132.71 -51.48 -47.45
CA ALA OB 127 132.50 -51.04 -46.07
C ALA OB 127 132.75 -49.55 -45.94
N ALA OB 128 133.78 -49.05 -46.61
CA ALA OB 128 134.04 -47.61 -46.63
C ALA OB 128 132.86 -46.85 -47.24
N ASP OB 129 132.32 -47.36 -48.37
CA ASP OB 129 131.18 -46.71 -48.98
C ASP OB 129 130.02 -46.58 -47.99
N ILE OB 130 129.81 -47.61 -47.18
CA ILE OB 130 128.70 -47.57 -46.24
C ILE OB 130 129.02 -46.66 -45.06
N ALA OB 131 130.28 -46.61 -44.63
CA ALA OB 131 130.63 -45.64 -43.60
C ALA OB 131 130.41 -44.22 -44.08
N GLY OB 132 130.59 -44.00 -45.38
CA GLY OB 132 130.35 -42.69 -45.95
C GLY OB 132 128.99 -42.11 -45.61
N ILE OB 133 127.96 -42.96 -45.59
CA ILE OB 133 126.62 -42.41 -45.37
C ILE OB 133 126.47 -41.90 -43.95
N VAL OB 134 127.05 -42.60 -42.97
CA VAL OB 134 127.04 -42.10 -41.60
C VAL OB 134 127.86 -40.82 -41.50
N LEU OB 135 129.02 -40.78 -42.17
CA LEU OB 135 129.86 -39.59 -42.09
C LEU OB 135 129.17 -38.37 -42.71
N ARG OB 136 128.45 -38.57 -43.81
CA ARG OB 136 127.73 -37.46 -44.43
C ARG OB 136 126.47 -37.09 -43.65
N THR OB 137 125.86 -38.03 -42.94
CA THR OB 137 124.78 -37.64 -42.06
C THR OB 137 125.29 -36.78 -40.91
N LEU OB 138 126.46 -37.11 -40.37
CA LEU OB 138 127.00 -36.35 -39.24
C LEU OB 138 127.51 -34.98 -39.68
N ALA OB 139 128.10 -34.89 -40.87
CA ALA OB 139 128.86 -33.70 -41.23
C ALA OB 139 128.08 -32.38 -41.13
N PRO OB 140 126.81 -32.28 -41.55
CA PRO OB 140 126.12 -30.98 -41.42
C PRO OB 140 126.01 -30.48 -39.99
N ILE OB 141 125.84 -31.38 -39.03
CA ILE OB 141 125.72 -31.01 -37.61
C ILE OB 141 127.08 -30.65 -37.01
N PHE OB 142 128.16 -31.29 -37.49
CA PHE OB 142 129.50 -31.05 -36.96
C PHE OB 142 130.37 -30.60 -38.13
N PRO OB 143 130.11 -29.40 -38.68
CA PRO OB 143 130.82 -28.99 -39.90
C PRO OB 143 132.29 -28.71 -39.67
N ASN OB 144 132.71 -28.53 -38.43
CA ASN OB 144 134.12 -28.41 -38.08
C ASN OB 144 134.57 -29.51 -37.14
N GLY OB 145 133.84 -30.61 -37.08
CA GLY OB 145 134.28 -31.74 -36.29
C GLY OB 145 134.20 -31.38 -34.82
N SER OB 146 135.14 -31.92 -34.04
CA SER OB 146 135.17 -31.60 -32.63
C SER OB 146 135.54 -30.14 -32.38
N GLY OB 147 135.84 -29.37 -33.42
CA GLY OB 147 136.33 -28.01 -33.22
C GLY OB 147 135.33 -27.10 -32.52
N ASP OB 148 134.15 -26.93 -33.10
CA ASP OB 148 133.12 -26.08 -32.51
C ASP OB 148 131.81 -26.84 -32.45
N TRP OB 149 130.87 -26.31 -31.68
CA TRP OB 149 129.60 -26.97 -31.46
C TRP OB 149 128.43 -26.09 -31.90
N ILE OB 150 128.64 -25.23 -32.90
CA ILE OB 150 127.68 -24.15 -33.14
C ILE OB 150 126.37 -24.72 -33.68
N LYS OB 151 126.46 -25.59 -34.69
CA LYS OB 151 125.24 -26.14 -35.27
C LYS OB 151 124.56 -27.09 -34.30
N LEU OB 152 125.34 -27.85 -33.53
CA LEU OB 152 124.73 -28.70 -32.51
C LEU OB 152 123.97 -27.86 -31.50
N GLN OB 153 124.58 -26.76 -31.07
CA GLN OB 153 123.93 -25.83 -30.15
C GLN OB 153 122.60 -25.36 -30.73
N GLN OB 154 122.58 -25.03 -32.01
CA GLN OB 154 121.32 -24.65 -32.65
C GLN OB 154 120.28 -25.75 -32.54
N LEU OB 155 120.67 -26.97 -32.91
CA LEU OB 155 119.73 -28.08 -32.85
C LEU OB 155 119.14 -28.22 -31.45
N ILE OB 156 119.96 -28.03 -30.42
CA ILE OB 156 119.45 -28.14 -29.06
C ILE OB 156 118.57 -26.94 -28.72
N ASP OB 157 118.97 -25.75 -29.16
CA ASP OB 157 118.19 -24.53 -28.97
C ASP OB 157 116.84 -24.59 -29.66
N GLY OB 158 116.62 -25.57 -30.53
CA GLY OB 158 115.34 -25.73 -31.18
C GLY OB 158 115.25 -25.12 -32.56
N LEU OB 159 116.38 -24.92 -33.24
CA LEU OB 159 116.44 -24.30 -34.56
C LEU OB 159 116.86 -25.34 -35.59
N PRO OB 160 115.93 -25.92 -36.34
CA PRO OB 160 116.25 -27.10 -37.16
C PRO OB 160 116.96 -26.80 -38.47
N ARG OB 161 117.06 -25.56 -38.91
CA ARG OB 161 117.58 -25.30 -40.25
C ARG OB 161 119.10 -25.22 -40.20
N ILE OB 162 119.74 -26.39 -40.33
CA ILE OB 162 121.19 -26.47 -40.40
C ILE OB 162 121.71 -25.75 -41.64
N PHE OB 163 121.01 -25.90 -42.76
CA PHE OB 163 121.47 -25.35 -44.01
C PHE OB 163 120.94 -23.95 -44.28
N GLY OB 164 120.03 -23.44 -43.45
CA GLY OB 164 119.49 -22.11 -43.64
C GLY OB 164 118.13 -22.04 -44.30
N SER PB 1 128.09 -24.32 -8.07
CA SER PB 1 129.23 -25.23 -7.95
C SER PB 1 128.87 -26.62 -8.47
N TYR PB 2 127.59 -26.79 -8.83
CA TYR PB 2 127.13 -28.04 -9.42
C TYR PB 2 127.95 -28.43 -10.64
N THR PB 3 128.36 -29.70 -10.67
CA THR PB 3 129.10 -30.26 -11.80
C THR PB 3 128.37 -31.49 -12.30
N ILE PB 4 128.51 -31.68 -13.61
CA ILE PB 4 127.89 -32.77 -14.36
C ILE PB 4 128.94 -33.84 -14.56
N ASP PB 5 128.72 -35.01 -13.99
CA ASP PB 5 129.58 -36.17 -14.18
C ASP PB 5 128.85 -37.15 -15.07
N ILE PB 6 129.40 -37.42 -16.27
CA ILE PB 6 128.89 -38.53 -17.04
C ILE PB 6 129.20 -39.81 -16.27
N ASN PB 7 128.23 -40.71 -16.22
CA ASN PB 7 128.40 -41.94 -15.44
C ASN PB 7 128.84 -43.08 -16.36
N CYS PB 8 129.91 -42.87 -17.10
CA CYS PB 8 130.27 -43.77 -18.19
C CYS PB 8 131.68 -44.35 -17.96
N SER PB 9 132.05 -45.24 -18.87
CA SER PB 9 133.43 -45.69 -18.99
C SER PB 9 134.04 -45.02 -20.21
N THR PB 10 135.15 -44.33 -20.01
CA THR PB 10 135.88 -43.67 -21.08
C THR PB 10 137.35 -44.04 -21.02
N GLY PB 11 137.93 -44.29 -22.19
CA GLY PB 11 139.33 -44.64 -22.30
C GLY PB 11 140.24 -43.45 -22.38
N ASP PB 12 141.54 -43.72 -22.47
CA ASP PB 12 142.56 -42.69 -22.65
C ASP PB 12 142.89 -42.44 -24.10
N THR PB 13 142.57 -43.38 -24.98
CA THR PB 13 142.93 -43.34 -26.39
C THR PB 13 141.92 -42.49 -27.18
N GLN PB 14 142.36 -41.95 -28.33
CA GLN PB 14 141.45 -41.14 -29.14
C GLN PB 14 141.71 -41.42 -30.62
N ALA PB 15 140.66 -41.23 -31.42
CA ALA PB 15 140.74 -41.49 -32.86
C ALA PB 15 140.04 -40.37 -33.63
N ASN PB 16 140.46 -40.19 -34.88
CA ASN PB 16 139.91 -39.17 -35.76
C ASN PB 16 138.91 -39.80 -36.72
N LEU PB 17 137.63 -39.45 -36.59
CA LEU PB 17 136.61 -39.79 -37.57
C LEU PB 17 136.53 -38.63 -38.54
N VAL PB 18 136.94 -38.86 -39.78
CA VAL PB 18 137.19 -37.76 -40.72
C VAL PB 18 135.93 -37.46 -41.51
N LEU PB 19 135.32 -36.32 -41.22
CA LEU PB 19 134.12 -35.88 -41.91
C LEU PB 19 134.50 -35.04 -43.12
N THR PB 20 133.88 -35.32 -44.25
CA THR PB 20 134.01 -34.47 -45.42
C THR PB 20 132.81 -33.53 -45.48
N GLU PB 21 133.09 -32.26 -45.78
CA GLU PB 21 132.08 -31.23 -45.60
C GLU PB 21 130.93 -31.41 -46.59
N ILE PB 22 129.76 -30.94 -46.19
CA ILE PB 22 128.59 -30.94 -47.07
C ILE PB 22 128.14 -29.50 -47.24
N PRO PB 23 128.26 -28.93 -48.44
CA PRO PB 23 127.97 -27.50 -48.62
C PRO PB 23 126.48 -27.20 -48.54
N ALA PB 24 126.16 -26.02 -48.02
CA ALA PB 24 124.75 -25.67 -47.90
C ALA PB 24 124.20 -25.08 -49.20
N GLU PB 25 125.07 -24.48 -50.02
CA GLU PB 25 124.63 -23.86 -51.26
C GLU PB 25 123.78 -24.78 -52.13
N PRO PB 26 124.11 -26.07 -52.33
CA PRO PB 26 123.25 -26.91 -53.17
C PRO PB 26 121.91 -27.28 -52.54
N TYR PB 27 121.66 -26.98 -51.27
CA TYR PB 27 120.45 -27.48 -50.62
C TYR PB 27 119.29 -26.50 -50.77
N VAL PB 28 118.07 -27.06 -50.86
CA VAL PB 28 116.85 -26.31 -51.16
C VAL PB 28 115.75 -26.69 -50.18
N HIS PB 29 114.98 -25.69 -49.74
CA HIS PB 29 113.79 -25.91 -48.93
C HIS PB 29 112.78 -26.79 -49.66
N VAL PB 30 112.19 -27.74 -48.93
CA VAL PB 30 111.17 -28.64 -49.47
C VAL PB 30 109.86 -28.51 -48.69
N SER PB 31 109.91 -28.71 -47.38
CA SER PB 31 108.73 -28.59 -46.53
C SER PB 31 109.11 -27.91 -45.22
N GLY PB 32 108.10 -27.33 -44.57
CA GLY PB 32 108.25 -26.73 -43.25
C GLY PB 32 109.34 -25.69 -43.14
N ASP PB 33 109.20 -24.59 -43.90
CA ASP PB 33 110.29 -23.62 -43.99
C ASP PB 33 110.58 -22.97 -42.66
N ASN PB 34 109.54 -22.53 -41.96
CA ASN PB 34 109.68 -21.86 -40.68
C ASN PB 34 109.54 -22.79 -39.49
N LYS PB 35 108.98 -23.98 -39.68
CA LYS PB 35 108.50 -24.79 -38.58
C LYS PB 35 109.64 -25.58 -37.92
N SER PB 36 109.30 -26.30 -36.84
CA SER PB 36 110.28 -27.07 -36.08
C SER PB 36 110.80 -28.28 -36.83
N THR PB 37 110.25 -28.59 -38.00
CA THR PB 37 110.69 -29.69 -38.84
C THR PB 37 110.92 -29.13 -40.24
N ILE PB 38 112.12 -29.36 -40.77
CA ILE PB 38 112.50 -28.88 -42.09
C ILE PB 38 113.08 -30.04 -42.88
N GLU PB 39 112.81 -30.06 -44.18
CA GLU PB 39 113.33 -31.07 -45.09
C GLU PB 39 114.05 -30.39 -46.24
N TYR PB 40 115.31 -30.72 -46.46
CA TYR PB 40 116.08 -30.16 -47.56
C TYR PB 40 116.31 -31.18 -48.67
N LEU PB 41 116.46 -30.65 -49.88
CA LEU PB 41 116.84 -31.43 -51.05
C LEU PB 41 118.22 -31.00 -51.50
N ASP PB 42 119.07 -31.98 -51.80
CA ASP PB 42 120.38 -31.75 -52.40
C ASP PB 42 120.19 -31.73 -53.91
N THR PB 43 120.24 -30.53 -54.52
CA THR PB 43 120.11 -30.42 -55.96
C THR PB 43 121.42 -30.63 -56.69
N GLY PB 44 122.44 -31.13 -56.00
CA GLY PB 44 123.63 -31.56 -56.70
C GLY PB 44 123.45 -33.01 -57.09
N SER PB 45 122.21 -33.40 -57.33
CA SER PB 45 121.90 -34.78 -57.66
C SER PB 45 121.44 -34.90 -59.09
N ASP PB 46 121.35 -36.16 -59.54
CA ASP PB 46 120.95 -36.40 -60.91
C ASP PB 46 119.61 -35.75 -61.16
N ASN PB 47 119.60 -34.86 -62.13
CA ASN PB 47 118.41 -34.14 -62.53
C ASN PB 47 117.26 -35.10 -62.84
N SER PB 48 117.58 -36.20 -63.52
CA SER PB 48 116.58 -36.97 -64.25
C SER PB 48 115.98 -38.13 -63.46
N LEU PB 49 116.38 -38.35 -62.22
CA LEU PB 49 115.77 -39.42 -61.43
C LEU PB 49 114.51 -38.92 -60.73
N LEU PB 50 113.74 -39.88 -60.23
CA LEU PB 50 112.56 -39.54 -59.43
C LEU PB 50 112.89 -39.39 -57.96
N VAL PB 51 114.03 -39.92 -57.55
CA VAL PB 51 114.50 -39.81 -56.18
C VAL PB 51 115.73 -38.93 -56.17
N ARG PB 52 115.85 -38.11 -55.14
CA ARG PB 52 117.00 -37.26 -54.98
C ARG PB 52 117.36 -37.17 -53.50
N PRO PB 53 118.63 -36.96 -53.17
CA PRO PB 53 119.08 -36.98 -51.78
C PRO PB 53 118.43 -35.87 -50.99
N THR PB 54 117.86 -36.23 -49.86
CA THR PB 54 117.25 -35.31 -48.92
C THR PB 54 117.90 -35.50 -47.56
N GLN PB 55 117.84 -34.45 -46.76
CA GLN PB 55 118.12 -34.59 -45.33
C GLN PB 55 117.12 -33.74 -44.58
N GLN PB 56 116.46 -34.34 -43.59
CA GLN PB 56 115.57 -33.57 -42.76
C GLN PB 56 116.15 -33.43 -41.36
N PHE PB 57 115.77 -32.33 -40.72
CA PHE PB 57 116.08 -32.06 -39.33
C PHE PB 57 114.79 -31.65 -38.65
N ASN PB 58 114.56 -32.15 -37.44
CA ASN PB 58 113.47 -31.60 -36.64
C ASN PB 58 113.82 -31.64 -35.16
N CYS PB 59 113.33 -30.63 -34.44
CA CYS PB 59 113.59 -30.45 -33.03
C CYS PB 59 112.29 -30.64 -32.26
N VAL PB 60 112.43 -31.12 -31.02
CA VAL PB 60 111.31 -31.35 -30.12
C VAL PB 60 111.78 -31.00 -28.71
N SER PB 61 110.87 -30.46 -27.91
CA SER PB 61 111.14 -30.16 -26.52
C SER PB 61 109.98 -30.67 -25.68
N SER PB 62 110.28 -31.16 -24.47
CA SER PB 62 109.26 -31.59 -23.53
C SER PB 62 109.54 -31.05 -22.14
N GLN PB 63 108.45 -30.77 -21.42
CA GLN PB 63 108.51 -30.19 -20.09
C GLN PB 63 108.83 -31.23 -19.03
N TYR PB 64 108.47 -32.49 -19.27
CA TYR PB 64 108.62 -33.60 -18.33
C TYR PB 64 109.73 -34.54 -18.81
N PRO PB 65 110.99 -34.26 -18.47
CA PRO PB 65 112.09 -35.02 -19.08
C PRO PB 65 112.23 -36.40 -18.49
N TYR PB 66 111.60 -36.65 -17.35
CA TYR PB 66 111.68 -37.91 -16.63
C TYR PB 66 110.49 -38.82 -16.92
N ARG PB 67 109.74 -38.55 -17.99
CA ARG PB 67 108.48 -39.27 -18.20
C ARG PB 67 108.73 -40.75 -18.37
N ASN PB 68 109.67 -41.11 -19.25
CA ASN PB 68 109.95 -42.50 -19.53
C ASN PB 68 110.95 -43.11 -18.56
N TYR PB 69 111.54 -42.32 -17.67
CA TYR PB 69 112.53 -42.83 -16.73
C TYR PB 69 111.89 -42.98 -15.36
N SER PB 70 111.24 -44.12 -15.13
CA SER PB 70 110.56 -44.32 -13.87
C SER PB 70 111.48 -44.87 -12.79
N LYS PB 71 112.57 -45.56 -13.16
CA LYS PB 71 113.47 -46.11 -12.14
C LYS PB 71 114.27 -45.03 -11.42
N ILE PB 72 114.05 -43.77 -11.74
CA ILE PB 72 114.67 -42.65 -11.06
C ILE PB 72 113.68 -42.12 -10.03
N PRO PB 73 114.07 -41.94 -8.77
CA PRO PB 73 113.15 -41.39 -7.77
C PRO PB 73 112.99 -39.90 -7.92
N ARG PB 74 111.83 -39.41 -7.47
CA ARG PB 74 111.57 -37.97 -7.53
C ARG PB 74 112.64 -37.20 -6.77
N SER PB 75 113.08 -37.71 -5.62
CA SER PB 75 114.12 -37.06 -4.83
C SER PB 75 115.42 -36.87 -5.60
N GLN PB 76 115.58 -37.52 -6.76
CA GLN PB 76 116.76 -37.33 -7.60
C GLN PB 76 116.44 -36.73 -8.95
N GLN PB 77 115.17 -36.43 -9.24
CA GLN PB 77 114.78 -35.77 -10.48
C GLN PB 77 114.91 -34.26 -10.32
N ASP PB 78 115.72 -33.63 -11.17
CA ASP PB 78 115.90 -32.18 -11.14
C ASP PB 78 114.64 -31.47 -11.61
N PRO PB 79 113.90 -30.79 -10.73
CA PRO PB 79 112.63 -30.19 -11.14
C PRO PB 79 112.78 -29.04 -12.10
N LEU PB 80 114.00 -28.54 -12.30
CA LEU PB 80 114.29 -27.53 -13.31
C LEU PB 80 114.78 -28.12 -14.63
N ALA PB 81 114.82 -29.44 -14.74
CA ALA PB 81 115.32 -30.07 -15.95
C ALA PB 81 114.26 -29.99 -17.04
N VAL PB 82 114.72 -29.87 -18.28
CA VAL PB 82 113.87 -29.77 -19.46
C VAL PB 82 114.44 -30.71 -20.51
N ARG PB 83 113.57 -31.39 -21.26
CA ARG PB 83 114.02 -32.34 -22.27
C ARG PB 83 114.15 -31.66 -23.62
N ARG PB 84 115.34 -31.70 -24.22
CA ARG PB 84 115.56 -31.21 -25.57
C ARG PB 84 115.98 -32.40 -26.43
N GLU PB 85 115.32 -32.59 -27.58
CA GLU PB 85 115.75 -33.61 -28.52
C GLU PB 85 115.77 -33.03 -29.94
N PHE PB 86 116.57 -33.67 -30.78
CA PHE PB 86 116.58 -33.39 -32.21
C PHE PB 86 116.80 -34.69 -32.97
N TYR PB 87 116.47 -34.65 -34.27
CA TYR PB 87 116.46 -35.84 -35.09
C TYR PB 87 116.81 -35.46 -36.52
N THR PB 88 117.81 -36.13 -37.08
CA THR PB 88 118.13 -35.94 -38.48
C THR PB 88 117.95 -37.27 -39.20
N ARG PB 89 117.51 -37.19 -40.45
CA ARG PB 89 117.40 -38.37 -41.31
C ARG PB 89 117.86 -38.00 -42.71
N ARG PB 90 118.95 -38.62 -43.15
CA ARG PB 90 119.52 -38.39 -44.47
C ARG PB 90 119.23 -39.61 -45.32
N VAL PB 91 118.62 -39.37 -46.47
CA VAL PB 91 118.48 -40.39 -47.50
C VAL PB 91 119.28 -39.91 -48.70
N GLU PB 92 120.15 -40.78 -49.21
CA GLU PB 92 120.78 -40.53 -50.50
C GLU PB 92 120.51 -41.72 -51.41
N TYR PB 93 120.67 -41.50 -52.71
CA TYR PB 93 120.35 -42.49 -53.73
C TYR PB 93 121.55 -42.62 -54.65
N TRP PB 94 122.34 -43.68 -54.46
CA TRP PB 94 123.51 -43.93 -55.27
C TRP PB 94 123.11 -44.48 -56.63
N ARG PB 95 124.06 -44.41 -57.57
CA ARG PB 95 123.86 -44.88 -58.93
C ARG PB 95 125.02 -45.78 -59.32
N LYS PB 96 124.73 -47.05 -59.60
CA LYS PB 96 125.77 -47.93 -60.10
C LYS PB 96 125.63 -48.06 -61.60
N ALA PB 97 126.74 -47.87 -62.31
CA ALA PB 97 126.86 -48.05 -63.75
C ALA PB 97 128.33 -48.06 -64.11
N ASP PB 98 128.65 -48.69 -65.25
CA ASP PB 98 130.00 -48.60 -65.81
C ASP PB 98 129.95 -47.86 -67.14
N ALA PB 99 130.89 -46.93 -67.33
CA ALA PB 99 131.01 -46.22 -68.59
C ALA PB 99 131.49 -47.12 -69.72
N SER PB 100 132.00 -48.30 -69.38
CA SER PB 100 132.52 -49.20 -70.40
C SER PB 100 131.41 -49.71 -71.31
N ASN PB 101 130.33 -50.19 -70.72
CA ASN PB 101 129.25 -50.82 -71.47
C ASN PB 101 127.98 -50.00 -71.24
N VAL PB 102 127.53 -49.30 -72.29
CA VAL PB 102 126.31 -48.51 -72.17
C VAL PB 102 125.07 -49.38 -72.35
N ASP PB 103 125.21 -50.59 -72.90
CA ASP PB 103 124.12 -51.56 -72.84
C ASP PB 103 123.71 -51.84 -71.40
N ALA PB 104 124.69 -51.91 -70.50
CA ALA PB 104 124.43 -52.36 -69.15
C ALA PB 104 123.52 -51.38 -68.42
N PRO PB 105 122.56 -51.86 -67.65
CA PRO PB 105 121.58 -50.98 -67.03
C PRO PB 105 122.17 -50.25 -65.84
N GLU PB 106 121.67 -49.04 -65.62
CA GLU PB 106 122.04 -48.26 -64.45
C GLU PB 106 121.06 -48.56 -63.34
N TYR PB 107 121.58 -48.84 -62.14
CA TYR PB 107 120.73 -49.13 -61.00
C TYR PB 107 120.81 -48.01 -59.97
N THR PB 108 119.71 -47.82 -59.25
CA THR PB 108 119.61 -46.84 -58.18
C THR PB 108 119.61 -47.59 -56.84
N LEU PB 109 120.58 -47.28 -55.99
CA LEU PB 109 120.76 -47.95 -54.71
C LEU PB 109 120.41 -46.98 -53.60
N PRO PB 110 119.29 -47.17 -52.89
CA PRO PB 110 118.95 -46.26 -51.79
C PRO PB 110 119.68 -46.58 -50.50
N GLN PB 111 120.01 -45.51 -49.76
CA GLN PB 111 120.71 -45.60 -48.50
C GLN PB 111 120.11 -44.56 -47.57
N SER PB 112 119.86 -44.92 -46.30
CA SER PB 112 119.27 -44.00 -45.35
C SER PB 112 119.90 -44.18 -43.97
N CYS PB 113 120.03 -43.06 -43.25
CA CYS PB 113 120.65 -43.05 -41.94
C CYS PB 113 120.03 -41.96 -41.08
N SER PB 114 119.74 -42.29 -39.82
CA SER PB 114 119.03 -41.38 -38.94
C SER PB 114 119.65 -41.37 -37.55
N ILE PB 115 119.75 -40.19 -36.96
CA ILE PB 115 120.29 -39.98 -35.62
C ILE PB 115 119.28 -39.21 -34.79
N ARG PB 116 118.93 -39.75 -33.62
CA ARG PB 116 118.02 -39.10 -32.68
C ARG PB 116 118.76 -38.89 -31.37
N LEU PB 117 118.83 -37.64 -30.93
CA LEU PB 117 119.50 -37.28 -29.69
C LEU PB 117 118.49 -36.62 -28.76
N ALA PB 118 118.38 -37.14 -27.54
CA ALA PB 118 117.37 -36.67 -26.59
C ALA PB 118 118.05 -36.56 -25.23
N SER PB 119 118.30 -35.33 -24.82
CA SER PB 119 119.04 -35.05 -23.60
C SER PB 119 118.11 -34.40 -22.58
N THR PB 120 118.36 -34.66 -21.29
CA THR PB 120 117.83 -33.76 -20.28
C THR PB 120 118.84 -32.63 -20.12
N VAL PB 121 118.33 -31.42 -19.90
CA VAL PB 121 119.15 -30.23 -19.87
C VAL PB 121 118.77 -29.40 -18.66
N THR PB 122 119.78 -29.00 -17.90
CA THR PB 122 119.69 -28.02 -16.82
C THR PB 122 120.70 -26.92 -17.11
N LYS PB 123 120.73 -25.92 -16.23
CA LYS PB 123 121.57 -24.75 -16.49
C LYS PB 123 123.03 -25.12 -16.66
N GLU PB 124 123.47 -26.26 -16.13
CA GLU PB 124 124.87 -26.66 -16.19
C GLU PB 124 125.18 -27.61 -17.35
N THR PB 125 124.17 -28.05 -18.09
CA THR PB 125 124.41 -28.84 -19.29
C THR PB 125 125.02 -27.96 -20.37
N THR PB 126 126.16 -28.38 -20.92
CA THR PB 126 126.83 -27.60 -21.96
C THR PB 126 126.69 -28.26 -23.33
N ALA PB 127 126.94 -27.43 -24.35
CA ALA PB 127 126.93 -27.91 -25.72
C ALA PB 127 127.86 -29.09 -25.90
N ALA PB 128 129.10 -28.97 -25.38
CA ALA PB 128 130.08 -30.04 -25.53
C ALA PB 128 129.70 -31.27 -24.72
N ASP PB 129 129.05 -31.10 -23.56
CA ASP PB 129 128.53 -32.25 -22.83
C ASP PB 129 127.56 -33.04 -23.71
N ILE PB 130 126.65 -32.34 -24.38
CA ILE PB 130 125.68 -33.06 -25.20
C ILE PB 130 126.35 -33.65 -26.44
N ALA PB 131 127.34 -32.96 -26.99
CA ALA PB 131 128.10 -33.53 -28.10
C ALA PB 131 128.78 -34.83 -27.70
N GLY PB 132 129.13 -34.94 -26.41
CA GLY PB 132 129.86 -36.12 -25.96
C GLY PB 132 129.07 -37.40 -26.11
N ILE PB 133 127.75 -37.33 -25.91
CA ILE PB 133 126.98 -38.57 -25.98
C ILE PB 133 126.90 -39.09 -27.42
N VAL PB 134 126.85 -38.18 -28.40
CA VAL PB 134 126.88 -38.62 -29.79
C VAL PB 134 128.22 -39.30 -30.10
N LEU PB 135 129.32 -38.69 -29.63
CA LEU PB 135 130.64 -39.26 -29.88
C LEU PB 135 130.83 -40.59 -29.16
N ARG PB 136 130.19 -40.77 -28.01
CA ARG PB 136 130.29 -42.04 -27.30
C ARG PB 136 129.38 -43.11 -27.90
N THR PB 137 128.25 -42.72 -28.47
CA THR PB 137 127.47 -43.67 -29.24
C THR PB 137 128.24 -44.13 -30.47
N LEU PB 138 128.92 -43.20 -31.15
CA LEU PB 138 129.69 -43.58 -32.33
C LEU PB 138 130.91 -44.42 -31.98
N ALA PB 139 131.54 -44.14 -30.84
CA ALA PB 139 132.86 -44.71 -30.52
C ALA PB 139 132.96 -46.22 -30.66
N PRO PB 140 132.00 -47.03 -30.18
CA PRO PB 140 132.19 -48.49 -30.28
C PRO PB 140 132.07 -49.03 -31.69
N ILE PB 141 131.33 -48.34 -32.57
CA ILE PB 141 131.21 -48.78 -33.97
C ILE PB 141 132.46 -48.38 -34.76
N PHE PB 142 133.05 -47.22 -34.46
CA PHE PB 142 134.21 -46.71 -35.18
C PHE PB 142 135.37 -46.53 -34.21
N PRO PB 143 135.85 -47.63 -33.62
CA PRO PB 143 136.79 -47.50 -32.50
C PRO PB 143 138.15 -46.95 -32.92
N ASN PB 144 138.50 -47.04 -34.21
CA ASN PB 144 139.66 -46.35 -34.74
C ASN PB 144 139.27 -45.21 -35.66
N GLY PB 145 138.05 -44.70 -35.51
CA GLY PB 145 137.63 -43.59 -36.34
C GLY PB 145 137.66 -44.00 -37.79
N SER PB 146 138.08 -43.06 -38.64
CA SER PB 146 138.14 -43.34 -40.08
C SER PB 146 139.24 -44.33 -40.44
N GLY PB 147 139.98 -44.88 -39.48
CA GLY PB 147 141.10 -45.74 -39.82
C GLY PB 147 140.71 -47.09 -40.41
N ASP PB 148 139.95 -47.89 -39.67
CA ASP PB 148 139.49 -49.17 -40.16
C ASP PB 148 138.01 -49.29 -39.96
N TRP PB 149 137.38 -50.16 -40.74
CA TRP PB 149 135.94 -50.32 -40.69
C TRP PB 149 135.54 -51.70 -40.17
N ILE PB 150 136.32 -52.25 -39.23
CA ILE PB 150 136.16 -53.66 -38.89
C ILE PB 150 134.84 -53.89 -38.16
N LYS PB 151 134.56 -53.07 -37.16
CA LYS PB 151 133.33 -53.26 -36.40
C LYS PB 151 132.12 -52.87 -37.25
N LEU PB 152 132.25 -51.84 -38.08
CA LEU PB 152 131.16 -51.51 -38.98
C LEU PB 152 130.84 -52.69 -39.89
N GLN PB 153 131.87 -53.27 -40.51
CA GLN PB 153 131.65 -54.39 -41.43
C GLN PB 153 130.97 -55.54 -40.72
N GLN PB 154 131.42 -55.84 -39.50
CA GLN PB 154 130.76 -56.93 -38.78
C GLN PB 154 129.32 -56.58 -38.40
N LEU PB 155 128.97 -55.29 -38.31
CA LEU PB 155 127.57 -54.94 -38.15
C LEU PB 155 126.78 -55.17 -39.43
N ILE PB 156 127.41 -54.92 -40.58
CA ILE PB 156 126.74 -55.20 -41.84
C ILE PB 156 126.58 -56.70 -42.06
N ASP PB 157 127.46 -57.50 -41.46
CA ASP PB 157 127.40 -58.96 -41.61
C ASP PB 157 126.33 -59.60 -40.73
N GLY PB 158 125.73 -58.84 -39.83
CA GLY PB 158 124.70 -59.36 -38.94
C GLY PB 158 125.26 -59.98 -37.67
N LEU PB 159 126.28 -59.34 -37.10
CA LEU PB 159 126.96 -59.84 -35.90
C LEU PB 159 126.84 -58.77 -34.82
N PRO PB 160 125.69 -58.71 -34.16
CA PRO PB 160 125.38 -57.58 -33.25
C PRO PB 160 126.28 -57.47 -32.04
N ARG PB 161 126.94 -58.55 -31.64
CA ARG PB 161 127.73 -58.56 -30.41
C ARG PB 161 129.04 -57.82 -30.64
N ILE PB 162 129.10 -56.57 -30.19
CA ILE PB 162 130.24 -55.71 -30.46
C ILE PB 162 131.23 -55.72 -29.31
N PHE PB 163 130.76 -55.69 -28.07
CA PHE PB 163 131.62 -55.87 -26.92
C PHE PB 163 131.75 -57.33 -26.50
N GLY PB 164 131.11 -58.24 -27.23
CA GLY PB 164 131.19 -59.67 -26.91
C GLY PB 164 129.88 -60.33 -26.51
N SER QB 1 135.70 -37.59 0.95
CA SER QB 1 136.22 -37.55 2.30
C SER QB 1 135.54 -38.59 3.19
N TYR QB 2 134.28 -38.90 2.86
CA TYR QB 2 133.51 -39.90 3.59
C TYR QB 2 134.22 -41.24 3.61
N THR QB 3 134.31 -41.84 4.80
CA THR QB 3 134.80 -43.20 4.94
C THR QB 3 133.71 -44.06 5.58
N ILE QB 4 133.76 -45.35 5.25
CA ILE QB 4 132.85 -46.34 5.81
C ILE QB 4 133.62 -47.15 6.84
N ASP QB 5 133.11 -47.18 8.06
CA ASP QB 5 133.67 -47.99 9.14
C ASP QB 5 132.70 -49.11 9.43
N ILE QB 6 133.18 -50.35 9.30
CA ILE QB 6 132.42 -51.46 9.84
C ILE QB 6 132.37 -51.32 11.34
N ASN QB 7 131.18 -51.45 11.91
CA ASN QB 7 131.04 -51.29 13.35
C ASN QB 7 131.13 -52.65 14.04
N CYS QB 8 132.23 -53.36 13.77
CA CYS QB 8 132.35 -54.74 14.20
C CYS QB 8 133.62 -54.95 15.02
N SER QB 9 133.73 -56.15 15.60
CA SER QB 9 134.95 -56.60 16.24
C SER QB 9 135.68 -57.55 15.31
N THR QB 10 136.94 -57.24 15.00
CA THR QB 10 137.80 -58.07 14.18
C THR QB 10 139.13 -58.29 14.87
N GLY QB 11 139.78 -59.38 14.48
CA GLY QB 11 141.02 -59.79 15.10
C GLY QB 11 142.23 -59.51 14.22
N ASP QB 12 143.38 -59.97 14.70
CA ASP QB 12 144.63 -59.84 13.98
C ASP QB 12 144.94 -61.05 13.12
N THR QB 13 144.42 -62.22 13.48
CA THR QB 13 144.80 -63.45 12.84
C THR QB 13 144.00 -63.65 11.56
N GLN QB 14 144.59 -64.40 10.63
CA GLN QB 14 143.90 -64.71 9.38
C GLN QB 14 144.13 -66.18 9.03
N ALA QB 15 143.20 -66.72 8.25
CA ALA QB 15 143.21 -68.13 7.89
C ALA QB 15 142.71 -68.32 6.47
N ASN QB 16 143.22 -69.36 5.81
CA ASN QB 16 142.85 -69.68 4.43
C ASN QB 16 141.68 -70.66 4.43
N LEU QB 17 140.52 -70.22 3.94
CA LEU QB 17 139.44 -71.13 3.56
C LEU QB 17 139.63 -71.43 2.08
N VAL QB 18 140.04 -72.65 1.76
CA VAL QB 18 140.56 -72.94 0.44
C VAL QB 18 139.45 -73.54 -0.41
N LEU QB 19 139.12 -72.80 -1.47
CA LEU QB 19 138.06 -73.13 -2.39
C LEU QB 19 138.63 -73.88 -3.59
N THR QB 20 137.92 -74.92 -4.00
CA THR QB 20 138.22 -75.65 -5.22
C THR QB 20 137.26 -75.17 -6.31
N GLU QB 21 137.80 -74.90 -7.50
CA GLU QB 21 137.04 -74.18 -8.51
C GLU QB 21 135.87 -75.02 -9.05
N ILE QB 22 134.82 -74.32 -9.45
CA ILE QB 22 133.64 -74.94 -10.05
C ILE QB 22 133.60 -74.52 -11.51
N PRO QB 23 133.91 -75.43 -12.45
CA PRO QB 23 133.99 -75.03 -13.86
C PRO QB 23 132.63 -74.59 -14.39
N ALA QB 24 132.63 -73.49 -15.14
CA ALA QB 24 131.36 -72.99 -15.66
C ALA QB 24 130.87 -73.81 -16.84
N GLU QB 25 131.82 -74.29 -17.67
CA GLU QB 25 131.54 -75.04 -18.89
C GLU QB 25 130.40 -76.06 -18.77
N PRO QB 26 130.30 -76.86 -17.70
CA PRO QB 26 129.24 -77.88 -17.65
C PRO QB 26 127.84 -77.38 -17.27
N TYR QB 27 127.67 -76.17 -16.76
CA TYR QB 27 126.36 -75.77 -16.26
C TYR QB 27 125.45 -75.30 -17.41
N VAL QB 28 124.14 -75.52 -17.23
CA VAL QB 28 123.15 -75.24 -18.28
C VAL QB 28 121.90 -74.62 -17.67
N HIS QB 29 121.40 -73.54 -18.28
CA HIS QB 29 120.15 -72.90 -17.84
C HIS QB 29 118.99 -73.88 -17.88
N VAL QB 30 118.19 -73.89 -16.81
CA VAL QB 30 117.06 -74.81 -16.72
C VAL QB 30 115.75 -74.08 -16.49
N SER QB 31 115.79 -72.94 -15.82
CA SER QB 31 114.55 -72.24 -15.53
C SER QB 31 114.87 -70.84 -15.02
N GLY QB 32 113.90 -69.95 -15.19
CA GLY QB 32 113.98 -68.56 -14.81
C GLY QB 32 114.12 -67.65 -16.01
N ASP QB 33 114.33 -66.37 -15.73
CA ASP QB 33 114.63 -65.36 -16.74
C ASP QB 33 116.05 -64.85 -16.54
N ASN QB 34 116.73 -64.58 -17.65
CA ASN QB 34 118.11 -64.06 -17.57
C ASN QB 34 118.19 -62.68 -16.92
N LYS QB 35 117.06 -62.09 -16.54
CA LYS QB 35 117.04 -60.78 -15.89
C LYS QB 35 117.10 -60.88 -14.37
N SER QB 36 116.18 -61.64 -13.77
CA SER QB 36 116.07 -61.69 -12.31
C SER QB 36 116.65 -62.97 -11.72
N THR QB 37 116.17 -64.14 -12.13
CA THR QB 37 116.48 -65.40 -11.46
C THR QB 37 116.84 -66.47 -12.48
N ILE QB 38 117.91 -67.22 -12.21
CA ILE QB 38 118.44 -68.21 -13.13
C ILE QB 38 118.84 -69.47 -12.36
N GLU QB 39 118.53 -70.64 -12.91
CA GLU QB 39 118.87 -71.91 -12.27
C GLU QB 39 119.72 -72.75 -13.22
N TYR QB 40 120.97 -72.98 -12.86
CA TYR QB 40 121.86 -73.81 -13.67
C TYR QB 40 121.86 -75.25 -13.18
N LEU QB 41 122.05 -76.16 -14.14
CA LEU QB 41 122.18 -77.60 -13.91
C LEU QB 41 123.57 -78.06 -14.29
N ASP QB 42 124.23 -78.73 -13.34
CA ASP QB 42 125.54 -79.36 -13.59
C ASP QB 42 125.32 -80.61 -14.43
N THR QB 43 125.57 -80.52 -15.73
CA THR QB 43 125.56 -81.69 -16.59
C THR QB 43 126.68 -82.67 -16.30
N GLY QB 44 127.57 -82.36 -15.36
CA GLY QB 44 128.63 -83.26 -14.99
C GLY QB 44 128.19 -84.30 -13.99
N SER QB 45 126.90 -84.63 -14.00
CA SER QB 45 126.32 -85.55 -13.03
C SER QB 45 125.80 -86.79 -13.74
N ASP QB 46 125.21 -87.69 -12.95
CA ASP QB 46 124.71 -88.94 -13.47
C ASP QB 46 123.49 -88.69 -14.37
N ASN QB 47 123.43 -89.42 -15.50
CA ASN QB 47 122.25 -89.36 -16.36
C ASN QB 47 121.04 -89.98 -15.67
N SER QB 48 121.25 -91.09 -14.95
CA SER QB 48 120.21 -92.05 -14.63
C SER QB 48 119.40 -91.71 -13.39
N LEU QB 49 119.56 -90.50 -12.87
CA LEU QB 49 118.82 -90.04 -11.71
C LEU QB 49 117.83 -88.95 -12.11
N LEU QB 50 116.66 -88.94 -11.48
CA LEU QB 50 115.74 -87.84 -11.69
C LEU QB 50 116.22 -86.57 -11.02
N VAL QB 51 117.19 -86.66 -10.12
CA VAL QB 51 117.76 -85.50 -9.45
C VAL QB 51 119.19 -85.31 -9.95
N ARG QB 52 119.56 -84.07 -10.19
CA ARG QB 52 120.89 -83.72 -10.61
C ARG QB 52 121.28 -82.38 -9.99
N PRO QB 53 122.56 -82.17 -9.74
CA PRO QB 53 123.00 -80.99 -9.00
C PRO QB 53 122.73 -79.70 -9.76
N THR QB 54 122.23 -78.71 -9.02
CA THR QB 54 121.76 -77.47 -9.59
C THR QB 54 122.10 -76.33 -8.65
N GLN QB 55 122.64 -75.25 -9.19
CA GLN QB 55 122.87 -74.06 -8.40
C GLN QB 55 122.13 -72.88 -9.01
N GLN QB 56 121.43 -72.14 -8.15
CA GLN QB 56 120.55 -71.07 -8.57
C GLN QB 56 121.10 -69.74 -8.07
N PHE QB 57 120.92 -68.70 -8.89
CA PHE QB 57 121.29 -67.33 -8.56
C PHE QB 57 120.10 -66.41 -8.78
N ASN QB 58 119.98 -65.39 -7.93
CA ASN QB 58 118.77 -64.60 -7.85
C ASN QB 58 119.11 -63.23 -7.26
N CYS QB 59 118.96 -62.16 -8.05
CA CYS QB 59 119.27 -60.80 -7.61
C CYS QB 59 118.02 -59.93 -7.55
N VAL QB 60 118.01 -58.99 -6.60
CA VAL QB 60 116.95 -57.98 -6.46
C VAL QB 60 117.56 -56.69 -5.92
N SER QB 61 116.80 -55.60 -6.03
CA SER QB 61 117.27 -54.28 -5.64
C SER QB 61 116.08 -53.40 -5.32
N SER QB 62 116.29 -52.45 -4.41
CA SER QB 62 115.21 -51.60 -3.92
C SER QB 62 115.72 -50.20 -3.61
N GLN QB 63 114.84 -49.23 -3.84
CA GLN QB 63 115.10 -47.82 -3.57
C GLN QB 63 114.82 -47.45 -2.11
N TYR QB 64 114.40 -48.40 -1.29
CA TYR QB 64 114.00 -48.14 0.10
C TYR QB 64 114.83 -49.01 1.03
N PRO QB 65 116.12 -48.69 1.18
CA PRO QB 65 117.03 -49.63 1.86
C PRO QB 65 116.77 -49.77 3.34
N TYR QB 66 116.02 -48.84 3.94
CA TYR QB 66 115.76 -48.83 5.37
C TYR QB 66 114.38 -49.38 5.71
N ARG QB 67 113.76 -50.12 4.79
CA ARG QB 67 112.36 -50.50 4.97
C ARG QB 67 112.15 -51.35 6.20
N ASN QB 68 113.02 -52.32 6.43
CA ASN QB 68 112.88 -53.22 7.56
C ASN QB 68 113.69 -52.79 8.77
N TYR QB 69 114.59 -51.82 8.62
CA TYR QB 69 115.43 -51.37 9.72
C TYR QB 69 114.80 -50.13 10.37
N SER QB 70 113.73 -50.41 11.13
CA SER QB 70 112.92 -49.34 11.69
C SER QB 70 113.67 -48.52 12.74
N LYS QB 71 114.65 -49.13 13.41
CA LYS QB 71 115.32 -48.50 14.55
C LYS QB 71 116.45 -47.56 14.16
N ILE QB 72 116.59 -47.23 12.88
CA ILE QB 72 117.52 -46.20 12.44
C ILE QB 72 116.72 -44.92 12.18
N PRO QB 73 117.07 -43.81 12.82
CA PRO QB 73 116.32 -42.56 12.57
C PRO QB 73 116.62 -41.99 11.20
N ARG QB 74 115.67 -41.16 10.71
CA ARG QB 74 115.86 -40.53 9.41
C ARG QB 74 117.09 -39.62 9.39
N SER QB 75 117.42 -39.01 10.54
CA SER QB 75 118.63 -38.21 10.63
C SER QB 75 119.89 -39.00 10.37
N GLN QB 76 119.82 -40.34 10.37
CA GLN QB 76 120.98 -41.18 10.12
C GLN QB 76 120.80 -42.10 8.92
N GLN QB 77 119.74 -41.90 8.14
CA GLN QB 77 119.49 -42.67 6.92
C GLN QB 77 120.08 -41.94 5.71
N ASP QB 78 121.04 -42.58 5.03
CA ASP QB 78 121.67 -41.98 3.85
C ASP QB 78 120.70 -41.98 2.67
N PRO QB 79 120.23 -40.81 2.22
CA PRO QB 79 119.18 -40.81 1.18
C PRO QB 79 119.68 -41.24 -0.18
N LEU QB 80 121.00 -41.13 -0.43
CA LEU QB 80 121.55 -41.62 -1.68
C LEU QB 80 121.58 -43.15 -1.71
N ALA QB 81 121.67 -43.78 -0.54
CA ALA QB 81 121.94 -45.21 -0.45
C ALA QB 81 120.75 -46.03 -0.93
N VAL QB 82 121.06 -47.23 -1.43
CA VAL QB 82 120.14 -48.08 -2.17
C VAL QB 82 120.43 -49.53 -1.80
N ARG QB 83 119.38 -50.37 -1.74
CA ARG QB 83 119.52 -51.76 -1.33
C ARG QB 83 119.80 -52.69 -2.51
N ARG QB 84 120.89 -53.46 -2.42
CA ARG QB 84 121.25 -54.50 -3.37
C ARG QB 84 121.21 -55.85 -2.67
N GLU QB 85 120.74 -56.90 -3.34
CA GLU QB 85 120.64 -58.19 -2.68
C GLU QB 85 120.80 -59.30 -3.72
N PHE QB 86 121.47 -60.39 -3.31
CA PHE QB 86 121.55 -61.60 -4.12
C PHE QB 86 121.39 -62.82 -3.23
N TYR QB 87 121.09 -63.94 -3.89
CA TYR QB 87 120.76 -65.20 -3.24
C TYR QB 87 121.25 -66.33 -4.13
N THR QB 88 122.05 -67.23 -3.55
CA THR QB 88 122.47 -68.42 -4.25
C THR QB 88 122.01 -69.62 -3.45
N ARG QB 89 121.59 -70.67 -4.17
CA ARG QB 89 121.20 -71.94 -3.54
C ARG QB 89 121.75 -73.09 -4.36
N ARG QB 90 122.70 -73.83 -3.79
CA ARG QB 90 123.28 -75.00 -4.43
C ARG QB 90 122.66 -76.25 -3.80
N VAL QB 91 122.13 -77.10 -4.65
CA VAL QB 91 121.65 -78.41 -4.25
C VAL QB 91 122.53 -79.42 -4.98
N GLU QB 92 123.20 -80.28 -4.23
CA GLU QB 92 123.90 -81.40 -4.85
C GLU QB 92 123.38 -82.69 -4.24
N TYR QB 93 123.34 -83.74 -5.05
CA TYR QB 93 122.82 -85.05 -4.64
C TYR QB 93 123.98 -86.03 -4.66
N TRP QB 94 124.43 -86.45 -3.48
CA TRP QB 94 125.54 -87.38 -3.39
C TRP QB 94 125.08 -88.81 -3.64
N ARG QB 95 126.07 -89.67 -3.89
CA ARG QB 95 125.86 -91.04 -4.34
C ARG QB 95 126.70 -91.92 -3.41
N LYS QB 96 126.05 -92.72 -2.57
CA LYS QB 96 126.80 -93.61 -1.68
C LYS QB 96 126.66 -95.05 -2.17
N ALA QB 97 127.80 -95.74 -2.19
CA ALA QB 97 127.90 -97.14 -2.57
C ALA QB 97 129.32 -97.62 -2.36
N ASP QB 98 129.47 -98.93 -2.23
CA ASP QB 98 130.79 -99.56 -2.17
C ASP QB 98 131.00 -100.38 -3.44
N ALA QB 99 132.18 -100.25 -4.04
CA ALA QB 99 132.50 -101.04 -5.22
C ALA QB 99 132.80 -102.48 -4.88
N SER QB 100 133.13 -102.75 -3.61
CA SER QB 100 133.41 -104.12 -3.18
C SER QB 100 132.16 -105.00 -3.29
N ASN QB 101 131.01 -104.46 -2.96
CA ASN QB 101 129.76 -105.23 -2.90
C ASN QB 101 128.75 -104.55 -3.85
N VAL QB 102 128.58 -105.12 -5.05
CA VAL QB 102 127.60 -104.57 -5.98
C VAL QB 102 126.19 -105.02 -5.65
N ASP QB 103 126.04 -106.04 -4.80
CA ASP QB 103 124.72 -106.39 -4.28
C ASP QB 103 124.19 -105.31 -3.35
N ALA QB 104 125.09 -104.63 -2.63
CA ALA QB 104 124.65 -103.64 -1.64
C ALA QB 104 124.05 -102.43 -2.35
N PRO QB 105 122.92 -101.92 -1.87
CA PRO QB 105 122.17 -100.91 -2.63
C PRO QB 105 122.87 -99.56 -2.60
N GLU QB 106 122.64 -98.79 -3.67
CA GLU QB 106 123.18 -97.45 -3.80
C GLU QB 106 122.13 -96.45 -3.34
N TYR QB 107 122.58 -95.40 -2.66
CA TYR QB 107 121.66 -94.41 -2.12
C TYR QB 107 122.01 -93.01 -2.60
N THR QB 108 120.97 -92.17 -2.67
CA THR QB 108 121.11 -90.76 -3.01
C THR QB 108 120.97 -89.93 -1.73
N LEU QB 109 121.96 -89.09 -1.48
CA LEU QB 109 122.01 -88.29 -0.26
C LEU QB 109 121.91 -86.81 -0.60
N PRO QB 110 120.75 -86.18 -0.46
CA PRO QB 110 120.63 -84.76 -0.82
C PRO QB 110 121.26 -83.83 0.21
N GLN QB 111 121.90 -82.78 -0.33
CA GLN QB 111 122.61 -81.76 0.43
C GLN QB 111 122.28 -80.43 -0.24
N SER QB 112 122.07 -79.39 0.57
CA SER QB 112 121.68 -78.08 0.02
C SER QB 112 122.21 -76.97 0.92
N CYS QB 113 122.61 -75.87 0.28
CA CYS QB 113 123.23 -74.76 1.00
C CYS QB 113 122.89 -73.46 0.28
N SER QB 114 122.52 -72.43 1.05
CA SER QB 114 122.09 -71.17 0.46
C SER QB 114 122.72 -69.98 1.19
N ILE QB 115 123.08 -68.98 0.40
CA ILE QB 115 123.64 -67.74 0.91
C ILE QB 115 122.81 -66.58 0.41
N ARG QB 116 122.40 -65.71 1.34
CA ARG QB 116 121.64 -64.51 1.01
C ARG QB 116 122.40 -63.30 1.53
N LEU QB 117 122.81 -62.42 0.61
CA LEU QB 117 123.51 -61.19 0.96
C LEU QB 117 122.67 -59.99 0.57
N ALA QB 118 122.37 -59.13 1.54
CA ALA QB 118 121.62 -57.91 1.30
C ALA QB 118 122.44 -56.77 1.90
N SER QB 119 122.96 -55.88 1.04
CA SER QB 119 123.75 -54.74 1.47
C SER QB 119 123.00 -53.46 1.17
N THR QB 120 123.21 -52.42 1.99
CA THR QB 120 122.88 -51.09 1.54
C THR QB 120 124.15 -50.48 0.95
N VAL QB 121 124.11 -50.18 -0.33
CA VAL QB 121 125.24 -49.61 -1.06
C VAL QB 121 125.06 -48.10 -1.11
N THR QB 122 126.17 -47.38 -0.95
CA THR QB 122 126.23 -45.96 -1.21
C THR QB 122 127.44 -45.71 -2.11
N LYS QB 123 127.68 -44.44 -2.45
CA LYS QB 123 128.75 -44.09 -3.39
C LYS QB 123 130.08 -44.68 -2.97
N GLU QB 124 130.35 -44.72 -1.66
CA GLU QB 124 131.65 -45.16 -1.13
C GLU QB 124 131.70 -46.64 -0.83
N THR QB 125 130.57 -47.35 -0.87
CA THR QB 125 130.57 -48.79 -0.66
C THR QB 125 131.31 -49.47 -1.80
N THR QB 126 132.28 -50.31 -1.46
CA THR QB 126 133.14 -50.94 -2.46
C THR QB 126 132.86 -52.44 -2.55
N ALA QB 127 133.39 -53.02 -3.64
CA ALA QB 127 133.37 -54.47 -3.81
C ALA QB 127 133.92 -55.17 -2.57
N ALA QB 128 135.12 -54.77 -2.15
CA ALA QB 128 135.77 -55.42 -1.02
C ALA QB 128 134.98 -55.24 0.26
N ASP QB 129 134.39 -54.06 0.46
CA ASP QB 129 133.54 -53.85 1.63
C ASP QB 129 132.39 -54.83 1.66
N ILE QB 130 131.77 -55.09 0.51
CA ILE QB 130 130.64 -56.00 0.52
C ILE QB 130 131.11 -57.45 0.68
N ALA QB 131 132.28 -57.78 0.14
CA ALA QB 131 132.85 -59.11 0.39
C ALA QB 131 133.13 -59.32 1.87
N GLY QB 132 133.51 -58.25 2.57
CA GLY QB 132 133.87 -58.35 3.96
C GLY QB 132 132.76 -58.95 4.82
N ILE QB 133 131.51 -58.63 4.51
CA ILE QB 133 130.44 -59.12 5.38
C ILE QB 133 130.26 -60.63 5.20
N VAL QB 134 130.40 -61.13 3.98
CA VAL QB 134 130.38 -62.57 3.77
C VAL QB 134 131.54 -63.22 4.54
N LEU QB 135 132.72 -62.63 4.45
CA LEU QB 135 133.87 -63.23 5.13
C LEU QB 135 133.69 -63.24 6.64
N ARG QB 136 133.16 -62.16 7.21
CA ARG QB 136 132.93 -62.10 8.65
C ARG QB 136 131.75 -62.96 9.09
N THR QB 137 130.82 -63.26 8.17
CA THR QB 137 129.78 -64.23 8.48
C THR QB 137 130.36 -65.64 8.53
N LEU QB 138 131.33 -65.92 7.68
CA LEU QB 138 131.93 -67.25 7.66
C LEU QB 138 132.88 -67.48 8.82
N ALA QB 139 133.67 -66.47 9.19
CA ALA QB 139 134.76 -66.67 10.15
C ALA QB 139 134.34 -67.30 11.47
N PRO QB 140 133.15 -67.05 12.03
CA PRO QB 140 132.77 -67.78 13.25
C PRO QB 140 132.65 -69.28 13.04
N ILE QB 141 132.19 -69.71 11.87
CA ILE QB 141 132.05 -71.13 11.56
C ILE QB 141 133.39 -71.76 11.17
N PHE QB 142 134.29 -71.00 10.55
CA PHE QB 142 135.57 -71.51 10.09
C PHE QB 142 136.70 -70.70 10.73
N PRO QB 143 136.90 -70.85 12.04
CA PRO QB 143 137.89 -70.00 12.72
C PRO QB 143 139.31 -70.24 12.24
N ASN QB 144 139.60 -71.42 11.67
CA ASN QB 144 140.90 -71.74 11.10
C ASN QB 144 140.80 -72.02 9.62
N GLY QB 145 139.69 -71.66 8.99
CA GLY QB 145 139.56 -71.85 7.55
C GLY QB 145 139.49 -73.33 7.27
N SER QB 146 140.22 -73.78 6.25
CA SER QB 146 140.24 -75.20 5.95
C SER QB 146 141.02 -76.03 6.97
N GLY QB 147 141.72 -75.38 7.91
CA GLY QB 147 142.64 -76.11 8.79
C GLY QB 147 141.98 -77.19 9.63
N ASP QB 148 140.79 -76.91 10.17
CA ASP QB 148 139.99 -77.86 10.91
C ASP QB 148 138.52 -77.58 10.64
N TRP QB 149 137.66 -78.49 11.10
CA TRP QB 149 136.23 -78.32 10.89
C TRP QB 149 135.45 -78.32 12.20
N ILE QB 150 136.09 -77.90 13.30
CA ILE QB 150 135.55 -78.22 14.61
C ILE QB 150 134.23 -77.48 14.86
N LYS QB 151 134.21 -76.19 14.56
CA LYS QB 151 132.99 -75.43 14.83
C LYS QB 151 131.87 -75.84 13.88
N LEU QB 152 132.22 -76.17 12.64
CA LEU QB 152 131.21 -76.68 11.72
C LEU QB 152 130.62 -77.99 12.24
N GLN QB 153 131.48 -78.87 12.75
CA GLN QB 153 131.02 -80.12 13.33
C GLN QB 153 130.07 -79.87 14.49
N GLN QB 154 130.37 -78.87 15.33
CA GLN QB 154 129.45 -78.52 16.41
C GLN QB 154 128.10 -78.10 15.85
N LEU QB 155 128.10 -77.27 14.80
CA LEU QB 155 126.85 -76.85 14.19
C LEU QB 155 126.03 -78.04 13.71
N ILE QB 156 126.68 -79.00 13.06
CA ILE QB 156 125.97 -80.18 12.59
C ILE QB 156 125.47 -81.00 13.78
N ASP QB 157 126.31 -81.19 14.80
CA ASP QB 157 125.93 -81.91 16.00
C ASP QB 157 124.76 -81.25 16.72
N GLY QB 158 124.49 -79.98 16.43
CA GLY QB 158 123.34 -79.29 16.97
C GLY QB 158 123.64 -78.34 18.11
N LEU QB 159 124.86 -77.83 18.20
CA LEU QB 159 125.35 -77.05 19.34
C LEU QB 159 125.52 -75.60 18.95
N PRO QB 160 124.45 -74.78 19.03
CA PRO QB 160 124.48 -73.46 18.39
C PRO QB 160 125.33 -72.43 19.11
N ARG QB 161 125.74 -72.70 20.35
CA ARG QB 161 126.56 -71.75 21.11
C ARG QB 161 127.99 -71.79 20.56
N ILE QB 162 128.24 -70.95 19.55
CA ILE QB 162 129.53 -70.91 18.89
C ILE QB 162 130.48 -69.92 19.57
N PHE QB 163 129.96 -68.82 20.11
CA PHE QB 163 130.78 -67.87 20.84
C PHE QB 163 130.77 -68.17 22.33
N GLY QB 164 130.35 -69.38 22.71
CA GLY QB 164 130.25 -69.73 24.11
C GLY QB 164 128.86 -69.49 24.66
N SER RB 1 74.03 74.35 5.64
CA SER RB 1 72.70 74.12 6.17
C SER RB 1 71.83 73.44 5.12
N TYR RB 2 71.16 72.35 5.53
CA TYR RB 2 70.49 71.46 4.60
C TYR RB 2 69.44 72.17 3.75
N THR RB 3 69.40 71.86 2.47
CA THR RB 3 68.34 72.29 1.57
C THR RB 3 67.68 71.07 0.93
N ILE RB 4 66.42 71.24 0.54
CA ILE RB 4 65.61 70.17 -0.06
C ILE RB 4 65.47 70.44 -1.54
N ASP RB 5 65.97 69.51 -2.36
CA ASP RB 5 65.83 69.52 -3.81
C ASP RB 5 64.66 68.61 -4.20
N ILE RB 6 63.63 69.17 -4.83
CA ILE RB 6 62.63 68.30 -5.42
C ILE RB 6 63.25 67.71 -6.68
N ASN RB 7 63.68 66.48 -6.59
CA ASN RB 7 64.28 65.80 -7.73
C ASN RB 7 63.17 65.57 -8.73
N CYS RB 8 63.10 66.43 -9.75
CA CYS RB 8 61.88 66.52 -10.53
C CYS RB 8 62.08 67.53 -11.67
N SER RB 9 61.20 67.46 -12.66
CA SER RB 9 61.20 68.39 -13.79
C SER RB 9 60.07 69.41 -13.64
N THR RB 10 60.43 70.68 -13.51
CA THR RB 10 59.47 71.79 -13.47
C THR RB 10 59.69 72.70 -14.66
N GLY RB 11 58.68 73.54 -14.92
CA GLY RB 11 58.67 74.42 -16.06
C GLY RB 11 58.63 75.88 -15.66
N ASP RB 12 58.75 76.79 -16.63
CA ASP RB 12 58.71 78.22 -16.29
C ASP RB 12 57.29 78.75 -16.16
N THR RB 13 56.38 78.24 -16.99
CA THR RB 13 55.02 78.77 -17.08
C THR RB 13 54.20 78.42 -15.85
N GLN RB 14 53.16 79.23 -15.57
CA GLN RB 14 52.25 78.93 -14.47
C GLN RB 14 50.82 79.20 -14.92
N ALA RB 15 49.91 78.36 -14.47
CA ALA RB 15 48.48 78.52 -14.74
C ALA RB 15 47.71 78.67 -13.43
N ASN RB 16 46.53 79.27 -13.53
CA ASN RB 16 45.61 79.40 -12.41
C ASN RB 16 44.56 78.30 -12.51
N LEU RB 17 44.50 77.44 -11.50
CA LEU RB 17 43.37 76.54 -11.28
C LEU RB 17 42.42 77.28 -10.33
N VAL RB 18 41.28 77.71 -10.83
CA VAL RB 18 40.41 78.60 -10.09
C VAL RB 18 39.45 77.78 -9.24
N LEU RB 19 39.67 77.80 -7.93
CA LEU RB 19 38.81 77.10 -6.98
C LEU RB 19 37.72 78.03 -6.51
N THR RB 20 36.51 77.50 -6.41
CA THR RB 20 35.40 78.21 -5.80
C THR RB 20 35.23 77.69 -4.37
N GLU RB 21 35.11 78.62 -3.42
CA GLU RB 21 35.11 78.23 -2.02
C GLU RB 21 33.92 77.34 -1.71
N ILE RB 22 34.05 76.58 -0.64
CA ILE RB 22 32.97 75.77 -0.12
C ILE RB 22 32.71 76.21 1.31
N PRO RB 23 31.56 76.83 1.61
CA PRO RB 23 31.36 77.42 2.93
C PRO RB 23 31.26 76.37 4.00
N ALA RB 24 31.93 76.64 5.13
CA ALA RB 24 32.00 75.64 6.19
C ALA RB 24 30.71 75.55 7.00
N GLU RB 25 29.91 76.63 7.01
CA GLU RB 25 28.70 76.63 7.82
C GLU RB 25 27.78 75.46 7.50
N PRO RB 26 27.43 75.16 6.25
CA PRO RB 26 26.46 74.08 6.01
C PRO RB 26 26.95 72.68 6.36
N TYR RB 27 28.23 72.46 6.64
CA TYR RB 27 28.69 71.08 6.90
C TYR RB 27 28.46 70.70 8.36
N VAL RB 28 28.01 69.47 8.57
CA VAL RB 28 27.68 68.94 9.89
C VAL RB 28 28.51 67.69 10.16
N HIS RB 29 29.24 67.70 11.27
CA HIS RB 29 29.96 66.51 11.72
C HIS RB 29 28.99 65.36 11.93
N VAL RB 30 29.30 64.22 11.34
CA VAL RB 30 28.41 63.05 11.34
C VAL RB 30 29.04 61.88 12.08
N SER RB 31 30.28 61.53 11.74
CA SER RB 31 30.92 60.35 12.30
C SER RB 31 32.42 60.58 12.42
N GLY RB 32 33.01 59.96 13.43
CA GLY RB 32 34.46 59.73 13.44
C GLY RB 32 35.21 60.50 14.50
N ASP RB 33 36.27 59.87 15.02
CA ASP RB 33 37.24 60.48 15.93
C ASP RB 33 38.27 61.28 15.13
N ASN RB 34 39.25 61.84 15.84
CA ASN RB 34 40.53 62.11 15.19
C ASN RB 34 41.26 60.80 14.90
N LYS RB 35 41.05 59.79 15.75
CA LYS RB 35 41.64 58.46 15.54
C LYS RB 35 40.96 57.73 14.39
N SER RB 36 39.69 58.02 14.13
CA SER RB 36 38.95 57.47 13.01
C SER RB 36 38.95 58.49 11.87
N THR RB 37 38.11 58.26 10.86
CA THR RB 37 37.93 59.22 9.77
C THR RB 37 36.76 60.16 10.05
N ILE RB 38 37.03 61.48 10.01
CA ILE RB 38 35.98 62.48 10.20
C ILE RB 38 35.09 62.56 8.96
N GLU RB 39 33.79 62.67 9.16
CA GLU RB 39 32.83 62.70 8.05
C GLU RB 39 31.88 63.88 8.23
N TYR RB 40 31.71 64.67 7.18
CA TYR RB 40 30.77 65.78 7.20
C TYR RB 40 29.70 65.60 6.14
N LEU RB 41 28.50 66.06 6.48
CA LEU RB 41 27.34 66.12 5.59
C LEU RB 41 27.12 67.55 5.15
N ASP RB 42 27.00 67.76 3.84
CA ASP RB 42 26.63 69.06 3.27
C ASP RB 42 25.12 69.18 3.36
N THR RB 43 24.62 69.94 4.35
CA THR RB 43 23.19 70.07 4.57
C THR RB 43 22.53 71.05 3.62
N GLY RB 44 23.31 71.71 2.77
CA GLY RB 44 22.74 72.55 1.73
C GLY RB 44 22.48 71.72 0.49
N SER RB 45 21.71 70.65 0.63
CA SER RB 45 21.38 69.76 -0.46
C SER RB 45 19.88 69.50 -0.47
N ASP RB 46 19.41 68.82 -1.51
CA ASP RB 46 18.00 68.48 -1.58
C ASP RB 46 17.69 67.48 -0.48
N ASN RB 47 16.90 67.94 0.50
CA ASN RB 47 16.45 67.11 1.60
C ASN RB 47 15.66 65.91 1.10
N SER RB 48 14.96 66.06 -0.03
CA SER RB 48 14.04 65.04 -0.53
C SER RB 48 14.75 63.86 -1.18
N LEU RB 49 16.08 63.81 -1.10
CA LEU RB 49 16.86 62.65 -1.47
C LEU RB 49 17.36 61.96 -0.20
N LEU RB 50 17.40 60.63 -0.24
CA LEU RB 50 17.99 59.89 0.88
C LEU RB 50 19.50 59.82 0.79
N VAL RB 51 20.10 60.29 -0.31
CA VAL RB 51 21.54 60.43 -0.43
C VAL RB 51 21.85 61.91 -0.46
N ARG RB 52 22.90 62.30 0.26
CA ARG RB 52 23.27 63.69 0.38
C ARG RB 52 24.79 63.79 0.32
N PRO RB 53 25.31 64.96 -0.09
CA PRO RB 53 26.75 65.09 -0.31
C PRO RB 53 27.52 65.05 1.00
N THR RB 54 28.61 64.30 1.00
CA THR RB 54 29.47 64.17 2.17
C THR RB 54 30.92 64.32 1.76
N GLN RB 55 31.71 64.98 2.59
CA GLN RB 55 33.15 64.91 2.44
C GLN RB 55 33.81 64.44 3.73
N GLN RB 56 34.80 63.57 3.61
CA GLN RB 56 35.46 63.01 4.78
C GLN RB 56 36.97 63.26 4.72
N PHE RB 57 37.54 63.36 5.91
CA PHE RB 57 38.96 63.68 6.12
C PHE RB 57 39.54 62.72 7.15
N ASN RB 58 40.60 62.02 6.76
CA ASN RB 58 41.35 61.11 7.60
C ASN RB 58 42.82 61.50 7.53
N CYS RB 59 43.54 61.41 8.65
CA CYS RB 59 44.97 61.60 8.57
C CYS RB 59 45.67 60.75 9.62
N VAL RB 60 46.85 60.23 9.22
CA VAL RB 60 47.62 59.29 10.03
C VAL RB 60 49.10 59.57 9.83
N SER RB 61 49.89 59.18 10.83
CA SER RB 61 51.31 59.53 10.88
C SER RB 61 52.08 58.34 11.43
N SER RB 62 53.32 58.18 10.94
CA SER RB 62 54.17 57.09 11.38
C SER RB 62 55.62 57.51 11.49
N GLN RB 63 56.31 56.88 12.43
CA GLN RB 63 57.73 57.12 12.66
C GLN RB 63 58.62 56.35 11.70
N TYR RB 64 58.03 55.56 10.80
CA TYR RB 64 58.77 54.66 9.92
C TYR RB 64 58.46 55.02 8.47
N PRO RB 65 59.02 56.13 7.98
CA PRO RB 65 58.53 56.71 6.72
C PRO RB 65 58.98 55.94 5.49
N TYR RB 66 59.97 55.06 5.62
CA TYR RB 66 60.51 54.31 4.50
C TYR RB 66 59.89 52.92 4.39
N ARG RB 67 58.79 52.65 5.08
CA ARG RB 67 58.27 51.29 5.14
C ARG RB 67 57.80 50.81 3.77
N ASN RB 68 57.18 51.68 2.98
CA ASN RB 68 56.65 51.29 1.68
C ASN RB 68 57.70 51.34 0.58
N TYR RB 69 58.76 52.10 0.76
CA TYR RB 69 59.75 52.32 -0.29
C TYR RB 69 60.93 51.38 -0.05
N SER RB 70 61.16 50.49 -1.02
CA SER RB 70 62.10 49.41 -0.80
C SER RB 70 63.51 49.71 -1.26
N LYS RB 71 63.68 50.52 -2.32
CA LYS RB 71 64.98 50.65 -2.96
C LYS RB 71 65.74 51.88 -2.49
N ILE RB 72 65.47 52.36 -1.28
CA ILE RB 72 66.22 53.46 -0.68
C ILE RB 72 67.16 52.88 0.35
N PRO RB 73 68.48 53.02 0.19
CA PRO RB 73 69.42 52.48 1.17
C PRO RB 73 69.34 53.18 2.52
N ARG RB 74 69.70 52.44 3.57
CA ARG RB 74 69.69 53.02 4.91
C ARG RB 74 70.62 54.23 5.00
N SER RB 75 71.75 54.17 4.32
CA SER RB 75 72.69 55.29 4.31
C SER RB 75 72.08 56.56 3.72
N GLN RB 76 70.91 56.47 3.10
CA GLN RB 76 70.20 57.62 2.56
C GLN RB 76 68.88 57.90 3.26
N GLN RB 77 68.59 57.18 4.35
CA GLN RB 77 67.34 57.36 5.08
C GLN RB 77 67.54 58.34 6.24
N ASP RB 78 66.82 59.46 6.21
CA ASP RB 78 66.94 60.48 7.26
C ASP RB 78 66.34 59.97 8.56
N PRO RB 79 67.14 59.79 9.62
CA PRO RB 79 66.60 59.20 10.85
C PRO RB 79 65.62 60.09 11.58
N LEU RB 80 65.61 61.38 11.27
CA LEU RB 80 64.65 62.33 11.83
C LEU RB 80 63.39 62.45 11.00
N ALA RB 81 63.34 61.79 9.85
CA ALA RB 81 62.19 61.94 8.97
C ALA RB 81 60.99 61.19 9.53
N VAL RB 82 59.81 61.73 9.27
CA VAL RB 82 58.55 61.17 9.73
C VAL RB 82 57.59 61.13 8.54
N ARG RB 83 56.61 60.24 8.61
CA ARG RB 83 55.61 60.10 7.54
C ARG RB 83 54.32 60.77 8.00
N ARG RB 84 53.86 61.74 7.22
CA ARG RB 84 52.59 62.42 7.47
C ARG RB 84 51.68 62.14 6.29
N GLU RB 85 50.47 61.66 6.55
CA GLU RB 85 49.56 61.26 5.49
C GLU RB 85 48.18 61.83 5.78
N PHE RB 86 47.48 62.26 4.73
CA PHE RB 86 46.08 62.65 4.85
C PHE RB 86 45.32 62.22 3.61
N TYR RB 87 44.00 62.12 3.76
CA TYR RB 87 43.13 61.51 2.77
C TYR RB 87 41.76 62.15 2.85
N THR RB 88 41.29 62.69 1.73
CA THR RB 88 39.96 63.26 1.68
C THR RB 88 39.17 62.52 0.60
N ARG RB 89 37.88 62.33 0.84
CA ARG RB 89 36.97 61.75 -0.15
C ARG RB 89 35.67 62.54 -0.14
N ARG RB 90 35.37 63.17 -1.26
CA ARG RB 90 34.13 63.92 -1.43
C ARG RB 90 33.24 63.13 -2.36
N VAL RB 91 32.02 62.86 -1.91
CA VAL RB 91 30.96 62.30 -2.74
C VAL RB 91 29.89 63.35 -2.86
N GLU RB 92 29.56 63.73 -4.08
CA GLU RB 92 28.37 64.53 -4.33
C GLU RB 92 27.39 63.73 -5.19
N TYR RB 93 26.13 64.16 -5.14
CA TYR RB 93 25.04 63.47 -5.81
C TYR RB 93 24.31 64.49 -6.67
N TRP RB 94 24.61 64.50 -7.97
CA TRP RB 94 23.99 65.45 -8.89
C TRP RB 94 22.56 65.03 -9.18
N ARG RB 95 21.78 65.95 -9.74
CA ARG RB 95 20.39 65.72 -10.06
C ARG RB 95 20.15 66.24 -11.47
N LYS RB 96 19.67 65.36 -12.36
CA LYS RB 96 19.30 65.78 -13.72
C LYS RB 96 17.78 65.82 -13.84
N ALA RB 97 17.27 66.94 -14.36
CA ALA RB 97 15.84 67.11 -14.67
C ALA RB 97 15.69 68.28 -15.63
N ASP RB 98 14.47 68.47 -16.14
CA ASP RB 98 14.21 69.69 -16.89
C ASP RB 98 12.89 70.32 -16.48
N ALA RB 99 12.91 71.64 -16.28
CA ALA RB 99 11.69 72.38 -15.97
C ALA RB 99 10.74 72.44 -17.15
N SER RB 100 11.21 72.08 -18.35
CA SER RB 100 10.38 72.11 -19.54
C SER RB 100 9.30 71.03 -19.50
N ASN RB 101 9.56 69.93 -18.81
CA ASN RB 101 8.69 68.75 -18.87
C ASN RB 101 8.45 68.22 -17.46
N VAL RB 102 7.30 68.57 -16.86
CA VAL RB 102 6.96 68.02 -15.56
C VAL RB 102 6.72 66.52 -15.64
N ASP RB 103 6.47 65.99 -16.84
CA ASP RB 103 6.16 64.58 -17.03
C ASP RB 103 7.40 63.70 -17.14
N ALA RB 104 8.59 64.29 -17.32
CA ALA RB 104 9.78 63.47 -17.55
C ALA RB 104 10.53 63.22 -16.24
N PRO RB 105 11.08 62.01 -16.07
CA PRO RB 105 11.60 61.62 -14.76
C PRO RB 105 12.88 62.34 -14.41
N GLU RB 106 13.13 62.44 -13.10
CA GLU RB 106 14.38 62.99 -12.59
C GLU RB 106 15.32 61.84 -12.21
N TYR RB 107 16.62 62.08 -12.38
CA TYR RB 107 17.60 61.07 -12.01
C TYR RB 107 18.66 61.68 -11.11
N THR RB 108 19.19 60.87 -10.19
CA THR RB 108 20.30 61.30 -9.36
C THR RB 108 21.58 60.56 -9.79
N LEU RB 109 22.64 61.33 -10.00
CA LEU RB 109 23.89 60.87 -10.61
C LEU RB 109 25.04 60.95 -9.62
N PRO RB 110 25.60 59.83 -9.15
CA PRO RB 110 26.67 59.90 -8.16
C PRO RB 110 28.05 60.19 -8.74
N GLN RB 111 28.80 60.99 -7.98
CA GLN RB 111 30.15 61.41 -8.33
C GLN RB 111 31.01 61.33 -7.08
N SER RB 112 32.24 60.84 -7.23
CA SER RB 112 33.15 60.75 -6.10
C SER RB 112 34.58 61.09 -6.52
N CYS RB 113 35.32 61.73 -5.62
CA CYS RB 113 36.71 62.10 -5.89
C CYS RB 113 37.49 62.03 -4.59
N SER RB 114 38.67 61.42 -4.64
CA SER RB 114 39.45 61.19 -3.43
C SER RB 114 40.93 61.50 -3.68
N ILE RB 115 41.52 62.25 -2.75
CA ILE RB 115 42.93 62.63 -2.80
C ILE RB 115 43.63 62.13 -1.56
N ARG RB 116 44.71 61.36 -1.76
CA ARG RB 116 45.58 60.89 -0.69
C ARG RB 116 46.98 61.45 -0.89
N LEU RB 117 47.61 61.87 0.21
CA LEU RB 117 48.94 62.47 0.20
C LEU RB 117 49.72 61.94 1.38
N ALA RB 118 50.90 61.39 1.11
CA ALA RB 118 51.81 60.93 2.15
C ALA RB 118 53.18 61.52 1.85
N SER RB 119 53.60 62.47 2.68
CA SER RB 119 54.90 63.12 2.55
C SER RB 119 55.85 62.61 3.62
N THR RB 120 57.12 62.50 3.25
CA THR RB 120 58.16 62.38 4.25
C THR RB 120 58.54 63.79 4.70
N VAL RB 121 58.36 64.07 5.99
CA VAL RB 121 58.59 65.41 6.54
C VAL RB 121 59.78 65.36 7.48
N THR RB 122 60.71 66.30 7.27
CA THR RB 122 61.86 66.52 8.12
C THR RB 122 61.89 67.99 8.52
N LYS RB 123 62.91 68.37 9.29
CA LYS RB 123 63.00 69.73 9.83
C LYS RB 123 62.80 70.78 8.76
N GLU RB 124 63.42 70.58 7.60
CA GLU RB 124 63.46 71.57 6.54
C GLU RB 124 62.25 71.53 5.62
N THR RB 125 61.40 70.51 5.75
CA THR RB 125 60.21 70.40 4.92
C THR RB 125 59.16 71.42 5.38
N THR RB 126 58.77 72.33 4.49
CA THR RB 126 57.78 73.36 4.79
C THR RB 126 56.41 72.99 4.24
N ALA RB 127 55.38 73.64 4.80
CA ALA RB 127 54.03 73.41 4.35
C ALA RB 127 53.89 73.70 2.85
N ALA RB 128 54.57 74.75 2.39
CA ALA RB 128 54.61 75.03 0.96
C ALA RB 128 55.23 73.88 0.18
N ASP RB 129 56.35 73.33 0.69
CA ASP RB 129 56.99 72.21 0.03
C ASP RB 129 56.02 71.05 -0.15
N ILE RB 130 55.20 70.81 0.88
CA ILE RB 130 54.27 69.68 0.81
C ILE RB 130 53.10 70.01 -0.11
N ALA RB 131 52.66 71.26 -0.14
CA ALA RB 131 51.63 71.63 -1.11
C ALA RB 131 52.13 71.44 -2.54
N GLY RB 132 53.44 71.63 -2.74
CA GLY RB 132 54.01 71.43 -4.05
C GLY RB 132 53.71 70.08 -4.65
N ILE RB 133 53.69 69.03 -3.83
CA ILE RB 133 53.49 67.70 -4.40
C ILE RB 133 52.06 67.55 -4.93
N VAL RB 134 51.09 68.10 -4.23
CA VAL RB 134 49.73 68.08 -4.75
C VAL RB 134 49.62 68.93 -6.02
N LEU RB 135 50.27 70.09 -6.03
CA LEU RB 135 50.21 70.96 -7.20
C LEU RB 135 50.84 70.30 -8.42
N ARG RB 136 51.94 69.58 -8.23
CA ARG RB 136 52.58 68.89 -9.34
C ARG RB 136 51.82 67.64 -9.75
N THR RB 137 51.12 66.99 -8.83
CA THR RB 137 50.24 65.91 -9.25
C THR RB 137 49.11 66.42 -10.11
N LEU RB 138 48.55 67.59 -9.76
CA LEU RB 138 47.43 68.14 -10.52
C LEU RB 138 47.87 68.65 -11.88
N ALA RB 139 49.05 69.28 -11.94
CA ALA RB 139 49.42 70.06 -13.12
C ALA RB 139 49.34 69.30 -14.45
N PRO RB 140 49.77 68.04 -14.58
CA PRO RB 140 49.67 67.37 -15.88
C PRO RB 140 48.25 67.25 -16.41
N ILE RB 141 47.27 67.06 -15.51
CA ILE RB 141 45.87 66.93 -15.90
C ILE RB 141 45.26 68.28 -16.25
N PHE RB 142 45.71 69.35 -15.59
CA PHE RB 142 45.18 70.71 -15.81
C PHE RB 142 46.34 71.58 -16.24
N PRO RB 143 46.91 71.36 -17.41
CA PRO RB 143 48.13 72.09 -17.80
C PRO RB 143 47.89 73.56 -18.06
N ASN RB 144 46.63 73.97 -18.25
CA ASN RB 144 46.28 75.38 -18.35
C ASN RB 144 45.31 75.80 -17.25
N GLY RB 145 45.25 75.05 -16.17
CA GLY RB 145 44.45 75.45 -15.04
C GLY RB 145 42.98 75.37 -15.42
N SER RB 146 42.19 76.29 -14.86
CA SER RB 146 40.78 76.30 -15.21
C SER RB 146 40.54 76.71 -16.65
N GLY RB 147 41.59 77.03 -17.41
CA GLY RB 147 41.39 77.54 -18.76
C GLY RB 147 40.71 76.56 -19.70
N ASP RB 148 41.31 75.38 -19.88
CA ASP RB 148 40.74 74.36 -20.76
C ASP RB 148 40.68 73.03 -20.02
N TRP RB 149 39.93 72.09 -20.59
CA TRP RB 149 39.72 70.81 -19.95
C TRP RB 149 40.19 69.66 -20.84
N ILE RB 150 41.19 69.91 -21.69
CA ILE RB 150 41.45 68.97 -22.78
C ILE RB 150 42.00 67.65 -22.24
N LYS RB 151 43.00 67.74 -21.35
CA LYS RB 151 43.59 66.51 -20.81
C LYS RB 151 42.62 65.80 -19.89
N LEU RB 152 41.82 66.56 -19.13
CA LEU RB 152 40.81 65.92 -18.30
C LEU RB 152 39.81 65.17 -19.17
N GLN RB 153 39.39 65.80 -20.26
CA GLN RB 153 38.49 65.15 -21.21
C GLN RB 153 39.08 63.85 -21.70
N GLN RB 154 40.38 63.84 -22.02
CA GLN RB 154 41.03 62.59 -22.42
C GLN RB 154 40.92 61.53 -21.33
N LEU RB 155 41.27 61.90 -20.10
CA LEU RB 155 41.21 60.94 -19.00
C LEU RB 155 39.82 60.33 -18.89
N ILE RB 156 38.78 61.14 -19.08
CA ILE RB 156 37.43 60.62 -18.99
C ILE RB 156 37.10 59.76 -20.21
N ASP RB 157 37.56 60.18 -21.39
CA ASP RB 157 37.39 59.44 -22.63
C ASP RB 157 38.09 58.09 -22.59
N GLY RB 158 38.94 57.85 -21.61
CA GLY RB 158 39.61 56.58 -21.47
C GLY RB 158 41.00 56.51 -22.05
N LEU RB 159 41.67 57.66 -22.22
CA LEU RB 159 43.00 57.74 -22.83
C LEU RB 159 44.01 58.16 -21.78
N PRO RB 160 44.77 57.21 -21.19
CA PRO RB 160 45.56 57.53 -20.00
C PRO RB 160 46.87 58.26 -20.27
N ARG RB 161 47.33 58.39 -21.50
CA ARG RB 161 48.67 58.92 -21.74
C ARG RB 161 48.60 60.44 -21.79
N ILE RB 162 48.70 61.06 -20.61
CA ILE RB 162 48.76 62.51 -20.50
C ILE RB 162 50.01 63.05 -21.20
N PHE RB 163 51.14 62.37 -21.04
CA PHE RB 163 52.39 62.85 -21.57
C PHE RB 163 52.67 62.35 -22.99
N GLY RB 164 51.86 61.44 -23.51
CA GLY RB 164 52.07 60.92 -24.85
C GLY RB 164 52.75 59.58 -24.94
N SER SB 1 16.38 69.10 -22.90
CA SER SB 1 16.25 70.23 -21.97
C SER SB 1 16.74 69.85 -20.59
N TYR SB 2 17.13 68.57 -20.44
CA TYR SB 2 17.69 68.08 -19.18
C TYR SB 2 18.91 68.92 -18.77
N THR SB 3 18.92 69.30 -17.49
CA THR SB 3 20.02 70.04 -16.90
C THR SB 3 20.53 69.30 -15.68
N ILE SB 4 21.84 69.44 -15.48
CA ILE SB 4 22.58 68.81 -14.39
C ILE SB 4 22.76 69.84 -13.29
N ASP SB 5 22.17 69.60 -12.13
CA ASP SB 5 22.34 70.44 -10.95
C ASP SB 5 23.23 69.70 -9.98
N ILE SB 6 24.41 70.25 -9.69
CA ILE SB 6 25.18 69.73 -8.57
C ILE SB 6 24.39 70.01 -7.30
N ASN SB 7 24.34 69.03 -6.42
CA ASN SB 7 23.55 69.16 -5.21
C ASN SB 7 24.44 69.59 -4.04
N CYS SB 8 25.18 70.68 -4.22
CA CYS SB 8 26.24 71.03 -3.29
C CYS SB 8 26.00 72.42 -2.70
N SER SB 9 26.89 72.79 -1.80
CA SER SB 9 26.99 74.16 -1.31
C SER SB 9 28.21 74.80 -1.96
N THR SB 10 28.01 75.92 -2.62
CA THR SB 10 29.08 76.67 -3.27
C THR SB 10 28.99 78.12 -2.87
N GLY SB 11 30.16 78.72 -2.59
CA GLY SB 11 30.25 80.11 -2.20
C GLY SB 11 30.34 81.04 -3.39
N ASP SB 12 30.41 82.34 -3.08
CA ASP SB 12 30.58 83.37 -4.09
C ASP SB 12 32.05 83.74 -4.32
N THR SB 13 32.91 83.40 -3.38
CA THR SB 13 34.32 83.78 -3.40
C THR SB 13 35.12 82.80 -4.26
N GLN SB 14 36.27 83.26 -4.78
CA GLN SB 14 37.11 82.38 -5.59
C GLN SB 14 38.57 82.64 -5.29
N ALA SB 15 39.40 81.61 -5.49
CA ALA SB 15 40.84 81.70 -5.22
C ALA SB 15 41.62 81.03 -6.33
N ASN SB 16 42.87 81.45 -6.49
CA ASN SB 16 43.77 80.93 -7.52
C ASN SB 16 44.73 79.94 -6.89
N LEU SB 17 44.61 78.67 -7.26
CA LEU SB 17 45.60 77.65 -6.94
C LEU SB 17 46.59 77.60 -8.09
N VAL SB 18 47.82 78.03 -7.83
CA VAL SB 18 48.77 78.31 -8.91
C VAL SB 18 49.58 77.05 -9.23
N LEU SB 19 49.31 76.47 -10.39
CA LEU SB 19 50.01 75.28 -10.83
C LEU SB 19 51.23 75.69 -11.65
N THR SB 20 52.37 75.07 -11.37
CA THR SB 20 53.54 75.24 -12.20
C THR SB 20 53.63 74.05 -13.16
N GLU SB 21 53.94 74.36 -14.42
CA GLU SB 21 53.79 73.37 -15.47
C GLU SB 21 54.78 72.22 -15.29
N ILE SB 22 54.41 71.06 -15.81
CA ILE SB 22 55.31 69.90 -15.81
C ILE SB 22 55.49 69.48 -17.26
N PRO SB 23 56.69 69.62 -17.82
CA PRO SB 23 56.89 69.36 -19.25
C PRO SB 23 56.83 67.87 -19.57
N ALA SB 24 56.33 67.57 -20.76
CA ALA SB 24 56.23 66.17 -21.15
C ALA SB 24 57.54 65.65 -21.73
N GLU SB 25 58.36 66.53 -22.30
CA GLU SB 25 59.61 66.11 -22.91
C GLU SB 25 60.48 65.26 -22.00
N PRO SB 26 60.66 65.58 -20.71
CA PRO SB 26 61.50 64.71 -19.86
C PRO SB 26 60.89 63.35 -19.53
N TYR SB 27 59.62 63.08 -19.85
CA TYR SB 27 58.98 61.87 -19.38
C TYR SB 27 59.15 60.72 -20.38
N VAL SB 28 59.25 59.49 -19.84
CA VAL SB 28 59.57 58.29 -20.62
C VAL SB 28 58.59 57.18 -20.27
N HIS SB 29 58.18 56.42 -21.29
CA HIS SB 29 57.38 55.21 -21.09
C HIS SB 29 58.11 54.20 -20.22
N VAL SB 30 57.37 53.58 -19.30
CA VAL SB 30 57.91 52.54 -18.42
C VAL SB 30 57.15 51.23 -18.57
N SER SB 31 55.83 51.27 -18.39
CA SER SB 31 55.00 50.09 -18.54
C SER SB 31 53.70 50.46 -19.23
N GLY SB 32 53.06 49.45 -19.83
CA GLY SB 32 51.75 49.59 -20.45
C GLY SB 32 51.65 50.71 -21.47
N ASP SB 33 52.41 50.61 -22.55
CA ASP SB 33 52.51 51.71 -23.51
C ASP SB 33 51.17 51.99 -24.17
N ASN SB 34 50.50 50.94 -24.64
CA ASN SB 34 49.22 51.10 -25.32
C ASN SB 34 48.02 50.93 -24.41
N LYS SB 35 48.21 50.35 -23.22
CA LYS SB 35 47.10 49.84 -22.42
C LYS SB 35 46.42 50.96 -21.64
N SER SB 36 45.35 50.59 -20.93
CA SER SB 36 44.55 51.55 -20.16
C SER SB 36 45.28 52.05 -18.93
N THR SB 37 46.46 51.50 -18.62
CA THR SB 37 47.28 51.93 -17.50
C THR SB 37 48.68 52.20 -18.02
N ILE SB 38 49.20 53.40 -17.77
CA ILE SB 38 50.51 53.80 -18.23
C ILE SB 38 51.28 54.37 -17.05
N GLU SB 39 52.59 54.11 -17.02
CA GLU SB 39 53.48 54.62 -15.99
C GLU SB 39 54.64 55.36 -16.64
N TYR SB 40 54.84 56.62 -16.28
CA TYR SB 40 55.93 57.41 -16.82
C TYR SB 40 57.02 57.64 -15.78
N LEU SB 41 58.24 57.81 -16.29
CA LEU SB 41 59.40 58.18 -15.49
C LEU SB 41 59.84 59.58 -15.89
N ASP SB 42 60.12 60.41 -14.89
CA ASP SB 42 60.71 61.73 -15.09
C ASP SB 42 62.23 61.57 -15.10
N THR SB 43 62.84 61.64 -16.29
CA THR SB 43 64.29 61.53 -16.39
C THR SB 43 64.99 62.83 -16.14
N GLY SB 44 64.29 63.84 -15.64
CA GLY SB 44 64.97 65.03 -15.16
C GLY SB 44 65.34 64.83 -13.72
N SER SB 45 65.59 63.59 -13.34
CA SER SB 45 65.91 63.25 -11.97
C SER SB 45 67.35 62.81 -11.83
N ASP SB 46 67.78 62.70 -10.58
CA ASP SB 46 69.15 62.31 -10.33
C ASP SB 46 69.42 60.98 -11.01
N ASN SB 47 70.41 61.00 -11.88
CA ASN SB 47 70.83 59.82 -12.61
C ASN SB 47 71.14 58.67 -11.67
N SER SB 48 71.81 58.97 -10.56
CA SER SB 48 72.54 57.97 -9.80
C SER SB 48 71.74 57.33 -8.66
N LEU SB 49 70.49 57.72 -8.45
CA LEU SB 49 69.70 57.07 -7.41
C LEU SB 49 69.01 55.82 -7.94
N LEU SB 50 68.51 55.02 -7.00
CA LEU SB 50 67.73 53.85 -7.36
C LEU SB 50 66.26 54.16 -7.52
N VAL SB 51 65.82 55.29 -6.97
CA VAL SB 51 64.45 55.74 -7.09
C VAL SB 51 64.44 56.99 -7.95
N ARG SB 52 63.42 57.11 -8.78
CA ARG SB 52 63.26 58.29 -9.61
C ARG SB 52 61.79 58.63 -9.71
N PRO SB 53 61.44 59.91 -9.90
CA PRO SB 53 60.04 60.32 -9.89
C PRO SB 53 59.26 59.70 -11.03
N THR SB 54 58.13 59.09 -10.68
CA THR SB 54 57.23 58.51 -11.64
C THR SB 54 55.85 59.12 -11.44
N GLN SB 55 55.06 59.09 -12.51
CA GLN SB 55 53.63 59.34 -12.38
C GLN SB 55 52.90 58.35 -13.25
N GLN SB 56 51.92 57.67 -12.68
CA GLN SB 56 51.10 56.78 -13.48
C GLN SB 56 49.69 57.36 -13.62
N PHE SB 57 49.07 56.98 -14.74
CA PHE SB 57 47.68 57.28 -15.02
C PHE SB 57 47.01 56.00 -15.47
N ASN SB 58 45.81 55.75 -14.98
CA ASN SB 58 45.02 54.66 -15.56
C ASN SB 58 43.55 55.00 -15.54
N CYS SB 59 42.84 54.51 -16.55
CA CYS SB 59 41.43 54.76 -16.74
C CYS SB 59 40.67 53.45 -16.59
N VAL SB 60 39.42 53.57 -16.12
CA VAL SB 60 38.54 52.43 -15.92
C VAL SB 60 37.12 52.89 -16.28
N SER SB 61 36.34 51.99 -16.85
CA SER SB 61 34.94 52.25 -17.16
C SER SB 61 34.11 51.07 -16.69
N SER SB 62 32.90 51.35 -16.20
CA SER SB 62 31.96 50.31 -15.82
C SER SB 62 30.58 50.57 -16.36
N GLN SB 63 29.88 49.49 -16.67
CA GLN SB 63 28.55 49.55 -17.26
C GLN SB 63 27.48 49.83 -16.23
N TYR SB 64 27.71 49.46 -14.96
CA TYR SB 64 26.75 49.58 -13.86
C TYR SB 64 27.20 50.66 -12.90
N PRO SB 65 26.86 51.92 -13.17
CA PRO SB 65 27.44 53.02 -12.37
C PRO SB 65 26.84 53.14 -11.00
N TYR SB 66 25.69 52.48 -10.78
CA TYR SB 66 24.97 52.53 -9.53
C TYR SB 66 25.26 51.33 -8.64
N ARG SB 67 26.33 50.60 -8.90
CA ARG SB 67 26.55 49.34 -8.21
C ARG SB 67 26.71 49.55 -6.71
N ASN SB 68 27.56 50.49 -6.33
CA ASN SB 68 27.83 50.75 -4.93
C ASN SB 68 26.84 51.73 -4.31
N TYR SB 69 25.95 52.32 -5.11
CA TYR SB 69 25.00 53.30 -4.59
C TYR SB 69 23.63 52.63 -4.47
N SER SB 70 23.40 51.97 -3.34
CA SER SB 70 22.14 51.28 -3.16
C SER SB 70 21.04 52.16 -2.61
N LYS SB 71 21.39 53.24 -1.91
CA LYS SB 71 20.36 54.12 -1.35
C LYS SB 71 19.64 54.94 -2.42
N ILE SB 72 19.99 54.74 -3.68
CA ILE SB 72 19.30 55.38 -4.79
C ILE SB 72 18.29 54.37 -5.36
N PRO SB 73 17.03 54.77 -5.54
CA PRO SB 73 16.05 53.85 -6.12
C PRO SB 73 16.21 53.71 -7.62
N ARG SB 74 15.79 52.55 -8.14
CA ARG SB 74 15.86 52.33 -9.57
C ARG SB 74 15.10 53.40 -10.34
N SER SB 75 13.94 53.81 -9.83
CA SER SB 75 13.15 54.86 -10.46
C SER SB 75 13.91 56.18 -10.63
N GLN SB 76 15.05 56.33 -9.96
CA GLN SB 76 15.89 57.52 -10.12
C GLN SB 76 17.25 57.23 -10.71
N GLN SB 77 17.55 55.97 -11.02
CA GLN SB 77 18.81 55.61 -11.68
C GLN SB 77 18.65 55.77 -13.18
N ASP SB 78 19.51 56.59 -13.78
CA ASP SB 78 19.49 56.81 -15.24
C ASP SB 78 19.98 55.55 -15.96
N PRO SB 79 19.12 54.83 -16.67
CA PRO SB 79 19.56 53.56 -17.29
C PRO SB 79 20.53 53.75 -18.43
N LEU SB 80 20.72 54.98 -18.90
CA LEU SB 80 21.74 55.29 -19.90
C LEU SB 80 23.04 55.79 -19.28
N ALA SB 81 23.14 55.81 -17.95
CA ALA SB 81 24.34 56.30 -17.31
C ALA SB 81 25.44 55.27 -17.38
N VAL SB 82 26.68 55.75 -17.50
CA VAL SB 82 27.86 54.91 -17.58
C VAL SB 82 28.90 55.47 -16.62
N ARG SB 83 29.65 54.60 -15.95
CA ARG SB 83 30.65 55.03 -14.98
C ARG SB 83 32.01 55.19 -15.65
N ARG SB 84 32.58 56.39 -15.57
CA ARG SB 84 33.94 56.64 -16.04
C ARG SB 84 34.77 57.04 -14.84
N GLU SB 85 35.93 56.39 -14.65
CA GLU SB 85 36.86 56.82 -13.60
C GLU SB 85 38.28 56.85 -14.16
N PHE SB 86 39.12 57.66 -13.50
CA PHE SB 86 40.55 57.69 -13.77
C PHE SB 86 41.29 57.88 -12.45
N TYR SB 87 42.58 57.57 -12.49
CA TYR SB 87 43.39 57.55 -11.28
C TYR SB 87 44.82 57.93 -11.65
N THR SB 88 45.37 58.92 -10.94
CA THR SB 88 46.76 59.26 -11.11
C THR SB 88 47.46 59.06 -9.77
N ARG SB 89 48.73 58.63 -9.85
CA ARG SB 89 49.57 58.51 -8.66
C ARG SB 89 50.97 58.99 -9.00
N ARG SB 90 51.39 60.08 -8.37
CA ARG SB 90 52.70 60.67 -8.57
C ARG SB 90 53.55 60.36 -7.35
N VAL SB 91 54.71 59.77 -7.58
CA VAL SB 91 55.72 59.63 -6.55
C VAL SB 91 56.92 60.45 -7.00
N GLU SB 92 57.42 61.30 -6.11
CA GLU SB 92 58.70 61.94 -6.33
C GLU SB 92 59.59 61.66 -5.13
N TYR SB 93 60.89 61.86 -5.34
CA TYR SB 93 61.91 61.52 -4.34
C TYR SB 93 62.82 62.73 -4.18
N TRP SB 94 62.61 63.50 -3.11
CA TRP SB 94 63.40 64.67 -2.82
C TRP SB 94 64.76 64.27 -2.27
N ARG SB 95 65.69 65.22 -2.30
CA ARG SB 95 67.06 65.04 -1.83
C ARG SB 95 67.41 66.18 -0.89
N LYS SB 96 67.68 65.88 0.37
CA LYS SB 96 68.15 66.91 1.27
C LYS SB 96 69.66 66.77 1.41
N ALA SB 97 70.35 67.89 1.26
CA ALA SB 97 71.79 68.03 1.46
C ALA SB 97 72.14 69.50 1.51
N ASP SB 98 73.26 69.83 2.15
CA ASP SB 98 73.82 71.18 2.09
C ASP SB 98 75.15 71.17 1.36
N ALA SB 99 75.34 72.13 0.45
CA ALA SB 99 76.62 72.26 -0.23
C ALA SB 99 77.72 72.74 0.69
N SER SB 100 77.37 73.22 1.87
CA SER SB 100 78.37 73.74 2.79
C SER SB 100 79.28 72.64 3.30
N ASN SB 101 78.70 71.54 3.75
CA ASN SB 101 79.45 70.45 4.37
C ASN SB 101 79.25 69.20 3.51
N VAL SB 102 80.31 68.77 2.83
CA VAL SB 102 80.21 67.56 2.01
C VAL SB 102 80.39 66.30 2.86
N ASP SB 103 80.93 66.43 4.08
CA ASP SB 103 80.87 65.32 5.02
C ASP SB 103 79.43 64.90 5.29
N ALA SB 104 78.52 65.86 5.36
CA ALA SB 104 77.16 65.58 5.79
C ALA SB 104 76.46 64.69 4.78
N PRO SB 105 75.70 63.70 5.25
CA PRO SB 105 75.09 62.74 4.33
C PRO SB 105 73.90 63.33 3.60
N GLU SB 106 73.71 62.85 2.38
CA GLU SB 106 72.55 63.22 1.59
C GLU SB 106 71.43 62.22 1.86
N TYR SB 107 70.23 62.72 2.13
CA TYR SB 107 69.10 61.84 2.39
C TYR SB 107 68.08 61.94 1.27
N THR SB 108 67.38 60.84 1.05
CA THR SB 108 66.31 60.75 0.05
C THR SB 108 64.97 60.72 0.78
N LEU SB 109 64.12 61.69 0.48
CA LEU SB 109 62.83 61.84 1.13
C LEU SB 109 61.72 61.49 0.15
N PRO SB 110 61.03 60.36 0.31
CA PRO SB 110 59.95 60.03 -0.62
C PRO SB 110 58.63 60.73 -0.30
N GLN SB 111 57.92 61.07 -1.37
CA GLN SB 111 56.64 61.76 -1.29
C GLN SB 111 55.72 61.16 -2.36
N SER SB 112 54.46 60.91 -2.00
CA SER SB 112 53.52 60.31 -2.95
C SER SB 112 52.14 60.93 -2.78
N CYS SB 113 51.44 61.07 -3.91
CA CYS SB 113 50.11 61.68 -3.92
C CYS SB 113 49.27 61.07 -5.02
N SER SB 114 48.01 60.76 -4.72
CA SER SB 114 47.15 60.06 -5.65
C SER SB 114 45.75 60.66 -5.66
N ILE SB 115 45.17 60.78 -6.86
CA ILE SB 115 43.83 61.31 -7.06
C ILE SB 115 43.03 60.30 -7.87
N ARG SB 116 41.85 59.93 -7.34
CA ARG SB 116 40.93 59.02 -8.02
C ARG SB 116 39.61 59.75 -8.24
N LEU SB 117 39.18 59.84 -9.49
CA LEU SB 117 37.94 60.51 -9.86
C LEU SB 117 37.04 59.51 -10.54
N ALA SB 118 35.81 59.36 -10.04
CA ALA SB 118 34.87 58.36 -10.53
C ALA SB 118 33.51 59.02 -10.66
N SER SB 119 33.11 59.29 -11.89
CA SER SB 119 31.88 60.02 -12.16
C SER SB 119 30.89 59.09 -12.84
N THR SB 120 29.59 59.33 -12.58
CA THR SB 120 28.60 58.81 -13.51
C THR SB 120 28.44 59.83 -14.63
N VAL SB 121 28.24 59.34 -15.85
CA VAL SB 121 28.21 60.19 -17.03
C VAL SB 121 27.02 59.81 -17.88
N THR SB 122 26.25 60.81 -18.27
CA THR SB 122 25.18 60.73 -19.25
C THR SB 122 25.48 61.76 -20.34
N LYS SB 123 24.62 61.80 -21.35
CA LYS SB 123 24.88 62.66 -22.50
C LYS SB 123 25.03 64.13 -22.11
N GLU SB 124 24.47 64.54 -20.96
CA GLU SB 124 24.52 65.93 -20.53
C GLU SB 124 25.66 66.23 -19.56
N THR SB 125 26.40 65.23 -19.13
CA THR SB 125 27.60 65.45 -18.33
C THR SB 125 28.68 66.11 -19.18
N THR SB 126 29.21 67.24 -18.73
CA THR SB 126 30.25 67.94 -19.48
C THR SB 126 31.61 67.79 -18.82
N ALA SB 127 32.63 68.08 -19.62
CA ALA SB 127 34.00 68.07 -19.13
C ALA SB 127 34.15 68.98 -17.93
N ALA SB 128 33.63 70.21 -18.04
CA ALA SB 128 33.75 71.17 -16.95
C ALA SB 128 32.94 70.76 -15.73
N ASP SB 129 31.79 70.10 -15.92
CA ASP SB 129 31.05 69.55 -14.79
C ASP SB 129 31.93 68.58 -14.01
N ILE SB 130 32.62 67.68 -14.72
CA ILE SB 130 33.44 66.72 -14.01
C ILE SB 130 34.66 67.38 -13.39
N ALA SB 131 35.22 68.40 -14.06
CA ALA SB 131 36.31 69.16 -13.46
C ALA SB 131 35.87 69.81 -12.16
N GLY SB 132 34.58 70.15 -12.04
CA GLY SB 132 34.12 70.85 -10.87
C GLY SB 132 34.26 70.03 -9.59
N ILE SB 133 34.08 68.71 -9.69
CA ILE SB 133 34.14 67.92 -8.46
C ILE SB 133 35.57 67.84 -7.94
N VAL SB 134 36.57 67.82 -8.82
CA VAL SB 134 37.95 67.87 -8.37
C VAL SB 134 38.24 69.20 -7.68
N LEU SB 135 37.76 70.30 -8.26
CA LEU SB 135 37.98 71.60 -7.66
C LEU SB 135 37.25 71.76 -6.33
N ARG SB 136 36.10 71.11 -6.18
CA ARG SB 136 35.37 71.18 -4.92
C ARG SB 136 35.98 70.26 -3.86
N THR SB 137 36.56 69.14 -4.27
CA THR SB 137 37.33 68.34 -3.32
C THR SB 137 38.55 69.12 -2.83
N LEU SB 138 39.22 69.83 -3.74
CA LEU SB 138 40.39 70.61 -3.33
C LEU SB 138 40.03 71.81 -2.49
N ALA SB 139 38.88 72.43 -2.76
CA ALA SB 139 38.54 73.73 -2.17
C ALA SB 139 38.65 73.79 -0.65
N PRO SB 140 38.18 72.82 0.13
CA PRO SB 140 38.26 72.99 1.59
C PRO SB 140 39.67 72.87 2.15
N ILE SB 141 40.57 72.15 1.46
CA ILE SB 141 41.96 72.05 1.91
C ILE SB 141 42.74 73.31 1.55
N PHE SB 142 42.45 73.92 0.40
CA PHE SB 142 43.17 75.09 -0.08
C PHE SB 142 42.18 76.25 -0.25
N PRO SB 143 41.57 76.70 0.85
CA PRO SB 143 40.44 77.64 0.72
C PRO SB 143 40.85 79.01 0.20
N ASN SB 144 42.13 79.37 0.31
CA ASN SB 144 42.67 80.55 -0.34
C ASN SB 144 43.60 80.19 -1.48
N GLY SB 145 43.47 78.98 -2.02
CA GLY SB 145 44.32 78.59 -3.12
C GLY SB 145 45.76 78.63 -2.70
N SER SB 146 46.63 79.06 -3.62
CA SER SB 146 48.05 79.14 -3.33
C SER SB 146 48.40 80.22 -2.31
N GLY SB 147 47.42 80.93 -1.75
CA GLY SB 147 47.74 82.05 -0.87
C GLY SB 147 48.31 81.64 0.47
N ASP SB 148 47.56 80.87 1.25
CA ASP SB 148 48.06 80.39 2.54
C ASP SB 148 47.87 78.89 2.61
N TRP SB 149 48.64 78.26 3.50
CA TRP SB 149 48.61 76.81 3.63
C TRP SB 149 48.08 76.39 4.98
N ILE SB 150 47.12 77.14 5.54
CA ILE SB 150 46.76 76.96 6.94
C ILE SB 150 46.06 75.63 7.15
N LYS SB 151 45.05 75.35 6.31
CA LYS SB 151 44.32 74.10 6.46
C LYS SB 151 45.19 72.91 6.06
N LEU SB 152 46.02 73.07 5.04
CA LEU SB 152 46.95 72.00 4.70
C LEU SB 152 47.83 71.67 5.89
N GLN SB 153 48.44 72.69 6.50
CA GLN SB 153 49.35 72.45 7.61
C GLN SB 153 48.63 71.75 8.76
N GLN SB 154 47.40 72.18 9.04
CA GLN SB 154 46.69 71.49 10.12
C GLN SB 154 46.31 70.06 9.73
N LEU SB 155 46.24 69.74 8.43
CA LEU SB 155 46.10 68.33 8.05
C LEU SB 155 47.39 67.55 8.29
N ILE SB 156 48.54 68.20 8.06
CA ILE SB 156 49.81 67.54 8.34
C ILE SB 156 50.00 67.35 9.84
N ASP SB 157 49.39 68.21 10.65
CA ASP SB 157 49.52 68.13 12.11
C ASP SB 157 48.65 67.04 12.72
N GLY SB 158 47.76 66.43 11.94
CA GLY SB 158 46.88 65.39 12.44
C GLY SB 158 45.59 65.92 13.04
N LEU SB 159 45.02 66.95 12.42
CA LEU SB 159 43.81 67.61 12.92
C LEU SB 159 42.75 67.50 11.83
N PRO SB 160 42.08 66.34 11.74
CA PRO SB 160 41.21 66.05 10.59
C PRO SB 160 39.98 66.93 10.49
N ARG SB 161 39.55 67.57 11.58
CA ARG SB 161 38.32 68.35 11.59
C ARG SB 161 38.55 69.67 10.88
N ILE SB 162 38.11 69.74 9.62
CA ILE SB 162 38.38 70.90 8.78
C ILE SB 162 37.22 71.89 8.80
N PHE SB 163 35.99 71.40 8.75
CA PHE SB 163 34.82 72.25 8.92
C PHE SB 163 34.39 72.34 10.38
N GLY SB 164 35.11 71.69 11.29
CA GLY SB 164 34.78 71.74 12.72
C GLY SB 164 34.38 70.41 13.35
N SER TB 1 7.12 76.36 -9.61
CA SER TB 1 5.76 76.87 -9.65
C SER TB 1 4.88 76.17 -8.63
N TYR TB 2 5.21 74.91 -8.35
CA TYR TB 2 4.48 74.10 -7.38
C TYR TB 2 4.43 74.78 -6.01
N THR TB 3 3.24 74.85 -5.43
CA THR TB 3 3.08 75.31 -4.06
C THR TB 3 2.44 74.21 -3.23
N ILE TB 4 2.76 74.23 -1.93
CA ILE TB 4 2.19 73.30 -0.96
C ILE TB 4 1.15 74.04 -0.16
N ASP TB 5 -0.07 73.52 -0.15
CA ASP TB 5 -1.15 74.05 0.64
C ASP TB 5 -1.45 73.06 1.76
N ILE TB 6 -1.35 73.52 3.01
CA ILE TB 6 -1.88 72.73 4.10
C ILE TB 6 -3.39 72.67 3.93
N ASN TB 7 -3.95 71.47 4.03
CA ASN TB 7 -5.38 71.31 3.86
C ASN TB 7 -6.08 71.38 5.21
N CYS TB 8 -5.84 72.47 5.95
CA CYS TB 8 -6.29 72.56 7.33
C CYS TB 8 -7.12 73.81 7.54
N SER TB 9 -7.71 73.89 8.73
CA SER TB 9 -8.38 75.10 9.20
C SER TB 9 -7.47 75.82 10.18
N THR TB 10 -7.17 77.08 9.90
CA THR TB 10 -6.37 77.94 10.75
C THR TB 10 -7.07 79.26 10.98
N GLY TB 11 -6.71 79.89 12.09
CA GLY TB 11 -7.34 81.12 12.52
C GLY TB 11 -6.47 82.34 12.26
N ASP TB 12 -6.97 83.47 12.75
CA ASP TB 12 -6.26 84.74 12.65
C ASP TB 12 -5.42 85.03 13.87
N THR TB 13 -5.80 84.49 15.02
CA THR TB 13 -5.17 84.85 16.27
C THR TB 13 -3.88 84.06 16.47
N GLN TB 14 -2.96 84.64 17.24
CA GLN TB 14 -1.71 83.97 17.56
C GLN TB 14 -1.39 84.17 19.03
N ALA TB 15 -0.59 83.24 19.57
CA ALA TB 15 -0.26 83.23 20.99
C ALA TB 15 1.18 82.73 21.19
N ASN TB 16 1.81 83.24 22.23
CA ASN TB 16 3.19 82.87 22.56
C ASN TB 16 3.19 81.69 23.53
N LEU TB 17 3.70 80.54 23.07
CA LEU TB 17 4.07 79.45 23.96
C LEU TB 17 5.55 79.65 24.29
N VAL TB 18 5.84 80.04 25.52
CA VAL TB 18 7.16 80.56 25.83
C VAL TB 18 8.03 79.45 26.42
N LEU TB 19 9.10 79.15 25.69
CA LEU TB 19 10.03 78.09 26.01
C LEU TB 19 11.22 78.66 26.78
N THR TB 20 11.62 77.94 27.82
CA THR TB 20 12.83 78.24 28.56
C THR TB 20 13.92 77.31 28.08
N GLU TB 21 15.11 77.86 27.83
CA GLU TB 21 16.15 77.12 27.11
C GLU TB 21 16.68 75.95 27.93
N ILE TB 22 17.11 74.91 27.22
CA ILE TB 22 17.70 73.72 27.83
C ILE TB 22 19.18 73.71 27.43
N PRO TB 23 20.10 74.01 28.35
CA PRO TB 23 21.51 74.10 27.97
C PRO TB 23 22.06 72.77 27.51
N ALA TB 24 22.83 72.80 26.42
CA ALA TB 24 23.36 71.54 25.91
C ALA TB 24 24.54 71.06 26.73
N GLU TB 25 25.35 72.00 27.23
CA GLU TB 25 26.57 71.72 27.99
C GLU TB 25 26.45 70.56 28.99
N PRO TB 26 25.36 70.43 29.77
CA PRO TB 26 25.32 69.35 30.77
C PRO TB 26 24.97 67.96 30.24
N TYR TB 27 24.48 67.81 29.02
CA TYR TB 27 23.99 66.50 28.59
C TYR TB 27 25.15 65.61 28.13
N VAL TB 28 24.99 64.30 28.32
CA VAL TB 28 26.05 63.32 28.03
C VAL TB 28 25.45 62.08 27.38
N HIS TB 29 26.08 61.60 26.30
CA HIS TB 29 25.67 60.37 25.64
C HIS TB 29 25.71 59.18 26.60
N VAL TB 30 24.65 58.37 26.56
CA VAL TB 30 24.56 57.23 27.47
C VAL TB 30 24.36 55.92 26.72
N SER TB 31 23.69 55.98 25.57
CA SER TB 31 23.42 54.75 24.84
C SER TB 31 22.92 55.09 23.44
N GLY TB 32 23.13 54.13 22.54
CA GLY TB 32 22.75 54.24 21.14
C GLY TB 32 23.97 54.41 20.25
N ASP TB 33 23.70 54.64 18.97
CA ASP TB 33 24.71 54.97 17.98
C ASP TB 33 24.51 56.39 17.49
N ASN TB 34 25.62 57.10 17.24
CA ASN TB 34 25.52 58.48 16.75
C ASN TB 34 24.89 58.58 15.37
N LYS TB 35 24.54 57.46 14.75
CA LYS TB 35 23.90 57.45 13.43
C LYS TB 35 22.38 57.49 13.52
N SER TB 36 21.77 56.56 14.25
CA SER TB 36 20.32 56.43 14.28
C SER TB 36 19.70 56.98 15.57
N THR TB 37 20.11 56.48 16.74
CA THR TB 37 19.42 56.76 17.99
C THR TB 37 20.43 57.12 19.08
N ILE TB 38 20.13 58.18 19.84
CA ILE TB 38 21.04 58.69 20.86
C ILE TB 38 20.25 59.06 22.11
N GLU TB 39 20.79 58.72 23.29
CA GLU TB 39 20.13 59.04 24.55
C GLU TB 39 21.06 59.88 25.41
N TYR TB 40 20.69 61.13 25.66
CA TYR TB 40 21.47 62.01 26.52
C TYR TB 40 20.97 61.98 27.96
N LEU TB 41 21.91 62.17 28.88
CA LEU TB 41 21.65 62.26 30.31
C LEU TB 41 22.02 63.64 30.80
N ASP TB 42 21.07 64.29 31.48
CA ASP TB 42 21.29 65.58 32.13
C ASP TB 42 22.10 65.35 33.39
N THR TB 43 23.42 65.61 33.32
CA THR TB 43 24.26 65.58 34.51
C THR TB 43 23.95 66.69 35.50
N GLY TB 44 23.00 67.58 35.19
CA GLY TB 44 22.61 68.62 36.11
C GLY TB 44 21.59 68.14 37.13
N SER TB 45 21.61 66.85 37.44
CA SER TB 45 20.65 66.23 38.33
C SER TB 45 21.35 65.71 39.57
N ASP TB 46 20.55 65.10 40.45
CA ASP TB 46 21.07 64.57 41.70
C ASP TB 46 21.98 63.37 41.43
N ASN TB 47 23.09 63.30 42.17
CA ASN TB 47 23.97 62.13 42.10
C ASN TB 47 23.29 60.90 42.69
N SER TB 48 22.56 61.09 43.80
CA SER TB 48 22.24 60.02 44.75
C SER TB 48 21.01 59.21 44.36
N LEU TB 49 20.50 59.39 43.16
CA LEU TB 49 19.36 58.64 42.67
C LEU TB 49 19.79 57.68 41.57
N LEU TB 50 19.17 56.51 41.53
CA LEU TB 50 19.40 55.61 40.41
C LEU TB 50 18.74 56.10 39.13
N VAL TB 51 17.82 57.05 39.24
CA VAL TB 51 17.16 57.65 38.08
C VAL TB 51 17.65 59.08 37.93
N ARG TB 52 17.89 59.47 36.68
CA ARG TB 52 18.31 60.83 36.37
C ARG TB 52 17.69 61.23 35.04
N PRO TB 53 17.43 62.52 34.85
CA PRO TB 53 16.70 62.96 33.66
C PRO TB 53 17.48 62.72 32.38
N THR TB 54 16.76 62.24 31.38
CA THR TB 54 17.35 61.79 30.13
C THR TB 54 16.41 62.14 28.99
N GLN TB 55 16.97 62.71 27.92
CA GLN TB 55 16.18 62.96 26.72
C GLN TB 55 16.81 62.24 25.55
N GLN TB 56 15.97 61.55 24.79
CA GLN TB 56 16.42 60.70 23.70
C GLN TB 56 15.93 61.26 22.37
N PHE TB 57 16.77 61.11 21.34
CA PHE TB 57 16.44 61.49 19.97
C PHE TB 57 16.68 60.33 19.03
N ASN TB 58 15.85 60.23 18.00
CA ASN TB 58 15.79 59.03 17.18
C ASN TB 58 15.22 59.39 15.82
N CYS TB 59 16.02 59.26 14.74
CA CYS TB 59 15.59 59.60 13.39
C CYS TB 59 15.55 58.36 12.51
N VAL TB 60 14.61 58.36 11.55
CA VAL TB 60 14.50 57.32 10.52
C VAL TB 60 13.98 57.94 9.24
N SER TB 61 14.11 57.21 8.13
CA SER TB 61 13.72 57.70 6.82
C SER TB 61 13.43 56.53 5.91
N SER TB 62 12.53 56.75 4.95
CA SER TB 62 12.06 55.68 4.08
C SER TB 62 11.76 56.20 2.69
N GLN TB 63 12.00 55.34 1.69
CA GLN TB 63 11.74 55.62 0.29
C GLN TB 63 10.30 55.34 -0.10
N TYR TB 64 9.47 54.91 0.84
CA TYR TB 64 8.09 54.48 0.55
C TYR TB 64 7.15 55.28 1.43
N PRO TB 65 6.98 56.58 1.13
CA PRO TB 65 6.28 57.46 2.08
C PRO TB 65 4.80 57.18 2.19
N TYR TB 66 4.22 56.45 1.24
CA TYR TB 66 2.79 56.17 1.21
C TYR TB 66 2.46 54.77 1.72
N ARG TB 67 3.38 54.15 2.48
CA ARG TB 67 3.22 52.74 2.82
C ARG TB 67 1.97 52.50 3.65
N ASN TB 68 1.72 53.36 4.64
CA ASN TB 68 0.58 53.18 5.52
C ASN TB 68 -0.63 53.99 5.08
N TYR TB 69 -0.48 54.91 4.14
CA TYR TB 69 -1.58 55.75 3.69
C TYR TB 69 -2.22 55.13 2.44
N SER TB 70 -2.97 54.06 2.68
CA SER TB 70 -3.51 53.25 1.59
C SER TB 70 -4.54 54.01 0.77
N LYS TB 71 -5.23 54.97 1.38
CA LYS TB 71 -6.38 55.63 0.76
C LYS TB 71 -5.98 56.80 -0.15
N ILE TB 72 -4.71 56.95 -0.46
CA ILE TB 72 -4.25 57.90 -1.48
C ILE TB 72 -3.98 57.13 -2.76
N PRO TB 73 -4.60 57.49 -3.88
CA PRO TB 73 -4.34 56.77 -5.13
C PRO TB 73 -2.96 57.09 -5.69
N ARG TB 74 -2.46 56.18 -6.53
CA ARG TB 74 -1.15 56.39 -7.14
C ARG TB 74 -1.14 57.62 -8.02
N SER TB 75 -2.28 57.96 -8.64
CA SER TB 75 -2.37 59.18 -9.42
C SER TB 75 -2.13 60.44 -8.60
N GLN TB 76 -2.15 60.33 -7.26
CA GLN TB 76 -1.93 61.48 -6.40
C GLN TB 76 -0.73 61.30 -5.47
N GLN TB 77 0.07 60.25 -5.69
CA GLN TB 77 1.27 59.99 -4.90
C GLN TB 77 2.49 60.61 -5.61
N ASP TB 78 3.15 61.57 -4.95
CA ASP TB 78 4.34 62.22 -5.51
C ASP TB 78 5.52 61.27 -5.51
N PRO TB 79 5.98 60.82 -6.68
CA PRO TB 79 7.03 59.78 -6.70
C PRO TB 79 8.38 60.30 -6.25
N LEU TB 80 8.63 61.61 -6.33
CA LEU TB 80 9.86 62.17 -5.81
C LEU TB 80 9.87 62.18 -4.28
N ALA TB 81 8.70 62.24 -3.66
CA ALA TB 81 8.59 62.48 -2.23
C ALA TB 81 9.07 61.28 -1.42
N VAL TB 82 9.56 61.58 -0.21
CA VAL TB 82 10.30 60.65 0.63
C VAL TB 82 9.91 60.90 2.08
N ARG TB 83 9.85 59.84 2.90
CA ARG TB 83 9.42 59.95 4.29
C ARG TB 83 10.59 60.22 5.24
N ARG TB 84 10.47 61.30 6.02
CA ARG TB 84 11.41 61.64 7.08
C ARG TB 84 10.69 61.58 8.42
N GLU TB 85 11.35 61.10 9.47
CA GLU TB 85 10.68 60.97 10.76
C GLU TB 85 11.69 61.12 11.88
N PHE TB 86 11.28 61.76 12.98
CA PHE TB 86 12.06 61.83 14.19
C PHE TB 86 11.17 61.63 15.41
N TYR TB 87 11.82 61.31 16.52
CA TYR TB 87 11.16 60.95 17.77
C TYR TB 87 12.03 61.44 18.92
N THR TB 88 11.43 62.21 19.82
CA THR TB 88 12.12 62.62 21.03
C THR TB 88 11.31 62.12 22.22
N ARG TB 89 12.01 61.70 23.27
CA ARG TB 89 11.38 61.27 24.51
C ARG TB 89 12.17 61.82 25.69
N ARG TB 90 11.58 62.75 26.44
CA ARG TB 90 12.20 63.30 27.62
C ARG TB 90 11.57 62.66 28.85
N VAL TB 91 12.41 62.13 29.72
CA VAL TB 91 12.00 61.61 31.01
C VAL TB 91 12.71 62.47 32.05
N GLU TB 92 11.94 63.13 32.91
CA GLU TB 92 12.54 63.82 34.05
C GLU TB 92 11.91 63.26 35.32
N TYR TB 93 12.72 63.21 36.37
CA TYR TB 93 12.31 62.66 37.66
C TYR TB 93 12.30 63.79 38.68
N TRP TB 94 11.11 64.23 39.09
CA TRP TB 94 10.99 65.32 40.04
C TRP TB 94 11.23 64.84 41.46
N ARG TB 95 11.46 65.81 42.34
CA ARG TB 95 11.89 65.59 43.71
C ARG TB 95 10.95 66.39 44.60
N LYS TB 96 10.10 65.72 45.37
CA LYS TB 96 9.20 66.44 46.26
C LYS TB 96 9.67 66.28 47.71
N ALA TB 97 9.68 67.42 48.42
CA ALA TB 97 10.04 67.49 49.83
C ALA TB 97 9.80 68.90 50.33
N ASP TB 98 9.65 69.03 51.65
CA ASP TB 98 9.58 70.33 52.30
C ASP TB 98 10.83 70.53 53.14
N ALA TB 99 11.41 71.73 53.04
CA ALA TB 99 12.59 72.04 53.84
C ALA TB 99 12.21 72.32 55.29
N SER TB 100 10.94 72.63 55.55
CA SER TB 100 10.49 72.87 56.92
C SER TB 100 10.62 71.62 57.77
N ASN TB 101 10.30 70.46 57.21
CA ASN TB 101 10.26 69.20 57.95
C ASN TB 101 11.21 68.22 57.27
N VAL TB 102 12.40 68.05 57.85
CA VAL TB 102 13.36 67.08 57.28
C VAL TB 102 13.04 65.66 57.72
N ASP TB 103 12.18 65.49 58.72
CA ASP TB 103 11.67 64.16 59.04
C ASP TB 103 10.75 63.64 57.93
N ALA TB 104 10.03 64.54 57.26
CA ALA TB 104 9.07 64.12 56.25
C ALA TB 104 9.80 63.54 55.04
N PRO TB 105 9.33 62.41 54.50
CA PRO TB 105 10.12 61.70 53.49
C PRO TB 105 10.09 62.42 52.15
N GLU TB 106 11.17 62.21 51.39
CA GLU TB 106 11.31 62.78 50.07
C GLU TB 106 10.88 61.75 49.03
N TYR TB 107 10.20 62.21 47.99
CA TYR TB 107 9.67 61.30 46.97
C TYR TB 107 10.17 61.68 45.59
N THR TB 108 10.27 60.67 44.73
CA THR TB 108 10.62 60.82 43.32
C THR TB 108 9.37 60.69 42.48
N LEU TB 109 9.10 61.69 41.65
CA LEU TB 109 7.89 61.74 40.84
C LEU TB 109 8.26 61.68 39.36
N PRO TB 110 8.13 60.53 38.71
CA PRO TB 110 8.50 60.44 37.29
C PRO TB 110 7.48 61.07 36.35
N GLN TB 111 8.03 61.74 35.33
CA GLN TB 111 7.28 62.45 34.32
C GLN TB 111 7.96 62.16 32.99
N SER TB 112 7.17 61.96 31.93
CA SER TB 112 7.73 61.60 30.63
C SER TB 112 6.84 62.14 29.51
N CYS TB 113 7.49 62.57 28.43
CA CYS TB 113 6.78 63.21 27.32
C CYS TB 113 7.51 62.90 26.02
N SER TB 114 6.76 62.54 24.99
CA SER TB 114 7.37 62.13 23.72
C SER TB 114 6.65 62.77 22.54
N ILE TB 115 7.44 63.17 21.55
CA ILE TB 115 6.95 63.75 20.31
C ILE TB 115 7.46 62.93 19.14
N ARG TB 116 6.56 62.54 18.26
CA ARG TB 116 6.90 61.80 17.04
C ARG TB 116 6.40 62.59 15.84
N LEU TB 117 7.32 63.01 14.98
CA LEU TB 117 6.97 63.73 13.76
C LEU TB 117 7.38 62.92 12.55
N ALA TB 118 6.43 62.63 11.68
CA ALA TB 118 6.69 61.91 10.44
C ALA TB 118 6.10 62.74 9.30
N SER TB 119 6.95 63.29 8.45
CA SER TB 119 6.53 64.10 7.32
C SER TB 119 6.85 63.37 6.02
N THR TB 120 6.04 63.59 4.99
CA THR TB 120 6.52 63.29 3.64
C THR TB 120 7.10 64.58 3.06
N VAL TB 121 8.39 64.55 2.78
CA VAL TB 121 9.11 65.70 2.24
C VAL TB 121 9.18 65.56 0.73
N THR TB 122 9.02 66.67 0.04
CA THR TB 122 9.29 66.77 -1.39
C THR TB 122 10.18 67.99 -1.60
N LYS TB 123 10.52 68.26 -2.86
CA LYS TB 123 11.46 69.34 -3.18
C LYS TB 123 11.02 70.67 -2.57
N GLU TB 124 9.72 70.91 -2.54
CA GLU TB 124 9.17 72.19 -2.10
C GLU TB 124 8.84 72.21 -0.61
N THR TB 125 8.88 71.07 0.07
CA THR TB 125 8.66 71.04 1.51
C THR TB 125 9.78 71.79 2.22
N THR TB 126 9.43 72.74 3.07
CA THR TB 126 10.41 73.59 3.74
C THR TB 126 10.48 73.30 5.24
N ALA TB 127 11.55 73.82 5.83
CA ALA TB 127 11.71 73.78 7.28
C ALA TB 127 10.46 74.30 7.97
N ALA TB 128 10.04 75.50 7.60
CA ALA TB 128 8.89 76.13 8.24
C ALA TB 128 7.62 75.32 8.03
N ASP TB 129 7.44 74.75 6.83
CA ASP TB 129 6.28 73.89 6.60
C ASP TB 129 6.25 72.72 7.56
N ILE TB 130 7.41 72.11 7.81
CA ILE TB 130 7.39 70.97 8.72
C ILE TB 130 7.21 71.41 10.17
N ALA TB 131 7.75 72.57 10.53
CA ALA TB 131 7.46 73.12 11.86
C ALA TB 131 5.98 73.38 12.06
N GLY TB 132 5.29 73.77 10.98
CA GLY TB 132 3.89 74.11 11.08
C GLY TB 132 3.03 72.99 11.64
N ILE TB 133 3.36 71.75 11.31
CA ILE TB 133 2.51 70.66 11.76
C ILE TB 133 2.66 70.44 13.27
N VAL TB 134 3.88 70.60 13.79
CA VAL TB 134 4.06 70.55 15.23
C VAL TB 134 3.29 71.68 15.90
N LEU TB 135 3.36 72.89 15.33
CA LEU TB 135 2.67 74.01 15.94
C LEU TB 135 1.15 73.82 15.93
N ARG TB 136 0.61 73.30 14.83
CA ARG TB 136 -0.83 73.05 14.76
C ARG TB 136 -1.26 71.86 15.58
N THR TB 137 -0.34 70.93 15.87
CA THR TB 137 -0.65 69.87 16.83
C THR TB 137 -0.73 70.41 18.24
N LEU TB 138 0.11 71.39 18.56
CA LEU TB 138 0.12 71.97 19.91
C LEU TB 138 -1.06 72.90 20.13
N ALA TB 139 -1.42 73.71 19.14
CA ALA TB 139 -2.40 74.78 19.33
C ALA TB 139 -3.73 74.34 19.95
N PRO TB 140 -4.27 73.14 19.67
CA PRO TB 140 -5.50 72.74 20.37
C PRO TB 140 -5.30 72.59 21.88
N ILE TB 141 -4.13 72.13 22.32
CA ILE TB 141 -3.84 71.97 23.73
C ILE TB 141 -3.48 73.31 24.39
N PHE TB 142 -2.85 74.23 23.64
CA PHE TB 142 -2.41 75.50 24.19
C PHE TB 142 -3.05 76.64 23.40
N PRO TB 143 -4.36 76.82 23.53
CA PRO TB 143 -5.04 77.82 22.69
C PRO TB 143 -4.58 79.24 22.97
N ASN TB 144 -4.04 79.51 24.16
CA ASN TB 144 -3.48 80.82 24.50
C ASN TB 144 -2.00 80.73 24.81
N GLY TB 145 -1.35 79.63 24.43
CA GLY TB 145 0.08 79.51 24.64
C GLY TB 145 0.34 79.42 26.11
N SER TB 146 1.34 80.15 26.59
CA SER TB 146 1.64 80.14 28.02
C SER TB 146 0.60 80.90 28.84
N GLY TB 147 -0.34 81.60 28.20
CA GLY TB 147 -1.24 82.50 28.94
C GLY TB 147 -2.09 81.81 30.00
N ASP TB 148 -2.60 80.61 29.68
CA ASP TB 148 -3.36 79.80 30.62
C ASP TB 148 -3.07 78.34 30.32
N TRP TB 149 -3.52 77.45 31.20
CA TRP TB 149 -3.29 76.03 31.01
C TRP TB 149 -4.59 75.23 30.98
N ILE TB 150 -5.69 75.86 30.55
CA ILE TB 150 -7.02 75.30 30.85
C ILE TB 150 -7.24 74.01 30.09
N LYS TB 151 -6.92 74.00 28.79
CA LYS TB 151 -7.16 72.79 28.01
C LYS TB 151 -6.21 71.68 28.41
N LEU TB 152 -4.97 72.04 28.76
CA LEU TB 152 -4.06 71.02 29.26
C LEU TB 152 -4.58 70.40 30.55
N GLN TB 153 -5.11 71.24 31.45
CA GLN TB 153 -5.70 70.76 32.68
C GLN TB 153 -6.85 69.80 32.40
N GLN TB 154 -7.67 70.11 31.40
CA GLN TB 154 -8.74 69.18 31.01
C GLN TB 154 -8.16 67.84 30.57
N LEU TB 155 -7.10 67.88 29.76
CA LEU TB 155 -6.48 66.64 29.32
C LEU TB 155 -6.00 65.80 30.50
N ILE TB 156 -5.37 66.45 31.47
CA ILE TB 156 -4.91 65.72 32.65
C ILE TB 156 -6.09 65.18 33.44
N ASP TB 157 -7.12 66.01 33.64
CA ASP TB 157 -8.34 65.60 34.34
C ASP TB 157 -9.03 64.44 33.65
N GLY TB 158 -8.73 64.20 32.38
CA GLY TB 158 -9.24 63.05 31.66
C GLY TB 158 -10.38 63.36 30.70
N LEU TB 159 -10.48 64.60 30.21
CA LEU TB 159 -11.62 65.08 29.43
C LEU TB 159 -11.20 65.28 27.99
N PRO TB 160 -11.26 64.23 27.16
CA PRO TB 160 -10.61 64.28 25.83
C PRO TB 160 -11.32 65.15 24.82
N ARG TB 161 -12.57 65.54 25.07
CA ARG TB 161 -13.33 66.38 24.13
C ARG TB 161 -12.80 67.80 24.20
N ILE TB 162 -11.79 68.07 23.38
CA ILE TB 162 -11.13 69.39 23.37
C ILE TB 162 -11.81 70.34 22.39
N PHE TB 163 -12.33 69.84 21.28
CA PHE TB 163 -13.06 70.66 20.34
C PHE TB 163 -14.55 70.64 20.62
N GLY TB 164 -14.95 70.18 21.81
CA GLY TB 164 -16.34 70.06 22.16
C GLY TB 164 -16.89 68.68 21.86
N SER UB 1 4.38 17.10 -123.00
CA SER UB 1 3.86 15.75 -122.79
C SER UB 1 4.91 14.89 -122.11
N TYR UB 2 4.51 14.21 -121.04
CA TYR UB 2 5.45 13.54 -120.14
C TYR UB 2 6.29 12.49 -120.87
N THR UB 3 7.59 12.46 -120.55
CA THR UB 3 8.50 11.41 -121.00
C THR UB 3 9.14 10.75 -119.78
N ILE UB 4 9.54 9.50 -119.97
CA ILE UB 4 10.13 8.68 -118.91
C ILE UB 4 11.62 8.55 -119.17
N ASP UB 5 12.42 9.04 -118.22
CA ASP UB 5 13.88 8.91 -118.24
C ASP UB 5 14.27 7.74 -117.34
N ILE UB 6 14.93 6.73 -117.91
CA ILE UB 6 15.52 5.71 -117.04
C ILE UB 6 16.77 6.33 -116.45
N ASN UB 7 16.66 6.76 -115.20
CA ASN UB 7 17.79 7.36 -114.51
C ASN UB 7 18.81 6.25 -114.30
N CYS UB 8 19.83 6.20 -115.15
CA CYS UB 8 20.63 4.99 -115.25
C CYS UB 8 21.77 5.21 -116.24
N SER UB 9 22.77 4.34 -116.19
CA SER UB 9 23.89 4.37 -117.12
C SER UB 9 23.77 3.25 -118.14
N THR UB 10 23.63 3.62 -119.42
CA THR UB 10 23.61 2.68 -120.54
C THR UB 10 24.81 2.91 -121.44
N GLY UB 11 25.07 1.93 -122.29
CA GLY UB 11 26.23 1.94 -123.18
C GLY UB 11 25.83 1.91 -124.63
N ASP UB 12 26.80 2.05 -125.54
CA ASP UB 12 26.46 2.04 -126.96
C ASP UB 12 26.37 0.61 -127.52
N THR UB 13 27.20 -0.29 -127.02
CA THR UB 13 27.30 -1.64 -127.55
C THR UB 13 26.07 -2.49 -127.23
N GLN UB 14 25.81 -3.50 -128.06
CA GLN UB 14 24.72 -4.42 -127.78
C GLN UB 14 25.18 -5.85 -128.06
N ALA UB 15 24.73 -6.79 -127.23
CA ALA UB 15 25.01 -8.20 -127.41
C ALA UB 15 23.71 -8.99 -127.58
N ASN UB 16 23.83 -10.16 -128.19
CA ASN UB 16 22.72 -11.09 -128.35
C ASN UB 16 22.81 -12.16 -127.26
N LEU UB 17 21.80 -12.24 -126.40
CA LEU UB 17 21.59 -13.38 -125.53
C LEU UB 17 20.66 -14.31 -126.28
N VAL UB 18 21.18 -15.46 -126.72
CA VAL UB 18 20.44 -16.32 -127.63
C VAL UB 18 19.60 -17.30 -126.82
N LEU UB 19 18.29 -17.09 -126.85
CA LEU UB 19 17.34 -17.96 -126.17
C LEU UB 19 16.88 -19.05 -127.11
N THR UB 20 16.79 -20.27 -126.60
CA THR UB 20 16.19 -21.36 -127.34
C THR UB 20 14.77 -21.56 -126.83
N GLU UB 21 13.82 -21.68 -127.76
CA GLU UB 21 12.42 -21.69 -127.38
C GLU UB 21 12.12 -22.91 -126.51
N ILE UB 22 11.03 -22.79 -125.75
CA ILE UB 22 10.52 -23.89 -124.95
C ILE UB 22 9.10 -24.15 -125.41
N PRO UB 23 8.82 -25.30 -126.04
CA PRO UB 23 7.50 -25.50 -126.64
C PRO UB 23 6.41 -25.61 -125.60
N ALA UB 24 5.28 -24.96 -125.87
CA ALA UB 24 4.23 -24.91 -124.87
C ALA UB 24 3.43 -26.22 -124.81
N GLU UB 25 3.43 -26.99 -125.89
CA GLU UB 25 2.63 -28.21 -125.91
C GLU UB 25 2.94 -29.15 -124.75
N PRO UB 26 4.21 -29.49 -124.45
CA PRO UB 26 4.44 -30.48 -123.39
C PRO UB 26 4.08 -30.01 -121.98
N TYR UB 27 3.79 -28.73 -121.74
CA TYR UB 27 3.52 -28.29 -120.37
C TYR UB 27 2.07 -28.54 -120.00
N VAL UB 28 1.86 -29.02 -118.77
CA VAL UB 28 0.53 -29.36 -118.26
C VAL UB 28 0.25 -28.56 -117.00
N HIS UB 29 -0.87 -27.83 -117.00
CA HIS UB 29 -1.33 -27.14 -115.80
C HIS UB 29 -1.54 -28.12 -114.66
N VAL UB 30 -0.96 -27.82 -113.51
CA VAL UB 30 -0.97 -28.72 -112.36
C VAL UB 30 -1.71 -28.12 -111.18
N SER UB 31 -1.38 -26.88 -110.81
CA SER UB 31 -1.95 -26.26 -109.63
C SER UB 31 -2.08 -24.76 -109.83
N GLY UB 32 -3.10 -24.18 -109.21
CA GLY UB 32 -3.13 -22.75 -108.96
C GLY UB 32 -4.19 -21.98 -109.73
N ASP UB 33 -4.73 -20.94 -109.08
CA ASP UB 33 -5.64 -19.98 -109.70
C ASP UB 33 -4.84 -18.93 -110.47
N ASN UB 34 -5.56 -17.94 -111.03
CA ASN UB 34 -4.92 -16.66 -111.27
C ASN UB 34 -4.65 -15.94 -109.95
N LYS UB 35 -5.51 -16.17 -108.94
CA LYS UB 35 -5.30 -15.60 -107.62
C LYS UB 35 -4.15 -16.28 -106.88
N SER UB 36 -3.87 -17.54 -107.19
CA SER UB 36 -2.76 -18.28 -106.64
C SER UB 36 -1.60 -18.25 -107.65
N THR UB 37 -0.59 -19.08 -107.43
CA THR UB 37 0.51 -19.24 -108.38
C THR UB 37 0.24 -20.40 -109.35
N ILE UB 38 0.29 -20.12 -110.65
CA ILE UB 38 0.11 -21.16 -111.68
C ILE UB 38 1.36 -22.02 -111.76
N GLU UB 39 1.17 -23.33 -111.90
CA GLU UB 39 2.29 -24.28 -111.94
C GLU UB 39 2.12 -25.21 -113.12
N TYR UB 40 3.19 -25.37 -113.91
CA TYR UB 40 3.18 -26.28 -115.04
C TYR UB 40 4.25 -27.35 -114.86
N LEU UB 41 3.91 -28.55 -115.34
CA LEU UB 41 4.81 -29.70 -115.41
C LEU UB 41 5.26 -29.91 -116.85
N ASP UB 42 6.59 -30.00 -117.04
CA ASP UB 42 7.16 -30.34 -118.35
C ASP UB 42 7.09 -31.86 -118.49
N THR UB 43 6.11 -32.36 -119.27
CA THR UB 43 5.89 -33.79 -119.41
C THR UB 43 6.86 -34.42 -120.40
N GLY UB 44 7.71 -33.62 -121.04
CA GLY UB 44 8.75 -34.17 -121.88
C GLY UB 44 9.99 -34.43 -121.06
N SER UB 45 9.85 -35.22 -119.99
CA SER UB 45 10.95 -35.56 -119.10
C SER UB 45 10.96 -37.06 -118.86
N ASP UB 46 12.01 -37.53 -118.19
CA ASP UB 46 12.08 -38.94 -117.86
C ASP UB 46 10.98 -39.27 -116.87
N ASN UB 47 10.02 -40.06 -117.34
CA ASN UB 47 8.92 -40.53 -116.53
C ASN UB 47 9.41 -41.34 -115.34
N SER UB 48 10.55 -42.03 -115.49
CA SER UB 48 11.05 -42.96 -114.48
C SER UB 48 11.69 -42.25 -113.29
N LEU UB 49 11.60 -40.93 -113.22
CA LEU UB 49 11.96 -40.16 -112.04
C LEU UB 49 10.68 -39.69 -111.36
N LEU UB 50 10.70 -39.66 -110.04
CA LEU UB 50 9.58 -39.09 -109.30
C LEU UB 50 9.66 -37.58 -109.20
N VAL UB 51 10.75 -36.97 -109.65
CA VAL UB 51 10.86 -35.52 -109.77
C VAL UB 51 10.90 -35.19 -111.25
N ARG UB 52 10.17 -34.14 -111.61
CA ARG UB 52 10.06 -33.75 -113.01
C ARG UB 52 10.10 -32.24 -113.09
N PRO UB 53 10.51 -31.70 -114.25
CA PRO UB 53 10.72 -30.25 -114.36
C PRO UB 53 9.40 -29.49 -114.31
N THR UB 54 9.39 -28.40 -113.55
CA THR UB 54 8.21 -27.57 -113.41
C THR UB 54 8.61 -26.11 -113.54
N GLN UB 55 7.77 -25.32 -114.20
CA GLN UB 55 7.91 -23.87 -114.10
C GLN UB 55 6.61 -23.24 -113.63
N GLN UB 56 6.72 -22.26 -112.75
CA GLN UB 56 5.54 -21.61 -112.19
C GLN UB 56 5.59 -20.11 -112.41
N PHE UB 57 4.38 -19.53 -112.52
CA PHE UB 57 4.16 -18.13 -112.81
C PHE UB 57 3.13 -17.56 -111.85
N ASN UB 58 3.50 -16.51 -111.15
CA ASN UB 58 2.65 -15.78 -110.22
C ASN UB 58 2.71 -14.30 -110.60
N CYS UB 59 1.58 -13.60 -110.51
CA CYS UB 59 1.67 -12.16 -110.67
C CYS UB 59 0.60 -11.48 -109.82
N VAL UB 60 0.98 -10.32 -109.26
CA VAL UB 60 0.15 -9.56 -108.33
C VAL UB 60 0.34 -8.07 -108.59
N SER UB 61 -0.67 -7.29 -108.19
CA SER UB 61 -0.73 -5.88 -108.52
C SER UB 61 -1.29 -5.12 -107.33
N SER UB 62 -0.81 -3.89 -107.15
CA SER UB 62 -1.26 -3.05 -106.04
C SER UB 62 -1.39 -1.59 -106.44
N GLN UB 63 -2.33 -0.91 -105.81
CA GLN UB 63 -2.57 0.50 -106.03
C GLN UB 63 -1.63 1.38 -105.25
N TYR UB 64 -0.72 0.80 -104.45
CA TYR UB 64 0.15 1.53 -103.55
C TYR UB 64 1.60 1.25 -103.90
N PRO UB 65 2.09 1.81 -105.01
CA PRO UB 65 3.35 1.35 -105.58
C PRO UB 65 4.57 1.80 -104.80
N TYR UB 66 4.43 2.77 -103.91
CA TYR UB 66 5.54 3.31 -103.14
C TYR UB 66 5.66 2.69 -101.76
N ARG UB 67 4.97 1.56 -101.51
CA ARG UB 67 4.91 1.02 -100.15
C ARG UB 67 6.28 0.56 -99.68
N ASN UB 68 7.08 -0.04 -100.56
CA ASN UB 68 8.37 -0.56 -100.16
C ASN UB 68 9.48 0.49 -100.19
N TYR UB 69 9.29 1.57 -100.94
CA TYR UB 69 10.33 2.57 -101.14
C TYR UB 69 10.08 3.73 -100.19
N SER UB 70 11.04 3.96 -99.29
CA SER UB 70 10.80 4.88 -98.19
C SER UB 70 11.26 6.30 -98.48
N LYS UB 71 12.32 6.49 -99.26
CA LYS UB 71 12.94 7.80 -99.38
C LYS UB 71 12.47 8.57 -100.61
N ILE UB 72 11.27 8.30 -101.09
CA ILE UB 72 10.67 9.05 -102.19
C ILE UB 72 9.62 9.98 -101.60
N PRO UB 73 9.77 11.31 -101.72
CA PRO UB 73 8.78 12.24 -101.18
C PRO UB 73 7.44 12.14 -101.88
N ARG UB 74 6.37 12.49 -101.14
CA ARG UB 74 5.04 12.47 -101.72
C ARG UB 74 4.95 13.42 -102.92
N SER UB 75 5.63 14.56 -102.84
CA SER UB 75 5.63 15.51 -103.96
C SER UB 75 6.23 14.91 -105.23
N GLN UB 76 6.85 13.75 -105.15
CA GLN UB 76 7.42 13.07 -106.31
C GLN UB 76 6.73 11.74 -106.61
N GLN UB 77 5.63 11.42 -105.90
CA GLN UB 77 4.92 10.18 -106.10
C GLN UB 77 3.76 10.39 -107.08
N ASP UB 78 3.80 9.68 -108.21
CA ASP UB 78 2.75 9.79 -109.24
C ASP UB 78 1.45 9.18 -108.74
N PRO UB 79 0.39 9.97 -108.56
CA PRO UB 79 -0.85 9.42 -107.98
C PRO UB 79 -1.55 8.43 -108.89
N LEU UB 80 -1.23 8.45 -110.18
CA LEU UB 80 -1.78 7.50 -111.14
C LEU UB 80 -0.94 6.25 -111.27
N ALA UB 81 0.21 6.20 -110.61
CA ALA UB 81 1.10 5.06 -110.77
C ALA UB 81 0.54 3.85 -110.03
N VAL UB 82 0.82 2.67 -110.60
CA VAL UB 82 0.37 1.39 -110.05
C VAL UB 82 1.57 0.45 -110.02
N ARG UB 83 1.51 -0.55 -109.15
CA ARG UB 83 2.57 -1.53 -109.01
C ARG UB 83 2.14 -2.82 -109.71
N ARG UB 84 2.92 -3.26 -110.69
CA ARG UB 84 2.69 -4.52 -111.38
C ARG UB 84 3.87 -5.42 -111.11
N GLU UB 85 3.62 -6.64 -110.65
CA GLU UB 85 4.68 -7.55 -110.24
C GLU UB 85 4.42 -8.93 -110.83
N PHE UB 86 5.47 -9.61 -111.27
CA PHE UB 86 5.37 -11.01 -111.69
C PHE UB 86 6.61 -11.76 -111.25
N TYR UB 87 6.47 -13.08 -111.18
CA TYR UB 87 7.47 -13.95 -110.57
C TYR UB 87 7.41 -15.30 -111.23
N THR UB 88 8.53 -15.76 -111.77
CA THR UB 88 8.59 -17.09 -112.35
C THR UB 88 9.68 -17.87 -111.63
N ARG UB 89 9.45 -19.17 -111.46
CA ARG UB 89 10.44 -20.08 -110.88
C ARG UB 89 10.46 -21.37 -111.68
N ARG UB 90 11.59 -21.65 -112.31
CA ARG UB 90 11.77 -22.88 -113.08
C ARG UB 90 12.70 -23.78 -112.30
N VAL UB 91 12.26 -25.00 -112.05
CA VAL UB 91 13.09 -26.05 -111.49
C VAL UB 91 13.22 -27.11 -112.57
N GLU UB 92 14.46 -27.42 -112.94
CA GLU UB 92 14.72 -28.60 -113.76
C GLU UB 92 15.58 -29.59 -112.96
N TYR UB 93 15.55 -30.83 -113.42
CA TYR UB 93 16.23 -31.93 -112.73
C TYR UB 93 17.11 -32.64 -113.76
N TRP UB 94 18.40 -32.33 -113.76
CA TRP UB 94 19.32 -32.93 -114.71
C TRP UB 94 19.62 -34.37 -114.30
N ARG UB 95 20.20 -35.12 -115.24
CA ARG UB 95 20.53 -36.52 -115.03
C ARG UB 95 21.94 -36.73 -115.53
N LYS UB 96 22.84 -37.22 -114.67
CA LYS UB 96 24.20 -37.57 -115.08
C LYS UB 96 24.34 -39.08 -115.14
N ALA UB 97 24.87 -39.57 -116.27
CA ALA UB 97 25.19 -40.99 -116.45
C ALA UB 97 26.15 -41.13 -117.62
N ASP UB 98 26.68 -42.34 -117.84
CA ASP UB 98 27.45 -42.57 -119.06
C ASP UB 98 27.05 -43.89 -119.70
N ALA UB 99 26.84 -43.85 -121.02
CA ALA UB 99 26.55 -45.07 -121.78
C ALA UB 99 27.74 -46.00 -121.83
N SER UB 100 28.94 -45.51 -121.47
CA SER UB 100 30.14 -46.35 -121.50
C SER UB 100 30.10 -47.44 -120.45
N ASN UB 101 29.40 -47.21 -119.34
CA ASN UB 101 29.46 -48.09 -118.18
C ASN UB 101 28.04 -48.34 -117.65
N VAL UB 102 27.47 -49.49 -118.02
CA VAL UB 102 26.16 -49.86 -117.48
C VAL UB 102 26.24 -50.11 -115.98
N ASP UB 103 27.43 -50.37 -115.45
CA ASP UB 103 27.63 -50.69 -114.05
C ASP UB 103 27.71 -49.45 -113.15
N ALA UB 104 27.89 -48.27 -113.72
CA ALA UB 104 28.10 -47.08 -112.90
C ALA UB 104 26.79 -46.35 -112.63
N PRO UB 105 26.61 -45.82 -111.42
CA PRO UB 105 25.28 -45.32 -111.02
C PRO UB 105 24.93 -44.03 -111.73
N GLU UB 106 23.63 -43.78 -111.83
CA GLU UB 106 23.11 -42.53 -112.36
C GLU UB 106 22.71 -41.62 -111.20
N TYR UB 107 22.86 -40.31 -111.43
CA TYR UB 107 22.48 -39.34 -110.40
C TYR UB 107 21.57 -38.29 -111.01
N THR UB 108 20.65 -37.77 -110.19
CA THR UB 108 19.80 -36.67 -110.61
C THR UB 108 20.22 -35.40 -109.85
N LEU UB 109 20.42 -34.32 -110.61
CA LEU UB 109 21.02 -33.07 -110.12
C LEU UB 109 20.02 -31.93 -110.20
N PRO UB 110 19.55 -31.40 -109.07
CA PRO UB 110 18.55 -30.33 -109.12
C PRO UB 110 19.11 -28.94 -109.40
N GLN UB 111 18.35 -28.18 -110.19
CA GLN UB 111 18.69 -26.83 -110.60
C GLN UB 111 17.43 -25.99 -110.50
N SER UB 112 17.56 -24.76 -110.00
CA SER UB 112 16.42 -23.85 -109.90
C SER UB 112 16.84 -22.42 -110.22
N CYS UB 113 15.93 -21.68 -110.85
CA CYS UB 113 16.19 -20.29 -111.20
C CYS UB 113 14.88 -19.52 -111.13
N SER UB 114 14.92 -18.34 -110.51
CA SER UB 114 13.71 -17.58 -110.27
C SER UB 114 13.94 -16.10 -110.56
N ILE UB 115 13.00 -15.50 -111.30
CA ILE UB 115 13.05 -14.09 -111.67
C ILE UB 115 11.80 -13.41 -111.16
N ARG UB 116 11.98 -12.33 -110.38
CA ARG UB 116 10.90 -11.48 -109.91
C ARG UB 116 11.10 -10.06 -110.44
N LEU UB 117 9.99 -9.45 -110.85
CA LEU UB 117 10.00 -8.11 -111.44
C LEU UB 117 8.79 -7.34 -110.92
N ALA UB 118 9.06 -6.17 -110.34
CA ALA UB 118 8.01 -5.27 -109.87
C ALA UB 118 8.30 -3.89 -110.44
N SER UB 119 7.47 -3.47 -111.39
CA SER UB 119 7.59 -2.17 -112.02
C SER UB 119 6.51 -1.23 -111.50
N THR UB 120 6.87 0.05 -111.37
CA THR UB 120 5.85 1.08 -111.24
C THR UB 120 5.42 1.47 -112.64
N VAL UB 121 4.13 1.29 -112.94
CA VAL UB 121 3.58 1.53 -114.27
C VAL UB 121 2.63 2.71 -114.23
N THR UB 122 2.83 3.64 -115.14
CA THR UB 122 1.97 4.80 -115.35
C THR UB 122 1.59 4.84 -116.83
N LYS UB 123 0.80 5.86 -117.20
CA LYS UB 123 0.27 5.96 -118.55
C LYS UB 123 1.35 5.79 -119.61
N GLU UB 124 2.50 6.42 -119.39
CA GLU UB 124 3.56 6.49 -120.37
C GLU UB 124 4.50 5.28 -120.34
N THR UB 125 4.37 4.42 -119.34
CA THR UB 125 5.20 3.22 -119.24
C THR UB 125 4.76 2.19 -120.27
N THR UB 126 5.66 1.82 -121.19
CA THR UB 126 5.37 0.85 -122.22
C THR UB 126 5.94 -0.53 -121.87
N ALA UB 127 5.38 -1.54 -122.54
CA ALA UB 127 5.85 -2.91 -122.33
C ALA UB 127 7.34 -3.02 -122.62
N ALA UB 128 7.82 -2.33 -123.65
CA ALA UB 128 9.25 -2.28 -123.92
C ALA UB 128 10.01 -1.65 -122.75
N ASP UB 129 9.49 -0.54 -122.21
CA ASP UB 129 10.14 0.09 -121.06
C ASP UB 129 10.32 -0.90 -119.92
N ILE UB 130 9.30 -1.73 -119.69
CA ILE UB 130 9.37 -2.68 -118.58
C ILE UB 130 10.30 -3.84 -118.91
N ALA UB 131 10.34 -4.27 -120.18
CA ALA UB 131 11.33 -5.28 -120.56
C ALA UB 131 12.74 -4.76 -120.35
N GLY UB 132 12.94 -3.46 -120.52
CA GLY UB 132 14.24 -2.87 -120.31
C GLY UB 132 14.83 -3.19 -118.95
N ILE UB 133 14.01 -3.23 -117.91
CA ILE UB 133 14.58 -3.44 -116.58
C ILE UB 133 15.13 -4.86 -116.44
N VAL UB 134 14.44 -5.85 -117.01
CA VAL UB 134 14.97 -7.20 -117.01
C VAL UB 134 16.23 -7.28 -117.86
N LEU UB 135 16.24 -6.61 -119.01
CA LEU UB 135 17.43 -6.65 -119.86
C LEU UB 135 18.64 -6.03 -119.19
N ARG UB 136 18.43 -4.93 -118.46
CA ARG UB 136 19.53 -4.28 -117.75
C ARG UB 136 19.95 -5.06 -116.51
N THR UB 137 19.02 -5.79 -115.89
CA THR UB 137 19.44 -6.67 -114.80
C THR UB 137 20.32 -7.79 -115.33
N LEU UB 138 19.98 -8.34 -116.50
CA LEU UB 138 20.75 -9.44 -117.07
C LEU UB 138 22.11 -8.98 -117.58
N ALA UB 139 22.17 -7.79 -118.17
CA ALA UB 139 23.35 -7.39 -118.95
C ALA UB 139 24.67 -7.47 -118.19
N PRO UB 140 24.79 -7.06 -116.92
CA PRO UB 140 26.09 -7.16 -116.24
C PRO UB 140 26.63 -8.58 -116.13
N ILE UB 141 25.75 -9.56 -115.96
CA ILE UB 141 26.14 -10.96 -115.85
C ILE UB 141 26.50 -11.55 -117.22
N PHE UB 142 25.85 -11.10 -118.28
CA PHE UB 142 26.07 -11.60 -119.63
C PHE UB 142 26.50 -10.43 -120.50
N PRO UB 143 27.68 -9.85 -120.27
CA PRO UB 143 28.04 -8.62 -120.97
C PRO UB 143 28.32 -8.84 -122.44
N ASN UB 144 28.51 -10.09 -122.87
CA ASN UB 144 28.63 -10.42 -124.29
C ASN UB 144 27.54 -11.39 -124.73
N GLY UB 145 26.45 -11.47 -123.98
CA GLY UB 145 25.34 -12.28 -124.40
C GLY UB 145 25.73 -13.74 -124.34
N SER UB 146 25.18 -14.53 -125.27
CA SER UB 146 25.54 -15.93 -125.31
C SER UB 146 27.00 -16.15 -125.70
N GLY UB 147 27.74 -15.09 -126.01
CA GLY UB 147 29.10 -15.27 -126.52
C GLY UB 147 30.04 -15.95 -125.53
N ASP UB 148 30.21 -15.38 -124.34
CA ASP UB 148 31.08 -15.94 -123.33
C ASP UB 148 30.34 -16.03 -122.01
N TRP UB 149 30.91 -16.79 -121.08
CA TRP UB 149 30.27 -17.01 -119.80
C TRP UB 149 31.15 -16.56 -118.64
N ILE UB 150 31.99 -15.55 -118.86
CA ILE UB 150 33.07 -15.29 -117.92
C ILE UB 150 32.52 -14.76 -116.60
N LYS UB 151 31.62 -13.77 -116.67
CA LYS UB 151 31.08 -13.21 -115.44
C LYS UB 151 30.15 -14.20 -114.74
N LEU UB 152 29.40 -14.98 -115.52
CA LEU UB 152 28.58 -16.02 -114.90
C LEU UB 152 29.46 -17.01 -114.16
N GLN UB 153 30.56 -17.42 -114.79
CA GLN UB 153 31.51 -18.32 -114.15
C GLN UB 153 31.99 -17.74 -112.83
N GLN UB 154 32.29 -16.44 -112.81
CA GLN UB 154 32.68 -15.80 -111.54
C GLN UB 154 31.59 -15.94 -110.49
N LEU UB 155 30.35 -15.59 -110.86
CA LEU UB 155 29.25 -15.68 -109.91
C LEU UB 155 29.15 -17.08 -109.32
N ILE UB 156 29.36 -18.11 -110.15
CA ILE UB 156 29.28 -19.47 -109.64
C ILE UB 156 30.50 -19.80 -108.78
N ASP UB 157 31.68 -19.32 -109.20
CA ASP UB 157 32.91 -19.49 -108.44
C ASP UB 157 32.86 -18.80 -107.09
N GLY UB 158 31.86 -17.96 -106.85
CA GLY UB 158 31.72 -17.32 -105.56
C GLY UB 158 32.29 -15.92 -105.47
N LEU UB 159 32.46 -15.23 -106.60
CA LEU UB 159 33.04 -13.90 -106.67
C LEU UB 159 31.98 -12.89 -107.08
N PRO UB 160 31.40 -12.16 -106.13
CA PRO UB 160 30.20 -11.36 -106.44
C PRO UB 160 30.45 -10.05 -107.14
N ARG UB 161 31.69 -9.57 -107.26
CA ARG UB 161 31.92 -8.23 -107.77
C ARG UB 161 31.97 -8.26 -109.30
N ILE UB 162 30.79 -8.17 -109.92
CA ILE UB 162 30.69 -8.09 -111.38
C ILE UB 162 31.37 -6.83 -111.90
N PHE UB 163 31.21 -5.72 -111.20
CA PHE UB 163 31.74 -4.45 -111.66
C PHE UB 163 33.14 -4.16 -111.15
N GLY UB 164 33.66 -4.98 -110.24
CA GLY UB 164 35.00 -4.77 -109.72
C GLY UB 164 35.08 -4.12 -108.36
N SER VB 1 33.42 -40.35 -118.40
CA SER VB 1 32.50 -40.48 -119.53
C SER VB 1 31.11 -40.01 -119.15
N TYR VB 2 30.95 -39.64 -117.87
CA TYR VB 2 29.69 -39.09 -117.39
C TYR VB 2 29.26 -37.88 -118.20
N THR VB 3 28.00 -37.87 -118.59
CA THR VB 3 27.40 -36.76 -119.32
C THR VB 3 26.17 -36.27 -118.57
N ILE VB 4 25.95 -34.97 -118.70
CA ILE VB 4 24.86 -34.25 -118.06
C ILE VB 4 23.76 -34.06 -119.09
N ASP VB 5 22.60 -34.66 -118.87
CA ASP VB 5 21.44 -34.49 -119.71
C ASP VB 5 20.44 -33.61 -118.96
N ILE VB 6 20.15 -32.43 -119.50
CA ILE VB 6 19.02 -31.69 -118.98
C ILE VB 6 17.75 -32.48 -119.28
N ASN VB 7 16.87 -32.55 -118.30
CA ASN VB 7 15.66 -33.35 -118.45
C ASN VB 7 14.49 -32.46 -118.87
N CYS VB 8 14.67 -31.72 -119.95
CA CYS VB 8 13.73 -30.65 -120.30
C CYS VB 8 13.15 -30.88 -121.68
N SER VB 9 12.24 -29.99 -122.05
CA SER VB 9 11.76 -29.87 -123.42
C SER VB 9 12.40 -28.64 -124.03
N THR VB 10 13.07 -28.82 -125.16
CA THR VB 10 13.71 -27.74 -125.89
C THR VB 10 13.33 -27.80 -127.35
N GLY VB 11 13.04 -26.64 -127.93
CA GLY VB 11 12.66 -26.53 -129.33
C GLY VB 11 13.85 -26.41 -130.25
N ASP VB 12 13.55 -26.33 -131.54
CA ASP VB 12 14.56 -26.14 -132.57
C ASP VB 12 14.77 -24.67 -132.92
N THR VB 13 13.83 -23.81 -132.57
CA THR VB 13 13.82 -22.40 -132.93
C THR VB 13 14.68 -21.60 -131.94
N GLN VB 14 15.19 -20.44 -132.37
CA GLN VB 14 16.00 -19.61 -131.48
C GLN VB 14 15.68 -18.14 -131.72
N ALA VB 15 15.86 -17.33 -130.68
CA ALA VB 15 15.58 -15.90 -130.74
C ALA VB 15 16.68 -15.11 -130.06
N ASN VB 16 16.83 -13.86 -130.47
CA ASN VB 16 17.85 -12.96 -129.94
C ASN VB 16 17.20 -12.00 -128.93
N LEU VB 17 17.58 -12.14 -127.65
CA LEU VB 17 17.23 -11.17 -126.62
C LEU VB 17 18.37 -10.17 -126.56
N VAL VB 18 18.12 -8.93 -126.96
CA VAL VB 18 19.18 -7.97 -127.23
C VAL VB 18 19.49 -7.18 -125.97
N LEU VB 19 20.65 -7.44 -125.37
CA LEU VB 19 21.08 -6.75 -124.17
C LEU VB 19 21.89 -5.53 -124.57
N THR VB 20 21.60 -4.41 -123.93
CA THR VB 20 22.42 -3.22 -124.08
C THR VB 20 23.36 -3.13 -122.89
N GLU VB 21 24.63 -2.81 -123.17
CA GLU VB 21 25.68 -2.97 -122.18
C GLU VB 21 25.48 -1.98 -121.03
N ILE VB 22 25.99 -2.38 -119.86
CA ILE VB 22 25.98 -1.50 -118.70
C ILE VB 22 27.42 -1.31 -118.27
N PRO VB 23 27.97 -0.09 -118.39
CA PRO VB 23 29.40 0.11 -118.12
C PRO VB 23 29.72 0.05 -116.63
N ALA VB 24 30.92 -0.45 -116.33
CA ALA VB 24 31.30 -0.57 -114.92
C ALA VB 24 31.86 0.73 -114.38
N GLU VB 25 32.43 1.57 -115.26
CA GLU VB 25 33.02 2.83 -114.82
C GLU VB 25 32.10 3.67 -113.95
N PRO VB 26 30.81 3.85 -114.28
CA PRO VB 26 29.95 4.67 -113.40
C PRO VB 26 29.61 4.03 -112.05
N TYR VB 27 29.94 2.76 -111.80
CA TYR VB 27 29.47 2.11 -110.59
C TYR VB 27 30.47 2.26 -109.44
N VAL VB 28 29.93 2.34 -108.22
CA VAL VB 28 30.69 2.66 -107.01
C VAL VB 28 30.34 1.67 -105.90
N HIS VB 29 31.36 1.24 -105.14
CA HIS VB 29 31.17 0.43 -103.96
C HIS VB 29 30.29 1.14 -102.93
N VAL VB 30 29.36 0.39 -102.33
CA VAL VB 30 28.47 0.90 -101.30
C VAL VB 30 28.63 0.12 -100.00
N SER VB 31 28.46 -1.20 -100.05
CA SER VB 31 28.61 -2.04 -98.87
C SER VB 31 29.32 -3.33 -99.27
N GLY VB 32 29.92 -3.98 -98.26
CA GLY VB 32 30.54 -5.28 -98.42
C GLY VB 32 31.57 -5.37 -99.52
N ASP VB 33 32.65 -4.59 -99.41
CA ASP VB 33 33.61 -4.47 -100.50
C ASP VB 33 34.29 -5.80 -100.80
N ASN VB 34 34.75 -6.48 -99.77
CA ASN VB 34 35.45 -7.75 -99.93
C ASN VB 34 34.55 -8.96 -99.77
N LYS VB 35 33.36 -8.79 -99.20
CA LYS VB 35 32.57 -9.91 -98.72
C LYS VB 35 31.79 -10.58 -99.85
N SER VB 36 31.10 -11.67 -99.50
CA SER VB 36 30.33 -12.45 -100.47
C SER VB 36 29.09 -11.73 -100.97
N THR VB 37 28.78 -10.57 -100.41
CA THR VB 37 27.65 -9.75 -100.83
C THR VB 37 28.17 -8.34 -101.07
N ILE VB 38 27.92 -7.81 -102.27
CA ILE VB 38 28.36 -6.48 -102.65
C ILE VB 38 27.18 -5.71 -103.21
N GLU VB 39 27.14 -4.41 -102.94
CA GLU VB 39 26.09 -3.53 -103.45
C GLU VB 39 26.74 -2.35 -104.16
N TYR VB 40 26.39 -2.15 -105.42
CA TYR VB 40 26.91 -1.03 -106.20
C TYR VB 40 25.87 0.05 -106.42
N LEU VB 41 26.37 1.28 -106.56
CA LEU VB 41 25.57 2.44 -106.92
C LEU VB 41 25.97 2.90 -108.32
N ASP VB 42 24.97 3.18 -109.15
CA ASP VB 42 25.17 3.80 -110.46
C ASP VB 42 25.17 5.30 -110.27
N THR VB 43 26.35 5.92 -110.33
CA THR VB 43 26.43 7.37 -110.20
C THR VB 43 26.19 8.10 -111.50
N GLY VB 44 25.70 7.41 -112.52
CA GLY VB 44 25.22 8.09 -113.70
C GLY VB 44 23.78 8.47 -113.50
N SER VB 45 23.39 8.68 -112.26
CA SER VB 45 22.01 8.98 -111.92
C SER VB 45 21.86 10.41 -111.46
N ASP VB 46 20.61 10.84 -111.35
CA ASP VB 46 20.34 12.20 -110.94
C ASP VB 46 20.99 12.46 -109.61
N ASN VB 47 21.88 13.45 -109.60
CA ASN VB 47 22.60 13.86 -108.42
C ASN VB 47 21.65 14.15 -107.27
N SER VB 48 20.53 14.81 -107.56
CA SER VB 48 19.74 15.53 -106.56
C SER VB 48 18.62 14.71 -105.94
N LEU VB 49 18.42 13.46 -106.35
CA LEU VB 49 17.39 12.64 -105.72
C LEU VB 49 17.91 11.94 -104.47
N LEU VB 50 16.97 11.42 -103.69
CA LEU VB 50 17.34 10.63 -102.51
C LEU VB 50 17.51 9.17 -102.85
N VAL VB 51 16.98 8.74 -103.98
CA VAL VB 51 17.11 7.38 -104.46
C VAL VB 51 17.98 7.39 -105.70
N ARG VB 52 18.81 6.38 -105.83
CA ARG VB 52 19.65 6.25 -107.00
C ARG VB 52 19.76 4.77 -107.36
N PRO VB 53 19.96 4.45 -108.64
CA PRO VB 53 19.97 3.06 -109.09
C PRO VB 53 21.11 2.29 -108.46
N THR VB 54 20.77 1.15 -107.88
CA THR VB 54 21.74 0.23 -107.30
C THR VB 54 21.56 -1.14 -107.94
N GLN VB 55 22.62 -1.91 -107.90
CA GLN VB 55 22.50 -3.34 -108.17
C GLN VB 55 23.38 -4.08 -107.20
N GLN VB 56 22.82 -5.08 -106.53
CA GLN VB 56 23.63 -5.90 -105.65
C GLN VB 56 23.78 -7.29 -106.25
N PHE VB 57 24.89 -7.91 -105.87
CA PHE VB 57 25.20 -9.29 -106.19
C PHE VB 57 25.64 -9.98 -104.90
N ASN VB 58 25.17 -11.20 -104.68
CA ASN VB 58 25.74 -11.98 -103.60
C ASN VB 58 25.74 -13.46 -103.96
N CYS VB 59 26.76 -14.16 -103.48
CA CYS VB 59 26.97 -15.57 -103.74
C CYS VB 59 26.81 -16.35 -102.45
N VAL VB 60 26.35 -17.59 -102.58
CA VAL VB 60 26.16 -18.50 -101.46
C VAL VB 60 26.53 -19.90 -101.94
N SER VB 61 27.10 -20.70 -101.04
CA SER VB 61 27.42 -22.09 -101.31
C SER VB 61 26.96 -22.94 -100.15
N SER VB 62 26.49 -24.14 -100.45
CA SER VB 62 26.09 -25.09 -99.42
C SER VB 62 26.66 -26.48 -99.71
N GLN VB 63 26.97 -27.19 -98.62
CA GLN VB 63 27.57 -28.51 -98.70
C GLN VB 63 26.55 -29.59 -99.02
N TYR VB 64 25.28 -29.38 -98.64
CA TYR VB 64 24.20 -30.34 -98.77
C TYR VB 64 23.24 -29.88 -99.87
N PRO VB 65 23.51 -30.20 -101.13
CA PRO VB 65 22.71 -29.62 -102.22
C PRO VB 65 21.35 -30.23 -102.35
N TYR VB 66 21.13 -31.38 -101.71
CA TYR VB 66 19.89 -32.13 -101.78
C TYR VB 66 18.98 -31.86 -100.58
N ARG VB 67 19.24 -30.79 -99.83
CA ARG VB 67 18.54 -30.59 -98.56
C ARG VB 67 17.04 -30.45 -98.80
N ASN VB 68 16.66 -29.59 -99.72
CA ASN VB 68 15.26 -29.33 -99.98
C ASN VB 68 14.65 -30.32 -100.98
N TYR VB 69 15.45 -31.18 -101.58
CA TYR VB 69 14.95 -32.12 -102.56
C TYR VB 69 14.84 -33.50 -101.93
N SER VB 70 13.71 -33.75 -101.27
CA SER VB 70 13.54 -35.02 -100.59
C SER VB 70 13.01 -36.11 -101.50
N LYS VB 71 12.29 -35.76 -102.58
CA LYS VB 71 11.75 -36.78 -103.47
C LYS VB 71 12.84 -37.48 -104.30
N ILE VB 72 14.09 -37.13 -104.09
CA ILE VB 72 15.22 -37.79 -104.73
C ILE VB 72 15.79 -38.82 -103.74
N PRO VB 73 15.99 -40.06 -104.15
CA PRO VB 73 16.57 -41.06 -103.24
C PRO VB 73 18.06 -40.88 -103.09
N ARG VB 74 18.57 -41.31 -101.94
CA ARG VB 74 20.02 -41.23 -101.70
C ARG VB 74 20.80 -41.96 -102.77
N SER VB 75 20.30 -43.12 -103.21
CA SER VB 75 20.95 -43.90 -104.26
C SER VB 75 21.11 -43.13 -105.57
N GLN VB 76 20.43 -41.98 -105.72
CA GLN VB 76 20.58 -41.13 -106.89
C GLN VB 76 21.16 -39.76 -106.58
N GLN VB 77 21.47 -39.47 -105.32
CA GLN VB 77 22.11 -38.22 -104.93
C GLN VB 77 23.62 -38.35 -105.07
N ASP VB 78 24.22 -37.49 -105.90
CA ASP VB 78 25.67 -37.48 -106.10
C ASP VB 78 26.38 -37.00 -104.84
N PRO VB 79 27.09 -37.88 -104.12
CA PRO VB 79 27.71 -37.45 -102.85
C PRO VB 79 28.84 -36.47 -103.02
N LEU VB 80 29.31 -36.25 -104.23
CA LEU VB 80 30.29 -35.22 -104.53
C LEU VB 80 29.67 -33.92 -105.02
N ALA VB 81 28.34 -33.83 -105.04
CA ALA VB 81 27.69 -32.63 -105.52
C ALA VB 81 27.75 -31.55 -104.46
N VAL VB 82 27.86 -30.30 -104.93
CA VAL VB 82 27.92 -29.12 -104.07
C VAL VB 82 26.95 -28.09 -104.63
N ARG VB 83 26.29 -27.35 -103.75
CA ARG VB 83 25.29 -26.36 -104.17
C ARG VB 83 25.96 -24.99 -104.31
N ARG VB 84 25.89 -24.40 -105.50
CA ARG VB 84 26.34 -23.03 -105.73
C ARG VB 84 25.13 -22.21 -106.13
N GLU VB 85 24.92 -21.06 -105.46
CA GLU VB 85 23.88 -20.13 -105.88
C GLU VB 85 24.42 -18.71 -105.89
N PHE VB 86 23.76 -17.87 -106.70
CA PHE VB 86 24.01 -16.43 -106.70
C PHE VB 86 22.69 -15.71 -106.88
N TYR VB 87 22.72 -14.41 -106.57
CA TYR VB 87 21.50 -13.61 -106.53
C TYR VB 87 21.85 -12.17 -106.89
N THR VB 88 21.15 -11.62 -107.87
CA THR VB 88 21.30 -10.22 -108.20
C THR VB 88 19.97 -9.53 -108.00
N ARG VB 89 20.02 -8.28 -107.55
CA ARG VB 89 18.82 -7.44 -107.43
C ARG VB 89 19.17 -6.04 -107.88
N ARG VB 90 18.52 -5.61 -108.96
CA ARG VB 90 18.71 -4.29 -109.54
C ARG VB 90 17.49 -3.46 -109.23
N VAL VB 91 17.70 -2.31 -108.62
CA VAL VB 91 16.67 -1.29 -108.46
C VAL VB 91 17.11 -0.09 -109.26
N GLU VB 92 16.22 0.41 -110.12
CA GLU VB 92 16.43 1.71 -110.74
C GLU VB 92 15.22 2.59 -110.45
N TYR VB 93 15.42 3.89 -110.62
CA TYR VB 93 14.41 4.89 -110.29
C TYR VB 93 14.24 5.81 -111.49
N TRP VB 94 13.18 5.60 -112.26
CA TRP VB 94 12.90 6.41 -113.42
C TRP VB 94 12.32 7.76 -113.01
N ARG VB 95 12.36 8.70 -113.95
CA ARG VB 95 11.87 10.06 -113.75
C ARG VB 95 10.94 10.42 -114.89
N LYS VB 96 9.67 10.67 -114.58
CA LYS VB 96 8.76 11.16 -115.61
C LYS VB 96 8.61 12.66 -115.46
N ALA VB 97 8.77 13.37 -116.58
CA ALA VB 97 8.55 14.81 -116.68
C ALA VB 97 8.51 15.18 -118.16
N ASP VB 98 7.86 16.29 -118.46
CA ASP VB 98 7.92 16.87 -119.81
C ASP VB 98 8.63 18.21 -119.78
N ALA VB 99 9.55 18.42 -120.72
CA ALA VB 99 10.23 19.70 -120.84
C ALA VB 99 9.30 20.80 -121.31
N SER VB 100 8.11 20.45 -121.82
CA SER VB 100 7.18 21.45 -122.32
C SER VB 100 6.67 22.35 -121.20
N ASN VB 101 6.21 21.74 -120.11
CA ASN VB 101 5.59 22.47 -119.01
C ASN VB 101 6.44 22.26 -117.77
N VAL VB 102 7.11 23.32 -117.32
CA VAL VB 102 7.92 23.22 -116.12
C VAL VB 102 7.07 23.37 -114.86
N ASP VB 103 5.84 23.90 -114.98
CA ASP VB 103 4.89 23.82 -113.88
C ASP VB 103 4.64 22.37 -113.48
N ALA VB 104 4.59 21.47 -114.45
CA ALA VB 104 4.16 20.10 -114.19
C ALA VB 104 5.17 19.40 -113.30
N PRO VB 105 4.71 18.62 -112.33
CA PRO VB 105 5.62 18.01 -111.37
C PRO VB 105 6.37 16.85 -111.97
N GLU VB 106 7.59 16.64 -111.48
CA GLU VB 106 8.39 15.50 -111.86
C GLU VB 106 8.12 14.37 -110.89
N TYR VB 107 7.87 13.17 -111.41
CA TYR VB 107 7.61 12.03 -110.55
C TYR VB 107 8.75 11.02 -110.65
N THR VB 108 8.97 10.30 -109.56
CA THR VB 108 9.97 9.24 -109.48
C THR VB 108 9.25 7.90 -109.47
N LEU VB 109 9.57 7.06 -110.44
CA LEU VB 109 8.93 5.77 -110.62
C LEU VB 109 9.92 4.67 -110.28
N PRO VB 110 9.76 3.95 -109.17
CA PRO VB 110 10.70 2.88 -108.84
C PRO VB 110 10.39 1.57 -109.57
N GLN VB 111 11.47 0.87 -109.90
CA GLN VB 111 11.41 -0.40 -110.62
C GLN VB 111 12.48 -1.32 -110.03
N SER VB 112 12.13 -2.58 -109.79
CA SER VB 112 13.08 -3.53 -109.21
C SER VB 112 12.94 -4.90 -109.84
N CYS VB 113 14.06 -5.60 -109.98
CA CYS VB 113 14.09 -6.91 -110.61
C CYS VB 113 15.21 -7.74 -110.00
N SER VB 114 14.91 -9.01 -109.72
CA SER VB 114 15.85 -9.88 -109.02
C SER VB 114 15.87 -11.27 -109.64
N ILE VB 115 17.07 -11.83 -109.75
CA ILE VB 115 17.29 -13.16 -110.31
C ILE VB 115 18.10 -13.98 -109.31
N ARG VB 116 17.59 -15.16 -108.95
CA ARG VB 116 18.27 -16.09 -108.05
C ARG VB 116 18.49 -17.39 -108.80
N LEU VB 117 19.76 -17.81 -108.90
CA LEU VB 117 20.14 -19.04 -109.58
C LEU VB 117 20.83 -19.95 -108.58
N ALA VB 118 20.33 -21.18 -108.46
CA ALA VB 118 20.83 -22.14 -107.46
C ALA VB 118 20.97 -23.49 -108.14
N SER VB 119 22.21 -23.87 -108.41
CA SER VB 119 22.50 -25.09 -109.16
C SER VB 119 23.18 -26.09 -108.24
N THR VB 120 22.94 -27.37 -108.50
CA THR VB 120 23.88 -28.36 -107.98
C THR VB 120 25.00 -28.50 -109.00
N VAL VB 121 26.21 -28.70 -108.50
CA VAL VB 121 27.40 -28.70 -109.35
C VAL VB 121 28.25 -29.90 -108.98
N THR VB 122 28.66 -30.65 -109.99
CA THR VB 122 29.65 -31.71 -109.92
C THR VB 122 30.73 -31.39 -110.94
N LYS VB 123 31.76 -32.23 -110.98
CA LYS VB 123 32.90 -31.96 -111.84
C LYS VB 123 32.51 -31.80 -113.31
N GLU VB 124 31.38 -32.35 -113.73
CA GLU VB 124 30.96 -32.28 -115.12
C GLU VB 124 29.99 -31.15 -115.42
N THR VB 125 29.54 -30.42 -114.40
CA THR VB 125 28.73 -29.24 -114.62
C THR VB 125 29.58 -28.14 -115.25
N THR VB 126 29.13 -27.60 -116.37
CA THR VB 126 29.87 -26.55 -117.06
C THR VB 126 29.20 -25.18 -116.90
N ALA VB 127 29.99 -24.15 -117.17
CA ALA VB 127 29.49 -22.79 -117.14
C ALA VB 127 28.28 -22.64 -118.05
N ALA VB 128 28.41 -23.14 -119.29
CA ALA VB 128 27.32 -23.01 -120.26
C ALA VB 128 26.11 -23.85 -119.86
N ASP VB 129 26.31 -25.01 -119.21
CA ASP VB 129 25.19 -25.76 -118.68
C ASP VB 129 24.39 -24.90 -117.71
N ILE VB 130 25.09 -24.23 -116.80
CA ILE VB 130 24.37 -23.42 -115.82
C ILE VB 130 23.74 -22.20 -116.48
N ALA VB 131 24.41 -21.62 -117.49
CA ALA VB 131 23.79 -20.52 -118.23
C ALA VB 131 22.50 -20.95 -118.89
N GLY VB 132 22.41 -22.24 -119.24
CA GLY VB 132 21.23 -22.72 -119.96
C GLY VB 132 19.96 -22.59 -119.15
N ILE VB 133 20.04 -22.78 -117.83
CA ILE VB 133 18.81 -22.75 -117.05
C ILE VB 133 18.28 -21.33 -116.94
N VAL VB 134 19.15 -20.33 -116.91
CA VAL VB 134 18.69 -18.94 -116.95
C VAL VB 134 17.99 -18.65 -118.27
N LEU VB 135 18.59 -19.10 -119.38
CA LEU VB 135 18.00 -18.87 -120.69
C LEU VB 135 16.68 -19.61 -120.86
N ARG VB 136 16.54 -20.76 -120.21
CA ARG VB 136 15.28 -21.50 -120.31
C ARG VB 136 14.21 -20.92 -119.38
N THR VB 137 14.61 -20.35 -118.25
CA THR VB 137 13.65 -19.60 -117.46
C THR VB 137 13.15 -18.38 -118.21
N LEU VB 138 14.06 -17.68 -118.91
CA LEU VB 138 13.64 -16.50 -119.67
C LEU VB 138 12.80 -16.86 -120.89
N ALA VB 139 13.09 -18.00 -121.52
CA ALA VB 139 12.52 -18.33 -122.82
C ALA VB 139 11.00 -18.22 -122.91
N PRO VB 140 10.21 -18.73 -121.94
CA PRO VB 140 8.75 -18.65 -122.11
C PRO VB 140 8.19 -17.24 -121.97
N ILE VB 141 8.85 -16.35 -121.25
CA ILE VB 141 8.40 -14.98 -121.12
C ILE VB 141 8.76 -14.17 -122.37
N PHE VB 142 9.91 -14.44 -122.97
CA PHE VB 142 10.40 -13.70 -124.14
C PHE VB 142 10.57 -14.67 -125.30
N PRO VB 143 9.48 -15.29 -125.77
CA PRO VB 143 9.63 -16.40 -126.73
C PRO VB 143 10.14 -15.96 -128.08
N ASN VB 144 10.03 -14.68 -128.43
CA ASN VB 144 10.69 -14.12 -129.60
C ASN VB 144 11.81 -13.18 -129.22
N GLY VB 145 12.34 -13.32 -128.00
CA GLY VB 145 13.44 -12.47 -127.60
C GLY VB 145 13.00 -11.03 -127.62
N SER VB 146 13.92 -10.15 -128.04
CA SER VB 146 13.62 -8.73 -128.11
C SER VB 146 12.60 -8.38 -129.18
N GLY VB 147 12.05 -9.35 -129.91
CA GLY VB 147 11.18 -9.03 -131.03
C GLY VB 147 9.82 -8.47 -130.61
N ASP VB 148 9.05 -9.23 -129.86
CA ASP VB 148 7.76 -8.76 -129.38
C ASP VB 148 7.68 -8.97 -127.88
N TRP VB 149 6.79 -8.22 -127.24
CA TRP VB 149 6.64 -8.26 -125.80
C TRP VB 149 5.28 -8.82 -125.40
N ILE VB 150 4.74 -9.77 -126.16
CA ILE VB 150 3.34 -10.15 -125.99
C ILE VB 150 3.14 -10.87 -124.66
N LYS VB 151 3.99 -11.86 -124.41
CA LYS VB 151 3.83 -12.62 -123.17
C LYS VB 151 4.22 -11.77 -121.96
N LEU VB 152 5.23 -10.92 -122.10
CA LEU VB 152 5.55 -10.01 -121.01
C LEU VB 152 4.35 -9.14 -120.67
N GLN VB 153 3.76 -8.52 -121.70
CA GLN VB 153 2.62 -7.63 -121.46
C GLN VB 153 1.50 -8.36 -120.78
N GLN VB 154 1.21 -9.59 -121.21
CA GLN VB 154 0.14 -10.33 -120.54
C GLN VB 154 0.53 -10.71 -119.11
N LEU VB 155 1.82 -10.78 -118.78
CA LEU VB 155 2.19 -10.94 -117.38
C LEU VB 155 1.94 -9.66 -116.58
N ILE VB 156 2.17 -8.49 -117.21
CA ILE VB 156 1.87 -7.23 -116.54
C ILE VB 156 0.36 -7.06 -116.35
N ASP VB 157 -0.44 -7.67 -117.23
CA ASP VB 157 -1.89 -7.55 -117.15
C ASP VB 157 -2.50 -8.44 -116.07
N GLY VB 158 -1.71 -9.34 -115.48
CA GLY VB 158 -2.21 -10.24 -114.45
C GLY VB 158 -2.80 -11.52 -115.00
N LEU VB 159 -2.17 -12.08 -116.04
CA LEU VB 159 -2.65 -13.28 -116.72
C LEU VB 159 -1.56 -14.34 -116.61
N PRO VB 160 -1.46 -15.01 -115.46
CA PRO VB 160 -0.32 -15.88 -115.18
C PRO VB 160 -0.20 -17.10 -116.08
N ARG VB 161 -1.27 -17.52 -116.72
CA ARG VB 161 -1.27 -18.75 -117.52
C ARG VB 161 -0.55 -18.49 -118.84
N ILE VB 162 0.71 -18.93 -118.92
CA ILE VB 162 1.55 -18.63 -120.06
C ILE VB 162 1.55 -19.76 -121.07
N PHE VB 163 1.61 -21.01 -120.59
CA PHE VB 163 1.45 -22.17 -121.46
C PHE VB 163 0.00 -22.61 -121.56
N GLY VB 164 -0.93 -21.91 -120.91
CA GLY VB 164 -2.34 -22.25 -120.97
C GLY VB 164 -2.99 -22.68 -119.66
N SER WB 1 20.25 -49.63 -125.86
CA SER WB 1 20.32 -50.99 -126.38
C SER WB 1 19.29 -51.89 -125.69
N TYR WB 2 19.01 -51.58 -124.43
CA TYR WB 2 18.03 -52.33 -123.64
C TYR WB 2 16.67 -52.38 -124.33
N THR WB 3 16.10 -53.57 -124.42
CA THR WB 3 14.74 -53.74 -124.88
C THR WB 3 13.90 -54.40 -123.80
N ILE WB 4 12.61 -54.10 -123.82
CA ILE WB 4 11.64 -54.68 -122.90
C ILE WB 4 10.85 -55.72 -123.67
N ASP WB 5 10.85 -56.94 -123.16
CA ASP WB 5 10.07 -58.04 -123.71
C ASP WB 5 8.95 -58.35 -122.73
N ILE WB 6 7.71 -58.26 -123.20
CA ILE WB 6 6.61 -58.82 -122.41
C ILE WB 6 6.79 -60.32 -122.37
N ASN WB 7 6.69 -60.90 -121.18
CA ASN WB 7 6.88 -62.34 -121.05
C ASN WB 7 5.53 -63.05 -121.13
N CYS WB 8 4.80 -62.79 -122.21
CA CYS WB 8 3.42 -63.25 -122.32
C CYS WB 8 3.23 -64.07 -123.59
N SER WB 9 2.04 -64.67 -123.69
CA SER WB 9 1.58 -65.33 -124.90
C SER WB 9 0.60 -64.42 -125.61
N THR WB 10 0.89 -64.10 -126.87
CA THR WB 10 0.03 -63.29 -127.72
C THR WB 10 -0.19 -63.97 -129.05
N GLY WB 11 -1.30 -63.61 -129.69
CA GLY WB 11 -1.72 -64.23 -130.93
C GLY WB 11 -1.47 -63.34 -132.13
N ASP WB 12 -1.94 -63.83 -133.28
CA ASP WB 12 -1.83 -63.10 -134.52
C ASP WB 12 -3.07 -62.26 -134.82
N THR WB 13 -4.21 -62.66 -134.28
CA THR WB 13 -5.47 -62.04 -134.64
C THR WB 13 -5.68 -60.76 -133.85
N GLN WB 14 -6.46 -59.85 -134.41
CA GLN WB 14 -6.79 -58.60 -133.73
C GLN WB 14 -8.27 -58.30 -133.93
N ALA WB 15 -8.82 -57.52 -132.99
CA ALA WB 15 -10.23 -57.20 -132.98
C ALA WB 15 -10.45 -55.78 -132.47
N ASN WB 16 -11.50 -55.14 -132.97
CA ASN WB 16 -11.84 -53.76 -132.59
C ASN WB 16 -12.81 -53.79 -131.40
N LEU WB 17 -12.37 -53.29 -130.25
CA LEU WB 17 -13.27 -52.94 -129.16
C LEU WB 17 -13.61 -51.47 -129.34
N VAL WB 18 -14.84 -51.18 -129.73
CA VAL WB 18 -15.16 -49.85 -130.24
C VAL WB 18 -15.77 -49.01 -129.13
N LEU WB 19 -15.04 -47.94 -128.80
CA LEU WB 19 -15.38 -47.03 -127.73
C LEU WB 19 -16.16 -45.85 -128.29
N THR WB 20 -17.20 -45.47 -127.57
CA THR WB 20 -17.95 -44.25 -127.85
C THR WB 20 -17.49 -43.17 -126.90
N GLU WB 21 -17.25 -41.97 -127.43
CA GLU WB 21 -16.55 -40.94 -126.68
C GLU WB 21 -17.38 -40.42 -125.50
N ILE WB 22 -16.67 -40.01 -124.45
CA ILE WB 22 -17.29 -39.43 -123.27
C ILE WB 22 -16.91 -37.96 -123.23
N PRO WB 23 -17.83 -37.04 -123.53
CA PRO WB 23 -17.46 -35.62 -123.60
C PRO WB 23 -17.01 -35.09 -122.25
N ALA WB 24 -15.93 -34.30 -122.26
CA ALA WB 24 -15.43 -33.79 -121.00
C ALA WB 24 -16.27 -32.62 -120.49
N GLU WB 25 -16.77 -31.81 -121.43
CA GLU WB 25 -17.55 -30.60 -121.14
C GLU WB 25 -18.55 -30.74 -119.99
N PRO WB 26 -19.33 -31.83 -119.88
CA PRO WB 26 -20.33 -31.90 -118.80
C PRO WB 26 -19.81 -32.27 -117.42
N TYR WB 27 -18.58 -32.76 -117.27
CA TYR WB 27 -18.15 -33.25 -115.95
C TYR WB 27 -17.70 -32.10 -115.05
N VAL WB 28 -17.89 -32.28 -113.73
CA VAL WB 28 -17.61 -31.24 -112.75
C VAL WB 28 -16.97 -31.83 -111.51
N HIS WB 29 -15.90 -31.21 -111.02
CA HIS WB 29 -15.24 -31.62 -109.79
C HIS WB 29 -16.20 -31.62 -108.61
N VAL WB 30 -16.18 -32.69 -107.81
CA VAL WB 30 -17.08 -32.80 -106.68
C VAL WB 30 -16.33 -33.02 -105.37
N SER WB 31 -15.17 -33.67 -105.43
CA SER WB 31 -14.44 -33.94 -104.20
C SER WB 31 -13.05 -34.43 -104.53
N GLY WB 32 -12.15 -34.24 -103.58
CA GLY WB 32 -10.75 -34.59 -103.68
C GLY WB 32 -9.86 -33.36 -103.83
N ASP WB 33 -8.59 -33.62 -104.06
CA ASP WB 33 -7.60 -32.60 -104.36
C ASP WB 33 -7.11 -32.78 -105.79
N ASN WB 34 -6.86 -31.66 -106.48
CA ASN WB 34 -6.37 -31.72 -107.85
C ASN WB 34 -4.98 -32.34 -107.96
N LYS WB 35 -4.35 -32.70 -106.84
CA LYS WB 35 -3.03 -33.32 -106.84
C LYS WB 35 -3.11 -34.85 -106.90
N SER WB 36 -3.84 -35.48 -105.97
CA SER WB 36 -3.86 -36.94 -105.87
C SER WB 36 -5.13 -37.56 -106.43
N THR WB 37 -6.30 -37.17 -105.94
CA THR WB 37 -7.55 -37.86 -106.23
C THR WB 37 -8.65 -36.86 -106.58
N ILE WB 38 -9.40 -37.14 -107.64
CA ILE WB 38 -10.43 -36.24 -108.16
C ILE WB 38 -11.68 -37.04 -108.53
N GLU WB 39 -12.85 -36.51 -108.21
CA GLU WB 39 -14.11 -37.19 -108.53
C GLU WB 39 -14.98 -36.24 -109.36
N TYR WB 40 -15.21 -36.61 -110.62
CA TYR WB 40 -16.08 -35.83 -111.49
C TYR WB 40 -17.51 -36.34 -111.48
N LEU WB 41 -18.44 -35.39 -111.66
CA LEU WB 41 -19.87 -35.66 -111.76
C LEU WB 41 -20.36 -35.29 -113.15
N ASP WB 42 -21.03 -36.24 -113.81
CA ASP WB 42 -21.67 -36.00 -115.09
C ASP WB 42 -22.94 -35.20 -114.86
N THR WB 43 -22.88 -33.89 -115.11
CA THR WB 43 -24.07 -33.05 -115.07
C THR WB 43 -25.05 -33.36 -116.19
N GLY WB 44 -24.74 -34.29 -117.08
CA GLY WB 44 -25.65 -34.68 -118.14
C GLY WB 44 -26.66 -35.70 -117.68
N SER WB 45 -26.97 -35.71 -116.39
CA SER WB 45 -27.85 -36.68 -115.80
C SER WB 45 -29.11 -36.01 -115.26
N ASP WB 46 -29.98 -36.82 -114.67
CA ASP WB 46 -31.24 -36.32 -114.14
C ASP WB 46 -30.99 -35.42 -112.93
N ASN WB 47 -31.74 -34.31 -112.85
CA ASN WB 47 -31.68 -33.46 -111.67
C ASN WB 47 -32.27 -34.16 -110.45
N SER WB 48 -33.37 -34.90 -110.64
CA SER WB 48 -34.32 -35.24 -109.60
C SER WB 48 -33.93 -36.48 -108.79
N LEU WB 49 -32.71 -36.98 -108.97
CA LEU WB 49 -32.22 -38.13 -108.24
C LEU WB 49 -31.13 -37.69 -107.27
N LEU WB 50 -31.10 -38.34 -106.10
CA LEU WB 50 -29.98 -38.10 -105.19
C LEU WB 50 -28.69 -38.75 -105.69
N VAL WB 51 -28.79 -39.65 -106.66
CA VAL WB 51 -27.63 -40.29 -107.26
C VAL WB 51 -27.47 -39.78 -108.68
N ARG WB 52 -26.22 -39.52 -109.07
CA ARG WB 52 -25.90 -39.09 -110.41
C ARG WB 52 -24.56 -39.68 -110.81
N PRO WB 53 -24.37 -39.92 -112.11
CA PRO WB 53 -23.17 -40.64 -112.55
C PRO WB 53 -21.90 -39.85 -112.29
N THR WB 54 -20.89 -40.57 -111.81
CA THR WB 54 -19.66 -39.97 -111.35
C THR WB 54 -18.50 -40.89 -111.71
N GLN WB 55 -17.44 -40.32 -112.26
CA GLN WB 55 -16.23 -41.09 -112.52
C GLN WB 55 -15.05 -40.46 -111.78
N GLN WB 56 -14.30 -41.30 -111.10
CA GLN WB 56 -13.21 -40.86 -110.23
C GLN WB 56 -11.88 -41.34 -110.81
N PHE WB 57 -10.86 -40.49 -110.63
CA PHE WB 57 -9.49 -40.79 -111.02
C PHE WB 57 -8.56 -40.55 -109.84
N ASN WB 58 -7.52 -41.39 -109.75
CA ASN WB 58 -6.70 -41.44 -108.54
C ASN WB 58 -5.33 -42.00 -108.90
N CYS WB 59 -4.27 -41.19 -108.76
CA CYS WB 59 -2.91 -41.60 -109.10
C CYS WB 59 -2.03 -41.65 -107.86
N VAL WB 60 -1.06 -42.58 -107.86
CA VAL WB 60 -0.04 -42.70 -106.82
C VAL WB 60 1.25 -43.21 -107.44
N SER WB 61 2.35 -43.08 -106.69
CA SER WB 61 3.67 -43.45 -107.20
C SER WB 61 4.58 -43.76 -106.01
N SER WB 62 5.55 -44.63 -106.24
CA SER WB 62 6.41 -45.11 -105.17
C SER WB 62 7.81 -45.39 -105.69
N GLN WB 63 8.79 -45.15 -104.83
CA GLN WB 63 10.21 -45.39 -105.11
C GLN WB 63 10.61 -46.83 -104.84
N TYR WB 64 9.68 -47.68 -104.42
CA TYR WB 64 9.97 -49.05 -104.01
C TYR WB 64 9.11 -50.01 -104.83
N PRO WB 65 9.42 -50.14 -106.13
CA PRO WB 65 8.48 -50.84 -107.03
C PRO WB 65 8.38 -52.32 -106.77
N TYR WB 66 9.34 -52.91 -106.05
CA TYR WB 66 9.37 -54.34 -105.78
C TYR WB 66 8.86 -54.69 -104.39
N ARG WB 67 8.09 -53.80 -103.76
CA ARG WB 67 7.74 -53.98 -102.35
C ARG WB 67 6.92 -55.24 -102.14
N ASN WB 68 5.94 -55.48 -103.00
CA ASN WB 68 5.07 -56.63 -102.85
C ASN WB 68 5.52 -57.83 -103.67
N TYR WB 69 6.47 -57.66 -104.58
CA TYR WB 69 6.94 -58.74 -105.43
C TYR WB 69 8.19 -59.37 -104.82
N SER WB 70 7.94 -60.14 -103.75
CA SER WB 70 9.03 -60.68 -102.95
C SER WB 70 9.86 -61.71 -103.72
N LYS WB 71 9.27 -62.39 -104.69
CA LYS WB 71 9.90 -63.51 -105.36
C LYS WB 71 10.81 -63.10 -106.52
N ILE WB 72 11.13 -61.81 -106.65
CA ILE WB 72 12.13 -61.34 -107.60
C ILE WB 72 13.41 -61.07 -106.81
N PRO WB 73 14.54 -61.67 -107.17
CA PRO WB 73 15.79 -61.41 -106.45
C PRO WB 73 16.33 -60.02 -106.75
N ARG WB 74 17.16 -59.52 -105.82
CA ARG WB 74 17.75 -58.20 -106.01
C ARG WB 74 18.65 -58.17 -107.24
N SER WB 75 19.28 -59.29 -107.58
CA SER WB 75 20.07 -59.37 -108.80
C SER WB 75 19.24 -59.13 -110.06
N GLN WB 76 17.91 -59.14 -109.97
CA GLN WB 76 17.06 -58.92 -111.12
C GLN WB 76 16.12 -57.73 -110.92
N GLN WB 77 16.31 -56.95 -109.85
CA GLN WB 77 15.52 -55.75 -109.60
C GLN WB 77 16.21 -54.52 -110.19
N ASP WB 78 15.55 -53.86 -111.14
CA ASP WB 78 16.10 -52.65 -111.78
C ASP WB 78 16.10 -51.49 -110.81
N PRO WB 79 17.26 -51.01 -110.34
CA PRO WB 79 17.27 -49.98 -109.30
C PRO WB 79 16.79 -48.63 -109.79
N LEU WB 80 16.89 -48.36 -111.10
CA LEU WB 80 16.35 -47.13 -111.65
C LEU WB 80 14.83 -47.12 -111.66
N ALA WB 81 14.22 -48.31 -111.74
CA ALA WB 81 12.79 -48.43 -111.99
C ALA WB 81 11.97 -47.96 -110.79
N VAL WB 82 10.76 -47.48 -111.08
CA VAL WB 82 9.91 -46.76 -110.15
C VAL WB 82 8.46 -47.18 -110.42
N ARG WB 83 7.64 -47.25 -109.36
CA ARG WB 83 6.25 -47.69 -109.48
C ARG WB 83 5.30 -46.53 -109.74
N ARG WB 84 4.52 -46.64 -110.83
CA ARG WB 84 3.45 -45.70 -111.16
C ARG WB 84 2.12 -46.45 -111.12
N GLU WB 85 1.06 -45.79 -110.62
CA GLU WB 85 -0.22 -46.48 -110.52
C GLU WB 85 -1.35 -45.47 -110.66
N PHE WB 86 -2.44 -45.90 -111.31
CA PHE WB 86 -3.66 -45.11 -111.38
C PHE WB 86 -4.87 -46.03 -111.20
N TYR WB 87 -6.00 -45.39 -110.88
CA TYR WB 87 -7.24 -46.06 -110.53
C TYR WB 87 -8.40 -45.20 -111.01
N THR WB 88 -9.28 -45.79 -111.80
CA THR WB 88 -10.50 -45.11 -112.20
C THR WB 88 -11.68 -45.94 -111.72
N ARG WB 89 -12.74 -45.25 -111.30
CA ARG WB 89 -13.98 -45.91 -110.89
C ARG WB 89 -15.16 -45.11 -111.42
N ARG WB 90 -15.90 -45.70 -112.36
CA ARG WB 90 -17.10 -45.08 -112.92
C ARG WB 90 -18.31 -45.73 -112.29
N VAL WB 91 -19.19 -44.90 -111.75
CA VAL WB 91 -20.48 -45.33 -111.25
C VAL WB 91 -21.51 -44.62 -112.11
N GLU WB 92 -22.37 -45.39 -112.78
CA GLU WB 92 -23.51 -44.79 -113.46
C GLU WB 92 -24.78 -45.43 -112.93
N TYR WB 93 -25.84 -44.64 -112.86
CA TYR WB 93 -27.13 -45.07 -112.33
C TYR WB 93 -28.14 -45.07 -113.48
N TRP WB 94 -28.54 -46.26 -113.92
CA TRP WB 94 -29.48 -46.37 -115.03
C TRP WB 94 -30.92 -46.15 -114.55
N ARG WB 95 -31.78 -45.92 -115.51
CA ARG WB 95 -33.16 -45.50 -115.29
C ARG WB 95 -34.03 -46.44 -116.12
N LYS WB 96 -34.81 -47.30 -115.46
CA LYS WB 96 -35.68 -48.20 -116.20
C LYS WB 96 -37.14 -47.74 -116.05
N ALA WB 97 -37.84 -47.73 -117.18
CA ALA WB 97 -39.25 -47.38 -117.25
C ALA WB 97 -39.74 -47.61 -118.67
N ASP WB 98 -41.06 -47.77 -118.80
CA ASP WB 98 -41.70 -47.83 -120.11
C ASP WB 98 -42.56 -46.58 -120.30
N ALA WB 99 -42.45 -45.97 -121.49
CA ALA WB 99 -43.27 -44.80 -121.79
C ALA WB 99 -44.70 -45.19 -122.08
N SER WB 100 -44.96 -46.46 -122.41
CA SER WB 100 -46.31 -46.91 -122.67
C SER WB 100 -47.18 -46.82 -121.41
N ASN WB 101 -46.62 -47.14 -120.26
CA ASN WB 101 -47.37 -47.22 -119.00
C ASN WB 101 -46.70 -46.27 -118.01
N VAL WB 102 -47.28 -45.09 -117.82
CA VAL WB 102 -46.74 -44.13 -116.85
C VAL WB 102 -47.18 -44.48 -115.44
N ASP WB 103 -48.17 -45.36 -115.27
CA ASP WB 103 -48.48 -45.89 -113.95
C ASP WB 103 -47.38 -46.80 -113.44
N ALA WB 104 -46.69 -47.50 -114.34
CA ALA WB 104 -45.69 -48.46 -113.93
C ALA WB 104 -44.48 -47.72 -113.33
N PRO WB 105 -43.95 -48.20 -112.21
CA PRO WB 105 -42.95 -47.42 -111.48
C PRO WB 105 -41.60 -47.42 -112.19
N GLU WB 106 -40.86 -46.34 -111.97
CA GLU WB 106 -39.52 -46.18 -112.53
C GLU WB 106 -38.49 -46.62 -111.50
N TYR WB 107 -37.43 -47.28 -111.96
CA TYR WB 107 -36.43 -47.80 -111.05
C TYR WB 107 -35.04 -47.29 -111.42
N THR WB 108 -34.19 -47.20 -110.40
CA THR WB 108 -32.79 -46.83 -110.55
C THR WB 108 -31.93 -48.09 -110.42
N LEU WB 109 -31.10 -48.32 -111.42
CA LEU WB 109 -30.27 -49.54 -111.49
C LEU WB 109 -28.80 -49.15 -111.41
N PRO WB 110 -28.15 -49.29 -110.26
CA PRO WB 110 -26.74 -48.91 -110.16
C PRO WB 110 -25.79 -49.91 -110.81
N GLN WB 111 -24.77 -49.34 -111.46
CA GLN WB 111 -23.74 -50.07 -112.17
C GLN WB 111 -22.42 -49.38 -111.86
N SER WB 112 -21.35 -50.16 -111.67
CA SER WB 112 -20.07 -49.60 -111.30
C SER WB 112 -18.94 -50.46 -111.85
N CYS WB 113 -17.86 -49.81 -112.26
CA CYS WB 113 -16.73 -50.49 -112.90
C CYS WB 113 -15.44 -49.76 -112.57
N SER WB 114 -14.40 -50.50 -112.22
CA SER WB 114 -13.15 -49.88 -111.80
C SER WB 114 -11.96 -50.58 -112.44
N ILE WB 115 -10.97 -49.78 -112.81
CA ILE WB 115 -9.72 -50.26 -113.40
C ILE WB 115 -8.57 -49.74 -112.57
N ARG WB 116 -7.67 -50.64 -112.19
CA ARG WB 116 -6.46 -50.29 -111.44
C ARG WB 116 -5.26 -50.78 -112.22
N LEU WB 117 -4.40 -49.85 -112.63
CA LEU WB 117 -3.18 -50.17 -113.36
C LEU WB 117 -1.98 -49.76 -112.52
N ALA WB 118 -1.10 -50.71 -112.25
CA ALA WB 118 0.14 -50.45 -111.51
C ALA WB 118 1.28 -51.02 -112.35
N SER WB 119 2.13 -50.15 -112.87
CA SER WB 119 3.27 -50.54 -113.69
C SER WB 119 4.57 -50.22 -112.94
N THR WB 120 5.61 -51.03 -113.17
CA THR WB 120 6.95 -50.54 -112.86
C THR WB 120 7.51 -49.93 -114.14
N VAL WB 121 7.79 -48.64 -114.09
CA VAL WB 121 8.33 -47.90 -115.23
C VAL WB 121 9.84 -47.82 -115.07
N THR WB 122 10.55 -47.96 -116.18
CA THR WB 122 11.96 -47.67 -116.27
C THR WB 122 12.18 -46.76 -117.48
N LYS WB 123 13.43 -46.39 -117.74
CA LYS WB 123 13.75 -45.45 -118.81
C LYS WB 123 13.15 -45.89 -120.14
N GLU WB 124 13.14 -47.19 -120.41
CA GLU WB 124 12.70 -47.71 -121.70
C GLU WB 124 11.22 -48.06 -121.74
N THR WB 125 10.53 -48.04 -120.59
CA THR WB 125 9.10 -48.27 -120.57
C THR WB 125 8.38 -47.15 -121.30
N THR WB 126 7.54 -47.50 -122.27
CA THR WB 126 6.87 -46.52 -123.10
C THR WB 126 5.37 -46.45 -122.82
N ALA WB 127 4.77 -45.38 -123.33
CA ALA WB 127 3.31 -45.24 -123.29
C ALA WB 127 2.63 -46.48 -123.83
N ALA WB 128 3.02 -46.89 -125.04
CA ALA WB 128 2.39 -48.03 -125.68
C ALA WB 128 2.60 -49.32 -124.90
N ASP WB 129 3.80 -49.49 -124.32
CA ASP WB 129 4.05 -50.66 -123.48
C ASP WB 129 3.07 -50.72 -122.32
N ILE WB 130 2.80 -49.56 -121.69
CA ILE WB 130 1.90 -49.60 -120.55
C ILE WB 130 0.45 -49.79 -121.00
N ALA WB 131 0.09 -49.25 -122.17
CA ALA WB 131 -1.23 -49.53 -122.72
C ALA WB 131 -1.42 -51.02 -123.00
N GLY WB 132 -0.33 -51.69 -123.40
CA GLY WB 132 -0.43 -53.09 -123.76
C GLY WB 132 -0.98 -53.96 -122.65
N ILE WB 133 -0.65 -53.65 -121.40
CA ILE WB 133 -1.10 -54.52 -120.32
C ILE WB 133 -2.61 -54.38 -120.12
N VAL WB 134 -3.14 -53.17 -120.26
CA VAL WB 134 -4.59 -53.00 -120.22
C VAL WB 134 -5.25 -53.77 -121.36
N LEU WB 135 -4.67 -53.67 -122.55
CA LEU WB 135 -5.26 -54.35 -123.70
C LEU WB 135 -5.25 -55.87 -123.52
N ARG WB 136 -4.15 -56.41 -123.01
CA ARG WB 136 -4.05 -57.85 -122.79
C ARG WB 136 -4.88 -58.31 -121.59
N THR WB 137 -5.19 -57.41 -120.66
CA THR WB 137 -6.14 -57.74 -119.61
C THR WB 137 -7.56 -57.82 -120.16
N LEU WB 138 -7.87 -56.97 -121.13
CA LEU WB 138 -9.22 -56.97 -121.71
C LEU WB 138 -9.43 -58.14 -122.67
N ALA WB 139 -8.42 -58.48 -123.47
CA ALA WB 139 -8.60 -59.44 -124.55
C ALA WB 139 -9.21 -60.78 -124.13
N PRO WB 140 -8.93 -61.34 -122.94
CA PRO WB 140 -9.63 -62.57 -122.57
C PRO WB 140 -11.13 -62.40 -122.41
N ILE WB 141 -11.58 -61.24 -121.94
CA ILE WB 141 -13.00 -60.96 -121.79
C ILE WB 141 -13.66 -60.58 -123.12
N PHE WB 142 -12.92 -59.94 -124.03
CA PHE WB 142 -13.46 -59.48 -125.31
C PHE WB 142 -12.66 -60.11 -126.44
N PRO WB 143 -12.78 -61.41 -126.65
CA PRO WB 143 -11.93 -62.07 -127.65
C PRO WB 143 -12.20 -61.60 -129.06
N ASN WB 144 -13.40 -61.06 -129.33
CA ASN WB 144 -13.74 -60.48 -130.63
C ASN WB 144 -14.05 -59.00 -130.53
N GLY WB 145 -13.69 -58.38 -129.41
CA GLY WB 145 -13.91 -56.95 -129.28
C GLY WB 145 -15.39 -56.69 -129.19
N SER WB 146 -15.88 -55.69 -129.92
CA SER WB 146 -17.30 -55.41 -129.91
C SER WB 146 -18.11 -56.44 -130.68
N GLY WB 147 -17.46 -57.37 -131.39
CA GLY WB 147 -18.18 -58.27 -132.31
C GLY WB 147 -19.23 -59.13 -131.64
N ASP WB 148 -18.92 -59.66 -130.45
CA ASP WB 148 -19.86 -60.43 -129.64
C ASP WB 148 -19.57 -60.15 -128.18
N TRP WB 149 -20.45 -60.63 -127.31
CA TRP WB 149 -20.26 -60.42 -125.87
C TRP WB 149 -20.23 -61.73 -125.11
N ILE WB 150 -19.79 -62.82 -125.74
CA ILE WB 150 -20.07 -64.15 -125.21
C ILE WB 150 -19.32 -64.39 -123.91
N LYS WB 151 -18.02 -64.06 -123.88
CA LYS WB 151 -17.25 -64.31 -122.68
C LYS WB 151 -17.66 -63.37 -121.55
N LEU WB 152 -18.02 -62.13 -121.90
CA LEU WB 152 -18.54 -61.23 -120.87
C LEU WB 152 -19.83 -61.78 -120.27
N GLN WB 153 -20.70 -62.31 -121.12
CA GLN WB 153 -21.95 -62.91 -120.64
C GLN WB 153 -21.65 -64.07 -119.71
N GLN WB 154 -20.65 -64.89 -120.03
CA GLN WB 154 -20.26 -65.96 -119.10
C GLN WB 154 -19.82 -65.40 -117.75
N LEU WB 155 -19.03 -64.33 -117.77
CA LEU WB 155 -18.59 -63.72 -116.52
C LEU WB 155 -19.79 -63.26 -115.69
N ILE WB 156 -20.76 -62.64 -116.33
CA ILE WB 156 -21.95 -62.19 -115.59
C ILE WB 156 -22.74 -63.40 -115.08
N ASP WB 157 -22.91 -64.42 -115.93
CA ASP WB 157 -23.60 -65.64 -115.54
C ASP WB 157 -22.92 -66.35 -114.38
N GLY WB 158 -21.65 -66.03 -114.13
CA GLY WB 158 -20.93 -66.56 -112.99
C GLY WB 158 -19.96 -67.69 -113.30
N LEU WB 159 -19.47 -67.76 -114.54
CA LEU WB 159 -18.67 -68.88 -115.04
C LEU WB 159 -17.23 -68.45 -115.22
N PRO WB 160 -16.40 -68.52 -114.17
CA PRO WB 160 -15.08 -67.85 -114.20
C PRO WB 160 -14.06 -68.55 -115.07
N ARG WB 161 -14.29 -69.79 -115.49
CA ARG WB 161 -13.35 -70.53 -116.32
C ARG WB 161 -13.41 -69.98 -117.75
N ILE WB 162 -12.60 -68.95 -118.01
CA ILE WB 162 -12.59 -68.29 -119.30
C ILE WB 162 -11.61 -68.95 -120.26
N PHE WB 163 -10.49 -69.46 -119.76
CA PHE WB 163 -9.53 -70.17 -120.59
C PHE WB 163 -9.81 -71.66 -120.59
N GLY WB 164 -10.99 -72.07 -120.15
CA GLY WB 164 -11.33 -73.48 -120.04
C GLY WB 164 -11.04 -74.03 -118.67
N SER XB 1 -17.29 17.26 -122.16
CA SER XB 1 -18.35 16.86 -121.25
C SER XB 1 -18.29 15.35 -121.01
N TYR XB 2 -18.33 14.96 -119.74
CA TYR XB 2 -18.04 13.59 -119.35
C TYR XB 2 -18.98 12.58 -120.01
N THR XB 3 -18.43 11.46 -120.47
CA THR XB 3 -19.20 10.32 -120.94
C THR XB 3 -18.82 9.08 -120.15
N ILE XB 4 -19.75 8.14 -120.07
CA ILE XB 4 -19.59 6.90 -119.32
C ILE XB 4 -19.38 5.75 -120.30
N ASP XB 5 -18.21 5.10 -120.20
CA ASP XB 5 -17.87 3.91 -120.96
C ASP XB 5 -18.13 2.68 -120.09
N ILE XB 6 -19.03 1.80 -120.53
CA ILE XB 6 -19.12 0.51 -119.85
C ILE XB 6 -17.92 -0.30 -120.30
N ASN XB 7 -16.92 -0.39 -119.45
CA ASN XB 7 -15.72 -1.14 -119.76
C ASN XB 7 -16.13 -2.60 -119.77
N CYS XB 8 -16.34 -3.15 -120.97
CA CYS XB 8 -17.08 -4.40 -121.07
C CYS XB 8 -17.13 -4.85 -122.53
N SER XB 9 -17.46 -6.12 -122.74
CA SER XB 9 -17.61 -6.70 -124.07
C SER XB 9 -19.09 -6.88 -124.39
N THR XB 10 -19.58 -6.18 -125.41
CA THR XB 10 -20.94 -6.33 -125.92
C THR XB 10 -20.91 -6.84 -127.35
N GLY XB 11 -22.07 -7.32 -127.80
CA GLY XB 11 -22.21 -7.93 -129.10
C GLY XB 11 -23.19 -7.19 -129.98
N ASP XB 12 -23.30 -7.57 -131.26
CA ASP XB 12 -24.23 -6.87 -132.14
C ASP XB 12 -25.66 -7.40 -132.01
N THR XB 13 -25.81 -8.70 -131.77
CA THR XB 13 -27.11 -9.36 -131.78
C THR XB 13 -27.95 -8.97 -130.56
N GLN XB 14 -29.27 -9.06 -130.69
CA GLN XB 14 -30.15 -8.82 -129.55
C GLN XB 14 -31.25 -9.86 -129.53
N ALA XB 15 -31.63 -10.28 -128.33
CA ALA XB 15 -32.72 -11.23 -128.12
C ALA XB 15 -33.81 -10.61 -127.26
N ASN XB 16 -35.01 -11.14 -127.38
CA ASN XB 16 -36.15 -10.74 -126.57
C ASN XB 16 -36.31 -11.75 -125.42
N LEU XB 17 -36.19 -11.27 -124.18
CA LEU XB 17 -36.63 -12.01 -123.01
C LEU XB 17 -38.06 -11.56 -122.73
N VAL XB 18 -39.02 -12.46 -122.96
CA VAL XB 18 -40.43 -12.08 -122.95
C VAL XB 18 -40.96 -12.21 -121.53
N LEU XB 19 -41.23 -11.06 -120.90
CA LEU XB 19 -41.79 -11.03 -119.56
C LEU XB 19 -43.29 -10.97 -119.64
N THR XB 20 -43.96 -11.73 -118.78
CA THR XB 20 -45.40 -11.65 -118.62
C THR XB 20 -45.68 -10.81 -117.39
N GLU XB 21 -46.60 -9.84 -117.53
CA GLU XB 21 -46.83 -8.89 -116.45
C GLU XB 21 -47.33 -9.59 -115.21
N ILE XB 22 -47.16 -8.92 -114.08
CA ILE XB 22 -47.69 -9.39 -112.80
C ILE XB 22 -48.59 -8.28 -112.28
N PRO XB 23 -49.91 -8.49 -112.20
CA PRO XB 23 -50.82 -7.40 -111.87
C PRO XB 23 -50.63 -6.95 -110.42
N ALA XB 24 -50.63 -5.63 -110.23
CA ALA XB 24 -50.35 -5.09 -108.91
C ALA XB 24 -51.55 -5.21 -107.98
N GLU XB 25 -52.77 -5.30 -108.52
CA GLU XB 25 -53.95 -5.34 -107.67
C GLU XB 25 -53.89 -6.45 -106.64
N PRO XB 26 -53.60 -7.72 -106.99
CA PRO XB 26 -53.68 -8.78 -105.97
C PRO XB 26 -52.61 -8.68 -104.87
N TYR XB 27 -51.60 -7.83 -104.97
CA TYR XB 27 -50.56 -7.82 -103.94
C TYR XB 27 -50.98 -6.94 -102.77
N VAL XB 28 -50.71 -7.42 -101.55
CA VAL XB 28 -51.08 -6.75 -100.32
C VAL XB 28 -49.84 -6.49 -99.48
N HIS XB 29 -49.63 -5.22 -99.11
CA HIS XB 29 -48.56 -4.85 -98.20
C HIS XB 29 -48.73 -5.59 -96.87
N VAL XB 30 -47.66 -6.23 -96.42
CA VAL XB 30 -47.68 -7.09 -95.25
C VAL XB 30 -46.78 -6.55 -94.14
N SER XB 31 -45.53 -6.24 -94.48
CA SER XB 31 -44.55 -5.82 -93.48
C SER XB 31 -43.57 -4.84 -94.09
N GLY XB 32 -43.09 -3.93 -93.26
CA GLY XB 32 -41.86 -3.20 -93.54
C GLY XB 32 -42.05 -1.71 -93.80
N ASP XB 33 -41.06 -0.93 -93.38
CA ASP XB 33 -40.95 0.50 -93.67
C ASP XB 33 -40.34 0.70 -95.07
N ASN XB 34 -40.13 1.98 -95.43
CA ASN XB 34 -39.10 2.26 -96.42
C ASN XB 34 -37.72 2.02 -95.81
N LYS XB 35 -37.57 2.25 -94.50
CA LYS XB 35 -36.31 1.98 -93.80
C LYS XB 35 -36.07 0.49 -93.65
N SER XB 36 -37.12 -0.31 -93.60
CA SER XB 36 -37.02 -1.76 -93.54
C SER XB 36 -37.23 -2.33 -94.95
N THR XB 37 -37.42 -3.64 -95.05
CA THR XB 37 -37.75 -4.27 -96.33
C THR XB 37 -39.26 -4.40 -96.51
N ILE XB 38 -39.79 -3.87 -97.63
CA ILE XB 38 -41.21 -3.98 -97.95
C ILE XB 38 -41.53 -5.39 -98.39
N GLU XB 39 -42.67 -5.93 -97.94
CA GLU XB 39 -43.06 -7.29 -98.25
C GLU XB 39 -44.50 -7.31 -98.74
N TYR XB 40 -44.74 -7.98 -99.87
CA TYR XB 40 -46.09 -8.12 -100.41
C TYR XB 40 -46.47 -9.59 -100.49
N LEU XB 41 -47.76 -9.84 -100.25
CA LEU XB 41 -48.40 -11.14 -100.41
C LEU XB 41 -49.24 -11.15 -101.67
N ASP XB 42 -49.02 -12.17 -102.51
CA ASP XB 42 -49.85 -12.39 -103.70
C ASP XB 42 -51.10 -13.13 -103.25
N THR XB 43 -52.22 -12.39 -103.12
CA THR XB 43 -53.47 -12.97 -102.62
C THR XB 43 -54.22 -13.75 -103.68
N GLY XB 44 -53.72 -13.77 -104.91
CA GLY XB 44 -54.30 -14.62 -105.93
C GLY XB 44 -53.64 -15.98 -105.90
N SER XB 45 -53.67 -16.63 -104.75
CA SER XB 45 -53.09 -17.95 -104.55
C SER XB 45 -54.08 -18.86 -103.86
N ASP XB 46 -53.73 -20.14 -103.77
CA ASP XB 46 -54.60 -21.08 -103.08
C ASP XB 46 -54.63 -20.72 -101.60
N ASN XB 47 -55.79 -20.26 -101.16
CA ASN XB 47 -56.02 -19.92 -99.76
C ASN XB 47 -55.80 -21.13 -98.85
N SER XB 48 -56.07 -22.33 -99.36
CA SER XB 48 -56.03 -23.54 -98.54
C SER XB 48 -54.62 -24.03 -98.24
N LEU XB 49 -53.61 -23.25 -98.60
CA LEU XB 49 -52.24 -23.48 -98.16
C LEU XB 49 -51.88 -22.44 -97.11
N LEU XB 50 -51.09 -22.86 -96.13
CA LEU XB 50 -50.58 -21.91 -95.15
C LEU XB 50 -49.35 -21.17 -95.65
N VAL XB 51 -48.81 -21.55 -96.80
CA VAL XB 51 -47.74 -20.80 -97.45
C VAL XB 51 -48.33 -20.16 -98.71
N ARG XB 52 -47.97 -18.92 -98.95
CA ARG XB 52 -48.50 -18.18 -100.08
C ARG XB 52 -47.39 -17.36 -100.70
N PRO XB 53 -47.50 -17.02 -101.99
CA PRO XB 53 -46.41 -16.34 -102.68
C PRO XB 53 -46.21 -14.93 -102.19
N THR XB 54 -44.95 -14.56 -101.97
CA THR XB 54 -44.59 -13.23 -101.51
C THR XB 54 -43.44 -12.70 -102.33
N GLN XB 55 -43.47 -11.41 -102.64
CA GLN XB 55 -42.27 -10.75 -103.16
C GLN XB 55 -41.92 -9.54 -102.30
N GLN XB 56 -40.63 -9.37 -102.03
CA GLN XB 56 -40.19 -8.28 -101.17
C GLN XB 56 -39.16 -7.41 -101.89
N PHE XB 57 -39.15 -6.14 -101.51
CA PHE XB 57 -38.31 -5.11 -102.10
C PHE XB 57 -37.65 -4.29 -100.99
N ASN XB 58 -36.32 -4.23 -101.03
CA ASN XB 58 -35.51 -3.45 -100.11
C ASN XB 58 -34.59 -2.57 -100.94
N CYS XB 59 -34.35 -1.35 -100.49
CA CYS XB 59 -33.32 -0.56 -101.16
C CYS XB 59 -32.63 0.37 -100.16
N VAL XB 60 -31.32 0.54 -100.35
CA VAL XB 60 -30.46 1.30 -99.45
C VAL XB 60 -29.41 2.05 -100.27
N SER XB 61 -28.91 3.13 -99.68
CA SER XB 61 -28.05 4.06 -100.39
C SER XB 61 -26.96 4.55 -99.44
N SER XB 62 -25.77 4.79 -100.00
CA SER XB 62 -24.64 5.25 -99.20
C SER XB 62 -23.80 6.28 -99.94
N GLN XB 63 -23.21 7.18 -99.16
CA GLN XB 63 -22.33 8.22 -99.70
C GLN XB 63 -20.92 7.72 -99.93
N TYR XB 64 -20.64 6.45 -99.62
CA TYR XB 64 -19.30 5.89 -99.67
C TYR XB 64 -19.27 4.71 -100.65
N PRO XB 65 -19.32 5.00 -101.95
CA PRO XB 65 -19.61 3.94 -102.93
C PRO XB 65 -18.45 2.99 -103.17
N TYR XB 66 -17.24 3.36 -102.74
CA TYR XB 66 -16.05 2.56 -102.97
C TYR XB 66 -15.70 1.69 -101.77
N ARG XB 67 -16.62 1.54 -100.81
CA ARG XB 67 -16.28 0.86 -99.56
C ARG XB 67 -15.93 -0.61 -99.80
N ASN XB 68 -16.65 -1.27 -100.69
CA ASN XB 68 -16.41 -2.69 -100.93
C ASN XB 68 -15.29 -2.96 -101.92
N TYR XB 69 -14.97 -2.00 -102.77
CA TYR XB 69 -14.00 -2.19 -103.84
C TYR XB 69 -12.65 -1.66 -103.38
N SER XB 70 -11.66 -2.55 -103.32
CA SER XB 70 -10.41 -2.21 -102.68
C SER XB 70 -9.35 -1.69 -103.63
N LYS XB 71 -9.33 -2.16 -104.87
CA LYS XB 71 -8.21 -1.89 -105.76
C LYS XB 71 -8.48 -0.71 -106.71
N ILE XB 72 -9.33 0.21 -106.31
CA ILE XB 72 -9.57 1.44 -107.08
C ILE XB 72 -8.85 2.58 -106.37
N PRO XB 73 -7.87 3.22 -107.01
CA PRO XB 73 -7.15 4.33 -106.37
C PRO XB 73 -8.03 5.54 -106.13
N ARG XB 74 -7.67 6.32 -105.10
CA ARG XB 74 -8.44 7.54 -104.80
C ARG XB 74 -8.43 8.50 -105.98
N SER XB 75 -7.31 8.58 -106.70
CA SER XB 75 -7.22 9.44 -107.87
C SER XB 75 -8.21 9.06 -108.96
N GLN XB 76 -8.87 7.90 -108.84
CA GLN XB 76 -9.86 7.46 -109.80
C GLN XB 76 -11.26 7.36 -109.18
N GLN XB 77 -11.43 7.81 -107.93
CA GLN XB 77 -12.72 7.74 -107.24
C GLN XB 77 -13.47 9.06 -107.43
N ASP XB 78 -14.65 9.00 -108.05
CA ASP XB 78 -15.47 10.19 -108.30
C ASP XB 78 -16.05 10.71 -106.99
N PRO XB 79 -15.67 11.90 -106.53
CA PRO XB 79 -16.14 12.38 -105.22
C PRO XB 79 -17.63 12.67 -105.18
N LEU XB 80 -18.25 12.84 -106.34
CA LEU XB 80 -19.69 13.05 -106.43
C LEU XB 80 -20.46 11.75 -106.57
N ALA XB 81 -19.78 10.62 -106.69
CA ALA XB 81 -20.45 9.36 -106.90
C ALA XB 81 -21.13 8.90 -105.62
N VAL XB 82 -22.26 8.20 -105.79
CA VAL XB 82 -23.05 7.68 -104.69
C VAL XB 82 -23.39 6.23 -104.99
N ARG XB 83 -23.67 5.45 -103.95
CA ARG XB 83 -24.01 4.05 -104.09
C ARG XB 83 -25.52 3.90 -103.93
N ARG XB 84 -26.17 3.36 -104.96
CA ARG XB 84 -27.59 3.06 -104.92
C ARG XB 84 -27.76 1.56 -105.05
N GLU XB 85 -28.50 0.94 -104.14
CA GLU XB 85 -28.64 -0.51 -104.11
C GLU XB 85 -30.10 -0.86 -103.92
N PHE XB 86 -30.55 -1.92 -104.60
CA PHE XB 86 -31.88 -2.47 -104.37
C PHE XB 86 -31.82 -3.99 -104.48
N TYR XB 87 -32.83 -4.63 -103.89
CA TYR XB 87 -32.84 -6.07 -103.67
C TYR XB 87 -34.27 -6.57 -103.67
N THR XB 88 -34.57 -7.52 -104.54
CA THR XB 88 -35.90 -8.11 -104.56
C THR XB 88 -35.75 -9.60 -104.34
N ARG XB 89 -36.71 -10.19 -103.62
CA ARG XB 89 -36.76 -11.65 -103.43
C ARG XB 89 -38.20 -12.11 -103.59
N ARG XB 90 -38.43 -12.94 -104.60
CA ARG XB 90 -39.74 -13.52 -104.85
C ARG XB 90 -39.70 -14.98 -104.47
N VAL XB 91 -40.63 -15.38 -103.61
CA VAL XB 91 -40.84 -16.78 -103.29
C VAL XB 91 -42.23 -17.13 -103.80
N GLU XB 92 -42.30 -18.15 -104.65
CA GLU XB 92 -43.58 -18.74 -105.01
C GLU XB 92 -43.61 -20.18 -104.55
N TYR XB 93 -44.83 -20.71 -104.43
CA TYR XB 93 -45.06 -22.05 -103.91
C TYR XB 93 -45.92 -22.80 -104.92
N TRP XB 94 -45.29 -23.63 -105.74
CA TRP XB 94 -46.00 -24.37 -106.77
C TRP XB 94 -46.77 -25.53 -106.14
N ARG XB 95 -47.70 -26.09 -106.90
CA ARG XB 95 -48.54 -27.18 -106.44
C ARG XB 95 -48.57 -28.24 -107.53
N LYS XB 96 -48.16 -29.47 -107.21
CA LYS XB 96 -48.25 -30.58 -108.13
C LYS XB 96 -49.39 -31.51 -107.73
N ALA XB 97 -50.24 -31.83 -108.72
CA ALA XB 97 -51.33 -32.79 -108.54
C ALA XB 97 -51.81 -33.26 -109.91
N ASP XB 98 -52.69 -34.26 -109.94
CA ASP XB 98 -53.33 -34.60 -111.20
C ASP XB 98 -54.83 -34.81 -111.01
N ALA XB 99 -55.61 -34.22 -111.91
CA ALA XB 99 -57.05 -34.43 -111.91
C ALA XB 99 -57.44 -35.85 -112.29
N SER XB 100 -56.49 -36.61 -112.83
CA SER XB 100 -56.78 -37.98 -113.24
C SER XB 100 -57.01 -38.89 -112.04
N ASN XB 101 -56.41 -38.56 -110.89
CA ASN XB 101 -56.41 -39.47 -109.75
C ASN XB 101 -56.74 -38.67 -108.48
N VAL XB 102 -58.00 -38.74 -108.03
CA VAL XB 102 -58.36 -38.10 -106.78
C VAL XB 102 -57.68 -38.77 -105.60
N ASP XB 103 -57.20 -40.00 -105.77
CA ASP XB 103 -56.58 -40.77 -104.70
C ASP XB 103 -55.11 -40.44 -104.50
N ALA XB 104 -54.47 -39.74 -105.43
CA ALA XB 104 -53.03 -39.52 -105.34
C ALA XB 104 -52.73 -38.19 -104.67
N PRO XB 105 -51.69 -38.12 -103.83
CA PRO XB 105 -51.48 -36.95 -102.98
C PRO XB 105 -51.01 -35.74 -103.76
N GLU XB 106 -51.29 -34.58 -103.20
CA GLU XB 106 -50.80 -33.31 -103.75
C GLU XB 106 -49.57 -32.86 -102.98
N TYR XB 107 -48.65 -32.20 -103.67
CA TYR XB 107 -47.45 -31.70 -103.03
C TYR XB 107 -47.26 -30.22 -103.35
N THR XB 108 -46.69 -29.48 -102.41
CA THR XB 108 -46.35 -28.09 -102.63
C THR XB 108 -44.82 -27.95 -102.74
N LEU XB 109 -44.38 -27.29 -103.79
CA LEU XB 109 -42.96 -27.21 -104.18
C LEU XB 109 -42.44 -25.79 -104.09
N PRO XB 110 -41.54 -25.49 -103.16
CA PRO XB 110 -41.06 -24.10 -103.02
C PRO XB 110 -40.00 -23.70 -104.02
N GLN XB 111 -40.10 -22.44 -104.47
CA GLN XB 111 -39.20 -21.82 -105.42
C GLN XB 111 -38.90 -20.42 -104.95
N SER XB 112 -37.63 -20.01 -105.06
CA SER XB 112 -37.24 -18.66 -104.68
C SER XB 112 -36.20 -18.10 -105.64
N CYS XB 113 -36.28 -16.78 -105.87
CA CYS XB 113 -35.34 -16.11 -106.77
C CYS XB 113 -35.12 -14.70 -106.26
N SER XB 114 -33.85 -14.28 -106.23
CA SER XB 114 -33.51 -12.99 -105.63
C SER XB 114 -32.48 -12.27 -106.49
N ILE XB 115 -32.74 -10.99 -106.75
CA ILE XB 115 -31.86 -10.12 -107.54
C ILE XB 115 -31.44 -8.95 -106.70
N ARG XB 116 -30.11 -8.74 -106.59
CA ARG XB 116 -29.52 -7.59 -105.93
C ARG XB 116 -28.69 -6.80 -106.93
N LEU XB 117 -28.80 -5.47 -106.85
CA LEU XB 117 -28.12 -4.56 -107.76
C LEU XB 117 -27.59 -3.37 -106.96
N ALA XB 118 -26.29 -3.12 -107.08
CA ALA XB 118 -25.67 -1.96 -106.45
C ALA XB 118 -24.86 -1.24 -107.52
N SER XB 119 -25.33 -0.07 -107.93
CA SER XB 119 -24.66 0.76 -108.92
C SER XB 119 -23.99 1.94 -108.26
N THR XB 120 -22.83 2.33 -108.80
CA THR XB 120 -22.28 3.64 -108.51
C THR XB 120 -22.93 4.63 -109.46
N VAL XB 121 -23.63 5.62 -108.91
CA VAL XB 121 -24.38 6.59 -109.70
C VAL XB 121 -23.74 7.96 -109.54
N THR XB 122 -23.49 8.61 -110.68
CA THR XB 122 -23.01 9.98 -110.77
C THR XB 122 -23.93 10.76 -111.68
N LYS XB 123 -23.61 12.05 -111.88
CA LYS XB 123 -24.47 12.94 -112.65
C LYS XB 123 -24.88 12.33 -113.98
N GLU XB 124 -23.92 11.72 -114.67
CA GLU XB 124 -24.11 11.24 -116.04
C GLU XB 124 -24.71 9.84 -116.11
N THR XB 125 -24.83 9.15 -114.98
CA THR XB 125 -25.43 7.83 -114.95
C THR XB 125 -26.94 7.92 -115.13
N THR XB 126 -27.47 7.31 -116.19
CA THR XB 126 -28.90 7.33 -116.47
C THR XB 126 -29.57 6.03 -116.05
N ALA XB 127 -30.90 6.10 -115.90
CA ALA XB 127 -31.67 4.93 -115.52
C ALA XB 127 -31.46 3.80 -116.52
N ALA XB 128 -31.37 4.14 -117.81
CA ALA XB 128 -31.05 3.14 -118.83
C ALA XB 128 -29.68 2.53 -118.58
N ASP XB 129 -28.68 3.36 -118.26
CA ASP XB 129 -27.35 2.85 -117.97
C ASP XB 129 -27.39 1.81 -116.85
N ILE XB 130 -28.21 2.07 -115.84
CA ILE XB 130 -28.27 1.15 -114.70
C ILE XB 130 -29.06 -0.10 -115.07
N ALA XB 131 -30.09 0.03 -115.90
CA ALA XB 131 -30.77 -1.17 -116.38
C ALA XB 131 -29.83 -2.05 -117.18
N GLY XB 132 -28.88 -1.43 -117.87
CA GLY XB 132 -27.90 -2.18 -118.64
C GLY XB 132 -27.19 -3.25 -117.83
N ILE XB 133 -26.88 -2.95 -116.56
CA ILE XB 133 -26.10 -3.93 -115.81
C ILE XB 133 -26.94 -5.18 -115.50
N VAL XB 134 -28.23 -5.00 -115.22
CA VAL XB 134 -29.09 -6.15 -115.04
C VAL XB 134 -29.24 -6.92 -116.35
N LEU XB 135 -29.39 -6.20 -117.46
CA LEU XB 135 -29.55 -6.86 -118.75
C LEU XB 135 -28.31 -7.67 -119.13
N ARG XB 136 -27.13 -7.14 -118.84
CA ARG XB 136 -25.89 -7.86 -119.14
C ARG XB 136 -25.64 -8.99 -118.15
N THR XB 137 -26.13 -8.88 -116.92
CA THR XB 137 -26.05 -10.03 -116.02
C THR XB 137 -26.93 -11.16 -116.52
N LEU XB 138 -28.12 -10.83 -117.03
CA LEU XB 138 -29.05 -11.86 -117.51
C LEU XB 138 -28.57 -12.50 -118.79
N ALA XB 139 -28.00 -11.70 -119.70
CA ALA XB 139 -27.77 -12.15 -121.07
C ALA XB 139 -26.99 -13.45 -121.20
N PRO XB 140 -25.91 -13.71 -120.45
CA PRO XB 140 -25.20 -15.00 -120.62
C PRO XB 140 -26.05 -16.23 -120.34
N ILE XB 141 -26.98 -16.14 -119.39
CA ILE XB 141 -27.86 -17.25 -119.03
C ILE XB 141 -28.97 -17.42 -120.06
N PHE XB 142 -29.44 -16.33 -120.66
CA PHE XB 142 -30.53 -16.36 -121.64
C PHE XB 142 -29.99 -15.76 -122.94
N PRO XB 143 -29.06 -16.43 -123.60
CA PRO XB 143 -28.42 -15.83 -124.77
C PRO XB 143 -29.34 -15.69 -125.96
N ASN XB 144 -30.48 -16.40 -125.97
CA ASN XB 144 -31.51 -16.23 -126.98
C ASN XB 144 -32.83 -15.79 -126.38
N GLY XB 145 -32.80 -15.21 -125.18
CA GLY XB 145 -33.99 -14.67 -124.61
C GLY XB 145 -34.95 -15.79 -124.26
N SER XB 146 -36.25 -15.51 -124.40
CA SER XB 146 -37.23 -16.54 -124.14
C SER XB 146 -37.18 -17.66 -125.16
N GLY XB 147 -36.32 -17.56 -126.17
CA GLY XB 147 -36.32 -18.56 -127.25
C GLY XB 147 -35.99 -19.97 -126.79
N ASP XB 148 -34.83 -20.15 -126.18
CA ASP XB 148 -34.41 -21.46 -125.70
C ASP XB 148 -33.95 -21.35 -124.26
N TRP XB 149 -33.82 -22.50 -123.60
CA TRP XB 149 -33.46 -22.53 -122.20
C TRP XB 149 -32.18 -23.33 -121.97
N ILE XB 150 -31.28 -23.36 -122.95
CA ILE XB 150 -30.20 -24.34 -122.92
C ILE XB 150 -29.22 -24.03 -121.80
N LYS XB 151 -28.78 -22.78 -121.71
CA LYS XB 151 -27.81 -22.43 -120.67
C LYS XB 151 -28.45 -22.47 -119.29
N LEU XB 152 -29.73 -22.08 -119.19
CA LEU XB 152 -30.42 -22.21 -117.91
C LEU XB 152 -30.48 -23.66 -117.47
N GLN XB 153 -30.81 -24.55 -118.42
CA GLN XB 153 -30.83 -25.98 -118.16
C GLN XB 153 -29.50 -26.44 -117.62
N GLN XB 154 -28.39 -25.97 -118.22
CA GLN XB 154 -27.07 -26.32 -117.71
C GLN XB 154 -26.90 -25.88 -116.26
N LEU XB 155 -27.23 -24.62 -115.98
CA LEU XB 155 -27.09 -24.12 -114.61
C LEU XB 155 -27.85 -24.99 -113.63
N ILE XB 156 -29.04 -25.45 -114.01
CA ILE XB 156 -29.81 -26.29 -113.11
C ILE XB 156 -29.19 -27.68 -113.02
N ASP XB 157 -28.71 -28.21 -114.15
CA ASP XB 157 -28.02 -29.49 -114.20
C ASP XB 157 -26.75 -29.50 -113.38
N GLY XB 158 -26.27 -28.35 -112.94
CA GLY XB 158 -25.09 -28.28 -112.11
C GLY XB 158 -23.81 -27.99 -112.84
N LEU XB 159 -23.88 -27.38 -114.03
CA LEU XB 159 -22.72 -27.09 -114.86
C LEU XB 159 -22.51 -25.58 -114.94
N PRO XB 160 -21.59 -25.02 -114.16
CA PRO XB 160 -21.53 -23.57 -114.00
C PRO XB 160 -20.85 -22.81 -115.13
N ARG XB 161 -20.18 -23.48 -116.07
CA ARG XB 161 -19.38 -22.75 -117.05
C ARG XB 161 -20.27 -22.34 -118.23
N ILE XB 162 -20.91 -21.18 -118.07
CA ILE XB 162 -21.72 -20.60 -119.15
C ILE XB 162 -20.85 -20.28 -120.36
N PHE XB 163 -19.65 -19.76 -120.13
CA PHE XB 163 -18.79 -19.32 -121.21
C PHE XB 163 -17.84 -20.41 -121.70
N GLY XB 164 -17.79 -21.55 -121.02
CA GLY XB 164 -16.92 -22.64 -121.43
C GLY XB 164 -15.62 -22.76 -120.67
N SER YB 1 -49.44 -38.22 -114.78
CA SER YB 1 -50.46 -37.22 -115.08
C SER YB 1 -50.30 -36.00 -114.20
N TYR YB 2 -49.34 -36.08 -113.27
CA TYR YB 2 -49.03 -34.95 -112.39
C TYR YB 2 -48.71 -33.70 -113.20
N THR YB 3 -49.31 -32.59 -112.79
CA THR YB 3 -49.07 -31.29 -113.40
C THR YB 3 -48.66 -30.30 -112.32
N ILE YB 4 -47.80 -29.38 -112.75
CA ILE YB 4 -47.23 -28.33 -111.91
C ILE YB 4 -48.01 -27.06 -112.16
N ASP YB 5 -48.69 -26.57 -111.13
CA ASP YB 5 -49.40 -25.30 -111.18
C ASP YB 5 -48.62 -24.28 -110.37
N ILE YB 6 -48.11 -23.24 -111.03
CA ILE YB 6 -47.60 -22.11 -110.27
C ILE YB 6 -48.75 -21.48 -109.52
N ASN YB 7 -48.52 -21.15 -108.26
CA ASN YB 7 -49.59 -20.60 -107.43
C ASN YB 7 -49.51 -19.07 -107.42
N CYS YB 8 -49.50 -18.46 -108.59
CA CYS YB 8 -49.18 -17.05 -108.71
C CYS YB 8 -50.32 -16.28 -109.36
N SER YB 9 -50.14 -14.97 -109.44
CA SER YB 9 -50.99 -14.11 -110.25
C SER YB 9 -50.20 -13.74 -111.50
N THR YB 10 -50.78 -14.01 -112.67
CA THR YB 10 -50.17 -13.67 -113.94
C THR YB 10 -51.18 -12.95 -114.81
N GLY YB 11 -50.71 -11.90 -115.50
CA GLY YB 11 -51.54 -11.11 -116.39
C GLY YB 11 -51.62 -11.68 -117.78
N ASP YB 12 -52.39 -11.00 -118.63
CA ASP YB 12 -52.52 -11.35 -120.03
C ASP YB 12 -51.53 -10.60 -120.92
N THR YB 13 -50.97 -9.50 -120.43
CA THR YB 13 -50.10 -8.62 -121.19
C THR YB 13 -48.66 -9.15 -121.19
N GLN YB 14 -47.88 -8.77 -122.20
CA GLN YB 14 -46.49 -9.22 -122.26
C GLN YB 14 -45.61 -8.10 -122.79
N ALA YB 15 -44.33 -8.13 -122.38
CA ALA YB 15 -43.38 -7.09 -122.76
C ALA YB 15 -42.04 -7.74 -123.12
N ASN YB 16 -41.27 -7.04 -123.96
CA ASN YB 16 -39.97 -7.50 -124.43
C ASN YB 16 -38.87 -6.79 -123.63
N LEU YB 17 -38.14 -7.55 -122.83
CA LEU YB 17 -36.92 -7.08 -122.20
C LEU YB 17 -35.76 -7.44 -123.13
N VAL YB 18 -35.14 -6.42 -123.72
CA VAL YB 18 -34.23 -6.64 -124.85
C VAL YB 18 -32.81 -6.84 -124.33
N LEU YB 19 -32.32 -8.07 -124.43
CA LEU YB 19 -30.97 -8.40 -124.00
C LEU YB 19 -30.02 -8.24 -125.17
N THR YB 20 -28.88 -7.59 -124.91
CA THR YB 20 -27.81 -7.52 -125.89
C THR YB 20 -26.79 -8.59 -125.55
N GLU YB 21 -26.31 -9.30 -126.57
CA GLU YB 21 -25.54 -10.51 -126.34
C GLU YB 21 -24.19 -10.19 -125.71
N ILE YB 22 -23.67 -11.15 -124.96
CA ILE YB 22 -22.34 -11.03 -124.38
C ILE YB 22 -21.50 -12.18 -124.92
N PRO YB 23 -20.48 -11.90 -125.74
CA PRO YB 23 -19.73 -12.98 -126.39
C PRO YB 23 -18.84 -13.73 -125.42
N ALA YB 24 -18.67 -15.03 -125.68
CA ALA YB 24 -17.84 -15.83 -124.78
C ALA YB 24 -16.36 -15.72 -125.14
N GLU YB 25 -16.05 -15.43 -126.40
CA GLU YB 25 -14.66 -15.33 -126.83
C GLU YB 25 -13.81 -14.42 -125.96
N PRO YB 26 -14.26 -13.23 -125.55
CA PRO YB 26 -13.40 -12.39 -124.71
C PRO YB 26 -13.22 -12.90 -123.27
N TYR YB 27 -13.93 -13.93 -122.83
CA TYR YB 27 -13.89 -14.30 -121.42
C TYR YB 27 -12.81 -15.35 -121.15
N VAL YB 28 -12.21 -15.27 -119.95
CA VAL YB 28 -11.04 -16.07 -119.56
C VAL YB 28 -11.27 -16.69 -118.19
N HIS YB 29 -10.85 -17.95 -118.04
CA HIS YB 29 -10.84 -18.62 -116.75
C HIS YB 29 -9.99 -17.87 -115.73
N VAL YB 30 -10.50 -17.75 -114.51
CA VAL YB 30 -9.79 -17.11 -113.41
C VAL YB 30 -9.59 -18.07 -112.24
N SER YB 31 -10.68 -18.64 -111.73
CA SER YB 31 -10.60 -19.60 -110.63
C SER YB 31 -11.59 -20.72 -110.86
N GLY YB 32 -11.33 -21.86 -110.21
CA GLY YB 32 -12.22 -23.01 -110.22
C GLY YB 32 -12.59 -23.50 -111.61
N ASP YB 33 -11.60 -23.95 -112.38
CA ASP YB 33 -11.84 -24.28 -113.79
C ASP YB 33 -12.82 -25.45 -113.92
N ASN YB 34 -12.61 -26.50 -113.16
CA ASN YB 34 -13.44 -27.69 -113.23
C ASN YB 34 -14.55 -27.70 -112.20
N LYS YB 35 -14.47 -26.87 -111.16
CA LYS YB 35 -15.28 -27.03 -109.96
C LYS YB 35 -16.68 -26.43 -110.16
N SER YB 36 -17.52 -26.60 -109.14
CA SER YB 36 -18.90 -26.14 -109.17
C SER YB 36 -19.02 -24.63 -109.12
N THR YB 37 -17.92 -23.92 -108.92
CA THR YB 37 -17.87 -22.46 -108.90
C THR YB 37 -16.79 -22.01 -109.87
N ILE YB 38 -17.15 -21.15 -110.81
CA ILE YB 38 -16.21 -20.65 -111.81
C ILE YB 38 -16.31 -19.13 -111.84
N GLU YB 39 -15.18 -18.47 -112.08
CA GLU YB 39 -15.12 -17.02 -112.19
C GLU YB 39 -14.43 -16.66 -113.49
N TYR YB 40 -15.11 -15.86 -114.33
CA TYR YB 40 -14.54 -15.43 -115.59
C TYR YB 40 -14.16 -13.95 -115.56
N LEU YB 41 -13.16 -13.62 -116.37
CA LEU YB 41 -12.73 -12.25 -116.60
C LEU YB 41 -13.05 -11.86 -118.03
N ASP YB 42 -13.62 -10.68 -118.21
CA ASP YB 42 -13.85 -10.08 -119.53
C ASP YB 42 -12.59 -9.32 -119.91
N THR YB 43 -11.79 -9.87 -120.82
CA THR YB 43 -10.59 -9.17 -121.27
C THR YB 43 -10.86 -8.18 -122.38
N GLY YB 44 -12.12 -7.86 -122.64
CA GLY YB 44 -12.41 -6.75 -123.51
C GLY YB 44 -12.47 -5.49 -122.68
N SER YB 45 -11.71 -5.46 -121.60
CA SER YB 45 -11.71 -4.33 -120.69
C SER YB 45 -10.40 -3.57 -120.75
N ASP YB 46 -10.40 -2.40 -120.12
CA ASP YB 46 -9.21 -1.58 -120.15
C ASP YB 46 -8.06 -2.36 -119.59
N ASN YB 47 -7.03 -2.50 -120.42
CA ASN YB 47 -5.81 -3.20 -120.06
C ASN YB 47 -5.23 -2.68 -118.76
N SER YB 48 -5.24 -1.35 -118.59
CA SER YB 48 -4.36 -0.67 -117.65
C SER YB 48 -4.97 -0.44 -116.27
N LEU YB 49 -6.22 -0.84 -116.04
CA LEU YB 49 -6.80 -0.69 -114.70
C LEU YB 49 -6.45 -1.87 -113.81
N LEU YB 50 -6.69 -1.67 -112.52
CA LEU YB 50 -6.50 -2.76 -111.56
C LEU YB 50 -7.76 -3.59 -111.40
N VAL YB 51 -8.89 -3.05 -111.81
CA VAL YB 51 -10.16 -3.75 -111.77
C VAL YB 51 -10.60 -4.03 -113.20
N ARG YB 52 -11.19 -5.20 -113.40
CA ARG YB 52 -11.70 -5.55 -114.71
C ARG YB 52 -12.99 -6.33 -114.54
N PRO YB 53 -13.90 -6.26 -115.51
CA PRO YB 53 -15.22 -6.89 -115.36
C PRO YB 53 -15.10 -8.40 -115.25
N THR YB 54 -15.74 -8.94 -114.22
CA THR YB 54 -15.81 -10.37 -113.99
C THR YB 54 -17.27 -10.78 -113.91
N GLN YB 55 -17.51 -12.05 -114.20
CA GLN YB 55 -18.79 -12.65 -113.85
C GLN YB 55 -18.53 -14.05 -113.34
N GLN YB 56 -19.07 -14.37 -112.18
CA GLN YB 56 -18.95 -15.72 -111.67
C GLN YB 56 -20.29 -16.41 -111.72
N PHE YB 57 -20.21 -17.74 -111.83
CA PHE YB 57 -21.35 -18.62 -111.77
C PHE YB 57 -21.00 -19.75 -110.80
N ASN YB 58 -21.94 -20.12 -109.94
CA ASN YB 58 -21.75 -21.34 -109.17
C ASN YB 58 -23.07 -22.03 -108.92
N CYS YB 59 -23.01 -23.36 -108.89
CA CYS YB 59 -24.18 -24.21 -108.72
C CYS YB 59 -24.08 -24.93 -107.38
N VAL YB 60 -25.24 -25.22 -106.80
CA VAL YB 60 -25.35 -25.92 -105.53
C VAL YB 60 -26.57 -26.82 -105.60
N SER YB 61 -26.49 -27.98 -104.96
CA SER YB 61 -27.60 -28.90 -104.87
C SER YB 61 -27.73 -29.37 -103.43
N SER YB 62 -28.96 -29.58 -102.98
CA SER YB 62 -29.23 -30.12 -101.66
C SER YB 62 -30.27 -31.23 -101.71
N GLN YB 63 -30.09 -32.20 -100.80
CA GLN YB 63 -30.95 -33.36 -100.74
C GLN YB 63 -32.27 -33.07 -100.03
N TYR YB 64 -32.28 -32.08 -99.13
CA TYR YB 64 -33.42 -31.74 -98.30
C TYR YB 64 -33.99 -30.40 -98.75
N PRO YB 65 -34.88 -30.38 -99.75
CA PRO YB 65 -35.30 -29.11 -100.33
C PRO YB 65 -36.26 -28.34 -99.47
N TYR YB 66 -36.83 -29.01 -98.47
CA TYR YB 66 -37.82 -28.42 -97.56
C TYR YB 66 -37.21 -27.96 -96.26
N ARG YB 67 -35.88 -27.81 -96.20
CA ARG YB 67 -35.23 -27.55 -94.92
C ARG YB 67 -35.71 -26.24 -94.31
N ASN YB 68 -35.70 -25.18 -95.10
CA ASN YB 68 -36.09 -23.88 -94.62
C ASN YB 68 -37.59 -23.63 -94.69
N TYR YB 69 -38.35 -24.54 -95.29
CA TYR YB 69 -39.78 -24.36 -95.44
C TYR YB 69 -40.50 -25.23 -94.41
N SER YB 70 -40.66 -24.69 -93.20
CA SER YB 70 -41.29 -25.47 -92.15
C SER YB 70 -42.81 -25.38 -92.17
N LYS YB 71 -43.37 -24.29 -92.71
CA LYS YB 71 -44.82 -24.15 -92.74
C LYS YB 71 -45.50 -25.11 -93.72
N ILE YB 72 -44.72 -25.96 -94.39
CA ILE YB 72 -45.24 -27.00 -95.25
C ILE YB 72 -45.28 -28.31 -94.47
N PRO YB 73 -46.40 -29.02 -94.45
CA PRO YB 73 -46.46 -30.30 -93.74
C PRO YB 73 -45.78 -31.40 -94.52
N ARG YB 74 -45.29 -32.40 -93.77
CA ARG YB 74 -44.65 -33.54 -94.42
C ARG YB 74 -45.58 -34.23 -95.41
N SER YB 75 -46.87 -34.33 -95.06
CA SER YB 75 -47.87 -34.93 -95.95
C SER YB 75 -47.98 -34.22 -97.30
N GLN YB 76 -47.39 -33.02 -97.43
CA GLN YB 76 -47.38 -32.30 -98.70
C GLN YB 76 -45.98 -32.10 -99.26
N GLN YB 77 -44.94 -32.58 -98.58
CA GLN YB 77 -43.57 -32.50 -99.07
C GLN YB 77 -43.29 -33.71 -99.97
N ASP YB 78 -42.92 -33.44 -101.21
CA ASP YB 78 -42.58 -34.50 -102.17
C ASP YB 78 -41.29 -35.18 -101.78
N PRO YB 79 -41.31 -36.43 -101.32
CA PRO YB 79 -40.08 -37.07 -100.85
C PRO YB 79 -39.08 -37.35 -101.95
N LEU YB 80 -39.47 -37.22 -103.21
CA LEU YB 80 -38.55 -37.33 -104.33
C LEU YB 80 -38.03 -35.98 -104.80
N ALA YB 81 -38.39 -34.89 -104.11
CA ALA YB 81 -37.95 -33.58 -104.55
C ALA YB 81 -36.50 -33.36 -104.15
N VAL YB 82 -35.78 -32.61 -104.99
CA VAL YB 82 -34.38 -32.29 -104.79
C VAL YB 82 -34.21 -30.80 -105.04
N ARG YB 83 -33.35 -30.15 -104.25
CA ARG YB 83 -33.15 -28.71 -104.37
C ARG YB 83 -31.98 -28.42 -105.31
N ARG YB 84 -32.24 -27.68 -106.39
CA ARG YB 84 -31.19 -27.20 -107.28
C ARG YB 84 -31.15 -25.68 -107.20
N GLU YB 85 -29.97 -25.11 -106.99
CA GLU YB 85 -29.82 -23.65 -107.04
C GLU YB 85 -28.57 -23.29 -107.85
N PHE YB 86 -28.59 -22.07 -108.38
CA PHE YB 86 -27.43 -21.47 -109.02
C PHE YB 86 -27.40 -19.99 -108.69
N TYR YB 87 -26.23 -19.39 -108.91
CA TYR YB 87 -25.96 -18.02 -108.49
C TYR YB 87 -24.97 -17.40 -109.45
N THR YB 88 -25.33 -16.25 -109.99
CA THR YB 88 -24.40 -15.49 -110.82
C THR YB 88 -24.17 -14.14 -110.17
N ARG YB 89 -22.95 -13.63 -110.29
CA ARG YB 89 -22.61 -12.30 -109.83
C ARG YB 89 -21.69 -11.64 -110.85
N ARG YB 90 -22.19 -10.56 -111.46
CA ARG YB 90 -21.44 -9.80 -112.46
C ARG YB 90 -21.02 -8.50 -111.83
N VAL YB 91 -19.72 -8.22 -111.89
CA VAL YB 91 -19.18 -6.92 -111.55
C VAL YB 91 -18.59 -6.34 -112.82
N GLU YB 92 -18.97 -5.12 -113.15
CA GLU YB 92 -18.28 -4.37 -114.19
C GLU YB 92 -17.82 -3.04 -113.60
N TYR YB 93 -16.86 -2.43 -114.30
CA TYR YB 93 -16.22 -1.20 -113.83
C TYR YB 93 -16.25 -0.19 -114.96
N TRP YB 94 -17.18 0.75 -114.89
CA TRP YB 94 -17.32 1.79 -115.90
C TRP YB 94 -16.23 2.84 -115.74
N ARG YB 95 -16.04 3.63 -116.80
CA ARG YB 95 -15.05 4.70 -116.84
C ARG YB 95 -15.71 5.97 -117.32
N LYS YB 96 -15.73 6.99 -116.47
CA LYS YB 96 -16.24 8.28 -116.92
C LYS YB 96 -15.05 9.19 -117.24
N ALA YB 97 -15.10 9.80 -118.42
CA ALA YB 97 -14.13 10.79 -118.88
C ALA YB 97 -14.71 11.49 -120.11
N ASP YB 98 -14.24 12.70 -120.37
CA ASP YB 98 -14.55 13.39 -121.61
C ASP YB 98 -13.29 13.57 -122.45
N ALA YB 99 -13.40 13.27 -123.75
CA ALA YB 99 -12.27 13.48 -124.66
C ALA YB 99 -11.99 14.96 -124.88
N SER YB 100 -12.91 15.83 -124.48
CA SER YB 100 -12.73 17.26 -124.71
C SER YB 100 -11.56 17.80 -123.88
N ASN YB 101 -11.53 17.48 -122.59
CA ASN YB 101 -10.55 18.02 -121.67
C ASN YB 101 -9.73 16.85 -121.12
N VAL YB 102 -8.47 16.78 -121.52
CA VAL YB 102 -7.61 15.71 -121.02
C VAL YB 102 -7.03 16.06 -119.65
N ASP YB 103 -7.07 17.34 -119.25
CA ASP YB 103 -6.79 17.69 -117.86
C ASP YB 103 -7.74 16.96 -116.92
N ALA YB 104 -9.01 16.82 -117.32
CA ALA YB 104 -10.02 16.32 -116.41
C ALA YB 104 -9.75 14.86 -116.04
N PRO YB 105 -9.92 14.48 -114.78
CA PRO YB 105 -9.55 13.14 -114.34
C PRO YB 105 -10.56 12.11 -114.81
N GLU YB 106 -10.06 10.91 -115.05
CA GLU YB 106 -10.90 9.78 -115.38
C GLU YB 106 -11.28 9.05 -114.10
N TYR YB 107 -12.57 8.77 -113.94
CA TYR YB 107 -13.03 8.07 -112.75
C TYR YB 107 -13.51 6.67 -113.11
N THR YB 108 -13.36 5.75 -112.15
CA THR YB 108 -13.81 4.37 -112.28
C THR YB 108 -15.04 4.19 -111.41
N LEU YB 109 -16.14 3.79 -112.03
CA LEU YB 109 -17.43 3.63 -111.36
C LEU YB 109 -17.77 2.15 -111.27
N PRO YB 110 -17.72 1.54 -110.09
CA PRO YB 110 -18.06 0.12 -109.98
C PRO YB 110 -19.57 -0.14 -109.92
N GLN YB 111 -19.96 -1.25 -110.53
CA GLN YB 111 -21.35 -1.68 -110.59
C GLN YB 111 -21.39 -3.19 -110.41
N SER YB 112 -22.31 -3.70 -109.60
CA SER YB 112 -22.40 -5.13 -109.37
C SER YB 112 -23.86 -5.57 -109.28
N CYS YB 113 -24.13 -6.78 -109.77
CA CYS YB 113 -25.47 -7.32 -109.81
C CYS YB 113 -25.42 -8.84 -109.68
N SER YB 114 -26.31 -9.39 -108.85
CA SER YB 114 -26.28 -10.81 -108.54
C SER YB 114 -27.69 -11.40 -108.54
N ILE YB 115 -27.81 -12.61 -109.11
CA ILE YB 115 -29.07 -13.34 -109.18
C ILE YB 115 -28.87 -14.72 -108.58
N ARG YB 116 -29.73 -15.09 -107.62
CA ARG YB 116 -29.71 -16.41 -106.99
C ARG YB 116 -31.06 -17.06 -107.24
N LEU YB 117 -31.05 -18.23 -107.86
CA LEU YB 117 -32.25 -19.00 -108.15
C LEU YB 117 -32.17 -20.35 -107.47
N ALA YB 118 -33.19 -20.68 -106.67
CA ALA YB 118 -33.18 -21.90 -105.86
C ALA YB 118 -34.55 -22.53 -105.99
N SER YB 119 -34.62 -23.61 -106.74
CA SER YB 119 -35.88 -24.27 -107.04
C SER YB 119 -35.92 -25.64 -106.38
N THR YB 120 -37.12 -26.08 -105.99
CA THR YB 120 -37.28 -27.51 -105.78
C THR YB 120 -37.63 -28.14 -107.12
N VAL YB 121 -37.12 -29.34 -107.36
CA VAL YB 121 -37.24 -30.00 -108.65
C VAL YB 121 -37.68 -31.43 -108.42
N THR YB 122 -38.70 -31.84 -109.15
CA THR YB 122 -39.16 -33.20 -109.28
C THR YB 122 -39.17 -33.55 -110.77
N LYS YB 123 -39.53 -34.80 -111.07
CA LYS YB 123 -39.45 -35.27 -112.45
C LYS YB 123 -40.28 -34.42 -113.39
N GLU YB 124 -41.30 -33.71 -112.90
CA GLU YB 124 -42.18 -32.91 -113.75
C GLU YB 124 -41.78 -31.45 -113.82
N THR YB 125 -40.78 -31.02 -113.05
CA THR YB 125 -40.25 -29.67 -113.19
C THR YB 125 -39.52 -29.52 -114.51
N THR YB 126 -39.89 -28.52 -115.31
CA THR YB 126 -39.26 -28.30 -116.59
C THR YB 126 -38.34 -27.08 -116.58
N ALA YB 127 -37.45 -27.06 -117.58
CA ALA YB 127 -36.55 -25.92 -117.75
C ALA YB 127 -37.34 -24.63 -117.84
N ALA YB 128 -38.39 -24.60 -118.66
CA ALA YB 128 -39.18 -23.39 -118.83
C ALA YB 128 -39.96 -23.03 -117.57
N ASP YB 129 -40.41 -24.03 -116.80
CA ASP YB 129 -41.03 -23.73 -115.51
C ASP YB 129 -40.06 -22.96 -114.62
N ILE YB 130 -38.81 -23.41 -114.57
CA ILE YB 130 -37.86 -22.71 -113.70
C ILE YB 130 -37.49 -21.35 -114.29
N ALA YB 131 -37.43 -21.24 -115.60
CA ALA YB 131 -37.20 -19.93 -116.22
C ALA YB 131 -38.32 -18.96 -115.85
N GLY YB 132 -39.52 -19.48 -115.62
CA GLY YB 132 -40.65 -18.61 -115.35
C GLY YB 132 -40.49 -17.81 -114.08
N ILE YB 133 -39.86 -18.39 -113.06
CA ILE YB 133 -39.76 -17.66 -111.80
C ILE YB 133 -38.77 -16.50 -111.92
N VAL YB 134 -37.72 -16.64 -112.72
CA VAL YB 134 -36.84 -15.51 -112.97
C VAL YB 134 -37.58 -14.39 -113.70
N LEU YB 135 -38.37 -14.76 -114.70
CA LEU YB 135 -39.13 -13.76 -115.45
C LEU YB 135 -40.20 -13.09 -114.60
N ARG YB 136 -40.76 -13.81 -113.63
CA ARG YB 136 -41.75 -13.22 -112.74
C ARG YB 136 -41.12 -12.36 -111.66
N THR YB 137 -39.91 -12.71 -111.22
CA THR YB 137 -39.18 -11.80 -110.35
C THR YB 137 -38.84 -10.50 -111.07
N LEU YB 138 -38.43 -10.60 -112.34
CA LEU YB 138 -38.09 -9.40 -113.10
C LEU YB 138 -39.32 -8.57 -113.43
N ALA YB 139 -40.46 -9.22 -113.67
CA ALA YB 139 -41.63 -8.54 -114.23
C ALA YB 139 -42.07 -7.29 -113.48
N PRO YB 140 -42.14 -7.25 -112.15
CA PRO YB 140 -42.62 -6.02 -111.50
C PRO YB 140 -41.65 -4.86 -111.56
N ILE YB 141 -40.34 -5.12 -111.69
CA ILE YB 141 -39.38 -4.04 -111.82
C ILE YB 141 -39.36 -3.49 -113.25
N PHE YB 142 -39.56 -4.34 -114.25
CA PHE YB 142 -39.52 -3.95 -115.66
C PHE YB 142 -40.87 -4.25 -116.30
N PRO YB 143 -41.94 -3.60 -115.84
CA PRO YB 143 -43.28 -4.02 -116.26
C PRO YB 143 -43.57 -3.75 -117.72
N ASN YB 144 -42.82 -2.86 -118.36
CA ASN YB 144 -42.88 -2.69 -119.81
C ASN YB 144 -41.59 -3.17 -120.47
N GLY YB 145 -40.84 -4.03 -119.79
CA GLY YB 145 -39.63 -4.54 -120.38
C GLY YB 145 -38.68 -3.41 -120.67
N SER YB 146 -37.96 -3.50 -121.79
CA SER YB 146 -37.01 -2.47 -122.16
C SER YB 146 -37.67 -1.15 -122.54
N GLY YB 147 -39.01 -1.04 -122.46
CA GLY YB 147 -39.66 0.17 -122.93
C GLY YB 147 -39.42 1.41 -122.06
N ASP YB 148 -39.80 1.34 -120.80
CA ASP YB 148 -39.56 2.45 -119.89
C ASP YB 148 -38.90 1.94 -118.63
N TRP YB 149 -38.23 2.84 -117.92
CA TRP YB 149 -37.48 2.47 -116.73
C TRP YB 149 -38.10 3.08 -115.47
N ILE YB 150 -39.42 3.23 -115.43
CA ILE YB 150 -40.03 4.05 -114.40
C ILE YB 150 -39.90 3.40 -113.03
N LYS YB 151 -40.24 2.11 -112.95
CA LYS YB 151 -40.16 1.42 -111.67
C LYS YB 151 -38.69 1.21 -111.26
N LEU YB 152 -37.82 0.94 -112.23
CA LEU YB 152 -36.41 0.85 -111.90
C LEU YB 152 -35.92 2.15 -111.28
N GLN YB 153 -36.22 3.28 -111.94
CA GLN YB 153 -35.75 4.57 -111.44
C GLN YB 153 -36.26 4.82 -110.04
N GLN YB 154 -37.54 4.51 -109.79
CA GLN YB 154 -38.04 4.72 -108.44
C GLN YB 154 -37.40 3.77 -107.43
N LEU YB 155 -36.86 2.62 -107.88
CA LEU YB 155 -36.06 1.80 -106.96
C LEU YB 155 -34.71 2.45 -106.67
N ILE YB 156 -34.12 3.11 -107.67
CA ILE YB 156 -32.87 3.82 -107.43
C ILE YB 156 -33.09 5.02 -106.51
N ASP YB 157 -34.30 5.59 -106.52
CA ASP YB 157 -34.62 6.75 -105.70
C ASP YB 157 -34.86 6.40 -104.24
N GLY YB 158 -34.96 5.11 -103.92
CA GLY YB 158 -35.20 4.68 -102.55
C GLY YB 158 -36.68 4.61 -102.20
N LEU YB 159 -37.50 4.14 -103.13
CA LEU YB 159 -38.95 4.06 -102.97
C LEU YB 159 -39.36 2.60 -103.13
N PRO YB 160 -39.18 1.80 -102.07
CA PRO YB 160 -39.33 0.34 -102.19
C PRO YB 160 -40.73 -0.13 -102.51
N ARG YB 161 -41.76 0.67 -102.26
CA ARG YB 161 -43.14 0.24 -102.44
C ARG YB 161 -43.48 0.24 -103.93
N ILE YB 162 -43.47 -0.95 -104.53
CA ILE YB 162 -43.64 -1.08 -105.97
C ILE YB 162 -45.08 -1.39 -106.33
N PHE YB 163 -45.74 -2.26 -105.58
CA PHE YB 163 -47.16 -2.50 -105.74
C PHE YB 163 -48.00 -1.59 -104.87
N GLY YB 164 -47.39 -0.69 -104.10
CA GLY YB 164 -48.12 0.24 -103.24
C GLY YB 164 -47.88 0.09 -101.75
N SER ZB 1 -64.80 -30.77 -109.93
CA SER ZB 1 -66.11 -31.39 -109.90
C SER ZB 1 -66.72 -31.31 -108.50
N TYR ZB 2 -65.85 -31.32 -107.49
CA TYR ZB 2 -66.26 -31.23 -106.10
C TYR ZB 2 -67.11 -29.98 -105.84
N THR ZB 3 -68.25 -30.17 -105.19
CA THR ZB 3 -69.06 -29.05 -104.73
C THR ZB 3 -69.20 -29.11 -103.22
N ILE ZB 4 -69.38 -27.93 -102.62
CA ILE ZB 4 -69.59 -27.79 -101.19
C ILE ZB 4 -71.06 -27.51 -100.96
N ASP ZB 5 -71.70 -28.34 -100.16
CA ASP ZB 5 -73.09 -28.16 -99.76
C ASP ZB 5 -73.12 -27.77 -98.29
N ILE ZB 6 -73.69 -26.61 -97.99
CA ILE ZB 6 -74.00 -26.31 -96.60
C ILE ZB 6 -75.07 -27.30 -96.15
N ASN ZB 7 -74.85 -27.91 -94.99
CA ASN ZB 7 -75.81 -28.89 -94.49
C ASN ZB 7 -76.81 -28.20 -93.57
N CYS ZB 8 -77.46 -27.16 -94.07
CA CYS ZB 8 -78.30 -26.31 -93.23
C CYS ZB 8 -79.70 -26.21 -93.80
N SER ZB 9 -80.58 -25.59 -93.00
CA SER ZB 9 -81.92 -25.21 -93.44
C SER ZB 9 -81.93 -23.72 -93.75
N THR ZB 10 -82.32 -23.38 -94.98
CA THR ZB 10 -82.46 -22.01 -95.44
C THR ZB 10 -83.81 -21.80 -96.09
N GLY ZB 11 -84.24 -20.54 -96.07
CA GLY ZB 11 -85.54 -20.17 -96.57
C GLY ZB 11 -85.48 -19.50 -97.92
N ASP ZB 12 -86.65 -19.04 -98.36
CA ASP ZB 12 -86.79 -18.33 -99.62
C ASP ZB 12 -86.69 -16.82 -99.46
N THR ZB 13 -87.04 -16.31 -98.28
CA THR ZB 13 -87.16 -14.89 -98.08
C THR ZB 13 -85.79 -14.27 -97.79
N GLN ZB 14 -85.66 -12.99 -98.10
CA GLN ZB 14 -84.43 -12.27 -97.84
C GLN ZB 14 -84.75 -10.90 -97.28
N ALA ZB 15 -83.80 -10.34 -96.54
CA ALA ZB 15 -83.99 -9.06 -95.86
C ALA ZB 15 -82.68 -8.28 -95.84
N ASN ZB 16 -82.80 -6.95 -95.87
CA ASN ZB 16 -81.65 -6.05 -95.86
C ASN ZB 16 -81.28 -5.69 -94.43
N LEU ZB 17 -80.11 -6.13 -93.96
CA LEU ZB 17 -79.49 -5.57 -92.77
C LEU ZB 17 -78.58 -4.45 -93.22
N VAL ZB 18 -78.96 -3.20 -92.94
CA VAL ZB 18 -78.35 -2.07 -93.61
C VAL ZB 18 -77.26 -1.50 -92.73
N LEU ZB 19 -76.03 -1.58 -93.24
CA LEU ZB 19 -74.83 -1.14 -92.57
C LEU ZB 19 -74.48 0.29 -92.97
N THR ZB 20 -74.10 1.08 -91.97
CA THR ZB 20 -73.57 2.41 -92.20
C THR ZB 20 -72.07 2.35 -92.11
N GLU ZB 21 -71.38 2.99 -93.07
CA GLU ZB 21 -69.95 2.77 -93.24
C GLU ZB 21 -69.14 3.33 -92.07
N ILE ZB 22 -68.01 2.70 -91.81
CA ILE ZB 22 -67.08 3.11 -90.77
C ILE ZB 22 -65.82 3.61 -91.45
N PRO ZB 23 -65.57 4.92 -91.49
CA PRO ZB 23 -64.42 5.44 -92.24
C PRO ZB 23 -63.11 4.96 -91.66
N ALA ZB 24 -62.19 4.56 -92.53
CA ALA ZB 24 -60.92 4.05 -92.03
C ALA ZB 24 -60.01 5.18 -91.59
N GLU ZB 25 -60.07 6.31 -92.30
CA GLU ZB 25 -59.22 7.49 -92.08
C GLU ZB 25 -58.99 7.82 -90.60
N PRO ZB 26 -59.99 7.80 -89.71
CA PRO ZB 26 -59.74 8.19 -88.32
C PRO ZB 26 -59.06 7.16 -87.42
N TYR ZB 27 -58.97 5.89 -87.81
CA TYR ZB 27 -58.46 4.87 -86.90
C TYR ZB 27 -56.93 4.87 -86.86
N VAL ZB 28 -56.38 4.51 -85.69
CA VAL ZB 28 -54.94 4.56 -85.45
C VAL ZB 28 -54.48 3.34 -84.67
N HIS ZB 29 -53.39 2.71 -85.11
CA HIS ZB 29 -52.81 1.57 -84.39
C HIS ZB 29 -52.42 1.96 -82.97
N VAL ZB 30 -52.77 1.10 -82.01
CA VAL ZB 30 -52.48 1.38 -80.61
C VAL ZB 30 -51.67 0.27 -79.96
N SER ZB 31 -51.84 -0.97 -80.42
CA SER ZB 31 -51.13 -2.07 -79.79
C SER ZB 31 -51.25 -3.32 -80.66
N GLY ZB 32 -50.28 -4.21 -80.49
CA GLY ZB 32 -50.18 -5.45 -81.22
C GLY ZB 32 -49.06 -5.41 -82.24
N ASP ZB 33 -49.00 -6.47 -83.04
CA ASP ZB 33 -48.09 -6.58 -84.17
C ASP ZB 33 -48.89 -6.61 -85.47
N ASN ZB 34 -48.36 -5.98 -86.51
CA ASN ZB 34 -49.05 -5.95 -87.80
C ASN ZB 34 -49.15 -7.34 -88.44
N LYS ZB 35 -48.60 -8.38 -87.81
CA LYS ZB 35 -48.66 -9.75 -88.32
C LYS ZB 35 -49.88 -10.50 -87.79
N SER ZB 36 -50.05 -10.57 -86.47
CA SER ZB 36 -51.11 -11.38 -85.87
C SER ZB 36 -52.29 -10.57 -85.38
N THR ZB 37 -52.06 -9.60 -84.49
CA THR ZB 37 -53.14 -8.92 -83.78
C THR ZB 37 -52.92 -7.41 -83.79
N ILE ZB 38 -53.98 -6.64 -84.08
CA ILE ZB 38 -53.90 -5.20 -84.22
C ILE ZB 38 -55.11 -4.56 -83.54
N GLU ZB 39 -54.88 -3.45 -82.82
CA GLU ZB 39 -55.97 -2.75 -82.13
C GLU ZB 39 -56.00 -1.30 -82.61
N TYR ZB 40 -57.07 -0.91 -83.31
CA TYR ZB 40 -57.22 0.45 -83.77
C TYR ZB 40 -58.04 1.29 -82.78
N LEU ZB 41 -57.73 2.57 -82.73
CA LEU ZB 41 -58.42 3.56 -81.93
C LEU ZB 41 -59.08 4.59 -82.84
N ASP ZB 42 -60.38 4.79 -82.65
CA ASP ZB 42 -61.15 5.82 -83.34
C ASP ZB 42 -60.79 7.17 -82.74
N THR ZB 43 -59.91 7.92 -83.42
CA THR ZB 43 -59.63 9.29 -83.02
C THR ZB 43 -60.79 10.24 -83.21
N GLY ZB 44 -61.92 9.76 -83.75
CA GLY ZB 44 -63.09 10.59 -83.91
C GLY ZB 44 -63.93 10.66 -82.64
N SER ZB 45 -63.29 10.49 -81.50
CA SER ZB 45 -63.97 10.46 -80.22
C SER ZB 45 -63.53 11.63 -79.35
N ASP ZB 46 -64.07 11.68 -78.14
CA ASP ZB 46 -63.77 12.76 -77.21
C ASP ZB 46 -62.32 12.68 -76.75
N ASN ZB 47 -61.66 13.85 -76.66
CA ASN ZB 47 -60.32 13.90 -76.10
C ASN ZB 47 -60.34 13.59 -74.60
N SER ZB 48 -61.35 14.10 -73.89
CA SER ZB 48 -61.30 14.31 -72.44
C SER ZB 48 -61.66 13.08 -71.63
N LEU ZB 49 -61.77 11.92 -72.26
CA LEU ZB 49 -62.07 10.68 -71.57
C LEU ZB 49 -60.85 9.77 -71.60
N LEU ZB 50 -60.67 9.02 -70.51
CA LEU ZB 50 -59.62 8.00 -70.52
C LEU ZB 50 -60.00 6.80 -71.38
N VAL ZB 51 -61.28 6.69 -71.75
CA VAL ZB 51 -61.74 5.62 -72.62
C VAL ZB 51 -62.12 6.22 -73.97
N ARG ZB 52 -61.76 5.53 -75.04
CA ARG ZB 52 -62.10 5.94 -76.38
C ARG ZB 52 -62.37 4.69 -77.22
N PRO ZB 53 -63.24 4.82 -78.22
CA PRO ZB 53 -63.68 3.64 -78.98
C PRO ZB 53 -62.53 3.01 -79.76
N THR ZB 54 -62.50 1.68 -79.70
CA THR ZB 54 -61.40 0.91 -80.24
C THR ZB 54 -61.94 -0.38 -80.83
N GLN ZB 55 -61.50 -0.72 -82.04
CA GLN ZB 55 -61.86 -2.00 -82.64
C GLN ZB 55 -60.61 -2.79 -82.94
N GLN ZB 56 -60.62 -4.06 -82.55
CA GLN ZB 56 -59.46 -4.92 -82.64
C GLN ZB 56 -59.74 -6.04 -83.65
N PHE ZB 57 -58.68 -6.42 -84.38
CA PHE ZB 57 -58.71 -7.52 -85.33
C PHE ZB 57 -57.57 -8.49 -85.02
N ASN ZB 58 -57.83 -9.77 -85.24
CA ASN ZB 58 -56.94 -10.82 -84.76
C ASN ZB 58 -57.15 -12.07 -85.60
N CYS ZB 59 -56.12 -12.50 -86.35
CA CYS ZB 59 -56.22 -13.68 -87.22
C CYS ZB 59 -55.27 -14.77 -86.75
N VAL ZB 60 -55.68 -16.03 -86.97
CA VAL ZB 60 -54.86 -17.21 -86.70
C VAL ZB 60 -55.21 -18.30 -87.71
N SER ZB 61 -54.34 -19.31 -87.80
CA SER ZB 61 -54.50 -20.39 -88.78
C SER ZB 61 -53.78 -21.61 -88.28
N SER ZB 62 -54.29 -22.79 -88.68
CA SER ZB 62 -53.77 -24.05 -88.19
C SER ZB 62 -53.85 -25.12 -89.25
N GLN ZB 63 -52.87 -26.03 -89.22
CA GLN ZB 63 -52.78 -27.16 -90.13
C GLN ZB 63 -53.61 -28.35 -89.66
N TYR ZB 64 -54.29 -28.23 -88.53
CA TYR ZB 64 -55.02 -29.34 -87.91
C TYR ZB 64 -56.47 -28.94 -87.72
N PRO ZB 65 -57.23 -28.84 -88.82
CA PRO ZB 65 -58.56 -28.23 -88.75
C PRO ZB 65 -59.56 -29.04 -87.98
N TYR ZB 66 -59.30 -30.33 -87.75
CA TYR ZB 66 -60.23 -31.22 -87.08
C TYR ZB 66 -59.86 -31.45 -85.62
N ARG ZB 67 -59.05 -30.56 -85.03
CA ARG ZB 67 -58.50 -30.83 -83.71
C ARG ZB 67 -59.59 -30.95 -82.65
N ASN ZB 68 -60.56 -30.06 -82.68
CA ASN ZB 68 -61.61 -30.07 -81.68
C ASN ZB 68 -62.86 -30.82 -82.13
N TYR ZB 69 -62.96 -31.16 -83.41
CA TYR ZB 69 -64.13 -31.86 -83.94
C TYR ZB 69 -63.87 -33.36 -83.95
N SER ZB 70 -63.92 -33.94 -82.74
CA SER ZB 70 -63.54 -35.33 -82.54
C SER ZB 70 -64.50 -36.29 -83.22
N LYS ZB 71 -65.75 -35.90 -83.41
CA LYS ZB 71 -66.80 -36.79 -83.87
C LYS ZB 71 -66.87 -36.91 -85.40
N ILE ZB 72 -65.87 -36.41 -86.12
CA ILE ZB 72 -65.74 -36.63 -87.55
C ILE ZB 72 -64.69 -37.71 -87.76
N PRO ZB 73 -65.02 -38.81 -88.44
CA PRO ZB 73 -64.01 -39.86 -88.67
C PRO ZB 73 -62.97 -39.42 -89.68
N ARG ZB 74 -61.80 -40.08 -89.61
CA ARG ZB 74 -60.72 -39.77 -90.54
C ARG ZB 74 -61.12 -40.05 -91.99
N SER ZB 75 -61.99 -41.04 -92.20
CA SER ZB 75 -62.50 -41.32 -93.54
C SER ZB 75 -63.29 -40.15 -94.12
N GLN ZB 76 -63.66 -39.16 -93.30
CA GLN ZB 76 -64.41 -38.01 -93.77
C GLN ZB 76 -63.68 -36.69 -93.53
N GLN ZB 77 -62.42 -36.75 -93.10
CA GLN ZB 77 -61.60 -35.56 -92.88
C GLN ZB 77 -60.79 -35.24 -94.14
N ASP ZB 78 -61.03 -34.06 -94.73
CA ASP ZB 78 -60.31 -33.63 -95.92
C ASP ZB 78 -58.87 -33.29 -95.60
N PRO ZB 79 -57.89 -34.08 -96.05
CA PRO ZB 79 -56.50 -33.84 -95.62
C PRO ZB 79 -55.90 -32.58 -96.20
N LEU ZB 80 -56.42 -32.09 -97.33
CA LEU ZB 80 -55.95 -30.83 -97.88
C LEU ZB 80 -56.43 -29.64 -97.06
N ALA ZB 81 -57.57 -29.79 -96.37
CA ALA ZB 81 -58.24 -28.68 -95.72
C ALA ZB 81 -57.44 -28.16 -94.52
N VAL ZB 82 -57.63 -26.87 -94.24
CA VAL ZB 82 -56.81 -26.10 -93.31
C VAL ZB 82 -57.71 -25.12 -92.57
N ARG ZB 83 -57.41 -24.86 -91.30
CA ARG ZB 83 -58.25 -23.99 -90.47
C ARG ZB 83 -57.81 -22.53 -90.54
N ARG ZB 84 -58.75 -21.65 -90.89
CA ARG ZB 84 -58.56 -20.20 -90.88
C ARG ZB 84 -59.50 -19.59 -89.85
N GLU ZB 85 -59.05 -18.57 -89.12
CA GLU ZB 85 -59.91 -17.99 -88.10
C GLU ZB 85 -59.56 -16.51 -87.93
N PHE ZB 86 -60.60 -15.69 -87.68
CA PHE ZB 86 -60.41 -14.30 -87.32
C PHE ZB 86 -61.37 -13.92 -86.20
N TYR ZB 87 -61.05 -12.80 -85.55
CA TYR ZB 87 -61.74 -12.31 -84.37
C TYR ZB 87 -61.73 -10.79 -84.39
N THR ZB 88 -62.90 -10.18 -84.30
CA THR ZB 88 -62.99 -8.74 -84.17
C THR ZB 88 -63.71 -8.43 -82.86
N ARG ZB 89 -63.26 -7.37 -82.19
CA ARG ZB 89 -63.90 -6.89 -80.97
C ARG ZB 89 -63.97 -5.37 -81.00
N ARG ZB 90 -65.17 -4.82 -81.10
CA ARG ZB 90 -65.39 -3.39 -81.07
C ARG ZB 90 -65.90 -3.00 -79.70
N VAL ZB 91 -65.23 -2.04 -79.09
CA VAL ZB 91 -65.67 -1.42 -77.85
C VAL ZB 91 -65.94 0.03 -78.17
N GLU ZB 92 -67.17 0.49 -77.94
CA GLU ZB 92 -67.45 1.91 -78.03
C GLU ZB 92 -68.02 2.38 -76.70
N TYR ZB 93 -67.71 3.62 -76.35
CA TYR ZB 93 -68.14 4.20 -75.08
C TYR ZB 93 -69.10 5.35 -75.39
N TRP ZB 94 -70.38 5.15 -75.09
CA TRP ZB 94 -71.39 6.16 -75.38
C TRP ZB 94 -71.38 7.24 -74.30
N ARG ZB 95 -72.03 8.35 -74.63
CA ARG ZB 95 -72.00 9.57 -73.85
C ARG ZB 95 -73.46 9.99 -73.66
N LYS ZB 96 -73.98 9.90 -72.43
CA LYS ZB 96 -75.35 10.33 -72.20
C LYS ZB 96 -75.37 11.65 -71.44
N ALA ZB 97 -76.22 12.56 -71.91
CA ALA ZB 97 -76.43 13.87 -71.30
C ALA ZB 97 -77.56 14.58 -72.03
N ASP ZB 98 -78.17 15.55 -71.36
CA ASP ZB 98 -79.16 16.43 -71.97
C ASP ZB 98 -78.58 17.83 -72.08
N ALA ZB 99 -78.77 18.45 -73.24
CA ALA ZB 99 -78.30 19.82 -73.43
C ALA ZB 99 -79.20 20.82 -72.72
N SER ZB 100 -80.43 20.42 -72.39
CA SER ZB 100 -81.33 21.30 -71.67
C SER ZB 100 -80.81 21.63 -70.28
N ASN ZB 101 -80.23 20.65 -69.60
CA ASN ZB 101 -79.79 20.80 -68.21
C ASN ZB 101 -78.30 20.49 -68.15
N VAL ZB 102 -77.47 21.54 -68.09
CA VAL ZB 102 -76.03 21.33 -67.99
C VAL ZB 102 -75.60 21.03 -66.56
N ASP ZB 103 -76.49 21.28 -65.59
CA ASP ZB 103 -76.23 20.82 -64.23
C ASP ZB 103 -76.29 19.30 -64.14
N ALA ZB 104 -77.13 18.66 -64.95
CA ALA ZB 104 -77.32 17.22 -64.86
C ALA ZB 104 -76.05 16.51 -65.33
N PRO ZB 105 -75.60 15.48 -64.61
CA PRO ZB 105 -74.29 14.91 -64.88
C PRO ZB 105 -74.28 14.09 -66.17
N GLU ZB 106 -73.10 14.03 -66.79
CA GLU ZB 106 -72.89 13.26 -68.00
C GLU ZB 106 -72.31 11.90 -67.64
N TYR ZB 107 -72.76 10.86 -68.34
CA TYR ZB 107 -72.33 9.51 -68.03
C TYR ZB 107 -71.72 8.83 -69.25
N THR ZB 108 -70.82 7.91 -68.98
CA THR ZB 108 -70.19 7.07 -69.99
C THR ZB 108 -70.81 5.68 -69.94
N LEU ZB 109 -71.31 5.20 -71.07
CA LEU ZB 109 -72.01 3.93 -71.17
C LEU ZB 109 -71.23 2.97 -72.05
N PRO ZB 110 -70.46 2.02 -71.48
CA PRO ZB 110 -69.68 1.11 -72.32
C PRO ZB 110 -70.52 0.03 -72.99
N GLN ZB 111 -70.15 -0.24 -74.24
CA GLN ZB 111 -70.81 -1.21 -75.11
C GLN ZB 111 -69.70 -1.95 -75.84
N SER ZB 112 -69.86 -3.27 -76.01
CA SER ZB 112 -68.81 -4.08 -76.63
C SER ZB 112 -69.44 -5.25 -77.37
N CYS ZB 113 -68.84 -5.60 -78.51
CA CYS ZB 113 -69.39 -6.65 -79.37
C CYS ZB 113 -68.24 -7.34 -80.10
N SER ZB 114 -68.29 -8.66 -80.15
CA SER ZB 114 -67.20 -9.43 -80.73
C SER ZB 114 -67.74 -10.54 -81.64
N ILE ZB 115 -67.03 -10.75 -82.74
CA ILE ZB 115 -67.34 -11.79 -83.72
C ILE ZB 115 -66.13 -12.67 -83.90
N ARG ZB 116 -66.31 -13.97 -83.80
CA ARG ZB 116 -65.25 -14.95 -84.01
C ARG ZB 116 -65.70 -15.91 -85.11
N LEU ZB 117 -64.96 -15.93 -86.22
CA LEU ZB 117 -65.25 -16.83 -87.33
C LEU ZB 117 -64.08 -17.79 -87.51
N ALA ZB 118 -64.39 -19.09 -87.45
CA ALA ZB 118 -63.39 -20.13 -87.67
C ALA ZB 118 -63.95 -21.07 -88.73
N SER ZB 119 -63.32 -21.09 -89.91
CA SER ZB 119 -63.73 -21.93 -91.02
C SER ZB 119 -62.67 -22.99 -91.28
N THR ZB 120 -63.09 -24.16 -91.75
CA THR ZB 120 -62.13 -25.03 -92.42
C THR ZB 120 -62.23 -24.74 -93.91
N VAL ZB 121 -61.14 -24.26 -94.48
CA VAL ZB 121 -61.05 -23.92 -95.89
C VAL ZB 121 -60.44 -25.08 -96.64
N THR ZB 122 -60.97 -25.36 -97.83
CA THR ZB 122 -60.37 -26.28 -98.77
C THR ZB 122 -60.30 -25.56 -100.12
N LYS ZB 123 -59.78 -26.26 -101.14
CA LYS ZB 123 -59.58 -25.64 -102.45
C LYS ZB 123 -60.85 -25.00 -102.98
N GLU ZB 124 -62.00 -25.62 -102.73
CA GLU ZB 124 -63.27 -25.17 -103.27
C GLU ZB 124 -64.02 -24.20 -102.36
N THR ZB 125 -63.55 -24.01 -101.13
CA THR ZB 125 -64.17 -23.04 -100.24
C THR ZB 125 -63.94 -21.64 -100.79
N THR ZB 126 -65.02 -20.87 -100.93
CA THR ZB 126 -64.96 -19.54 -101.53
C THR ZB 126 -65.21 -18.44 -100.51
N ALA ZB 127 -64.87 -17.23 -100.94
CA ALA ZB 127 -65.18 -16.03 -100.15
C ALA ZB 127 -66.65 -16.02 -99.76
N ALA ZB 128 -67.54 -16.17 -100.75
CA ALA ZB 128 -68.97 -16.10 -100.49
C ALA ZB 128 -69.43 -17.22 -99.56
N ASP ZB 129 -68.87 -18.42 -99.73
CA ASP ZB 129 -69.20 -19.52 -98.83
C ASP ZB 129 -68.87 -19.16 -97.38
N ILE ZB 130 -67.72 -18.51 -97.16
CA ILE ZB 130 -67.37 -18.20 -95.77
C ILE ZB 130 -68.21 -17.04 -95.26
N ALA ZB 131 -68.58 -16.09 -96.12
CA ALA ZB 131 -69.53 -15.05 -95.71
C ALA ZB 131 -70.87 -15.63 -95.32
N GLY ZB 132 -71.27 -16.72 -95.98
CA GLY ZB 132 -72.57 -17.30 -95.72
C GLY ZB 132 -72.78 -17.70 -94.28
N ILE ZB 133 -71.71 -18.18 -93.61
CA ILE ZB 133 -71.91 -18.64 -92.24
C ILE ZB 133 -72.14 -17.46 -91.30
N VAL ZB 134 -71.46 -16.34 -91.54
CA VAL ZB 134 -71.75 -15.14 -90.77
C VAL ZB 134 -73.19 -14.69 -91.01
N LEU ZB 135 -73.63 -14.71 -92.27
CA LEU ZB 135 -74.99 -14.26 -92.57
C LEU ZB 135 -76.03 -15.16 -91.92
N ARG ZB 136 -75.81 -16.49 -91.94
CA ARG ZB 136 -76.75 -17.41 -91.33
C ARG ZB 136 -76.68 -17.39 -89.81
N THR ZB 137 -75.54 -16.95 -89.24
CA THR ZB 137 -75.49 -16.72 -87.80
C THR ZB 137 -76.30 -15.50 -87.41
N LEU ZB 138 -76.31 -14.48 -88.27
CA LEU ZB 138 -77.05 -13.27 -87.96
C LEU ZB 138 -78.56 -13.44 -88.16
N ALA ZB 139 -78.95 -14.15 -89.21
CA ALA ZB 139 -80.37 -14.20 -89.60
C ALA ZB 139 -81.34 -14.60 -88.47
N PRO ZB 140 -80.99 -15.49 -87.54
CA PRO ZB 140 -81.93 -15.75 -86.43
C PRO ZB 140 -82.17 -14.53 -85.55
N ILE ZB 141 -81.15 -13.70 -85.36
CA ILE ZB 141 -81.30 -12.49 -84.54
C ILE ZB 141 -81.97 -11.36 -85.31
N PHE ZB 142 -81.78 -11.29 -86.64
CA PHE ZB 142 -82.32 -10.22 -87.47
C PHE ZB 142 -83.20 -10.83 -88.56
N PRO ZB 143 -84.35 -11.40 -88.18
CA PRO ZB 143 -85.16 -12.09 -89.19
C PRO ZB 143 -85.69 -11.18 -90.27
N ASN ZB 144 -85.81 -9.87 -90.00
CA ASN ZB 144 -86.21 -8.89 -91.00
C ASN ZB 144 -85.13 -7.87 -91.27
N GLY ZB 145 -83.90 -8.15 -90.84
CA GLY ZB 145 -82.80 -7.24 -91.11
C GLY ZB 145 -83.01 -5.98 -90.30
N SER ZB 146 -82.82 -4.83 -90.94
CA SER ZB 146 -83.04 -3.57 -90.24
C SER ZB 146 -84.51 -3.26 -90.03
N GLY ZB 147 -85.43 -4.06 -90.60
CA GLY ZB 147 -86.85 -3.69 -90.59
C GLY ZB 147 -87.45 -3.58 -89.19
N ASP ZB 148 -87.08 -4.47 -88.28
CA ASP ZB 148 -87.49 -4.42 -86.89
C ASP ZB 148 -86.35 -4.96 -86.04
N TRP ZB 149 -86.49 -4.82 -84.72
CA TRP ZB 149 -85.45 -5.29 -83.81
C TRP ZB 149 -85.99 -6.29 -82.79
N ILE ZB 150 -87.05 -7.02 -83.14
CA ILE ZB 150 -87.84 -7.70 -82.12
C ILE ZB 150 -87.04 -8.82 -81.47
N LYS ZB 151 -86.39 -9.65 -82.28
CA LYS ZB 151 -85.65 -10.76 -81.71
C LYS ZB 151 -84.42 -10.28 -80.95
N LEU ZB 152 -83.78 -9.22 -81.44
CA LEU ZB 152 -82.68 -8.64 -80.69
C LEU ZB 152 -83.15 -8.13 -79.34
N GLN ZB 153 -84.30 -7.47 -79.31
CA GLN ZB 153 -84.87 -7.00 -78.05
C GLN ZB 153 -85.13 -8.15 -77.10
N GLN ZB 154 -85.62 -9.28 -77.62
CA GLN ZB 154 -85.79 -10.46 -76.76
C GLN ZB 154 -84.46 -10.91 -76.18
N LEU ZB 155 -83.41 -10.93 -77.00
CA LEU ZB 155 -82.09 -11.33 -76.50
C LEU ZB 155 -81.64 -10.42 -75.38
N ILE ZB 156 -81.83 -9.12 -75.53
CA ILE ZB 156 -81.43 -8.19 -74.48
C ILE ZB 156 -82.29 -8.39 -73.23
N ASP ZB 157 -83.61 -8.55 -73.43
CA ASP ZB 157 -84.53 -8.81 -72.33
C ASP ZB 157 -84.19 -10.09 -71.58
N GLY ZB 158 -83.42 -10.98 -72.20
CA GLY ZB 158 -82.94 -12.19 -71.56
C GLY ZB 158 -83.68 -13.45 -71.93
N LEU ZB 159 -84.30 -13.49 -73.12
CA LEU ZB 159 -85.19 -14.56 -73.55
C LEU ZB 159 -84.53 -15.40 -74.64
N PRO ZB 160 -83.73 -16.39 -74.27
CA PRO ZB 160 -82.83 -17.04 -75.25
C PRO ZB 160 -83.54 -17.95 -76.23
N ARG ZB 161 -84.80 -18.31 -75.99
CA ARG ZB 161 -85.55 -19.19 -76.89
C ARG ZB 161 -85.97 -18.40 -78.13
N ILE ZB 162 -85.08 -18.37 -79.12
CA ILE ZB 162 -85.31 -17.62 -80.34
C ILE ZB 162 -86.06 -18.44 -81.39
N PHE ZB 163 -85.82 -19.74 -81.44
CA PHE ZB 163 -86.54 -20.61 -82.35
C PHE ZB 163 -87.76 -21.22 -81.69
N GLY ZB 164 -88.19 -20.66 -80.56
CA GLY ZB 164 -89.30 -21.21 -79.81
C GLY ZB 164 -88.84 -22.17 -78.72
N SER AC 1 74.47 73.17 27.35
CA SER AC 1 74.09 72.23 28.41
C SER AC 1 72.58 71.99 28.36
N TYR AC 2 72.19 70.72 28.38
CA TYR AC 2 70.81 70.33 28.10
C TYR AC 2 69.82 70.96 29.08
N THR AC 3 68.70 71.43 28.54
CA THR AC 3 67.56 71.88 29.34
C THR AC 3 66.32 71.08 28.96
N ILE AC 4 65.38 70.98 29.89
CA ILE AC 4 64.15 70.23 29.73
C ILE AC 4 62.99 71.20 29.55
N ASP AC 5 62.33 71.12 28.40
CA ASP AC 5 61.13 71.88 28.08
C ASP AC 5 59.91 71.00 28.34
N ILE AC 6 59.04 71.42 29.27
CA ILE AC 6 57.76 70.73 29.36
C ILE AC 6 56.92 71.20 28.17
N ASN AC 7 56.83 70.36 27.16
CA ASN AC 7 56.06 70.69 25.98
C ASN AC 7 54.60 70.69 26.41
N CYS AC 8 54.04 71.88 26.64
CA CYS AC 8 52.80 71.96 27.41
C CYS AC 8 52.35 73.40 27.49
N SER AC 9 51.08 73.60 27.83
CA SER AC 9 50.51 74.93 28.02
C SER AC 9 50.34 75.22 29.51
N THR AC 10 51.04 76.24 30.01
CA THR AC 10 50.91 76.72 31.38
C THR AC 10 50.38 78.15 31.38
N GLY AC 11 49.92 78.57 32.56
CA GLY AC 11 49.29 79.87 32.73
C GLY AC 11 50.05 80.73 33.72
N ASP AC 12 49.66 82.01 33.86
CA ASP AC 12 50.36 82.87 34.80
C ASP AC 12 49.86 82.71 36.23
N THR AC 13 48.56 82.47 36.39
CA THR AC 13 47.92 82.44 37.70
C THR AC 13 48.32 81.20 38.51
N GLN AC 14 48.25 81.31 39.84
CA GLN AC 14 48.52 80.16 40.69
C GLN AC 14 47.49 80.11 41.81
N ALA AC 15 47.07 78.90 42.16
CA ALA AC 15 46.14 78.67 43.25
C ALA AC 15 46.79 77.78 44.32
N ASN AC 16 46.27 77.88 45.54
CA ASN AC 16 46.68 77.05 46.65
C ASN AC 16 45.69 75.90 46.80
N LEU AC 17 46.17 74.67 46.65
CA LEU AC 17 45.43 73.47 47.08
C LEU AC 17 45.91 73.18 48.50
N VAL AC 18 45.03 73.37 49.47
CA VAL AC 18 45.42 73.34 50.88
C VAL AC 18 45.30 71.91 51.39
N LEU AC 19 46.45 71.28 51.63
CA LEU AC 19 46.51 69.93 52.16
C LEU AC 19 46.58 69.98 53.67
N THR AC 20 45.84 69.11 54.31
CA THR AC 20 45.94 68.92 55.75
C THR AC 20 46.78 67.68 56.01
N GLU AC 21 47.76 67.81 56.92
CA GLU AC 21 48.72 66.74 57.11
C GLU AC 21 48.04 65.48 57.60
N ILE AC 22 48.71 64.36 57.39
CA ILE AC 22 48.26 63.08 57.91
C ILE AC 22 49.38 62.54 58.77
N PRO AC 23 49.19 62.44 60.10
CA PRO AC 23 50.30 62.09 60.99
C PRO AC 23 50.75 60.65 60.77
N ALA AC 24 52.07 60.47 60.75
CA ALA AC 24 52.60 59.15 60.44
C ALA AC 24 52.51 58.20 61.63
N GLU AC 25 52.44 58.73 62.85
CA GLU AC 25 52.41 57.84 64.01
C GLU AC 25 51.30 56.81 63.95
N PRO AC 26 50.03 57.16 63.68
CA PRO AC 26 48.98 56.14 63.75
C PRO AC 26 49.07 55.05 62.67
N TYR AC 27 49.91 55.18 61.64
CA TYR AC 27 49.92 54.16 60.58
C TYR AC 27 50.81 52.99 60.97
N VAL AC 28 50.32 51.78 60.68
CA VAL AC 28 51.02 50.53 61.02
C VAL AC 28 51.26 49.73 59.76
N HIS AC 29 52.52 49.38 59.52
CA HIS AC 29 52.89 48.48 58.44
C HIS AC 29 52.16 47.15 58.59
N VAL AC 30 51.51 46.72 57.52
CA VAL AC 30 50.65 45.54 57.53
C VAL AC 30 51.19 44.45 56.60
N SER AC 31 51.49 44.82 55.35
CA SER AC 31 51.89 43.84 54.35
C SER AC 31 52.86 44.47 53.37
N GLY AC 32 53.77 43.65 52.86
CA GLY AC 32 54.48 43.96 51.63
C GLY AC 32 55.97 44.24 51.80
N ASP AC 33 56.75 43.84 50.79
CA ASP AC 33 58.17 44.14 50.67
C ASP AC 33 58.36 45.54 50.10
N ASN AC 34 59.62 45.91 49.88
CA ASN AC 34 59.88 46.93 48.86
C ASN AC 34 59.63 46.35 47.46
N LYS AC 35 59.86 45.03 47.30
CA LYS AC 35 59.60 44.36 46.02
C LYS AC 35 58.10 44.20 45.78
N SER AC 36 57.31 44.13 46.86
CA SER AC 36 55.86 44.07 46.77
C SER AC 36 55.29 45.47 47.01
N THR AC 37 53.98 45.56 47.22
CA THR AC 37 53.34 46.83 47.58
C THR AC 37 53.23 46.98 49.11
N ILE AC 38 53.76 48.09 49.64
CA ILE AC 38 53.67 48.37 51.07
C ILE AC 38 52.25 48.81 51.42
N GLU AC 39 51.74 48.33 52.55
CA GLU AC 39 50.38 48.63 52.98
C GLU AC 39 50.37 49.09 54.42
N TYR AC 40 49.71 50.21 54.69
CA TYR AC 40 49.57 50.72 56.05
C TYR AC 40 48.11 50.79 56.46
N LEU AC 41 47.88 50.52 57.74
CA LEU AC 41 46.58 50.65 58.40
C LEU AC 41 46.57 51.91 59.26
N ASP AC 42 45.55 52.74 59.08
CA ASP AC 42 45.33 53.92 59.93
C ASP AC 42 44.62 53.43 61.18
N THR AC 43 45.36 53.29 62.29
CA THR AC 43 44.81 52.76 63.53
C THR AC 43 44.03 53.80 64.31
N GLY AC 44 44.00 55.04 63.83
CA GLY AC 44 43.15 56.04 64.44
C GLY AC 44 41.77 56.03 63.80
N SER AC 45 41.13 54.86 63.83
CA SER AC 45 39.81 54.67 63.25
C SER AC 45 38.91 53.96 64.25
N ASP AC 46 37.63 53.86 63.90
CA ASP AC 46 36.71 53.15 64.77
C ASP AC 46 37.07 51.67 64.77
N ASN AC 47 37.56 51.21 65.92
CA ASN AC 47 37.91 49.82 66.11
C ASN AC 47 36.71 48.90 65.89
N SER AC 48 35.50 49.40 66.18
CA SER AC 48 34.29 48.57 66.15
C SER AC 48 33.79 48.29 64.74
N LEU AC 49 34.55 48.68 63.72
CA LEU AC 49 34.31 48.27 62.35
C LEU AC 49 35.35 47.23 61.95
N LEU AC 50 34.93 46.26 61.15
CA LEU AC 50 35.88 45.30 60.61
C LEU AC 50 36.60 45.81 59.38
N VAL AC 51 36.21 46.98 58.87
CA VAL AC 51 36.94 47.65 57.80
C VAL AC 51 37.57 48.90 58.41
N ARG AC 52 38.81 49.16 58.04
CA ARG AC 52 39.54 50.29 58.58
C ARG AC 52 40.34 50.93 57.46
N PRO AC 53 40.69 52.21 57.61
CA PRO AC 53 41.34 52.94 56.52
C PRO AC 53 42.76 52.45 56.29
N THR AC 54 43.11 52.27 55.02
CA THR AC 54 44.44 51.82 54.64
C THR AC 54 44.95 52.66 53.49
N GLN AC 55 46.24 52.98 53.51
CA GLN AC 55 46.88 53.52 52.32
C GLN AC 55 48.08 52.69 51.94
N GLN AC 56 48.25 52.43 50.64
CA GLN AC 56 49.34 51.60 50.17
C GLN AC 56 50.19 52.34 49.14
N PHE AC 57 51.46 51.97 49.11
CA PHE AC 57 52.48 52.58 48.27
C PHE AC 57 53.29 51.49 47.58
N ASN AC 58 53.34 51.55 46.26
CA ASN AC 58 54.11 50.65 45.41
C ASN AC 58 54.97 51.50 44.49
N CYS AC 59 56.20 51.07 44.22
CA CYS AC 59 56.97 51.76 43.20
C CYS AC 59 57.90 50.78 42.49
N VAL AC 60 58.05 51.00 41.18
CA VAL AC 60 58.80 50.12 40.29
C VAL AC 60 59.54 50.96 39.26
N SER AC 61 60.62 50.39 38.72
CA SER AC 61 61.53 51.12 37.86
C SER AC 61 62.00 50.19 36.75
N SER AC 62 62.24 50.78 35.57
CA SER AC 62 62.68 50.00 34.42
C SER AC 62 63.69 50.76 33.57
N GLN AC 63 64.59 50.01 32.96
CA GLN AC 63 65.62 50.56 32.08
C GLN AC 63 65.11 50.83 30.68
N TYR AC 64 63.83 50.51 30.42
CA TYR AC 64 63.25 50.58 29.07
C TYR AC 64 62.08 51.55 29.08
N PRO AC 65 62.35 52.86 29.15
CA PRO AC 65 61.28 53.82 29.47
C PRO AC 65 60.33 54.07 28.33
N TYR AC 66 60.69 53.68 27.12
CA TYR AC 66 59.86 53.92 25.94
C TYR AC 66 58.99 52.72 25.58
N ARG AC 67 58.86 51.74 26.48
CA ARG AC 67 58.18 50.49 26.12
C ARG AC 67 56.71 50.73 25.80
N ASN AC 68 56.04 51.62 26.54
CA ASN AC 68 54.62 51.85 26.33
C ASN AC 68 54.34 52.85 25.23
N TYR AC 69 55.29 53.71 24.91
CA TYR AC 69 55.09 54.80 23.97
C TYR AC 69 55.60 54.38 22.60
N SER AC 70 54.70 54.32 21.62
CA SER AC 70 55.02 53.70 20.35
C SER AC 70 55.52 54.68 19.30
N LYS AC 71 55.05 55.93 19.32
CA LYS AC 71 55.30 56.84 18.21
C LYS AC 71 56.47 57.78 18.47
N ILE AC 72 57.42 57.38 19.31
CA ILE AC 72 58.64 58.14 19.55
C ILE AC 72 59.76 57.46 18.80
N PRO AC 73 60.40 58.12 17.82
CA PRO AC 73 61.50 57.50 17.08
C PRO AC 73 62.73 57.24 17.95
N ARG AC 74 63.50 56.24 17.56
CA ARG AC 74 64.73 55.92 18.29
C ARG AC 74 65.68 57.11 18.29
N SER AC 75 65.75 57.85 17.19
CA SER AC 75 66.60 59.03 17.12
C SER AC 75 66.22 60.10 18.13
N GLN AC 76 65.08 59.96 18.80
CA GLN AC 76 64.64 60.90 19.83
C GLN AC 76 64.57 60.24 21.20
N GLN AC 77 65.02 59.00 21.35
CA GLN AC 77 64.98 58.29 22.63
C GLN AC 77 66.31 58.47 23.36
N ASP AC 78 66.26 59.07 24.55
CA ASP AC 78 67.46 59.31 25.36
C ASP AC 78 67.99 57.99 25.92
N PRO AC 79 69.18 57.55 25.51
CA PRO AC 79 69.67 56.23 25.95
C PRO AC 79 69.98 56.16 27.42
N LEU AC 80 70.15 57.31 28.08
CA LEU AC 80 70.37 57.37 29.51
C LEU AC 80 69.08 57.49 30.30
N ALA AC 81 67.95 57.62 29.63
CA ALA AC 81 66.70 57.80 30.33
C ALA AC 81 66.24 56.51 30.99
N VAL AC 82 65.56 56.64 32.12
CA VAL AC 82 65.07 55.53 32.90
C VAL AC 82 63.62 55.83 33.26
N ARG AC 83 62.84 54.77 33.52
CA ARG AC 83 61.44 54.90 33.90
C ARG AC 83 61.31 54.71 35.40
N ARG AC 84 60.77 55.72 36.09
CA ARG AC 84 60.49 55.64 37.51
C ARG AC 84 59.00 55.77 37.70
N GLU AC 85 58.39 54.85 38.43
CA GLU AC 85 56.94 54.80 38.58
C GLU AC 85 56.61 54.59 40.04
N PHE AC 86 55.55 55.24 40.52
CA PHE AC 86 55.02 54.99 41.86
C PHE AC 86 53.49 55.09 41.82
N TYR AC 87 52.88 54.47 42.83
CA TYR AC 87 51.43 54.25 42.84
C TYR AC 87 50.96 54.21 44.28
N THR AC 88 50.02 55.07 44.61
CA THR AC 88 49.43 55.06 45.94
C THR AC 88 47.94 54.84 45.80
N ARG AC 89 47.36 54.10 46.76
CA ARG AC 89 45.91 53.89 46.83
C ARG AC 89 45.47 54.03 48.27
N ARG AC 90 44.63 55.02 48.54
CA ARG AC 90 44.07 55.25 49.86
C ARG AC 90 42.61 54.87 49.82
N VAL AC 91 42.22 53.97 50.74
CA VAL AC 91 40.83 53.64 50.97
C VAL AC 91 40.49 54.12 52.37
N GLU AC 92 39.48 54.98 52.46
CA GLU AC 92 38.90 55.31 53.76
C GLU AC 92 37.46 54.83 53.80
N TYR AC 93 36.95 54.69 55.02
CA TYR AC 93 35.61 54.16 55.26
C TYR AC 93 34.87 55.15 56.15
N TRP AC 94 34.03 55.99 55.55
CA TRP AC 94 33.29 56.99 56.29
C TRP AC 94 32.15 56.33 57.06
N ARG AC 95 31.59 57.08 58.01
CA ARG AC 95 30.52 56.59 58.86
C ARG AC 95 29.45 57.67 58.92
N LYS AC 96 28.21 57.35 58.52
CA LYS AC 96 27.10 58.28 58.64
C LYS AC 96 26.20 57.84 59.79
N ALA AC 97 25.87 58.80 60.66
CA ALA AC 97 24.92 58.60 61.76
C ALA AC 97 24.46 59.97 62.26
N ASP AC 98 23.46 59.96 63.16
CA ASP AC 98 23.13 61.22 63.82
C ASP AC 98 22.94 61.00 65.33
N ALA AC 99 23.53 61.89 66.11
CA ALA AC 99 23.35 61.85 67.56
C ALA AC 99 21.93 62.21 67.98
N SER AC 100 21.14 62.78 67.05
CA SER AC 100 19.78 63.17 67.36
C SER AC 100 18.88 61.96 67.58
N ASN AC 101 19.20 60.82 66.96
CA ASN AC 101 18.31 59.66 66.94
C ASN AC 101 19.11 58.40 67.24
N VAL AC 102 19.06 57.94 68.48
CA VAL AC 102 19.72 56.67 68.82
C VAL AC 102 19.04 55.50 68.11
N ASP AC 103 17.81 55.67 67.66
CA ASP AC 103 17.04 54.61 67.03
C ASP AC 103 17.35 54.44 65.55
N ALA AC 104 18.03 55.39 64.92
CA ALA AC 104 18.24 55.33 63.47
C ALA AC 104 19.58 54.67 63.15
N PRO AC 105 19.62 53.86 62.08
CA PRO AC 105 20.80 53.01 61.85
C PRO AC 105 21.99 53.81 61.39
N GLU AC 106 23.18 53.25 61.63
CA GLU AC 106 24.43 53.82 61.14
C GLU AC 106 24.86 53.07 59.88
N TYR AC 107 25.52 53.80 58.98
CA TYR AC 107 26.00 53.18 57.75
C TYR AC 107 27.48 53.51 57.56
N THR AC 108 28.21 52.57 56.96
CA THR AC 108 29.60 52.82 56.60
C THR AC 108 29.72 52.95 55.08
N LEU AC 109 30.37 54.02 54.63
CA LEU AC 109 30.43 54.44 53.23
C LEU AC 109 31.84 54.36 52.70
N PRO AC 110 32.15 53.45 51.77
CA PRO AC 110 33.52 53.33 51.28
C PRO AC 110 33.91 54.35 50.22
N GLN AC 111 35.16 54.80 50.32
CA GLN AC 111 35.75 55.78 49.43
C GLN AC 111 37.16 55.32 49.10
N SER AC 112 37.56 55.47 47.83
CA SER AC 112 38.90 55.10 47.41
C SER AC 112 39.45 56.08 46.39
N CYS AC 113 40.76 56.32 46.46
CA CYS AC 113 41.42 57.24 45.54
C CYS AC 113 42.83 56.74 45.28
N SER AC 114 43.23 56.73 44.01
CA SER AC 114 44.52 56.15 43.64
C SER AC 114 45.22 57.04 42.61
N ILE AC 115 46.50 57.30 42.86
CA ILE AC 115 47.35 58.11 41.99
C ILE AC 115 48.53 57.28 41.53
N ARG AC 116 48.72 57.19 40.21
CA ARG AC 116 49.87 56.55 39.59
C ARG AC 116 50.65 57.58 38.78
N LEU AC 117 51.97 57.50 38.86
CA LEU AC 117 52.88 58.44 38.18
C LEU AC 117 54.06 57.65 37.63
N ALA AC 118 54.30 57.79 36.33
CA ALA AC 118 55.45 57.19 35.68
C ALA AC 118 56.14 58.28 34.88
N SER AC 119 57.32 58.68 35.35
CA SER AC 119 58.13 59.70 34.69
C SER AC 119 59.32 59.06 33.99
N THR AC 120 59.68 59.62 32.83
CA THR AC 120 60.98 59.34 32.27
C THR AC 120 61.99 60.30 32.91
N VAL AC 121 62.99 59.74 33.59
CA VAL AC 121 63.97 60.51 34.35
C VAL AC 121 65.32 60.38 33.69
N THR AC 122 65.97 61.53 33.46
CA THR AC 122 67.32 61.63 32.95
C THR AC 122 68.11 62.53 33.88
N LYS AC 123 69.39 62.75 33.54
CA LYS AC 123 70.29 63.50 34.41
C LYS AC 123 69.69 64.82 34.85
N GLU AC 124 69.05 65.53 33.92
CA GLU AC 124 68.57 66.88 34.13
C GLU AC 124 67.18 66.94 34.77
N THR AC 125 66.50 65.80 34.87
CA THR AC 125 65.18 65.75 35.49
C THR AC 125 65.30 65.90 37.00
N THR AC 126 64.68 66.95 37.55
CA THR AC 126 64.71 67.20 38.98
C THR AC 126 63.42 66.76 39.66
N ALA AC 127 63.52 66.58 40.98
CA ALA AC 127 62.35 66.19 41.77
C ALA AC 127 61.22 67.18 41.58
N ALA AC 128 61.54 68.48 41.53
CA ALA AC 128 60.54 69.49 41.24
C ALA AC 128 59.92 69.26 39.87
N ASP AC 129 60.74 68.97 38.85
CA ASP AC 129 60.20 68.71 37.51
C ASP AC 129 59.18 67.59 37.55
N ILE AC 130 59.46 66.54 38.34
CA ILE AC 130 58.54 65.41 38.40
C ILE AC 130 57.30 65.75 39.20
N ALA AC 131 57.43 66.57 40.25
CA ALA AC 131 56.24 67.02 40.95
C ALA AC 131 55.34 67.84 40.04
N GLY AC 132 55.95 68.55 39.10
CA GLY AC 132 55.18 69.33 38.15
C GLY AC 132 54.11 68.53 37.43
N ILE AC 133 54.41 67.27 37.09
CA ILE AC 133 53.42 66.52 36.31
C ILE AC 133 52.20 66.19 37.16
N VAL AC 134 52.39 65.89 38.44
CA VAL AC 134 51.24 65.69 39.31
C VAL AC 134 50.48 66.98 39.50
N LEU AC 135 51.20 68.10 39.66
CA LEU AC 135 50.52 69.38 39.86
C LEU AC 135 49.70 69.78 38.64
N ARG AC 136 50.21 69.51 37.44
CA ARG AC 136 49.48 69.84 36.23
C ARG AC 136 48.34 68.85 35.97
N THR AC 137 48.48 67.60 36.42
CA THR AC 137 47.33 66.71 36.34
C THR AC 137 46.20 67.18 37.24
N LEU AC 138 46.55 67.66 38.45
CA LEU AC 138 45.53 68.11 39.39
C LEU AC 138 44.87 69.42 38.95
N ALA AC 139 45.66 70.33 38.39
CA ALA AC 139 45.20 71.71 38.20
C ALA AC 139 43.88 71.84 37.43
N PRO AC 140 43.61 71.10 36.34
CA PRO AC 140 42.32 71.28 35.65
C PRO AC 140 41.11 70.99 36.51
N ILE AC 141 41.21 70.01 37.42
CA ILE AC 141 40.11 69.64 38.31
C ILE AC 141 39.95 70.64 39.43
N PHE AC 142 41.04 71.25 39.90
CA PHE AC 142 41.02 72.19 41.01
C PHE AC 142 41.60 73.51 40.49
N PRO AC 143 40.91 74.19 39.58
CA PRO AC 143 41.51 75.38 38.96
C PRO AC 143 41.64 76.55 39.89
N ASN AC 144 40.95 76.53 41.04
CA ASN AC 144 41.13 77.53 42.08
C ASN AC 144 41.60 76.90 43.40
N GLY AC 145 42.18 75.70 43.32
CA GLY AC 145 42.74 75.11 44.51
C GLY AC 145 41.64 74.74 45.47
N SER AC 146 41.93 74.85 46.78
CA SER AC 146 40.91 74.56 47.76
C SER AC 146 39.77 75.58 47.74
N GLY AC 147 39.86 76.61 46.90
CA GLY AC 147 38.86 77.68 46.94
C GLY AC 147 37.45 77.21 46.62
N ASP AC 148 37.26 76.63 45.44
CA ASP AC 148 35.94 76.16 45.03
C ASP AC 148 36.06 74.72 44.54
N TRP AC 149 34.91 74.07 44.41
CA TRP AC 149 34.89 72.66 44.02
C TRP AC 149 34.07 72.45 42.75
N ILE AC 150 34.03 73.45 41.87
CA ILE AC 150 33.03 73.44 40.80
C ILE AC 150 33.33 72.34 39.80
N LYS AC 151 34.59 72.26 39.35
CA LYS AC 151 34.92 71.25 38.35
C LYS AC 151 34.89 69.85 38.97
N LEU AC 152 35.30 69.73 40.23
CA LEU AC 152 35.19 68.43 40.89
C LEU AC 152 33.74 67.99 40.97
N GLN AC 153 32.85 68.93 41.33
CA GLN AC 153 31.43 68.65 41.36
C GLN AC 153 30.95 68.14 40.02
N GLN AC 154 31.40 68.76 38.92
CA GLN AC 154 31.04 68.27 37.60
C GLN AC 154 31.49 66.83 37.40
N LEU AC 155 32.76 66.55 37.71
CA LEU AC 155 33.27 65.19 37.54
C LEU AC 155 32.40 64.19 38.28
N ILE AC 156 31.96 64.55 39.49
CA ILE AC 156 31.13 63.62 40.25
C ILE AC 156 29.73 63.54 39.65
N ASP AC 157 29.19 64.68 39.19
CA ASP AC 157 27.89 64.73 38.52
C ASP AC 157 27.88 63.93 37.23
N GLY AC 158 29.04 63.51 36.73
CA GLY AC 158 29.09 62.70 35.53
C GLY AC 158 29.36 63.46 34.25
N LEU AC 159 29.96 64.65 34.35
CA LEU AC 159 30.23 65.52 33.20
C LEU AC 159 31.73 65.60 32.98
N PRO AC 160 32.29 64.84 32.04
CA PRO AC 160 33.75 64.69 31.95
C PRO AC 160 34.48 65.84 31.30
N ARG AC 161 33.80 66.79 30.65
CA ARG AC 161 34.51 67.78 29.85
C ARG AC 161 34.93 68.95 30.77
N ILE AC 162 36.10 68.79 31.38
CA ILE AC 162 36.68 69.85 32.21
C ILE AC 162 36.99 71.08 31.35
N PHE AC 163 37.50 70.87 30.15
CA PHE AC 163 37.92 71.98 29.30
C PHE AC 163 36.81 72.48 28.38
N GLY AC 164 35.68 71.78 28.32
CA GLY AC 164 34.57 72.21 27.48
C GLY AC 164 34.43 71.48 26.16
N SER BC 1 19.44 64.84 60.05
CA SER BC 1 20.44 65.14 61.06
C SER BC 1 21.67 64.26 60.87
N TYR BC 2 21.58 63.34 59.90
CA TYR BC 2 22.71 62.48 59.56
C TYR BC 2 23.96 63.30 59.23
N THR BC 3 25.09 62.90 59.81
CA THR BC 3 26.38 63.51 59.57
C THR BC 3 27.36 62.44 59.12
N ILE BC 4 28.27 62.90 58.26
CA ILE BC 4 29.32 62.08 57.66
C ILE BC 4 30.60 62.32 58.44
N ASP BC 5 31.11 61.28 59.09
CA ASP BC 5 32.38 61.34 59.79
C ASP BC 5 33.39 60.54 58.97
N ILE BC 6 34.43 61.22 58.47
CA ILE BC 6 35.55 60.46 57.92
C ILE BC 6 36.19 59.70 59.05
N ASN BC 7 36.54 58.45 58.80
CA ASN BC 7 37.10 57.60 59.84
C ASN BC 7 38.62 57.59 59.74
N CYS BC 8 39.23 58.78 59.75
CA CYS BC 8 40.64 58.90 59.41
C CYS BC 8 41.41 59.54 60.56
N SER BC 9 42.72 59.63 60.36
CA SER BC 9 43.59 60.43 61.21
C SER BC 9 43.95 61.70 60.45
N THR BC 10 43.68 62.85 61.04
CA THR BC 10 44.00 64.14 60.46
C THR BC 10 44.73 65.00 61.48
N GLY BC 11 45.77 65.70 61.01
CA GLY BC 11 46.56 66.57 61.85
C GLY BC 11 45.98 67.96 61.96
N ASP BC 12 46.67 68.80 62.73
CA ASP BC 12 46.31 70.20 62.89
C ASP BC 12 47.04 71.10 61.92
N THR BC 13 48.13 70.63 61.33
CA THR BC 13 49.01 71.42 60.48
C THR BC 13 48.45 71.44 59.04
N GLN BC 14 48.82 72.47 58.26
CA GLN BC 14 48.35 72.55 56.88
C GLN BC 14 49.46 73.10 56.01
N ALA BC 15 49.43 72.72 54.72
CA ALA BC 15 50.44 73.13 53.76
C ALA BC 15 49.79 73.51 52.44
N ASN BC 16 50.47 74.36 51.68
CA ASN BC 16 49.99 74.85 50.40
C ASN BC 16 50.68 74.09 49.27
N LEU BC 17 49.92 73.30 48.53
CA LEU BC 17 50.39 72.68 47.29
C LEU BC 17 50.01 73.63 46.16
N VAL BC 18 51.00 74.24 45.52
CA VAL BC 18 50.77 75.39 44.65
C VAL BC 18 50.56 74.90 43.22
N LEU BC 19 49.32 75.00 42.75
CA LEU BC 19 48.97 74.59 41.39
C LEU BC 19 49.12 75.78 40.46
N THR BC 20 49.75 75.55 39.32
CA THR BC 20 49.79 76.55 38.27
C THR BC 20 48.71 76.22 37.24
N GLU BC 21 48.00 77.25 36.79
CA GLU BC 21 46.78 77.03 36.04
C GLU BC 21 47.09 76.42 34.68
N ILE BC 22 46.12 75.69 34.15
CA ILE BC 22 46.23 75.13 32.81
C ILE BC 22 45.07 75.68 31.99
N PRO BC 23 45.32 76.51 30.98
CA PRO BC 23 44.23 77.17 30.26
C PRO BC 23 43.48 76.22 29.36
N ALA BC 24 42.18 76.47 29.22
CA ALA BC 24 41.38 75.58 28.38
C ALA BC 24 41.46 75.97 26.90
N GLU BC 25 41.74 77.24 26.62
CA GLU BC 25 41.82 77.70 25.23
C GLU BC 25 42.72 76.86 24.35
N PRO BC 26 43.93 76.45 24.78
CA PRO BC 26 44.76 75.61 23.88
C PRO BC 26 44.25 74.19 23.68
N TYR BC 27 43.23 73.73 24.41
CA TYR BC 27 42.86 72.30 24.34
C TYR BC 27 41.81 72.06 23.26
N VAL BC 28 41.89 70.87 22.64
CA VAL BC 28 41.08 70.51 21.49
C VAL BC 28 40.46 69.13 21.69
N HIS BC 29 39.20 68.97 21.28
CA HIS BC 29 38.53 67.67 21.27
C HIS BC 29 39.28 66.68 20.38
N VAL BC 30 39.41 65.44 20.87
CA VAL BC 30 40.05 64.36 20.13
C VAL BC 30 39.10 63.19 19.92
N SER BC 31 38.55 62.66 21.00
CA SER BC 31 37.60 61.55 20.91
C SER BC 31 36.47 61.76 21.92
N GLY BC 32 35.34 61.11 21.66
CA GLY BC 32 34.21 61.10 22.56
C GLY BC 32 33.71 62.47 22.98
N ASP BC 33 33.24 63.26 22.00
CA ASP BC 33 32.91 64.65 22.27
C ASP BC 33 31.76 64.77 23.26
N ASN BC 34 30.69 64.01 23.04
CA ASN BC 34 29.52 64.05 23.91
C ASN BC 34 29.53 63.00 25.00
N LYS BC 35 30.37 61.97 24.88
CA LYS BC 35 30.23 60.75 25.67
C LYS BC 35 30.83 60.92 27.07
N SER BC 36 30.69 59.88 27.89
CA SER BC 36 31.17 59.90 29.26
C SER BC 36 32.68 59.85 29.37
N THR BC 37 33.38 59.68 28.24
CA THR BC 37 34.83 59.67 28.19
C THR BC 37 35.26 60.66 27.11
N ILE BC 38 36.12 61.60 27.48
CA ILE BC 38 36.61 62.62 26.56
C ILE BC 38 38.13 62.66 26.65
N GLU BC 39 38.77 62.92 25.51
CA GLU BC 39 40.22 63.03 25.43
C GLU BC 39 40.57 64.36 24.77
N TYR BC 40 41.36 65.18 25.44
CA TYR BC 40 41.79 66.46 24.89
C TYR BC 40 43.25 66.44 24.50
N LEU BC 41 43.57 67.28 23.51
CA LEU BC 41 44.93 67.53 23.07
C LEU BC 41 45.31 68.96 23.41
N ASP BC 42 46.50 69.13 23.97
CA ASP BC 42 47.10 70.45 24.21
C ASP BC 42 47.85 70.85 22.95
N THR BC 43 47.28 71.78 22.18
CA THR BC 43 47.95 72.26 20.98
C THR BC 43 48.95 73.37 21.26
N GLY BC 44 49.28 73.60 22.51
CA GLY BC 44 50.39 74.47 22.81
C GLY BC 44 51.65 73.65 22.84
N SER BC 45 51.69 72.59 22.05
CA SER BC 45 52.82 71.68 22.03
C SER BC 45 53.56 71.78 20.71
N ASP BC 46 54.74 71.15 20.69
CA ASP BC 46 55.54 71.20 19.48
C ASP BC 46 54.75 70.65 18.32
N ASN BC 47 54.59 71.51 17.31
CA ASN BC 47 53.87 71.17 16.10
C ASN BC 47 54.41 69.88 15.49
N SER BC 48 55.72 69.73 15.48
CA SER BC 48 56.40 68.81 14.57
C SER BC 48 56.65 67.41 15.16
N LEU BC 49 56.27 67.15 16.40
CA LEU BC 49 56.43 65.81 16.95
C LEU BC 49 55.25 64.92 16.60
N LEU BC 50 55.46 63.62 16.82
CA LEU BC 50 54.38 62.66 16.62
C LEU BC 50 53.56 62.47 17.88
N VAL BC 51 54.11 62.87 19.02
CA VAL BC 51 53.43 62.79 20.30
C VAL BC 51 53.15 64.21 20.76
N ARG BC 52 51.99 64.40 21.38
CA ARG BC 52 51.63 65.70 21.91
C ARG BC 52 50.87 65.49 23.21
N PRO BC 53 50.94 66.45 24.15
CA PRO BC 53 50.33 66.27 25.46
C PRO BC 53 48.83 66.16 25.36
N THR BC 54 48.29 65.11 25.98
CA THR BC 54 46.87 64.88 26.06
C THR BC 54 46.47 64.76 27.53
N GLN BC 55 45.21 65.04 27.80
CA GLN BC 55 44.62 64.66 29.08
C GLN BC 55 43.22 64.14 28.81
N GLN BC 56 42.92 62.97 29.35
CA GLN BC 56 41.57 62.45 29.23
C GLN BC 56 40.89 62.48 30.59
N PHE BC 57 39.57 62.58 30.52
CA PHE BC 57 38.69 62.49 31.67
C PHE BC 57 37.58 61.53 31.31
N ASN BC 58 37.21 60.64 32.24
CA ASN BC 58 36.00 59.87 32.04
C ASN BC 58 35.33 59.60 33.38
N CYS BC 59 34.00 59.55 33.33
CA CYS BC 59 33.16 59.35 34.50
C CYS BC 59 32.46 58.01 34.39
N VAL BC 60 32.18 57.41 35.54
CA VAL BC 60 31.49 56.12 35.63
C VAL BC 60 30.60 56.18 36.87
N SER BC 61 29.44 55.53 36.79
CA SER BC 61 28.54 55.41 37.91
C SER BC 61 28.08 53.97 38.01
N SER BC 62 27.89 53.49 39.25
CA SER BC 62 27.35 52.16 39.49
C SER BC 62 26.26 52.19 40.55
N GLN BC 63 25.30 51.28 40.36
CA GLN BC 63 24.14 51.19 41.24
C GLN BC 63 24.46 50.47 42.53
N TYR BC 64 25.45 49.56 42.51
CA TYR BC 64 25.82 48.71 43.64
C TYR BC 64 27.16 49.16 44.20
N PRO BC 65 27.17 50.14 45.10
CA PRO BC 65 28.45 50.73 45.52
C PRO BC 65 29.23 49.84 46.46
N TYR BC 66 28.59 48.82 47.02
CA TYR BC 66 29.18 47.91 47.99
C TYR BC 66 29.64 46.62 47.34
N ARG BC 67 29.78 46.59 46.01
CA ARG BC 67 30.04 45.33 45.33
C ARG BC 67 31.36 44.71 45.79
N ASN BC 68 32.41 45.51 45.78
CA ASN BC 68 33.74 45.03 46.14
C ASN BC 68 33.99 45.07 47.63
N TYR BC 69 33.09 45.65 48.42
CA TYR BC 69 33.29 45.78 49.86
C TYR BC 69 32.43 44.73 50.56
N SER BC 70 32.97 43.52 50.69
CA SER BC 70 32.21 42.46 51.31
C SER BC 70 32.33 42.44 52.82
N LYS BC 71 33.41 42.98 53.39
CA LYS BC 71 33.57 42.99 54.84
C LYS BC 71 32.61 43.94 55.54
N ILE BC 72 31.76 44.62 54.79
CA ILE BC 72 30.72 45.47 55.34
C ILE BC 72 29.42 44.67 55.38
N PRO BC 73 28.72 44.63 56.51
CA PRO BC 73 27.44 43.92 56.57
C PRO BC 73 26.32 44.70 55.92
N ARG BC 74 25.32 43.96 55.43
CA ARG BC 74 24.17 44.61 54.82
C ARG BC 74 23.50 45.57 55.78
N SER BC 75 23.40 45.21 57.06
CA SER BC 75 22.81 46.06 58.08
C SER BC 75 23.52 47.42 58.20
N GLN BC 76 24.70 47.57 57.61
CA GLN BC 76 25.42 48.84 57.61
C GLN BC 76 25.60 49.43 56.22
N GLN BC 77 25.11 48.76 55.17
CA GLN BC 77 25.17 49.28 53.81
C GLN BC 77 23.96 50.18 53.56
N ASP BC 78 24.21 51.44 53.21
CA ASP BC 78 23.15 52.40 52.92
C ASP BC 78 22.45 52.03 51.62
N PRO BC 79 21.20 51.57 51.65
CA PRO BC 79 20.55 51.10 50.41
C PRO BC 79 20.25 52.22 49.44
N LEU BC 80 20.37 53.47 49.85
CA LEU BC 80 20.25 54.61 48.96
C LEU BC 80 21.59 55.10 48.43
N ALA BC 81 22.68 54.41 48.75
CA ALA BC 81 23.99 54.86 48.31
C ALA BC 81 24.20 54.50 46.85
N VAL BC 82 24.94 55.35 46.14
CA VAL BC 82 25.23 55.18 44.73
C VAL BC 82 26.72 55.43 44.55
N ARG BC 83 27.37 54.68 43.67
CA ARG BC 83 28.80 54.82 43.44
C ARG BC 83 29.07 55.78 42.29
N ARG BC 84 29.82 56.84 42.56
CA ARG BC 84 30.27 57.76 41.52
C ARG BC 84 31.79 57.70 41.47
N GLU BC 85 32.35 57.51 40.27
CA GLU BC 85 33.80 57.57 40.10
C GLU BC 85 34.14 58.40 38.87
N PHE BC 86 35.36 58.94 38.89
CA PHE BC 86 35.94 59.61 37.73
C PHE BC 86 37.42 59.29 37.67
N TYR BC 87 38.00 59.53 36.50
CA TYR BC 87 39.38 59.13 36.21
C TYR BC 87 39.98 60.11 35.23
N THR BC 88 41.14 60.66 35.58
CA THR BC 88 41.87 61.50 34.66
C THR BC 88 43.23 60.86 34.40
N ARG BC 89 43.72 61.01 33.17
CA ARG BC 89 45.05 60.57 32.81
C ARG BC 89 45.70 61.61 31.90
N ARG BC 90 46.77 62.22 32.40
CA ARG BC 90 47.51 63.24 31.67
C ARG BC 90 48.81 62.62 31.21
N VAL BC 91 49.07 62.70 29.91
CA VAL BC 91 50.38 62.38 29.36
C VAL BC 91 50.93 63.66 28.78
N GLU BC 92 52.17 64.00 29.14
CA GLU BC 92 52.90 65.05 28.46
C GLU BC 92 54.22 64.49 27.98
N TYR BC 93 54.82 65.21 27.03
CA TYR BC 93 56.04 64.76 26.36
C TYR BC 93 57.05 65.90 26.40
N TRP BC 94 58.01 65.81 27.32
CA TRP BC 94 59.03 66.82 27.47
C TRP BC 94 60.08 66.68 26.36
N ARG BC 95 60.85 67.75 26.18
CA ARG BC 95 61.90 67.82 25.17
C ARG BC 95 63.19 68.29 25.83
N LYS BC 96 64.21 67.46 25.82
CA LYS BC 96 65.50 67.90 26.33
C LYS BC 96 66.38 68.25 25.13
N ALA BC 97 67.00 69.43 25.19
CA ALA BC 97 67.97 69.92 24.23
C ALA BC 97 68.67 71.13 24.82
N ASP BC 98 69.88 71.41 24.33
CA ASP BC 98 70.57 72.66 24.66
C ASP BC 98 70.72 73.51 23.41
N ALA BC 99 70.42 74.81 23.55
CA ALA BC 99 70.61 75.74 22.45
C ALA BC 99 72.08 75.98 22.15
N SER BC 100 72.98 75.57 23.05
CA SER BC 100 74.40 75.80 22.85
C SER BC 100 74.92 75.00 21.66
N ASN BC 101 74.62 73.72 21.62
CA ASN BC 101 75.15 72.81 20.61
C ASN BC 101 73.97 72.28 19.80
N VAL BC 102 73.88 72.70 18.53
CA VAL BC 102 72.80 72.20 17.67
C VAL BC 102 73.16 70.85 17.08
N ASP BC 103 74.43 70.46 17.10
CA ASP BC 103 74.79 69.07 16.78
C ASP BC 103 74.09 68.11 17.73
N ALA BC 104 73.95 68.48 18.99
CA ALA BC 104 73.47 67.55 20.00
C ALA BC 104 72.00 67.18 19.73
N PRO BC 105 71.64 65.92 19.89
CA PRO BC 105 70.30 65.48 19.52
C PRO BC 105 69.28 65.92 20.55
N GLU BC 106 68.06 66.16 20.07
CA GLU BC 106 66.94 66.48 20.94
C GLU BC 106 66.24 65.18 21.30
N TYR BC 107 65.95 65.00 22.59
CA TYR BC 107 65.27 63.79 23.04
C TYR BC 107 63.88 64.12 23.54
N THR BC 108 62.96 63.17 23.37
CA THR BC 108 61.60 63.28 23.85
C THR BC 108 61.43 62.39 25.07
N LEU BC 109 61.04 62.99 26.19
CA LEU BC 109 60.90 62.29 27.46
C LEU BC 109 59.43 62.19 27.82
N PRO BC 110 58.82 61.00 27.75
CA PRO BC 110 57.40 60.88 28.11
C PRO BC 110 57.18 60.78 29.62
N GLN BC 111 56.06 61.38 30.04
CA GLN BC 111 55.64 61.41 31.44
C GLN BC 111 54.13 61.22 31.48
N SER BC 112 53.65 60.39 32.41
CA SER BC 112 52.21 60.14 32.51
C SER BC 112 51.79 60.03 33.97
N CYS BC 113 50.58 60.51 34.25
CA CYS BC 113 50.05 60.52 35.61
C CYS BC 113 48.54 60.38 35.58
N SER BC 114 48.00 59.53 36.46
CA SER BC 114 46.58 59.22 36.44
C SER BC 114 46.01 59.19 37.86
N ILE BC 115 44.80 59.73 37.99
CA ILE BC 115 44.09 59.78 39.27
C ILE BC 115 42.71 59.19 39.08
N ARG BC 116 42.37 58.20 39.92
CA ARG BC 116 41.05 57.57 39.91
C ARG BC 116 40.41 57.78 41.27
N LEU BC 117 39.23 58.40 41.28
CA LEU BC 117 38.49 58.66 42.50
C LEU BC 117 37.14 57.97 42.42
N ALA BC 118 36.82 57.16 43.43
CA ALA BC 118 35.61 56.34 43.42
C ALA BC 118 34.99 56.43 44.81
N SER BC 119 33.91 57.18 44.90
CA SER BC 119 33.26 57.45 46.18
C SER BC 119 31.89 56.77 46.21
N THR BC 120 31.47 56.37 47.41
CA THR BC 120 30.05 56.14 47.59
C THR BC 120 29.42 57.47 47.97
N VAL BC 121 28.20 57.71 47.48
CA VAL BC 121 27.55 59.00 47.64
C VAL BC 121 26.12 58.75 48.09
N THR BC 122 25.72 59.46 49.13
CA THR BC 122 24.35 59.58 49.60
C THR BC 122 24.00 61.06 49.66
N LYS BC 123 22.75 61.34 50.04
CA LYS BC 123 22.28 62.72 49.99
C LYS BC 123 23.13 63.66 50.83
N GLU BC 124 23.86 63.14 51.82
CA GLU BC 124 24.66 63.99 52.70
C GLU BC 124 26.12 64.08 52.29
N THR BC 125 26.55 63.33 51.28
CA THR BC 125 27.89 63.48 50.74
C THR BC 125 28.01 64.82 50.02
N THR BC 126 29.01 65.61 50.40
CA THR BC 126 29.22 66.92 49.79
C THR BC 126 30.42 66.92 48.85
N ALA BC 127 30.44 67.94 47.99
CA ALA BC 127 31.55 68.14 47.08
C ALA BC 127 32.86 68.21 47.84
N ALA BC 128 32.89 69.02 48.91
CA ALA BC 128 34.11 69.18 49.69
C ALA BC 128 34.49 67.91 50.45
N ASP BC 129 33.50 67.12 50.89
CA ASP BC 129 33.81 65.82 51.48
C ASP BC 129 34.58 64.97 50.49
N ILE BC 130 34.12 64.92 49.24
CA ILE BC 130 34.81 64.09 48.26
C ILE BC 130 36.16 64.68 47.89
N ALA BC 131 36.26 66.01 47.85
CA ALA BC 131 37.56 66.63 47.62
C ALA BC 131 38.56 66.25 48.71
N GLY BC 132 38.05 65.99 49.92
CA GLY BC 132 38.93 65.70 51.03
C GLY BC 132 39.74 64.44 50.84
N ILE BC 133 39.16 63.42 50.19
CA ILE BC 133 39.89 62.17 50.06
C ILE BC 133 41.04 62.32 49.07
N VAL BC 134 40.88 63.14 48.03
CA VAL BC 134 42.00 63.41 47.14
C VAL BC 134 43.12 64.13 47.88
N LEU BC 135 42.76 65.12 48.69
CA LEU BC 135 43.76 65.86 49.46
C LEU BC 135 44.45 64.99 50.50
N ARG BC 136 43.75 64.01 51.05
CA ARG BC 136 44.36 63.11 52.02
C ARG BC 136 45.20 62.04 51.35
N THR BC 137 44.85 61.62 50.14
CA THR BC 137 45.75 60.76 49.38
C THR BC 137 47.04 61.51 49.04
N LEU BC 138 46.93 62.78 48.65
CA LEU BC 138 48.12 63.55 48.32
C LEU BC 138 48.97 63.86 49.54
N ALA BC 139 48.33 64.08 50.70
CA ALA BC 139 49.02 64.62 51.88
C ALA BC 139 50.28 63.87 52.27
N PRO BC 140 50.33 62.53 52.32
CA PRO BC 140 51.56 61.88 52.77
C PRO BC 140 52.71 61.97 51.78
N ILE BC 141 52.44 62.13 50.49
CA ILE BC 141 53.50 62.29 49.50
C ILE BC 141 54.05 63.71 49.51
N PHE BC 142 53.20 64.71 49.75
CA PHE BC 142 53.58 66.11 49.73
C PHE BC 142 53.29 66.72 51.09
N PRO BC 143 53.96 66.25 52.14
CA PRO BC 143 53.55 66.65 53.50
C PRO BC 143 53.81 68.11 53.81
N ASN BC 144 54.70 68.76 53.07
CA ASN BC 144 54.85 70.21 53.15
C ASN BC 144 54.35 70.89 51.89
N GLY BC 145 53.49 70.22 51.13
CA GLY BC 145 52.96 70.84 49.93
C GLY BC 145 54.07 71.14 48.97
N SER BC 146 53.96 72.28 48.28
CA SER BC 146 54.98 72.68 47.33
C SER BC 146 56.31 73.05 47.98
N GLY BC 147 56.44 72.94 49.31
CA GLY BC 147 57.66 73.41 49.96
C GLY BC 147 58.89 72.55 49.68
N ASP BC 148 58.85 71.28 50.05
CA ASP BC 148 59.95 70.37 49.78
C ASP BC 148 59.44 69.13 49.09
N TRP BC 149 60.33 68.44 48.39
CA TRP BC 149 59.96 67.27 47.63
C TRP BC 149 60.60 66.00 48.21
N ILE BC 150 60.75 65.94 49.53
CA ILE BC 150 61.59 64.90 50.12
C ILE BC 150 60.94 63.53 49.96
N LYS BC 151 59.65 63.43 50.32
CA LYS BC 151 58.98 62.14 50.21
C LYS BC 151 58.75 61.76 48.75
N LEU BC 152 58.46 62.75 47.90
CA LEU BC 152 58.36 62.44 46.48
C LEU BC 152 59.66 61.85 45.96
N GLN BC 153 60.78 62.50 46.26
CA GLN BC 153 62.07 62.02 45.77
C GLN BC 153 62.33 60.62 46.25
N GLN BC 154 62.04 60.33 47.52
CA GLN BC 154 62.27 58.97 48.00
C GLN BC 154 61.31 57.98 47.35
N LEU BC 155 60.16 58.43 46.83
CA LEU BC 155 59.33 57.52 46.02
C LEU BC 155 59.97 57.26 44.67
N ILE BC 156 60.61 58.27 44.09
CA ILE BC 156 61.31 58.06 42.82
C ILE BC 156 62.52 57.16 43.01
N ASP BC 157 63.10 57.14 44.22
CA ASP BC 157 64.27 56.32 44.49
C ASP BC 157 63.93 54.86 44.71
N GLY BC 158 62.65 54.51 44.83
CA GLY BC 158 62.22 53.15 45.05
C GLY BC 158 62.17 52.76 46.53
N LEU BC 159 61.71 53.68 47.37
CA LEU BC 159 61.64 53.49 48.81
C LEU BC 159 60.19 53.63 49.24
N PRO BC 160 59.40 52.57 49.06
CA PRO BC 160 57.94 52.68 49.23
C PRO BC 160 57.48 52.98 50.64
N ARG BC 161 58.30 52.70 51.65
CA ARG BC 161 57.89 52.86 53.05
C ARG BC 161 57.88 54.34 53.41
N ILE BC 162 56.69 54.93 53.43
CA ILE BC 162 56.55 56.37 53.62
C ILE BC 162 56.26 56.71 55.08
N PHE BC 163 55.39 55.93 55.73
CA PHE BC 163 55.17 56.06 57.15
C PHE BC 163 56.11 55.18 57.97
N GLY BC 164 57.00 54.43 57.32
CA GLY BC 164 57.94 53.57 58.02
C GLY BC 164 57.80 52.07 57.77
N SER CC 1 27.11 59.75 75.22
CA SER CC 1 26.51 59.69 76.54
C SER CC 1 26.59 58.28 77.12
N TYR CC 2 26.58 57.28 76.23
CA TYR CC 2 26.69 55.89 76.62
C TYR CC 2 27.96 55.63 77.45
N THR CC 3 27.79 54.94 78.57
CA THR CC 3 28.91 54.47 79.36
C THR CC 3 28.86 52.95 79.47
N ILE CC 4 30.05 52.36 79.63
CA ILE CC 4 30.20 50.94 79.81
C ILE CC 4 30.50 50.68 81.27
N ASP CC 5 29.68 49.86 81.91
CA ASP CC 5 29.88 49.43 83.28
C ASP CC 5 30.28 47.96 83.27
N ILE CC 6 31.44 47.66 83.83
CA ILE CC 6 31.75 46.27 84.11
C ILE CC 6 30.78 45.78 85.18
N ASN CC 7 30.18 44.63 84.95
CA ASN CC 7 29.22 44.11 85.91
C ASN CC 7 29.92 43.17 86.88
N CYS CC 8 30.97 43.66 87.53
CA CYS CC 8 31.83 42.81 88.34
C CYS CC 8 31.95 43.35 89.75
N SER CC 9 32.58 42.55 90.61
CA SER CC 9 32.97 42.96 91.95
C SER CC 9 34.46 43.29 91.95
N THR CC 10 34.80 44.51 92.36
CA THR CC 10 36.18 44.97 92.49
C THR CC 10 36.40 45.59 93.85
N GLY CC 11 37.66 45.58 94.26
CA GLY CC 11 38.05 46.04 95.57
C GLY CC 11 38.71 47.41 95.52
N ASP CC 12 39.18 47.83 96.70
CA ASP CC 12 39.89 49.09 96.85
C ASP CC 12 41.39 48.93 96.73
N THR CC 13 41.91 47.75 97.05
CA THR CC 13 43.34 47.55 97.15
C THR CC 13 43.94 47.30 95.78
N GLN CC 14 45.22 47.62 95.62
CA GLN CC 14 45.92 47.38 94.38
C GLN CC 14 47.30 46.83 94.68
N ALA CC 15 47.85 46.11 93.71
CA ALA CC 15 49.13 45.44 93.86
C ALA CC 15 49.90 45.45 92.54
N ASN CC 16 51.22 45.48 92.65
CA ASN CC 16 52.11 45.50 91.49
C ASN CC 16 52.48 44.07 91.10
N LEU CC 17 52.03 43.63 89.92
CA LEU CC 17 52.58 42.45 89.26
C LEU CC 17 53.70 42.94 88.35
N VAL CC 18 54.94 42.65 88.71
CA VAL CC 18 56.07 43.34 88.09
C VAL CC 18 56.64 42.47 86.97
N LEU CC 19 56.54 43.02 85.76
CA LEU CC 19 56.96 42.37 84.54
C LEU CC 19 58.37 42.78 84.19
N THR CC 20 59.17 41.81 83.78
CA THR CC 20 60.50 42.04 83.24
C THR CC 20 60.42 41.98 81.73
N GLU CC 21 61.05 42.95 81.06
CA GLU CC 21 60.81 43.16 79.62
C GLU CC 21 61.36 42.00 78.80
N ILE CC 22 60.71 41.76 77.67
CA ILE CC 22 61.12 40.74 76.72
C ILE CC 22 61.60 41.46 75.45
N PRO CC 23 62.91 41.51 75.19
CA PRO CC 23 63.41 42.28 74.06
C PRO CC 23 62.92 41.71 72.74
N ALA CC 24 62.49 42.61 71.84
CA ALA CC 24 61.98 42.13 70.56
C ALA CC 24 63.11 41.72 69.62
N GLU CC 25 64.23 42.44 69.69
CA GLU CC 25 65.39 42.23 68.82
C GLU CC 25 65.74 40.76 68.56
N PRO CC 26 65.72 39.85 69.54
CA PRO CC 26 66.12 38.46 69.26
C PRO CC 26 65.09 37.58 68.58
N TYR CC 27 63.82 37.96 68.51
CA TYR CC 27 62.79 37.05 67.99
C TYR CC 27 62.78 37.04 66.47
N VAL CC 28 62.41 35.88 65.90
CA VAL CC 28 62.45 35.68 64.44
C VAL CC 28 61.22 34.88 63.99
N HIS CC 29 60.57 35.35 62.92
CA HIS CC 29 59.45 34.64 62.34
C HIS CC 29 59.83 33.23 61.92
N VAL CC 30 58.98 32.25 62.25
CA VAL CC 30 59.27 30.85 61.94
C VAL CC 30 58.15 30.22 61.12
N SER CC 31 56.91 30.67 61.32
CA SER CC 31 55.81 30.05 60.61
C SER CC 31 54.56 30.90 60.77
N GLY CC 32 53.66 30.75 59.81
CA GLY CC 32 52.40 31.47 59.74
C GLY CC 32 52.42 32.52 58.64
N ASP CC 33 51.36 33.31 58.61
CA ASP CC 33 51.23 34.46 57.72
C ASP CC 33 51.20 35.73 58.55
N ASN CC 34 51.83 36.79 58.03
CA ASN CC 34 51.84 38.07 58.73
C ASN CC 34 50.46 38.70 58.87
N LYS CC 35 49.42 38.06 58.31
CA LYS CC 35 48.05 38.57 58.41
C LYS CC 35 47.32 38.02 59.63
N SER CC 36 47.25 36.70 59.78
CA SER CC 36 46.45 36.07 60.82
C SER CC 36 47.30 35.56 61.99
N THR CC 37 48.26 34.68 61.74
CA THR CC 37 48.96 33.96 62.80
C THR CC 37 50.47 33.97 62.55
N ILE CC 38 51.23 34.25 63.61
CA ILE CC 38 52.69 34.39 63.51
C ILE CC 38 53.35 33.69 64.70
N GLU CC 39 54.45 32.99 64.44
CA GLU CC 39 55.17 32.29 65.50
C GLU CC 39 56.62 32.78 65.52
N TYR CC 40 57.01 33.45 66.60
CA TYR CC 40 58.38 33.92 66.75
C TYR CC 40 59.22 32.92 67.55
N LEU CC 41 60.51 32.88 67.20
CA LEU CC 41 61.52 32.07 67.88
C LEU CC 41 62.54 32.97 68.54
N ASP CC 42 62.76 32.76 69.84
CA ASP CC 42 63.80 33.45 70.59
C ASP CC 42 65.15 32.86 70.21
N THR CC 43 65.89 33.57 69.34
CA THR CC 43 67.25 33.17 69.03
C THR CC 43 68.21 33.35 70.20
N GLY CC 44 67.74 33.86 71.33
CA GLY CC 44 68.59 34.00 72.51
C GLY CC 44 68.68 32.73 73.31
N SER CC 45 68.51 31.59 72.64
CA SER CC 45 68.48 30.30 73.30
C SER CC 45 69.67 29.45 72.83
N ASP CC 46 69.72 28.23 73.35
CA ASP CC 46 70.80 27.31 73.02
C ASP CC 46 70.71 26.88 71.56
N ASN CC 47 71.87 26.81 70.89
CA ASN CC 47 71.91 26.26 69.53
C ASN CC 47 71.61 24.77 69.52
N SER CC 48 72.13 24.04 70.52
CA SER CC 48 72.35 22.60 70.43
C SER CC 48 71.13 21.77 70.81
N LEU CC 49 69.98 22.39 70.93
CA LEU CC 49 68.74 21.70 71.24
C LEU CC 49 67.81 21.73 70.03
N LEU CC 50 67.07 20.65 69.83
CA LEU CC 50 66.04 20.66 68.80
C LEU CC 50 64.84 21.52 69.21
N VAL CC 51 64.73 21.86 70.49
CA VAL CC 51 63.67 22.72 70.99
C VAL CC 51 64.27 24.06 71.39
N ARG CC 52 63.56 25.13 71.05
CA ARG CC 52 63.97 26.47 71.42
C ARG CC 52 62.73 27.29 71.72
N PRO CC 53 62.85 28.28 72.60
CA PRO CC 53 61.67 29.03 73.07
C PRO CC 53 61.02 29.82 71.95
N THR CC 54 59.70 29.76 71.94
CA THR CC 54 58.91 30.32 70.85
C THR CC 54 57.62 30.89 71.43
N GLN CC 55 57.28 32.10 71.01
CA GLN CC 55 56.00 32.69 71.40
C GLN CC 55 55.19 33.01 70.16
N GLN CC 56 53.92 32.61 70.18
CA GLN CC 56 53.04 32.72 69.04
C GLN CC 56 51.93 33.71 69.34
N PHE CC 57 51.53 34.46 68.31
CA PHE CC 57 50.41 35.40 68.37
C PHE CC 57 49.44 35.12 67.23
N ASN CC 58 48.15 35.32 67.52
CA ASN CC 58 47.10 34.85 66.63
C ASN CC 58 45.84 35.68 66.87
N CYS CC 59 45.40 36.45 65.87
CA CYS CC 59 44.22 37.31 65.99
C CYS CC 59 43.11 36.85 65.04
N VAL CC 60 41.86 37.05 65.47
CA VAL CC 60 40.66 36.79 64.67
C VAL CC 60 39.59 37.79 65.05
N SER CC 61 38.56 37.89 64.20
CA SER CC 61 37.49 38.86 64.39
C SER CC 61 36.24 38.37 63.67
N SER CC 62 35.08 38.75 64.20
CA SER CC 62 33.81 38.25 63.69
C SER CC 62 32.73 39.32 63.81
N GLN CC 63 31.82 39.30 62.84
CA GLN CC 63 30.68 40.21 62.78
C GLN CC 63 29.49 39.70 63.61
N TYR CC 64 29.64 38.56 64.27
CA TYR CC 64 28.54 37.92 64.99
C TYR CC 64 28.97 37.71 66.45
N PRO CC 65 29.06 38.80 67.22
CA PRO CC 65 29.70 38.70 68.54
C PRO CC 65 28.90 37.91 69.54
N TYR CC 66 27.61 37.69 69.30
CA TYR CC 66 26.73 36.98 70.22
C TYR CC 66 26.50 35.53 69.83
N ARG CC 67 27.38 34.96 68.99
CA ARG CC 67 27.11 33.65 68.41
C ARG CC 67 27.01 32.57 69.48
N ASN CC 68 27.92 32.58 70.45
CA ASN CC 68 27.94 31.57 71.48
C ASN CC 68 27.19 31.99 72.75
N TYR CC 69 26.84 33.26 72.87
CA TYR CC 69 26.16 33.77 74.06
C TYR CC 69 24.65 33.77 73.83
N SER CC 70 24.09 32.55 73.86
CA SER CC 70 22.69 32.36 73.49
C SER CC 70 21.74 33.02 74.47
N LYS CC 71 22.15 33.17 75.73
CA LYS CC 71 21.26 33.62 76.80
C LYS CC 71 21.13 35.14 76.89
N ILE CC 72 21.62 35.88 75.90
CA ILE CC 72 21.39 37.32 75.82
C ILE CC 72 20.29 37.54 74.77
N PRO CC 73 19.19 38.20 75.13
CA PRO CC 73 18.14 38.46 74.14
C PRO CC 73 18.55 39.48 73.11
N ARG CC 74 17.87 39.43 71.94
CA ARG CC 74 18.17 40.38 70.89
C ARG CC 74 17.89 41.82 71.32
N SER CC 75 16.90 42.02 72.20
CA SER CC 75 16.62 43.34 72.74
C SER CC 75 17.80 43.91 73.52
N GLN CC 76 18.79 43.09 73.86
CA GLN CC 76 19.96 43.56 74.61
C GLN CC 76 21.26 43.33 73.86
N GLN CC 77 21.20 42.93 72.59
CA GLN CC 77 22.38 42.73 71.75
C GLN CC 77 22.69 44.00 70.97
N ASP CC 78 23.86 44.59 71.20
CA ASP CC 78 24.27 45.81 70.51
C ASP CC 78 24.59 45.51 69.05
N PRO CC 79 23.80 45.98 68.09
CA PRO CC 79 24.02 45.58 66.69
C PRO CC 79 25.27 46.18 66.08
N LEU CC 80 25.76 47.30 66.62
CA LEU CC 80 27.01 47.87 66.16
C LEU CC 80 28.20 47.04 66.59
N ALA CC 81 28.07 46.33 67.72
CA ALA CC 81 29.20 45.68 68.36
C ALA CC 81 29.71 44.49 67.54
N VAL CC 82 31.00 44.22 67.70
CA VAL CC 82 31.76 43.31 66.85
C VAL CC 82 32.77 42.56 67.73
N ARG CC 83 33.03 41.29 67.40
CA ARG CC 83 33.92 40.45 68.22
C ARG CC 83 35.37 40.54 67.76
N ARG CC 84 36.26 40.88 68.69
CA ARG CC 84 37.70 40.88 68.48
C ARG CC 84 38.33 39.84 69.40
N GLU CC 85 39.36 39.13 68.92
CA GLU CC 85 39.95 38.08 69.75
C GLU CC 85 41.43 37.93 69.38
N PHE CC 86 42.25 37.66 70.40
CA PHE CC 86 43.66 37.32 70.20
C PHE CC 86 44.05 36.19 71.14
N TYR CC 87 45.17 35.55 70.78
CA TYR CC 87 45.67 34.36 71.45
C TYR CC 87 47.19 34.39 71.40
N THR CC 88 47.81 34.27 72.56
CA THR CC 88 49.26 34.15 72.64
C THR CC 88 49.58 32.83 73.33
N ARG CC 89 50.65 32.18 72.85
CA ARG CC 89 51.14 30.94 73.47
C ARG CC 89 52.66 30.99 73.52
N ARG CC 90 53.21 31.06 74.72
CA ARG CC 90 54.65 31.05 74.92
C ARG CC 90 55.05 29.66 75.39
N VAL CC 91 56.01 29.06 74.71
CA VAL CC 91 56.65 27.82 75.11
C VAL CC 91 58.11 28.15 75.36
N GLU CC 92 58.57 27.91 76.58
CA GLU CC 92 59.99 27.99 76.85
C GLU CC 92 60.48 26.65 77.39
N TYR CC 93 61.72 26.32 77.05
CA TYR CC 93 62.31 25.04 77.45
C TYR CC 93 63.47 25.34 78.40
N TRP CC 94 63.28 25.02 79.68
CA TRP CC 94 64.31 25.28 80.68
C TRP CC 94 65.39 24.21 80.64
N ARG CC 95 66.51 24.54 81.28
CA ARG CC 95 67.74 23.77 81.23
C ARG CC 95 68.18 23.56 82.67
N LYS CC 96 68.11 22.32 83.17
CA LYS CC 96 68.55 22.06 84.54
C LYS CC 96 69.88 21.31 84.52
N ALA CC 97 70.79 21.78 85.36
CA ALA CC 97 72.11 21.17 85.54
C ALA CC 97 72.82 21.88 86.68
N ASP CC 98 73.81 21.19 87.27
CA ASP CC 98 74.70 21.80 88.25
C ASP CC 98 76.09 21.92 87.66
N ALA CC 99 76.71 23.09 87.86
CA ALA CC 99 78.07 23.29 87.38
C ALA CC 99 79.08 22.57 88.26
N SER CC 100 78.70 22.21 89.48
CA SER CC 100 79.60 21.48 90.36
C SER CC 100 79.93 20.10 89.81
N ASN CC 101 78.95 19.42 89.22
CA ASN CC 101 79.10 18.04 88.76
C ASN CC 101 78.77 18.01 87.27
N VAL CC 102 79.80 17.98 86.43
CA VAL CC 102 79.58 17.90 84.99
C VAL CC 102 79.28 16.48 84.54
N ASP CC 103 79.55 15.50 85.40
CA ASP CC 103 79.09 14.14 85.12
C ASP CC 103 77.58 14.03 85.21
N ALA CC 104 76.95 14.83 86.07
CA ALA CC 104 75.52 14.72 86.27
C ALA CC 104 74.78 15.21 85.02
N PRO CC 105 73.75 14.50 84.58
CA PRO CC 105 73.15 14.80 83.26
C PRO CC 105 72.34 16.07 83.30
N GLU CC 106 72.25 16.71 82.13
CA GLU CC 106 71.48 17.93 81.95
C GLU CC 106 70.11 17.57 81.39
N TYR CC 107 69.07 18.25 81.86
CA TYR CC 107 67.71 17.95 81.44
C TYR CC 107 67.02 19.18 80.87
N THR CC 108 66.09 18.91 79.96
CA THR CC 108 65.24 19.94 79.37
C THR CC 108 63.85 19.86 80.01
N LEU CC 109 63.38 20.99 80.53
CA LEU CC 109 62.12 21.05 81.25
C LEU CC 109 61.15 21.95 80.50
N PRO CC 110 60.20 21.39 79.74
CA PRO CC 110 59.26 22.24 78.98
C PRO CC 110 58.19 22.88 79.85
N GLN CC 111 57.90 24.14 79.51
CA GLN CC 111 56.93 24.98 80.19
C GLN CC 111 56.18 25.73 79.10
N SER CC 112 54.86 25.89 79.28
CA SER CC 112 54.03 26.54 78.26
C SER CC 112 52.86 27.25 78.92
N CYS CC 113 52.50 28.39 78.35
CA CYS CC 113 51.46 29.25 78.92
C CYS CC 113 50.75 30.00 77.80
N SER CC 114 49.42 30.03 77.86
CA SER CC 114 48.63 30.63 76.80
C SER CC 114 47.53 31.51 77.35
N ILE CC 115 47.31 32.64 76.67
CA ILE CC 115 46.27 33.60 77.03
C ILE CC 115 45.38 33.81 75.82
N ARG CC 116 44.07 33.69 76.03
CA ARG CC 116 43.08 33.92 74.97
C ARG CC 116 42.12 35.00 75.46
N LEU CC 117 42.08 36.12 74.74
CA LEU CC 117 41.18 37.22 75.06
C LEU CC 117 40.20 37.41 73.92
N ALA CC 118 38.91 37.35 74.22
CA ALA CC 118 37.85 37.58 73.25
C ALA CC 118 36.92 38.63 73.84
N SER CC 119 36.89 39.81 73.24
CA SER CC 119 36.04 40.90 73.68
C SER CC 119 34.97 41.18 72.64
N THR CC 120 33.80 41.64 73.08
CA THR CC 120 32.91 42.32 72.14
C THR CC 120 33.19 43.82 72.27
N VAL CC 121 33.66 44.41 71.18
CA VAL CC 121 34.00 45.83 71.12
C VAL CC 121 32.81 46.57 70.55
N THR CC 122 32.54 47.74 71.09
CA THR CC 122 31.61 48.70 70.52
C THR CC 122 32.31 50.06 70.47
N LYS CC 123 31.60 51.08 69.99
CA LYS CC 123 32.20 52.40 69.80
C LYS CC 123 32.87 52.91 71.07
N GLU CC 124 32.27 52.62 72.23
CA GLU CC 124 32.73 53.15 73.51
C GLU CC 124 33.71 52.23 74.21
N THR CC 125 33.90 51.00 73.73
CA THR CC 125 34.89 50.11 74.30
C THR CC 125 36.29 50.68 74.08
N THR CC 126 37.06 50.79 75.15
CA THR CC 126 38.38 51.41 75.08
C THR CC 126 39.49 50.39 75.30
N ALA CC 127 40.71 50.83 74.95
CA ALA CC 127 41.90 50.06 75.23
C ALA CC 127 41.94 49.63 76.70
N ALA CC 128 41.79 50.60 77.60
CA ALA CC 128 41.88 50.31 79.02
C ALA CC 128 40.77 49.37 79.48
N ASP CC 129 39.56 49.54 78.94
CA ASP CC 129 38.47 48.62 79.26
C ASP CC 129 38.84 47.19 78.90
N ILE CC 130 39.47 46.99 77.75
CA ILE CC 130 39.79 45.63 77.36
C ILE CC 130 40.96 45.09 78.18
N ALA CC 131 41.90 45.96 78.56
CA ALA CC 131 42.97 45.53 79.47
C ALA CC 131 42.40 45.11 80.83
N GLY CC 132 41.32 45.76 81.26
CA GLY CC 132 40.75 45.47 82.56
C GLY CC 132 40.37 44.01 82.73
N ILE CC 133 39.88 43.37 81.66
CA ILE CC 133 39.42 41.99 81.84
C ILE CC 133 40.61 41.06 82.03
N VAL CC 134 41.73 41.31 81.35
CA VAL CC 134 42.94 40.54 81.61
C VAL CC 134 43.40 40.75 83.05
N LEU CC 135 43.38 42.00 83.51
CA LEU CC 135 43.84 42.28 84.86
C LEU CC 135 42.96 41.61 85.92
N ARG CC 136 41.64 41.63 85.71
CA ARG CC 136 40.72 40.99 86.64
C ARG CC 136 40.75 39.48 86.53
N THR CC 137 41.18 38.93 85.40
CA THR CC 137 41.40 37.49 85.31
C THR CC 137 42.65 37.10 86.09
N LEU CC 138 43.66 37.96 86.10
CA LEU CC 138 44.89 37.65 86.83
C LEU CC 138 44.73 37.82 88.34
N ALA CC 139 44.02 38.85 88.77
CA ALA CC 139 43.98 39.21 90.19
C ALA CC 139 43.61 38.07 91.14
N PRO CC 140 42.71 37.13 90.79
CA PRO CC 140 42.48 36.01 91.71
C PRO CC 140 43.70 35.14 91.91
N ILE CC 141 44.53 34.96 90.88
CA ILE CC 141 45.74 34.14 91.00
C ILE CC 141 46.88 34.92 91.67
N PHE CC 142 46.93 36.25 91.51
CA PHE CC 142 48.00 37.07 92.05
C PHE CC 142 47.40 38.14 92.96
N PRO CC 143 46.85 37.75 94.10
CA PRO CC 143 46.15 38.72 94.94
C PRO CC 143 47.07 39.80 95.49
N ASN CC 144 48.38 39.54 95.57
CA ASN CC 144 49.36 40.54 95.99
C ASN CC 144 50.37 40.82 94.90
N GLY CC 145 50.07 40.42 93.67
CA GLY CC 145 50.97 40.72 92.57
C GLY CC 145 52.24 39.92 92.75
N SER CC 146 53.39 40.57 92.54
CA SER CC 146 54.65 39.88 92.73
C SER CC 146 54.98 39.63 94.21
N GLY CC 147 54.19 40.17 95.14
CA GLY CC 147 54.57 40.14 96.55
C GLY CC 147 54.70 38.74 97.12
N ASP CC 148 53.81 37.83 96.75
CA ASP CC 148 53.87 36.43 97.14
C ASP CC 148 53.32 35.59 95.98
N TRP CC 149 53.47 34.28 96.09
CA TRP CC 149 52.99 33.38 95.05
C TRP CC 149 52.01 32.34 95.58
N ILE CC 150 51.29 32.67 96.66
CA ILE CC 150 50.62 31.63 97.44
C ILE CC 150 49.50 30.98 96.64
N LYS CC 151 48.66 31.81 96.01
CA LYS CC 151 47.53 31.25 95.28
C LYS CC 151 48.00 30.51 94.03
N LEU CC 152 49.06 31.02 93.39
CA LEU CC 152 49.62 30.30 92.25
C LEU CC 152 50.14 28.94 92.69
N GLN CC 153 50.82 28.89 93.83
CA GLN CC 153 51.31 27.63 94.37
C GLN CC 153 50.17 26.66 94.62
N GLN CC 154 49.03 27.16 95.14
CA GLN CC 154 47.87 26.30 95.31
C GLN CC 154 47.41 25.74 93.98
N LEU CC 155 47.36 26.58 92.94
CA LEU CC 155 46.95 26.10 91.62
C LEU CC 155 47.87 24.99 91.13
N ILE CC 156 49.17 25.15 91.31
CA ILE CC 156 50.10 24.12 90.88
C ILE CC 156 49.91 22.85 91.72
N ASP CC 157 49.77 23.01 93.04
CA ASP CC 157 49.52 21.89 93.95
C ASP CC 157 48.24 21.15 93.61
N GLY CC 158 47.34 21.78 92.86
CA GLY CC 158 46.13 21.13 92.39
C GLY CC 158 44.87 21.50 93.15
N LEU CC 159 44.83 22.66 93.79
CA LEU CC 159 43.77 23.07 94.70
C LEU CC 159 42.93 24.16 94.07
N PRO CC 160 41.92 23.81 93.27
CA PRO CC 160 41.26 24.80 92.41
C PRO CC 160 40.36 25.78 93.15
N ARG CC 161 40.01 25.50 94.40
CA ARG CC 161 39.13 26.38 95.17
C ARG CC 161 39.93 27.62 95.61
N ILE CC 162 39.93 28.63 94.75
CA ILE CC 162 40.69 29.84 95.00
C ILE CC 162 39.87 30.87 95.77
N PHE CC 163 38.56 30.92 95.55
CA PHE CC 163 37.69 31.81 96.30
C PHE CC 163 37.11 31.12 97.51
N GLY CC 164 37.68 29.98 97.92
CA GLY CC 164 37.14 29.21 99.02
C GLY CC 164 36.19 28.13 98.54
N SER DC 1 -6.92 16.15 147.13
CA SER DC 1 -7.81 15.08 146.69
C SER DC 1 -8.41 15.44 145.33
N TYR DC 2 -8.33 14.48 144.41
CA TYR DC 2 -8.63 14.74 143.01
C TYR DC 2 -10.06 15.27 142.81
N THR DC 3 -10.19 16.26 141.94
CA THR DC 3 -11.49 16.75 141.48
C THR DC 3 -11.56 16.67 139.96
N ILE DC 4 -12.78 16.55 139.45
CA ILE DC 4 -13.05 16.41 138.01
C ILE DC 4 -13.61 17.72 137.48
N ASP DC 5 -12.89 18.32 136.54
CA ASP DC 5 -13.31 19.53 135.83
C ASP DC 5 -13.91 19.11 134.50
N ILE DC 6 -15.18 19.43 134.26
CA ILE DC 6 -15.71 19.26 132.92
C ILE DC 6 -15.15 20.41 132.09
N ASN DC 7 -14.15 20.12 131.30
CA ASN DC 7 -13.53 21.13 130.45
C ASN DC 7 -14.56 21.48 129.39
N CYS DC 8 -15.26 22.59 129.59
CA CYS DC 8 -16.49 22.82 128.84
C CYS DC 8 -17.06 24.19 129.21
N SER DC 9 -17.98 24.68 128.36
CA SER DC 9 -18.67 25.94 128.60
C SER DC 9 -20.10 25.68 129.07
N THR DC 10 -20.42 26.10 130.29
CA THR DC 10 -21.77 26.03 130.84
C THR DC 10 -22.29 27.44 131.10
N GLY DC 11 -23.61 27.52 131.29
CA GLY DC 11 -24.30 28.78 131.47
C GLY DC 11 -24.99 28.88 132.81
N ASP DC 12 -25.55 30.04 133.14
CA ASP DC 12 -26.22 30.17 134.44
C ASP DC 12 -27.65 29.67 134.39
N THR DC 13 -28.33 29.86 133.27
CA THR DC 13 -29.76 29.56 133.14
C THR DC 13 -30.02 28.06 133.13
N GLN DC 14 -31.23 27.66 133.53
CA GLN DC 14 -31.63 26.26 133.47
C GLN DC 14 -33.05 26.16 132.94
N ALA DC 15 -33.31 25.15 132.13
CA ALA DC 15 -34.63 24.85 131.60
C ALA DC 15 -35.09 23.47 132.05
N ASN DC 16 -36.41 23.27 132.04
CA ASN DC 16 -37.01 21.98 132.33
C ASN DC 16 -37.37 21.30 131.01
N LEU DC 17 -36.77 20.14 130.76
CA LEU DC 17 -37.24 19.22 129.72
C LEU DC 17 -38.19 18.26 130.40
N VAL DC 18 -39.48 18.37 130.09
CA VAL DC 18 -40.51 17.66 130.84
C VAL DC 18 -40.72 16.29 130.21
N LEU DC 19 -40.29 15.25 130.92
CA LEU DC 19 -40.44 13.88 130.48
C LEU DC 19 -41.74 13.32 131.04
N THR DC 20 -42.46 12.59 130.21
CA THR DC 20 -43.63 11.84 130.66
C THR DC 20 -43.23 10.39 130.83
N GLU DC 21 -43.59 9.81 131.97
CA GLU DC 21 -43.11 8.47 132.31
C GLU DC 21 -43.60 7.46 131.30
N ILE DC 22 -42.89 6.34 131.24
CA ILE DC 22 -43.28 5.21 130.41
C ILE DC 22 -43.42 4.02 131.34
N PRO DC 23 -44.64 3.50 131.54
CA PRO DC 23 -44.84 2.46 132.57
C PRO DC 23 -44.15 1.16 132.18
N ALA DC 24 -43.51 0.54 133.16
CA ALA DC 24 -42.73 -0.65 132.86
C ALA DC 24 -43.61 -1.88 132.69
N GLU DC 25 -44.81 -1.88 133.27
CA GLU DC 25 -45.66 -3.07 133.20
C GLU DC 25 -45.91 -3.53 131.77
N PRO DC 26 -46.31 -2.68 130.82
CA PRO DC 26 -46.64 -3.20 129.49
C PRO DC 26 -45.44 -3.74 128.70
N TYR DC 27 -44.20 -3.54 129.12
CA TYR DC 27 -43.07 -4.00 128.31
C TYR DC 27 -42.77 -5.48 128.58
N VAL DC 28 -42.49 -6.21 127.52
CA VAL DC 28 -42.23 -7.65 127.59
C VAL DC 28 -40.85 -7.95 127.01
N HIS DC 29 -40.01 -8.62 127.80
CA HIS DC 29 -38.72 -9.08 127.32
C HIS DC 29 -38.91 -10.01 126.13
N VAL DC 30 -38.19 -9.74 125.05
CA VAL DC 30 -38.35 -10.46 123.79
C VAL DC 30 -37.08 -11.22 123.41
N SER DC 31 -35.94 -10.53 123.43
CA SER DC 31 -34.68 -11.13 122.98
C SER DC 31 -33.52 -10.57 123.77
N GLY DC 32 -32.50 -11.39 123.95
CA GLY DC 32 -31.18 -10.91 124.31
C GLY DC 32 -30.71 -11.27 125.71
N ASP DC 33 -29.39 -11.50 125.83
CA ASP DC 33 -28.71 -11.70 127.10
C ASP DC 33 -28.41 -10.36 127.75
N ASN DC 34 -27.72 -10.40 128.90
CA ASN DC 34 -26.92 -9.25 129.28
C ASN DC 34 -25.70 -9.11 128.37
N LYS DC 35 -25.19 -10.25 127.87
CA LYS DC 35 -24.07 -10.24 126.92
C LYS DC 35 -24.51 -9.75 125.55
N SER DC 36 -25.79 -9.94 125.20
CA SER DC 36 -26.34 -9.45 123.96
C SER DC 36 -27.10 -8.14 124.25
N THR DC 37 -27.89 -7.68 123.28
CA THR DC 37 -28.75 -6.51 123.49
C THR DC 37 -30.15 -6.92 123.95
N ILE DC 38 -30.60 -6.37 125.08
CA ILE DC 38 -31.95 -6.64 125.59
C ILE DC 38 -32.98 -5.90 124.76
N GLU DC 39 -34.09 -6.56 124.45
CA GLU DC 39 -35.13 -5.98 123.62
C GLU DC 39 -36.49 -6.14 124.29
N TYR DC 40 -37.25 -5.04 124.37
CA TYR DC 40 -38.59 -5.08 124.94
C TYR DC 40 -39.61 -4.66 123.90
N LEU DC 41 -40.78 -5.29 123.98
CA LEU DC 41 -41.96 -4.97 123.20
C LEU DC 41 -42.97 -4.23 124.06
N ASP DC 42 -43.45 -3.08 123.58
CA ASP DC 42 -44.52 -2.33 124.23
C ASP DC 42 -45.84 -2.96 123.81
N THR DC 43 -46.43 -3.78 124.69
CA THR DC 43 -47.66 -4.50 124.38
C THR DC 43 -48.90 -3.64 124.48
N GLY DC 44 -48.75 -2.38 124.91
CA GLY DC 44 -49.85 -1.46 124.89
C GLY DC 44 -49.92 -0.75 123.55
N SER DC 45 -49.99 -1.51 122.47
CA SER DC 45 -50.05 -0.99 121.12
C SER DC 45 -51.18 -1.66 120.35
N ASP DC 46 -51.44 -1.15 119.15
CA ASP DC 46 -52.47 -1.77 118.32
C ASP DC 46 -52.01 -3.14 117.91
N ASN DC 47 -52.70 -4.16 118.44
CA ASN DC 47 -52.42 -5.54 118.12
C ASN DC 47 -52.60 -5.81 116.62
N SER DC 48 -53.49 -5.07 115.97
CA SER DC 48 -53.84 -5.32 114.57
C SER DC 48 -52.79 -4.84 113.58
N LEU DC 49 -51.63 -4.40 114.08
CA LEU DC 49 -50.47 -4.14 113.25
C LEU DC 49 -49.45 -5.24 113.48
N LEU DC 50 -48.74 -5.61 112.41
CA LEU DC 50 -47.66 -6.57 112.54
C LEU DC 50 -46.36 -5.91 113.00
N VAL DC 51 -46.33 -4.58 113.09
CA VAL DC 51 -45.21 -3.86 113.68
C VAL DC 51 -45.69 -3.24 114.98
N ARG DC 52 -44.87 -3.33 116.01
CA ARG DC 52 -45.24 -2.84 117.32
C ARG DC 52 -44.03 -2.16 117.94
N PRO DC 53 -44.26 -1.24 118.88
CA PRO DC 53 -43.16 -0.43 119.43
C PRO DC 53 -42.22 -1.26 120.28
N THR DC 54 -40.93 -1.06 120.08
CA THR DC 54 -39.90 -1.78 120.83
C THR DC 54 -38.84 -0.79 121.30
N GLN DC 55 -38.35 -0.99 122.51
CA GLN DC 55 -37.12 -0.30 122.91
C GLN DC 55 -36.08 -1.30 123.38
N GLN DC 56 -34.83 -1.08 122.99
CA GLN DC 56 -33.76 -2.00 123.33
C GLN DC 56 -32.63 -1.27 124.06
N PHE DC 57 -31.95 -2.04 124.90
CA PHE DC 57 -30.89 -1.56 125.78
C PHE DC 57 -29.70 -2.52 125.69
N ASN DC 58 -28.54 -1.97 125.34
CA ASN DC 58 -27.28 -2.69 125.28
C ASN DC 58 -26.26 -1.92 126.11
N CYS DC 59 -25.39 -2.62 126.82
CA CYS DC 59 -24.29 -1.92 127.46
C CYS DC 59 -23.06 -2.81 127.52
N VAL DC 60 -21.89 -2.17 127.34
CA VAL DC 60 -20.60 -2.86 127.26
C VAL DC 60 -19.54 -2.01 127.94
N SER DC 61 -18.48 -2.68 128.38
CA SER DC 61 -17.46 -2.05 129.20
C SER DC 61 -16.10 -2.58 128.80
N SER DC 62 -15.07 -1.71 128.90
CA SER DC 62 -13.72 -2.10 128.53
C SER DC 62 -12.69 -1.49 129.46
N GLN DC 63 -11.60 -2.22 129.64
CA GLN DC 63 -10.49 -1.77 130.47
C GLN DC 63 -9.54 -0.83 129.74
N TYR DC 64 -9.82 -0.54 128.46
CA TYR DC 64 -8.94 0.23 127.59
C TYR DC 64 -9.67 1.48 127.11
N PRO DC 65 -9.87 2.47 127.98
CA PRO DC 65 -10.82 3.55 127.68
C PRO DC 65 -10.31 4.54 126.67
N TYR DC 66 -9.01 4.55 126.37
CA TYR DC 66 -8.41 5.48 125.45
C TYR DC 66 -8.25 4.92 124.05
N ARG DC 67 -8.90 3.78 123.75
CA ARG DC 67 -8.64 3.10 122.49
C ARG DC 67 -9.07 3.96 121.29
N ASN DC 68 -10.20 4.65 121.40
CA ASN DC 68 -10.70 5.44 120.29
C ASN DC 68 -10.08 6.82 120.20
N TYR DC 69 -9.53 7.34 121.29
CA TYR DC 69 -9.03 8.70 121.35
C TYR DC 69 -7.53 8.68 121.14
N SER DC 70 -7.08 9.32 120.07
CA SER DC 70 -5.70 9.17 119.64
C SER DC 70 -4.76 10.22 120.20
N LYS DC 71 -5.23 11.45 120.41
CA LYS DC 71 -4.34 12.56 120.71
C LYS DC 71 -4.23 12.84 122.20
N ILE DC 72 -4.45 11.85 123.04
CA ILE DC 72 -4.25 11.97 124.49
C ILE DC 72 -2.96 11.27 124.85
N PRO DC 73 -1.95 11.98 125.38
CA PRO DC 73 -0.69 11.34 125.74
C PRO DC 73 -0.84 10.36 126.89
N ARG DC 74 0.05 9.36 126.92
CA ARG DC 74 0.03 8.38 128.00
C ARG DC 74 0.22 9.06 129.36
N SER DC 75 1.06 10.09 129.42
CA SER DC 75 1.28 10.81 130.66
C SER DC 75 0.01 11.47 131.19
N GLN DC 76 -1.06 11.50 130.39
CA GLN DC 76 -2.34 12.06 130.81
C GLN DC 76 -3.44 11.01 130.87
N GLN DC 77 -3.11 9.74 130.69
CA GLN DC 77 -4.10 8.66 130.71
C GLN DC 77 -4.17 8.06 132.11
N ASP DC 78 -5.35 8.13 132.73
CA ASP DC 78 -5.56 7.60 134.07
C ASP DC 78 -5.54 6.08 134.05
N PRO DC 79 -4.56 5.42 134.69
CA PRO DC 79 -4.46 3.96 134.59
C PRO DC 79 -5.58 3.23 135.28
N LEU DC 80 -6.30 3.89 136.17
CA LEU DC 80 -7.46 3.32 136.83
C LEU DC 80 -8.75 3.58 136.08
N ALA DC 81 -8.70 4.34 135.00
CA ALA DC 81 -9.92 4.69 134.29
C ALA DC 81 -10.43 3.49 133.50
N VAL DC 82 -11.76 3.42 133.38
CA VAL DC 82 -12.44 2.34 132.67
C VAL DC 82 -13.46 2.97 131.74
N ARG DC 83 -13.83 2.25 130.68
CA ARG DC 83 -14.82 2.72 129.71
C ARG DC 83 -16.14 2.03 129.98
N ARG DC 84 -17.18 2.82 130.25
CA ARG DC 84 -18.53 2.31 130.44
C ARG DC 84 -19.40 2.88 129.32
N GLU DC 85 -20.11 2.03 128.61
CA GLU DC 85 -20.90 2.44 127.45
C GLU DC 85 -22.28 1.82 127.54
N PHE DC 86 -23.30 2.58 127.15
CA PHE DC 86 -24.65 2.04 127.00
C PHE DC 86 -25.32 2.68 125.79
N TYR DC 87 -26.35 2.00 125.30
CA TYR DC 87 -26.97 2.31 124.03
C TYR DC 87 -28.43 1.90 124.06
N THR DC 88 -29.33 2.84 123.80
CA THR DC 88 -30.74 2.53 123.75
C THR DC 88 -31.26 2.94 122.38
N ARG DC 89 -32.19 2.14 121.85
CA ARG DC 89 -32.86 2.46 120.58
C ARG DC 89 -34.35 2.17 120.74
N ARG DC 90 -35.16 3.22 120.62
CA ARG DC 90 -36.61 3.11 120.68
C ARG DC 90 -37.15 3.31 119.29
N VAL DC 91 -37.95 2.35 118.84
CA VAL DC 91 -38.71 2.46 117.61
C VAL DC 91 -40.18 2.47 118.01
N GLU DC 92 -40.89 3.51 117.62
CA GLU DC 92 -42.34 3.50 117.71
C GLU DC 92 -42.93 3.60 116.30
N TYR DC 93 -44.20 3.19 116.21
CA TYR DC 93 -44.90 3.13 114.94
C TYR DC 93 -46.21 3.90 115.08
N TRP DC 94 -46.23 5.14 114.61
CA TRP DC 94 -47.42 5.97 114.72
C TRP DC 94 -48.47 5.53 113.71
N ARG DC 95 -49.70 6.00 113.92
CA ARG DC 95 -50.82 5.64 113.06
C ARG DC 95 -51.57 6.92 112.73
N LYS DC 96 -51.71 7.24 111.45
CA LYS DC 96 -52.52 8.38 111.02
C LYS DC 96 -53.83 7.90 110.43
N ALA DC 97 -54.93 8.50 110.91
CA ALA DC 97 -56.27 8.24 110.37
C ALA DC 97 -57.20 9.37 110.81
N ASP DC 98 -58.42 9.39 110.29
CA ASP DC 98 -59.41 10.33 110.82
C ASP DC 98 -60.75 9.63 111.02
N ALA DC 99 -61.36 9.88 112.18
CA ALA DC 99 -62.69 9.35 112.47
C ALA DC 99 -63.75 10.01 111.63
N SER DC 100 -63.42 11.13 110.95
CA SER DC 100 -64.37 11.83 110.12
C SER DC 100 -64.74 11.04 108.88
N ASN DC 101 -63.82 10.18 108.40
CA ASN DC 101 -63.98 9.53 107.11
C ASN DC 101 -63.61 8.05 107.24
N VAL DC 102 -64.63 7.19 107.37
CA VAL DC 102 -64.37 5.76 107.40
C VAL DC 102 -63.83 5.26 106.06
N ASP DC 103 -64.02 6.03 105.00
CA ASP DC 103 -63.62 5.64 103.66
C ASP DC 103 -62.15 5.95 103.36
N ALA DC 104 -61.49 6.75 104.19
CA ALA DC 104 -60.13 7.18 103.86
C ALA DC 104 -59.10 6.27 104.54
N PRO DC 105 -58.00 5.96 103.85
CA PRO DC 105 -57.10 4.91 104.33
C PRO DC 105 -56.31 5.35 105.55
N GLU DC 106 -55.87 4.35 106.33
CA GLU DC 106 -55.00 4.58 107.46
C GLU DC 106 -53.57 4.27 107.07
N TYR DC 107 -52.62 5.00 107.67
CA TYR DC 107 -51.21 4.76 107.38
C TYR DC 107 -50.45 4.59 108.69
N THR DC 108 -49.41 3.77 108.65
CA THR DC 108 -48.51 3.62 109.79
C THR DC 108 -47.17 4.27 109.48
N LEU DC 109 -46.70 5.12 110.39
CA LEU DC 109 -45.55 6.00 110.20
C LEU DC 109 -44.42 5.62 111.15
N PRO DC 110 -43.29 5.09 110.66
CA PRO DC 110 -42.22 4.69 111.58
C PRO DC 110 -41.33 5.83 112.05
N GLN DC 111 -40.95 5.72 113.33
CA GLN DC 111 -40.10 6.69 114.01
C GLN DC 111 -39.08 5.93 114.83
N SER DC 112 -37.84 6.39 114.82
CA SER DC 112 -36.78 5.76 115.62
C SER DC 112 -35.85 6.79 116.21
N CYS DC 113 -35.36 6.50 117.43
CA CYS DC 113 -34.45 7.40 118.11
C CYS DC 113 -33.49 6.58 118.95
N SER DC 114 -32.20 6.91 118.87
CA SER DC 114 -31.18 6.10 119.54
C SER DC 114 -30.15 6.99 120.22
N ILE DC 115 -29.83 6.66 121.47
CA ILE DC 115 -28.86 7.39 122.27
C ILE DC 115 -27.76 6.43 122.70
N ARG DC 116 -26.50 6.81 122.40
CA ARG DC 116 -25.32 6.08 122.84
C ARG DC 116 -24.47 6.99 123.71
N LEU DC 117 -23.92 6.42 124.79
CA LEU DC 117 -23.11 7.15 125.75
C LEU DC 117 -21.95 6.28 126.17
N ALA DC 118 -20.73 6.81 126.03
CA ALA DC 118 -19.52 6.13 126.48
C ALA DC 118 -18.74 7.11 127.33
N SER DC 119 -18.69 6.86 128.62
CA SER DC 119 -17.96 7.69 129.57
C SER DC 119 -16.68 6.99 130.01
N THR DC 120 -15.63 7.77 130.21
CA THR DC 120 -14.49 7.30 130.97
C THR DC 120 -14.80 7.50 132.45
N VAL DC 121 -14.82 6.41 133.21
CA VAL DC 121 -15.19 6.42 134.63
C VAL DC 121 -13.97 6.09 135.47
N THR DC 122 -13.72 6.92 136.47
CA THR DC 122 -12.68 6.72 137.47
C THR DC 122 -13.32 6.85 138.85
N LYS DC 123 -12.50 6.71 139.89
CA LYS DC 123 -12.99 6.70 141.26
C LYS DC 123 -13.90 7.87 141.55
N GLU DC 124 -13.52 9.06 141.08
CA GLU DC 124 -14.20 10.30 141.40
C GLU DC 124 -15.39 10.60 140.49
N THR DC 125 -15.56 9.83 139.41
CA THR DC 125 -16.69 10.03 138.51
C THR DC 125 -17.97 9.54 139.14
N THR DC 126 -18.94 10.44 139.33
CA THR DC 126 -20.22 10.10 139.93
C THR DC 126 -21.31 9.92 138.86
N ALA DC 127 -22.38 9.23 139.27
CA ALA DC 127 -23.50 9.01 138.37
C ALA DC 127 -24.06 10.33 137.87
N ALA DC 128 -24.12 11.34 138.75
CA ALA DC 128 -24.52 12.67 138.31
C ALA DC 128 -23.57 13.23 137.27
N ASP DC 129 -22.26 13.07 137.49
CA ASP DC 129 -21.29 13.54 136.50
C ASP DC 129 -21.56 12.94 135.13
N ILE DC 130 -21.92 11.66 135.10
CA ILE DC 130 -22.15 10.99 133.82
C ILE DC 130 -23.48 11.43 133.23
N ALA DC 131 -24.48 11.67 134.05
CA ALA DC 131 -25.74 12.20 133.52
C ALA DC 131 -25.51 13.58 132.90
N GLY DC 132 -24.55 14.33 133.44
CA GLY DC 132 -24.23 15.63 132.89
C GLY DC 132 -23.94 15.60 131.40
N ILE DC 133 -23.25 14.55 130.94
CA ILE DC 133 -22.87 14.56 129.52
C ILE DC 133 -24.09 14.40 128.63
N VAL DC 134 -25.06 13.58 129.04
CA VAL DC 134 -26.30 13.47 128.28
C VAL DC 134 -27.06 14.80 128.34
N LEU DC 135 -27.11 15.42 129.51
CA LEU DC 135 -27.84 16.68 129.65
C LEU DC 135 -27.23 17.78 128.78
N ARG DC 136 -25.91 17.82 128.69
CA ARG DC 136 -25.24 18.83 127.86
C ARG DC 136 -25.33 18.49 126.38
N THR DC 137 -25.41 17.21 126.03
CA THR DC 137 -25.68 16.88 124.64
C THR DC 137 -27.07 17.34 124.23
N LEU DC 138 -28.06 17.18 125.12
CA LEU DC 138 -29.44 17.56 124.80
C LEU DC 138 -29.61 19.06 124.76
N ALA DC 139 -28.94 19.79 125.66
CA ALA DC 139 -29.26 21.20 125.88
C ALA DC 139 -29.21 22.08 124.63
N PRO DC 140 -28.25 21.96 123.71
CA PRO DC 140 -28.26 22.84 122.53
C PRO DC 140 -29.50 22.68 121.67
N ILE DC 141 -30.05 21.47 121.56
CA ILE DC 141 -31.24 21.20 120.76
C ILE DC 141 -32.50 21.68 121.47
N PHE DC 142 -32.53 21.62 122.80
CA PHE DC 142 -33.69 22.03 123.59
C PHE DC 142 -33.25 23.13 124.54
N PRO DC 143 -32.90 24.31 124.02
CA PRO DC 143 -32.32 25.35 124.88
C PRO DC 143 -33.32 25.94 125.85
N ASN DC 144 -34.62 25.72 125.64
CA ASN DC 144 -35.65 26.11 126.59
C ASN DC 144 -36.45 24.92 127.08
N GLY DC 145 -35.89 23.72 126.95
CA GLY DC 145 -36.54 22.56 127.51
C GLY DC 145 -37.81 22.27 126.72
N SER DC 146 -38.83 21.76 127.43
CA SER DC 146 -40.09 21.50 126.76
C SER DC 146 -40.78 22.78 126.32
N GLY DC 147 -40.22 23.95 126.63
CA GLY DC 147 -40.92 25.20 126.34
C GLY DC 147 -41.19 25.43 124.86
N ASP DC 148 -40.13 25.47 124.04
CA ASP DC 148 -40.27 25.67 122.61
C ASP DC 148 -39.50 24.60 121.86
N TRP DC 149 -39.79 24.49 120.57
CA TRP DC 149 -39.18 23.46 119.75
C TRP DC 149 -38.40 24.06 118.58
N ILE DC 150 -37.85 25.26 118.75
CA ILE DC 150 -37.38 26.01 117.59
C ILE DC 150 -36.15 25.36 116.98
N LYS DC 151 -35.16 25.01 117.83
CA LYS DC 151 -33.95 24.40 117.31
C LYS DC 151 -34.21 22.99 116.81
N LEU DC 152 -35.11 22.26 117.48
CA LEU DC 152 -35.47 20.94 116.97
C LEU DC 152 -36.10 21.06 115.59
N GLN DC 153 -37.00 22.03 115.44
CA GLN DC 153 -37.62 22.29 114.15
C GLN DC 153 -36.57 22.54 113.09
N GLN DC 154 -35.54 23.33 113.41
CA GLN DC 154 -34.45 23.54 112.46
C GLN DC 154 -33.78 22.22 112.08
N LEU DC 155 -33.42 21.42 113.07
CA LEU DC 155 -32.77 20.15 112.78
C LEU DC 155 -33.61 19.31 111.83
N ILE DC 156 -34.92 19.32 112.01
CA ILE DC 156 -35.78 18.54 111.12
C ILE DC 156 -35.87 19.19 109.75
N ASP DC 157 -35.95 20.53 109.71
CA ASP DC 157 -35.96 21.29 108.47
C ASP DC 157 -34.69 21.11 107.67
N GLY DC 158 -33.65 20.53 108.25
CA GLY DC 158 -32.42 20.28 107.53
C GLY DC 158 -31.34 21.32 107.73
N LEU DC 159 -31.38 22.09 108.81
CA LEU DC 159 -30.44 23.16 109.10
C LEU DC 159 -29.59 22.78 110.30
N PRO DC 160 -28.36 22.29 110.09
CA PRO DC 160 -27.59 21.68 111.18
C PRO DC 160 -26.92 22.66 112.13
N ARG DC 161 -26.87 23.94 111.83
CA ARG DC 161 -26.05 24.85 112.64
C ARG DC 161 -26.88 25.35 113.83
N ILE DC 162 -26.87 24.56 114.90
CA ILE DC 162 -27.53 24.94 116.15
C ILE DC 162 -26.90 26.20 116.73
N PHE DC 163 -25.57 26.30 116.67
CA PHE DC 163 -24.88 27.42 117.28
C PHE DC 163 -24.67 28.59 116.33
N GLY DC 164 -25.00 28.43 115.05
CA GLY DC 164 -24.85 29.51 114.08
C GLY DC 164 -23.62 29.43 113.21
N SER EC 1 -58.51 16.17 108.37
CA SER EC 1 -59.00 15.68 109.65
C SER EC 1 -58.11 14.56 110.16
N TYR EC 2 -57.12 14.18 109.35
CA TYR EC 2 -56.14 13.18 109.76
C TYR EC 2 -55.46 13.55 111.07
N THR EC 3 -55.37 12.59 111.97
CA THR EC 3 -54.70 12.75 113.24
C THR EC 3 -53.65 11.66 113.39
N ILE EC 4 -52.58 12.05 114.09
CA ILE EC 4 -51.42 11.22 114.36
C ILE EC 4 -51.57 10.66 115.77
N ASP EC 5 -51.69 9.35 115.89
CA ASP EC 5 -51.73 8.66 117.17
C ASP EC 5 -50.41 7.94 117.35
N ILE EC 6 -49.64 8.34 118.37
CA ILE EC 6 -48.52 7.52 118.76
C ILE EC 6 -49.05 6.20 119.28
N ASN EC 7 -48.42 5.11 118.88
CA ASN EC 7 -48.90 3.79 119.25
C ASN EC 7 -48.12 3.27 120.46
N CYS EC 8 -48.09 4.06 121.52
CA CYS EC 8 -47.19 3.80 122.64
C CYS EC 8 -47.97 3.62 123.93
N SER EC 9 -47.22 3.31 124.99
CA SER EC 9 -47.73 3.36 126.35
C SER EC 9 -47.16 4.60 127.02
N THR EC 10 -48.03 5.45 127.54
CA THR EC 10 -47.64 6.67 128.24
C THR EC 10 -48.36 6.75 129.57
N GLY EC 11 -47.63 7.15 130.61
CA GLY EC 11 -48.17 7.29 131.94
C GLY EC 11 -48.81 8.64 132.18
N ASP EC 12 -49.35 8.80 133.39
CA ASP EC 12 -49.93 10.06 133.82
C ASP EC 12 -48.93 10.96 134.55
N THR EC 13 -47.83 10.39 135.03
CA THR EC 13 -46.85 11.08 135.86
C THR EC 13 -45.86 11.84 134.96
N GLN EC 14 -45.23 12.89 135.51
CA GLN EC 14 -44.25 13.65 134.73
C GLN EC 14 -43.09 14.05 135.63
N ALA EC 15 -41.92 14.23 135.02
CA ALA EC 15 -40.70 14.59 135.74
C ALA EC 15 -39.94 15.65 134.97
N ASN EC 16 -39.14 16.43 135.71
CA ASN EC 16 -38.34 17.51 135.15
C ASN EC 16 -36.89 17.04 134.99
N LEU EC 17 -36.43 16.92 133.76
CA LEU EC 17 -35.02 16.70 133.45
C LEU EC 17 -34.40 18.08 133.25
N VAL EC 18 -33.52 18.49 134.16
CA VAL EC 18 -33.09 19.88 134.24
C VAL EC 18 -31.85 20.08 133.39
N LEU EC 19 -32.01 20.80 132.27
CA LEU EC 19 -30.92 21.09 131.37
C LEU EC 19 -30.28 22.41 131.77
N THR EC 20 -28.96 22.42 131.83
CA THR EC 20 -28.22 23.66 132.01
C THR EC 20 -27.75 24.16 130.64
N GLU EC 21 -27.90 25.45 130.42
CA GLU EC 21 -27.74 26.00 129.08
C GLU EC 21 -26.30 25.88 128.61
N ILE EC 22 -26.13 25.80 127.30
CA ILE EC 22 -24.80 25.81 126.70
C ILE EC 22 -24.73 27.00 125.75
N PRO EC 23 -23.90 28.00 126.05
CA PRO EC 23 -23.89 29.24 125.25
C PRO EC 23 -23.26 29.03 123.89
N ALA EC 24 -23.77 29.77 122.90
CA ALA EC 24 -23.23 29.62 121.55
C ALA EC 24 -21.99 30.48 121.35
N GLU EC 25 -21.87 31.58 122.11
CA GLU EC 25 -20.73 32.47 121.96
C GLU EC 25 -19.39 31.76 122.01
N PRO EC 26 -19.12 30.81 122.93
CA PRO EC 26 -17.81 30.15 122.93
C PRO EC 26 -17.58 29.19 121.76
N TYR EC 27 -18.57 28.88 120.94
CA TYR EC 27 -18.40 27.84 119.93
C TYR EC 27 -17.88 28.41 118.61
N VAL EC 28 -17.08 27.61 117.90
CA VAL EC 28 -16.35 28.02 116.70
C VAL EC 28 -16.54 26.99 115.60
N HIS EC 29 -16.72 27.47 114.36
CA HIS EC 29 -16.75 26.60 113.19
C HIS EC 29 -15.44 25.83 113.04
N VAL EC 30 -15.56 24.54 112.70
CA VAL EC 30 -14.40 23.67 112.47
C VAL EC 30 -14.42 23.09 111.07
N SER EC 31 -15.50 22.43 110.68
CA SER EC 31 -15.64 21.85 109.35
C SER EC 31 -17.05 22.05 108.85
N GLY EC 32 -17.20 21.99 107.53
CA GLY EC 32 -18.51 22.04 106.88
C GLY EC 32 -19.37 23.23 107.26
N ASP EC 33 -18.90 24.44 106.96
CA ASP EC 33 -19.57 25.65 107.44
C ASP EC 33 -20.96 25.79 106.87
N ASN EC 34 -21.11 25.59 105.56
CA ASN EC 34 -22.39 25.72 104.90
C ASN EC 34 -23.12 24.40 104.73
N LYS EC 35 -22.43 23.27 104.88
CA LYS EC 35 -22.94 21.99 104.43
C LYS EC 35 -23.92 21.38 105.45
N SER EC 36 -24.49 20.23 105.08
CA SER EC 36 -25.47 19.54 105.92
C SER EC 36 -24.86 18.93 107.16
N THR EC 37 -23.53 18.96 107.29
CA THR EC 37 -22.83 18.45 108.47
C THR EC 37 -21.90 19.55 108.96
N ILE EC 38 -22.02 19.92 110.23
CA ILE EC 38 -21.20 20.96 110.83
C ILE EC 38 -20.60 20.42 112.12
N GLU EC 39 -19.38 20.84 112.41
CA GLU EC 39 -18.67 20.46 113.63
C GLU EC 39 -18.20 21.71 114.34
N TYR EC 40 -18.60 21.88 115.60
CA TYR EC 40 -18.19 23.03 116.40
C TYR EC 40 -17.18 22.64 117.46
N LEU EC 41 -16.34 23.61 117.81
CA LEU EC 41 -15.39 23.51 118.91
C LEU EC 41 -15.80 24.46 120.02
N ASP EC 42 -15.78 23.98 121.26
CA ASP EC 42 -16.00 24.78 122.45
C ASP EC 42 -14.64 25.35 122.86
N THR EC 43 -14.42 26.64 122.60
CA THR EC 43 -13.16 27.26 123.00
C THR EC 43 -13.18 27.75 124.44
N GLY EC 44 -14.17 27.34 125.22
CA GLY EC 44 -14.10 27.57 126.64
C GLY EC 44 -13.38 26.42 127.29
N SER EC 45 -12.48 25.81 126.55
CA SER EC 45 -11.75 24.64 127.04
C SER EC 45 -10.30 24.95 127.27
N ASP EC 46 -9.62 24.01 127.92
CA ASP EC 46 -8.22 24.22 128.24
C ASP EC 46 -7.47 24.49 126.96
N ASN EC 47 -6.82 25.65 126.93
CA ASN EC 47 -6.03 26.08 125.80
C ASN EC 47 -5.00 25.03 125.42
N SER EC 48 -4.36 24.44 126.42
CA SER EC 48 -3.08 23.76 126.24
C SER EC 48 -3.21 22.27 125.96
N LEU EC 49 -4.40 21.70 125.90
CA LEU EC 49 -4.53 20.29 125.57
C LEU EC 49 -4.59 20.07 124.07
N LEU EC 50 -4.42 18.82 123.67
CA LEU EC 50 -4.54 18.46 122.26
C LEU EC 50 -5.97 18.11 121.90
N VAL EC 51 -6.79 17.82 122.90
CA VAL EC 51 -8.20 17.51 122.70
C VAL EC 51 -9.01 18.64 123.31
N ARG EC 52 -10.11 18.98 122.64
CA ARG EC 52 -11.00 20.00 123.15
C ARG EC 52 -12.43 19.60 122.83
N PRO EC 53 -13.40 20.03 123.65
CA PRO EC 53 -14.78 19.59 123.46
C PRO EC 53 -15.35 20.08 122.14
N THR EC 54 -15.93 19.14 121.41
CA THR EC 54 -16.59 19.42 120.15
C THR EC 54 -18.02 18.90 120.24
N GLN EC 55 -18.88 19.48 119.42
CA GLN EC 55 -20.18 18.88 119.15
C GLN EC 55 -20.48 19.04 117.68
N GLN EC 56 -20.84 17.94 117.03
CA GLN EC 56 -21.25 18.02 115.64
C GLN EC 56 -22.74 17.77 115.52
N PHE EC 57 -23.30 18.36 114.48
CA PHE EC 57 -24.68 18.15 114.07
C PHE EC 57 -24.68 17.86 112.59
N ASN EC 58 -25.47 16.89 112.16
CA ASN EC 58 -25.70 16.74 110.73
C ASN EC 58 -27.10 16.24 110.46
N CYS EC 59 -27.66 16.68 109.34
CA CYS EC 59 -29.01 16.36 108.93
C CYS EC 59 -28.96 15.52 107.66
N VAL EC 60 -29.97 14.65 107.51
CA VAL EC 60 -30.11 13.78 106.36
C VAL EC 60 -31.59 13.67 106.05
N SER EC 61 -31.91 13.56 104.76
CA SER EC 61 -33.28 13.35 104.31
C SER EC 61 -33.28 12.25 103.27
N SER EC 62 -34.34 11.44 103.28
CA SER EC 62 -34.52 10.40 102.27
C SER EC 62 -35.93 10.40 101.72
N GLN EC 63 -36.04 10.04 100.44
CA GLN EC 63 -37.31 10.05 99.73
C GLN EC 63 -38.14 8.82 100.04
N TYR EC 64 -37.49 7.71 100.40
CA TYR EC 64 -38.13 6.42 100.65
C TYR EC 64 -38.11 6.10 102.14
N PRO EC 65 -39.09 6.60 102.91
CA PRO EC 65 -38.98 6.48 104.37
C PRO EC 65 -39.26 5.09 104.87
N TYR EC 66 -39.84 4.24 104.04
CA TYR EC 66 -40.23 2.88 104.38
C TYR EC 66 -39.20 1.86 103.93
N ARG EC 67 -37.97 2.29 103.61
CA ARG EC 67 -37.01 1.38 103.00
C ARG EC 67 -36.69 0.22 103.92
N ASN EC 68 -36.36 0.53 105.17
CA ASN EC 68 -35.99 -0.50 106.13
C ASN EC 68 -37.19 -1.12 106.83
N TYR EC 69 -38.39 -0.60 106.62
CA TYR EC 69 -39.58 -1.13 107.29
C TYR EC 69 -40.37 -1.98 106.30
N SER EC 70 -39.99 -3.25 106.21
CA SER EC 70 -40.66 -4.12 105.26
C SER EC 70 -41.92 -4.75 105.83
N LYS EC 71 -42.02 -4.90 107.15
CA LYS EC 71 -43.22 -5.51 107.74
C LYS EC 71 -44.45 -4.62 107.63
N ILE EC 72 -44.33 -3.45 107.02
CA ILE EC 72 -45.44 -2.57 106.76
C ILE EC 72 -45.90 -2.80 105.33
N PRO EC 73 -47.19 -3.01 105.08
CA PRO EC 73 -47.68 -3.20 103.72
C PRO EC 73 -47.78 -1.87 102.98
N ARG EC 74 -47.66 -1.97 101.65
CA ARG EC 74 -47.77 -0.76 100.83
C ARG EC 74 -49.11 -0.07 101.05
N SER EC 75 -50.19 -0.84 101.19
CA SER EC 75 -51.51 -0.28 101.45
C SER EC 75 -51.57 0.57 102.72
N GLN EC 76 -50.55 0.50 103.57
CA GLN EC 76 -50.49 1.33 104.77
C GLN EC 76 -49.31 2.30 104.77
N GLN EC 77 -48.49 2.30 103.71
CA GLN EC 77 -47.39 3.25 103.58
C GLN EC 77 -47.90 4.54 102.96
N ASP EC 78 -47.72 5.65 103.66
CA ASP EC 78 -48.14 6.97 103.16
C ASP EC 78 -47.25 7.40 101.99
N PRO EC 79 -47.76 7.44 100.76
CA PRO EC 79 -46.88 7.74 99.62
C PRO EC 79 -46.39 9.18 99.61
N LEU EC 80 -46.95 10.04 100.45
CA LEU EC 80 -46.45 11.40 100.62
C LEU EC 80 -45.49 11.54 101.78
N ALA EC 81 -45.15 10.45 102.44
CA ALA EC 81 -44.25 10.52 103.59
C ALA EC 81 -42.82 10.70 103.12
N VAL EC 82 -42.05 11.44 103.92
CA VAL EC 82 -40.65 11.73 103.64
C VAL EC 82 -39.86 11.49 104.92
N ARG EC 83 -38.65 10.95 104.81
CA ARG EC 83 -37.84 10.63 105.98
C ARG EC 83 -36.91 11.80 106.30
N ARG EC 84 -37.02 12.34 107.51
CA ARG EC 84 -36.10 13.36 108.00
C ARG EC 84 -35.35 12.78 109.19
N GLU EC 85 -34.02 12.87 109.19
CA GLU EC 85 -33.23 12.48 110.35
C GLU EC 85 -32.17 13.54 110.64
N PHE EC 86 -31.75 13.55 111.90
CA PHE EC 86 -30.62 14.36 112.34
C PHE EC 86 -29.82 13.58 113.37
N TYR EC 87 -28.59 14.02 113.60
CA TYR EC 87 -27.64 13.30 114.43
C TYR EC 87 -26.71 14.31 115.09
N THR EC 88 -26.60 14.23 116.42
CA THR EC 88 -25.64 15.02 117.14
C THR EC 88 -24.67 14.10 117.85
N ARG EC 89 -23.42 14.53 117.94
CA ARG EC 89 -22.40 13.80 118.70
C ARG EC 89 -21.54 14.81 119.44
N ARG EC 90 -21.61 14.75 120.77
CA ARG EC 90 -20.84 15.65 121.64
C ARG EC 90 -19.73 14.83 122.27
N VAL EC 91 -18.50 15.30 122.11
CA VAL EC 91 -17.36 14.78 122.85
C VAL EC 91 -16.87 15.90 123.75
N GLU EC 92 -16.70 15.60 125.04
CA GLU EC 92 -15.99 16.50 125.93
C GLU EC 92 -14.85 15.73 126.58
N TYR EC 93 -13.91 16.48 127.12
CA TYR EC 93 -12.68 15.93 127.68
C TYR EC 93 -12.49 16.53 129.08
N TRP EC 94 -12.84 15.76 130.10
CA TRP EC 94 -12.71 16.20 131.48
C TRP EC 94 -11.25 16.13 131.93
N ARG EC 95 -10.96 16.84 133.02
CA ARG EC 95 -9.61 16.91 133.59
C ARG EC 95 -9.70 16.60 135.07
N LYS EC 96 -9.06 15.52 135.51
CA LYS EC 96 -9.00 15.25 136.94
C LYS EC 96 -7.63 15.69 137.45
N ALA EC 97 -7.66 16.45 138.54
CA ALA EC 97 -6.48 16.89 139.28
C ALA EC 97 -6.91 17.45 140.61
N ASP EC 98 -6.00 17.44 141.58
CA ASP EC 98 -6.23 18.13 142.85
C ASP EC 98 -5.25 19.28 143.00
N ALA EC 99 -5.76 20.45 143.42
CA ALA EC 99 -4.90 21.59 143.68
C ALA EC 99 -4.02 21.39 144.90
N SER EC 100 -4.32 20.38 145.71
CA SER EC 100 -3.56 20.14 146.93
C SER EC 100 -2.12 19.73 146.60
N ASN EC 101 -1.97 18.76 145.71
CA ASN EC 101 -0.67 18.18 145.40
C ASN EC 101 -0.38 18.46 143.92
N VAL EC 102 0.58 19.33 143.66
CA VAL EC 102 0.94 19.62 142.27
C VAL EC 102 1.91 18.57 141.72
N ASP EC 103 2.54 17.78 142.58
CA ASP EC 103 3.25 16.59 142.11
C ASP EC 103 2.31 15.65 141.35
N ALA EC 104 1.07 15.54 141.82
CA ALA EC 104 0.16 14.53 141.29
C ALA EC 104 -0.19 14.85 139.84
N PRO EC 105 -0.24 13.83 138.97
CA PRO EC 105 -0.44 14.08 137.55
C PRO EC 105 -1.89 14.42 137.25
N GLU EC 106 -2.06 15.24 136.23
CA GLU EC 106 -3.39 15.58 135.74
C GLU EC 106 -3.77 14.59 134.65
N TYR EC 107 -4.97 14.03 134.73
CA TYR EC 107 -5.43 13.08 133.73
C TYR EC 107 -6.57 13.68 132.91
N THR EC 108 -6.64 13.25 131.66
CA THR EC 108 -7.69 13.65 130.73
C THR EC 108 -8.65 12.48 130.55
N LEU EC 109 -9.91 12.70 130.88
CA LEU EC 109 -10.94 11.67 130.82
C LEU EC 109 -11.90 11.97 129.67
N PRO EC 110 -11.88 11.21 128.59
CA PRO EC 110 -12.81 11.47 127.48
C PRO EC 110 -14.20 10.89 127.72
N GLN EC 111 -15.20 11.63 127.23
CA GLN EC 111 -16.60 11.28 127.34
C GLN EC 111 -17.29 11.64 126.04
N SER EC 112 -18.14 10.75 125.53
CA SER EC 112 -18.82 11.01 124.26
C SER EC 112 -20.26 10.51 124.32
N CYS EC 113 -21.15 11.24 123.66
CA CYS EC 113 -22.57 10.91 123.66
C CYS EC 113 -23.20 11.34 122.34
N SER EC 114 -24.04 10.49 121.76
CA SER EC 114 -24.61 10.73 120.44
C SER EC 114 -26.09 10.36 120.41
N ILE EC 115 -26.86 11.21 119.73
CA ILE EC 115 -28.30 11.01 119.57
C ILE EC 115 -28.64 11.07 118.09
N ARG EC 116 -29.33 10.04 117.60
CA ARG EC 116 -29.79 9.97 116.21
C ARG EC 116 -31.31 9.86 116.21
N LEU EC 117 -31.97 10.80 115.55
CA LEU EC 117 -33.42 10.82 115.46
C LEU EC 117 -33.82 10.75 113.99
N ALA EC 118 -34.67 9.78 113.65
CA ALA EC 118 -35.06 9.52 112.27
C ALA EC 118 -36.56 9.29 112.25
N SER EC 119 -37.28 10.28 111.75
CA SER EC 119 -38.73 10.25 111.76
C SER EC 119 -39.24 10.15 110.32
N THR EC 120 -40.40 9.50 110.15
CA THR EC 120 -41.16 9.73 108.94
C THR EC 120 -42.03 10.95 109.18
N VAL EC 121 -42.20 11.77 108.15
CA VAL EC 121 -42.89 13.04 108.28
C VAL EC 121 -43.88 13.17 107.13
N THR EC 122 -45.11 13.52 107.48
CA THR EC 122 -46.16 13.92 106.57
C THR EC 122 -46.66 15.29 107.00
N LYS EC 123 -47.61 15.84 106.25
CA LYS EC 123 -48.06 17.20 106.50
C LYS EC 123 -48.60 17.37 107.93
N GLU EC 124 -49.03 16.30 108.58
CA GLU EC 124 -49.60 16.39 109.92
C GLU EC 124 -48.61 16.10 111.03
N THR EC 125 -47.37 15.70 110.70
CA THR EC 125 -46.33 15.56 111.70
C THR EC 125 -45.93 16.93 112.22
N THR EC 126 -45.96 17.10 113.54
CA THR EC 126 -45.60 18.38 114.14
C THR EC 126 -44.24 18.30 114.84
N ALA EC 127 -43.68 19.51 115.07
CA ALA EC 127 -42.43 19.62 115.79
C ALA EC 127 -42.52 18.92 117.15
N ALA EC 128 -43.59 19.20 117.89
CA ALA EC 128 -43.75 18.60 119.21
C ALA EC 128 -43.99 17.09 119.14
N ASP EC 129 -44.66 16.60 118.10
CA ASP EC 129 -44.77 15.16 117.91
C ASP EC 129 -43.39 14.53 117.81
N ILE EC 130 -42.51 15.14 117.02
CA ILE EC 130 -41.17 14.56 116.87
C ILE EC 130 -40.37 14.72 118.14
N ALA EC 131 -40.55 15.83 118.85
CA ALA EC 131 -39.88 15.99 120.15
C ALA EC 131 -40.31 14.89 121.12
N GLY EC 132 -41.53 14.39 120.96
CA GLY EC 132 -42.04 13.40 121.90
C GLY EC 132 -41.25 12.11 121.88
N ILE EC 133 -40.76 11.70 120.71
CA ILE EC 133 -40.05 10.42 120.67
C ILE EC 133 -38.71 10.52 121.37
N VAL EC 134 -38.04 11.67 121.31
CA VAL EC 134 -36.81 11.84 122.07
C VAL EC 134 -37.10 11.77 123.57
N LEU EC 135 -38.17 12.43 124.02
CA LEU EC 135 -38.52 12.42 125.43
C LEU EC 135 -38.94 11.04 125.89
N ARG EC 136 -39.55 10.23 125.01
CA ARG EC 136 -39.93 8.88 125.38
C ARG EC 136 -38.76 7.92 125.36
N THR EC 137 -37.78 8.15 124.49
CA THR EC 137 -36.54 7.39 124.58
C THR EC 137 -35.80 7.70 125.87
N LEU EC 138 -35.77 8.97 126.27
CA LEU EC 138 -35.10 9.33 127.52
C LEU EC 138 -35.85 8.82 128.75
N ALA EC 139 -37.18 8.80 128.69
CA ALA EC 139 -38.00 8.57 129.88
C ALA EC 139 -37.63 7.32 130.68
N PRO EC 140 -37.38 6.15 130.08
CA PRO EC 140 -37.09 4.98 130.92
C PRO EC 140 -35.73 5.02 131.60
N ILE EC 141 -34.76 5.74 131.04
CA ILE EC 141 -33.45 5.88 131.68
C ILE EC 141 -33.50 6.90 132.83
N PHE EC 142 -34.28 7.97 132.67
CA PHE EC 142 -34.37 9.04 133.66
C PHE EC 142 -35.81 9.14 134.14
N PRO EC 143 -36.33 8.09 134.79
CA PRO EC 143 -37.77 8.06 135.07
C PRO EC 143 -38.23 9.08 136.09
N ASN EC 144 -37.31 9.61 136.90
CA ASN EC 144 -37.59 10.76 137.76
C ASN EC 144 -36.86 12.00 137.28
N GLY EC 145 -36.46 12.04 136.01
CA GLY EC 145 -35.78 13.21 135.49
C GLY EC 145 -34.51 13.43 136.25
N SER EC 146 -34.18 14.70 136.50
CA SER EC 146 -32.98 15.04 137.22
C SER EC 146 -33.02 14.64 138.70
N GLY EC 147 -34.08 13.98 139.17
CA GLY EC 147 -34.19 13.71 140.60
C GLY EC 147 -33.23 12.65 141.09
N ASP EC 148 -33.31 11.44 140.56
CA ASP EC 148 -32.39 10.37 140.95
C ASP EC 148 -31.78 9.76 139.71
N TRP EC 149 -30.64 9.12 139.89
CA TRP EC 149 -29.90 8.54 138.78
C TRP EC 149 -29.87 7.01 138.87
N ILE EC 150 -30.93 6.40 139.38
CA ILE EC 150 -30.84 4.98 139.75
C ILE EC 150 -30.73 4.11 138.50
N LYS EC 151 -31.61 4.36 137.52
CA LYS EC 151 -31.57 3.54 136.31
C LYS EC 151 -30.32 3.85 135.49
N LEU EC 152 -29.91 5.11 135.45
CA LEU EC 152 -28.66 5.44 134.78
C LEU EC 152 -27.50 4.67 135.39
N GLN EC 153 -27.38 4.71 136.71
CA GLN EC 153 -26.27 4.03 137.39
C GLN EC 153 -26.29 2.55 137.07
N GLN EC 154 -27.47 1.93 137.10
CA GLN EC 154 -27.51 0.51 136.78
C GLN EC 154 -27.18 0.25 135.31
N LEU EC 155 -27.34 1.24 134.43
CA LEU EC 155 -26.83 1.07 133.06
C LEU EC 155 -25.31 1.14 133.02
N ILE EC 156 -24.72 1.99 133.86
CA ILE EC 156 -23.26 2.05 133.93
C ILE EC 156 -22.70 0.77 134.54
N ASP EC 157 -23.48 0.10 135.39
CA ASP EC 157 -23.03 -1.13 136.03
C ASP EC 157 -23.08 -2.34 135.12
N GLY EC 158 -23.69 -2.22 133.95
CA GLY EC 158 -23.80 -3.32 133.00
C GLY EC 158 -25.02 -4.19 133.24
N LEU EC 159 -26.15 -3.56 133.57
CA LEU EC 159 -27.40 -4.26 133.88
C LEU EC 159 -28.46 -3.78 132.89
N PRO EC 160 -28.45 -4.33 131.67
CA PRO EC 160 -29.27 -3.78 130.58
C PRO EC 160 -30.76 -3.91 130.80
N ARG EC 161 -31.22 -4.81 131.66
CA ARG EC 161 -32.65 -5.08 131.83
C ARG EC 161 -33.27 -3.95 132.65
N ILE EC 162 -33.94 -3.02 131.97
CA ILE EC 162 -34.46 -1.83 132.61
C ILE EC 162 -35.93 -1.99 132.99
N PHE EC 163 -36.73 -2.59 132.12
CA PHE EC 163 -38.10 -2.94 132.44
C PHE EC 163 -38.21 -4.34 133.04
N GLY EC 164 -37.09 -5.05 133.20
CA GLY EC 164 -37.10 -6.39 133.77
C GLY EC 164 -36.64 -7.52 132.85
N SER FC 1 -67.21 3.30 116.94
CA SER FC 1 -68.62 2.95 116.82
C SER FC 1 -68.80 1.50 116.40
N TYR FC 2 -67.83 1.00 115.64
CA TYR FC 2 -67.84 -0.38 115.17
C TYR FC 2 -67.94 -1.37 116.33
N THR FC 3 -68.86 -2.32 116.22
CA THR FC 3 -68.94 -3.42 117.16
C THR FC 3 -68.75 -4.74 116.42
N ILE FC 4 -68.24 -5.73 117.15
CA ILE FC 4 -68.03 -7.07 116.64
C ILE FC 4 -69.12 -7.96 117.23
N ASP FC 5 -69.88 -8.62 116.36
CA ASP FC 5 -70.90 -9.56 116.76
C ASP FC 5 -70.42 -10.95 116.36
N ILE FC 6 -70.31 -11.84 117.35
CA ILE FC 6 -70.13 -13.25 117.01
C ILE FC 6 -71.41 -13.72 116.33
N ASN FC 7 -71.25 -14.41 115.21
CA ASN FC 7 -72.41 -14.88 114.47
C ASN FC 7 -72.75 -16.31 114.89
N CYS FC 8 -72.94 -16.50 116.19
CA CYS FC 8 -73.08 -17.84 116.74
C CYS FC 8 -74.37 -17.96 117.54
N SER FC 9 -74.67 -19.20 117.94
CA SER FC 9 -75.73 -19.50 118.87
C SER FC 9 -75.13 -19.75 120.25
N THR FC 10 -75.58 -18.99 121.25
CA THR FC 10 -75.16 -19.14 122.63
C THR FC 10 -76.36 -19.21 123.55
N GLY FC 11 -76.15 -19.83 124.70
CA GLY FC 11 -77.21 -20.06 125.65
C GLY FC 11 -77.14 -19.11 126.84
N ASP FC 12 -78.04 -19.38 127.80
CA ASP FC 12 -78.10 -18.61 129.03
C ASP FC 12 -77.28 -19.25 130.14
N THR FC 13 -77.10 -20.55 130.11
CA THR FC 13 -76.49 -21.27 131.20
C THR FC 13 -74.98 -21.17 131.13
N GLN FC 14 -74.34 -21.30 132.29
CA GLN FC 14 -72.89 -21.28 132.37
C GLN FC 14 -72.41 -22.36 133.32
N ALA FC 15 -71.17 -22.79 133.12
CA ALA FC 15 -70.58 -23.88 133.89
C ALA FC 15 -69.10 -23.64 134.11
N ASN FC 16 -68.61 -24.13 135.24
CA ASN FC 16 -67.19 -23.98 135.61
C ASN FC 16 -66.40 -25.18 135.10
N LEU FC 17 -65.49 -24.95 134.15
CA LEU FC 17 -64.44 -25.91 133.83
C LEU FC 17 -63.24 -25.53 134.68
N VAL FC 18 -62.93 -26.36 135.68
CA VAL FC 18 -62.02 -25.94 136.74
C VAL FC 18 -60.62 -26.45 136.44
N LEU FC 19 -59.72 -25.49 136.24
CA LEU FC 19 -58.34 -25.72 135.88
C LEU FC 19 -57.48 -25.74 137.14
N THR FC 20 -56.57 -26.70 137.19
CA THR FC 20 -55.55 -26.77 138.22
C THR FC 20 -54.26 -26.21 137.65
N GLU FC 21 -53.58 -25.35 138.41
CA GLU FC 21 -52.49 -24.55 137.87
C GLU FC 21 -51.28 -25.41 137.51
N ILE FC 22 -50.55 -24.95 136.50
CA ILE FC 22 -49.33 -25.60 136.05
C ILE FC 22 -48.16 -24.68 136.39
N PRO FC 23 -47.36 -25.01 137.40
CA PRO FC 23 -46.30 -24.09 137.83
C PRO FC 23 -45.26 -23.89 136.74
N ALA FC 24 -44.85 -22.64 136.54
CA ALA FC 24 -43.87 -22.38 135.49
C ALA FC 24 -42.47 -22.78 135.92
N GLU FC 25 -42.16 -22.58 137.20
CA GLU FC 25 -40.84 -22.84 137.78
C GLU FC 25 -40.16 -24.11 137.27
N PRO FC 26 -40.85 -25.27 137.13
CA PRO FC 26 -40.13 -26.47 136.70
C PRO FC 26 -39.84 -26.60 135.21
N TYR FC 27 -40.43 -25.79 134.34
CA TYR FC 27 -40.25 -26.02 132.90
C TYR FC 27 -38.93 -25.43 132.40
N VAL FC 28 -38.37 -26.08 131.37
CA VAL FC 28 -37.05 -25.70 130.84
C VAL FC 28 -37.05 -25.77 129.31
N HIS FC 29 -36.51 -24.74 128.67
CA HIS FC 29 -36.37 -24.72 127.22
C HIS FC 29 -35.54 -25.90 126.72
N VAL FC 30 -36.02 -26.55 125.66
CA VAL FC 30 -35.33 -27.72 125.12
C VAL FC 30 -35.01 -27.56 123.65
N SER FC 31 -35.84 -26.82 122.92
CA SER FC 31 -35.59 -26.67 121.49
C SER FC 31 -36.47 -25.56 120.93
N GLY FC 32 -36.00 -25.00 119.82
CA GLY FC 32 -36.65 -23.91 119.13
C GLY FC 32 -35.89 -22.60 119.29
N ASP FC 33 -36.51 -21.54 118.79
CA ASP FC 33 -36.02 -20.18 118.98
C ASP FC 33 -37.01 -19.39 119.82
N ASN FC 34 -36.49 -18.51 120.68
CA ASN FC 34 -37.36 -17.71 121.53
C ASN FC 34 -38.22 -16.73 120.75
N LYS FC 35 -38.09 -16.68 119.41
CA LYS FC 35 -38.89 -15.80 118.57
C LYS FC 35 -40.17 -16.47 118.08
N SER FC 36 -40.06 -17.64 117.44
CA SER FC 36 -41.21 -18.29 116.81
C SER FC 36 -41.74 -19.46 117.63
N THR FC 37 -40.91 -20.47 117.91
CA THR FC 37 -41.36 -21.73 118.46
C THR FC 37 -40.48 -22.16 119.63
N ILE FC 38 -41.10 -22.60 120.72
CA ILE FC 38 -40.39 -22.97 121.95
C ILE FC 38 -40.98 -24.24 122.52
N GLU FC 39 -40.12 -25.14 123.00
CA GLU FC 39 -40.58 -26.40 123.59
C GLU FC 39 -40.04 -26.51 125.02
N TYR FC 40 -40.93 -26.49 126.00
CA TYR FC 40 -40.54 -26.64 127.39
C TYR FC 40 -40.64 -28.09 127.85
N LEU FC 41 -39.76 -28.45 128.78
CA LEU FC 41 -39.73 -29.76 129.42
C LEU FC 41 -40.02 -29.61 130.90
N ASP FC 42 -41.01 -30.36 131.38
CA ASP FC 42 -41.33 -30.44 132.80
C ASP FC 42 -40.28 -31.27 133.50
N THR FC 43 -39.33 -30.61 134.17
CA THR FC 43 -38.36 -31.30 135.00
C THR FC 43 -38.98 -31.93 136.23
N GLY FC 44 -40.29 -31.77 136.45
CA GLY FC 44 -40.94 -32.40 137.58
C GLY FC 44 -41.35 -33.84 137.29
N SER FC 45 -40.62 -34.48 136.41
CA SER FC 45 -40.93 -35.83 135.96
C SER FC 45 -39.83 -36.79 136.37
N ASP FC 46 -40.01 -38.05 135.99
CA ASP FC 46 -39.05 -39.10 136.33
C ASP FC 46 -37.73 -38.87 135.58
N ASN FC 47 -36.61 -39.09 136.28
CA ASN FC 47 -35.31 -39.05 135.63
C ASN FC 47 -35.14 -40.21 134.66
N SER FC 48 -35.61 -41.40 135.04
CA SER FC 48 -35.15 -42.68 134.52
C SER FC 48 -35.86 -43.09 133.23
N LEU FC 49 -36.62 -42.19 132.62
CA LEU FC 49 -37.31 -42.46 131.37
C LEU FC 49 -36.69 -41.64 130.25
N LEU FC 50 -36.62 -42.22 129.05
CA LEU FC 50 -36.20 -41.44 127.89
C LEU FC 50 -37.27 -40.45 127.46
N VAL FC 51 -38.50 -40.60 127.94
CA VAL FC 51 -39.59 -39.69 127.65
C VAL FC 51 -39.93 -38.91 128.89
N ARG FC 52 -40.18 -37.62 128.73
CA ARG FC 52 -40.58 -36.76 129.83
C ARG FC 52 -41.57 -35.74 129.31
N PRO FC 53 -42.47 -35.27 130.16
CA PRO FC 53 -43.55 -34.40 129.70
C PRO FC 53 -43.05 -33.06 129.20
N THR FC 54 -43.61 -32.63 128.08
CA THR FC 54 -43.14 -31.46 127.36
C THR FC 54 -44.34 -30.74 126.77
N GLN FC 55 -44.38 -29.42 126.94
CA GLN FC 55 -45.42 -28.61 126.29
C GLN FC 55 -44.76 -27.58 125.40
N GLN FC 56 -45.27 -27.47 124.19
CA GLN FC 56 -44.69 -26.63 123.16
C GLN FC 56 -45.67 -25.50 122.82
N PHE FC 57 -45.10 -24.33 122.53
CA PHE FC 57 -45.84 -23.15 122.10
C PHE FC 57 -45.25 -22.61 120.81
N ASN FC 58 -46.11 -22.09 119.94
CA ASN FC 58 -45.71 -21.77 118.57
C ASN FC 58 -46.66 -20.71 118.02
N CYS FC 59 -46.15 -19.52 117.72
CA CYS FC 59 -46.95 -18.41 117.21
C CYS FC 59 -46.54 -18.04 115.78
N VAL FC 60 -47.53 -17.60 114.99
CA VAL FC 60 -47.31 -17.07 113.63
C VAL FC 60 -48.33 -15.98 113.35
N SER FC 61 -48.08 -15.21 112.29
CA SER FC 61 -48.92 -14.08 111.94
C SER FC 61 -48.76 -13.78 110.47
N SER FC 62 -49.82 -13.23 109.86
CA SER FC 62 -49.85 -13.02 108.43
C SER FC 62 -50.65 -11.76 108.10
N GLN FC 63 -50.22 -11.08 107.03
CA GLN FC 63 -50.86 -9.88 106.52
C GLN FC 63 -52.02 -10.20 105.58
N TYR FC 64 -52.31 -11.49 105.35
CA TYR FC 64 -53.30 -11.92 104.37
C TYR FC 64 -54.33 -12.80 105.07
N PRO FC 65 -55.17 -12.20 105.92
CA PRO FC 65 -56.01 -13.02 106.80
C PRO FC 65 -57.09 -13.80 106.08
N TYR FC 66 -57.40 -13.43 104.84
CA TYR FC 66 -58.47 -14.07 104.07
C TYR FC 66 -57.94 -15.07 103.06
N ARG FC 67 -56.70 -15.55 103.25
CA ARG FC 67 -56.06 -16.35 102.21
C ARG FC 67 -56.81 -17.64 101.94
N ASN FC 68 -57.25 -18.32 103.00
CA ASN FC 68 -57.94 -19.59 102.84
C ASN FC 68 -59.46 -19.45 102.83
N TYR FC 69 -59.98 -18.29 103.20
CA TYR FC 69 -61.43 -18.08 103.26
C TYR FC 69 -61.90 -17.45 101.95
N SER FC 70 -61.93 -18.29 100.92
CA SER FC 70 -62.21 -17.82 99.57
C SER FC 70 -63.63 -17.29 99.41
N LYS FC 71 -64.56 -17.78 100.21
CA LYS FC 71 -65.98 -17.50 100.03
C LYS FC 71 -66.43 -16.19 100.70
N ILE FC 72 -65.49 -15.36 101.15
CA ILE FC 72 -65.82 -14.02 101.62
C ILE FC 72 -65.45 -13.04 100.50
N PRO FC 73 -66.38 -12.21 100.04
CA PRO FC 73 -66.06 -11.25 98.98
C PRO FC 73 -65.18 -10.12 99.49
N ARG FC 74 -64.47 -9.48 98.55
CA ARG FC 74 -63.60 -8.37 98.93
C ARG FC 74 -64.39 -7.21 99.51
N SER FC 75 -65.64 -7.03 99.09
CA SER FC 75 -66.51 -6.00 99.66
C SER FC 75 -66.76 -6.24 101.15
N GLN FC 76 -66.45 -7.42 101.68
CA GLN FC 76 -66.67 -7.72 103.08
C GLN FC 76 -65.38 -8.10 103.81
N GLN FC 77 -64.22 -7.93 103.16
CA GLN FC 77 -62.92 -8.20 103.77
C GLN FC 77 -62.36 -6.92 104.38
N ASP FC 78 -62.15 -6.93 105.70
CA ASP FC 78 -61.60 -5.77 106.42
C ASP FC 78 -60.13 -5.59 106.08
N PRO FC 79 -59.74 -4.54 105.35
CA PRO FC 79 -58.35 -4.42 104.89
C PRO FC 79 -57.38 -4.12 106.02
N LEU FC 80 -57.86 -3.54 107.13
CA LEU FC 80 -56.99 -3.33 108.28
C LEU FC 80 -56.68 -4.63 109.00
N ALA FC 81 -57.57 -5.62 108.90
CA ALA FC 81 -57.48 -6.83 109.70
C ALA FC 81 -56.30 -7.70 109.29
N VAL FC 82 -55.80 -8.46 110.27
CA VAL FC 82 -54.54 -9.18 110.19
C VAL FC 82 -54.70 -10.51 110.92
N ARG FC 83 -54.04 -11.56 110.42
CA ARG FC 83 -54.18 -12.90 110.99
C ARG FC 83 -53.14 -13.18 112.08
N ARG FC 84 -53.62 -13.56 113.27
CA ARG FC 84 -52.79 -13.99 114.38
C ARG FC 84 -53.09 -15.46 114.68
N GLU FC 85 -52.07 -16.24 115.03
CA GLU FC 85 -52.31 -17.66 115.28
C GLU FC 85 -51.29 -18.18 116.29
N PHE FC 86 -51.74 -19.09 117.16
CA PHE FC 86 -50.87 -19.80 118.07
C PHE FC 86 -51.28 -21.27 118.14
N TYR FC 87 -50.34 -22.08 118.64
CA TYR FC 87 -50.45 -23.53 118.68
C TYR FC 87 -49.74 -24.02 119.93
N THR FC 88 -50.44 -24.79 120.75
CA THR FC 88 -49.82 -25.44 121.89
C THR FC 88 -50.01 -26.94 121.74
N ARG FC 89 -48.99 -27.69 122.14
CA ARG FC 89 -49.06 -29.16 122.14
C ARG FC 89 -48.41 -29.69 123.42
N ARG FC 90 -49.22 -30.27 124.28
CA ARG FC 90 -48.74 -30.88 125.52
C ARG FC 90 -48.70 -32.39 125.33
N VAL FC 91 -47.55 -32.97 125.61
CA VAL FC 91 -47.37 -34.41 125.65
C VAL FC 91 -47.00 -34.74 127.08
N GLU FC 92 -47.79 -35.59 127.73
CA GLU FC 92 -47.40 -36.12 129.02
C GLU FC 92 -47.38 -37.65 128.94
N TYR FC 93 -46.46 -38.24 129.68
CA TYR FC 93 -46.27 -39.69 129.67
C TYR FC 93 -46.65 -40.22 131.06
N TRP FC 94 -47.78 -40.92 131.16
CA TRP FC 94 -48.23 -41.43 132.44
C TRP FC 94 -47.49 -42.71 132.80
N ARG FC 95 -47.61 -43.08 134.07
CA ARG FC 95 -46.84 -44.16 134.69
C ARG FC 95 -47.87 -45.05 135.39
N LYS FC 96 -48.09 -46.27 134.90
CA LYS FC 96 -49.01 -47.17 135.56
C LYS FC 96 -48.25 -48.27 136.28
N ALA FC 97 -48.67 -48.53 137.51
CA ALA FC 97 -48.11 -49.59 138.35
C ALA FC 97 -48.92 -49.67 139.64
N ASP FC 98 -48.84 -50.83 140.29
CA ASP FC 98 -49.42 -51.01 141.62
C ASP FC 98 -48.31 -51.18 142.63
N ALA FC 99 -48.43 -50.48 143.77
CA ALA FC 99 -47.44 -50.61 144.83
C ALA FC 99 -47.60 -51.92 145.59
N SER FC 100 -48.76 -52.54 145.48
CA SER FC 100 -48.98 -53.83 146.15
C SER FC 100 -48.07 -54.91 145.57
N ASN FC 101 -47.86 -54.92 144.26
CA ASN FC 101 -47.12 -55.97 143.57
C ASN FC 101 -45.96 -55.30 142.82
N VAL FC 102 -44.76 -55.38 143.39
CA VAL FC 102 -43.59 -54.82 142.71
C VAL FC 102 -43.05 -55.75 141.65
N ASP FC 103 -43.49 -57.02 141.66
CA ASP FC 103 -43.17 -57.91 140.54
C ASP FC 103 -43.92 -57.49 139.28
N ALA FC 104 -45.10 -56.91 139.42
CA ALA FC 104 -45.91 -56.57 138.26
C ALA FC 104 -45.26 -55.41 137.50
N PRO FC 105 -45.19 -55.48 136.17
CA PRO FC 105 -44.39 -54.51 135.42
C PRO FC 105 -45.03 -53.15 135.37
N GLU FC 106 -44.19 -52.13 135.25
CA GLU FC 106 -44.63 -50.74 135.15
C GLU FC 106 -44.67 -50.35 133.68
N TYR FC 107 -45.69 -49.57 133.31
CA TYR FC 107 -45.88 -49.20 131.92
C TYR FC 107 -45.94 -47.68 131.77
N THR FC 108 -45.52 -47.23 130.59
CA THR FC 108 -45.60 -45.82 130.20
C THR FC 108 -46.77 -45.63 129.23
N LEU FC 109 -47.66 -44.71 129.56
CA LEU FC 109 -48.88 -44.48 128.78
C LEU FC 109 -48.83 -43.08 128.18
N PRO FC 110 -48.49 -42.93 126.90
CA PRO FC 110 -48.42 -41.59 126.31
C PRO FC 110 -49.79 -40.98 126.02
N GLN FC 111 -49.88 -39.67 126.28
CA GLN FC 111 -51.08 -38.88 126.10
C GLN FC 111 -50.62 -37.55 125.51
N SER FC 112 -51.41 -37.01 124.56
CA SER FC 112 -51.02 -35.79 123.88
C SER FC 112 -52.27 -35.00 123.47
N CYS FC 113 -52.16 -33.68 123.55
CA CYS FC 113 -53.30 -32.80 123.29
C CYS FC 113 -52.80 -31.49 122.72
N SER FC 114 -53.47 -31.00 121.68
CA SER FC 114 -53.01 -29.80 120.99
C SER FC 114 -54.17 -28.87 120.69
N ILE FC 115 -53.91 -27.57 120.83
CA ILE FC 115 -54.88 -26.52 120.55
C ILE FC 115 -54.28 -25.56 119.54
N ARG FC 116 -55.02 -25.27 118.48
CA ARG FC 116 -54.61 -24.33 117.45
C ARG FC 116 -55.67 -23.25 117.34
N LEU FC 117 -55.29 -22.00 117.62
CA LEU FC 117 -56.19 -20.86 117.52
C LEU FC 117 -55.69 -19.91 116.46
N ALA FC 118 -56.52 -19.63 115.47
CA ALA FC 118 -56.19 -18.68 114.41
C ALA FC 118 -57.34 -17.69 114.33
N SER FC 119 -57.07 -16.43 114.69
CA SER FC 119 -58.06 -15.36 114.67
C SER FC 119 -57.69 -14.34 113.59
N THR FC 120 -58.70 -13.70 113.00
CA THR FC 120 -58.43 -12.45 112.30
C THR FC 120 -58.70 -11.33 113.30
N VAL FC 121 -57.67 -10.57 113.62
CA VAL FC 121 -57.74 -9.46 114.56
C VAL FC 121 -57.92 -8.18 113.78
N THR FC 122 -58.77 -7.29 114.29
CA THR FC 122 -58.88 -5.92 113.81
C THR FC 122 -58.79 -5.01 115.03
N LYS FC 123 -58.89 -3.69 114.78
CA LYS FC 123 -58.72 -2.72 115.86
C LYS FC 123 -59.63 -3.01 117.04
N GLU FC 124 -60.85 -3.47 116.78
CA GLU FC 124 -61.85 -3.67 117.81
C GLU FC 124 -61.85 -5.08 118.40
N THR FC 125 -61.09 -6.01 117.80
CA THR FC 125 -60.97 -7.34 118.36
C THR FC 125 -60.25 -7.27 119.70
N THR FC 126 -60.86 -7.85 120.73
CA THR FC 126 -60.33 -7.77 122.09
C THR FC 126 -59.81 -9.13 122.57
N ALA FC 127 -59.06 -9.06 123.67
CA ALA FC 127 -58.60 -10.25 124.36
C ALA FC 127 -59.76 -11.19 124.65
N ALA FC 128 -60.81 -10.65 125.28
CA ALA FC 128 -61.96 -11.47 125.66
C ALA FC 128 -62.66 -12.05 124.44
N ASP FC 129 -62.77 -11.26 123.36
CA ASP FC 129 -63.36 -11.78 122.13
C ASP FC 129 -62.60 -13.00 121.62
N ILE FC 130 -61.26 -12.95 121.69
CA ILE FC 130 -60.51 -14.09 121.17
C ILE FC 130 -60.59 -15.27 122.12
N ALA FC 131 -60.66 -15.01 123.43
CA ALA FC 131 -60.90 -16.10 124.39
C ALA FC 131 -62.23 -16.78 124.14
N GLY FC 132 -63.23 -16.01 123.70
CA GLY FC 132 -64.56 -16.54 123.50
C GLY FC 132 -64.59 -17.71 122.54
N ILE FC 133 -63.76 -17.69 121.50
CA ILE FC 133 -63.84 -18.76 120.52
C ILE FC 133 -63.28 -20.06 121.10
N VAL FC 134 -62.24 -19.98 121.92
CA VAL FC 134 -61.76 -21.16 122.62
C VAL FC 134 -62.84 -21.70 123.54
N LEU FC 135 -63.51 -20.80 124.29
CA LEU FC 135 -64.53 -21.25 125.22
C LEU FC 135 -65.71 -21.90 124.49
N ARG FC 136 -66.14 -21.33 123.36
CA ARG FC 136 -67.23 -21.92 122.60
C ARG FC 136 -66.82 -23.18 121.86
N THR FC 137 -65.52 -23.36 121.59
CA THR FC 137 -65.05 -24.63 121.06
C THR FC 137 -65.09 -25.71 122.13
N LEU FC 138 -64.82 -25.35 123.37
CA LEU FC 138 -64.84 -26.32 124.46
C LEU FC 138 -66.24 -26.70 124.88
N ALA FC 139 -67.16 -25.73 124.93
CA ALA FC 139 -68.48 -25.95 125.52
C ALA FC 139 -69.24 -27.15 124.96
N PRO FC 140 -69.16 -27.50 123.67
CA PRO FC 140 -69.84 -28.72 123.22
C PRO FC 140 -69.29 -29.99 123.86
N ILE FC 141 -67.99 -30.04 124.13
CA ILE FC 141 -67.37 -31.20 124.77
C ILE FC 141 -67.60 -31.21 126.28
N PHE FC 142 -67.69 -30.03 126.90
CA PHE FC 142 -67.85 -29.92 128.36
C PHE FC 142 -69.13 -29.14 128.66
N PRO FC 143 -70.29 -29.72 128.39
CA PRO FC 143 -71.53 -28.95 128.56
C PRO FC 143 -71.81 -28.56 130.00
N ASN FC 144 -71.24 -29.29 130.97
CA ASN FC 144 -71.36 -28.96 132.38
C ASN FC 144 -70.01 -28.66 133.00
N GLY FC 145 -68.99 -28.42 132.18
CA GLY FC 145 -67.69 -28.06 132.71
C GLY FC 145 -67.11 -29.27 133.42
N SER FC 146 -66.55 -29.05 134.61
CA SER FC 146 -66.01 -30.16 135.36
C SER FC 146 -67.09 -31.05 135.97
N GLY FC 147 -68.36 -30.66 135.89
CA GLY FC 147 -69.41 -31.37 136.62
C GLY FC 147 -69.57 -32.83 136.24
N ASP FC 148 -69.46 -33.14 134.94
CA ASP FC 148 -69.50 -34.50 134.44
C ASP FC 148 -68.58 -34.58 133.23
N TRP FC 149 -68.33 -35.80 132.75
CA TRP FC 149 -67.45 -35.98 131.60
C TRP FC 149 -68.16 -36.73 130.46
N ILE FC 150 -69.49 -36.60 130.37
CA ILE FC 150 -70.25 -37.56 129.57
C ILE FC 150 -69.94 -37.39 128.08
N LYS FC 151 -69.94 -36.15 127.60
CA LYS FC 151 -69.69 -35.96 126.18
C LYS FC 151 -68.25 -36.27 125.82
N LEU FC 152 -67.32 -35.97 126.72
CA LEU FC 152 -65.93 -36.34 126.48
C LEU FC 152 -65.80 -37.86 126.39
N GLN FC 153 -66.49 -38.58 127.27
CA GLN FC 153 -66.48 -40.03 127.23
C GLN FC 153 -67.02 -40.54 125.91
N GLN FC 154 -68.08 -39.92 125.39
CA GLN FC 154 -68.58 -40.31 124.07
C GLN FC 154 -67.52 -40.11 123.00
N LEU FC 155 -66.81 -38.98 123.04
CA LEU FC 155 -65.75 -38.73 122.07
C LEU FC 155 -64.69 -39.83 122.13
N ILE FC 156 -64.29 -40.21 123.34
CA ILE FC 156 -63.29 -41.26 123.46
C ILE FC 156 -63.85 -42.59 122.95
N ASP FC 157 -65.09 -42.91 123.33
CA ASP FC 157 -65.76 -44.13 122.88
C ASP FC 157 -65.90 -44.17 121.36
N GLY FC 158 -65.79 -43.03 120.69
CA GLY FC 158 -65.79 -42.97 119.25
C GLY FC 158 -67.09 -42.51 118.63
N LEU FC 159 -67.90 -41.74 119.36
CA LEU FC 159 -69.25 -41.36 118.97
C LEU FC 159 -69.31 -39.89 118.62
N PRO FC 160 -69.00 -39.52 117.37
CA PRO FC 160 -68.74 -38.10 117.04
C PRO FC 160 -69.99 -37.24 117.00
N ARG FC 161 -71.18 -37.84 116.97
CA ARG FC 161 -72.43 -37.07 116.92
C ARG FC 161 -72.70 -36.47 118.31
N ILE FC 162 -72.14 -35.27 118.52
CA ILE FC 162 -72.27 -34.60 119.81
C ILE FC 162 -73.51 -33.72 119.88
N PHE FC 163 -73.93 -33.13 118.76
CA PHE FC 163 -75.15 -32.35 118.73
C PHE FC 163 -76.33 -33.20 118.29
N GLY FC 164 -76.19 -34.52 118.33
CA GLY FC 164 -77.23 -35.42 117.87
C GLY FC 164 -77.04 -35.82 116.42
N SER GC 1 -92.55 64.70 26.08
CA SER GC 1 -92.52 63.53 26.96
C SER GC 1 -92.76 62.27 26.13
N TYR GC 2 -91.89 61.29 26.34
CA TYR GC 2 -91.83 60.11 25.47
C TYR GC 2 -93.16 59.36 25.44
N THR GC 3 -93.56 58.93 24.23
CA THR GC 3 -94.69 58.03 24.05
C THR GC 3 -94.23 56.77 23.30
N ILE GC 4 -94.96 55.69 23.52
CA ILE GC 4 -94.64 54.39 22.93
C ILE GC 4 -95.64 54.09 21.83
N ASP GC 5 -95.14 53.94 20.60
CA ASP GC 5 -95.92 53.54 19.44
C ASP GC 5 -95.73 52.05 19.22
N ILE GC 6 -96.82 51.28 19.28
CA ILE GC 6 -96.72 49.89 18.84
C ILE GC 6 -96.69 49.92 17.32
N ASN GC 7 -95.50 49.75 16.77
CA ASN GC 7 -95.33 49.75 15.33
C ASN GC 7 -95.99 48.49 14.82
N CYS GC 8 -97.22 48.63 14.31
CA CYS GC 8 -98.07 47.44 14.14
C CYS GC 8 -99.38 47.86 13.48
N SER GC 9 -100.09 46.87 12.95
CA SER GC 9 -101.41 47.08 12.35
C SER GC 9 -102.50 46.59 13.28
N THR GC 10 -103.36 47.51 13.74
CA THR GC 10 -104.54 47.19 14.54
C THR GC 10 -105.81 47.56 13.78
N GLY GC 11 -106.92 47.02 14.27
CA GLY GC 11 -108.22 47.18 13.64
C GLY GC 11 -109.21 47.89 14.53
N ASP GC 12 -110.39 48.23 14.01
CA ASP GC 12 -111.37 48.91 14.85
C ASP GC 12 -112.19 47.93 15.68
N THR GC 13 -112.48 46.75 15.15
CA THR GC 13 -113.38 45.79 15.78
C THR GC 13 -112.74 45.15 17.02
N GLN GC 14 -113.58 44.68 17.94
CA GLN GC 14 -113.08 43.96 19.11
C GLN GC 14 -113.96 42.76 19.38
N ALA GC 15 -113.35 41.66 19.81
CA ALA GC 15 -114.04 40.45 20.18
C ALA GC 15 -113.76 40.10 21.64
N ASN GC 16 -114.67 39.33 22.23
CA ASN GC 16 -114.50 38.81 23.57
C ASN GC 16 -113.99 37.37 23.49
N LEU GC 17 -112.81 37.12 24.05
CA LEU GC 17 -112.34 35.77 24.33
C LEU GC 17 -112.75 35.47 25.76
N VAL GC 18 -113.71 34.57 25.94
CA VAL GC 18 -114.33 34.36 27.24
C VAL GC 18 -113.54 33.32 28.01
N LEU GC 19 -112.85 33.78 29.05
CA LEU GC 19 -112.07 32.90 29.91
C LEU GC 19 -112.93 32.46 31.08
N THR GC 20 -112.82 31.19 31.42
CA THR GC 20 -113.45 30.67 32.64
C THR GC 20 -112.38 30.56 33.71
N GLU GC 21 -112.69 31.05 34.91
CA GLU GC 21 -111.68 31.15 35.95
C GLU GC 21 -111.17 29.77 36.33
N ILE GC 22 -109.98 29.75 36.92
CA ILE GC 22 -109.40 28.54 37.46
C ILE GC 22 -109.14 28.80 38.94
N PRO GC 23 -109.85 28.13 39.85
CA PRO GC 23 -109.74 28.48 41.27
C PRO GC 23 -108.36 28.14 41.83
N ALA GC 24 -107.81 29.05 42.62
CA ALA GC 24 -106.46 28.86 43.12
C ALA GC 24 -106.40 27.85 44.26
N GLU GC 25 -107.51 27.65 44.98
CA GLU GC 25 -107.48 26.75 46.13
C GLU GC 25 -106.97 25.37 45.78
N PRO GC 26 -107.47 24.68 44.73
CA PRO GC 26 -107.02 23.30 44.52
C PRO GC 26 -105.56 23.15 44.09
N TYR GC 27 -104.84 24.22 43.75
CA TYR GC 27 -103.46 24.05 43.29
C TYR GC 27 -102.51 23.96 44.46
N VAL GC 28 -101.55 23.04 44.36
CA VAL GC 28 -100.56 22.78 45.41
C VAL GC 28 -99.16 22.97 44.85
N HIS GC 29 -98.38 23.83 45.51
CA HIS GC 29 -96.97 24.00 45.18
C HIS GC 29 -96.23 22.67 45.30
N VAL GC 30 -95.50 22.31 44.25
CA VAL GC 30 -94.84 21.01 44.17
C VAL GC 30 -93.33 21.16 44.11
N SER GC 31 -92.82 22.02 43.22
CA SER GC 31 -91.39 22.15 43.01
C SER GC 31 -91.05 23.58 42.61
N GLY GC 32 -89.87 24.01 43.01
CA GLY GC 32 -89.22 25.15 42.39
C GLY GC 32 -89.08 26.37 43.28
N ASP GC 33 -87.97 27.11 43.08
CA ASP GC 33 -87.72 28.40 43.70
C ASP GC 33 -88.43 29.50 42.93
N ASN GC 34 -88.23 30.76 43.36
CA ASN GC 34 -88.38 31.86 42.42
C ASN GC 34 -87.23 31.84 41.42
N LYS GC 35 -86.05 31.37 41.83
CA LYS GC 35 -84.90 31.23 40.94
C LYS GC 35 -85.09 30.08 39.95
N SER GC 36 -85.86 29.07 40.33
CA SER GC 36 -86.19 27.95 39.46
C SER GC 36 -87.59 28.20 38.88
N THR GC 37 -88.17 27.17 38.25
CA THR GC 37 -89.54 27.24 37.76
C THR GC 37 -90.53 26.70 38.80
N ILE GC 38 -91.53 27.52 39.15
CA ILE GC 38 -92.58 27.10 40.09
C ILE GC 38 -93.53 26.13 39.41
N GLU GC 39 -93.94 25.09 40.13
CA GLU GC 39 -94.81 24.06 39.57
C GLU GC 39 -95.96 23.80 40.51
N TYR GC 40 -97.19 23.81 39.98
CA TYR GC 40 -98.38 23.51 40.76
C TYR GC 40 -99.09 22.28 40.21
N LEU GC 41 -99.66 21.51 41.15
CA LEU GC 41 -100.51 20.36 40.85
C LEU GC 41 -101.97 20.73 41.11
N ASP GC 42 -102.82 20.47 40.12
CA ASP GC 42 -104.27 20.63 40.26
C ASP GC 42 -104.81 19.39 40.95
N THR GC 43 -105.08 19.49 42.26
CA THR GC 43 -105.52 18.36 43.05
C THR GC 43 -106.99 18.05 42.87
N GLY GC 44 -107.71 18.86 42.09
CA GLY GC 44 -109.07 18.55 41.74
C GLY GC 44 -109.11 17.70 40.49
N SER GC 45 -108.41 16.57 40.50
CA SER GC 45 -108.34 15.66 39.37
C SER GC 45 -108.60 14.24 39.84
N ASP GC 46 -108.72 13.33 38.88
CA ASP GC 46 -108.92 11.93 39.25
C ASP GC 46 -107.66 11.42 39.92
N ASN GC 47 -107.79 11.13 41.22
CA ASN GC 47 -106.70 10.58 42.01
C ASN GC 47 -106.24 9.23 41.45
N SER GC 48 -107.14 8.48 40.82
CA SER GC 48 -106.84 7.12 40.37
C SER GC 48 -106.00 7.08 39.10
N LEU GC 49 -105.50 8.22 38.65
CA LEU GC 49 -104.49 8.30 37.60
C LEU GC 49 -103.16 8.67 38.23
N LEU GC 50 -102.09 8.10 37.70
CA LEU GC 50 -100.75 8.50 38.13
C LEU GC 50 -100.26 9.76 37.45
N VAL GC 51 -100.99 10.27 36.47
CA VAL GC 51 -100.72 11.56 35.87
C VAL GC 51 -101.84 12.51 36.27
N ARG GC 52 -101.46 13.73 36.62
CA ARG GC 52 -102.42 14.71 37.09
C ARG GC 52 -102.07 16.07 36.51
N PRO GC 53 -103.04 16.97 36.39
CA PRO GC 53 -102.81 18.24 35.70
C PRO GC 53 -101.88 19.14 36.51
N THR GC 54 -100.93 19.75 35.81
CA THR GC 54 -99.97 20.66 36.41
C THR GC 54 -99.85 21.91 35.57
N GLN GC 55 -99.73 23.06 36.22
CA GLN GC 55 -99.29 24.25 35.50
C GLN GC 55 -98.06 24.87 36.18
N GLN GC 56 -97.10 25.30 35.37
CA GLN GC 56 -95.86 25.85 35.90
C GLN GC 56 -95.63 27.26 35.37
N PHE GC 57 -94.93 28.05 36.19
CA PHE GC 57 -94.65 29.45 35.94
C PHE GC 57 -93.18 29.73 36.24
N ASN GC 58 -92.48 30.25 35.25
CA ASN GC 58 -91.09 30.65 35.33
C ASN GC 58 -90.97 32.10 34.85
N CYS GC 59 -90.13 32.89 35.49
CA CYS GC 59 -89.87 34.21 34.94
C CYS GC 59 -88.44 34.64 35.23
N VAL GC 60 -87.84 35.34 34.26
CA VAL GC 60 -86.44 35.74 34.31
C VAL GC 60 -86.29 37.12 33.67
N SER GC 61 -85.24 37.83 34.07
CA SER GC 61 -85.05 39.22 33.70
C SER GC 61 -83.58 39.47 33.42
N SER GC 62 -83.31 40.37 32.48
CA SER GC 62 -81.94 40.69 32.11
C SER GC 62 -81.77 42.17 31.82
N GLN GC 63 -80.57 42.67 32.11
CA GLN GC 63 -80.22 44.05 31.85
C GLN GC 63 -79.79 44.29 30.42
N TYR GC 64 -79.79 43.25 29.58
CA TYR GC 64 -79.26 43.31 28.22
C TYR GC 64 -80.38 42.92 27.24
N PRO GC 65 -81.34 43.81 27.03
CA PRO GC 65 -82.59 43.42 26.36
C PRO GC 65 -82.44 43.22 24.87
N TYR GC 66 -81.35 43.70 24.27
CA TYR GC 66 -81.13 43.61 22.84
C TYR GC 66 -80.26 42.42 22.46
N ARG GC 67 -80.03 41.48 23.37
CA ARG GC 67 -79.07 40.41 23.12
C ARG GC 67 -79.51 39.53 21.95
N ASN GC 68 -80.80 39.23 21.86
CA ASN GC 68 -81.30 38.34 20.81
C ASN GC 68 -81.56 39.05 19.49
N TYR GC 69 -81.75 40.37 19.52
CA TYR GC 69 -82.14 41.12 18.34
C TYR GC 69 -80.91 41.76 17.74
N SER GC 70 -80.59 41.38 16.51
CA SER GC 70 -79.30 41.74 15.92
C SER GC 70 -79.34 43.02 15.11
N LYS GC 71 -80.45 43.32 14.44
CA LYS GC 71 -80.48 44.39 13.46
C LYS GC 71 -81.01 45.70 14.02
N ILE GC 72 -80.88 45.92 15.33
CA ILE GC 72 -81.24 47.19 15.96
C ILE GC 72 -79.96 47.95 16.25
N PRO GC 73 -79.74 49.12 15.67
CA PRO GC 73 -78.52 49.89 15.93
C PRO GC 73 -78.45 50.39 17.36
N ARG GC 74 -77.21 50.57 17.84
CA ARG GC 74 -77.01 51.08 19.19
C ARG GC 74 -77.65 52.46 19.36
N SER GC 75 -77.60 53.28 18.32
CA SER GC 75 -78.21 54.61 18.37
C SER GC 75 -79.73 54.55 18.59
N GLN GC 76 -80.32 53.36 18.49
CA GLN GC 76 -81.74 53.16 18.72
C GLN GC 76 -82.03 52.28 19.91
N GLN GC 77 -81.00 51.90 20.68
CA GLN GC 77 -81.18 51.05 21.85
C GLN GC 77 -81.33 51.90 23.11
N ASP GC 78 -82.47 51.77 23.78
CA ASP GC 78 -82.74 52.53 25.01
C ASP GC 78 -81.87 52.04 26.15
N PRO GC 79 -80.94 52.86 26.67
CA PRO GC 79 -80.01 52.36 27.70
C PRO GC 79 -80.70 52.05 29.02
N LEU GC 80 -81.89 52.58 29.24
CA LEU GC 80 -82.67 52.27 30.43
C LEU GC 80 -83.58 51.08 30.26
N ALA GC 81 -83.64 50.51 29.06
CA ALA GC 81 -84.55 49.42 28.81
C ALA GC 81 -84.04 48.13 29.46
N VAL GC 82 -84.98 47.30 29.90
CA VAL GC 82 -84.70 46.04 30.56
C VAL GC 82 -85.55 44.96 29.90
N ARG GC 83 -85.11 43.71 30.01
CA ARG GC 83 -85.83 42.57 29.44
C ARG GC 83 -86.55 41.85 30.57
N ARG GC 84 -87.88 41.74 30.46
CA ARG GC 84 -88.70 40.99 31.40
C ARG GC 84 -89.34 39.85 30.64
N GLU GC 85 -89.20 38.63 31.15
CA GLU GC 85 -89.69 37.44 30.46
C GLU GC 85 -90.43 36.56 31.44
N PHE GC 86 -91.52 35.95 30.99
CA PHE GC 86 -92.22 34.93 31.77
C PHE GC 86 -92.72 33.83 30.85
N TYR GC 87 -92.99 32.68 31.44
CA TYR GC 87 -93.25 31.45 30.71
C TYR GC 87 -94.16 30.56 31.53
N THR GC 88 -95.29 30.18 30.97
CA THR GC 88 -96.20 29.27 31.65
C THR GC 88 -96.40 28.05 30.77
N ARG GC 89 -96.52 26.89 31.40
CA ARG GC 89 -96.82 25.63 30.68
C ARG GC 89 -97.86 24.86 31.48
N ARG GC 90 -99.04 24.67 30.89
CA ARG GC 90 -100.11 23.91 31.49
C ARG GC 90 -100.21 22.59 30.75
N VAL GC 91 -100.16 21.50 31.51
CA VAL GC 91 -100.44 20.17 31.00
C VAL GC 91 -101.68 19.68 31.70
N GLU GC 92 -102.70 19.33 30.93
CA GLU GC 92 -103.85 18.62 31.48
C GLU GC 92 -103.93 17.23 30.83
N TYR GC 93 -104.64 16.35 31.51
CA TYR GC 93 -104.77 14.95 31.11
C TYR GC 93 -106.25 14.61 31.03
N TRP GC 94 -106.82 14.63 29.83
CA TRP GC 94 -108.22 14.34 29.64
C TRP GC 94 -108.47 12.85 29.79
N ARG GC 95 -109.75 12.50 29.96
CA ARG GC 95 -110.15 11.10 30.14
C ARG GC 95 -111.35 10.86 29.22
N LYS GC 96 -111.25 9.87 28.32
CA LYS GC 96 -112.37 9.49 27.48
C LYS GC 96 -112.93 8.15 27.97
N ALA GC 97 -114.26 8.13 28.14
CA ALA GC 97 -114.99 6.90 28.49
C ALA GC 97 -116.47 7.11 28.18
N ASP GC 98 -117.26 6.04 28.29
CA ASP GC 98 -118.70 6.23 28.19
C ASP GC 98 -119.41 5.44 29.28
N ALA GC 99 -120.37 6.10 29.94
CA ALA GC 99 -121.20 5.43 30.95
C ALA GC 99 -122.13 4.41 30.33
N SER GC 100 -122.29 4.43 29.00
CA SER GC 100 -123.17 3.48 28.33
C SER GC 100 -122.61 2.07 28.37
N ASN GC 101 -121.30 1.92 28.44
CA ASN GC 101 -120.66 0.61 28.29
C ASN GC 101 -119.59 0.44 29.38
N VAL GC 102 -119.94 -0.28 30.44
CA VAL GC 102 -118.95 -0.58 31.48
C VAL GC 102 -117.85 -1.49 30.94
N ASP GC 103 -118.10 -2.18 29.83
CA ASP GC 103 -117.16 -3.12 29.26
C ASP GC 103 -116.10 -2.47 28.37
N ALA GC 104 -116.29 -1.21 27.98
CA ALA GC 104 -115.38 -0.57 27.03
C ALA GC 104 -114.29 0.20 27.75
N PRO GC 105 -113.06 0.16 27.24
CA PRO GC 105 -111.92 0.69 28.00
C PRO GC 105 -111.93 2.20 28.07
N GLU GC 106 -111.27 2.72 29.10
CA GLU GC 106 -111.08 4.15 29.27
C GLU GC 106 -109.68 4.52 28.81
N TYR GC 107 -109.53 5.73 28.27
CA TYR GC 107 -108.24 6.20 27.82
C TYR GC 107 -107.95 7.57 28.40
N THR GC 108 -106.67 7.83 28.67
CA THR GC 108 -106.24 9.16 29.11
C THR GC 108 -105.47 9.85 27.99
N LEU GC 109 -105.87 11.09 27.69
CA LEU GC 109 -105.41 11.84 26.51
C LEU GC 109 -104.62 13.07 26.95
N PRO GC 110 -103.31 13.13 26.71
CA PRO GC 110 -102.53 14.29 27.17
C PRO GC 110 -102.63 15.51 26.25
N GLN GC 111 -102.66 16.67 26.91
CA GLN GC 111 -102.75 17.97 26.26
C GLN GC 111 -101.79 18.91 26.95
N SER GC 112 -101.09 19.74 26.17
CA SER GC 112 -100.16 20.71 26.74
C SER GC 112 -100.21 22.03 25.96
N CYS GC 113 -100.04 23.13 26.68
CA CYS GC 113 -100.05 24.45 26.07
C CYS GC 113 -99.10 25.35 26.84
N SER GC 114 -98.27 26.10 26.12
CA SER GC 114 -97.23 26.91 26.75
C SER GC 114 -97.14 28.27 26.10
N ILE GC 115 -97.10 29.32 26.93
CA ILE GC 115 -97.00 30.70 26.49
C ILE GC 115 -95.74 31.32 27.09
N ARG GC 116 -94.90 31.88 26.22
CA ARG GC 116 -93.71 32.63 26.62
C ARG GC 116 -93.82 34.06 26.11
N LEU GC 117 -93.42 35.00 26.96
CA LEU GC 117 -93.50 36.43 26.66
C LEU GC 117 -92.23 37.11 27.17
N ALA GC 118 -91.56 37.82 26.28
CA ALA GC 118 -90.38 38.60 26.64
C ALA GC 118 -90.58 40.01 26.08
N SER GC 119 -90.80 40.96 26.98
CA SER GC 119 -90.98 42.36 26.62
C SER GC 119 -89.75 43.16 26.96
N THR GC 120 -89.43 44.15 26.12
CA THR GC 120 -88.52 45.19 26.53
C THR GC 120 -89.32 46.25 27.28
N VAL GC 121 -88.96 46.49 28.55
CA VAL GC 121 -89.69 47.38 29.43
C VAL GC 121 -88.83 48.58 29.75
N THR GC 122 -89.39 49.77 29.57
CA THR GC 122 -88.79 51.05 29.93
C THR GC 122 -89.78 51.81 30.80
N LYS GC 123 -89.38 53.02 31.20
CA LYS GC 123 -90.17 53.82 32.13
C LYS GC 123 -91.62 53.92 31.69
N GLU GC 124 -91.85 54.15 30.40
CA GLU GC 124 -93.16 54.43 29.85
C GLU GC 124 -93.97 53.17 29.52
N THR GC 125 -93.34 52.00 29.57
CA THR GC 125 -94.04 50.75 29.30
C THR GC 125 -94.96 50.39 30.46
N THR GC 126 -96.26 50.30 30.19
CA THR GC 126 -97.25 49.96 31.22
C THR GC 126 -97.66 48.49 31.14
N ALA GC 127 -98.22 48.02 32.25
CA ALA GC 127 -98.69 46.63 32.30
C ALA GC 127 -99.71 46.36 31.19
N ALA GC 128 -100.58 47.33 30.93
CA ALA GC 128 -101.51 47.22 29.81
C ALA GC 128 -100.77 47.09 28.48
N ASP GC 129 -99.73 47.92 28.29
CA ASP GC 129 -98.94 47.83 27.06
C ASP GC 129 -98.39 46.42 26.85
N ILE GC 130 -97.94 45.80 27.95
CA ILE GC 130 -97.36 44.47 27.82
C ILE GC 130 -98.44 43.42 27.62
N ALA GC 131 -99.62 43.60 28.22
CA ALA GC 131 -100.71 42.69 27.93
C ALA GC 131 -101.12 42.76 26.47
N GLY GC 132 -100.96 43.94 25.87
CA GLY GC 132 -101.27 44.11 24.46
C GLY GC 132 -100.57 43.10 23.57
N ILE GC 133 -99.31 42.76 23.89
CA ILE GC 133 -98.60 41.88 22.98
C ILE GC 133 -99.18 40.47 23.02
N VAL GC 134 -99.58 40.00 24.19
CA VAL GC 134 -100.25 38.70 24.27
C VAL GC 134 -101.59 38.75 23.55
N LEU GC 135 -102.34 39.86 23.73
CA LEU GC 135 -103.64 39.97 23.08
C LEU GC 135 -103.52 39.98 21.56
N ARG GC 136 -102.50 40.65 21.03
CA ARG GC 136 -102.29 40.68 19.59
C ARG GC 136 -101.72 39.37 19.07
N THR GC 137 -100.96 38.63 19.88
CA THR GC 137 -100.56 37.30 19.46
C THR GC 137 -101.77 36.38 19.35
N LEU GC 138 -102.71 36.49 20.30
CA LEU GC 138 -103.88 35.62 20.29
C LEU GC 138 -104.84 35.98 19.16
N ALA GC 139 -105.01 37.27 18.89
CA ALA GC 139 -106.11 37.73 18.04
C ALA GC 139 -106.18 37.06 16.66
N PRO GC 140 -105.09 36.84 15.93
CA PRO GC 140 -105.23 36.19 14.61
C PRO GC 140 -105.83 34.80 14.66
N ILE GC 141 -105.55 34.04 15.72
CA ILE GC 141 -106.07 32.68 15.89
C ILE GC 141 -107.52 32.70 16.33
N PHE GC 142 -107.92 33.70 17.12
CA PHE GC 142 -109.29 33.82 17.63
C PHE GC 142 -109.86 35.15 17.16
N PRO GC 143 -110.08 35.31 15.86
CA PRO GC 143 -110.48 36.63 15.34
C PRO GC 143 -111.88 37.03 15.75
N ASN GC 144 -112.70 36.10 16.23
CA ASN GC 144 -114.00 36.40 16.80
C ASN GC 144 -114.10 35.97 18.25
N GLY GC 145 -112.96 35.79 18.92
CA GLY GC 145 -112.99 35.49 20.33
C GLY GC 145 -113.57 34.10 20.55
N SER GC 146 -114.27 33.94 21.66
CA SER GC 146 -114.90 32.65 21.91
C SER GC 146 -116.03 32.35 20.93
N GLY GC 147 -116.33 33.27 20.01
CA GLY GC 147 -117.48 33.06 19.13
C GLY GC 147 -117.37 31.84 18.23
N ASP GC 148 -116.31 31.79 17.41
CA ASP GC 148 -116.10 30.66 16.50
C ASP GC 148 -114.69 30.15 16.65
N TRP GC 149 -114.44 28.96 16.12
CA TRP GC 149 -113.15 28.32 16.26
C TRP GC 149 -112.52 28.02 14.90
N ILE GC 150 -112.82 28.84 13.89
CA ILE GC 150 -112.52 28.43 12.52
C ILE GC 150 -111.02 28.42 12.28
N LYS GC 151 -110.33 29.50 12.68
CA LYS GC 151 -108.89 29.55 12.45
C LYS GC 151 -108.15 28.57 13.34
N LEU GC 152 -108.64 28.37 14.57
CA LEU GC 152 -108.03 27.37 15.42
C LEU GC 152 -108.17 25.98 14.79
N GLN GC 153 -109.35 25.69 14.26
CA GLN GC 153 -109.58 24.43 13.56
C GLN GC 153 -108.58 24.25 12.44
N GLN GC 154 -108.32 25.32 11.67
CA GLN GC 154 -107.32 25.24 10.61
C GLN GC 154 -105.95 24.88 11.18
N LEU GC 155 -105.52 25.59 12.23
CA LEU GC 155 -104.23 25.31 12.82
C LEU GC 155 -104.11 23.83 13.22
N ILE GC 156 -105.19 23.27 13.76
CA ILE GC 156 -105.14 21.87 14.16
C ILE GC 156 -105.16 20.96 12.93
N ASP GC 157 -105.95 21.32 11.92
CA ASP GC 157 -106.01 20.60 10.65
C ASP GC 157 -104.67 20.60 9.93
N GLY GC 158 -103.73 21.43 10.34
CA GLY GC 158 -102.43 21.46 9.72
C GLY GC 158 -102.22 22.52 8.67
N LEU GC 159 -103.02 23.58 8.69
CA LEU GC 159 -102.98 24.66 7.71
C LEU GC 159 -102.47 25.93 8.37
N PRO GC 160 -101.19 26.27 8.22
CA PRO GC 160 -100.60 27.34 9.04
C PRO GC 160 -100.91 28.76 8.59
N ARG GC 161 -101.49 28.98 7.42
CA ARG GC 161 -101.62 30.34 6.90
C ARG GC 161 -102.90 30.97 7.45
N ILE GC 162 -102.77 31.56 8.64
CA ILE GC 162 -103.88 32.30 9.25
C ILE GC 162 -104.28 33.49 8.39
N PHE GC 163 -103.30 34.19 7.83
CA PHE GC 163 -103.56 35.40 7.08
C PHE GC 163 -103.77 35.14 5.59
N GLY GC 164 -103.54 33.92 5.12
CA GLY GC 164 -103.73 33.60 3.71
C GLY GC 164 -102.46 33.56 2.88
N SER HC 1 -120.53 6.68 22.07
CA SER HC 1 -121.02 7.25 23.32
C SER HC 1 -119.87 7.78 24.15
N TYR HC 2 -118.65 7.56 23.66
CA TYR HC 2 -117.45 8.08 24.33
C TYR HC 2 -117.53 9.58 24.53
N THR HC 3 -117.21 10.03 25.74
CA THR HC 3 -117.17 11.43 26.09
C THR HC 3 -115.80 11.77 26.65
N ILE HC 4 -115.40 13.01 26.38
CA ILE HC 4 -114.12 13.58 26.78
C ILE HC 4 -114.36 14.42 28.03
N ASP HC 5 -113.76 14.02 29.14
CA ASP HC 5 -113.80 14.78 30.38
C ASP HC 5 -112.44 15.40 30.59
N ILE HC 6 -112.38 16.74 30.58
CA ILE HC 6 -111.16 17.38 31.05
C ILE HC 6 -111.00 17.07 32.53
N ASN HC 7 -109.78 16.75 32.92
CA ASN HC 7 -109.53 16.36 34.31
C ASN HC 7 -109.02 17.56 35.11
N CYS HC 8 -109.77 18.65 35.08
CA CYS HC 8 -109.26 19.93 35.59
C CYS HC 8 -110.15 20.46 36.69
N SER HC 9 -109.73 21.58 37.26
CA SER HC 9 -110.56 22.37 38.14
C SER HC 9 -111.02 23.60 37.37
N THR HC 10 -112.33 23.81 37.30
CA THR HC 10 -112.91 24.96 36.61
C THR HC 10 -113.93 25.63 37.53
N GLY HC 11 -113.90 26.96 37.54
CA GLY HC 11 -114.81 27.75 38.35
C GLY HC 11 -116.13 28.02 37.66
N ASP HC 12 -117.00 28.73 38.38
CA ASP HC 12 -118.29 29.15 37.84
C ASP HC 12 -118.24 30.55 37.23
N THR HC 13 -117.22 31.33 37.56
CA THR HC 13 -117.10 32.73 37.15
C THR HC 13 -116.49 32.81 35.74
N GLN HC 14 -116.75 33.92 35.04
CA GLN HC 14 -116.18 34.09 33.71
C GLN HC 14 -115.79 35.54 33.49
N ALA HC 15 -114.79 35.75 32.63
CA ALA HC 15 -114.28 37.09 32.34
C ALA HC 15 -114.04 37.25 30.85
N ASN HC 16 -114.09 38.50 30.40
CA ASN HC 16 -113.89 38.85 28.99
C ASN HC 16 -112.47 39.35 28.79
N LEU HC 17 -111.67 38.60 28.04
CA LEU HC 17 -110.36 39.06 27.57
C LEU HC 17 -110.59 39.68 26.19
N VAL HC 18 -110.42 40.99 26.09
CA VAL HC 18 -110.89 41.74 24.92
C VAL HC 18 -109.78 41.80 23.88
N LEU HC 19 -109.97 41.08 22.78
CA LEU HC 19 -109.01 41.06 21.69
C LEU HC 19 -109.37 42.14 20.69
N THR HC 20 -108.38 42.91 20.26
CA THR HC 20 -108.55 43.84 19.17
C THR HC 20 -108.05 43.20 17.89
N GLU HC 21 -108.82 43.36 16.81
CA GLU HC 21 -108.59 42.57 15.61
C GLU HC 21 -107.26 42.95 14.95
N ILE HC 22 -106.69 42.00 14.23
CA ILE HC 22 -105.49 42.25 13.46
C ILE HC 22 -105.80 41.94 12.00
N PRO HC 23 -105.82 42.94 11.12
CA PRO HC 23 -106.25 42.71 9.74
C PRO HC 23 -105.23 41.93 8.93
N ALA HC 24 -105.74 41.12 8.01
CA ALA HC 24 -104.83 40.33 7.20
C ALA HC 24 -104.28 41.11 6.01
N GLU HC 25 -105.04 42.11 5.55
CA GLU HC 25 -104.60 42.90 4.39
C GLU HC 25 -103.18 43.44 4.52
N PRO HC 26 -102.74 43.99 5.66
CA PRO HC 26 -101.36 44.49 5.72
C PRO HC 26 -100.28 43.40 5.74
N TYR HC 27 -100.63 42.12 5.85
CA TYR HC 27 -99.60 41.10 6.04
C TYR HC 27 -99.12 40.53 4.71
N VAL HC 28 -97.84 40.17 4.67
CA VAL HC 28 -97.15 39.75 3.45
C VAL HC 28 -96.37 38.46 3.69
N HIS HC 29 -96.40 37.55 2.71
CA HIS HC 29 -95.58 36.35 2.73
C HIS HC 29 -94.09 36.69 2.81
N VAL HC 30 -93.36 35.96 3.65
CA VAL HC 30 -91.92 36.12 3.80
C VAL HC 30 -91.17 34.83 3.47
N SER HC 31 -91.52 33.73 4.14
CA SER HC 31 -90.90 32.45 3.89
C SER HC 31 -91.95 31.35 3.95
N GLY HC 32 -91.63 30.22 3.30
CA GLY HC 32 -92.46 29.03 3.35
C GLY HC 32 -93.91 29.24 2.94
N ASP HC 33 -94.13 29.66 1.68
CA ASP HC 33 -95.46 30.06 1.26
C ASP HC 33 -96.44 28.89 1.31
N ASN HC 34 -96.04 27.74 0.78
CA ASN HC 34 -96.90 26.57 0.74
C ASN HC 34 -96.68 25.63 1.91
N LYS HC 35 -95.57 25.75 2.64
CA LYS HC 35 -95.11 24.71 3.54
C LYS HC 35 -95.83 24.78 4.88
N SER HC 36 -95.53 23.82 5.76
CA SER HC 36 -96.15 23.71 7.07
C SER HC 36 -95.72 24.82 8.02
N THR HC 37 -94.76 25.65 7.63
CA THR HC 37 -94.29 26.78 8.42
C THR HC 37 -94.34 28.01 7.53
N ILE HC 38 -95.02 29.05 7.99
CA ILE HC 38 -95.15 30.30 7.25
C ILE HC 38 -94.78 31.45 8.17
N GLU HC 39 -94.16 32.47 7.60
CA GLU HC 39 -93.78 33.68 8.33
C GLU HC 39 -94.34 34.90 7.60
N TYR HC 40 -95.12 35.71 8.30
CA TYR HC 40 -95.68 36.92 7.72
C TYR HC 40 -95.01 38.17 8.26
N LEU HC 41 -95.01 39.21 7.43
CA LEU HC 41 -94.56 40.54 7.80
C LEU HC 41 -95.75 41.48 7.81
N ASP HC 42 -95.84 42.30 8.86
CA ASP HC 42 -96.82 43.38 8.96
C ASP HC 42 -96.22 44.61 8.31
N THR HC 43 -96.68 44.94 7.10
CA THR HC 43 -96.19 46.13 6.42
C THR HC 43 -96.90 47.40 6.84
N GLY HC 44 -97.68 47.34 7.91
CA GLY HC 44 -98.20 48.56 8.49
C GLY HC 44 -97.20 49.08 9.50
N SER HC 45 -95.93 48.80 9.26
CA SER HC 45 -94.87 49.18 10.17
C SER HC 45 -94.00 50.26 9.56
N ASP HC 46 -93.15 50.83 10.42
CA ASP HC 46 -92.28 51.90 9.96
C ASP HC 46 -91.46 51.39 8.81
N ASN HC 47 -91.60 52.09 7.68
CA ASN HC 47 -90.88 51.77 6.46
C ASN HC 47 -89.39 51.71 6.71
N SER HC 48 -88.86 52.64 7.51
CA SER HC 48 -87.44 52.97 7.50
C SER HC 48 -86.61 52.20 8.53
N LEU HC 49 -87.21 51.34 9.34
CA LEU HC 49 -86.43 50.54 10.28
C LEU HC 49 -85.88 49.28 9.64
N LEU HC 50 -84.94 48.66 10.32
CA LEU HC 50 -84.41 47.39 9.87
C LEU HC 50 -85.20 46.22 10.42
N VAL HC 51 -85.97 46.46 11.46
CA VAL HC 51 -86.83 45.44 12.06
C VAL HC 51 -88.27 45.84 11.80
N ARG HC 52 -89.10 44.84 11.53
CA ARG HC 52 -90.52 45.08 11.33
C ARG HC 52 -91.30 43.93 11.93
N PRO HC 53 -92.53 44.18 12.38
CA PRO HC 53 -93.31 43.15 13.08
C PRO HC 53 -93.61 41.97 12.18
N THR HC 54 -93.30 40.79 12.69
CA THR HC 54 -93.58 39.54 12.01
C THR HC 54 -94.42 38.67 12.93
N GLN HC 55 -95.16 37.75 12.33
CA GLN HC 55 -95.75 36.66 13.08
C GLN HC 55 -95.62 35.39 12.25
N GLN HC 56 -95.09 34.34 12.85
CA GLN HC 56 -95.03 33.07 12.16
C GLN HC 56 -96.00 32.09 12.79
N PHE HC 57 -96.44 31.17 11.95
CA PHE HC 57 -97.27 30.03 12.35
C PHE HC 57 -96.65 28.79 11.75
N ASN HC 58 -96.59 27.72 12.53
CA ASN HC 58 -96.23 26.44 11.94
C ASN HC 58 -96.96 25.30 12.65
N CYS HC 59 -97.30 24.28 11.87
CA CYS HC 59 -98.03 23.12 12.35
C CYS HC 59 -97.14 21.89 12.28
N VAL HC 60 -97.38 20.96 13.19
CA VAL HC 60 -96.65 19.70 13.28
C VAL HC 60 -97.64 18.62 13.69
N SER HC 61 -97.43 17.41 13.17
CA SER HC 61 -98.24 16.26 13.54
C SER HC 61 -97.31 15.10 13.82
N SER HC 62 -97.68 14.26 14.80
CA SER HC 62 -96.92 13.05 15.10
C SER HC 62 -97.85 11.86 15.27
N GLN HC 63 -97.34 10.69 14.88
CA GLN HC 63 -98.10 9.46 14.90
C GLN HC 63 -98.16 8.85 16.30
N TYR HC 64 -97.15 9.13 17.14
CA TYR HC 64 -97.00 8.56 18.47
C TYR HC 64 -97.26 9.63 19.52
N PRO HC 65 -98.52 9.86 19.90
CA PRO HC 65 -98.83 11.02 20.75
C PRO HC 65 -98.42 10.81 22.19
N TYR HC 66 -98.14 9.56 22.57
CA TYR HC 66 -97.79 9.19 23.93
C TYR HC 66 -96.28 9.07 24.12
N ARG HC 67 -95.48 9.62 23.21
CA ARG HC 67 -94.05 9.37 23.24
C ARG HC 67 -93.44 9.89 24.53
N ASN HC 68 -93.73 11.14 24.87
CA ASN HC 68 -93.17 11.76 26.05
C ASN HC 68 -93.96 11.46 27.32
N TYR HC 69 -95.11 10.81 27.21
CA TYR HC 69 -95.94 10.52 28.38
C TYR HC 69 -95.77 9.05 28.75
N SER HC 70 -94.75 8.77 29.55
CA SER HC 70 -94.48 7.40 29.92
C SER HC 70 -95.27 6.95 31.13
N LYS HC 71 -95.68 7.88 32.01
CA LYS HC 71 -96.44 7.50 33.20
C LYS HC 71 -97.86 7.03 32.88
N ILE HC 72 -98.22 7.00 31.61
CA ILE HC 72 -99.50 6.48 31.15
C ILE HC 72 -99.29 5.04 30.70
N PRO HC 73 -100.09 4.09 31.17
CA PRO HC 73 -99.95 2.70 30.71
C PRO HC 73 -100.53 2.50 29.33
N ARG HC 74 -99.98 1.50 28.62
CA ARG HC 74 -100.48 1.18 27.29
C ARG HC 74 -101.97 0.86 27.33
N SER HC 75 -102.42 0.14 28.37
CA SER HC 75 -103.83 -0.20 28.52
C SER HC 75 -104.74 1.02 28.59
N GLN HC 76 -104.18 2.22 28.76
CA GLN HC 76 -104.96 3.45 28.77
C GLN HC 76 -104.60 4.40 27.63
N GLN HC 77 -103.63 4.03 26.78
CA GLN HC 77 -103.27 4.82 25.61
C GLN HC 77 -104.19 4.47 24.45
N ASP HC 78 -104.90 5.47 23.92
CA ASP HC 78 -105.80 5.28 22.77
C ASP HC 78 -104.99 4.99 21.51
N PRO HC 79 -105.03 3.77 20.98
CA PRO HC 79 -104.18 3.46 19.82
C PRO HC 79 -104.60 4.17 18.55
N LEU HC 80 -105.76 4.80 18.53
CA LEU HC 80 -106.18 5.64 17.42
C LEU HC 80 -105.87 7.11 17.63
N ALA HC 81 -105.20 7.47 18.72
CA ALA HC 81 -104.90 8.86 18.98
C ALA HC 81 -103.75 9.33 18.11
N VAL HC 82 -103.82 10.60 17.73
CA VAL HC 82 -102.81 11.24 16.89
C VAL HC 82 -102.47 12.58 17.51
N ARG HC 83 -101.20 12.96 17.46
CA ARG HC 83 -100.75 14.21 18.08
C ARG HC 83 -100.78 15.34 17.04
N ARG HC 84 -101.54 16.40 17.33
CA ARG HC 84 -101.54 17.61 16.51
C ARG HC 84 -101.01 18.74 17.35
N GLU HC 85 -100.03 19.49 16.84
CA GLU HC 85 -99.56 20.69 17.51
C GLU HC 85 -99.43 21.84 16.51
N PHE HC 86 -99.49 23.06 17.04
CA PHE HC 86 -99.20 24.26 16.30
C PHE HC 86 -98.47 25.24 17.19
N TYR HC 87 -97.84 26.23 16.55
CA TYR HC 87 -96.95 27.16 17.25
C TYR HC 87 -97.00 28.50 16.54
N THR HC 88 -97.27 29.56 17.28
CA THR HC 88 -97.20 30.90 16.75
C THR HC 88 -96.16 31.67 17.53
N ARG HC 89 -95.46 32.56 16.82
CA ARG HC 89 -94.51 33.47 17.46
C ARG HC 89 -94.62 34.84 16.80
N ARG HC 90 -95.05 35.82 17.60
CA ARG HC 90 -95.22 37.19 17.14
C ARG HC 90 -94.10 38.02 17.73
N VAL HC 91 -93.37 38.72 16.88
CA VAL HC 91 -92.43 39.73 17.30
C VAL HC 91 -92.94 41.06 16.77
N GLU HC 92 -93.04 42.05 17.65
CA GLU HC 92 -93.26 43.42 17.22
C GLU HC 92 -92.16 44.30 17.78
N TYR HC 93 -92.01 45.47 17.18
CA TYR HC 93 -90.92 46.40 17.51
C TYR HC 93 -91.54 47.77 17.75
N TRP HC 94 -91.70 48.14 19.02
CA TRP HC 94 -92.26 49.42 19.39
C TRP HC 94 -91.24 50.53 19.19
N ARG HC 95 -91.73 51.76 19.16
CA ARG HC 95 -90.91 52.95 18.97
C ARG HC 95 -91.26 53.96 20.05
N LYS HC 96 -90.30 54.30 20.90
CA LYS HC 96 -90.54 55.36 21.87
C LYS HC 96 -89.88 56.64 21.36
N ALA HC 97 -90.67 57.72 21.38
CA ALA HC 97 -90.22 59.07 21.05
C ALA HC 97 -91.29 60.05 21.51
N ASP HC 98 -90.87 61.30 21.74
CA ASP HC 98 -91.81 62.39 21.98
C ASP HC 98 -91.75 63.40 20.86
N ALA HC 99 -92.92 63.83 20.37
CA ALA HC 99 -92.98 64.86 19.34
C ALA HC 99 -92.56 66.22 19.88
N SER HC 100 -92.48 66.36 21.20
CA SER HC 100 -92.12 67.64 21.79
C SER HC 100 -90.69 68.03 21.45
N ASN HC 101 -89.76 67.11 21.64
CA ASN HC 101 -88.33 67.39 21.48
C ASN HC 101 -87.81 66.48 20.36
N VAL HC 102 -87.47 67.07 19.22
CA VAL HC 102 -86.93 66.29 18.12
C VAL HC 102 -85.44 66.03 18.30
N ASP HC 103 -84.77 66.79 19.17
CA ASP HC 103 -83.42 66.43 19.58
C ASP HC 103 -83.39 65.03 20.19
N ALA HC 104 -84.43 64.69 20.96
CA ALA HC 104 -84.40 63.46 21.74
C ALA HC 104 -84.40 62.25 20.83
N PRO HC 105 -83.62 61.22 21.14
CA PRO HC 105 -83.47 60.08 20.24
C PRO HC 105 -84.69 59.19 20.30
N GLU HC 106 -84.97 58.56 19.16
CA GLU HC 106 -86.02 57.57 19.08
C GLU HC 106 -85.43 56.19 19.36
N TYR HC 107 -86.07 55.43 20.24
CA TYR HC 107 -85.60 54.10 20.57
C TYR HC 107 -86.55 53.04 20.05
N THR HC 108 -85.99 51.88 19.71
CA THR HC 108 -86.74 50.73 19.25
C THR HC 108 -86.78 49.69 20.37
N LEU HC 109 -87.97 49.32 20.80
CA LEU HC 109 -88.17 48.40 21.90
C LEU HC 109 -88.73 47.09 21.37
N PRO HC 110 -87.96 46.01 21.35
CA PRO HC 110 -88.49 44.73 20.85
C PRO HC 110 -89.30 43.98 21.89
N GLN HC 111 -90.33 43.30 21.38
CA GLN HC 111 -91.26 42.52 22.19
C GLN HC 111 -91.59 41.24 21.42
N SER HC 112 -91.60 40.10 22.11
CA SER HC 112 -91.89 38.83 21.44
C SER HC 112 -92.73 37.94 22.34
N CYS HC 113 -93.63 37.17 21.72
CA CYS HC 113 -94.54 36.30 22.45
C CYS HC 113 -94.85 35.08 21.60
N SER HC 114 -94.85 33.90 22.23
CA SER HC 114 -95.01 32.64 21.51
C SER HC 114 -95.94 31.70 22.27
N ILE HC 115 -96.81 31.03 21.51
CA ILE HC 115 -97.77 30.06 22.04
C ILE HC 115 -97.60 28.75 21.30
N ARG HC 116 -97.40 27.66 22.06
CA ARG HC 116 -97.30 26.31 21.50
C ARG HC 116 -98.40 25.46 22.10
N LEU HC 117 -99.24 24.88 21.23
CA LEU HC 117 -100.34 24.04 21.65
C LEU HC 117 -100.16 22.66 21.04
N ALA HC 118 -100.18 21.62 21.88
CA ALA HC 118 -99.90 20.26 21.45
C ALA HC 118 -100.93 19.35 22.11
N SER HC 119 -101.89 18.89 21.33
CA SER HC 119 -103.00 18.10 21.83
C SER HC 119 -102.89 16.67 21.30
N THR HC 120 -103.36 15.72 22.09
CA THR HC 120 -103.71 14.44 21.50
C THR HC 120 -105.14 14.55 20.99
N VAL HC 121 -105.42 13.91 19.85
CA VAL HC 121 -106.70 14.05 19.19
C VAL HC 121 -107.18 12.66 18.79
N THR HC 122 -108.43 12.38 19.13
CA THR HC 122 -109.19 11.23 18.66
C THR HC 122 -110.47 11.74 18.02
N LYS HC 123 -111.28 10.81 17.50
CA LYS HC 123 -112.46 11.21 16.76
C LYS HC 123 -113.40 12.09 17.58
N GLU HC 124 -113.34 12.01 18.92
CA GLU HC 124 -114.25 12.77 19.77
C GLU HC 124 -113.65 14.09 20.27
N THR HC 125 -112.38 14.36 19.98
CA THR HC 125 -111.80 15.65 20.28
C THR HC 125 -112.42 16.72 19.38
N THR HC 126 -112.94 17.79 19.99
CA THR HC 126 -113.55 18.86 19.22
C THR HC 126 -112.68 20.11 19.20
N ALA HC 127 -112.98 20.97 18.23
CA ALA HC 127 -112.32 22.26 18.11
C ALA HC 127 -112.40 23.03 19.42
N ALA HC 128 -113.61 23.12 19.99
CA ALA HC 128 -113.81 23.87 21.22
C ALA HC 128 -113.13 23.21 22.41
N ASP HC 129 -113.05 21.87 22.44
CA ASP HC 129 -112.27 21.20 23.48
C ASP HC 129 -110.83 21.67 23.43
N ILE HC 130 -110.24 21.73 22.24
CA ILE HC 130 -108.85 22.14 22.17
C ILE HC 130 -108.70 23.63 22.47
N ALA HC 131 -109.68 24.44 22.07
CA ALA HC 131 -109.65 25.85 22.45
C ALA HC 131 -109.66 26.02 23.95
N GLY HC 132 -110.29 25.08 24.66
CA GLY HC 132 -110.41 25.21 26.10
C GLY HC 132 -109.07 25.21 26.82
N ILE HC 133 -108.11 24.44 26.32
CA ILE HC 133 -106.84 24.37 27.04
C ILE HC 133 -106.07 25.68 26.91
N VAL HC 134 -106.17 26.36 25.77
CA VAL HC 134 -105.55 27.68 25.64
C VAL HC 134 -106.20 28.67 26.61
N LEU HC 135 -107.53 28.65 26.71
CA LEU HC 135 -108.23 29.55 27.61
C LEU HC 135 -107.92 29.23 29.07
N ARG HC 136 -107.67 27.97 29.40
CA ARG HC 136 -107.32 27.61 30.77
C ARG HC 136 -105.87 27.93 31.09
N THR HC 137 -104.99 27.85 30.11
CA THR HC 137 -103.63 28.34 30.33
C THR HC 137 -103.63 29.84 30.56
N LEU HC 138 -104.44 30.58 29.80
CA LEU HC 138 -104.51 32.02 29.98
C LEU HC 138 -105.17 32.42 31.29
N ALA HC 139 -106.17 31.65 31.73
CA ALA HC 139 -107.03 32.06 32.84
C ALA HC 139 -106.30 32.48 34.09
N PRO HC 140 -105.27 31.77 34.58
CA PRO HC 140 -104.65 32.20 35.85
C PRO HC 140 -103.83 33.48 35.73
N ILE HC 141 -103.31 33.80 34.54
CA ILE HC 141 -102.58 35.05 34.35
C ILE HC 141 -103.53 36.24 34.22
N PHE HC 142 -104.69 36.04 33.58
CA PHE HC 142 -105.65 37.10 33.33
C PHE HC 142 -106.97 36.73 34.00
N PRO HC 143 -106.99 36.62 35.34
CA PRO HC 143 -108.17 36.05 36.00
C PRO HC 143 -109.40 36.93 35.92
N ASN HC 144 -109.24 38.22 35.65
CA ASN HC 144 -110.36 39.10 35.34
C ASN HC 144 -110.33 39.52 33.88
N GLY HC 145 -109.66 38.76 33.03
CA GLY HC 145 -109.63 39.11 31.62
C GLY HC 145 -109.00 40.46 31.44
N SER HC 146 -109.54 41.23 30.49
CA SER HC 146 -109.02 42.57 30.23
C SER HC 146 -109.27 43.55 31.35
N GLY HC 147 -109.88 43.14 32.46
CA GLY HC 147 -110.25 44.09 33.51
C GLY HC 147 -109.07 44.66 34.27
N ASP HC 148 -108.28 43.81 34.93
CA ASP HC 148 -107.11 44.27 35.64
C ASP HC 148 -105.91 43.44 35.23
N TRP HC 149 -104.73 44.00 35.44
CA TRP HC 149 -103.49 43.34 35.02
C TRP HC 149 -102.64 42.94 36.23
N ILE HC 150 -103.28 42.56 37.34
CA ILE HC 150 -102.54 42.44 38.59
C ILE HC 150 -101.59 41.25 38.54
N LYS HC 151 -102.10 40.09 38.11
CA LYS HC 151 -101.24 38.92 38.05
C LYS HC 151 -100.20 39.05 36.95
N LEU HC 152 -100.58 39.66 35.82
CA LEU HC 152 -99.59 39.91 34.78
C LEU HC 152 -98.44 40.75 35.33
N GLN HC 153 -98.79 41.87 35.98
CA GLN HC 153 -97.75 42.77 36.50
C GLN HC 153 -96.84 42.04 37.47
N GLN HC 154 -97.43 41.22 38.35
CA GLN HC 154 -96.56 40.49 39.27
C GLN HC 154 -95.71 39.45 38.55
N LEU HC 155 -96.12 38.99 37.37
CA LEU HC 155 -95.21 38.15 36.57
C LEU HC 155 -94.07 38.97 36.00
N ILE HC 156 -94.34 40.21 35.60
CA ILE HC 156 -93.28 41.07 35.10
C ILE HC 156 -92.31 41.44 36.22
N ASP HC 157 -92.80 41.46 37.48
CA ASP HC 157 -91.96 41.81 38.62
C ASP HC 157 -91.05 40.68 39.06
N GLY HC 158 -91.22 39.48 38.52
CA GLY HC 158 -90.41 38.34 38.89
C GLY HC 158 -90.94 37.58 40.10
N LEU HC 159 -92.26 37.42 40.17
CA LEU HC 159 -92.93 36.78 41.30
C LEU HC 159 -93.71 35.58 40.74
N PRO HC 160 -93.02 34.46 40.49
CA PRO HC 160 -93.64 33.35 39.75
C PRO HC 160 -94.79 32.67 40.46
N ARG HC 161 -94.90 32.79 41.78
CA ARG HC 161 -95.90 32.08 42.55
C ARG HC 161 -97.26 32.74 42.35
N ILE HC 162 -98.08 32.14 41.49
CA ILE HC 162 -99.35 32.75 41.10
C ILE HC 162 -100.50 32.20 41.93
N PHE HC 163 -100.51 30.89 42.17
CA PHE HC 163 -101.48 30.30 43.08
C PHE HC 163 -100.97 30.25 44.52
N GLY HC 164 -99.76 30.75 44.77
CA GLY HC 164 -99.19 30.76 46.12
C GLY HC 164 -97.94 29.93 46.32
N SER IC 1 -122.68 4.51 39.55
CA SER IC 1 -123.55 3.54 40.22
C SER IC 1 -122.75 2.65 41.16
N TYR IC 2 -121.48 2.43 40.81
CA TYR IC 2 -120.58 1.61 41.61
C TYR IC 2 -120.46 2.15 43.03
N THR IC 3 -120.61 1.26 44.00
CA THR IC 3 -120.34 1.58 45.40
C THR IC 3 -119.23 0.69 45.93
N ILE IC 4 -118.52 1.23 46.92
CA ILE IC 4 -117.45 0.50 47.61
C ILE IC 4 -117.98 0.09 48.97
N ASP IC 5 -117.93 -1.20 49.24
CA ASP IC 5 -118.31 -1.76 50.53
C ASP IC 5 -117.04 -2.25 51.22
N ILE IC 6 -116.77 -1.71 52.41
CA ILE IC 6 -115.75 -2.32 53.24
C ILE IC 6 -116.25 -3.70 53.65
N ASN IC 7 -115.40 -4.70 53.50
CA ASN IC 7 -115.82 -6.06 53.85
C ASN IC 7 -115.41 -6.37 55.29
N CYS IC 8 -115.84 -5.53 56.21
CA CYS IC 8 -115.38 -5.61 57.59
C CYS IC 8 -116.55 -5.73 58.56
N SER IC 9 -116.21 -5.97 59.83
CA SER IC 9 -117.15 -5.91 60.93
C SER IC 9 -116.97 -4.60 61.67
N THR IC 10 -118.04 -3.82 61.78
CA THR IC 10 -118.06 -2.57 62.52
C THR IC 10 -119.22 -2.53 63.48
N GLY IC 11 -119.07 -1.71 64.51
CA GLY IC 11 -120.04 -1.62 65.57
C GLY IC 11 -120.90 -0.36 65.47
N ASP IC 12 -121.73 -0.19 66.50
CA ASP IC 12 -122.57 0.99 66.61
C ASP IC 12 -121.94 2.09 67.43
N THR IC 13 -121.05 1.75 68.35
CA THR IC 13 -120.52 2.69 69.30
C THR IC 13 -119.39 3.49 68.68
N GLN IC 14 -119.18 4.70 69.19
CA GLN IC 14 -118.09 5.55 68.73
C GLN IC 14 -117.41 6.20 69.93
N ALA IC 15 -116.15 6.57 69.73
CA ALA IC 15 -115.33 7.13 70.80
C ALA IC 15 -114.38 8.19 70.24
N ASN IC 16 -114.08 9.18 71.06
CA ASN IC 16 -113.19 10.28 70.68
C ASN IC 16 -111.74 9.92 71.05
N LEU IC 17 -110.89 9.75 70.05
CA LEU IC 17 -109.44 9.76 70.25
C LEU IC 17 -108.98 11.19 70.04
N VAL IC 18 -108.58 11.86 71.12
CA VAL IC 18 -108.44 13.31 71.07
C VAL IC 18 -106.99 13.67 70.82
N LEU IC 19 -106.77 14.32 69.68
CA LEU IC 19 -105.46 14.71 69.21
C LEU IC 19 -105.17 16.15 69.61
N THR IC 20 -103.94 16.37 70.07
CA THR IC 20 -103.43 17.70 70.35
C THR IC 20 -102.58 18.14 69.17
N GLU IC 21 -102.77 19.37 68.71
CA GLU IC 21 -102.22 19.79 67.43
C GLU IC 21 -100.69 19.89 67.48
N ILE IC 22 -100.07 19.65 66.34
CA ILE IC 22 -98.62 19.75 66.18
C ILE IC 22 -98.35 20.94 65.27
N PRO IC 23 -97.85 22.06 65.80
CA PRO IC 23 -97.67 23.26 64.98
C PRO IC 23 -96.65 23.04 63.88
N ALA IC 24 -96.97 23.51 62.68
CA ALA IC 24 -96.04 23.30 61.56
C ALA IC 24 -94.87 24.27 61.64
N GLU IC 25 -95.13 25.49 62.10
CA GLU IC 25 -94.15 26.57 62.17
C GLU IC 25 -92.75 26.13 62.64
N PRO IC 26 -92.60 25.29 63.67
CA PRO IC 26 -91.24 24.95 64.12
C PRO IC 26 -90.48 23.90 63.30
N TYR IC 27 -91.12 23.17 62.40
CA TYR IC 27 -90.43 22.07 61.72
C TYR IC 27 -89.58 22.58 60.56
N VAL IC 28 -88.47 21.88 60.29
CA VAL IC 28 -87.50 22.31 59.28
C VAL IC 28 -86.99 21.10 58.50
N HIS IC 29 -86.96 21.22 57.16
CA HIS IC 29 -86.42 20.18 56.30
C HIS IC 29 -84.97 19.85 56.66
N VAL IC 30 -84.65 18.56 56.74
CA VAL IC 30 -83.31 18.14 57.11
C VAL IC 30 -82.69 17.22 56.07
N SER IC 31 -83.52 16.45 55.37
CA SER IC 31 -82.97 15.51 54.39
C SER IC 31 -84.09 14.96 53.53
N GLY IC 32 -83.71 14.52 52.34
CA GLY IC 32 -84.61 13.98 51.34
C GLY IC 32 -84.80 14.95 50.18
N ASP IC 33 -85.72 14.56 49.29
CA ASP IC 33 -86.15 15.40 48.19
C ASP IC 33 -87.62 15.78 48.38
N ASN IC 34 -87.97 17.01 48.01
CA ASN IC 34 -89.35 17.47 48.15
C ASN IC 34 -90.32 16.70 47.25
N LYS IC 35 -89.83 15.76 46.45
CA LYS IC 35 -90.68 14.95 45.58
C LYS IC 35 -91.15 13.66 46.25
N SER IC 36 -90.22 12.85 46.75
CA SER IC 36 -90.55 11.53 47.29
C SER IC 36 -90.55 11.50 48.81
N THR IC 37 -89.44 11.84 49.45
CA THR IC 37 -89.25 11.62 50.88
C THR IC 37 -88.69 12.87 51.56
N ILE IC 38 -89.25 13.24 52.70
CA ILE IC 38 -88.88 14.46 53.41
C ILE IC 38 -88.80 14.18 54.91
N GLU IC 39 -87.78 14.73 55.58
CA GLU IC 39 -87.61 14.54 57.01
C GLU IC 39 -87.57 15.89 57.70
N TYR IC 40 -88.58 16.19 58.52
CA TYR IC 40 -88.62 17.44 59.27
C TYR IC 40 -88.03 17.27 60.67
N LEU IC 41 -87.42 18.35 61.16
CA LEU IC 41 -86.87 18.45 62.49
C LEU IC 41 -87.63 19.49 63.30
N ASP IC 42 -88.12 19.09 64.47
CA ASP IC 42 -88.77 19.99 65.41
C ASP IC 42 -87.69 20.84 66.08
N THR IC 43 -87.54 22.08 65.62
CA THR IC 43 -86.67 23.03 66.28
C THR IC 43 -87.17 23.46 67.65
N GLY IC 44 -88.33 22.98 68.09
CA GLY IC 44 -88.83 23.29 69.41
C GLY IC 44 -88.26 22.39 70.48
N SER IC 45 -87.05 21.88 70.25
CA SER IC 45 -86.42 20.94 71.15
C SER IC 45 -85.16 21.54 71.73
N ASP IC 46 -84.47 20.74 72.55
CA ASP IC 46 -83.26 21.19 73.21
C ASP IC 46 -82.14 21.39 72.19
N ASN IC 47 -81.36 22.48 72.37
CA ASN IC 47 -80.18 22.68 71.53
C ASN IC 47 -79.10 21.64 71.84
N SER IC 48 -78.93 21.31 73.13
CA SER IC 48 -77.69 20.73 73.65
C SER IC 48 -77.62 19.21 73.50
N LEU IC 49 -78.52 18.62 72.73
CA LEU IC 49 -78.51 17.19 72.48
C LEU IC 49 -78.15 16.92 71.03
N LEU IC 50 -77.42 15.83 70.79
CA LEU IC 50 -77.17 15.41 69.42
C LEU IC 50 -78.41 14.82 68.79
N VAL IC 51 -79.42 14.48 69.58
CA VAL IC 51 -80.69 13.95 69.08
C VAL IC 51 -81.76 14.99 69.29
N ARG IC 52 -82.62 15.15 68.29
CA ARG IC 52 -83.75 16.06 68.37
C ARG IC 52 -84.92 15.44 67.63
N PRO IC 53 -86.15 15.77 68.05
CA PRO IC 53 -87.33 15.11 67.49
C PRO IC 53 -87.53 15.42 66.03
N THR IC 54 -87.86 14.39 65.26
CA THR IC 54 -87.93 14.46 63.82
C THR IC 54 -89.07 13.58 63.33
N GLN IC 55 -89.89 14.11 62.44
CA GLN IC 55 -90.94 13.31 61.82
C GLN IC 55 -90.74 13.31 60.30
N GLN IC 56 -90.82 12.12 59.73
CA GLN IC 56 -90.53 11.90 58.33
C GLN IC 56 -91.81 11.48 57.61
N PHE IC 57 -91.94 11.94 56.36
CA PHE IC 57 -93.03 11.57 55.47
C PHE IC 57 -92.48 11.07 54.14
N ASN IC 58 -93.18 10.09 53.56
CA ASN IC 58 -92.63 9.34 52.43
C ASN IC 58 -93.77 8.74 51.63
N CYS IC 59 -93.96 9.17 50.39
CA CYS IC 59 -95.04 8.70 49.53
C CYS IC 59 -94.49 7.92 48.33
N VAL IC 60 -95.25 6.92 47.87
CA VAL IC 60 -94.96 6.15 46.66
C VAL IC 60 -96.28 5.73 46.01
N SER IC 61 -96.18 5.30 44.75
CA SER IC 61 -97.36 4.93 43.98
C SER IC 61 -96.94 3.96 42.88
N SER IC 62 -97.89 3.10 42.49
CA SER IC 62 -97.59 2.04 41.54
C SER IC 62 -98.81 1.74 40.67
N GLN IC 63 -98.53 1.37 39.42
CA GLN IC 63 -99.54 1.01 38.44
C GLN IC 63 -99.96 -0.46 38.55
N TYR IC 64 -99.39 -1.20 39.50
CA TYR IC 64 -99.62 -2.64 39.63
C TYR IC 64 -100.14 -2.93 41.03
N PRO IC 65 -101.38 -2.54 41.32
CA PRO IC 65 -101.85 -2.56 42.71
C PRO IC 65 -102.03 -3.96 43.28
N TYR IC 66 -102.10 -4.97 42.43
CA TYR IC 66 -102.32 -6.35 42.84
C TYR IC 66 -101.04 -7.17 42.89
N ARG IC 67 -99.88 -6.51 42.94
CA ARG IC 67 -98.62 -7.23 42.77
C ARG IC 67 -98.40 -8.25 43.86
N ASN IC 68 -98.67 -7.89 45.11
CA ASN IC 68 -98.46 -8.80 46.22
C ASN IC 68 -99.70 -9.57 46.62
N TYR IC 69 -100.87 -9.20 46.11
CA TYR IC 69 -102.12 -9.87 46.46
C TYR IC 69 -102.44 -10.94 45.41
N SER IC 70 -101.69 -12.03 45.51
CA SER IC 70 -101.75 -13.08 44.49
C SER IC 70 -103.09 -13.80 44.48
N LYS IC 71 -103.78 -13.84 45.62
CA LYS IC 71 -104.98 -14.65 45.78
C LYS IC 71 -106.25 -13.95 45.29
N ILE IC 72 -106.13 -12.83 44.59
CA ILE IC 72 -107.27 -12.21 43.92
C ILE IC 72 -107.19 -12.57 42.44
N PRO IC 73 -108.24 -13.16 41.86
CA PRO IC 73 -108.20 -13.51 40.43
C PRO IC 73 -108.29 -12.27 39.56
N ARG IC 74 -107.82 -12.41 38.31
CA ARG IC 74 -107.89 -11.29 37.38
C ARG IC 74 -109.32 -10.89 37.08
N SER IC 75 -110.25 -11.85 37.12
CA SER IC 75 -111.67 -11.53 36.95
C SER IC 75 -112.19 -10.59 38.03
N GLN IC 76 -111.46 -10.39 39.12
CA GLN IC 76 -111.89 -9.51 40.20
C GLN IC 76 -110.90 -8.37 40.45
N GLN IC 77 -109.90 -8.19 39.58
CA GLN IC 77 -108.94 -7.11 39.68
C GLN IC 77 -109.41 -5.91 38.85
N ASP IC 78 -109.65 -4.77 39.51
CA ASP IC 78 -110.08 -3.56 38.83
C ASP IC 78 -108.94 -2.96 38.01
N PRO IC 79 -109.01 -2.98 36.68
CA PRO IC 79 -107.86 -2.54 35.87
C PRO IC 79 -107.62 -1.05 35.94
N LEU IC 80 -108.65 -0.26 36.27
CA LEU IC 80 -108.46 1.17 36.45
C LEU IC 80 -107.71 1.48 37.72
N ALA IC 81 -107.81 0.61 38.72
CA ALA IC 81 -107.33 0.89 40.06
C ALA IC 81 -105.80 0.93 40.11
N VAL IC 82 -105.28 1.72 41.06
CA VAL IC 82 -103.88 2.10 41.14
C VAL IC 82 -103.49 2.15 42.62
N ARG IC 83 -102.25 1.79 42.93
CA ARG IC 83 -101.78 1.73 44.32
C ARG IC 83 -101.16 3.04 44.77
N ARG IC 84 -101.68 3.58 45.89
CA ARG IC 84 -101.14 4.76 46.55
C ARG IC 84 -100.64 4.36 47.94
N GLU IC 85 -99.52 4.92 48.39
CA GLU IC 85 -98.99 4.53 49.68
C GLU IC 85 -98.23 5.70 50.30
N PHE IC 86 -98.35 5.84 51.62
CA PHE IC 86 -97.55 6.80 52.38
C PHE IC 86 -97.06 6.16 53.68
N TYR IC 87 -96.05 6.80 54.25
CA TYR IC 87 -95.33 6.31 55.43
C TYR IC 87 -94.89 7.50 56.25
N THR IC 88 -95.25 7.51 57.52
CA THR IC 88 -94.77 8.52 58.44
C THR IC 88 -94.03 7.82 59.56
N ARG IC 89 -92.94 8.45 60.03
CA ARG IC 89 -92.18 7.94 61.16
C ARG IC 89 -91.78 9.11 62.06
N ARG IC 90 -92.34 9.16 63.25
CA ARG IC 90 -92.01 10.18 64.23
C ARG IC 90 -91.08 9.58 65.27
N VAL IC 91 -89.95 10.23 65.48
CA VAL IC 91 -89.02 9.89 66.54
C VAL IC 91 -88.98 11.11 67.47
N GLU IC 92 -89.32 10.90 68.74
CA GLU IC 92 -89.12 11.95 69.73
C GLU IC 92 -88.24 11.40 70.84
N TYR IC 93 -87.42 12.29 71.40
CA TYR IC 93 -86.47 11.92 72.44
C TYR IC 93 -86.89 12.64 73.73
N TRP IC 94 -87.40 11.87 74.69
CA TRP IC 94 -87.85 12.45 75.95
C TRP IC 94 -86.67 12.72 76.88
N ARG IC 95 -86.96 13.52 77.89
CA ARG IC 95 -85.96 14.07 78.81
C ARG IC 95 -86.46 13.78 80.21
N LYS IC 96 -85.79 12.89 80.95
CA LYS IC 96 -86.22 12.61 82.32
C LYS IC 96 -85.23 13.23 83.29
N ALA IC 97 -85.79 13.88 84.32
CA ALA IC 97 -85.03 14.49 85.40
C ALA IC 97 -85.99 15.04 86.44
N ASP IC 98 -85.49 15.22 87.66
CA ASP IC 98 -86.24 15.88 88.72
C ASP IC 98 -85.60 17.21 89.02
N ALA IC 99 -86.42 18.24 89.16
CA ALA IC 99 -85.92 19.57 89.51
C ALA IC 99 -85.54 19.65 90.97
N SER IC 100 -86.05 18.73 91.80
CA SER IC 100 -85.71 18.72 93.21
C SER IC 100 -84.24 18.43 93.43
N ASN IC 101 -83.67 17.51 92.64
CA ASN IC 101 -82.31 17.05 92.81
C ASN IC 101 -81.55 17.29 91.51
N VAL IC 102 -80.76 18.37 91.47
CA VAL IC 102 -79.96 18.65 90.28
C VAL IC 102 -78.69 17.81 90.23
N ASP IC 103 -78.31 17.18 91.35
CA ASP IC 103 -77.24 16.19 91.31
C ASP IC 103 -77.66 14.94 90.54
N ALA IC 104 -78.95 14.59 90.58
CA ALA IC 104 -79.40 13.37 89.95
C ALA IC 104 -79.32 13.50 88.42
N PRO IC 105 -78.82 12.48 87.73
CA PRO IC 105 -78.50 12.64 86.31
C PRO IC 105 -79.75 12.69 85.45
N GLU IC 106 -79.63 13.39 84.33
CA GLU IC 106 -80.70 13.51 83.36
C GLU IC 106 -80.52 12.47 82.26
N TYR IC 107 -81.62 11.89 81.80
CA TYR IC 107 -81.55 10.83 80.81
C TYR IC 107 -82.40 11.16 79.59
N THR IC 108 -81.97 10.62 78.46
CA THR IC 108 -82.69 10.72 77.19
C THR IC 108 -83.40 9.40 76.91
N LEU IC 109 -84.70 9.47 76.68
CA LEU IC 109 -85.53 8.28 76.48
C LEU IC 109 -86.09 8.29 75.07
N PRO IC 110 -85.52 7.52 74.13
CA PRO IC 110 -86.04 7.53 72.76
C PRO IC 110 -87.35 6.77 72.60
N GLN IC 111 -88.22 7.34 71.76
CA GLN IC 111 -89.54 6.81 71.46
C GLN IC 111 -89.75 7.01 69.97
N SER IC 112 -90.36 6.03 69.30
CA SER IC 112 -90.54 6.11 67.85
C SER IC 112 -91.80 5.37 67.45
N CYS IC 113 -92.49 5.90 66.45
CA CYS IC 113 -93.77 5.37 66.01
C CYS IC 113 -93.95 5.62 64.52
N SER IC 114 -94.41 4.60 63.81
CA SER IC 114 -94.52 4.70 62.35
C SER IC 114 -95.85 4.14 61.86
N ILE IC 115 -96.41 4.81 60.86
CA ILE IC 115 -97.66 4.40 60.23
C ILE IC 115 -97.41 4.25 58.73
N ARG IC 116 -97.83 3.12 58.18
CA ARG IC 116 -97.72 2.85 56.75
C ARG IC 116 -99.11 2.54 56.22
N LEU IC 117 -99.59 3.36 55.30
CA LEU IC 117 -100.90 3.15 54.68
C LEU IC 117 -100.71 2.91 53.19
N ALA IC 118 -101.21 1.78 52.71
CA ALA IC 118 -101.16 1.44 51.29
C ALA IC 118 -102.58 1.08 50.87
N SER IC 119 -103.18 1.91 50.03
CA SER IC 119 -104.52 1.69 49.52
C SER IC 119 -104.49 1.39 48.03
N THR IC 120 -105.43 0.58 47.55
CA THR IC 120 -105.71 0.60 46.12
C THR IC 120 -106.86 1.57 45.90
N VAL IC 121 -106.58 2.63 45.15
CA VAL IC 121 -107.54 3.68 44.84
C VAL IC 121 -108.15 3.38 43.49
N THR IC 122 -109.46 3.61 43.37
CA THR IC 122 -110.16 3.62 42.10
C THR IC 122 -110.98 4.91 42.04
N LYS IC 123 -111.72 5.09 40.94
CA LYS IC 123 -112.45 6.32 40.71
C LYS IC 123 -113.36 6.66 41.90
N GLU IC 124 -113.95 5.64 42.51
CA GLU IC 124 -114.94 5.84 43.56
C GLU IC 124 -114.32 5.86 44.96
N THR IC 125 -113.05 5.50 45.09
CA THR IC 125 -112.37 5.57 46.38
C THR IC 125 -112.27 7.02 46.83
N THR IC 126 -112.73 7.31 48.04
CA THR IC 126 -112.78 8.68 48.55
C THR IC 126 -111.77 8.90 49.68
N ALA IC 127 -111.56 10.19 49.96
CA ALA IC 127 -110.77 10.58 51.11
C ALA IC 127 -111.23 9.87 52.37
N ALA IC 128 -112.52 9.98 52.67
CA ALA IC 128 -113.07 9.38 53.88
C ALA IC 128 -112.91 7.87 53.90
N ASP IC 129 -113.10 7.23 52.73
CA ASP IC 129 -112.90 5.78 52.66
C ASP IC 129 -111.48 5.41 53.06
N ILE IC 130 -110.50 6.19 52.60
CA ILE IC 130 -109.12 5.84 52.94
C ILE IC 130 -108.81 6.16 54.39
N ALA IC 131 -109.42 7.22 54.94
CA ALA IC 131 -109.28 7.48 56.37
C ALA IC 131 -109.85 6.34 57.21
N GLY IC 132 -110.92 5.72 56.71
CA GLY IC 132 -111.58 4.67 57.45
C GLY IC 132 -110.67 3.53 57.83
N ILE IC 133 -109.73 3.18 56.96
CA ILE IC 133 -108.88 2.03 57.27
C ILE IC 133 -107.92 2.37 58.39
N VAL IC 134 -107.40 3.59 58.44
CA VAL IC 134 -106.58 4.01 59.56
C VAL IC 134 -107.41 3.97 60.85
N LEU IC 135 -108.64 4.48 60.79
CA LEU IC 135 -109.48 4.51 61.99
C LEU IC 135 -109.79 3.11 62.49
N ARG IC 136 -110.09 2.18 61.57
CA ARG IC 136 -110.39 0.80 61.96
C ARG IC 136 -109.13 0.04 62.39
N THR IC 137 -107.96 0.48 61.94
CA THR IC 137 -106.72 -0.09 62.46
C THR IC 137 -106.48 0.36 63.90
N LEU IC 138 -106.85 1.61 64.20
CA LEU IC 138 -106.64 2.13 65.56
C LEU IC 138 -107.66 1.57 66.55
N ALA IC 139 -108.91 1.43 66.14
CA ALA IC 139 -109.99 1.10 67.08
C ALA IC 139 -109.75 -0.13 67.94
N PRO IC 140 -109.08 -1.20 67.47
CA PRO IC 140 -108.79 -2.31 68.39
C PRO IC 140 -107.86 -1.92 69.53
N ILE IC 141 -106.90 -1.02 69.28
CA ILE IC 141 -105.98 -0.57 70.31
C ILE IC 141 -106.62 0.48 71.23
N PHE IC 142 -107.53 1.30 70.70
CA PHE IC 142 -108.16 2.38 71.46
C PHE IC 142 -109.67 2.18 71.47
N PRO IC 143 -110.17 1.14 72.15
CA PRO IC 143 -111.60 0.85 72.06
C PRO IC 143 -112.47 1.94 72.66
N ASN IC 144 -111.93 2.77 73.56
CA ASN IC 144 -112.64 3.91 74.11
C ASN IC 144 -111.96 5.23 73.77
N GLY IC 145 -111.05 5.21 72.79
CA GLY IC 145 -110.41 6.44 72.38
C GLY IC 145 -109.51 6.91 73.49
N SER IC 146 -109.55 8.21 73.79
CA SER IC 146 -108.74 8.74 74.87
C SER IC 146 -109.27 8.34 76.25
N GLY IC 147 -110.45 7.71 76.34
CA GLY IC 147 -111.09 7.49 77.63
C GLY IC 147 -110.28 6.64 78.60
N ASP IC 148 -109.63 5.59 78.09
CA ASP IC 148 -108.74 4.74 78.87
C ASP IC 148 -107.62 4.28 77.95
N TRP IC 149 -106.60 3.64 78.53
CA TRP IC 149 -105.47 3.15 77.76
C TRP IC 149 -105.25 1.66 77.94
N ILE IC 150 -106.31 0.91 78.24
CA ILE IC 150 -106.13 -0.44 78.78
C ILE IC 150 -105.53 -1.37 77.74
N LYS IC 151 -106.07 -1.34 76.52
CA LYS IC 151 -105.56 -2.26 75.51
C LYS IC 151 -104.15 -1.86 75.06
N LEU IC 152 -103.88 -0.56 75.01
CA LEU IC 152 -102.52 -0.12 74.71
C LEU IC 152 -101.55 -0.60 75.77
N GLN IC 153 -101.95 -0.52 77.04
CA GLN IC 153 -101.12 -1.01 78.14
C GLN IC 153 -100.85 -2.50 77.98
N GLN IC 154 -101.86 -3.27 77.56
CA GLN IC 154 -101.63 -4.69 77.30
C GLN IC 154 -100.59 -4.88 76.21
N LEU IC 155 -100.69 -4.10 75.14
CA LEU IC 155 -99.70 -4.20 74.06
C LEU IC 155 -98.30 -3.94 74.57
N ILE IC 156 -98.13 -2.92 75.39
CA ILE IC 156 -96.82 -2.62 75.93
C ILE IC 156 -96.35 -3.73 76.86
N ASP IC 157 -97.25 -4.22 77.72
CA ASP IC 157 -96.96 -5.32 78.63
C ASP IC 157 -96.57 -6.59 77.88
N GLY IC 158 -96.91 -6.68 76.60
CA GLY IC 158 -96.51 -7.79 75.76
C GLY IC 158 -97.58 -8.82 75.50
N LEU IC 159 -98.86 -8.45 75.58
CA LEU IC 159 -99.99 -9.36 75.54
C LEU IC 159 -100.75 -9.19 74.24
N PRO IC 160 -100.33 -9.88 73.17
CA PRO IC 160 -100.82 -9.54 71.82
C PRO IC 160 -102.25 -9.97 71.55
N ARG IC 161 -102.83 -10.83 72.39
CA ARG IC 161 -104.21 -11.29 72.20
C ARG IC 161 -105.18 -10.17 72.58
N ILE IC 162 -105.49 -9.32 71.61
CA ILE IC 162 -106.35 -8.16 71.83
C ILE IC 162 -107.82 -8.50 71.62
N PHE IC 163 -108.12 -9.40 70.70
CA PHE IC 163 -109.48 -9.84 70.49
C PHE IC 163 -109.79 -11.09 71.29
N GLY IC 164 -108.96 -11.41 72.28
CA GLY IC 164 -109.13 -12.62 73.05
C GLY IC 164 -108.31 -13.77 72.50
N SER JC 1 -146.57 -61.29 -49.37
CA SER JC 1 -146.20 -60.94 -48.00
C SER JC 1 -145.41 -62.10 -47.39
N TYR JC 2 -144.26 -61.76 -46.79
CA TYR JC 2 -143.29 -62.76 -46.36
C TYR JC 2 -143.87 -63.75 -45.37
N THR JC 3 -143.55 -65.03 -45.55
CA THR JC 3 -143.84 -66.08 -44.58
C THR JC 3 -142.55 -66.78 -44.17
N ILE JC 4 -142.57 -67.34 -42.97
CA ILE JC 4 -141.42 -68.02 -42.39
C ILE JC 4 -141.66 -69.52 -42.42
N ASP JC 5 -140.78 -70.24 -43.14
CA ASP JC 5 -140.77 -71.69 -43.20
C ASP JC 5 -139.74 -72.22 -42.21
N ILE JC 6 -140.16 -73.01 -41.23
CA ILE JC 6 -139.17 -73.71 -40.43
C ILE JC 6 -138.66 -74.86 -41.28
N ASN JC 7 -137.48 -74.68 -41.83
CA ASN JC 7 -136.86 -75.70 -42.67
C ASN JC 7 -136.51 -76.85 -41.74
N CYS JC 8 -137.34 -77.88 -41.73
CA CYS JC 8 -137.29 -78.84 -40.62
C CYS JC 8 -138.30 -79.95 -40.87
N SER JC 9 -138.13 -81.07 -40.15
CA SER JC 9 -139.04 -82.20 -40.22
C SER JC 9 -139.92 -82.23 -38.97
N THR JC 10 -141.23 -82.08 -39.16
CA THR JC 10 -142.22 -82.21 -38.08
C THR JC 10 -143.15 -83.38 -38.37
N GLY JC 11 -143.87 -83.79 -37.32
CA GLY JC 11 -144.73 -84.95 -37.37
C GLY JC 11 -146.18 -84.60 -37.11
N ASP JC 12 -147.09 -85.55 -37.26
CA ASP JC 12 -148.51 -85.25 -37.02
C ASP JC 12 -148.86 -85.35 -35.54
N THR JC 13 -148.25 -86.29 -34.82
CA THR JC 13 -148.62 -86.58 -33.45
C THR JC 13 -148.19 -85.46 -32.49
N GLN JC 14 -148.88 -85.36 -31.35
CA GLN JC 14 -148.49 -84.39 -30.33
C GLN JC 14 -148.58 -85.05 -28.96
N ALA JC 15 -147.65 -84.70 -28.09
CA ALA JC 15 -147.64 -85.18 -26.71
C ALA JC 15 -147.71 -84.00 -25.74
N ASN JC 16 -148.17 -84.28 -24.54
CA ASN JC 16 -148.20 -83.31 -23.45
C ASN JC 16 -146.99 -83.52 -22.55
N LEU JC 17 -146.13 -82.51 -22.45
CA LEU JC 17 -145.12 -82.44 -21.40
C LEU JC 17 -145.75 -81.65 -20.25
N VAL JC 18 -146.03 -82.33 -19.15
CA VAL JC 18 -146.83 -81.72 -18.09
C VAL JC 18 -145.91 -81.00 -17.11
N LEU JC 19 -145.97 -79.68 -17.13
CA LEU JC 19 -145.18 -78.85 -16.25
C LEU JC 19 -145.98 -78.55 -15.00
N THR JC 20 -145.31 -78.61 -13.85
CA THR JC 20 -145.90 -78.18 -12.60
C THR JC 20 -145.38 -76.80 -12.28
N GLU JC 21 -146.29 -75.88 -11.92
CA GLU JC 21 -145.92 -74.49 -11.77
C GLU JC 21 -144.89 -74.32 -10.65
N ILE JC 22 -144.17 -73.22 -10.70
CA ILE JC 22 -143.23 -72.85 -9.66
C ILE JC 22 -143.66 -71.49 -9.16
N PRO JC 23 -144.13 -71.37 -7.91
CA PRO JC 23 -144.72 -70.10 -7.45
C PRO JC 23 -143.66 -69.02 -7.33
N ALA JC 24 -144.02 -67.82 -7.79
CA ALA JC 24 -143.03 -66.74 -7.82
C ALA JC 24 -142.82 -66.13 -6.44
N GLU JC 25 -143.79 -66.25 -5.54
CA GLU JC 25 -143.65 -65.62 -4.23
C GLU JC 25 -142.39 -66.03 -3.50
N PRO JC 26 -142.03 -67.32 -3.38
CA PRO JC 26 -140.85 -67.66 -2.56
C PRO JC 26 -139.51 -67.22 -3.16
N TYR JC 27 -139.44 -66.76 -4.41
CA TYR JC 27 -138.15 -66.40 -4.97
C TYR JC 27 -137.75 -64.99 -4.59
N VAL JC 28 -136.48 -64.81 -4.25
CA VAL JC 28 -135.92 -63.54 -3.80
C VAL JC 28 -134.78 -63.13 -4.71
N HIS JC 29 -134.87 -61.92 -5.27
CA HIS JC 29 -133.78 -61.34 -6.04
C HIS JC 29 -132.53 -61.24 -5.18
N VAL JC 30 -131.41 -61.76 -5.71
CA VAL JC 30 -130.16 -61.86 -4.97
C VAL JC 30 -129.07 -61.01 -5.61
N SER JC 31 -128.87 -61.17 -6.92
CA SER JC 31 -127.77 -60.49 -7.60
C SER JC 31 -128.17 -60.16 -9.03
N GLY JC 32 -127.63 -59.07 -9.54
CA GLY JC 32 -127.57 -58.85 -10.98
C GLY JC 32 -128.43 -57.71 -11.48
N ASP JC 33 -127.93 -57.02 -12.52
CA ASP JC 33 -128.65 -56.01 -13.28
C ASP JC 33 -129.56 -56.67 -14.31
N ASN JC 34 -130.23 -55.84 -15.11
CA ASN JC 34 -130.64 -56.31 -16.43
C ASN JC 34 -129.42 -56.47 -17.34
N LYS JC 35 -128.40 -55.62 -17.13
CA LYS JC 35 -127.15 -55.72 -17.88
C LYS JC 35 -126.33 -56.93 -17.46
N SER JC 36 -126.49 -57.38 -16.21
CA SER JC 36 -125.83 -58.57 -15.72
C SER JC 36 -126.84 -59.73 -15.76
N THR JC 37 -126.51 -60.85 -15.11
CA THR JC 37 -127.43 -61.97 -14.99
C THR JC 37 -128.24 -61.88 -13.68
N ILE JC 38 -129.57 -61.92 -13.80
CA ILE JC 38 -130.45 -61.90 -12.63
C ILE JC 38 -130.42 -63.25 -11.94
N GLU JC 39 -130.39 -63.24 -10.61
CA GLU JC 39 -130.30 -64.47 -9.83
C GLU JC 39 -131.36 -64.46 -8.74
N TYR JC 40 -132.12 -65.55 -8.62
CA TYR JC 40 -133.12 -65.70 -7.58
C TYR JC 40 -132.80 -66.89 -6.70
N LEU JC 41 -133.12 -66.72 -5.41
CA LEU JC 41 -133.04 -67.77 -4.40
C LEU JC 41 -134.44 -68.27 -4.07
N ASP JC 42 -134.62 -69.60 -4.13
CA ASP JC 42 -135.87 -70.24 -3.70
C ASP JC 42 -135.82 -70.37 -2.18
N THR JC 43 -136.52 -69.49 -1.46
CA THR JC 43 -136.49 -69.46 -0.01
C THR JC 43 -137.38 -70.52 0.61
N GLY JC 44 -138.12 -71.27 -0.21
CA GLY JC 44 -138.87 -72.39 0.30
C GLY JC 44 -138.02 -73.64 0.28
N SER JC 45 -136.86 -73.58 0.94
CA SER JC 45 -135.93 -74.70 1.01
C SER JC 45 -135.51 -74.91 2.45
N ASP JC 46 -134.77 -75.99 2.68
CA ASP JC 46 -134.26 -76.25 4.03
C ASP JC 46 -133.24 -75.18 4.37
N ASN JC 47 -133.62 -74.34 5.34
CA ASN JC 47 -132.75 -73.30 5.85
C ASN JC 47 -131.47 -73.87 6.43
N SER JC 48 -131.52 -75.09 6.97
CA SER JC 48 -130.40 -75.69 7.68
C SER JC 48 -129.31 -76.21 6.75
N LEU JC 49 -129.41 -75.94 5.46
CA LEU JC 49 -128.34 -76.17 4.51
C LEU JC 49 -127.72 -74.82 4.12
N LEU JC 50 -126.41 -74.82 3.92
CA LEU JC 50 -125.76 -73.62 3.43
C LEU JC 50 -125.86 -73.49 1.91
N VAL JC 51 -126.37 -74.50 1.23
CA VAL JC 51 -126.69 -74.42 -0.20
C VAL JC 51 -128.19 -74.44 -0.35
N ARG JC 52 -128.70 -73.59 -1.22
CA ARG JC 52 -130.13 -73.46 -1.41
C ARG JC 52 -130.41 -73.30 -2.90
N PRO JC 53 -131.62 -73.66 -3.34
CA PRO JC 53 -131.92 -73.67 -4.77
C PRO JC 53 -131.98 -72.27 -5.35
N THR JC 54 -131.35 -72.10 -6.52
CA THR JC 54 -131.32 -70.81 -7.20
C THR JC 54 -131.64 -71.02 -8.67
N GLN JC 55 -132.40 -70.09 -9.24
CA GLN JC 55 -132.49 -70.04 -10.70
C GLN JC 55 -132.11 -68.65 -11.21
N GLN JC 56 -131.35 -68.61 -12.31
CA GLN JC 56 -130.88 -67.35 -12.85
C GLN JC 56 -131.30 -67.20 -14.30
N PHE JC 57 -131.48 -65.94 -14.69
CA PHE JC 57 -131.95 -65.54 -16.01
C PHE JC 57 -131.08 -64.41 -16.55
N ASN JC 58 -130.51 -64.64 -17.72
CA ASN JC 58 -129.69 -63.67 -18.44
C ASN JC 58 -130.25 -63.55 -19.85
N CYS JC 59 -130.25 -62.33 -20.40
CA CYS JC 59 -130.60 -62.23 -21.81
C CYS JC 59 -129.85 -61.06 -22.44
N VAL JC 60 -129.45 -61.28 -23.71
CA VAL JC 60 -128.62 -60.33 -24.46
C VAL JC 60 -129.06 -60.33 -25.92
N SER JC 61 -128.78 -59.22 -26.60
CA SER JC 61 -129.28 -58.98 -27.94
C SER JC 61 -128.20 -58.30 -28.76
N SER JC 62 -128.18 -58.61 -30.06
CA SER JC 62 -127.19 -58.03 -30.95
C SER JC 62 -127.78 -57.71 -32.32
N GLN JC 63 -127.24 -56.67 -32.93
CA GLN JC 63 -127.64 -56.25 -34.28
C GLN JC 63 -126.97 -57.05 -35.37
N TYR JC 64 -126.11 -58.01 -35.01
CA TYR JC 64 -125.29 -58.76 -35.96
C TYR JC 64 -125.61 -60.25 -35.83
N PRO JC 65 -126.77 -60.68 -36.31
CA PRO JC 65 -127.28 -62.01 -35.96
C PRO JC 65 -126.56 -63.14 -36.66
N TYR JC 66 -125.80 -62.85 -37.72
CA TYR JC 66 -125.10 -63.86 -38.49
C TYR JC 66 -123.66 -64.04 -38.06
N ARG JC 67 -123.27 -63.49 -36.90
CA ARG JC 67 -121.85 -63.48 -36.53
C ARG JC 67 -121.32 -64.89 -36.32
N ASN JC 68 -122.11 -65.77 -35.73
CA ASN JC 68 -121.64 -67.13 -35.44
C ASN JC 68 -121.80 -68.08 -36.62
N TYR JC 69 -122.69 -67.76 -37.56
CA TYR JC 69 -123.02 -68.67 -38.65
C TYR JC 69 -122.21 -68.25 -39.88
N SER JC 70 -121.36 -69.15 -40.35
CA SER JC 70 -120.38 -68.77 -41.36
C SER JC 70 -120.85 -69.03 -42.79
N LYS JC 71 -121.65 -70.07 -43.01
CA LYS JC 71 -121.93 -70.52 -44.37
C LYS JC 71 -123.25 -69.98 -44.91
N ILE JC 72 -123.70 -68.84 -44.42
CA ILE JC 72 -124.88 -68.17 -44.94
C ILE JC 72 -124.42 -66.99 -45.79
N PRO JC 73 -124.71 -66.96 -47.09
CA PRO JC 73 -124.29 -65.85 -47.95
C PRO JC 73 -124.99 -64.55 -47.58
N ARG JC 74 -124.30 -63.44 -47.87
CA ARG JC 74 -124.89 -62.12 -47.60
C ARG JC 74 -126.19 -61.93 -48.37
N SER JC 75 -126.26 -62.46 -49.60
CA SER JC 75 -127.48 -62.35 -50.39
C SER JC 75 -128.67 -63.04 -49.73
N GLN JC 76 -128.43 -63.82 -48.67
CA GLN JC 76 -129.49 -64.50 -47.93
C GLN JC 76 -129.62 -63.99 -46.50
N GLN JC 77 -128.88 -62.94 -46.13
CA GLN JC 77 -128.93 -62.39 -44.77
C GLN JC 77 -129.94 -61.24 -44.71
N ASP JC 78 -130.96 -61.40 -43.87
CA ASP JC 78 -132.00 -60.37 -43.72
C ASP JC 78 -131.43 -59.14 -43.00
N PRO JC 79 -131.35 -57.98 -43.65
CA PRO JC 79 -130.71 -56.82 -43.02
C PRO JC 79 -131.50 -56.27 -41.85
N LEU JC 80 -132.77 -56.61 -41.74
CA LEU JC 80 -133.60 -56.21 -40.62
C LEU JC 80 -133.57 -57.22 -39.48
N ALA JC 81 -132.91 -58.35 -39.66
CA ALA JC 81 -132.91 -59.38 -38.64
C ALA JC 81 -132.03 -58.98 -37.47
N VAL JC 82 -132.43 -59.42 -36.28
CA VAL JC 82 -131.74 -59.13 -35.04
C VAL JC 82 -131.57 -60.44 -34.27
N ARG JC 83 -130.59 -60.50 -33.40
CA ARG JC 83 -130.32 -61.68 -32.58
C ARG JC 83 -130.85 -61.44 -31.17
N ARG JC 84 -131.76 -62.29 -30.73
CA ARG JC 84 -132.28 -62.24 -29.36
C ARG JC 84 -131.89 -63.53 -28.67
N GLU JC 85 -131.27 -63.43 -27.50
CA GLU JC 85 -130.77 -64.61 -26.80
C GLU JC 85 -131.18 -64.52 -25.33
N PHE JC 86 -131.52 -65.67 -24.75
CA PHE JC 86 -131.75 -65.76 -23.31
C PHE JC 86 -131.22 -67.08 -22.79
N TYR JC 87 -130.98 -67.12 -21.48
CA TYR JC 87 -130.26 -68.21 -20.84
C TYR JC 87 -130.74 -68.34 -19.42
N THR JC 88 -131.20 -69.53 -19.05
CA THR JC 88 -131.62 -69.78 -17.68
C THR JC 88 -130.80 -70.95 -17.16
N ARG JC 89 -130.46 -70.89 -15.86
CA ARG JC 89 -129.76 -71.99 -15.18
C ARG JC 89 -130.40 -72.17 -13.81
N ARG JC 90 -130.98 -73.34 -13.60
CA ARG JC 90 -131.59 -73.71 -12.32
C ARG JC 90 -130.69 -74.74 -11.67
N VAL JC 91 -130.30 -74.46 -10.44
CA VAL JC 91 -129.60 -75.41 -9.58
C VAL JC 91 -130.53 -75.71 -8.42
N GLU JC 92 -130.86 -76.97 -8.23
CA GLU JC 92 -131.51 -77.40 -7.01
C GLU JC 92 -130.60 -78.37 -6.26
N TYR JC 93 -130.88 -78.51 -4.97
CA TYR JC 93 -130.07 -79.32 -4.07
C TYR JC 93 -130.98 -80.30 -3.36
N TRP JC 94 -131.03 -81.54 -3.84
CA TRP JC 94 -131.88 -82.56 -3.25
C TRP JC 94 -131.31 -83.05 -1.93
N ARG JC 95 -132.13 -83.73 -1.16
CA ARG JC 95 -131.74 -84.24 0.15
C ARG JC 95 -132.21 -85.68 0.24
N LYS JC 96 -131.29 -86.61 0.49
CA LYS JC 96 -131.64 -88.01 0.70
C LYS JC 96 -131.51 -88.35 2.18
N ALA JC 97 -132.56 -88.97 2.73
CA ALA JC 97 -132.57 -89.48 4.10
C ALA JC 97 -133.71 -90.48 4.26
N ASP JC 98 -133.76 -91.16 5.41
CA ASP JC 98 -134.93 -91.98 5.68
C ASP JC 98 -135.40 -91.77 7.12
N ALA JC 99 -136.72 -91.59 7.28
CA ALA JC 99 -137.32 -91.48 8.59
C ALA JC 99 -137.25 -92.78 9.38
N SER JC 100 -136.95 -93.89 8.69
CA SER JC 100 -136.87 -95.19 9.35
C SER JC 100 -135.68 -95.28 10.29
N ASN JC 101 -134.62 -94.54 10.01
CA ASN JC 101 -133.35 -94.69 10.73
C ASN JC 101 -132.80 -93.31 11.10
N VAL JC 102 -133.01 -92.90 12.36
CA VAL JC 102 -132.44 -91.64 12.81
C VAL JC 102 -130.92 -91.71 12.87
N ASP JC 103 -130.36 -92.93 12.89
CA ASP JC 103 -128.93 -93.13 13.01
C ASP JC 103 -128.19 -93.04 11.67
N ALA JC 104 -128.91 -93.05 10.55
CA ALA JC 104 -128.24 -93.10 9.24
C ALA JC 104 -128.08 -91.70 8.68
N PRO JC 105 -126.94 -91.42 8.02
CA PRO JC 105 -126.62 -90.04 7.66
C PRO JC 105 -127.49 -89.53 6.52
N GLU JC 106 -127.62 -88.21 6.46
CA GLU JC 106 -128.32 -87.53 5.38
C GLU JC 106 -127.29 -87.00 4.39
N TYR JC 107 -127.67 -86.97 3.11
CA TYR JC 107 -126.79 -86.46 2.09
C TYR JC 107 -127.52 -85.43 1.24
N THR JC 108 -126.78 -84.43 0.75
CA THR JC 108 -127.34 -83.44 -0.16
C THR JC 108 -126.75 -83.67 -1.56
N LEU JC 109 -127.63 -83.76 -2.56
CA LEU JC 109 -127.31 -84.17 -3.92
C LEU JC 109 -127.54 -83.03 -4.91
N PRO JC 110 -126.49 -82.47 -5.51
CA PRO JC 110 -126.68 -81.33 -6.42
C PRO JC 110 -127.14 -81.72 -7.82
N GLN JC 111 -128.02 -80.88 -8.35
CA GLN JC 111 -128.59 -81.04 -9.68
C GLN JC 111 -128.61 -79.68 -10.36
N SER JC 112 -128.27 -79.64 -11.65
CA SER JC 112 -128.29 -78.39 -12.40
C SER JC 112 -128.78 -78.61 -13.82
N CYS JC 113 -129.51 -77.63 -14.35
CA CYS JC 113 -130.05 -77.71 -15.70
C CYS JC 113 -130.08 -76.32 -16.30
N SER JC 114 -129.61 -76.18 -17.54
CA SER JC 114 -129.47 -74.87 -18.15
C SER JC 114 -129.94 -74.91 -19.60
N ILE JC 115 -130.77 -73.92 -19.97
CA ILE JC 115 -131.31 -73.79 -21.31
C ILE JC 115 -130.89 -72.44 -21.88
N ARG JC 116 -130.26 -72.47 -23.06
CA ARG JC 116 -129.90 -71.28 -23.82
C ARG JC 116 -130.61 -71.29 -25.17
N LEU JC 117 -131.10 -70.12 -25.58
CA LEU JC 117 -131.86 -69.96 -26.81
C LEU JC 117 -131.44 -68.67 -27.48
N ALA JC 118 -131.01 -68.75 -28.73
CA ALA JC 118 -130.66 -67.59 -29.53
C ALA JC 118 -131.41 -67.70 -30.86
N SER JC 119 -132.41 -66.84 -31.04
CA SER JC 119 -133.20 -66.79 -32.26
C SER JC 119 -132.81 -65.59 -33.10
N THR JC 120 -132.85 -65.78 -34.42
CA THR JC 120 -132.86 -64.64 -35.32
C THR JC 120 -134.30 -64.18 -35.47
N VAL JC 121 -134.57 -62.93 -35.07
CA VAL JC 121 -135.93 -62.38 -35.06
C VAL JC 121 -136.03 -61.28 -36.10
N THR JC 122 -137.07 -61.38 -36.94
CA THR JC 122 -137.42 -60.38 -37.93
C THR JC 122 -138.89 -60.02 -37.73
N LYS JC 123 -139.39 -59.12 -38.57
CA LYS JC 123 -140.75 -58.60 -38.43
C LYS JC 123 -141.77 -59.72 -38.27
N GLU JC 124 -141.63 -60.77 -39.08
CA GLU JC 124 -142.61 -61.84 -39.16
C GLU JC 124 -142.43 -62.92 -38.10
N THR JC 125 -141.31 -62.89 -37.36
CA THR JC 125 -141.06 -63.87 -36.31
C THR JC 125 -141.95 -63.59 -35.12
N THR JC 126 -142.81 -64.55 -34.76
CA THR JC 126 -143.72 -64.41 -33.62
C THR JC 126 -143.20 -65.15 -32.39
N ALA JC 127 -143.73 -64.75 -31.23
CA ALA JC 127 -143.34 -65.39 -29.99
C ALA JC 127 -143.60 -66.89 -30.05
N ALA JC 128 -144.72 -67.29 -30.65
CA ALA JC 128 -144.99 -68.71 -30.86
C ALA JC 128 -143.91 -69.35 -31.73
N ASP JC 129 -143.51 -68.68 -32.81
CA ASP JC 129 -142.45 -69.22 -33.66
C ASP JC 129 -141.20 -69.50 -32.86
N ILE JC 130 -140.86 -68.60 -31.94
CA ILE JC 130 -139.64 -68.77 -31.16
C ILE JC 130 -139.82 -69.85 -30.10
N ALA JC 131 -141.02 -69.97 -29.53
CA ALA JC 131 -141.26 -71.09 -28.62
C ALA JC 131 -141.11 -72.43 -29.34
N GLY JC 132 -141.46 -72.44 -30.62
CA GLY JC 132 -141.32 -73.65 -31.41
C GLY JC 132 -139.93 -74.25 -31.34
N ILE JC 133 -138.88 -73.42 -31.32
CA ILE JC 133 -137.54 -73.99 -31.37
C ILE JC 133 -137.22 -74.71 -30.05
N VAL JC 134 -137.67 -74.17 -28.92
CA VAL JC 134 -137.49 -74.88 -27.66
C VAL JC 134 -138.31 -76.16 -27.65
N LEU JC 135 -139.53 -76.11 -28.17
CA LEU JC 135 -140.38 -77.29 -28.17
C LEU JC 135 -139.79 -78.41 -29.04
N ARG JC 136 -139.20 -78.04 -30.18
CA ARG JC 136 -138.59 -79.03 -31.05
C ARG JC 136 -137.25 -79.52 -30.50
N THR JC 137 -136.54 -78.69 -29.75
CA THR JC 137 -135.35 -79.19 -29.07
C THR JC 137 -135.73 -80.23 -28.02
N LEU JC 138 -136.82 -79.99 -27.28
CA LEU JC 138 -137.24 -80.92 -26.23
C LEU JC 138 -137.79 -82.21 -26.80
N ALA JC 139 -138.54 -82.12 -27.89
CA ALA JC 139 -139.35 -83.25 -28.35
C ALA JC 139 -138.59 -84.55 -28.55
N PRO JC 140 -137.38 -84.58 -29.13
CA PRO JC 140 -136.69 -85.88 -29.30
C PRO JC 140 -136.40 -86.60 -27.99
N ILE JC 141 -136.12 -85.85 -26.92
CA ILE JC 141 -135.82 -86.42 -25.61
C ILE JC 141 -137.09 -86.89 -24.91
N PHE JC 142 -138.21 -86.20 -25.13
CA PHE JC 142 -139.48 -86.52 -24.49
C PHE JC 142 -140.49 -86.80 -25.60
N PRO JC 143 -140.32 -87.89 -26.35
CA PRO JC 143 -141.19 -88.11 -27.52
C PRO JC 143 -142.61 -88.44 -27.16
N ASN JC 144 -142.89 -88.80 -25.90
CA ASN JC 144 -144.25 -88.99 -25.41
C ASN JC 144 -144.56 -88.06 -24.26
N GLY JC 145 -143.81 -86.96 -24.13
CA GLY JC 145 -144.13 -85.98 -23.12
C GLY JC 145 -143.88 -86.55 -21.75
N SER JC 146 -144.70 -86.14 -20.78
CA SER JC 146 -144.55 -86.68 -19.45
C SER JC 146 -144.91 -88.16 -19.37
N GLY JC 147 -145.35 -88.77 -20.48
CA GLY JC 147 -145.83 -90.15 -20.43
C GLY JC 147 -144.76 -91.15 -20.00
N ASP JC 148 -143.66 -91.22 -20.75
CA ASP JC 148 -142.58 -92.14 -20.43
C ASP JC 148 -141.26 -91.39 -20.42
N TRP JC 149 -140.24 -92.03 -19.86
CA TRP JC 149 -138.94 -91.41 -19.72
C TRP JC 149 -137.85 -92.20 -20.42
N ILE JC 150 -138.20 -92.89 -21.50
CA ILE JC 150 -137.29 -93.91 -22.03
C ILE JC 150 -136.05 -93.27 -22.64
N LYS JC 151 -136.25 -92.25 -23.48
CA LYS JC 151 -135.11 -91.61 -24.12
C LYS JC 151 -134.30 -90.80 -23.11
N LEU JC 152 -134.96 -90.19 -22.14
CA LEU JC 152 -134.23 -89.50 -21.09
C LEU JC 152 -133.35 -90.48 -20.32
N GLN JC 153 -133.92 -91.64 -19.99
CA GLN JC 153 -133.17 -92.68 -19.32
C GLN JC 153 -131.93 -93.05 -20.11
N GLN JC 154 -132.08 -93.19 -21.44
CA GLN JC 154 -130.90 -93.47 -22.28
C GLN JC 154 -129.85 -92.38 -22.14
N LEU JC 155 -130.27 -91.12 -22.26
CA LEU JC 155 -129.32 -90.02 -22.14
C LEU JC 155 -128.55 -90.09 -20.83
N ILE JC 156 -129.24 -90.45 -19.75
CA ILE JC 156 -128.55 -90.53 -18.46
C ILE JC 156 -127.66 -91.77 -18.42
N ASP JC 157 -128.13 -92.89 -18.98
CA ASP JC 157 -127.35 -94.12 -19.08
C ASP JC 157 -126.09 -93.95 -19.91
N GLY JC 158 -125.97 -92.85 -20.64
CA GLY JC 158 -124.78 -92.58 -21.42
C GLY JC 158 -124.87 -92.97 -22.88
N LEU JC 159 -126.07 -93.06 -23.43
CA LEU JC 159 -126.31 -93.47 -24.81
C LEU JC 159 -126.85 -92.30 -25.62
N PRO JC 160 -126.01 -91.60 -26.37
CA PRO JC 160 -126.42 -90.31 -26.96
C PRO JC 160 -127.29 -90.40 -28.20
N ARG JC 161 -127.46 -91.57 -28.80
CA ARG JC 161 -128.14 -91.62 -30.10
C ARG JC 161 -129.65 -91.71 -29.88
N ILE JC 162 -130.28 -90.55 -29.73
CA ILE JC 162 -131.73 -90.47 -29.61
C ILE JC 162 -132.41 -90.99 -30.87
N PHE JC 163 -131.86 -90.66 -32.03
CA PHE JC 163 -132.48 -91.02 -33.29
C PHE JC 163 -132.00 -92.36 -33.84
N GLY JC 164 -131.00 -92.97 -33.21
CA GLY JC 164 -130.50 -94.27 -33.66
C GLY JC 164 -129.23 -94.23 -34.50
N SER KC 1 -134.55 -97.59 2.62
CA SER KC 1 -135.65 -96.72 3.01
C SER KC 1 -135.34 -95.28 2.68
N TYR KC 2 -134.13 -95.04 2.18
CA TYR KC 2 -133.72 -93.71 1.75
C TYR KC 2 -134.68 -93.14 0.72
N THR KC 3 -135.08 -91.89 0.92
CA THR KC 3 -135.93 -91.16 0.01
C THR KC 3 -135.26 -89.87 -0.40
N ILE KC 4 -135.56 -89.48 -1.63
CA ILE KC 4 -135.03 -88.29 -2.28
C ILE KC 4 -136.08 -87.20 -2.19
N ASP KC 5 -135.78 -86.12 -1.46
CA ASP KC 5 -136.65 -84.96 -1.37
C ASP KC 5 -136.01 -83.85 -2.19
N ILE KC 6 -136.70 -83.42 -3.25
CA ILE KC 6 -136.28 -82.18 -3.89
C ILE KC 6 -136.48 -81.05 -2.91
N ASN KC 7 -135.50 -80.15 -2.84
CA ASN KC 7 -135.56 -79.07 -1.88
C ASN KC 7 -136.08 -77.79 -2.54
N CYS KC 8 -137.25 -77.90 -3.16
CA CYS KC 8 -137.74 -76.84 -4.04
C CYS KC 8 -139.09 -76.32 -3.56
N SER KC 9 -139.56 -75.30 -4.26
CA SER KC 9 -140.94 -74.84 -4.13
C SER KC 9 -141.70 -75.32 -5.36
N THR KC 10 -142.80 -76.04 -5.13
CA THR KC 10 -143.66 -76.55 -6.19
C THR KC 10 -145.10 -76.20 -5.88
N GLY KC 11 -145.82 -75.77 -6.93
CA GLY KC 11 -147.22 -75.40 -6.80
C GLY KC 11 -148.15 -76.58 -6.95
N ASP KC 12 -149.45 -76.30 -6.83
CA ASP KC 12 -150.48 -77.31 -7.03
C ASP KC 12 -151.02 -77.33 -8.46
N THR KC 13 -150.79 -76.27 -9.22
CA THR KC 13 -151.33 -76.09 -10.55
C THR KC 13 -150.44 -76.81 -11.58
N GLN KC 14 -151.01 -77.17 -12.73
CA GLN KC 14 -150.23 -77.83 -13.78
C GLN KC 14 -150.67 -77.35 -15.14
N ALA KC 15 -149.73 -77.39 -16.11
CA ALA KC 15 -149.98 -76.92 -17.46
C ALA KC 15 -149.40 -77.90 -18.47
N ASN KC 16 -149.98 -77.89 -19.67
CA ASN KC 16 -149.56 -78.76 -20.75
C ASN KC 16 -148.67 -77.97 -21.73
N LEU KC 17 -147.40 -78.34 -21.81
CA LEU KC 17 -146.50 -77.85 -22.85
C LEU KC 17 -146.56 -78.84 -24.00
N VAL KC 18 -147.12 -78.43 -25.12
CA VAL KC 18 -147.50 -79.37 -26.18
C VAL KC 18 -146.35 -79.53 -27.15
N LEU KC 19 -145.73 -80.71 -27.13
CA LEU KC 19 -144.63 -81.03 -28.02
C LEU KC 19 -145.17 -81.67 -29.27
N THR KC 20 -144.68 -81.22 -30.43
CA THR KC 20 -144.98 -81.88 -31.69
C THR KC 20 -143.81 -82.79 -32.05
N GLU KC 21 -144.13 -83.99 -32.50
CA GLU KC 21 -143.13 -85.03 -32.61
C GLU KC 21 -142.11 -84.69 -33.70
N ILE KC 22 -140.90 -85.22 -33.53
CA ILE KC 22 -139.86 -85.07 -34.53
C ILE KC 22 -139.44 -86.46 -34.97
N PRO KC 23 -139.72 -86.85 -36.22
CA PRO KC 23 -139.47 -88.24 -36.65
C PRO KC 23 -137.99 -88.53 -36.81
N ALA KC 24 -137.62 -89.78 -36.52
CA ALA KC 24 -136.21 -90.13 -36.64
C ALA KC 24 -135.84 -90.51 -38.07
N GLU KC 25 -136.81 -90.99 -38.85
CA GLU KC 25 -136.53 -91.40 -40.22
C GLU KC 25 -135.79 -90.35 -41.04
N PRO KC 26 -136.14 -89.05 -40.99
CA PRO KC 26 -135.38 -88.08 -41.80
C PRO KC 26 -133.97 -87.80 -41.30
N TYR KC 27 -133.55 -88.30 -40.13
CA TYR KC 27 -132.27 -87.89 -39.57
C TYR KC 27 -131.14 -88.83 -40.00
N VAL KC 28 -129.94 -88.26 -40.17
CA VAL KC 28 -128.78 -88.95 -40.72
C VAL KC 28 -127.55 -88.71 -39.84
N HIS KC 29 -126.75 -89.77 -39.66
CA HIS KC 29 -125.47 -89.66 -38.98
C HIS KC 29 -124.54 -88.67 -39.69
N VAL KC 30 -123.86 -87.84 -38.91
CA VAL KC 30 -122.90 -86.87 -39.42
C VAL KC 30 -121.51 -87.10 -38.85
N SER KC 31 -121.39 -87.11 -37.52
CA SER KC 31 -120.11 -87.35 -36.87
C SER KC 31 -120.34 -88.22 -35.64
N GLY KC 32 -119.26 -88.89 -35.21
CA GLY KC 32 -119.24 -89.68 -33.99
C GLY KC 32 -120.33 -90.73 -33.91
N ASP KC 33 -120.31 -91.70 -34.84
CA ASP KC 33 -121.41 -92.65 -34.95
C ASP KC 33 -121.54 -93.52 -33.69
N ASN KC 34 -120.42 -94.05 -33.21
CA ASN KC 34 -120.41 -94.91 -32.04
C ASN KC 34 -120.11 -94.17 -30.75
N LYS KC 35 -119.56 -92.95 -30.82
CA LYS KC 35 -118.93 -92.31 -29.68
C LYS KC 35 -119.97 -91.65 -28.77
N SER KC 36 -119.50 -91.09 -27.65
CA SER KC 36 -120.35 -90.47 -26.65
C SER KC 36 -120.95 -89.15 -27.14
N THR KC 37 -120.54 -88.67 -28.30
CA THR KC 37 -121.08 -87.46 -28.91
C THR KC 37 -121.50 -87.78 -30.33
N ILE KC 38 -122.75 -87.50 -30.67
CA ILE KC 38 -123.29 -87.77 -31.99
C ILE KC 38 -123.96 -86.50 -32.51
N GLU KC 39 -123.85 -86.28 -33.82
CA GLU KC 39 -124.47 -85.14 -34.48
C GLU KC 39 -125.32 -85.65 -35.63
N TYR KC 40 -126.61 -85.29 -35.64
CA TYR KC 40 -127.51 -85.69 -36.71
C TYR KC 40 -127.87 -84.50 -37.60
N LEU KC 41 -128.18 -84.85 -38.85
CA LEU KC 41 -128.68 -83.91 -39.84
C LEU KC 41 -130.12 -84.26 -40.17
N ASP KC 42 -130.99 -83.26 -40.21
CA ASP KC 42 -132.37 -83.40 -40.67
C ASP KC 42 -132.37 -83.19 -42.18
N THR KC 43 -132.50 -84.28 -42.93
CA THR KC 43 -132.56 -84.17 -44.39
C THR KC 43 -133.95 -83.86 -44.91
N GLY KC 44 -134.87 -83.48 -44.04
CA GLY KC 44 -136.13 -82.95 -44.50
C GLY KC 44 -135.99 -81.46 -44.68
N SER KC 45 -134.78 -81.02 -45.01
CA SER KC 45 -134.49 -79.61 -45.16
C SER KC 45 -134.22 -79.26 -46.61
N ASP KC 46 -134.17 -77.95 -46.86
CA ASP KC 46 -133.94 -77.51 -48.22
C ASP KC 46 -132.65 -78.10 -48.73
N ASN KC 47 -132.78 -78.84 -49.83
CA ASN KC 47 -131.65 -79.47 -50.48
C ASN KC 47 -130.54 -78.46 -50.78
N SER KC 48 -130.92 -77.27 -51.24
CA SER KC 48 -130.03 -76.39 -51.97
C SER KC 48 -129.30 -75.37 -51.09
N LEU KC 49 -129.55 -75.34 -49.78
CA LEU KC 49 -128.82 -74.42 -48.92
C LEU KC 49 -127.50 -75.00 -48.46
N LEU KC 50 -126.65 -74.13 -47.93
CA LEU KC 50 -125.39 -74.57 -47.35
C LEU KC 50 -125.54 -74.95 -45.89
N VAL KC 51 -126.61 -74.50 -45.25
CA VAL KC 51 -126.90 -74.82 -43.87
C VAL KC 51 -128.14 -75.70 -43.85
N ARG KC 52 -128.13 -76.66 -42.94
CA ARG KC 52 -129.27 -77.54 -42.77
C ARG KC 52 -129.44 -77.85 -41.29
N PRO KC 53 -130.67 -78.12 -40.84
CA PRO KC 53 -130.93 -78.31 -39.42
C PRO KC 53 -130.20 -79.54 -38.89
N THR KC 54 -129.49 -79.34 -37.80
CA THR KC 54 -128.78 -80.40 -37.11
C THR KC 54 -129.25 -80.42 -35.65
N GLN KC 55 -129.10 -81.58 -35.04
CA GLN KC 55 -129.19 -81.66 -33.58
C GLN KC 55 -128.12 -82.61 -33.10
N GLN KC 56 -127.35 -82.17 -32.13
CA GLN KC 56 -126.36 -83.06 -31.54
C GLN KC 56 -126.76 -83.40 -30.12
N PHE KC 57 -126.31 -84.58 -29.71
CA PHE KC 57 -126.46 -85.07 -28.35
C PHE KC 57 -125.10 -85.58 -27.90
N ASN KC 58 -124.71 -85.27 -26.67
CA ASN KC 58 -123.53 -85.92 -26.11
C ASN KC 58 -123.70 -86.11 -24.61
N CYS KC 59 -123.13 -87.22 -24.13
CA CYS KC 59 -123.22 -87.61 -22.73
C CYS KC 59 -121.83 -87.53 -22.11
N VAL KC 60 -121.80 -87.25 -20.81
CA VAL KC 60 -120.57 -87.15 -20.03
C VAL KC 60 -120.87 -87.72 -18.64
N SER KC 61 -119.88 -88.37 -18.06
CA SER KC 61 -119.98 -88.88 -16.70
C SER KC 61 -118.71 -88.50 -15.95
N SER KC 62 -118.85 -88.21 -14.65
CA SER KC 62 -117.71 -87.93 -13.79
C SER KC 62 -117.82 -88.67 -12.48
N GLN KC 63 -116.65 -89.05 -11.95
CA GLN KC 63 -116.56 -89.82 -10.73
C GLN KC 63 -116.73 -88.96 -9.49
N TYR KC 64 -116.39 -87.67 -9.58
CA TYR KC 64 -116.40 -86.72 -8.47
C TYR KC 64 -117.55 -85.74 -8.65
N PRO KC 65 -118.76 -86.07 -8.22
CA PRO KC 65 -119.92 -85.23 -8.55
C PRO KC 65 -119.97 -83.96 -7.74
N TYR KC 66 -119.19 -83.88 -6.66
CA TYR KC 66 -119.16 -82.74 -5.76
C TYR KC 66 -118.01 -81.80 -6.05
N ARG KC 67 -117.40 -81.90 -7.24
CA ARG KC 67 -116.18 -81.15 -7.49
C ARG KC 67 -116.43 -79.65 -7.40
N ASN KC 68 -117.45 -79.17 -8.09
CA ASN KC 68 -117.76 -77.75 -8.11
C ASN KC 68 -118.62 -77.31 -6.93
N TYR KC 69 -119.10 -78.23 -6.12
CA TYR KC 69 -119.96 -77.87 -4.99
C TYR KC 69 -119.15 -77.93 -3.71
N SER KC 70 -118.47 -76.84 -3.39
CA SER KC 70 -117.64 -76.82 -2.21
C SER KC 70 -118.40 -76.46 -0.95
N LYS KC 71 -119.51 -75.72 -1.07
CA LYS KC 71 -120.28 -75.34 0.12
C LYS KC 71 -121.00 -76.53 0.77
N ILE KC 72 -120.84 -77.72 0.23
CA ILE KC 72 -121.38 -78.94 0.81
C ILE KC 72 -120.26 -79.61 1.61
N PRO KC 73 -120.51 -79.98 2.87
CA PRO KC 73 -119.48 -80.68 3.65
C PRO KC 73 -119.36 -82.12 3.25
N ARG KC 74 -118.15 -82.67 3.47
CA ARG KC 74 -117.92 -84.08 3.16
C ARG KC 74 -118.89 -84.98 3.91
N SER KC 75 -119.18 -84.64 5.18
CA SER KC 75 -120.11 -85.41 5.98
C SER KC 75 -121.51 -85.49 5.37
N GLN KC 76 -121.80 -84.68 4.35
CA GLN KC 76 -123.08 -84.74 3.65
C GLN KC 76 -122.94 -85.13 2.19
N GLN KC 77 -121.72 -85.36 1.70
CA GLN KC 77 -121.50 -85.83 0.33
C GLN KC 77 -121.62 -87.34 0.28
N ASP KC 78 -122.55 -87.84 -0.55
CA ASP KC 78 -122.74 -89.28 -0.73
C ASP KC 78 -121.56 -89.90 -1.45
N PRO KC 79 -120.72 -90.71 -0.78
CA PRO KC 79 -119.51 -91.22 -1.44
C PRO KC 79 -119.81 -92.22 -2.54
N LEU KC 80 -121.04 -92.68 -2.66
CA LEU KC 80 -121.46 -93.53 -3.76
C LEU KC 80 -122.11 -92.74 -4.90
N ALA KC 81 -122.16 -91.42 -4.80
CA ALA KC 81 -122.79 -90.63 -5.84
C ALA KC 81 -121.88 -90.53 -7.05
N VAL KC 82 -122.49 -90.47 -8.22
CA VAL KC 82 -121.80 -90.36 -9.50
C VAL KC 82 -122.48 -89.28 -10.31
N ARG KC 83 -121.71 -88.50 -11.06
CA ARG KC 83 -122.27 -87.40 -11.85
C ARG KC 83 -122.57 -87.87 -13.26
N ARG KC 84 -123.83 -87.74 -13.68
CA ARG KC 84 -124.23 -88.02 -15.06
C ARG KC 84 -124.74 -86.72 -15.66
N GLU KC 85 -124.22 -86.35 -16.85
CA GLU KC 85 -124.76 -85.20 -17.56
C GLU KC 85 -124.95 -85.55 -19.03
N PHE KC 86 -125.86 -84.80 -19.67
CA PHE KC 86 -126.05 -84.86 -21.11
C PHE KC 86 -126.33 -83.46 -21.62
N TYR KC 87 -126.18 -83.30 -22.94
CA TYR KC 87 -126.26 -81.99 -23.57
C TYR KC 87 -126.78 -82.15 -24.98
N THR KC 88 -127.84 -81.41 -25.30
CA THR KC 88 -128.34 -81.38 -26.66
C THR KC 88 -128.23 -79.96 -27.19
N ARG KC 89 -127.95 -79.84 -28.48
CA ARG KC 89 -127.94 -78.55 -29.16
C ARG KC 89 -128.57 -78.70 -30.53
N ARG KC 90 -129.70 -78.03 -30.72
CA ARG KC 90 -130.43 -78.05 -31.97
C ARG KC 90 -130.24 -76.72 -32.66
N VAL KC 91 -129.78 -76.77 -33.91
CA VAL KC 91 -129.76 -75.61 -34.78
C VAL KC 91 -130.70 -75.90 -35.93
N GLU KC 92 -131.63 -74.97 -36.19
CA GLU KC 92 -132.41 -75.02 -37.41
C GLU KC 92 -132.24 -73.70 -38.14
N TYR KC 93 -132.57 -73.72 -39.43
CA TYR KC 93 -132.36 -72.59 -40.32
C TYR KC 93 -133.67 -72.33 -41.06
N TRP KC 94 -134.42 -71.32 -40.60
CA TRP KC 94 -135.68 -70.95 -41.21
C TRP KC 94 -135.45 -70.20 -42.52
N ARG KC 95 -136.49 -70.12 -43.33
CA ARG KC 95 -136.47 -69.45 -44.62
C ARG KC 95 -137.66 -68.50 -44.71
N LYS KC 96 -137.39 -67.21 -44.84
CA LYS KC 96 -138.47 -66.26 -45.05
C LYS KC 96 -138.51 -65.92 -46.53
N ALA KC 97 -139.71 -66.00 -47.10
CA ALA KC 97 -140.01 -65.60 -48.48
C ALA KC 97 -141.51 -65.54 -48.64
N ASP KC 98 -141.97 -64.75 -49.61
CA ASP KC 98 -143.37 -64.76 -50.02
C ASP KC 98 -143.51 -65.28 -51.44
N ALA KC 99 -144.47 -66.19 -51.65
CA ALA KC 99 -144.75 -66.69 -52.98
C ALA KC 99 -145.36 -65.64 -53.89
N SER KC 100 -145.81 -64.52 -53.32
CA SER KC 100 -146.45 -63.47 -54.10
C SER KC 100 -145.45 -62.82 -55.06
N ASN KC 101 -144.30 -62.43 -54.55
CA ASN KC 101 -143.31 -61.69 -55.31
C ASN KC 101 -142.04 -62.54 -55.38
N VAL KC 102 -141.73 -63.05 -56.57
CA VAL KC 102 -140.52 -63.84 -56.73
C VAL KC 102 -139.29 -62.95 -56.93
N ASP KC 103 -139.49 -61.67 -57.27
CA ASP KC 103 -138.39 -60.72 -57.20
C ASP KC 103 -137.81 -60.65 -55.79
N ALA KC 104 -138.66 -60.73 -54.78
CA ALA KC 104 -138.22 -60.49 -53.41
C ALA KC 104 -137.24 -61.57 -52.96
N PRO KC 105 -136.18 -61.19 -52.25
CA PRO KC 105 -135.15 -62.17 -51.91
C PRO KC 105 -135.59 -63.07 -50.78
N GLU KC 106 -135.08 -64.30 -50.80
CA GLU KC 106 -135.32 -65.25 -49.75
C GLU KC 106 -134.20 -65.11 -48.72
N TYR KC 107 -134.56 -65.04 -47.44
CA TYR KC 107 -133.56 -64.91 -46.39
C TYR KC 107 -133.54 -66.17 -45.53
N THR KC 108 -132.36 -66.46 -45.01
CA THR KC 108 -132.13 -67.59 -44.11
C THR KC 108 -131.96 -67.06 -42.70
N LEU KC 109 -132.82 -67.50 -41.79
CA LEU KC 109 -132.82 -67.05 -40.41
C LEU KC 109 -132.35 -68.16 -39.50
N PRO KC 110 -131.15 -68.08 -38.93
CA PRO KC 110 -130.70 -69.15 -38.04
C PRO KC 110 -131.24 -69.03 -36.62
N GLN KC 111 -131.49 -70.21 -36.02
CA GLN KC 111 -132.03 -70.32 -34.68
C GLN KC 111 -131.33 -71.50 -34.00
N SER KC 112 -130.92 -71.31 -32.73
CA SER KC 112 -130.23 -72.37 -32.02
C SER KC 112 -130.68 -72.42 -30.56
N CYS KC 113 -130.72 -73.63 -30.02
CA CYS KC 113 -131.18 -73.84 -28.65
C CYS KC 113 -130.47 -75.05 -28.05
N SER KC 114 -130.02 -74.92 -26.81
CA SER KC 114 -129.22 -75.95 -26.16
C SER KC 114 -129.65 -76.17 -24.72
N ILE KC 115 -129.69 -77.44 -24.33
CA ILE KC 115 -130.06 -77.84 -22.97
C ILE KC 115 -128.97 -78.73 -22.40
N ARG KC 116 -128.47 -78.37 -21.21
CA ARG KC 116 -127.46 -79.15 -20.51
C ARG KC 116 -128.03 -79.56 -19.17
N LEU KC 117 -128.06 -80.87 -18.91
CA LEU KC 117 -128.58 -81.42 -17.67
C LEU KC 117 -127.48 -82.21 -16.99
N ALA KC 118 -127.20 -81.88 -15.73
CA ALA KC 118 -126.08 -82.47 -14.98
C ALA KC 118 -126.58 -82.81 -13.59
N SER KC 119 -126.80 -84.09 -13.35
CA SER KC 119 -127.38 -84.55 -12.10
C SER KC 119 -126.34 -85.35 -11.31
N THR KC 120 -126.43 -85.28 -9.99
CA THR KC 120 -125.79 -86.33 -9.20
C THR KC 120 -126.78 -87.47 -9.09
N VAL KC 121 -126.26 -88.70 -9.12
CA VAL KC 121 -127.09 -89.89 -9.17
C VAL KC 121 -126.57 -90.89 -8.16
N THR KC 122 -127.47 -91.41 -7.34
CA THR KC 122 -127.27 -92.54 -6.45
C THR KC 122 -128.32 -93.59 -6.78
N LYS KC 123 -128.25 -94.72 -6.07
CA LYS KC 123 -129.13 -95.83 -6.39
C LYS KC 123 -130.61 -95.46 -6.32
N GLU KC 124 -130.96 -94.41 -5.56
CA GLU KC 124 -132.35 -94.02 -5.39
C GLU KC 124 -132.79 -92.90 -6.34
N THR KC 125 -131.87 -92.35 -7.13
CA THR KC 125 -132.25 -91.39 -8.16
C THR KC 125 -133.00 -92.10 -9.26
N THR KC 126 -134.19 -91.61 -9.60
CA THR KC 126 -135.00 -92.21 -10.65
C THR KC 126 -135.03 -91.36 -11.91
N ALA KC 127 -135.41 -92.03 -13.00
CA ALA KC 127 -135.56 -91.34 -14.27
C ALA KC 127 -136.50 -90.15 -14.15
N ALA KC 128 -137.66 -90.36 -13.51
CA ALA KC 128 -138.63 -89.28 -13.37
C ALA KC 128 -138.14 -88.18 -12.43
N ASP KC 129 -137.35 -88.53 -11.41
CA ASP KC 129 -136.73 -87.50 -10.58
C ASP KC 129 -135.87 -86.58 -11.44
N ILE KC 130 -135.06 -87.16 -12.32
CA ILE KC 130 -134.20 -86.32 -13.14
C ILE KC 130 -135.01 -85.56 -14.18
N ALA KC 131 -136.07 -86.15 -14.70
CA ALA KC 131 -136.96 -85.42 -15.60
C ALA KC 131 -137.57 -84.22 -14.92
N GLY KC 132 -137.74 -84.29 -13.60
CA GLY KC 132 -138.39 -83.21 -12.89
C GLY KC 132 -137.61 -81.91 -12.93
N ILE KC 133 -136.28 -82.00 -12.92
CA ILE KC 133 -135.51 -80.76 -12.90
C ILE KC 133 -135.60 -80.04 -14.23
N VAL KC 134 -135.68 -80.76 -15.34
CA VAL KC 134 -135.90 -80.12 -16.64
C VAL KC 134 -137.26 -79.43 -16.66
N LEU KC 135 -138.29 -80.10 -16.16
CA LEU KC 135 -139.63 -79.51 -16.14
C LEU KC 135 -139.71 -78.30 -15.22
N ARG KC 136 -138.91 -78.29 -14.14
CA ARG KC 136 -138.92 -77.16 -13.23
C ARG KC 136 -138.08 -76.00 -13.78
N THR KC 137 -137.03 -76.29 -14.54
CA THR KC 137 -136.34 -75.22 -15.25
C THR KC 137 -137.25 -74.59 -16.29
N LEU KC 138 -138.02 -75.40 -17.00
CA LEU KC 138 -138.94 -74.85 -18.01
C LEU KC 138 -140.09 -74.09 -17.39
N ALA KC 139 -140.58 -74.55 -16.23
CA ALA KC 139 -141.83 -74.04 -15.66
C ALA KC 139 -141.93 -72.53 -15.55
N PRO KC 140 -140.91 -71.80 -15.07
CA PRO KC 140 -141.09 -70.34 -14.93
C PRO KC 140 -141.13 -69.59 -16.25
N ILE KC 141 -140.53 -70.12 -17.32
CA ILE KC 141 -140.58 -69.48 -18.63
C ILE KC 141 -141.93 -69.75 -19.30
N PHE KC 142 -142.49 -70.95 -19.11
CA PHE KC 142 -143.73 -71.36 -19.77
C PHE KC 142 -144.76 -71.68 -18.68
N PRO KC 143 -145.15 -70.69 -17.87
CA PRO KC 143 -145.96 -71.01 -16.68
C PRO KC 143 -147.36 -71.49 -17.01
N ASN KC 144 -147.86 -71.21 -18.21
CA ASN KC 144 -149.09 -71.81 -18.69
C ASN KC 144 -148.84 -72.79 -19.82
N GLY KC 145 -147.61 -73.31 -19.90
CA GLY KC 145 -147.31 -74.28 -20.94
C GLY KC 145 -147.53 -73.66 -22.30
N SER KC 146 -148.05 -74.46 -23.23
CA SER KC 146 -148.29 -73.97 -24.58
C SER KC 146 -149.41 -72.93 -24.65
N GLY KC 147 -150.01 -72.54 -23.53
CA GLY KC 147 -151.17 -71.65 -23.58
C GLY KC 147 -150.83 -70.22 -24.01
N ASP KC 148 -149.98 -69.54 -23.24
CA ASP KC 148 -149.58 -68.20 -23.59
C ASP KC 148 -148.07 -68.11 -23.57
N TRP KC 149 -147.53 -67.11 -24.28
CA TRP KC 149 -146.10 -66.94 -24.39
C TRP KC 149 -145.63 -65.67 -23.71
N ILE KC 150 -146.27 -65.28 -22.61
CA ILE KC 150 -146.05 -63.93 -22.08
C ILE KC 150 -144.64 -63.81 -21.50
N LYS KC 151 -144.26 -64.78 -20.67
CA LYS KC 151 -142.93 -64.70 -20.07
C LYS KC 151 -141.84 -64.93 -21.10
N LEU KC 152 -142.09 -65.83 -22.05
CA LEU KC 152 -141.13 -66.01 -23.13
C LEU KC 152 -140.90 -64.69 -23.87
N GLN KC 153 -142.00 -64.04 -24.27
CA GLN KC 153 -141.88 -62.79 -25.03
C GLN KC 153 -141.11 -61.76 -24.24
N GLN KC 154 -141.39 -61.65 -22.94
CA GLN KC 154 -140.64 -60.68 -22.15
C GLN KC 154 -139.16 -61.07 -22.01
N LEU KC 155 -138.82 -62.36 -22.16
CA LEU KC 155 -137.41 -62.73 -22.24
C LEU KC 155 -136.80 -62.29 -23.56
N ILE KC 156 -137.55 -62.37 -24.64
CA ILE KC 156 -137.05 -61.90 -25.93
C ILE KC 156 -136.90 -60.38 -25.92
N ASP KC 157 -137.69 -59.68 -25.11
CA ASP KC 157 -137.62 -58.22 -25.03
C ASP KC 157 -136.45 -57.72 -24.22
N GLY KC 158 -135.75 -58.60 -23.52
CA GLY KC 158 -134.61 -58.21 -22.70
C GLY KC 158 -135.00 -57.81 -21.29
N LEU KC 159 -135.95 -58.53 -20.70
CA LEU KC 159 -136.47 -58.22 -19.37
C LEU KC 159 -136.23 -59.44 -18.48
N PRO KC 160 -135.00 -59.60 -17.98
CA PRO KC 160 -134.59 -60.85 -17.32
C PRO KC 160 -135.34 -61.15 -16.03
N ARG KC 161 -135.93 -60.15 -15.38
CA ARG KC 161 -136.56 -60.33 -14.08
C ARG KC 161 -137.89 -61.03 -14.26
N ILE KC 162 -137.91 -62.34 -13.99
CA ILE KC 162 -139.08 -63.17 -14.25
C ILE KC 162 -139.93 -63.34 -13.00
N PHE KC 163 -139.30 -63.55 -11.85
CA PHE KC 163 -140.01 -63.56 -10.59
C PHE KC 163 -140.07 -62.18 -9.94
N GLY KC 164 -139.51 -61.16 -10.58
CA GLY KC 164 -139.53 -59.79 -10.05
C GLY KC 164 -138.18 -59.19 -9.71
N SER LC 1 -140.79 -85.92 14.44
CA SER LC 1 -141.14 -86.18 15.84
C SER LC 1 -140.35 -85.27 16.78
N TYR LC 2 -139.14 -84.92 16.35
CA TYR LC 2 -138.26 -84.03 17.12
C TYR LC 2 -138.94 -82.71 17.43
N THR LC 3 -138.88 -82.31 18.70
CA THR LC 3 -139.32 -80.99 19.10
C THR LC 3 -138.16 -80.22 19.72
N ILE LC 4 -138.23 -78.90 19.61
CA ILE LC 4 -137.24 -78.00 20.19
C ILE LC 4 -137.87 -77.36 21.42
N ASP LC 5 -137.21 -77.52 22.56
CA ASP LC 5 -137.62 -76.90 23.81
C ASP LC 5 -136.61 -75.81 24.14
N ILE LC 6 -137.09 -74.58 24.27
CA ILE LC 6 -136.25 -73.55 24.87
C ILE LC 6 -136.01 -73.93 26.32
N ASN LC 7 -134.76 -73.88 26.75
CA ASN LC 7 -134.44 -74.26 28.12
C ASN LC 7 -134.43 -73.01 29.01
N CYS LC 8 -135.54 -72.28 28.99
CA CYS LC 8 -135.59 -70.99 29.64
C CYS LC 8 -136.75 -70.92 30.64
N SER LC 9 -136.77 -69.82 31.39
CA SER LC 9 -137.89 -69.49 32.26
C SER LC 9 -138.72 -68.40 31.58
N THR LC 10 -140.01 -68.67 31.40
CA THR LC 10 -140.96 -67.74 30.82
C THR LC 10 -142.19 -67.64 31.70
N GLY LC 11 -142.87 -66.50 31.57
CA GLY LC 11 -144.02 -66.19 32.39
C GLY LC 11 -145.33 -66.35 31.63
N ASP LC 12 -146.40 -65.97 32.32
CA ASP LC 12 -147.74 -66.00 31.75
C ASP LC 12 -148.14 -64.67 31.13
N THR LC 13 -147.56 -63.58 31.61
CA THR LC 13 -147.99 -62.25 31.21
C THR LC 13 -147.37 -61.87 29.88
N GLN LC 14 -148.05 -60.98 29.16
CA GLN LC 14 -147.53 -60.47 27.90
C GLN LC 14 -147.77 -58.98 27.82
N ALA LC 15 -146.95 -58.31 27.00
CA ALA LC 15 -146.99 -56.86 26.87
C ALA LC 15 -146.66 -56.44 25.45
N ASN LC 16 -147.24 -55.34 25.02
CA ASN LC 16 -147.05 -54.80 23.67
C ASN LC 16 -145.87 -53.82 23.68
N LEU LC 17 -144.78 -54.17 22.99
CA LEU LC 17 -143.75 -53.21 22.62
C LEU LC 17 -144.12 -52.68 21.24
N VAL LC 18 -144.55 -51.43 21.17
CA VAL LC 18 -145.23 -50.95 19.97
C VAL LC 18 -144.23 -50.22 19.09
N LEU LC 19 -144.05 -50.78 17.90
CA LEU LC 19 -143.10 -50.31 16.90
C LEU LC 19 -143.81 -49.39 15.92
N THR LC 20 -143.15 -48.29 15.59
CA THR LC 20 -143.59 -47.38 14.54
C THR LC 20 -142.78 -47.69 13.29
N GLU LC 21 -143.46 -47.78 12.14
CA GLU LC 21 -142.85 -48.32 10.95
C GLU LC 21 -141.76 -47.41 10.40
N ILE LC 22 -140.76 -48.02 9.76
CA ILE LC 22 -139.66 -47.31 9.14
C ILE LC 22 -139.81 -47.50 7.63
N PRO LC 23 -140.22 -46.47 6.89
CA PRO LC 23 -140.48 -46.64 5.45
C PRO LC 23 -139.20 -46.99 4.70
N ALA LC 24 -139.31 -47.96 3.78
CA ALA LC 24 -138.13 -48.36 3.05
C ALA LC 24 -137.78 -47.36 1.95
N GLU LC 25 -138.81 -46.78 1.33
CA GLU LC 25 -138.68 -45.85 0.21
C GLU LC 25 -137.53 -44.84 0.35
N PRO LC 26 -137.28 -44.22 1.51
CA PRO LC 26 -136.21 -43.22 1.58
C PRO LC 26 -134.78 -43.75 1.69
N TYR LC 27 -134.57 -45.03 1.98
CA TYR LC 27 -133.20 -45.50 2.25
C TYR LC 27 -132.46 -45.77 0.94
N VAL LC 28 -131.13 -45.58 0.98
CA VAL LC 28 -130.28 -45.69 -0.21
C VAL LC 28 -128.97 -46.38 0.14
N HIS LC 29 -128.57 -47.35 -0.69
CA HIS LC 29 -127.29 -48.04 -0.52
C HIS LC 29 -126.12 -47.05 -0.55
N VAL LC 30 -125.19 -47.21 0.40
CA VAL LC 30 -124.05 -46.30 0.48
C VAL LC 30 -122.72 -47.05 0.43
N SER LC 31 -122.70 -48.28 0.92
CA SER LC 31 -121.44 -49.02 0.94
C SER LC 31 -121.71 -50.48 1.27
N GLY LC 32 -120.78 -51.32 0.84
CA GLY LC 32 -120.84 -52.75 1.01
C GLY LC 32 -121.13 -53.46 -0.29
N ASP LC 33 -121.32 -54.78 -0.18
CA ASP LC 33 -121.75 -55.62 -1.28
C ASP LC 33 -123.14 -56.17 -0.99
N ASN LC 34 -123.97 -56.28 -2.04
CA ASN LC 34 -125.33 -56.80 -1.86
C ASN LC 34 -125.35 -58.26 -1.44
N LYS LC 35 -124.19 -58.91 -1.29
CA LYS LC 35 -124.10 -60.30 -0.86
C LYS LC 35 -123.97 -60.42 0.66
N SER LC 36 -122.97 -59.77 1.26
CA SER LC 36 -122.68 -59.94 2.68
C SER LC 36 -123.16 -58.77 3.52
N THR LC 37 -122.72 -57.55 3.24
CA THR LC 37 -122.94 -56.41 4.12
C THR LC 37 -123.41 -55.19 3.33
N ILE LC 38 -124.43 -54.51 3.85
CA ILE LC 38 -125.05 -53.38 3.16
C ILE LC 38 -125.33 -52.27 4.16
N GLU LC 39 -125.08 -51.02 3.76
CA GLU LC 39 -125.31 -49.87 4.63
C GLU LC 39 -126.26 -48.90 3.93
N TYR LC 40 -127.47 -48.74 4.48
CA TYR LC 40 -128.44 -47.80 3.93
C TYR LC 40 -128.36 -46.45 4.62
N LEU LC 41 -128.66 -45.40 3.85
CA LEU LC 41 -128.73 -44.02 4.31
C LEU LC 41 -130.16 -43.52 4.19
N ASP LC 42 -130.69 -43.00 5.29
CA ASP LC 42 -132.00 -42.35 5.31
C ASP LC 42 -131.88 -40.98 4.67
N THR LC 43 -132.30 -40.88 3.40
CA THR LC 43 -132.37 -39.58 2.73
C THR LC 43 -133.45 -38.67 3.31
N GLY LC 44 -134.21 -39.13 4.30
CA GLY LC 44 -135.21 -38.30 4.93
C GLY LC 44 -134.62 -37.42 6.01
N SER LC 45 -133.35 -37.09 5.90
CA SER LC 45 -132.63 -36.33 6.91
C SER LC 45 -132.19 -34.98 6.34
N ASP LC 46 -131.50 -34.22 7.18
CA ASP LC 46 -131.04 -32.89 6.79
C ASP LC 46 -129.96 -33.00 5.72
N ASN LC 47 -130.02 -32.10 4.72
CA ASN LC 47 -128.96 -32.02 3.73
C ASN LC 47 -127.67 -31.51 4.33
N SER LC 48 -127.77 -30.52 5.24
CA SER LC 48 -126.69 -29.60 5.57
C SER LC 48 -125.74 -30.13 6.63
N LEU LC 49 -125.85 -31.41 6.97
CA LEU LC 49 -124.97 -32.04 7.95
C LEU LC 49 -124.05 -33.04 7.25
N LEU LC 50 -122.82 -33.15 7.73
CA LEU LC 50 -121.94 -34.19 7.24
C LEU LC 50 -122.35 -35.57 7.76
N VAL LC 51 -123.20 -35.61 8.79
CA VAL LC 51 -123.71 -36.86 9.33
C VAL LC 51 -125.18 -36.98 8.99
N ARG LC 52 -125.59 -38.19 8.62
CA ARG LC 52 -126.97 -38.46 8.32
C ARG LC 52 -127.30 -39.88 8.77
N PRO LC 53 -128.55 -40.14 9.15
CA PRO LC 53 -128.89 -41.43 9.75
C PRO LC 53 -128.74 -42.58 8.77
N THR LC 54 -128.16 -43.66 9.28
CA THR LC 54 -127.77 -44.80 8.46
C THR LC 54 -128.01 -46.08 9.26
N GLN LC 55 -128.63 -47.07 8.63
CA GLN LC 55 -128.78 -48.38 9.26
C GLN LC 55 -128.13 -49.43 8.39
N GLN LC 56 -127.34 -50.28 9.02
CA GLN LC 56 -126.53 -51.28 8.34
C GLN LC 56 -127.04 -52.66 8.70
N PHE LC 57 -126.97 -53.57 7.70
CA PHE LC 57 -127.31 -54.97 7.86
C PHE LC 57 -126.17 -55.84 7.36
N ASN LC 58 -125.97 -56.98 8.03
CA ASN LC 58 -124.77 -57.78 7.82
C ASN LC 58 -125.04 -59.21 8.23
N CYS LC 59 -125.00 -60.16 7.28
CA CYS LC 59 -125.28 -61.57 7.54
C CYS LC 59 -124.04 -62.42 7.32
N VAL LC 60 -123.92 -63.50 8.10
CA VAL LC 60 -122.87 -64.51 7.95
C VAL LC 60 -123.42 -65.88 8.35
N SER LC 61 -122.70 -66.93 7.98
CA SER LC 61 -123.13 -68.29 8.24
C SER LC 61 -121.92 -69.21 8.25
N SER LC 62 -122.03 -70.29 9.03
CA SER LC 62 -120.90 -71.18 9.24
C SER LC 62 -121.38 -72.62 9.39
N GLN LC 63 -120.55 -73.55 8.92
CA GLN LC 63 -120.80 -74.98 9.00
C GLN LC 63 -120.35 -75.58 10.33
N TYR LC 64 -119.81 -74.75 11.23
CA TYR LC 64 -119.24 -75.22 12.49
C TYR LC 64 -119.93 -74.51 13.65
N PRO LC 65 -121.20 -74.85 13.91
CA PRO LC 65 -122.01 -74.04 14.83
C PRO LC 65 -121.56 -74.13 16.27
N TYR LC 66 -120.76 -75.14 16.62
CA TYR LC 66 -120.32 -75.36 17.99
C TYR LC 66 -118.89 -74.87 18.23
N ARG LC 67 -118.39 -73.97 17.37
CA ARG LC 67 -116.97 -73.63 17.42
C ARG LC 67 -116.60 -72.97 18.74
N ASN LC 68 -117.42 -72.06 19.22
CA ASN LC 68 -117.13 -71.34 20.45
C ASN LC 68 -117.79 -71.97 21.68
N TYR LC 69 -118.71 -72.89 21.49
CA TYR LC 69 -119.42 -73.52 22.61
C TYR LC 69 -118.72 -74.83 22.98
N SER LC 70 -117.57 -74.67 23.63
CA SER LC 70 -116.70 -75.81 23.92
C SER LC 70 -117.32 -76.78 24.91
N LYS LC 71 -118.20 -76.29 25.78
CA LYS LC 71 -118.73 -77.09 26.88
C LYS LC 71 -119.93 -77.96 26.50
N ILE LC 72 -120.22 -78.11 25.21
CA ILE LC 72 -121.21 -79.06 24.74
C ILE LC 72 -120.47 -80.27 24.19
N PRO LC 73 -120.73 -81.47 24.68
CA PRO LC 73 -120.05 -82.67 24.16
C PRO LC 73 -120.52 -83.02 22.76
N ARG LC 74 -119.67 -83.76 22.05
CA ARG LC 74 -120.02 -84.18 20.70
C ARG LC 74 -121.24 -85.09 20.70
N SER LC 75 -121.44 -85.86 21.76
CA SER LC 75 -122.64 -86.69 21.88
C SER LC 75 -123.92 -85.86 21.90
N GLN LC 76 -123.83 -84.55 22.10
CA GLN LC 76 -125.00 -83.68 22.14
C GLN LC 76 -124.96 -82.60 21.07
N GLN LC 77 -124.00 -82.66 20.14
CA GLN LC 77 -123.90 -81.71 19.03
C GLN LC 77 -124.64 -82.25 17.81
N ASP LC 78 -125.68 -81.53 17.37
CA ASP LC 78 -126.46 -81.93 16.20
C ASP LC 78 -125.65 -81.75 14.92
N PRO LC 79 -125.24 -82.82 14.24
CA PRO LC 79 -124.34 -82.67 13.09
C PRO LC 79 -125.00 -82.04 11.88
N LEU LC 80 -126.34 -82.11 11.79
CA LEU LC 80 -127.04 -81.44 10.71
C LEU LC 80 -127.06 -79.93 10.91
N ALA LC 81 -126.99 -79.48 12.17
CA ALA LC 81 -127.22 -78.08 12.52
C ALA LC 81 -126.10 -77.19 12.01
N VAL LC 82 -126.45 -75.94 11.74
CA VAL LC 82 -125.62 -74.97 11.03
C VAL LC 82 -125.84 -73.60 11.65
N ARG LC 83 -124.78 -72.77 11.70
CA ARG LC 83 -124.85 -71.46 12.34
C ARG LC 83 -125.26 -70.36 11.37
N ARG LC 84 -126.33 -69.63 11.71
CA ARG LC 84 -126.78 -68.45 10.98
C ARG LC 84 -126.65 -67.23 11.89
N GLU LC 85 -126.25 -66.09 11.32
CA GLU LC 85 -126.06 -64.90 12.15
C GLU LC 85 -126.33 -63.65 11.32
N PHE LC 86 -126.92 -62.65 11.97
CA PHE LC 86 -127.10 -61.33 11.38
C PHE LC 86 -126.80 -60.25 12.41
N TYR LC 87 -126.57 -59.04 11.90
CA TYR LC 87 -126.15 -57.89 12.68
C TYR LC 87 -126.74 -56.65 12.05
N THR LC 88 -127.45 -55.86 12.85
CA THR LC 88 -127.93 -54.58 12.40
C THR LC 88 -127.36 -53.51 13.31
N ARG LC 89 -127.03 -52.35 12.72
CA ARG LC 89 -126.54 -51.19 13.48
C ARG LC 89 -127.17 -49.94 12.93
N ARG LC 90 -128.03 -49.30 13.72
CA ARG LC 90 -128.68 -48.05 13.34
C ARG LC 90 -127.97 -46.91 14.07
N VAL LC 91 -127.54 -45.93 13.31
CA VAL LC 91 -126.99 -44.68 13.83
C VAL LC 91 -127.94 -43.59 13.38
N GLU LC 92 -128.51 -42.85 14.34
CA GLU LC 92 -129.27 -41.66 13.99
C GLU LC 92 -128.66 -40.48 14.72
N TYR LC 93 -128.70 -39.31 14.07
CA TYR LC 93 -128.11 -38.09 14.61
C TYR LC 93 -129.25 -37.12 14.89
N TRP LC 94 -129.55 -36.88 16.16
CA TRP LC 94 -130.63 -35.98 16.54
C TRP LC 94 -130.19 -34.53 16.45
N ARG LC 95 -131.19 -33.65 16.47
CA ARG LC 95 -131.01 -32.23 16.21
C ARG LC 95 -131.71 -31.50 17.36
N LYS LC 96 -130.96 -30.84 18.23
CA LYS LC 96 -131.58 -30.10 19.33
C LYS LC 96 -131.50 -28.60 19.05
N ALA LC 97 -132.62 -27.93 19.28
CA ALA LC 97 -132.74 -26.48 19.14
C ALA LC 97 -134.12 -26.06 19.60
N ASP LC 98 -134.23 -24.77 19.95
CA ASP LC 98 -135.53 -24.18 20.25
C ASP LC 98 -135.88 -23.17 19.17
N ALA LC 99 -137.13 -23.21 18.72
CA ALA LC 99 -137.59 -22.26 17.71
C ALA LC 99 -137.83 -20.88 18.32
N SER LC 100 -137.99 -20.82 19.64
CA SER LC 100 -138.19 -19.53 20.30
C SER LC 100 -136.96 -18.64 20.17
N ASN LC 101 -135.77 -19.21 20.27
CA ASN LC 101 -134.53 -18.46 20.28
C ASN LC 101 -133.66 -18.98 19.13
N VAL LC 102 -133.62 -18.23 18.02
CA VAL LC 102 -132.77 -18.63 16.89
C VAL LC 102 -131.33 -18.21 17.10
N ASP LC 103 -131.07 -17.33 18.08
CA ASP LC 103 -129.69 -17.06 18.47
C ASP LC 103 -129.06 -18.27 19.16
N ALA LC 104 -129.86 -19.06 19.88
CA ALA LC 104 -129.32 -20.18 20.63
C ALA LC 104 -128.83 -21.26 19.67
N PRO LC 105 -127.66 -21.84 19.93
CA PRO LC 105 -127.02 -22.71 18.93
C PRO LC 105 -127.73 -24.06 18.84
N GLU LC 106 -127.65 -24.65 17.66
CA GLU LC 106 -128.21 -25.96 17.39
C GLU LC 106 -127.13 -27.02 17.54
N TYR LC 107 -127.50 -28.17 18.12
CA TYR LC 107 -126.53 -29.21 18.38
C TYR LC 107 -126.95 -30.53 17.73
N THR LC 108 -125.95 -31.34 17.40
CA THR LC 108 -126.15 -32.68 16.87
C THR LC 108 -125.85 -33.69 17.98
N LEU LC 109 -126.81 -34.57 18.22
CA LEU LC 109 -126.73 -35.55 19.31
C LEU LC 109 -126.69 -36.96 18.73
N PRO LC 110 -125.52 -37.60 18.64
CA PRO LC 110 -125.47 -38.94 18.05
C PRO LC 110 -125.98 -40.03 18.98
N GLN LC 111 -126.69 -40.98 18.38
CA GLN LC 111 -127.31 -42.11 19.05
C GLN LC 111 -127.09 -43.31 18.15
N SER LC 112 -126.79 -44.47 18.76
CA SER LC 112 -126.49 -45.67 17.98
C SER LC 112 -126.92 -46.91 18.75
N CYS LC 113 -127.41 -47.91 18.00
CA CYS LC 113 -127.95 -49.11 18.61
C CYS LC 113 -127.72 -50.29 17.68
N SER LC 114 -127.27 -51.42 18.22
CA SER LC 114 -126.93 -52.57 17.40
C SER LC 114 -127.47 -53.85 18.01
N ILE LC 115 -127.94 -54.74 17.13
CA ILE LC 115 -128.46 -56.04 17.51
C ILE LC 115 -127.70 -57.11 16.74
N ARG LC 116 -127.19 -58.12 17.46
CA ARG LC 116 -126.50 -59.25 16.86
C ARG LC 116 -127.21 -60.52 17.28
N LEU LC 117 -127.73 -61.25 16.29
CA LEU LC 117 -128.41 -62.52 16.54
C LEU LC 117 -127.63 -63.64 15.87
N ALA LC 118 -127.22 -64.63 16.65
CA ALA LC 118 -126.54 -65.82 16.13
C ALA LC 118 -127.28 -67.03 16.65
N SER LC 119 -127.91 -67.77 15.74
CA SER LC 119 -128.66 -68.97 16.08
C SER LC 119 -127.97 -70.19 15.50
N THR LC 120 -128.08 -71.34 16.17
CA THR LC 120 -127.83 -72.60 15.48
C THR LC 120 -129.18 -73.10 14.98
N VAL LC 121 -129.30 -73.21 13.66
CA VAL LC 121 -130.52 -73.66 13.00
C VAL LC 121 -130.36 -75.15 12.70
N THR LC 122 -131.45 -75.89 12.88
CA THR LC 122 -131.57 -77.26 12.42
C THR LC 122 -132.89 -77.37 11.65
N LYS LC 123 -133.19 -78.58 11.17
CA LYS LC 123 -134.37 -78.79 10.32
C LYS LC 123 -135.63 -78.27 10.99
N GLU LC 124 -135.73 -78.44 12.31
CA GLU LC 124 -136.94 -78.10 13.05
C GLU LC 124 -136.93 -76.68 13.59
N THR LC 125 -135.81 -75.97 13.52
CA THR LC 125 -135.77 -74.58 13.94
C THR LC 125 -136.63 -73.74 13.02
N THR LC 126 -137.55 -72.97 13.60
CA THR LC 126 -138.50 -72.19 12.83
C THR LC 126 -138.24 -70.69 12.93
N ALA LC 127 -138.89 -69.97 12.03
CA ALA LC 127 -138.87 -68.50 12.08
C ALA LC 127 -139.24 -68.00 13.46
N ALA LC 128 -140.40 -68.47 13.96
CA ALA LC 128 -140.89 -68.00 15.26
C ALA LC 128 -139.93 -68.38 16.38
N ASP LC 129 -139.34 -69.57 16.32
CA ASP LC 129 -138.36 -69.95 17.34
C ASP LC 129 -137.20 -68.97 17.37
N ILE LC 130 -136.73 -68.54 16.20
CA ILE LC 130 -135.59 -67.62 16.22
C ILE LC 130 -136.02 -66.23 16.65
N ALA LC 131 -137.25 -65.82 16.32
CA ALA LC 131 -137.76 -64.56 16.84
C ALA LC 131 -137.86 -64.58 18.36
N GLY LC 132 -138.17 -65.75 18.92
CA GLY LC 132 -138.34 -65.85 20.35
C GLY LC 132 -137.13 -65.40 21.15
N ILE LC 133 -135.92 -65.66 20.63
CA ILE LC 133 -134.75 -65.29 21.42
C ILE LC 133 -134.57 -63.78 21.45
N VAL LC 134 -134.86 -63.10 20.36
CA VAL LC 134 -134.85 -61.63 20.37
C VAL LC 134 -135.89 -61.11 21.36
N LEU LC 135 -137.08 -61.70 21.34
CA LEU LC 135 -138.13 -61.22 22.24
C LEU LC 135 -137.76 -61.43 23.70
N ARG LC 136 -137.18 -62.59 24.02
CA ARG LC 136 -136.77 -62.87 25.40
C ARG LC 136 -135.54 -62.08 25.81
N THR LC 137 -134.73 -61.63 24.85
CA THR LC 137 -133.64 -60.72 25.17
C THR LC 137 -134.18 -59.34 25.51
N LEU LC 138 -135.26 -58.92 24.83
CA LEU LC 138 -135.83 -57.61 25.09
C LEU LC 138 -136.63 -57.57 26.39
N ALA LC 139 -137.39 -58.63 26.69
CA ALA LC 139 -138.33 -58.60 27.80
C ALA LC 139 -137.74 -58.17 29.14
N PRO LC 140 -136.50 -58.50 29.51
CA PRO LC 140 -135.97 -57.96 30.76
C PRO LC 140 -135.85 -56.45 30.77
N ILE LC 141 -135.53 -55.83 29.63
CA ILE LC 141 -135.42 -54.38 29.54
C ILE LC 141 -136.79 -53.72 29.42
N PHE LC 142 -137.76 -54.38 28.80
CA PHE LC 142 -139.09 -53.80 28.58
C PHE LC 142 -140.14 -54.70 29.23
N PRO LC 143 -140.17 -54.77 30.56
CA PRO LC 143 -141.08 -55.72 31.22
C PRO LC 143 -142.54 -55.41 30.97
N ASN LC 144 -142.88 -54.16 30.64
CA ASN LC 144 -144.25 -53.77 30.28
C ASN LC 144 -144.34 -53.27 28.86
N GLY LC 145 -143.31 -53.52 28.05
CA GLY LC 145 -143.36 -53.11 26.66
C GLY LC 145 -143.31 -51.61 26.59
N SER LC 146 -144.16 -51.01 25.76
CA SER LC 146 -144.19 -49.55 25.68
C SER LC 146 -144.83 -48.91 26.90
N GLY LC 147 -145.41 -49.69 27.82
CA GLY LC 147 -146.21 -49.11 28.90
C GLY LC 147 -145.43 -48.18 29.82
N ASP LC 148 -144.19 -48.53 30.14
CA ASP LC 148 -143.30 -47.68 30.93
C ASP LC 148 -141.88 -47.91 30.43
N TRP LC 149 -140.95 -47.09 30.90
CA TRP LC 149 -139.56 -47.20 30.49
C TRP LC 149 -138.63 -47.40 31.69
N ILE LC 150 -139.12 -47.99 32.77
CA ILE LC 150 -138.41 -47.87 34.05
C ILE LC 150 -137.09 -48.63 34.01
N LYS LC 151 -137.11 -49.87 33.51
CA LYS LC 151 -135.88 -50.64 33.50
C LYS LC 151 -134.89 -50.08 32.49
N LEU LC 152 -135.39 -49.57 31.37
CA LEU LC 152 -134.49 -48.93 30.43
C LEU LC 152 -133.83 -47.70 31.06
N GLN LC 153 -134.60 -46.91 31.81
CA GLN LC 153 -134.06 -45.76 32.50
C GLN LC 153 -132.97 -46.19 33.49
N GLN LC 154 -133.18 -47.30 34.19
CA GLN LC 154 -132.13 -47.81 35.08
C GLN LC 154 -130.87 -48.13 34.29
N LEU LC 155 -131.01 -48.78 33.15
CA LEU LC 155 -129.85 -49.10 32.32
C LEU LC 155 -129.09 -47.85 31.94
N ILE LC 156 -129.81 -46.81 31.52
CA ILE LC 156 -129.15 -45.57 31.15
C ILE LC 156 -128.48 -44.93 32.37
N ASP LC 157 -129.19 -44.91 33.51
CA ASP LC 157 -128.65 -44.38 34.76
C ASP LC 157 -127.40 -45.13 35.21
N GLY LC 158 -127.20 -46.33 34.70
CA GLY LC 158 -125.99 -47.10 34.98
C GLY LC 158 -126.16 -48.21 36.00
N LEU LC 159 -127.37 -48.74 36.16
CA LEU LC 159 -127.72 -49.68 37.21
C LEU LC 159 -127.96 -51.06 36.63
N PRO LC 160 -126.90 -51.87 36.44
CA PRO LC 160 -127.01 -53.08 35.62
C PRO LC 160 -127.79 -54.21 36.27
N ARG LC 161 -128.04 -54.15 37.58
CA ARG LC 161 -128.77 -55.20 38.29
C ARG LC 161 -130.25 -55.10 37.94
N ILE LC 162 -130.64 -55.77 36.85
CA ILE LC 162 -132.00 -55.72 36.36
C ILE LC 162 -132.88 -56.80 36.99
N PHE LC 163 -132.29 -57.97 37.29
CA PHE LC 163 -133.02 -59.02 37.97
C PHE LC 163 -132.84 -58.95 39.46
N GLY LC 164 -132.36 -57.82 39.97
CA GLY LC 164 -132.08 -57.68 41.39
C GLY LC 164 -130.63 -58.00 41.71
#